data_7V3X
#
_entry.id   7V3X
#
_cell.length_a   185.492
_cell.length_b   205.803
_cell.length_c   186.177
_cell.angle_alpha   90.000
_cell.angle_beta   115.140
_cell.angle_gamma   90.000
#
_symmetry.space_group_name_H-M   'P 1 21 1'
#
loop_
_entity.id
_entity.type
_entity.pdbx_description
1 polymer 'Circadian clock protein kinase KaiC'
2 polymer 'Circadian clock protein kinase KaiC'
3 non-polymer "ADENOSINE-5'-TRIPHOSPHATE"
4 non-polymer 'MAGNESIUM ION'
5 non-polymer "ADENOSINE-5'-DIPHOSPHATE"
6 water water
#
loop_
_entity_poly.entity_id
_entity_poly.type
_entity_poly.pdbx_seq_one_letter_code
_entity_poly.pdbx_strand_id
1 'polypeptide(L)'
;MTSAEMTSPNNNSEHQAIAKMRTMIEGFDDISHGGLPIGRSTLVSGTSGTGKTLFSIQFLYNGIIEFDEPGVFVTFEETP
QDIIKNARSFGWDLAKLVDEGKLFILDASPDPEGQEVVGGFDLSALIERINYAIQKYRARRVSIDSVTSVFQQYDASSVV
RRELFRLVARLKQIGATTVMTTERIEEYGPIARYGVEEFVSDNVVILRNVLEGERRRRTLEILKLRGTSHMKGEYPFTIT
DHGINIFPLGAMRLTQRSSNVRVSSGVVRLDEMCGGGFFKDSIILATGATGTGKTLLVSRFVENACANKERAILFAYEES
RAQLLRNAYSWGMDFEEMERQNLLKIVCAYPESAGLEDHLQIIKSEINDFKPARIAIDSLSALARGVSNNAFRQFVIGVT
GYAKQEEITGLFTNTSDQFMGAHSITDSHI(SEP)TITDTIILLQYVEIRGEMSRAINVFKMRGSWHDKAIREFMISDKG
PDIKDSFRNFERIISGSPTRITVDEKSELSRIVRGVQEKGPES
;
A,B,G,H,N,R,M,P,T,X,S,V,W
2 'polypeptide(L)'
;MTSAEMTSPNNNSEHQAIAKMRTMIEGFDDISHGGLPIGRSTLVSGTSGTGKTLFSIQFLYNGIIEFDEPGVFVTFEETP
QDIIKNARSFGWDLAKLVDEGKLFILDASPDPEGQEVVGGFDLSALIERINYAIQKYRARRVSIDSVTSVFQQYDASSVV
RRELFRLVARLKQIGATTVMTTERIEEYGPIARYGVEEFVSDNVVILRNVLEGERRRRTLEILKLRGTSHMKGEYPFTIT
DHGINIFPLGAMRLTQRSSNVRVSSGVVRLDEMCGGGFFKDSIILATGATGTGKTLLVSRFVENACANKERAILFAYEES
RAQLLRNAYSWGMDFEEMERQNLLKIVCAYPESAGLEDHLQIIKSEINDFKPARIAIDSLSALARGVSNNAFRQFVIGVT
GYAKQEEITGLFTNTSDQFMGAHSITDSHI(SEP)(TPO)ITDTIILLQYVEIRGEMSRAINVFKMRGSWHDKAIREFMI
SDKGPDIKDSFRNFERIISGSPTRITVDEKSELSRIVRGVQEKGPES
;
E,F,C,D,K,L,I,J,O,Q,U
#
loop_
_chem_comp.id
_chem_comp.type
_chem_comp.name
_chem_comp.formula
ADP non-polymer ADENOSINE-5'-DIPHOSPHATE 'C10 H15 N5 O10 P2'
ATP non-polymer ADENOSINE-5'-TRIPHOSPHATE 'C10 H16 N5 O13 P3'
MG non-polymer 'MAGNESIUM ION' 'Mg 2'
#
# COMPACT_ATOMS: atom_id res chain seq x y z
N ILE A 18 47.01 48.93 -45.46
CA ILE A 18 48.03 49.36 -44.47
C ILE A 18 49.39 48.92 -45.01
N ALA A 19 50.13 49.84 -45.64
CA ALA A 19 51.44 49.59 -46.27
C ALA A 19 52.42 49.09 -45.21
N LYS A 20 53.31 48.19 -45.60
CA LYS A 20 54.25 47.50 -44.68
C LYS A 20 55.69 47.71 -45.12
N MET A 21 56.57 47.88 -44.15
CA MET A 21 58.04 47.99 -44.34
C MET A 21 58.65 46.61 -44.19
N ARG A 22 59.50 46.21 -45.13
CA ARG A 22 60.21 44.90 -45.09
C ARG A 22 61.34 44.98 -44.05
N THR A 23 61.30 44.08 -43.06
CA THR A 23 62.34 43.93 -42.02
C THR A 23 63.55 43.18 -42.61
N MET A 24 63.31 42.35 -43.64
CA MET A 24 64.33 41.45 -44.23
C MET A 24 64.88 40.50 -43.15
N ILE A 25 64.25 40.44 -41.98
CA ILE A 25 64.58 39.46 -40.90
C ILE A 25 64.00 38.12 -41.35
N GLU A 26 64.86 37.10 -41.47
CA GLU A 26 64.50 35.80 -42.09
C GLU A 26 63.14 35.33 -41.56
N GLY A 27 62.10 35.37 -42.40
CA GLY A 27 60.79 34.72 -42.13
C GLY A 27 59.84 35.60 -41.36
N PHE A 28 60.29 36.72 -40.80
CA PHE A 28 59.41 37.68 -40.07
C PHE A 28 58.43 38.30 -41.06
N ASP A 29 58.92 38.67 -42.25
CA ASP A 29 58.12 39.30 -43.33
C ASP A 29 57.00 38.35 -43.75
N ASP A 30 57.21 37.04 -43.69
CA ASP A 30 56.16 36.01 -43.94
C ASP A 30 55.10 36.10 -42.83
N ILE A 31 55.54 35.97 -41.57
CA ILE A 31 54.63 35.95 -40.38
C ILE A 31 53.77 37.22 -40.38
N SER A 32 54.38 38.35 -40.76
CA SER A 32 53.78 39.71 -40.67
C SER A 32 52.93 40.04 -41.90
N HIS A 33 52.98 39.20 -42.96
CA HIS A 33 52.26 39.39 -44.24
C HIS A 33 52.72 40.71 -44.89
N GLY A 34 54.02 40.89 -45.09
CA GLY A 34 54.60 42.07 -45.77
C GLY A 34 55.69 42.74 -44.96
N GLY A 35 55.59 42.72 -43.62
CA GLY A 35 56.50 43.43 -42.70
C GLY A 35 55.74 44.19 -41.63
N LEU A 36 56.27 45.32 -41.18
CA LEU A 36 55.66 46.17 -40.11
C LEU A 36 54.84 47.28 -40.76
N PRO A 37 53.57 47.49 -40.34
CA PRO A 37 52.78 48.63 -40.79
C PRO A 37 53.57 49.94 -40.81
N ILE A 38 53.68 50.58 -41.98
CA ILE A 38 54.52 51.80 -42.20
C ILE A 38 53.95 52.96 -41.41
N GLY A 39 54.80 53.70 -40.71
CA GLY A 39 54.47 54.94 -39.97
C GLY A 39 53.86 54.64 -38.61
N ARG A 40 53.98 53.40 -38.13
CA ARG A 40 53.48 52.99 -36.79
C ARG A 40 54.60 52.34 -35.99
N SER A 41 54.50 52.44 -34.65
CA SER A 41 55.40 51.77 -33.69
C SER A 41 54.91 50.34 -33.46
N THR A 42 55.84 49.39 -33.41
CA THR A 42 55.60 47.98 -33.07
C THR A 42 56.33 47.67 -31.76
N LEU A 43 55.58 47.28 -30.74
CA LEU A 43 56.13 46.82 -29.44
C LEU A 43 56.78 45.45 -29.66
N VAL A 44 57.99 45.26 -29.14
CA VAL A 44 58.69 43.94 -29.10
C VAL A 44 59.10 43.68 -27.65
N SER A 45 58.16 43.18 -26.85
CA SER A 45 58.35 42.81 -25.44
C SER A 45 59.03 41.44 -25.36
N GLY A 46 59.57 41.10 -24.19
CA GLY A 46 60.25 39.81 -23.96
C GLY A 46 61.13 39.88 -22.72
N THR A 47 61.33 38.73 -22.07
CA THR A 47 62.20 38.61 -20.86
C THR A 47 63.65 38.83 -21.29
N SER A 48 64.58 38.89 -20.34
CA SER A 48 66.00 39.19 -20.64
C SER A 48 66.56 38.09 -21.56
N GLY A 49 67.44 38.47 -22.49
CA GLY A 49 68.18 37.54 -23.36
C GLY A 49 67.36 37.01 -24.53
N THR A 50 66.15 37.56 -24.72
CA THR A 50 65.12 37.10 -25.68
C THR A 50 65.55 37.44 -27.12
N GLY A 51 66.10 38.63 -27.29
CA GLY A 51 66.61 39.15 -28.58
C GLY A 51 65.92 40.43 -29.01
N LYS A 52 65.47 41.27 -28.06
CA LYS A 52 64.73 42.52 -28.37
C LYS A 52 65.71 43.52 -29.00
N THR A 53 66.84 43.78 -28.34
CA THR A 53 67.90 44.70 -28.81
C THR A 53 68.44 44.18 -30.15
N LEU A 54 68.59 42.86 -30.30
CA LEU A 54 69.09 42.27 -31.56
C LEU A 54 68.04 42.48 -32.67
N PHE A 55 66.76 42.31 -32.34
CA PHE A 55 65.65 42.51 -33.31
C PHE A 55 65.71 43.95 -33.84
N SER A 56 65.68 44.92 -32.93
CA SER A 56 65.57 46.37 -33.23
C SER A 56 66.82 46.86 -33.98
N ILE A 57 68.00 46.36 -33.63
CA ILE A 57 69.27 46.67 -34.35
C ILE A 57 69.16 46.14 -35.78
N GLN A 58 68.71 44.89 -35.94
CA GLN A 58 68.66 44.19 -37.25
C GLN A 58 67.60 44.86 -38.13
N PHE A 59 66.58 45.47 -37.53
CA PHE A 59 65.48 46.17 -38.23
C PHE A 59 66.01 47.41 -38.95
N LEU A 60 66.92 48.15 -38.31
CA LEU A 60 67.55 49.37 -38.88
C LEU A 60 68.59 48.93 -39.93
N TYR A 61 69.53 48.08 -39.51
CA TYR A 61 70.71 47.65 -40.31
C TYR A 61 70.22 47.16 -41.66
N ASN A 62 69.28 46.21 -41.66
CA ASN A 62 68.65 45.67 -42.88
C ASN A 62 68.02 46.84 -43.66
N GLY A 63 67.34 47.74 -42.96
CA GLY A 63 66.73 48.95 -43.56
C GLY A 63 67.73 49.76 -44.38
N ILE A 64 68.98 49.86 -43.91
CA ILE A 64 70.05 50.63 -44.59
C ILE A 64 70.60 49.82 -45.74
N ILE A 65 71.13 48.61 -45.48
CA ILE A 65 71.94 47.87 -46.50
C ILE A 65 71.03 47.40 -47.64
N GLU A 66 69.74 47.10 -47.39
CA GLU A 66 68.85 46.49 -48.41
C GLU A 66 68.04 47.55 -49.16
N PHE A 67 67.79 48.75 -48.59
CA PHE A 67 66.94 49.79 -49.23
C PHE A 67 67.54 51.20 -49.16
N ASP A 68 68.67 51.39 -48.47
CA ASP A 68 69.23 52.74 -48.16
C ASP A 68 68.14 53.57 -47.47
N GLU A 69 67.47 52.99 -46.47
CA GLU A 69 66.51 53.69 -45.58
C GLU A 69 67.23 54.03 -44.29
N PRO A 70 67.57 55.32 -44.04
CA PRO A 70 68.31 55.70 -42.84
C PRO A 70 67.51 55.39 -41.57
N GLY A 71 68.21 54.97 -40.52
CA GLY A 71 67.62 54.57 -39.23
C GLY A 71 68.19 55.38 -38.09
N VAL A 72 67.41 55.52 -37.02
CA VAL A 72 67.83 56.20 -35.76
C VAL A 72 67.60 55.24 -34.59
N PHE A 73 68.67 54.97 -33.82
CA PHE A 73 68.68 54.03 -32.67
C PHE A 73 68.79 54.82 -31.37
N VAL A 74 67.72 54.83 -30.57
CA VAL A 74 67.65 55.52 -29.24
C VAL A 74 67.97 54.47 -28.17
N THR A 75 69.00 54.74 -27.36
CA THR A 75 69.50 53.83 -26.29
C THR A 75 69.40 54.56 -24.94
N PHE A 76 68.77 53.91 -23.95
CA PHE A 76 68.53 54.46 -22.60
C PHE A 76 69.49 53.85 -21.56
N GLU A 77 70.25 52.81 -21.92
CA GLU A 77 71.19 52.15 -20.97
C GLU A 77 72.52 51.88 -21.68
N GLU A 78 72.53 50.93 -22.62
CA GLU A 78 73.72 50.54 -23.40
C GLU A 78 74.38 51.79 -23.97
N THR A 79 75.69 51.96 -23.80
CA THR A 79 76.43 53.11 -24.39
C THR A 79 76.62 52.84 -25.87
N PRO A 80 76.42 53.87 -26.71
CA PRO A 80 76.67 53.79 -28.16
C PRO A 80 77.94 53.00 -28.53
N GLN A 81 79.02 53.20 -27.76
CA GLN A 81 80.31 52.47 -27.90
C GLN A 81 80.05 50.95 -27.91
N ASP A 82 79.24 50.46 -26.96
CA ASP A 82 78.99 49.01 -26.71
C ASP A 82 78.03 48.44 -27.76
N ILE A 83 76.97 49.17 -28.10
CA ILE A 83 75.96 48.76 -29.13
C ILE A 83 76.72 48.40 -30.42
N ILE A 84 77.74 49.19 -30.76
CA ILE A 84 78.63 48.96 -31.94
C ILE A 84 79.44 47.69 -31.70
N LYS A 85 80.08 47.56 -30.53
CA LYS A 85 80.95 46.40 -30.19
C LYS A 85 80.13 45.12 -30.29
N ASN A 86 78.91 45.12 -29.73
CA ASN A 86 77.97 43.96 -29.70
C ASN A 86 77.59 43.56 -31.13
N ALA A 87 77.38 44.52 -32.03
CA ALA A 87 76.93 44.26 -33.42
C ALA A 87 78.06 43.63 -34.24
N ARG A 88 79.32 43.96 -33.93
CA ARG A 88 80.51 43.47 -34.67
C ARG A 88 80.50 41.94 -34.68
N SER A 89 80.03 41.34 -33.58
CA SER A 89 79.65 39.92 -33.42
C SER A 89 79.11 39.35 -34.75
N PHE A 90 77.96 39.85 -35.20
CA PHE A 90 77.15 39.27 -36.31
C PHE A 90 77.77 39.59 -37.67
N GLY A 91 78.91 40.28 -37.70
CA GLY A 91 79.66 40.60 -38.93
C GLY A 91 79.29 41.97 -39.48
N TRP A 92 78.31 42.65 -38.88
CA TRP A 92 77.84 43.99 -39.30
C TRP A 92 78.75 45.05 -38.69
N ASP A 93 79.09 46.09 -39.46
CA ASP A 93 79.97 47.20 -39.05
C ASP A 93 79.14 48.49 -38.95
N LEU A 94 78.64 48.82 -37.76
CA LEU A 94 77.76 49.99 -37.53
C LEU A 94 78.58 51.29 -37.53
N ALA A 95 79.88 51.22 -37.19
CA ALA A 95 80.80 52.39 -37.19
C ALA A 95 80.81 53.02 -38.58
N LYS A 96 80.95 52.21 -39.64
CA LYS A 96 80.98 52.67 -41.05
C LYS A 96 79.63 53.34 -41.40
N LEU A 97 78.52 52.73 -40.98
CA LEU A 97 77.15 53.22 -41.27
C LEU A 97 76.88 54.52 -40.49
N VAL A 98 77.60 54.76 -39.38
CA VAL A 98 77.49 56.03 -38.58
C VAL A 98 78.25 57.14 -39.32
N ASP A 99 79.54 56.91 -39.61
CA ASP A 99 80.43 57.85 -40.35
C ASP A 99 79.72 58.28 -41.64
N GLU A 100 79.16 57.32 -42.38
CA GLU A 100 78.43 57.54 -43.66
C GLU A 100 77.09 58.25 -43.42
N GLY A 101 76.63 58.35 -42.16
CA GLY A 101 75.43 59.14 -41.79
C GLY A 101 74.15 58.49 -42.26
N LYS A 102 74.15 57.16 -42.40
CA LYS A 102 72.96 56.34 -42.75
C LYS A 102 72.29 55.86 -41.45
N LEU A 103 73.09 55.74 -40.39
CA LEU A 103 72.64 55.30 -39.03
C LEU A 103 73.06 56.37 -38.02
N PHE A 104 72.17 56.72 -37.10
CA PHE A 104 72.47 57.65 -35.98
C PHE A 104 72.08 57.00 -34.65
N ILE A 105 73.09 56.55 -33.89
CA ILE A 105 72.94 56.07 -32.48
C ILE A 105 72.78 57.30 -31.57
N LEU A 106 71.56 57.52 -31.05
CA LEU A 106 71.17 58.67 -30.19
C LEU A 106 71.21 58.23 -28.73
N ASP A 107 72.15 58.77 -27.94
CA ASP A 107 72.37 58.40 -26.51
C ASP A 107 71.44 59.23 -25.62
N ALA A 108 70.45 58.60 -24.98
CA ALA A 108 69.50 59.25 -24.04
C ALA A 108 69.62 58.61 -22.66
N SER A 109 70.80 58.10 -22.30
CA SER A 109 71.10 57.51 -20.97
C SER A 109 71.36 58.63 -19.96
N PRO A 110 71.13 58.39 -18.65
CA PRO A 110 71.50 59.36 -17.62
C PRO A 110 73.00 59.27 -17.33
N ASP A 111 73.52 60.30 -16.64
CA ASP A 111 74.94 60.32 -16.20
C ASP A 111 75.14 59.17 -15.24
N PRO A 112 76.30 58.50 -15.35
CA PRO A 112 76.75 57.60 -14.30
C PRO A 112 77.05 58.31 -12.97
N PHE A 121 59.17 67.16 -19.06
CA PHE A 121 60.21 67.83 -19.89
C PHE A 121 61.37 66.89 -20.25
N ASP A 122 61.26 65.57 -19.97
CA ASP A 122 62.26 64.54 -20.35
C ASP A 122 61.73 63.74 -21.55
N LEU A 123 60.43 63.42 -21.58
CA LEU A 123 59.78 62.74 -22.73
C LEU A 123 59.77 63.70 -23.93
N SER A 124 59.31 64.94 -23.73
CA SER A 124 59.20 66.00 -24.75
C SER A 124 60.58 66.35 -25.31
N ALA A 125 61.58 66.51 -24.44
CA ALA A 125 63.00 66.77 -24.81
C ALA A 125 63.50 65.65 -25.71
N LEU A 126 63.13 64.41 -25.40
CA LEU A 126 63.49 63.21 -26.20
C LEU A 126 62.82 63.28 -27.58
N ILE A 127 61.50 63.47 -27.63
CA ILE A 127 60.74 63.54 -28.93
C ILE A 127 61.47 64.53 -29.84
N GLU A 128 61.76 65.72 -29.32
CA GLU A 128 62.45 66.82 -30.06
C GLU A 128 63.76 66.30 -30.67
N ARG A 129 64.58 65.62 -29.87
CA ARG A 129 65.91 65.10 -30.30
C ARG A 129 65.71 63.99 -31.33
N ILE A 130 64.67 63.17 -31.19
CA ILE A 130 64.32 62.11 -32.19
C ILE A 130 63.92 62.82 -33.48
N ASN A 131 62.94 63.73 -33.38
CA ASN A 131 62.37 64.53 -34.50
C ASN A 131 63.51 65.30 -35.19
N TYR A 132 64.51 65.74 -34.42
CA TYR A 132 65.73 66.41 -34.93
C TYR A 132 66.51 65.47 -35.86
N ALA A 133 66.84 64.26 -35.39
CA ALA A 133 67.64 63.26 -36.13
C ALA A 133 66.87 62.77 -37.37
N ILE A 134 65.57 62.53 -37.23
CA ILE A 134 64.70 62.04 -38.34
C ILE A 134 64.80 63.02 -39.51
N GLN A 135 64.56 64.30 -39.23
CA GLN A 135 64.63 65.40 -40.23
C GLN A 135 66.08 65.60 -40.69
N LYS A 136 67.04 65.52 -39.76
CA LYS A 136 68.48 65.75 -40.07
C LYS A 136 69.01 64.62 -40.97
N TYR A 137 68.66 63.36 -40.68
CA TYR A 137 69.26 62.15 -41.31
C TYR A 137 68.31 61.55 -42.37
N ARG A 138 67.12 62.12 -42.55
CA ARG A 138 66.12 61.68 -43.57
C ARG A 138 65.73 60.22 -43.28
N ALA A 139 65.47 59.92 -42.01
CA ALA A 139 65.39 58.54 -41.46
C ALA A 139 63.97 57.99 -41.62
N ARG A 140 63.86 56.77 -42.16
CA ARG A 140 62.56 56.07 -42.36
C ARG A 140 62.24 55.23 -41.12
N ARG A 141 63.26 54.66 -40.48
CA ARG A 141 63.10 53.70 -39.36
C ARG A 141 63.61 54.31 -38.06
N VAL A 142 62.99 53.92 -36.95
CA VAL A 142 63.47 54.27 -35.58
C VAL A 142 63.37 53.02 -34.70
N SER A 143 64.37 52.79 -33.87
CA SER A 143 64.38 51.74 -32.82
C SER A 143 64.61 52.41 -31.46
N ILE A 144 63.69 52.20 -30.51
CA ILE A 144 63.82 52.69 -29.11
C ILE A 144 63.84 51.49 -28.16
N ASP A 145 64.96 51.28 -27.48
CA ASP A 145 65.16 50.16 -26.52
C ASP A 145 65.90 50.68 -25.30
N SER A 146 65.28 50.63 -24.11
CA SER A 146 63.89 50.23 -23.90
C SER A 146 63.11 51.40 -23.31
N VAL A 147 61.89 51.65 -23.81
CA VAL A 147 61.02 52.76 -23.34
C VAL A 147 60.78 52.58 -21.83
N THR A 148 60.62 51.34 -21.37
CA THR A 148 60.38 50.99 -19.94
C THR A 148 61.44 51.66 -19.06
N SER A 149 62.72 51.39 -19.31
CA SER A 149 63.88 51.80 -18.47
C SER A 149 63.78 53.28 -18.09
N VAL A 150 63.28 54.13 -19.00
CA VAL A 150 62.98 55.57 -18.75
C VAL A 150 62.14 55.72 -17.48
N PHE A 151 60.97 55.06 -17.41
CA PHE A 151 59.91 55.26 -16.38
C PHE A 151 60.38 54.70 -15.02
N GLN A 152 59.80 55.19 -13.91
CA GLN A 152 60.12 54.80 -12.51
C GLN A 152 59.08 55.38 -11.54
N SER A 157 51.10 52.95 -12.72
CA SER A 157 50.62 52.32 -13.98
C SER A 157 49.90 53.36 -14.86
N SER A 158 48.88 54.01 -14.31
CA SER A 158 48.00 54.97 -15.04
C SER A 158 48.84 56.03 -15.75
N VAL A 159 49.95 56.44 -15.11
CA VAL A 159 50.88 57.50 -15.62
C VAL A 159 51.68 56.97 -16.82
N VAL A 160 52.11 55.70 -16.76
CA VAL A 160 52.94 55.06 -17.84
C VAL A 160 52.16 55.12 -19.16
N ARG A 161 50.85 54.84 -19.10
CA ARG A 161 49.94 54.80 -20.27
C ARG A 161 50.06 56.11 -21.06
N ARG A 162 49.86 57.26 -20.41
CA ARG A 162 49.77 58.57 -21.10
C ARG A 162 51.15 58.94 -21.66
N GLU A 163 52.22 58.75 -20.90
CA GLU A 163 53.60 59.08 -21.36
C GLU A 163 53.94 58.23 -22.58
N LEU A 164 53.59 56.94 -22.57
CA LEU A 164 53.80 56.02 -23.72
C LEU A 164 52.93 56.48 -24.89
N PHE A 165 51.63 56.64 -24.66
CA PHE A 165 50.63 57.12 -25.66
C PHE A 165 51.20 58.37 -26.36
N ARG A 166 51.66 59.33 -25.58
CA ARG A 166 52.30 60.58 -26.06
C ARG A 166 53.48 60.21 -26.97
N LEU A 167 54.39 59.34 -26.50
CA LEU A 167 55.61 58.96 -27.27
C LEU A 167 55.21 58.39 -28.63
N VAL A 168 54.21 57.50 -28.65
CA VAL A 168 53.73 56.81 -29.89
C VAL A 168 53.02 57.83 -30.79
N ALA A 169 52.07 58.59 -30.23
CA ALA A 169 51.22 59.56 -30.96
C ALA A 169 52.11 60.59 -31.67
N ARG A 170 53.19 61.04 -31.01
CA ARG A 170 54.19 61.98 -31.60
C ARG A 170 54.86 61.29 -32.80
N LEU A 171 55.33 60.06 -32.63
CA LEU A 171 56.08 59.30 -33.68
C LEU A 171 55.18 59.03 -34.90
N LYS A 172 53.86 58.89 -34.71
CA LYS A 172 52.86 58.74 -35.80
C LYS A 172 52.71 60.09 -36.53
N GLN A 173 52.75 61.21 -35.79
CA GLN A 173 52.80 62.59 -36.35
C GLN A 173 54.09 62.73 -37.17
N ILE A 174 55.24 62.44 -36.55
CA ILE A 174 56.58 62.54 -37.22
C ILE A 174 56.54 61.74 -38.52
N GLY A 175 55.75 60.65 -38.55
CA GLY A 175 55.59 59.78 -39.72
C GLY A 175 56.67 58.72 -39.78
N ALA A 176 57.05 58.19 -38.60
CA ALA A 176 58.17 57.24 -38.43
C ALA A 176 57.62 55.85 -38.06
N THR A 177 57.98 54.83 -38.83
CA THR A 177 57.81 53.41 -38.44
C THR A 177 58.87 53.11 -37.39
N THR A 178 58.44 52.79 -36.18
CA THR A 178 59.32 52.58 -35.00
C THR A 178 59.19 51.13 -34.52
N VAL A 179 60.30 50.57 -34.03
CA VAL A 179 60.31 49.36 -33.17
C VAL A 179 60.55 49.84 -31.74
N MET A 180 59.72 49.39 -30.80
CA MET A 180 59.77 49.81 -29.39
C MET A 180 59.92 48.58 -28.50
N THR A 181 61.10 48.42 -27.92
CA THR A 181 61.46 47.29 -27.02
C THR A 181 60.84 47.54 -25.64
N THR A 182 60.40 46.46 -25.00
CA THR A 182 59.84 46.46 -23.63
C THR A 182 60.32 45.20 -22.92
N GLU A 183 60.45 45.23 -21.59
CA GLU A 183 60.94 44.07 -20.81
C GLU A 183 59.76 43.45 -20.06
N ARG A 184 59.93 42.16 -19.74
CA ARG A 184 58.95 41.30 -19.04
C ARG A 184 59.64 40.60 -17.88
N ILE A 185 58.89 40.28 -16.83
CA ILE A 185 59.36 39.51 -15.65
C ILE A 185 59.12 38.01 -15.88
N GLU A 186 57.93 37.64 -16.39
CA GLU A 186 57.45 36.23 -16.48
C GLU A 186 57.30 35.81 -17.95
N GLU A 187 57.53 34.52 -18.24
CA GLU A 187 57.69 33.99 -19.62
C GLU A 187 56.33 33.78 -20.31
N TYR A 188 55.24 33.60 -19.55
CA TYR A 188 53.86 33.48 -20.09
C TYR A 188 52.88 34.39 -19.32
N GLY A 189 53.39 35.32 -18.51
CA GLY A 189 52.59 36.26 -17.70
C GLY A 189 52.08 37.43 -18.55
N PRO A 190 52.11 38.68 -18.02
CA PRO A 190 51.60 39.83 -18.76
C PRO A 190 52.51 40.17 -19.95
N ILE A 191 51.90 40.50 -21.10
CA ILE A 191 52.59 40.74 -22.41
C ILE A 191 53.65 41.83 -22.24
N ALA A 192 53.46 42.74 -21.28
CA ALA A 192 54.44 43.79 -20.92
C ALA A 192 54.45 44.01 -19.40
N ARG A 193 55.42 44.80 -18.93
CA ARG A 193 55.73 45.01 -17.49
C ARG A 193 54.49 45.51 -16.74
N TYR A 194 53.85 46.57 -17.22
CA TYR A 194 52.80 47.32 -16.46
C TYR A 194 51.39 46.90 -16.91
N GLY A 195 51.27 46.05 -17.92
CA GLY A 195 49.97 45.60 -18.46
C GLY A 195 49.23 46.74 -19.14
N VAL A 196 49.95 47.51 -19.97
CA VAL A 196 49.41 48.73 -20.68
C VAL A 196 50.03 48.81 -22.07
N GLU A 197 51.38 48.81 -22.13
CA GLU A 197 52.21 48.94 -23.36
C GLU A 197 51.56 48.23 -24.56
N GLU A 198 50.87 47.10 -24.34
CA GLU A 198 50.18 46.33 -25.42
C GLU A 198 49.06 47.20 -26.01
N PHE A 199 48.13 47.68 -25.18
CA PHE A 199 46.86 48.34 -25.58
C PHE A 199 47.16 49.66 -26.31
N VAL A 200 48.22 50.35 -25.88
CA VAL A 200 48.63 51.67 -26.41
C VAL A 200 49.29 51.48 -27.79
N SER A 201 49.92 50.34 -28.05
CA SER A 201 50.62 50.05 -29.33
C SER A 201 49.63 49.53 -30.38
N ASP A 202 49.89 49.87 -31.65
CA ASP A 202 49.10 49.48 -32.85
C ASP A 202 49.47 48.04 -33.24
N ASN A 203 50.72 47.65 -32.96
CA ASN A 203 51.30 46.33 -33.32
C ASN A 203 52.01 45.76 -32.09
N VAL A 204 51.79 44.48 -31.79
CA VAL A 204 52.41 43.79 -30.63
C VAL A 204 53.09 42.52 -31.12
N VAL A 205 54.39 42.41 -30.82
CA VAL A 205 55.21 41.18 -31.04
C VAL A 205 55.84 40.79 -29.70
N ILE A 206 55.83 39.50 -29.41
CA ILE A 206 56.35 38.92 -28.14
C ILE A 206 57.46 37.94 -28.50
N LEU A 207 58.64 38.13 -27.92
CA LEU A 207 59.73 37.12 -27.95
C LEU A 207 59.67 36.35 -26.63
N ARG A 208 59.79 35.03 -26.73
CA ARG A 208 59.79 34.11 -25.57
C ARG A 208 61.03 33.23 -25.65
N ASN A 209 61.59 32.94 -24.49
CA ASN A 209 62.76 32.05 -24.28
C ASN A 209 62.31 30.98 -23.29
N VAL A 210 61.36 30.14 -23.70
CA VAL A 210 60.66 29.17 -22.81
C VAL A 210 61.60 27.99 -22.52
N LEU A 211 61.56 27.49 -21.30
CA LEU A 211 62.39 26.36 -20.82
C LEU A 211 61.63 25.05 -21.02
N GLU A 212 62.15 24.16 -21.90
CA GLU A 212 61.63 22.79 -22.15
C GLU A 212 62.49 21.80 -21.36
N GLY A 213 62.12 21.58 -20.10
CA GLY A 213 62.89 20.77 -19.14
C GLY A 213 64.16 21.49 -18.75
N GLU A 214 65.26 21.25 -19.48
CA GLU A 214 66.56 21.93 -19.27
C GLU A 214 67.03 22.64 -20.54
N ARG A 215 66.36 22.43 -21.67
CA ARG A 215 66.69 23.10 -22.97
C ARG A 215 65.80 24.33 -23.12
N ARG A 216 66.29 25.36 -23.81
CA ARG A 216 65.54 26.62 -24.09
C ARG A 216 64.95 26.56 -25.50
N ARG A 217 63.78 27.16 -25.69
CA ARG A 217 63.08 27.26 -26.99
C ARG A 217 62.71 28.73 -27.26
N ARG A 218 63.38 29.34 -28.22
CA ARG A 218 63.13 30.75 -28.66
C ARG A 218 61.97 30.76 -29.65
N THR A 219 60.86 31.39 -29.27
CA THR A 219 59.64 31.53 -30.08
C THR A 219 59.29 33.01 -30.25
N LEU A 220 58.83 33.39 -31.45
CA LEU A 220 58.35 34.76 -31.79
C LEU A 220 56.87 34.67 -32.12
N GLU A 221 56.07 35.63 -31.64
CA GLU A 221 54.61 35.68 -31.86
C GLU A 221 54.16 37.11 -32.14
N ILE A 222 53.58 37.33 -33.32
CA ILE A 222 52.82 38.56 -33.65
C ILE A 222 51.45 38.47 -32.96
N LEU A 223 51.30 39.12 -31.80
CA LEU A 223 50.07 39.08 -30.97
C LEU A 223 48.96 39.81 -31.73
N LYS A 224 49.28 40.95 -32.33
CA LYS A 224 48.32 41.73 -33.15
C LYS A 224 49.03 42.71 -34.08
N LEU A 225 48.36 43.04 -35.18
CA LEU A 225 48.66 44.16 -36.09
C LEU A 225 47.34 44.86 -36.41
N ARG A 226 47.05 45.99 -35.76
CA ARG A 226 45.78 46.75 -35.98
C ARG A 226 45.67 47.09 -37.46
N GLY A 227 44.53 46.75 -38.08
CA GLY A 227 44.21 47.09 -39.47
C GLY A 227 44.64 46.03 -40.47
N THR A 228 45.35 44.97 -40.08
CA THR A 228 45.92 43.99 -41.06
C THR A 228 45.90 42.54 -40.57
N SER A 229 46.17 41.63 -41.51
CA SER A 229 46.34 40.17 -41.29
C SER A 229 47.81 39.88 -40.94
N HIS A 230 48.01 38.75 -40.24
CA HIS A 230 49.34 38.20 -39.89
C HIS A 230 49.15 36.74 -39.45
N MET A 231 50.24 35.99 -39.37
CA MET A 231 50.21 34.58 -38.92
C MET A 231 50.07 34.55 -37.39
N LYS A 232 49.01 33.90 -36.90
CA LYS A 232 48.68 33.82 -35.46
C LYS A 232 49.57 32.78 -34.77
N GLY A 233 49.62 32.84 -33.45
CA GLY A 233 50.41 31.91 -32.61
C GLY A 233 51.90 32.18 -32.71
N GLU A 234 52.71 31.38 -32.02
CA GLU A 234 54.20 31.57 -31.94
C GLU A 234 54.89 30.65 -32.95
N TYR A 235 56.10 31.05 -33.34
CA TYR A 235 56.98 30.36 -34.34
C TYR A 235 58.40 30.35 -33.81
N PRO A 236 59.10 29.20 -33.77
CA PRO A 236 60.44 29.15 -33.23
C PRO A 236 61.40 29.97 -34.10
N PHE A 237 62.50 30.40 -33.50
CA PHE A 237 63.61 31.08 -34.21
C PHE A 237 64.93 30.73 -33.53
N THR A 238 66.02 31.17 -34.15
CA THR A 238 67.41 30.93 -33.68
C THR A 238 68.22 32.21 -33.83
N ILE A 239 68.92 32.60 -32.77
CA ILE A 239 69.91 33.71 -32.79
C ILE A 239 71.27 33.09 -33.14
N THR A 240 71.72 33.31 -34.38
CA THR A 240 72.95 32.74 -34.96
C THR A 240 73.92 33.87 -35.28
N ASP A 241 75.07 33.53 -35.86
CA ASP A 241 76.06 34.51 -36.40
C ASP A 241 75.42 35.38 -37.48
N HIS A 242 74.28 34.98 -38.05
CA HIS A 242 73.55 35.76 -39.10
C HIS A 242 72.31 36.46 -38.52
N GLY A 243 72.17 36.49 -37.19
CA GLY A 243 71.08 37.21 -36.50
C GLY A 243 69.86 36.33 -36.30
N ILE A 244 68.68 36.94 -36.21
CA ILE A 244 67.38 36.26 -35.91
C ILE A 244 66.94 35.49 -37.16
N ASN A 245 66.93 34.16 -37.07
CA ASN A 245 66.51 33.23 -38.15
C ASN A 245 65.21 32.55 -37.73
N ILE A 246 64.07 33.08 -38.16
CA ILE A 246 62.72 32.51 -37.83
C ILE A 246 62.37 31.46 -38.90
N PHE A 247 61.71 30.40 -38.46
CA PHE A 247 61.11 29.35 -39.32
C PHE A 247 59.59 29.46 -39.24
N PRO A 248 58.94 30.08 -40.24
CA PRO A 248 57.47 30.05 -40.31
C PRO A 248 57.01 28.63 -40.64
N LEU A 249 56.84 27.79 -39.61
CA LEU A 249 56.58 26.32 -39.72
C LEU A 249 55.19 26.04 -40.30
N GLY A 250 54.56 27.01 -40.96
CA GLY A 250 53.20 26.88 -41.52
C GLY A 250 53.13 27.32 -42.96
N ALA A 251 53.74 28.46 -43.27
CA ALA A 251 53.78 29.10 -44.61
C ALA A 251 54.76 28.36 -45.53
N MET A 252 55.29 27.21 -45.09
CA MET A 252 56.08 26.30 -45.97
C MET A 252 55.09 25.52 -46.85
N ARG A 253 55.59 24.52 -47.59
CA ARG A 253 55.00 23.82 -48.77
C ARG A 253 55.78 24.37 -49.96
N LEU A 254 55.59 25.66 -50.27
CA LEU A 254 56.32 26.39 -51.33
C LEU A 254 56.27 25.57 -52.64
N THR A 255 55.13 24.92 -52.92
CA THR A 255 54.85 24.11 -54.14
C THR A 255 55.59 22.77 -54.12
N GLN A 256 56.92 22.80 -53.93
CA GLN A 256 57.96 21.73 -54.13
C GLN A 256 57.72 20.92 -55.41
N ARG A 257 58.79 20.69 -56.18
CA ARG A 257 58.79 19.84 -57.40
C ARG A 257 58.97 18.37 -57.01
N SER A 258 58.56 17.47 -57.90
CA SER A 258 58.57 15.99 -57.70
C SER A 258 58.62 15.31 -59.07
N SER A 259 59.57 14.38 -59.26
CA SER A 259 59.79 13.66 -60.54
C SER A 259 59.81 12.15 -60.31
N ASN A 260 59.82 11.39 -61.41
CA ASN A 260 59.89 9.91 -61.41
C ASN A 260 61.34 9.47 -61.62
N VAL A 261 62.30 10.39 -61.46
CA VAL A 261 63.76 10.07 -61.57
C VAL A 261 64.09 9.10 -60.43
N ARG A 262 64.87 8.06 -60.74
CA ARG A 262 65.28 7.04 -59.75
C ARG A 262 66.70 7.33 -59.26
N VAL A 263 67.04 6.77 -58.11
CA VAL A 263 68.38 6.80 -57.47
C VAL A 263 68.59 5.43 -56.81
N SER A 264 69.72 4.77 -57.10
CA SER A 264 70.09 3.48 -56.50
C SER A 264 70.17 3.66 -54.97
N SER A 265 69.72 2.65 -54.23
CA SER A 265 69.79 2.58 -52.75
C SER A 265 71.20 2.14 -52.32
N GLY A 266 71.95 1.51 -53.21
CA GLY A 266 73.28 0.92 -52.92
C GLY A 266 73.20 -0.60 -52.73
N VAL A 267 71.99 -1.14 -52.49
CA VAL A 267 71.73 -2.60 -52.37
C VAL A 267 70.90 -3.02 -53.59
N VAL A 268 71.45 -3.95 -54.38
CA VAL A 268 70.96 -4.31 -55.74
C VAL A 268 69.54 -4.87 -55.63
N ARG A 269 69.32 -5.79 -54.70
CA ARG A 269 68.00 -6.47 -54.53
C ARG A 269 66.98 -5.46 -54.02
N LEU A 270 67.38 -4.58 -53.10
CA LEU A 270 66.50 -3.52 -52.53
C LEU A 270 66.07 -2.59 -53.67
N ASP A 271 66.97 -2.28 -54.60
CA ASP A 271 66.68 -1.47 -55.82
C ASP A 271 65.55 -2.15 -56.61
N GLU A 272 65.66 -3.46 -56.85
CA GLU A 272 64.65 -4.29 -57.57
C GLU A 272 63.33 -4.27 -56.80
N MET A 273 63.40 -4.61 -55.51
CA MET A 273 62.23 -4.74 -54.60
C MET A 273 61.44 -3.43 -54.53
N CYS A 274 62.09 -2.30 -54.81
CA CYS A 274 61.45 -0.95 -54.87
C CYS A 274 60.90 -0.68 -56.28
N GLY A 275 61.43 -1.37 -57.30
CA GLY A 275 60.99 -1.25 -58.71
C GLY A 275 61.87 -0.29 -59.49
N GLY A 276 63.19 -0.44 -59.37
CA GLY A 276 64.20 0.35 -60.11
C GLY A 276 64.97 1.32 -59.22
N GLY A 277 64.69 1.37 -57.91
CA GLY A 277 65.40 2.25 -56.95
C GLY A 277 64.48 3.26 -56.32
N PHE A 278 64.99 4.06 -55.38
CA PHE A 278 64.23 5.13 -54.68
C PHE A 278 64.04 6.31 -55.64
N PHE A 279 62.89 6.96 -55.55
CA PHE A 279 62.60 8.24 -56.26
C PHE A 279 63.58 9.32 -55.78
N LYS A 280 64.03 10.18 -56.69
CA LYS A 280 65.05 11.23 -56.43
C LYS A 280 64.51 12.21 -55.38
N ASP A 281 63.32 12.77 -55.62
CA ASP A 281 62.66 13.72 -54.68
C ASP A 281 61.69 12.92 -53.81
N SER A 282 62.19 12.33 -52.71
CA SER A 282 61.36 11.47 -51.80
C SER A 282 61.99 11.33 -50.42
N ILE A 283 61.17 10.91 -49.46
CA ILE A 283 61.55 10.66 -48.04
C ILE A 283 61.49 9.15 -47.78
N ILE A 284 62.66 8.52 -47.68
CA ILE A 284 62.82 7.08 -47.33
C ILE A 284 62.91 6.97 -45.81
N LEU A 285 62.16 6.02 -45.23
CA LEU A 285 62.21 5.70 -43.78
C LEU A 285 62.64 4.25 -43.62
N ALA A 286 63.67 4.03 -42.81
CA ALA A 286 64.18 2.70 -42.42
C ALA A 286 63.88 2.48 -40.94
N THR A 287 62.72 1.90 -40.62
CA THR A 287 62.31 1.59 -39.24
C THR A 287 62.80 0.17 -38.93
N GLY A 288 63.07 -0.12 -37.67
CA GLY A 288 63.40 -1.48 -37.21
C GLY A 288 63.93 -1.48 -35.79
N ALA A 289 63.99 -2.67 -35.17
CA ALA A 289 64.56 -2.88 -33.82
C ALA A 289 66.06 -2.59 -33.85
N THR A 290 66.66 -2.36 -32.69
CA THR A 290 68.13 -2.12 -32.55
C THR A 290 68.88 -3.29 -33.19
N GLY A 291 69.93 -2.99 -33.95
CA GLY A 291 70.89 -3.98 -34.50
C GLY A 291 70.30 -4.80 -35.64
N THR A 292 69.29 -4.26 -36.34
CA THR A 292 68.63 -4.91 -37.50
C THR A 292 69.33 -4.48 -38.80
N GLY A 293 70.01 -3.31 -38.80
CA GLY A 293 70.89 -2.89 -39.92
C GLY A 293 70.50 -1.58 -40.57
N LYS A 294 69.77 -0.69 -39.89
CA LYS A 294 69.36 0.63 -40.44
C LYS A 294 70.63 1.38 -40.87
N THR A 295 71.63 1.47 -39.98
CA THR A 295 72.92 2.18 -40.20
C THR A 295 73.67 1.56 -41.38
N LEU A 296 73.56 0.25 -41.60
CA LEU A 296 74.16 -0.42 -42.78
C LEU A 296 73.46 0.09 -44.05
N LEU A 297 72.11 0.08 -44.09
CA LEU A 297 71.32 0.60 -45.25
C LEU A 297 71.69 2.05 -45.52
N VAL A 298 71.92 2.84 -44.47
CA VAL A 298 72.35 4.27 -44.58
C VAL A 298 73.72 4.28 -45.26
N SER A 299 74.70 3.59 -44.66
CA SER A 299 76.12 3.56 -45.08
C SER A 299 76.21 3.36 -46.59
N ARG A 300 75.48 2.39 -47.13
CA ARG A 300 75.52 2.00 -48.56
C ARG A 300 74.81 3.07 -49.41
N PHE A 301 73.70 3.61 -48.92
CA PHE A 301 72.92 4.71 -49.56
C PHE A 301 73.83 5.92 -49.79
N VAL A 302 74.64 6.26 -48.78
CA VAL A 302 75.60 7.40 -48.80
C VAL A 302 76.78 7.08 -49.73
N GLU A 303 77.26 5.83 -49.71
CA GLU A 303 78.37 5.36 -50.60
C GLU A 303 77.93 5.51 -52.06
N ASN A 304 76.74 5.00 -52.38
CA ASN A 304 76.18 4.91 -53.75
C ASN A 304 76.21 6.28 -54.43
N ALA A 305 75.95 7.36 -53.68
CA ALA A 305 76.03 8.76 -54.16
C ALA A 305 77.46 9.06 -54.62
N CYS A 306 78.43 8.70 -53.79
CA CYS A 306 79.88 8.98 -53.99
C CYS A 306 80.48 8.06 -55.05
N ALA A 307 79.89 6.87 -55.27
CA ALA A 307 80.22 5.98 -56.40
C ALA A 307 79.84 6.67 -57.71
N ASN A 308 78.83 7.56 -57.68
CA ASN A 308 78.37 8.38 -58.85
C ASN A 308 78.77 9.84 -58.63
N LYS A 309 79.92 10.09 -58.01
CA LYS A 309 80.56 11.43 -57.84
C LYS A 309 79.51 12.47 -57.48
N GLU A 310 78.69 12.19 -56.45
CA GLU A 310 77.63 13.09 -55.94
C GLU A 310 77.86 13.31 -54.44
N ARG A 311 77.70 14.55 -53.97
CA ARG A 311 77.94 14.93 -52.56
C ARG A 311 76.78 14.41 -51.70
N ALA A 312 77.07 13.99 -50.46
CA ALA A 312 76.08 13.52 -49.48
C ALA A 312 76.57 13.84 -48.06
N ILE A 313 75.71 14.46 -47.25
CA ILE A 313 75.98 14.65 -45.80
C ILE A 313 75.36 13.47 -45.05
N LEU A 314 76.01 13.06 -43.97
CA LEU A 314 75.54 12.01 -43.02
C LEU A 314 75.39 12.63 -41.64
N PHE A 315 74.15 12.80 -41.18
CA PHE A 315 73.80 13.38 -39.87
C PHE A 315 73.64 12.23 -38.87
N ALA A 316 74.63 12.06 -38.00
CA ALA A 316 74.72 10.98 -36.99
C ALA A 316 74.39 11.54 -35.60
N TYR A 317 73.50 10.88 -34.87
CA TYR A 317 73.09 11.27 -33.50
C TYR A 317 73.28 10.10 -32.51
N GLU A 318 73.85 8.96 -32.91
CA GLU A 318 74.13 7.82 -31.98
C GLU A 318 75.54 7.26 -32.14
N GLU A 319 76.28 7.59 -33.21
CA GLU A 319 77.62 7.00 -33.46
C GLU A 319 78.61 8.11 -33.83
N SER A 320 79.81 8.05 -33.25
CA SER A 320 80.96 8.95 -33.55
C SER A 320 81.54 8.60 -34.93
N ARG A 321 82.22 9.57 -35.55
CA ARG A 321 82.82 9.47 -36.91
C ARG A 321 83.81 8.31 -36.96
N ALA A 322 84.57 8.07 -35.88
CA ALA A 322 85.56 6.97 -35.77
C ALA A 322 84.84 5.62 -35.89
N GLN A 323 83.74 5.47 -35.13
CA GLN A 323 82.96 4.21 -35.05
C GLN A 323 82.22 4.01 -36.38
N LEU A 324 81.55 5.04 -36.88
CA LEU A 324 80.92 5.04 -38.23
C LEU A 324 82.00 4.67 -39.26
N LEU A 325 83.22 5.21 -39.13
CA LEU A 325 84.36 4.93 -40.06
C LEU A 325 84.76 3.46 -39.93
N ARG A 326 84.88 2.95 -38.70
CA ARG A 326 85.31 1.55 -38.41
C ARG A 326 84.30 0.56 -39.00
N ASN A 327 83.05 0.62 -38.53
CA ASN A 327 81.98 -0.37 -38.81
C ASN A 327 81.71 -0.42 -40.31
N ALA A 328 81.70 0.74 -40.97
CA ALA A 328 81.61 0.87 -42.43
C ALA A 328 82.73 0.07 -43.10
N TYR A 329 83.97 0.30 -42.66
CA TYR A 329 85.18 -0.35 -43.24
C TYR A 329 85.06 -1.87 -43.14
N SER A 330 84.35 -2.38 -42.14
CA SER A 330 84.08 -3.82 -41.92
C SER A 330 83.01 -4.34 -42.89
N TRP A 331 82.15 -3.45 -43.40
CA TRP A 331 81.11 -3.77 -44.42
C TRP A 331 81.63 -3.52 -45.84
N GLY A 332 82.91 -3.16 -45.99
CA GLY A 332 83.58 -2.98 -47.31
C GLY A 332 83.95 -1.53 -47.59
N MET A 333 82.94 -0.65 -47.57
CA MET A 333 82.97 0.80 -47.90
C MET A 333 84.04 1.54 -47.09
N ASP A 334 84.84 2.37 -47.77
CA ASP A 334 85.91 3.24 -47.21
C ASP A 334 85.37 4.66 -47.04
N PHE A 335 84.78 4.96 -45.89
CA PHE A 335 84.24 6.30 -45.54
C PHE A 335 85.35 7.35 -45.63
N GLU A 336 86.56 7.01 -45.16
CA GLU A 336 87.74 7.91 -45.13
C GLU A 336 88.04 8.44 -46.55
N GLU A 337 88.11 7.54 -47.53
CA GLU A 337 88.42 7.84 -48.96
C GLU A 337 87.41 8.87 -49.50
N MET A 338 86.13 8.69 -49.16
CA MET A 338 84.97 9.46 -49.70
C MET A 338 84.95 10.86 -49.08
N GLU A 339 85.46 10.95 -47.85
CA GLU A 339 85.61 12.21 -47.06
C GLU A 339 86.75 13.06 -47.64
N ARG A 340 87.81 12.43 -48.15
CA ARG A 340 89.00 13.11 -48.75
C ARG A 340 88.61 13.76 -50.09
N GLN A 341 87.78 13.10 -50.90
CA GLN A 341 87.38 13.56 -52.27
C GLN A 341 86.34 14.69 -52.20
N ASN A 342 85.89 15.05 -51.00
CA ASN A 342 84.90 16.14 -50.76
C ASN A 342 83.57 15.78 -51.44
N LEU A 343 83.14 14.53 -51.25
CA LEU A 343 81.81 14.00 -51.66
C LEU A 343 80.98 13.69 -50.41
N LEU A 344 81.56 13.02 -49.43
CA LEU A 344 80.87 12.52 -48.21
C LEU A 344 81.27 13.39 -47.01
N LYS A 345 80.28 14.01 -46.37
CA LYS A 345 80.46 14.81 -45.13
C LYS A 345 79.70 14.14 -43.98
N ILE A 346 80.38 13.89 -42.86
CA ILE A 346 79.77 13.28 -41.63
C ILE A 346 79.62 14.38 -40.58
N VAL A 347 78.44 14.48 -39.97
CA VAL A 347 78.16 15.52 -38.94
C VAL A 347 78.47 14.90 -37.56
N CYS A 348 77.57 14.32 -36.82
CA CYS A 348 77.77 13.78 -35.44
C CYS A 348 77.51 14.89 -34.43
N ALA A 349 76.56 14.65 -33.54
CA ALA A 349 76.09 15.56 -32.49
C ALA A 349 75.11 14.80 -31.60
N TYR A 350 75.21 14.98 -30.29
CA TYR A 350 74.19 14.46 -29.33
C TYR A 350 72.91 15.26 -29.54
N PRO A 351 71.73 14.61 -29.60
CA PRO A 351 70.45 15.31 -29.49
C PRO A 351 70.33 16.21 -28.25
N GLU A 352 70.93 15.81 -27.12
CA GLU A 352 70.73 16.53 -25.82
C GLU A 352 71.58 17.81 -25.80
N SER A 353 72.46 18.02 -26.78
CA SER A 353 73.39 19.19 -26.85
C SER A 353 72.60 20.47 -27.13
N ALA A 354 71.67 20.40 -28.07
CA ALA A 354 70.83 21.53 -28.54
C ALA A 354 69.35 21.14 -28.43
N GLY A 355 68.46 22.11 -28.65
CA GLY A 355 67.01 21.89 -28.86
C GLY A 355 66.74 21.47 -30.30
N LEU A 356 65.47 21.35 -30.67
CA LEU A 356 65.04 20.85 -32.00
C LEU A 356 65.16 21.97 -33.04
N GLU A 357 64.76 23.20 -32.68
CA GLU A 357 64.84 24.39 -33.57
C GLU A 357 66.30 24.59 -34.00
N ASP A 358 67.23 24.45 -33.05
CA ASP A 358 68.69 24.63 -33.28
C ASP A 358 69.21 23.54 -34.22
N HIS A 359 68.81 22.27 -33.99
CA HIS A 359 69.17 21.11 -34.86
C HIS A 359 68.70 21.36 -36.29
N LEU A 360 67.45 21.81 -36.45
CA LEU A 360 66.84 22.14 -37.77
C LEU A 360 67.75 23.12 -38.51
N GLN A 361 68.21 24.17 -37.82
CA GLN A 361 69.15 25.19 -38.35
C GLN A 361 70.46 24.51 -38.79
N ILE A 362 71.14 23.80 -37.88
CA ILE A 362 72.44 23.12 -38.16
C ILE A 362 72.30 22.39 -39.50
N ILE A 363 71.21 21.64 -39.69
CA ILE A 363 70.96 20.82 -40.91
C ILE A 363 70.72 21.78 -42.09
N LYS A 364 69.78 22.72 -41.95
CA LYS A 364 69.43 23.69 -43.02
C LYS A 364 70.70 24.43 -43.47
N SER A 365 71.56 24.79 -42.52
CA SER A 365 72.88 25.44 -42.74
C SER A 365 73.80 24.51 -43.55
N GLU A 366 74.05 23.30 -43.03
CA GLU A 366 75.06 22.35 -43.58
C GLU A 366 74.70 21.96 -45.02
N ILE A 367 73.40 21.81 -45.31
CA ILE A 367 72.91 21.48 -46.68
C ILE A 367 73.37 22.59 -47.64
N ASN A 368 73.22 23.86 -47.23
CA ASN A 368 73.59 25.04 -48.04
C ASN A 368 75.11 25.10 -48.29
N ASP A 369 75.92 24.60 -47.35
CA ASP A 369 77.41 24.73 -47.40
C ASP A 369 78.04 23.59 -48.19
N PHE A 370 77.28 22.55 -48.54
CA PHE A 370 77.79 21.35 -49.27
C PHE A 370 76.92 21.06 -50.49
N LYS A 371 75.63 21.41 -50.42
CA LYS A 371 74.64 21.29 -51.52
C LYS A 371 74.53 19.83 -51.93
N PRO A 372 74.32 18.89 -50.98
CA PRO A 372 74.42 17.46 -51.28
C PRO A 372 73.20 17.01 -52.08
N ALA A 373 73.37 15.93 -52.85
CA ALA A 373 72.29 15.23 -53.57
C ALA A 373 71.43 14.47 -52.54
N ARG A 374 72.06 13.93 -51.49
CA ARG A 374 71.35 13.13 -50.46
C ARG A 374 71.82 13.51 -49.05
N ILE A 375 70.86 13.72 -48.15
CA ILE A 375 71.05 13.76 -46.68
C ILE A 375 70.67 12.39 -46.13
N ALA A 376 71.34 11.93 -45.08
CA ALA A 376 70.97 10.72 -44.30
C ALA A 376 71.01 11.05 -42.81
N ILE A 377 69.85 11.09 -42.17
CA ILE A 377 69.70 11.31 -40.69
C ILE A 377 69.61 9.94 -40.02
N ASP A 378 70.53 9.68 -39.08
CA ASP A 378 70.60 8.41 -38.30
C ASP A 378 70.77 8.77 -36.84
N SER A 379 69.67 8.90 -36.07
CA SER A 379 68.31 8.54 -36.44
C SER A 379 67.33 9.65 -36.06
N LEU A 380 66.16 9.68 -36.69
CA LEU A 380 65.01 10.53 -36.25
C LEU A 380 64.58 10.10 -34.84
N SER A 381 64.63 8.80 -34.53
CA SER A 381 64.22 8.23 -33.21
C SER A 381 65.11 8.81 -32.10
N ALA A 382 66.40 9.02 -32.36
CA ALA A 382 67.35 9.63 -31.39
C ALA A 382 66.89 11.05 -31.04
N LEU A 383 66.50 11.84 -32.05
CA LEU A 383 66.14 13.28 -31.92
C LEU A 383 64.75 13.44 -31.28
N ALA A 384 63.94 12.39 -31.22
CA ALA A 384 62.59 12.41 -30.59
C ALA A 384 62.70 12.26 -29.06
N ARG A 385 63.86 11.80 -28.56
CA ARG A 385 64.13 11.58 -27.11
C ARG A 385 63.87 12.87 -26.31
N GLY A 386 63.00 12.80 -25.31
CA GLY A 386 62.88 13.80 -24.23
C GLY A 386 62.01 14.98 -24.64
N VAL A 387 61.59 14.99 -25.90
CA VAL A 387 60.82 16.07 -26.55
C VAL A 387 59.37 15.63 -26.68
N SER A 388 58.44 16.59 -26.74
CA SER A 388 57.00 16.32 -26.99
C SER A 388 56.85 15.94 -28.46
N ASN A 389 55.92 15.04 -28.76
CA ASN A 389 55.69 14.51 -30.14
C ASN A 389 55.29 15.66 -31.07
N ASN A 390 54.53 16.64 -30.58
CA ASN A 390 54.16 17.86 -31.34
C ASN A 390 55.44 18.57 -31.76
N ALA A 391 56.28 18.90 -30.77
CA ALA A 391 57.58 19.59 -30.94
C ALA A 391 58.47 18.79 -31.88
N PHE A 392 58.53 17.47 -31.68
CA PHE A 392 59.30 16.53 -32.54
C PHE A 392 58.72 16.54 -33.95
N ARG A 393 57.42 16.28 -34.09
CA ARG A 393 56.72 16.15 -35.40
C ARG A 393 56.91 17.45 -36.19
N GLN A 394 56.86 18.61 -35.53
CA GLN A 394 57.15 19.93 -36.14
C GLN A 394 58.54 19.89 -36.78
N PHE A 395 59.54 19.41 -36.02
CA PHE A 395 60.95 19.27 -36.48
C PHE A 395 60.98 18.45 -37.78
N VAL A 396 60.28 17.32 -37.81
CA VAL A 396 60.29 16.37 -38.96
C VAL A 396 59.69 17.08 -40.18
N ILE A 397 58.49 17.66 -40.03
CA ILE A 397 57.79 18.40 -41.13
C ILE A 397 58.83 19.32 -41.79
N GLY A 398 59.55 20.08 -40.96
CA GLY A 398 60.55 21.08 -41.39
C GLY A 398 61.70 20.45 -42.16
N VAL A 399 62.29 19.37 -41.65
CA VAL A 399 63.48 18.73 -42.29
C VAL A 399 63.03 18.14 -43.62
N THR A 400 61.96 17.35 -43.60
CA THR A 400 61.31 16.74 -44.78
C THR A 400 61.12 17.82 -45.86
N GLY A 401 60.28 18.82 -45.56
CA GLY A 401 59.83 19.86 -46.50
C GLY A 401 60.99 20.62 -47.12
N TYR A 402 62.10 20.80 -46.39
CA TYR A 402 63.31 21.49 -46.89
C TYR A 402 64.03 20.59 -47.89
N ALA A 403 64.23 19.31 -47.55
CA ALA A 403 64.87 18.29 -48.41
C ALA A 403 64.01 18.06 -49.66
N LYS A 404 62.68 18.03 -49.49
CA LYS A 404 61.69 17.80 -50.57
C LYS A 404 61.70 19.00 -51.54
N GLN A 405 61.71 20.23 -51.02
CA GLN A 405 61.61 21.47 -51.86
C GLN A 405 62.96 21.79 -52.51
N GLU A 406 64.08 21.40 -51.89
CA GLU A 406 65.45 21.60 -52.44
C GLU A 406 65.86 20.36 -53.24
N GLU A 407 64.98 19.36 -53.35
CA GLU A 407 65.20 18.12 -54.12
C GLU A 407 66.45 17.39 -53.63
N ILE A 408 66.65 17.35 -52.31
CA ILE A 408 67.62 16.46 -51.64
C ILE A 408 66.86 15.19 -51.26
N THR A 409 67.30 14.01 -51.71
CA THR A 409 66.63 12.74 -51.32
C THR A 409 67.13 12.33 -49.93
N GLY A 410 66.17 12.22 -49.01
CA GLY A 410 66.39 11.97 -47.58
C GLY A 410 66.06 10.54 -47.22
N LEU A 411 67.06 9.78 -46.76
CA LEU A 411 66.87 8.51 -46.01
C LEU A 411 66.95 8.84 -44.53
N PHE A 412 66.02 8.30 -43.74
CA PHE A 412 65.90 8.53 -42.28
C PHE A 412 65.76 7.18 -41.58
N THR A 413 66.48 6.99 -40.48
CA THR A 413 66.48 5.75 -39.67
C THR A 413 65.62 6.00 -38.43
N ASN A 414 64.97 4.96 -37.92
CA ASN A 414 64.07 5.04 -36.74
C ASN A 414 64.09 3.70 -36.00
N THR A 415 64.92 3.57 -34.96
CA THR A 415 64.94 2.34 -34.13
C THR A 415 63.64 2.29 -33.32
N SER A 416 62.90 1.18 -33.41
CA SER A 416 61.61 0.96 -32.72
C SER A 416 61.86 0.66 -31.24
N ASP A 417 60.91 1.04 -30.39
CA ASP A 417 60.97 0.85 -28.92
C ASP A 417 60.97 -0.65 -28.59
N GLN A 418 60.26 -1.45 -29.39
CA GLN A 418 60.15 -2.92 -29.18
C GLN A 418 60.91 -3.63 -30.30
N PHE A 419 61.70 -4.64 -29.94
CA PHE A 419 62.59 -5.38 -30.87
C PHE A 419 61.79 -6.51 -31.53
N MET A 420 60.66 -6.90 -30.93
CA MET A 420 59.75 -7.95 -31.48
C MET A 420 58.33 -7.70 -30.96
N GLY A 421 57.34 -7.76 -31.87
CA GLY A 421 55.91 -7.54 -31.56
C GLY A 421 55.48 -6.11 -31.79
N ALA A 422 56.31 -5.31 -32.49
CA ALA A 422 56.00 -3.91 -32.89
C ALA A 422 54.72 -3.93 -33.74
N HIS A 423 53.70 -3.18 -33.32
CA HIS A 423 52.38 -3.08 -34.01
C HIS A 423 52.29 -1.79 -34.84
N SER A 424 53.17 -0.82 -34.57
CA SER A 424 53.23 0.50 -35.23
C SER A 424 54.56 0.65 -35.97
N ILE A 425 54.55 1.22 -37.17
CA ILE A 425 55.78 1.43 -37.98
C ILE A 425 56.73 2.34 -37.21
N THR A 426 56.21 3.46 -36.69
CA THR A 426 56.98 4.40 -35.82
C THR A 426 56.16 4.68 -34.55
N ASP A 427 56.85 4.89 -33.43
CA ASP A 427 56.21 5.25 -32.13
C ASP A 427 55.97 6.76 -32.09
N SER A 428 56.52 7.51 -33.06
CA SER A 428 56.39 8.98 -33.18
C SER A 428 55.18 9.35 -34.04
N HIS A 429 54.59 8.37 -34.74
CA HIS A 429 53.42 8.53 -35.65
C HIS A 429 53.75 9.50 -36.78
N ILE A 430 54.87 9.29 -37.47
CA ILE A 430 55.36 10.15 -38.59
C ILE A 430 55.42 9.33 -39.87
N SEP A 431 54.60 8.29 -39.98
CA SEP A 431 54.64 7.39 -41.12
CB SEP A 431 53.99 6.06 -40.77
OG SEP A 431 54.31 5.73 -39.39
C SEP A 431 53.99 8.05 -42.33
O SEP A 431 54.34 7.73 -43.46
P SEP A 431 53.10 5.46 -38.35
O1P SEP A 431 53.68 5.40 -37.02
O2P SEP A 431 52.60 4.12 -38.57
O3P SEP A 431 52.06 6.55 -38.55
N THR A 432 53.07 8.99 -42.08
CA THR A 432 52.35 9.68 -43.14
C THR A 432 53.24 10.73 -43.80
N ILE A 433 54.36 11.09 -43.16
CA ILE A 433 55.29 12.15 -43.64
C ILE A 433 56.32 11.53 -44.60
N THR A 434 56.51 10.21 -44.58
CA THR A 434 57.47 9.49 -45.46
C THR A 434 56.74 8.97 -46.70
N ASP A 435 57.46 8.90 -47.82
CA ASP A 435 56.94 8.37 -49.11
C ASP A 435 57.19 6.86 -49.17
N THR A 436 58.36 6.45 -48.70
CA THR A 436 58.85 5.05 -48.75
C THR A 436 59.24 4.60 -47.34
N ILE A 437 58.93 3.34 -47.01
CA ILE A 437 59.27 2.72 -45.70
C ILE A 437 59.92 1.36 -45.96
N ILE A 438 61.18 1.23 -45.57
CA ILE A 438 61.95 -0.04 -45.52
C ILE A 438 61.86 -0.56 -44.09
N LEU A 439 61.12 -1.66 -43.89
CA LEU A 439 60.85 -2.25 -42.54
C LEU A 439 61.76 -3.46 -42.35
N LEU A 440 62.76 -3.34 -41.48
CA LEU A 440 63.60 -4.48 -41.02
C LEU A 440 62.97 -5.05 -39.75
N GLN A 441 63.07 -6.36 -39.55
CA GLN A 441 62.61 -6.99 -38.29
C GLN A 441 63.28 -8.36 -38.10
N TYR A 442 63.55 -8.69 -36.84
CA TYR A 442 64.02 -10.02 -36.42
C TYR A 442 62.90 -11.02 -36.62
N VAL A 443 63.28 -12.26 -36.92
CA VAL A 443 62.36 -13.41 -37.08
C VAL A 443 63.00 -14.61 -36.39
N GLU A 444 62.29 -15.19 -35.42
CA GLU A 444 62.81 -16.31 -34.60
C GLU A 444 62.59 -17.63 -35.36
N ILE A 445 63.68 -18.21 -35.84
CA ILE A 445 63.70 -19.45 -36.66
C ILE A 445 64.69 -20.45 -36.05
N ARG A 446 64.22 -21.67 -35.77
CA ARG A 446 65.07 -22.83 -35.40
C ARG A 446 66.09 -22.40 -34.33
N GLY A 447 65.63 -21.72 -33.29
CA GLY A 447 66.43 -21.36 -32.10
C GLY A 447 67.44 -20.25 -32.36
N GLU A 448 67.33 -19.55 -33.50
CA GLU A 448 68.29 -18.49 -33.91
C GLU A 448 67.54 -17.21 -34.26
N MET A 449 68.23 -16.08 -34.16
CA MET A 449 67.73 -14.73 -34.50
C MET A 449 68.14 -14.40 -35.94
N SER A 450 67.19 -14.50 -36.87
CA SER A 450 67.35 -14.09 -38.29
C SER A 450 66.59 -12.78 -38.51
N ARG A 451 67.06 -11.96 -39.46
CA ARG A 451 66.47 -10.64 -39.78
C ARG A 451 65.65 -10.81 -41.05
N ALA A 452 64.80 -9.82 -41.35
CA ALA A 452 63.97 -9.80 -42.56
C ALA A 452 63.76 -8.36 -43.02
N ILE A 453 63.85 -8.16 -44.33
CA ILE A 453 63.72 -6.85 -45.02
C ILE A 453 62.35 -6.85 -45.73
N ASN A 454 61.62 -5.74 -45.62
CA ASN A 454 60.32 -5.57 -46.29
C ASN A 454 60.22 -4.12 -46.80
N VAL A 455 59.91 -3.94 -48.08
CA VAL A 455 59.48 -2.63 -48.63
C VAL A 455 58.02 -2.46 -48.21
N PHE A 456 57.78 -1.77 -47.10
CA PHE A 456 56.43 -1.67 -46.49
C PHE A 456 55.52 -0.78 -47.34
N LYS A 457 56.04 0.32 -47.90
CA LYS A 457 55.28 1.14 -48.87
C LYS A 457 56.23 1.93 -49.78
N MET A 458 55.68 2.33 -50.92
CA MET A 458 56.34 3.13 -51.98
C MET A 458 55.25 3.87 -52.74
N ARG A 459 54.97 5.12 -52.37
CA ARG A 459 54.07 5.99 -53.17
C ARG A 459 54.79 6.26 -54.48
N GLY A 460 54.13 5.99 -55.62
CA GLY A 460 54.70 6.26 -56.95
C GLY A 460 55.14 5.00 -57.66
N SER A 461 55.61 3.98 -56.94
CA SER A 461 56.16 2.73 -57.54
C SER A 461 55.30 1.51 -57.18
N TRP A 462 55.73 0.35 -57.71
CA TRP A 462 55.09 -0.98 -57.53
C TRP A 462 55.55 -1.60 -56.21
N HIS A 463 56.87 -1.78 -56.06
CA HIS A 463 57.58 -2.44 -54.94
C HIS A 463 57.12 -3.89 -54.71
N ASP A 464 58.06 -4.74 -54.28
CA ASP A 464 57.82 -6.16 -53.87
C ASP A 464 56.98 -6.15 -52.59
N LYS A 465 56.08 -7.14 -52.46
CA LYS A 465 55.16 -7.27 -51.30
C LYS A 465 55.59 -8.44 -50.41
N ALA A 466 56.80 -8.98 -50.60
CA ALA A 466 57.29 -10.19 -49.89
C ALA A 466 58.22 -9.78 -48.76
N ILE A 467 57.98 -10.32 -47.56
CA ILE A 467 58.92 -10.23 -46.41
C ILE A 467 60.08 -11.17 -46.72
N ARG A 468 61.24 -10.61 -47.06
CA ARG A 468 62.44 -11.40 -47.45
C ARG A 468 63.38 -11.47 -46.26
N GLU A 469 64.14 -12.56 -46.18
CA GLU A 469 65.24 -12.75 -45.20
C GLU A 469 66.50 -12.12 -45.80
N PHE A 470 67.31 -11.45 -44.97
CA PHE A 470 68.60 -10.87 -45.40
C PHE A 470 69.65 -11.07 -44.30
N MET A 471 70.79 -11.63 -44.69
CA MET A 471 72.00 -11.78 -43.84
C MET A 471 72.86 -10.53 -44.03
N ILE A 472 73.74 -10.26 -43.06
CA ILE A 472 74.77 -9.18 -43.13
C ILE A 472 76.14 -9.85 -42.94
N SER A 473 77.00 -9.74 -43.95
CA SER A 473 78.37 -10.30 -43.96
C SER A 473 79.38 -9.14 -44.05
N ASP A 474 80.67 -9.48 -44.08
CA ASP A 474 81.79 -8.52 -44.32
C ASP A 474 81.58 -7.79 -45.65
N LYS A 475 80.78 -8.36 -46.55
CA LYS A 475 80.51 -7.82 -47.91
C LYS A 475 79.34 -6.82 -47.91
N GLY A 476 78.58 -6.74 -46.81
CA GLY A 476 77.34 -5.92 -46.72
C GLY A 476 76.11 -6.81 -46.52
N PRO A 477 74.92 -6.41 -47.02
CA PRO A 477 73.73 -7.26 -46.93
C PRO A 477 73.69 -8.25 -48.10
N ASP A 478 72.82 -9.25 -48.00
CA ASP A 478 72.45 -10.19 -49.08
C ASP A 478 71.00 -10.61 -48.81
N ILE A 479 70.06 -10.21 -49.66
CA ILE A 479 68.61 -10.50 -49.48
C ILE A 479 68.29 -11.83 -50.20
N LYS A 480 68.07 -12.91 -49.42
CA LYS A 480 67.75 -14.25 -49.97
C LYS A 480 66.24 -14.34 -50.21
N ASP A 481 65.61 -15.46 -49.86
CA ASP A 481 64.23 -15.81 -50.27
C ASP A 481 63.25 -15.50 -49.13
N SER A 482 61.96 -15.43 -49.46
CA SER A 482 60.88 -15.06 -48.51
C SER A 482 60.60 -16.22 -47.55
N PHE A 483 59.78 -15.97 -46.54
CA PHE A 483 59.30 -16.96 -45.55
C PHE A 483 57.92 -17.45 -45.98
N ARG A 484 57.80 -18.07 -47.17
CA ARG A 484 56.46 -18.45 -47.68
C ARG A 484 55.92 -19.66 -46.90
N ASN A 485 56.77 -20.44 -46.25
CA ASN A 485 56.36 -21.69 -45.59
C ASN A 485 56.20 -21.44 -44.08
N PHE A 486 55.93 -20.19 -43.67
CA PHE A 486 55.74 -19.78 -42.26
C PHE A 486 54.50 -18.90 -42.11
N GLU A 487 53.86 -18.99 -40.93
CA GLU A 487 52.77 -18.08 -40.48
C GLU A 487 53.29 -17.22 -39.32
N ARG A 488 52.67 -16.07 -39.09
CA ARG A 488 52.92 -15.14 -37.95
C ARG A 488 54.36 -14.62 -37.99
N ILE A 489 54.82 -14.16 -39.16
CA ILE A 489 56.19 -13.59 -39.37
C ILE A 489 56.28 -12.22 -38.72
N ILE A 490 55.17 -11.48 -38.77
CA ILE A 490 55.11 -10.05 -38.36
C ILE A 490 55.31 -9.96 -36.85
N SER A 491 54.91 -11.01 -36.11
CA SER A 491 55.05 -11.09 -34.63
C SER A 491 56.52 -11.29 -34.23
N GLY A 492 57.35 -11.82 -35.13
CA GLY A 492 58.77 -12.10 -34.87
C GLY A 492 58.99 -13.51 -34.33
N SER A 493 57.94 -14.14 -33.80
CA SER A 493 57.90 -15.57 -33.43
C SER A 493 56.92 -16.30 -34.34
N PRO A 494 57.34 -16.65 -35.58
CA PRO A 494 56.46 -17.35 -36.51
C PRO A 494 56.28 -18.84 -36.18
N THR A 495 55.43 -19.50 -36.96
CA THR A 495 55.13 -20.95 -36.92
C THR A 495 55.42 -21.54 -38.29
N ARG A 496 56.18 -22.64 -38.37
CA ARG A 496 56.35 -23.44 -39.60
C ARG A 496 55.03 -24.16 -39.89
N ILE A 497 54.68 -24.30 -41.18
CA ILE A 497 53.43 -24.97 -41.65
C ILE A 497 53.78 -25.84 -42.87
N ALA B 17 84.28 40.15 -32.70
CA ALA B 17 83.78 39.37 -31.53
C ALA B 17 84.17 40.07 -30.23
N ILE B 18 83.46 39.78 -29.14
CA ILE B 18 83.76 40.29 -27.77
C ILE B 18 84.87 39.44 -27.17
N ALA B 19 85.82 40.07 -26.50
CA ALA B 19 86.95 39.42 -25.77
C ALA B 19 86.42 38.86 -24.45
N LYS B 20 86.84 37.64 -24.10
CA LYS B 20 86.40 36.93 -22.86
C LYS B 20 87.61 36.55 -22.02
N MET B 21 87.39 36.47 -20.70
CA MET B 21 88.41 36.13 -19.68
C MET B 21 88.09 34.75 -19.13
N ARG B 22 89.03 33.82 -19.25
CA ARG B 22 88.88 32.43 -18.74
C ARG B 22 88.68 32.47 -17.22
N THR B 23 87.71 31.71 -16.73
CA THR B 23 87.35 31.67 -15.28
C THR B 23 88.03 30.50 -14.58
N MET B 24 88.45 29.47 -15.32
CA MET B 24 89.10 28.25 -14.77
C MET B 24 88.14 27.56 -13.79
N ILE B 25 86.83 27.62 -14.05
CA ILE B 25 85.77 26.84 -13.36
C ILE B 25 85.35 25.72 -14.32
N GLU B 26 85.38 24.46 -13.85
CA GLU B 26 85.25 23.24 -14.69
C GLU B 26 83.86 23.22 -15.36
N GLY B 27 83.81 23.52 -16.66
CA GLY B 27 82.57 23.50 -17.47
C GLY B 27 82.17 24.89 -17.96
N PHE B 28 82.41 25.94 -17.16
CA PHE B 28 81.90 27.31 -17.41
C PHE B 28 82.51 27.89 -18.69
N ASP B 29 83.84 27.85 -18.84
CA ASP B 29 84.57 28.40 -20.01
C ASP B 29 83.99 27.82 -21.30
N ASP B 30 83.59 26.54 -21.29
CA ASP B 30 82.96 25.86 -22.45
C ASP B 30 81.50 26.33 -22.62
N ILE B 31 80.76 26.49 -21.51
CA ILE B 31 79.34 26.94 -21.56
C ILE B 31 79.30 28.40 -22.04
N SER B 32 80.26 29.22 -21.60
CA SER B 32 80.32 30.68 -21.89
C SER B 32 81.06 30.95 -23.20
N HIS B 33 81.63 29.91 -23.84
CA HIS B 33 82.38 30.00 -25.12
C HIS B 33 83.66 30.83 -24.93
N GLY B 34 84.37 30.66 -23.82
CA GLY B 34 85.69 31.28 -23.58
C GLY B 34 85.81 32.01 -22.25
N GLY B 35 84.71 32.16 -21.49
CA GLY B 35 84.72 32.77 -20.16
C GLY B 35 83.77 33.95 -20.05
N LEU B 36 83.99 34.86 -19.10
CA LEU B 36 83.17 36.07 -18.91
C LEU B 36 83.70 37.17 -19.83
N PRO B 37 82.82 37.88 -20.57
CA PRO B 37 83.24 39.03 -21.37
C PRO B 37 84.01 40.04 -20.51
N ILE B 38 85.14 40.54 -21.03
CA ILE B 38 86.06 41.46 -20.28
C ILE B 38 85.49 42.87 -20.33
N GLY B 39 85.55 43.59 -19.20
CA GLY B 39 85.16 45.00 -19.07
C GLY B 39 83.66 45.17 -18.88
N ARG B 40 82.92 44.06 -18.72
CA ARG B 40 81.45 44.06 -18.41
C ARG B 40 81.24 43.39 -17.06
N SER B 41 80.18 43.78 -16.34
CA SER B 41 79.72 43.10 -15.12
C SER B 41 78.81 41.93 -15.50
N THR B 42 78.96 40.81 -14.79
CA THR B 42 78.13 39.58 -14.92
C THR B 42 77.32 39.38 -13.65
N LEU B 43 75.98 39.37 -13.78
CA LEU B 43 75.05 39.09 -12.67
C LEU B 43 74.99 37.58 -12.45
N VAL B 44 75.20 37.13 -11.20
CA VAL B 44 75.05 35.70 -10.80
C VAL B 44 73.99 35.64 -9.70
N SER B 45 72.72 35.49 -10.08
CA SER B 45 71.56 35.43 -9.15
C SER B 45 71.23 33.97 -8.82
N GLY B 46 70.73 33.73 -7.60
CA GLY B 46 70.37 32.39 -7.11
C GLY B 46 69.59 32.46 -5.81
N THR B 47 68.95 31.36 -5.43
CA THR B 47 68.29 31.20 -4.10
C THR B 47 69.38 30.94 -3.06
N SER B 48 69.01 30.90 -1.77
CA SER B 48 69.98 30.72 -0.66
C SER B 48 70.72 29.38 -0.81
N GLY B 49 72.05 29.42 -0.74
CA GLY B 49 72.92 28.21 -0.75
C GLY B 49 73.11 27.66 -2.16
N THR B 50 73.00 28.50 -3.18
CA THR B 50 73.02 28.09 -4.62
C THR B 50 74.46 28.01 -5.14
N GLY B 51 75.42 28.60 -4.43
CA GLY B 51 76.84 28.64 -4.85
C GLY B 51 77.24 29.97 -5.45
N LYS B 52 76.48 31.03 -5.16
CA LYS B 52 76.75 32.41 -5.66
C LYS B 52 78.12 32.87 -5.19
N THR B 53 78.33 32.92 -3.87
CA THR B 53 79.60 33.36 -3.24
C THR B 53 80.74 32.51 -3.80
N LEU B 54 80.59 31.19 -3.72
CA LEU B 54 81.61 30.21 -4.17
C LEU B 54 82.05 30.56 -5.59
N PHE B 55 81.09 30.84 -6.47
CA PHE B 55 81.34 31.19 -7.89
C PHE B 55 82.23 32.43 -7.97
N SER B 56 81.97 33.43 -7.13
CA SER B 56 82.67 34.74 -7.14
C SER B 56 84.08 34.58 -6.51
N ILE B 57 84.18 33.89 -5.37
CA ILE B 57 85.50 33.58 -4.72
C ILE B 57 86.39 32.90 -5.76
N GLN B 58 85.93 31.78 -6.32
CA GLN B 58 86.66 31.01 -7.36
C GLN B 58 87.08 31.96 -8.49
N PHE B 59 86.12 32.72 -9.03
CA PHE B 59 86.35 33.67 -10.13
C PHE B 59 87.64 34.44 -9.85
N LEU B 60 87.74 35.05 -8.67
CA LEU B 60 88.93 35.82 -8.22
C LEU B 60 90.10 34.84 -8.04
N TYR B 61 89.96 33.82 -7.19
CA TYR B 61 91.04 32.89 -6.81
C TYR B 61 91.71 32.33 -8.07
N ASN B 62 90.94 31.64 -8.92
CA ASN B 62 91.42 31.01 -10.17
C ASN B 62 92.08 32.07 -11.06
N GLY B 63 91.56 33.31 -11.03
CA GLY B 63 92.16 34.46 -11.72
C GLY B 63 93.55 34.75 -11.20
N ILE B 64 93.71 34.86 -9.87
CA ILE B 64 94.99 35.22 -9.20
C ILE B 64 96.02 34.11 -9.49
N ILE B 65 95.68 32.86 -9.19
CA ILE B 65 96.65 31.72 -9.11
C ILE B 65 97.15 31.33 -10.50
N GLU B 66 96.41 31.62 -11.58
CA GLU B 66 96.71 31.10 -12.94
C GLU B 66 97.36 32.18 -13.83
N PHE B 67 96.76 33.38 -13.91
CA PHE B 67 97.17 34.46 -14.85
C PHE B 67 97.84 35.61 -14.09
N ASP B 68 98.00 35.49 -12.76
CA ASP B 68 98.51 36.57 -11.87
C ASP B 68 97.64 37.82 -12.07
N GLU B 69 96.33 37.63 -12.29
CA GLU B 69 95.35 38.72 -12.44
C GLU B 69 94.80 39.04 -11.06
N PRO B 70 95.14 40.21 -10.44
CA PRO B 70 94.68 40.53 -9.10
C PRO B 70 93.18 40.88 -9.12
N GLY B 71 92.51 40.72 -7.97
CA GLY B 71 91.05 40.88 -7.86
C GLY B 71 90.65 41.47 -6.53
N VAL B 72 89.43 42.01 -6.47
CA VAL B 72 88.84 42.69 -5.27
C VAL B 72 87.48 42.06 -4.97
N PHE B 73 87.23 41.81 -3.68
CA PHE B 73 85.99 41.19 -3.15
C PHE B 73 85.33 42.19 -2.21
N VAL B 74 84.14 42.66 -2.57
CA VAL B 74 83.33 43.60 -1.75
C VAL B 74 82.23 42.79 -1.07
N THR B 75 82.12 42.88 0.25
CA THR B 75 81.24 42.03 1.09
C THR B 75 80.42 42.92 2.04
N PHE B 76 79.11 42.76 2.02
CA PHE B 76 78.13 43.64 2.71
C PHE B 76 77.55 42.97 3.97
N GLU B 77 77.86 41.70 4.24
CA GLU B 77 77.32 40.96 5.40
C GLU B 77 78.42 40.09 6.01
N GLU B 78 78.91 39.11 5.26
CA GLU B 78 80.00 38.18 5.64
C GLU B 78 81.24 39.01 6.03
N THR B 79 81.86 38.70 7.17
CA THR B 79 83.13 39.35 7.60
C THR B 79 84.23 38.89 6.66
N PRO B 80 85.27 39.73 6.43
CA PRO B 80 86.44 39.32 5.67
C PRO B 80 87.15 38.07 6.23
N GLN B 81 87.31 38.00 7.55
CA GLN B 81 87.88 36.83 8.26
C GLN B 81 87.18 35.55 7.75
N ASP B 82 85.85 35.59 7.60
CA ASP B 82 85.01 34.41 7.27
C ASP B 82 85.19 34.02 5.80
N ILE B 83 85.24 34.98 4.87
CA ILE B 83 85.49 34.71 3.43
C ILE B 83 86.82 33.94 3.32
N ILE B 84 87.80 34.27 4.16
CA ILE B 84 89.14 33.61 4.21
C ILE B 84 89.01 32.20 4.79
N LYS B 85 88.25 32.04 5.89
CA LYS B 85 88.07 30.75 6.62
C LYS B 85 87.29 29.76 5.74
N ASN B 86 86.08 30.15 5.29
CA ASN B 86 85.19 29.34 4.41
C ASN B 86 85.97 28.82 3.20
N ALA B 87 86.92 29.61 2.69
CA ALA B 87 87.72 29.29 1.48
C ALA B 87 88.70 28.16 1.78
N ARG B 88 89.21 28.09 3.02
CA ARG B 88 90.14 27.02 3.50
C ARG B 88 89.50 25.65 3.28
N SER B 89 88.17 25.57 3.46
CA SER B 89 87.34 24.36 3.22
C SER B 89 87.68 23.72 1.86
N PHE B 90 87.88 24.52 0.81
CA PHE B 90 88.21 24.04 -0.56
C PHE B 90 89.73 23.98 -0.75
N GLY B 91 90.49 24.05 0.33
CA GLY B 91 91.97 23.93 0.33
C GLY B 91 92.63 25.08 -0.42
N TRP B 92 92.15 26.31 -0.22
CA TRP B 92 92.71 27.56 -0.79
C TRP B 92 93.05 28.53 0.34
N ASP B 93 94.26 29.09 0.33
CA ASP B 93 94.73 30.05 1.36
C ASP B 93 94.54 31.48 0.83
N LEU B 94 93.35 32.04 1.04
CA LEU B 94 93.04 33.46 0.70
C LEU B 94 93.90 34.38 1.57
N ALA B 95 94.24 33.97 2.80
CA ALA B 95 95.08 34.73 3.75
C ALA B 95 96.46 34.99 3.13
N LYS B 96 97.07 33.97 2.52
CA LYS B 96 98.41 34.06 1.86
C LYS B 96 98.36 35.11 0.75
N LEU B 97 97.26 35.16 0.00
CA LEU B 97 97.09 36.04 -1.17
C LEU B 97 96.77 37.48 -0.74
N VAL B 98 96.17 37.69 0.44
CA VAL B 98 95.96 39.08 0.97
C VAL B 98 97.34 39.67 1.28
N ASP B 99 98.21 38.86 1.90
CA ASP B 99 99.58 39.25 2.33
C ASP B 99 100.43 39.50 1.07
N GLU B 100 100.42 38.56 0.13
CA GLU B 100 101.15 38.63 -1.16
C GLU B 100 100.73 39.89 -1.95
N GLY B 101 99.53 40.42 -1.68
CA GLY B 101 99.00 41.65 -2.31
C GLY B 101 98.27 41.38 -3.62
N LYS B 102 97.94 40.11 -3.91
CA LYS B 102 97.26 39.70 -5.16
C LYS B 102 95.74 39.86 -5.01
N LEU B 103 95.21 39.57 -3.82
CA LEU B 103 93.77 39.76 -3.48
C LEU B 103 93.62 40.96 -2.57
N PHE B 104 92.38 41.43 -2.39
CA PHE B 104 91.99 42.45 -1.39
C PHE B 104 90.49 42.32 -1.08
N ILE B 105 90.16 41.92 0.16
CA ILE B 105 88.76 41.83 0.65
C ILE B 105 88.38 43.20 1.24
N LEU B 106 87.76 44.05 0.42
CA LEU B 106 87.21 45.38 0.81
C LEU B 106 85.96 45.13 1.67
N ASP B 107 86.07 45.30 3.00
CA ASP B 107 84.96 45.09 3.96
C ASP B 107 84.01 46.28 3.89
N ALA B 108 82.77 46.05 3.42
CA ALA B 108 81.71 47.06 3.30
C ALA B 108 80.51 46.69 4.19
N SER B 109 80.67 45.74 5.11
CA SER B 109 79.58 45.22 5.97
C SER B 109 79.27 46.25 7.07
N PRO B 110 77.99 46.36 7.50
CA PRO B 110 77.61 47.28 8.57
C PRO B 110 78.19 46.90 9.95
N ASP B 111 78.23 47.89 10.84
CA ASP B 111 78.69 47.76 12.25
C ASP B 111 77.49 47.51 13.16
N PRO B 112 77.49 46.40 13.95
CA PRO B 112 76.48 46.18 14.99
C PRO B 112 76.17 47.36 15.93
N GLU B 113 77.19 48.09 16.39
CA GLU B 113 77.03 49.24 17.34
C GLU B 113 76.34 50.42 16.63
N ASP B 122 75.86 56.83 0.42
CA ASP B 122 77.00 55.87 0.41
C ASP B 122 77.26 55.32 -1.00
N LEU B 123 76.36 55.55 -1.97
CA LEU B 123 76.44 54.99 -3.35
C LEU B 123 77.77 55.35 -4.01
N SER B 124 78.08 56.66 -4.09
CA SER B 124 79.30 57.20 -4.73
C SER B 124 80.52 56.94 -3.84
N ALA B 125 80.34 56.98 -2.52
CA ALA B 125 81.40 56.76 -1.51
C ALA B 125 82.05 55.39 -1.73
N LEU B 126 81.23 54.33 -1.85
CA LEU B 126 81.69 52.94 -2.12
C LEU B 126 82.45 52.90 -3.45
N ILE B 127 81.85 53.43 -4.51
CA ILE B 127 82.42 53.44 -5.90
C ILE B 127 83.85 53.98 -5.85
N GLU B 128 84.05 55.08 -5.10
CA GLU B 128 85.38 55.72 -4.89
C GLU B 128 86.33 54.72 -4.22
N ARG B 129 85.87 54.04 -3.16
CA ARG B 129 86.65 52.98 -2.45
C ARG B 129 87.01 51.87 -3.44
N ILE B 130 86.02 51.39 -4.21
CA ILE B 130 86.18 50.28 -5.18
C ILE B 130 87.13 50.75 -6.29
N ASN B 131 86.93 51.97 -6.80
CA ASN B 131 87.81 52.62 -7.82
C ASN B 131 89.24 52.67 -7.27
N TYR B 132 89.40 53.23 -6.06
CA TYR B 132 90.71 53.40 -5.38
C TYR B 132 91.41 52.05 -5.29
N ALA B 133 90.72 51.03 -4.77
CA ALA B 133 91.22 49.66 -4.58
C ALA B 133 91.75 49.09 -5.90
N ILE B 134 91.03 49.30 -7.01
CA ILE B 134 91.34 48.72 -8.35
C ILE B 134 92.74 49.17 -8.77
N GLN B 135 92.97 50.49 -8.78
CA GLN B 135 94.27 51.10 -9.14
C GLN B 135 95.30 50.76 -8.04
N LYS B 136 94.87 50.74 -6.78
CA LYS B 136 95.75 50.48 -5.59
C LYS B 136 96.25 49.03 -5.58
N TYR B 137 95.73 48.16 -6.46
CA TYR B 137 96.18 46.74 -6.60
C TYR B 137 96.30 46.29 -8.06
N ARG B 138 96.16 47.19 -9.05
CA ARG B 138 96.26 46.86 -10.49
C ARG B 138 95.29 45.73 -10.85
N ALA B 139 94.10 45.72 -10.23
CA ALA B 139 93.17 44.56 -10.20
C ALA B 139 92.37 44.49 -11.50
N ARG B 140 92.35 43.30 -12.13
CA ARG B 140 91.62 43.03 -13.40
C ARG B 140 90.24 42.44 -13.10
N ARG B 141 90.01 41.91 -11.88
CA ARG B 141 88.74 41.23 -11.50
C ARG B 141 88.12 41.88 -10.25
N VAL B 142 86.80 41.85 -10.17
CA VAL B 142 86.01 42.35 -9.00
C VAL B 142 84.91 41.32 -8.71
N SER B 143 84.41 41.28 -7.47
CA SER B 143 83.24 40.46 -7.09
C SER B 143 82.49 41.11 -5.93
N ILE B 144 81.32 41.67 -6.23
CA ILE B 144 80.47 42.42 -5.26
C ILE B 144 79.33 41.50 -4.82
N ASP B 145 79.33 41.12 -3.55
CA ASP B 145 78.50 40.02 -2.98
C ASP B 145 77.93 40.43 -1.63
N SER B 146 76.62 40.72 -1.56
CA SER B 146 75.67 40.72 -2.66
C SER B 146 75.07 42.14 -2.78
N VAL B 147 74.95 42.66 -4.01
CA VAL B 147 74.49 44.06 -4.29
C VAL B 147 73.00 44.24 -4.02
N THR B 148 72.40 43.42 -3.18
CA THR B 148 70.96 43.47 -2.85
C THR B 148 70.80 43.95 -1.41
N SER B 149 71.63 43.38 -0.53
CA SER B 149 71.74 43.68 0.92
C SER B 149 71.99 45.17 1.16
N VAL B 150 72.58 45.87 0.18
CA VAL B 150 72.79 47.35 0.19
C VAL B 150 71.43 48.06 0.27
N PHE B 151 70.40 47.54 -0.42
CA PHE B 151 69.04 48.12 -0.48
C PHE B 151 68.37 48.00 0.90
N ALA B 156 62.45 49.72 -3.60
CA ALA B 156 61.73 50.43 -4.68
C ALA B 156 62.47 50.23 -6.02
N SER B 157 61.89 49.43 -6.92
CA SER B 157 62.47 49.02 -8.24
C SER B 157 62.99 50.25 -9.00
N SER B 158 62.24 51.34 -9.00
CA SER B 158 62.60 52.65 -9.62
C SER B 158 63.99 53.08 -9.15
N VAL B 159 64.28 52.88 -7.86
CA VAL B 159 65.53 53.35 -7.19
C VAL B 159 66.64 52.31 -7.37
N VAL B 160 66.32 51.02 -7.23
CA VAL B 160 67.31 49.90 -7.22
C VAL B 160 68.03 49.86 -8.57
N ARG B 161 67.31 50.11 -9.68
CA ARG B 161 67.88 50.06 -11.06
C ARG B 161 68.86 51.23 -11.25
N ARG B 162 68.50 52.44 -10.83
CA ARG B 162 69.32 53.68 -11.02
C ARG B 162 70.68 53.48 -10.35
N GLU B 163 70.71 53.05 -9.09
CA GLU B 163 71.98 52.89 -8.32
C GLU B 163 72.74 51.68 -8.88
N LEU B 164 72.06 50.54 -9.06
CA LEU B 164 72.64 49.31 -9.67
C LEU B 164 73.25 49.69 -11.03
N PHE B 165 72.53 50.48 -11.83
CA PHE B 165 72.99 51.00 -13.14
C PHE B 165 74.25 51.83 -12.95
N ARG B 166 74.23 52.73 -11.96
CA ARG B 166 75.37 53.61 -11.64
C ARG B 166 76.60 52.75 -11.37
N LEU B 167 76.48 51.77 -10.45
CA LEU B 167 77.58 50.88 -10.02
C LEU B 167 78.18 50.19 -11.26
N VAL B 168 77.37 49.36 -11.94
CA VAL B 168 77.78 48.58 -13.16
C VAL B 168 78.35 49.55 -14.21
N ALA B 169 77.75 50.74 -14.37
CA ALA B 169 78.17 51.75 -15.37
C ALA B 169 79.55 52.30 -15.00
N ARG B 170 79.72 52.69 -13.73
CA ARG B 170 81.01 53.12 -13.16
C ARG B 170 82.10 52.09 -13.53
N LEU B 171 81.89 50.83 -13.12
CA LEU B 171 82.85 49.72 -13.28
C LEU B 171 83.27 49.54 -14.74
N LYS B 172 82.37 49.76 -15.71
CA LYS B 172 82.66 49.66 -17.16
C LYS B 172 83.77 50.65 -17.52
N GLN B 173 83.67 51.89 -17.01
CA GLN B 173 84.64 52.98 -17.25
C GLN B 173 85.99 52.61 -16.62
N ILE B 174 85.98 52.08 -15.40
CA ILE B 174 87.22 51.62 -14.71
C ILE B 174 87.90 50.58 -15.61
N GLY B 175 87.09 49.74 -16.25
CA GLY B 175 87.56 48.73 -17.22
C GLY B 175 87.96 47.46 -16.49
N ALA B 176 87.04 46.93 -15.69
CA ALA B 176 87.27 45.81 -14.74
C ALA B 176 86.11 44.82 -14.87
N THR B 177 86.43 43.56 -15.16
CA THR B 177 85.42 42.47 -15.23
C THR B 177 84.92 42.19 -13.81
N THR B 178 83.61 42.01 -13.67
CA THR B 178 82.88 42.06 -12.39
C THR B 178 81.91 40.88 -12.33
N VAL B 179 81.84 40.23 -11.15
CA VAL B 179 80.78 39.22 -10.84
C VAL B 179 79.95 39.78 -9.68
N MET B 180 78.68 40.06 -9.95
CA MET B 180 77.76 40.75 -9.01
C MET B 180 76.69 39.77 -8.55
N THR B 181 76.71 39.43 -7.27
CA THR B 181 75.82 38.43 -6.63
C THR B 181 74.47 39.09 -6.32
N THR B 182 73.37 38.37 -6.56
CA THR B 182 71.99 38.81 -6.27
C THR B 182 71.16 37.62 -5.83
N GLU B 183 70.15 37.84 -4.99
CA GLU B 183 69.37 36.74 -4.34
C GLU B 183 67.98 36.61 -4.98
N ARG B 184 67.35 35.47 -4.75
CA ARG B 184 66.02 35.08 -5.29
C ARG B 184 65.22 34.34 -4.20
N ILE B 185 63.89 34.28 -4.35
CA ILE B 185 62.96 33.63 -3.37
C ILE B 185 62.37 32.34 -3.97
N GLU B 186 62.39 32.19 -5.29
CA GLU B 186 61.71 31.09 -6.02
C GLU B 186 62.65 30.61 -7.14
N GLU B 187 62.69 29.30 -7.40
CA GLU B 187 63.68 28.70 -8.33
C GLU B 187 63.34 29.07 -9.78
N TYR B 188 62.05 29.25 -10.10
CA TYR B 188 61.56 29.62 -11.45
C TYR B 188 60.71 30.90 -11.39
N GLY B 189 60.92 31.75 -10.37
CA GLY B 189 60.31 33.08 -10.25
C GLY B 189 61.08 34.12 -11.03
N PRO B 190 61.15 35.40 -10.57
CA PRO B 190 62.01 36.41 -11.19
C PRO B 190 63.51 36.10 -11.02
N ILE B 191 64.30 36.38 -12.07
CA ILE B 191 65.76 36.07 -12.16
C ILE B 191 66.49 36.61 -10.92
N ALA B 192 66.16 37.83 -10.51
CA ALA B 192 66.73 38.53 -9.33
C ALA B 192 65.58 38.99 -8.43
N ARG B 193 65.88 39.73 -7.36
CA ARG B 193 64.88 40.06 -6.31
C ARG B 193 63.92 41.16 -6.80
N TYR B 194 64.37 42.09 -7.67
CA TYR B 194 63.63 43.35 -7.98
C TYR B 194 63.23 43.47 -9.45
N GLY B 195 63.35 42.40 -10.25
CA GLY B 195 62.96 42.40 -11.68
C GLY B 195 63.56 43.57 -12.44
N VAL B 196 64.82 43.92 -12.12
CA VAL B 196 65.54 45.09 -12.70
C VAL B 196 67.00 44.70 -12.98
N GLU B 197 67.69 44.20 -11.94
CA GLU B 197 69.12 43.76 -11.97
C GLU B 197 69.46 43.08 -13.30
N GLU B 198 68.57 42.22 -13.79
CA GLU B 198 68.73 41.42 -15.05
C GLU B 198 69.12 42.33 -16.22
N PHE B 199 68.27 43.33 -16.50
CA PHE B 199 68.28 44.15 -17.74
C PHE B 199 69.46 45.12 -17.71
N VAL B 200 69.92 45.50 -16.52
CA VAL B 200 71.09 46.41 -16.34
C VAL B 200 72.35 45.71 -16.83
N SER B 201 72.65 44.53 -16.26
CA SER B 201 73.89 43.77 -16.53
C SER B 201 73.89 43.28 -17.98
N ASP B 202 75.09 43.16 -18.54
CA ASP B 202 75.32 42.64 -19.92
C ASP B 202 75.20 41.11 -19.89
N ASN B 203 75.53 40.51 -18.74
CA ASN B 203 75.71 39.05 -18.58
C ASN B 203 74.90 38.59 -17.36
N VAL B 204 74.17 37.48 -17.52
CA VAL B 204 73.27 36.92 -16.47
C VAL B 204 73.53 35.43 -16.38
N VAL B 205 73.98 34.98 -15.20
CA VAL B 205 74.09 33.54 -14.83
C VAL B 205 73.05 33.29 -13.74
N ILE B 206 72.24 32.25 -13.90
CA ILE B 206 71.31 31.75 -12.85
C ILE B 206 71.87 30.44 -12.33
N LEU B 207 72.26 30.40 -11.06
CA LEU B 207 72.48 29.14 -10.33
C LEU B 207 71.14 28.73 -9.74
N ARG B 208 70.77 27.46 -9.89
CA ARG B 208 69.49 26.91 -9.37
C ARG B 208 69.78 25.74 -8.42
N ASN B 209 68.78 25.39 -7.63
CA ASN B 209 68.86 24.29 -6.62
C ASN B 209 67.48 23.64 -6.54
N VAL B 210 67.06 23.04 -7.66
CA VAL B 210 65.67 22.56 -7.90
C VAL B 210 65.44 21.32 -7.04
N LEU B 211 64.28 21.26 -6.39
CA LEU B 211 63.85 20.09 -5.58
C LEU B 211 63.21 19.05 -6.53
N GLU B 212 63.95 17.98 -6.81
CA GLU B 212 63.55 16.84 -7.67
C GLU B 212 62.91 15.75 -6.79
N GLY B 213 61.88 16.08 -6.01
CA GLY B 213 61.19 15.16 -5.08
C GLY B 213 62.13 14.61 -4.02
N GLU B 214 62.38 15.42 -2.97
CA GLU B 214 63.18 15.07 -1.77
C GLU B 214 64.69 15.07 -2.06
N ARG B 215 65.11 14.89 -3.33
CA ARG B 215 66.52 15.08 -3.77
C ARG B 215 66.66 16.45 -4.43
N ARG B 216 67.74 17.19 -4.14
CA ARG B 216 68.04 18.50 -4.79
C ARG B 216 68.88 18.25 -6.04
N ARG B 217 68.85 19.19 -6.97
CA ARG B 217 69.60 19.16 -8.26
C ARG B 217 70.13 20.57 -8.53
N ARG B 218 71.45 20.72 -8.59
CA ARG B 218 72.12 22.02 -8.85
C ARG B 218 72.34 22.17 -10.36
N THR B 219 71.78 23.23 -10.95
CA THR B 219 71.98 23.61 -12.38
C THR B 219 72.50 25.05 -12.48
N LEU B 220 73.42 25.28 -13.41
CA LEU B 220 73.93 26.62 -13.82
C LEU B 220 73.40 26.90 -15.22
N GLU B 221 72.93 28.13 -15.46
CA GLU B 221 72.44 28.58 -16.78
C GLU B 221 73.08 29.93 -17.13
N ILE B 222 73.39 30.16 -18.40
CA ILE B 222 73.70 31.52 -18.94
C ILE B 222 72.48 32.00 -19.74
N LEU B 223 71.74 32.96 -19.19
CA LEU B 223 70.44 33.42 -19.74
C LEU B 223 70.72 34.38 -20.90
N LYS B 224 71.70 35.28 -20.76
CA LYS B 224 72.13 36.16 -21.88
C LYS B 224 73.60 36.56 -21.72
N LEU B 225 74.30 36.67 -22.86
CA LEU B 225 75.62 37.36 -22.98
C LEU B 225 75.57 38.30 -24.19
N ARG B 226 75.32 39.59 -23.94
CA ARG B 226 75.28 40.65 -24.97
C ARG B 226 76.59 40.64 -25.76
N GLY B 227 76.50 40.52 -27.08
CA GLY B 227 77.63 40.71 -28.01
C GLY B 227 78.34 39.42 -28.36
N THR B 228 77.99 38.29 -27.74
CA THR B 228 78.62 36.98 -28.05
C THR B 228 77.62 35.83 -27.95
N SER B 229 78.09 34.66 -28.40
CA SER B 229 77.42 33.34 -28.30
C SER B 229 77.67 32.75 -26.91
N HIS B 230 76.93 31.69 -26.59
CA HIS B 230 77.15 30.79 -25.43
C HIS B 230 76.32 29.53 -25.66
N MET B 231 76.28 28.64 -24.67
CA MET B 231 75.36 27.48 -24.64
C MET B 231 74.09 27.91 -23.91
N LYS B 232 72.93 27.45 -24.41
CA LYS B 232 71.60 27.79 -23.85
C LYS B 232 71.15 26.67 -22.90
N GLY B 233 70.28 27.01 -21.95
CA GLY B 233 69.58 26.04 -21.10
C GLY B 233 70.31 25.75 -19.81
N GLU B 234 69.79 24.79 -19.03
CA GLU B 234 70.29 24.40 -17.68
C GLU B 234 71.38 23.34 -17.84
N TYR B 235 72.54 23.57 -17.23
CA TYR B 235 73.66 22.59 -17.12
C TYR B 235 73.88 22.28 -15.65
N PRO B 236 73.92 20.98 -15.29
CA PRO B 236 74.00 20.58 -13.90
C PRO B 236 75.47 20.63 -13.45
N PHE B 237 75.69 20.91 -12.18
CA PHE B 237 77.03 21.00 -11.58
C PHE B 237 76.97 20.44 -10.17
N THR B 238 78.15 20.28 -9.56
CA THR B 238 78.31 19.86 -8.15
C THR B 238 79.24 20.83 -7.44
N ILE B 239 78.98 21.07 -6.15
CA ILE B 239 79.92 21.75 -5.21
C ILE B 239 80.67 20.68 -4.43
N THR B 240 81.99 20.63 -4.61
CA THR B 240 82.87 19.60 -4.01
C THR B 240 84.02 20.29 -3.26
N ASP B 241 84.98 19.49 -2.79
CA ASP B 241 86.25 19.93 -2.18
C ASP B 241 87.03 20.82 -3.18
N HIS B 242 86.92 20.56 -4.49
CA HIS B 242 87.63 21.30 -5.56
C HIS B 242 86.75 22.40 -6.16
N GLY B 243 85.61 22.72 -5.52
CA GLY B 243 84.74 23.85 -5.88
C GLY B 243 83.61 23.43 -6.81
N ILE B 244 83.21 24.33 -7.72
CA ILE B 244 82.10 24.13 -8.69
C ILE B 244 82.63 23.29 -9.86
N ASN B 245 81.95 22.17 -10.17
CA ASN B 245 82.28 21.28 -11.31
C ASN B 245 81.01 21.05 -12.13
N ILE B 246 80.91 21.74 -13.28
CA ILE B 246 79.76 21.66 -14.22
C ILE B 246 80.08 20.63 -15.28
N PHE B 247 79.12 19.76 -15.60
CA PHE B 247 79.20 18.73 -16.66
C PHE B 247 78.38 19.19 -17.86
N PRO B 248 79.00 19.86 -18.86
CA PRO B 248 78.28 20.28 -20.07
C PRO B 248 77.89 19.08 -20.95
N LEU B 249 76.67 18.57 -20.74
CA LEU B 249 76.13 17.39 -21.50
C LEU B 249 76.12 17.69 -23.00
N GLY B 250 75.97 18.97 -23.36
CA GLY B 250 75.92 19.43 -24.75
C GLY B 250 77.19 20.13 -25.16
N ALA B 251 78.34 19.43 -25.15
CA ALA B 251 79.62 19.98 -25.63
C ALA B 251 80.72 18.91 -25.56
N MET B 252 80.60 17.96 -24.62
CA MET B 252 81.12 16.57 -24.79
C MET B 252 80.84 16.17 -26.24
N ARG B 253 81.76 16.55 -27.14
CA ARG B 253 81.67 16.25 -28.59
C ARG B 253 81.78 14.75 -28.75
N LEU B 254 80.71 14.20 -29.29
CA LEU B 254 80.64 12.85 -29.88
C LEU B 254 81.75 12.72 -30.95
N THR B 255 83.00 13.04 -30.57
CA THR B 255 84.22 12.95 -31.42
C THR B 255 85.27 12.17 -30.62
N GLN B 256 85.18 10.84 -30.63
CA GLN B 256 85.93 9.94 -29.74
C GLN B 256 86.58 8.83 -30.57
N ARG B 257 87.72 8.32 -30.08
CA ARG B 257 88.60 7.35 -30.79
C ARG B 257 87.88 6.00 -30.89
N SER B 258 88.44 5.09 -31.67
CA SER B 258 87.87 3.75 -31.98
C SER B 258 88.96 2.85 -32.56
N SER B 259 88.83 1.54 -32.37
CA SER B 259 89.79 0.50 -32.85
C SER B 259 89.05 -0.82 -33.07
N ASN B 260 89.78 -1.84 -33.52
CA ASN B 260 89.31 -3.25 -33.60
C ASN B 260 90.03 -4.09 -32.55
N VAL B 261 90.56 -3.46 -31.49
CA VAL B 261 91.24 -4.18 -30.37
C VAL B 261 90.18 -4.98 -29.64
N ARG B 262 90.44 -6.27 -29.42
CA ARG B 262 89.48 -7.20 -28.77
C ARG B 262 89.95 -7.46 -27.33
N VAL B 263 88.98 -7.49 -26.41
CA VAL B 263 89.18 -7.80 -24.97
C VAL B 263 88.21 -8.94 -24.64
N SER B 264 88.64 -9.89 -23.83
CA SER B 264 87.83 -11.08 -23.47
C SER B 264 86.68 -10.66 -22.55
N SER B 265 85.58 -11.39 -22.63
CA SER B 265 84.37 -11.21 -21.79
C SER B 265 84.59 -11.79 -20.40
N GLY B 266 85.56 -12.69 -20.25
CA GLY B 266 85.75 -13.53 -19.06
C GLY B 266 85.05 -14.88 -19.21
N VAL B 267 84.42 -15.11 -20.37
CA VAL B 267 83.76 -16.40 -20.75
C VAL B 267 84.15 -16.70 -22.19
N VAL B 268 84.90 -17.80 -22.41
CA VAL B 268 85.52 -18.16 -23.71
C VAL B 268 84.40 -18.40 -24.74
N ARG B 269 83.30 -19.02 -24.31
CA ARG B 269 82.16 -19.37 -25.18
C ARG B 269 81.45 -18.08 -25.62
N LEU B 270 81.27 -17.12 -24.72
CA LEU B 270 80.65 -15.80 -25.04
C LEU B 270 81.57 -15.05 -26.01
N ASP B 271 82.87 -15.03 -25.72
CA ASP B 271 83.93 -14.45 -26.60
C ASP B 271 83.74 -14.96 -28.03
N GLU B 272 83.56 -16.27 -28.18
CA GLU B 272 83.33 -16.96 -29.48
C GLU B 272 82.04 -16.43 -30.11
N MET B 273 80.96 -16.31 -29.33
CA MET B 273 79.62 -15.84 -29.77
C MET B 273 79.69 -14.38 -30.25
N CYS B 274 80.69 -13.61 -29.82
CA CYS B 274 80.91 -12.19 -30.21
C CYS B 274 81.86 -12.09 -31.41
N GLY B 275 82.60 -13.15 -31.73
CA GLY B 275 83.49 -13.22 -32.91
C GLY B 275 84.92 -12.84 -32.58
N GLY B 276 85.43 -13.33 -31.45
CA GLY B 276 86.79 -13.04 -30.94
C GLY B 276 86.77 -12.33 -29.59
N GLY B 277 85.58 -12.08 -29.04
CA GLY B 277 85.39 -11.37 -27.77
C GLY B 277 84.89 -9.95 -28.00
N PHE B 278 84.72 -9.18 -26.92
CA PHE B 278 84.26 -7.77 -26.97
C PHE B 278 85.31 -6.94 -27.69
N PHE B 279 84.89 -5.80 -28.25
CA PHE B 279 85.80 -4.70 -28.65
C PHE B 279 86.22 -3.96 -27.40
N LYS B 280 87.43 -3.44 -27.42
CA LYS B 280 87.95 -2.64 -26.29
C LYS B 280 87.12 -1.35 -26.18
N ASP B 281 87.16 -0.52 -27.21
CA ASP B 281 86.46 0.80 -27.25
C ASP B 281 84.98 0.54 -27.56
N SER B 282 84.20 0.11 -26.55
CA SER B 282 82.75 -0.17 -26.71
C SER B 282 82.02 -0.17 -25.37
N ILE B 283 80.76 0.26 -25.41
CA ILE B 283 79.75 0.11 -24.32
C ILE B 283 78.99 -1.20 -24.56
N ILE B 284 79.03 -2.09 -23.58
CA ILE B 284 78.30 -3.39 -23.61
C ILE B 284 77.10 -3.27 -22.69
N LEU B 285 75.98 -3.85 -23.09
CA LEU B 285 74.77 -3.91 -22.25
C LEU B 285 74.40 -5.37 -22.02
N ALA B 286 74.38 -5.76 -20.74
CA ALA B 286 73.84 -7.05 -20.26
C ALA B 286 72.43 -6.80 -19.71
N THR B 287 71.43 -7.31 -20.42
CA THR B 287 69.99 -7.14 -20.08
C THR B 287 69.42 -8.50 -19.68
N GLY B 288 68.41 -8.50 -18.82
CA GLY B 288 67.60 -9.69 -18.55
C GLY B 288 66.73 -9.54 -17.30
N ALA B 289 65.85 -10.51 -17.08
CA ALA B 289 64.99 -10.60 -15.89
C ALA B 289 65.87 -10.76 -14.65
N THR B 290 65.27 -10.70 -13.47
CA THR B 290 65.99 -10.78 -12.16
C THR B 290 66.56 -12.19 -11.98
N GLY B 291 67.88 -12.28 -11.80
CA GLY B 291 68.59 -13.53 -11.45
C GLY B 291 68.92 -14.39 -12.65
N THR B 292 69.00 -13.80 -13.85
CA THR B 292 69.32 -14.52 -15.11
C THR B 292 70.83 -14.74 -15.23
N GLY B 293 71.64 -13.96 -14.51
CA GLY B 293 73.11 -14.12 -14.49
C GLY B 293 73.88 -12.86 -14.87
N LYS B 294 73.25 -11.69 -14.82
CA LYS B 294 73.90 -10.38 -15.15
C LYS B 294 75.11 -10.16 -14.24
N THR B 295 74.88 -10.12 -12.92
CA THR B 295 75.92 -9.81 -11.90
C THR B 295 77.05 -10.84 -11.99
N LEU B 296 76.75 -12.07 -12.43
CA LEU B 296 77.78 -13.10 -12.76
C LEU B 296 78.64 -12.59 -13.91
N LEU B 297 78.04 -12.17 -15.03
CA LEU B 297 78.81 -11.70 -16.22
C LEU B 297 79.69 -10.51 -15.77
N VAL B 298 79.14 -9.60 -14.98
CA VAL B 298 79.86 -8.42 -14.40
C VAL B 298 81.11 -8.93 -13.67
N SER B 299 80.96 -9.99 -12.86
CA SER B 299 82.06 -10.63 -12.10
C SER B 299 83.13 -11.15 -13.08
N ARG B 300 82.76 -12.03 -14.00
CA ARG B 300 83.71 -12.65 -14.97
C ARG B 300 84.39 -11.57 -15.80
N PHE B 301 83.66 -10.52 -16.19
CA PHE B 301 84.18 -9.35 -16.93
C PHE B 301 85.32 -8.71 -16.13
N VAL B 302 85.14 -8.55 -14.82
CA VAL B 302 86.06 -7.80 -13.91
C VAL B 302 87.30 -8.66 -13.63
N GLU B 303 87.11 -9.95 -13.36
CA GLU B 303 88.20 -10.93 -13.07
C GLU B 303 89.16 -10.96 -14.26
N ASN B 304 88.63 -11.18 -15.46
CA ASN B 304 89.43 -11.30 -16.72
C ASN B 304 90.38 -10.11 -16.85
N ALA B 305 89.95 -8.91 -16.42
CA ALA B 305 90.81 -7.70 -16.39
C ALA B 305 92.00 -7.94 -15.46
N CYS B 306 91.72 -8.40 -14.24
CA CYS B 306 92.73 -8.70 -13.19
C CYS B 306 93.67 -9.82 -13.65
N ALA B 307 93.15 -10.76 -14.46
CA ALA B 307 93.94 -11.87 -15.06
C ALA B 307 95.05 -11.30 -15.94
N ASN B 308 94.75 -10.26 -16.72
CA ASN B 308 95.71 -9.61 -17.66
C ASN B 308 96.33 -8.36 -17.01
N LYS B 309 96.42 -8.35 -15.67
CA LYS B 309 97.07 -7.28 -14.86
C LYS B 309 96.60 -5.90 -15.30
N GLU B 310 95.30 -5.79 -15.63
CA GLU B 310 94.64 -4.51 -16.00
C GLU B 310 93.65 -4.15 -14.90
N ARG B 311 93.54 -2.86 -14.59
CA ARG B 311 92.68 -2.35 -13.48
C ARG B 311 91.23 -2.27 -13.95
N ALA B 312 90.29 -2.42 -13.01
CA ALA B 312 88.85 -2.26 -13.25
C ALA B 312 88.17 -1.75 -11.99
N ILE B 313 87.07 -1.02 -12.16
CA ILE B 313 86.17 -0.59 -11.05
C ILE B 313 84.81 -1.27 -11.25
N LEU B 314 84.23 -1.69 -10.13
CA LEU B 314 82.89 -2.34 -10.06
C LEU B 314 81.96 -1.42 -9.27
N PHE B 315 81.08 -0.71 -9.97
CA PHE B 315 80.05 0.16 -9.37
C PHE B 315 78.81 -0.68 -9.06
N ALA B 316 78.67 -1.06 -7.79
CA ALA B 316 77.58 -1.90 -7.26
C ALA B 316 76.55 -0.99 -6.60
N TYR B 317 75.31 -1.00 -7.07
CA TYR B 317 74.20 -0.18 -6.51
C TYR B 317 73.08 -1.05 -5.92
N GLU B 318 73.21 -2.39 -5.91
CA GLU B 318 72.15 -3.29 -5.37
C GLU B 318 72.67 -4.26 -4.33
N GLU B 319 73.93 -4.70 -4.40
CA GLU B 319 74.47 -5.74 -3.48
C GLU B 319 75.26 -5.01 -2.37
N SER B 320 76.28 -5.66 -1.80
CA SER B 320 77.19 -5.06 -0.79
C SER B 320 78.55 -5.72 -0.94
N ARG B 321 79.63 -5.04 -0.53
CA ARG B 321 81.02 -5.50 -0.72
C ARG B 321 81.15 -6.97 -0.26
N ALA B 322 80.54 -7.31 0.88
CA ALA B 322 80.58 -8.67 1.49
C ALA B 322 79.85 -9.66 0.58
N GLN B 323 78.60 -9.33 0.21
CA GLN B 323 77.71 -10.23 -0.57
C GLN B 323 78.30 -10.43 -1.96
N LEU B 324 78.90 -9.40 -2.55
CA LEU B 324 79.64 -9.51 -3.83
C LEU B 324 80.87 -10.41 -3.64
N LEU B 325 81.67 -10.16 -2.60
CA LEU B 325 82.87 -10.97 -2.27
C LEU B 325 82.44 -12.44 -2.15
N ARG B 326 81.32 -12.69 -1.46
CA ARG B 326 80.80 -14.06 -1.20
C ARG B 326 80.31 -14.68 -2.51
N ASN B 327 79.25 -14.13 -3.09
CA ASN B 327 78.54 -14.69 -4.28
C ASN B 327 79.55 -15.02 -5.38
N ALA B 328 80.60 -14.20 -5.52
CA ALA B 328 81.70 -14.38 -6.50
C ALA B 328 82.53 -15.61 -6.12
N TYR B 329 82.87 -15.77 -4.83
CA TYR B 329 83.73 -16.88 -4.33
C TYR B 329 83.03 -18.22 -4.61
N SER B 330 81.71 -18.28 -4.44
CA SER B 330 80.89 -19.49 -4.76
C SER B 330 80.86 -19.72 -6.28
N TRP B 331 81.41 -18.79 -7.07
CA TRP B 331 81.58 -18.93 -8.55
C TRP B 331 83.06 -19.18 -8.92
N GLY B 332 83.95 -19.33 -7.94
CA GLY B 332 85.34 -19.77 -8.15
C GLY B 332 86.28 -18.62 -8.48
N MET B 333 85.96 -17.39 -8.06
CA MET B 333 86.80 -16.18 -8.29
C MET B 333 87.01 -15.43 -6.98
N ASP B 334 88.26 -15.09 -6.68
CA ASP B 334 88.70 -14.41 -5.43
C ASP B 334 88.81 -12.91 -5.72
N PHE B 335 87.76 -12.15 -5.39
CA PHE B 335 87.76 -10.66 -5.41
C PHE B 335 88.69 -10.17 -4.30
N GLU B 336 88.68 -10.84 -3.14
CA GLU B 336 89.54 -10.55 -1.97
C GLU B 336 91.00 -10.41 -2.43
N GLU B 337 91.45 -11.33 -3.30
CA GLU B 337 92.81 -11.35 -3.89
C GLU B 337 93.01 -10.10 -4.75
N MET B 338 92.14 -9.89 -5.75
CA MET B 338 92.22 -8.81 -6.77
C MET B 338 92.34 -7.43 -6.09
N GLU B 339 91.62 -7.21 -4.98
CA GLU B 339 91.63 -5.93 -4.22
C GLU B 339 93.00 -5.73 -3.58
N ARG B 340 93.53 -6.77 -2.91
CA ARG B 340 94.87 -6.78 -2.27
C ARG B 340 95.94 -6.42 -3.30
N GLN B 341 95.79 -6.89 -4.54
CA GLN B 341 96.75 -6.67 -5.66
C GLN B 341 96.56 -5.26 -6.26
N ASN B 342 95.50 -4.54 -5.85
CA ASN B 342 95.13 -3.18 -6.32
C ASN B 342 94.77 -3.21 -7.83
N LEU B 343 94.18 -4.31 -8.31
CA LEU B 343 93.74 -4.46 -9.72
C LEU B 343 92.20 -4.43 -9.83
N LEU B 344 91.50 -4.21 -8.72
CA LEU B 344 90.01 -4.17 -8.67
C LEU B 344 89.59 -3.30 -7.48
N LYS B 345 88.86 -2.21 -7.74
CA LYS B 345 88.21 -1.37 -6.70
C LYS B 345 86.70 -1.57 -6.80
N ILE B 346 86.01 -1.71 -5.66
CA ILE B 346 84.54 -1.93 -5.56
C ILE B 346 83.93 -0.74 -4.81
N VAL B 347 83.04 0.04 -5.44
CA VAL B 347 82.60 1.37 -4.92
C VAL B 347 81.20 1.39 -4.33
N CYS B 348 80.56 0.25 -4.08
CA CYS B 348 79.22 0.15 -3.44
C CYS B 348 78.59 1.48 -3.00
N ALA B 349 77.33 1.71 -3.38
CA ALA B 349 76.51 2.90 -3.01
C ALA B 349 75.04 2.63 -3.33
N TYR B 350 74.11 3.08 -2.48
CA TYR B 350 72.64 3.06 -2.78
C TYR B 350 72.35 4.12 -3.84
N PRO B 351 71.57 3.79 -4.89
CA PRO B 351 71.20 4.79 -5.90
C PRO B 351 70.54 6.05 -5.31
N GLU B 352 69.74 5.89 -4.25
CA GLU B 352 68.95 6.99 -3.64
C GLU B 352 69.77 7.70 -2.55
N SER B 353 71.05 7.34 -2.37
CA SER B 353 71.99 8.04 -1.46
C SER B 353 72.31 9.44 -1.97
N ALA B 354 72.11 9.70 -3.27
CA ALA B 354 72.33 11.01 -3.92
C ALA B 354 71.56 11.11 -5.23
N GLY B 355 71.54 12.30 -5.82
CA GLY B 355 71.02 12.57 -7.17
C GLY B 355 72.02 12.12 -8.22
N LEU B 356 71.56 11.96 -9.46
CA LEU B 356 72.35 11.47 -10.62
C LEU B 356 73.62 12.31 -10.81
N GLU B 357 73.51 13.64 -10.80
CA GLU B 357 74.66 14.57 -10.98
C GLU B 357 75.84 14.09 -10.12
N ASP B 358 75.58 13.82 -8.84
CA ASP B 358 76.60 13.46 -7.81
C ASP B 358 77.26 12.15 -8.24
N HIS B 359 76.45 11.12 -8.45
CA HIS B 359 76.88 9.79 -8.96
C HIS B 359 77.87 10.00 -10.11
N LEU B 360 77.47 10.73 -11.16
CA LEU B 360 78.29 10.91 -12.39
C LEU B 360 79.67 11.41 -11.98
N GLN B 361 79.71 12.37 -11.04
CA GLN B 361 80.97 12.89 -10.44
C GLN B 361 81.73 11.72 -9.81
N ILE B 362 81.13 11.05 -8.82
CA ILE B 362 81.78 9.94 -8.06
C ILE B 362 82.39 8.98 -9.09
N ILE B 363 81.58 8.54 -10.06
CA ILE B 363 81.99 7.56 -11.11
C ILE B 363 83.19 8.17 -11.84
N LYS B 364 83.03 9.36 -12.41
CA LYS B 364 84.10 10.07 -13.16
C LYS B 364 85.32 10.28 -12.24
N SER B 365 85.09 10.65 -10.98
CA SER B 365 86.15 10.89 -9.95
C SER B 365 86.97 9.63 -9.75
N GLU B 366 86.31 8.53 -9.37
CA GLU B 366 86.94 7.21 -9.07
C GLU B 366 87.70 6.69 -10.31
N ILE B 367 87.25 7.04 -11.53
CA ILE B 367 87.92 6.62 -12.80
C ILE B 367 89.23 7.40 -12.98
N ASN B 368 89.32 8.63 -12.49
CA ASN B 368 90.51 9.52 -12.67
C ASN B 368 91.64 9.12 -11.72
N ASP B 369 91.35 8.66 -10.50
CA ASP B 369 92.38 8.25 -9.51
C ASP B 369 92.96 6.90 -9.91
N PHE B 370 92.08 5.91 -10.13
CA PHE B 370 92.41 4.48 -10.29
C PHE B 370 92.89 4.21 -11.71
N LYS B 371 92.48 5.04 -12.68
CA LYS B 371 92.86 4.96 -14.11
C LYS B 371 92.71 3.51 -14.59
N PRO B 372 91.47 3.00 -14.72
CA PRO B 372 91.23 1.61 -15.13
C PRO B 372 91.28 1.40 -16.65
N ALA B 373 91.24 0.13 -17.07
CA ALA B 373 91.10 -0.31 -18.47
C ALA B 373 89.66 -0.77 -18.74
N ARG B 374 88.91 -1.12 -17.70
CA ARG B 374 87.52 -1.63 -17.82
C ARG B 374 86.68 -1.12 -16.66
N ILE B 375 85.39 -0.89 -16.92
CA ILE B 375 84.41 -0.32 -15.96
C ILE B 375 83.16 -1.19 -15.99
N ALA B 376 82.48 -1.33 -14.85
CA ALA B 376 81.24 -2.14 -14.73
C ALA B 376 80.26 -1.43 -13.81
N ILE B 377 79.02 -1.25 -14.27
CA ILE B 377 77.93 -0.58 -13.51
C ILE B 377 76.80 -1.59 -13.34
N ASP B 378 76.56 -2.03 -12.10
CA ASP B 378 75.57 -3.07 -11.74
C ASP B 378 74.63 -2.49 -10.69
N SER B 379 73.51 -1.87 -11.11
CA SER B 379 73.00 -1.89 -12.47
C SER B 379 72.46 -0.50 -12.86
N LEU B 380 72.18 -0.29 -14.16
CA LEU B 380 71.62 0.98 -14.69
C LEU B 380 70.15 1.12 -14.28
N SER B 381 69.38 0.03 -14.30
CA SER B 381 67.94 0.01 -13.92
C SER B 381 67.79 0.45 -12.46
N ALA B 382 68.78 0.12 -11.62
CA ALA B 382 68.85 0.54 -10.20
C ALA B 382 68.91 2.07 -10.10
N LEU B 383 69.69 2.71 -10.99
CA LEU B 383 69.91 4.18 -10.97
C LEU B 383 68.71 4.91 -11.59
N ALA B 384 67.99 4.27 -12.51
CA ALA B 384 66.81 4.84 -13.19
C ALA B 384 65.59 4.84 -12.26
N ARG B 385 65.66 4.13 -11.13
CA ARG B 385 64.60 4.13 -10.08
C ARG B 385 64.24 5.57 -9.70
N GLY B 386 62.95 5.91 -9.71
CA GLY B 386 62.38 7.14 -9.12
C GLY B 386 62.98 8.40 -9.73
N VAL B 387 63.18 8.41 -11.04
CA VAL B 387 63.87 9.49 -11.81
C VAL B 387 63.21 9.58 -13.20
N SER B 388 63.06 10.81 -13.72
CA SER B 388 62.54 11.06 -15.09
C SER B 388 63.47 10.38 -16.10
N ASN B 389 62.91 9.78 -17.16
CA ASN B 389 63.69 9.03 -18.18
C ASN B 389 64.75 9.95 -18.79
N ASN B 390 64.48 11.27 -18.86
CA ASN B 390 65.40 12.31 -19.39
C ASN B 390 66.67 12.39 -18.53
N ALA B 391 66.51 12.68 -17.24
CA ALA B 391 67.64 12.76 -16.28
C ALA B 391 68.49 11.50 -16.44
N PHE B 392 67.84 10.33 -16.51
CA PHE B 392 68.49 9.02 -16.69
C PHE B 392 69.30 9.03 -17.99
N ARG B 393 68.62 9.18 -19.14
CA ARG B 393 69.26 9.16 -20.49
C ARG B 393 70.49 10.07 -20.49
N GLN B 394 70.31 11.33 -20.10
CA GLN B 394 71.41 12.33 -20.02
C GLN B 394 72.55 11.77 -19.18
N PHE B 395 72.24 11.17 -18.03
CA PHE B 395 73.22 10.51 -17.12
C PHE B 395 73.90 9.36 -17.88
N VAL B 396 73.10 8.49 -18.52
CA VAL B 396 73.61 7.30 -19.25
C VAL B 396 74.52 7.78 -20.37
N ILE B 397 74.06 8.73 -21.20
CA ILE B 397 74.87 9.35 -22.28
C ILE B 397 76.17 9.87 -21.64
N GLY B 398 76.07 10.50 -20.47
CA GLY B 398 77.21 11.01 -19.68
C GLY B 398 78.26 9.94 -19.46
N VAL B 399 77.91 8.83 -18.80
CA VAL B 399 78.86 7.76 -18.35
C VAL B 399 79.37 7.03 -19.60
N THR B 400 78.43 6.59 -20.45
CA THR B 400 78.67 6.03 -21.79
C THR B 400 79.75 6.85 -22.50
N GLY B 401 79.48 8.14 -22.65
CA GLY B 401 80.32 9.11 -23.38
C GLY B 401 81.71 9.19 -22.77
N TYR B 402 81.78 9.32 -21.44
CA TYR B 402 83.06 9.49 -20.70
C TYR B 402 83.95 8.26 -20.97
N ALA B 403 83.50 7.08 -20.56
CA ALA B 403 84.20 5.79 -20.78
C ALA B 403 84.61 5.66 -22.25
N LYS B 404 83.72 6.00 -23.19
CA LYS B 404 83.99 5.95 -24.64
C LYS B 404 85.22 6.80 -24.97
N GLN B 405 85.18 8.10 -24.63
CA GLN B 405 86.26 9.06 -25.01
C GLN B 405 87.54 8.72 -24.23
N GLU B 406 87.42 8.06 -23.07
CA GLU B 406 88.58 7.69 -22.22
C GLU B 406 89.10 6.30 -22.62
N GLU B 407 88.59 5.72 -23.72
CA GLU B 407 88.97 4.39 -24.24
C GLU B 407 88.89 3.34 -23.12
N ILE B 408 87.71 3.19 -22.51
CA ILE B 408 87.47 2.21 -21.41
C ILE B 408 86.25 1.34 -21.77
N THR B 409 86.44 0.02 -21.74
CA THR B 409 85.38 -0.99 -22.00
C THR B 409 84.37 -0.97 -20.85
N GLY B 410 83.11 -0.63 -21.17
CA GLY B 410 82.03 -0.44 -20.19
C GLY B 410 81.01 -1.54 -20.29
N LEU B 411 80.93 -2.40 -19.26
CA LEU B 411 79.84 -3.38 -19.09
C LEU B 411 78.81 -2.77 -18.14
N PHE B 412 77.60 -2.54 -18.62
CA PHE B 412 76.46 -2.04 -17.83
C PHE B 412 75.40 -3.13 -17.80
N THR B 413 74.77 -3.33 -16.65
CA THR B 413 73.71 -4.34 -16.48
C THR B 413 72.38 -3.61 -16.38
N ASN B 414 71.31 -4.27 -16.81
CA ASN B 414 69.92 -3.73 -16.76
C ASN B 414 68.97 -4.89 -16.42
N THR B 415 68.20 -4.73 -15.35
CA THR B 415 67.12 -5.68 -14.98
C THR B 415 65.84 -5.25 -15.68
N SER B 416 65.30 -6.11 -16.55
CA SER B 416 64.00 -5.91 -17.22
C SER B 416 62.89 -6.08 -16.19
N ASP B 417 61.87 -5.21 -16.23
CA ASP B 417 60.75 -5.17 -15.24
C ASP B 417 59.93 -6.45 -15.36
N GLN B 418 59.82 -6.98 -16.57
CA GLN B 418 59.03 -8.17 -16.93
C GLN B 418 59.98 -9.37 -17.03
N PHE B 419 59.79 -10.38 -16.17
CA PHE B 419 60.71 -11.54 -16.06
C PHE B 419 60.57 -12.45 -17.28
N MET B 420 59.37 -12.56 -17.86
CA MET B 420 59.13 -13.37 -19.08
C MET B 420 58.12 -12.66 -20.00
N GLY B 421 58.43 -12.62 -21.31
CA GLY B 421 57.60 -12.01 -22.36
C GLY B 421 58.01 -10.57 -22.64
N ALA B 422 59.15 -10.12 -22.11
CA ALA B 422 59.68 -8.75 -22.31
C ALA B 422 59.74 -8.46 -23.82
N HIS B 423 59.04 -7.40 -24.27
CA HIS B 423 58.94 -7.01 -25.70
C HIS B 423 60.03 -6.00 -26.07
N SER B 424 60.67 -5.36 -25.07
CA SER B 424 61.74 -4.34 -25.27
C SER B 424 63.00 -4.75 -24.47
N ILE B 425 64.18 -4.59 -25.08
CA ILE B 425 65.49 -4.90 -24.43
C ILE B 425 65.54 -4.16 -23.09
N THR B 426 65.31 -2.84 -23.12
CA THR B 426 65.27 -1.96 -21.92
C THR B 426 63.98 -1.14 -21.93
N ASP B 427 63.47 -0.78 -20.74
CA ASP B 427 62.27 0.06 -20.56
C ASP B 427 62.66 1.54 -20.60
N SER B 428 63.98 1.83 -20.54
CA SER B 428 64.56 3.19 -20.60
C SER B 428 64.87 3.57 -22.05
N HIS B 429 64.84 2.60 -22.97
CA HIS B 429 65.06 2.78 -24.43
C HIS B 429 66.45 3.39 -24.66
N ILE B 430 67.49 2.74 -24.13
CA ILE B 430 68.91 3.21 -24.22
C ILE B 430 69.73 2.23 -25.07
N SEP B 431 69.04 1.38 -25.84
CA SEP B 431 69.68 0.35 -26.65
CB SEP B 431 68.61 -0.56 -27.25
OG SEP B 431 67.60 -0.81 -26.25
C SEP B 431 70.56 0.98 -27.72
O SEP B 431 71.62 0.45 -28.06
P SEP B 431 66.04 -0.53 -26.61
O1P SEP B 431 66.01 0.86 -27.22
O2P SEP B 431 65.28 -0.62 -25.31
O3P SEP B 431 65.65 -1.61 -27.59
N THR B 432 70.11 2.13 -28.23
CA THR B 432 70.78 2.84 -29.31
C THR B 432 72.11 3.41 -28.82
N ILE B 433 72.23 3.69 -27.52
CA ILE B 433 73.44 4.28 -26.88
C ILE B 433 74.53 3.20 -26.74
N THR B 434 74.14 1.93 -26.60
CA THR B 434 75.06 0.78 -26.47
C THR B 434 75.53 0.31 -27.84
N ASP B 435 76.65 -0.42 -27.87
CA ASP B 435 77.29 -0.97 -29.09
C ASP B 435 77.05 -2.47 -29.18
N THR B 436 77.19 -3.17 -28.05
CA THR B 436 77.00 -4.64 -27.90
C THR B 436 75.86 -4.90 -26.91
N ILE B 437 75.01 -5.90 -27.18
CA ILE B 437 73.90 -6.29 -26.26
C ILE B 437 73.95 -7.80 -26.03
N ILE B 438 74.25 -8.21 -24.79
CA ILE B 438 74.12 -9.62 -24.31
C ILE B 438 72.75 -9.73 -23.64
N LEU B 439 71.84 -10.49 -24.24
CA LEU B 439 70.46 -10.69 -23.72
C LEU B 439 70.38 -12.05 -23.02
N LEU B 440 70.03 -12.05 -21.73
CA LEU B 440 69.78 -13.27 -20.92
C LEU B 440 68.27 -13.38 -20.67
N GLN B 441 67.70 -14.58 -20.74
CA GLN B 441 66.26 -14.79 -20.49
C GLN B 441 65.98 -16.19 -19.92
N TYR B 442 64.83 -16.31 -19.25
CA TYR B 442 64.29 -17.59 -18.70
C TYR B 442 63.52 -18.29 -19.81
N VAL B 443 63.57 -19.62 -19.83
CA VAL B 443 62.87 -20.46 -20.84
C VAL B 443 62.28 -21.67 -20.12
N GLU B 444 60.94 -21.75 -20.07
CA GLU B 444 60.17 -22.78 -19.35
C GLU B 444 60.12 -24.05 -20.20
N ILE B 445 60.94 -25.04 -19.87
CA ILE B 445 61.10 -26.33 -20.62
C ILE B 445 60.76 -27.49 -19.68
N ARG B 446 59.65 -28.20 -19.96
CA ARG B 446 59.24 -29.41 -19.20
C ARG B 446 59.23 -29.08 -17.70
N GLY B 447 58.46 -28.05 -17.32
CA GLY B 447 58.20 -27.67 -15.92
C GLY B 447 59.45 -27.22 -15.18
N GLU B 448 60.42 -26.64 -15.88
CA GLU B 448 61.69 -26.12 -15.29
C GLU B 448 62.00 -24.72 -15.82
N MET B 449 62.79 -23.96 -15.06
CA MET B 449 63.25 -22.59 -15.41
C MET B 449 64.69 -22.67 -15.94
N SER B 450 64.84 -23.13 -17.18
CA SER B 450 66.11 -23.07 -17.95
C SER B 450 66.39 -21.62 -18.31
N ARG B 451 67.65 -21.31 -18.61
CA ARG B 451 68.11 -19.95 -19.01
C ARG B 451 68.63 -20.00 -20.44
N ALA B 452 68.82 -18.83 -21.04
CA ALA B 452 69.39 -18.70 -22.39
C ALA B 452 70.15 -17.38 -22.50
N ILE B 453 71.13 -17.36 -23.39
CA ILE B 453 72.04 -16.21 -23.65
C ILE B 453 72.22 -16.08 -25.16
N ASN B 454 72.04 -14.86 -25.68
CA ASN B 454 72.14 -14.57 -27.13
C ASN B 454 72.75 -13.19 -27.27
N VAL B 455 73.82 -13.08 -28.07
CA VAL B 455 74.48 -11.78 -28.39
C VAL B 455 73.55 -11.04 -29.36
N PHE B 456 72.63 -10.25 -28.80
CA PHE B 456 71.48 -9.64 -29.51
C PHE B 456 71.97 -8.73 -30.64
N LYS B 457 73.00 -7.93 -30.39
CA LYS B 457 73.69 -7.13 -31.45
C LYS B 457 75.14 -6.89 -31.05
N MET B 458 75.99 -6.64 -32.06
CA MET B 458 77.43 -6.34 -31.93
C MET B 458 77.86 -5.47 -33.11
N ARG B 459 77.99 -4.16 -32.89
CA ARG B 459 78.49 -3.21 -33.90
C ARG B 459 79.98 -3.50 -34.13
N GLY B 460 80.38 -3.67 -35.39
CA GLY B 460 81.78 -3.87 -35.81
C GLY B 460 82.10 -5.33 -36.09
N SER B 461 81.44 -6.26 -35.38
CA SER B 461 81.78 -7.71 -35.38
C SER B 461 80.65 -8.53 -36.02
N TRP B 462 80.87 -9.84 -36.12
CA TRP B 462 79.96 -10.82 -36.77
C TRP B 462 78.89 -11.30 -35.77
N HIS B 463 79.32 -11.84 -34.63
CA HIS B 463 78.50 -12.43 -33.52
C HIS B 463 77.56 -13.56 -34.00
N ASP B 464 77.44 -14.61 -33.18
CA ASP B 464 76.48 -15.74 -33.34
C ASP B 464 75.07 -15.22 -33.06
N LYS B 465 74.08 -15.70 -33.84
CA LYS B 465 72.68 -15.22 -33.78
C LYS B 465 71.79 -16.28 -33.10
N ALA B 466 72.33 -17.05 -32.15
CA ALA B 466 71.69 -18.24 -31.56
C ALA B 466 71.27 -17.97 -30.12
N ILE B 467 70.03 -18.33 -29.75
CA ILE B 467 69.50 -18.24 -28.36
C ILE B 467 69.94 -19.52 -27.64
N ARG B 468 71.22 -19.61 -27.27
CA ARG B 468 71.80 -20.88 -26.72
C ARG B 468 71.55 -20.94 -25.21
N GLU B 469 71.11 -22.12 -24.77
CA GLU B 469 70.89 -22.51 -23.36
C GLU B 469 72.21 -22.43 -22.60
N PHE B 470 72.15 -22.05 -21.32
CA PHE B 470 73.33 -22.09 -20.41
C PHE B 470 72.86 -22.35 -18.99
N MET B 471 73.72 -23.04 -18.23
CA MET B 471 73.53 -23.36 -16.81
C MET B 471 74.66 -22.66 -16.03
N ILE B 472 74.41 -22.34 -14.76
CA ILE B 472 75.40 -21.71 -13.83
C ILE B 472 75.73 -22.74 -12.75
N SER B 473 77.00 -22.78 -12.35
CA SER B 473 77.57 -23.80 -11.41
C SER B 473 78.46 -23.09 -10.40
N ASP B 474 79.20 -23.87 -9.61
CA ASP B 474 80.37 -23.38 -8.82
C ASP B 474 81.42 -22.82 -9.80
N LYS B 475 81.55 -23.44 -10.97
CA LYS B 475 82.53 -23.04 -12.03
C LYS B 475 82.06 -21.76 -12.73
N GLY B 476 80.75 -21.54 -12.83
CA GLY B 476 80.14 -20.36 -13.49
C GLY B 476 79.29 -20.75 -14.69
N PRO B 477 79.15 -19.89 -15.71
CA PRO B 477 78.21 -20.14 -16.80
C PRO B 477 78.80 -21.13 -17.82
N ASP B 478 77.99 -22.11 -18.23
CA ASP B 478 78.33 -23.10 -19.28
C ASP B 478 77.34 -22.94 -20.42
N ILE B 479 77.75 -22.34 -21.53
CA ILE B 479 76.88 -22.00 -22.69
C ILE B 479 76.83 -23.21 -23.63
N LYS B 480 75.70 -23.93 -23.61
CA LYS B 480 75.49 -25.19 -24.37
C LYS B 480 74.90 -24.85 -25.74
N ASP B 481 73.89 -25.60 -26.19
CA ASP B 481 73.36 -25.56 -27.58
C ASP B 481 72.07 -24.76 -27.62
N SER B 482 71.65 -24.37 -28.82
CA SER B 482 70.38 -23.66 -29.11
C SER B 482 69.18 -24.58 -28.83
N PHE B 483 67.98 -24.01 -28.82
CA PHE B 483 66.67 -24.72 -28.71
C PHE B 483 66.16 -25.00 -30.13
N ARG B 484 66.87 -25.86 -30.87
CA ARG B 484 66.66 -26.13 -32.32
C ARG B 484 65.20 -26.53 -32.57
N ASN B 485 64.66 -27.43 -31.74
CA ASN B 485 63.34 -28.08 -31.98
C ASN B 485 62.22 -27.34 -31.23
N PHE B 486 62.38 -26.02 -30.99
CA PHE B 486 61.38 -25.22 -30.22
C PHE B 486 60.91 -24.01 -31.05
N GLU B 487 59.64 -23.63 -30.81
CA GLU B 487 58.97 -22.44 -31.40
C GLU B 487 58.71 -21.42 -30.29
N ARG B 488 58.80 -20.13 -30.61
CA ARG B 488 58.44 -19.00 -29.73
C ARG B 488 59.34 -18.99 -28.48
N ILE B 489 60.66 -19.17 -28.69
CA ILE B 489 61.69 -19.22 -27.60
C ILE B 489 61.70 -17.90 -26.81
N ILE B 490 61.56 -16.75 -27.48
CA ILE B 490 61.63 -15.41 -26.82
C ILE B 490 60.56 -15.28 -25.74
N SER B 491 59.32 -15.63 -26.08
CA SER B 491 58.12 -15.49 -25.21
C SER B 491 58.40 -16.04 -23.81
N GLY B 492 59.40 -16.93 -23.67
CA GLY B 492 59.78 -17.53 -22.37
C GLY B 492 59.05 -18.83 -22.10
N SER B 493 57.85 -18.99 -22.68
CA SER B 493 57.05 -20.25 -22.68
C SER B 493 57.02 -20.81 -24.10
N PRO B 494 58.09 -21.50 -24.56
CA PRO B 494 58.17 -21.97 -25.94
C PRO B 494 57.18 -23.10 -26.24
N THR B 495 57.38 -23.79 -27.37
CA THR B 495 56.56 -24.94 -27.81
C THR B 495 57.45 -25.94 -28.55
N ARG B 496 57.37 -27.23 -28.20
CA ARG B 496 58.10 -28.34 -28.87
C ARG B 496 57.64 -28.43 -30.32
N ILE B 497 58.57 -28.69 -31.25
CA ILE B 497 58.34 -28.71 -32.72
C ILE B 497 57.42 -29.89 -33.07
N ALA C 17 14.36 23.00 17.44
CA ALA C 17 14.76 22.86 16.02
C ALA C 17 14.38 24.13 15.24
N ILE C 18 15.31 24.65 14.42
CA ILE C 18 15.11 25.89 13.62
C ILE C 18 14.02 25.63 12.56
N ALA C 19 12.91 26.37 12.64
CA ALA C 19 11.78 26.30 11.67
C ALA C 19 12.22 26.94 10.35
N LYS C 20 11.65 26.48 9.24
CA LYS C 20 12.08 26.87 7.87
C LYS C 20 10.88 27.33 7.05
N MET C 21 11.16 28.16 6.04
CA MET C 21 10.19 28.83 5.14
C MET C 21 10.42 28.28 3.74
N ARG C 22 9.35 27.82 3.07
CA ARG C 22 9.44 27.06 1.78
C ARG C 22 9.68 28.05 0.64
N THR C 23 10.83 27.95 -0.03
CA THR C 23 11.26 28.87 -1.12
C THR C 23 10.42 28.61 -2.38
N MET C 24 10.05 27.34 -2.61
CA MET C 24 9.26 26.87 -3.78
C MET C 24 10.15 26.79 -5.04
N ILE C 25 11.41 27.23 -4.98
CA ILE C 25 12.40 27.04 -6.08
C ILE C 25 12.59 25.53 -6.28
N GLU C 26 12.41 25.05 -7.51
CA GLU C 26 12.34 23.60 -7.84
C GLU C 26 13.61 22.90 -7.32
N GLY C 27 13.51 22.23 -6.17
CA GLY C 27 14.57 21.36 -5.61
C GLY C 27 15.21 21.92 -4.35
N PHE C 28 15.12 23.24 -4.10
CA PHE C 28 15.86 23.92 -2.99
C PHE C 28 15.37 23.46 -1.62
N ASP C 29 14.06 23.21 -1.47
CA ASP C 29 13.44 22.84 -0.17
C ASP C 29 13.86 21.42 0.21
N ASP C 30 14.01 20.53 -0.78
CA ASP C 30 14.53 19.14 -0.61
C ASP C 30 16.01 19.20 -0.20
N ILE C 31 16.77 20.13 -0.76
CA ILE C 31 18.23 20.30 -0.46
C ILE C 31 18.40 20.86 0.97
N SER C 32 17.51 21.76 1.42
CA SER C 32 17.61 22.46 2.73
C SER C 32 16.80 21.74 3.82
N HIS C 33 16.07 20.67 3.50
CA HIS C 33 15.19 19.93 4.44
C HIS C 33 14.13 20.87 5.03
N GLY C 34 13.54 21.77 4.22
CA GLY C 34 12.45 22.67 4.67
C GLY C 34 12.47 24.06 4.07
N GLY C 35 13.58 24.52 3.50
CA GLY C 35 13.73 25.88 2.94
C GLY C 35 14.49 26.81 3.88
N LEU C 36 14.60 28.09 3.52
CA LEU C 36 15.44 29.09 4.24
C LEU C 36 14.96 29.23 5.69
N PRO C 37 15.83 29.00 6.69
CA PRO C 37 15.47 29.16 8.11
C PRO C 37 14.82 30.50 8.48
N ILE C 38 13.62 30.45 9.08
CA ILE C 38 12.74 31.61 9.38
C ILE C 38 13.43 32.55 10.39
N GLY C 39 13.36 33.86 10.15
CA GLY C 39 13.81 34.91 11.08
C GLY C 39 15.27 35.30 10.89
N ARG C 40 16.02 34.55 10.07
CA ARG C 40 17.48 34.75 9.89
C ARG C 40 17.80 35.26 8.49
N SER C 41 19.04 35.70 8.32
CA SER C 41 19.64 36.13 7.03
C SER C 41 20.18 34.90 6.30
N THR C 42 20.20 34.95 4.97
CA THR C 42 20.80 33.90 4.11
C THR C 42 21.63 34.56 3.01
N LEU C 43 22.95 34.55 3.19
CA LEU C 43 23.91 35.04 2.19
C LEU C 43 23.86 34.15 0.96
N VAL C 44 23.60 34.75 -0.20
CA VAL C 44 23.62 34.04 -1.51
C VAL C 44 24.69 34.70 -2.37
N SER C 45 25.88 34.10 -2.43
CA SER C 45 27.05 34.67 -3.14
C SER C 45 27.39 33.82 -4.37
N GLY C 46 27.88 34.46 -5.42
CA GLY C 46 28.19 33.84 -6.72
C GLY C 46 28.81 34.84 -7.67
N THR C 47 29.50 34.37 -8.71
CA THR C 47 30.10 35.22 -9.77
C THR C 47 28.98 36.00 -10.49
N SER C 48 29.35 37.02 -11.26
CA SER C 48 28.45 37.76 -12.18
C SER C 48 27.73 36.76 -13.09
N GLY C 49 26.40 36.81 -13.11
CA GLY C 49 25.55 36.02 -14.02
C GLY C 49 25.29 34.60 -13.54
N THR C 50 25.42 34.34 -12.23
CA THR C 50 25.21 32.99 -11.62
C THR C 50 23.73 32.78 -11.28
N GLY C 51 22.99 33.85 -11.04
CA GLY C 51 21.54 33.80 -10.75
C GLY C 51 21.21 34.20 -9.32
N LYS C 52 21.98 35.11 -8.72
CA LYS C 52 21.73 35.61 -7.35
C LYS C 52 20.46 36.46 -7.34
N THR C 53 20.37 37.44 -8.24
CA THR C 53 19.17 38.32 -8.41
C THR C 53 17.94 37.44 -8.62
N LEU C 54 18.02 36.54 -9.60
CA LEU C 54 16.92 35.59 -9.95
C LEU C 54 16.52 34.81 -8.69
N PHE C 55 17.48 34.21 -7.98
CA PHE C 55 17.23 33.46 -6.72
C PHE C 55 16.40 34.36 -5.78
N SER C 56 16.81 35.62 -5.64
CA SER C 56 16.25 36.58 -4.65
C SER C 56 14.85 37.03 -5.07
N ILE C 57 14.63 37.34 -6.35
CA ILE C 57 13.27 37.69 -6.88
C ILE C 57 12.36 36.48 -6.67
N GLN C 58 12.83 35.31 -7.11
CA GLN C 58 12.06 34.04 -7.09
C GLN C 58 11.56 33.78 -5.67
N PHE C 59 12.42 34.04 -4.68
CA PHE C 59 12.13 33.87 -3.23
C PHE C 59 10.85 34.63 -2.86
N LEU C 60 10.78 35.94 -3.15
CA LEU C 60 9.63 36.81 -2.79
C LEU C 60 8.39 36.40 -3.58
N TYR C 61 8.50 36.33 -4.91
CA TYR C 61 7.40 36.04 -5.86
C TYR C 61 6.59 34.83 -5.39
N ASN C 62 7.26 33.71 -5.14
CA ASN C 62 6.64 32.45 -4.65
C ASN C 62 5.95 32.73 -3.31
N GLY C 63 6.66 33.38 -2.38
CA GLY C 63 6.16 33.72 -1.04
C GLY C 63 4.86 34.51 -1.11
N ILE C 64 4.76 35.44 -2.06
CA ILE C 64 3.52 36.22 -2.33
C ILE C 64 2.49 35.30 -3.00
N ILE C 65 2.86 34.70 -4.13
CA ILE C 65 1.89 33.95 -4.99
C ILE C 65 1.35 32.74 -4.21
N GLU C 66 2.23 31.86 -3.72
CA GLU C 66 1.87 30.54 -3.15
C GLU C 66 1.29 30.67 -1.73
N PHE C 67 1.77 31.64 -0.92
CA PHE C 67 1.46 31.71 0.53
C PHE C 67 0.88 33.08 0.95
N ASP C 68 0.80 34.06 0.05
CA ASP C 68 0.35 35.44 0.40
C ASP C 68 1.16 35.92 1.60
N GLU C 69 2.49 35.82 1.49
CA GLU C 69 3.48 36.42 2.42
C GLU C 69 4.11 37.61 1.70
N PRO C 70 3.64 38.85 1.95
CA PRO C 70 4.24 40.02 1.33
C PRO C 70 5.75 40.07 1.56
N GLY C 71 6.48 40.63 0.59
CA GLY C 71 7.95 40.65 0.58
C GLY C 71 8.49 41.96 0.07
N VAL C 72 9.67 42.34 0.56
CA VAL C 72 10.38 43.60 0.19
C VAL C 72 11.64 43.22 -0.59
N PHE C 73 11.86 43.88 -1.73
CA PHE C 73 13.08 43.76 -2.55
C PHE C 73 13.85 45.08 -2.47
N VAL C 74 14.95 45.11 -1.72
CA VAL C 74 15.86 46.29 -1.63
C VAL C 74 16.93 46.15 -2.72
N THR C 75 17.04 47.15 -3.60
CA THR C 75 18.03 47.21 -4.71
C THR C 75 19.00 48.36 -4.45
N PHE C 76 20.26 48.19 -4.88
CA PHE C 76 21.38 49.13 -4.64
C PHE C 76 21.99 49.66 -5.94
N GLU C 77 21.99 48.87 -7.01
CA GLU C 77 22.54 49.28 -8.34
C GLU C 77 21.39 49.36 -9.36
N GLU C 78 20.65 48.27 -9.52
CA GLU C 78 19.59 48.13 -10.56
C GLU C 78 18.41 49.04 -10.25
N THR C 79 17.78 49.57 -11.29
CA THR C 79 16.55 50.43 -11.21
C THR C 79 15.33 49.55 -10.98
N PRO C 80 14.37 49.98 -10.14
CA PRO C 80 13.08 49.30 -10.02
C PRO C 80 12.39 48.99 -11.36
N GLN C 81 12.47 49.89 -12.36
CA GLN C 81 11.82 49.65 -13.68
C GLN C 81 12.47 48.43 -14.36
N ASP C 82 13.81 48.36 -14.35
CA ASP C 82 14.61 47.29 -15.01
C ASP C 82 14.33 45.95 -14.31
N ILE C 83 14.09 45.95 -12.99
CA ILE C 83 13.74 44.71 -12.21
C ILE C 83 12.39 44.18 -12.70
N ILE C 84 11.34 44.99 -12.57
CA ILE C 84 9.95 44.61 -12.97
C ILE C 84 10.00 44.10 -14.41
N LYS C 85 10.80 44.74 -15.26
CA LYS C 85 11.03 44.38 -16.67
C LYS C 85 11.76 43.04 -16.78
N ASN C 86 12.86 42.87 -16.04
CA ASN C 86 13.77 41.69 -16.13
C ASN C 86 13.03 40.42 -15.72
N ALA C 87 12.04 40.53 -14.82
CA ALA C 87 11.19 39.41 -14.35
C ALA C 87 10.29 38.92 -15.47
N ARG C 88 9.77 39.83 -16.31
CA ARG C 88 8.91 39.54 -17.49
C ARG C 88 9.52 38.40 -18.33
N SER C 89 10.85 38.26 -18.31
CA SER C 89 11.63 37.21 -19.02
C SER C 89 11.16 35.81 -18.63
N PHE C 90 10.79 35.61 -17.36
CA PHE C 90 10.37 34.30 -16.77
C PHE C 90 8.85 34.24 -16.74
N GLY C 91 8.19 35.10 -17.52
CA GLY C 91 6.73 35.30 -17.52
C GLY C 91 6.22 35.71 -16.15
N TRP C 92 6.80 36.75 -15.55
CA TRP C 92 6.34 37.31 -14.25
C TRP C 92 5.97 38.78 -14.40
N ASP C 93 5.00 39.21 -13.59
CA ASP C 93 4.38 40.55 -13.61
C ASP C 93 4.49 41.13 -12.19
N LEU C 94 5.68 41.60 -11.82
CA LEU C 94 5.96 42.18 -10.47
C LEU C 94 5.18 43.49 -10.30
N ALA C 95 4.98 44.24 -11.39
CA ALA C 95 4.22 45.51 -11.43
C ALA C 95 2.85 45.31 -10.79
N LYS C 96 2.13 44.27 -11.21
CA LYS C 96 0.81 43.88 -10.66
C LYS C 96 0.91 43.74 -9.14
N LEU C 97 1.90 42.98 -8.66
CA LEU C 97 2.15 42.70 -7.22
C LEU C 97 2.58 43.99 -6.50
N VAL C 98 3.36 44.85 -7.18
CA VAL C 98 3.77 46.19 -6.67
C VAL C 98 2.50 47.01 -6.39
N ASP C 99 1.49 46.89 -7.26
CA ASP C 99 0.20 47.63 -7.16
C ASP C 99 -0.63 47.06 -6.00
N GLU C 100 -0.85 45.74 -5.97
CA GLU C 100 -1.79 45.06 -5.05
C GLU C 100 -1.32 45.14 -3.59
N GLY C 101 -0.11 45.66 -3.33
CA GLY C 101 0.47 45.79 -1.97
C GLY C 101 1.13 44.50 -1.53
N LYS C 102 1.20 43.51 -2.42
CA LYS C 102 1.78 42.17 -2.15
C LYS C 102 3.30 42.31 -2.12
N LEU C 103 3.85 43.08 -3.05
CA LEU C 103 5.30 43.34 -3.19
C LEU C 103 5.56 44.84 -3.06
N PHE C 104 6.75 45.21 -2.60
CA PHE C 104 7.26 46.59 -2.60
C PHE C 104 8.77 46.58 -2.88
N ILE C 105 9.20 47.41 -3.84
CA ILE C 105 10.61 47.53 -4.27
C ILE C 105 11.19 48.81 -3.64
N LEU C 106 12.06 48.65 -2.65
CA LEU C 106 12.78 49.77 -1.98
C LEU C 106 14.00 50.12 -2.82
N ASP C 107 14.07 51.36 -3.31
CA ASP C 107 15.13 51.85 -4.25
C ASP C 107 16.19 52.61 -3.45
N ALA C 108 17.26 51.92 -3.07
CA ALA C 108 18.45 52.52 -2.41
C ALA C 108 19.55 52.76 -3.45
N SER C 109 19.20 52.83 -4.74
CA SER C 109 20.16 53.08 -5.85
C SER C 109 20.56 54.56 -5.85
N PRO C 110 21.80 54.88 -6.29
CA PRO C 110 22.25 56.27 -6.39
C PRO C 110 21.76 56.92 -7.70
N ASP C 111 21.14 58.10 -7.59
CA ASP C 111 20.65 58.90 -8.75
C ASP C 111 21.85 59.47 -9.50
N PRO C 112 22.05 59.15 -10.80
CA PRO C 112 23.18 59.62 -11.60
C PRO C 112 23.41 61.14 -11.78
N GLU C 113 23.68 61.87 -10.70
CA GLU C 113 24.08 63.31 -10.78
C GLU C 113 24.62 63.81 -9.44
N ASP C 122 23.49 56.53 7.23
CA ASP C 122 23.47 55.76 5.96
C ASP C 122 22.90 54.36 6.24
N LEU C 123 23.60 53.57 7.06
CA LEU C 123 23.25 52.17 7.39
C LEU C 123 22.00 52.15 8.29
N SER C 124 21.98 52.99 9.33
CA SER C 124 20.80 53.18 10.24
C SER C 124 19.63 53.73 9.42
N ALA C 125 19.91 54.63 8.47
CA ALA C 125 18.92 55.22 7.55
C ALA C 125 18.30 54.12 6.67
N LEU C 126 19.14 53.25 6.10
CA LEU C 126 18.69 52.07 5.30
C LEU C 126 17.80 51.19 6.18
N ILE C 127 18.21 50.91 7.42
CA ILE C 127 17.45 50.12 8.43
C ILE C 127 16.16 50.87 8.78
N GLU C 128 16.25 52.20 8.95
CA GLU C 128 15.08 53.10 9.17
C GLU C 128 14.07 52.88 8.04
N ARG C 129 14.54 52.87 6.80
CA ARG C 129 13.71 52.68 5.58
C ARG C 129 13.21 51.24 5.48
N ILE C 130 14.04 50.25 5.81
CA ILE C 130 13.69 48.80 5.66
C ILE C 130 12.69 48.41 6.75
N ASN C 131 12.97 48.76 8.02
CA ASN C 131 12.09 48.48 9.19
C ASN C 131 10.71 49.08 8.93
N TYR C 132 10.66 50.31 8.40
CA TYR C 132 9.42 51.01 7.98
C TYR C 132 8.65 50.12 6.99
N ALA C 133 9.28 49.81 5.85
CA ALA C 133 8.68 49.09 4.70
C ALA C 133 8.10 47.74 5.16
N ILE C 134 8.80 47.02 6.06
CA ILE C 134 8.36 45.70 6.58
C ILE C 134 7.02 45.88 7.31
N GLN C 135 6.91 46.90 8.17
CA GLN C 135 5.69 47.23 8.94
C GLN C 135 4.54 47.57 7.97
N LYS C 136 4.83 48.34 6.92
CA LYS C 136 3.83 48.98 6.03
C LYS C 136 3.03 47.94 5.23
N TYR C 137 3.62 46.78 4.91
CA TYR C 137 2.96 45.73 4.07
C TYR C 137 2.85 44.40 4.83
N ARG C 138 3.17 44.36 6.13
CA ARG C 138 3.24 43.12 6.95
C ARG C 138 4.08 42.09 6.17
N ALA C 139 5.30 42.47 5.79
CA ALA C 139 6.17 41.74 4.83
C ALA C 139 6.96 40.66 5.57
N ARG C 140 6.69 39.38 5.27
CA ARG C 140 7.32 38.20 5.90
C ARG C 140 8.71 37.92 5.27
N ARG C 141 9.00 38.48 4.10
CA ARG C 141 10.22 38.16 3.30
C ARG C 141 10.93 39.43 2.84
N VAL C 142 12.27 39.39 2.80
CA VAL C 142 13.14 40.50 2.29
C VAL C 142 14.18 39.90 1.34
N SER C 143 14.65 40.70 0.38
CA SER C 143 15.73 40.35 -0.59
C SER C 143 16.61 41.58 -0.84
N ILE C 144 17.86 41.55 -0.36
CA ILE C 144 18.84 42.66 -0.57
C ILE C 144 19.83 42.23 -1.66
N ASP C 145 19.92 43.04 -2.71
CA ASP C 145 20.62 42.73 -3.98
C ASP C 145 21.32 44.00 -4.46
N SER C 146 22.59 44.23 -4.07
CA SER C 146 23.42 43.33 -3.28
C SER C 146 24.14 44.12 -2.19
N VAL C 147 24.31 43.54 -1.00
CA VAL C 147 24.96 44.20 0.18
C VAL C 147 26.32 44.76 -0.24
N THR C 148 27.12 43.95 -0.93
CA THR C 148 28.51 44.26 -1.39
C THR C 148 28.60 45.70 -1.90
N SER C 149 27.72 46.05 -2.87
CA SER C 149 27.75 47.32 -3.62
C SER C 149 27.78 48.51 -2.64
N VAL C 150 27.05 48.41 -1.51
CA VAL C 150 26.99 49.49 -0.48
C VAL C 150 28.42 49.98 -0.23
N PHE C 151 29.36 49.04 -0.05
CA PHE C 151 30.79 49.34 0.24
C PHE C 151 31.56 49.37 -1.08
N ASP C 155 35.04 52.69 2.82
CA ASP C 155 34.69 51.24 2.89
C ASP C 155 35.90 50.30 2.74
N ALA C 156 36.86 50.31 3.66
CA ALA C 156 37.87 49.24 3.88
C ALA C 156 37.16 47.87 4.03
N SER C 157 37.78 46.91 4.71
CA SER C 157 37.24 45.54 4.93
C SER C 157 36.87 45.32 6.41
N SER C 158 37.30 46.21 7.31
CA SER C 158 37.06 46.12 8.77
C SER C 158 35.64 46.61 9.06
N VAL C 159 35.22 47.71 8.41
CA VAL C 159 33.88 48.32 8.62
C VAL C 159 32.81 47.40 8.01
N VAL C 160 33.17 46.60 7.01
CA VAL C 160 32.23 45.65 6.33
C VAL C 160 31.62 44.72 7.39
N ARG C 161 32.46 44.02 8.14
CA ARG C 161 32.05 43.05 9.20
C ARG C 161 31.05 43.72 10.15
N ARG C 162 31.41 44.90 10.66
CA ARG C 162 30.57 45.69 11.61
C ARG C 162 29.23 46.04 10.94
N GLU C 163 29.28 46.75 9.81
CA GLU C 163 28.08 47.25 9.08
C GLU C 163 27.20 46.06 8.71
N LEU C 164 27.81 44.96 8.24
CA LEU C 164 27.10 43.68 7.93
C LEU C 164 26.39 43.18 9.18
N PHE C 165 27.08 43.12 10.32
CA PHE C 165 26.56 42.63 11.63
C PHE C 165 25.32 43.45 12.03
N ARG C 166 25.43 44.78 11.95
CA ARG C 166 24.35 45.73 12.32
C ARG C 166 23.09 45.38 11.51
N LEU C 167 23.21 45.36 10.17
CA LEU C 167 22.08 45.15 9.23
C LEU C 167 21.44 43.79 9.49
N VAL C 168 22.25 42.74 9.57
CA VAL C 168 21.79 41.33 9.72
C VAL C 168 21.00 41.23 11.03
N ALA C 169 21.65 41.49 12.16
CA ALA C 169 21.06 41.40 13.52
C ALA C 169 19.82 42.29 13.62
N ARG C 170 19.89 43.51 13.08
CA ARG C 170 18.75 44.47 13.02
C ARG C 170 17.53 43.76 12.40
N LEU C 171 17.72 43.09 11.25
CA LEU C 171 16.66 42.31 10.57
C LEU C 171 16.20 41.15 11.46
N LYS C 172 17.14 40.49 12.14
CA LYS C 172 16.86 39.39 13.10
C LYS C 172 15.86 39.90 14.16
N GLN C 173 16.09 41.10 14.69
CA GLN C 173 15.26 41.74 15.74
C GLN C 173 13.87 42.04 15.17
N ILE C 174 13.77 42.54 13.94
CA ILE C 174 12.46 42.78 13.25
C ILE C 174 11.74 41.42 13.15
N GLY C 175 12.48 40.38 12.78
CA GLY C 175 11.97 39.00 12.67
C GLY C 175 11.51 38.71 11.26
N ALA C 176 12.44 38.78 10.31
CA ALA C 176 12.18 38.57 8.86
C ALA C 176 13.29 37.73 8.25
N THR C 177 12.90 36.78 7.41
CA THR C 177 13.79 35.91 6.59
C THR C 177 14.35 36.76 5.46
N THR C 178 15.68 36.90 5.40
CA THR C 178 16.38 37.77 4.42
C THR C 178 17.25 36.91 3.50
N VAL C 179 17.29 37.29 2.22
CA VAL C 179 18.23 36.77 1.19
C VAL C 179 19.17 37.92 0.83
N MET C 180 20.43 37.82 1.27
CA MET C 180 21.47 38.85 1.02
C MET C 180 22.38 38.37 -0.11
N THR C 181 22.38 39.13 -1.20
CA THR C 181 23.18 38.84 -2.43
C THR C 181 24.60 39.35 -2.19
N THR C 182 25.60 38.66 -2.74
CA THR C 182 27.02 39.03 -2.62
C THR C 182 27.80 38.56 -3.85
N GLU C 183 28.92 39.23 -4.11
CA GLU C 183 29.70 39.08 -5.37
C GLU C 183 30.99 38.31 -5.08
N ARG C 184 31.53 37.69 -6.12
CA ARG C 184 32.75 36.85 -6.09
C ARG C 184 33.60 37.20 -7.31
N ILE C 185 34.88 36.86 -7.28
CA ILE C 185 35.80 37.07 -8.43
C ILE C 185 36.17 35.71 -9.02
N GLU C 186 36.55 34.75 -8.16
CA GLU C 186 36.91 33.36 -8.58
C GLU C 186 35.74 32.42 -8.24
N GLU C 187 35.67 31.30 -8.96
CA GLU C 187 34.58 30.30 -8.83
C GLU C 187 34.91 29.32 -7.69
N TYR C 188 36.19 29.05 -7.42
CA TYR C 188 36.65 28.22 -6.27
C TYR C 188 37.65 28.99 -5.40
N GLY C 189 37.60 30.32 -5.41
CA GLY C 189 38.34 31.19 -4.48
C GLY C 189 37.53 31.46 -3.22
N PRO C 190 37.69 32.63 -2.55
CA PRO C 190 36.88 32.98 -1.38
C PRO C 190 35.38 33.03 -1.69
N ILE C 191 34.56 32.87 -0.64
CA ILE C 191 33.06 32.73 -0.75
C ILE C 191 32.48 34.05 -1.23
N ALA C 192 32.83 35.14 -0.54
CA ALA C 192 32.45 36.52 -0.86
C ALA C 192 33.72 37.34 -1.05
N ARG C 193 33.59 38.62 -1.36
CA ARG C 193 34.73 39.49 -1.73
C ARG C 193 35.66 39.72 -0.51
N TYR C 194 35.09 40.06 0.66
CA TYR C 194 35.84 40.65 1.80
C TYR C 194 36.18 39.62 2.88
N GLY C 195 35.95 38.33 2.65
CA GLY C 195 36.40 37.23 3.52
C GLY C 195 35.79 37.27 4.91
N VAL C 196 34.56 37.77 5.03
CA VAL C 196 33.88 38.03 6.34
C VAL C 196 32.38 37.75 6.26
N GLU C 197 31.74 38.08 5.14
CA GLU C 197 30.26 38.00 4.95
C GLU C 197 29.81 36.56 5.24
N GLU C 198 30.66 35.58 4.90
CA GLU C 198 30.51 34.14 5.19
C GLU C 198 30.01 33.94 6.63
N PHE C 199 30.76 34.49 7.58
CA PHE C 199 30.68 34.21 9.04
C PHE C 199 29.59 35.08 9.68
N VAL C 200 29.37 36.29 9.16
CA VAL C 200 28.40 37.26 9.75
C VAL C 200 26.97 36.70 9.64
N SER C 201 26.66 35.97 8.57
CA SER C 201 25.33 35.35 8.35
C SER C 201 25.27 33.96 8.99
N ASP C 202 24.07 33.39 9.05
CA ASP C 202 23.78 32.05 9.66
C ASP C 202 23.72 30.98 8.56
N ASN C 203 23.33 31.39 7.35
CA ASN C 203 23.00 30.49 6.21
C ASN C 203 23.76 30.96 4.96
N VAL C 204 24.75 30.19 4.51
CA VAL C 204 25.56 30.54 3.31
C VAL C 204 25.09 29.68 2.13
N VAL C 205 24.80 30.31 0.99
CA VAL C 205 24.44 29.62 -0.30
C VAL C 205 25.42 30.09 -1.38
N ILE C 206 26.03 29.16 -2.09
CA ILE C 206 27.02 29.45 -3.16
C ILE C 206 26.46 29.00 -4.50
N LEU C 207 26.13 29.96 -5.37
CA LEU C 207 25.86 29.72 -6.80
C LEU C 207 27.19 29.74 -7.54
N ARG C 208 27.37 28.86 -8.52
CA ARG C 208 28.60 28.81 -9.35
C ARG C 208 28.22 28.75 -10.83
N ASN C 209 29.21 28.87 -11.71
CA ASN C 209 29.06 28.82 -13.17
C ASN C 209 30.41 28.39 -13.75
N VAL C 210 30.76 27.13 -13.54
CA VAL C 210 32.13 26.59 -13.76
C VAL C 210 32.31 26.23 -15.24
N LEU C 211 33.28 26.87 -15.88
CA LEU C 211 33.64 26.67 -17.30
C LEU C 211 34.44 25.37 -17.42
N GLU C 212 33.73 24.23 -17.40
CA GLU C 212 34.32 22.87 -17.58
C GLU C 212 34.51 22.61 -19.08
N GLY C 213 35.71 22.88 -19.59
CA GLY C 213 36.00 22.87 -21.04
C GLY C 213 35.48 24.15 -21.67
N GLU C 214 34.75 24.03 -22.80
CA GLU C 214 34.10 25.18 -23.47
C GLU C 214 32.64 25.30 -23.01
N ARG C 215 32.16 24.37 -22.17
CA ARG C 215 30.77 24.36 -21.65
C ARG C 215 30.76 24.86 -20.21
N ARG C 216 29.67 25.52 -19.82
CA ARG C 216 29.44 26.09 -18.46
C ARG C 216 28.44 25.21 -17.71
N ARG C 217 28.63 25.08 -16.40
CA ARG C 217 27.78 24.25 -15.51
C ARG C 217 27.43 25.06 -14.26
N ARG C 218 26.14 25.22 -14.01
CA ARG C 218 25.59 25.96 -12.84
C ARG C 218 25.35 24.97 -11.71
N THR C 219 25.86 25.27 -10.51
CA THR C 219 25.84 24.35 -9.34
C THR C 219 25.57 25.12 -8.05
N LEU C 220 24.35 25.00 -7.53
CA LEU C 220 23.93 25.52 -6.21
C LEU C 220 24.53 24.62 -5.13
N GLU C 221 24.96 25.21 -4.03
CA GLU C 221 25.45 24.46 -2.83
C GLU C 221 25.06 25.25 -1.58
N ILE C 222 24.53 24.57 -0.58
CA ILE C 222 24.33 25.13 0.79
C ILE C 222 25.60 24.81 1.58
N LEU C 223 26.39 25.84 1.89
CA LEU C 223 27.72 25.72 2.55
C LEU C 223 27.50 25.56 4.06
N LYS C 224 26.47 26.20 4.62
CA LYS C 224 26.05 25.96 6.04
C LYS C 224 24.60 26.41 6.26
N LEU C 225 24.01 25.92 7.36
CA LEU C 225 22.81 26.45 8.06
C LEU C 225 23.03 26.21 9.55
N ARG C 226 23.11 27.26 10.36
CA ARG C 226 23.35 27.14 11.82
C ARG C 226 22.16 26.39 12.46
N GLY C 227 22.47 25.36 13.25
CA GLY C 227 21.51 24.60 14.08
C GLY C 227 20.43 23.92 13.26
N THR C 228 20.77 23.43 12.06
CA THR C 228 19.86 22.62 11.20
C THR C 228 20.69 21.73 10.27
N SER C 229 20.02 20.75 9.65
CA SER C 229 20.61 19.81 8.66
C SER C 229 20.28 20.30 7.26
N HIS C 230 21.14 19.96 6.30
CA HIS C 230 20.97 20.26 4.85
C HIS C 230 21.82 19.26 4.07
N MET C 231 21.54 19.10 2.78
CA MET C 231 22.33 18.26 1.85
C MET C 231 23.62 19.01 1.52
N LYS C 232 24.73 18.30 1.33
CA LYS C 232 26.07 18.92 1.23
C LYS C 232 26.63 18.78 -0.19
N GLY C 233 27.50 19.72 -0.57
CA GLY C 233 28.20 19.74 -1.86
C GLY C 233 27.39 20.46 -2.92
N GLU C 234 27.89 20.44 -4.17
CA GLU C 234 27.27 21.17 -5.31
C GLU C 234 26.16 20.31 -5.92
N TYR C 235 25.10 20.95 -6.41
CA TYR C 235 23.93 20.32 -7.07
C TYR C 235 23.63 21.08 -8.36
N PRO C 236 23.76 20.44 -9.54
CA PRO C 236 23.62 21.15 -10.80
C PRO C 236 22.18 21.69 -10.95
N PHE C 237 22.05 22.85 -11.57
CA PHE C 237 20.74 23.49 -11.84
C PHE C 237 20.79 24.17 -13.21
N THR C 238 19.62 24.54 -13.71
CA THR C 238 19.46 25.29 -14.98
C THR C 238 18.56 26.49 -14.75
N ILE C 239 18.75 27.55 -15.55
CA ILE C 239 17.88 28.75 -15.55
C ILE C 239 17.05 28.73 -16.84
N THR C 240 15.78 28.35 -16.71
CA THR C 240 14.80 28.22 -17.81
C THR C 240 13.77 29.34 -17.67
N ASP C 241 12.79 29.34 -18.57
CA ASP C 241 11.67 30.33 -18.60
C ASP C 241 10.75 30.16 -17.39
N HIS C 242 10.93 29.10 -16.57
CA HIS C 242 10.17 28.89 -15.30
C HIS C 242 11.06 29.18 -14.09
N GLY C 243 12.20 29.84 -14.30
CA GLY C 243 13.14 30.24 -13.23
C GLY C 243 14.21 29.18 -12.99
N ILE C 244 14.75 29.14 -11.77
CA ILE C 244 15.78 28.15 -11.35
C ILE C 244 15.11 26.78 -11.16
N ASN C 245 15.75 25.74 -11.69
CA ASN C 245 15.32 24.32 -11.62
C ASN C 245 16.53 23.51 -11.17
N ILE C 246 16.58 23.14 -9.89
CA ILE C 246 17.71 22.38 -9.27
C ILE C 246 17.40 20.89 -9.38
N PHE C 247 18.33 20.12 -9.95
CA PHE C 247 18.28 18.63 -10.01
C PHE C 247 18.99 18.08 -8.77
N PRO C 248 18.26 17.59 -7.74
CA PRO C 248 18.89 17.10 -6.51
C PRO C 248 19.32 15.64 -6.66
N LEU C 249 20.64 15.41 -6.83
CA LEU C 249 21.25 14.09 -7.15
C LEU C 249 20.77 13.04 -6.16
N GLY C 250 21.09 13.25 -4.87
CA GLY C 250 20.72 12.37 -3.76
C GLY C 250 19.23 12.14 -3.69
N ALA C 251 18.51 12.93 -2.90
CA ALA C 251 17.03 12.92 -2.69
C ALA C 251 16.23 12.14 -3.77
N MET C 252 16.88 11.61 -4.81
CA MET C 252 16.25 10.68 -5.80
C MET C 252 16.42 9.25 -5.27
N ARG C 253 15.48 8.80 -4.43
CA ARG C 253 15.59 7.54 -3.65
C ARG C 253 15.28 6.33 -4.55
N LEU C 254 16.00 5.22 -4.35
CA LEU C 254 15.66 3.88 -4.91
C LEU C 254 14.30 3.45 -4.36
N THR C 255 13.22 4.11 -4.80
CA THR C 255 11.82 3.86 -4.37
C THR C 255 10.93 3.72 -5.61
N GLN C 256 11.50 3.25 -6.72
CA GLN C 256 10.79 3.09 -8.02
C GLN C 256 10.07 1.73 -8.02
N ARG C 257 8.75 1.74 -8.26
CA ARG C 257 7.87 0.55 -8.31
C ARG C 257 8.44 -0.48 -9.29
N SER C 258 8.03 -1.74 -9.17
CA SER C 258 8.47 -2.85 -10.06
C SER C 258 7.29 -3.76 -10.37
N SER C 259 7.29 -4.35 -11.58
CA SER C 259 6.20 -5.22 -12.08
C SER C 259 6.78 -6.35 -12.94
N ASN C 260 5.99 -7.40 -13.16
CA ASN C 260 6.34 -8.55 -14.03
C ASN C 260 5.69 -8.38 -15.41
N VAL C 261 4.95 -7.28 -15.63
CA VAL C 261 4.33 -6.96 -16.94
C VAL C 261 5.44 -6.98 -18.00
N ARG C 262 5.19 -7.66 -19.12
CA ARG C 262 6.16 -7.78 -20.23
C ARG C 262 5.71 -6.92 -21.40
N VAL C 263 6.65 -6.64 -22.29
CA VAL C 263 6.57 -5.62 -23.38
C VAL C 263 7.46 -6.10 -24.52
N SER C 264 6.98 -6.00 -25.76
CA SER C 264 7.69 -6.51 -26.96
C SER C 264 8.84 -5.57 -27.34
N SER C 265 10.03 -6.13 -27.57
CA SER C 265 11.20 -5.45 -28.18
C SER C 265 10.86 -4.89 -29.56
N GLY C 266 9.83 -5.44 -30.22
CA GLY C 266 9.51 -5.18 -31.64
C GLY C 266 10.13 -6.23 -32.55
N VAL C 267 10.98 -7.10 -31.99
CA VAL C 267 11.56 -8.31 -32.67
C VAL C 267 11.10 -9.54 -31.90
N VAL C 268 10.43 -10.48 -32.58
CA VAL C 268 9.75 -11.64 -31.93
C VAL C 268 10.80 -12.62 -31.39
N ARG C 269 11.86 -12.89 -32.15
CA ARG C 269 12.93 -13.84 -31.75
C ARG C 269 13.75 -13.26 -30.59
N LEU C 270 13.85 -11.92 -30.48
CA LEU C 270 14.52 -11.22 -29.35
C LEU C 270 13.61 -11.33 -28.12
N ASP C 271 12.29 -11.23 -28.34
CA ASP C 271 11.25 -11.40 -27.28
C ASP C 271 11.32 -12.82 -26.71
N GLU C 272 11.51 -13.83 -27.57
CA GLU C 272 11.74 -15.25 -27.16
C GLU C 272 13.02 -15.33 -26.32
N MET C 273 14.14 -14.87 -26.89
CA MET C 273 15.48 -14.91 -26.27
C MET C 273 15.46 -14.23 -24.89
N CYS C 274 14.48 -13.35 -24.63
CA CYS C 274 14.30 -12.63 -23.33
C CYS C 274 13.25 -13.33 -22.46
N GLY C 275 12.84 -14.55 -22.81
CA GLY C 275 11.84 -15.34 -22.07
C GLY C 275 10.48 -14.64 -22.03
N GLY C 276 10.02 -14.10 -23.16
CA GLY C 276 8.67 -13.55 -23.33
C GLY C 276 8.64 -12.03 -23.41
N GLY C 277 9.73 -11.40 -23.85
CA GLY C 277 9.81 -9.95 -24.09
C GLY C 277 10.50 -9.21 -22.96
N PHE C 278 10.68 -7.89 -23.12
CA PHE C 278 11.28 -7.01 -22.08
C PHE C 278 10.25 -6.77 -20.98
N PHE C 279 10.74 -6.45 -19.78
CA PHE C 279 9.92 -5.91 -18.66
C PHE C 279 9.53 -4.48 -18.99
N LYS C 280 8.32 -4.08 -18.57
CA LYS C 280 7.82 -2.69 -18.68
C LYS C 280 8.74 -1.79 -17.85
N ASP C 281 8.84 -2.11 -16.56
CA ASP C 281 9.70 -1.40 -15.58
C ASP C 281 11.10 -2.02 -15.68
N SER C 282 11.89 -1.57 -16.64
CA SER C 282 13.29 -2.04 -16.83
C SER C 282 14.09 -1.02 -17.63
N ILE C 283 15.41 -1.21 -17.64
CA ILE C 283 16.41 -0.32 -18.27
C ILE C 283 17.27 -1.18 -19.19
N ILE C 284 17.03 -1.06 -20.49
CA ILE C 284 17.61 -1.95 -21.53
C ILE C 284 18.84 -1.24 -22.12
N LEU C 285 20.00 -1.91 -22.07
CA LEU C 285 21.24 -1.46 -22.73
C LEU C 285 21.48 -2.34 -23.96
N ALA C 286 21.69 -1.73 -25.12
CA ALA C 286 22.09 -2.43 -26.36
C ALA C 286 23.48 -1.94 -26.75
N THR C 287 24.51 -2.71 -26.40
CA THR C 287 25.92 -2.40 -26.71
C THR C 287 26.32 -3.09 -28.01
N GLY C 288 27.34 -2.55 -28.68
CA GLY C 288 28.05 -3.23 -29.77
C GLY C 288 29.01 -2.29 -30.47
N ALA C 289 29.87 -2.84 -31.33
CA ALA C 289 30.73 -2.05 -32.24
C ALA C 289 29.81 -1.19 -33.13
N THR C 290 30.41 -0.34 -33.96
CA THR C 290 29.68 0.59 -34.85
C THR C 290 29.13 -0.20 -36.06
N GLY C 291 27.89 0.11 -36.46
CA GLY C 291 27.21 -0.46 -37.66
C GLY C 291 26.83 -1.92 -37.48
N THR C 292 26.53 -2.34 -36.24
CA THR C 292 26.19 -3.75 -35.89
C THR C 292 24.68 -3.96 -35.88
N GLY C 293 23.89 -2.94 -35.49
CA GLY C 293 22.42 -2.99 -35.54
C GLY C 293 21.70 -2.31 -34.39
N LYS C 294 22.39 -1.59 -33.49
CA LYS C 294 21.76 -0.97 -32.29
C LYS C 294 20.59 -0.06 -32.71
N THR C 295 20.82 0.83 -33.68
CA THR C 295 19.83 1.86 -34.09
C THR C 295 18.61 1.16 -34.70
N LEU C 296 18.81 0.07 -35.43
CA LEU C 296 17.72 -0.81 -35.93
C LEU C 296 16.87 -1.27 -34.75
N LEU C 297 17.50 -1.76 -33.68
CA LEU C 297 16.80 -2.25 -32.46
C LEU C 297 16.01 -1.09 -31.83
N VAL C 298 16.58 0.12 -31.77
CA VAL C 298 15.85 1.35 -31.29
C VAL C 298 14.61 1.53 -32.15
N SER C 299 14.81 1.64 -33.47
CA SER C 299 13.73 1.80 -34.48
C SER C 299 12.56 0.89 -34.09
N ARG C 300 12.85 -0.40 -33.96
CA ARG C 300 11.83 -1.48 -33.84
C ARG C 300 11.19 -1.43 -32.46
N PHE C 301 12.00 -1.16 -31.42
CA PHE C 301 11.55 -0.94 -30.03
C PHE C 301 10.50 0.19 -30.04
N VAL C 302 10.86 1.32 -30.63
CA VAL C 302 10.03 2.55 -30.70
C VAL C 302 8.78 2.28 -31.56
N GLU C 303 8.96 1.61 -32.70
CA GLU C 303 7.85 1.23 -33.61
C GLU C 303 6.78 0.47 -32.82
N ASN C 304 7.17 -0.54 -32.05
CA ASN C 304 6.24 -1.46 -31.34
C ASN C 304 5.30 -0.67 -30.41
N ALA C 305 5.77 0.44 -29.84
CA ALA C 305 4.94 1.32 -28.98
C ALA C 305 3.79 1.86 -29.83
N CYS C 306 4.12 2.48 -30.97
CA CYS C 306 3.15 3.14 -31.87
C CYS C 306 2.12 2.11 -32.35
N ALA C 307 2.58 0.90 -32.70
CA ALA C 307 1.76 -0.26 -33.14
C ALA C 307 0.66 -0.56 -32.11
N ASN C 308 0.93 -0.36 -30.81
CA ASN C 308 -0.03 -0.60 -29.71
C ASN C 308 -0.67 0.73 -29.28
N LYS C 309 -0.79 1.69 -30.21
CA LYS C 309 -1.31 3.06 -29.97
C LYS C 309 -0.73 3.60 -28.64
N GLU C 310 0.57 3.39 -28.44
CA GLU C 310 1.32 3.84 -27.24
C GLU C 310 2.36 4.85 -27.69
N ARG C 311 2.55 5.93 -26.93
CA ARG C 311 3.45 7.05 -27.31
C ARG C 311 4.90 6.64 -27.02
N ALA C 312 5.83 7.21 -27.78
CA ALA C 312 7.28 6.90 -27.72
C ALA C 312 8.08 8.13 -28.13
N ILE C 313 9.17 8.42 -27.40
CA ILE C 313 10.17 9.45 -27.79
C ILE C 313 11.47 8.73 -28.20
N LEU C 314 12.02 9.15 -29.33
CA LEU C 314 13.39 8.79 -29.79
C LEU C 314 14.29 10.01 -29.60
N PHE C 315 15.14 9.97 -28.57
CA PHE C 315 16.23 10.97 -28.37
C PHE C 315 17.45 10.52 -29.17
N ALA C 316 17.67 11.14 -30.33
CA ALA C 316 18.76 10.81 -31.26
C ALA C 316 19.86 11.85 -31.14
N TYR C 317 21.11 11.42 -30.96
CA TYR C 317 22.28 12.33 -30.80
C TYR C 317 23.33 12.11 -31.90
N GLU C 318 23.24 11.03 -32.69
CA GLU C 318 24.29 10.71 -33.72
C GLU C 318 23.76 10.92 -35.15
N GLU C 319 22.44 11.05 -35.34
CA GLU C 319 21.82 11.10 -36.70
C GLU C 319 20.67 12.11 -36.72
N SER C 320 20.58 12.89 -37.80
CA SER C 320 19.47 13.84 -38.08
C SER C 320 18.15 13.08 -38.21
N ARG C 321 17.02 13.77 -38.02
CA ARG C 321 15.67 13.17 -38.20
C ARG C 321 15.52 12.71 -39.66
N ALA C 322 16.12 13.44 -40.60
CA ALA C 322 16.10 13.14 -42.05
C ALA C 322 16.64 11.73 -42.27
N GLN C 323 17.90 11.50 -41.88
CA GLN C 323 18.60 10.20 -42.11
C GLN C 323 17.93 9.10 -41.29
N LEU C 324 17.40 9.43 -40.10
CA LEU C 324 16.64 8.47 -39.25
C LEU C 324 15.38 8.03 -39.99
N LEU C 325 14.64 8.97 -40.60
CA LEU C 325 13.41 8.66 -41.35
C LEU C 325 13.76 7.75 -42.53
N ARG C 326 14.87 8.05 -43.22
CA ARG C 326 15.31 7.34 -44.44
C ARG C 326 15.79 5.93 -44.07
N ASN C 327 16.75 5.84 -43.14
CA ASN C 327 17.36 4.55 -42.70
C ASN C 327 16.27 3.64 -42.15
N ALA C 328 15.29 4.20 -41.44
CA ALA C 328 14.13 3.48 -40.85
C ALA C 328 13.23 2.96 -41.99
N TYR C 329 12.83 3.85 -42.91
CA TYR C 329 11.95 3.53 -44.06
C TYR C 329 12.55 2.40 -44.91
N SER C 330 13.87 2.38 -45.09
CA SER C 330 14.62 1.32 -45.86
C SER C 330 14.57 -0.01 -45.10
N TRP C 331 14.19 -0.01 -43.82
CA TRP C 331 14.13 -1.20 -42.93
C TRP C 331 12.68 -1.68 -42.75
N GLY C 332 11.79 -1.36 -43.68
CA GLY C 332 10.34 -1.33 -43.41
C GLY C 332 10.03 -0.13 -42.54
N MET C 333 9.03 -0.23 -41.66
CA MET C 333 8.68 0.76 -40.59
C MET C 333 8.66 2.20 -41.10
N ASP C 334 7.54 2.92 -40.89
CA ASP C 334 7.22 4.23 -41.53
C ASP C 334 7.22 5.44 -40.57
N PHE C 335 8.18 5.57 -39.65
CA PHE C 335 8.33 6.75 -38.74
C PHE C 335 7.34 7.90 -39.07
N GLU C 336 7.37 8.41 -40.30
CA GLU C 336 6.57 9.61 -40.74
C GLU C 336 5.09 9.44 -40.38
N GLU C 337 4.48 8.28 -40.66
CA GLU C 337 3.07 7.96 -40.29
C GLU C 337 2.93 8.02 -38.77
N MET C 338 3.90 7.46 -38.04
CA MET C 338 3.93 7.41 -36.56
C MET C 338 3.94 8.84 -36.00
N GLU C 339 4.68 9.75 -36.64
CA GLU C 339 4.77 11.19 -36.23
C GLU C 339 3.39 11.83 -36.38
N ARG C 340 2.76 11.67 -37.55
CA ARG C 340 1.44 12.26 -37.92
C ARG C 340 0.35 11.80 -36.93
N GLN C 341 0.41 10.54 -36.49
CA GLN C 341 -0.58 9.96 -35.54
C GLN C 341 -0.30 10.48 -34.11
N ASN C 342 0.79 11.23 -33.94
CA ASN C 342 1.21 11.82 -32.63
C ASN C 342 1.50 10.71 -31.62
N LEU C 343 1.98 9.55 -32.10
CA LEU C 343 2.42 8.41 -31.26
C LEU C 343 3.96 8.39 -31.18
N LEU C 344 4.62 8.99 -32.16
CA LEU C 344 6.09 8.99 -32.27
C LEU C 344 6.56 10.43 -32.21
N LYS C 345 7.51 10.72 -31.33
CA LYS C 345 8.22 12.01 -31.28
C LYS C 345 9.71 11.75 -31.34
N ILE C 346 10.40 12.46 -32.23
CA ILE C 346 11.88 12.40 -32.35
C ILE C 346 12.43 13.75 -31.92
N VAL C 347 13.43 13.71 -31.03
CA VAL C 347 14.20 14.90 -30.59
C VAL C 347 15.65 14.66 -31.01
N CYS C 348 16.15 15.49 -31.91
CA CYS C 348 17.54 15.42 -32.41
C CYS C 348 18.33 16.57 -31.79
N ALA C 349 19.61 16.32 -31.51
CA ALA C 349 20.54 17.28 -30.88
C ALA C 349 21.96 16.71 -30.97
N TYR C 350 22.96 17.58 -31.03
CA TYR C 350 24.36 17.22 -30.73
C TYR C 350 24.52 17.16 -29.22
N PRO C 351 25.38 16.27 -28.67
CA PRO C 351 25.73 16.32 -27.25
C PRO C 351 26.48 17.60 -26.86
N GLU C 352 27.31 18.12 -27.78
CA GLU C 352 28.17 19.32 -27.53
C GLU C 352 27.32 20.60 -27.67
N SER C 353 26.04 20.47 -28.06
CA SER C 353 25.06 21.59 -28.17
C SER C 353 24.68 22.11 -26.78
N ALA C 354 25.07 21.42 -25.72
CA ALA C 354 24.68 21.76 -24.32
C ALA C 354 25.64 21.06 -23.34
N GLY C 355 25.33 21.14 -22.05
CA GLY C 355 25.92 20.31 -20.98
C GLY C 355 24.93 19.27 -20.54
N LEU C 356 25.40 18.23 -19.85
CA LEU C 356 24.55 17.09 -19.40
C LEU C 356 23.39 17.63 -18.54
N GLU C 357 23.69 18.56 -17.63
CA GLU C 357 22.68 19.20 -16.74
C GLU C 357 21.49 19.66 -17.59
N ASP C 358 21.78 20.41 -18.66
CA ASP C 358 20.77 20.94 -19.62
C ASP C 358 20.03 19.76 -20.25
N HIS C 359 20.77 18.85 -20.90
CA HIS C 359 20.25 17.65 -21.60
C HIS C 359 19.18 16.93 -20.76
N LEU C 360 19.55 16.46 -19.56
CA LEU C 360 18.67 15.71 -18.61
C LEU C 360 17.38 16.50 -18.39
N GLN C 361 17.52 17.82 -18.18
CA GLN C 361 16.40 18.76 -17.93
C GLN C 361 15.51 18.80 -19.18
N ILE C 362 16.11 18.94 -20.37
CA ILE C 362 15.40 18.86 -21.68
C ILE C 362 14.67 17.52 -21.75
N ILE C 363 15.36 16.42 -21.45
CA ILE C 363 14.81 15.04 -21.59
C ILE C 363 13.60 14.90 -20.64
N LYS C 364 13.73 15.35 -19.39
CA LYS C 364 12.63 15.25 -18.39
C LYS C 364 11.43 16.05 -18.87
N SER C 365 11.65 17.27 -19.39
CA SER C 365 10.59 18.15 -19.89
C SER C 365 9.82 17.44 -21.01
N GLU C 366 10.55 16.97 -22.03
CA GLU C 366 9.98 16.32 -23.24
C GLU C 366 9.16 15.09 -22.86
N ILE C 367 9.63 14.30 -21.88
CA ILE C 367 8.89 13.13 -21.32
C ILE C 367 7.60 13.64 -20.68
N ASN C 368 7.70 14.62 -19.78
CA ASN C 368 6.55 15.14 -18.98
C ASN C 368 5.48 15.71 -19.93
N ASP C 369 5.88 16.49 -20.94
CA ASP C 369 4.96 17.07 -21.96
C ASP C 369 4.24 15.93 -22.68
N PHE C 370 4.99 15.10 -23.40
CA PHE C 370 4.50 14.11 -24.38
C PHE C 370 3.91 12.87 -23.66
N LYS C 371 4.28 12.64 -22.40
CA LYS C 371 3.78 11.54 -21.55
C LYS C 371 3.86 10.22 -22.31
N PRO C 372 5.04 9.78 -22.77
CA PRO C 372 5.17 8.53 -23.53
C PRO C 372 5.21 7.30 -22.62
N ALA C 373 5.16 6.11 -23.23
CA ALA C 373 5.28 4.79 -22.55
C ALA C 373 6.68 4.22 -22.76
N ARG C 374 7.46 4.78 -23.69
CA ARG C 374 8.78 4.24 -24.11
C ARG C 374 9.71 5.37 -24.54
N ILE C 375 10.86 5.48 -23.86
CA ILE C 375 11.97 6.38 -24.25
C ILE C 375 13.04 5.52 -24.91
N ALA C 376 13.82 6.10 -25.81
CA ALA C 376 15.03 5.48 -26.38
C ALA C 376 16.11 6.55 -26.54
N ILE C 377 17.36 6.19 -26.26
CA ILE C 377 18.52 7.12 -26.31
C ILE C 377 19.63 6.50 -27.14
N ASP C 378 19.82 7.02 -28.34
CA ASP C 378 20.77 6.52 -29.37
C ASP C 378 21.76 7.64 -29.67
N SER C 379 22.87 7.72 -28.93
CA SER C 379 23.35 6.70 -28.00
C SER C 379 23.82 7.38 -26.71
N LEU C 380 23.82 6.65 -25.58
CA LEU C 380 24.46 7.11 -24.31
C LEU C 380 25.94 7.43 -24.57
N SER C 381 26.64 6.59 -25.34
CA SER C 381 28.08 6.71 -25.65
C SER C 381 28.40 8.11 -26.21
N ALA C 382 27.54 8.64 -27.09
CA ALA C 382 27.70 9.98 -27.70
C ALA C 382 27.69 11.06 -26.61
N LEU C 383 26.85 10.92 -25.58
CA LEU C 383 26.74 11.91 -24.47
C LEU C 383 27.98 11.83 -23.59
N ALA C 384 28.64 10.67 -23.53
CA ALA C 384 29.88 10.44 -22.75
C ALA C 384 31.07 11.16 -23.40
N ARG C 385 31.08 11.31 -24.73
CA ARG C 385 32.18 11.98 -25.47
C ARG C 385 32.41 13.38 -24.89
N GLY C 386 33.61 13.65 -24.38
CA GLY C 386 34.04 14.98 -23.93
C GLY C 386 33.99 15.14 -22.42
N VAL C 387 32.93 14.65 -21.78
CA VAL C 387 32.64 14.90 -20.33
C VAL C 387 33.40 13.87 -19.48
N SER C 388 33.54 14.16 -18.17
CA SER C 388 34.14 13.27 -17.15
C SER C 388 33.26 12.03 -16.92
N ASN C 389 33.88 10.92 -16.50
CA ASN C 389 33.20 9.63 -16.22
C ASN C 389 32.15 9.83 -15.12
N ASN C 390 32.49 10.59 -14.09
CA ASN C 390 31.59 10.89 -12.93
C ASN C 390 30.34 11.59 -13.44
N ALA C 391 30.52 12.69 -14.17
CA ALA C 391 29.44 13.55 -14.73
C ALA C 391 28.51 12.70 -15.58
N PHE C 392 29.07 11.95 -16.53
CA PHE C 392 28.35 11.01 -17.41
C PHE C 392 27.51 10.06 -16.55
N ARG C 393 28.15 9.38 -15.58
CA ARG C 393 27.49 8.42 -14.67
C ARG C 393 26.34 9.15 -13.96
N GLN C 394 26.61 10.34 -13.42
CA GLN C 394 25.62 11.15 -12.65
C GLN C 394 24.40 11.42 -13.56
N PHE C 395 24.64 11.66 -14.85
CA PHE C 395 23.60 11.87 -15.87
C PHE C 395 22.77 10.59 -16.00
N VAL C 396 23.45 9.48 -16.31
CA VAL C 396 22.82 8.15 -16.60
C VAL C 396 21.89 7.78 -15.44
N ILE C 397 22.38 7.90 -14.20
CA ILE C 397 21.64 7.60 -12.94
C ILE C 397 20.36 8.45 -12.91
N GLY C 398 20.49 9.74 -13.21
CA GLY C 398 19.37 10.70 -13.28
C GLY C 398 18.33 10.25 -14.30
N VAL C 399 18.76 9.97 -15.53
CA VAL C 399 17.88 9.60 -16.67
C VAL C 399 17.16 8.30 -16.32
N THR C 400 17.98 7.28 -16.05
CA THR C 400 17.58 5.88 -15.84
C THR C 400 16.62 5.79 -14.65
N GLY C 401 16.90 6.56 -13.59
CA GLY C 401 16.05 6.69 -12.39
C GLY C 401 14.72 7.33 -12.72
N TYR C 402 14.72 8.41 -13.51
CA TYR C 402 13.47 9.11 -13.92
C TYR C 402 12.58 8.14 -14.68
N ALA C 403 13.14 7.50 -15.71
CA ALA C 403 12.48 6.45 -16.52
C ALA C 403 11.93 5.38 -15.58
N LYS C 404 12.74 4.94 -14.62
CA LYS C 404 12.40 3.89 -13.64
C LYS C 404 11.24 4.36 -12.75
N GLN C 405 11.29 5.58 -12.23
CA GLN C 405 10.27 6.08 -11.26
C GLN C 405 8.98 6.42 -12.01
N GLU C 406 9.04 6.61 -13.33
CA GLU C 406 7.84 6.93 -14.17
C GLU C 406 7.32 5.66 -14.86
N GLU C 407 7.95 4.50 -14.59
CA GLU C 407 7.56 3.19 -15.18
C GLU C 407 7.53 3.31 -16.70
N ILE C 408 8.63 3.79 -17.29
CA ILE C 408 8.83 3.90 -18.76
C ILE C 408 9.92 2.92 -19.17
N THR C 409 9.63 2.04 -20.11
CA THR C 409 10.63 1.12 -20.72
C THR C 409 11.63 1.98 -21.50
N GLY C 410 12.85 2.09 -20.96
CA GLY C 410 13.95 2.87 -21.57
C GLY C 410 14.94 1.94 -22.25
N LEU C 411 15.13 2.11 -23.56
CA LEU C 411 16.16 1.37 -24.34
C LEU C 411 17.28 2.34 -24.70
N PHE C 412 18.47 2.10 -24.16
CA PHE C 412 19.68 2.94 -24.31
C PHE C 412 20.72 2.17 -25.12
N THR C 413 21.30 2.81 -26.14
CA THR C 413 22.30 2.17 -27.02
C THR C 413 23.69 2.67 -26.61
N ASN C 414 24.72 1.88 -26.89
CA ASN C 414 26.12 2.19 -26.52
C ASN C 414 27.03 1.61 -27.59
N THR C 415 27.97 2.41 -28.10
CA THR C 415 28.97 1.98 -29.10
C THR C 415 30.30 1.68 -28.39
N SER C 416 30.90 0.54 -28.73
CA SER C 416 32.20 0.06 -28.22
C SER C 416 33.32 0.70 -29.05
N ASP C 417 34.22 1.44 -28.40
CA ASP C 417 35.42 2.03 -29.05
C ASP C 417 36.18 0.94 -29.82
N GLN C 418 36.14 -0.29 -29.32
CA GLN C 418 36.73 -1.50 -29.96
C GLN C 418 35.65 -2.24 -30.78
N PHE C 419 35.92 -2.49 -32.06
CA PHE C 419 34.99 -3.18 -33.00
C PHE C 419 35.11 -4.69 -32.84
N MET C 420 36.29 -5.19 -32.44
CA MET C 420 36.54 -6.64 -32.22
C MET C 420 37.50 -6.86 -31.05
N GLY C 421 37.08 -7.70 -30.11
CA GLY C 421 37.84 -8.07 -28.90
C GLY C 421 37.57 -7.10 -27.75
N ALA C 422 36.35 -6.55 -27.70
CA ALA C 422 35.90 -5.64 -26.62
C ALA C 422 36.17 -6.30 -25.27
N HIS C 423 36.97 -5.65 -24.43
CA HIS C 423 37.39 -6.15 -23.09
C HIS C 423 36.17 -6.20 -22.17
N SER C 424 35.35 -5.14 -22.16
CA SER C 424 34.16 -4.97 -21.28
C SER C 424 32.90 -4.70 -22.12
N ILE C 425 31.73 -4.76 -21.48
CA ILE C 425 30.40 -4.46 -22.07
C ILE C 425 30.37 -2.99 -22.51
N THR C 426 30.76 -2.07 -21.62
CA THR C 426 30.84 -0.60 -21.87
C THR C 426 32.14 -0.05 -21.29
N ASP C 427 32.69 0.99 -21.92
CA ASP C 427 33.95 1.65 -21.48
C ASP C 427 33.63 2.66 -20.36
N SER C 428 32.35 3.02 -20.19
CA SER C 428 31.86 3.99 -19.17
C SER C 428 31.50 3.27 -17.87
N HIS C 429 31.46 1.92 -17.89
CA HIS C 429 31.19 1.07 -16.71
C HIS C 429 29.85 1.48 -16.07
N ILE C 430 28.74 1.24 -16.79
CA ILE C 430 27.36 1.58 -16.33
C ILE C 430 26.45 0.38 -16.52
N SEP C 431 27.05 -0.82 -16.58
CA SEP C 431 26.31 -2.05 -16.86
CB SEP C 431 27.28 -3.18 -17.23
OG SEP C 431 28.47 -2.62 -17.85
C SEP C 431 25.46 -2.44 -15.66
O SEP C 431 24.43 -3.10 -15.83
P SEP C 431 29.92 -2.98 -17.25
O1P SEP C 431 30.61 -1.67 -16.99
O2P SEP C 431 30.65 -3.80 -18.30
O3P SEP C 431 29.70 -3.77 -15.96
N TPO C 432 25.88 -2.02 -14.46
CA TPO C 432 25.23 -2.43 -13.22
CB TPO C 432 26.27 -2.47 -12.09
CG2 TPO C 432 27.33 -3.51 -12.34
OG1 TPO C 432 26.94 -1.16 -12.00
P TPO C 432 28.00 -0.84 -10.81
O1P TPO C 432 29.27 -1.50 -11.12
O2P TPO C 432 27.55 -1.54 -9.63
O3P TPO C 432 28.08 0.66 -10.62
C TPO C 432 24.01 -1.56 -12.93
O TPO C 432 23.31 -1.77 -11.95
N ILE C 433 23.75 -0.59 -13.83
CA ILE C 433 22.64 0.33 -13.69
C ILE C 433 21.49 -0.13 -14.59
N THR C 434 21.81 -0.89 -15.65
CA THR C 434 20.85 -1.47 -16.61
C THR C 434 20.29 -2.76 -16.01
N ASP C 435 19.08 -3.16 -16.43
CA ASP C 435 18.41 -4.40 -15.98
C ASP C 435 18.61 -5.50 -17.03
N THR C 436 18.50 -5.16 -18.31
CA THR C 436 18.72 -6.09 -19.46
C THR C 436 19.86 -5.54 -20.33
N ILE C 437 20.67 -6.44 -20.90
CA ILE C 437 21.76 -6.10 -21.85
C ILE C 437 21.58 -6.96 -23.10
N ILE C 438 21.26 -6.34 -24.23
CA ILE C 438 21.42 -6.96 -25.58
C ILE C 438 22.87 -6.66 -26.00
N LEU C 439 23.57 -7.65 -26.54
CA LEU C 439 24.99 -7.49 -26.97
C LEU C 439 25.10 -7.94 -28.43
N LEU C 440 25.51 -7.02 -29.31
CA LEU C 440 25.79 -7.30 -30.73
C LEU C 440 27.29 -7.32 -30.94
N GLN C 441 27.77 -8.20 -31.82
CA GLN C 441 29.22 -8.29 -32.15
C GLN C 441 29.40 -8.86 -33.55
N TYR C 442 30.43 -8.37 -34.24
CA TYR C 442 30.92 -8.91 -35.52
C TYR C 442 31.60 -10.25 -35.27
N VAL C 443 31.39 -11.18 -36.19
CA VAL C 443 32.05 -12.52 -36.17
C VAL C 443 32.63 -12.79 -37.56
N GLU C 444 33.95 -12.99 -37.61
CA GLU C 444 34.69 -13.30 -38.84
C GLU C 444 34.57 -14.81 -39.10
N ILE C 445 33.68 -15.19 -40.02
CA ILE C 445 33.43 -16.61 -40.42
C ILE C 445 33.84 -16.79 -41.88
N ARG C 446 35.05 -17.32 -42.11
CA ARG C 446 35.53 -17.75 -43.44
C ARG C 446 35.55 -16.56 -44.40
N GLY C 447 36.46 -15.61 -44.17
CA GLY C 447 36.72 -14.47 -45.08
C GLY C 447 35.61 -13.43 -45.11
N GLU C 448 34.59 -13.55 -44.24
CA GLU C 448 33.41 -12.65 -44.24
C GLU C 448 33.12 -12.14 -42.82
N MET C 449 32.22 -11.15 -42.73
CA MET C 449 31.83 -10.45 -41.48
C MET C 449 30.33 -10.64 -41.23
N SER C 450 29.97 -11.70 -40.51
CA SER C 450 28.59 -11.92 -40.00
C SER C 450 28.44 -11.13 -38.70
N ARG C 451 27.22 -11.02 -38.18
CA ARG C 451 26.95 -10.44 -36.84
C ARG C 451 26.29 -11.49 -35.96
N ALA C 452 26.27 -11.21 -34.66
CA ALA C 452 25.65 -12.05 -33.62
C ALA C 452 24.96 -11.15 -32.62
N ILE C 453 23.81 -11.61 -32.12
CA ILE C 453 23.03 -10.95 -31.04
C ILE C 453 22.95 -11.96 -29.89
N ASN C 454 22.89 -11.46 -28.66
CA ASN C 454 22.98 -12.27 -27.41
C ASN C 454 22.32 -11.48 -26.29
N VAL C 455 21.39 -12.10 -25.55
CA VAL C 455 20.91 -11.51 -24.28
C VAL C 455 21.95 -11.84 -23.22
N PHE C 456 22.79 -10.86 -22.89
CA PHE C 456 23.92 -10.99 -21.94
C PHE C 456 23.38 -11.18 -20.52
N LYS C 457 22.28 -10.50 -20.18
CA LYS C 457 21.60 -10.69 -18.87
C LYS C 457 20.16 -10.19 -18.92
N MET C 458 19.38 -10.53 -17.90
CA MET C 458 17.97 -10.15 -17.72
C MET C 458 17.60 -10.29 -16.24
N ARG C 459 17.70 -9.21 -15.47
CA ARG C 459 17.24 -9.22 -14.06
C ARG C 459 15.75 -9.57 -14.07
N GLY C 460 15.37 -10.65 -13.38
CA GLY C 460 13.96 -11.01 -13.13
C GLY C 460 13.43 -12.07 -14.08
N SER C 461 14.17 -12.42 -15.14
CA SER C 461 13.69 -13.34 -16.19
C SER C 461 14.73 -14.42 -16.52
N TRP C 462 14.34 -15.34 -17.40
CA TRP C 462 15.15 -16.52 -17.80
C TRP C 462 16.21 -16.11 -18.83
N HIS C 463 15.79 -15.65 -20.00
CA HIS C 463 16.62 -15.31 -21.20
C HIS C 463 17.46 -16.51 -21.69
N ASP C 464 17.57 -16.63 -23.01
CA ASP C 464 18.36 -17.64 -23.77
C ASP C 464 19.83 -17.25 -23.71
N LYS C 465 20.73 -18.21 -23.49
CA LYS C 465 22.19 -17.95 -23.28
C LYS C 465 22.98 -18.16 -24.58
N ALA C 466 22.33 -18.24 -25.75
CA ALA C 466 23.00 -18.50 -27.04
C ALA C 466 23.52 -17.20 -27.66
N ILE C 467 24.66 -17.29 -28.35
CA ILE C 467 25.21 -16.23 -29.25
C ILE C 467 24.66 -16.51 -30.66
N ARG C 468 23.43 -16.05 -30.91
CA ARG C 468 22.70 -16.32 -32.17
C ARG C 468 23.28 -15.45 -33.28
N GLU C 469 23.62 -16.06 -34.41
CA GLU C 469 23.94 -15.35 -35.68
C GLU C 469 22.65 -14.71 -36.21
N PHE C 470 22.71 -13.44 -36.63
CA PHE C 470 21.57 -12.73 -37.25
C PHE C 470 22.06 -11.93 -38.46
N MET C 471 21.18 -11.74 -39.45
CA MET C 471 21.48 -10.91 -40.64
C MET C 471 20.40 -9.84 -40.78
N ILE C 472 20.80 -8.69 -41.33
CA ILE C 472 19.94 -7.49 -41.53
C ILE C 472 19.59 -7.39 -43.01
N SER C 473 18.32 -7.09 -43.29
CA SER C 473 17.72 -6.99 -44.64
C SER C 473 16.81 -5.77 -44.67
N ASP C 474 15.96 -5.66 -45.71
CA ASP C 474 14.89 -4.64 -45.81
C ASP C 474 13.79 -4.94 -44.79
N LYS C 475 13.60 -6.22 -44.44
CA LYS C 475 12.51 -6.67 -43.55
C LYS C 475 12.85 -6.29 -42.10
N GLY C 476 14.14 -6.30 -41.75
CA GLY C 476 14.64 -5.99 -40.39
C GLY C 476 15.73 -6.96 -39.96
N PRO C 477 15.88 -7.26 -38.64
CA PRO C 477 16.86 -8.24 -38.19
C PRO C 477 16.23 -9.63 -38.37
N ASP C 478 17.05 -10.64 -38.65
CA ASP C 478 16.63 -12.06 -38.65
C ASP C 478 17.64 -12.86 -37.83
N ILE C 479 17.30 -13.12 -36.57
CA ILE C 479 18.13 -13.95 -35.63
C ILE C 479 18.02 -15.42 -36.07
N LYS C 480 19.12 -15.98 -36.58
CA LYS C 480 19.20 -17.39 -37.06
C LYS C 480 19.69 -18.28 -35.91
N ASP C 481 20.43 -19.34 -36.22
CA ASP C 481 20.88 -20.36 -35.24
C ASP C 481 22.26 -19.98 -34.71
N SER C 482 22.63 -20.52 -33.54
CA SER C 482 23.93 -20.29 -32.86
C SER C 482 25.08 -20.90 -33.67
N PHE C 483 26.31 -20.48 -33.38
CA PHE C 483 27.57 -20.98 -34.00
C PHE C 483 28.03 -22.20 -33.20
N ARG C 484 27.28 -23.30 -33.32
CA ARG C 484 27.45 -24.54 -32.51
C ARG C 484 28.85 -25.11 -32.73
N ASN C 485 29.32 -25.17 -33.98
CA ASN C 485 30.59 -25.83 -34.38
C ASN C 485 31.74 -24.80 -34.36
N PHE C 486 31.79 -23.93 -33.35
CA PHE C 486 32.80 -22.83 -33.25
C PHE C 486 33.26 -22.60 -31.82
N GLU C 487 34.50 -22.15 -31.68
CA GLU C 487 35.13 -21.68 -30.42
C GLU C 487 35.59 -20.23 -30.59
N ARG C 488 35.71 -19.50 -29.47
CA ARG C 488 36.23 -18.11 -29.41
C ARG C 488 35.37 -17.18 -30.26
N ILE C 489 34.04 -17.39 -30.27
CA ILE C 489 33.04 -16.52 -30.96
C ILE C 489 33.22 -15.08 -30.48
N ILE C 490 33.33 -14.89 -29.15
CA ILE C 490 33.40 -13.57 -28.48
C ILE C 490 34.59 -12.77 -29.02
N SER C 491 35.73 -13.43 -29.25
CA SER C 491 37.00 -12.81 -29.72
C SER C 491 36.79 -12.10 -31.07
N GLY C 492 35.79 -12.51 -31.85
CA GLY C 492 35.44 -11.91 -33.16
C GLY C 492 36.00 -12.72 -34.32
N SER C 493 37.14 -13.39 -34.11
CA SER C 493 37.82 -14.27 -35.10
C SER C 493 37.78 -15.71 -34.59
N PRO C 494 36.61 -16.38 -34.61
CA PRO C 494 36.50 -17.75 -34.09
C PRO C 494 37.27 -18.82 -34.87
N THR C 495 37.16 -20.06 -34.38
CA THR C 495 37.74 -21.30 -34.97
C THR C 495 36.66 -22.38 -34.97
N ARG C 496 36.59 -23.19 -36.03
CA ARG C 496 35.72 -24.38 -36.10
C ARG C 496 36.39 -25.50 -35.29
N ILE C 497 35.65 -26.08 -34.34
CA ILE C 497 36.14 -27.18 -33.44
C ILE C 497 35.77 -28.51 -34.09
N HIS D 15 5.47 47.65 -22.90
CA HIS D 15 5.07 47.13 -21.57
C HIS D 15 5.27 45.61 -21.51
N GLN D 16 6.20 45.09 -22.32
CA GLN D 16 6.51 43.65 -22.44
C GLN D 16 8.04 43.47 -22.55
N ALA D 17 8.47 42.22 -22.32
CA ALA D 17 9.82 41.62 -22.44
C ALA D 17 10.93 42.57 -22.91
N ILE D 18 12.11 41.98 -23.18
CA ILE D 18 13.36 42.68 -23.59
C ILE D 18 13.56 42.42 -25.08
N ALA D 19 13.48 43.46 -25.91
CA ALA D 19 13.79 43.41 -27.36
C ALA D 19 15.30 43.40 -27.54
N LYS D 20 15.76 43.07 -28.74
CA LYS D 20 17.20 42.90 -29.08
C LYS D 20 17.47 43.48 -30.47
N MET D 21 18.55 44.23 -30.60
CA MET D 21 19.03 44.86 -31.86
C MET D 21 20.02 43.90 -32.52
N ARG D 22 19.72 43.43 -33.74
CA ARG D 22 20.59 42.50 -34.51
C ARG D 22 21.96 43.17 -34.75
N THR D 23 23.04 42.48 -34.44
CA THR D 23 24.43 42.92 -34.72
C THR D 23 24.75 42.71 -36.20
N MET D 24 24.30 41.60 -36.78
CA MET D 24 24.67 41.16 -38.15
C MET D 24 26.14 40.70 -38.16
N ILE D 25 26.74 40.44 -36.99
CA ILE D 25 28.06 39.77 -36.86
C ILE D 25 27.79 38.26 -36.99
N GLU D 26 28.34 37.62 -38.04
CA GLU D 26 28.04 36.22 -38.42
C GLU D 26 28.13 35.32 -37.18
N GLY D 27 27.00 34.69 -36.81
CA GLY D 27 26.91 33.72 -35.70
C GLY D 27 26.48 34.35 -34.38
N PHE D 28 26.76 35.64 -34.16
CA PHE D 28 26.55 36.32 -32.85
C PHE D 28 25.06 36.30 -32.48
N ASP D 29 24.20 36.65 -33.43
CA ASP D 29 22.74 36.85 -33.19
C ASP D 29 22.08 35.51 -32.87
N ASP D 30 22.72 34.40 -33.24
CA ASP D 30 22.33 33.02 -32.80
C ASP D 30 22.66 32.85 -31.31
N ILE D 31 23.89 33.19 -30.93
CA ILE D 31 24.45 33.06 -29.55
C ILE D 31 23.65 33.95 -28.59
N SER D 32 23.42 35.20 -28.99
CA SER D 32 22.73 36.25 -28.18
C SER D 32 21.21 36.08 -28.28
N HIS D 33 20.73 35.12 -29.07
CA HIS D 33 19.28 34.84 -29.30
C HIS D 33 18.58 36.14 -29.71
N GLY D 34 19.04 36.79 -30.78
CA GLY D 34 18.37 37.94 -31.41
C GLY D 34 19.13 39.25 -31.31
N GLY D 35 20.38 39.23 -30.84
CA GLY D 35 21.26 40.42 -30.81
C GLY D 35 21.42 41.00 -29.41
N LEU D 36 21.91 42.25 -29.31
CA LEU D 36 22.23 42.92 -28.02
C LEU D 36 20.96 43.59 -27.49
N PRO D 37 20.65 43.48 -26.17
CA PRO D 37 19.46 44.11 -25.59
C PRO D 37 19.42 45.63 -25.82
N ILE D 38 18.28 46.14 -26.29
CA ILE D 38 18.12 47.56 -26.74
C ILE D 38 18.03 48.47 -25.52
N GLY D 39 18.62 49.66 -25.63
CA GLY D 39 18.68 50.67 -24.57
C GLY D 39 19.47 50.18 -23.36
N ARG D 40 20.47 49.32 -23.58
CA ARG D 40 21.37 48.81 -22.50
C ARG D 40 22.80 48.72 -23.00
N SER D 41 23.77 48.95 -22.11
CA SER D 41 25.22 48.86 -22.36
C SER D 41 25.65 47.39 -22.28
N THR D 42 26.52 46.97 -23.19
CA THR D 42 27.12 45.61 -23.23
C THR D 42 28.63 45.71 -23.09
N LEU D 43 29.16 45.30 -21.94
CA LEU D 43 30.63 45.16 -21.73
C LEU D 43 31.15 44.10 -22.71
N VAL D 44 32.24 44.41 -23.40
CA VAL D 44 32.94 43.47 -24.31
C VAL D 44 34.44 43.53 -23.96
N SER D 45 34.84 42.64 -23.04
CA SER D 45 36.21 42.58 -22.48
C SER D 45 37.00 41.48 -23.20
N GLY D 46 38.32 41.63 -23.23
CA GLY D 46 39.27 40.73 -23.91
C GLY D 46 40.68 41.25 -23.74
N THR D 47 41.68 40.41 -24.00
CA THR D 47 43.11 40.82 -24.00
C THR D 47 43.40 41.55 -25.31
N SER D 48 44.62 42.04 -25.49
CA SER D 48 45.06 42.75 -26.72
C SER D 48 45.10 41.76 -27.88
N GLY D 49 44.47 42.11 -29.01
CA GLY D 49 44.42 41.29 -30.23
C GLY D 49 43.16 40.46 -30.34
N THR D 50 42.26 40.51 -29.34
CA THR D 50 41.05 39.64 -29.24
C THR D 50 39.96 40.03 -30.25
N GLY D 51 39.91 41.30 -30.67
CA GLY D 51 38.91 41.80 -31.63
C GLY D 51 37.79 42.58 -30.95
N LYS D 52 38.10 43.29 -29.86
CA LYS D 52 37.15 44.20 -29.16
C LYS D 52 36.79 45.37 -30.07
N THR D 53 37.80 46.07 -30.59
CA THR D 53 37.60 47.27 -31.46
C THR D 53 36.81 46.82 -32.70
N LEU D 54 37.34 45.83 -33.42
CA LEU D 54 36.70 45.28 -34.64
C LEU D 54 35.27 44.85 -34.31
N PHE D 55 35.00 44.35 -33.09
CA PHE D 55 33.62 44.02 -32.66
C PHE D 55 32.79 45.30 -32.61
N SER D 56 33.33 46.35 -31.97
CA SER D 56 32.63 47.63 -31.71
C SER D 56 32.42 48.41 -33.01
N ILE D 57 33.32 48.28 -33.99
CA ILE D 57 33.17 48.94 -35.33
C ILE D 57 32.05 48.23 -36.08
N GLN D 58 32.17 46.90 -36.24
CA GLN D 58 31.18 46.04 -36.96
C GLN D 58 29.77 46.32 -36.44
N PHE D 59 29.62 46.50 -35.13
CA PHE D 59 28.33 46.77 -34.45
C PHE D 59 27.68 48.02 -35.05
N LEU D 60 28.42 49.13 -35.18
CA LEU D 60 27.91 50.41 -35.72
C LEU D 60 27.73 50.29 -37.24
N TYR D 61 28.75 49.84 -37.96
CA TYR D 61 28.76 49.72 -39.45
C TYR D 61 27.51 48.95 -39.90
N ASN D 62 27.37 47.69 -39.46
CA ASN D 62 26.25 46.79 -39.82
C ASN D 62 24.92 47.46 -39.46
N GLY D 63 24.89 48.23 -38.36
CA GLY D 63 23.69 48.97 -37.92
C GLY D 63 23.21 49.92 -38.99
N ILE D 64 24.12 50.71 -39.58
CA ILE D 64 23.77 51.74 -40.59
C ILE D 64 23.46 51.08 -41.93
N ILE D 65 24.38 50.24 -42.43
CA ILE D 65 24.28 49.64 -43.79
C ILE D 65 22.97 48.85 -43.88
N GLU D 66 22.71 47.99 -42.90
CA GLU D 66 21.59 47.01 -42.95
C GLU D 66 20.30 47.63 -42.39
N PHE D 67 20.35 48.62 -41.47
CA PHE D 67 19.14 49.13 -40.76
C PHE D 67 19.04 50.67 -40.72
N ASP D 68 19.91 51.40 -41.42
CA ASP D 68 19.84 52.88 -41.48
C ASP D 68 19.73 53.43 -40.05
N GLU D 69 20.37 52.74 -39.10
CA GLU D 69 20.47 53.16 -37.67
C GLU D 69 21.80 53.90 -37.52
N PRO D 70 21.79 55.24 -37.26
CA PRO D 70 23.04 55.98 -37.13
C PRO D 70 23.79 55.52 -35.87
N GLY D 71 25.08 55.87 -35.76
CA GLY D 71 25.96 55.40 -34.67
C GLY D 71 27.09 56.34 -34.36
N VAL D 72 27.32 56.59 -33.06
CA VAL D 72 28.46 57.39 -32.52
C VAL D 72 29.54 56.42 -32.05
N PHE D 73 30.72 56.47 -32.66
CA PHE D 73 31.91 55.72 -32.20
C PHE D 73 32.79 56.65 -31.36
N VAL D 74 32.93 56.36 -30.07
CA VAL D 74 33.83 57.11 -29.13
C VAL D 74 35.20 56.40 -29.14
N THR D 75 36.27 57.14 -28.84
CA THR D 75 37.66 56.61 -28.79
C THR D 75 38.51 57.45 -27.83
N PHE D 76 39.48 56.84 -27.16
CA PHE D 76 40.32 57.46 -26.11
C PHE D 76 41.81 57.29 -26.42
N GLU D 77 42.17 56.88 -27.64
CA GLU D 77 43.58 56.63 -28.03
C GLU D 77 43.71 56.62 -29.56
N GLU D 78 42.99 55.71 -30.22
CA GLU D 78 42.98 55.56 -31.71
C GLU D 78 42.40 56.82 -32.33
N THR D 79 43.15 57.46 -33.24
CA THR D 79 42.72 58.67 -33.99
C THR D 79 41.71 58.28 -35.06
N PRO D 80 40.65 59.09 -35.27
CA PRO D 80 39.68 58.84 -36.34
C PRO D 80 40.29 58.52 -37.70
N GLN D 81 41.43 59.14 -38.01
CA GLN D 81 42.23 58.90 -39.24
C GLN D 81 42.62 57.42 -39.31
N ASP D 82 43.18 56.88 -38.22
CA ASP D 82 43.63 55.46 -38.13
C ASP D 82 42.41 54.53 -38.02
N ILE D 83 41.44 54.88 -37.17
CA ILE D 83 40.16 54.13 -37.00
C ILE D 83 39.52 53.88 -38.38
N ILE D 84 39.52 54.88 -39.26
CA ILE D 84 38.88 54.81 -40.62
C ILE D 84 39.76 53.97 -41.56
N LYS D 85 41.08 54.10 -41.47
CA LYS D 85 42.03 53.41 -42.38
C LYS D 85 42.07 51.91 -42.09
N ASN D 86 42.14 51.55 -40.81
CA ASN D 86 42.12 50.14 -40.33
C ASN D 86 40.82 49.47 -40.80
N ALA D 87 39.71 50.21 -40.81
CA ALA D 87 38.39 49.74 -41.30
C ALA D 87 38.48 49.40 -42.79
N ARG D 88 39.24 50.19 -43.56
CA ARG D 88 39.45 50.01 -45.03
C ARG D 88 39.94 48.59 -45.31
N SER D 89 40.76 48.03 -44.41
CA SER D 89 41.30 46.64 -44.46
C SER D 89 40.20 45.61 -44.78
N PHE D 90 39.00 45.76 -44.18
CA PHE D 90 37.88 44.79 -44.29
C PHE D 90 36.98 45.14 -45.49
N GLY D 91 37.36 46.14 -46.28
CA GLY D 91 36.55 46.64 -47.42
C GLY D 91 35.40 47.52 -46.97
N TRP D 92 35.52 48.17 -45.80
CA TRP D 92 34.50 49.12 -45.26
C TRP D 92 35.03 50.55 -45.37
N ASP D 93 34.28 51.42 -46.05
CA ASP D 93 34.53 52.88 -46.09
C ASP D 93 33.67 53.54 -45.01
N LEU D 94 34.24 53.75 -43.82
CA LEU D 94 33.61 54.51 -42.71
C LEU D 94 33.59 56.00 -43.09
N ALA D 95 34.56 56.46 -43.89
CA ALA D 95 34.73 57.88 -44.29
C ALA D 95 33.43 58.39 -44.93
N LYS D 96 32.86 57.64 -45.87
CA LYS D 96 31.59 58.02 -46.56
C LYS D 96 30.49 58.25 -45.53
N LEU D 97 30.29 57.29 -44.62
CA LEU D 97 29.19 57.29 -43.62
C LEU D 97 29.34 58.47 -42.65
N VAL D 98 30.58 58.93 -42.42
CA VAL D 98 30.87 60.15 -41.59
C VAL D 98 30.33 61.36 -42.34
N ASP D 99 30.73 61.52 -43.61
CA ASP D 99 30.34 62.63 -44.49
C ASP D 99 28.82 62.63 -44.68
N GLU D 100 28.22 61.44 -44.85
CA GLU D 100 26.76 61.25 -45.11
C GLU D 100 25.95 61.50 -43.83
N GLY D 101 26.60 61.65 -42.68
CA GLY D 101 25.95 62.01 -41.39
C GLY D 101 25.32 60.82 -40.69
N LYS D 102 25.79 59.61 -41.00
CA LYS D 102 25.26 58.31 -40.48
C LYS D 102 26.09 57.88 -39.27
N LEU D 103 27.40 57.71 -39.45
CA LEU D 103 28.37 57.37 -38.37
C LEU D 103 29.14 58.63 -37.98
N PHE D 104 29.37 58.84 -36.67
CA PHE D 104 30.13 59.99 -36.12
C PHE D 104 31.19 59.50 -35.14
N ILE D 105 32.47 59.72 -35.45
CA ILE D 105 33.63 59.36 -34.59
C ILE D 105 33.88 60.50 -33.59
N LEU D 106 33.41 60.36 -32.35
CA LEU D 106 33.69 61.29 -31.22
C LEU D 106 35.09 60.99 -30.67
N ASP D 107 36.10 61.69 -31.19
CA ASP D 107 37.51 61.59 -30.74
C ASP D 107 37.63 62.22 -29.34
N ALA D 108 37.79 61.37 -28.32
CA ALA D 108 38.02 61.76 -26.91
C ALA D 108 39.46 61.39 -26.50
N SER D 109 40.39 61.31 -27.46
CA SER D 109 41.82 61.08 -27.21
C SER D 109 42.45 62.35 -26.65
N PRO D 110 43.44 62.23 -25.73
CA PRO D 110 44.18 63.41 -25.27
C PRO D 110 45.14 63.94 -26.33
N ASP D 111 45.29 65.27 -26.40
CA ASP D 111 46.30 65.95 -27.25
C ASP D 111 47.67 65.79 -26.59
N PRO D 112 48.73 65.34 -27.31
CA PRO D 112 50.08 65.29 -26.78
C PRO D 112 50.60 66.64 -26.25
N GLU D 113 50.05 67.10 -25.13
CA GLU D 113 50.36 68.41 -24.48
C GLU D 113 49.32 68.68 -23.38
N ASP D 122 36.22 64.36 -15.37
CA ASP D 122 36.13 64.68 -16.83
C ASP D 122 35.01 63.87 -17.51
N LEU D 123 34.56 62.76 -16.92
CA LEU D 123 33.48 61.89 -17.46
C LEU D 123 32.18 62.69 -17.62
N SER D 124 31.97 63.71 -16.77
CA SER D 124 30.79 64.62 -16.82
C SER D 124 30.82 65.45 -18.12
N ALA D 125 32.00 65.82 -18.60
CA ALA D 125 32.21 66.50 -19.90
C ALA D 125 31.82 65.56 -21.03
N LEU D 126 32.32 64.32 -20.97
CA LEU D 126 32.12 63.25 -21.98
C LEU D 126 30.63 62.86 -22.04
N ILE D 127 29.97 62.71 -20.90
CA ILE D 127 28.52 62.34 -20.82
C ILE D 127 27.72 63.37 -21.64
N GLU D 128 27.96 64.65 -21.39
CA GLU D 128 27.35 65.79 -22.14
C GLU D 128 27.74 65.70 -23.61
N ARG D 129 29.04 65.49 -23.87
CA ARG D 129 29.63 65.43 -25.23
C ARG D 129 28.95 64.34 -26.06
N ILE D 130 28.75 63.16 -25.47
CA ILE D 130 28.10 62.00 -26.15
C ILE D 130 26.61 62.30 -26.33
N ASN D 131 25.94 62.86 -25.31
CA ASN D 131 24.50 63.22 -25.37
C ASN D 131 24.32 64.28 -26.48
N TYR D 132 25.24 65.24 -26.59
CA TYR D 132 25.32 66.21 -27.71
C TYR D 132 25.44 65.40 -29.02
N ALA D 133 26.47 64.57 -29.11
CA ALA D 133 26.84 63.77 -30.31
C ALA D 133 25.74 62.76 -30.66
N ILE D 134 24.98 62.28 -29.66
CA ILE D 134 23.91 61.27 -29.85
C ILE D 134 22.69 61.95 -30.50
N GLN D 135 22.12 62.96 -29.83
CA GLN D 135 20.84 63.59 -30.24
C GLN D 135 21.05 64.43 -31.51
N LYS D 136 22.26 64.92 -31.78
CA LYS D 136 22.55 65.67 -33.02
C LYS D 136 22.29 64.78 -34.25
N TYR D 137 22.73 63.52 -34.20
CA TYR D 137 22.68 62.57 -35.35
C TYR D 137 21.49 61.61 -35.19
N ARG D 138 20.76 61.68 -34.07
CA ARG D 138 19.55 60.86 -33.80
C ARG D 138 19.91 59.38 -33.95
N ALA D 139 21.00 58.98 -33.29
CA ALA D 139 21.65 57.66 -33.44
C ALA D 139 21.01 56.66 -32.48
N ARG D 140 20.99 55.38 -32.86
CA ARG D 140 20.42 54.28 -32.04
C ARG D 140 21.55 53.48 -31.37
N ARG D 141 22.77 53.52 -31.91
CA ARG D 141 23.91 52.67 -31.45
C ARG D 141 25.08 53.56 -30.98
N VAL D 142 25.82 53.09 -29.97
CA VAL D 142 27.06 53.75 -29.48
C VAL D 142 28.11 52.68 -29.21
N SER D 143 29.39 52.99 -29.49
CA SER D 143 30.55 52.09 -29.31
C SER D 143 31.67 52.84 -28.61
N ILE D 144 31.73 52.71 -27.27
CA ILE D 144 32.77 53.35 -26.40
C ILE D 144 33.94 52.38 -26.25
N ASP D 145 35.14 52.80 -26.66
CA ASP D 145 36.33 51.93 -26.83
C ASP D 145 37.60 52.76 -26.60
N SER D 146 38.25 52.65 -25.43
CA SER D 146 37.96 51.71 -24.36
C SER D 146 37.70 52.47 -23.05
N VAL D 147 36.53 52.25 -22.42
CA VAL D 147 36.12 52.89 -21.13
C VAL D 147 37.25 52.73 -20.10
N THR D 148 37.95 51.59 -20.11
CA THR D 148 39.08 51.27 -19.19
C THR D 148 40.11 52.40 -19.18
N SER D 149 40.71 52.72 -20.34
CA SER D 149 41.82 53.69 -20.51
C SER D 149 41.52 54.96 -19.71
N VAL D 150 40.27 55.40 -19.72
CA VAL D 150 39.75 56.56 -18.93
C VAL D 150 40.27 56.47 -17.49
N PHE D 151 40.00 55.34 -16.83
CA PHE D 151 40.32 55.10 -15.40
C PHE D 151 41.78 54.63 -15.26
N ALA D 156 41.08 52.98 -8.13
CA ALA D 156 40.62 51.90 -7.24
C ALA D 156 39.25 51.39 -7.71
N SER D 157 38.96 50.12 -7.43
CA SER D 157 37.74 49.38 -7.88
C SER D 157 36.46 50.16 -7.51
N SER D 158 36.37 50.65 -6.28
CA SER D 158 35.22 51.45 -5.77
C SER D 158 35.02 52.70 -6.64
N VAL D 159 36.12 53.35 -7.05
CA VAL D 159 36.09 54.58 -7.89
C VAL D 159 35.63 54.18 -9.30
N VAL D 160 36.25 53.14 -9.87
CA VAL D 160 35.95 52.62 -11.25
C VAL D 160 34.47 52.28 -11.36
N ARG D 161 33.86 51.80 -10.27
CA ARG D 161 32.43 51.40 -10.20
C ARG D 161 31.54 52.64 -10.24
N ARG D 162 31.72 53.54 -9.26
CA ARG D 162 30.93 54.78 -9.09
C ARG D 162 30.78 55.47 -10.46
N GLU D 163 31.90 55.67 -11.17
CA GLU D 163 31.95 56.41 -12.46
C GLU D 163 31.36 55.56 -13.58
N LEU D 164 31.79 54.29 -13.71
CA LEU D 164 31.33 53.35 -14.77
C LEU D 164 29.81 53.15 -14.66
N PHE D 165 29.28 53.01 -13.44
CA PHE D 165 27.82 52.96 -13.17
C PHE D 165 27.15 54.20 -13.77
N ARG D 166 27.69 55.38 -13.43
CA ARG D 166 27.18 56.71 -13.86
C ARG D 166 27.08 56.73 -15.39
N LEU D 167 28.20 56.46 -16.09
CA LEU D 167 28.26 56.40 -17.57
C LEU D 167 27.16 55.44 -18.07
N VAL D 168 27.18 54.20 -17.59
CA VAL D 168 26.23 53.11 -17.98
C VAL D 168 24.79 53.59 -17.75
N ALA D 169 24.51 54.13 -16.56
CA ALA D 169 23.18 54.66 -16.17
C ALA D 169 22.80 55.82 -17.10
N ARG D 170 23.71 56.76 -17.32
CA ARG D 170 23.53 57.96 -18.18
C ARG D 170 22.99 57.54 -19.55
N LEU D 171 23.66 56.60 -20.23
CA LEU D 171 23.27 56.16 -21.61
C LEU D 171 21.92 55.44 -21.56
N LYS D 172 21.63 54.73 -20.47
CA LYS D 172 20.34 53.98 -20.30
C LYS D 172 19.19 54.98 -20.36
N GLN D 173 19.38 56.19 -19.82
CA GLN D 173 18.39 57.30 -19.82
C GLN D 173 18.17 57.81 -21.26
N ILE D 174 19.24 57.92 -22.06
CA ILE D 174 19.18 58.44 -23.46
C ILE D 174 18.35 57.49 -24.32
N GLY D 175 18.58 56.17 -24.20
CA GLY D 175 17.77 55.11 -24.83
C GLY D 175 18.53 54.32 -25.90
N ALA D 176 19.84 54.55 -26.05
CA ALA D 176 20.69 53.88 -27.07
C ALA D 176 21.28 52.59 -26.50
N THR D 177 21.23 51.49 -27.26
CA THR D 177 21.94 50.22 -26.95
C THR D 177 23.42 50.42 -27.27
N THR D 178 24.31 50.02 -26.37
CA THR D 178 25.75 50.40 -26.36
C THR D 178 26.67 49.19 -26.28
N VAL D 179 27.85 49.33 -26.88
CA VAL D 179 29.02 48.40 -26.76
C VAL D 179 30.12 49.14 -26.00
N MET D 180 30.60 48.56 -24.90
CA MET D 180 31.71 49.13 -24.08
C MET D 180 32.86 48.13 -24.02
N THR D 181 33.88 48.37 -24.85
CA THR D 181 35.16 47.64 -24.87
C THR D 181 35.88 47.84 -23.53
N THR D 182 36.38 46.74 -22.94
CA THR D 182 37.19 46.75 -21.69
C THR D 182 38.54 46.10 -21.99
N GLU D 183 39.42 46.04 -20.99
CA GLU D 183 40.77 45.44 -21.12
C GLU D 183 40.96 44.40 -20.01
N ARG D 184 41.85 43.42 -20.25
CA ARG D 184 42.25 42.38 -19.27
C ARG D 184 43.69 41.96 -19.56
N ILE D 185 44.41 41.52 -18.53
CA ILE D 185 45.85 41.13 -18.61
C ILE D 185 45.99 39.60 -18.68
N GLU D 186 44.98 38.83 -18.24
CA GLU D 186 45.03 37.34 -18.15
C GLU D 186 43.84 36.71 -18.88
N GLU D 187 44.06 35.54 -19.50
CA GLU D 187 43.10 34.89 -20.43
C GLU D 187 41.96 34.21 -19.66
N TYR D 188 42.24 33.68 -18.47
CA TYR D 188 41.22 33.09 -17.56
C TYR D 188 41.31 33.74 -16.18
N GLY D 189 41.74 35.01 -16.14
CA GLY D 189 41.76 35.83 -14.92
C GLY D 189 40.39 36.42 -14.62
N PRO D 190 40.31 37.66 -14.08
CA PRO D 190 39.02 38.34 -13.89
C PRO D 190 38.44 38.69 -15.27
N ILE D 191 37.11 38.81 -15.35
CA ILE D 191 36.40 39.19 -16.61
C ILE D 191 36.97 40.52 -17.07
N ALA D 192 36.94 41.54 -16.20
CA ALA D 192 37.41 42.91 -16.46
C ALA D 192 38.78 43.15 -15.80
N ARG D 193 39.17 44.40 -15.61
CA ARG D 193 40.51 44.77 -15.07
C ARG D 193 40.42 44.96 -13.55
N TYR D 194 39.44 45.72 -13.06
CA TYR D 194 39.29 46.08 -11.62
C TYR D 194 38.31 45.11 -10.94
N GLY D 195 37.74 44.18 -11.71
CA GLY D 195 36.84 43.13 -11.18
C GLY D 195 35.59 43.73 -10.54
N VAL D 196 35.06 44.81 -11.13
CA VAL D 196 33.77 45.45 -10.73
C VAL D 196 32.91 45.76 -11.95
N GLU D 197 33.47 45.67 -13.17
CA GLU D 197 32.83 46.14 -14.42
C GLU D 197 31.78 45.12 -14.87
N GLU D 198 31.90 43.88 -14.40
CA GLU D 198 31.06 42.71 -14.79
C GLU D 198 29.66 42.86 -14.16
N PHE D 199 29.59 43.44 -12.97
CA PHE D 199 28.38 43.50 -12.10
C PHE D 199 27.59 44.78 -12.35
N VAL D 200 28.22 45.79 -12.95
CA VAL D 200 27.58 47.11 -13.22
C VAL D 200 26.82 47.06 -14.55
N SER D 201 27.44 46.50 -15.59
CA SER D 201 26.81 46.29 -16.93
C SER D 201 25.73 45.21 -16.82
N ASP D 202 24.73 45.27 -17.69
CA ASP D 202 23.59 44.30 -17.75
C ASP D 202 23.99 43.10 -18.62
N ASN D 203 24.94 43.31 -19.55
CA ASN D 203 25.36 42.28 -20.54
C ASN D 203 26.89 42.23 -20.57
N VAL D 204 27.45 41.03 -20.51
CA VAL D 204 28.92 40.79 -20.49
C VAL D 204 29.26 39.80 -21.59
N VAL D 205 30.05 40.25 -22.55
CA VAL D 205 30.67 39.39 -23.60
C VAL D 205 32.17 39.33 -23.33
N ILE D 206 32.74 38.14 -23.36
CA ILE D 206 34.20 37.92 -23.18
C ILE D 206 34.76 37.38 -24.48
N LEU D 207 35.79 38.07 -25.01
CA LEU D 207 36.60 37.60 -26.16
C LEU D 207 37.89 37.02 -25.61
N ARG D 208 38.28 35.83 -26.10
CA ARG D 208 39.55 35.17 -25.69
C ARG D 208 40.37 34.85 -26.93
N ASN D 209 41.68 34.73 -26.73
CA ASN D 209 42.68 34.38 -27.76
C ASN D 209 43.66 33.41 -27.10
N VAL D 210 43.18 32.20 -26.82
CA VAL D 210 43.85 31.19 -25.95
C VAL D 210 45.01 30.58 -26.71
N LEU D 211 46.13 30.37 -26.01
CA LEU D 211 47.38 29.80 -26.57
C LEU D 211 47.42 28.30 -26.27
N GLU D 212 46.74 27.50 -27.10
CA GLU D 212 46.77 26.02 -27.00
C GLU D 212 48.02 25.51 -27.75
N GLY D 213 49.05 25.14 -26.98
CA GLY D 213 50.37 24.75 -27.50
C GLY D 213 51.11 25.97 -28.00
N GLU D 214 51.36 26.05 -29.32
CA GLU D 214 51.96 27.23 -29.97
C GLU D 214 50.95 27.86 -30.94
N ARG D 215 49.71 27.38 -30.96
CA ARG D 215 48.62 27.92 -31.82
C ARG D 215 47.67 28.74 -30.95
N ARG D 216 46.95 29.67 -31.57
CA ARG D 216 45.95 30.56 -30.92
C ARG D 216 44.54 30.07 -31.26
N ARG D 217 43.57 30.36 -30.39
CA ARG D 217 42.15 29.95 -30.57
C ARG D 217 41.26 31.01 -29.96
N ARG D 218 40.62 31.81 -30.81
CA ARG D 218 39.72 32.91 -30.38
C ARG D 218 38.35 32.28 -30.08
N THR D 219 37.80 32.56 -28.91
CA THR D 219 36.42 32.17 -28.54
C THR D 219 35.66 33.41 -28.08
N LEU D 220 34.37 33.44 -28.40
CA LEU D 220 33.39 34.41 -27.86
C LEU D 220 32.50 33.68 -26.88
N GLU D 221 32.23 34.29 -25.73
CA GLU D 221 31.26 33.78 -24.74
C GLU D 221 30.36 34.94 -24.31
N ILE D 222 29.06 34.71 -24.28
CA ILE D 222 28.08 35.59 -23.58
C ILE D 222 27.94 35.08 -22.16
N LEU D 223 28.40 35.88 -21.18
CA LEU D 223 28.50 35.48 -19.76
C LEU D 223 27.13 35.68 -19.11
N LYS D 224 26.49 36.82 -19.36
CA LYS D 224 25.10 37.10 -18.95
C LYS D 224 24.45 38.13 -19.87
N LEU D 225 23.13 38.02 -20.04
CA LEU D 225 22.22 39.10 -20.49
C LEU D 225 21.09 39.19 -19.47
N ARG D 226 21.13 40.16 -18.56
CA ARG D 226 20.01 40.37 -17.60
C ARG D 226 18.69 40.34 -18.37
N GLY D 227 17.72 39.58 -17.87
CA GLY D 227 16.34 39.56 -18.37
C GLY D 227 16.21 38.90 -19.73
N THR D 228 17.18 38.09 -20.17
CA THR D 228 17.07 37.30 -21.42
C THR D 228 17.86 35.99 -21.38
N SER D 229 17.54 35.11 -22.33
CA SER D 229 18.26 33.85 -22.63
C SER D 229 19.38 34.14 -23.63
N HIS D 230 20.34 33.23 -23.70
CA HIS D 230 21.49 33.25 -24.63
C HIS D 230 22.14 31.86 -24.62
N MET D 231 23.00 31.61 -25.59
CA MET D 231 23.82 30.37 -25.63
C MET D 231 24.96 30.52 -24.64
N LYS D 232 25.07 29.59 -23.68
CA LYS D 232 26.09 29.63 -22.61
C LYS D 232 27.41 29.07 -23.15
N GLY D 233 28.52 29.49 -22.54
CA GLY D 233 29.86 28.96 -22.82
C GLY D 233 30.52 29.64 -24.01
N GLU D 234 31.71 29.15 -24.37
CA GLU D 234 32.59 29.76 -25.41
C GLU D 234 32.19 29.21 -26.78
N TYR D 235 32.52 29.95 -27.85
CA TYR D 235 32.26 29.55 -29.25
C TYR D 235 33.42 30.03 -30.11
N PRO D 236 34.09 29.15 -30.88
CA PRO D 236 35.28 29.54 -31.61
C PRO D 236 34.85 30.46 -32.76
N PHE D 237 35.60 31.52 -33.01
CA PHE D 237 35.38 32.42 -34.16
C PHE D 237 36.74 32.72 -34.81
N THR D 238 36.69 33.43 -35.94
CA THR D 238 37.88 33.93 -36.66
C THR D 238 37.63 35.37 -37.11
N ILE D 239 38.68 36.20 -37.06
CA ILE D 239 38.74 37.52 -37.74
C ILE D 239 39.36 37.28 -39.12
N THR D 240 38.64 37.63 -40.17
CA THR D 240 39.07 37.49 -41.58
C THR D 240 38.84 38.83 -42.28
N ASP D 241 38.91 38.84 -43.62
CA ASP D 241 38.64 40.03 -44.46
C ASP D 241 37.16 40.41 -44.42
N HIS D 242 36.29 39.52 -43.93
CA HIS D 242 34.83 39.75 -43.80
C HIS D 242 34.45 39.99 -42.33
N GLY D 243 35.41 40.43 -41.51
CA GLY D 243 35.20 40.80 -40.10
C GLY D 243 35.19 39.59 -39.19
N ILE D 244 34.43 39.67 -38.09
CA ILE D 244 34.27 38.56 -37.10
C ILE D 244 33.30 37.54 -37.68
N ASN D 245 33.74 36.28 -37.71
CA ASN D 245 33.01 35.12 -38.28
C ASN D 245 32.86 34.09 -37.16
N ILE D 246 31.72 34.10 -36.47
CA ILE D 246 31.40 33.11 -35.39
C ILE D 246 30.62 31.96 -36.03
N PHE D 247 30.99 30.72 -35.69
CA PHE D 247 30.18 29.52 -36.03
C PHE D 247 29.80 28.81 -34.74
N PRO D 248 28.47 28.72 -34.47
CA PRO D 248 27.95 27.96 -33.35
C PRO D 248 27.83 26.48 -33.73
N LEU D 249 28.91 25.72 -33.51
CA LEU D 249 29.01 24.27 -33.85
C LEU D 249 27.98 23.49 -33.03
N GLY D 250 27.54 24.04 -31.90
CA GLY D 250 26.51 23.44 -31.01
C GLY D 250 25.09 23.77 -31.44
N ALA D 251 24.90 24.73 -32.36
CA ALA D 251 23.55 25.18 -32.81
C ALA D 251 23.09 24.40 -34.04
N MET D 252 23.98 23.62 -34.65
CA MET D 252 23.68 22.80 -35.86
C MET D 252 22.81 21.61 -35.45
N GLN D 256 19.59 19.69 -42.30
CA GLN D 256 20.24 18.70 -43.19
C GLN D 256 19.20 17.69 -43.69
N ARG D 257 19.04 17.60 -45.01
CA ARG D 257 18.13 16.65 -45.70
C ARG D 257 18.87 15.33 -45.93
N SER D 258 18.15 14.30 -46.39
CA SER D 258 18.68 12.95 -46.68
C SER D 258 17.88 12.34 -47.85
N SER D 259 18.54 11.59 -48.73
CA SER D 259 17.91 10.96 -49.91
C SER D 259 18.64 9.67 -50.30
N ASN D 260 18.04 8.91 -51.22
CA ASN D 260 18.49 7.56 -51.63
C ASN D 260 19.27 7.63 -52.94
N VAL D 261 19.64 8.83 -53.39
CA VAL D 261 20.40 9.01 -54.67
C VAL D 261 21.82 8.46 -54.47
N ARG D 262 22.23 7.55 -55.32
CA ARG D 262 23.58 6.92 -55.27
C ARG D 262 24.57 7.76 -56.07
N VAL D 263 25.86 7.45 -55.91
CA VAL D 263 27.01 8.12 -56.55
C VAL D 263 28.15 7.10 -56.60
N SER D 264 28.95 7.09 -57.66
CA SER D 264 30.08 6.15 -57.83
C SER D 264 31.25 6.59 -56.95
N SER D 265 31.86 5.62 -56.27
CA SER D 265 33.14 5.74 -55.52
C SER D 265 34.29 6.06 -56.48
N GLY D 266 34.12 5.75 -57.77
CA GLY D 266 35.20 5.78 -58.77
C GLY D 266 35.77 4.39 -59.00
N VAL D 267 35.43 3.43 -58.13
CA VAL D 267 35.84 2.00 -58.28
C VAL D 267 34.58 1.16 -58.50
N VAL D 268 34.43 0.62 -59.72
CA VAL D 268 33.24 -0.15 -60.18
C VAL D 268 32.91 -1.23 -59.14
N ARG D 269 33.91 -2.01 -58.74
CA ARG D 269 33.72 -3.18 -57.85
C ARG D 269 33.30 -2.73 -56.45
N LEU D 270 33.77 -1.57 -55.97
CA LEU D 270 33.41 -1.04 -54.63
C LEU D 270 31.92 -0.65 -54.64
N ASP D 271 31.42 -0.14 -55.76
CA ASP D 271 30.00 0.29 -55.91
C ASP D 271 29.09 -0.93 -55.77
N GLU D 272 29.48 -2.07 -56.36
CA GLU D 272 28.79 -3.36 -56.14
C GLU D 272 28.79 -3.63 -54.63
N MET D 273 29.97 -3.57 -54.00
CA MET D 273 30.19 -3.89 -52.57
C MET D 273 29.35 -2.99 -51.66
N CYS D 274 29.03 -1.76 -52.09
CA CYS D 274 28.17 -0.80 -51.34
C CYS D 274 26.71 -0.92 -51.79
N GLY D 275 26.37 -1.94 -52.60
CA GLY D 275 25.01 -2.17 -53.11
C GLY D 275 24.58 -1.05 -54.06
N GLY D 276 25.45 -0.72 -55.00
CA GLY D 276 25.20 0.27 -56.08
C GLY D 276 25.79 1.63 -55.80
N GLY D 277 26.92 1.69 -55.08
CA GLY D 277 27.70 2.91 -54.86
C GLY D 277 27.33 3.64 -53.59
N PHE D 278 28.05 4.72 -53.27
CA PHE D 278 27.83 5.59 -52.08
C PHE D 278 26.56 6.41 -52.28
N PHE D 279 25.95 6.84 -51.19
CA PHE D 279 24.85 7.85 -51.19
C PHE D 279 25.43 9.24 -51.46
N LYS D 280 24.59 10.16 -51.94
CA LYS D 280 24.95 11.58 -52.17
C LYS D 280 25.09 12.27 -50.80
N ASP D 281 24.01 12.26 -50.02
CA ASP D 281 23.94 12.90 -48.67
C ASP D 281 24.51 11.91 -47.66
N SER D 282 25.82 11.69 -47.69
CA SER D 282 26.51 10.70 -46.83
C SER D 282 27.97 11.08 -46.60
N ILE D 283 28.51 10.55 -45.51
CA ILE D 283 29.94 10.72 -45.11
C ILE D 283 30.59 9.35 -45.14
N ILE D 284 31.66 9.26 -45.93
CA ILE D 284 32.45 8.02 -46.15
C ILE D 284 33.75 8.18 -45.37
N LEU D 285 34.13 7.15 -44.59
CA LEU D 285 35.42 7.09 -43.89
C LEU D 285 36.21 5.91 -44.45
N ALA D 286 37.37 6.18 -45.05
CA ALA D 286 38.32 5.16 -45.52
C ALA D 286 39.48 5.08 -44.53
N THR D 287 39.48 4.04 -43.68
CA THR D 287 40.46 3.84 -42.59
C THR D 287 41.46 2.75 -42.95
N GLY D 288 42.61 2.75 -42.29
CA GLY D 288 43.59 1.66 -42.40
C GLY D 288 45.01 2.16 -42.34
N ALA D 289 45.94 1.22 -42.21
CA ALA D 289 47.39 1.45 -42.01
C ALA D 289 47.97 2.29 -43.15
N THR D 290 49.15 2.87 -42.92
CA THR D 290 49.90 3.68 -43.90
C THR D 290 50.26 2.81 -45.11
N GLY D 291 50.02 3.31 -46.31
CA GLY D 291 50.31 2.63 -47.59
C GLY D 291 49.26 1.59 -47.97
N THR D 292 48.14 1.50 -47.26
CA THR D 292 47.06 0.51 -47.55
C THR D 292 46.37 0.87 -48.87
N GLY D 293 45.98 2.14 -49.05
CA GLY D 293 45.54 2.68 -50.35
C GLY D 293 44.45 3.74 -50.28
N LYS D 294 44.39 4.56 -49.23
CA LYS D 294 43.30 5.56 -49.05
C LYS D 294 43.42 6.69 -50.07
N THR D 295 44.64 7.15 -50.36
CA THR D 295 44.90 8.31 -51.27
C THR D 295 44.49 7.92 -52.70
N LEU D 296 44.67 6.66 -53.08
CA LEU D 296 44.15 6.09 -54.35
C LEU D 296 42.62 6.19 -54.34
N LEU D 297 41.96 5.77 -53.25
CA LEU D 297 40.48 5.88 -53.12
C LEU D 297 40.07 7.35 -53.12
N VAL D 298 40.89 8.24 -52.55
CA VAL D 298 40.66 9.71 -52.56
C VAL D 298 40.75 10.19 -54.01
N SER D 299 41.88 9.90 -54.67
CA SER D 299 42.15 10.28 -56.08
C SER D 299 41.00 9.85 -56.98
N ARG D 300 40.61 8.57 -56.91
CA ARG D 300 39.60 7.94 -57.80
C ARG D 300 38.21 8.53 -57.52
N PHE D 301 37.93 8.91 -56.28
CA PHE D 301 36.67 9.56 -55.85
C PHE D 301 36.56 10.94 -56.52
N VAL D 302 37.64 11.70 -56.52
CA VAL D 302 37.70 13.09 -57.05
C VAL D 302 37.52 13.04 -58.57
N GLU D 303 38.24 12.12 -59.23
CA GLU D 303 38.21 11.89 -60.70
C GLU D 303 36.77 11.66 -61.17
N ASN D 304 36.05 10.72 -60.56
CA ASN D 304 34.68 10.31 -60.96
C ASN D 304 33.82 11.57 -61.14
N ALA D 305 33.75 12.43 -60.13
CA ALA D 305 33.06 13.75 -60.17
C ALA D 305 33.38 14.44 -61.48
N CYS D 306 34.67 14.61 -61.78
CA CYS D 306 35.20 15.31 -62.98
C CYS D 306 34.79 14.56 -64.26
N ALA D 307 34.80 13.23 -64.26
CA ALA D 307 34.40 12.38 -65.41
C ALA D 307 32.93 12.63 -65.75
N ASN D 308 32.13 13.02 -64.74
CA ASN D 308 30.69 13.39 -64.88
C ASN D 308 30.52 14.90 -65.02
N LYS D 309 31.61 15.64 -65.29
CA LYS D 309 31.63 17.12 -65.46
C LYS D 309 31.16 17.82 -64.18
N GLU D 310 31.26 17.16 -63.02
CA GLU D 310 30.93 17.76 -61.69
C GLU D 310 32.23 18.28 -61.06
N ARG D 311 32.11 19.20 -60.10
CA ARG D 311 33.23 19.87 -59.39
C ARG D 311 33.55 19.12 -58.10
N ALA D 312 34.84 18.91 -57.81
CA ALA D 312 35.34 18.20 -56.61
C ALA D 312 36.59 18.90 -56.07
N ILE D 313 36.63 19.10 -54.74
CA ILE D 313 37.82 19.67 -54.02
C ILE D 313 38.51 18.54 -53.27
N LEU D 314 39.84 18.45 -53.41
CA LEU D 314 40.73 17.55 -52.63
C LEU D 314 41.47 18.41 -51.60
N PHE D 315 41.17 18.21 -50.30
CA PHE D 315 41.85 18.88 -49.17
C PHE D 315 42.98 17.98 -48.67
N ALA D 316 44.17 18.16 -49.22
CA ALA D 316 45.37 17.33 -48.94
C ALA D 316 46.11 17.95 -47.75
N TYR D 317 46.54 17.12 -46.80
CA TYR D 317 47.27 17.56 -45.59
C TYR D 317 48.59 16.81 -45.42
N GLU D 318 48.77 15.64 -46.05
CA GLU D 318 49.99 14.80 -45.94
C GLU D 318 50.88 14.99 -47.16
N GLU D 319 50.31 14.93 -48.37
CA GLU D 319 51.07 14.98 -49.66
C GLU D 319 50.98 16.39 -50.25
N SER D 320 52.06 16.83 -50.92
CA SER D 320 52.12 18.07 -51.73
C SER D 320 51.28 17.91 -53.00
N ARG D 321 50.97 19.01 -53.70
CA ARG D 321 50.25 18.99 -55.00
C ARG D 321 51.12 18.28 -56.04
N ALA D 322 52.43 18.53 -56.00
CA ALA D 322 53.43 17.99 -56.95
C ALA D 322 53.50 16.46 -56.81
N GLN D 323 53.40 15.95 -55.58
CA GLN D 323 53.33 14.49 -55.31
C GLN D 323 51.98 13.94 -55.78
N LEU D 324 50.89 14.64 -55.45
CA LEU D 324 49.50 14.27 -55.82
C LEU D 324 49.38 14.09 -57.35
N LEU D 325 49.91 15.01 -58.15
CA LEU D 325 49.77 14.95 -59.64
C LEU D 325 50.48 13.68 -60.14
N ARG D 326 51.79 13.57 -59.84
CA ARG D 326 52.67 12.46 -60.30
C ARG D 326 52.06 11.11 -59.93
N ASN D 327 51.80 10.91 -58.64
CA ASN D 327 51.25 9.65 -58.07
C ASN D 327 49.97 9.28 -58.80
N ALA D 328 49.00 10.21 -58.86
CA ALA D 328 47.70 10.03 -59.54
C ALA D 328 47.95 9.65 -61.00
N TYR D 329 48.93 10.29 -61.65
CA TYR D 329 49.32 10.02 -63.06
C TYR D 329 49.78 8.57 -63.20
N SER D 330 50.58 8.08 -62.24
CA SER D 330 51.09 6.68 -62.19
C SER D 330 49.94 5.70 -61.89
N TRP D 331 48.80 6.18 -61.42
CA TRP D 331 47.54 5.40 -61.25
C TRP D 331 46.58 5.64 -62.42
N GLY D 332 47.07 6.19 -63.54
CA GLY D 332 46.28 6.43 -64.77
C GLY D 332 45.78 7.86 -64.87
N MET D 333 44.95 8.29 -63.90
CA MET D 333 44.20 9.58 -63.93
C MET D 333 45.16 10.79 -63.96
N ASP D 334 44.80 11.81 -64.74
CA ASP D 334 45.59 13.05 -64.99
C ASP D 334 44.91 14.23 -64.29
N PHE D 335 45.47 14.70 -63.17
CA PHE D 335 44.91 15.81 -62.35
C PHE D 335 45.04 17.15 -63.09
N GLU D 336 46.07 17.30 -63.95
CA GLU D 336 46.35 18.57 -64.69
C GLU D 336 45.12 18.95 -65.51
N GLU D 337 44.69 18.07 -66.42
CA GLU D 337 43.49 18.26 -67.30
C GLU D 337 42.28 18.64 -66.44
N MET D 338 42.08 17.96 -65.31
CA MET D 338 40.92 18.17 -64.41
C MET D 338 40.90 19.61 -63.90
N GLU D 339 42.07 20.14 -63.54
CA GLU D 339 42.23 21.55 -63.08
C GLU D 339 42.03 22.49 -64.27
N ARG D 340 42.54 22.12 -65.45
CA ARG D 340 42.41 22.91 -66.71
C ARG D 340 40.92 23.19 -66.98
N GLN D 341 40.05 22.20 -66.73
CA GLN D 341 38.59 22.28 -67.03
C GLN D 341 37.83 23.03 -65.93
N ASN D 342 38.48 23.38 -64.81
CA ASN D 342 37.85 23.99 -63.61
C ASN D 342 36.79 23.02 -63.07
N LEU D 343 37.21 21.79 -62.74
CA LEU D 343 36.37 20.74 -62.07
C LEU D 343 37.09 20.23 -60.81
N LEU D 344 38.39 19.96 -60.89
CA LEU D 344 39.24 19.55 -59.73
C LEU D 344 39.92 20.78 -59.14
N LYS D 345 39.80 20.97 -57.82
CA LYS D 345 40.50 22.02 -57.05
C LYS D 345 41.29 21.36 -55.91
N ILE D 346 42.60 21.22 -56.06
CA ILE D 346 43.52 20.66 -55.03
C ILE D 346 43.92 21.81 -54.08
N VAL D 347 44.06 21.56 -52.76
CA VAL D 347 44.21 22.65 -51.74
C VAL D 347 45.43 22.54 -50.82
N CYS D 348 46.18 21.44 -50.77
CA CYS D 348 47.36 21.28 -49.85
C CYS D 348 47.46 22.30 -48.70
N ALA D 349 47.86 21.80 -47.52
CA ALA D 349 48.08 22.54 -46.26
C ALA D 349 48.80 21.61 -45.29
N TYR D 350 49.64 22.13 -44.41
CA TYR D 350 50.11 21.43 -43.18
C TYR D 350 49.09 21.72 -42.08
N PRO D 351 48.62 20.71 -41.31
CA PRO D 351 47.78 20.97 -40.14
C PRO D 351 48.43 21.94 -39.13
N GLU D 352 49.74 21.80 -38.91
CA GLU D 352 50.54 22.60 -37.94
C GLU D 352 50.63 24.08 -38.37
N SER D 353 50.20 24.41 -39.59
CA SER D 353 50.22 25.80 -40.13
C SER D 353 49.22 26.69 -39.40
N ALA D 354 48.05 26.15 -39.00
CA ALA D 354 46.96 26.91 -38.35
C ALA D 354 46.25 26.06 -37.30
N GLY D 355 45.28 26.66 -36.60
CA GLY D 355 44.35 25.98 -35.68
C GLY D 355 43.19 25.36 -36.46
N LEU D 356 42.29 24.68 -35.75
CA LEU D 356 41.15 23.91 -36.33
C LEU D 356 40.06 24.86 -36.85
N GLU D 357 39.67 25.89 -36.07
CA GLU D 357 38.61 26.85 -36.45
C GLU D 357 39.03 27.58 -37.73
N ASP D 358 40.34 27.77 -37.93
CA ASP D 358 40.96 28.35 -39.15
C ASP D 358 40.79 27.37 -40.30
N HIS D 359 41.17 26.10 -40.11
CA HIS D 359 41.03 25.00 -41.11
C HIS D 359 39.56 24.84 -41.50
N LEU D 360 38.65 24.86 -40.53
CA LEU D 360 37.18 24.75 -40.78
C LEU D 360 36.74 25.93 -41.65
N GLN D 361 37.33 27.12 -41.42
CA GLN D 361 37.06 28.36 -42.19
C GLN D 361 37.50 28.15 -43.65
N ILE D 362 38.74 27.69 -43.89
CA ILE D 362 39.29 27.48 -45.27
C ILE D 362 38.32 26.56 -46.02
N ILE D 363 37.97 25.42 -45.42
CA ILE D 363 37.13 24.36 -46.04
C ILE D 363 35.73 24.95 -46.33
N LYS D 364 35.10 25.56 -45.32
CA LYS D 364 33.78 26.25 -45.50
C LYS D 364 33.90 27.24 -46.66
N SER D 365 34.90 28.12 -46.58
CA SER D 365 35.19 29.19 -47.56
C SER D 365 35.33 28.60 -48.98
N GLU D 366 36.14 27.54 -49.13
CA GLU D 366 36.47 26.93 -50.44
C GLU D 366 35.21 26.31 -51.05
N ILE D 367 34.42 25.60 -50.23
CA ILE D 367 33.14 24.95 -50.63
C ILE D 367 32.22 25.99 -51.26
N ASN D 368 32.09 27.16 -50.64
CA ASN D 368 31.20 28.27 -51.09
C ASN D 368 31.68 28.81 -52.44
N ASP D 369 32.98 29.05 -52.59
CA ASP D 369 33.58 29.64 -53.82
C ASP D 369 33.48 28.63 -54.97
N PHE D 370 33.75 27.35 -54.71
CA PHE D 370 33.85 26.29 -55.75
C PHE D 370 32.54 25.50 -55.87
N LYS D 371 31.62 25.65 -54.91
CA LYS D 371 30.29 24.96 -54.87
C LYS D 371 30.41 23.59 -55.54
N PRO D 372 31.17 22.63 -54.94
CA PRO D 372 31.38 21.31 -55.54
C PRO D 372 30.29 20.30 -55.16
N ALA D 373 30.26 19.16 -55.85
CA ALA D 373 29.35 18.02 -55.59
C ALA D 373 29.98 17.12 -54.51
N ARG D 374 31.29 16.93 -54.59
CA ARG D 374 32.04 16.02 -53.69
C ARG D 374 33.17 16.78 -53.00
N ILE D 375 33.77 16.13 -52.02
CA ILE D 375 34.88 16.70 -51.21
C ILE D 375 35.67 15.53 -50.62
N ALA D 376 36.98 15.58 -50.78
CA ALA D 376 37.93 14.62 -50.18
C ALA D 376 38.79 15.35 -49.16
N ILE D 377 38.99 14.74 -47.99
CA ILE D 377 39.91 15.24 -46.92
C ILE D 377 40.90 14.14 -46.59
N ASP D 378 42.14 14.32 -47.04
CA ASP D 378 43.26 13.36 -46.84
C ASP D 378 44.33 14.06 -45.99
N SER D 379 44.37 13.81 -44.67
CA SER D 379 43.54 12.84 -43.96
C SER D 379 43.06 13.45 -42.64
N LEU D 380 41.79 13.23 -42.28
CA LEU D 380 41.19 13.64 -40.98
C LEU D 380 42.18 13.37 -39.84
N SER D 381 42.72 12.14 -39.78
CA SER D 381 43.69 11.72 -38.73
C SER D 381 44.83 12.75 -38.65
N ALA D 382 45.36 13.17 -39.81
CA ALA D 382 46.51 14.10 -39.89
C ALA D 382 46.20 15.39 -39.14
N LEU D 383 44.93 15.82 -39.12
CA LEU D 383 44.50 17.06 -38.42
C LEU D 383 44.37 16.78 -36.91
N ALA D 384 44.09 15.54 -36.52
CA ALA D 384 43.91 15.14 -35.10
C ALA D 384 45.23 15.18 -34.33
N ARG D 385 46.38 15.09 -35.03
CA ARG D 385 47.73 15.00 -34.40
C ARG D 385 48.00 16.25 -33.55
N GLY D 386 48.38 16.05 -32.28
CA GLY D 386 48.82 17.12 -31.37
C GLY D 386 47.66 17.83 -30.70
N VAL D 387 46.54 17.99 -31.39
CA VAL D 387 45.32 18.68 -30.89
C VAL D 387 44.60 17.76 -29.89
N SER D 388 43.82 18.34 -28.98
CA SER D 388 42.94 17.62 -28.02
C SER D 388 41.79 16.95 -28.78
N ASN D 389 41.33 15.80 -28.27
CA ASN D 389 40.28 14.94 -28.88
C ASN D 389 38.95 15.70 -28.95
N ASN D 390 38.59 16.42 -27.88
CA ASN D 390 37.32 17.21 -27.78
C ASN D 390 37.30 18.28 -28.87
N ALA D 391 38.40 19.03 -29.01
CA ALA D 391 38.60 20.05 -30.06
C ALA D 391 38.49 19.41 -31.44
N PHE D 392 39.26 18.33 -31.68
CA PHE D 392 39.27 17.59 -32.96
C PHE D 392 37.86 17.09 -33.30
N ARG D 393 37.19 16.45 -32.33
CA ARG D 393 35.84 15.85 -32.52
C ARG D 393 34.87 16.95 -32.95
N GLN D 394 34.95 18.15 -32.36
CA GLN D 394 34.09 19.30 -32.69
C GLN D 394 34.31 19.74 -34.14
N PHE D 395 35.57 19.85 -34.56
CA PHE D 395 35.98 20.16 -35.96
C PHE D 395 35.36 19.12 -36.90
N VAL D 396 35.49 17.84 -36.52
CA VAL D 396 34.98 16.69 -37.32
C VAL D 396 33.45 16.75 -37.36
N ILE D 397 32.78 17.24 -36.29
CA ILE D 397 31.31 17.49 -36.29
C ILE D 397 31.00 18.69 -37.20
N GLY D 398 31.87 19.71 -37.20
CA GLY D 398 31.70 20.93 -38.01
C GLY D 398 31.80 20.64 -39.50
N VAL D 399 32.95 20.13 -39.95
CA VAL D 399 33.25 19.85 -41.39
C VAL D 399 32.16 18.94 -41.95
N THR D 400 31.83 17.90 -41.17
CA THR D 400 30.83 16.85 -41.51
C THR D 400 29.45 17.48 -41.71
N GLY D 401 28.93 18.14 -40.67
CA GLY D 401 27.58 18.74 -40.66
C GLY D 401 27.38 19.67 -41.83
N TYR D 402 28.35 20.55 -42.10
CA TYR D 402 28.32 21.53 -43.21
C TYR D 402 28.19 20.78 -44.53
N ALA D 403 29.06 19.78 -44.75
CA ALA D 403 29.05 18.93 -45.96
C ALA D 403 27.67 18.26 -46.10
N LYS D 404 27.08 17.87 -44.96
CA LYS D 404 25.73 17.25 -44.90
C LYS D 404 24.65 18.28 -45.27
N GLN D 405 24.72 19.53 -44.76
CA GLN D 405 23.61 20.51 -45.00
C GLN D 405 23.68 21.05 -46.43
N GLU D 406 24.83 21.00 -47.09
CA GLU D 406 25.01 21.51 -48.48
C GLU D 406 24.91 20.35 -49.48
N GLU D 407 24.49 19.16 -49.02
CA GLU D 407 24.30 17.93 -49.85
C GLU D 407 25.57 17.67 -50.67
N ILE D 408 26.71 17.59 -49.98
CA ILE D 408 28.06 17.32 -50.57
C ILE D 408 28.54 15.97 -50.06
N THR D 409 28.89 15.05 -50.97
CA THR D 409 29.43 13.72 -50.62
C THR D 409 30.87 13.88 -50.12
N GLY D 410 31.14 13.40 -48.90
CA GLY D 410 32.43 13.58 -48.20
C GLY D 410 33.16 12.27 -47.98
N LEU D 411 34.31 12.10 -48.66
CA LEU D 411 35.24 10.96 -48.44
C LEU D 411 36.40 11.44 -47.57
N PHE D 412 36.36 11.09 -46.28
CA PHE D 412 37.40 11.44 -45.28
C PHE D 412 38.29 10.21 -45.10
N THR D 413 39.61 10.41 -44.98
CA THR D 413 40.58 9.30 -44.84
C THR D 413 41.17 9.36 -43.43
N ASN D 414 41.45 8.20 -42.84
CA ASN D 414 42.06 8.05 -41.49
C ASN D 414 43.19 7.03 -41.58
N THR D 415 44.35 7.34 -40.99
CA THR D 415 45.51 6.43 -40.89
C THR D 415 45.60 5.89 -39.46
N SER D 416 45.49 4.56 -39.32
CA SER D 416 45.59 3.82 -38.03
C SER D 416 47.01 3.94 -37.50
N ASP D 417 47.15 4.25 -36.20
CA ASP D 417 48.47 4.37 -35.51
C ASP D 417 49.25 3.05 -35.67
N GLN D 418 48.55 1.92 -35.75
CA GLN D 418 49.17 0.58 -35.95
C GLN D 418 48.78 0.02 -37.31
N PHE D 419 49.68 -0.73 -37.95
CA PHE D 419 49.51 -1.26 -39.34
C PHE D 419 48.84 -2.63 -39.31
N MET D 420 49.00 -3.40 -38.22
CA MET D 420 48.36 -4.73 -38.06
C MET D 420 47.82 -4.86 -36.64
N GLY D 421 46.66 -5.52 -36.51
CA GLY D 421 45.98 -5.76 -35.21
C GLY D 421 45.09 -4.59 -34.83
N ALA D 422 44.54 -3.88 -35.82
CA ALA D 422 43.61 -2.75 -35.63
C ALA D 422 42.49 -3.22 -34.70
N HIS D 423 42.43 -2.70 -33.48
CA HIS D 423 41.43 -3.06 -32.44
C HIS D 423 40.21 -2.12 -32.52
N SER D 424 40.42 -0.88 -32.97
CA SER D 424 39.34 0.13 -33.19
C SER D 424 39.46 0.73 -34.60
N ILE D 425 38.33 1.19 -35.16
CA ILE D 425 38.25 1.78 -36.53
C ILE D 425 39.11 3.04 -36.54
N THR D 426 38.88 3.94 -35.58
CA THR D 426 39.63 5.21 -35.41
C THR D 426 40.11 5.32 -33.95
N ASP D 427 41.29 5.90 -33.74
CA ASP D 427 41.87 6.14 -32.39
C ASP D 427 41.20 7.37 -31.77
N SER D 428 40.63 8.26 -32.60
CA SER D 428 39.92 9.49 -32.18
C SER D 428 38.46 9.17 -31.80
N HIS D 429 38.00 7.94 -32.06
CA HIS D 429 36.63 7.46 -31.72
C HIS D 429 35.60 8.39 -32.36
N ILE D 430 35.54 8.41 -33.69
CA ILE D 430 34.58 9.25 -34.50
C ILE D 430 33.88 8.38 -35.54
N SEP D 431 33.77 7.07 -35.25
CA SEP D 431 33.16 6.13 -36.17
CB SEP D 431 33.52 4.70 -35.78
OG SEP D 431 34.88 4.69 -35.28
C SEP D 431 31.65 6.33 -36.21
O SEP D 431 31.05 6.26 -37.27
P SEP D 431 35.15 4.11 -33.79
O1P SEP D 431 36.59 4.47 -33.49
O2P SEP D 431 34.92 2.61 -33.88
O3P SEP D 431 34.16 4.82 -32.87
N TPO D 432 31.05 6.60 -35.04
CA TPO D 432 29.62 6.85 -34.96
CB TPO D 432 29.17 7.25 -33.54
CG2 TPO D 432 28.04 6.37 -33.07
OG1 TPO D 432 30.25 7.13 -32.54
P TPO D 432 30.05 7.68 -31.00
O1P TPO D 432 31.28 7.30 -30.21
O2P TPO D 432 29.97 9.11 -31.10
O3P TPO D 432 28.75 7.23 -30.44
C TPO D 432 29.21 7.94 -35.94
O TPO D 432 28.08 7.95 -36.42
N ILE D 433 30.14 8.87 -36.24
CA ILE D 433 29.81 10.06 -36.99
C ILE D 433 29.64 9.72 -38.48
N THR D 434 30.47 8.82 -39.03
CA THR D 434 30.45 8.45 -40.47
C THR D 434 29.22 7.59 -40.75
N ASP D 435 28.73 7.64 -41.99
CA ASP D 435 27.57 6.86 -42.48
C ASP D 435 28.07 5.55 -43.08
N THR D 436 29.14 5.63 -43.86
CA THR D 436 29.81 4.49 -44.52
C THR D 436 31.26 4.41 -44.03
N ILE D 437 31.67 3.22 -43.60
CA ILE D 437 33.09 2.92 -43.24
C ILE D 437 33.63 1.93 -44.28
N ILE D 438 34.73 2.29 -44.93
CA ILE D 438 35.53 1.42 -45.84
C ILE D 438 36.84 1.12 -45.12
N LEU D 439 37.04 -0.15 -44.76
CA LEU D 439 38.28 -0.60 -44.08
C LEU D 439 39.21 -1.23 -45.10
N LEU D 440 40.45 -0.74 -45.15
CA LEU D 440 41.58 -1.43 -45.80
C LEU D 440 42.40 -2.05 -44.69
N GLN D 441 43.11 -3.14 -44.97
CA GLN D 441 44.07 -3.75 -44.02
C GLN D 441 45.09 -4.58 -44.78
N TYR D 442 46.30 -4.67 -44.24
CA TYR D 442 47.34 -5.62 -44.72
C TYR D 442 46.96 -7.01 -44.22
N VAL D 443 47.39 -8.02 -44.97
CA VAL D 443 47.22 -9.46 -44.61
C VAL D 443 48.53 -10.19 -44.95
N GLU D 444 49.16 -10.77 -43.94
CA GLU D 444 50.35 -11.63 -44.14
C GLU D 444 49.87 -12.98 -44.69
N ILE D 445 50.21 -13.29 -45.94
CA ILE D 445 49.87 -14.56 -46.63
C ILE D 445 51.14 -15.11 -47.28
N ARG D 446 51.56 -16.32 -46.87
CA ARG D 446 52.68 -17.08 -47.49
C ARG D 446 53.92 -16.16 -47.62
N GLY D 447 54.33 -15.52 -46.52
CA GLY D 447 55.53 -14.67 -46.45
C GLY D 447 55.41 -13.38 -47.26
N GLU D 448 54.19 -13.02 -47.69
CA GLU D 448 53.93 -11.88 -48.60
C GLU D 448 52.91 -10.94 -47.93
N MET D 449 53.07 -9.64 -48.15
CA MET D 449 52.20 -8.55 -47.62
C MET D 449 51.15 -8.20 -48.68
N SER D 450 49.93 -8.70 -48.50
CA SER D 450 48.77 -8.43 -49.39
C SER D 450 47.79 -7.49 -48.68
N ARG D 451 46.83 -6.98 -49.44
CA ARG D 451 45.82 -5.98 -49.01
C ARG D 451 44.43 -6.61 -49.06
N ALA D 452 43.52 -6.09 -48.25
CA ALA D 452 42.11 -6.53 -48.18
C ALA D 452 41.19 -5.33 -48.03
N ILE D 453 40.24 -5.17 -48.94
CA ILE D 453 39.18 -4.12 -48.87
C ILE D 453 37.95 -4.72 -48.20
N ASN D 454 37.23 -3.91 -47.41
CA ASN D 454 36.03 -4.35 -46.66
C ASN D 454 35.12 -3.16 -46.40
N VAL D 455 33.86 -3.25 -46.82
CA VAL D 455 32.79 -2.30 -46.45
C VAL D 455 32.28 -2.70 -45.07
N PHE D 456 32.83 -2.06 -44.04
CA PHE D 456 32.61 -2.38 -42.61
C PHE D 456 31.19 -1.96 -42.19
N LYS D 457 30.67 -0.84 -42.71
CA LYS D 457 29.23 -0.49 -42.54
C LYS D 457 28.74 0.46 -43.62
N MET D 458 27.41 0.49 -43.77
CA MET D 458 26.65 1.42 -44.63
C MET D 458 25.30 1.68 -43.96
N ARG D 459 25.03 2.91 -43.57
CA ARG D 459 23.68 3.29 -43.06
C ARG D 459 22.74 3.34 -44.26
N GLY D 460 21.52 2.80 -44.11
CA GLY D 460 20.43 2.93 -45.08
C GLY D 460 20.57 2.04 -46.30
N SER D 461 21.55 1.12 -46.33
CA SER D 461 21.76 0.23 -47.49
C SER D 461 22.24 -1.15 -47.05
N TRP D 462 22.12 -2.13 -47.94
CA TRP D 462 22.83 -3.42 -47.87
C TRP D 462 24.32 -3.04 -47.91
N HIS D 463 25.21 -3.99 -48.17
CA HIS D 463 26.65 -3.87 -48.48
C HIS D 463 27.19 -5.29 -48.36
N ASP D 464 28.19 -5.59 -49.17
CA ASP D 464 28.93 -6.87 -49.14
C ASP D 464 29.54 -7.01 -47.74
N LYS D 465 29.41 -8.17 -47.12
CA LYS D 465 29.97 -8.45 -45.77
C LYS D 465 31.30 -9.18 -45.92
N ALA D 466 31.86 -9.23 -47.12
CA ALA D 466 33.09 -10.01 -47.44
C ALA D 466 34.32 -9.15 -47.17
N ILE D 467 35.39 -9.79 -46.68
CA ILE D 467 36.74 -9.18 -46.52
C ILE D 467 37.56 -9.54 -47.77
N ARG D 468 37.45 -8.74 -48.82
CA ARG D 468 37.93 -9.08 -50.18
C ARG D 468 39.38 -8.61 -50.35
N GLU D 469 40.21 -9.45 -50.96
CA GLU D 469 41.60 -9.13 -51.36
C GLU D 469 41.53 -8.09 -52.49
N PHE D 470 42.52 -7.20 -52.56
CA PHE D 470 42.74 -6.34 -53.74
C PHE D 470 44.24 -6.16 -53.96
N MET D 471 44.60 -5.78 -55.18
CA MET D 471 45.97 -5.37 -55.57
C MET D 471 45.87 -3.99 -56.18
N ILE D 472 47.03 -3.38 -56.39
CA ILE D 472 47.18 -2.03 -56.98
C ILE D 472 48.11 -2.14 -58.19
N SER D 473 47.83 -1.33 -59.20
CA SER D 473 48.62 -1.23 -60.46
C SER D 473 48.38 0.14 -61.08
N ASP D 474 48.87 0.34 -62.30
CA ASP D 474 48.59 1.55 -63.14
C ASP D 474 47.08 1.68 -63.36
N LYS D 475 46.37 0.55 -63.42
CA LYS D 475 44.91 0.48 -63.71
C LYS D 475 44.09 1.03 -62.53
N GLY D 476 44.66 1.01 -61.32
CA GLY D 476 44.02 1.51 -60.09
C GLY D 476 43.82 0.40 -59.06
N PRO D 477 42.69 0.37 -58.34
CA PRO D 477 42.41 -0.67 -57.35
C PRO D 477 41.68 -1.89 -57.94
N ASP D 478 42.32 -3.06 -57.90
CA ASP D 478 41.83 -4.33 -58.49
C ASP D 478 41.31 -5.24 -57.37
N ILE D 479 40.00 -5.16 -57.06
CA ILE D 479 39.35 -5.93 -55.96
C ILE D 479 39.03 -7.35 -56.46
N LYS D 480 39.74 -8.36 -55.93
CA LYS D 480 39.51 -9.81 -56.22
C LYS D 480 38.52 -10.38 -55.19
N ASP D 481 38.69 -11.62 -54.72
CA ASP D 481 37.72 -12.31 -53.82
C ASP D 481 38.36 -12.62 -52.46
N SER D 482 37.50 -12.89 -51.47
CA SER D 482 37.81 -13.00 -50.01
C SER D 482 38.61 -14.27 -49.73
N PHE D 483 39.11 -14.38 -48.50
CA PHE D 483 39.94 -15.51 -47.99
C PHE D 483 39.04 -16.50 -47.24
N ARG D 484 38.21 -17.27 -47.96
CA ARG D 484 37.24 -18.22 -47.34
C ARG D 484 37.99 -19.26 -46.51
N ASN D 485 39.14 -19.73 -47.00
CA ASN D 485 39.93 -20.82 -46.37
C ASN D 485 41.03 -20.22 -45.49
N PHE D 486 40.66 -19.24 -44.66
CA PHE D 486 41.57 -18.53 -43.73
C PHE D 486 40.81 -18.07 -42.48
N GLU D 487 41.44 -18.20 -41.31
CA GLU D 487 40.92 -17.76 -39.99
C GLU D 487 41.79 -16.63 -39.45
N ARG D 488 41.19 -15.69 -38.71
CA ARG D 488 41.86 -14.56 -38.03
C ARG D 488 42.45 -13.60 -39.07
N ILE D 489 41.70 -13.31 -40.14
CA ILE D 489 42.07 -12.29 -41.18
C ILE D 489 42.32 -10.95 -40.49
N ILE D 490 41.40 -10.57 -39.61
CA ILE D 490 41.33 -9.21 -38.98
C ILE D 490 42.61 -8.96 -38.18
N SER D 491 43.26 -10.00 -37.64
CA SER D 491 44.51 -9.90 -36.85
C SER D 491 45.66 -9.33 -37.70
N GLY D 492 45.64 -9.59 -39.01
CA GLY D 492 46.73 -9.19 -39.94
C GLY D 492 47.57 -10.39 -40.34
N SER D 493 47.82 -11.29 -39.39
CA SER D 493 48.52 -12.59 -39.60
C SER D 493 47.55 -13.73 -39.37
N PRO D 494 46.72 -14.10 -40.38
CA PRO D 494 45.81 -15.24 -40.27
C PRO D 494 46.47 -16.63 -40.40
N THR D 495 45.64 -17.68 -40.33
CA THR D 495 46.00 -19.12 -40.46
C THR D 495 45.15 -19.77 -41.55
N ARG D 496 45.72 -20.70 -42.33
CA ARG D 496 45.00 -21.54 -43.32
C ARG D 496 44.21 -22.62 -42.56
N ILE D 497 42.92 -22.79 -42.89
CA ILE D 497 41.97 -23.71 -42.20
C ILE D 497 41.43 -24.72 -43.21
N GLN E 16 92.20 25.57 9.28
CA GLN E 16 91.50 24.25 9.24
C GLN E 16 90.11 24.43 8.64
N ALA E 17 89.43 23.31 8.31
CA ALA E 17 88.03 23.26 7.86
C ALA E 17 87.10 23.69 9.00
N ILE E 18 85.92 24.20 8.69
CA ILE E 18 84.93 24.73 9.67
C ILE E 18 84.67 23.65 10.73
N ALA E 19 85.02 23.94 11.99
CA ALA E 19 84.81 23.06 13.16
C ALA E 19 83.31 23.04 13.52
N LYS E 20 82.77 21.84 13.76
CA LYS E 20 81.34 21.62 14.10
C LYS E 20 81.20 21.01 15.49
N MET E 21 80.01 21.16 16.04
CA MET E 21 79.66 20.80 17.44
C MET E 21 78.45 19.86 17.41
N ARG E 22 78.63 18.63 17.88
CA ARG E 22 77.63 17.53 17.77
C ARG E 22 76.36 17.91 18.52
N THR E 23 75.20 17.72 17.88
CA THR E 23 73.85 17.99 18.45
C THR E 23 73.36 16.77 19.24
N MET E 24 73.79 15.56 18.85
CA MET E 24 73.34 14.27 19.43
C MET E 24 71.82 14.14 19.28
N ILE E 25 71.28 14.58 18.14
CA ILE E 25 69.88 14.33 17.69
C ILE E 25 69.93 13.25 16.61
N GLU E 26 69.31 12.09 16.87
CA GLU E 26 69.40 10.88 16.01
C GLU E 26 69.33 11.30 14.54
N GLY E 27 70.40 11.06 13.77
CA GLY E 27 70.45 11.27 12.31
C GLY E 27 71.07 12.59 11.93
N PHE E 28 70.73 13.69 12.61
CA PHE E 28 71.09 15.08 12.22
C PHE E 28 72.60 15.21 12.01
N ASP E 29 73.40 14.72 12.96
CA ASP E 29 74.88 14.89 12.99
C ASP E 29 75.53 14.21 11.76
N ASP E 30 74.86 13.22 11.17
CA ASP E 30 75.30 12.56 9.91
C ASP E 30 74.90 13.42 8.72
N ILE E 31 73.71 14.03 8.76
CA ILE E 31 73.19 14.93 7.70
C ILE E 31 74.05 16.19 7.64
N SER E 32 74.42 16.72 8.81
CA SER E 32 75.20 17.98 8.96
C SER E 32 76.70 17.69 8.87
N HIS E 33 77.08 16.44 8.56
CA HIS E 33 78.49 15.97 8.46
C HIS E 33 79.30 16.45 9.69
N GLY E 34 78.75 16.27 10.90
CA GLY E 34 79.47 16.51 12.17
C GLY E 34 78.60 17.18 13.21
N GLY E 35 77.75 18.12 12.80
CA GLY E 35 76.94 18.97 13.68
C GLY E 35 76.93 20.41 13.20
N LEU E 36 76.49 21.35 14.04
CA LEU E 36 76.34 22.78 13.67
C LEU E 36 77.70 23.46 13.77
N PRO E 37 78.15 24.16 12.70
CA PRO E 37 79.36 24.98 12.76
C PRO E 37 79.45 25.84 14.03
N ILE E 38 80.46 25.56 14.86
CA ILE E 38 80.68 26.19 16.19
C ILE E 38 80.95 27.68 15.99
N GLY E 39 80.33 28.53 16.81
CA GLY E 39 80.54 29.99 16.83
C GLY E 39 79.59 30.73 15.90
N ARG E 40 78.89 30.02 15.01
CA ARG E 40 77.95 30.60 14.01
C ARG E 40 76.51 30.25 14.38
N SER E 41 75.59 31.15 14.03
CA SER E 41 74.12 30.98 14.19
C SER E 41 73.59 30.11 13.05
N THR E 42 72.58 29.30 13.36
CA THR E 42 71.92 28.35 12.42
C THR E 42 70.40 28.58 12.49
N LEU E 43 69.77 28.87 11.35
CA LEU E 43 68.31 29.09 11.27
C LEU E 43 67.61 27.75 11.15
N VAL E 44 66.58 27.54 11.97
CA VAL E 44 65.72 26.32 11.97
C VAL E 44 64.26 26.78 11.80
N SER E 45 63.78 26.80 10.55
CA SER E 45 62.45 27.35 10.20
C SER E 45 61.54 26.25 9.67
N GLY E 46 60.23 26.40 9.90
CA GLY E 46 59.20 25.43 9.56
C GLY E 46 57.83 25.94 10.00
N THR E 47 56.76 25.36 9.43
CA THR E 47 55.36 25.68 9.79
C THR E 47 55.14 25.35 11.28
N SER E 48 53.95 25.62 11.83
CA SER E 48 53.62 25.40 13.25
C SER E 48 53.54 23.89 13.53
N GLY E 49 54.27 23.42 14.55
CA GLY E 49 54.29 22.02 15.00
C GLY E 49 55.24 21.16 14.16
N THR E 50 56.29 21.74 13.58
CA THR E 50 57.31 21.03 12.75
C THR E 50 58.42 20.43 13.63
N GLY E 51 58.66 20.96 14.83
CA GLY E 51 59.66 20.45 15.78
C GLY E 51 60.78 21.44 16.10
N LYS E 52 60.56 22.75 15.88
CA LYS E 52 61.58 23.82 16.09
C LYS E 52 62.00 23.88 17.55
N THR E 53 61.04 24.16 18.44
CA THR E 53 61.26 24.22 19.91
C THR E 53 62.03 22.96 20.32
N LEU E 54 61.52 21.79 19.94
CA LEU E 54 62.14 20.49 20.30
C LEU E 54 63.58 20.47 19.76
N PHE E 55 63.80 20.84 18.50
CA PHE E 55 65.16 20.90 17.90
C PHE E 55 66.04 21.77 18.81
N SER E 56 65.49 22.87 19.33
CA SER E 56 66.21 23.87 20.16
C SER E 56 66.53 23.30 21.55
N ILE E 57 65.53 22.75 22.25
CA ILE E 57 65.70 22.11 23.59
C ILE E 57 66.77 21.02 23.46
N GLN E 58 66.49 20.03 22.60
CA GLN E 58 67.30 18.80 22.41
C GLN E 58 68.77 19.21 22.14
N PHE E 59 68.95 20.28 21.37
CA PHE E 59 70.28 20.83 20.99
C PHE E 59 71.04 21.25 22.26
N LEU E 60 70.40 22.02 23.14
CA LEU E 60 71.02 22.50 24.41
C LEU E 60 71.25 21.31 25.35
N TYR E 61 70.17 20.60 25.70
CA TYR E 61 70.14 19.48 26.67
C TYR E 61 71.35 18.55 26.46
N ASN E 62 71.53 18.02 25.25
CA ASN E 62 72.57 17.01 24.94
C ASN E 62 73.97 17.59 25.19
N GLY E 63 74.19 18.87 24.85
CA GLY E 63 75.45 19.60 25.11
C GLY E 63 75.79 19.63 26.59
N ILE E 64 74.80 19.88 27.45
CA ILE E 64 74.95 19.96 28.92
C ILE E 64 75.25 18.57 29.47
N ILE E 65 74.38 17.59 29.15
CA ILE E 65 74.41 16.21 29.73
C ILE E 65 75.66 15.47 29.23
N GLU E 66 76.02 15.58 27.95
CA GLU E 66 77.07 14.75 27.32
C GLU E 66 78.42 15.48 27.33
N PHE E 67 78.46 16.75 26.93
CA PHE E 67 79.72 17.49 26.66
C PHE E 67 80.06 18.50 27.77
N ASP E 68 79.19 18.64 28.78
CA ASP E 68 79.37 19.61 29.89
C ASP E 68 79.48 21.01 29.28
N GLU E 69 78.71 21.26 28.21
CA GLU E 69 78.63 22.56 27.49
C GLU E 69 77.35 23.25 27.94
N PRO E 70 77.43 24.31 28.78
CA PRO E 70 76.24 25.00 29.25
C PRO E 70 75.51 25.73 28.11
N GLY E 71 74.19 25.92 28.26
CA GLY E 71 73.32 26.44 27.20
C GLY E 71 72.39 27.53 27.70
N VAL E 72 72.06 28.49 26.84
CA VAL E 72 71.03 29.53 27.13
C VAL E 72 69.88 29.36 26.14
N PHE E 73 68.66 29.19 26.68
CA PHE E 73 67.39 29.17 25.92
C PHE E 73 66.75 30.56 26.04
N VAL E 74 66.52 31.21 24.90
CA VAL E 74 65.90 32.56 24.81
C VAL E 74 64.47 32.40 24.28
N THR E 75 63.50 32.19 25.18
CA THR E 75 62.05 32.18 24.86
C THR E 75 61.59 33.62 24.63
N PHE E 76 60.55 33.81 23.81
CA PHE E 76 59.96 35.14 23.48
C PHE E 76 58.45 35.18 23.77
N GLU E 77 57.84 34.05 24.16
CA GLU E 77 56.37 33.99 24.43
C GLU E 77 56.07 32.85 25.41
N GLU E 78 56.69 31.68 25.22
CA GLU E 78 56.51 30.50 26.12
C GLU E 78 57.08 30.86 27.50
N THR E 79 56.26 30.75 28.56
CA THR E 79 56.67 30.94 29.98
C THR E 79 57.65 29.83 30.36
N PRO E 80 58.69 30.10 31.17
CA PRO E 80 59.68 29.09 31.56
C PRO E 80 59.06 27.85 32.24
N GLN E 81 57.94 28.02 32.94
CA GLN E 81 57.17 26.92 33.57
C GLN E 81 56.79 25.91 32.48
N ASP E 82 56.31 26.41 31.33
CA ASP E 82 55.81 25.59 30.20
C ASP E 82 56.97 24.92 29.47
N ILE E 83 58.09 25.63 29.26
CA ILE E 83 59.32 25.08 28.63
C ILE E 83 59.78 23.86 29.46
N ILE E 84 59.93 24.05 30.78
CA ILE E 84 60.33 22.97 31.72
C ILE E 84 59.25 21.88 31.68
N LYS E 85 57.97 22.28 31.61
CA LYS E 85 56.81 21.36 31.64
C LYS E 85 56.77 20.50 30.38
N ASN E 86 57.01 21.09 29.21
CA ASN E 86 56.97 20.35 27.91
C ASN E 86 58.15 19.37 27.84
N ALA E 87 59.28 19.69 28.50
CA ALA E 87 60.51 18.87 28.52
C ALA E 87 60.28 17.57 29.31
N ARG E 88 59.45 17.62 30.37
CA ARG E 88 59.11 16.46 31.22
C ARG E 88 58.39 15.39 30.40
N SER E 89 57.77 15.77 29.28
CA SER E 89 57.11 14.84 28.31
C SER E 89 58.14 13.87 27.72
N PHE E 90 59.32 14.38 27.32
CA PHE E 90 60.41 13.60 26.68
C PHE E 90 61.34 12.97 27.73
N GLY E 91 60.99 13.05 29.01
CA GLY E 91 61.81 12.50 30.10
C GLY E 91 63.05 13.33 30.40
N TRP E 92 63.10 14.59 29.95
CA TRP E 92 64.19 15.55 30.29
C TRP E 92 63.72 16.42 31.44
N ASP E 93 64.56 16.59 32.47
CA ASP E 93 64.25 17.46 33.64
C ASP E 93 65.09 18.74 33.53
N LEU E 94 64.53 19.80 32.93
CA LEU E 94 65.21 21.12 32.73
C LEU E 94 65.35 21.82 34.09
N ALA E 95 64.30 21.77 34.93
CA ALA E 95 64.24 22.42 36.26
C ALA E 95 65.53 22.12 37.05
N LYS E 96 65.98 20.87 37.02
CA LYS E 96 67.20 20.42 37.73
C LYS E 96 68.46 21.09 37.15
N LEU E 97 68.52 21.29 35.83
CA LEU E 97 69.68 21.94 35.17
C LEU E 97 69.69 23.45 35.47
N VAL E 98 68.50 24.04 35.69
CA VAL E 98 68.34 25.45 36.14
C VAL E 98 68.96 25.57 37.54
N ASP E 99 68.57 24.65 38.44
CA ASP E 99 68.95 24.66 39.87
C ASP E 99 70.40 24.19 40.05
N GLU E 100 71.02 23.67 38.99
CA GLU E 100 72.45 23.25 38.98
C GLU E 100 73.32 24.28 38.22
N GLY E 101 72.73 25.37 37.73
CA GLY E 101 73.42 26.45 37.01
C GLY E 101 74.14 25.97 35.76
N LYS E 102 73.47 25.17 34.92
CA LYS E 102 74.02 24.65 33.63
C LYS E 102 73.19 25.19 32.46
N LEU E 103 71.88 25.29 32.65
CA LEU E 103 70.90 25.79 31.65
C LEU E 103 70.22 27.03 32.21
N PHE E 104 70.32 28.16 31.51
CA PHE E 104 69.65 29.43 31.89
C PHE E 104 68.50 29.72 30.91
N ILE E 105 67.26 29.54 31.36
CA ILE E 105 66.04 30.03 30.63
C ILE E 105 65.95 31.53 30.89
N LEU E 106 65.84 32.32 29.82
CA LEU E 106 65.90 33.80 29.82
C LEU E 106 64.59 34.34 29.26
N ASP E 107 63.57 34.47 30.13
CA ASP E 107 62.20 34.91 29.77
C ASP E 107 62.26 36.31 29.15
N ALA E 108 62.12 36.39 27.83
CA ALA E 108 62.01 37.65 27.05
C ALA E 108 60.57 37.85 26.58
N SER E 109 59.61 37.10 27.13
CA SER E 109 58.15 37.29 26.88
C SER E 109 57.69 38.52 27.65
N PRO E 110 56.71 39.29 27.11
CA PRO E 110 56.15 40.43 27.81
C PRO E 110 55.06 39.99 28.80
N ASP E 111 54.95 40.69 29.94
CA ASP E 111 53.90 40.45 30.97
C ASP E 111 52.55 40.75 30.34
N PRO E 112 51.51 39.90 30.55
CA PRO E 112 50.20 40.08 29.95
C PRO E 112 49.52 41.40 30.37
N GLY E 120 61.49 48.03 21.22
CA GLY E 120 62.54 49.06 21.34
C GLY E 120 63.75 48.56 22.11
N PHE E 121 63.55 48.16 23.37
CA PHE E 121 64.56 47.55 24.28
C PHE E 121 65.13 46.31 23.60
N ASP E 122 64.23 45.62 22.91
CA ASP E 122 64.60 44.71 21.80
C ASP E 122 65.92 45.25 21.22
N LEU E 123 66.60 44.43 20.42
CA LEU E 123 67.95 44.71 19.88
C LEU E 123 68.90 45.01 21.04
N SER E 124 69.48 46.22 21.08
CA SER E 124 70.64 46.57 21.94
C SER E 124 70.42 46.08 23.38
N ALA E 125 69.25 46.37 23.96
CA ALA E 125 68.93 46.03 25.37
C ALA E 125 69.03 44.52 25.57
N LEU E 126 68.47 43.73 24.65
CA LEU E 126 68.37 42.24 24.75
C LEU E 126 69.75 41.60 24.50
N ILE E 127 70.53 42.10 23.54
CA ILE E 127 71.89 41.55 23.21
C ILE E 127 72.76 41.67 24.47
N GLU E 128 72.56 42.74 25.26
CA GLU E 128 73.22 42.95 26.58
C GLU E 128 72.74 41.86 27.54
N ARG E 129 71.42 41.66 27.66
CA ARG E 129 70.83 40.66 28.60
C ARG E 129 71.34 39.26 28.29
N ILE E 130 71.27 38.86 27.02
CA ILE E 130 71.69 37.51 26.53
C ILE E 130 73.21 37.36 26.70
N ASN E 131 73.96 38.46 26.62
CA ASN E 131 75.44 38.46 26.80
C ASN E 131 75.76 38.37 28.30
N TYR E 132 75.02 39.10 29.14
CA TYR E 132 75.14 39.04 30.63
C TYR E 132 74.91 37.60 31.09
N ALA E 133 74.07 36.84 30.39
CA ALA E 133 73.82 35.40 30.64
C ALA E 133 74.89 34.54 29.94
N ILE E 134 75.24 34.85 28.68
CA ILE E 134 76.29 34.12 27.90
C ILE E 134 77.63 34.20 28.67
N GLN E 135 77.97 35.39 29.17
CA GLN E 135 79.20 35.67 29.95
C GLN E 135 79.15 34.94 31.30
N LYS E 136 77.97 34.85 31.91
CA LYS E 136 77.79 34.40 33.33
C LYS E 136 77.97 32.88 33.47
N TYR E 137 77.56 32.08 32.48
CA TYR E 137 77.48 30.60 32.61
C TYR E 137 78.56 29.89 31.77
N ARG E 138 79.50 30.65 31.18
CA ARG E 138 80.54 30.09 30.26
C ARG E 138 79.83 29.28 29.16
N ALA E 139 78.70 29.79 28.67
CA ALA E 139 77.70 29.04 27.88
C ALA E 139 78.17 28.92 26.43
N ARG E 140 78.48 27.70 25.99
CA ARG E 140 79.02 27.42 24.63
C ARG E 140 77.86 27.30 23.61
N ARG E 141 76.60 27.26 24.05
CA ARG E 141 75.42 27.03 23.17
C ARG E 141 74.27 27.97 23.54
N VAL E 142 73.56 28.47 22.52
CA VAL E 142 72.36 29.35 22.69
C VAL E 142 71.26 28.89 21.72
N SER E 143 70.00 29.04 22.13
CA SER E 143 68.78 28.75 21.35
C SER E 143 67.80 29.92 21.51
N ILE E 144 67.51 30.65 20.42
CA ILE E 144 66.53 31.77 20.39
C ILE E 144 65.29 31.28 19.64
N ASP E 145 64.12 31.36 20.29
CA ASP E 145 62.84 30.78 19.80
C ASP E 145 61.67 31.61 20.33
N SER E 146 60.99 32.38 19.48
CA SER E 146 61.21 32.50 18.05
C SER E 146 61.53 33.95 17.71
N VAL E 147 62.65 34.21 17.04
CA VAL E 147 63.12 35.59 16.68
C VAL E 147 62.03 36.31 15.88
N THR E 148 61.28 35.59 15.04
CA THR E 148 60.20 36.14 14.20
C THR E 148 59.25 36.97 15.05
N SER E 149 58.82 36.47 16.22
CA SER E 149 57.75 37.08 17.05
C SER E 149 58.20 38.45 17.60
N VAL E 150 59.50 38.69 17.70
CA VAL E 150 60.06 40.04 18.02
C VAL E 150 59.59 41.03 16.95
N PHE E 151 59.62 40.60 15.67
CA PHE E 151 59.23 41.40 14.48
C PHE E 151 57.71 41.33 14.30
N ASP E 155 57.54 45.43 11.89
CA ASP E 155 58.79 45.68 11.13
C ASP E 155 58.53 45.32 9.66
N ALA E 156 59.01 46.16 8.75
CA ALA E 156 58.92 45.95 7.29
C ALA E 156 59.99 44.95 6.87
N SER E 157 60.53 45.09 5.65
CA SER E 157 61.39 44.09 4.96
C SER E 157 62.84 44.21 5.41
N SER E 158 63.44 45.38 5.21
CA SER E 158 64.85 45.70 5.54
C SER E 158 65.02 45.85 7.06
N VAL E 159 63.93 46.06 7.81
CA VAL E 159 63.97 46.22 9.30
C VAL E 159 64.40 44.88 9.92
N VAL E 160 63.71 43.79 9.58
CA VAL E 160 63.98 42.42 10.09
C VAL E 160 65.40 42.02 9.69
N ARG E 161 65.80 42.33 8.45
CA ARG E 161 67.13 41.99 7.88
C ARG E 161 68.24 42.58 8.75
N ARG E 162 68.18 43.89 9.02
CA ARG E 162 69.25 44.67 9.70
C ARG E 162 69.25 44.34 11.21
N GLU E 163 68.07 44.34 11.83
CA GLU E 163 67.90 44.00 13.27
C GLU E 163 68.38 42.57 13.51
N LEU E 164 68.02 41.65 12.63
CA LEU E 164 68.47 40.22 12.67
C LEU E 164 69.99 40.18 12.51
N PHE E 165 70.52 40.73 11.41
CA PHE E 165 71.96 40.74 11.08
C PHE E 165 72.78 41.20 12.30
N ARG E 166 72.36 42.31 12.92
CA ARG E 166 73.00 42.87 14.14
C ARG E 166 73.17 41.76 15.18
N LEU E 167 72.11 40.98 15.42
CA LEU E 167 72.08 39.89 16.44
C LEU E 167 73.06 38.79 16.07
N VAL E 168 73.04 38.31 14.83
CA VAL E 168 73.94 37.24 14.31
C VAL E 168 75.38 37.70 14.50
N ALA E 169 75.74 38.84 13.91
CA ALA E 169 77.11 39.41 13.95
C ALA E 169 77.54 39.63 15.41
N ARG E 170 76.60 40.00 16.28
CA ARG E 170 76.83 40.18 17.74
C ARG E 170 77.32 38.86 18.36
N LEU E 171 76.52 37.79 18.22
CA LEU E 171 76.78 36.46 18.84
C LEU E 171 78.07 35.85 18.25
N LYS E 172 78.38 36.11 16.99
CA LYS E 172 79.62 35.60 16.33
C LYS E 172 80.84 36.23 17.02
N GLN E 173 80.72 37.46 17.50
CA GLN E 173 81.78 38.17 18.29
C GLN E 173 81.99 37.45 19.63
N ILE E 174 80.91 36.96 20.26
CA ILE E 174 80.98 36.24 21.57
C ILE E 174 81.80 34.95 21.36
N GLY E 175 81.63 34.29 20.21
CA GLY E 175 82.22 32.98 19.90
C GLY E 175 81.31 31.85 20.33
N ALA E 176 80.00 32.12 20.37
CA ALA E 176 78.93 31.21 20.85
C ALA E 176 78.17 30.63 19.66
N THR E 177 77.59 29.44 19.83
CA THR E 177 76.90 28.66 18.77
C THR E 177 75.39 28.67 19.04
N THR E 178 74.62 29.08 18.03
CA THR E 178 73.22 29.54 18.17
C THR E 178 72.28 28.71 17.31
N VAL E 179 71.09 28.44 17.83
CA VAL E 179 69.95 27.85 17.09
C VAL E 179 68.81 28.86 17.09
N MET E 180 68.42 29.28 15.89
CA MET E 180 67.46 30.38 15.68
C MET E 180 66.19 29.83 15.04
N THR E 181 65.18 29.63 15.89
CA THR E 181 63.83 29.21 15.46
C THR E 181 63.18 30.38 14.71
N THR E 182 62.68 30.09 13.51
CA THR E 182 61.99 31.03 12.59
C THR E 182 60.67 30.38 12.18
N GLU E 183 59.67 31.19 11.80
CA GLU E 183 58.32 30.70 11.47
C GLU E 183 58.12 30.66 9.95
N ARG E 184 57.05 29.99 9.51
CA ARG E 184 56.65 29.82 8.09
C ARG E 184 55.13 29.73 8.00
N ILE E 185 54.55 30.31 6.94
CA ILE E 185 53.09 30.23 6.64
C ILE E 185 52.86 29.05 5.68
N GLU E 186 53.68 28.93 4.64
CA GLU E 186 53.56 27.90 3.56
C GLU E 186 54.55 26.76 3.85
N GLU E 187 54.36 25.61 3.17
CA GLU E 187 55.17 24.39 3.39
C GLU E 187 56.31 24.30 2.36
N TYR E 188 56.11 24.84 1.15
CA TYR E 188 57.14 24.92 0.08
C TYR E 188 57.22 26.35 -0.46
N GLY E 189 56.91 27.34 0.37
CA GLY E 189 56.94 28.77 0.01
C GLY E 189 58.31 29.37 0.28
N PRO E 190 58.37 30.58 0.90
CA PRO E 190 59.64 31.17 1.29
C PRO E 190 60.23 30.44 2.50
N ILE E 191 61.55 30.49 2.64
CA ILE E 191 62.34 29.75 3.68
C ILE E 191 61.87 30.22 5.06
N ALA E 192 61.93 31.53 5.28
CA ALA E 192 61.57 32.21 6.54
C ALA E 192 60.18 32.84 6.39
N ARG E 193 59.87 33.87 7.19
CA ARG E 193 58.63 34.68 7.07
C ARG E 193 58.86 35.79 6.03
N TYR E 194 60.01 36.48 6.08
CA TYR E 194 60.23 37.81 5.43
C TYR E 194 61.02 37.71 4.12
N GLY E 195 61.63 36.57 3.82
CA GLY E 195 62.47 36.43 2.62
C GLY E 195 63.85 37.07 2.80
N VAL E 196 64.25 37.34 4.05
CA VAL E 196 65.54 38.00 4.40
C VAL E 196 66.41 37.05 5.23
N GLU E 197 65.88 36.55 6.34
CA GLU E 197 66.61 35.73 7.35
C GLU E 197 67.52 34.72 6.63
N GLU E 198 66.91 33.87 5.80
CA GLU E 198 67.55 32.95 4.81
C GLU E 198 69.01 33.34 4.54
N PHE E 199 69.28 34.61 4.21
CA PHE E 199 70.58 35.10 3.69
C PHE E 199 71.45 35.66 4.82
N VAL E 200 70.84 36.30 5.81
CA VAL E 200 71.53 36.85 7.01
C VAL E 200 72.37 35.74 7.65
N SER E 201 71.72 34.62 7.97
CA SER E 201 72.32 33.45 8.65
C SER E 201 73.30 32.74 7.71
N ASP E 202 74.19 31.93 8.30
CA ASP E 202 75.23 31.13 7.60
C ASP E 202 74.69 29.73 7.30
N ASN E 203 73.95 29.15 8.25
CA ASN E 203 73.40 27.77 8.17
C ASN E 203 71.88 27.85 8.25
N VAL E 204 71.21 27.11 7.37
CA VAL E 204 69.73 27.14 7.20
C VAL E 204 69.23 25.70 7.23
N VAL E 205 68.26 25.44 8.12
CA VAL E 205 67.61 24.11 8.27
C VAL E 205 66.11 24.33 8.14
N ILE E 206 65.48 23.62 7.21
CA ILE E 206 64.03 23.72 6.90
C ILE E 206 63.37 22.46 7.44
N LEU E 207 62.48 22.61 8.43
CA LEU E 207 61.58 21.53 8.86
C LEU E 207 60.28 21.66 8.08
N ARG E 208 59.67 20.52 7.77
CA ARG E 208 58.41 20.42 6.99
C ARG E 208 57.53 19.36 7.63
N ASN E 209 56.22 19.51 7.41
CA ASN E 209 55.15 18.59 7.87
C ASN E 209 54.22 18.40 6.69
N VAL E 210 54.75 17.88 5.58
CA VAL E 210 54.08 17.83 4.26
C VAL E 210 52.87 16.91 4.38
N LEU E 211 51.70 17.41 3.99
CA LEU E 211 50.44 16.63 3.97
C LEU E 211 50.41 15.82 2.68
N GLU E 212 50.73 14.52 2.77
CA GLU E 212 50.78 13.59 1.61
C GLU E 212 49.50 12.76 1.60
N GLY E 213 48.47 13.25 0.90
CA GLY E 213 47.10 12.73 0.98
C GLY E 213 46.42 13.23 2.25
N GLU E 214 46.04 12.31 3.14
CA GLU E 214 45.45 12.65 4.46
C GLU E 214 46.45 12.33 5.59
N ARG E 215 47.69 11.97 5.25
CA ARG E 215 48.78 11.69 6.22
C ARG E 215 49.81 12.82 6.16
N ARG E 216 50.61 12.94 7.23
CA ARG E 216 51.67 13.98 7.39
C ARG E 216 53.04 13.32 7.40
N ARG E 217 53.96 13.81 6.56
CA ARG E 217 55.36 13.33 6.45
C ARG E 217 56.30 14.46 6.85
N ARG E 218 56.81 14.42 8.08
CA ARG E 218 57.81 15.39 8.60
C ARG E 218 59.18 15.09 7.97
N THR E 219 59.81 16.10 7.37
CA THR E 219 61.18 15.97 6.80
C THR E 219 62.02 17.18 7.21
N LEU E 220 63.31 16.94 7.47
CA LEU E 220 64.32 17.98 7.79
C LEU E 220 65.30 18.06 6.60
N GLU E 221 65.59 19.27 6.14
CA GLU E 221 66.59 19.54 5.09
C GLU E 221 67.58 20.60 5.58
N ILE E 222 68.88 20.36 5.41
CA ILE E 222 69.95 21.39 5.49
C ILE E 222 70.11 22.00 4.11
N LEU E 223 69.67 23.25 3.93
CA LEU E 223 69.71 23.98 2.63
C LEU E 223 71.15 24.43 2.37
N LYS E 224 71.79 25.05 3.36
CA LYS E 224 73.22 25.42 3.29
C LYS E 224 73.84 25.43 4.69
N LEU E 225 75.11 25.03 4.77
CA LEU E 225 76.03 25.35 5.88
C LEU E 225 77.26 26.00 5.24
N ARG E 226 77.42 27.31 5.43
CA ARG E 226 78.53 28.09 4.80
C ARG E 226 79.88 27.53 5.26
N GLY E 227 80.78 27.29 4.31
CA GLY E 227 82.19 26.91 4.58
C GLY E 227 82.36 25.41 4.77
N THR E 228 81.28 24.61 4.65
CA THR E 228 81.34 23.14 4.85
C THR E 228 80.35 22.40 3.96
N SER E 229 80.60 21.12 3.75
CA SER E 229 79.70 20.17 3.05
C SER E 229 78.63 19.70 4.02
N HIS E 230 77.48 19.29 3.48
CA HIS E 230 76.38 18.62 4.22
C HIS E 230 75.66 17.70 3.25
N MET E 231 74.79 16.84 3.78
CA MET E 231 73.93 15.96 2.96
C MET E 231 72.75 16.79 2.44
N LYS E 232 72.61 16.85 1.12
CA LYS E 232 71.59 17.68 0.44
C LYS E 232 70.26 16.93 0.46
N GLY E 233 69.16 17.67 0.34
CA GLY E 233 67.81 17.12 0.13
C GLY E 233 67.03 16.97 1.43
N GLU E 234 65.82 16.43 1.32
CA GLU E 234 64.88 16.18 2.44
C GLU E 234 65.19 14.83 3.07
N TYR E 235 65.10 14.75 4.41
CA TYR E 235 65.25 13.49 5.18
C TYR E 235 64.07 13.36 6.12
N PRO E 236 63.37 12.21 6.11
CA PRO E 236 62.22 12.01 6.97
C PRO E 236 62.67 11.73 8.41
N PHE E 237 61.78 12.02 9.35
CA PHE E 237 62.02 11.85 10.80
C PHE E 237 60.67 11.77 11.51
N THR E 238 60.70 11.38 12.79
CA THR E 238 59.51 11.24 13.65
C THR E 238 59.83 11.87 15.01
N ILE E 239 58.89 12.60 15.58
CA ILE E 239 59.01 13.11 16.99
C ILE E 239 58.36 12.07 17.89
N THR E 240 59.21 11.21 18.44
CA THR E 240 58.87 10.11 19.38
C THR E 240 59.03 10.65 20.80
N ASP E 241 58.85 9.79 21.80
CA ASP E 241 59.01 10.15 23.23
C ASP E 241 60.51 10.28 23.56
N HIS E 242 61.40 9.85 22.64
CA HIS E 242 62.88 10.04 22.74
C HIS E 242 63.34 11.17 21.81
N GLY E 243 62.44 12.07 21.42
CA GLY E 243 62.76 13.31 20.68
C GLY E 243 62.73 13.13 19.16
N ILE E 244 63.54 13.92 18.46
CA ILE E 244 63.67 13.90 16.97
C ILE E 244 64.55 12.71 16.57
N ASN E 245 64.01 11.83 15.73
CA ASN E 245 64.70 10.61 15.21
C ASN E 245 64.68 10.67 13.68
N ILE E 246 65.81 11.07 13.09
CA ILE E 246 66.00 11.23 11.62
C ILE E 246 66.68 9.97 11.10
N PHE E 247 66.13 9.35 10.05
CA PHE E 247 66.73 8.20 9.33
C PHE E 247 67.45 8.75 8.10
N PRO E 248 68.80 8.86 8.11
CA PRO E 248 69.54 9.29 6.93
C PRO E 248 69.42 8.29 5.77
N LEU E 249 68.32 8.38 5.01
CA LEU E 249 67.94 7.43 3.93
C LEU E 249 69.16 7.14 3.05
N GLY E 250 69.91 8.18 2.68
CA GLY E 250 71.08 8.10 1.79
C GLY E 250 72.40 8.18 2.55
N ALA E 251 72.42 7.77 3.82
CA ALA E 251 73.65 7.70 4.65
C ALA E 251 73.79 6.33 5.32
N MET E 252 72.88 5.39 5.05
CA MET E 252 73.13 3.95 5.26
C MET E 252 74.23 3.56 4.28
N ARG E 253 75.04 2.54 4.60
CA ARG E 253 76.22 2.18 3.79
C ARG E 253 76.02 0.77 3.23
N LEU E 254 76.28 0.58 1.93
CA LEU E 254 76.45 -0.77 1.33
C LEU E 254 77.72 -1.37 1.94
N THR E 255 77.61 -1.73 3.23
CA THR E 255 78.71 -2.12 4.14
C THR E 255 78.15 -3.01 5.24
N GLN E 256 77.62 -4.17 4.85
CA GLN E 256 76.98 -5.17 5.76
C GLN E 256 77.76 -6.49 5.67
N ARG E 257 77.57 -7.37 6.66
CA ARG E 257 78.21 -8.72 6.73
C ARG E 257 77.40 -9.70 5.86
N SER E 258 78.06 -10.76 5.36
CA SER E 258 77.44 -11.79 4.49
C SER E 258 78.15 -13.14 4.68
N SER E 259 77.59 -14.01 5.53
CA SER E 259 78.10 -15.38 5.80
C SER E 259 77.51 -16.37 4.79
N ASN E 260 77.88 -17.64 4.91
CA ASN E 260 77.30 -18.78 4.17
C ASN E 260 76.47 -19.64 5.12
N VAL E 261 76.16 -19.14 6.32
CA VAL E 261 75.37 -19.91 7.33
C VAL E 261 73.97 -20.12 6.77
N ARG E 262 73.50 -21.36 6.76
CA ARG E 262 72.15 -21.73 6.30
C ARG E 262 71.18 -21.68 7.48
N VAL E 263 69.90 -21.64 7.16
CA VAL E 263 68.76 -21.65 8.12
C VAL E 263 67.64 -22.43 7.43
N SER E 264 66.66 -22.93 8.19
CA SER E 264 65.50 -23.66 7.65
C SER E 264 64.32 -22.69 7.45
N SER E 265 63.59 -22.91 6.36
CA SER E 265 62.35 -22.18 5.98
C SER E 265 61.14 -22.75 6.75
N GLY E 266 61.32 -23.88 7.43
CA GLY E 266 60.24 -24.61 8.11
C GLY E 266 59.57 -25.62 7.18
N VAL E 267 60.00 -25.65 5.92
CA VAL E 267 59.51 -26.61 4.89
C VAL E 267 60.73 -27.32 4.31
N VAL E 268 60.76 -28.65 4.43
CA VAL E 268 61.97 -29.49 4.19
C VAL E 268 62.28 -29.51 2.69
N ARG E 269 61.24 -29.71 1.86
CA ARG E 269 61.33 -29.74 0.39
C ARG E 269 61.72 -28.35 -0.13
N LEU E 270 61.36 -27.28 0.59
CA LEU E 270 61.75 -25.90 0.21
C LEU E 270 63.25 -25.72 0.48
N ASP E 271 63.75 -26.19 1.64
CA ASP E 271 65.19 -26.11 2.01
C ASP E 271 66.02 -26.88 0.96
N GLU E 272 65.57 -28.08 0.58
CA GLU E 272 66.18 -28.91 -0.49
C GLU E 272 66.29 -28.08 -1.78
N MET E 273 65.19 -27.41 -2.13
CA MET E 273 65.06 -26.61 -3.39
C MET E 273 65.90 -25.33 -3.30
N CYS E 274 66.27 -24.88 -2.10
CA CYS E 274 67.16 -23.71 -1.88
C CYS E 274 68.61 -24.14 -1.71
N GLY E 275 68.93 -25.41 -2.00
CA GLY E 275 70.30 -25.96 -1.94
C GLY E 275 70.77 -26.15 -0.50
N GLY E 276 69.84 -26.46 0.40
CA GLY E 276 70.11 -26.73 1.83
C GLY E 276 69.57 -25.65 2.75
N GLY E 277 68.55 -24.89 2.31
CA GLY E 277 67.85 -23.88 3.12
C GLY E 277 68.29 -22.47 2.79
N PHE E 278 67.56 -21.47 3.29
CA PHE E 278 67.88 -20.03 3.08
C PHE E 278 69.21 -19.71 3.76
N PHE E 279 69.85 -18.63 3.31
CA PHE E 279 70.99 -17.99 4.00
C PHE E 279 70.48 -17.20 5.20
N LYS E 280 71.24 -17.20 6.31
CA LYS E 280 70.92 -16.38 7.51
C LYS E 280 70.88 -14.91 7.10
N ASP E 281 71.95 -14.46 6.42
CA ASP E 281 72.10 -13.07 5.94
C ASP E 281 71.49 -12.95 4.55
N SER E 282 70.16 -12.83 4.46
CA SER E 282 69.45 -12.66 3.17
C SER E 282 68.03 -12.16 3.38
N ILE E 283 67.51 -11.49 2.35
CA ILE E 283 66.10 -11.03 2.28
C ILE E 283 65.36 -11.95 1.30
N ILE E 284 64.34 -12.63 1.79
CA ILE E 284 63.55 -13.64 1.02
C ILE E 284 62.22 -12.99 0.66
N LEU E 285 61.78 -13.13 -0.59
CA LEU E 285 60.50 -12.55 -1.10
C LEU E 285 59.58 -13.68 -1.55
N ALA E 286 58.34 -13.66 -1.05
CA ALA E 286 57.27 -14.62 -1.37
C ALA E 286 56.21 -13.91 -2.22
N THR E 287 56.17 -14.22 -3.51
CA THR E 287 55.34 -13.49 -4.52
C THR E 287 54.29 -14.42 -5.11
N GLY E 288 53.02 -14.01 -5.09
CA GLY E 288 51.92 -14.75 -5.73
C GLY E 288 50.57 -14.10 -5.51
N ALA E 289 49.57 -14.55 -6.28
CA ALA E 289 48.18 -14.07 -6.24
C ALA E 289 47.60 -14.26 -4.84
N THR E 290 46.41 -13.71 -4.58
CA THR E 290 45.71 -13.89 -3.29
C THR E 290 45.39 -15.37 -3.11
N GLY E 291 45.61 -15.92 -1.92
CA GLY E 291 45.25 -17.29 -1.51
C GLY E 291 46.21 -18.35 -2.06
N THR E 292 47.44 -18.01 -2.40
CA THR E 292 48.43 -18.94 -3.01
C THR E 292 49.32 -19.61 -1.96
N GLY E 293 49.39 -19.08 -0.73
CA GLY E 293 50.12 -19.73 0.39
C GLY E 293 51.23 -18.89 0.98
N LYS E 294 51.28 -17.58 0.74
CA LYS E 294 52.35 -16.68 1.26
C LYS E 294 52.37 -16.75 2.79
N THR E 295 51.24 -16.51 3.45
CA THR E 295 51.12 -16.44 4.93
C THR E 295 51.39 -17.82 5.55
N LEU E 296 51.15 -18.91 4.80
CA LEU E 296 51.49 -20.29 5.24
C LEU E 296 53.01 -20.42 5.31
N LEU E 297 53.73 -20.11 4.22
CA LEU E 297 55.22 -20.11 4.20
C LEU E 297 55.74 -19.22 5.33
N VAL E 298 55.13 -18.05 5.54
CA VAL E 298 55.56 -17.08 6.61
C VAL E 298 55.37 -17.77 7.96
N SER E 299 54.14 -18.15 8.28
CA SER E 299 53.81 -18.87 9.54
C SER E 299 54.91 -19.90 9.80
N ARG E 300 55.15 -20.77 8.82
CA ARG E 300 56.15 -21.86 8.84
C ARG E 300 57.55 -21.30 9.11
N PHE E 301 57.93 -20.24 8.39
CA PHE E 301 59.26 -19.58 8.50
C PHE E 301 59.48 -19.11 9.96
N VAL E 302 58.40 -18.71 10.63
CA VAL E 302 58.44 -18.22 12.04
C VAL E 302 58.53 -19.42 12.99
N GLU E 303 57.77 -20.49 12.75
CA GLU E 303 57.67 -21.67 13.64
C GLU E 303 59.01 -22.43 13.70
N ASN E 304 59.82 -22.31 12.65
CA ASN E 304 61.16 -22.97 12.57
C ASN E 304 62.12 -22.33 13.58
N ALA E 305 62.07 -21.01 13.75
CA ALA E 305 62.97 -20.22 14.64
C ALA E 305 62.76 -20.63 16.09
N CYS E 306 61.49 -20.69 16.53
CA CYS E 306 61.08 -21.04 17.91
C CYS E 306 61.37 -22.52 18.19
N ALA E 307 61.33 -23.36 17.16
CA ALA E 307 61.67 -24.80 17.24
C ALA E 307 63.16 -24.99 17.53
N ASN E 308 64.00 -24.00 17.20
CA ASN E 308 65.48 -24.03 17.46
C ASN E 308 65.85 -23.00 18.53
N LYS E 309 64.89 -22.63 19.39
CA LYS E 309 65.06 -21.66 20.51
C LYS E 309 65.68 -20.36 20.00
N GLU E 310 65.04 -19.72 19.02
CA GLU E 310 65.40 -18.37 18.51
C GLU E 310 64.14 -17.49 18.54
N ARG E 311 64.31 -16.19 18.75
CA ARG E 311 63.20 -15.20 18.79
C ARG E 311 62.88 -14.75 17.36
N ALA E 312 61.59 -14.56 17.07
CA ALA E 312 61.08 -14.11 15.75
C ALA E 312 59.95 -13.09 15.94
N ILE E 313 59.85 -12.14 14.99
CA ILE E 313 58.76 -11.12 14.95
C ILE E 313 58.00 -11.29 13.64
N LEU E 314 56.69 -11.54 13.72
CA LEU E 314 55.75 -11.52 12.57
C LEU E 314 55.11 -10.13 12.52
N PHE E 315 55.50 -9.30 11.54
CA PHE E 315 54.90 -7.97 11.26
C PHE E 315 53.72 -8.16 10.30
N ALA E 316 52.53 -8.35 10.87
CA ALA E 316 51.26 -8.53 10.13
C ALA E 316 50.64 -7.16 9.83
N TYR E 317 50.16 -6.94 8.61
CA TYR E 317 49.40 -5.72 8.22
C TYR E 317 48.09 -6.06 7.49
N GLU E 318 47.69 -7.34 7.47
CA GLU E 318 46.49 -7.81 6.73
C GLU E 318 45.54 -8.54 7.68
N GLU E 319 46.06 -9.45 8.51
CA GLU E 319 45.27 -10.29 9.45
C GLU E 319 45.55 -9.86 10.89
N SER E 320 44.58 -10.06 11.78
CA SER E 320 44.71 -9.84 13.24
C SER E 320 45.34 -11.07 13.90
N ARG E 321 45.95 -10.88 15.08
CA ARG E 321 46.52 -11.98 15.91
C ARG E 321 45.50 -13.12 15.99
N ALA E 322 44.27 -12.80 16.41
CA ALA E 322 43.11 -13.73 16.50
C ALA E 322 43.08 -14.65 15.27
N GLN E 323 43.05 -14.05 14.07
CA GLN E 323 42.94 -14.79 12.79
C GLN E 323 44.26 -15.50 12.49
N LEU E 324 45.40 -14.90 12.83
CA LEU E 324 46.74 -15.48 12.57
C LEU E 324 46.96 -16.73 13.43
N LEU E 325 46.26 -16.86 14.56
CA LEU E 325 46.36 -18.06 15.43
C LEU E 325 45.40 -19.16 14.92
N ARG E 326 44.14 -18.81 14.65
CA ARG E 326 43.11 -19.75 14.14
C ARG E 326 43.67 -20.46 12.90
N ASN E 327 44.18 -19.70 11.93
CA ASN E 327 44.66 -20.20 10.61
C ASN E 327 45.93 -21.03 10.80
N ALA E 328 46.84 -20.60 11.68
CA ALA E 328 48.11 -21.30 12.00
C ALA E 328 47.79 -22.64 12.67
N TYR E 329 46.78 -22.68 13.54
CA TYR E 329 46.38 -23.90 14.31
C TYR E 329 45.73 -24.92 13.37
N SER E 330 45.07 -24.46 12.30
CA SER E 330 44.45 -25.34 11.27
C SER E 330 45.53 -25.89 10.33
N TRP E 331 46.74 -25.30 10.35
CA TRP E 331 47.93 -25.77 9.59
C TRP E 331 48.84 -26.64 10.47
N GLY E 332 48.51 -26.79 11.77
CA GLY E 332 49.14 -27.77 12.69
C GLY E 332 50.03 -27.11 13.74
N MET E 333 50.41 -25.86 13.53
CA MET E 333 51.41 -25.12 14.34
C MET E 333 50.67 -24.24 15.37
N ASP E 334 51.17 -24.20 16.61
CA ASP E 334 50.58 -23.45 17.75
C ASP E 334 51.43 -22.22 18.04
N PHE E 335 50.94 -21.03 17.67
CA PHE E 335 51.60 -19.72 17.93
C PHE E 335 51.60 -19.43 19.44
N GLU E 336 50.57 -19.87 20.17
CA GLU E 336 50.40 -19.59 21.62
C GLU E 336 51.67 -20.00 22.38
N GLU E 337 52.04 -21.27 22.33
CA GLU E 337 53.20 -21.83 23.06
C GLU E 337 54.46 -21.05 22.66
N MET E 338 54.56 -20.64 21.39
CA MET E 338 55.71 -19.84 20.89
C MET E 338 55.70 -18.45 21.54
N GLU E 339 54.52 -17.84 21.68
CA GLU E 339 54.36 -16.48 22.29
C GLU E 339 54.67 -16.55 23.78
N ARG E 340 54.07 -17.51 24.49
CA ARG E 340 54.20 -17.68 25.96
C ARG E 340 55.66 -17.98 26.32
N GLN E 341 56.35 -18.78 25.49
CA GLN E 341 57.79 -19.12 25.65
C GLN E 341 58.65 -17.87 25.41
N ASN E 342 58.06 -16.80 24.87
CA ASN E 342 58.71 -15.48 24.61
C ASN E 342 59.66 -15.60 23.42
N LEU E 343 59.29 -16.40 22.41
CA LEU E 343 60.09 -16.60 21.17
C LEU E 343 59.38 -16.03 19.93
N LEU E 344 58.09 -15.72 20.01
CA LEU E 344 57.33 -15.15 18.86
C LEU E 344 56.54 -13.93 19.33
N LYS E 345 56.76 -12.78 18.67
CA LYS E 345 55.97 -11.53 18.83
C LYS E 345 55.12 -11.33 17.57
N ILE E 346 53.80 -11.33 17.73
CA ILE E 346 52.81 -10.99 16.65
C ILE E 346 52.36 -9.53 16.86
N VAL E 347 52.73 -8.62 15.95
CA VAL E 347 52.53 -7.14 16.11
C VAL E 347 51.15 -6.69 15.59
N CYS E 348 50.82 -6.72 14.31
CA CYS E 348 49.51 -6.32 13.69
C CYS E 348 49.26 -4.80 13.75
N ALA E 349 49.20 -4.18 12.58
CA ALA E 349 48.84 -2.76 12.35
C ALA E 349 48.26 -2.60 10.94
N TYR E 350 47.28 -1.72 10.74
CA TYR E 350 46.82 -1.30 9.39
C TYR E 350 47.89 -0.40 8.78
N PRO E 351 48.23 -0.56 7.48
CA PRO E 351 49.12 0.39 6.81
C PRO E 351 48.63 1.84 6.84
N GLU E 352 47.31 2.05 6.85
CA GLU E 352 46.70 3.42 6.79
C GLU E 352 46.76 4.08 8.18
N SER E 353 47.08 3.32 9.23
CA SER E 353 47.13 3.83 10.64
C SER E 353 48.23 4.88 10.80
N ALA E 354 49.28 4.84 9.98
CA ALA E 354 50.40 5.81 10.01
C ALA E 354 51.01 5.95 8.61
N GLY E 355 52.06 6.77 8.52
CA GLY E 355 52.92 6.88 7.32
C GLY E 355 54.05 5.86 7.37
N LEU E 356 54.83 5.76 6.29
CA LEU E 356 55.91 4.76 6.11
C LEU E 356 57.02 4.97 7.16
N GLU E 357 57.50 6.21 7.33
CA GLU E 357 58.55 6.57 8.32
C GLU E 357 58.10 6.10 9.71
N ASP E 358 56.84 6.37 10.06
CA ASP E 358 56.21 5.95 11.35
C ASP E 358 56.33 4.44 11.49
N HIS E 359 55.96 3.68 10.44
CA HIS E 359 56.02 2.19 10.40
C HIS E 359 57.47 1.73 10.54
N LEU E 360 58.36 2.25 9.67
CA LEU E 360 59.83 1.96 9.71
C LEU E 360 60.33 2.17 11.14
N GLN E 361 59.86 3.24 11.79
CA GLN E 361 60.17 3.58 13.21
C GLN E 361 59.70 2.42 14.11
N ILE E 362 58.42 2.04 14.04
CA ILE E 362 57.85 0.91 14.85
C ILE E 362 58.76 -0.31 14.68
N ILE E 363 59.05 -0.69 13.43
CA ILE E 363 59.77 -1.95 13.08
C ILE E 363 61.15 -1.92 13.75
N LYS E 364 61.95 -0.87 13.50
CA LYS E 364 63.30 -0.71 14.10
C LYS E 364 63.19 -0.77 15.63
N SER E 365 62.32 0.06 16.20
CA SER E 365 62.00 0.11 17.65
C SER E 365 61.73 -1.30 18.18
N GLU E 366 60.85 -2.05 17.49
CA GLU E 366 60.33 -3.37 17.96
C GLU E 366 61.40 -4.46 17.83
N ILE E 367 62.32 -4.36 16.87
CA ILE E 367 63.43 -5.34 16.67
C ILE E 367 64.48 -5.19 17.78
N ASN E 368 64.70 -3.96 18.26
CA ASN E 368 65.75 -3.66 19.28
C ASN E 368 65.34 -4.26 20.64
N ASP E 369 64.10 -4.03 21.07
CA ASP E 369 63.57 -4.41 22.41
C ASP E 369 63.29 -5.93 22.47
N PHE E 370 63.28 -6.64 21.35
CA PHE E 370 63.00 -8.10 21.27
C PHE E 370 64.24 -8.89 20.81
N LYS E 371 65.10 -8.27 19.99
CA LYS E 371 66.39 -8.85 19.51
C LYS E 371 66.14 -10.24 18.92
N PRO E 372 65.38 -10.34 17.82
CA PRO E 372 65.12 -11.62 17.15
C PRO E 372 66.19 -11.94 16.09
N ALA E 373 66.23 -13.20 15.66
CA ALA E 373 67.10 -13.70 14.57
C ALA E 373 66.35 -13.67 13.24
N ARG E 374 65.02 -13.53 13.28
CA ARG E 374 64.14 -13.66 12.10
C ARG E 374 62.99 -12.64 12.16
N ILE E 375 62.90 -11.80 11.13
CA ILE E 375 61.78 -10.85 10.88
C ILE E 375 60.94 -11.45 9.75
N ALA E 376 59.62 -11.22 9.76
CA ALA E 376 58.70 -11.51 8.64
C ALA E 376 57.66 -10.39 8.55
N ILE E 377 57.47 -9.83 7.36
CA ILE E 377 56.48 -8.74 7.11
C ILE E 377 55.41 -9.27 6.16
N ASP E 378 54.16 -9.30 6.62
CA ASP E 378 52.99 -9.84 5.88
C ASP E 378 51.90 -8.76 5.83
N SER E 379 51.92 -7.90 4.80
CA SER E 379 52.79 -8.00 3.64
C SER E 379 53.29 -6.61 3.22
N LEU E 380 54.35 -6.56 2.41
CA LEU E 380 54.88 -5.30 1.82
C LEU E 380 53.80 -4.67 0.95
N SER E 381 53.11 -5.49 0.14
CA SER E 381 52.07 -5.05 -0.82
C SER E 381 50.96 -4.29 -0.07
N ALA E 382 50.72 -4.59 1.21
CA ALA E 382 49.76 -3.85 2.07
C ALA E 382 50.29 -2.43 2.31
N LEU E 383 51.59 -2.29 2.59
CA LEU E 383 52.26 -1.00 2.94
C LEU E 383 52.47 -0.14 1.69
N ALA E 384 52.49 -0.73 0.50
CA ALA E 384 52.71 -0.02 -0.79
C ALA E 384 51.42 0.69 -1.22
N ARG E 385 50.26 0.30 -0.67
CA ARG E 385 48.91 0.83 -1.02
C ARG E 385 48.84 2.34 -0.83
N GLY E 386 48.47 3.08 -1.87
CA GLY E 386 48.18 4.53 -1.82
C GLY E 386 49.43 5.36 -1.90
N VAL E 387 50.40 5.07 -1.04
CA VAL E 387 51.81 5.57 -1.03
C VAL E 387 52.40 5.53 -2.46
N SER E 388 53.26 6.51 -2.79
CA SER E 388 53.98 6.61 -4.09
C SER E 388 55.06 5.53 -4.16
N ASN E 389 55.41 5.12 -5.38
CA ASN E 389 56.40 4.04 -5.63
C ASN E 389 57.71 4.36 -4.91
N ASN E 390 58.23 5.59 -5.08
CA ASN E 390 59.53 6.03 -4.52
C ASN E 390 59.46 5.97 -2.99
N ALA E 391 58.45 6.61 -2.40
CA ALA E 391 58.20 6.65 -0.95
C ALA E 391 58.21 5.21 -0.42
N PHE E 392 57.55 4.31 -1.14
CA PHE E 392 57.46 2.86 -0.82
C PHE E 392 58.86 2.23 -0.87
N ARG E 393 59.55 2.32 -2.02
CA ARG E 393 60.90 1.72 -2.23
C ARG E 393 61.84 2.19 -1.11
N GLN E 394 61.78 3.49 -0.79
CA GLN E 394 62.62 4.11 0.27
C GLN E 394 62.42 3.33 1.58
N PHE E 395 61.17 3.07 1.96
CA PHE E 395 60.79 2.26 3.14
C PHE E 395 61.47 0.88 3.05
N VAL E 396 61.38 0.26 1.88
CA VAL E 396 61.89 -1.13 1.61
C VAL E 396 63.43 -1.14 1.66
N ILE E 397 64.11 -0.12 1.10
CA ILE E 397 65.61 -0.05 1.16
C ILE E 397 66.02 0.06 2.64
N GLY E 398 65.20 0.72 3.47
CA GLY E 398 65.46 0.91 4.91
C GLY E 398 65.31 -0.39 5.69
N VAL E 399 64.16 -1.06 5.55
CA VAL E 399 63.78 -2.26 6.34
C VAL E 399 64.67 -3.43 5.90
N THR E 400 64.79 -3.64 4.57
CA THR E 400 65.72 -4.62 3.95
C THR E 400 67.13 -4.35 4.45
N GLY E 401 67.58 -3.10 4.34
CA GLY E 401 68.93 -2.65 4.69
C GLY E 401 69.22 -2.79 6.17
N TYR E 402 68.24 -2.48 7.03
CA TYR E 402 68.39 -2.56 8.50
C TYR E 402 68.58 -4.02 8.93
N ALA E 403 67.74 -4.93 8.42
CA ALA E 403 67.81 -6.39 8.67
C ALA E 403 69.19 -6.91 8.25
N LYS E 404 69.62 -6.58 7.02
CA LYS E 404 70.88 -7.07 6.40
C LYS E 404 72.07 -6.75 7.31
N GLN E 405 72.25 -5.49 7.71
CA GLN E 405 73.42 -5.07 8.52
C GLN E 405 73.29 -5.59 9.96
N GLU E 406 72.09 -5.99 10.39
CA GLU E 406 71.81 -6.47 11.77
C GLU E 406 71.80 -8.02 11.82
N GLU E 407 72.18 -8.69 10.72
CA GLU E 407 72.36 -10.16 10.65
C GLU E 407 71.03 -10.88 10.98
N ILE E 408 69.88 -10.28 10.62
CA ILE E 408 68.51 -10.84 10.82
C ILE E 408 67.99 -11.34 9.48
N THR E 409 67.45 -12.57 9.43
CA THR E 409 66.80 -13.13 8.22
C THR E 409 65.41 -12.51 8.07
N GLY E 410 65.11 -12.03 6.86
CA GLY E 410 63.85 -11.33 6.54
C GLY E 410 63.07 -12.05 5.46
N LEU E 411 61.85 -12.48 5.76
CA LEU E 411 60.88 -12.99 4.76
C LEU E 411 59.82 -11.91 4.53
N PHE E 412 59.66 -11.47 3.29
CA PHE E 412 58.70 -10.40 2.90
C PHE E 412 57.69 -10.98 1.91
N THR E 413 56.42 -10.86 2.24
CA THR E 413 55.29 -11.37 1.42
C THR E 413 54.87 -10.24 0.48
N ASN E 414 54.50 -10.60 -0.74
CA ASN E 414 54.02 -9.65 -1.78
C ASN E 414 52.88 -10.32 -2.55
N THR E 415 51.71 -9.70 -2.54
CA THR E 415 50.51 -10.15 -3.31
C THR E 415 50.45 -9.36 -4.63
N SER E 416 50.55 -10.07 -5.76
CA SER E 416 50.46 -9.48 -7.13
C SER E 416 49.03 -8.98 -7.35
N ASP E 417 48.89 -7.84 -8.03
CA ASP E 417 47.58 -7.22 -8.34
C ASP E 417 46.77 -8.16 -9.24
N GLN E 418 47.42 -8.89 -10.16
CA GLN E 418 46.73 -9.89 -11.01
C GLN E 418 46.96 -11.30 -10.48
N PHE E 419 45.94 -12.16 -10.62
CA PHE E 419 45.96 -13.55 -10.11
C PHE E 419 46.50 -14.52 -11.18
N MET E 420 46.51 -14.09 -12.45
CA MET E 420 47.01 -14.92 -13.58
C MET E 420 47.50 -14.02 -14.72
N GLY E 421 48.47 -14.52 -15.48
CA GLY E 421 49.08 -13.83 -16.63
C GLY E 421 50.00 -12.70 -16.20
N ALA E 422 50.49 -12.74 -14.94
CA ALA E 422 51.43 -11.76 -14.37
C ALA E 422 52.80 -11.95 -15.01
N HIS E 423 53.38 -10.88 -15.56
CA HIS E 423 54.68 -10.89 -16.28
C HIS E 423 55.80 -10.32 -15.40
N SER E 424 55.46 -9.49 -14.41
CA SER E 424 56.44 -8.89 -13.47
C SER E 424 56.27 -9.54 -12.09
N ILE E 425 57.40 -9.91 -11.46
CA ILE E 425 57.42 -10.52 -10.10
C ILE E 425 56.66 -9.58 -9.16
N THR E 426 57.13 -8.33 -9.04
CA THR E 426 56.50 -7.27 -8.19
C THR E 426 56.06 -6.12 -9.09
N ASP E 427 54.95 -5.48 -8.73
CA ASP E 427 54.39 -4.29 -9.45
C ASP E 427 55.16 -3.04 -9.02
N SER E 428 55.81 -3.07 -7.85
CA SER E 428 56.63 -1.96 -7.31
C SER E 428 58.08 -2.07 -7.79
N HIS E 429 58.44 -3.18 -8.46
CA HIS E 429 59.78 -3.44 -9.04
C HIS E 429 60.86 -3.35 -7.96
N ILE E 430 60.85 -4.30 -7.01
CA ILE E 430 61.80 -4.38 -5.88
C ILE E 430 62.49 -5.74 -5.88
N SEP E 431 62.56 -6.37 -7.06
CA SEP E 431 63.14 -7.70 -7.20
CB SEP E 431 62.68 -8.32 -8.51
OG SEP E 431 61.28 -7.98 -8.72
C SEP E 431 64.65 -7.63 -7.08
O SEP E 431 65.27 -8.56 -6.57
P SEP E 431 60.84 -7.28 -10.12
O1P SEP E 431 61.87 -6.19 -10.39
O2P SEP E 431 59.45 -6.73 -9.86
O3P SEP E 431 60.82 -8.37 -11.17
N TPO E 432 65.25 -6.51 -7.55
CA TPO E 432 66.69 -6.36 -7.54
CB TPO E 432 67.15 -5.25 -8.51
CG2 TPO E 432 67.37 -5.77 -9.91
OG1 TPO E 432 66.10 -4.23 -8.57
P TPO E 432 66.26 -2.82 -9.38
O1P TPO E 432 67.47 -2.88 -10.30
O2P TPO E 432 65.03 -2.60 -10.10
O3P TPO E 432 66.30 -1.75 -8.38
C TPO E 432 67.20 -6.08 -6.12
O TPO E 432 68.40 -6.11 -5.88
N ILE E 433 66.27 -5.81 -5.20
CA ILE E 433 66.62 -5.52 -3.82
C ILE E 433 66.67 -6.82 -3.00
N THR E 434 65.86 -7.83 -3.37
CA THR E 434 65.81 -9.15 -2.68
C THR E 434 66.93 -10.06 -3.16
N ASP E 435 67.39 -10.96 -2.30
CA ASP E 435 68.46 -11.95 -2.58
C ASP E 435 67.83 -13.25 -3.08
N THR E 436 66.69 -13.62 -2.51
CA THR E 436 65.98 -14.90 -2.81
C THR E 436 64.51 -14.59 -3.12
N ILE E 437 63.96 -15.18 -4.19
CA ILE E 437 62.55 -15.02 -4.59
C ILE E 437 61.89 -16.40 -4.68
N ILE E 438 61.00 -16.67 -3.72
CA ILE E 438 59.99 -17.77 -3.80
C ILE E 438 58.85 -17.24 -4.65
N LEU E 439 58.33 -18.07 -5.55
CA LEU E 439 57.24 -17.67 -6.47
C LEU E 439 56.11 -18.71 -6.38
N LEU E 440 54.99 -18.31 -5.76
CA LEU E 440 53.73 -19.07 -5.78
C LEU E 440 52.93 -18.58 -6.98
N GLN E 441 52.21 -19.48 -7.64
CA GLN E 441 51.31 -19.13 -8.76
C GLN E 441 50.22 -20.19 -8.86
N TYR E 442 49.03 -19.80 -9.29
CA TYR E 442 47.97 -20.76 -9.70
C TYR E 442 48.32 -21.34 -11.05
N VAL E 443 47.78 -22.52 -11.28
CA VAL E 443 47.91 -23.32 -12.53
C VAL E 443 46.56 -23.99 -12.73
N GLU E 444 45.99 -23.88 -13.93
CA GLU E 444 44.67 -24.44 -14.28
C GLU E 444 44.88 -25.70 -15.11
N ILE E 445 44.62 -26.87 -14.53
CA ILE E 445 44.61 -28.19 -15.22
C ILE E 445 43.27 -28.89 -14.93
N ARG E 446 42.64 -29.47 -15.95
CA ARG E 446 41.43 -30.33 -15.80
C ARG E 446 40.32 -29.56 -15.07
N GLY E 447 40.15 -28.27 -15.38
CA GLY E 447 39.06 -27.43 -14.86
C GLY E 447 39.17 -27.18 -13.36
N GLU E 448 40.39 -27.27 -12.81
CA GLU E 448 40.67 -27.03 -11.37
C GLU E 448 41.76 -25.97 -11.23
N MET E 449 41.92 -25.44 -10.02
CA MET E 449 42.98 -24.45 -9.68
C MET E 449 44.02 -25.15 -8.80
N SER E 450 45.17 -25.48 -9.38
CA SER E 450 46.34 -26.02 -8.66
C SER E 450 47.20 -24.84 -8.19
N ARG E 451 48.20 -25.12 -7.36
CA ARG E 451 49.28 -24.17 -7.02
C ARG E 451 50.61 -24.80 -7.45
N ALA E 452 51.66 -23.98 -7.54
CA ALA E 452 52.97 -24.40 -8.05
C ALA E 452 54.05 -23.46 -7.52
N ILE E 453 54.75 -23.88 -6.46
CA ILE E 453 55.92 -23.15 -5.91
C ILE E 453 57.07 -23.27 -6.90
N ASN E 454 57.96 -22.27 -6.91
CA ASN E 454 59.20 -22.26 -7.71
C ASN E 454 60.21 -21.36 -6.99
N VAL E 455 61.42 -21.86 -6.77
CA VAL E 455 62.58 -21.02 -6.31
C VAL E 455 63.12 -20.28 -7.54
N PHE E 456 62.65 -19.05 -7.74
CA PHE E 456 62.88 -18.25 -8.98
C PHE E 456 64.34 -17.79 -9.02
N LYS E 457 64.92 -17.45 -7.86
CA LYS E 457 66.37 -17.14 -7.77
C LYS E 457 66.88 -17.32 -6.33
N MET E 458 68.20 -17.47 -6.23
CA MET E 458 68.97 -17.53 -4.95
C MET E 458 70.36 -16.93 -5.20
N ARG E 459 70.71 -15.92 -4.42
CA ARG E 459 72.05 -15.27 -4.45
C ARG E 459 73.01 -16.07 -3.57
N GLY E 460 73.81 -16.95 -4.18
CA GLY E 460 74.80 -17.77 -3.46
C GLY E 460 74.59 -19.25 -3.71
N SER E 461 73.34 -19.72 -3.61
CA SER E 461 72.99 -21.17 -3.65
C SER E 461 72.80 -21.64 -5.09
N TRP E 462 72.64 -22.95 -5.27
CA TRP E 462 72.41 -23.62 -6.57
C TRP E 462 70.92 -23.51 -6.95
N HIS E 463 70.04 -23.89 -6.01
CA HIS E 463 68.54 -23.95 -6.10
C HIS E 463 68.05 -24.84 -7.25
N ASP E 464 66.92 -25.51 -7.01
CA ASP E 464 66.14 -26.30 -7.99
C ASP E 464 65.47 -25.34 -8.97
N LYS E 465 65.51 -25.64 -10.27
CA LYS E 465 64.93 -24.77 -11.34
C LYS E 465 63.54 -25.28 -11.72
N ALA E 466 62.94 -26.16 -10.91
CA ALA E 466 61.67 -26.86 -11.22
C ALA E 466 60.47 -26.11 -10.64
N ILE E 467 59.40 -25.99 -11.44
CA ILE E 467 58.08 -25.46 -11.01
C ILE E 467 57.27 -26.62 -10.44
N ARG E 468 57.51 -26.96 -9.18
CA ARG E 468 56.87 -28.11 -8.50
C ARG E 468 55.44 -27.71 -8.12
N GLU E 469 54.46 -28.55 -8.43
CA GLU E 469 53.07 -28.38 -7.93
C GLU E 469 53.12 -28.58 -6.42
N PHE E 470 52.16 -28.03 -5.69
CA PHE E 470 52.06 -28.26 -4.23
C PHE E 470 50.61 -28.08 -3.78
N MET E 471 50.32 -28.74 -2.67
CA MET E 471 48.98 -28.81 -2.03
C MET E 471 49.13 -28.30 -0.60
N ILE E 472 48.06 -27.72 -0.06
CA ILE E 472 47.95 -27.30 1.36
C ILE E 472 46.90 -28.20 2.01
N SER E 473 47.15 -28.57 3.26
CA SER E 473 46.32 -29.50 4.05
C SER E 473 46.30 -29.02 5.50
N ASP E 474 45.88 -29.87 6.43
CA ASP E 474 45.99 -29.64 7.89
C ASP E 474 47.47 -29.66 8.29
N LYS E 475 48.30 -30.40 7.54
CA LYS E 475 49.73 -30.65 7.86
C LYS E 475 50.61 -29.46 7.47
N GLY E 476 50.16 -28.59 6.55
CA GLY E 476 50.95 -27.46 6.02
C GLY E 476 51.14 -27.57 4.51
N PRO E 477 52.29 -27.12 3.93
CA PRO E 477 52.55 -27.27 2.51
C PRO E 477 53.25 -28.59 2.16
N ASP E 478 52.75 -29.28 1.14
CA ASP E 478 53.35 -30.51 0.57
C ASP E 478 53.81 -30.21 -0.87
N ILE E 479 55.12 -30.20 -1.12
CA ILE E 479 55.71 -29.86 -2.47
C ILE E 479 55.99 -31.15 -3.24
N LYS E 480 55.12 -31.47 -4.20
CA LYS E 480 55.17 -32.72 -5.02
C LYS E 480 56.09 -32.49 -6.23
N ASP E 481 55.68 -32.97 -7.42
CA ASP E 481 56.55 -33.10 -8.61
C ASP E 481 56.36 -31.91 -9.56
N SER E 482 57.23 -31.78 -10.56
CA SER E 482 57.18 -30.74 -11.61
C SER E 482 56.07 -31.08 -12.62
N PHE E 483 55.66 -30.09 -13.42
CA PHE E 483 54.68 -30.25 -14.53
C PHE E 483 55.44 -30.60 -15.81
N ARG E 484 56.11 -31.74 -15.82
CA ARG E 484 57.04 -32.16 -16.91
C ARG E 484 56.26 -32.27 -18.23
N ASN E 485 54.97 -32.63 -18.18
CA ASN E 485 54.14 -32.92 -19.38
C ASN E 485 53.19 -31.74 -19.64
N PHE E 486 53.69 -30.50 -19.57
CA PHE E 486 52.91 -29.26 -19.82
C PHE E 486 53.80 -28.16 -20.41
N GLU E 487 53.18 -27.34 -21.27
CA GLU E 487 53.77 -26.13 -21.89
C GLU E 487 53.03 -24.89 -21.36
N ARG E 488 53.73 -23.77 -21.23
CA ARG E 488 53.16 -22.45 -20.82
C ARG E 488 52.52 -22.59 -19.43
N ILE E 489 53.21 -23.29 -18.52
CA ILE E 489 52.84 -23.40 -17.07
C ILE E 489 52.69 -21.98 -16.51
N ILE E 490 53.65 -21.10 -16.83
CA ILE E 490 53.75 -19.72 -16.30
C ILE E 490 52.54 -18.89 -16.74
N SER E 491 51.93 -19.20 -17.89
CA SER E 491 50.71 -18.50 -18.40
C SER E 491 49.60 -18.54 -17.34
N GLY E 492 49.36 -19.71 -16.74
CA GLY E 492 48.25 -19.95 -15.79
C GLY E 492 47.24 -20.95 -16.31
N SER E 493 47.20 -21.13 -17.64
CA SER E 493 46.38 -22.15 -18.34
C SER E 493 47.28 -22.88 -19.34
N PRO E 494 48.09 -23.86 -18.87
CA PRO E 494 49.02 -24.56 -19.75
C PRO E 494 48.28 -25.61 -20.59
N THR E 495 49.01 -26.27 -21.49
CA THR E 495 48.51 -27.29 -22.43
C THR E 495 49.35 -28.56 -22.27
N ARG E 496 48.71 -29.72 -22.08
CA ARG E 496 49.41 -31.03 -21.91
C ARG E 496 50.15 -31.36 -23.22
N ILE E 497 51.45 -31.61 -23.15
CA ILE E 497 52.34 -31.88 -24.32
C ILE E 497 52.45 -33.39 -24.50
N ALA F 17 54.59 14.58 31.18
CA ALA F 17 53.34 14.08 30.55
C ALA F 17 52.16 15.00 30.94
N ILE F 18 51.94 16.05 30.14
CA ILE F 18 50.79 16.99 30.28
C ILE F 18 49.52 16.18 30.45
N ALA F 19 48.89 16.26 31.63
CA ALA F 19 47.60 15.60 31.94
C ALA F 19 46.49 16.28 31.15
N LYS F 20 45.67 15.49 30.44
CA LYS F 20 44.67 16.01 29.46
C LYS F 20 43.27 15.94 30.06
N MET F 21 42.35 16.68 29.46
CA MET F 21 40.90 16.68 29.79
C MET F 21 40.14 16.00 28.64
N ARG F 22 39.25 15.06 28.97
CA ARG F 22 38.43 14.32 27.97
C ARG F 22 37.28 15.22 27.49
N THR F 23 37.15 15.41 26.18
CA THR F 23 36.08 16.19 25.51
C THR F 23 34.78 15.36 25.46
N MET F 24 34.92 14.04 25.32
CA MET F 24 33.81 13.07 25.11
C MET F 24 33.12 13.32 23.76
N ILE F 25 33.76 14.08 22.87
CA ILE F 25 33.37 14.15 21.43
C ILE F 25 33.84 12.82 20.81
N GLU F 26 32.93 12.09 20.16
CA GLU F 26 33.17 10.69 19.69
C GLU F 26 34.44 10.65 18.82
N GLY F 27 35.49 10.00 19.32
CA GLY F 27 36.72 9.70 18.57
C GLY F 27 37.79 10.78 18.71
N PHE F 28 37.45 11.96 19.25
CA PHE F 28 38.41 13.08 19.41
C PHE F 28 39.50 12.69 20.42
N ASP F 29 39.09 12.20 21.59
CA ASP F 29 40.00 11.87 22.72
C ASP F 29 41.01 10.80 22.28
N ASP F 30 40.65 9.93 21.35
CA ASP F 30 41.56 8.92 20.75
C ASP F 30 42.63 9.63 19.91
N ILE F 31 42.22 10.64 19.13
CA ILE F 31 43.11 11.40 18.20
C ILE F 31 44.12 12.22 19.01
N SER F 32 43.71 12.77 20.15
CA SER F 32 44.56 13.60 21.04
C SER F 32 45.27 12.73 22.09
N HIS F 33 44.94 11.44 22.16
CA HIS F 33 45.43 10.48 23.19
C HIS F 33 45.02 10.95 24.59
N GLY F 34 43.72 11.17 24.80
CA GLY F 34 43.15 11.51 26.12
C GLY F 34 42.16 12.67 26.04
N GLY F 35 42.45 13.67 25.21
CA GLY F 35 41.63 14.89 25.08
C GLY F 35 42.49 16.14 25.10
N LEU F 36 41.91 17.28 25.46
CA LEU F 36 42.57 18.61 25.39
C LEU F 36 43.48 18.79 26.61
N PRO F 37 44.77 19.13 26.40
CA PRO F 37 45.67 19.51 27.49
C PRO F 37 45.03 20.52 28.46
N ILE F 38 45.08 20.21 29.76
CA ILE F 38 44.44 21.01 30.84
C ILE F 38 45.23 22.31 31.03
N GLY F 39 44.51 23.42 31.23
CA GLY F 39 45.10 24.74 31.56
C GLY F 39 45.44 25.54 30.33
N ARG F 40 46.03 24.90 29.31
CA ARG F 40 46.39 25.54 28.03
C ARG F 40 45.12 25.78 27.20
N SER F 41 45.20 26.68 26.22
CA SER F 41 44.14 26.96 25.22
C SER F 41 44.37 26.09 23.99
N THR F 42 43.29 25.62 23.37
CA THR F 42 43.33 24.91 22.06
C THR F 42 42.67 25.77 20.99
N LEU F 43 43.42 26.15 19.97
CA LEU F 43 42.93 26.90 18.79
C LEU F 43 42.20 25.92 17.86
N VAL F 44 40.94 26.21 17.53
CA VAL F 44 40.12 25.41 16.57
C VAL F 44 39.74 26.32 15.40
N SER F 45 40.46 26.22 14.29
CA SER F 45 40.22 26.98 13.04
C SER F 45 39.49 26.10 12.03
N GLY F 46 39.03 26.74 10.96
CA GLY F 46 38.34 26.12 9.82
C GLY F 46 37.64 27.19 9.02
N THR F 47 37.27 26.89 7.78
CA THR F 47 36.42 27.75 6.93
C THR F 47 35.01 27.76 7.54
N SER F 48 34.06 28.42 6.89
CA SER F 48 32.67 28.57 7.40
C SER F 48 31.95 27.22 7.33
N GLY F 49 31.20 26.87 8.38
CA GLY F 49 30.35 25.67 8.43
C GLY F 49 31.14 24.38 8.57
N THR F 50 32.29 24.42 9.25
CA THR F 50 33.21 23.26 9.44
C THR F 50 33.03 22.66 10.85
N GLY F 51 32.22 23.27 11.70
CA GLY F 51 31.84 22.74 13.02
C GLY F 51 32.66 23.32 14.16
N LYS F 52 33.16 24.55 14.04
CA LYS F 52 33.95 25.23 15.10
C LYS F 52 33.05 25.51 16.31
N THR F 53 32.00 26.30 16.10
CA THR F 53 30.97 26.61 17.13
C THR F 53 30.45 25.30 17.72
N LEU F 54 30.07 24.36 16.86
CA LEU F 54 29.51 23.06 17.26
C LEU F 54 30.53 22.32 18.14
N PHE F 55 31.79 22.30 17.73
CA PHE F 55 32.89 21.64 18.49
C PHE F 55 32.93 22.20 19.92
N SER F 56 32.88 23.52 20.07
CA SER F 56 32.96 24.21 21.38
C SER F 56 31.73 23.88 22.22
N ILE F 57 30.52 24.07 21.69
CA ILE F 57 29.24 23.76 22.40
C ILE F 57 29.30 22.34 22.95
N GLN F 58 29.74 21.38 22.15
CA GLN F 58 29.95 19.98 22.57
C GLN F 58 30.95 19.96 23.74
N PHE F 59 32.11 20.56 23.53
CA PHE F 59 33.26 20.54 24.47
C PHE F 59 32.78 20.91 25.88
N LEU F 60 31.92 21.92 26.01
CA LEU F 60 31.34 22.35 27.30
C LEU F 60 30.25 21.35 27.72
N TYR F 61 29.23 21.15 26.87
CA TYR F 61 28.02 20.35 27.18
C TYR F 61 28.43 19.00 27.78
N ASN F 62 29.39 18.32 27.17
CA ASN F 62 29.93 17.01 27.64
C ASN F 62 30.55 17.21 29.02
N GLY F 63 31.38 18.25 29.18
CA GLY F 63 32.04 18.62 30.45
C GLY F 63 31.05 18.78 31.59
N ILE F 64 29.84 19.28 31.29
CA ILE F 64 28.77 19.56 32.31
C ILE F 64 28.05 18.24 32.64
N ILE F 65 27.58 17.52 31.62
CA ILE F 65 26.72 16.31 31.79
C ILE F 65 27.56 15.14 32.33
N GLU F 66 28.74 14.88 31.74
CA GLU F 66 29.53 13.64 31.99
C GLU F 66 30.49 13.81 33.19
N PHE F 67 30.92 15.03 33.51
CA PHE F 67 31.97 15.28 34.53
C PHE F 67 31.54 16.28 35.62
N ASP F 68 30.49 17.07 35.40
CA ASP F 68 30.06 18.17 36.32
C ASP F 68 31.19 19.20 36.42
N GLU F 69 31.71 19.65 35.28
CA GLU F 69 32.72 20.72 35.18
C GLU F 69 32.05 21.94 34.54
N PRO F 70 31.71 23.00 35.32
CA PRO F 70 30.99 24.15 34.77
C PRO F 70 31.72 24.82 33.59
N GLY F 71 30.95 25.45 32.71
CA GLY F 71 31.41 25.94 31.40
C GLY F 71 30.96 27.36 31.13
N VAL F 72 31.89 28.19 30.65
CA VAL F 72 31.64 29.59 30.24
C VAL F 72 31.84 29.71 28.73
N PHE F 73 30.80 30.19 28.03
CA PHE F 73 30.81 30.38 26.56
C PHE F 73 30.81 31.87 26.26
N VAL F 74 31.96 32.39 25.81
CA VAL F 74 32.14 33.82 25.43
C VAL F 74 31.73 33.96 23.96
N THR F 75 30.56 34.54 23.70
CA THR F 75 30.04 34.78 22.33
C THR F 75 30.32 36.22 21.92
N PHE F 76 31.18 36.38 20.91
CA PHE F 76 31.53 37.69 20.31
C PHE F 76 30.52 38.06 19.23
N GLU F 77 30.03 37.07 18.46
CA GLU F 77 29.14 37.28 17.29
C GLU F 77 27.72 36.85 17.64
N GLU F 78 27.49 35.53 17.73
CA GLU F 78 26.13 34.92 17.84
C GLU F 78 25.51 35.30 19.19
N THR F 79 24.20 35.56 19.21
CA THR F 79 23.44 36.01 20.41
C THR F 79 23.10 34.81 21.29
N PRO F 80 23.21 34.95 22.63
CA PRO F 80 22.91 33.86 23.57
C PRO F 80 21.63 33.06 23.32
N GLN F 81 20.54 33.72 22.90
CA GLN F 81 19.22 33.09 22.59
C GLN F 81 19.40 32.11 21.42
N ASP F 82 20.17 32.50 20.39
CA ASP F 82 20.40 31.71 19.16
C ASP F 82 21.25 30.48 19.48
N ILE F 83 22.29 30.62 20.30
CA ILE F 83 23.18 29.49 20.72
C ILE F 83 22.30 28.47 21.46
N ILE F 84 21.42 28.95 22.34
CA ILE F 84 20.41 28.12 23.07
C ILE F 84 19.50 27.43 22.04
N LYS F 85 18.97 28.18 21.06
CA LYS F 85 18.02 27.68 20.02
C LYS F 85 18.71 26.59 19.19
N ASN F 86 19.89 26.89 18.62
CA ASN F 86 20.63 26.02 17.67
C ASN F 86 20.97 24.68 18.33
N ALA F 87 21.32 24.66 19.61
CA ALA F 87 21.67 23.43 20.36
C ALA F 87 20.46 22.51 20.47
N ARG F 88 19.23 23.06 20.43
CA ARG F 88 17.96 22.29 20.50
C ARG F 88 17.75 21.49 19.21
N SER F 89 18.63 21.65 18.21
CA SER F 89 18.73 20.78 17.01
C SER F 89 19.37 19.44 17.38
N PHE F 90 20.38 19.47 18.27
CA PHE F 90 21.18 18.30 18.72
C PHE F 90 20.58 17.71 20.01
N GLY F 91 19.50 18.30 20.54
CA GLY F 91 18.79 17.81 21.74
C GLY F 91 19.56 18.09 23.03
N TRP F 92 20.32 19.19 23.06
CA TRP F 92 21.08 19.66 24.25
C TRP F 92 20.37 20.88 24.84
N ASP F 93 19.81 20.74 26.04
CA ASP F 93 19.16 21.87 26.77
C ASP F 93 20.25 22.69 27.46
N LEU F 94 20.82 23.65 26.73
CA LEU F 94 21.81 24.64 27.26
C LEU F 94 21.10 25.64 28.18
N ALA F 95 19.75 25.65 28.16
CA ALA F 95 18.88 26.48 29.04
C ALA F 95 18.91 25.93 30.47
N LYS F 96 18.58 24.65 30.65
CA LYS F 96 18.64 23.95 31.96
C LYS F 96 20.04 24.17 32.55
N LEU F 97 21.07 23.88 31.75
CA LEU F 97 22.51 24.02 32.13
C LEU F 97 22.82 25.47 32.52
N VAL F 98 22.21 26.45 31.85
CA VAL F 98 22.36 27.90 32.17
C VAL F 98 21.69 28.15 33.53
N ASP F 99 20.44 27.71 33.67
CA ASP F 99 19.59 27.89 34.88
C ASP F 99 20.31 27.25 36.09
N GLU F 100 20.66 25.98 35.99
CA GLU F 100 21.25 25.15 37.08
C GLU F 100 22.65 25.67 37.50
N GLY F 101 23.18 26.69 36.81
CA GLY F 101 24.48 27.31 37.15
C GLY F 101 25.67 26.53 36.62
N LYS F 102 25.46 25.68 35.61
CA LYS F 102 26.50 24.78 35.03
C LYS F 102 27.15 25.46 33.82
N LEU F 103 26.32 25.95 32.89
CA LEU F 103 26.75 26.70 31.68
C LEU F 103 26.49 28.18 31.91
N PHE F 104 27.40 29.05 31.47
CA PHE F 104 27.22 30.52 31.48
C PHE F 104 27.66 31.09 30.13
N ILE F 105 26.76 31.82 29.47
CA ILE F 105 26.98 32.44 28.14
C ILE F 105 27.26 33.94 28.36
N LEU F 106 28.54 34.32 28.33
CA LEU F 106 29.01 35.71 28.51
C LEU F 106 28.90 36.46 27.17
N ASP F 107 27.76 37.11 26.94
CA ASP F 107 27.49 37.94 25.74
C ASP F 107 28.56 39.04 25.67
N ALA F 108 29.46 38.93 24.69
CA ALA F 108 30.61 39.84 24.48
C ALA F 108 30.55 40.42 23.06
N SER F 109 29.42 41.06 22.72
CA SER F 109 29.15 41.65 21.39
C SER F 109 28.95 43.16 21.50
N PRO F 110 29.01 43.90 20.36
CA PRO F 110 28.80 45.35 20.32
C PRO F 110 27.36 45.75 19.95
N ASP F 111 26.46 45.89 20.92
CA ASP F 111 25.10 46.45 20.73
C ASP F 111 24.82 46.72 19.25
N PRO F 112 23.73 46.16 18.68
CA PRO F 112 23.39 46.33 17.27
C PRO F 112 22.98 47.76 16.90
N GLU F 113 22.45 48.52 17.87
CA GLU F 113 21.88 49.88 17.66
C GLU F 113 23.01 50.88 17.35
N GLY F 114 24.07 50.93 18.18
CA GLY F 114 25.23 51.82 17.95
C GLY F 114 26.07 52.04 19.20
N GLN F 115 27.37 52.31 19.06
CA GLN F 115 28.27 52.57 20.22
C GLN F 115 29.66 53.14 19.88
N GLU F 116 30.17 52.99 18.65
CA GLU F 116 31.55 53.37 18.20
C GLU F 116 32.55 53.73 19.33
N VAL F 117 32.55 53.12 20.53
CA VAL F 117 33.38 53.52 21.71
C VAL F 117 34.63 52.64 21.78
N ASP F 122 39.07 47.72 26.01
CA ASP F 122 38.60 46.72 25.03
C ASP F 122 39.00 45.31 25.51
N LEU F 123 40.32 45.06 25.57
CA LEU F 123 40.90 43.73 25.93
C LEU F 123 40.64 43.46 27.42
N SER F 124 41.24 44.26 28.31
CA SER F 124 41.27 44.03 29.78
C SER F 124 39.85 44.00 30.36
N ALA F 125 38.89 44.70 29.74
CA ALA F 125 37.45 44.66 30.12
C ALA F 125 36.93 43.23 30.01
N LEU F 126 37.16 42.58 28.86
CA LEU F 126 36.71 41.20 28.56
C LEU F 126 37.41 40.19 29.48
N ILE F 127 38.74 40.31 29.65
CA ILE F 127 39.56 39.34 30.43
C ILE F 127 39.15 39.41 31.91
N GLU F 128 38.84 40.62 32.41
CA GLU F 128 38.28 40.85 33.77
C GLU F 128 36.83 40.36 33.81
N ARG F 129 36.05 40.63 32.75
CA ARG F 129 34.67 40.09 32.57
C ARG F 129 34.71 38.56 32.63
N ILE F 130 35.65 37.95 31.92
CA ILE F 130 35.76 36.47 31.72
C ILE F 130 36.24 35.82 33.02
N ASN F 131 37.25 36.38 33.68
CA ASN F 131 37.78 35.85 34.97
C ASN F 131 36.65 35.83 36.00
N TYR F 132 35.96 36.97 36.16
CA TYR F 132 34.77 37.13 37.04
C TYR F 132 33.78 36.00 36.76
N ALA F 133 33.52 35.71 35.49
CA ALA F 133 32.64 34.62 35.03
C ALA F 133 33.22 33.26 35.47
N ILE F 134 34.53 33.06 35.23
CA ILE F 134 35.25 31.78 35.52
C ILE F 134 35.24 31.52 37.03
N GLN F 135 35.64 32.52 37.82
CA GLN F 135 35.84 32.41 39.30
C GLN F 135 34.48 32.27 40.00
N LYS F 136 33.41 32.86 39.46
CA LYS F 136 32.05 32.77 40.06
C LYS F 136 31.55 31.33 39.96
N TYR F 137 31.32 30.83 38.73
CA TYR F 137 30.60 29.57 38.43
C TYR F 137 31.49 28.35 38.67
N ARG F 138 32.75 28.54 39.07
CA ARG F 138 33.74 27.46 39.35
C ARG F 138 34.02 26.71 38.05
N ALA F 139 34.26 27.46 36.97
CA ALA F 139 34.34 26.94 35.57
C ALA F 139 35.71 26.28 35.34
N ARG F 140 35.68 25.02 34.89
CA ARG F 140 36.88 24.26 34.45
C ARG F 140 37.12 24.55 32.97
N ARG F 141 36.04 24.71 32.19
CA ARG F 141 36.08 24.82 30.70
C ARG F 141 35.57 26.20 30.26
N VAL F 142 36.18 26.74 29.21
CA VAL F 142 35.80 28.03 28.56
C VAL F 142 35.96 27.85 27.05
N SER F 143 35.18 28.58 26.24
CA SER F 143 35.27 28.55 24.76
C SER F 143 34.90 29.92 24.18
N ILE F 144 35.90 30.72 23.84
CA ILE F 144 35.73 32.01 23.10
C ILE F 144 35.45 31.67 21.63
N ASP F 145 34.35 32.18 21.08
CA ASP F 145 33.87 31.87 19.70
C ASP F 145 33.25 33.13 19.09
N SER F 146 33.94 33.81 18.15
CA SER F 146 35.28 33.52 17.71
C SER F 146 36.20 34.67 18.13
N VAL F 147 37.46 34.37 18.43
CA VAL F 147 38.49 35.38 18.83
C VAL F 147 38.82 36.28 17.64
N THR F 148 38.71 35.77 16.40
CA THR F 148 39.01 36.53 15.16
C THR F 148 38.02 37.69 15.01
N SER F 149 36.79 37.52 15.50
CA SER F 149 35.68 38.51 15.46
C SER F 149 36.09 39.81 16.16
N VAL F 150 36.87 39.72 17.25
CA VAL F 150 37.31 40.89 18.07
C VAL F 150 38.14 41.83 17.17
N PHE F 151 39.06 41.29 16.39
CA PHE F 151 39.93 42.07 15.46
C PHE F 151 39.10 42.56 14.27
N SER F 158 50.77 42.04 13.28
CA SER F 158 51.54 42.60 14.42
C SER F 158 50.61 42.89 15.61
N VAL F 159 49.50 43.58 15.35
CA VAL F 159 48.53 44.05 16.40
C VAL F 159 47.82 42.84 17.03
N VAL F 160 47.43 41.85 16.21
CA VAL F 160 46.62 40.66 16.63
C VAL F 160 47.49 39.70 17.44
N ARG F 161 48.81 39.70 17.26
CA ARG F 161 49.75 38.76 17.93
C ARG F 161 49.72 38.97 19.44
N ARG F 162 50.03 40.19 19.89
CA ARG F 162 50.21 40.55 21.32
C ARG F 162 48.85 40.54 22.04
N GLU F 163 47.77 40.91 21.34
CA GLU F 163 46.39 40.99 21.90
C GLU F 163 45.89 39.58 22.25
N LEU F 164 46.10 38.61 21.33
CA LEU F 164 45.78 37.16 21.56
C LEU F 164 46.65 36.65 22.71
N PHE F 165 47.96 36.90 22.63
CA PHE F 165 48.99 36.44 23.59
C PHE F 165 48.65 36.88 25.03
N ARG F 166 48.09 38.08 25.19
CA ARG F 166 47.63 38.61 26.50
C ARG F 166 46.43 37.77 26.98
N LEU F 167 45.46 37.52 26.09
CA LEU F 167 44.24 36.73 26.38
C LEU F 167 44.63 35.31 26.80
N VAL F 168 45.63 34.71 26.14
CA VAL F 168 46.07 33.31 26.43
C VAL F 168 46.68 33.25 27.82
N ALA F 169 47.71 34.06 28.08
CA ALA F 169 48.46 34.08 29.36
C ALA F 169 47.47 34.32 30.50
N ARG F 170 46.62 35.34 30.36
CA ARG F 170 45.54 35.70 31.32
C ARG F 170 44.71 34.46 31.65
N LEU F 171 44.32 33.68 30.64
CA LEU F 171 43.50 32.45 30.79
C LEU F 171 44.36 31.35 31.44
N LYS F 172 45.64 31.28 31.08
CA LYS F 172 46.58 30.29 31.66
C LYS F 172 46.81 30.60 33.14
N GLN F 173 46.95 31.89 33.49
CA GLN F 173 46.98 32.36 34.90
C GLN F 173 45.74 31.83 35.63
N ILE F 174 44.54 32.18 35.15
CA ILE F 174 43.24 31.70 35.71
C ILE F 174 43.32 30.17 35.79
N GLY F 175 43.92 29.54 34.79
CA GLY F 175 44.25 28.10 34.77
C GLY F 175 43.08 27.27 34.26
N ALA F 176 42.37 27.78 33.26
CA ALA F 176 41.21 27.12 32.62
C ALA F 176 41.60 26.56 31.26
N THR F 177 41.10 25.36 30.95
CA THR F 177 41.09 24.76 29.59
C THR F 177 40.16 25.57 28.70
N THR F 178 40.66 26.07 27.57
CA THR F 178 39.88 26.93 26.66
C THR F 178 40.00 26.44 25.22
N VAL F 179 38.90 26.59 24.48
CA VAL F 179 38.80 26.31 23.02
C VAL F 179 38.49 27.62 22.32
N MET F 180 39.52 28.22 21.70
CA MET F 180 39.40 29.46 20.91
C MET F 180 39.13 29.11 19.45
N THR F 181 38.01 29.60 18.92
CA THR F 181 37.58 29.38 17.52
C THR F 181 38.20 30.44 16.62
N THR F 182 38.73 30.03 15.46
CA THR F 182 39.39 30.92 14.48
C THR F 182 38.68 30.77 13.12
N GLU F 183 38.96 31.69 12.18
CA GLU F 183 38.34 31.70 10.84
C GLU F 183 39.43 31.59 9.76
N ARG F 184 39.12 30.88 8.67
CA ARG F 184 39.99 30.75 7.48
C ARG F 184 39.16 31.05 6.23
N ILE F 185 39.85 31.32 5.11
CA ILE F 185 39.21 31.68 3.81
C ILE F 185 39.41 30.48 2.87
N GLU F 186 40.65 30.16 2.53
CA GLU F 186 41.02 29.00 1.68
C GLU F 186 41.01 27.73 2.55
N GLU F 187 40.89 26.56 1.92
CA GLU F 187 40.73 25.26 2.62
C GLU F 187 42.10 24.70 2.99
N TYR F 188 43.13 24.95 2.18
CA TYR F 188 44.50 24.39 2.36
C TYR F 188 45.56 25.49 2.51
N GLY F 189 45.18 26.76 2.57
CA GLY F 189 46.10 27.91 2.70
C GLY F 189 46.67 28.03 4.11
N PRO F 190 46.68 29.24 4.73
CA PRO F 190 47.12 29.41 6.11
C PRO F 190 46.09 28.85 7.10
N ILE F 191 46.55 28.48 8.30
CA ILE F 191 45.77 27.78 9.36
C ILE F 191 44.70 28.75 9.89
N ALA F 192 45.10 29.99 10.18
CA ALA F 192 44.24 31.05 10.71
C ALA F 192 44.28 32.26 9.77
N ARG F 193 43.54 33.32 10.11
CA ARG F 193 43.34 34.51 9.24
C ARG F 193 44.69 35.21 9.01
N TYR F 194 45.42 35.53 10.08
CA TYR F 194 46.57 36.48 10.07
C TYR F 194 47.91 35.74 10.03
N GLY F 195 47.90 34.40 9.98
CA GLY F 195 49.10 33.56 9.95
C GLY F 195 49.91 33.70 11.23
N VAL F 196 49.23 33.95 12.35
CA VAL F 196 49.85 34.29 13.67
C VAL F 196 49.23 33.43 14.77
N GLU F 197 47.89 33.38 14.83
CA GLU F 197 47.08 32.70 15.89
C GLU F 197 47.59 31.28 16.17
N GLU F 198 48.25 30.63 15.20
CA GLU F 198 48.73 29.22 15.29
C GLU F 198 49.96 29.16 16.21
N PHE F 199 50.89 30.10 16.05
CA PHE F 199 52.21 30.10 16.75
C PHE F 199 52.03 30.55 18.21
N VAL F 200 50.93 31.25 18.51
CA VAL F 200 50.65 31.78 19.87
C VAL F 200 50.09 30.66 20.76
N SER F 201 49.16 29.86 20.23
CA SER F 201 48.53 28.73 20.96
C SER F 201 49.53 27.56 21.08
N ASP F 202 49.34 26.75 22.12
CA ASP F 202 50.07 25.47 22.36
C ASP F 202 49.41 24.35 21.53
N ASN F 203 48.08 24.38 21.44
CA ASN F 203 47.24 23.33 20.81
C ASN F 203 46.52 23.92 19.59
N VAL F 204 46.73 23.33 18.41
CA VAL F 204 46.07 23.76 17.16
C VAL F 204 45.34 22.57 16.56
N VAL F 205 44.05 22.77 16.30
CA VAL F 205 43.15 21.84 15.56
C VAL F 205 42.70 22.54 14.28
N ILE F 206 42.67 21.81 13.17
CA ILE F 206 42.15 22.29 11.86
C ILE F 206 40.92 21.47 11.48
N LEU F 207 39.76 22.11 11.40
CA LEU F 207 38.54 21.53 10.78
C LEU F 207 38.54 21.92 9.30
N ARG F 208 38.62 20.93 8.41
CA ARG F 208 38.55 21.14 6.94
C ARG F 208 37.19 20.64 6.44
N ASN F 209 36.65 21.33 5.44
CA ASN F 209 35.39 20.96 4.74
C ASN F 209 35.70 20.98 3.25
N VAL F 210 36.60 20.09 2.82
CA VAL F 210 37.16 20.08 1.44
C VAL F 210 36.07 19.62 0.48
N LEU F 211 36.02 20.28 -0.67
CA LEU F 211 35.13 19.94 -1.80
C LEU F 211 35.83 18.90 -2.68
N GLU F 212 35.66 17.62 -2.37
CA GLU F 212 36.08 16.47 -3.21
C GLU F 212 35.16 16.40 -4.44
N GLY F 213 35.55 17.05 -5.54
CA GLY F 213 34.82 17.05 -6.83
C GLY F 213 33.31 16.97 -6.67
N GLU F 214 32.68 18.10 -6.31
CA GLU F 214 31.21 18.29 -6.16
C GLU F 214 30.69 17.73 -4.82
N ARG F 215 31.39 16.76 -4.21
CA ARG F 215 31.03 16.24 -2.86
C ARG F 215 31.94 16.88 -1.80
N ARG F 216 31.44 16.99 -0.57
CA ARG F 216 32.14 17.62 0.57
C ARG F 216 32.61 16.56 1.56
N ARG F 217 33.80 16.76 2.13
CA ARG F 217 34.42 15.84 3.13
C ARG F 217 34.93 16.66 4.32
N ARG F 218 34.35 16.45 5.50
CA ARG F 218 34.76 17.13 6.75
C ARG F 218 35.91 16.33 7.39
N THR F 219 37.07 16.94 7.56
CA THR F 219 38.29 16.24 8.08
C THR F 219 38.89 17.06 9.22
N LEU F 220 38.97 16.44 10.40
CA LEU F 220 39.62 16.99 11.60
C LEU F 220 41.10 16.63 11.57
N GLU F 221 41.95 17.50 12.11
CA GLU F 221 43.42 17.28 12.23
C GLU F 221 43.93 18.03 13.45
N ILE F 222 44.58 17.33 14.38
CA ILE F 222 45.35 17.98 15.48
C ILE F 222 46.77 18.23 14.95
N LEU F 223 47.04 19.50 14.63
CA LEU F 223 48.29 19.96 13.97
C LEU F 223 49.46 19.80 14.95
N LYS F 224 49.29 20.32 16.16
CA LYS F 224 50.26 20.17 17.28
C LYS F 224 49.51 20.07 18.62
N LEU F 225 50.18 19.46 19.59
CA LEU F 225 49.89 19.59 21.04
C LEU F 225 51.24 19.71 21.75
N ARG F 226 51.61 20.91 22.20
CA ARG F 226 52.93 21.12 22.85
C ARG F 226 53.07 20.17 24.03
N GLY F 227 54.21 19.49 24.11
CA GLY F 227 54.61 18.63 25.23
C GLY F 227 53.74 17.39 25.37
N THR F 228 53.09 16.93 24.30
CA THR F 228 52.33 15.66 24.30
C THR F 228 52.27 15.05 22.90
N SER F 229 51.98 13.75 22.87
CA SER F 229 51.70 12.96 21.63
C SER F 229 50.24 13.18 21.24
N HIS F 230 49.95 12.86 19.97
CA HIS F 230 48.61 12.91 19.36
C HIS F 230 48.70 12.14 18.05
N MET F 231 47.56 11.88 17.41
CA MET F 231 47.51 11.21 16.09
C MET F 231 47.71 12.27 15.01
N LYS F 232 48.77 12.11 14.20
CA LYS F 232 49.13 13.01 13.07
C LYS F 232 48.21 12.70 11.89
N GLY F 233 48.21 13.58 10.88
CA GLY F 233 47.36 13.47 9.68
C GLY F 233 45.92 13.88 9.97
N GLU F 234 45.06 13.96 8.95
CA GLU F 234 43.62 14.31 9.16
C GLU F 234 42.76 13.05 9.21
N TYR F 235 41.69 13.14 10.00
CA TYR F 235 40.69 12.08 10.23
C TYR F 235 39.33 12.60 9.79
N PRO F 236 38.56 11.78 9.05
CA PRO F 236 37.26 12.20 8.58
C PRO F 236 36.26 12.14 9.73
N PHE F 237 35.28 13.04 9.73
CA PHE F 237 34.18 13.05 10.71
C PHE F 237 32.89 13.37 9.98
N THR F 238 31.80 13.42 10.73
CA THR F 238 30.46 13.77 10.22
C THR F 238 29.68 14.49 11.32
N ILE F 239 28.90 15.49 10.91
CA ILE F 239 27.97 16.24 11.80
C ILE F 239 26.57 15.64 11.61
N THR F 240 26.14 14.81 12.55
CA THR F 240 24.78 14.23 12.62
C THR F 240 24.07 14.78 13.85
N ASP F 241 22.80 14.40 14.03
CA ASP F 241 21.97 14.74 15.21
C ASP F 241 22.78 14.58 16.51
N HIS F 242 23.73 13.66 16.55
CA HIS F 242 24.61 13.38 17.74
C HIS F 242 25.70 14.45 17.88
N GLY F 243 25.87 15.34 16.92
CA GLY F 243 27.00 16.29 16.84
C GLY F 243 28.15 15.71 16.02
N ILE F 244 29.39 16.05 16.38
CA ILE F 244 30.63 15.63 15.65
C ILE F 244 30.94 14.17 16.00
N ASN F 245 31.46 13.42 15.03
CA ASN F 245 31.66 11.95 15.09
C ASN F 245 32.93 11.59 14.30
N ILE F 246 34.11 11.80 14.87
CA ILE F 246 35.37 11.48 14.13
C ILE F 246 35.56 9.97 14.13
N PHE F 247 36.04 9.46 12.98
CA PHE F 247 36.36 8.04 12.74
C PHE F 247 37.87 7.89 12.65
N PRO F 248 38.56 7.47 13.75
CA PRO F 248 39.97 7.10 13.65
C PRO F 248 40.12 5.87 12.75
N LEU F 249 40.27 6.10 11.44
CA LEU F 249 40.47 5.04 10.41
C LEU F 249 41.66 4.17 10.82
N GLY F 250 42.73 4.82 11.33
CA GLY F 250 43.97 4.16 11.76
C GLY F 250 43.79 3.32 13.00
N ALA F 251 43.33 3.94 14.09
CA ALA F 251 43.39 3.40 15.48
C ALA F 251 42.60 2.10 15.61
N MET F 252 41.47 1.98 14.92
CA MET F 252 40.67 0.73 14.99
C MET F 252 41.55 -0.42 14.49
N ARG F 253 42.64 -0.70 15.22
CA ARG F 253 43.71 -1.63 14.81
C ARG F 253 43.14 -3.04 14.78
N LEU F 254 43.99 -3.97 14.37
CA LEU F 254 43.66 -5.39 14.19
C LEU F 254 43.57 -6.08 15.55
N THR F 255 42.50 -5.80 16.30
CA THR F 255 42.22 -6.40 17.63
C THR F 255 40.81 -6.98 17.63
N GLN F 256 40.40 -7.55 16.50
CA GLN F 256 39.11 -8.26 16.39
C GLN F 256 39.31 -9.74 16.74
N ARG F 257 38.21 -10.42 17.10
CA ARG F 257 38.19 -11.85 17.50
C ARG F 257 38.18 -12.72 16.23
N SER F 258 38.12 -14.05 16.43
CA SER F 258 38.13 -15.08 15.36
C SER F 258 37.66 -16.41 15.95
N SER F 259 36.95 -17.22 15.16
CA SER F 259 36.49 -18.57 15.58
C SER F 259 36.33 -19.49 14.36
N ASN F 260 36.37 -20.80 14.60
CA ASN F 260 36.22 -21.87 13.58
C ASN F 260 34.74 -22.27 13.46
N VAL F 261 33.84 -21.58 14.16
CA VAL F 261 32.36 -21.77 14.00
C VAL F 261 32.00 -21.44 12.55
N ARG F 262 31.11 -22.23 11.94
CA ARG F 262 30.68 -22.03 10.54
C ARG F 262 29.21 -21.63 10.48
N VAL F 263 28.86 -20.93 9.40
CA VAL F 263 27.47 -20.53 9.04
C VAL F 263 27.27 -20.85 7.57
N SER F 264 26.02 -21.12 7.16
CA SER F 264 25.66 -21.53 5.78
C SER F 264 25.72 -20.33 4.84
N SER F 265 25.77 -20.59 3.54
CA SER F 265 25.83 -19.61 2.43
C SER F 265 24.41 -19.39 1.86
N GLY F 266 23.47 -20.27 2.20
CA GLY F 266 22.14 -20.36 1.56
C GLY F 266 22.10 -21.44 0.49
N VAL F 267 23.27 -21.84 -0.04
CA VAL F 267 23.42 -22.91 -1.08
C VAL F 267 24.21 -24.07 -0.46
N VAL F 268 23.54 -25.20 -0.19
CA VAL F 268 24.14 -26.41 0.47
C VAL F 268 25.40 -26.81 -0.29
N ARG F 269 25.29 -26.87 -1.61
CA ARG F 269 26.36 -27.30 -2.54
C ARG F 269 27.57 -26.37 -2.40
N LEU F 270 27.35 -25.06 -2.17
CA LEU F 270 28.43 -24.03 -2.01
C LEU F 270 29.02 -24.13 -0.60
N ASP F 271 28.18 -24.37 0.42
CA ASP F 271 28.65 -24.73 1.78
C ASP F 271 29.69 -25.84 1.65
N GLU F 272 29.30 -26.95 1.01
CA GLU F 272 30.14 -28.15 0.78
C GLU F 272 31.48 -27.74 0.14
N MET F 273 31.44 -26.91 -0.91
CA MET F 273 32.64 -26.48 -1.66
C MET F 273 33.55 -25.65 -0.75
N CYS F 274 32.98 -24.95 0.24
CA CYS F 274 33.71 -24.13 1.24
C CYS F 274 34.20 -25.00 2.42
N GLY F 275 33.91 -26.30 2.39
CA GLY F 275 34.36 -27.27 3.41
C GLY F 275 33.52 -27.22 4.68
N GLY F 276 32.21 -27.04 4.55
CA GLY F 276 31.24 -27.04 5.66
C GLY F 276 30.38 -25.79 5.70
N GLY F 277 30.87 -24.68 5.15
CA GLY F 277 30.20 -23.38 5.14
C GLY F 277 31.21 -22.25 5.26
N PHE F 278 30.74 -21.01 5.19
CA PHE F 278 31.57 -19.82 5.51
C PHE F 278 31.79 -19.81 7.02
N PHE F 279 32.93 -19.28 7.47
CA PHE F 279 33.17 -18.97 8.90
C PHE F 279 32.23 -17.83 9.29
N LYS F 280 31.82 -17.80 10.56
CA LYS F 280 30.97 -16.72 11.12
C LYS F 280 31.78 -15.42 11.16
N ASP F 281 33.06 -15.52 11.53
CA ASP F 281 34.03 -14.40 11.57
C ASP F 281 34.80 -14.38 10.24
N SER F 282 34.17 -13.93 9.16
CA SER F 282 34.83 -13.81 7.84
C SER F 282 34.20 -12.72 6.98
N ILE F 283 35.03 -12.14 6.10
CA ILE F 283 34.61 -11.27 4.97
C ILE F 283 34.51 -12.15 3.73
N ILE F 284 33.29 -12.35 3.21
CA ILE F 284 33.06 -13.09 1.94
C ILE F 284 33.05 -12.05 0.82
N LEU F 285 33.72 -12.35 -0.29
CA LEU F 285 33.76 -11.49 -1.49
C LEU F 285 33.25 -12.30 -2.69
N ALA F 286 32.05 -11.95 -3.18
CA ALA F 286 31.46 -12.48 -4.43
C ALA F 286 31.86 -11.54 -5.58
N THR F 287 32.67 -12.03 -6.51
CA THR F 287 33.21 -11.25 -7.65
C THR F 287 32.78 -11.90 -8.97
N GLY F 288 32.49 -11.08 -9.98
CA GLY F 288 32.23 -11.57 -11.34
C GLY F 288 31.81 -10.46 -12.26
N ALA F 289 31.68 -10.78 -13.54
CA ALA F 289 31.14 -9.86 -14.57
C ALA F 289 29.65 -9.64 -14.30
N THR F 290 29.06 -8.63 -14.94
CA THR F 290 27.63 -8.25 -14.78
C THR F 290 26.75 -9.44 -15.20
N GLY F 291 25.74 -9.75 -14.40
CA GLY F 291 24.70 -10.76 -14.70
C GLY F 291 25.13 -12.19 -14.42
N THR F 292 26.15 -12.39 -13.57
CA THR F 292 26.72 -13.73 -13.25
C THR F 292 25.93 -14.37 -12.10
N GLY F 293 25.54 -13.58 -11.09
CA GLY F 293 24.66 -14.04 -10.00
C GLY F 293 25.11 -13.58 -8.62
N LYS F 294 25.71 -12.40 -8.49
CA LYS F 294 26.18 -11.89 -7.17
C LYS F 294 24.95 -11.68 -6.28
N THR F 295 23.96 -10.94 -6.77
CA THR F 295 22.74 -10.54 -6.02
C THR F 295 21.93 -11.79 -5.66
N LEU F 296 22.03 -12.84 -6.46
CA LEU F 296 21.41 -14.16 -6.12
C LEU F 296 22.15 -14.73 -4.90
N LEU F 297 23.46 -14.98 -4.99
CA LEU F 297 24.29 -15.46 -3.85
C LEU F 297 23.95 -14.61 -2.63
N VAL F 298 23.88 -13.29 -2.79
CA VAL F 298 23.53 -12.32 -1.71
C VAL F 298 22.14 -12.66 -1.17
N SER F 299 21.12 -12.60 -2.03
CA SER F 299 19.71 -12.82 -1.66
C SER F 299 19.62 -14.08 -0.79
N ARG F 300 20.29 -15.14 -1.23
CA ARG F 300 20.24 -16.50 -0.62
C ARG F 300 21.02 -16.51 0.69
N PHE F 301 22.13 -15.77 0.75
CA PHE F 301 22.92 -15.52 1.98
C PHE F 301 22.00 -14.96 3.07
N VAL F 302 21.09 -14.06 2.67
CA VAL F 302 20.21 -13.27 3.58
C VAL F 302 19.02 -14.15 4.01
N GLU F 303 18.34 -14.80 3.07
CA GLU F 303 17.25 -15.76 3.37
C GLU F 303 17.69 -16.70 4.49
N ASN F 304 18.90 -17.26 4.35
CA ASN F 304 19.44 -18.33 5.23
C ASN F 304 19.40 -17.88 6.69
N ALA F 305 19.84 -16.65 6.99
CA ALA F 305 19.85 -16.07 8.35
C ALA F 305 18.42 -16.04 8.88
N CYS F 306 17.46 -15.61 8.05
CA CYS F 306 16.03 -15.48 8.42
C CYS F 306 15.41 -16.87 8.65
N ALA F 307 15.79 -17.86 7.83
CA ALA F 307 15.39 -19.28 8.00
C ALA F 307 15.89 -19.80 9.35
N ASN F 308 17.05 -19.30 9.83
CA ASN F 308 17.66 -19.68 11.14
C ASN F 308 17.26 -18.66 12.23
N LYS F 309 16.17 -17.90 12.00
CA LYS F 309 15.63 -16.87 12.93
C LYS F 309 16.76 -15.95 13.45
N GLU F 310 17.84 -15.78 12.67
CA GLU F 310 18.89 -14.75 12.88
C GLU F 310 18.47 -13.50 12.11
N ARG F 311 18.94 -12.31 12.50
CA ARG F 311 18.59 -11.02 11.85
C ARG F 311 19.71 -10.62 10.88
N ALA F 312 19.34 -10.11 9.70
CA ALA F 312 20.29 -9.64 8.67
C ALA F 312 19.81 -8.33 8.04
N ILE F 313 20.76 -7.51 7.59
CA ILE F 313 20.51 -6.24 6.85
C ILE F 313 21.04 -6.41 5.42
N LEU F 314 20.29 -5.89 4.44
CA LEU F 314 20.73 -5.85 3.02
C LEU F 314 20.96 -4.40 2.60
N PHE F 315 22.24 -4.00 2.55
CA PHE F 315 22.68 -2.68 2.03
C PHE F 315 22.75 -2.75 0.50
N ALA F 316 21.67 -2.37 -0.18
CA ALA F 316 21.53 -2.40 -1.65
C ALA F 316 21.85 -1.03 -2.24
N TYR F 317 22.78 -0.97 -3.20
CA TYR F 317 23.28 0.29 -3.81
C TYR F 317 22.96 0.35 -5.31
N GLU F 318 22.35 -0.68 -5.88
CA GLU F 318 22.10 -0.76 -7.34
C GLU F 318 20.62 -0.99 -7.68
N GLU F 319 19.79 -1.38 -6.70
CA GLU F 319 18.39 -1.80 -6.95
C GLU F 319 17.46 -1.28 -5.84
N SER F 320 16.25 -0.88 -6.23
CA SER F 320 15.15 -0.46 -5.31
C SER F 320 14.59 -1.70 -4.60
N ARG F 321 14.13 -1.54 -3.36
CA ARG F 321 13.51 -2.63 -2.55
C ARG F 321 12.53 -3.38 -3.44
N ALA F 322 11.65 -2.65 -4.13
CA ALA F 322 10.59 -3.18 -5.02
C ALA F 322 11.18 -4.17 -6.02
N GLN F 323 12.31 -3.81 -6.67
CA GLN F 323 12.95 -4.63 -7.72
C GLN F 323 13.72 -5.80 -7.09
N LEU F 324 14.29 -5.62 -5.90
CA LEU F 324 14.94 -6.72 -5.15
C LEU F 324 13.88 -7.76 -4.77
N LEU F 325 12.74 -7.28 -4.26
CA LEU F 325 11.59 -8.10 -3.82
C LEU F 325 11.09 -8.98 -4.96
N ARG F 326 10.93 -8.41 -6.16
CA ARG F 326 10.50 -9.15 -7.37
C ARG F 326 11.58 -10.18 -7.71
N ASN F 327 12.79 -9.72 -8.05
CA ASN F 327 13.93 -10.55 -8.47
C ASN F 327 14.09 -11.72 -7.49
N ALA F 328 14.05 -11.43 -6.19
CA ALA F 328 14.05 -12.43 -5.09
C ALA F 328 12.88 -13.40 -5.31
N TYR F 329 11.63 -12.90 -5.28
CA TYR F 329 10.39 -13.72 -5.34
C TYR F 329 10.40 -14.61 -6.60
N SER F 330 11.02 -14.14 -7.69
CA SER F 330 11.19 -14.93 -8.94
C SER F 330 12.18 -16.08 -8.73
N TRP F 331 12.98 -16.04 -7.66
CA TRP F 331 13.93 -17.12 -7.26
C TRP F 331 13.39 -17.91 -6.06
N GLY F 332 12.08 -17.84 -5.77
CA GLY F 332 11.52 -18.27 -4.47
C GLY F 332 11.74 -17.20 -3.42
N MET F 333 12.07 -17.59 -2.19
CA MET F 333 12.50 -16.69 -1.08
C MET F 333 11.66 -15.38 -1.07
N ASP F 334 10.65 -15.34 -0.21
CA ASP F 334 9.71 -14.21 -0.01
C ASP F 334 10.36 -13.18 0.93
N PHE F 335 10.94 -12.11 0.38
CA PHE F 335 11.64 -11.04 1.14
C PHE F 335 10.62 -10.27 2.00
N GLU F 336 9.34 -10.25 1.57
CA GLU F 336 8.23 -9.59 2.31
C GLU F 336 8.16 -10.14 3.74
N GLU F 337 7.91 -11.44 3.88
CA GLU F 337 7.73 -12.12 5.21
C GLU F 337 8.99 -11.87 6.05
N MET F 338 10.18 -11.97 5.46
CA MET F 338 11.49 -11.79 6.15
C MET F 338 11.54 -10.41 6.80
N GLU F 339 10.97 -9.39 6.15
CA GLU F 339 10.76 -8.04 6.74
C GLU F 339 9.67 -8.11 7.81
N ARG F 340 8.54 -8.78 7.51
CA ARG F 340 7.37 -8.86 8.44
C ARG F 340 7.77 -9.54 9.74
N GLN F 341 8.65 -10.54 9.68
CA GLN F 341 9.13 -11.30 10.86
C GLN F 341 10.26 -10.54 11.57
N ASN F 342 10.50 -9.28 11.21
CA ASN F 342 11.60 -8.42 11.71
C ASN F 342 12.91 -9.20 11.76
N LEU F 343 13.21 -9.96 10.69
CA LEU F 343 14.49 -10.72 10.51
C LEU F 343 15.31 -10.09 9.38
N LEU F 344 14.76 -9.12 8.64
CA LEU F 344 15.42 -8.55 7.43
C LEU F 344 15.07 -7.07 7.28
N LYS F 345 16.10 -6.22 7.33
CA LYS F 345 16.02 -4.77 6.98
C LYS F 345 16.76 -4.57 5.65
N ILE F 346 16.03 -4.13 4.62
CA ILE F 346 16.60 -3.75 3.29
C ILE F 346 16.78 -2.23 3.29
N VAL F 347 17.99 -1.74 3.05
CA VAL F 347 18.29 -0.27 3.13
C VAL F 347 17.96 0.37 1.77
N CYS F 348 18.86 0.31 0.78
CA CYS F 348 18.72 0.97 -0.54
C CYS F 348 19.05 2.46 -0.44
N ALA F 349 20.12 2.88 -1.12
CA ALA F 349 20.53 4.29 -1.30
C ALA F 349 21.50 4.37 -2.47
N TYR F 350 21.45 5.46 -3.24
CA TYR F 350 22.42 5.73 -4.33
C TYR F 350 23.79 5.98 -3.71
N PRO F 351 24.85 5.29 -4.18
CA PRO F 351 26.22 5.61 -3.77
C PRO F 351 26.59 7.10 -3.85
N GLU F 352 26.10 7.82 -4.87
CA GLU F 352 26.48 9.24 -5.15
C GLU F 352 25.69 10.19 -4.24
N SER F 353 24.72 9.69 -3.46
CA SER F 353 23.85 10.49 -2.55
C SER F 353 24.49 10.59 -1.15
N ALA F 354 25.80 10.89 -1.10
CA ALA F 354 26.63 10.91 0.12
C ALA F 354 28.09 10.59 -0.26
N GLY F 355 29.03 11.04 0.56
CA GLY F 355 30.43 10.58 0.54
C GLY F 355 30.59 9.30 1.35
N LEU F 356 31.76 8.67 1.26
CA LEU F 356 32.08 7.40 1.98
C LEU F 356 31.92 7.59 3.49
N GLU F 357 32.50 8.67 4.06
CA GLU F 357 32.44 8.99 5.51
C GLU F 357 31.01 8.79 6.02
N ASP F 358 30.01 9.24 5.25
CA ASP F 358 28.58 9.24 5.62
C ASP F 358 28.05 7.80 5.54
N HIS F 359 28.10 7.17 4.36
CA HIS F 359 27.72 5.75 4.13
C HIS F 359 28.18 4.86 5.27
N LEU F 360 29.46 4.95 5.65
CA LEU F 360 30.07 4.17 6.76
C LEU F 360 29.29 4.45 8.05
N GLN F 361 29.08 5.74 8.38
CA GLN F 361 28.28 6.17 9.55
C GLN F 361 26.86 5.61 9.44
N ILE F 362 26.26 5.66 8.24
CA ILE F 362 24.89 5.09 7.99
C ILE F 362 24.93 3.61 8.36
N ILE F 363 25.96 2.89 7.90
CA ILE F 363 26.09 1.41 8.08
C ILE F 363 26.20 1.11 9.57
N LYS F 364 27.21 1.66 10.25
CA LYS F 364 27.46 1.46 11.71
C LYS F 364 26.17 1.71 12.47
N SER F 365 25.54 2.87 12.24
CA SER F 365 24.28 3.31 12.87
C SER F 365 23.18 2.29 12.60
N GLU F 366 23.05 1.85 11.34
CA GLU F 366 22.01 0.88 10.91
C GLU F 366 22.29 -0.49 11.54
N ILE F 367 23.57 -0.83 11.79
CA ILE F 367 23.98 -2.10 12.47
C ILE F 367 23.62 -2.01 13.95
N ASN F 368 23.95 -0.90 14.62
CA ASN F 368 23.70 -0.68 16.07
C ASN F 368 22.21 -0.81 16.36
N ASP F 369 21.36 -0.23 15.51
CA ASP F 369 19.89 -0.19 15.70
C ASP F 369 19.31 -1.61 15.65
N PHE F 370 19.78 -2.44 14.71
CA PHE F 370 19.13 -3.73 14.35
C PHE F 370 19.88 -4.93 14.95
N LYS F 371 21.16 -4.78 15.28
CA LYS F 371 22.01 -5.83 15.92
C LYS F 371 21.93 -7.11 15.08
N PRO F 372 22.42 -7.08 13.81
CA PRO F 372 22.25 -8.20 12.90
C PRO F 372 23.40 -9.21 12.99
N ALA F 373 23.10 -10.48 12.70
CA ALA F 373 24.08 -11.58 12.60
C ALA F 373 24.85 -11.46 11.28
N ARG F 374 24.15 -11.17 10.19
CA ARG F 374 24.72 -11.16 8.82
C ARG F 374 24.44 -9.84 8.12
N ILE F 375 25.40 -9.40 7.33
CA ILE F 375 25.28 -8.21 6.45
C ILE F 375 25.61 -8.61 5.03
N ALA F 376 24.90 -8.00 4.08
CA ALA F 376 25.23 -8.03 2.65
C ALA F 376 25.34 -6.60 2.13
N ILE F 377 26.48 -6.29 1.50
CA ILE F 377 26.68 -5.06 0.71
C ILE F 377 26.77 -5.45 -0.77
N ASP F 378 25.69 -5.16 -1.50
CA ASP F 378 25.52 -5.43 -2.95
C ASP F 378 25.27 -4.10 -3.67
N SER F 379 26.31 -3.47 -4.22
CA SER F 379 27.66 -4.00 -4.34
C SER F 379 28.68 -2.96 -3.86
N LEU F 380 29.90 -3.39 -3.54
CA LEU F 380 31.02 -2.50 -3.13
C LEU F 380 31.47 -1.67 -4.34
N SER F 381 31.56 -2.27 -5.53
CA SER F 381 32.03 -1.60 -6.76
C SER F 381 31.14 -0.38 -7.07
N ALA F 382 29.85 -0.43 -6.71
CA ALA F 382 28.91 0.71 -6.79
C ALA F 382 29.48 1.89 -5.99
N LEU F 383 29.98 1.62 -4.77
CA LEU F 383 30.47 2.65 -3.81
C LEU F 383 31.89 3.10 -4.19
N ALA F 384 32.61 2.35 -5.04
CA ALA F 384 33.96 2.71 -5.53
C ALA F 384 33.84 3.68 -6.72
N ARG F 385 32.60 3.86 -7.23
CA ARG F 385 32.26 4.68 -8.41
C ARG F 385 32.62 6.15 -8.18
N GLY F 386 33.53 6.69 -8.98
CA GLY F 386 33.82 8.14 -9.06
C GLY F 386 34.43 8.65 -7.76
N VAL F 387 35.26 7.83 -7.12
CA VAL F 387 35.99 8.17 -5.88
C VAL F 387 37.44 7.69 -6.03
N SER F 388 38.37 8.32 -5.31
CA SER F 388 39.80 7.95 -5.27
C SER F 388 39.95 6.53 -4.73
N ASN F 389 40.93 5.79 -5.25
CA ASN F 389 41.21 4.38 -4.89
C ASN F 389 41.52 4.29 -3.38
N ASN F 390 42.22 5.28 -2.84
CA ASN F 390 42.67 5.31 -1.42
C ASN F 390 41.47 5.56 -0.48
N ALA F 391 40.56 6.46 -0.85
CA ALA F 391 39.36 6.77 -0.06
C ALA F 391 38.44 5.55 -0.01
N PHE F 392 38.43 4.75 -1.09
CA PHE F 392 37.61 3.52 -1.20
C PHE F 392 38.14 2.45 -0.24
N ARG F 393 39.44 2.13 -0.34
CA ARG F 393 40.14 1.22 0.61
C ARG F 393 39.74 1.59 2.03
N GLN F 394 40.05 2.83 2.44
CA GLN F 394 39.64 3.43 3.74
C GLN F 394 38.25 2.92 4.10
N PHE F 395 37.27 3.13 3.21
CA PHE F 395 35.84 2.77 3.44
C PHE F 395 35.74 1.27 3.68
N VAL F 396 36.35 0.47 2.80
CA VAL F 396 36.32 -1.02 2.87
C VAL F 396 36.96 -1.46 4.19
N ILE F 397 38.21 -1.03 4.46
CA ILE F 397 38.92 -1.33 5.74
C ILE F 397 37.94 -1.06 6.89
N GLY F 398 37.22 0.06 6.81
CA GLY F 398 36.22 0.51 7.80
C GLY F 398 35.16 -0.55 8.06
N VAL F 399 34.31 -0.84 7.07
CA VAL F 399 33.13 -1.74 7.25
C VAL F 399 33.63 -3.18 7.48
N THR F 400 34.72 -3.58 6.83
CA THR F 400 35.39 -4.90 7.00
C THR F 400 35.75 -5.09 8.48
N GLY F 401 36.66 -4.25 9.00
CA GLY F 401 37.16 -4.30 10.39
C GLY F 401 36.04 -4.21 11.40
N TYR F 402 34.99 -3.45 11.10
CA TYR F 402 33.84 -3.22 12.01
C TYR F 402 33.00 -4.49 12.13
N ALA F 403 32.57 -5.08 11.00
CA ALA F 403 31.80 -6.34 10.95
C ALA F 403 32.61 -7.48 11.58
N LYS F 404 33.94 -7.42 11.48
CA LYS F 404 34.86 -8.43 12.07
C LYS F 404 34.85 -8.31 13.59
N GLN F 405 35.02 -7.10 14.14
CA GLN F 405 35.11 -6.88 15.61
C GLN F 405 33.73 -7.07 16.26
N GLU F 406 32.63 -6.89 15.51
CA GLU F 406 31.24 -7.02 16.03
C GLU F 406 30.76 -8.47 15.87
N GLU F 407 31.59 -9.37 15.35
CA GLU F 407 31.30 -10.82 15.16
C GLU F 407 30.19 -11.00 14.13
N ILE F 408 30.20 -10.21 13.06
CA ILE F 408 29.16 -10.19 11.99
C ILE F 408 29.72 -10.77 10.69
N THR F 409 28.97 -11.68 10.08
CA THR F 409 29.26 -12.32 8.77
C THR F 409 28.98 -11.30 7.66
N GLY F 410 30.02 -10.90 6.92
CA GLY F 410 29.91 -9.91 5.83
C GLY F 410 30.10 -10.56 4.47
N LEU F 411 29.09 -10.46 3.60
CA LEU F 411 29.16 -10.81 2.16
C LEU F 411 29.13 -9.52 1.34
N PHE F 412 30.24 -9.20 0.67
CA PHE F 412 30.43 -7.98 -0.13
C PHE F 412 30.58 -8.40 -1.60
N THR F 413 29.83 -7.77 -2.51
CA THR F 413 29.85 -8.11 -3.95
C THR F 413 30.64 -7.05 -4.70
N ASN F 414 31.41 -7.47 -5.71
CA ASN F 414 32.25 -6.57 -6.56
C ASN F 414 32.03 -6.99 -8.02
N THR F 415 31.33 -6.17 -8.80
CA THR F 415 31.11 -6.42 -10.24
C THR F 415 32.36 -5.96 -10.99
N SER F 416 33.10 -6.91 -11.57
CA SER F 416 34.41 -6.67 -12.23
C SER F 416 34.17 -5.95 -13.55
N ASP F 417 35.04 -4.98 -13.89
CA ASP F 417 34.93 -4.10 -15.08
C ASP F 417 34.95 -4.96 -16.35
N GLN F 418 35.81 -5.97 -16.42
CA GLN F 418 35.89 -6.91 -17.57
C GLN F 418 34.94 -8.08 -17.34
N PHE F 419 34.17 -8.47 -18.36
CA PHE F 419 33.18 -9.57 -18.28
C PHE F 419 33.84 -10.90 -18.62
N MET F 420 34.93 -10.88 -19.40
CA MET F 420 35.70 -12.08 -19.79
C MET F 420 37.16 -11.68 -20.05
N GLY F 421 38.10 -12.48 -19.55
CA GLY F 421 39.55 -12.25 -19.68
C GLY F 421 40.09 -11.41 -18.53
N ALA F 422 39.30 -11.20 -17.47
CA ALA F 422 39.71 -10.49 -16.24
C ALA F 422 40.99 -11.12 -15.71
N HIS F 423 42.04 -10.32 -15.52
CA HIS F 423 43.37 -10.78 -15.05
C HIS F 423 43.52 -10.52 -13.54
N SER F 424 42.56 -9.83 -12.93
CA SER F 424 42.56 -9.48 -11.48
C SER F 424 41.19 -9.82 -10.86
N ILE F 425 41.19 -10.29 -9.61
CA ILE F 425 39.95 -10.59 -8.82
C ILE F 425 39.15 -9.29 -8.72
N THR F 426 39.78 -8.21 -8.26
CA THR F 426 39.17 -6.85 -8.15
C THR F 426 40.08 -5.82 -8.82
N ASP F 427 39.50 -4.78 -9.41
CA ASP F 427 40.22 -3.64 -10.02
C ASP F 427 40.68 -2.71 -8.90
N SER F 428 39.98 -2.73 -7.76
CA SER F 428 40.25 -1.87 -6.57
C SER F 428 41.37 -2.48 -5.73
N HIS F 429 41.77 -3.73 -6.01
CA HIS F 429 42.84 -4.47 -5.28
C HIS F 429 42.49 -4.53 -3.79
N ILE F 430 41.39 -5.20 -3.45
CA ILE F 430 40.91 -5.39 -2.05
C ILE F 430 40.79 -6.88 -1.75
N SEP F 431 41.66 -7.69 -2.38
CA SEP F 431 41.63 -9.13 -2.23
CB SEP F 431 42.30 -9.78 -3.42
OG SEP F 431 41.94 -9.03 -4.62
C SEP F 431 42.27 -9.55 -0.90
O SEP F 431 41.87 -10.54 -0.31
P SEP F 431 43.10 -8.63 -5.69
O1P SEP F 431 44.32 -8.18 -4.89
O2P SEP F 431 42.51 -7.50 -6.51
O3P SEP F 431 43.37 -9.86 -6.53
N TPO F 432 43.26 -8.76 -0.44
CA TPO F 432 43.96 -9.04 0.79
CB TPO F 432 45.23 -8.19 0.94
CG2 TPO F 432 46.13 -8.71 2.04
OG1 TPO F 432 46.01 -8.24 -0.32
P TPO F 432 47.20 -7.18 -0.62
O1P TPO F 432 48.38 -8.01 -1.04
O2P TPO F 432 46.68 -6.28 -1.73
O3P TPO F 432 47.49 -6.41 0.66
C TPO F 432 43.06 -8.79 2.00
O TPO F 432 43.29 -9.36 3.06
N ILE F 433 42.02 -7.96 1.84
CA ILE F 433 41.16 -7.60 2.96
C ILE F 433 40.12 -8.70 3.18
N THR F 434 39.73 -9.41 2.12
CA THR F 434 38.69 -10.48 2.17
C THR F 434 39.32 -11.80 2.61
N ASP F 435 38.60 -12.56 3.43
CA ASP F 435 39.03 -13.89 3.95
C ASP F 435 38.63 -14.95 2.92
N THR F 436 37.38 -14.91 2.46
CA THR F 436 36.80 -15.84 1.46
C THR F 436 36.55 -15.10 0.15
N ILE F 437 36.89 -15.72 -0.99
CA ILE F 437 36.66 -15.14 -2.35
C ILE F 437 35.88 -16.17 -3.18
N ILE F 438 34.61 -15.88 -3.42
CA ILE F 438 33.73 -16.61 -4.38
C ILE F 438 33.85 -15.90 -5.72
N LEU F 439 34.46 -16.55 -6.72
CA LEU F 439 34.64 -15.99 -8.09
C LEU F 439 33.56 -16.60 -8.99
N LEU F 440 32.72 -15.76 -9.58
CA LEU F 440 31.77 -16.13 -10.66
C LEU F 440 32.33 -15.64 -12.00
N GLN F 441 32.17 -16.42 -13.07
CA GLN F 441 32.62 -15.99 -14.43
C GLN F 441 31.71 -16.58 -15.52
N TYR F 442 31.79 -16.01 -16.72
CA TYR F 442 31.16 -16.53 -17.96
C TYR F 442 32.13 -17.49 -18.65
N VAL F 443 31.56 -18.49 -19.32
CA VAL F 443 32.29 -19.48 -20.16
C VAL F 443 31.52 -19.66 -21.46
N GLU F 444 32.21 -19.47 -22.58
CA GLU F 444 31.67 -19.69 -23.94
C GLU F 444 31.84 -21.17 -24.30
N ILE F 445 30.74 -21.94 -24.25
CA ILE F 445 30.71 -23.39 -24.59
C ILE F 445 29.73 -23.62 -25.74
N ARG F 446 30.22 -24.14 -26.87
CA ARG F 446 29.42 -24.48 -28.07
C ARG F 446 28.46 -23.31 -28.34
N GLY F 447 29.02 -22.10 -28.51
CA GLY F 447 28.31 -20.85 -28.81
C GLY F 447 27.17 -20.54 -27.84
N GLU F 448 27.37 -20.83 -26.55
CA GLU F 448 26.40 -20.50 -25.47
C GLU F 448 27.14 -19.90 -24.28
N MET F 449 26.52 -18.94 -23.60
CA MET F 449 27.07 -18.25 -22.39
C MET F 449 26.70 -19.06 -21.15
N SER F 450 27.60 -19.94 -20.72
CA SER F 450 27.48 -20.69 -19.45
C SER F 450 28.13 -19.86 -18.33
N ARG F 451 27.62 -19.97 -17.11
CA ARG F 451 28.28 -19.40 -15.91
C ARG F 451 29.15 -20.46 -15.26
N ALA F 452 29.92 -20.04 -14.26
CA ALA F 452 30.77 -20.95 -13.46
C ALA F 452 31.05 -20.33 -12.10
N ILE F 453 30.88 -21.14 -11.06
CA ILE F 453 31.18 -20.80 -9.64
C ILE F 453 32.52 -21.46 -9.29
N ASN F 454 33.30 -20.81 -8.46
CA ASN F 454 34.65 -21.27 -8.04
C ASN F 454 34.96 -20.64 -6.69
N VAL F 455 35.32 -21.43 -5.69
CA VAL F 455 35.89 -20.90 -4.42
C VAL F 455 37.37 -20.65 -4.66
N PHE F 456 37.76 -19.38 -4.73
CA PHE F 456 39.13 -18.94 -5.09
C PHE F 456 40.07 -19.07 -3.88
N LYS F 457 39.59 -18.74 -2.68
CA LYS F 457 40.34 -19.02 -1.42
C LYS F 457 39.40 -19.02 -0.21
N MET F 458 39.79 -19.78 0.80
CA MET F 458 39.19 -19.79 2.15
C MET F 458 40.33 -19.85 3.16
N ARG F 459 40.48 -18.81 3.98
CA ARG F 459 41.41 -18.82 5.12
C ARG F 459 40.77 -19.69 6.20
N GLY F 460 41.56 -20.55 6.84
CA GLY F 460 41.09 -21.39 7.95
C GLY F 460 40.61 -22.74 7.48
N SER F 461 39.97 -22.82 6.30
CA SER F 461 39.37 -24.08 5.78
C SER F 461 40.07 -24.55 4.50
N TRP F 462 39.89 -25.84 4.20
CA TRP F 462 40.20 -26.47 2.89
C TRP F 462 39.46 -25.63 1.81
N HIS F 463 38.46 -26.16 1.11
CA HIS F 463 37.67 -25.55 0.00
C HIS F 463 38.01 -26.29 -1.30
N ASP F 464 36.98 -26.47 -2.12
CA ASP F 464 37.01 -27.15 -3.44
C ASP F 464 37.80 -26.29 -4.43
N LYS F 465 38.79 -26.87 -5.12
CA LYS F 465 39.69 -26.13 -6.04
C LYS F 465 39.18 -26.21 -7.50
N ALA F 466 37.97 -26.69 -7.74
CA ALA F 466 37.39 -26.86 -9.10
C ALA F 466 36.68 -25.58 -9.54
N ILE F 467 36.59 -25.39 -10.87
CA ILE F 467 35.76 -24.34 -11.52
C ILE F 467 34.46 -25.01 -11.98
N ARG F 468 33.45 -25.01 -11.12
CA ARG F 468 32.19 -25.76 -11.33
C ARG F 468 31.22 -24.92 -12.14
N GLU F 469 30.58 -25.54 -13.12
CA GLU F 469 29.46 -24.96 -13.91
C GLU F 469 28.26 -24.81 -12.98
N PHE F 470 27.38 -23.86 -13.26
CA PHE F 470 26.04 -23.78 -12.60
C PHE F 470 25.03 -23.10 -13.51
N MET F 471 23.76 -23.30 -13.16
CA MET F 471 22.58 -22.78 -13.87
C MET F 471 21.70 -22.05 -12.86
N ILE F 472 20.80 -21.21 -13.36
CA ILE F 472 19.86 -20.39 -12.54
C ILE F 472 18.45 -20.72 -13.01
N SER F 473 17.51 -20.76 -12.07
CA SER F 473 16.08 -21.07 -12.32
C SER F 473 15.24 -20.44 -11.20
N ASP F 474 13.92 -20.59 -11.28
CA ASP F 474 12.98 -20.26 -10.17
C ASP F 474 13.53 -20.86 -8.87
N LYS F 475 14.10 -22.06 -8.93
CA LYS F 475 14.64 -22.81 -7.76
C LYS F 475 15.91 -22.14 -7.21
N GLY F 476 16.59 -21.30 -8.01
CA GLY F 476 17.82 -20.60 -7.60
C GLY F 476 19.06 -21.19 -8.27
N PRO F 477 20.25 -21.11 -7.63
CA PRO F 477 21.50 -21.58 -8.24
C PRO F 477 21.74 -23.09 -8.08
N ASP F 478 21.75 -23.83 -9.20
CA ASP F 478 22.08 -25.27 -9.25
C ASP F 478 23.53 -25.44 -9.71
N ILE F 479 24.45 -25.78 -8.80
CA ILE F 479 25.89 -26.01 -9.11
C ILE F 479 26.05 -27.45 -9.59
N LYS F 480 26.93 -27.66 -10.58
CA LYS F 480 27.10 -28.94 -11.31
C LYS F 480 28.59 -29.29 -11.37
N ASP F 481 29.00 -30.08 -12.37
CA ASP F 481 30.37 -30.63 -12.51
C ASP F 481 31.24 -29.66 -13.31
N SER F 482 32.55 -29.65 -13.01
CA SER F 482 33.56 -28.75 -13.62
C SER F 482 33.74 -29.09 -15.11
N PHE F 483 34.51 -28.27 -15.82
CA PHE F 483 34.82 -28.42 -17.26
C PHE F 483 36.12 -29.20 -17.42
N ARG F 484 36.07 -30.48 -17.04
CA ARG F 484 37.25 -31.39 -16.96
C ARG F 484 37.88 -31.55 -18.35
N ASN F 485 37.07 -31.63 -19.42
CA ASN F 485 37.58 -31.86 -20.80
C ASN F 485 37.76 -30.53 -21.54
N PHE F 486 38.35 -29.52 -20.88
CA PHE F 486 38.56 -28.17 -21.48
C PHE F 486 39.89 -27.58 -21.00
N GLU F 487 40.31 -26.51 -21.69
CA GLU F 487 41.63 -25.85 -21.53
C GLU F 487 41.43 -24.32 -21.62
N ARG F 488 42.09 -23.56 -20.75
CA ARG F 488 42.00 -22.08 -20.64
C ARG F 488 40.56 -21.66 -20.28
N ILE F 489 39.95 -22.34 -19.31
CA ILE F 489 38.56 -22.07 -18.83
C ILE F 489 38.52 -20.69 -18.18
N ILE F 490 39.58 -20.33 -17.44
CA ILE F 490 39.64 -19.07 -16.64
C ILE F 490 39.74 -17.86 -17.57
N SER F 491 40.02 -18.05 -18.88
CA SER F 491 40.04 -16.96 -19.90
C SER F 491 38.60 -16.53 -20.23
N GLY F 492 37.66 -17.47 -20.24
CA GLY F 492 36.23 -17.25 -20.57
C GLY F 492 35.85 -17.87 -21.90
N SER F 493 36.82 -18.09 -22.78
CA SER F 493 36.65 -18.78 -24.09
C SER F 493 37.55 -20.01 -24.13
N PRO F 494 37.14 -21.16 -23.56
CA PRO F 494 38.05 -22.31 -23.44
C PRO F 494 38.24 -22.97 -24.81
N THR F 495 39.09 -24.00 -24.85
CA THR F 495 39.33 -24.87 -26.03
C THR F 495 39.16 -26.33 -25.60
N ARG F 496 38.22 -27.06 -26.22
CA ARG F 496 37.99 -28.50 -25.98
C ARG F 496 39.25 -29.27 -26.38
N ILE F 497 39.57 -30.34 -25.67
CA ILE F 497 40.84 -31.13 -25.80
C ILE F 497 40.51 -32.58 -26.15
N ALA G 17 -27.69 52.25 -106.80
CA ALA G 17 -26.54 51.35 -106.47
C ALA G 17 -25.43 52.15 -105.77
N ILE G 18 -24.64 51.43 -104.97
CA ILE G 18 -23.55 51.96 -104.08
C ILE G 18 -22.21 51.53 -104.67
N ALA G 19 -21.49 52.46 -105.32
CA ALA G 19 -20.17 52.22 -105.95
C ALA G 19 -19.19 51.71 -104.89
N LYS G 20 -18.28 50.82 -105.29
CA LYS G 20 -17.33 50.13 -104.37
C LYS G 20 -15.90 50.36 -104.85
N MET G 21 -14.99 50.52 -103.88
CA MET G 21 -13.52 50.64 -104.10
C MET G 21 -12.91 49.25 -103.96
N ARG G 22 -12.06 48.86 -104.92
CA ARG G 22 -11.34 47.56 -104.89
C ARG G 22 -10.21 47.64 -103.86
N THR G 23 -10.23 46.74 -102.87
CA THR G 23 -9.17 46.59 -101.85
C THR G 23 -7.96 45.87 -102.44
N MET G 24 -8.20 45.02 -103.45
CA MET G 24 -7.18 44.10 -104.04
C MET G 24 -6.64 43.17 -102.95
N ILE G 25 -7.27 43.11 -101.78
CA ILE G 25 -6.94 42.14 -100.70
C ILE G 25 -7.52 40.80 -101.14
N GLU G 26 -6.66 39.79 -101.30
CA GLU G 26 -7.01 38.49 -101.95
C GLU G 26 -8.36 38.00 -101.40
N GLY G 27 -9.40 38.05 -102.24
CA GLY G 27 -10.70 37.41 -101.98
C GLY G 27 -11.67 38.29 -101.20
N PHE G 28 -11.22 39.40 -100.62
CA PHE G 28 -12.11 40.31 -99.86
C PHE G 28 -13.10 40.96 -100.82
N ASP G 29 -12.61 41.34 -102.02
CA ASP G 29 -13.42 41.96 -103.10
C ASP G 29 -14.54 41.01 -103.51
N ASP G 30 -14.30 39.69 -103.47
CA ASP G 30 -15.35 38.66 -103.72
C ASP G 30 -16.40 38.76 -102.60
N ILE G 31 -15.96 38.62 -101.35
CA ILE G 31 -16.86 38.58 -100.15
C ILE G 31 -17.72 39.85 -100.13
N SER G 32 -17.12 40.99 -100.49
CA SER G 32 -17.72 42.35 -100.40
C SER G 32 -18.59 42.68 -101.62
N HIS G 33 -18.56 41.85 -102.67
CA HIS G 33 -19.29 42.06 -103.95
C HIS G 33 -18.87 43.38 -104.60
N GLY G 34 -17.56 43.59 -104.81
CA GLY G 34 -16.99 44.76 -105.50
C GLY G 34 -15.90 45.45 -104.69
N GLY G 35 -15.96 45.39 -103.36
CA GLY G 35 -15.03 46.09 -102.46
C GLY G 35 -15.77 46.84 -101.36
N LEU G 36 -15.24 47.98 -100.92
CA LEU G 36 -15.87 48.82 -99.85
C LEU G 36 -16.70 49.92 -100.50
N PRO G 37 -17.97 50.12 -100.06
CA PRO G 37 -18.76 51.28 -100.48
C PRO G 37 -17.95 52.58 -100.51
N ILE G 38 -17.85 53.20 -101.68
CA ILE G 38 -17.00 54.42 -101.91
C ILE G 38 -17.59 55.58 -101.11
N GLY G 39 -16.73 56.31 -100.39
CA GLY G 39 -17.07 57.54 -99.65
C GLY G 39 -17.69 57.26 -98.30
N ARG G 40 -17.57 56.03 -97.79
CA ARG G 40 -18.07 55.63 -96.45
C ARG G 40 -16.95 54.98 -95.64
N SER G 41 -17.04 55.08 -94.32
CA SER G 41 -16.12 54.41 -93.37
C SER G 41 -16.60 52.98 -93.15
N THR G 42 -15.66 52.05 -93.10
CA THR G 42 -15.90 50.62 -92.78
C THR G 42 -15.15 50.27 -91.50
N LEU G 43 -15.89 49.85 -90.46
CA LEU G 43 -15.31 49.39 -89.17
C LEU G 43 -14.65 48.03 -89.40
N VAL G 44 -13.43 47.85 -88.88
CA VAL G 44 -12.74 46.53 -88.86
C VAL G 44 -12.31 46.26 -87.42
N SER G 45 -13.24 45.73 -86.62
CA SER G 45 -13.03 45.36 -85.21
C SER G 45 -12.38 43.98 -85.14
N GLY G 46 -11.81 43.64 -83.98
CA GLY G 46 -11.13 42.35 -83.76
C GLY G 46 -10.25 42.42 -82.52
N THR G 47 -10.03 41.28 -81.87
CA THR G 47 -9.16 41.15 -80.67
C THR G 47 -7.72 41.40 -81.11
N SER G 48 -6.77 41.45 -80.18
CA SER G 48 -5.35 41.76 -80.50
C SER G 48 -4.79 40.68 -81.42
N GLY G 49 -3.90 41.06 -82.35
CA GLY G 49 -3.15 40.14 -83.22
C GLY G 49 -3.98 39.62 -84.37
N THR G 50 -5.18 40.18 -84.54
CA THR G 50 -6.24 39.73 -85.46
C THR G 50 -5.87 40.06 -86.91
N GLY G 51 -5.33 41.27 -87.12
CA GLY G 51 -4.83 41.75 -88.42
C GLY G 51 -5.53 43.03 -88.87
N LYS G 52 -5.95 43.89 -87.94
CA LYS G 52 -6.69 45.15 -88.25
C LYS G 52 -5.71 46.15 -88.86
N THR G 53 -4.57 46.39 -88.20
CA THR G 53 -3.51 47.30 -88.67
C THR G 53 -2.98 46.79 -90.02
N LEU G 54 -2.86 45.47 -90.19
CA LEU G 54 -2.39 44.88 -91.47
C LEU G 54 -3.45 45.11 -92.55
N PHE G 55 -4.73 44.93 -92.21
CA PHE G 55 -5.86 45.12 -93.16
C PHE G 55 -5.85 46.55 -93.69
N SER G 56 -5.77 47.53 -92.77
CA SER G 56 -5.89 48.98 -93.06
C SER G 56 -4.66 49.48 -93.83
N ILE G 57 -3.45 48.97 -93.51
CA ILE G 57 -2.21 49.29 -94.26
C ILE G 57 -2.35 48.77 -95.69
N GLN G 58 -2.80 47.53 -95.83
CA GLN G 58 -2.87 46.83 -97.14
C GLN G 58 -3.94 47.49 -98.01
N PHE G 59 -4.95 48.10 -97.39
CA PHE G 59 -6.07 48.80 -98.07
C PHE G 59 -5.54 50.07 -98.77
N LEU G 60 -4.62 50.80 -98.13
CA LEU G 60 -3.98 52.01 -98.71
C LEU G 60 -2.96 51.59 -99.75
N TYR G 61 -2.02 50.72 -99.35
CA TYR G 61 -0.84 50.31 -100.15
C TYR G 61 -1.32 49.81 -101.52
N ASN G 62 -2.24 48.86 -101.51
CA ASN G 62 -2.88 48.31 -102.73
C ASN G 62 -3.51 49.49 -103.50
N GLY G 63 -4.20 50.38 -102.79
CA GLY G 63 -4.82 51.58 -103.38
C GLY G 63 -3.83 52.41 -104.19
N ILE G 64 -2.59 52.52 -103.72
CA ILE G 64 -1.51 53.31 -104.38
C ILE G 64 -0.96 52.51 -105.56
N ILE G 65 -0.43 51.30 -105.31
CA ILE G 65 0.36 50.55 -106.34
C ILE G 65 -0.56 50.10 -107.48
N GLU G 66 -1.82 49.77 -107.22
CA GLU G 66 -2.72 49.16 -108.24
C GLU G 66 -3.55 50.23 -108.97
N PHE G 67 -3.75 51.44 -108.41
CA PHE G 67 -4.61 52.48 -109.02
C PHE G 67 -4.01 53.89 -108.95
N ASP G 68 -2.89 54.08 -108.26
CA ASP G 68 -2.33 55.43 -107.94
C ASP G 68 -3.44 56.24 -107.25
N GLU G 69 -4.10 55.66 -106.24
CA GLU G 69 -5.07 56.35 -105.35
C GLU G 69 -4.34 56.70 -104.06
N PRO G 70 -4.00 57.99 -103.82
CA PRO G 70 -3.27 58.37 -102.62
C PRO G 70 -4.05 58.06 -101.34
N GLY G 71 -3.33 57.62 -100.31
CA GLY G 71 -3.90 57.21 -99.02
C GLY G 71 -3.33 58.03 -97.87
N VAL G 72 -4.10 58.16 -96.79
CA VAL G 72 -3.69 58.85 -95.53
C VAL G 72 -3.89 57.88 -94.37
N PHE G 73 -2.82 57.62 -93.61
CA PHE G 73 -2.80 56.68 -92.47
C PHE G 73 -2.69 57.47 -91.16
N VAL G 74 -3.76 57.47 -90.36
CA VAL G 74 -3.82 58.13 -89.02
C VAL G 74 -3.47 57.07 -87.96
N THR G 75 -2.44 57.34 -87.16
CA THR G 75 -1.93 56.43 -86.10
C THR G 75 -2.02 57.13 -84.74
N PHE G 76 -2.65 56.47 -83.76
CA PHE G 76 -2.90 57.00 -82.40
C PHE G 76 -1.94 56.39 -81.38
N GLU G 77 -1.19 55.34 -81.75
CA GLU G 77 -0.24 54.65 -80.82
C GLU G 77 1.10 54.42 -81.53
N GLU G 78 1.12 53.51 -82.50
CA GLU G 78 2.33 53.14 -83.29
C GLU G 78 2.98 54.41 -83.82
N THR G 79 4.30 54.56 -83.64
CA THR G 79 5.06 55.69 -84.23
C THR G 79 5.24 55.43 -85.72
N PRO G 80 5.03 56.46 -86.55
CA PRO G 80 5.26 56.38 -88.00
C PRO G 80 6.53 55.62 -88.41
N GLN G 81 7.62 55.82 -87.65
CA GLN G 81 8.92 55.09 -87.82
C GLN G 81 8.66 53.58 -87.83
N ASP G 82 7.87 53.08 -86.86
CA ASP G 82 7.63 51.64 -86.61
C ASP G 82 6.64 51.07 -87.64
N ILE G 83 5.61 51.83 -87.99
CA ILE G 83 4.58 51.41 -89.01
C ILE G 83 5.30 51.07 -90.31
N ILE G 84 6.34 51.85 -90.66
CA ILE G 84 7.21 51.60 -91.85
C ILE G 84 8.01 50.31 -91.61
N LYS G 85 8.65 50.19 -90.44
CA LYS G 85 9.52 49.02 -90.10
C LYS G 85 8.68 47.74 -90.22
N ASN G 86 7.48 47.75 -89.66
CA ASN G 86 6.54 46.59 -89.63
C ASN G 86 6.15 46.18 -91.04
N ALA G 87 5.93 47.13 -91.96
CA ALA G 87 5.47 46.87 -93.34
C ALA G 87 6.61 46.26 -94.18
N ARG G 88 7.86 46.59 -93.87
CA ARG G 88 9.07 46.09 -94.60
C ARG G 88 9.04 44.56 -94.63
N SER G 89 8.57 43.95 -93.54
CA SER G 89 8.17 42.53 -93.38
C SER G 89 7.62 41.97 -94.70
N PHE G 90 6.47 42.48 -95.13
CA PHE G 90 5.63 41.91 -96.23
C PHE G 90 6.23 42.26 -97.60
N GLY G 91 7.40 42.93 -97.64
CA GLY G 91 8.13 43.25 -98.88
C GLY G 91 7.78 44.63 -99.41
N TRP G 92 6.80 45.30 -98.82
CA TRP G 92 6.33 46.66 -99.23
C TRP G 92 7.24 47.71 -98.60
N ASP G 93 7.59 48.75 -99.37
CA ASP G 93 8.47 49.87 -98.92
C ASP G 93 7.64 51.14 -98.82
N LEU G 94 7.13 51.46 -97.63
CA LEU G 94 6.24 52.64 -97.41
C LEU G 94 7.06 53.93 -97.43
N ALA G 95 8.36 53.86 -97.11
CA ALA G 95 9.27 55.03 -97.13
C ALA G 95 9.26 55.70 -98.51
N LYS G 96 9.39 54.90 -99.57
CA LYS G 96 9.40 55.38 -100.99
C LYS G 96 8.06 56.05 -101.32
N LEU G 97 6.95 55.44 -100.90
CA LEU G 97 5.57 55.95 -101.16
C LEU G 97 5.31 57.23 -100.37
N VAL G 98 6.03 57.47 -99.26
CA VAL G 98 5.94 58.73 -98.46
C VAL G 98 6.71 59.82 -99.21
N ASP G 99 7.99 59.59 -99.52
CA ASP G 99 8.88 60.52 -100.27
C ASP G 99 8.17 60.95 -101.55
N GLU G 100 7.62 59.97 -102.30
CA GLU G 100 6.89 60.18 -103.59
C GLU G 100 5.54 60.87 -103.34
N GLY G 101 5.11 61.00 -102.09
CA GLY G 101 3.91 61.76 -101.69
C GLY G 101 2.61 61.10 -102.15
N LYS G 102 2.62 59.77 -102.31
CA LYS G 102 1.40 58.96 -102.62
C LYS G 102 0.76 58.52 -101.29
N LEU G 103 1.56 58.40 -100.24
CA LEU G 103 1.14 57.98 -98.89
C LEU G 103 1.56 59.04 -97.88
N PHE G 104 0.67 59.36 -96.94
CA PHE G 104 0.96 60.29 -95.81
C PHE G 104 0.58 59.62 -94.48
N ILE G 105 1.60 59.18 -93.73
CA ILE G 105 1.46 58.68 -92.33
C ILE G 105 1.32 59.91 -91.43
N LEU G 106 0.11 60.12 -90.88
CA LEU G 106 -0.26 61.26 -90.00
C LEU G 106 -0.22 60.81 -88.54
N ASP G 107 0.71 61.36 -87.75
CA ASP G 107 0.96 61.00 -86.32
C ASP G 107 0.05 61.85 -85.43
N ALA G 108 -0.94 61.22 -84.76
CA ALA G 108 -1.87 61.87 -83.81
C ALA G 108 -1.76 61.23 -82.42
N SER G 109 -0.58 60.70 -82.08
CA SER G 109 -0.28 60.09 -80.75
C SER G 109 0.03 61.20 -79.75
N PRO G 110 -0.14 60.94 -78.42
CA PRO G 110 0.29 61.88 -77.40
C PRO G 110 1.79 61.73 -77.11
N ASP G 111 2.37 62.69 -76.39
CA ASP G 111 3.79 62.67 -75.96
C ASP G 111 4.00 61.45 -75.06
N PHE G 121 -12.22 69.69 -78.88
CA PHE G 121 -11.09 70.38 -79.57
C PHE G 121 -9.94 69.43 -79.95
N ASP G 122 -10.07 68.12 -79.65
CA ASP G 122 -9.07 67.08 -80.05
C ASP G 122 -9.62 66.29 -81.26
N LEU G 123 -10.91 65.98 -81.28
CA LEU G 123 -11.59 65.31 -82.43
C LEU G 123 -11.59 66.26 -83.63
N SER G 124 -12.07 67.49 -83.42
CA SER G 124 -12.19 68.55 -84.45
C SER G 124 -10.81 68.90 -85.02
N ALA G 125 -9.80 69.03 -84.16
CA ALA G 125 -8.39 69.27 -84.55
C ALA G 125 -7.90 68.13 -85.44
N LEU G 126 -8.27 66.88 -85.13
CA LEU G 126 -7.93 65.69 -85.95
C LEU G 126 -8.61 65.81 -87.32
N ILE G 127 -9.93 66.02 -87.35
CA ILE G 127 -10.73 66.12 -88.63
C ILE G 127 -10.00 67.10 -89.54
N GLU G 128 -9.70 68.30 -89.03
CA GLU G 128 -9.01 69.40 -89.76
C GLU G 128 -7.72 68.88 -90.39
N ARG G 129 -6.88 68.21 -89.60
CA ARG G 129 -5.56 67.70 -90.04
C ARG G 129 -5.75 66.59 -91.08
N ILE G 130 -6.79 65.76 -90.92
CA ILE G 130 -7.15 64.71 -91.91
C ILE G 130 -7.56 65.43 -93.21
N ASN G 131 -8.52 66.34 -93.11
CA ASN G 131 -9.07 67.15 -94.24
C ASN G 131 -7.92 67.91 -94.93
N TYR G 132 -6.92 68.35 -94.17
CA TYR G 132 -5.71 69.04 -94.68
C TYR G 132 -4.95 68.11 -95.64
N ALA G 133 -4.61 66.90 -95.18
CA ALA G 133 -3.83 65.89 -95.94
C ALA G 133 -4.63 65.41 -97.15
N ILE G 134 -5.95 65.20 -96.99
CA ILE G 134 -6.85 64.72 -98.08
C ILE G 134 -6.75 65.70 -99.24
N GLN G 135 -6.97 66.99 -98.96
CA GLN G 135 -6.91 68.09 -99.96
C GLN G 135 -5.46 68.28 -100.44
N LYS G 136 -4.47 68.18 -99.53
CA LYS G 136 -3.03 68.40 -99.87
C LYS G 136 -2.52 67.26 -100.77
N TYR G 137 -2.87 66.01 -100.48
CA TYR G 137 -2.28 64.80 -101.13
C TYR G 137 -3.23 64.19 -102.16
N ARG G 138 -4.43 64.76 -102.32
CA ARG G 138 -5.45 64.31 -103.32
C ARG G 138 -5.85 62.86 -103.01
N ALA G 139 -6.11 62.57 -101.74
CA ALA G 139 -6.20 61.20 -101.17
C ALA G 139 -7.61 60.63 -101.37
N ARG G 140 -7.68 59.44 -101.96
CA ARG G 140 -8.94 58.69 -102.18
C ARG G 140 -9.26 57.87 -100.93
N ARG G 141 -8.25 57.31 -100.27
CA ARG G 141 -8.42 56.34 -99.16
C ARG G 141 -7.90 56.95 -97.85
N VAL G 142 -8.50 56.54 -96.74
CA VAL G 142 -8.02 56.87 -95.36
C VAL G 142 -8.11 55.62 -94.50
N SER G 143 -7.11 55.42 -93.63
CA SER G 143 -7.08 54.39 -92.58
C SER G 143 -6.87 55.07 -91.22
N ILE G 144 -7.78 54.85 -90.27
CA ILE G 144 -7.64 55.33 -88.87
C ILE G 144 -7.58 54.10 -87.94
N ASP G 145 -6.44 53.89 -87.29
CA ASP G 145 -6.21 52.75 -86.37
C ASP G 145 -5.46 53.27 -85.14
N SER G 146 -6.07 53.22 -83.95
CA SER G 146 -7.45 52.82 -83.73
C SER G 146 -8.23 54.00 -83.14
N VAL G 147 -9.47 54.23 -83.60
CA VAL G 147 -10.35 55.32 -83.11
C VAL G 147 -10.55 55.13 -81.60
N THR G 148 -10.75 53.89 -81.15
CA THR G 148 -10.97 53.54 -79.72
C THR G 148 -9.91 54.21 -78.83
N SER G 149 -8.62 53.93 -79.10
CA SER G 149 -7.45 54.33 -78.26
C SER G 149 -7.54 55.81 -77.91
N VAL G 150 -8.01 56.64 -78.85
CA VAL G 150 -8.28 58.09 -78.64
C VAL G 150 -9.13 58.27 -77.38
N PHE G 151 -10.29 57.59 -77.33
CA PHE G 151 -11.34 57.79 -76.30
C PHE G 151 -10.84 57.23 -74.97
N GLN G 152 -11.31 57.85 -73.90
CA GLN G 152 -10.98 57.46 -72.51
C GLN G 152 -12.25 57.55 -71.65
N ALA G 156 -18.64 56.13 -70.41
CA ALA G 156 -20.00 56.54 -70.83
C ALA G 156 -20.10 56.36 -72.33
N SER G 157 -20.56 55.17 -72.65
CA SER G 157 -20.96 54.70 -73.97
C SER G 157 -21.60 55.84 -74.76
N SER G 158 -22.55 56.54 -74.12
CA SER G 158 -23.42 57.57 -74.76
C SER G 158 -22.54 58.64 -75.44
N VAL G 159 -21.40 58.99 -74.81
CA VAL G 159 -20.45 60.03 -75.31
C VAL G 159 -19.67 59.49 -76.51
N VAL G 160 -19.23 58.22 -76.47
CA VAL G 160 -18.41 57.58 -77.53
C VAL G 160 -19.18 57.64 -78.85
N ARG G 161 -20.49 57.37 -78.79
CA ARG G 161 -21.41 57.35 -79.96
C ARG G 161 -21.31 58.68 -80.72
N ARG G 162 -21.50 59.80 -80.02
CA ARG G 162 -21.61 61.15 -80.63
C ARG G 162 -20.26 61.54 -81.24
N GLU G 163 -19.14 61.32 -80.53
CA GLU G 163 -17.77 61.64 -81.04
C GLU G 163 -17.46 60.80 -82.28
N LEU G 164 -17.81 59.50 -82.27
CA LEU G 164 -17.62 58.59 -83.43
C LEU G 164 -18.51 59.05 -84.59
N PHE G 165 -19.81 59.21 -84.34
CA PHE G 165 -20.81 59.69 -85.33
C PHE G 165 -20.26 60.94 -86.02
N ARG G 166 -19.77 61.90 -85.21
CA ARG G 166 -19.13 63.14 -85.67
C ARG G 166 -17.96 62.80 -86.60
N LEU G 167 -17.05 61.92 -86.16
CA LEU G 167 -15.84 61.54 -86.95
C LEU G 167 -16.27 60.98 -88.31
N VAL G 168 -17.27 60.07 -88.33
CA VAL G 168 -17.74 59.39 -89.56
C VAL G 168 -18.47 60.40 -90.46
N ALA G 169 -19.42 61.16 -89.89
CA ALA G 169 -20.27 62.13 -90.62
C ALA G 169 -19.39 63.17 -91.33
N ARG G 170 -18.32 63.63 -90.67
CA ARG G 170 -17.33 64.57 -91.26
C ARG G 170 -16.66 63.89 -92.47
N LEU G 171 -16.17 62.66 -92.30
CA LEU G 171 -15.42 61.90 -93.35
C LEU G 171 -16.33 61.63 -94.57
N LYS G 172 -17.64 61.49 -94.37
CA LYS G 172 -18.65 61.36 -95.46
C LYS G 172 -18.80 62.70 -96.18
N GLN G 173 -18.76 63.82 -95.43
CA GLN G 173 -18.73 65.20 -95.98
C GLN G 173 -17.43 65.39 -96.78
N ILE G 174 -16.28 65.08 -96.17
CA ILE G 174 -14.94 65.18 -96.84
C ILE G 174 -14.99 64.40 -98.16
N GLY G 175 -15.78 63.31 -98.22
CA GLY G 175 -15.95 62.46 -99.40
C GLY G 175 -14.87 61.41 -99.49
N ALA G 176 -14.48 60.85 -98.34
CA ALA G 176 -13.36 59.90 -98.19
C ALA G 176 -13.91 58.52 -97.79
N THR G 177 -13.55 57.49 -98.56
CA THR G 177 -13.73 56.09 -98.14
C THR G 177 -12.65 55.77 -97.12
N THR G 178 -13.07 55.41 -95.90
CA THR G 178 -12.17 55.20 -94.73
C THR G 178 -12.30 53.76 -94.23
N VAL G 179 -11.19 53.19 -93.77
CA VAL G 179 -11.18 51.96 -92.92
C VAL G 179 -10.91 52.44 -91.48
N MET G 180 -11.73 52.00 -90.54
CA MET G 180 -11.66 52.42 -89.12
C MET G 180 -11.49 51.18 -88.25
N THR G 181 -10.30 51.03 -87.68
CA THR G 181 -9.93 49.89 -86.80
C THR G 181 -10.56 50.12 -85.42
N THR G 182 -10.99 49.03 -84.78
CA THR G 182 -11.55 49.02 -83.40
C THR G 182 -11.05 47.76 -82.70
N GLU G 183 -10.91 47.80 -81.37
CA GLU G 183 -10.41 46.64 -80.59
C GLU G 183 -11.57 46.00 -79.83
N ARG G 184 -11.39 44.72 -79.53
CA ARG G 184 -12.37 43.84 -78.85
C ARG G 184 -11.66 43.13 -77.69
N ILE G 185 -12.41 42.81 -76.63
CA ILE G 185 -11.91 42.05 -75.45
C ILE G 185 -12.15 40.56 -75.68
N GLU G 186 -13.35 40.18 -76.18
CA GLU G 186 -13.83 38.77 -76.26
C GLU G 186 -14.00 38.35 -77.74
N GLU G 187 -13.76 37.07 -78.02
CA GLU G 187 -13.61 36.55 -79.41
C GLU G 187 -14.97 36.33 -80.09
N TYR G 188 -16.05 36.15 -79.30
CA TYR G 188 -17.44 36.03 -79.82
C TYR G 188 -18.41 36.95 -79.07
N GLY G 189 -17.91 37.88 -78.25
CA GLY G 189 -18.71 38.81 -77.45
C GLY G 189 -19.23 39.98 -78.28
N PRO G 190 -19.20 41.23 -77.76
CA PRO G 190 -19.74 42.38 -78.50
C PRO G 190 -18.84 42.73 -79.70
N ILE G 191 -19.45 43.06 -80.83
CA ILE G 191 -18.77 43.30 -82.14
C ILE G 191 -17.69 44.37 -81.97
N ALA G 192 -17.87 45.28 -81.01
CA ALA G 192 -16.89 46.33 -80.65
C ALA G 192 -16.87 46.54 -79.13
N ARG G 193 -15.90 47.32 -78.67
CA ARG G 193 -15.59 47.53 -77.22
C ARG G 193 -16.84 48.03 -76.47
N TYR G 194 -17.48 49.10 -76.95
CA TYR G 194 -18.52 49.86 -76.19
C TYR G 194 -19.93 49.44 -76.61
N GLY G 195 -20.06 48.59 -77.63
CA GLY G 195 -21.37 48.13 -78.15
C GLY G 195 -22.12 49.26 -78.84
N VAL G 196 -21.42 50.05 -79.66
CA VAL G 196 -21.97 51.25 -80.36
C VAL G 196 -21.34 51.36 -81.75
N GLU G 197 -20.01 51.37 -81.82
CA GLU G 197 -19.19 51.50 -83.05
C GLU G 197 -19.85 50.80 -84.25
N GLU G 198 -20.52 49.66 -84.04
CA GLU G 198 -21.23 48.91 -85.12
C GLU G 198 -22.36 49.77 -85.70
N PHE G 199 -23.27 50.23 -84.84
CA PHE G 199 -24.55 50.88 -85.24
C PHE G 199 -24.25 52.21 -85.94
N VAL G 200 -23.20 52.90 -85.52
CA VAL G 200 -22.79 54.23 -86.05
C VAL G 200 -22.15 54.05 -87.43
N SER G 201 -21.52 52.90 -87.70
CA SER G 201 -20.84 52.63 -88.99
C SER G 201 -21.83 52.14 -90.05
N ASP G 202 -21.57 52.49 -91.31
CA ASP G 202 -22.36 52.10 -92.50
C ASP G 202 -22.00 50.67 -92.91
N ASN G 203 -20.75 50.28 -92.65
CA ASN G 203 -20.17 48.96 -93.02
C ASN G 203 -19.44 48.39 -91.82
N VAL G 204 -19.67 47.11 -91.51
CA VAL G 204 -19.04 46.41 -90.35
C VAL G 204 -18.35 45.13 -90.84
N VAL G 205 -17.06 45.02 -90.55
CA VAL G 205 -16.24 43.79 -90.78
C VAL G 205 -15.60 43.41 -89.45
N ILE G 206 -15.60 42.10 -89.16
CA ILE G 206 -15.08 41.51 -87.90
C ILE G 206 -13.99 40.52 -88.28
N LEU G 207 -12.79 40.72 -87.74
CA LEU G 207 -11.69 39.73 -87.80
C LEU G 207 -11.73 38.96 -86.49
N ARG G 208 -11.59 37.63 -86.58
CA ARG G 208 -11.58 36.72 -85.41
C ARG G 208 -10.34 35.83 -85.50
N ASN G 209 -9.78 35.53 -84.34
CA ASN G 209 -8.61 34.65 -84.15
C ASN G 209 -9.04 33.58 -83.15
N VAL G 210 -10.02 32.75 -83.54
CA VAL G 210 -10.70 31.78 -82.64
C VAL G 210 -9.74 30.62 -82.37
N LEU G 211 -9.77 30.09 -81.15
CA LEU G 211 -8.93 28.96 -80.68
C LEU G 211 -9.70 27.66 -80.89
N GLU G 212 -9.15 26.77 -81.74
CA GLU G 212 -9.68 25.38 -81.98
C GLU G 212 -8.81 24.39 -81.22
N GLY G 213 -9.20 24.14 -79.96
CA GLY G 213 -8.43 23.33 -79.01
C GLY G 213 -7.15 24.06 -78.64
N GLU G 214 -6.07 23.82 -79.39
CA GLU G 214 -4.75 24.49 -79.19
C GLU G 214 -4.30 25.20 -80.48
N ARG G 215 -4.98 24.99 -81.60
CA ARG G 215 -4.67 25.65 -82.88
C ARG G 215 -5.57 26.89 -83.03
N ARG G 216 -5.09 27.92 -83.72
CA ARG G 216 -5.83 29.19 -83.98
C ARG G 216 -6.43 29.14 -85.38
N ARG G 217 -7.61 29.74 -85.55
CA ARG G 217 -8.32 29.84 -86.85
C ARG G 217 -8.67 31.30 -87.11
N ARG G 218 -8.01 31.92 -88.10
CA ARG G 218 -8.26 33.31 -88.52
C ARG G 218 -9.43 33.35 -89.50
N THR G 219 -10.54 33.98 -89.10
CA THR G 219 -11.78 34.12 -89.91
C THR G 219 -12.11 35.60 -90.07
N LEU G 220 -12.64 35.96 -91.25
CA LEU G 220 -13.13 37.33 -91.58
C LEU G 220 -14.62 37.26 -91.90
N GLU G 221 -15.40 38.23 -91.40
CA GLU G 221 -16.87 38.28 -91.59
C GLU G 221 -17.31 39.72 -91.87
N ILE G 222 -17.88 39.94 -93.05
CA ILE G 222 -18.63 41.19 -93.39
C ILE G 222 -19.99 41.08 -92.67
N LEU G 223 -20.12 41.74 -91.52
CA LEU G 223 -21.35 41.69 -90.67
C LEU G 223 -22.46 42.43 -91.41
N LYS G 224 -22.14 43.58 -92.01
CA LYS G 224 -23.12 44.33 -92.83
C LYS G 224 -22.42 45.33 -93.76
N LEU G 225 -23.11 45.65 -94.85
CA LEU G 225 -22.80 46.77 -95.77
C LEU G 225 -24.13 47.47 -96.07
N ARG G 226 -24.41 48.59 -95.41
CA ARG G 226 -25.69 49.34 -95.62
C ARG G 226 -25.79 49.68 -97.10
N GLY G 227 -26.94 49.36 -97.72
CA GLY G 227 -27.26 49.72 -99.11
C GLY G 227 -26.89 48.65 -100.13
N THR G 228 -26.13 47.61 -99.77
CA THR G 228 -25.62 46.64 -100.77
C THR G 228 -25.63 45.19 -100.26
N SER G 229 -25.37 44.27 -101.18
CA SER G 229 -25.21 42.82 -100.97
C SER G 229 -23.75 42.51 -100.62
N HIS G 230 -23.53 41.38 -99.95
CA HIS G 230 -22.19 40.81 -99.64
C HIS G 230 -22.38 39.35 -99.21
N MET G 231 -21.29 38.60 -99.10
CA MET G 231 -21.30 37.20 -98.65
C MET G 231 -21.45 37.18 -97.13
N LYS G 232 -22.49 36.51 -96.62
CA LYS G 232 -22.80 36.41 -95.18
C LYS G 232 -21.89 35.38 -94.51
N GLY G 233 -21.82 35.42 -93.18
CA GLY G 233 -21.02 34.50 -92.35
C GLY G 233 -19.54 34.79 -92.46
N GLU G 234 -18.72 33.97 -91.81
CA GLU G 234 -17.24 34.15 -91.73
C GLU G 234 -16.54 33.24 -92.75
N TYR G 235 -15.32 33.63 -93.14
CA TYR G 235 -14.46 32.95 -94.14
C TYR G 235 -13.04 32.95 -93.61
N PRO G 236 -12.33 31.78 -93.59
CA PRO G 236 -10.98 31.74 -93.07
C PRO G 236 -10.03 32.56 -93.95
N PHE G 237 -8.92 32.99 -93.37
CA PHE G 237 -7.83 33.67 -94.10
C PHE G 237 -6.50 33.34 -93.42
N THR G 238 -5.42 33.79 -94.04
CA THR G 238 -4.03 33.58 -93.57
C THR G 238 -3.24 34.87 -93.74
N ILE G 239 -2.52 35.24 -92.68
CA ILE G 239 -1.50 36.33 -92.72
C ILE G 239 -0.16 35.70 -93.09
N THR G 240 0.29 35.94 -94.32
CA THR G 240 1.54 35.37 -94.90
C THR G 240 2.50 36.52 -95.22
N ASP G 241 3.64 36.18 -95.80
CA ASP G 241 4.62 37.16 -96.35
C ASP G 241 3.94 38.03 -97.43
N HIS G 242 2.80 37.61 -98.00
CA HIS G 242 2.04 38.37 -99.03
C HIS G 242 0.83 39.10 -98.43
N GLY G 243 0.71 39.13 -97.09
CA GLY G 243 -0.38 39.85 -96.39
C GLY G 243 -1.59 38.97 -96.18
N ILE G 244 -2.78 39.58 -96.09
CA ILE G 244 -4.07 38.90 -95.78
C ILE G 244 -4.53 38.13 -97.03
N ASN G 245 -4.52 36.80 -96.96
CA ASN G 245 -4.97 35.88 -98.04
C ASN G 245 -6.25 35.18 -97.61
N ILE G 246 -7.40 35.70 -98.02
CA ILE G 246 -8.74 35.13 -97.69
C ILE G 246 -9.11 34.09 -98.74
N PHE G 247 -9.75 33.00 -98.30
CA PHE G 247 -10.35 31.94 -99.15
C PHE G 247 -11.86 32.05 -99.05
N PRO G 248 -12.54 32.66 -100.06
CA PRO G 248 -13.99 32.62 -100.13
C PRO G 248 -14.48 31.19 -100.46
N LEU G 249 -14.71 30.40 -99.40
CA LEU G 249 -15.06 28.96 -99.44
C LEU G 249 -16.43 28.70 -100.10
N GLY G 250 -17.04 29.69 -100.73
CA GLY G 250 -18.39 29.58 -101.32
C GLY G 250 -18.40 30.01 -102.77
N ALA G 251 -17.73 31.12 -103.08
CA ALA G 251 -17.64 31.73 -104.42
C ALA G 251 -16.66 30.96 -105.33
N MET G 252 -16.14 29.82 -104.87
CA MET G 252 -15.37 28.88 -105.74
C MET G 252 -16.36 28.16 -106.67
N ARG G 253 -15.87 27.24 -107.51
CA ARG G 253 -16.65 26.55 -108.58
C ARG G 253 -15.77 26.28 -109.82
N GLN G 256 -14.65 25.50 -113.86
CA GLN G 256 -13.59 24.47 -113.97
C GLN G 256 -13.83 23.62 -115.22
N ARG G 257 -12.78 23.42 -116.02
CA ARG G 257 -12.80 22.59 -117.25
C ARG G 257 -12.63 21.11 -116.87
N SER G 258 -13.05 20.21 -117.74
CA SER G 258 -13.03 18.74 -117.55
C SER G 258 -13.00 18.06 -118.91
N SER G 259 -12.04 17.17 -119.14
CA SER G 259 -11.84 16.46 -120.43
C SER G 259 -11.84 14.96 -120.20
N ASN G 260 -11.84 14.20 -121.29
CA ASN G 260 -11.79 12.71 -121.31
C ASN G 260 -10.34 12.27 -121.54
N VAL G 261 -9.37 13.18 -121.39
CA VAL G 261 -7.93 12.83 -121.52
C VAL G 261 -7.59 11.86 -120.39
N ARG G 262 -6.83 10.81 -120.70
CA ARG G 262 -6.43 9.78 -119.72
C ARG G 262 -5.00 10.06 -119.23
N VAL G 263 -4.67 9.50 -118.07
CA VAL G 263 -3.32 9.54 -117.45
C VAL G 263 -3.09 8.18 -116.79
N SER G 264 -1.96 7.53 -117.09
CA SER G 264 -1.56 6.24 -116.47
C SER G 264 -1.48 6.42 -114.94
N SER G 265 -1.92 5.41 -114.21
CA SER G 265 -1.83 5.32 -112.72
C SER G 265 -0.41 4.90 -112.33
N GLY G 266 0.33 4.26 -113.24
CA GLY G 266 1.65 3.68 -112.97
C GLY G 266 1.59 2.19 -112.75
N VAL G 267 0.38 1.65 -112.52
CA VAL G 267 0.12 0.19 -112.38
C VAL G 267 -0.69 -0.27 -113.59
N VAL G 268 -0.11 -1.16 -114.40
CA VAL G 268 -0.59 -1.51 -115.76
C VAL G 268 -2.01 -2.07 -115.65
N ARG G 269 -2.22 -3.01 -114.73
CA ARG G 269 -3.53 -3.70 -114.55
C ARG G 269 -4.57 -2.70 -114.02
N LEU G 270 -4.18 -1.83 -113.10
CA LEU G 270 -5.06 -0.77 -112.52
C LEU G 270 -5.53 0.14 -113.67
N ASP G 271 -4.63 0.44 -114.61
CA ASP G 271 -4.93 1.25 -115.83
C ASP G 271 -6.08 0.59 -116.60
N GLU G 272 -5.97 -0.72 -116.84
CA GLU G 272 -7.01 -1.54 -117.55
C GLU G 272 -8.31 -1.51 -116.76
N MET G 273 -8.23 -1.88 -115.48
CA MET G 273 -9.37 -2.00 -114.55
C MET G 273 -10.15 -0.67 -114.45
N CYS G 274 -9.52 0.46 -114.74
CA CYS G 274 -10.15 1.80 -114.79
C CYS G 274 -10.71 2.09 -116.19
N GLY G 275 -10.18 1.40 -117.21
CA GLY G 275 -10.62 1.53 -118.62
C GLY G 275 -9.73 2.50 -119.38
N GLY G 276 -8.41 2.33 -119.28
CA GLY G 276 -7.41 3.11 -120.02
C GLY G 276 -6.63 4.09 -119.16
N GLY G 277 -6.90 4.13 -117.85
CA GLY G 277 -6.18 5.02 -116.91
C GLY G 277 -7.13 6.02 -116.27
N PHE G 278 -6.63 6.81 -115.31
CA PHE G 278 -7.42 7.86 -114.62
C PHE G 278 -7.61 9.05 -115.57
N PHE G 279 -8.75 9.71 -115.47
CA PHE G 279 -9.03 11.00 -116.17
C PHE G 279 -8.05 12.06 -115.67
N LYS G 280 -7.62 12.95 -116.58
CA LYS G 280 -6.61 14.01 -116.30
C LYS G 280 -7.16 14.97 -115.24
N ASP G 281 -8.31 15.59 -115.51
CA ASP G 281 -8.98 16.52 -114.57
C ASP G 281 -9.93 15.70 -113.70
N SER G 282 -9.43 15.09 -112.62
CA SER G 282 -10.23 14.23 -111.72
C SER G 282 -9.59 14.09 -110.33
N ILE G 283 -10.39 13.62 -109.37
CA ILE G 283 -9.98 13.34 -107.96
C ILE G 283 -10.04 11.83 -107.72
N ILE G 284 -8.87 11.19 -107.68
CA ILE G 284 -8.69 9.74 -107.35
C ILE G 284 -8.56 9.61 -105.84
N LEU G 285 -9.30 8.69 -105.23
CA LEU G 285 -9.24 8.37 -103.78
C LEU G 285 -8.82 6.92 -103.60
N ALA G 286 -7.79 6.69 -102.77
CA ALA G 286 -7.31 5.37 -102.36
C ALA G 286 -7.62 5.18 -100.88
N THR G 287 -8.76 4.56 -100.57
CA THR G 287 -9.16 4.21 -99.19
C THR G 287 -8.66 2.80 -98.90
N GLY G 288 -8.37 2.51 -97.63
CA GLY G 288 -8.03 1.15 -97.17
C GLY G 288 -7.51 1.14 -95.76
N ALA G 289 -7.44 -0.03 -95.14
CA ALA G 289 -6.88 -0.25 -93.79
C ALA G 289 -5.38 0.05 -93.83
N THR G 290 -4.77 0.26 -92.65
CA THR G 290 -3.31 0.49 -92.52
C THR G 290 -2.55 -0.67 -93.19
N GLY G 291 -1.51 -0.34 -93.95
CA GLY G 291 -0.55 -1.31 -94.50
C GLY G 291 -1.12 -2.12 -95.66
N THR G 292 -2.14 -1.59 -96.35
CA THR G 292 -2.79 -2.26 -97.52
C THR G 292 -2.11 -1.81 -98.82
N GLY G 293 -1.44 -0.65 -98.83
CA GLY G 293 -0.57 -0.21 -99.94
C GLY G 293 -0.98 1.10 -100.59
N LYS G 294 -1.69 1.99 -99.88
CA LYS G 294 -2.09 3.31 -100.42
C LYS G 294 -0.84 4.08 -100.86
N THR G 295 0.15 4.17 -99.98
CA THR G 295 1.44 4.88 -100.20
C THR G 295 2.18 4.27 -101.40
N LEU G 296 2.06 2.96 -101.62
CA LEU G 296 2.66 2.30 -102.83
C LEU G 296 1.94 2.81 -104.09
N LEU G 297 0.60 2.80 -104.12
CA LEU G 297 -0.21 3.32 -105.27
C LEU G 297 0.18 4.78 -105.54
N VAL G 298 0.43 5.56 -104.49
CA VAL G 298 0.86 6.98 -104.61
C VAL G 298 2.23 6.99 -105.30
N SER G 299 3.19 6.28 -104.71
CA SER G 299 4.62 6.25 -105.13
C SER G 299 4.70 6.06 -106.65
N ARG G 300 3.95 5.10 -107.18
CA ARG G 300 3.96 4.72 -108.62
C ARG G 300 3.25 5.79 -109.45
N PHE G 301 2.15 6.36 -108.94
CA PHE G 301 1.37 7.45 -109.57
C PHE G 301 2.27 8.68 -109.78
N VAL G 302 3.11 8.99 -108.79
CA VAL G 302 4.05 10.15 -108.80
C VAL G 302 5.24 9.83 -109.72
N GLU G 303 5.72 8.58 -109.75
CA GLU G 303 6.81 8.13 -110.66
C GLU G 303 6.35 8.27 -112.11
N ASN G 304 5.16 7.75 -112.42
CA ASN G 304 4.59 7.67 -113.79
C ASN G 304 4.63 9.05 -114.47
N ALA G 305 4.38 10.12 -113.72
CA ALA G 305 4.45 11.51 -114.21
C ALA G 305 5.88 11.81 -114.65
N CYS G 306 6.86 11.46 -113.81
CA CYS G 306 8.31 11.77 -114.00
C CYS G 306 8.91 10.84 -115.07
N ALA G 307 8.31 9.66 -115.29
CA ALA G 307 8.64 8.77 -116.43
C ALA G 307 8.25 9.46 -117.74
N ASN G 308 7.22 10.32 -117.71
CA ASN G 308 6.75 11.14 -118.87
C ASN G 308 7.15 12.61 -118.68
N LYS G 309 8.31 12.85 -118.04
CA LYS G 309 8.94 14.18 -117.87
C LYS G 309 7.89 15.23 -117.48
N GLU G 310 7.08 14.94 -116.46
CA GLU G 310 6.01 15.85 -115.94
C GLU G 310 6.25 16.05 -114.44
N ARG G 311 6.07 17.28 -113.95
CA ARG G 311 6.32 17.64 -112.52
C ARG G 311 5.15 17.14 -111.66
N ALA G 312 5.46 16.71 -110.44
CA ALA G 312 4.48 16.23 -109.43
C ALA G 312 4.99 16.55 -108.03
N ILE G 313 4.14 17.14 -107.20
CA ILE G 313 4.41 17.32 -105.74
C ILE G 313 3.80 16.12 -105.00
N LEU G 314 4.49 15.70 -103.94
CA LEU G 314 4.03 14.66 -102.98
C LEU G 314 3.89 15.30 -101.60
N PHE G 315 2.66 15.51 -101.15
CA PHE G 315 2.33 16.08 -99.82
C PHE G 315 2.17 14.93 -98.82
N ALA G 316 3.19 14.72 -97.99
CA ALA G 316 3.28 13.63 -97.00
C ALA G 316 2.98 14.16 -95.61
N TYR G 317 2.08 13.50 -94.87
CA TYR G 317 1.67 13.88 -93.49
C TYR G 317 1.84 12.72 -92.50
N GLU G 318 2.40 11.56 -92.90
CA GLU G 318 2.69 10.44 -91.95
C GLU G 318 4.10 9.85 -92.18
N GLU G 319 4.84 10.23 -93.21
CA GLU G 319 6.18 9.67 -93.49
C GLU G 319 7.17 10.78 -93.87
N SER G 320 8.38 10.71 -93.28
CA SER G 320 9.53 11.59 -93.59
C SER G 320 10.10 11.25 -94.97
N ARG G 321 10.80 12.21 -95.58
CA ARG G 321 11.38 12.10 -96.96
C ARG G 321 12.37 10.93 -97.02
N ALA G 322 13.15 10.70 -95.95
CA ALA G 322 14.14 9.61 -95.86
C ALA G 322 13.42 8.26 -95.98
N GLN G 323 12.32 8.10 -95.23
CA GLN G 323 11.54 6.84 -95.17
C GLN G 323 10.82 6.64 -96.50
N LEU G 324 10.16 7.67 -97.00
CA LEU G 324 9.52 7.65 -98.35
C LEU G 324 10.56 7.33 -99.41
N LEU G 325 11.77 7.87 -99.27
CA LEU G 325 12.91 7.59 -100.20
C LEU G 325 13.30 6.10 -100.06
N ARG G 326 13.44 5.61 -98.83
CA ARG G 326 13.87 4.21 -98.54
C ARG G 326 12.86 3.22 -99.12
N ASN G 327 11.61 3.30 -98.67
CA ASN G 327 10.53 2.33 -98.96
C ASN G 327 10.23 2.29 -100.46
N ALA G 328 10.24 3.45 -101.11
CA ALA G 328 10.14 3.59 -102.58
C ALA G 328 11.26 2.78 -103.24
N TYR G 329 12.50 2.97 -102.79
CA TYR G 329 13.70 2.32 -103.37
C TYR G 329 13.56 0.79 -103.28
N SER G 330 12.87 0.29 -102.25
CA SER G 330 12.60 -1.16 -102.03
C SER G 330 11.52 -1.65 -103.00
N TRP G 331 10.64 -0.76 -103.48
CA TRP G 331 9.59 -1.06 -104.49
C TRP G 331 10.10 -0.80 -105.92
N GLY G 332 11.40 -0.51 -106.09
CA GLY G 332 12.06 -0.34 -107.40
C GLY G 332 12.45 1.10 -107.70
N MET G 333 11.48 2.01 -107.55
CA MET G 333 11.51 3.45 -107.90
C MET G 333 12.58 4.24 -107.12
N ASP G 334 13.31 5.12 -107.80
CA ASP G 334 14.38 6.01 -107.29
C ASP G 334 13.83 7.43 -107.12
N PHE G 335 13.23 7.74 -105.97
CA PHE G 335 12.67 9.08 -105.61
C PHE G 335 13.78 10.13 -105.72
N GLU G 336 14.99 9.79 -105.25
CA GLU G 336 16.18 10.68 -105.21
C GLU G 336 16.47 11.23 -106.62
N GLU G 337 16.55 10.33 -107.60
CA GLU G 337 16.84 10.63 -109.03
C GLU G 337 15.84 11.67 -109.57
N MET G 338 14.55 11.50 -109.26
CA MET G 338 13.42 12.31 -109.79
C MET G 338 13.44 13.70 -109.17
N GLU G 339 13.92 13.80 -107.93
CA GLU G 339 14.07 15.05 -107.16
C GLU G 339 15.21 15.89 -107.75
N ARG G 340 16.27 15.24 -108.24
CA ARG G 340 17.46 15.90 -108.86
C ARG G 340 17.06 16.54 -110.20
N GLN G 341 16.20 15.88 -110.98
CA GLN G 341 15.78 16.33 -112.34
C GLN G 341 14.75 17.45 -112.27
N ASN G 342 14.33 17.87 -111.06
CA ASN G 342 13.34 18.96 -110.82
C ASN G 342 11.99 18.57 -111.45
N LEU G 343 11.58 17.31 -111.27
CA LEU G 343 10.26 16.76 -111.67
C LEU G 343 9.42 16.44 -110.41
N LEU G 344 10.01 15.76 -109.43
CA LEU G 344 9.31 15.25 -108.22
C LEU G 344 9.70 16.10 -107.01
N LYS G 345 8.73 16.74 -106.37
CA LYS G 345 8.92 17.54 -105.13
C LYS G 345 8.18 16.87 -103.97
N ILE G 346 8.88 16.59 -102.87
CA ILE G 346 8.28 15.98 -101.64
C ILE G 346 8.13 17.09 -100.60
N VAL G 347 6.92 17.22 -100.06
CA VAL G 347 6.56 18.13 -98.95
C VAL G 347 6.25 17.20 -97.79
N CYS G 348 6.78 17.39 -96.63
CA CYS G 348 6.52 16.60 -95.41
C CYS G 348 6.14 17.62 -94.34
N ALA G 349 5.14 17.31 -93.54
CA ALA G 349 4.63 18.20 -92.47
C ALA G 349 3.67 17.42 -91.59
N TYR G 350 3.76 17.60 -90.27
CA TYR G 350 2.76 17.08 -89.32
C TYR G 350 1.46 17.87 -89.50
N PRO G 351 0.30 17.21 -89.53
CA PRO G 351 -0.98 17.90 -89.40
C PRO G 351 -1.07 18.79 -88.14
N GLU G 352 -0.44 18.38 -87.04
CA GLU G 352 -0.61 19.08 -85.73
C GLU G 352 0.22 20.38 -85.72
N SER G 353 1.08 20.61 -86.72
CA SER G 353 1.99 21.78 -86.81
C SER G 353 1.18 23.06 -87.07
N ALA G 354 0.24 23.01 -88.01
CA ALA G 354 -0.60 24.14 -88.46
C ALA G 354 -2.07 23.75 -88.37
N GLY G 355 -2.97 24.73 -88.57
CA GLY G 355 -4.41 24.51 -88.77
C GLY G 355 -4.70 24.10 -90.20
N LEU G 356 -5.98 23.96 -90.57
CA LEU G 356 -6.40 23.46 -91.90
C LEU G 356 -6.30 24.58 -92.94
N GLU G 357 -6.68 25.81 -92.57
CA GLU G 357 -6.61 27.00 -93.46
C GLU G 357 -5.15 27.22 -93.90
N ASP G 358 -4.20 27.10 -92.96
CA ASP G 358 -2.75 27.30 -93.20
C ASP G 358 -2.25 26.20 -94.15
N HIS G 359 -2.63 24.94 -93.92
CA HIS G 359 -2.29 23.77 -94.77
C HIS G 359 -2.77 24.01 -96.21
N LEU G 360 -4.03 24.47 -96.35
CA LEU G 360 -4.66 24.81 -97.65
C LEU G 360 -3.76 25.79 -98.41
N GLN G 361 -3.26 26.82 -97.72
CA GLN G 361 -2.33 27.85 -98.27
C GLN G 361 -1.02 27.18 -98.70
N ILE G 362 -0.34 26.46 -97.79
CA ILE G 362 0.95 25.77 -98.09
C ILE G 362 0.80 25.04 -99.42
N ILE G 363 -0.30 24.30 -99.61
CA ILE G 363 -0.55 23.49 -100.83
C ILE G 363 -0.81 24.46 -101.99
N LYS G 364 -1.75 25.39 -101.86
CA LYS G 364 -2.11 26.37 -102.93
C LYS G 364 -0.86 27.13 -103.36
N SER G 365 0.02 27.48 -102.42
CA SER G 365 1.34 28.12 -102.65
C SER G 365 2.25 27.21 -103.47
N GLU G 366 2.54 26.01 -102.94
CA GLU G 366 3.55 25.06 -103.50
C GLU G 366 3.18 24.69 -104.93
N ILE G 367 1.87 24.50 -105.21
CA ILE G 367 1.35 24.20 -106.57
C ILE G 367 1.78 25.32 -107.51
N ASN G 368 1.58 26.58 -107.10
CA ASN G 368 1.89 27.78 -107.93
C ASN G 368 3.40 27.84 -108.21
N ASP G 369 4.25 27.35 -107.30
CA ASP G 369 5.73 27.51 -107.36
C ASP G 369 6.38 26.40 -108.18
N PHE G 370 5.69 25.28 -108.42
CA PHE G 370 6.23 24.10 -109.13
C PHE G 370 5.36 23.81 -110.36
N LYS G 371 4.07 24.16 -110.27
CA LYS G 371 3.07 24.07 -111.36
C LYS G 371 2.92 22.62 -111.79
N PRO G 372 2.73 21.65 -110.86
CA PRO G 372 2.83 20.24 -111.21
C PRO G 372 1.61 19.79 -112.02
N ALA G 373 1.77 18.70 -112.78
CA ALA G 373 0.68 18.00 -113.49
C ALA G 373 -0.16 17.21 -112.47
N ARG G 374 0.48 16.66 -111.43
CA ARG G 374 -0.19 15.82 -110.41
C ARG G 374 0.27 16.19 -109.00
N ILE G 375 -0.69 16.39 -108.09
CA ILE G 375 -0.50 16.44 -106.61
C ILE G 375 -0.89 15.07 -106.06
N ALA G 376 -0.21 14.60 -105.01
CA ALA G 376 -0.57 13.40 -104.22
C ALA G 376 -0.49 13.74 -102.73
N ILE G 377 -1.66 13.77 -102.08
CA ILE G 377 -1.78 13.99 -100.61
C ILE G 377 -1.86 12.62 -99.94
N ASP G 378 -0.92 12.33 -99.03
CA ASP G 378 -0.83 11.06 -98.27
C ASP G 378 -0.63 11.42 -96.80
N SER G 379 -1.73 11.54 -96.02
CA SER G 379 -3.09 11.18 -96.38
C SER G 379 -4.06 12.30 -95.99
N LEU G 380 -5.24 12.33 -96.62
CA LEU G 380 -6.40 13.15 -96.18
C LEU G 380 -6.83 12.74 -94.76
N SER G 381 -6.78 11.43 -94.46
CA SER G 381 -7.19 10.86 -93.15
C SER G 381 -6.30 11.43 -92.03
N ALA G 382 -5.00 11.65 -92.29
CA ALA G 382 -4.06 12.26 -91.33
C ALA G 382 -4.54 13.66 -90.95
N LEU G 383 -4.92 14.46 -91.96
CA LEU G 383 -5.28 15.90 -91.82
C LEU G 383 -6.67 16.05 -91.17
N ALA G 384 -7.49 14.99 -91.11
CA ALA G 384 -8.82 15.02 -90.48
C ALA G 384 -8.69 14.88 -88.96
N ARG G 385 -7.53 14.40 -88.48
CA ARG G 385 -7.25 14.17 -87.03
C ARG G 385 -7.43 15.47 -86.25
N GLY G 386 -8.34 15.45 -85.26
CA GLY G 386 -8.45 16.50 -84.24
C GLY G 386 -9.29 17.68 -84.68
N VAL G 387 -9.59 17.76 -85.98
CA VAL G 387 -10.43 18.84 -86.60
C VAL G 387 -11.88 18.34 -86.59
N SER G 388 -12.85 19.25 -86.61
CA SER G 388 -14.29 18.92 -86.83
C SER G 388 -14.48 18.53 -88.30
N ASN G 389 -15.43 17.62 -88.57
CA ASN G 389 -15.70 17.10 -89.93
C ASN G 389 -16.11 18.25 -90.87
N ASN G 390 -16.86 19.23 -90.36
CA ASN G 390 -17.23 20.45 -91.13
C ASN G 390 -15.95 21.16 -91.56
N ALA G 391 -15.10 21.49 -90.59
CA ALA G 391 -13.81 22.18 -90.78
C ALA G 391 -12.93 21.38 -91.73
N PHE G 392 -12.88 20.06 -91.53
CA PHE G 392 -12.12 19.12 -92.41
C PHE G 392 -12.72 19.15 -93.82
N ARG G 393 -14.03 18.90 -93.94
CA ARG G 393 -14.73 18.78 -95.24
C ARG G 393 -14.55 20.07 -96.04
N GLN G 394 -14.59 21.23 -95.37
CA GLN G 394 -14.30 22.56 -95.98
C GLN G 394 -12.91 22.52 -96.62
N PHE G 395 -11.91 22.05 -95.86
CA PHE G 395 -10.50 21.92 -96.33
C PHE G 395 -10.49 21.12 -97.64
N VAL G 396 -11.20 19.98 -97.67
CA VAL G 396 -11.19 19.04 -98.82
C VAL G 396 -11.80 19.74 -100.04
N ILE G 397 -13.01 20.31 -99.90
CA ILE G 397 -13.71 21.04 -101.00
C ILE G 397 -12.67 21.97 -101.65
N GLY G 398 -11.95 22.73 -100.82
CA GLY G 398 -10.95 23.73 -101.24
C GLY G 398 -9.81 23.11 -102.03
N VAL G 399 -9.21 22.02 -101.54
CA VAL G 399 -8.03 21.38 -102.19
C VAL G 399 -8.50 20.79 -103.51
N THR G 400 -9.56 19.99 -103.48
CA THR G 400 -10.21 19.38 -104.65
C THR G 400 -10.42 20.44 -105.73
N GLY G 401 -11.25 21.45 -105.43
CA GLY G 401 -11.71 22.48 -106.36
C GLY G 401 -10.57 23.28 -106.97
N TYR G 402 -9.44 23.43 -106.26
CA TYR G 402 -8.24 24.14 -106.76
C TYR G 402 -7.52 23.26 -107.78
N ALA G 403 -7.30 21.97 -107.44
CA ALA G 403 -6.66 20.97 -108.32
C ALA G 403 -7.53 20.76 -109.56
N LYS G 404 -8.86 20.73 -109.37
CA LYS G 404 -9.86 20.54 -110.46
C LYS G 404 -9.85 21.73 -111.42
N GLN G 405 -9.84 22.96 -110.90
CA GLN G 405 -9.94 24.20 -111.74
C GLN G 405 -8.58 24.49 -112.39
N GLU G 406 -7.46 24.05 -111.80
CA GLU G 406 -6.09 24.21 -112.36
C GLU G 406 -5.73 23.00 -113.24
N GLU G 407 -6.65 22.03 -113.36
CA GLU G 407 -6.48 20.80 -114.18
C GLU G 407 -5.25 20.04 -113.66
N ILE G 408 -5.08 20.00 -112.34
CA ILE G 408 -4.12 19.10 -111.66
C ILE G 408 -4.85 17.86 -111.19
N THR G 409 -4.34 16.71 -111.61
CA THR G 409 -4.84 15.36 -111.31
C THR G 409 -4.44 15.02 -109.86
N GLY G 410 -5.43 14.93 -108.97
CA GLY G 410 -5.20 14.69 -107.53
C GLY G 410 -5.52 13.25 -107.16
N LEU G 411 -4.50 12.50 -106.73
CA LEU G 411 -4.68 11.22 -105.98
C LEU G 411 -4.59 11.54 -104.48
N PHE G 412 -5.50 10.98 -103.69
CA PHE G 412 -5.59 11.19 -102.22
C PHE G 412 -5.71 9.84 -101.54
N THR G 413 -5.02 9.67 -100.41
CA THR G 413 -5.01 8.42 -99.62
C THR G 413 -5.85 8.65 -98.36
N ASN G 414 -6.51 7.61 -97.87
CA ASN G 414 -7.41 7.67 -96.68
C ASN G 414 -7.37 6.32 -95.96
N THR G 415 -6.55 6.20 -94.91
CA THR G 415 -6.49 4.97 -94.08
C THR G 415 -7.78 4.90 -93.25
N SER G 416 -8.51 3.77 -93.35
CA SER G 416 -9.79 3.54 -92.65
C SER G 416 -9.50 3.26 -91.17
N ASP G 417 -10.44 3.64 -90.30
CA ASP G 417 -10.36 3.44 -88.83
C ASP G 417 -10.34 1.95 -88.50
N GLN G 418 -11.03 1.12 -89.30
CA GLN G 418 -11.11 -0.35 -89.10
C GLN G 418 -10.41 -1.06 -90.26
N PHE G 419 -9.59 -2.08 -89.94
CA PHE G 419 -8.77 -2.82 -90.92
C PHE G 419 -9.59 -3.95 -91.55
N MET G 420 -10.70 -4.33 -90.92
CA MET G 420 -11.61 -5.38 -91.43
C MET G 420 -13.02 -5.11 -90.90
N GLY G 421 -14.02 -5.15 -91.79
CA GLY G 421 -15.44 -4.94 -91.46
C GLY G 421 -15.88 -3.51 -91.70
N ALA G 422 -15.07 -2.72 -92.41
CA ALA G 422 -15.38 -1.33 -92.82
C ALA G 422 -16.66 -1.33 -93.64
N HIS G 423 -17.67 -0.57 -93.20
CA HIS G 423 -19.00 -0.47 -93.87
C HIS G 423 -19.11 0.83 -94.68
N SER G 424 -18.21 1.78 -94.45
CA SER G 424 -18.17 3.11 -95.13
C SER G 424 -16.84 3.26 -95.88
N ILE G 425 -16.86 3.85 -97.07
CA ILE G 425 -15.63 4.09 -97.90
C ILE G 425 -14.70 5.01 -97.11
N THR G 426 -15.21 6.10 -96.56
CA THR G 426 -14.46 7.04 -95.69
C THR G 426 -15.27 7.32 -94.42
N ASP G 427 -14.57 7.52 -93.30
CA ASP G 427 -15.20 7.87 -91.99
C ASP G 427 -15.44 9.38 -91.95
N SER G 428 -14.89 10.13 -92.91
CA SER G 428 -15.02 11.60 -93.02
C SER G 428 -16.25 11.98 -93.86
N HIS G 429 -16.84 11.01 -94.57
CA HIS G 429 -18.02 11.16 -95.47
C HIS G 429 -17.71 12.14 -96.60
N ILE G 430 -16.60 11.91 -97.31
CA ILE G 430 -16.12 12.78 -98.44
C ILE G 430 -16.05 11.97 -99.73
N SEP G 431 -16.87 10.91 -99.83
CA SEP G 431 -16.85 10.02 -100.98
CB SEP G 431 -17.49 8.69 -100.64
OG SEP G 431 -17.15 8.35 -99.28
C SEP G 431 -17.51 10.69 -102.18
O SEP G 431 -17.19 10.37 -103.32
P SEP G 431 -18.33 8.12 -98.20
O1P SEP G 431 -17.76 8.29 -96.90
O2P SEP G 431 -18.71 6.69 -98.23
O3P SEP G 431 -19.46 9.10 -98.49
N THR G 432 -18.41 11.64 -101.92
CA THR G 432 -19.14 12.33 -102.95
C THR G 432 -18.26 13.40 -103.62
N ILE G 433 -17.14 13.75 -102.98
CA ILE G 433 -16.21 14.81 -103.46
C ILE G 433 -15.18 14.21 -104.44
N THR G 434 -14.99 12.88 -104.40
CA THR G 434 -14.03 12.16 -105.28
C THR G 434 -14.76 11.65 -106.52
N ASP G 435 -14.06 11.57 -107.65
CA ASP G 435 -14.59 11.05 -108.94
C ASP G 435 -14.35 9.55 -109.03
N THR G 436 -13.16 9.11 -108.58
CA THR G 436 -12.70 7.71 -108.64
C THR G 436 -12.30 7.26 -107.24
N ILE G 437 -12.61 6.00 -106.90
CA ILE G 437 -12.25 5.37 -105.59
C ILE G 437 -11.60 4.02 -105.87
N ILE G 438 -10.33 3.90 -105.50
CA ILE G 438 -9.55 2.63 -105.47
C ILE G 438 -9.63 2.10 -104.03
N LEU G 439 -10.36 1.01 -103.82
CA LEU G 439 -10.63 0.42 -102.49
C LEU G 439 -9.72 -0.79 -102.29
N LEU G 440 -8.71 -0.66 -101.43
CA LEU G 440 -7.86 -1.80 -100.98
C LEU G 440 -8.49 -2.38 -99.71
N GLN G 441 -8.40 -3.69 -99.52
CA GLN G 441 -8.85 -4.32 -98.25
C GLN G 441 -8.17 -5.68 -98.07
N TYR G 442 -7.89 -6.03 -96.82
CA TYR G 442 -7.39 -7.35 -96.41
C TYR G 442 -8.52 -8.37 -96.60
N VAL G 443 -8.13 -9.59 -96.91
CA VAL G 443 -9.06 -10.75 -97.08
C VAL G 443 -8.40 -11.96 -96.41
N GLU G 444 -9.09 -12.55 -95.44
CA GLU G 444 -8.58 -13.69 -94.65
C GLU G 444 -8.84 -14.97 -95.43
N ILE G 445 -7.77 -15.56 -95.99
CA ILE G 445 -7.81 -16.81 -96.81
C ILE G 445 -6.79 -17.80 -96.22
N ARG G 446 -7.24 -19.01 -95.91
CA ARG G 446 -6.38 -20.17 -95.53
C ARG G 446 -5.35 -19.73 -94.47
N GLY G 447 -5.80 -19.06 -93.40
CA GLY G 447 -5.01 -18.74 -92.21
C GLY G 447 -3.99 -17.63 -92.45
N GLU G 448 -4.09 -16.92 -93.57
CA GLU G 448 -3.11 -15.87 -93.95
C GLU G 448 -3.86 -14.57 -94.31
N MET G 449 -3.16 -13.45 -94.20
CA MET G 449 -3.64 -12.09 -94.54
C MET G 449 -3.27 -11.77 -95.99
N SER G 450 -4.25 -11.83 -96.90
CA SER G 450 -4.10 -11.43 -98.31
C SER G 450 -4.88 -10.12 -98.53
N ARG G 451 -4.42 -9.30 -99.47
CA ARG G 451 -5.02 -7.97 -99.80
C ARG G 451 -5.83 -8.13 -101.08
N ALA G 452 -6.68 -7.16 -101.35
CA ALA G 452 -7.52 -7.13 -102.57
C ALA G 452 -7.74 -5.69 -103.01
N ILE G 453 -7.67 -5.46 -104.32
CA ILE G 453 -7.82 -4.16 -105.00
C ILE G 453 -9.19 -4.17 -105.71
N ASN G 454 -9.94 -3.08 -105.56
CA ASN G 454 -11.26 -2.89 -106.23
C ASN G 454 -11.34 -1.45 -106.72
N VAL G 455 -11.67 -1.26 -107.99
CA VAL G 455 -12.09 0.06 -108.53
C VAL G 455 -13.55 0.25 -108.12
N PHE G 456 -13.78 0.91 -106.99
CA PHE G 456 -15.13 1.05 -106.39
C PHE G 456 -16.03 1.91 -107.28
N LYS G 457 -15.52 3.04 -107.78
CA LYS G 457 -16.29 3.88 -108.73
C LYS G 457 -15.35 4.69 -109.64
N MET G 458 -15.91 5.08 -110.79
CA MET G 458 -15.25 5.87 -111.85
C MET G 458 -16.35 6.60 -112.61
N ARG G 459 -16.64 7.84 -112.25
CA ARG G 459 -17.55 8.70 -113.05
C ARG G 459 -16.83 8.96 -114.37
N GLY G 460 -17.49 8.69 -115.49
CA GLY G 460 -16.91 8.95 -116.82
C GLY G 460 -16.46 7.69 -117.53
N SER G 461 -16.00 6.66 -116.81
CA SER G 461 -15.46 5.41 -117.40
C SER G 461 -16.31 4.18 -117.05
N TRP G 462 -15.89 3.02 -117.58
CA TRP G 462 -16.54 1.69 -117.40
C TRP G 462 -16.05 1.08 -116.08
N HIS G 463 -14.74 0.91 -115.95
CA HIS G 463 -14.00 0.24 -114.83
C HIS G 463 -14.46 -1.21 -114.61
N ASP G 464 -13.52 -2.08 -114.22
CA ASP G 464 -13.75 -3.48 -113.81
C ASP G 464 -14.57 -3.48 -112.52
N LYS G 465 -15.47 -4.44 -112.37
CA LYS G 465 -16.38 -4.57 -111.20
C LYS G 465 -15.94 -5.74 -110.31
N ALA G 466 -14.73 -6.28 -110.52
CA ALA G 466 -14.25 -7.48 -109.81
C ALA G 466 -13.33 -7.07 -108.66
N ILE G 467 -13.56 -7.62 -107.47
CA ILE G 467 -12.61 -7.53 -106.32
C ILE G 467 -11.45 -8.47 -106.65
N ARG G 468 -10.30 -7.91 -107.01
CA ARG G 468 -9.11 -8.68 -107.43
C ARG G 468 -8.13 -8.78 -106.26
N GLU G 469 -7.40 -9.90 -106.21
CA GLU G 469 -6.27 -10.10 -105.27
C GLU G 469 -5.03 -9.43 -105.87
N PHE G 470 -4.23 -8.77 -105.03
CA PHE G 470 -2.95 -8.16 -105.46
C PHE G 470 -1.89 -8.36 -104.36
N MET G 471 -0.75 -8.92 -104.78
CA MET G 471 0.46 -9.09 -103.93
C MET G 471 1.34 -7.84 -104.13
N ILE G 472 2.26 -7.63 -103.20
CA ILE G 472 3.32 -6.58 -103.28
C ILE G 472 4.67 -7.27 -103.11
N SER G 473 5.55 -7.11 -104.10
CA SER G 473 6.93 -7.65 -104.09
C SER G 473 7.93 -6.49 -104.16
N ASP G 474 9.23 -6.82 -104.18
CA ASP G 474 10.33 -5.87 -104.41
C ASP G 474 10.11 -5.13 -105.74
N LYS G 475 9.30 -5.68 -106.64
CA LYS G 475 9.03 -5.13 -108.00
C LYS G 475 7.87 -4.13 -107.99
N GLY G 476 7.11 -4.04 -106.89
CA GLY G 476 5.88 -3.24 -106.80
C GLY G 476 4.66 -4.13 -106.60
N PRO G 477 3.46 -3.75 -107.12
CA PRO G 477 2.27 -4.58 -106.98
C PRO G 477 2.21 -5.60 -108.13
N ASP G 478 1.30 -6.55 -108.03
CA ASP G 478 0.91 -7.49 -109.13
C ASP G 478 -0.54 -7.89 -108.86
N ILE G 479 -1.47 -7.45 -109.71
CA ILE G 479 -2.93 -7.72 -109.53
C ILE G 479 -3.25 -9.04 -110.24
N LYS G 480 -3.46 -10.12 -109.48
CA LYS G 480 -3.77 -11.48 -109.99
C LYS G 480 -5.28 -11.58 -110.22
N ASP G 481 -5.89 -12.72 -109.84
CA ASP G 481 -7.27 -13.10 -110.23
C ASP G 481 -8.26 -12.80 -109.09
N SER G 482 -9.54 -12.73 -109.42
CA SER G 482 -10.64 -12.38 -108.48
C SER G 482 -10.92 -13.54 -107.51
N PHE G 483 -11.76 -13.28 -106.50
CA PHE G 483 -12.23 -14.27 -105.50
C PHE G 483 -13.61 -14.78 -105.94
N ARG G 484 -13.69 -15.39 -107.12
CA ARG G 484 -14.99 -15.89 -107.66
C ARG G 484 -15.53 -17.01 -106.77
N ASN G 485 -14.63 -17.80 -106.17
CA ASN G 485 -14.97 -19.08 -105.50
C ASN G 485 -15.23 -18.82 -104.00
N PHE G 486 -15.48 -17.57 -103.60
CA PHE G 486 -15.69 -17.16 -102.20
C PHE G 486 -16.93 -16.28 -102.05
N GLU G 487 -17.58 -16.38 -100.89
CA GLU G 487 -18.67 -15.48 -100.43
C GLU G 487 -18.16 -14.62 -99.28
N ARG G 488 -18.79 -13.47 -99.04
CA ARG G 488 -18.54 -12.53 -97.90
C ARG G 488 -17.10 -11.99 -97.95
N ILE G 489 -16.65 -11.53 -99.12
CA ILE G 489 -15.29 -10.96 -99.34
C ILE G 489 -15.18 -9.62 -98.63
N ILE G 490 -16.28 -8.87 -98.65
CA ILE G 490 -16.32 -7.44 -98.23
C ILE G 490 -16.11 -7.35 -96.73
N SER G 491 -16.51 -8.40 -95.98
CA SER G 491 -16.36 -8.49 -94.51
C SER G 491 -14.88 -8.68 -94.13
N GLY G 492 -14.06 -9.20 -95.05
CA GLY G 492 -12.64 -9.50 -94.81
C GLY G 492 -12.42 -10.91 -94.29
N SER G 493 -13.47 -11.55 -93.76
CA SER G 493 -13.52 -12.99 -93.38
C SER G 493 -14.51 -13.70 -94.29
N PRO G 494 -14.11 -14.03 -95.53
CA PRO G 494 -14.99 -14.73 -96.46
C PRO G 494 -15.15 -16.22 -96.14
N THR G 495 -16.01 -16.88 -96.91
CA THR G 495 -16.27 -18.34 -96.88
C THR G 495 -15.97 -18.91 -98.26
N ARG G 496 -15.21 -20.01 -98.34
CA ARG G 496 -15.06 -20.82 -99.57
C ARG G 496 -16.39 -21.54 -99.84
N ILE G 497 -16.78 -21.68 -101.10
CA ILE G 497 -18.03 -22.37 -101.55
C ILE G 497 -17.69 -23.21 -102.79
N ALA H 17 12.87 42.67 -92.76
CA ALA H 17 12.43 41.85 -91.60
C ALA H 17 12.82 42.54 -90.29
N ILE H 18 12.07 42.30 -89.21
CA ILE H 18 12.38 42.82 -87.84
C ILE H 18 13.50 41.97 -87.25
N ALA H 19 14.46 42.60 -86.58
CA ALA H 19 15.58 41.94 -85.87
C ALA H 19 15.08 41.36 -84.55
N LYS H 20 15.53 40.15 -84.21
CA LYS H 20 15.10 39.44 -82.98
C LYS H 20 16.32 39.05 -82.14
N MET H 21 16.10 38.94 -80.83
CA MET H 21 17.12 38.59 -79.81
C MET H 21 16.79 37.19 -79.26
N ARG H 22 17.73 36.26 -79.38
CA ARG H 22 17.58 34.87 -78.88
C ARG H 22 17.41 34.93 -77.35
N THR H 23 16.47 34.16 -76.81
CA THR H 23 16.14 34.13 -75.36
C THR H 23 16.85 32.93 -74.70
N MET H 24 17.22 31.91 -75.46
CA MET H 24 17.88 30.69 -74.93
C MET H 24 16.93 29.98 -73.94
N ILE H 25 15.61 30.06 -74.19
CA ILE H 25 14.56 29.27 -73.49
C ILE H 25 14.11 28.16 -74.45
N GLU H 26 14.16 26.90 -73.99
CA GLU H 26 14.00 25.69 -74.86
C GLU H 26 12.62 25.67 -75.51
N GLY H 27 12.55 25.96 -76.80
CA GLY H 27 11.31 25.94 -77.61
C GLY H 27 10.90 27.32 -78.09
N PHE H 28 11.16 28.37 -77.29
CA PHE H 28 10.66 29.74 -77.51
C PHE H 28 11.24 30.34 -78.81
N ASP H 29 12.57 30.31 -78.97
CA ASP H 29 13.28 30.90 -80.14
C ASP H 29 12.68 30.33 -81.44
N ASP H 30 12.29 29.05 -81.42
CA ASP H 30 11.65 28.35 -82.57
C ASP H 30 10.20 28.84 -82.71
N ILE H 31 9.47 28.97 -81.61
CA ILE H 31 8.04 29.43 -81.62
C ILE H 31 8.00 30.89 -82.09
N SER H 32 8.96 31.70 -81.68
CA SER H 32 9.01 33.16 -81.98
C SER H 32 9.75 33.45 -83.29
N HIS H 33 10.31 32.42 -83.95
CA HIS H 33 11.05 32.52 -85.23
C HIS H 33 12.33 33.35 -85.05
N GLY H 34 13.05 33.18 -83.94
CA GLY H 34 14.38 33.79 -83.71
C GLY H 34 14.50 34.50 -82.37
N GLY H 35 13.41 34.64 -81.61
CA GLY H 35 13.43 35.23 -80.26
C GLY H 35 12.47 36.42 -80.14
N LEU H 36 12.70 37.30 -79.16
CA LEU H 36 11.88 38.52 -78.96
C LEU H 36 12.40 39.62 -79.89
N PRO H 37 11.50 40.35 -80.60
CA PRO H 37 11.92 41.49 -81.40
C PRO H 37 12.71 42.49 -80.55
N ILE H 38 13.83 42.99 -81.08
CA ILE H 38 14.76 43.89 -80.34
C ILE H 38 14.18 45.31 -80.36
N GLY H 39 14.28 46.00 -79.23
CA GLY H 39 13.87 47.42 -79.09
C GLY H 39 12.38 47.57 -78.87
N ARG H 40 11.64 46.47 -78.72
CA ARG H 40 10.20 46.47 -78.39
C ARG H 40 9.99 45.78 -77.04
N SER H 41 8.95 46.18 -76.30
CA SER H 41 8.49 45.50 -75.07
C SER H 41 7.56 44.35 -75.47
N THR H 42 7.72 43.22 -74.78
CA THR H 42 6.88 41.99 -74.94
C THR H 42 6.07 41.80 -73.66
N LEU H 43 4.75 41.78 -73.78
CA LEU H 43 3.83 41.50 -72.65
C LEU H 43 3.78 39.99 -72.43
N VAL H 44 4.00 39.54 -71.19
CA VAL H 44 3.84 38.12 -70.78
C VAL H 44 2.79 38.06 -69.67
N SER H 45 1.51 37.92 -70.04
CA SER H 45 0.37 37.84 -69.10
C SER H 45 0.04 36.38 -68.80
N GLY H 46 -0.43 36.12 -67.57
CA GLY H 46 -0.78 34.78 -67.09
C GLY H 46 -1.53 34.84 -65.78
N THR H 47 -2.17 33.73 -65.38
CA THR H 47 -2.81 33.59 -64.05
C THR H 47 -1.70 33.31 -63.03
N SER H 48 -2.04 33.28 -61.74
CA SER H 48 -1.07 33.08 -60.64
C SER H 48 -0.34 31.75 -60.83
N GLY H 49 0.99 31.77 -60.77
CA GLY H 49 1.86 30.57 -60.82
C GLY H 49 2.03 30.02 -62.23
N THR H 50 1.90 30.88 -63.25
CA THR H 50 1.92 30.49 -64.68
C THR H 50 3.35 30.43 -65.23
N GLY H 51 4.32 30.99 -64.51
CA GLY H 51 5.74 31.02 -64.90
C GLY H 51 6.14 32.37 -65.49
N LYS H 52 5.39 33.43 -65.18
CA LYS H 52 5.63 34.81 -65.67
C LYS H 52 7.02 35.27 -65.22
N THR H 53 7.24 35.31 -63.91
CA THR H 53 8.52 35.73 -63.28
C THR H 53 9.66 34.87 -63.86
N LEU H 54 9.50 33.55 -63.78
CA LEU H 54 10.51 32.57 -64.25
C LEU H 54 10.94 32.95 -65.67
N PHE H 55 9.97 33.27 -66.54
CA PHE H 55 10.19 33.64 -67.96
C PHE H 55 11.09 34.87 -68.05
N SER H 56 10.82 35.88 -67.21
CA SER H 56 11.54 37.18 -67.22
C SER H 56 12.94 37.00 -66.61
N ILE H 57 13.05 36.30 -65.47
CA ILE H 57 14.37 35.97 -64.84
C ILE H 57 15.26 35.32 -65.89
N GLN H 58 14.80 34.19 -66.46
CA GLN H 58 15.52 33.42 -67.50
C GLN H 58 15.93 34.37 -68.63
N PHE H 59 14.97 35.14 -69.15
CA PHE H 59 15.19 36.10 -70.27
C PHE H 59 16.48 36.89 -69.99
N LEU H 60 16.58 37.48 -68.80
CA LEU H 60 17.77 38.24 -68.35
C LEU H 60 18.96 37.27 -68.21
N TYR H 61 18.81 36.25 -67.36
CA TYR H 61 19.91 35.31 -66.99
C TYR H 61 20.54 34.75 -68.26
N ASN H 62 19.76 34.04 -69.07
CA ASN H 62 20.21 33.38 -70.32
C ASN H 62 20.86 34.44 -71.23
N GLY H 63 20.34 35.67 -71.21
CA GLY H 63 20.90 36.83 -71.94
C GLY H 63 22.31 37.15 -71.48
N ILE H 64 22.52 37.24 -70.17
CA ILE H 64 23.85 37.58 -69.57
C ILE H 64 24.85 36.47 -69.89
N ILE H 65 24.53 35.22 -69.54
CA ILE H 65 25.52 34.09 -69.52
C ILE H 65 26.02 33.81 -70.94
N GLU H 66 25.20 34.02 -71.95
CA GLU H 66 25.46 33.49 -73.31
C GLU H 66 26.10 34.57 -74.17
N PHE H 67 25.54 35.79 -74.16
CA PHE H 67 25.93 36.92 -75.05
C PHE H 67 26.62 38.05 -74.27
N ASP H 68 26.80 37.90 -72.96
CA ASP H 68 27.32 38.98 -72.07
C ASP H 68 26.47 40.24 -72.27
N GLU H 69 25.15 40.06 -72.47
CA GLU H 69 24.17 41.16 -72.59
C GLU H 69 23.64 41.48 -71.19
N PRO H 70 24.02 42.63 -70.58
CA PRO H 70 23.55 42.96 -69.24
C PRO H 70 22.06 43.30 -69.26
N GLY H 71 21.39 43.12 -68.11
CA GLY H 71 19.93 43.28 -68.00
C GLY H 71 19.52 43.87 -66.67
N VAL H 72 18.31 44.41 -66.61
CA VAL H 72 17.73 45.09 -65.41
C VAL H 72 16.37 44.46 -65.10
N PHE H 73 16.14 44.22 -63.80
CA PHE H 73 14.91 43.60 -63.24
C PHE H 73 14.26 44.60 -62.30
N VAL H 74 13.04 45.05 -62.62
CA VAL H 74 12.23 45.97 -61.77
C VAL H 74 11.13 45.13 -61.11
N THR H 75 11.01 45.24 -59.78
CA THR H 75 10.12 44.38 -58.94
C THR H 75 9.36 45.27 -57.96
N PHE H 76 8.02 45.17 -57.95
CA PHE H 76 7.10 46.07 -57.19
C PHE H 76 6.52 45.39 -55.96
N GLU H 77 6.82 44.11 -55.72
CA GLU H 77 6.26 43.34 -54.58
C GLU H 77 7.37 42.46 -53.99
N GLU H 78 7.84 41.49 -54.77
CA GLU H 78 8.95 40.56 -54.39
C GLU H 78 10.18 41.38 -54.00
N THR H 79 10.81 41.07 -52.87
CA THR H 79 12.09 41.69 -52.46
C THR H 79 13.19 41.20 -53.39
N PRO H 80 14.23 42.03 -53.62
CA PRO H 80 15.40 41.61 -54.41
C PRO H 80 16.12 40.37 -53.85
N GLN H 81 16.29 40.31 -52.53
CA GLN H 81 16.88 39.13 -51.84
C GLN H 81 16.20 37.85 -52.36
N ASP H 82 14.87 37.89 -52.50
CA ASP H 82 14.02 36.70 -52.83
C ASP H 82 14.19 36.32 -54.31
N ILE H 83 14.21 37.29 -55.22
CA ILE H 83 14.44 37.03 -56.68
C ILE H 83 15.77 36.28 -56.81
N ILE H 84 16.77 36.63 -55.98
CA ILE H 84 18.12 35.99 -55.95
C ILE H 84 18.00 34.57 -55.38
N LYS H 85 17.26 34.40 -54.27
CA LYS H 85 17.11 33.10 -53.55
C LYS H 85 16.31 32.11 -54.42
N ASN H 86 15.11 32.51 -54.86
CA ASN H 86 14.20 31.70 -55.71
C ASN H 86 14.95 31.17 -56.94
N ALA H 87 15.88 31.97 -57.48
CA ALA H 87 16.66 31.66 -58.70
C ALA H 87 17.64 30.51 -58.42
N ARG H 88 18.16 30.43 -57.19
CA ARG H 88 19.11 29.38 -56.72
C ARG H 88 18.47 28.00 -56.92
N SER H 89 17.14 27.91 -56.74
CA SER H 89 16.32 26.69 -56.98
C SER H 89 16.62 26.07 -58.35
N PHE H 90 16.82 26.89 -59.40
CA PHE H 90 17.11 26.44 -60.79
C PHE H 90 18.62 26.39 -61.01
N GLY H 91 19.40 26.44 -59.92
CA GLY H 91 20.87 26.32 -59.92
C GLY H 91 21.53 27.48 -60.66
N TRP H 92 21.06 28.71 -60.43
CA TRP H 92 21.63 29.97 -61.00
C TRP H 92 21.98 30.92 -59.84
N ASP H 93 23.20 31.47 -59.85
CA ASP H 93 23.67 32.42 -58.82
C ASP H 93 23.49 33.85 -59.36
N LEU H 94 22.30 34.42 -59.15
CA LEU H 94 22.01 35.83 -59.49
C LEU H 94 22.88 36.76 -58.64
N ALA H 95 23.23 36.35 -57.42
CA ALA H 95 24.10 37.12 -56.49
C ALA H 95 25.46 37.38 -57.16
N LYS H 96 26.05 36.35 -57.78
CA LYS H 96 27.37 36.43 -58.47
C LYS H 96 27.30 37.49 -59.58
N LEU H 97 26.18 37.55 -60.30
CA LEU H 97 25.98 38.45 -61.48
C LEU H 97 25.65 39.88 -61.02
N VAL H 98 25.08 40.08 -59.82
CA VAL H 98 24.84 41.46 -59.27
C VAL H 98 26.23 42.05 -58.98
N ASP H 99 27.11 41.25 -58.37
CA ASP H 99 28.48 41.63 -57.97
C ASP H 99 29.33 41.90 -59.22
N GLU H 100 29.33 40.95 -60.16
CA GLU H 100 30.06 41.06 -61.46
C GLU H 100 29.62 42.31 -62.23
N GLY H 101 28.42 42.83 -61.94
CA GLY H 101 27.89 44.07 -62.55
C GLY H 101 27.15 43.80 -63.86
N LYS H 102 26.78 42.54 -64.13
CA LYS H 102 26.09 42.12 -65.37
C LYS H 102 24.56 42.27 -65.19
N LEU H 103 24.06 41.92 -64.01
CA LEU H 103 22.63 42.09 -63.63
C LEU H 103 22.50 43.30 -62.71
N PHE H 104 21.28 43.81 -62.55
CA PHE H 104 20.92 44.84 -61.54
C PHE H 104 19.43 44.73 -61.22
N ILE H 105 19.09 44.34 -60.00
CA ILE H 105 17.69 44.27 -59.48
C ILE H 105 17.33 45.65 -58.90
N LEU H 106 16.70 46.51 -59.70
CA LEU H 106 16.14 47.81 -59.25
C LEU H 106 14.89 47.55 -58.39
N ASP H 107 15.02 47.68 -57.07
CA ASP H 107 13.93 47.45 -56.10
C ASP H 107 12.96 48.63 -56.14
N ALA H 108 11.72 48.40 -56.58
CA ALA H 108 10.66 49.42 -56.68
C ALA H 108 9.47 49.05 -55.78
N SER H 109 9.65 48.11 -54.84
CA SER H 109 8.57 47.61 -53.95
C SER H 109 8.28 48.62 -52.85
N PRO H 110 7.02 48.76 -52.39
CA PRO H 110 6.66 49.67 -51.31
C PRO H 110 7.28 49.30 -49.96
N ASP H 111 7.37 50.28 -49.06
CA ASP H 111 7.86 50.15 -47.66
C ASP H 111 6.66 49.96 -46.74
N PRO H 112 6.58 48.83 -46.01
CA PRO H 112 5.55 48.63 -44.98
C PRO H 112 5.29 49.79 -44.01
N GLU H 113 6.34 50.49 -43.57
CA GLU H 113 6.24 51.64 -42.60
C GLU H 113 5.57 52.83 -43.30
N PHE H 121 2.55 60.95 -61.27
CA PHE H 121 3.08 60.89 -59.88
C PHE H 121 4.50 60.31 -59.89
N ASP H 122 4.61 59.00 -59.64
CA ASP H 122 5.86 58.19 -59.62
C ASP H 122 6.19 57.66 -61.02
N LEU H 123 5.30 57.86 -62.00
CA LEU H 123 5.40 57.29 -63.37
C LEU H 123 6.73 57.71 -64.00
N SER H 124 6.97 59.01 -64.03
CA SER H 124 8.18 59.65 -64.64
C SER H 124 9.40 59.38 -63.77
N ALA H 125 9.23 59.39 -62.44
CA ALA H 125 10.31 59.16 -61.45
C ALA H 125 10.94 57.79 -61.69
N LEU H 126 10.12 56.75 -61.79
CA LEU H 126 10.56 55.35 -62.05
C LEU H 126 11.30 55.29 -63.39
N ILE H 127 10.69 55.84 -64.45
CA ILE H 127 11.23 55.84 -65.84
C ILE H 127 12.67 56.40 -65.82
N GLU H 128 12.89 57.49 -65.08
CA GLU H 128 14.22 58.13 -64.90
C GLU H 128 15.18 57.13 -64.23
N ARG H 129 14.74 56.45 -63.17
CA ARG H 129 15.53 55.40 -62.47
C ARG H 129 15.86 54.29 -63.47
N ILE H 130 14.85 53.80 -64.20
CA ILE H 130 14.99 52.68 -65.17
C ILE H 130 15.94 53.15 -66.28
N ASN H 131 15.76 54.37 -66.77
CA ASN H 131 16.62 55.00 -67.81
C ASN H 131 18.07 55.08 -67.30
N TYR H 132 18.27 55.64 -66.10
CA TYR H 132 19.60 55.81 -65.46
C TYR H 132 20.29 54.45 -65.37
N ALA H 133 19.56 53.44 -64.86
CA ALA H 133 20.04 52.04 -64.69
C ALA H 133 20.56 51.47 -66.02
N ILE H 134 19.83 51.68 -67.12
CA ILE H 134 20.14 51.11 -68.47
C ILE H 134 21.55 51.56 -68.86
N GLN H 135 21.77 52.88 -68.88
CA GLN H 135 23.08 53.50 -69.25
C GLN H 135 24.12 53.16 -68.18
N LYS H 136 23.72 53.17 -66.91
CA LYS H 136 24.61 52.90 -65.74
C LYS H 136 25.12 51.46 -65.75
N TYR H 137 24.59 50.60 -66.64
CA TYR H 137 25.04 49.18 -66.80
C TYR H 137 25.13 48.75 -68.27
N ARG H 138 24.96 49.65 -69.25
CA ARG H 138 25.04 49.32 -70.70
C ARG H 138 24.06 48.17 -71.02
N ALA H 139 22.88 48.17 -70.39
CA ALA H 139 21.96 47.00 -70.36
C ALA H 139 21.14 46.93 -71.66
N ARG H 140 21.13 45.75 -72.29
CA ARG H 140 20.38 45.49 -73.55
C ARG H 140 19.00 44.87 -73.24
N ARG H 141 18.80 44.35 -72.02
CA ARG H 141 17.55 43.64 -71.62
C ARG H 141 16.96 44.29 -70.36
N VAL H 142 15.62 44.27 -70.26
CA VAL H 142 14.84 44.77 -69.10
C VAL H 142 13.74 43.76 -68.81
N SER H 143 13.26 43.71 -67.57
CA SER H 143 12.10 42.87 -67.17
C SER H 143 11.35 43.53 -66.00
N ILE H 144 10.19 44.10 -66.28
CA ILE H 144 9.35 44.82 -65.30
C ILE H 144 8.22 43.87 -64.86
N ASP H 145 8.23 43.50 -63.58
CA ASP H 145 7.41 42.40 -63.02
C ASP H 145 6.86 42.83 -61.65
N SER H 146 5.56 43.11 -61.53
CA SER H 146 4.57 43.11 -62.61
C SER H 146 3.96 44.51 -62.71
N VAL H 147 3.86 45.07 -63.93
CA VAL H 147 3.40 46.47 -64.19
C VAL H 147 1.91 46.65 -63.86
N THR H 148 1.29 45.71 -63.16
CA THR H 148 -0.15 45.77 -62.83
C THR H 148 -0.27 46.29 -61.39
N SER H 149 0.58 45.75 -60.52
CA SER H 149 0.68 46.05 -59.07
C SER H 149 0.94 47.54 -58.84
N VAL H 150 1.53 48.24 -59.82
CA VAL H 150 1.75 49.71 -59.80
C VAL H 150 0.40 50.45 -59.71
N PHE H 151 -0.65 49.91 -60.35
CA PHE H 151 -2.02 50.50 -60.39
C PHE H 151 -2.67 50.36 -59.01
N ALA H 156 -8.69 52.15 -63.36
CA ALA H 156 -9.42 52.84 -64.44
C ALA H 156 -8.69 52.65 -65.77
N SER H 157 -9.26 51.84 -66.68
CA SER H 157 -8.68 51.43 -67.99
C SER H 157 -8.17 52.65 -68.76
N SER H 158 -8.92 53.75 -68.75
CA SER H 158 -8.55 55.06 -69.36
C SER H 158 -7.16 55.50 -68.88
N VAL H 159 -6.89 55.32 -67.57
CA VAL H 159 -5.63 55.76 -66.90
C VAL H 159 -4.52 54.73 -67.15
N VAL H 160 -4.85 53.43 -67.05
CA VAL H 160 -3.86 52.31 -67.08
C VAL H 160 -3.16 52.29 -68.45
N ARG H 161 -3.90 52.53 -69.53
CA ARG H 161 -3.34 52.48 -70.92
C ARG H 161 -2.37 53.65 -71.13
N ARG H 162 -2.74 54.87 -70.71
CA ARG H 162 -1.93 56.09 -70.92
C ARG H 162 -0.54 55.91 -70.31
N GLU H 163 -0.47 55.47 -69.06
CA GLU H 163 0.81 55.34 -68.32
C GLU H 163 1.56 54.09 -68.82
N LEU H 164 0.87 52.97 -68.98
CA LEU H 164 1.43 51.73 -69.58
C LEU H 164 2.02 52.09 -70.96
N PHE H 165 1.30 52.88 -71.75
CA PHE H 165 1.75 53.39 -73.07
C PHE H 165 3.01 54.24 -72.87
N ARG H 166 3.00 55.14 -71.89
CA ARG H 166 4.15 56.02 -71.59
C ARG H 166 5.37 55.14 -71.32
N LEU H 167 5.26 54.18 -70.42
CA LEU H 167 6.38 53.29 -69.99
C LEU H 167 6.95 52.61 -71.25
N VAL H 168 6.14 51.79 -71.92
CA VAL H 168 6.52 51.01 -73.13
C VAL H 168 7.09 51.97 -74.19
N ALA H 169 6.50 53.16 -74.35
CA ALA H 169 6.91 54.19 -75.34
C ALA H 169 8.30 54.74 -74.97
N ARG H 170 8.48 55.11 -73.70
CA ARG H 170 9.78 55.55 -73.13
C ARG H 170 10.85 54.52 -73.51
N LEU H 171 10.66 53.26 -73.10
CA LEU H 171 11.62 52.14 -73.27
C LEU H 171 12.06 51.99 -74.73
N LYS H 172 11.16 52.22 -75.69
CA LYS H 172 11.47 52.11 -77.15
C LYS H 172 12.56 53.12 -77.50
N GLN H 173 12.45 54.35 -76.99
CA GLN H 173 13.44 55.45 -77.21
C GLN H 173 14.77 55.06 -76.57
N ILE H 174 14.74 54.55 -75.33
CA ILE H 174 15.95 54.06 -74.60
C ILE H 174 16.63 53.01 -75.50
N GLY H 175 15.82 52.20 -76.20
CA GLY H 175 16.30 51.23 -77.20
C GLY H 175 16.72 49.93 -76.51
N ALA H 176 15.81 49.35 -75.74
CA ALA H 176 16.06 48.22 -74.82
C ALA H 176 14.91 47.23 -74.92
N THR H 177 15.20 45.97 -75.22
CA THR H 177 14.18 44.89 -75.28
C THR H 177 13.71 44.61 -73.86
N THR H 178 12.40 44.42 -73.71
CA THR H 178 11.68 44.45 -72.42
C THR H 178 10.71 43.28 -72.35
N VAL H 179 10.63 42.63 -71.19
CA VAL H 179 9.57 41.63 -70.87
C VAL H 179 8.74 42.19 -69.71
N MET H 180 7.46 42.47 -69.97
CA MET H 180 6.54 43.14 -69.02
C MET H 180 5.49 42.15 -68.56
N THR H 181 5.53 41.82 -67.27
CA THR H 181 4.66 40.81 -66.62
C THR H 181 3.32 41.47 -66.28
N THR H 182 2.21 40.75 -66.51
CA THR H 182 0.83 41.20 -66.21
C THR H 182 -0.01 40.01 -65.75
N GLU H 183 -1.02 40.25 -64.90
CA GLU H 183 -1.79 39.17 -64.23
C GLU H 183 -3.18 39.03 -64.88
N ARG H 184 -3.80 37.87 -64.64
CA ARG H 184 -5.13 37.47 -65.18
C ARG H 184 -5.92 36.73 -64.09
N ILE H 185 -7.25 36.67 -64.23
CA ILE H 185 -8.18 36.00 -63.26
C ILE H 185 -8.75 34.70 -63.85
N GLU H 186 -8.77 34.58 -65.19
CA GLU H 186 -9.46 33.48 -65.92
C GLU H 186 -8.53 33.02 -67.04
N GLU H 187 -8.47 31.71 -67.30
CA GLU H 187 -7.48 31.11 -68.23
C GLU H 187 -7.83 31.48 -69.68
N TYR H 188 -9.12 31.69 -69.99
CA TYR H 188 -9.62 32.08 -71.33
C TYR H 188 -10.48 33.35 -71.25
N GLY H 189 -10.27 34.18 -70.22
CA GLY H 189 -10.91 35.50 -70.07
C GLY H 189 -10.13 36.56 -70.85
N PRO H 190 -10.08 37.83 -70.37
CA PRO H 190 -9.23 38.84 -71.00
C PRO H 190 -7.73 38.51 -70.85
N ILE H 191 -6.95 38.78 -71.90
CA ILE H 191 -5.49 38.46 -71.99
C ILE H 191 -4.75 39.00 -70.77
N ALA H 192 -5.05 40.23 -70.37
CA ALA H 192 -4.45 40.94 -69.21
C ALA H 192 -5.58 41.41 -68.29
N ARG H 193 -5.27 42.15 -67.23
CA ARG H 193 -6.26 42.47 -66.17
C ARG H 193 -7.23 43.57 -66.65
N TYR H 194 -6.80 44.51 -67.51
CA TYR H 194 -7.55 45.75 -67.81
C TYR H 194 -7.96 45.90 -69.28
N GLY H 195 -7.83 44.84 -70.09
CA GLY H 195 -8.23 44.86 -71.51
C GLY H 195 -7.62 46.04 -72.26
N VAL H 196 -6.36 46.39 -71.96
CA VAL H 196 -5.62 47.56 -72.53
C VAL H 196 -4.18 47.15 -72.83
N GLU H 197 -3.48 46.63 -71.82
CA GLU H 197 -2.05 46.18 -71.87
C GLU H 197 -1.73 45.51 -73.21
N GLU H 198 -2.65 44.65 -73.70
CA GLU H 198 -2.51 43.86 -74.96
C GLU H 198 -2.14 44.76 -76.14
N PHE H 199 -2.99 45.76 -76.40
CA PHE H 199 -3.00 46.58 -77.63
C PHE H 199 -1.80 47.55 -77.63
N VAL H 200 -1.35 47.95 -76.44
CA VAL H 200 -0.19 48.87 -76.26
C VAL H 200 1.08 48.16 -76.74
N SER H 201 1.39 46.99 -76.17
CA SER H 201 2.64 46.24 -76.45
C SER H 201 2.62 45.77 -77.91
N ASP H 202 3.80 45.65 -78.49
CA ASP H 202 4.02 45.14 -79.88
C ASP H 202 3.89 43.62 -79.85
N ASN H 203 4.22 43.02 -78.71
CA ASN H 203 4.39 41.55 -78.55
C ASN H 203 3.58 41.09 -77.33
N VAL H 204 2.87 39.97 -77.49
CA VAL H 204 1.99 39.39 -76.45
C VAL H 204 2.26 37.89 -76.37
N VAL H 205 2.69 37.44 -75.20
CA VAL H 205 2.82 36.00 -74.86
C VAL H 205 1.81 35.73 -73.73
N ILE H 206 1.01 34.67 -73.89
CA ILE H 206 0.10 34.17 -72.82
C ILE H 206 0.68 32.85 -72.31
N LEU H 207 1.07 32.81 -71.04
CA LEU H 207 1.30 31.55 -70.30
C LEU H 207 -0.04 31.13 -69.72
N ARG H 208 -0.40 29.86 -69.87
CA ARG H 208 -1.68 29.30 -69.35
C ARG H 208 -1.37 28.14 -68.41
N ASN H 209 -2.37 27.77 -67.61
CA ASN H 209 -2.29 26.68 -66.60
C ASN H 209 -3.68 26.05 -66.50
N VAL H 210 -4.12 25.47 -67.61
CA VAL H 210 -5.52 24.98 -67.82
C VAL H 210 -5.73 23.73 -66.98
N LEU H 211 -6.88 23.65 -66.31
CA LEU H 211 -7.29 22.49 -65.49
C LEU H 211 -7.93 21.45 -66.43
N GLU H 212 -7.21 20.37 -66.73
CA GLU H 212 -7.63 19.24 -67.60
C GLU H 212 -8.25 18.14 -66.73
N GLY H 213 -9.29 18.47 -65.94
CA GLY H 213 -9.95 17.52 -65.02
C GLY H 213 -8.99 16.96 -63.99
N GLU H 214 -8.71 17.75 -62.94
CA GLU H 214 -7.86 17.40 -61.77
C GLU H 214 -6.37 17.41 -62.10
N ARG H 215 -5.97 17.23 -63.36
CA ARG H 215 -4.56 17.44 -63.83
C ARG H 215 -4.46 18.84 -64.47
N ARG H 216 -3.38 19.58 -64.17
CA ARG H 216 -3.08 20.88 -64.81
C ARG H 216 -2.25 20.64 -66.06
N ARG H 217 -2.28 21.59 -66.99
CA ARG H 217 -1.54 21.57 -68.27
C ARG H 217 -1.01 22.98 -68.54
N ARG H 218 0.30 23.13 -68.63
CA ARG H 218 0.98 24.42 -68.89
C ARG H 218 1.17 24.60 -70.40
N THR H 219 0.61 25.66 -70.97
CA THR H 219 0.78 26.04 -72.41
C THR H 219 1.28 27.49 -72.52
N LEU H 220 2.21 27.71 -73.44
CA LEU H 220 2.72 29.05 -73.85
C LEU H 220 2.17 29.35 -75.25
N GLU H 221 1.69 30.57 -75.47
CA GLU H 221 1.19 31.04 -76.80
C GLU H 221 1.82 32.39 -77.13
N ILE H 222 2.11 32.64 -78.41
CA ILE H 222 2.41 34.00 -78.93
C ILE H 222 1.19 34.49 -79.71
N LEU H 223 0.46 35.45 -79.15
CA LEU H 223 -0.85 35.91 -79.67
C LEU H 223 -0.58 36.87 -80.84
N LYS H 224 0.40 37.75 -80.71
CA LYS H 224 0.84 38.62 -81.83
C LYS H 224 2.31 39.01 -81.68
N LEU H 225 3.01 39.13 -82.82
CA LEU H 225 4.32 39.83 -82.96
C LEU H 225 4.24 40.77 -84.15
N ARG H 226 4.00 42.06 -83.90
CA ARG H 226 3.95 43.12 -84.93
C ARG H 226 5.26 43.12 -85.73
N GLY H 227 5.15 43.00 -87.06
CA GLY H 227 6.26 43.19 -88.00
C GLY H 227 6.97 41.90 -88.36
N THR H 228 6.62 40.77 -87.73
CA THR H 228 7.25 39.46 -88.04
C THR H 228 6.26 38.30 -87.95
N SER H 229 6.73 37.15 -88.44
CA SER H 229 6.06 35.83 -88.33
C SER H 229 6.33 35.24 -86.95
N HIS H 230 5.60 34.17 -86.62
CA HIS H 230 5.82 33.28 -85.46
C HIS H 230 5.00 32.02 -85.68
N MET H 231 4.97 31.13 -84.70
CA MET H 231 4.04 29.97 -84.67
C MET H 231 2.77 30.39 -83.94
N LYS H 232 1.63 29.96 -84.42
CA LYS H 232 0.30 30.29 -83.84
C LYS H 232 -0.13 29.16 -82.89
N GLY H 233 -1.01 29.48 -81.95
CA GLY H 233 -1.70 28.50 -81.10
C GLY H 233 -0.95 28.19 -79.81
N GLU H 234 -1.48 27.25 -79.02
CA GLU H 234 -0.97 26.84 -77.68
C GLU H 234 0.12 25.78 -77.85
N TYR H 235 1.30 26.02 -77.27
CA TYR H 235 2.39 25.03 -77.17
C TYR H 235 2.64 24.72 -75.70
N PRO H 236 2.69 23.42 -75.34
CA PRO H 236 2.80 23.02 -73.94
C PRO H 236 4.27 23.05 -73.52
N PHE H 237 4.51 23.32 -72.24
CA PHE H 237 5.86 23.40 -71.65
C PHE H 237 5.78 22.86 -70.24
N THR H 238 6.95 22.71 -69.61
CA THR H 238 7.10 22.29 -68.20
C THR H 238 8.06 23.24 -67.50
N ILE H 239 7.78 23.54 -66.22
CA ILE H 239 8.72 24.26 -65.30
C ILE H 239 9.48 23.20 -64.50
N THR H 240 10.78 23.09 -64.72
CA THR H 240 11.66 22.04 -64.12
C THR H 240 12.84 22.72 -63.41
N ASP H 241 13.81 21.90 -62.99
CA ASP H 241 15.10 22.34 -62.41
C ASP H 241 15.88 23.22 -63.40
N HIS H 242 15.77 22.95 -64.70
CA HIS H 242 16.49 23.70 -65.77
C HIS H 242 15.60 24.81 -66.37
N GLY H 243 14.46 25.11 -65.72
CA GLY H 243 13.60 26.25 -66.05
C GLY H 243 12.45 25.84 -66.97
N ILE H 244 12.04 26.75 -67.84
CA ILE H 244 10.92 26.57 -68.81
C ILE H 244 11.44 25.74 -69.99
N ASN H 245 10.77 24.61 -70.29
CA ASN H 245 11.12 23.73 -71.42
C ASN H 245 9.84 23.49 -72.24
N ILE H 246 9.73 24.18 -73.38
CA ILE H 246 8.56 24.11 -74.30
C ILE H 246 8.88 23.08 -75.39
N PHE H 247 7.92 22.23 -75.71
CA PHE H 247 8.01 21.19 -76.78
C PHE H 247 7.16 21.66 -77.96
N PRO H 248 7.77 22.32 -78.98
CA PRO H 248 7.03 22.71 -80.17
C PRO H 248 6.62 21.46 -80.97
N LEU H 249 5.44 20.91 -80.66
CA LEU H 249 4.84 19.74 -81.31
C LEU H 249 4.70 20.04 -82.81
N GLY H 250 4.53 21.32 -83.15
CA GLY H 250 4.39 21.82 -84.54
C GLY H 250 5.62 22.55 -85.04
N ALA H 251 6.64 21.82 -85.50
CA ALA H 251 7.86 22.39 -86.12
C ALA H 251 9.02 21.41 -85.90
N LEU H 254 9.60 16.78 -89.12
CA LEU H 254 9.39 15.50 -89.85
C LEU H 254 10.47 15.33 -90.94
N THR H 255 11.73 15.63 -90.60
CA THR H 255 12.91 15.52 -91.50
C THR H 255 13.96 14.72 -90.74
N GLN H 256 13.80 13.39 -90.75
CA GLN H 256 14.53 12.45 -89.86
C GLN H 256 15.16 11.34 -90.70
N ARG H 257 16.31 10.84 -90.24
CA ARG H 257 17.17 9.88 -90.98
C ARG H 257 16.46 8.54 -91.09
N SER H 258 17.02 7.63 -91.90
CA SER H 258 16.46 6.29 -92.21
C SER H 258 17.56 5.40 -92.78
N SER H 259 17.41 4.08 -92.59
CA SER H 259 18.37 3.04 -93.08
C SER H 259 17.63 1.72 -93.29
N ASN H 260 18.35 0.69 -93.75
CA ASN H 260 17.88 -0.71 -93.84
C ASN H 260 18.65 -1.58 -92.84
N VAL H 261 19.17 -0.98 -91.76
CA VAL H 261 19.88 -1.73 -90.68
C VAL H 261 18.83 -2.57 -89.96
N ARG H 262 19.10 -3.86 -89.78
CA ARG H 262 18.17 -4.78 -89.10
C ARG H 262 18.62 -5.02 -87.67
N VAL H 263 17.64 -5.13 -86.79
CA VAL H 263 17.82 -5.43 -85.34
C VAL H 263 16.88 -6.57 -84.99
N SER H 264 17.33 -7.49 -84.14
CA SER H 264 16.53 -8.68 -83.75
C SER H 264 15.42 -8.24 -82.81
N SER H 265 14.28 -8.94 -82.88
CA SER H 265 13.08 -8.73 -82.03
C SER H 265 13.29 -9.34 -80.64
N GLY H 266 14.28 -10.22 -80.51
CA GLY H 266 14.48 -11.09 -79.33
C GLY H 266 13.80 -12.44 -79.51
N VAL H 267 13.14 -12.64 -80.64
CA VAL H 267 12.46 -13.90 -81.05
C VAL H 267 12.88 -14.20 -82.48
N VAL H 268 13.63 -15.29 -82.69
CA VAL H 268 14.25 -15.65 -84.01
C VAL H 268 13.13 -15.87 -85.03
N ARG H 269 12.02 -16.48 -84.59
CA ARG H 269 10.87 -16.83 -85.47
C ARG H 269 10.15 -15.54 -85.90
N LEU H 270 9.98 -14.57 -85.00
CA LEU H 270 9.34 -13.26 -85.32
C LEU H 270 10.24 -12.49 -86.29
N ASP H 271 11.55 -12.48 -86.04
CA ASP H 271 12.59 -11.89 -86.92
C ASP H 271 12.40 -12.41 -88.34
N GLU H 272 12.21 -13.72 -88.49
CA GLU H 272 11.97 -14.41 -89.78
C GLU H 272 10.67 -13.88 -90.40
N MET H 273 9.60 -13.78 -89.59
CA MET H 273 8.26 -13.32 -90.02
C MET H 273 8.30 -11.85 -90.50
N CYS H 274 9.31 -11.08 -90.06
CA CYS H 274 9.52 -9.65 -90.44
C CYS H 274 10.44 -9.55 -91.66
N GLY H 275 11.20 -10.60 -91.97
CA GLY H 275 12.08 -10.68 -93.16
C GLY H 275 13.51 -10.31 -92.84
N GLY H 276 14.04 -10.80 -91.71
CA GLY H 276 15.40 -10.53 -91.23
C GLY H 276 15.42 -9.83 -89.87
N GLY H 277 14.24 -9.55 -89.30
CA GLY H 277 14.07 -8.83 -88.03
C GLY H 277 13.57 -7.42 -88.24
N PHE H 278 13.39 -6.65 -87.17
CA PHE H 278 12.92 -5.25 -87.21
C PHE H 278 13.96 -4.40 -87.93
N PHE H 279 13.53 -3.27 -88.48
CA PHE H 279 14.43 -2.17 -88.89
C PHE H 279 14.87 -1.43 -87.64
N LYS H 280 16.09 -0.90 -87.69
CA LYS H 280 16.65 -0.10 -86.58
C LYS H 280 15.80 1.18 -86.44
N ASP H 281 15.80 2.02 -87.48
CA ASP H 281 15.08 3.32 -87.49
C ASP H 281 13.60 3.06 -87.78
N SER H 282 12.85 2.62 -86.76
CA SER H 282 11.41 2.32 -86.90
C SER H 282 10.69 2.31 -85.55
N ILE H 283 9.43 2.73 -85.58
CA ILE H 283 8.42 2.56 -84.49
C ILE H 283 7.68 1.25 -84.73
N ILE H 284 7.76 0.33 -83.78
CA ILE H 284 7.04 -0.96 -83.81
C ILE H 284 5.82 -0.80 -82.92
N LEU H 285 4.70 -1.38 -83.30
CA LEU H 285 3.50 -1.44 -82.42
C LEU H 285 3.11 -2.90 -82.18
N ALA H 286 3.10 -3.29 -80.91
CA ALA H 286 2.57 -4.58 -80.41
C ALA H 286 1.17 -4.34 -79.86
N THR H 287 0.15 -4.85 -80.56
CA THR H 287 -1.28 -4.68 -80.21
C THR H 287 -1.84 -6.04 -79.81
N GLY H 288 -2.84 -6.05 -78.93
CA GLY H 288 -3.65 -7.24 -78.66
C GLY H 288 -4.50 -7.09 -77.41
N ALA H 289 -5.40 -8.05 -77.18
CA ALA H 289 -6.24 -8.14 -75.98
C ALA H 289 -5.34 -8.33 -74.76
N THR H 290 -5.94 -8.27 -73.56
CA THR H 290 -5.21 -8.36 -72.27
C THR H 290 -4.63 -9.76 -72.11
N GLY H 291 -3.30 -9.86 -71.93
CA GLY H 291 -2.59 -11.10 -71.58
C GLY H 291 -2.26 -11.95 -72.78
N THR H 292 -2.18 -11.37 -73.98
CA THR H 292 -1.87 -12.09 -75.25
C THR H 292 -0.36 -12.31 -75.37
N GLY H 293 0.47 -11.52 -74.67
CA GLY H 293 1.93 -11.68 -74.67
C GLY H 293 2.68 -10.40 -75.04
N LYS H 294 2.04 -9.23 -74.98
CA LYS H 294 2.68 -7.92 -75.30
C LYS H 294 3.90 -7.71 -74.40
N THR H 295 3.70 -7.67 -73.08
CA THR H 295 4.75 -7.37 -72.07
C THR H 295 5.88 -8.40 -72.18
N LEU H 296 5.57 -9.63 -72.62
CA LEU H 296 6.58 -10.66 -72.96
C LEU H 296 7.44 -10.16 -74.13
N LEU H 297 6.81 -9.72 -75.24
CA LEU H 297 7.57 -9.24 -76.43
C LEU H 297 8.46 -8.07 -75.99
N VAL H 298 7.92 -7.13 -75.20
CA VAL H 298 8.67 -5.97 -74.63
C VAL H 298 9.92 -6.49 -73.91
N SER H 299 9.76 -7.53 -73.10
CA SER H 299 10.88 -8.20 -72.36
C SER H 299 11.95 -8.68 -73.35
N ARG H 300 11.58 -9.58 -74.27
CA ARG H 300 12.51 -10.22 -75.23
C ARG H 300 13.19 -9.13 -76.08
N PHE H 301 12.45 -8.08 -76.45
CA PHE H 301 12.97 -6.90 -77.21
C PHE H 301 14.12 -6.26 -76.43
N VAL H 302 13.95 -6.12 -75.11
CA VAL H 302 14.89 -5.37 -74.21
C VAL H 302 16.13 -6.24 -73.93
N GLU H 303 15.94 -7.53 -73.67
CA GLU H 303 17.04 -8.51 -73.40
C GLU H 303 17.99 -8.53 -74.60
N ASN H 304 17.44 -8.72 -75.81
CA ASN H 304 18.21 -8.82 -77.07
C ASN H 304 19.16 -7.62 -77.22
N ALA H 305 18.75 -6.43 -76.75
CA ALA H 305 19.61 -5.22 -76.71
C ALA H 305 20.80 -5.48 -75.80
N CYS H 306 20.53 -5.95 -74.57
CA CYS H 306 21.54 -6.27 -73.53
C CYS H 306 22.47 -7.39 -74.02
N ALA H 307 21.95 -8.31 -74.83
CA ALA H 307 22.71 -9.41 -75.46
C ALA H 307 23.84 -8.82 -76.31
N ASN H 308 23.53 -7.79 -77.09
CA ASN H 308 24.50 -7.14 -78.03
C ASN H 308 25.12 -5.90 -77.38
N LYS H 309 25.28 -5.91 -76.04
CA LYS H 309 25.93 -4.86 -75.23
C LYS H 309 25.44 -3.46 -75.66
N GLU H 310 24.15 -3.34 -75.97
CA GLU H 310 23.47 -2.07 -76.34
C GLU H 310 22.48 -1.71 -75.23
N ARG H 311 22.36 -0.42 -74.92
CA ARG H 311 21.51 0.08 -73.82
C ARG H 311 20.05 0.16 -74.28
N ALA H 312 19.13 0.01 -73.33
CA ALA H 312 17.67 0.15 -73.56
C ALA H 312 17.01 0.66 -72.28
N ILE H 313 15.89 1.37 -72.44
CA ILE H 313 15.01 1.80 -71.33
C ILE H 313 13.65 1.13 -71.51
N LEU H 314 13.07 0.71 -70.39
CA LEU H 314 11.73 0.07 -70.31
C LEU H 314 10.81 0.99 -69.50
N PHE H 315 9.90 1.68 -70.18
CA PHE H 315 8.88 2.55 -69.56
C PHE H 315 7.66 1.69 -69.24
N ALA H 316 7.53 1.33 -67.96
CA ALA H 316 6.45 0.49 -67.42
C ALA H 316 5.44 1.40 -66.73
N TYR H 317 4.20 1.41 -67.21
CA TYR H 317 3.10 2.26 -66.67
C TYR H 317 1.98 1.40 -66.05
N GLU H 318 2.09 0.06 -66.06
CA GLU H 318 1.02 -0.82 -65.50
C GLU H 318 1.56 -1.82 -64.48
N GLU H 319 2.81 -2.27 -64.58
CA GLU H 319 3.35 -3.34 -63.67
C GLU H 319 4.12 -2.64 -62.54
N SER H 320 5.18 -3.25 -62.04
CA SER H 320 6.11 -2.66 -61.02
C SER H 320 7.47 -3.33 -61.17
N ARG H 321 8.53 -2.64 -60.76
CA ARG H 321 9.93 -3.12 -60.99
C ARG H 321 10.08 -4.56 -60.49
N ALA H 322 9.47 -4.91 -59.35
CA ALA H 322 9.54 -6.26 -58.76
C ALA H 322 8.80 -7.26 -59.66
N GLN H 323 7.55 -6.95 -60.03
CA GLN H 323 6.66 -7.85 -60.80
C GLN H 323 7.22 -8.05 -62.21
N LEU H 324 7.83 -7.00 -62.80
CA LEU H 324 8.57 -7.11 -64.09
C LEU H 324 9.79 -8.02 -63.89
N LEU H 325 10.58 -7.79 -62.83
CA LEU H 325 11.77 -8.62 -62.50
C LEU H 325 11.33 -10.09 -62.38
N ARG H 326 10.22 -10.35 -61.68
CA ARG H 326 9.68 -11.71 -61.40
C ARG H 326 9.19 -12.32 -62.71
N ASN H 327 8.15 -11.75 -63.31
CA ASN H 327 7.44 -12.31 -64.50
C ASN H 327 8.45 -12.62 -65.61
N ALA H 328 9.49 -11.79 -65.75
CA ALA H 328 10.56 -11.98 -66.75
C ALA H 328 11.41 -13.22 -66.40
N TYR H 329 11.75 -13.38 -65.12
CA TYR H 329 12.61 -14.49 -64.63
C TYR H 329 11.92 -15.83 -64.93
N SER H 330 10.60 -15.91 -64.73
CA SER H 330 9.78 -17.11 -65.04
C SER H 330 9.73 -17.34 -66.56
N TRP H 331 10.26 -16.40 -67.36
CA TRP H 331 10.42 -16.53 -68.84
C TRP H 331 11.89 -16.77 -69.24
N GLY H 332 12.80 -16.91 -68.27
CA GLY H 332 14.19 -17.35 -68.50
C GLY H 332 15.14 -16.21 -68.83
N MET H 333 14.80 -14.98 -68.42
CA MET H 333 15.65 -13.78 -68.66
C MET H 333 15.86 -13.03 -67.34
N ASP H 334 17.11 -12.70 -67.04
CA ASP H 334 17.53 -12.02 -65.78
C ASP H 334 17.65 -10.52 -66.05
N PHE H 335 16.59 -9.76 -65.74
CA PHE H 335 16.59 -8.28 -65.74
C PHE H 335 17.55 -7.80 -64.65
N GLU H 336 17.55 -8.48 -63.50
CA GLU H 336 18.45 -8.22 -62.33
C GLU H 336 19.89 -8.04 -62.82
N GLU H 337 20.35 -8.95 -63.68
CA GLU H 337 21.72 -8.93 -64.28
C GLU H 337 21.88 -7.67 -65.14
N MET H 338 20.99 -7.47 -66.11
CA MET H 338 21.07 -6.37 -67.13
C MET H 338 21.20 -4.99 -66.44
N GLU H 339 20.52 -4.78 -65.30
CA GLU H 339 20.55 -3.52 -64.53
C GLU H 339 21.93 -3.33 -63.90
N ARG H 340 22.45 -4.37 -63.24
CA ARG H 340 23.79 -4.39 -62.60
C ARG H 340 24.86 -4.03 -63.64
N GLN H 341 24.69 -4.52 -64.88
CA GLN H 341 25.62 -4.30 -66.01
C GLN H 341 25.43 -2.91 -66.63
N ASN H 342 24.37 -2.20 -66.24
CA ASN H 342 24.00 -0.83 -66.73
C ASN H 342 23.65 -0.86 -68.22
N LEU H 343 23.04 -1.95 -68.70
CA LEU H 343 22.57 -2.08 -70.12
C LEU H 343 21.03 -2.02 -70.19
N LEU H 344 20.35 -1.82 -69.06
CA LEU H 344 18.87 -1.79 -68.96
C LEU H 344 18.48 -0.93 -67.77
N LYS H 345 17.75 0.16 -68.01
CA LYS H 345 17.11 1.01 -66.97
C LYS H 345 15.59 0.82 -67.06
N ILE H 346 14.94 0.64 -65.91
CA ILE H 346 13.46 0.43 -65.80
C ILE H 346 12.84 1.61 -65.05
N VAL H 347 11.92 2.36 -65.68
CA VAL H 347 11.46 3.69 -65.18
C VAL H 347 10.00 3.71 -64.73
N CYS H 348 9.50 2.66 -64.09
CA CYS H 348 8.13 2.58 -63.53
C CYS H 348 7.50 3.93 -63.13
N ALA H 349 6.22 4.14 -63.50
CA ALA H 349 5.39 5.32 -63.16
C ALA H 349 3.91 5.03 -63.46
N TYR H 350 2.98 5.47 -62.61
CA TYR H 350 1.52 5.44 -62.89
C TYR H 350 1.21 6.53 -63.91
N PRO H 351 0.45 6.22 -64.99
CA PRO H 351 0.08 7.22 -65.99
C PRO H 351 -0.56 8.48 -65.37
N GLU H 352 -1.36 8.31 -64.31
CA GLU H 352 -2.16 9.41 -63.69
C GLU H 352 -1.33 10.12 -62.61
N SER H 353 -0.05 9.76 -62.44
CA SER H 353 0.90 10.46 -61.52
C SER H 353 1.22 11.86 -62.05
N ALA H 354 1.01 12.10 -63.35
CA ALA H 354 1.26 13.41 -64.01
C ALA H 354 0.48 13.50 -65.32
N GLY H 355 0.42 14.72 -65.89
CA GLY H 355 -0.11 14.98 -67.23
C GLY H 355 0.89 14.54 -68.29
N LEU H 356 0.41 14.38 -69.53
CA LEU H 356 1.19 13.89 -70.70
C LEU H 356 2.46 14.74 -70.89
N GLU H 357 2.35 16.07 -70.86
CA GLU H 357 3.50 17.01 -71.03
C GLU H 357 4.68 16.52 -70.19
N ASP H 358 4.44 16.24 -68.90
CA ASP H 358 5.47 15.88 -67.90
C ASP H 358 6.13 14.56 -68.32
N HIS H 359 5.31 13.52 -68.54
CA HIS H 359 5.75 12.20 -69.07
C HIS H 359 6.74 12.42 -70.22
N LEU H 360 6.32 13.14 -71.27
CA LEU H 360 7.13 13.32 -72.50
C LEU H 360 8.52 13.83 -72.10
N GLN H 361 8.58 14.80 -71.18
CA GLN H 361 9.84 15.30 -70.58
C GLN H 361 10.58 14.13 -69.95
N ILE H 362 9.98 13.47 -68.94
CA ILE H 362 10.63 12.35 -68.18
C ILE H 362 11.23 11.38 -69.19
N ILE H 363 10.42 10.94 -70.16
CA ILE H 363 10.83 9.99 -71.23
C ILE H 363 12.03 10.59 -71.96
N LYS H 364 11.86 11.79 -72.55
CA LYS H 364 12.93 12.48 -73.33
C LYS H 364 14.16 12.68 -72.44
N SER H 365 13.94 13.06 -71.17
CA SER H 365 15.00 13.31 -70.16
C SER H 365 15.83 12.04 -69.95
N GLU H 366 15.16 10.94 -69.56
CA GLU H 366 15.78 9.62 -69.28
C GLU H 366 16.52 9.11 -70.53
N ILE H 367 16.05 9.45 -71.74
CA ILE H 367 16.69 9.01 -73.02
C ILE H 367 18.01 9.77 -73.22
N ASN H 368 18.11 11.01 -72.72
CA ASN H 368 19.29 11.90 -72.94
C ASN H 368 20.44 11.50 -72.02
N ASP H 369 20.17 11.05 -70.78
CA ASP H 369 21.21 10.64 -69.81
C ASP H 369 21.79 9.29 -70.21
N PHE H 370 20.92 8.30 -70.40
CA PHE H 370 21.25 6.86 -70.56
C PHE H 370 21.71 6.59 -72.00
N LYS H 371 21.28 7.43 -72.95
CA LYS H 371 21.65 7.36 -74.38
C LYS H 371 21.49 5.92 -74.87
N PRO H 372 20.25 5.39 -74.95
CA PRO H 372 20.01 4.01 -75.38
C PRO H 372 20.04 3.84 -76.91
N ALA H 373 20.02 2.57 -77.36
CA ALA H 373 19.89 2.16 -78.78
C ALA H 373 18.45 1.70 -79.03
N ARG H 374 17.72 1.34 -77.97
CA ARG H 374 16.32 0.85 -78.07
C ARG H 374 15.49 1.38 -76.89
N ILE H 375 14.20 1.57 -77.15
CA ILE H 375 13.21 2.13 -76.19
C ILE H 375 11.98 1.23 -76.23
N ALA H 376 11.31 1.07 -75.09
CA ALA H 376 10.08 0.26 -74.98
C ALA H 376 9.11 0.95 -74.03
N ILE H 377 7.86 1.10 -74.48
CA ILE H 377 6.77 1.75 -73.68
C ILE H 377 5.62 0.77 -73.52
N ASP H 378 5.39 0.36 -72.28
CA ASP H 378 4.40 -0.67 -71.89
C ASP H 378 3.48 -0.08 -70.83
N SER H 379 2.37 0.55 -71.24
CA SER H 379 1.84 0.55 -72.60
C SER H 379 1.30 1.93 -72.98
N LEU H 380 1.01 2.14 -74.26
CA LEU H 380 0.44 3.42 -74.78
C LEU H 380 -1.02 3.55 -74.34
N SER H 381 -1.80 2.46 -74.38
CA SER H 381 -3.23 2.44 -73.99
C SER H 381 -3.37 2.88 -72.53
N ALA H 382 -2.39 2.54 -71.69
CA ALA H 382 -2.30 2.93 -70.27
C ALA H 382 -2.24 4.46 -70.16
N LEU H 383 -1.48 5.11 -71.05
CA LEU H 383 -1.27 6.58 -71.04
C LEU H 383 -2.48 7.31 -71.62
N ALA H 384 -3.20 6.69 -72.56
CA ALA H 384 -4.39 7.28 -73.22
C ALA H 384 -5.60 7.26 -72.27
N ARG H 385 -5.50 6.57 -71.13
CA ARG H 385 -6.54 6.57 -70.07
C ARG H 385 -6.90 8.01 -69.69
N GLY H 386 -8.20 8.34 -69.69
CA GLY H 386 -8.76 9.56 -69.09
C GLY H 386 -8.16 10.83 -69.68
N VAL H 387 -8.00 10.86 -71.01
CA VAL H 387 -7.33 11.95 -71.77
C VAL H 387 -8.00 12.08 -73.14
N SER H 388 -8.15 13.29 -73.66
CA SER H 388 -8.68 13.56 -75.02
C SER H 388 -7.75 12.87 -76.03
N ASN H 389 -8.33 12.26 -77.07
CA ASN H 389 -7.57 11.51 -78.10
C ASN H 389 -6.51 12.42 -78.73
N ASN H 390 -6.78 13.72 -78.80
CA ASN H 390 -5.86 14.76 -79.35
C ASN H 390 -4.59 14.84 -78.51
N ALA H 391 -4.73 15.15 -77.21
CA ALA H 391 -3.60 15.23 -76.26
C ALA H 391 -2.73 13.98 -76.41
N PHE H 392 -3.39 12.82 -76.50
CA PHE H 392 -2.74 11.51 -76.68
C PHE H 392 -1.93 11.51 -77.99
N ARG H 393 -2.62 11.65 -79.13
CA ARG H 393 -1.98 11.59 -80.49
C ARG H 393 -0.76 12.50 -80.51
N GLN H 394 -0.93 13.77 -80.12
CA GLN H 394 0.15 14.79 -80.06
C GLN H 394 1.32 14.23 -79.24
N PHE H 395 1.02 13.62 -78.09
CA PHE H 395 2.01 12.96 -77.20
C PHE H 395 2.69 11.84 -77.99
N VAL H 396 1.89 10.96 -78.62
CA VAL H 396 2.39 9.77 -79.36
C VAL H 396 3.29 10.25 -80.49
N ILE H 397 2.83 11.22 -81.29
CA ILE H 397 3.64 11.86 -82.39
C ILE H 397 4.93 12.37 -81.75
N GLY H 398 4.82 12.97 -80.56
CA GLY H 398 5.97 13.48 -79.77
C GLY H 398 7.03 12.41 -79.56
N VAL H 399 6.67 11.30 -78.90
CA VAL H 399 7.62 10.23 -78.46
C VAL H 399 8.14 9.50 -79.70
N THR H 400 7.21 9.03 -80.54
CA THR H 400 7.47 8.46 -81.88
C THR H 400 8.51 9.30 -82.60
N GLY H 401 8.22 10.59 -82.75
CA GLY H 401 9.04 11.57 -83.47
C GLY H 401 10.43 11.68 -82.87
N TYR H 402 10.51 11.79 -81.54
CA TYR H 402 11.81 11.95 -80.83
C TYR H 402 12.69 10.72 -81.12
N ALA H 403 12.23 9.54 -80.71
CA ALA H 403 12.92 8.25 -80.95
C ALA H 403 13.32 8.14 -82.42
N LYS H 404 12.41 8.50 -83.34
CA LYS H 404 12.66 8.45 -84.81
C LYS H 404 13.89 9.31 -85.15
N GLN H 405 13.86 10.60 -84.81
CA GLN H 405 14.93 11.56 -85.19
C GLN H 405 16.22 11.22 -84.43
N GLU H 406 16.12 10.53 -83.29
CA GLU H 406 17.29 10.15 -82.45
C GLU H 406 17.81 8.77 -82.89
N GLU H 407 17.28 8.19 -83.97
CA GLU H 407 17.66 6.86 -84.51
C GLU H 407 17.60 5.81 -83.41
N ILE H 408 16.43 5.66 -82.76
CA ILE H 408 16.21 4.68 -81.65
C ILE H 408 15.00 3.81 -82.01
N THR H 409 15.19 2.49 -81.99
CA THR H 409 14.12 1.49 -82.26
C THR H 409 13.12 1.49 -81.10
N GLY H 410 11.87 1.84 -81.39
CA GLY H 410 10.80 2.00 -80.40
C GLY H 410 9.77 0.90 -80.51
N LEU H 411 9.69 0.05 -79.49
CA LEU H 411 8.60 -0.94 -79.32
C LEU H 411 7.58 -0.36 -78.35
N PHE H 412 6.37 -0.11 -78.83
CA PHE H 412 5.24 0.41 -78.01
C PHE H 412 4.17 -0.67 -77.98
N THR H 413 3.52 -0.85 -76.83
CA THR H 413 2.46 -1.86 -76.66
C THR H 413 1.13 -1.14 -76.53
N ASN H 414 0.05 -1.80 -76.93
CA ASN H 414 -1.34 -1.28 -76.88
C ASN H 414 -2.27 -2.44 -76.54
N THR H 415 -3.02 -2.31 -75.43
CA THR H 415 -4.09 -3.26 -75.06
C THR H 415 -5.39 -2.82 -75.73
N SER H 416 -5.93 -3.66 -76.60
CA SER H 416 -7.24 -3.45 -77.27
C SER H 416 -8.35 -3.62 -76.23
N ASP H 417 -9.36 -2.74 -76.26
CA ASP H 417 -10.46 -2.70 -75.27
C ASP H 417 -11.29 -3.99 -75.35
N GLN H 418 -11.47 -4.53 -76.55
CA GLN H 418 -12.28 -5.76 -76.75
C GLN H 418 -11.32 -6.93 -77.01
N PHE H 419 -11.42 -7.98 -76.19
CA PHE H 419 -10.46 -9.12 -76.15
C PHE H 419 -10.64 -10.00 -77.39
N MET H 420 -11.86 -10.09 -77.91
CA MET H 420 -12.14 -10.89 -79.14
C MET H 420 -13.17 -10.16 -80.02
N GLY H 421 -12.87 -10.13 -81.32
CA GLY H 421 -13.71 -9.49 -82.36
C GLY H 421 -13.30 -8.06 -82.63
N ALA H 422 -12.14 -7.62 -82.12
CA ALA H 422 -11.57 -6.27 -82.34
C ALA H 422 -11.54 -5.98 -83.84
N HIS H 423 -12.22 -4.93 -84.29
CA HIS H 423 -12.34 -4.53 -85.72
C HIS H 423 -11.26 -3.51 -86.10
N SER H 424 -10.64 -2.87 -85.10
CA SER H 424 -9.57 -1.85 -85.29
C SER H 424 -8.32 -2.26 -84.51
N ILE H 425 -7.13 -2.10 -85.12
CA ILE H 425 -5.82 -2.42 -84.48
C ILE H 425 -5.74 -1.67 -83.15
N THR H 426 -5.99 -0.36 -83.17
CA THR H 426 -6.00 0.53 -81.96
C THR H 426 -7.30 1.34 -81.95
N ASP H 427 -7.78 1.71 -80.75
CA ASP H 427 -8.99 2.55 -80.55
C ASP H 427 -8.59 4.03 -80.58
N SER H 428 -7.29 4.32 -80.54
CA SER H 428 -6.72 5.69 -80.60
C SER H 428 -6.41 6.06 -82.05
N HIS H 429 -6.47 5.09 -82.97
CA HIS H 429 -6.25 5.27 -84.43
C HIS H 429 -4.85 5.86 -84.68
N ILE H 430 -3.82 5.21 -84.15
CA ILE H 430 -2.40 5.66 -84.25
C ILE H 430 -1.60 4.68 -85.11
N SEP H 431 -2.31 3.85 -85.89
CA SEP H 431 -1.68 2.82 -86.70
CB SEP H 431 -2.74 1.92 -87.31
OG SEP H 431 -3.77 1.68 -86.31
C SEP H 431 -0.80 3.45 -87.77
O SEP H 431 0.25 2.92 -88.13
P SEP H 431 -5.31 1.98 -86.67
O1P SEP H 431 -5.33 3.38 -87.25
O2P SEP H 431 -6.07 1.88 -85.36
O3P SEP H 431 -5.74 0.91 -87.67
N THR H 432 -1.26 4.61 -88.27
CA THR H 432 -0.61 5.32 -89.36
C THR H 432 0.72 5.91 -88.90
N ILE H 433 0.86 6.20 -87.60
CA ILE H 433 2.07 6.80 -86.98
C ILE H 433 3.16 5.72 -86.85
N THR H 434 2.78 4.45 -86.71
CA THR H 434 3.72 3.30 -86.58
C THR H 434 4.19 2.85 -87.97
N ASP H 435 5.30 2.10 -88.00
CA ASP H 435 5.94 1.54 -89.22
C ASP H 435 5.69 0.04 -89.32
N THR H 436 5.85 -0.67 -88.19
CA THR H 436 5.66 -2.15 -88.07
C THR H 436 4.52 -2.40 -87.07
N ILE H 437 3.67 -3.40 -87.32
CA ILE H 437 2.57 -3.80 -86.40
C ILE H 437 2.63 -5.31 -86.18
N ILE H 438 2.94 -5.73 -84.95
CA ILE H 438 2.80 -7.14 -84.48
C ILE H 438 1.43 -7.25 -83.81
N LEU H 439 0.50 -8.00 -84.42
CA LEU H 439 -0.86 -8.21 -83.88
C LEU H 439 -0.91 -9.56 -83.17
N LEU H 440 -1.27 -9.56 -81.88
CA LEU H 440 -1.51 -10.78 -81.06
C LEU H 440 -3.02 -10.89 -80.79
N GLN H 441 -3.59 -12.09 -80.87
CA GLN H 441 -5.04 -12.31 -80.62
C GLN H 441 -5.30 -13.69 -80.03
N TYR H 442 -6.47 -13.82 -79.37
CA TYR H 442 -7.00 -15.09 -78.81
C TYR H 442 -7.80 -15.81 -79.91
N VAL H 443 -7.73 -17.14 -79.92
CA VAL H 443 -8.41 -18.00 -80.92
C VAL H 443 -9.00 -19.22 -80.21
N GLU H 444 -10.32 -19.30 -80.15
CA GLU H 444 -11.10 -20.35 -79.43
C GLU H 444 -11.14 -21.61 -80.30
N ILE H 445 -10.33 -22.61 -79.95
CA ILE H 445 -10.16 -23.90 -80.69
C ILE H 445 -10.49 -25.06 -79.76
N ARG H 446 -11.58 -25.79 -80.04
CA ARG H 446 -11.98 -27.00 -79.29
C ARG H 446 -12.00 -26.68 -77.79
N GLY H 447 -12.75 -25.65 -77.41
CA GLY H 447 -13.00 -25.26 -76.00
C GLY H 447 -11.74 -24.79 -75.28
N GLU H 448 -10.78 -24.22 -75.99
CA GLU H 448 -9.51 -23.71 -75.42
C GLU H 448 -9.20 -22.30 -75.94
N MET H 449 -8.39 -21.55 -75.19
CA MET H 449 -7.94 -20.18 -75.54
C MET H 449 -6.51 -20.24 -76.08
N SER H 450 -6.37 -20.69 -77.33
CA SER H 450 -5.12 -20.61 -78.11
C SER H 450 -4.86 -19.15 -78.47
N ARG H 451 -3.60 -18.82 -78.77
CA ARG H 451 -3.16 -17.47 -79.16
C ARG H 451 -2.65 -17.53 -80.59
N ALA H 452 -2.46 -16.37 -81.20
CA ALA H 452 -1.87 -16.24 -82.55
C ALA H 452 -1.12 -14.93 -82.65
N ILE H 453 -0.15 -14.90 -83.56
CA ILE H 453 0.74 -13.73 -83.81
C ILE H 453 0.90 -13.59 -85.33
N ASN H 454 0.67 -12.37 -85.82
CA ASN H 454 0.72 -12.04 -87.27
C ASN H 454 1.38 -10.67 -87.42
N VAL H 455 2.45 -10.59 -88.23
CA VAL H 455 3.13 -9.31 -88.55
C VAL H 455 2.20 -8.56 -89.50
N PHE H 456 1.28 -7.77 -88.94
CA PHE H 456 0.13 -7.15 -89.63
C PHE H 456 0.60 -6.23 -90.77
N LYS H 457 1.63 -5.41 -90.51
CA LYS H 457 2.32 -4.61 -91.58
C LYS H 457 3.78 -4.36 -91.20
N MET H 458 4.60 -4.11 -92.22
CA MET H 458 6.06 -3.81 -92.11
C MET H 458 6.48 -2.94 -93.29
N ARG H 459 6.61 -1.63 -93.06
CA ARG H 459 7.11 -0.68 -94.07
C ARG H 459 8.59 -0.95 -94.32
N GLY H 460 8.96 -1.13 -95.60
CA GLY H 460 10.36 -1.32 -96.04
C GLY H 460 10.68 -2.77 -96.32
N SER H 461 10.05 -3.70 -95.60
CA SER H 461 10.37 -5.15 -95.63
C SER H 461 9.24 -5.97 -96.25
N TRP H 462 9.46 -7.28 -96.35
CA TRP H 462 8.54 -8.25 -96.99
C TRP H 462 7.48 -8.72 -95.98
N HIS H 463 7.91 -9.29 -94.85
CA HIS H 463 7.11 -9.90 -93.74
C HIS H 463 6.17 -11.01 -94.22
N ASP H 464 6.05 -12.07 -93.41
CA ASP H 464 5.10 -13.20 -93.56
C ASP H 464 3.68 -12.68 -93.29
N LYS H 465 2.69 -13.16 -94.04
CA LYS H 465 1.28 -12.69 -93.97
C LYS H 465 0.40 -13.76 -93.30
N ALA H 466 0.96 -14.53 -92.36
CA ALA H 466 0.32 -15.73 -91.75
C ALA H 466 -0.07 -15.44 -90.30
N ILE H 467 -1.28 -15.84 -89.91
CA ILE H 467 -1.77 -15.78 -88.50
C ILE H 467 -1.29 -17.05 -87.80
N ARG H 468 0.01 -17.12 -87.46
CA ARG H 468 0.59 -18.39 -86.92
C ARG H 468 0.29 -18.46 -85.42
N GLU H 469 -0.18 -19.64 -85.01
CA GLU H 469 -0.40 -20.02 -83.60
C GLU H 469 0.93 -19.93 -82.85
N PHE H 470 0.88 -19.54 -81.58
CA PHE H 470 2.06 -19.56 -80.68
C PHE H 470 1.59 -19.82 -79.24
N MET H 471 2.46 -20.50 -78.49
CA MET H 471 2.26 -20.83 -77.06
C MET H 471 3.40 -20.17 -76.28
N ILE H 472 3.16 -19.88 -74.99
CA ILE H 472 4.17 -19.28 -74.07
C ILE H 472 4.52 -20.32 -72.99
N SER H 473 5.80 -20.35 -72.60
CA SER H 473 6.37 -21.35 -71.68
C SER H 473 7.29 -20.65 -70.67
N ASP H 474 8.04 -21.44 -69.90
CA ASP H 474 9.21 -20.98 -69.12
C ASP H 474 10.25 -20.41 -70.10
N LYS H 475 10.38 -21.03 -71.28
CA LYS H 475 11.35 -20.64 -72.35
C LYS H 475 10.88 -19.36 -73.04
N GLY H 476 9.55 -19.15 -73.12
CA GLY H 476 8.94 -17.96 -73.75
C GLY H 476 8.07 -18.34 -74.94
N PRO H 477 7.94 -17.46 -75.96
CA PRO H 477 7.00 -17.69 -77.05
C PRO H 477 7.57 -18.69 -78.07
N ASP H 478 6.77 -19.68 -78.44
CA ASP H 478 7.11 -20.67 -79.50
C ASP H 478 6.08 -20.50 -80.62
N ILE H 479 6.49 -19.92 -81.74
CA ILE H 479 5.60 -19.57 -82.88
C ILE H 479 5.55 -20.75 -83.85
N LYS H 480 4.41 -21.45 -83.88
CA LYS H 480 4.20 -22.67 -84.69
C LYS H 480 3.56 -22.30 -86.03
N ASP H 481 2.54 -23.05 -86.45
CA ASP H 481 1.99 -23.03 -87.84
C ASP H 481 0.69 -22.23 -87.87
N SER H 482 0.27 -21.85 -89.08
CA SER H 482 -1.00 -21.13 -89.35
C SER H 482 -2.20 -22.04 -89.05
N PHE H 483 -3.40 -21.45 -89.00
CA PHE H 483 -4.69 -22.16 -88.87
C PHE H 483 -5.24 -22.44 -90.28
N ARG H 484 -4.55 -23.32 -91.02
CA ARG H 484 -4.78 -23.58 -92.46
C ARG H 484 -6.24 -24.00 -92.71
N ASN H 485 -6.76 -24.91 -91.88
CA ASN H 485 -8.08 -25.58 -92.10
C ASN H 485 -9.19 -24.83 -91.34
N PHE H 486 -9.02 -23.53 -91.08
CA PHE H 486 -9.99 -22.71 -90.31
C PHE H 486 -10.46 -21.49 -91.11
N GLU H 487 -11.71 -21.10 -90.87
CA GLU H 487 -12.38 -19.90 -91.45
C GLU H 487 -12.66 -18.90 -90.32
N ARG H 488 -12.55 -17.59 -90.62
CA ARG H 488 -12.88 -16.46 -89.71
C ARG H 488 -11.95 -16.47 -88.48
N ILE H 489 -10.65 -16.64 -88.70
CA ILE H 489 -9.61 -16.68 -87.63
C ILE H 489 -9.58 -15.35 -86.87
N ILE H 490 -9.70 -14.21 -87.58
CA ILE H 490 -9.60 -12.84 -86.98
C ILE H 490 -10.66 -12.70 -85.89
N SER H 491 -11.91 -13.11 -86.17
CA SER H 491 -13.09 -12.95 -85.28
C SER H 491 -12.83 -13.53 -83.88
N GLY H 492 -11.85 -14.44 -83.73
CA GLY H 492 -11.49 -15.06 -82.44
C GLY H 492 -12.23 -16.35 -82.18
N SER H 493 -13.44 -16.51 -82.74
CA SER H 493 -14.24 -17.76 -82.75
C SER H 493 -14.28 -18.34 -84.16
N PRO H 494 -13.21 -19.00 -84.64
CA PRO H 494 -13.14 -19.48 -86.02
C PRO H 494 -14.12 -20.62 -86.30
N THR H 495 -13.94 -21.31 -87.43
CA THR H 495 -14.76 -22.47 -87.87
C THR H 495 -13.88 -23.46 -88.63
N ARG H 496 -13.96 -24.75 -88.29
CA ARG H 496 -13.23 -25.84 -88.97
C ARG H 496 -13.73 -25.93 -90.42
N ILE H 497 -12.81 -26.19 -91.37
CA ILE H 497 -13.06 -26.22 -92.83
C ILE H 497 -14.00 -27.39 -93.16
N ALA I 17 -56.64 25.32 -42.12
CA ALA I 17 -56.27 25.21 -43.57
C ALA I 17 -56.65 26.50 -44.31
N ILE I 18 -55.75 27.02 -45.14
CA ILE I 18 -55.97 28.26 -45.95
C ILE I 18 -57.08 27.99 -46.98
N ALA I 19 -58.19 28.71 -46.90
CA ALA I 19 -59.32 28.64 -47.86
C ALA I 19 -58.88 29.29 -49.18
N LYS I 20 -59.46 28.83 -50.29
CA LYS I 20 -59.03 29.22 -51.67
C LYS I 20 -60.24 29.67 -52.49
N MET I 21 -59.97 30.50 -53.49
CA MET I 21 -60.95 31.17 -54.38
C MET I 21 -60.75 30.61 -55.80
N ARG I 22 -61.83 30.18 -56.45
CA ARG I 22 -61.76 29.42 -57.73
C ARG I 22 -61.56 30.41 -58.89
N THR I 23 -60.41 30.31 -59.57
CA THR I 23 -60.01 31.22 -60.67
C THR I 23 -60.85 30.95 -61.91
N MET I 24 -61.21 29.68 -62.14
CA MET I 24 -61.99 29.20 -63.31
C MET I 24 -61.11 29.12 -64.57
N ILE I 25 -59.85 29.58 -64.52
CA ILE I 25 -58.86 29.41 -65.64
C ILE I 25 -58.69 27.90 -65.85
N GLU I 26 -58.89 27.43 -67.09
CA GLU I 26 -58.94 25.98 -67.43
C GLU I 26 -57.67 25.30 -66.92
N GLY I 27 -57.76 24.63 -65.76
CA GLY I 27 -56.69 23.76 -65.21
C GLY I 27 -56.03 24.33 -63.97
N PHE I 28 -56.12 25.64 -63.72
CA PHE I 28 -55.39 26.32 -62.62
C PHE I 28 -55.87 25.84 -61.25
N ASP I 29 -57.17 25.60 -61.08
CA ASP I 29 -57.77 25.23 -59.77
C ASP I 29 -57.33 23.80 -59.41
N ASP I 30 -57.21 22.92 -60.41
CA ASP I 30 -56.71 21.53 -60.25
C ASP I 30 -55.22 21.57 -59.87
N ILE I 31 -54.45 22.51 -60.43
CA ILE I 31 -52.99 22.66 -60.14
C ILE I 31 -52.80 23.22 -58.72
N SER I 32 -53.68 24.12 -58.25
CA SER I 32 -53.56 24.80 -56.93
C SER I 32 -54.35 24.06 -55.84
N HIS I 33 -55.09 23.00 -56.19
CA HIS I 33 -56.00 22.26 -55.28
C HIS I 33 -57.01 23.21 -54.62
N GLY I 34 -57.63 24.11 -55.40
CA GLY I 34 -58.72 24.97 -54.91
C GLY I 34 -58.72 26.37 -55.51
N GLY I 35 -57.60 26.84 -56.09
CA GLY I 35 -57.47 28.19 -56.65
C GLY I 35 -56.71 29.12 -55.72
N LEU I 36 -56.62 30.41 -56.06
CA LEU I 36 -55.77 31.41 -55.37
C LEU I 36 -56.22 31.57 -53.91
N PRO I 37 -55.31 31.39 -52.93
CA PRO I 37 -55.65 31.54 -51.50
C PRO I 37 -56.30 32.87 -51.11
N ILE I 38 -57.48 32.82 -50.48
CA ILE I 38 -58.34 33.99 -50.14
C ILE I 38 -57.64 34.92 -49.15
N GLY I 39 -57.75 36.23 -49.39
CA GLY I 39 -57.31 37.30 -48.48
C GLY I 39 -55.87 37.71 -48.70
N ARG I 40 -55.11 36.97 -49.52
CA ARG I 40 -53.65 37.17 -49.71
C ARG I 40 -53.33 37.64 -51.12
N SER I 41 -52.09 38.07 -51.31
CA SER I 41 -51.51 38.48 -52.62
C SER I 41 -50.99 37.25 -53.35
N THR I 42 -50.98 37.30 -54.68
CA THR I 42 -50.39 36.26 -55.56
C THR I 42 -49.56 36.94 -56.66
N LEU I 43 -48.25 36.96 -56.48
CA LEU I 43 -47.29 37.46 -57.50
C LEU I 43 -47.37 36.56 -58.73
N VAL I 44 -47.66 37.14 -59.89
CA VAL I 44 -47.65 36.43 -61.20
C VAL I 44 -46.59 37.11 -62.06
N SER I 45 -45.40 36.52 -62.15
CA SER I 45 -44.24 37.11 -62.88
C SER I 45 -43.91 36.24 -64.11
N GLY I 46 -43.44 36.89 -65.17
CA GLY I 46 -43.15 36.27 -66.48
C GLY I 46 -42.56 37.27 -67.44
N THR I 47 -41.88 36.80 -68.49
CA THR I 47 -41.28 37.65 -69.55
C THR I 47 -42.40 38.45 -70.23
N SER I 48 -42.04 39.47 -71.00
CA SER I 48 -42.95 40.21 -71.92
C SER I 48 -43.67 39.20 -72.83
N GLY I 49 -45.00 39.24 -72.83
CA GLY I 49 -45.87 38.44 -73.72
C GLY I 49 -46.10 37.02 -73.23
N THR I 50 -45.97 36.76 -71.93
CA THR I 50 -46.15 35.42 -71.31
C THR I 50 -47.62 35.19 -70.96
N GLY I 51 -48.38 36.26 -70.73
CA GLY I 51 -49.82 36.20 -70.43
C GLY I 51 -50.14 36.58 -69.00
N LYS I 52 -49.38 37.51 -68.42
CA LYS I 52 -49.61 38.01 -67.03
C LYS I 52 -50.89 38.84 -67.02
N THR I 53 -50.99 39.85 -67.89
CA THR I 53 -52.19 40.72 -68.02
C THR I 53 -53.42 39.83 -68.22
N LEU I 54 -53.36 38.95 -69.23
CA LEU I 54 -54.46 38.01 -69.55
C LEU I 54 -54.86 37.25 -68.29
N PHE I 55 -53.88 36.64 -67.60
CA PHE I 55 -54.09 35.89 -66.34
C PHE I 55 -54.89 36.75 -65.35
N SER I 56 -54.52 38.02 -65.25
CA SER I 56 -55.06 38.98 -64.24
C SER I 56 -56.47 39.44 -64.64
N ILE I 57 -56.71 39.75 -65.92
CA ILE I 57 -58.08 40.07 -66.43
C ILE I 57 -58.97 38.85 -66.23
N GLN I 58 -58.50 37.69 -66.67
CA GLN I 58 -59.26 36.42 -66.67
C GLN I 58 -59.73 36.15 -65.23
N PHE I 59 -58.87 36.43 -64.26
CA PHE I 59 -59.14 36.24 -62.81
C PHE I 59 -60.41 37.00 -62.40
N LEU I 60 -60.49 38.30 -62.68
CA LEU I 60 -61.63 39.17 -62.28
C LEU I 60 -62.89 38.75 -63.06
N TYR I 61 -62.79 38.69 -64.39
CA TYR I 61 -63.91 38.41 -65.33
C TYR I 61 -64.71 37.19 -64.86
N ASN I 62 -64.02 36.06 -64.63
CA ASN I 62 -64.63 34.79 -64.15
C ASN I 62 -65.31 35.04 -62.80
N GLY I 63 -64.59 35.69 -61.87
CA GLY I 63 -65.07 36.01 -60.51
C GLY I 63 -66.38 36.77 -60.54
N ILE I 64 -66.52 37.70 -61.51
CA ILE I 64 -67.77 38.47 -61.72
C ILE I 64 -68.80 37.56 -62.40
N ILE I 65 -68.45 36.97 -63.55
CA ILE I 65 -69.42 36.23 -64.41
C ILE I 65 -69.93 35.01 -63.64
N GLU I 66 -69.05 34.14 -63.16
CA GLU I 66 -69.41 32.80 -62.60
C GLU I 66 -69.96 32.93 -61.17
N PHE I 67 -69.47 33.89 -60.37
CA PHE I 67 -69.76 33.96 -58.90
C PHE I 67 -70.35 35.32 -58.48
N ASP I 68 -70.42 36.31 -59.37
CA ASP I 68 -70.84 37.70 -59.03
C ASP I 68 -70.01 38.18 -57.82
N GLU I 69 -68.69 38.11 -57.97
CA GLU I 69 -67.70 38.72 -57.04
C GLU I 69 -67.09 39.91 -57.77
N PRO I 70 -67.59 41.15 -57.53
CA PRO I 70 -67.00 42.34 -58.15
C PRO I 70 -65.49 42.41 -57.90
N GLY I 71 -64.77 42.97 -58.88
CA GLY I 71 -63.31 43.00 -58.89
C GLY I 71 -62.78 44.32 -59.42
N VAL I 72 -61.61 44.72 -58.92
CA VAL I 72 -60.90 45.97 -59.32
C VAL I 72 -59.65 45.60 -60.11
N PHE I 73 -59.43 46.26 -61.23
CA PHE I 73 -58.22 46.13 -62.08
C PHE I 73 -57.45 47.45 -62.02
N VAL I 74 -56.34 47.48 -61.29
CA VAL I 74 -55.44 48.67 -61.23
C VAL I 74 -54.38 48.52 -62.34
N THR I 75 -54.31 49.51 -63.22
CA THR I 75 -53.32 49.58 -64.34
C THR I 75 -52.34 50.72 -64.07
N PHE I 76 -51.09 50.55 -64.50
CA PHE I 76 -49.98 51.52 -64.27
C PHE I 76 -49.38 52.04 -65.58
N GLU I 77 -49.40 51.24 -66.66
CA GLU I 77 -48.86 51.65 -67.98
C GLU I 77 -49.99 51.74 -69.00
N GLU I 78 -50.77 50.66 -69.15
CA GLU I 78 -51.83 50.51 -70.18
C GLU I 78 -53.00 51.45 -69.85
N THR I 79 -53.64 51.99 -70.90
CA THR I 79 -54.86 52.84 -70.80
C THR I 79 -56.07 51.94 -70.58
N PRO I 80 -57.03 52.35 -69.70
CA PRO I 80 -58.31 51.64 -69.59
C PRO I 80 -59.02 51.35 -70.92
N GLN I 81 -58.95 52.26 -71.91
CA GLN I 81 -59.63 52.03 -73.24
C GLN I 81 -58.98 50.81 -73.92
N ASP I 82 -57.64 50.73 -73.90
CA ASP I 82 -56.87 49.65 -74.57
C ASP I 82 -57.13 48.31 -73.88
N ILE I 83 -57.35 48.32 -72.56
CA ILE I 83 -57.66 47.08 -71.77
C ILE I 83 -58.99 46.51 -72.26
N ILE I 84 -60.06 47.31 -72.16
CA ILE I 84 -61.42 46.89 -72.57
C ILE I 84 -61.37 46.38 -74.02
N LYS I 85 -60.61 47.08 -74.86
CA LYS I 85 -60.38 46.73 -76.28
C LYS I 85 -59.65 45.38 -76.37
N ASN I 86 -58.56 45.22 -75.61
CA ASN I 86 -57.66 44.04 -75.66
C ASN I 86 -58.41 42.77 -75.25
N ALA I 87 -59.41 42.89 -74.37
CA ALA I 87 -60.25 41.77 -73.88
C ALA I 87 -61.17 41.28 -74.99
N ARG I 88 -61.71 42.18 -75.82
CA ARG I 88 -62.58 41.87 -76.99
C ARG I 88 -61.98 40.74 -77.82
N SER I 89 -60.64 40.60 -77.81
CA SER I 89 -59.88 39.55 -78.54
C SER I 89 -60.34 38.14 -78.13
N PHE I 90 -60.68 37.93 -76.86
CA PHE I 90 -61.11 36.63 -76.29
C PHE I 90 -62.64 36.58 -76.24
N GLY I 91 -63.30 37.44 -77.02
CA GLY I 91 -64.77 37.62 -76.99
C GLY I 91 -65.25 38.01 -75.60
N TRP I 92 -64.65 39.04 -74.99
CA TRP I 92 -65.07 39.59 -73.68
C TRP I 92 -65.48 41.05 -73.83
N ASP I 93 -66.44 41.48 -73.01
CA ASP I 93 -67.07 42.83 -73.03
C ASP I 93 -66.94 43.42 -71.63
N LEU I 94 -65.74 43.90 -71.26
CA LEU I 94 -65.46 44.50 -69.94
C LEU I 94 -66.24 45.81 -69.76
N ALA I 95 -66.49 46.53 -70.87
CA ALA I 95 -67.28 47.79 -70.91
C ALA I 95 -68.64 47.57 -70.24
N LYS I 96 -69.36 46.53 -70.65
CA LYS I 96 -70.67 46.13 -70.07
C LYS I 96 -70.53 46.00 -68.55
N LEU I 97 -69.52 45.24 -68.09
CA LEU I 97 -69.25 44.96 -66.66
C LEU I 97 -68.81 46.26 -65.95
N VAL I 98 -68.04 47.12 -66.64
CA VAL I 98 -67.61 48.46 -66.14
C VAL I 98 -68.87 49.29 -65.80
N ASP I 99 -69.91 49.19 -66.64
CA ASP I 99 -71.18 49.95 -66.51
C ASP I 99 -72.02 49.36 -65.36
N GLU I 100 -72.22 48.03 -65.35
CA GLU I 100 -73.17 47.35 -64.43
C GLU I 100 -72.68 47.43 -62.97
N GLY I 101 -71.49 47.98 -62.72
CA GLY I 101 -70.88 48.11 -61.38
C GLY I 101 -70.18 46.83 -60.95
N LYS I 102 -70.08 45.86 -61.86
CA LYS I 102 -69.49 44.52 -61.61
C LYS I 102 -67.97 44.65 -61.59
N LEU I 103 -67.40 45.37 -62.56
CA LEU I 103 -65.95 45.62 -62.71
C LEU I 103 -65.71 47.12 -62.57
N PHE I 104 -64.52 47.49 -62.10
CA PHE I 104 -64.03 48.90 -62.10
C PHE I 104 -62.53 48.91 -62.40
N ILE I 105 -62.13 49.71 -63.39
CA ILE I 105 -60.71 49.84 -63.84
C ILE I 105 -60.16 51.13 -63.23
N LEU I 106 -59.26 50.98 -62.27
CA LEU I 106 -58.54 52.10 -61.60
C LEU I 106 -57.33 52.48 -62.45
N ASP I 107 -57.29 53.74 -62.92
CA ASP I 107 -56.24 54.25 -63.84
C ASP I 107 -55.18 55.01 -63.04
N ALA I 108 -54.11 54.34 -62.66
CA ALA I 108 -52.92 54.94 -62.00
C ALA I 108 -51.83 55.17 -63.05
N SER I 109 -52.18 55.19 -64.33
CA SER I 109 -51.23 55.42 -65.46
C SER I 109 -50.83 56.90 -65.48
N PRO I 110 -49.60 57.23 -65.90
CA PRO I 110 -49.18 58.63 -66.03
C PRO I 110 -49.70 59.29 -67.32
N ASP I 111 -50.32 60.46 -67.20
CA ASP I 111 -50.84 61.27 -68.34
C ASP I 111 -49.65 61.85 -69.11
N PRO I 112 -49.49 61.52 -70.42
CA PRO I 112 -48.38 62.01 -71.24
C PRO I 112 -48.18 63.51 -71.40
N GLU I 113 -48.10 64.26 -70.29
CA GLU I 113 -47.93 65.74 -70.31
C GLU I 113 -47.78 66.27 -68.88
N ASP I 122 -47.77 58.92 -52.46
CA ASP I 122 -47.79 58.14 -53.72
C ASP I 122 -48.35 56.72 -53.45
N LEU I 123 -47.65 55.95 -52.62
CA LEU I 123 -48.00 54.54 -52.27
C LEU I 123 -49.24 54.52 -51.37
N SER I 124 -49.26 55.35 -50.32
CA SER I 124 -50.43 55.54 -49.42
C SER I 124 -51.60 56.11 -50.23
N ALA I 125 -51.31 57.00 -51.18
CA ALA I 125 -52.31 57.60 -52.11
C ALA I 125 -52.92 56.50 -52.98
N LEU I 126 -52.09 55.62 -53.56
CA LEU I 126 -52.54 54.44 -54.33
C LEU I 126 -53.44 53.56 -53.44
N ILE I 127 -53.00 53.30 -52.20
CA ILE I 127 -53.75 52.50 -51.19
C ILE I 127 -55.04 53.24 -50.82
N GLU I 128 -54.97 54.56 -50.65
CA GLU I 128 -56.13 55.46 -50.42
C GLU I 128 -57.16 55.23 -51.53
N ARG I 129 -56.72 55.22 -52.79
CA ARG I 129 -57.56 55.05 -54.00
C ARG I 129 -58.08 53.61 -54.08
N ILE I 130 -57.25 52.61 -53.76
CA ILE I 130 -57.62 51.16 -53.89
C ILE I 130 -58.60 50.79 -52.76
N ASN I 131 -58.26 51.13 -51.51
CA ASN I 131 -59.11 50.85 -50.32
C ASN I 131 -60.50 51.46 -50.55
N TYR I 132 -60.54 52.69 -51.08
CA TYR I 132 -61.78 53.39 -51.49
C TYR I 132 -62.55 52.50 -52.48
N ALA I 133 -61.92 52.20 -53.62
CA ALA I 133 -62.53 51.49 -54.77
C ALA I 133 -63.12 50.15 -54.32
N ILE I 134 -62.42 49.42 -53.45
CA ILE I 134 -62.88 48.09 -52.94
C ILE I 134 -64.21 48.27 -52.21
N GLN I 135 -64.29 49.27 -51.34
CA GLN I 135 -65.50 49.57 -50.53
C GLN I 135 -66.67 49.90 -51.47
N LYS I 136 -66.41 50.64 -52.54
CA LYS I 136 -67.47 51.25 -53.41
C LYS I 136 -68.25 50.19 -54.18
N TYR I 137 -67.65 49.04 -54.51
CA TYR I 137 -68.29 47.97 -55.35
C TYR I 137 -68.39 46.64 -54.57
N ARG I 138 -68.05 46.64 -53.28
CA ARG I 138 -67.95 45.40 -52.46
C ARG I 138 -67.10 44.39 -53.23
N ALA I 139 -65.89 44.81 -53.62
CA ALA I 139 -65.02 44.10 -54.60
C ALA I 139 -64.22 43.02 -53.88
N ARG I 140 -64.49 41.75 -54.21
CA ARG I 140 -63.86 40.55 -53.59
C ARG I 140 -62.49 40.27 -54.23
N ARG I 141 -62.21 40.83 -55.42
CA ARG I 141 -61.00 40.51 -56.22
C ARG I 141 -60.30 41.78 -56.69
N VAL I 142 -58.96 41.76 -56.73
CA VAL I 142 -58.10 42.86 -57.25
C VAL I 142 -57.08 42.27 -58.23
N SER I 143 -56.65 43.06 -59.22
CA SER I 143 -55.58 42.71 -60.19
C SER I 143 -54.70 43.93 -60.44
N ILE I 144 -53.45 43.91 -59.96
CA ILE I 144 -52.47 45.01 -60.14
C ILE I 144 -51.48 44.61 -61.24
N ASP I 145 -51.39 45.43 -62.29
CA ASP I 145 -50.71 45.12 -63.57
C ASP I 145 -50.02 46.40 -64.07
N SER I 146 -48.74 46.61 -63.71
CA SER I 146 -47.89 45.71 -62.96
C SER I 146 -47.16 46.51 -61.87
N VAL I 147 -46.98 45.94 -60.68
CA VAL I 147 -46.34 46.59 -59.51
C VAL I 147 -44.99 47.18 -59.95
N THR I 148 -44.16 46.36 -60.62
CA THR I 148 -42.78 46.69 -61.08
C THR I 148 -42.70 48.12 -61.61
N SER I 149 -43.56 48.47 -62.56
CA SER I 149 -43.53 49.73 -63.34
C SER I 149 -43.47 50.94 -62.40
N VAL I 150 -44.16 50.89 -61.25
CA VAL I 150 -44.18 52.03 -60.28
C VAL I 150 -42.73 52.48 -60.02
N PHE I 151 -41.81 51.54 -59.85
CA PHE I 151 -40.37 51.79 -59.57
C PHE I 151 -39.63 51.84 -60.92
N ASP I 155 -36.47 55.50 -56.89
CA ASP I 155 -36.92 54.11 -57.15
C ASP I 155 -35.73 53.15 -57.20
N ALA I 156 -34.71 53.37 -56.34
CA ALA I 156 -33.60 52.41 -56.16
C ALA I 156 -34.21 51.02 -56.02
N SER I 157 -33.48 50.07 -55.43
CA SER I 157 -33.90 48.64 -55.35
C SER I 157 -34.23 48.25 -53.92
N SER I 158 -33.81 49.04 -52.94
CA SER I 158 -34.02 48.78 -51.49
C SER I 158 -35.44 49.17 -51.06
N VAL I 159 -35.97 50.27 -51.60
CA VAL I 159 -37.33 50.76 -51.20
C VAL I 159 -38.40 49.85 -51.82
N VAL I 160 -38.04 49.03 -52.82
CA VAL I 160 -38.98 48.08 -53.48
C VAL I 160 -39.56 47.14 -52.43
N ARG I 161 -38.70 46.43 -51.68
CA ARG I 161 -39.10 45.46 -50.63
C ARG I 161 -40.08 46.13 -49.66
N ARG I 162 -39.73 47.31 -49.16
CA ARG I 162 -40.53 48.11 -48.19
C ARG I 162 -41.88 48.47 -48.83
N GLU I 163 -41.85 49.20 -49.95
CA GLU I 163 -43.07 49.68 -50.66
C GLU I 163 -43.95 48.48 -51.00
N LEU I 164 -43.36 47.39 -51.50
CA LEU I 164 -44.05 46.11 -51.81
C LEU I 164 -44.74 45.58 -50.54
N PHE I 165 -44.01 45.53 -49.42
CA PHE I 165 -44.49 45.04 -48.11
C PHE I 165 -45.74 45.83 -47.69
N ARG I 166 -45.67 47.16 -47.77
CA ARG I 166 -46.77 48.09 -47.40
C ARG I 166 -48.02 47.72 -48.21
N LEU I 167 -47.91 47.72 -49.53
CA LEU I 167 -49.06 47.50 -50.47
C LEU I 167 -49.68 46.12 -50.20
N VAL I 168 -48.86 45.08 -50.14
CA VAL I 168 -49.31 43.67 -49.97
C VAL I 168 -50.11 43.58 -48.66
N ALA I 169 -49.45 43.86 -47.53
CA ALA I 169 -50.03 43.77 -46.17
C ALA I 169 -51.28 44.65 -46.06
N ARG I 170 -51.21 45.89 -46.59
CA ARG I 170 -52.36 46.83 -46.63
C ARG I 170 -53.57 46.14 -47.26
N LEU I 171 -53.40 45.51 -48.42
CA LEU I 171 -54.47 44.74 -49.12
C LEU I 171 -54.92 43.58 -48.22
N LYS I 172 -53.97 42.93 -47.54
CA LYS I 172 -54.23 41.83 -46.57
C LYS I 172 -55.21 42.31 -45.50
N GLN I 173 -54.98 43.51 -44.97
CA GLN I 173 -55.80 44.16 -43.90
C GLN I 173 -57.22 44.40 -44.43
N ILE I 174 -57.36 44.90 -45.66
CA ILE I 174 -58.70 45.13 -46.30
C ILE I 174 -59.40 43.78 -46.40
N GLY I 175 -58.67 42.75 -46.81
CA GLY I 175 -59.16 41.36 -46.90
C GLY I 175 -59.65 41.05 -48.29
N ALA I 176 -58.73 41.09 -49.27
CA ALA I 176 -59.02 40.86 -50.70
C ALA I 176 -57.89 40.04 -51.32
N THR I 177 -58.28 39.06 -52.15
CA THR I 177 -57.39 38.24 -52.99
C THR I 177 -56.85 39.10 -54.13
N THR I 178 -55.53 39.24 -54.22
CA THR I 178 -54.86 40.11 -55.22
C THR I 178 -53.98 39.26 -56.13
N VAL I 179 -53.94 39.64 -57.40
CA VAL I 179 -53.00 39.12 -58.43
C VAL I 179 -52.07 40.27 -58.80
N MET I 180 -50.81 40.19 -58.37
CA MET I 180 -49.79 41.24 -58.62
C MET I 180 -48.90 40.77 -59.76
N THR I 181 -48.92 41.51 -60.86
CA THR I 181 -48.15 41.22 -62.10
C THR I 181 -46.73 41.75 -61.90
N THR I 182 -45.73 41.07 -62.45
CA THR I 182 -44.31 41.45 -62.32
C THR I 182 -43.53 40.99 -63.56
N GLU I 183 -42.43 41.68 -63.84
CA GLU I 183 -41.66 41.55 -65.11
C GLU I 183 -40.36 40.79 -64.85
N ARG I 184 -39.84 40.16 -65.90
CA ARG I 184 -38.63 39.31 -65.89
C ARG I 184 -37.80 39.66 -67.12
N ILE I 185 -36.51 39.31 -67.11
CA ILE I 185 -35.59 39.50 -68.26
C ILE I 185 -35.24 38.15 -68.85
N GLU I 186 -34.79 37.21 -68.01
CA GLU I 186 -34.41 35.83 -68.43
C GLU I 186 -35.55 34.86 -68.08
N GLU I 187 -35.65 33.76 -68.81
CA GLU I 187 -36.74 32.76 -68.69
C GLU I 187 -36.39 31.78 -67.56
N TYR I 188 -35.10 31.54 -67.29
CA TYR I 188 -34.63 30.70 -66.15
C TYR I 188 -33.61 31.49 -65.28
N GLY I 189 -33.71 32.83 -65.26
CA GLY I 189 -32.97 33.70 -64.32
C GLY I 189 -33.75 33.94 -63.04
N PRO I 190 -33.56 35.08 -62.35
CA PRO I 190 -34.39 35.45 -61.20
C PRO I 190 -35.90 35.50 -61.50
N ILE I 191 -36.73 35.36 -60.47
CA ILE I 191 -38.21 35.20 -60.57
C ILE I 191 -38.81 36.54 -61.02
N ALA I 192 -38.44 37.61 -60.34
CA ALA I 192 -38.83 39.00 -60.65
C ALA I 192 -37.56 39.81 -60.85
N ARG I 193 -37.70 41.09 -61.20
CA ARG I 193 -36.55 41.94 -61.59
C ARG I 193 -35.62 42.20 -60.40
N TYR I 194 -36.18 42.52 -59.23
CA TYR I 194 -35.44 43.13 -58.08
C TYR I 194 -35.07 42.10 -56.99
N GLY I 195 -35.31 40.81 -57.20
CA GLY I 195 -34.83 39.72 -56.33
C GLY I 195 -35.39 39.78 -54.92
N VAL I 196 -36.61 40.31 -54.76
CA VAL I 196 -37.26 40.55 -53.43
C VAL I 196 -38.76 40.23 -53.51
N GLU I 197 -39.41 40.52 -54.64
CA GLU I 197 -40.89 40.40 -54.81
C GLU I 197 -41.35 38.97 -54.52
N GLU I 198 -40.50 37.98 -54.86
CA GLU I 198 -40.67 36.54 -54.56
C GLU I 198 -41.15 36.35 -53.12
N PHE I 199 -40.40 36.91 -52.18
CA PHE I 199 -40.45 36.65 -50.72
C PHE I 199 -41.52 37.54 -50.07
N VAL I 200 -41.73 38.75 -50.59
CA VAL I 200 -42.69 39.75 -50.04
C VAL I 200 -44.11 39.17 -50.10
N SER I 201 -44.42 38.38 -51.14
CA SER I 201 -45.75 37.76 -51.34
C SER I 201 -45.81 36.37 -50.70
N ASP I 202 -47.01 35.78 -50.63
CA ASP I 202 -47.30 34.45 -50.04
C ASP I 202 -47.38 33.38 -51.14
N ASN I 203 -47.78 33.77 -52.34
CA ASN I 203 -48.13 32.87 -53.47
C ASN I 203 -47.38 33.36 -54.72
N VAL I 204 -46.40 32.59 -55.20
CA VAL I 204 -45.61 32.93 -56.42
C VAL I 204 -46.10 32.06 -57.58
N VAL I 205 -46.40 32.69 -58.71
CA VAL I 205 -46.77 32.01 -59.99
C VAL I 205 -45.82 32.49 -61.08
N ILE I 206 -45.20 31.56 -61.81
CA ILE I 206 -44.23 31.88 -62.88
C ILE I 206 -44.80 31.43 -64.22
N LEU I 207 -45.18 32.40 -65.06
CA LEU I 207 -45.46 32.15 -66.49
C LEU I 207 -44.13 32.16 -67.23
N ARG I 208 -43.97 31.28 -68.22
CA ARG I 208 -42.75 31.24 -69.07
C ARG I 208 -43.16 31.20 -70.54
N ASN I 209 -42.16 31.31 -71.42
CA ASN I 209 -42.33 31.27 -72.89
C ASN I 209 -40.98 30.84 -73.49
N VAL I 210 -40.62 29.58 -73.30
CA VAL I 210 -39.24 29.06 -73.56
C VAL I 210 -39.11 28.72 -75.04
N LEU I 211 -38.14 29.36 -75.69
CA LEU I 211 -37.78 29.16 -77.12
C LEU I 211 -36.98 27.87 -77.25
N GLU I 212 -37.67 26.73 -77.26
CA GLU I 212 -37.08 25.37 -77.44
C GLU I 212 -36.89 25.10 -78.94
N GLY I 213 -35.70 25.38 -79.48
CA GLY I 213 -35.43 25.37 -80.92
C GLY I 213 -35.97 26.65 -81.56
N GLU I 214 -36.72 26.53 -82.65
CA GLU I 214 -37.40 27.68 -83.31
C GLU I 214 -38.84 27.79 -82.81
N ARG I 215 -39.30 26.86 -81.97
CA ARG I 215 -40.68 26.84 -81.42
C ARG I 215 -40.67 27.35 -79.97
N ARG I 216 -41.76 28.01 -79.57
CA ARG I 216 -41.99 28.57 -78.22
C ARG I 216 -42.97 27.68 -77.46
N ARG I 217 -42.76 27.55 -76.14
CA ARG I 217 -43.60 26.71 -75.25
C ARG I 217 -43.92 27.50 -73.99
N ARG I 218 -45.22 27.63 -73.72
CA ARG I 218 -45.78 28.37 -72.56
C ARG I 218 -46.01 27.38 -71.42
N THR I 219 -45.47 27.68 -70.24
CA THR I 219 -45.49 26.76 -69.07
C THR I 219 -45.73 27.54 -67.77
N LEU I 220 -46.95 27.42 -67.23
CA LEU I 220 -47.34 27.95 -65.91
C LEU I 220 -46.76 27.04 -64.83
N GLU I 221 -46.32 27.62 -63.72
CA GLU I 221 -45.82 26.88 -62.54
C GLU I 221 -46.18 27.66 -61.28
N ILE I 222 -46.67 26.96 -60.27
CA ILE I 222 -46.86 27.53 -58.90
C ILE I 222 -45.58 27.21 -58.11
N LEU I 223 -44.77 28.24 -57.83
CA LEU I 223 -43.45 28.12 -57.18
C LEU I 223 -43.64 27.98 -55.67
N LYS I 224 -44.68 28.61 -55.10
CA LYS I 224 -45.09 28.35 -53.69
C LYS I 224 -46.54 28.80 -53.44
N LEU I 225 -47.11 28.31 -52.34
CA LEU I 225 -48.30 28.84 -51.63
C LEU I 225 -48.05 28.59 -50.13
N ARG I 226 -47.99 29.65 -49.32
CA ARG I 226 -47.74 29.52 -47.86
C ARG I 226 -48.91 28.78 -47.21
N GLY I 227 -48.59 27.74 -46.41
CA GLY I 227 -49.54 26.99 -45.58
C GLY I 227 -50.62 26.31 -46.40
N THR I 228 -50.30 25.84 -47.60
CA THR I 228 -51.21 25.02 -48.45
C THR I 228 -50.40 24.13 -49.38
N SER I 229 -51.06 23.15 -49.99
CA SER I 229 -50.48 22.19 -50.98
C SER I 229 -50.81 22.68 -52.38
N HIS I 230 -49.94 22.35 -53.34
CA HIS I 230 -50.10 22.64 -54.78
C HIS I 230 -49.26 21.66 -55.59
N MET I 231 -49.59 21.50 -56.87
CA MET I 231 -48.81 20.66 -57.81
C MET I 231 -47.53 21.42 -58.18
N LYS I 232 -46.42 20.71 -58.38
CA LYS I 232 -45.08 21.35 -58.49
C LYS I 232 -44.54 21.21 -59.90
N GLY I 233 -43.67 22.15 -60.30
CA GLY I 233 -43.00 22.18 -61.61
C GLY I 233 -43.83 22.90 -62.66
N GLU I 234 -43.36 22.91 -63.90
CA GLU I 234 -43.99 23.63 -65.04
C GLU I 234 -45.09 22.75 -65.64
N TYR I 235 -46.16 23.37 -66.12
CA TYR I 235 -47.33 22.72 -66.78
C TYR I 235 -47.65 23.47 -68.06
N PRO I 236 -47.55 22.83 -69.25
CA PRO I 236 -47.70 23.55 -70.50
C PRO I 236 -49.13 24.09 -70.63
N PHE I 237 -49.28 25.25 -71.26
CA PHE I 237 -50.59 25.89 -71.52
C PHE I 237 -50.56 26.57 -72.88
N THR I 238 -51.75 26.92 -73.37
CA THR I 238 -51.96 27.64 -74.65
C THR I 238 -52.85 28.86 -74.39
N ILE I 239 -52.67 29.91 -75.20
CA ILE I 239 -53.54 31.12 -75.17
C ILE I 239 -54.38 31.11 -76.45
N THR I 240 -55.65 30.74 -76.31
CA THR I 240 -56.63 30.63 -77.40
C THR I 240 -57.68 31.73 -77.25
N ASP I 241 -58.68 31.73 -78.12
CA ASP I 241 -59.79 32.72 -78.13
C ASP I 241 -60.71 32.53 -76.91
N HIS I 242 -60.50 31.49 -76.09
CA HIS I 242 -61.25 31.26 -74.82
C HIS I 242 -60.34 31.55 -73.61
N GLY I 243 -59.20 32.21 -73.84
CA GLY I 243 -58.25 32.61 -72.79
C GLY I 243 -57.18 31.55 -72.56
N ILE I 244 -56.60 31.52 -71.36
CA ILE I 244 -55.57 30.53 -70.96
C ILE I 244 -56.24 29.18 -70.76
N ASN I 245 -55.59 28.13 -71.29
CA ASN I 245 -56.02 26.71 -71.23
C ASN I 245 -54.81 25.88 -70.79
N ILE I 246 -54.75 25.50 -69.52
CA ILE I 246 -53.61 24.74 -68.92
C ILE I 246 -53.89 23.24 -69.02
N PHE I 247 -52.95 22.48 -69.59
CA PHE I 247 -52.97 20.99 -69.64
C PHE I 247 -52.24 20.45 -68.42
N PRO I 248 -52.97 19.97 -67.37
CA PRO I 248 -52.33 19.46 -66.15
C PRO I 248 -51.94 17.98 -66.27
N LEU I 249 -50.64 17.70 -66.38
CA LEU I 249 -50.08 16.33 -66.57
C LEU I 249 -50.67 15.36 -65.57
N GLY I 250 -50.37 15.61 -64.29
CA GLY I 250 -50.76 14.76 -63.18
C GLY I 250 -52.27 14.53 -63.17
N ALA I 251 -52.99 15.27 -62.32
CA ALA I 251 -54.47 15.26 -62.14
C ALA I 251 -55.23 14.49 -63.23
N MET I 252 -54.52 13.94 -64.24
CA MET I 252 -55.07 13.03 -65.28
C MET I 252 -54.85 11.58 -64.82
N ARG I 253 -55.75 11.08 -63.98
CA ARG I 253 -55.59 9.80 -63.23
C ARG I 253 -55.89 8.61 -64.16
N LEU I 254 -55.17 7.49 -63.97
CA LEU I 254 -55.51 6.16 -64.53
C LEU I 254 -56.89 5.75 -63.98
N THR I 255 -57.96 6.42 -64.40
CA THR I 255 -59.35 6.18 -63.95
C THR I 255 -60.28 6.08 -65.17
N GLN I 256 -59.73 5.60 -66.30
CA GLN I 256 -60.48 5.46 -67.58
C GLN I 256 -61.18 4.09 -67.59
N ARG I 257 -62.50 4.09 -67.81
CA ARG I 257 -63.38 2.88 -67.86
C ARG I 257 -62.80 1.87 -68.85
N SER I 258 -63.19 0.59 -68.74
CA SER I 258 -62.74 -0.51 -69.63
C SER I 258 -63.93 -1.41 -69.96
N SER I 259 -63.96 -1.96 -71.17
CA SER I 259 -65.05 -2.83 -71.68
C SER I 259 -64.47 -3.98 -72.50
N ASN I 260 -65.26 -5.04 -72.70
CA ASN I 260 -64.93 -6.19 -73.57
C ASN I 260 -65.59 -6.02 -74.93
N VAL I 261 -66.35 -4.94 -75.13
CA VAL I 261 -66.99 -4.60 -76.45
C VAL I 261 -65.88 -4.62 -77.50
N ARG I 262 -66.13 -5.31 -78.62
CA ARG I 262 -65.15 -5.43 -79.73
C ARG I 262 -65.62 -4.57 -80.91
N VAL I 263 -64.69 -4.32 -81.83
CA VAL I 263 -64.79 -3.30 -82.91
C VAL I 263 -63.93 -3.78 -84.08
N SER I 264 -64.42 -3.67 -85.31
CA SER I 264 -63.72 -4.17 -86.52
C SER I 264 -62.59 -3.21 -86.90
N SER I 265 -61.40 -3.77 -87.14
CA SER I 265 -60.24 -3.08 -87.75
C SER I 265 -60.60 -2.51 -89.13
N GLY I 266 -61.64 -3.06 -89.77
CA GLY I 266 -61.96 -2.79 -91.19
C GLY I 266 -61.35 -3.83 -92.11
N VAL I 267 -60.48 -4.69 -91.57
CA VAL I 267 -59.91 -5.88 -92.26
C VAL I 267 -60.36 -7.13 -91.49
N VAL I 268 -61.02 -8.08 -92.18
CA VAL I 268 -61.68 -9.25 -91.53
C VAL I 268 -60.63 -10.22 -90.99
N ARG I 269 -59.57 -10.49 -91.76
CA ARG I 269 -58.49 -11.44 -91.36
C ARG I 269 -57.66 -10.85 -90.21
N LEU I 270 -57.57 -9.52 -90.10
CA LEU I 270 -56.90 -8.82 -88.96
C LEU I 270 -57.80 -8.96 -87.73
N ASP I 271 -59.12 -8.86 -87.93
CA ASP I 271 -60.15 -9.03 -86.87
C ASP I 271 -60.06 -10.45 -86.29
N GLU I 272 -59.87 -11.45 -87.15
CA GLU I 272 -59.64 -12.87 -86.75
C GLU I 272 -58.35 -12.94 -85.93
N MET I 273 -57.25 -12.46 -86.50
CA MET I 273 -55.89 -12.50 -85.90
C MET I 273 -55.90 -11.82 -84.52
N CYS I 274 -56.88 -10.95 -84.24
CA CYS I 274 -57.05 -10.24 -82.95
C CYS I 274 -58.09 -10.95 -82.07
N GLY I 275 -58.47 -12.18 -82.41
CA GLY I 275 -59.47 -12.96 -81.65
C GLY I 275 -60.82 -12.27 -81.59
N GLY I 276 -61.29 -11.73 -82.72
CA GLY I 276 -62.65 -11.19 -82.87
C GLY I 276 -62.69 -9.68 -82.97
N GLY I 277 -61.60 -9.04 -83.42
CA GLY I 277 -61.54 -7.59 -83.66
C GLY I 277 -60.83 -6.85 -82.54
N PHE I 278 -60.67 -5.53 -82.69
CA PHE I 278 -60.06 -4.64 -81.66
C PHE I 278 -61.08 -4.39 -80.55
N PHE I 279 -60.58 -4.10 -79.36
CA PHE I 279 -61.39 -3.58 -78.23
C PHE I 279 -61.80 -2.13 -78.55
N LYS I 280 -63.00 -1.75 -78.13
CA LYS I 280 -63.51 -0.36 -78.24
C LYS I 280 -62.59 0.53 -77.41
N ASP I 281 -62.48 0.22 -76.12
CA ASP I 281 -61.62 0.92 -75.14
C ASP I 281 -60.21 0.34 -75.26
N SER I 282 -59.44 0.79 -76.24
CA SER I 282 -58.04 0.34 -76.45
C SER I 282 -57.26 1.36 -77.28
N ILE I 283 -55.93 1.18 -77.29
CA ILE I 283 -54.93 2.08 -77.93
C ILE I 283 -54.08 1.22 -78.86
N ILE I 284 -54.32 1.34 -80.16
CA ILE I 284 -53.74 0.45 -81.19
C ILE I 284 -52.53 1.15 -81.80
N LEU I 285 -51.37 0.49 -81.77
CA LEU I 285 -50.14 0.96 -82.46
C LEU I 285 -49.91 0.10 -83.69
N ALA I 286 -49.73 0.73 -84.85
CA ALA I 286 -49.35 0.05 -86.11
C ALA I 286 -47.96 0.54 -86.49
N THR I 287 -46.93 -0.24 -86.17
CA THR I 287 -45.52 0.09 -86.45
C THR I 287 -45.09 -0.62 -87.73
N GLY I 288 -44.08 -0.07 -88.42
CA GLY I 288 -43.38 -0.75 -89.51
C GLY I 288 -42.44 0.20 -90.22
N ALA I 289 -41.58 -0.34 -91.09
CA ALA I 289 -40.74 0.45 -92.03
C ALA I 289 -41.66 1.30 -92.90
N THR I 290 -41.08 2.15 -93.75
CA THR I 290 -41.83 3.07 -94.64
C THR I 290 -42.38 2.28 -95.83
N GLY I 291 -43.63 2.58 -96.24
CA GLY I 291 -44.32 2.02 -97.42
C GLY I 291 -44.70 0.56 -97.24
N THR I 292 -45.00 0.14 -96.00
CA THR I 292 -45.33 -1.26 -95.66
C THR I 292 -46.85 -1.47 -95.65
N GLY I 293 -47.63 -0.47 -95.23
CA GLY I 293 -49.11 -0.54 -95.27
C GLY I 293 -49.83 0.14 -94.11
N LYS I 294 -49.13 0.86 -93.23
CA LYS I 294 -49.75 1.48 -92.02
C LYS I 294 -50.92 2.38 -92.40
N THR I 295 -50.72 3.28 -93.37
CA THR I 295 -51.73 4.30 -93.78
C THR I 295 -52.95 3.58 -94.35
N LEU I 296 -52.73 2.49 -95.09
CA LEU I 296 -53.82 1.59 -95.59
C LEU I 296 -54.66 1.15 -94.39
N LEU I 297 -54.02 0.65 -93.33
CA LEU I 297 -54.72 0.15 -92.11
C LEU I 297 -55.50 1.32 -91.46
N VAL I 298 -54.95 2.54 -91.43
CA VAL I 298 -55.66 3.75 -90.92
C VAL I 298 -56.92 3.95 -91.77
N SER I 299 -56.74 4.05 -93.10
CA SER I 299 -57.83 4.19 -94.09
C SER I 299 -59.00 3.30 -93.66
N ARG I 300 -58.69 2.00 -93.53
CA ARG I 300 -59.71 0.92 -93.39
C ARG I 300 -60.33 0.96 -91.99
N PHE I 301 -59.52 1.22 -90.97
CA PHE I 301 -59.95 1.45 -89.57
C PHE I 301 -61.00 2.57 -89.55
N VAL I 302 -60.65 3.69 -90.17
CA VAL I 302 -61.49 4.94 -90.25
C VAL I 302 -62.75 4.64 -91.07
N GLU I 303 -62.58 3.99 -92.23
CA GLU I 303 -63.69 3.59 -93.13
C GLU I 303 -64.77 2.85 -92.31
N ASN I 304 -64.35 1.82 -91.56
CA ASN I 304 -65.28 0.90 -90.84
C ASN I 304 -66.22 1.69 -89.92
N ALA I 305 -65.75 2.79 -89.33
CA ALA I 305 -66.57 3.66 -88.46
C ALA I 305 -67.73 4.21 -89.29
N CYS I 306 -67.40 4.85 -90.41
CA CYS I 306 -68.37 5.50 -91.33
C CYS I 306 -69.39 4.45 -91.80
N ALA I 307 -68.91 3.25 -92.14
CA ALA I 307 -69.74 2.09 -92.58
C ALA I 307 -70.83 1.78 -91.55
N ASN I 308 -70.54 1.99 -90.26
CA ASN I 308 -71.50 1.73 -89.14
C ASN I 308 -72.14 3.05 -88.70
N LYS I 309 -72.29 4.01 -89.62
CA LYS I 309 -72.84 5.37 -89.37
C LYS I 309 -72.26 5.91 -88.05
N GLU I 310 -70.95 5.72 -87.84
CA GLU I 310 -70.19 6.18 -86.65
C GLU I 310 -69.14 7.19 -87.13
N ARG I 311 -68.94 8.27 -86.37
CA ARG I 311 -68.04 9.39 -86.77
C ARG I 311 -66.59 8.99 -86.50
N ALA I 312 -65.67 9.58 -87.27
CA ALA I 312 -64.22 9.28 -87.22
C ALA I 312 -63.42 10.52 -87.64
N ILE I 313 -62.35 10.84 -86.91
CA ILE I 313 -61.34 11.85 -87.33
C ILE I 313 -60.06 11.14 -87.74
N LEU I 314 -59.51 11.56 -88.88
CA LEU I 314 -58.15 11.19 -89.35
C LEU I 314 -57.24 12.42 -89.18
N PHE I 315 -56.36 12.38 -88.18
CA PHE I 315 -55.27 13.37 -87.98
C PHE I 315 -54.05 12.93 -88.79
N ALA I 316 -53.85 13.54 -89.94
CA ALA I 316 -52.75 13.21 -90.88
C ALA I 316 -51.66 14.28 -90.76
N TYR I 317 -50.40 13.86 -90.61
CA TYR I 317 -49.24 14.78 -90.47
C TYR I 317 -48.21 14.54 -91.59
N GLU I 318 -48.31 13.45 -92.36
CA GLU I 318 -47.29 13.13 -93.39
C GLU I 318 -47.82 13.38 -94.82
N GLU I 319 -49.14 13.51 -95.00
CA GLU I 319 -49.77 13.59 -96.35
C GLU I 319 -50.91 14.61 -96.35
N SER I 320 -51.04 15.37 -97.43
CA SER I 320 -52.16 16.31 -97.70
C SER I 320 -53.47 15.53 -97.83
N ARG I 321 -54.61 16.21 -97.64
CA ARG I 321 -55.96 15.60 -97.80
C ARG I 321 -56.14 15.14 -99.25
N ALA I 322 -55.55 15.86 -100.21
CA ALA I 322 -55.61 15.55 -101.66
C ALA I 322 -55.06 14.14 -101.89
N GLN I 323 -53.79 13.92 -101.51
CA GLN I 323 -53.08 12.64 -101.74
C GLN I 323 -53.72 11.52 -100.91
N LEU I 324 -54.25 11.85 -99.72
CA LEU I 324 -54.97 10.87 -98.86
C LEU I 324 -56.25 10.44 -99.57
N LEU I 325 -56.98 11.36 -100.20
CA LEU I 325 -58.23 11.04 -100.94
C LEU I 325 -57.89 10.15 -102.14
N ARG I 326 -56.79 10.49 -102.83
CA ARG I 326 -56.35 9.78 -104.07
C ARG I 326 -55.83 8.38 -103.70
N ASN I 327 -54.88 8.31 -102.76
CA ASN I 327 -54.28 7.02 -102.32
C ASN I 327 -55.37 6.10 -101.78
N ALA I 328 -56.34 6.65 -101.05
CA ALA I 328 -57.48 5.92 -100.46
C ALA I 328 -58.38 5.39 -101.58
N TYR I 329 -58.80 6.27 -102.50
CA TYR I 329 -59.69 5.94 -103.64
C TYR I 329 -59.09 4.81 -104.50
N SER I 330 -57.77 4.80 -104.69
CA SER I 330 -57.04 3.75 -105.46
C SER I 330 -57.06 2.42 -104.71
N TRP I 331 -57.44 2.42 -103.43
CA TRP I 331 -57.47 1.22 -102.54
C TRP I 331 -58.91 0.74 -102.32
N GLY I 332 -59.83 1.05 -103.23
CA GLY I 332 -61.27 1.06 -102.94
C GLY I 332 -61.58 2.26 -102.08
N MET I 333 -62.58 2.18 -101.20
CA MET I 333 -62.92 3.17 -100.12
C MET I 333 -62.94 4.62 -100.65
N ASP I 334 -64.06 5.34 -100.45
CA ASP I 334 -64.39 6.62 -101.13
C ASP I 334 -64.30 7.87 -100.24
N PHE I 335 -63.58 7.86 -99.13
CA PHE I 335 -63.42 9.05 -98.24
C PHE I 335 -64.36 10.22 -98.57
N GLU I 336 -64.32 10.76 -99.80
CA GLU I 336 -65.11 11.96 -100.23
C GLU I 336 -66.59 11.80 -99.86
N GLU I 337 -67.18 10.62 -100.12
CA GLU I 337 -68.59 10.30 -99.73
C GLU I 337 -68.71 10.36 -98.20
N MET I 338 -67.73 9.80 -97.49
CA MET I 338 -67.68 9.75 -96.00
C MET I 338 -67.66 11.18 -95.45
N GLU I 339 -66.94 12.10 -96.09
CA GLU I 339 -66.85 13.53 -95.70
C GLU I 339 -68.23 14.17 -95.84
N ARG I 340 -68.87 14.00 -97.01
CA ARG I 340 -70.20 14.57 -97.35
C ARG I 340 -71.26 14.09 -96.36
N GLN I 341 -71.18 12.83 -95.91
CA GLN I 341 -72.15 12.24 -94.95
C GLN I 341 -71.87 12.77 -93.54
N ASN I 342 -70.79 13.56 -93.37
CA ASN I 342 -70.35 14.15 -92.08
C ASN I 342 -70.06 13.03 -91.08
N LEU I 343 -69.57 11.87 -91.56
CA LEU I 343 -69.12 10.73 -90.73
C LEU I 343 -67.59 10.71 -90.66
N LEU I 344 -66.93 11.31 -91.65
CA LEU I 344 -65.45 11.32 -91.77
C LEU I 344 -64.99 12.77 -91.71
N LYS I 345 -64.04 13.06 -90.83
CA LYS I 345 -63.34 14.37 -90.79
C LYS I 345 -61.84 14.11 -90.88
N ILE I 346 -61.17 14.82 -91.78
CA ILE I 346 -59.69 14.76 -91.92
C ILE I 346 -59.13 16.12 -91.49
N VAL I 347 -58.13 16.09 -90.61
CA VAL I 347 -57.37 17.28 -90.17
C VAL I 347 -55.93 17.06 -90.62
N CYS I 348 -55.44 17.91 -91.51
CA CYS I 348 -54.06 17.86 -92.03
C CYS I 348 -53.26 19.01 -91.41
N ALA I 349 -51.98 18.78 -91.18
CA ALA I 349 -51.04 19.73 -90.55
C ALA I 349 -49.63 19.18 -90.66
N TYR I 350 -48.63 20.05 -90.69
CA TYR I 350 -47.21 19.68 -90.42
C TYR I 350 -47.04 19.61 -88.90
N PRO I 351 -46.16 18.73 -88.39
CA PRO I 351 -45.78 18.77 -86.98
C PRO I 351 -45.04 20.05 -86.58
N GLU I 352 -44.23 20.59 -87.51
CA GLU I 352 -43.40 21.80 -87.29
C GLU I 352 -44.27 23.06 -87.41
N SER I 353 -45.54 22.93 -87.78
CA SER I 353 -46.53 24.05 -87.87
C SER I 353 -46.91 24.56 -86.47
N ALA I 354 -46.49 23.87 -85.41
CA ALA I 354 -46.86 24.19 -84.01
C ALA I 354 -45.88 23.50 -83.05
N GLY I 355 -46.16 23.61 -81.75
CA GLY I 355 -45.56 22.78 -80.70
C GLY I 355 -46.55 21.73 -80.24
N LEU I 356 -46.07 20.68 -79.56
CA LEU I 356 -46.90 19.53 -79.12
C LEU I 356 -48.05 20.04 -78.25
N GLU I 357 -47.76 20.97 -77.33
CA GLU I 357 -48.76 21.61 -76.43
C GLU I 357 -49.96 22.07 -77.26
N ASP I 358 -49.69 22.83 -78.33
CA ASP I 358 -50.70 23.37 -79.28
C ASP I 358 -51.46 22.18 -79.91
N HIS I 359 -50.71 21.27 -80.56
CA HIS I 359 -51.23 20.06 -81.25
C HIS I 359 -52.28 19.34 -80.39
N LEU I 360 -51.89 18.87 -79.20
CA LEU I 360 -52.75 18.11 -78.25
C LEU I 360 -54.04 18.89 -78.02
N GLN I 361 -53.91 20.20 -77.80
CA GLN I 361 -55.04 21.13 -77.53
C GLN I 361 -55.95 21.19 -78.77
N ILE I 362 -55.36 21.35 -79.96
CA ILE I 362 -56.08 21.27 -81.27
C ILE I 362 -56.81 19.92 -81.34
N ILE I 363 -56.10 18.82 -81.06
CA ILE I 363 -56.64 17.44 -81.19
C ILE I 363 -57.84 17.29 -80.24
N LYS I 364 -57.68 17.70 -78.98
CA LYS I 364 -58.77 17.59 -77.96
C LYS I 364 -59.98 18.38 -78.43
N SER I 365 -59.76 19.60 -78.93
CA SER I 365 -60.83 20.51 -79.43
C SER I 365 -61.62 19.81 -80.53
N GLU I 366 -60.90 19.32 -81.56
CA GLU I 366 -61.49 18.70 -82.76
C GLU I 366 -62.32 17.47 -82.36
N ILE I 367 -61.83 16.68 -81.39
CA ILE I 367 -62.54 15.50 -80.84
C ILE I 367 -63.83 15.99 -80.17
N ASN I 368 -63.73 16.97 -79.29
CA ASN I 368 -64.86 17.50 -78.48
C ASN I 368 -65.94 18.06 -79.42
N ASP I 369 -65.54 18.83 -80.44
CA ASP I 369 -66.48 19.39 -81.46
C ASP I 369 -67.20 18.25 -82.17
N PHE I 370 -66.44 17.42 -82.89
CA PHE I 370 -66.94 16.43 -83.89
C PHE I 370 -67.53 15.20 -83.17
N LYS I 371 -67.14 14.97 -81.92
CA LYS I 371 -67.64 13.87 -81.06
C LYS I 371 -67.59 12.54 -81.80
N PRO I 372 -66.41 12.10 -82.30
CA PRO I 372 -66.30 10.84 -83.03
C PRO I 372 -66.26 9.62 -82.10
N ALA I 373 -66.32 8.43 -82.69
CA ALA I 373 -66.18 7.12 -82.01
C ALA I 373 -64.78 6.55 -82.26
N ARG I 374 -64.01 7.15 -83.18
CA ARG I 374 -62.70 6.63 -83.61
C ARG I 374 -61.77 7.76 -84.06
N ILE I 375 -60.61 7.84 -83.42
CA ILE I 375 -59.49 8.74 -83.84
C ILE I 375 -58.44 7.89 -84.53
N ALA I 376 -57.66 8.49 -85.43
CA ALA I 376 -56.45 7.89 -86.01
C ALA I 376 -55.38 8.96 -86.17
N ILE I 377 -54.13 8.60 -85.91
CA ILE I 377 -52.96 9.53 -85.95
C ILE I 377 -51.85 8.92 -86.80
N ASP I 378 -51.68 9.45 -88.00
CA ASP I 378 -50.73 8.96 -89.03
C ASP I 378 -49.75 10.11 -89.33
N SER I 379 -48.64 10.18 -88.60
CA SER I 379 -48.15 9.16 -87.68
C SER I 379 -47.64 9.84 -86.41
N LEU I 380 -47.62 9.12 -85.28
CA LEU I 380 -46.97 9.57 -84.02
C LEU I 380 -45.49 9.89 -84.31
N SER I 381 -44.81 9.06 -85.09
CA SER I 381 -43.37 9.20 -85.45
C SER I 381 -43.07 10.59 -86.00
N ALA I 382 -43.96 11.13 -86.85
CA ALA I 382 -43.82 12.47 -87.46
C ALA I 382 -43.81 13.54 -86.35
N LEU I 383 -44.63 13.38 -85.30
CA LEU I 383 -44.72 14.35 -84.19
C LEU I 383 -43.45 14.27 -83.33
N ALA I 384 -42.79 13.11 -83.29
CA ALA I 384 -41.55 12.89 -82.52
C ALA I 384 -40.37 13.61 -83.17
N ARG I 385 -40.36 13.76 -84.50
CA ARG I 385 -39.26 14.43 -85.25
C ARG I 385 -39.06 15.84 -84.68
N GLY I 386 -37.85 16.14 -84.19
CA GLY I 386 -37.45 17.49 -83.74
C GLY I 386 -37.49 17.65 -82.23
N VAL I 387 -38.53 17.14 -81.58
CA VAL I 387 -38.82 17.37 -80.13
C VAL I 387 -38.04 16.36 -79.29
N SER I 388 -37.87 16.65 -77.99
CA SER I 388 -37.24 15.76 -76.98
C SER I 388 -38.12 14.53 -76.74
N ASN I 389 -37.50 13.42 -76.34
CA ASN I 389 -38.18 12.12 -76.05
C ASN I 389 -39.19 12.31 -74.93
N ASN I 390 -38.83 13.09 -73.90
CA ASN I 390 -39.69 13.38 -72.72
C ASN I 390 -40.96 14.07 -73.19
N ALA I 391 -40.81 15.18 -73.94
CA ALA I 391 -41.91 16.01 -74.47
C ALA I 391 -42.85 15.15 -75.32
N PHE I 392 -42.28 14.40 -76.27
CA PHE I 392 -43.02 13.46 -77.14
C PHE I 392 -43.86 12.52 -76.27
N ARG I 393 -43.20 11.83 -75.34
CA ARG I 393 -43.86 10.87 -74.41
C ARG I 393 -44.99 11.60 -73.68
N GLN I 394 -44.71 12.80 -73.16
CA GLN I 394 -45.71 13.61 -72.40
C GLN I 394 -46.92 13.88 -73.28
N PHE I 395 -46.70 14.09 -74.58
CA PHE I 395 -47.77 14.29 -75.60
C PHE I 395 -48.60 13.01 -75.70
N VAL I 396 -47.93 11.90 -76.01
CA VAL I 396 -48.56 10.57 -76.29
C VAL I 396 -49.47 10.20 -75.11
N ILE I 397 -48.95 10.30 -73.88
CA ILE I 397 -49.68 10.00 -72.61
C ILE I 397 -50.95 10.85 -72.55
N GLY I 398 -50.83 12.14 -72.86
CA GLY I 398 -51.95 13.10 -72.90
C GLY I 398 -53.01 12.67 -73.90
N VAL I 399 -52.60 12.38 -75.15
CA VAL I 399 -53.50 12.01 -76.28
C VAL I 399 -54.20 10.70 -75.93
N THR I 400 -53.37 9.68 -75.71
CA THR I 400 -53.76 8.27 -75.49
C THR I 400 -54.71 8.18 -74.29
N GLY I 401 -54.42 8.96 -73.24
CA GLY I 401 -55.26 9.08 -72.04
C GLY I 401 -56.61 9.71 -72.35
N TYR I 402 -56.63 10.79 -73.15
CA TYR I 402 -57.88 11.48 -73.53
C TYR I 402 -58.77 10.51 -74.33
N ALA I 403 -58.19 9.88 -75.34
CA ALA I 403 -58.84 8.81 -76.14
C ALA I 403 -59.39 7.74 -75.20
N LYS I 404 -58.57 7.33 -74.24
CA LYS I 404 -58.91 6.27 -73.24
C LYS I 404 -60.07 6.73 -72.36
N GLN I 405 -60.03 7.96 -71.83
CA GLN I 405 -61.03 8.43 -70.84
C GLN I 405 -62.33 8.79 -71.57
N GLU I 406 -62.29 8.95 -72.90
CA GLU I 406 -63.49 9.25 -73.72
C GLU I 406 -64.02 7.97 -74.39
N GLU I 407 -63.38 6.82 -74.13
CA GLU I 407 -63.77 5.51 -74.72
C GLU I 407 -63.82 5.63 -76.24
N ILE I 408 -62.73 6.11 -76.84
CA ILE I 408 -62.54 6.23 -78.31
C ILE I 408 -61.44 5.26 -78.73
N THR I 409 -61.73 4.36 -79.66
CA THR I 409 -60.73 3.47 -80.29
C THR I 409 -59.76 4.36 -81.07
N GLY I 410 -58.53 4.48 -80.57
CA GLY I 410 -57.44 5.26 -81.20
C GLY I 410 -56.45 4.35 -81.89
N LEU I 411 -56.29 4.50 -83.21
CA LEU I 411 -55.26 3.76 -84.00
C LEU I 411 -54.16 4.75 -84.36
N PHE I 412 -52.95 4.51 -83.82
CA PHE I 412 -51.74 5.36 -83.96
C PHE I 412 -50.71 4.60 -84.78
N THR I 413 -50.14 5.24 -85.79
CA THR I 413 -49.14 4.62 -86.68
C THR I 413 -47.75 5.12 -86.30
N ASN I 414 -46.72 4.32 -86.60
CA ASN I 414 -45.31 4.64 -86.27
C ASN I 414 -44.42 4.07 -87.37
N THR I 415 -43.50 4.89 -87.87
CA THR I 415 -42.50 4.47 -88.88
C THR I 415 -41.17 4.17 -88.20
N SER I 416 -40.57 3.03 -88.54
CA SER I 416 -39.26 2.55 -88.04
C SER I 416 -38.15 3.19 -88.87
N ASP I 417 -37.24 3.94 -88.24
CA ASP I 417 -36.05 4.54 -88.90
C ASP I 417 -35.29 3.44 -89.66
N GLN I 418 -35.31 2.21 -89.14
CA GLN I 418 -34.73 1.01 -89.81
C GLN I 418 -35.81 0.28 -90.61
N PHE I 419 -35.54 -0.01 -91.88
CA PHE I 419 -36.49 -0.67 -92.79
C PHE I 419 -36.35 -2.20 -92.67
N MET I 420 -35.16 -2.70 -92.31
CA MET I 420 -34.91 -4.15 -92.13
C MET I 420 -33.95 -4.39 -90.97
N GLY I 421 -34.37 -5.22 -90.01
CA GLY I 421 -33.60 -5.58 -88.80
C GLY I 421 -33.86 -4.61 -87.66
N ALA I 422 -35.07 -4.05 -87.60
CA ALA I 422 -35.51 -3.11 -86.53
C ALA I 422 -35.20 -3.77 -85.18
N HIS I 423 -34.40 -3.10 -84.35
CA HIS I 423 -33.96 -3.61 -83.02
C HIS I 423 -35.18 -3.70 -82.08
N SER I 424 -35.99 -2.65 -82.04
CA SER I 424 -37.17 -2.50 -81.14
C SER I 424 -38.44 -2.23 -81.96
N ILE I 425 -39.60 -2.29 -81.30
CA ILE I 425 -40.94 -1.98 -81.88
C ILE I 425 -40.98 -0.52 -82.33
N THR I 426 -40.60 0.41 -81.44
CA THR I 426 -40.54 1.88 -81.69
C THR I 426 -39.23 2.44 -81.13
N ASP I 427 -38.69 3.48 -81.76
CA ASP I 427 -37.43 4.15 -81.33
C ASP I 427 -37.74 5.15 -80.21
N SER I 428 -39.01 5.51 -80.03
CA SER I 428 -39.50 6.48 -79.00
C SER I 428 -39.84 5.75 -77.70
N HIS I 429 -39.88 4.42 -77.72
CA HIS I 429 -40.15 3.55 -76.53
C HIS I 429 -41.47 3.98 -75.88
N ILE I 430 -42.58 3.74 -76.58
CA ILE I 430 -43.96 4.08 -76.10
C ILE I 430 -44.87 2.86 -76.30
N SEP I 431 -44.26 1.67 -76.38
CA SEP I 431 -44.98 0.43 -76.65
CB SEP I 431 -44.02 -0.69 -77.03
OG SEP I 431 -42.82 -0.12 -77.63
C SEP I 431 -45.83 0.02 -75.44
O SEP I 431 -46.84 -0.64 -75.62
P SEP I 431 -41.36 -0.54 -77.04
O1P SEP I 431 -40.67 0.77 -76.81
O2P SEP I 431 -40.66 -1.38 -78.09
O3P SEP I 431 -41.60 -1.30 -75.74
N TPO I 432 -45.39 0.43 -74.25
CA TPO I 432 -46.02 0.00 -73.01
CB TPO I 432 -44.98 -0.04 -71.87
CG2 TPO I 432 -43.92 -1.09 -72.12
OG1 TPO I 432 -44.30 1.26 -71.79
P TPO I 432 -43.23 1.58 -70.60
O1P TPO I 432 -41.93 1.11 -71.04
O2P TPO I 432 -43.53 0.71 -69.48
O3P TPO I 432 -43.29 3.06 -70.30
C TPO I 432 -47.24 0.86 -72.70
O TPO I 432 -47.92 0.65 -71.70
N ILE I 433 -47.53 1.84 -73.57
CA ILE I 433 -48.64 2.76 -73.42
C ILE I 433 -49.80 2.29 -74.31
N THR I 434 -49.49 1.53 -75.36
CA THR I 434 -50.45 0.92 -76.30
C THR I 434 -51.01 -0.35 -75.68
N ASP I 435 -52.22 -0.76 -76.09
CA ASP I 435 -52.88 -2.00 -75.63
C ASP I 435 -52.69 -3.11 -76.68
N THR I 436 -52.78 -2.76 -77.98
CA THR I 436 -52.58 -3.69 -79.12
C THR I 436 -51.47 -3.13 -80.02
N ILE I 437 -50.67 -4.02 -80.61
CA ILE I 437 -49.59 -3.67 -81.57
C ILE I 437 -49.76 -4.53 -82.82
N ILE I 438 -50.12 -3.91 -83.94
CA ILE I 438 -49.96 -4.52 -85.30
C ILE I 438 -48.54 -4.20 -85.75
N LEU I 439 -47.83 -5.18 -86.28
CA LEU I 439 -46.42 -5.02 -86.73
C LEU I 439 -46.31 -5.47 -88.18
N LEU I 440 -45.93 -4.54 -89.06
CA LEU I 440 -45.67 -4.81 -90.49
C LEU I 440 -44.15 -4.84 -90.70
N GLN I 441 -43.69 -5.70 -91.60
CA GLN I 441 -42.24 -5.79 -91.94
C GLN I 441 -42.08 -6.36 -93.35
N TYR I 442 -41.05 -5.88 -94.04
CA TYR I 442 -40.56 -6.41 -95.33
C TYR I 442 -39.88 -7.75 -95.08
N VAL I 443 -40.11 -8.69 -96.01
CA VAL I 443 -39.45 -10.02 -96.00
C VAL I 443 -38.89 -10.28 -97.39
N GLU I 444 -37.57 -10.47 -97.46
CA GLU I 444 -36.83 -10.77 -98.71
C GLU I 444 -36.94 -12.27 -98.97
N ILE I 445 -37.84 -12.67 -99.88
CA ILE I 445 -38.08 -14.09 -100.28
C ILE I 445 -37.67 -14.26 -101.75
N ARG I 446 -36.48 -14.79 -101.98
CA ARG I 446 -36.01 -15.22 -103.33
C ARG I 446 -36.02 -14.02 -104.28
N GLY I 447 -35.12 -13.06 -104.08
CA GLY I 447 -34.87 -11.92 -105.00
C GLY I 447 -35.97 -10.88 -104.99
N GLU I 448 -36.99 -11.01 -104.13
CA GLU I 448 -38.17 -10.10 -104.10
C GLU I 448 -38.45 -9.61 -102.69
N MET I 449 -39.36 -8.63 -102.58
CA MET I 449 -39.74 -7.95 -101.31
C MET I 449 -41.23 -8.17 -101.04
N SER I 450 -41.57 -9.24 -100.32
CA SER I 450 -42.93 -9.47 -99.79
C SER I 450 -43.07 -8.69 -98.48
N ARG I 451 -44.29 -8.62 -97.93
CA ARG I 451 -44.55 -8.01 -96.61
C ARG I 451 -45.20 -9.05 -95.71
N ALA I 452 -45.21 -8.76 -94.42
CA ALA I 452 -45.82 -9.60 -93.38
C ALA I 452 -46.51 -8.70 -92.36
N ILE I 453 -47.65 -9.15 -91.86
CA ILE I 453 -48.41 -8.51 -90.75
C ILE I 453 -48.44 -9.53 -89.61
N ASN I 454 -48.50 -9.04 -88.38
CA ASN I 454 -48.38 -9.86 -87.14
C ASN I 454 -49.04 -9.08 -86.01
N VAL I 455 -49.98 -9.69 -85.29
CA VAL I 455 -50.45 -9.08 -84.01
C VAL I 455 -49.39 -9.41 -82.97
N PHE I 456 -48.57 -8.42 -82.64
CA PHE I 456 -47.42 -8.55 -81.71
C PHE I 456 -47.94 -8.76 -80.28
N LYS I 457 -49.03 -8.08 -79.92
CA LYS I 457 -49.70 -8.27 -78.59
C LYS I 457 -51.14 -7.77 -78.63
N MET I 458 -51.90 -8.12 -77.59
CA MET I 458 -53.32 -7.74 -77.38
C MET I 458 -53.65 -7.89 -75.90
N ARG I 459 -53.54 -6.82 -75.12
CA ARG I 459 -53.98 -6.83 -73.71
C ARG I 459 -55.47 -7.19 -73.69
N GLY I 460 -55.84 -8.26 -73.00
CA GLY I 460 -57.24 -8.62 -72.75
C GLY I 460 -57.78 -9.68 -73.69
N SER I 461 -57.04 -10.04 -74.74
CA SER I 461 -57.52 -10.96 -75.80
C SER I 461 -56.48 -12.03 -76.14
N TRP I 462 -56.87 -12.95 -77.03
CA TRP I 462 -56.07 -14.13 -77.46
C TRP I 462 -55.02 -13.70 -78.50
N HIS I 463 -55.47 -13.25 -79.68
CA HIS I 463 -54.65 -12.92 -80.88
C HIS I 463 -53.81 -14.11 -81.37
N ASP I 464 -53.70 -14.21 -82.71
CA ASP I 464 -52.92 -15.22 -83.46
C ASP I 464 -51.45 -14.83 -83.43
N LYS I 465 -50.55 -15.80 -83.21
CA LYS I 465 -49.10 -15.54 -83.02
C LYS I 465 -48.33 -15.73 -84.33
N ALA I 466 -49.00 -15.83 -85.48
CA ALA I 466 -48.35 -16.10 -86.78
C ALA I 466 -47.87 -14.79 -87.41
N ILE I 467 -46.73 -14.84 -88.10
CA ILE I 467 -46.21 -13.77 -88.99
C ILE I 467 -46.77 -14.04 -90.39
N ARG I 468 -48.01 -13.61 -90.64
CA ARG I 468 -48.74 -13.89 -91.89
C ARG I 468 -48.17 -13.02 -93.01
N GLU I 469 -47.84 -13.63 -94.15
CA GLU I 469 -47.55 -12.91 -95.42
C GLU I 469 -48.84 -12.27 -95.91
N PHE I 470 -48.77 -11.01 -96.35
CA PHE I 470 -49.92 -10.30 -96.98
C PHE I 470 -49.42 -9.50 -98.18
N MET I 471 -50.30 -9.28 -99.16
CA MET I 471 -49.99 -8.41 -100.31
C MET I 471 -51.12 -7.40 -100.52
N ILE I 472 -50.75 -6.22 -101.05
CA ILE I 472 -51.64 -5.04 -101.22
C ILE I 472 -52.01 -4.92 -102.70
N SER I 473 -53.28 -4.64 -102.95
CA SER I 473 -53.89 -4.53 -104.30
C SER I 473 -54.81 -3.32 -104.31
N ASP I 474 -55.71 -3.22 -105.30
CA ASP I 474 -56.79 -2.20 -105.36
C ASP I 474 -57.88 -2.53 -104.33
N LYS I 475 -58.04 -3.82 -104.01
CA LYS I 475 -59.09 -4.31 -103.09
C LYS I 475 -58.72 -3.93 -101.65
N GLY I 476 -57.43 -3.88 -101.34
CA GLY I 476 -56.89 -3.56 -100.00
C GLY I 476 -55.78 -4.53 -99.59
N PRO I 477 -55.61 -4.82 -98.28
CA PRO I 477 -54.64 -5.81 -97.85
C PRO I 477 -55.26 -7.20 -98.01
N ASP I 478 -54.45 -8.20 -98.33
CA ASP I 478 -54.88 -9.62 -98.31
C ASP I 478 -53.86 -10.42 -97.49
N ILE I 479 -54.20 -10.69 -96.22
CA ILE I 479 -53.37 -11.52 -95.30
C ILE I 479 -53.48 -12.98 -95.72
N LYS I 480 -52.38 -13.55 -96.24
CA LYS I 480 -52.30 -14.95 -96.72
C LYS I 480 -51.77 -15.84 -95.57
N ASP I 481 -51.02 -16.89 -95.90
CA ASP I 481 -50.54 -17.91 -94.93
C ASP I 481 -49.14 -17.53 -94.41
N SER I 482 -48.77 -18.06 -93.25
CA SER I 482 -47.45 -17.84 -92.58
C SER I 482 -46.32 -18.44 -93.42
N PHE I 483 -45.08 -18.04 -93.11
CA PHE I 483 -43.84 -18.53 -93.76
C PHE I 483 -43.35 -19.76 -93.01
N ARG I 484 -44.10 -20.87 -93.11
CA ARG I 484 -43.90 -22.11 -92.33
C ARG I 484 -42.50 -22.67 -92.57
N ASN I 485 -42.06 -22.72 -93.83
CA ASN I 485 -40.78 -23.36 -94.25
C ASN I 485 -39.65 -22.31 -94.25
N PHE I 486 -39.59 -21.43 -93.25
CA PHE I 486 -38.59 -20.34 -93.16
C PHE I 486 -38.12 -20.09 -91.72
N GLU I 487 -36.87 -19.62 -91.61
CA GLU I 487 -36.24 -19.17 -90.34
C GLU I 487 -35.78 -17.71 -90.50
N ARG I 488 -35.64 -17.00 -89.38
CA ARG I 488 -35.13 -15.60 -89.31
C ARG I 488 -36.02 -14.66 -90.16
N ILE I 489 -37.33 -14.89 -90.14
CA ILE I 489 -38.36 -14.03 -90.81
C ILE I 489 -38.19 -12.59 -90.32
N ILE I 490 -38.06 -12.43 -89.01
CA ILE I 490 -37.98 -11.09 -88.33
C ILE I 490 -36.80 -10.29 -88.89
N SER I 491 -35.67 -10.94 -89.14
CA SER I 491 -34.41 -10.31 -89.62
C SER I 491 -34.64 -9.59 -90.96
N GLY I 492 -35.66 -9.98 -91.73
CA GLY I 492 -36.03 -9.37 -93.02
C GLY I 492 -35.47 -10.14 -94.20
N SER I 493 -34.31 -10.79 -94.01
CA SER I 493 -33.65 -11.67 -95.01
C SER I 493 -33.67 -13.11 -94.50
N PRO I 494 -34.84 -13.79 -94.50
CA PRO I 494 -34.92 -15.16 -93.99
C PRO I 494 -34.15 -16.23 -94.78
N THR I 495 -34.23 -17.46 -94.29
CA THR I 495 -33.65 -18.70 -94.87
C THR I 495 -34.73 -19.78 -94.86
N ARG I 496 -34.81 -20.60 -95.92
CA ARG I 496 -35.68 -21.80 -95.97
C ARG I 496 -34.99 -22.92 -95.19
N ILE I 497 -35.72 -23.55 -94.25
CA ILE I 497 -35.22 -24.71 -93.44
C ILE I 497 -35.58 -26.00 -94.20
N THR I 498 -35.82 -27.12 -93.51
CA THR I 498 -36.21 -28.42 -94.13
C THR I 498 -34.98 -29.06 -94.79
N HIS J 15 -66.02 50.10 -82.23
CA HIS J 15 -66.41 49.51 -80.89
C HIS J 15 -66.20 47.99 -80.91
N GLN J 16 -65.29 47.54 -81.76
CA GLN J 16 -64.97 46.11 -82.00
C GLN J 16 -63.45 45.94 -82.06
N ALA J 17 -63.04 44.69 -81.89
CA ALA J 17 -61.67 44.09 -81.95
C ALA J 17 -60.56 45.04 -82.43
N ILE J 18 -59.38 44.45 -82.69
CA ILE J 18 -58.12 45.16 -83.08
C ILE J 18 -57.90 44.90 -84.57
N ALA J 19 -57.99 45.95 -85.39
CA ALA J 19 -57.68 45.90 -86.84
C ALA J 19 -56.17 45.89 -87.03
N LYS J 20 -55.72 45.56 -88.23
CA LYS J 20 -54.28 45.39 -88.58
C LYS J 20 -54.03 45.98 -89.96
N MET J 21 -52.95 46.75 -90.08
CA MET J 21 -52.49 47.38 -91.35
C MET J 21 -51.50 46.43 -92.02
N ARG J 22 -51.81 45.95 -93.23
CA ARG J 22 -50.95 45.01 -94.00
C ARG J 22 -49.61 45.68 -94.26
N THR J 23 -48.50 45.00 -93.95
CA THR J 23 -47.13 45.47 -94.24
C THR J 23 -46.80 45.26 -95.72
N MET J 24 -47.27 44.16 -96.30
CA MET J 24 -46.90 43.72 -97.67
C MET J 24 -45.44 43.26 -97.70
N ILE J 25 -44.82 43.00 -96.54
CA ILE J 25 -43.49 42.33 -96.45
C ILE J 25 -43.74 40.84 -96.59
N GLU J 26 -43.19 40.21 -97.64
CA GLU J 26 -43.49 38.81 -98.03
C GLU J 26 -43.40 37.92 -96.78
N GLY J 27 -44.52 37.30 -96.39
CA GLY J 27 -44.61 36.32 -95.29
C GLY J 27 -45.03 36.94 -93.97
N PHE J 28 -44.75 38.22 -93.75
CA PHE J 28 -44.94 38.88 -92.42
C PHE J 28 -46.43 38.84 -92.05
N ASP J 29 -47.31 39.19 -92.99
CA ASP J 29 -48.77 39.39 -92.74
C ASP J 29 -49.41 38.04 -92.43
N ASP J 30 -48.77 36.93 -92.80
CA ASP J 30 -49.16 35.56 -92.39
C ASP J 30 -48.82 35.38 -90.91
N ILE J 31 -47.57 35.73 -90.52
CA ILE J 31 -47.02 35.58 -89.15
C ILE J 31 -47.83 36.46 -88.18
N SER J 32 -48.07 37.72 -88.56
CA SER J 32 -48.75 38.75 -87.73
C SER J 32 -50.27 38.57 -87.82
N HIS J 33 -50.75 37.61 -88.62
CA HIS J 33 -52.19 37.30 -88.84
C HIS J 33 -52.90 38.60 -89.25
N GLY J 34 -52.46 39.24 -90.34
CA GLY J 34 -53.15 40.39 -90.95
C GLY J 34 -52.40 41.71 -90.84
N GLY J 35 -51.15 41.72 -90.37
CA GLY J 35 -50.28 42.91 -90.34
C GLY J 35 -50.11 43.49 -88.95
N LEU J 36 -49.61 44.73 -88.85
CA LEU J 36 -49.29 45.39 -87.56
C LEU J 36 -50.55 46.07 -87.01
N PRO J 37 -50.84 45.94 -85.70
CA PRO J 37 -52.03 46.57 -85.10
C PRO J 37 -52.09 48.09 -85.31
N ILE J 38 -53.23 48.60 -85.80
CA ILE J 38 -53.40 50.02 -86.25
C ILE J 38 -53.46 50.92 -85.02
N GLY J 39 -52.89 52.13 -85.14
CA GLY J 39 -52.82 53.14 -84.07
C GLY J 39 -52.00 52.67 -82.87
N ARG J 40 -51.00 51.80 -83.09
CA ARG J 40 -50.09 51.31 -82.02
C ARG J 40 -48.66 51.21 -82.54
N SER J 41 -47.69 51.46 -81.64
CA SER J 41 -46.23 51.35 -81.91
C SER J 41 -45.81 49.88 -81.81
N THR J 42 -44.96 49.45 -82.74
CA THR J 42 -44.37 48.09 -82.79
C THR J 42 -42.85 48.20 -82.68
N LEU J 43 -42.29 47.82 -81.53
CA LEU J 43 -40.83 47.69 -81.33
C LEU J 43 -40.31 46.64 -82.33
N VAL J 44 -39.19 46.95 -82.99
CA VAL J 44 -38.49 46.01 -83.92
C VAL J 44 -37.00 46.05 -83.57
N SER J 45 -36.58 45.15 -82.68
CA SER J 45 -35.21 45.08 -82.12
C SER J 45 -34.42 43.98 -82.84
N GLY J 46 -33.11 44.14 -82.88
CA GLY J 46 -32.16 43.25 -83.58
C GLY J 46 -30.75 43.76 -83.40
N THR J 47 -29.75 42.94 -83.68
CA THR J 47 -28.32 43.36 -83.68
C THR J 47 -28.06 44.10 -85.00
N SER J 48 -26.83 44.59 -85.20
CA SER J 48 -26.42 45.29 -86.43
C SER J 48 -26.39 44.29 -87.58
N GLY J 49 -27.04 44.64 -88.70
CA GLY J 49 -27.11 43.82 -89.92
C GLY J 49 -28.38 43.00 -90.01
N THR J 50 -29.26 43.06 -89.00
CA THR J 50 -30.46 42.18 -88.89
C THR J 50 -31.56 42.59 -89.88
N GLY J 51 -31.58 43.84 -90.32
CA GLY J 51 -32.59 44.35 -91.29
C GLY J 51 -33.70 45.14 -90.60
N LYS J 52 -33.39 45.83 -89.50
CA LYS J 52 -34.35 46.72 -88.79
C LYS J 52 -34.73 47.89 -89.70
N THR J 53 -33.73 48.63 -90.22
CA THR J 53 -33.96 49.82 -91.06
C THR J 53 -34.74 49.38 -92.30
N LEU J 54 -34.22 48.38 -93.03
CA LEU J 54 -34.87 47.84 -94.25
C LEU J 54 -36.30 47.39 -93.91
N PHE J 55 -36.56 46.90 -92.69
CA PHE J 55 -37.93 46.58 -92.25
C PHE J 55 -38.74 47.87 -92.22
N SER J 56 -38.21 48.91 -91.58
CA SER J 56 -38.91 50.19 -91.32
C SER J 56 -39.12 50.97 -92.62
N ILE J 57 -38.22 50.85 -93.60
CA ILE J 57 -38.40 51.50 -94.94
C ILE J 57 -39.53 50.79 -95.66
N GLN J 58 -39.40 49.47 -95.83
CA GLN J 58 -40.39 48.60 -96.54
C GLN J 58 -41.80 48.87 -96.02
N PHE J 59 -41.93 49.04 -94.70
CA PHE J 59 -43.22 49.31 -94.01
C PHE J 59 -43.87 50.57 -94.59
N LEU J 60 -43.12 51.67 -94.71
CA LEU J 60 -43.64 52.96 -95.25
C LEU J 60 -43.84 52.84 -96.77
N TYR J 61 -42.81 52.41 -97.50
CA TYR J 61 -42.81 52.29 -98.98
C TYR J 61 -44.06 51.53 -99.43
N ASN J 62 -44.19 50.26 -99.02
CA ASN J 62 -45.32 49.37 -99.37
C ASN J 62 -46.65 50.03 -99.00
N GLY J 63 -46.68 50.79 -97.91
CA GLY J 63 -47.86 51.55 -97.45
C GLY J 63 -48.33 52.55 -98.50
N ILE J 64 -47.40 53.34 -99.04
CA ILE J 64 -47.69 54.40 -100.04
C ILE J 64 -48.04 53.74 -101.38
N ILE J 65 -47.18 52.85 -101.88
CA ILE J 65 -47.31 52.25 -103.25
C ILE J 65 -48.62 51.48 -103.33
N GLU J 66 -48.86 50.56 -102.39
CA GLU J 66 -49.98 49.59 -102.47
C GLU J 66 -51.28 50.19 -101.88
N PHE J 67 -51.21 51.18 -100.97
CA PHE J 67 -52.41 51.67 -100.23
C PHE J 67 -52.53 53.20 -100.18
N ASP J 68 -51.68 53.95 -100.89
CA ASP J 68 -51.81 55.43 -100.95
C ASP J 68 -51.87 55.99 -99.52
N GLU J 69 -51.20 55.30 -98.58
CA GLU J 69 -51.07 55.72 -97.16
C GLU J 69 -49.75 56.47 -97.02
N PRO J 70 -49.76 57.80 -96.73
CA PRO J 70 -48.51 58.54 -96.59
C PRO J 70 -47.74 58.07 -95.34
N GLY J 71 -46.46 58.43 -95.24
CA GLY J 71 -45.59 57.96 -94.16
C GLY J 71 -44.46 58.92 -93.85
N VAL J 72 -44.24 59.17 -92.55
CA VAL J 72 -43.10 59.98 -92.02
C VAL J 72 -42.02 59.01 -91.57
N PHE J 73 -40.85 59.04 -92.21
CA PHE J 73 -39.66 58.29 -91.76
C PHE J 73 -38.78 59.22 -90.93
N VAL J 74 -38.64 58.94 -89.63
CA VAL J 74 -37.74 59.68 -88.71
C VAL J 74 -36.37 58.98 -88.75
N THR J 75 -35.29 59.71 -88.45
CA THR J 75 -33.90 59.17 -88.40
C THR J 75 -33.04 60.02 -87.47
N PHE J 76 -32.05 59.39 -86.82
CA PHE J 76 -31.21 60.01 -85.76
C PHE J 76 -29.71 59.86 -86.08
N GLU J 77 -29.36 59.42 -87.29
CA GLU J 77 -27.94 59.17 -87.67
C GLU J 77 -27.82 59.15 -89.20
N GLU J 78 -28.54 58.23 -89.85
CA GLU J 78 -28.56 58.09 -91.33
C GLU J 78 -29.16 59.37 -91.93
N THR J 79 -28.42 60.01 -92.85
CA THR J 79 -28.85 61.23 -93.58
C THR J 79 -29.85 60.82 -94.66
N PRO J 80 -30.93 61.63 -94.86
CA PRO J 80 -31.90 61.39 -95.94
C PRO J 80 -31.26 61.08 -97.31
N GLN J 81 -30.13 61.72 -97.61
CA GLN J 81 -29.33 61.48 -98.85
C GLN J 81 -28.93 60.00 -98.91
N ASP J 82 -28.37 59.46 -97.82
CA ASP J 82 -27.92 58.06 -97.72
C ASP J 82 -29.12 57.12 -97.62
N ILE J 83 -30.10 57.47 -96.78
CA ILE J 83 -31.38 56.71 -96.62
C ILE J 83 -31.99 56.44 -98.01
N ILE J 84 -31.98 57.43 -98.92
CA ILE J 84 -32.59 57.29 -100.27
C ILE J 84 -31.67 56.47 -101.20
N LYS J 85 -30.36 56.67 -101.12
CA LYS J 85 -29.38 56.00 -102.01
C LYS J 85 -29.41 54.50 -101.72
N ASN J 86 -29.39 54.15 -100.43
CA ASN J 86 -29.44 52.75 -99.94
C ASN J 86 -30.74 52.09 -100.39
N ALA J 87 -31.85 52.85 -100.40
CA ALA J 87 -33.18 52.38 -100.88
C ALA J 87 -33.11 52.04 -102.38
N ARG J 88 -32.35 52.82 -103.15
CA ARG J 88 -32.15 52.64 -104.62
C ARG J 88 -31.67 51.21 -104.91
N SER J 89 -30.85 50.65 -104.01
CA SER J 89 -30.32 49.25 -104.08
C SER J 89 -31.42 48.24 -104.43
N PHE J 90 -32.61 48.38 -103.84
CA PHE J 90 -33.73 47.40 -103.95
C PHE J 90 -34.65 47.76 -105.13
N GLY J 91 -34.29 48.77 -105.92
CA GLY J 91 -35.09 49.27 -107.05
C GLY J 91 -36.24 50.15 -106.58
N TRP J 92 -36.11 50.81 -105.42
CA TRP J 92 -37.12 51.76 -104.87
C TRP J 92 -36.61 53.19 -104.97
N ASP J 93 -37.36 54.05 -105.65
CA ASP J 93 -37.11 55.51 -105.69
C ASP J 93 -37.94 56.17 -104.60
N LEU J 94 -37.34 56.38 -103.42
CA LEU J 94 -37.95 57.13 -102.29
C LEU J 94 -37.99 58.62 -102.65
N ALA J 95 -37.03 59.09 -103.47
CA ALA J 95 -36.88 60.50 -103.87
C ALA J 95 -38.18 61.01 -104.48
N LYS J 96 -38.78 60.25 -105.40
CA LYS J 96 -40.06 60.60 -106.08
C LYS J 96 -41.14 60.84 -105.03
N LEU J 97 -41.34 59.88 -104.11
CA LEU J 97 -42.45 59.91 -103.12
C LEU J 97 -42.27 61.10 -102.16
N VAL J 98 -41.02 61.54 -101.92
CA VAL J 98 -40.71 62.74 -101.07
C VAL J 98 -41.27 63.97 -101.80
N ASP J 99 -40.89 64.12 -103.06
CA ASP J 99 -41.31 65.24 -103.96
C ASP J 99 -42.82 65.20 -104.15
N GLU J 100 -43.41 64.02 -104.33
CA GLU J 100 -44.86 63.82 -104.58
C GLU J 100 -45.68 64.06 -103.30
N GLY J 101 -45.02 64.23 -102.14
CA GLY J 101 -45.65 64.60 -100.87
C GLY J 101 -46.27 63.39 -100.16
N LYS J 102 -45.81 62.18 -100.48
CA LYS J 102 -46.34 60.90 -99.94
C LYS J 102 -45.49 60.46 -98.73
N LEU J 103 -44.18 60.28 -98.94
CA LEU J 103 -43.19 59.92 -97.88
C LEU J 103 -42.42 61.18 -97.48
N PHE J 104 -42.21 61.40 -96.19
CA PHE J 104 -41.45 62.56 -95.64
C PHE J 104 -40.38 62.06 -94.66
N ILE J 105 -39.11 62.28 -94.99
CA ILE J 105 -37.94 61.91 -94.13
C ILE J 105 -37.67 63.06 -93.15
N LEU J 106 -38.14 62.91 -91.90
CA LEU J 106 -37.85 63.86 -90.78
C LEU J 106 -36.45 63.55 -90.23
N ASP J 107 -35.44 64.25 -90.75
CA ASP J 107 -34.02 64.14 -90.30
C ASP J 107 -33.91 64.75 -88.90
N ALA J 108 -33.75 63.92 -87.87
CA ALA J 108 -33.51 64.32 -86.47
C ALA J 108 -32.08 63.94 -86.06
N SER J 109 -31.17 63.85 -87.03
CA SER J 109 -29.72 63.60 -86.79
C SER J 109 -29.08 64.88 -86.22
N PRO J 110 -28.09 64.76 -85.32
CA PRO J 110 -27.35 65.93 -84.84
C PRO J 110 -26.40 66.48 -85.92
N ASP J 111 -26.25 67.81 -85.98
CA ASP J 111 -25.26 68.49 -86.85
C ASP J 111 -23.88 68.30 -86.23
N PRO J 112 -22.87 67.81 -86.98
CA PRO J 112 -21.49 67.75 -86.48
C PRO J 112 -20.93 69.09 -85.97
N GLU J 113 -21.46 69.57 -84.84
CA GLU J 113 -21.11 70.87 -84.21
C GLU J 113 -22.11 71.17 -83.08
N ASP J 122 -35.18 66.90 -74.96
CA ASP J 122 -35.29 67.21 -76.42
C ASP J 122 -36.41 66.40 -77.08
N LEU J 123 -36.85 65.29 -76.48
CA LEU J 123 -37.94 64.42 -76.99
C LEU J 123 -39.24 65.24 -77.13
N SER J 124 -39.46 66.21 -76.24
CA SER J 124 -40.64 67.11 -76.27
C SER J 124 -40.64 67.96 -77.54
N ALA J 125 -39.46 68.36 -78.05
CA ALA J 125 -39.30 69.05 -79.34
C ALA J 125 -39.71 68.12 -80.47
N LEU J 126 -39.22 66.88 -80.43
CA LEU J 126 -39.44 65.83 -81.46
C LEU J 126 -40.91 65.42 -81.52
N ILE J 127 -41.59 65.25 -80.39
CA ILE J 127 -43.05 64.89 -80.34
C ILE J 127 -43.81 65.91 -81.18
N GLU J 128 -43.56 67.20 -80.91
CA GLU J 128 -44.17 68.34 -81.64
C GLU J 128 -43.77 68.26 -83.11
N ARG J 129 -42.48 68.05 -83.36
CA ARG J 129 -41.89 68.00 -84.72
C ARG J 129 -42.57 66.91 -85.55
N ILE J 130 -42.76 65.72 -84.99
CA ILE J 130 -43.41 64.56 -85.67
C ILE J 130 -44.91 64.85 -85.83
N ASN J 131 -45.56 65.40 -84.79
CA ASN J 131 -47.00 65.76 -84.85
C ASN J 131 -47.21 66.82 -85.95
N TYR J 132 -46.29 67.79 -86.06
CA TYR J 132 -46.22 68.74 -87.20
C TYR J 132 -46.10 67.93 -88.49
N ALA J 133 -45.05 67.11 -88.59
CA ALA J 133 -44.69 66.32 -89.79
C ALA J 133 -45.79 65.31 -90.13
N ILE J 134 -46.53 64.83 -89.13
CA ILE J 134 -47.61 63.82 -89.32
C ILE J 134 -48.82 64.50 -89.98
N GLN J 135 -49.39 65.51 -89.31
CA GLN J 135 -50.67 66.15 -89.74
C GLN J 135 -50.45 67.00 -91.00
N LYS J 136 -49.24 67.51 -91.24
CA LYS J 136 -48.91 68.29 -92.47
C LYS J 136 -49.16 67.42 -93.71
N TYR J 137 -48.78 66.13 -93.66
CA TYR J 137 -48.85 65.19 -94.80
C TYR J 137 -50.03 64.21 -94.65
N ARG J 138 -50.78 64.29 -93.55
CA ARG J 138 -52.00 63.47 -93.30
C ARG J 138 -51.64 61.98 -93.44
N ALA J 139 -50.54 61.58 -92.79
CA ALA J 139 -49.90 60.25 -92.94
C ALA J 139 -50.52 59.25 -91.95
N ARG J 140 -50.54 57.97 -92.31
CA ARG J 140 -51.08 56.90 -91.43
C ARG J 140 -49.96 56.05 -90.83
N ARG J 141 -48.76 56.06 -91.41
CA ARG J 141 -47.61 55.22 -90.96
C ARG J 141 -46.46 56.10 -90.50
N VAL J 142 -45.70 55.63 -89.50
CA VAL J 142 -44.45 56.29 -89.01
C VAL J 142 -43.41 55.20 -88.74
N SER J 143 -42.14 55.52 -89.02
CA SER J 143 -40.97 54.61 -88.86
C SER J 143 -39.84 55.36 -88.16
N ILE J 144 -39.77 55.24 -86.82
CA ILE J 144 -38.74 55.88 -85.96
C ILE J 144 -37.55 54.92 -85.84
N ASP J 145 -36.36 55.36 -86.23
CA ASP J 145 -35.16 54.49 -86.40
C ASP J 145 -33.89 55.32 -86.19
N SER J 146 -33.22 55.21 -85.02
CA SER J 146 -33.49 54.26 -83.95
C SER J 146 -33.75 55.02 -82.63
N VAL J 147 -34.91 54.79 -82.02
CA VAL J 147 -35.32 55.42 -80.72
C VAL J 147 -34.17 55.27 -79.70
N THR J 148 -33.46 54.14 -79.72
CA THR J 148 -32.32 53.82 -78.81
C THR J 148 -31.31 54.97 -78.80
N SER J 149 -30.75 55.33 -79.97
CA SER J 149 -29.64 56.30 -80.14
C SER J 149 -29.94 57.57 -79.32
N VAL J 150 -31.21 57.98 -79.28
CA VAL J 150 -31.72 59.12 -78.45
C VAL J 150 -31.19 58.99 -77.02
N PHE J 151 -31.39 57.83 -76.39
CA PHE J 151 -30.99 57.56 -74.98
C PHE J 151 -29.53 57.11 -74.91
N TYR J 154 -27.43 59.91 -72.49
CA TYR J 154 -27.17 59.48 -71.08
C TYR J 154 -28.50 59.22 -70.36
N ASP J 155 -28.69 58.00 -69.86
CA ASP J 155 -29.91 57.56 -69.13
C ASP J 155 -29.79 56.11 -68.65
N ALA J 156 -30.50 55.81 -67.56
CA ALA J 156 -30.75 54.51 -66.88
C ALA J 156 -32.09 53.94 -67.36
N SER J 157 -32.36 52.65 -67.07
CA SER J 157 -33.57 51.90 -67.50
C SER J 157 -34.85 52.65 -67.11
N SER J 158 -34.94 53.14 -65.88
CA SER J 158 -36.09 53.92 -65.35
C SER J 158 -36.31 55.17 -66.20
N VAL J 159 -35.22 55.83 -66.60
CA VAL J 159 -35.26 57.08 -67.43
C VAL J 159 -35.72 56.69 -68.85
N VAL J 160 -35.09 55.68 -69.44
CA VAL J 160 -35.39 55.18 -70.82
C VAL J 160 -36.87 54.81 -70.92
N ARG J 161 -37.46 54.30 -69.83
CA ARG J 161 -38.89 53.89 -69.77
C ARG J 161 -39.79 55.13 -69.80
N ARG J 162 -39.61 56.02 -68.82
CA ARG J 162 -40.41 57.27 -68.66
C ARG J 162 -40.57 57.94 -70.02
N GLU J 163 -39.47 58.15 -70.74
CA GLU J 163 -39.44 58.90 -72.04
C GLU J 163 -40.03 58.03 -73.15
N LEU J 164 -39.60 56.78 -73.28
CA LEU J 164 -40.06 55.83 -74.33
C LEU J 164 -41.57 55.63 -74.21
N PHE J 165 -42.10 55.50 -72.99
CA PHE J 165 -43.56 55.44 -72.71
C PHE J 165 -44.23 56.69 -73.30
N ARG J 166 -43.70 57.87 -72.96
CA ARG J 166 -44.21 59.19 -73.40
C ARG J 166 -44.33 59.21 -74.93
N LEU J 167 -43.22 58.94 -75.64
CA LEU J 167 -43.19 58.89 -77.13
C LEU J 167 -44.29 57.94 -77.63
N VAL J 168 -44.27 56.70 -77.13
CA VAL J 168 -45.23 55.61 -77.52
C VAL J 168 -46.66 56.10 -77.28
N ALA J 169 -46.93 56.62 -76.08
CA ALA J 169 -48.26 57.15 -75.66
C ALA J 169 -48.65 58.30 -76.58
N ARG J 170 -47.74 59.26 -76.79
CA ARG J 170 -47.94 60.46 -77.65
C ARG J 170 -48.46 60.02 -79.02
N LEU J 171 -47.77 59.09 -79.68
CA LEU J 171 -48.10 58.56 -81.03
C LEU J 171 -49.49 57.93 -81.01
N LYS J 172 -49.82 57.22 -79.94
CA LYS J 172 -51.10 56.47 -79.79
C LYS J 172 -52.27 57.47 -79.84
N GLN J 173 -52.08 58.67 -79.28
CA GLN J 173 -53.07 59.77 -79.26
C GLN J 173 -53.29 60.29 -80.69
N ILE J 174 -52.21 60.43 -81.48
CA ILE J 174 -52.26 60.98 -82.88
C ILE J 174 -53.10 60.04 -83.74
N GLY J 175 -52.89 58.72 -83.63
CA GLY J 175 -53.70 57.67 -84.27
C GLY J 175 -52.96 56.90 -85.35
N ALA J 176 -51.65 57.13 -85.52
CA ALA J 176 -50.81 56.49 -86.55
C ALA J 176 -50.21 55.20 -85.97
N THR J 177 -50.26 54.10 -86.74
CA THR J 177 -49.57 52.83 -86.41
C THR J 177 -48.09 52.99 -86.78
N THR J 178 -47.19 52.57 -85.89
CA THR J 178 -45.76 52.95 -85.90
C THR J 178 -44.85 51.73 -85.83
N VAL J 179 -43.67 51.87 -86.42
CA VAL J 179 -42.51 50.93 -86.29
C VAL J 179 -41.40 51.69 -85.54
N MET J 180 -40.89 51.10 -84.45
CA MET J 180 -39.78 51.67 -83.67
C MET J 180 -38.62 50.68 -83.63
N THR J 181 -37.61 50.93 -84.46
CA THR J 181 -36.32 50.20 -84.50
C THR J 181 -35.59 50.39 -83.17
N THR J 182 -35.09 49.29 -82.59
CA THR J 182 -34.27 49.28 -81.33
C THR J 182 -32.92 48.63 -81.63
N GLU J 183 -32.04 48.58 -80.64
CA GLU J 183 -30.69 47.97 -80.77
C GLU J 183 -30.50 46.93 -79.65
N ARG J 184 -29.61 45.97 -79.89
CA ARG J 184 -29.18 44.94 -78.91
C ARG J 184 -27.76 44.49 -79.23
N ILE J 185 -27.03 44.03 -78.22
CA ILE J 185 -25.59 43.64 -78.33
C ILE J 185 -25.45 42.10 -78.38
N GLU J 186 -26.45 41.34 -77.94
CA GLU J 186 -26.40 39.84 -77.86
C GLU J 186 -27.60 39.22 -78.59
N GLU J 187 -27.37 38.07 -79.22
CA GLU J 187 -28.33 37.40 -80.15
C GLU J 187 -29.45 36.73 -79.35
N TYR J 188 -29.16 36.21 -78.15
CA TYR J 188 -30.17 35.61 -77.23
C TYR J 188 -30.06 36.27 -75.85
N GLY J 189 -29.63 37.53 -75.82
CA GLY J 189 -29.59 38.35 -74.59
C GLY J 189 -30.95 38.96 -74.28
N PRO J 190 -31.02 40.19 -73.73
CA PRO J 190 -32.30 40.86 -73.55
C PRO J 190 -32.87 41.22 -74.92
N ILE J 191 -34.19 41.35 -75.00
CA ILE J 191 -34.91 41.73 -76.25
C ILE J 191 -34.34 43.06 -76.72
N ALA J 192 -34.42 44.07 -75.86
CA ALA J 192 -33.98 45.46 -76.13
C ALA J 192 -32.60 45.69 -75.48
N ARG J 193 -32.21 46.95 -75.28
CA ARG J 193 -30.87 47.30 -74.76
C ARG J 193 -30.94 47.45 -73.24
N TYR J 194 -31.92 48.21 -72.74
CA TYR J 194 -32.06 48.54 -71.29
C TYR J 194 -33.03 47.57 -70.62
N GLY J 195 -33.62 46.65 -71.38
CA GLY J 195 -34.51 45.61 -70.85
C GLY J 195 -35.76 46.20 -70.22
N VAL J 196 -36.30 47.26 -70.81
CA VAL J 196 -37.61 47.86 -70.39
C VAL J 196 -38.48 48.20 -71.60
N GLU J 197 -37.93 48.15 -72.82
CA GLU J 197 -38.59 48.62 -74.05
C GLU J 197 -39.64 47.60 -74.49
N GLU J 198 -39.49 46.35 -74.02
CA GLU J 198 -40.33 45.19 -74.41
C GLU J 198 -41.72 45.33 -73.78
N PHE J 199 -41.78 45.92 -72.58
CA PHE J 199 -42.99 45.97 -71.71
C PHE J 199 -43.78 47.26 -71.94
N VAL J 200 -43.15 48.29 -72.52
CA VAL J 200 -43.79 49.61 -72.78
C VAL J 200 -44.56 49.55 -74.10
N SER J 201 -43.96 49.01 -75.16
CA SER J 201 -44.61 48.82 -76.49
C SER J 201 -45.67 47.72 -76.37
N ASP J 202 -46.68 47.77 -77.23
CA ASP J 202 -47.82 46.80 -77.28
C ASP J 202 -47.42 45.59 -78.15
N ASN J 203 -46.50 45.80 -79.10
CA ASN J 203 -46.07 44.78 -80.09
C ASN J 203 -44.55 44.73 -80.14
N VAL J 204 -43.99 43.53 -80.10
CA VAL J 204 -42.51 43.30 -80.09
C VAL J 204 -42.17 42.31 -81.20
N VAL J 205 -41.40 42.77 -82.18
CA VAL J 205 -40.79 41.91 -83.23
C VAL J 205 -39.29 41.86 -82.96
N ILE J 206 -38.71 40.67 -82.97
CA ILE J 206 -37.26 40.45 -82.80
C ILE J 206 -36.69 39.92 -84.11
N LEU J 207 -35.69 40.61 -84.65
CA LEU J 207 -34.88 40.14 -85.80
C LEU J 207 -33.58 39.55 -85.25
N ARG J 208 -33.20 38.37 -85.73
CA ARG J 208 -31.94 37.70 -85.35
C ARG J 208 -31.14 37.39 -86.60
N ASN J 209 -29.83 37.26 -86.40
CA ASN J 209 -28.82 36.92 -87.45
C ASN J 209 -27.83 35.95 -86.80
N VAL J 210 -28.31 34.75 -86.52
CA VAL J 210 -27.63 33.72 -85.66
C VAL J 210 -26.46 33.13 -86.44
N LEU J 211 -25.35 32.91 -85.74
CA LEU J 211 -24.11 32.33 -86.31
C LEU J 211 -24.07 30.82 -86.03
N GLU J 212 -24.75 30.03 -86.87
CA GLU J 212 -24.70 28.54 -86.79
C GLU J 212 -23.45 28.06 -87.52
N GLY J 213 -22.42 27.70 -86.77
CA GLY J 213 -21.10 27.32 -87.29
C GLY J 213 -20.35 28.55 -87.79
N GLU J 214 -20.10 28.63 -89.09
CA GLU J 214 -19.51 29.82 -89.75
C GLU J 214 -20.51 30.45 -90.72
N ARG J 215 -21.76 29.97 -90.72
CA ARG J 215 -22.86 30.50 -91.57
C ARG J 215 -23.82 31.32 -90.69
N ARG J 216 -24.55 32.25 -91.32
CA ARG J 216 -25.54 33.14 -90.66
C ARG J 216 -26.95 32.64 -90.98
N ARG J 217 -27.92 32.95 -90.12
CA ARG J 217 -29.33 32.51 -90.28
C ARG J 217 -30.23 33.58 -89.68
N ARG J 218 -30.89 34.36 -90.53
CA ARG J 218 -31.82 35.44 -90.10
C ARG J 218 -33.15 34.78 -89.76
N THR J 219 -33.71 35.08 -88.60
CA THR J 219 -35.08 34.67 -88.21
C THR J 219 -35.84 35.91 -87.73
N LEU J 220 -37.12 35.96 -88.06
CA LEU J 220 -38.10 36.93 -87.52
C LEU J 220 -38.97 36.20 -86.53
N GLU J 221 -39.24 36.82 -85.38
CA GLU J 221 -40.21 36.31 -84.38
C GLU J 221 -41.10 37.48 -83.95
N ILE J 222 -42.40 37.24 -83.89
CA ILE J 222 -43.37 38.11 -83.18
C ILE J 222 -43.48 37.60 -81.74
N LEU J 223 -43.03 38.40 -80.79
CA LEU J 223 -42.92 38.00 -79.36
C LEU J 223 -44.28 38.20 -78.69
N LYS J 224 -44.92 39.34 -78.94
CA LYS J 224 -46.31 39.61 -78.50
C LYS J 224 -46.98 40.63 -79.42
N LEU J 225 -48.30 40.50 -79.59
CA LEU J 225 -49.22 41.57 -80.05
C LEU J 225 -50.35 41.65 -79.01
N ARG J 226 -50.30 42.60 -78.09
CA ARG J 226 -51.41 42.83 -77.12
C ARG J 226 -52.74 42.83 -77.88
N GLY J 227 -53.71 42.05 -77.38
CA GLY J 227 -55.09 42.04 -77.88
C GLY J 227 -55.24 41.37 -79.23
N THR J 228 -54.26 40.57 -79.68
CA THR J 228 -54.38 39.79 -80.94
C THR J 228 -53.59 38.48 -80.91
N SER J 229 -53.91 37.61 -81.86
CA SER J 229 -53.20 36.35 -82.16
C SER J 229 -52.09 36.64 -83.18
N HIS J 230 -51.13 35.73 -83.26
CA HIS J 230 -49.97 35.77 -84.19
C HIS J 230 -49.32 34.39 -84.18
N MET J 231 -48.45 34.13 -85.16
CA MET J 231 -47.63 32.89 -85.21
C MET J 231 -46.47 33.05 -84.22
N LYS J 232 -46.35 32.11 -83.29
CA LYS J 232 -45.32 32.15 -82.21
C LYS J 232 -44.00 31.59 -82.76
N GLY J 233 -42.90 32.01 -82.16
CA GLY J 233 -41.55 31.49 -82.45
C GLY J 233 -40.91 32.19 -83.63
N GLU J 234 -39.74 31.69 -84.02
CA GLU J 234 -38.87 32.28 -85.07
C GLU J 234 -39.27 31.73 -86.44
N TYR J 235 -38.97 32.46 -87.50
CA TYR J 235 -39.23 32.06 -88.91
C TYR J 235 -38.06 32.55 -89.77
N PRO J 236 -37.39 31.67 -90.54
CA PRO J 236 -36.21 32.08 -91.27
C PRO J 236 -36.67 33.01 -92.39
N PHE J 237 -35.93 34.09 -92.63
CA PHE J 237 -36.15 35.00 -93.79
C PHE J 237 -34.81 35.31 -94.43
N THR J 238 -34.84 35.99 -95.57
CA THR J 238 -33.65 36.50 -96.28
C THR J 238 -33.92 37.93 -96.75
N ILE J 239 -32.87 38.74 -96.75
CA ILE J 239 -32.82 40.05 -97.45
C ILE J 239 -32.17 39.84 -98.81
N THR J 240 -32.85 40.30 -99.86
CA THR J 240 -32.42 40.19 -101.27
C THR J 240 -32.68 41.54 -101.96
N ASP J 241 -32.63 41.54 -103.29
CA ASP J 241 -32.93 42.72 -104.14
C ASP J 241 -34.42 43.07 -104.07
N HIS J 242 -35.26 42.16 -103.56
CA HIS J 242 -36.72 42.36 -103.41
C HIS J 242 -37.10 42.60 -101.94
N GLY J 243 -36.14 43.03 -101.11
CA GLY J 243 -36.36 43.39 -99.70
C GLY J 243 -36.39 42.17 -98.80
N ILE J 244 -37.13 42.26 -97.69
CA ILE J 244 -37.29 41.14 -96.71
C ILE J 244 -38.27 40.12 -97.29
N ASN J 245 -37.83 38.86 -97.30
CA ASN J 245 -38.55 37.70 -97.87
C ASN J 245 -38.70 36.64 -96.77
N ILE J 246 -39.83 36.62 -96.09
CA ILE J 246 -40.12 35.65 -95.00
C ILE J 246 -40.88 34.47 -95.61
N PHE J 247 -40.45 33.24 -95.30
CA PHE J 247 -41.17 32.00 -95.65
C PHE J 247 -41.66 31.35 -94.36
N PRO J 248 -43.00 31.30 -94.15
CA PRO J 248 -43.58 30.57 -93.02
C PRO J 248 -43.72 29.08 -93.37
N LEU J 249 -42.63 28.31 -93.14
CA LEU J 249 -42.54 26.86 -93.44
C LEU J 249 -43.57 26.08 -92.62
N GLY J 250 -44.01 26.64 -91.48
CA GLY J 250 -45.03 26.04 -90.61
C GLY J 250 -46.46 26.37 -91.03
N ALA J 251 -46.66 27.29 -91.98
CA ALA J 251 -48.00 27.74 -92.44
C ALA J 251 -48.46 26.94 -93.66
N MET J 252 -47.58 26.16 -94.28
CA MET J 252 -47.88 25.35 -95.49
C MET J 252 -48.75 24.15 -95.08
N GLN J 256 -51.95 22.19 -101.79
CA GLN J 256 -51.33 21.26 -102.78
C GLN J 256 -52.36 20.22 -103.23
N ARG J 257 -52.56 20.15 -104.55
CA ARG J 257 -53.47 19.20 -105.24
C ARG J 257 -52.72 17.90 -105.50
N SER J 258 -53.43 16.88 -105.99
CA SER J 258 -52.91 15.53 -106.29
C SER J 258 -53.71 14.93 -107.45
N SER J 259 -53.06 14.19 -108.35
CA SER J 259 -53.70 13.57 -109.53
C SER J 259 -52.98 12.27 -109.90
N ASN J 260 -53.58 11.50 -110.82
CA ASN J 260 -53.14 10.15 -111.23
C ASN J 260 -52.36 10.23 -112.56
N VAL J 261 -52.00 11.42 -113.01
CA VAL J 261 -51.27 11.61 -114.29
C VAL J 261 -49.85 11.07 -114.10
N ARG J 262 -49.43 10.16 -114.97
CA ARG J 262 -48.08 9.54 -114.93
C ARG J 262 -47.10 10.39 -115.73
N VAL J 263 -45.81 10.08 -115.58
CA VAL J 263 -44.66 10.76 -116.23
C VAL J 263 -43.52 9.74 -116.29
N SER J 264 -42.74 9.73 -117.36
CA SER J 264 -41.60 8.80 -117.54
C SER J 264 -40.43 9.25 -116.65
N SER J 265 -39.81 8.28 -115.97
CA SER J 265 -38.54 8.41 -115.23
C SER J 265 -37.39 8.72 -116.19
N GLY J 266 -37.56 8.41 -117.48
CA GLY J 266 -36.48 8.46 -118.48
C GLY J 266 -35.90 7.07 -118.74
N VAL J 267 -36.22 6.10 -117.88
CA VAL J 267 -35.85 4.68 -118.05
C VAL J 267 -37.12 3.85 -118.26
N VAL J 268 -37.28 3.29 -119.46
CA VAL J 268 -38.47 2.50 -119.91
C VAL J 268 -38.78 1.42 -118.87
N ARG J 269 -37.76 0.64 -118.48
CA ARG J 269 -37.93 -0.54 -117.59
C ARG J 269 -38.34 -0.07 -116.17
N LEU J 270 -37.87 1.09 -115.72
CA LEU J 270 -38.23 1.63 -114.38
C LEU J 270 -39.72 2.01 -114.36
N ASP J 271 -40.24 2.50 -115.50
CA ASP J 271 -41.66 2.93 -115.62
C ASP J 271 -42.56 1.71 -115.50
N GLU J 272 -42.17 0.57 -116.10
CA GLU J 272 -42.85 -0.72 -115.87
C GLU J 272 -42.84 -0.99 -114.36
N MET J 273 -41.66 -0.92 -113.74
CA MET J 273 -41.41 -1.25 -112.32
C MET J 273 -42.25 -0.35 -111.39
N CYS J 274 -42.58 0.87 -111.82
CA CYS J 274 -43.43 1.83 -111.06
C CYS J 274 -44.90 1.72 -111.48
N GLY J 275 -45.25 0.70 -112.28
CA GLY J 275 -46.62 0.49 -112.78
C GLY J 275 -47.04 1.61 -113.71
N GLY J 276 -46.17 1.94 -114.68
CA GLY J 276 -46.45 2.91 -115.76
C GLY J 276 -45.85 4.29 -115.47
N GLY J 277 -44.72 4.35 -114.78
CA GLY J 277 -43.94 5.59 -114.57
C GLY J 277 -44.32 6.32 -113.30
N PHE J 278 -43.61 7.40 -112.99
CA PHE J 278 -43.80 8.25 -111.78
C PHE J 278 -45.07 9.08 -111.94
N PHE J 279 -45.67 9.49 -110.83
CA PHE J 279 -46.79 10.48 -110.82
C PHE J 279 -46.22 11.88 -111.10
N LYS J 280 -47.07 12.79 -111.58
CA LYS J 280 -46.71 14.21 -111.82
C LYS J 280 -46.57 14.89 -110.46
N ASP J 281 -47.64 14.88 -109.65
CA ASP J 281 -47.71 15.51 -108.31
C ASP J 281 -47.12 14.51 -107.30
N SER J 282 -45.81 14.30 -107.35
CA SER J 282 -45.11 13.32 -106.48
C SER J 282 -43.66 13.71 -106.25
N ILE J 283 -43.10 13.17 -105.17
CA ILE J 283 -41.67 13.35 -104.77
C ILE J 283 -41.01 11.99 -104.83
N ILE J 284 -39.94 11.90 -105.61
CA ILE J 284 -39.16 10.67 -105.85
C ILE J 284 -37.84 10.80 -105.08
N LEU J 285 -37.47 9.78 -104.33
CA LEU J 285 -36.17 9.69 -103.63
C LEU J 285 -35.39 8.52 -104.20
N ALA J 286 -34.24 8.80 -104.83
CA ALA J 286 -33.28 7.79 -105.30
C ALA J 286 -32.11 7.73 -104.30
N THR J 287 -32.08 6.68 -103.48
CA THR J 287 -31.08 6.48 -102.41
C THR J 287 -30.08 5.39 -102.78
N GLY J 288 -28.93 5.37 -102.13
CA GLY J 288 -27.97 4.27 -102.22
C GLY J 288 -26.53 4.76 -102.17
N ALA J 289 -25.60 3.82 -102.04
CA ALA J 289 -24.16 4.05 -101.85
C ALA J 289 -23.59 4.91 -102.98
N THR J 290 -22.40 5.48 -102.75
CA THR J 290 -21.64 6.31 -103.72
C THR J 290 -21.30 5.46 -104.96
N GLY J 291 -21.56 5.98 -106.15
CA GLY J 291 -21.28 5.32 -107.44
C GLY J 291 -22.34 4.30 -107.84
N THR J 292 -23.46 4.18 -107.12
CA THR J 292 -24.52 3.18 -107.41
C THR J 292 -25.23 3.56 -108.71
N GLY J 293 -25.60 4.83 -108.87
CA GLY J 293 -26.05 5.37 -110.18
C GLY J 293 -27.14 6.43 -110.08
N LYS J 294 -27.20 7.24 -109.02
CA LYS J 294 -28.30 8.22 -108.82
C LYS J 294 -28.20 9.35 -109.87
N THR J 295 -26.98 9.83 -110.16
CA THR J 295 -26.74 10.98 -111.08
C THR J 295 -27.15 10.60 -112.50
N LEU J 296 -26.95 9.34 -112.88
CA LEU J 296 -27.48 8.78 -114.15
C LEU J 296 -29.01 8.86 -114.13
N LEU J 297 -29.65 8.41 -113.05
CA LEU J 297 -31.14 8.46 -112.90
C LEU J 297 -31.59 9.92 -112.93
N VAL J 298 -30.78 10.82 -112.38
CA VAL J 298 -31.06 12.29 -112.41
C VAL J 298 -30.95 12.78 -113.86
N SER J 299 -29.80 12.54 -114.50
CA SER J 299 -29.51 12.96 -115.89
C SER J 299 -30.68 12.53 -116.79
N ARG J 300 -31.05 11.25 -116.71
CA ARG J 300 -32.08 10.61 -117.58
C ARG J 300 -33.45 11.21 -117.31
N PHE J 301 -33.74 11.57 -116.05
CA PHE J 301 -35.01 12.19 -115.59
C PHE J 301 -35.16 13.57 -116.24
N VAL J 302 -34.09 14.35 -116.27
CA VAL J 302 -34.08 15.75 -116.79
C VAL J 302 -34.24 15.71 -118.32
N GLU J 303 -33.50 14.82 -118.99
CA GLU J 303 -33.52 14.60 -120.46
C GLU J 303 -34.96 14.36 -120.92
N ASN J 304 -35.68 13.41 -120.29
CA ASN J 304 -37.05 13.02 -120.69
C ASN J 304 -37.91 14.27 -120.85
N ALA J 305 -37.96 15.14 -119.83
CA ALA J 305 -38.65 16.45 -119.87
C ALA J 305 -38.35 17.14 -121.19
N CYS J 306 -37.05 17.31 -121.49
CA CYS J 306 -36.53 18.02 -122.70
C CYS J 306 -36.94 17.28 -123.98
N ALA J 307 -36.90 15.94 -123.98
CA ALA J 307 -37.31 15.09 -125.13
C ALA J 307 -38.79 15.31 -125.43
N ASN J 308 -39.58 15.70 -124.43
CA ASN J 308 -41.02 16.04 -124.54
C ASN J 308 -41.21 17.56 -124.69
N LYS J 309 -40.12 18.30 -124.96
CA LYS J 309 -40.12 19.77 -125.12
C LYS J 309 -40.58 20.48 -123.83
N GLU J 310 -40.49 19.82 -122.68
CA GLU J 310 -40.81 20.41 -121.35
C GLU J 310 -39.52 20.94 -120.72
N ARG J 311 -39.65 21.87 -119.76
CA ARG J 311 -38.51 22.52 -119.07
C ARG J 311 -38.19 21.78 -117.76
N ALA J 312 -36.91 21.57 -117.48
CA ALA J 312 -36.39 20.87 -116.29
C ALA J 312 -35.14 21.57 -115.76
N ILE J 313 -35.08 21.79 -114.44
CA ILE J 313 -33.89 22.37 -113.74
C ILE J 313 -33.17 21.25 -112.97
N LEU J 314 -31.85 21.15 -113.13
CA LEU J 314 -30.96 20.26 -112.36
C LEU J 314 -30.21 21.09 -111.34
N PHE J 315 -30.49 20.88 -110.04
CA PHE J 315 -29.80 21.54 -108.90
C PHE J 315 -28.68 20.62 -108.42
N ALA J 316 -27.48 20.80 -108.97
CA ALA J 316 -26.28 19.99 -108.70
C ALA J 316 -25.52 20.60 -107.52
N TYR J 317 -25.09 19.77 -106.57
CA TYR J 317 -24.35 20.21 -105.35
C TYR J 317 -23.02 19.46 -105.19
N GLU J 318 -22.86 18.30 -105.83
CA GLU J 318 -21.63 17.46 -105.72
C GLU J 318 -20.74 17.68 -106.95
N GLU J 319 -21.30 17.62 -108.16
CA GLU J 319 -20.57 17.69 -109.44
C GLU J 319 -20.64 19.11 -110.01
N SER J 320 -19.57 19.54 -110.69
CA SER J 320 -19.52 20.78 -111.51
C SER J 320 -20.36 20.61 -112.78
N ARG J 321 -20.68 21.72 -113.46
CA ARG J 321 -21.41 21.72 -114.76
C ARG J 321 -20.56 21.02 -115.81
N ALA J 322 -19.25 21.27 -115.79
CA ALA J 322 -18.26 20.73 -116.76
C ALA J 322 -18.17 19.20 -116.60
N GLN J 323 -18.25 18.70 -115.37
CA GLN J 323 -18.29 17.24 -115.10
C GLN J 323 -19.63 16.68 -115.59
N LEU J 324 -20.73 17.36 -115.24
CA LEU J 324 -22.12 16.98 -115.60
C LEU J 324 -22.27 16.80 -117.12
N LEU J 325 -21.73 17.72 -117.93
CA LEU J 325 -21.87 17.65 -119.42
C LEU J 325 -21.16 16.40 -119.92
N ARG J 326 -19.86 16.29 -119.65
CA ARG J 326 -18.98 15.19 -120.10
C ARG J 326 -19.62 13.85 -119.74
N ASN J 327 -19.87 13.63 -118.44
CA ASN J 327 -20.41 12.37 -117.87
C ASN J 327 -21.69 11.99 -118.62
N ALA J 328 -22.65 12.91 -118.68
CA ALA J 328 -23.95 12.75 -119.36
C ALA J 328 -23.72 12.34 -120.82
N TYR J 329 -22.75 12.99 -121.48
CA TYR J 329 -22.37 12.73 -122.89
C TYR J 329 -21.90 11.28 -123.03
N SER J 330 -21.10 10.79 -122.07
CA SER J 330 -20.57 9.40 -122.02
C SER J 330 -21.72 8.40 -121.74
N TRP J 331 -22.87 8.89 -121.27
CA TRP J 331 -24.12 8.09 -121.12
C TRP J 331 -25.07 8.35 -122.29
N GLY J 332 -24.57 8.86 -123.42
CA GLY J 332 -25.38 9.09 -124.63
C GLY J 332 -25.89 10.51 -124.70
N MET J 333 -26.72 10.92 -123.74
CA MET J 333 -27.47 12.21 -123.73
C MET J 333 -26.53 13.42 -123.74
N ASP J 334 -26.89 14.45 -124.52
CA ASP J 334 -26.13 15.70 -124.76
C ASP J 334 -26.82 16.87 -124.04
N PHE J 335 -26.25 17.34 -122.92
CA PHE J 335 -26.83 18.46 -122.11
C PHE J 335 -26.70 19.79 -122.86
N GLU J 336 -25.68 19.96 -123.71
CA GLU J 336 -25.40 21.23 -124.45
C GLU J 336 -26.63 21.63 -125.27
N GLU J 337 -27.05 20.75 -126.18
CA GLU J 337 -28.24 20.95 -127.06
C GLU J 337 -29.45 21.35 -126.20
N MET J 338 -29.65 20.70 -125.05
CA MET J 338 -30.82 20.93 -124.15
C MET J 338 -30.81 22.37 -123.64
N GLU J 339 -29.63 22.88 -123.27
CA GLU J 339 -29.43 24.27 -122.81
C GLU J 339 -29.66 25.22 -124.00
N ARG J 340 -29.17 24.85 -125.19
CA ARG J 340 -29.33 25.63 -126.44
C ARG J 340 -30.82 25.89 -126.69
N GLN J 341 -31.68 24.90 -126.45
CA GLN J 341 -33.15 24.94 -126.74
C GLN J 341 -33.90 25.70 -125.63
N ASN J 342 -33.24 26.06 -124.53
CA ASN J 342 -33.87 26.65 -123.32
C ASN J 342 -34.92 25.68 -122.76
N LEU J 343 -34.49 24.45 -122.43
CA LEU J 343 -35.32 23.41 -121.74
C LEU J 343 -34.60 22.89 -120.49
N LEU J 344 -33.30 22.62 -120.58
CA LEU J 344 -32.46 22.20 -119.42
C LEU J 344 -31.76 23.43 -118.84
N LYS J 345 -31.88 23.64 -117.53
CA LYS J 345 -31.17 24.70 -116.76
C LYS J 345 -30.41 24.04 -115.61
N ILE J 346 -29.09 23.91 -115.74
CA ILE J 346 -28.18 23.35 -114.70
C ILE J 346 -27.79 24.49 -113.75
N VAL J 347 -27.65 24.22 -112.43
CA VAL J 347 -27.49 25.30 -111.40
C VAL J 347 -26.35 25.06 -110.39
N CYS J 348 -25.37 24.20 -110.60
CA CYS J 348 -24.23 23.98 -109.67
C CYS J 348 -24.10 24.99 -108.51
N ALA J 349 -23.75 24.47 -107.33
CA ALA J 349 -23.53 25.18 -106.04
C ALA J 349 -22.79 24.25 -105.08
N TYR J 350 -21.98 24.80 -104.18
CA TYR J 350 -21.48 24.10 -102.97
C TYR J 350 -22.47 24.37 -101.83
N PRO J 351 -22.94 23.34 -101.08
CA PRO J 351 -23.77 23.59 -99.90
C PRO J 351 -23.10 24.53 -98.89
N GLU J 352 -21.78 24.38 -98.69
CA GLU J 352 -20.96 25.17 -97.72
C GLU J 352 -20.89 26.64 -98.15
N SER J 353 -21.34 27.00 -99.36
CA SER J 353 -21.34 28.40 -99.89
C SER J 353 -22.35 29.27 -99.13
N ALA J 354 -23.50 28.73 -98.73
CA ALA J 354 -24.59 29.49 -98.06
C ALA J 354 -25.29 28.64 -97.00
N GLY J 355 -26.26 29.26 -96.31
CA GLY J 355 -27.19 28.58 -95.39
C GLY J 355 -28.36 27.98 -96.14
N LEU J 356 -29.23 27.26 -95.44
CA LEU J 356 -30.37 26.49 -96.03
C LEU J 356 -31.45 27.44 -96.56
N GLU J 357 -31.84 28.47 -95.78
CA GLU J 357 -32.93 29.41 -96.21
C GLU J 357 -32.48 30.15 -97.47
N ASP J 358 -31.17 30.36 -97.63
CA ASP J 358 -30.58 30.95 -98.86
C ASP J 358 -30.76 29.97 -100.03
N HIS J 359 -30.37 28.70 -99.85
CA HIS J 359 -30.53 27.60 -100.84
C HIS J 359 -32.00 27.46 -101.22
N LEU J 360 -32.91 27.46 -100.23
CA LEU J 360 -34.37 27.35 -100.46
C LEU J 360 -34.81 28.53 -101.33
N GLN J 361 -34.22 29.72 -101.12
CA GLN J 361 -34.50 30.95 -101.89
C GLN J 361 -34.06 30.75 -103.35
N ILE J 362 -32.82 30.30 -103.59
CA ILE J 362 -32.29 30.08 -104.98
C ILE J 362 -33.28 29.16 -105.72
N ILE J 363 -33.61 28.02 -105.11
CA ILE J 363 -34.47 26.97 -105.72
C ILE J 363 -35.86 27.55 -106.00
N LYS J 364 -36.48 28.19 -105.00
CA LYS J 364 -37.80 28.87 -105.18
C LYS J 364 -37.68 29.89 -106.32
N SER J 365 -36.68 30.77 -106.25
CA SER J 365 -36.40 31.85 -107.22
C SER J 365 -36.27 31.27 -108.64
N GLU J 366 -35.46 30.21 -108.80
CA GLU J 366 -35.14 29.60 -110.12
C GLU J 366 -36.40 28.99 -110.73
N ILE J 367 -37.19 28.29 -109.91
CA ILE J 367 -38.47 27.65 -110.33
C ILE J 367 -39.38 28.71 -110.97
N ASN J 368 -39.52 29.86 -110.32
CA ASN J 368 -40.42 30.96 -110.75
C ASN J 368 -39.96 31.51 -112.10
N ASP J 369 -38.65 31.72 -112.27
CA ASP J 369 -38.05 32.29 -113.50
C ASP J 369 -38.18 31.28 -114.65
N PHE J 370 -37.93 29.99 -114.38
CA PHE J 370 -37.85 28.92 -115.41
C PHE J 370 -39.17 28.15 -115.52
N LYS J 371 -40.08 28.30 -114.56
CA LYS J 371 -41.40 27.60 -114.50
C LYS J 371 -41.29 26.23 -115.16
N PRO J 372 -40.52 25.28 -114.56
CA PRO J 372 -40.30 23.97 -115.17
C PRO J 372 -41.37 22.94 -114.77
N ALA J 373 -41.42 21.82 -115.51
CA ALA J 373 -42.33 20.68 -115.25
C ALA J 373 -41.73 19.77 -114.18
N ARG J 374 -40.41 19.56 -114.25
CA ARG J 374 -39.67 18.64 -113.36
C ARG J 374 -38.53 19.39 -112.70
N ILE J 375 -37.89 18.75 -111.74
CA ILE J 375 -36.77 19.33 -110.95
C ILE J 375 -35.98 18.16 -110.35
N ALA J 376 -34.66 18.22 -110.48
CA ALA J 376 -33.73 17.25 -109.87
C ALA J 376 -32.86 17.99 -108.86
N ILE J 377 -32.66 17.39 -107.69
CA ILE J 377 -31.72 17.90 -106.64
C ILE J 377 -30.73 16.79 -106.31
N ASP J 378 -29.48 16.98 -106.77
CA ASP J 378 -28.36 16.02 -106.58
C ASP J 378 -27.28 16.71 -105.75
N SER J 379 -27.22 16.45 -104.43
CA SER J 379 -28.05 15.49 -103.72
C SER J 379 -28.51 16.08 -102.38
N LEU J 380 -29.78 15.86 -102.01
CA LEU J 380 -30.36 16.26 -100.70
C LEU J 380 -29.37 15.97 -99.57
N SER J 381 -28.82 14.75 -99.53
CA SER J 381 -27.84 14.31 -98.52
C SER J 381 -26.70 15.34 -98.43
N ALA J 382 -26.17 15.76 -99.58
CA ALA J 382 -25.02 16.70 -99.68
C ALA J 382 -25.33 17.98 -98.91
N LEU J 383 -26.58 18.42 -98.90
CA LEU J 383 -27.02 19.65 -98.19
C LEU J 383 -27.12 19.38 -96.69
N ALA J 384 -27.43 18.15 -96.28
CA ALA J 384 -27.64 17.75 -94.88
C ALA J 384 -26.32 17.78 -94.09
N ARG J 385 -25.17 17.68 -94.76
CA ARG J 385 -23.84 17.54 -94.10
C ARG J 385 -23.53 18.80 -93.28
N GLY J 386 -23.15 18.61 -92.01
CA GLY J 386 -22.69 19.70 -91.12
C GLY J 386 -23.85 20.42 -90.44
N VAL J 387 -24.99 20.58 -91.13
CA VAL J 387 -26.20 21.27 -90.61
C VAL J 387 -26.91 20.34 -89.62
N SER J 388 -27.68 20.92 -88.69
CA SER J 388 -28.56 20.19 -87.74
C SER J 388 -29.71 19.52 -88.50
N ASN J 389 -30.16 18.37 -88.01
CA ASN J 389 -31.21 17.51 -88.61
C ASN J 389 -32.54 18.27 -88.66
N ASN J 390 -32.89 18.98 -87.59
CA ASN J 390 -34.15 19.77 -87.46
C ASN J 390 -34.18 20.83 -88.57
N ALA J 391 -33.09 21.58 -88.70
CA ALA J 391 -32.91 22.61 -89.75
C ALA J 391 -33.03 21.97 -91.13
N PHE J 392 -32.27 20.88 -91.38
CA PHE J 392 -32.25 20.16 -92.68
C PHE J 392 -33.66 19.65 -93.00
N ARG J 393 -34.33 19.03 -92.04
CA ARG J 393 -35.68 18.42 -92.23
C ARG J 393 -36.66 19.52 -92.66
N GLN J 394 -36.56 20.71 -92.06
CA GLN J 394 -37.45 21.87 -92.37
C GLN J 394 -37.23 22.32 -93.81
N PHE J 395 -35.97 22.42 -94.24
CA PHE J 395 -35.55 22.73 -95.64
C PHE J 395 -36.17 21.69 -96.57
N VAL J 396 -36.05 20.41 -96.23
CA VAL J 396 -36.58 19.28 -97.04
C VAL J 396 -38.11 19.36 -97.08
N ILE J 397 -38.77 19.81 -95.99
CA ILE J 397 -40.24 20.05 -95.97
C ILE J 397 -40.56 21.25 -96.87
N GLY J 398 -39.69 22.29 -96.85
CA GLY J 398 -39.86 23.51 -97.65
C GLY J 398 -39.76 23.22 -99.15
N VAL J 399 -38.61 22.73 -99.60
CA VAL J 399 -38.31 22.46 -101.04
C VAL J 399 -39.41 21.54 -101.60
N THR J 400 -39.72 20.49 -100.85
CA THR J 400 -40.70 19.43 -101.20
C THR J 400 -42.10 20.07 -101.38
N GLY J 401 -42.61 20.70 -100.32
CA GLY J 401 -43.96 21.28 -100.28
C GLY J 401 -44.19 22.24 -101.43
N TYR J 402 -43.21 23.10 -101.70
CA TYR J 402 -43.26 24.10 -102.80
C TYR J 402 -43.38 23.38 -104.14
N ALA J 403 -42.51 22.39 -104.38
CA ALA J 403 -42.51 21.54 -105.60
C ALA J 403 -43.89 20.88 -105.74
N LYS J 404 -44.47 20.47 -104.60
CA LYS J 404 -45.82 19.83 -104.52
C LYS J 404 -46.91 20.85 -104.89
N GLN J 405 -46.87 22.09 -104.38
CA GLN J 405 -48.00 23.05 -104.59
C GLN J 405 -47.95 23.62 -106.01
N GLU J 406 -46.78 23.61 -106.66
CA GLU J 406 -46.62 24.12 -108.06
C GLU J 406 -46.73 22.98 -109.07
N GLU J 407 -47.17 21.79 -108.63
CA GLU J 407 -47.37 20.58 -109.47
C GLU J 407 -46.11 20.30 -110.30
N ILE J 408 -44.95 20.21 -109.62
CA ILE J 408 -43.62 19.95 -110.21
C ILE J 408 -43.13 18.59 -109.71
N THR J 409 -42.77 17.68 -110.61
CA THR J 409 -42.21 16.35 -110.27
C THR J 409 -40.77 16.53 -109.78
N GLY J 410 -40.47 16.02 -108.58
CA GLY J 410 -39.18 16.22 -107.90
C GLY J 410 -38.44 14.92 -107.68
N LEU J 411 -37.30 14.74 -108.35
CA LEU J 411 -36.38 13.60 -108.15
C LEU J 411 -35.22 14.08 -107.28
N PHE J 412 -35.24 13.71 -106.00
CA PHE J 412 -34.21 14.07 -105.01
C PHE J 412 -33.31 12.85 -104.82
N THR J 413 -31.99 13.05 -104.72
CA THR J 413 -31.01 11.94 -104.59
C THR J 413 -30.41 12.00 -103.18
N ASN J 414 -30.10 10.83 -102.63
CA ASN J 414 -29.48 10.66 -101.28
C ASN J 414 -28.35 9.64 -101.37
N THR J 415 -27.20 9.96 -100.79
CA THR J 415 -26.01 9.06 -100.69
C THR J 415 -25.90 8.51 -99.27
N SER J 416 -26.03 7.19 -99.12
CA SER J 416 -25.91 6.45 -97.84
C SER J 416 -24.48 6.57 -97.31
N ASP J 417 -24.34 6.83 -96.01
CA ASP J 417 -23.02 6.94 -95.33
C ASP J 417 -22.25 5.63 -95.49
N GLN J 418 -22.96 4.49 -95.57
CA GLN J 418 -22.34 3.15 -95.77
C GLN J 418 -22.74 2.60 -97.14
N PHE J 419 -21.81 1.90 -97.79
CA PHE J 419 -21.98 1.41 -99.19
C PHE J 419 -22.67 0.05 -99.19
N MET J 420 -22.54 -0.71 -98.11
CA MET J 420 -23.21 -2.04 -97.98
C MET J 420 -23.70 -2.23 -96.54
N GLY J 421 -24.85 -2.90 -96.40
CA GLY J 421 -25.52 -3.15 -95.11
C GLY J 421 -26.39 -1.99 -94.69
N ALA J 422 -26.94 -1.24 -95.66
CA ALA J 422 -27.87 -0.12 -95.43
C ALA J 422 -29.01 -0.60 -94.53
N HIS J 423 -29.08 -0.11 -93.29
CA HIS J 423 -30.10 -0.50 -92.28
C HIS J 423 -31.32 0.44 -92.38
N SER J 424 -31.11 1.69 -92.80
CA SER J 424 -32.16 2.72 -93.01
C SER J 424 -32.05 3.32 -94.42
N ILE J 425 -33.16 3.79 -94.97
CA ILE J 425 -33.24 4.40 -96.34
C ILE J 425 -32.40 5.68 -96.35
N THR J 426 -32.64 6.57 -95.38
CA THR J 426 -31.90 7.84 -95.19
C THR J 426 -31.40 7.92 -93.74
N ASP J 427 -30.22 8.50 -93.54
CA ASP J 427 -29.63 8.73 -92.20
C ASP J 427 -30.30 9.94 -91.56
N SER J 428 -30.87 10.84 -92.37
CA SER J 428 -31.58 12.07 -91.94
C SER J 428 -33.03 11.75 -91.56
N HIS J 429 -33.49 10.52 -91.82
CA HIS J 429 -34.85 10.03 -91.48
C HIS J 429 -35.90 10.95 -92.11
N ILE J 430 -35.97 10.98 -93.44
CA ILE J 430 -36.93 11.81 -94.22
C ILE J 430 -37.64 10.96 -95.27
N SEP J 431 -37.73 9.64 -95.00
CA SEP J 431 -38.34 8.69 -95.92
CB SEP J 431 -37.97 7.28 -95.53
OG SEP J 431 -36.63 7.27 -95.02
C SEP J 431 -39.85 8.90 -95.95
O SEP J 431 -40.46 8.82 -97.01
P SEP J 431 -36.33 6.67 -93.55
O1P SEP J 431 -34.89 7.01 -93.26
O2P SEP J 431 -36.57 5.17 -93.66
O3P SEP J 431 -37.31 7.35 -92.61
N TPO J 432 -40.44 9.17 -94.78
CA TPO J 432 -41.87 9.42 -94.67
CB TPO J 432 -42.31 9.86 -93.26
CG2 TPO J 432 -43.42 8.97 -92.76
OG1 TPO J 432 -41.21 9.79 -92.29
P TPO J 432 -41.42 10.29 -90.73
O1P TPO J 432 -40.08 10.70 -90.18
O2P TPO J 432 -41.92 9.16 -90.00
O3P TPO J 432 -42.51 11.31 -90.68
C TPO J 432 -42.30 10.50 -95.65
O TPO J 432 -43.44 10.50 -96.12
N ILE J 433 -41.40 11.45 -95.94
CA ILE J 433 -41.74 12.65 -96.69
C ILE J 433 -41.92 12.32 -98.17
N THR J 434 -41.10 11.42 -98.72
CA THR J 434 -41.12 11.05 -100.16
C THR J 434 -42.35 10.18 -100.44
N ASP J 435 -42.85 10.23 -101.68
CA ASP J 435 -44.01 9.44 -102.17
C ASP J 435 -43.50 8.14 -102.78
N THR J 436 -42.43 8.23 -103.56
CA THR J 436 -41.76 7.08 -104.23
C THR J 436 -40.31 7.01 -103.75
N ILE J 437 -39.88 5.82 -103.32
CA ILE J 437 -38.47 5.52 -102.97
C ILE J 437 -37.93 4.53 -104.00
N ILE J 438 -36.85 4.91 -104.69
CA ILE J 438 -36.05 4.04 -105.59
C ILE J 438 -34.73 3.75 -104.89
N LEU J 439 -34.51 2.48 -104.54
CA LEU J 439 -33.26 2.05 -103.88
C LEU J 439 -32.35 1.40 -104.91
N LEU J 440 -31.11 1.87 -104.97
CA LEU J 440 -29.98 1.18 -105.64
C LEU J 440 -29.15 0.55 -104.53
N GLN J 441 -28.45 -0.55 -104.83
CA GLN J 441 -27.48 -1.14 -103.87
C GLN J 441 -26.45 -1.96 -104.64
N TYR J 442 -25.23 -2.03 -104.10
CA TYR J 442 -24.19 -2.97 -104.57
C TYR J 442 -24.56 -4.36 -104.07
N VAL J 443 -24.16 -5.38 -104.83
CA VAL J 443 -24.31 -6.81 -104.48
C VAL J 443 -23.00 -7.51 -104.83
N GLU J 444 -22.38 -8.13 -103.83
CA GLU J 444 -21.19 -8.99 -104.06
C GLU J 444 -21.67 -10.33 -104.60
N ILE J 445 -21.32 -10.64 -105.85
CA ILE J 445 -21.64 -11.93 -106.53
C ILE J 445 -20.37 -12.46 -107.19
N ARG J 446 -19.94 -13.67 -106.81
CA ARG J 446 -18.83 -14.42 -107.45
C ARG J 446 -17.61 -13.49 -107.59
N GLY J 447 -17.21 -12.85 -106.49
CA GLY J 447 -16.01 -11.97 -106.41
C GLY J 447 -16.15 -10.69 -107.21
N GLU J 448 -17.38 -10.34 -107.63
CA GLU J 448 -17.65 -9.20 -108.54
C GLU J 448 -18.67 -8.26 -107.87
N MET J 449 -18.51 -6.96 -108.08
CA MET J 449 -19.40 -5.89 -107.55
C MET J 449 -20.46 -5.54 -108.58
N SER J 450 -21.69 -6.04 -108.40
CA SER J 450 -22.86 -5.78 -109.27
C SER J 450 -23.83 -4.83 -108.56
N ARG J 451 -24.79 -4.30 -109.33
CA ARG J 451 -25.80 -3.28 -108.90
C ARG J 451 -27.18 -3.92 -108.93
N ALA J 452 -28.09 -3.41 -108.11
CA ALA J 452 -29.51 -3.86 -108.04
C ALA J 452 -30.43 -2.66 -107.87
N ILE J 453 -31.39 -2.49 -108.80
CA ILE J 453 -32.45 -1.44 -108.75
C ILE J 453 -33.65 -2.04 -108.03
N ASN J 454 -34.36 -1.24 -107.24
CA ASN J 454 -35.55 -1.69 -106.48
C ASN J 454 -36.46 -0.50 -106.16
N VAL J 455 -37.74 -0.60 -106.57
CA VAL J 455 -38.80 0.35 -106.17
C VAL J 455 -39.29 -0.08 -104.79
N PHE J 456 -38.74 0.55 -103.74
CA PHE J 456 -38.97 0.22 -102.32
C PHE J 456 -40.39 0.64 -101.90
N LYS J 457 -40.92 1.73 -102.45
CA LYS J 457 -42.36 2.07 -102.28
C LYS J 457 -42.86 3.04 -103.36
N MET J 458 -44.19 3.08 -103.49
CA MET J 458 -44.95 4.03 -104.34
C MET J 458 -46.31 4.27 -103.69
N ARG J 459 -46.57 5.52 -103.27
CA ARG J 459 -47.91 5.90 -102.77
C ARG J 459 -48.86 5.93 -103.97
N GLY J 460 -50.07 5.39 -103.79
CA GLY J 460 -51.17 5.52 -104.75
C GLY J 460 -51.03 4.64 -105.97
N SER J 461 -50.04 3.74 -106.01
CA SER J 461 -49.82 2.85 -107.18
C SER J 461 -49.32 1.47 -106.74
N TRP J 462 -49.42 0.51 -107.67
CA TRP J 462 -48.76 -0.80 -107.55
C TRP J 462 -47.25 -0.49 -107.46
N HIS J 463 -46.42 -1.27 -108.14
CA HIS J 463 -44.94 -1.17 -108.27
C HIS J 463 -44.43 -2.59 -108.10
N ASP J 464 -43.42 -2.91 -108.89
CA ASP J 464 -42.69 -4.20 -108.86
C ASP J 464 -42.07 -4.34 -107.47
N LYS J 465 -42.19 -5.52 -106.85
CA LYS J 465 -41.64 -5.80 -105.51
C LYS J 465 -40.29 -6.53 -105.66
N ALA J 466 -39.74 -6.59 -106.88
CA ALA J 466 -38.53 -7.38 -107.20
C ALA J 466 -37.28 -6.52 -106.96
N ILE J 467 -36.19 -7.16 -106.50
CA ILE J 467 -34.85 -6.54 -106.35
C ILE J 467 -34.03 -6.90 -107.58
N ARG J 468 -34.13 -6.08 -108.64
CA ARG J 468 -33.65 -6.41 -109.99
C ARG J 468 -32.21 -5.95 -110.19
N GLU J 469 -31.39 -6.79 -110.81
CA GLU J 469 -30.01 -6.48 -111.22
C GLU J 469 -30.06 -5.44 -112.35
N PHE J 470 -29.07 -4.55 -112.41
CA PHE J 470 -28.84 -3.69 -113.60
C PHE J 470 -27.33 -3.50 -113.80
N MET J 471 -26.97 -3.14 -115.03
CA MET J 471 -25.60 -2.71 -115.41
C MET J 471 -25.71 -1.32 -116.02
N ILE J 472 -24.55 -0.71 -116.24
CA ILE J 472 -24.43 0.64 -116.83
C ILE J 472 -23.52 0.54 -118.05
N SER J 473 -23.80 1.37 -119.06
CA SER J 473 -23.04 1.46 -120.33
C SER J 473 -23.31 2.84 -120.95
N ASP J 474 -22.85 3.05 -122.18
CA ASP J 474 -23.18 4.24 -123.01
C ASP J 474 -24.69 4.36 -123.21
N LYS J 475 -25.39 3.23 -123.27
CA LYS J 475 -26.86 3.16 -123.52
C LYS J 475 -27.64 3.72 -122.33
N GLY J 476 -27.04 3.69 -121.12
CA GLY J 476 -27.66 4.20 -119.88
C GLY J 476 -27.82 3.09 -118.84
N PRO J 477 -28.95 3.07 -118.10
CA PRO J 477 -29.23 2.01 -117.12
C PRO J 477 -29.94 0.80 -117.73
N ASP J 478 -29.29 -0.37 -117.72
CA ASP J 478 -29.80 -1.62 -118.32
C ASP J 478 -30.31 -2.53 -117.21
N ILE J 479 -31.62 -2.44 -116.88
CA ILE J 479 -32.26 -3.22 -115.78
C ILE J 479 -32.60 -4.63 -116.28
N LYS J 480 -31.89 -5.65 -115.76
CA LYS J 480 -32.12 -7.10 -116.06
C LYS J 480 -33.09 -7.67 -115.01
N ASP J 481 -32.89 -8.93 -114.58
CA ASP J 481 -33.85 -9.67 -113.70
C ASP J 481 -33.23 -9.97 -112.33
N SER J 482 -34.11 -10.24 -111.34
CA SER J 482 -33.80 -10.34 -109.90
C SER J 482 -32.99 -11.60 -109.59
N PHE J 483 -32.49 -11.70 -108.36
CA PHE J 483 -31.64 -12.81 -107.85
C PHE J 483 -32.53 -13.81 -107.10
N ARG J 484 -33.34 -14.57 -107.85
CA ARG J 484 -34.33 -15.54 -107.28
C ARG J 484 -33.59 -16.59 -106.44
N ASN J 485 -32.42 -17.07 -106.91
CA ASN J 485 -31.64 -18.15 -106.25
C ASN J 485 -30.51 -17.51 -105.42
N PHE J 486 -30.86 -16.54 -104.57
CA PHE J 486 -29.94 -15.89 -103.59
C PHE J 486 -30.72 -15.43 -102.35
N GLU J 487 -30.08 -15.56 -101.18
CA GLU J 487 -30.61 -15.13 -99.86
C GLU J 487 -29.74 -13.99 -99.33
N ARG J 488 -30.34 -13.05 -98.60
CA ARG J 488 -29.65 -11.92 -97.92
C ARG J 488 -29.05 -10.97 -98.96
N ILE J 489 -29.79 -10.67 -100.04
CA ILE J 489 -29.41 -9.64 -101.07
C ILE J 489 -29.17 -8.30 -100.36
N ILE J 490 -30.07 -7.91 -99.46
CA ILE J 490 -30.14 -6.57 -98.82
C ILE J 490 -28.84 -6.32 -98.03
N SER J 491 -28.22 -7.37 -97.48
CA SER J 491 -26.96 -7.29 -96.70
C SER J 491 -25.82 -6.73 -97.56
N GLY J 492 -25.85 -6.98 -98.87
CA GLY J 492 -24.79 -6.61 -99.81
C GLY J 492 -23.95 -7.81 -100.22
N SER J 493 -23.71 -8.73 -99.28
CA SER J 493 -22.99 -10.02 -99.50
C SER J 493 -23.95 -11.18 -99.27
N PRO J 494 -24.79 -11.54 -100.27
CA PRO J 494 -25.70 -12.69 -100.17
C PRO J 494 -25.03 -14.07 -100.32
N THR J 495 -25.86 -15.12 -100.24
CA THR J 495 -25.50 -16.55 -100.39
C THR J 495 -26.39 -17.18 -101.46
N ARG J 496 -25.84 -18.10 -102.28
CA ARG J 496 -26.58 -18.94 -103.25
C ARG J 496 -27.39 -19.99 -102.48
N ILE J 497 -28.69 -20.11 -102.76
CA ILE J 497 -29.64 -21.01 -102.05
C ILE J 497 -30.16 -22.05 -103.03
N GLN K 16 21.18 27.81 -50.89
CA GLN K 16 20.46 26.49 -50.93
C GLN K 16 19.06 26.67 -51.54
N ALA K 17 18.39 25.56 -51.87
CA ALA K 17 16.98 25.50 -52.32
C ALA K 17 16.07 25.93 -51.17
N ILE K 18 14.88 26.46 -51.48
CA ILE K 18 13.92 27.01 -50.48
C ILE K 18 13.67 25.91 -49.43
N ALA K 19 14.04 26.18 -48.18
CA ALA K 19 13.85 25.27 -47.02
C ALA K 19 12.37 25.27 -46.63
N LYS K 20 11.82 24.08 -46.38
CA LYS K 20 10.38 23.88 -46.04
C LYS K 20 10.25 23.28 -44.65
N MET K 21 9.06 23.41 -44.08
CA MET K 21 8.73 23.07 -42.68
C MET K 21 7.52 22.14 -42.69
N ARG K 22 7.70 20.89 -42.25
CA ARG K 22 6.70 19.79 -42.36
C ARG K 22 5.42 20.17 -41.59
N THR K 23 4.26 19.98 -42.23
CA THR K 23 2.92 20.23 -41.65
C THR K 23 2.44 19.01 -40.86
N MET K 24 2.85 17.81 -41.26
CA MET K 24 2.40 16.52 -40.68
C MET K 24 0.88 16.39 -40.82
N ILE K 25 0.34 16.85 -41.96
CA ILE K 25 -1.06 16.61 -42.41
C ILE K 25 -1.02 15.53 -43.49
N GLU K 26 -1.65 14.38 -43.24
CA GLU K 26 -1.55 13.16 -44.10
C GLU K 26 -1.63 13.58 -45.56
N GLY K 27 -0.58 13.33 -46.34
CA GLY K 27 -0.54 13.54 -47.80
C GLY K 27 0.09 14.86 -48.19
N PHE K 28 -0.26 15.96 -47.51
CA PHE K 28 0.10 17.35 -47.89
C PHE K 28 1.61 17.48 -48.12
N ASP K 29 2.42 17.00 -47.16
CA ASP K 29 3.89 17.17 -47.15
C ASP K 29 4.54 16.50 -48.37
N ASP K 30 3.86 15.51 -48.97
CA ASP K 30 4.28 14.86 -50.24
C ASP K 30 3.84 15.72 -51.44
N ILE K 31 2.63 16.30 -51.37
CA ILE K 31 2.08 17.21 -52.43
C ILE K 31 2.93 18.48 -52.48
N SER K 32 3.37 18.98 -51.31
CA SER K 32 4.17 20.23 -51.17
C SER K 32 5.67 19.96 -51.27
N HIS K 33 6.06 18.71 -51.55
CA HIS K 33 7.49 18.25 -51.65
C HIS K 33 8.30 18.74 -50.43
N GLY K 34 7.77 18.55 -49.22
CA GLY K 34 8.49 18.80 -47.96
C GLY K 34 7.61 19.46 -46.91
N GLY K 35 6.78 20.41 -47.33
CA GLY K 35 5.96 21.26 -46.43
C GLY K 35 5.94 22.71 -46.90
N LEU K 36 5.49 23.62 -46.05
CA LEU K 36 5.35 25.05 -46.40
C LEU K 36 6.71 25.73 -46.30
N PRO K 37 7.18 26.39 -47.39
CA PRO K 37 8.40 27.21 -47.33
C PRO K 37 8.52 28.08 -46.08
N ILE K 38 9.54 27.82 -45.26
CA ILE K 38 9.75 28.45 -43.92
C ILE K 38 10.00 29.95 -44.14
N GLY K 39 9.39 30.78 -43.30
CA GLY K 39 9.60 32.24 -43.27
C GLY K 39 8.64 32.98 -44.20
N ARG K 40 7.98 32.27 -45.12
CA ARG K 40 7.05 32.85 -46.12
C ARG K 40 5.61 32.50 -45.75
N SER K 41 4.68 33.42 -46.04
CA SER K 41 3.22 33.24 -45.86
C SER K 41 2.68 32.37 -47.00
N THR K 42 1.67 31.55 -46.69
CA THR K 42 1.01 30.62 -47.63
C THR K 42 -0.50 30.86 -47.55
N LEU K 43 -1.14 31.15 -48.70
CA LEU K 43 -2.60 31.39 -48.76
C LEU K 43 -3.33 30.04 -48.89
N VAL K 44 -4.37 29.84 -48.07
CA VAL K 44 -5.23 28.63 -48.07
C VAL K 44 -6.69 29.08 -48.22
N SER K 45 -7.19 29.11 -49.45
CA SER K 45 -8.54 29.66 -49.78
C SER K 45 -9.45 28.55 -50.31
N GLY K 46 -10.75 28.70 -50.07
CA GLY K 46 -11.79 27.73 -50.42
C GLY K 46 -13.15 28.25 -50.00
N THR K 47 -14.22 27.67 -50.54
CA THR K 47 -15.63 28.01 -50.17
C THR K 47 -15.82 27.67 -48.68
N SER K 48 -17.02 27.93 -48.14
CA SER K 48 -17.33 27.69 -46.70
C SER K 48 -17.42 26.19 -46.43
N GLY K 49 -16.69 25.71 -45.42
CA GLY K 49 -16.66 24.30 -44.98
C GLY K 49 -15.74 23.44 -45.83
N THR K 50 -14.68 24.03 -46.41
CA THR K 50 -13.66 23.33 -47.23
C THR K 50 -12.54 22.73 -46.37
N GLY K 51 -12.32 23.25 -45.16
CA GLY K 51 -11.33 22.71 -44.20
C GLY K 51 -10.19 23.69 -43.88
N LYS K 52 -10.41 24.99 -44.09
CA LYS K 52 -9.37 26.04 -43.91
C LYS K 52 -8.95 26.14 -42.45
N THR K 53 -9.89 26.44 -41.54
CA THR K 53 -9.64 26.48 -40.08
C THR K 53 -8.88 25.22 -39.68
N LEU K 54 -9.40 24.05 -40.08
CA LEU K 54 -8.78 22.75 -39.75
C LEU K 54 -7.35 22.72 -40.28
N PHE K 55 -7.13 23.10 -41.54
CA PHE K 55 -5.77 23.17 -42.13
C PHE K 55 -4.89 24.06 -41.25
N SER K 56 -5.44 25.14 -40.69
CA SER K 56 -4.72 26.14 -39.84
C SER K 56 -4.41 25.56 -38.46
N ILE K 57 -5.42 25.02 -37.75
CA ILE K 57 -5.23 24.37 -36.42
C ILE K 57 -4.15 23.30 -36.58
N GLN K 58 -4.42 22.30 -37.42
CA GLN K 58 -3.59 21.08 -37.61
C GLN K 58 -2.14 21.49 -37.88
N PHE K 59 -1.95 22.54 -38.67
CA PHE K 59 -0.63 23.09 -39.07
C PHE K 59 0.15 23.51 -37.82
N LEU K 60 -0.49 24.27 -36.92
CA LEU K 60 0.13 24.74 -35.65
C LEU K 60 0.38 23.53 -34.74
N TYR K 61 -0.69 22.81 -34.39
CA TYR K 61 -0.73 21.68 -33.43
C TYR K 61 0.48 20.76 -33.63
N ASN K 62 0.66 20.24 -34.85
CA ASN K 62 1.70 19.22 -35.16
C ASN K 62 3.10 19.80 -34.91
N GLY K 63 3.32 21.08 -35.25
CA GLY K 63 4.59 21.80 -35.00
C GLY K 63 4.93 21.83 -33.52
N ILE K 64 3.94 22.09 -32.67
CA ILE K 64 4.09 22.16 -31.18
C ILE K 64 4.40 20.75 -30.67
N ILE K 65 3.51 19.79 -30.95
CA ILE K 65 3.52 18.42 -30.36
C ILE K 65 4.76 17.67 -30.84
N GLU K 66 5.12 17.78 -32.13
CA GLU K 66 6.16 16.94 -32.78
C GLU K 66 7.52 17.65 -32.78
N PHE K 67 7.57 18.93 -33.19
CA PHE K 67 8.84 19.67 -33.47
C PHE K 67 9.17 20.68 -32.36
N ASP K 68 8.31 20.82 -31.35
CA ASP K 68 8.49 21.80 -30.24
C ASP K 68 8.61 23.20 -30.86
N GLU K 69 7.83 23.45 -31.91
CA GLU K 69 7.72 24.75 -32.63
C GLU K 69 6.44 25.45 -32.17
N PRO K 70 6.54 26.48 -31.31
CA PRO K 70 5.36 27.20 -30.83
C PRO K 70 4.63 27.93 -31.97
N GLY K 71 3.33 28.12 -31.82
CA GLY K 71 2.44 28.66 -32.87
C GLY K 71 1.52 29.74 -32.34
N VAL K 72 1.20 30.72 -33.19
CA VAL K 72 0.19 31.77 -32.90
C VAL K 72 -0.97 31.60 -33.88
N PHE K 73 -2.18 31.45 -33.34
CA PHE K 73 -3.45 31.44 -34.10
C PHE K 73 -4.11 32.83 -33.98
N VAL K 74 -4.34 33.48 -35.12
CA VAL K 74 -4.97 34.83 -35.20
C VAL K 74 -6.40 34.66 -35.71
N THR K 75 -7.36 34.45 -34.80
CA THR K 75 -8.82 34.44 -35.12
C THR K 75 -9.30 35.88 -35.33
N PHE K 76 -10.34 36.06 -36.14
CA PHE K 76 -10.94 37.38 -36.45
C PHE K 76 -12.45 37.42 -36.16
N GLU K 77 -13.06 36.30 -35.76
CA GLU K 77 -14.52 36.25 -35.46
C GLU K 77 -14.84 35.11 -34.49
N GLU K 78 -14.24 33.93 -34.69
CA GLU K 78 -14.42 32.74 -33.80
C GLU K 78 -13.85 33.08 -32.42
N THR K 79 -14.68 33.00 -31.37
CA THR K 79 -14.26 33.19 -29.96
C THR K 79 -13.28 32.08 -29.59
N PRO K 80 -12.24 32.36 -28.76
CA PRO K 80 -11.25 31.34 -28.39
C PRO K 80 -11.83 30.11 -27.70
N GLN K 81 -12.94 30.27 -26.99
CA GLN K 81 -13.70 29.14 -26.36
C GLN K 81 -14.09 28.15 -27.47
N ASP K 82 -14.57 28.66 -28.62
CA ASP K 82 -15.08 27.84 -29.74
C ASP K 82 -13.91 27.17 -30.49
N ILE K 83 -12.81 27.89 -30.71
CA ILE K 83 -11.58 27.34 -31.38
C ILE K 83 -11.11 26.12 -30.59
N ILE K 84 -10.96 26.25 -29.28
CA ILE K 84 -10.56 25.14 -28.38
C ILE K 84 -11.66 24.08 -28.38
N LYS K 85 -12.92 24.52 -28.40
CA LYS K 85 -14.08 23.59 -28.35
C LYS K 85 -14.12 22.72 -29.62
N ASN K 86 -13.87 23.31 -30.79
CA ASN K 86 -13.91 22.57 -32.08
C ASN K 86 -12.73 21.59 -32.15
N ALA K 87 -11.61 21.90 -31.49
CA ALA K 87 -10.37 21.08 -31.47
C ALA K 87 -10.60 19.79 -30.67
N ARG K 88 -11.43 19.84 -29.61
CA ARG K 88 -11.77 18.68 -28.75
C ARG K 88 -12.49 17.60 -29.58
N SER K 89 -13.12 17.98 -30.70
CA SER K 89 -13.78 17.06 -31.66
C SER K 89 -12.75 16.10 -32.27
N PHE K 90 -11.58 16.63 -32.67
CA PHE K 90 -10.49 15.87 -33.35
C PHE K 90 -9.58 15.19 -32.32
N GLY K 91 -9.90 15.29 -31.03
CA GLY K 91 -9.12 14.68 -29.94
C GLY K 91 -7.89 15.49 -29.56
N TRP K 92 -7.86 16.78 -29.93
CA TRP K 92 -6.76 17.73 -29.61
C TRP K 92 -7.22 18.68 -28.52
N ASP K 93 -6.40 18.82 -27.49
CA ASP K 93 -6.68 19.69 -26.33
C ASP K 93 -5.83 20.96 -26.47
N LEU K 94 -6.38 22.00 -27.09
CA LEU K 94 -5.68 23.30 -27.29
C LEU K 94 -5.51 24.00 -25.95
N ALA K 95 -6.52 23.94 -25.07
CA ALA K 95 -6.53 24.60 -23.74
C ALA K 95 -5.24 24.28 -22.97
N LYS K 96 -4.79 23.02 -23.02
CA LYS K 96 -3.57 22.54 -22.31
C LYS K 96 -2.34 23.23 -22.91
N LEU K 97 -2.31 23.48 -24.22
CA LEU K 97 -1.15 24.13 -24.91
C LEU K 97 -1.14 25.63 -24.59
N VAL K 98 -2.31 26.25 -24.37
CA VAL K 98 -2.42 27.67 -23.91
C VAL K 98 -1.78 27.76 -22.52
N ASP K 99 -2.15 26.84 -21.63
CA ASP K 99 -1.77 26.84 -20.20
C ASP K 99 -0.31 26.38 -20.04
N GLU K 100 0.29 25.80 -21.08
CA GLU K 100 1.72 25.37 -21.11
C GLU K 100 2.57 26.40 -21.88
N GLY K 101 1.95 27.49 -22.36
CA GLY K 101 2.62 28.59 -23.08
C GLY K 101 3.32 28.11 -24.35
N LYS K 102 2.61 27.35 -25.20
CA LYS K 102 3.13 26.83 -26.49
C LYS K 102 2.28 27.37 -27.66
N LEU K 103 0.95 27.46 -27.46
CA LEU K 103 -0.02 27.99 -28.46
C LEU K 103 -0.70 29.22 -27.86
N PHE K 104 -0.56 30.37 -28.51
CA PHE K 104 -1.23 31.64 -28.11
C PHE K 104 -2.36 31.95 -29.10
N ILE K 105 -3.61 31.77 -28.65
CA ILE K 105 -4.81 32.27 -29.36
C ILE K 105 -4.91 33.77 -29.09
N LEU K 106 -4.99 34.56 -30.16
CA LEU K 106 -4.92 36.04 -30.15
C LEU K 106 -6.24 36.58 -30.70
N ASP K 107 -7.24 36.70 -29.83
CA ASP K 107 -8.62 37.13 -30.19
C ASP K 107 -8.56 38.54 -30.79
N ALA K 108 -8.68 38.63 -32.11
CA ALA K 108 -8.78 39.89 -32.88
C ALA K 108 -10.22 40.09 -33.36
N SER K 109 -11.17 39.32 -32.82
CA SER K 109 -12.63 39.52 -33.07
C SER K 109 -13.09 40.75 -32.30
N PRO K 110 -14.07 41.51 -32.84
CA PRO K 110 -14.63 42.65 -32.12
C PRO K 110 -15.72 42.22 -31.13
N ASP K 111 -15.83 42.93 -30.00
CA ASP K 111 -16.87 42.68 -28.95
C ASP K 111 -18.23 42.96 -29.55
N PRO K 112 -19.25 42.11 -29.29
CA PRO K 112 -20.59 42.28 -29.88
C PRO K 112 -21.35 43.56 -29.50
N GLU K 113 -20.75 44.43 -28.68
CA GLU K 113 -21.19 45.85 -28.53
C GLU K 113 -22.72 45.94 -28.49
N ASP K 122 -6.79 47.95 -36.71
CA ASP K 122 -6.39 47.17 -37.92
C ASP K 122 -5.08 47.72 -38.49
N LEU K 123 -4.43 46.94 -39.36
CA LEU K 123 -3.12 47.28 -39.98
C LEU K 123 -2.07 47.41 -38.87
N SER K 124 -1.38 48.55 -38.81
CA SER K 124 -0.20 48.79 -37.94
C SER K 124 -0.48 48.31 -36.51
N ALA K 125 -1.68 48.57 -35.97
CA ALA K 125 -2.06 48.22 -34.59
C ALA K 125 -1.94 46.70 -34.39
N LEU K 126 -2.50 45.90 -35.31
CA LEU K 126 -2.57 44.42 -35.21
C LEU K 126 -1.18 43.81 -35.46
N ILE K 127 -0.41 44.34 -36.41
CA ILE K 127 0.95 43.80 -36.74
C ILE K 127 1.83 43.91 -35.49
N GLU K 128 1.65 44.99 -34.70
CA GLU K 128 2.31 45.18 -33.39
C GLU K 128 1.83 44.09 -32.42
N ARG K 129 0.51 43.92 -32.31
CA ARG K 129 -0.15 42.95 -31.38
C ARG K 129 0.37 41.54 -31.68
N ILE K 130 0.35 41.12 -32.95
CA ILE K 130 0.78 39.78 -33.42
C ILE K 130 2.31 39.63 -33.26
N ASN K 131 3.07 40.73 -33.39
CA ASN K 131 4.54 40.72 -33.21
C ASN K 131 4.89 40.63 -31.71
N TYR K 132 4.17 41.38 -30.88
CA TYR K 132 4.30 41.35 -29.39
C TYR K 132 4.05 39.92 -28.90
N ALA K 133 3.20 39.15 -29.60
CA ALA K 133 2.95 37.71 -29.33
C ALA K 133 4.02 36.83 -30.01
N ILE K 134 4.35 37.11 -31.29
CA ILE K 134 5.36 36.33 -32.07
C ILE K 134 6.71 36.41 -31.33
N GLN K 135 7.07 37.60 -30.84
CA GLN K 135 8.32 37.85 -30.08
C GLN K 135 8.29 37.12 -28.73
N LYS K 136 7.10 37.03 -28.10
CA LYS K 136 6.94 36.56 -26.69
C LYS K 136 7.11 35.04 -26.57
N TYR K 137 6.72 34.25 -27.57
CA TYR K 137 6.63 32.77 -27.46
C TYR K 137 7.71 32.07 -28.30
N ARG K 138 8.66 32.82 -28.89
CA ARG K 138 9.71 32.29 -29.81
C ARG K 138 9.01 31.48 -30.92
N ALA K 139 7.87 31.98 -31.41
CA ALA K 139 6.87 31.24 -32.19
C ALA K 139 7.32 31.15 -33.65
N ARG K 140 7.61 29.93 -34.13
CA ARG K 140 8.12 29.66 -35.49
C ARG K 140 6.96 29.53 -36.49
N ARG K 141 5.70 29.51 -36.03
CA ARG K 141 4.51 29.27 -36.89
C ARG K 141 3.36 30.22 -36.51
N VAL K 142 2.64 30.72 -37.52
CA VAL K 142 1.45 31.59 -37.35
C VAL K 142 0.35 31.14 -38.31
N SER K 143 -0.90 31.28 -37.88
CA SER K 143 -2.12 30.97 -38.68
C SER K 143 -3.11 32.13 -38.52
N ILE K 144 -3.43 32.82 -39.61
CA ILE K 144 -4.43 33.92 -39.63
C ILE K 144 -5.68 33.43 -40.37
N ASP K 145 -6.84 33.57 -39.73
CA ASP K 145 -8.13 33.01 -40.20
C ASP K 145 -9.28 33.87 -39.66
N SER K 146 -9.94 34.67 -40.52
CA SER K 146 -9.71 34.77 -41.94
C SER K 146 -9.38 36.24 -42.28
N VAL K 147 -8.25 36.48 -42.97
CA VAL K 147 -7.78 37.86 -43.34
C VAL K 147 -8.89 38.59 -44.10
N THR K 148 -9.65 37.86 -44.95
CA THR K 148 -10.74 38.42 -45.79
C THR K 148 -11.68 39.27 -44.92
N SER K 149 -12.14 38.75 -43.77
CA SER K 149 -13.21 39.36 -42.94
C SER K 149 -12.77 40.71 -42.35
N VAL K 150 -11.46 40.96 -42.26
CA VAL K 150 -10.91 42.31 -41.92
C VAL K 150 -11.39 43.31 -42.98
N PHE K 151 -11.39 42.91 -44.25
CA PHE K 151 -11.77 43.76 -45.42
C PHE K 151 -13.29 43.79 -45.61
N GLN K 152 -14.04 42.79 -45.15
CA GLN K 152 -15.52 42.71 -45.30
C GLN K 152 -16.19 43.32 -44.04
N ASP K 155 -13.46 47.68 -48.17
CA ASP K 155 -12.21 47.94 -48.96
C ASP K 155 -12.42 47.56 -50.43
N ALA K 156 -11.89 48.38 -51.34
CA ALA K 156 -11.93 48.20 -52.80
C ALA K 156 -10.86 47.18 -53.21
N SER K 157 -10.33 47.29 -54.42
CA SER K 157 -9.45 46.27 -55.07
C SER K 157 -8.01 46.45 -54.57
N SER K 158 -7.45 47.65 -54.76
CA SER K 158 -6.06 48.01 -54.41
C SER K 158 -5.90 48.17 -52.89
N VAL K 159 -7.02 48.39 -52.16
CA VAL K 159 -7.03 48.56 -50.69
C VAL K 159 -6.60 47.24 -50.03
N VAL K 160 -7.27 46.13 -50.38
CA VAL K 160 -7.00 44.76 -49.87
C VAL K 160 -5.59 44.34 -50.28
N ARG K 161 -5.17 44.67 -51.51
CA ARG K 161 -3.84 44.32 -52.08
C ARG K 161 -2.72 44.93 -51.20
N ARG K 162 -2.79 46.24 -50.93
CA ARG K 162 -1.72 47.01 -50.26
C ARG K 162 -1.70 46.66 -48.76
N GLU K 163 -2.87 46.62 -48.12
CA GLU K 163 -3.03 46.26 -46.68
C GLU K 163 -2.54 44.82 -46.47
N LEU K 164 -2.89 43.91 -47.39
CA LEU K 164 -2.44 42.49 -47.37
C LEU K 164 -0.92 42.44 -47.53
N PHE K 165 -0.38 42.99 -48.62
CA PHE K 165 1.07 42.99 -48.95
C PHE K 165 1.87 43.46 -47.72
N ARG K 166 1.43 44.56 -47.11
CA ARG K 166 2.04 45.13 -45.87
C ARG K 166 2.24 44.02 -44.84
N LEU K 167 1.18 43.23 -44.59
CA LEU K 167 1.17 42.14 -43.57
C LEU K 167 2.16 41.04 -43.94
N VAL K 168 2.14 40.59 -45.20
CA VAL K 168 3.06 39.52 -45.72
C VAL K 168 4.49 39.97 -45.50
N ALA K 169 4.86 41.11 -46.09
CA ALA K 169 6.22 41.68 -46.04
C ALA K 169 6.65 41.89 -44.59
N ARG K 170 5.69 42.24 -43.72
CA ARG K 170 5.90 42.41 -42.25
C ARG K 170 6.37 41.07 -41.66
N LEU K 171 5.58 40.00 -41.79
CA LEU K 171 5.86 38.67 -41.20
C LEU K 171 7.14 38.08 -41.79
N LYS K 172 7.43 38.36 -43.06
CA LYS K 172 8.66 37.86 -43.74
C LYS K 172 9.89 38.49 -43.07
N GLN K 173 9.77 39.73 -42.57
CA GLN K 173 10.83 40.42 -41.80
C GLN K 173 11.04 39.71 -40.44
N ILE K 174 9.96 39.25 -39.80
CA ILE K 174 10.02 38.53 -38.49
C ILE K 174 10.84 37.25 -38.70
N GLY K 175 10.67 36.59 -39.86
CA GLY K 175 11.27 35.28 -40.17
C GLY K 175 10.35 34.14 -39.74
N ALA K 176 9.04 34.41 -39.71
CA ALA K 176 7.97 33.48 -39.23
C ALA K 176 7.23 32.90 -40.43
N THR K 177 6.67 31.69 -40.26
CA THR K 177 5.99 30.91 -41.32
C THR K 177 4.49 30.90 -41.06
N THR K 178 3.71 31.30 -42.07
CA THR K 178 2.31 31.77 -41.92
C THR K 178 1.36 30.94 -42.79
N VAL K 179 0.18 30.64 -42.23
CA VAL K 179 -0.97 30.02 -42.95
C VAL K 179 -2.10 31.06 -42.96
N MET K 180 -2.47 31.54 -44.15
CA MET K 180 -3.45 32.63 -44.31
C MET K 180 -4.72 32.12 -44.98
N THR K 181 -5.75 31.94 -44.15
CA THR K 181 -7.10 31.54 -44.58
C THR K 181 -7.75 32.70 -45.32
N THR K 182 -8.27 32.42 -46.52
CA THR K 182 -9.01 33.36 -47.40
C THR K 182 -10.32 32.70 -47.81
N GLU K 183 -11.33 33.50 -48.15
CA GLU K 183 -12.69 33.01 -48.49
C GLU K 183 -12.90 33.00 -50.00
N ARG K 184 -13.96 32.31 -50.44
CA ARG K 184 -14.36 32.15 -51.87
C ARG K 184 -15.89 32.06 -51.93
N ILE K 185 -16.49 32.64 -52.98
CA ILE K 185 -17.95 32.55 -53.26
C ILE K 185 -18.19 31.36 -54.20
N GLU K 186 -17.36 31.23 -55.24
CA GLU K 186 -17.49 30.20 -56.32
C GLU K 186 -16.50 29.07 -56.07
N GLU K 187 -16.69 27.93 -56.74
CA GLU K 187 -15.86 26.70 -56.55
C GLU K 187 -14.74 26.66 -57.60
N TYR K 188 -14.95 27.21 -58.80
CA TYR K 188 -13.92 27.31 -59.87
C TYR K 188 -13.86 28.75 -60.39
N GLY K 189 -14.19 29.73 -59.55
CA GLY K 189 -14.16 31.15 -59.90
C GLY K 189 -12.76 31.75 -59.68
N PRO K 190 -12.66 32.94 -59.05
CA PRO K 190 -11.37 33.52 -58.68
C PRO K 190 -10.77 32.76 -57.48
N ILE K 191 -9.44 32.81 -57.35
CA ILE K 191 -8.65 32.08 -56.31
C ILE K 191 -9.11 32.58 -54.95
N ALA K 192 -9.06 33.88 -54.74
CA ALA K 192 -9.40 34.57 -53.47
C ALA K 192 -10.80 35.20 -53.60
N ARG K 193 -11.10 36.22 -52.78
CA ARG K 193 -12.34 37.02 -52.89
C ARG K 193 -12.15 38.15 -53.91
N TYR K 194 -11.01 38.85 -53.86
CA TYR K 194 -10.80 40.18 -54.49
C TYR K 194 -10.00 40.11 -55.80
N GLY K 195 -9.40 38.96 -56.12
CA GLY K 195 -8.55 38.81 -57.33
C GLY K 195 -7.17 39.43 -57.15
N VAL K 196 -6.75 39.69 -55.90
CA VAL K 196 -5.45 40.34 -55.56
C VAL K 196 -4.59 39.38 -54.75
N GLU K 197 -5.12 38.87 -53.63
CA GLU K 197 -4.40 38.04 -52.62
C GLU K 197 -3.49 37.03 -53.36
N GLU K 198 -4.11 36.18 -54.18
CA GLU K 198 -3.48 35.26 -55.17
C GLU K 198 -2.01 35.64 -55.44
N PHE K 199 -1.76 36.91 -55.79
CA PHE K 199 -0.45 37.40 -56.31
C PHE K 199 0.42 37.95 -55.18
N VAL K 200 -0.17 38.63 -54.20
CA VAL K 200 0.53 39.22 -53.02
C VAL K 200 1.36 38.12 -52.34
N SER K 201 0.73 36.98 -52.04
CA SER K 201 1.34 35.80 -51.37
C SER K 201 2.33 35.10 -52.31
N ASP K 202 3.22 34.26 -51.73
CA ASP K 202 4.24 33.46 -52.45
C ASP K 202 3.70 32.07 -52.77
N ASN K 203 2.97 31.49 -51.81
CA ASN K 203 2.44 30.10 -51.91
C ASN K 203 0.92 30.18 -51.81
N VAL K 204 0.23 29.44 -52.68
CA VAL K 204 -1.25 29.46 -52.85
C VAL K 204 -1.75 28.02 -52.82
N VAL K 205 -2.73 27.75 -51.96
CA VAL K 205 -3.40 26.44 -51.82
C VAL K 205 -4.91 26.67 -51.92
N ILE K 206 -5.55 25.94 -52.83
CA ILE K 206 -7.00 26.04 -53.11
C ILE K 206 -7.65 24.77 -52.57
N LEU K 207 -8.53 24.92 -51.56
CA LEU K 207 -9.42 23.81 -51.13
C LEU K 207 -10.74 23.97 -51.89
N ARG K 208 -11.36 22.83 -52.18
CA ARG K 208 -12.62 22.75 -52.94
C ARG K 208 -13.53 21.71 -52.30
N ASN K 209 -14.83 21.87 -52.53
CA ASN K 209 -15.89 20.94 -52.07
C ASN K 209 -16.82 20.76 -53.27
N VAL K 210 -16.28 20.23 -54.36
CA VAL K 210 -16.95 20.16 -55.69
C VAL K 210 -18.16 19.25 -55.55
N LEU K 211 -19.33 19.74 -55.95
CA LEU K 211 -20.59 18.97 -55.98
C LEU K 211 -20.61 18.14 -57.28
N GLU K 212 -20.31 16.84 -57.19
CA GLU K 212 -20.28 15.90 -58.33
C GLU K 212 -21.59 15.10 -58.35
N GLY K 213 -22.60 15.63 -59.04
CA GLY K 213 -23.99 15.13 -58.97
C GLY K 213 -24.65 15.60 -57.70
N GLU K 214 -25.00 14.68 -56.79
CA GLU K 214 -25.57 15.00 -55.46
C GLU K 214 -24.58 14.67 -54.35
N ARG K 215 -23.35 14.30 -54.70
CA ARG K 215 -22.24 14.01 -53.74
C ARG K 215 -21.20 15.13 -53.82
N ARG K 216 -20.40 15.27 -52.75
CA ARG K 216 -19.35 16.31 -52.61
C ARG K 216 -17.97 15.65 -52.60
N ARG K 217 -17.06 16.12 -53.44
CA ARG K 217 -15.66 15.63 -53.54
C ARG K 217 -14.72 16.77 -53.13
N ARG K 218 -14.19 16.70 -51.91
CA ARG K 218 -13.19 17.67 -51.40
C ARG K 218 -11.84 17.37 -52.05
N THR K 219 -11.20 18.38 -52.66
CA THR K 219 -9.83 18.26 -53.23
C THR K 219 -8.98 19.46 -52.79
N LEU K 220 -7.69 19.22 -52.59
CA LEU K 220 -6.67 20.25 -52.28
C LEU K 220 -5.71 20.34 -53.47
N GLU K 221 -5.43 21.56 -53.92
CA GLU K 221 -4.43 21.86 -54.98
C GLU K 221 -3.45 22.92 -54.48
N ILE K 222 -2.14 22.67 -54.64
CA ILE K 222 -1.07 23.69 -54.56
C ILE K 222 -0.91 24.30 -55.94
N LEU K 223 -1.34 25.55 -56.12
CA LEU K 223 -1.32 26.28 -57.41
C LEU K 223 0.12 26.73 -57.70
N LYS K 224 0.77 27.36 -56.71
CA LYS K 224 2.20 27.72 -56.79
C LYS K 224 2.81 27.72 -55.38
N LEU K 225 4.08 27.33 -55.32
CA LEU K 225 5.02 27.63 -54.22
C LEU K 225 6.24 28.30 -54.85
N ARG K 226 6.39 29.62 -54.68
CA ARG K 226 7.49 30.39 -55.31
C ARG K 226 8.84 29.85 -54.83
N GLY K 227 9.75 29.61 -55.78
CA GLY K 227 11.15 29.22 -55.53
C GLY K 227 11.32 27.72 -55.36
N THR K 228 10.25 26.94 -55.46
CA THR K 228 10.29 25.47 -55.26
C THR K 228 9.30 24.74 -56.17
N SER K 229 9.56 23.45 -56.37
CA SER K 229 8.66 22.49 -57.07
C SER K 229 7.58 22.02 -56.09
N HIS K 230 6.44 21.61 -56.63
CA HIS K 230 5.34 20.93 -55.89
C HIS K 230 4.61 20.01 -56.85
N MET K 231 3.74 19.16 -56.32
CA MET K 231 2.88 18.29 -57.14
C MET K 231 1.71 19.12 -57.66
N LYS K 232 1.55 19.16 -58.98
CA LYS K 232 0.53 19.97 -59.66
C LYS K 232 -0.80 19.22 -59.65
N GLY K 233 -1.90 19.96 -59.72
CA GLY K 233 -3.26 19.40 -59.93
C GLY K 233 -4.03 19.29 -58.63
N GLU K 234 -5.26 18.76 -58.72
CA GLU K 234 -6.19 18.53 -57.59
C GLU K 234 -5.87 17.17 -56.96
N TYR K 235 -5.96 17.08 -55.64
CA TYR K 235 -5.79 15.82 -54.86
C TYR K 235 -6.98 15.66 -53.93
N PRO K 236 -7.67 14.51 -53.96
CA PRO K 236 -8.82 14.30 -53.09
C PRO K 236 -8.36 14.03 -51.67
N PHE K 237 -9.23 14.34 -50.72
CA PHE K 237 -8.98 14.18 -49.27
C PHE K 237 -10.33 14.08 -48.56
N THR K 238 -10.29 13.64 -47.31
CA THR K 238 -11.47 13.48 -46.42
C THR K 238 -11.14 14.14 -45.09
N ILE K 239 -12.10 14.85 -44.50
CA ILE K 239 -11.97 15.35 -43.10
C ILE K 239 -12.62 14.32 -42.18
N THR K 240 -11.77 13.47 -41.61
CA THR K 240 -12.11 12.39 -40.66
C THR K 240 -11.92 12.94 -39.25
N ASP K 241 -12.11 12.09 -38.24
CA ASP K 241 -11.92 12.45 -36.82
C ASP K 241 -10.42 12.55 -36.49
N HIS K 242 -9.54 12.13 -37.41
CA HIS K 242 -8.06 12.30 -37.31
C HIS K 242 -7.58 13.42 -38.24
N GLY K 243 -8.48 14.33 -38.64
CA GLY K 243 -8.14 15.57 -39.36
C GLY K 243 -8.20 15.41 -40.87
N ILE K 244 -7.41 16.20 -41.60
CA ILE K 244 -7.30 16.20 -43.08
C ILE K 244 -6.42 15.01 -43.49
N ASN K 245 -6.98 14.13 -44.33
CA ASN K 245 -6.30 12.91 -44.85
C ASN K 245 -6.32 12.97 -46.38
N ILE K 246 -5.20 13.39 -46.98
CA ILE K 246 -5.00 13.56 -48.45
C ILE K 246 -4.33 12.29 -48.97
N PHE K 247 -4.90 11.67 -50.01
CA PHE K 247 -4.30 10.53 -50.75
C PHE K 247 -3.60 11.08 -51.99
N PRO K 248 -2.25 11.22 -51.99
CA PRO K 248 -1.52 11.64 -53.18
C PRO K 248 -1.61 10.62 -54.32
N LEU K 249 -2.70 10.69 -55.10
CA LEU K 249 -3.05 9.75 -56.19
C LEU K 249 -1.81 9.44 -57.03
N GLY K 250 -1.04 10.48 -57.38
CA GLY K 250 0.14 10.39 -58.25
C GLY K 250 1.45 10.45 -57.48
N ALA K 251 1.46 10.01 -56.22
CA ALA K 251 2.67 9.90 -55.37
C ALA K 251 2.79 8.51 -54.72
N MET K 252 1.84 7.60 -54.99
CA MET K 252 2.08 6.15 -54.82
C MET K 252 3.14 5.79 -55.84
N ARG K 253 4.03 4.87 -55.52
CA ARG K 253 5.19 4.55 -56.39
C ARG K 253 4.99 3.13 -56.92
N LEU K 254 5.22 2.91 -58.22
CA LEU K 254 5.36 1.53 -58.75
C LEU K 254 6.63 0.94 -58.12
N THR K 255 6.53 0.60 -56.83
CA THR K 255 7.64 0.20 -55.94
C THR K 255 7.07 -0.69 -54.83
N GLN K 256 6.55 -1.85 -55.22
CA GLN K 256 5.92 -2.86 -54.32
C GLN K 256 6.68 -4.18 -54.45
N ARG K 257 6.51 -5.07 -53.48
CA ARG K 257 7.16 -6.41 -53.42
C ARG K 257 6.36 -7.37 -54.30
N SER K 258 7.02 -8.42 -54.82
CA SER K 258 6.39 -9.45 -55.69
C SER K 258 7.11 -10.80 -55.51
N SER K 259 6.51 -11.69 -54.70
CA SER K 259 7.01 -13.06 -54.42
C SER K 259 6.39 -14.04 -55.42
N ASN K 260 6.77 -15.31 -55.32
CA ASN K 260 6.18 -16.46 -56.07
C ASN K 260 5.37 -17.34 -55.12
N VAL K 261 5.09 -16.86 -53.90
CA VAL K 261 4.32 -17.64 -52.89
C VAL K 261 2.90 -17.83 -53.43
N ARG K 262 2.43 -19.08 -53.43
CA ARG K 262 1.08 -19.44 -53.90
C ARG K 262 0.11 -19.38 -52.71
N VAL K 263 -1.17 -19.32 -53.02
CA VAL K 263 -2.31 -19.31 -52.06
C VAL K 263 -3.44 -20.06 -52.75
N SER K 264 -4.39 -20.59 -51.98
CA SER K 264 -5.56 -21.32 -52.52
C SER K 264 -6.73 -20.37 -52.71
N SER K 265 -7.48 -20.57 -53.79
CA SER K 265 -8.71 -19.84 -54.16
C SER K 265 -9.91 -20.38 -53.37
N GLY K 266 -9.74 -21.52 -52.69
CA GLY K 266 -10.82 -22.24 -52.00
C GLY K 266 -11.51 -23.23 -52.92
N VAL K 267 -11.09 -23.27 -54.20
CA VAL K 267 -11.59 -24.22 -55.23
C VAL K 267 -10.38 -24.95 -55.82
N VAL K 268 -10.35 -26.27 -55.67
CA VAL K 268 -9.14 -27.12 -55.89
C VAL K 268 -8.86 -27.13 -57.40
N ARG K 269 -9.90 -27.34 -58.20
CA ARG K 269 -9.80 -27.39 -59.69
C ARG K 269 -9.41 -26.01 -60.22
N LEU K 270 -9.75 -24.92 -59.51
CA LEU K 270 -9.34 -23.53 -59.90
C LEU K 270 -7.84 -23.35 -59.63
N ASP K 271 -7.34 -23.83 -58.48
CA ASP K 271 -5.90 -23.76 -58.12
C ASP K 271 -5.09 -24.51 -59.18
N GLU K 272 -5.54 -25.72 -59.56
CA GLU K 272 -4.93 -26.54 -60.64
C GLU K 272 -4.85 -25.72 -61.92
N MET K 273 -5.95 -25.05 -62.28
CA MET K 273 -6.11 -24.26 -63.53
C MET K 273 -5.26 -22.98 -63.46
N CYS K 274 -4.87 -22.53 -62.27
CA CYS K 274 -3.99 -21.35 -62.06
C CYS K 274 -2.52 -21.79 -61.91
N GLY K 275 -2.21 -23.06 -62.19
CA GLY K 275 -0.84 -23.62 -62.12
C GLY K 275 -0.38 -23.80 -60.69
N GLY K 276 -1.31 -24.11 -59.78
CA GLY K 276 -1.03 -24.39 -58.36
C GLY K 276 -1.56 -23.30 -57.42
N GLY K 277 -2.56 -22.53 -57.86
CA GLY K 277 -3.25 -21.51 -57.04
C GLY K 277 -2.80 -20.10 -57.38
N PHE K 278 -3.54 -19.09 -56.88
CA PHE K 278 -3.22 -17.65 -57.07
C PHE K 278 -1.88 -17.35 -56.41
N PHE K 279 -1.21 -16.28 -56.85
CA PHE K 279 -0.06 -15.67 -56.15
C PHE K 279 -0.59 -14.87 -54.95
N LYS K 280 0.18 -14.86 -53.86
CA LYS K 280 -0.13 -14.04 -52.64
C LYS K 280 -0.14 -12.56 -53.05
N ASP K 281 0.92 -12.13 -53.74
CA ASP K 281 1.10 -10.73 -54.22
C ASP K 281 0.48 -10.62 -55.62
N SER K 282 -0.84 -10.52 -55.70
CA SER K 282 -1.55 -10.34 -56.99
C SER K 282 -2.97 -9.82 -56.77
N ILE K 283 -3.51 -9.17 -57.81
CA ILE K 283 -4.93 -8.73 -57.88
C ILE K 283 -5.67 -9.66 -58.84
N ILE K 284 -6.72 -10.32 -58.33
CA ILE K 284 -7.53 -11.31 -59.09
C ILE K 284 -8.86 -10.64 -59.44
N LEU K 285 -9.32 -10.81 -60.67
CA LEU K 285 -10.60 -10.23 -61.18
C LEU K 285 -11.53 -11.35 -61.63
N ALA K 286 -12.76 -11.33 -61.13
CA ALA K 286 -13.85 -12.28 -61.45
C ALA K 286 -14.88 -11.54 -62.30
N THR K 287 -14.93 -11.83 -63.60
CA THR K 287 -15.76 -11.10 -64.59
C THR K 287 -16.83 -12.02 -65.16
N GLY K 288 -18.10 -11.60 -65.15
CA GLY K 288 -19.19 -12.35 -65.77
C GLY K 288 -20.54 -11.71 -65.54
N ALA K 289 -21.55 -12.15 -66.29
CA ALA K 289 -22.93 -11.65 -66.24
C ALA K 289 -23.52 -11.86 -64.83
N THR K 290 -24.71 -11.33 -64.57
CA THR K 290 -25.42 -11.50 -63.29
C THR K 290 -25.74 -13.00 -63.12
N GLY K 291 -25.51 -13.53 -61.92
CA GLY K 291 -25.87 -14.91 -61.52
C GLY K 291 -24.92 -15.97 -62.08
N THR K 292 -23.68 -15.60 -62.44
CA THR K 292 -22.70 -16.53 -63.08
C THR K 292 -21.79 -17.19 -62.04
N GLY K 293 -21.73 -16.69 -60.81
CA GLY K 293 -21.02 -17.35 -59.70
C GLY K 293 -19.89 -16.54 -59.08
N LYS K 294 -19.84 -15.23 -59.31
CA LYS K 294 -18.76 -14.33 -58.79
C LYS K 294 -18.72 -14.41 -57.25
N THR K 295 -19.86 -14.18 -56.59
CA THR K 295 -19.96 -14.11 -55.11
C THR K 295 -19.67 -15.49 -54.50
N LEU K 296 -19.94 -16.57 -55.24
CA LEU K 296 -19.60 -17.96 -54.80
C LEU K 296 -18.07 -18.11 -54.78
N LEU K 297 -17.38 -17.77 -55.87
CA LEU K 297 -15.89 -17.76 -55.90
C LEU K 297 -15.36 -16.88 -54.76
N VAL K 298 -15.97 -15.71 -54.53
CA VAL K 298 -15.53 -14.75 -53.47
C VAL K 298 -15.69 -15.44 -52.12
N SER K 299 -16.92 -15.85 -51.78
CA SER K 299 -17.22 -16.58 -50.53
C SER K 299 -16.10 -17.61 -50.30
N ARG K 300 -15.86 -18.46 -51.30
CA ARG K 300 -14.84 -19.55 -51.30
C ARG K 300 -13.45 -18.95 -51.01
N PHE K 301 -13.08 -17.90 -51.73
CA PHE K 301 -11.76 -17.22 -51.63
C PHE K 301 -11.53 -16.76 -50.19
N VAL K 302 -12.60 -16.36 -49.51
CA VAL K 302 -12.57 -15.87 -48.10
C VAL K 302 -12.46 -17.06 -47.14
N GLU K 303 -13.23 -18.13 -47.37
CA GLU K 303 -13.32 -19.29 -46.45
C GLU K 303 -12.02 -20.07 -46.42
N ASN K 304 -11.21 -19.99 -47.49
CA ASN K 304 -9.89 -20.65 -47.58
C ASN K 304 -8.91 -20.02 -46.58
N ALA K 305 -8.96 -18.70 -46.41
CA ALA K 305 -8.05 -17.92 -45.54
C ALA K 305 -8.24 -18.33 -44.08
N CYS K 306 -9.49 -18.37 -43.62
CA CYS K 306 -9.88 -18.72 -42.22
C CYS K 306 -9.61 -20.20 -41.96
N ALA K 307 -9.65 -21.04 -43.01
CA ALA K 307 -9.33 -22.49 -42.93
C ALA K 307 -7.83 -22.68 -42.65
N ASN K 308 -6.98 -21.69 -42.95
CA ASN K 308 -5.52 -21.73 -42.68
C ASN K 308 -5.17 -20.70 -41.60
N LYS K 309 -6.15 -20.33 -40.76
CA LYS K 309 -6.01 -19.37 -39.64
C LYS K 309 -5.34 -18.08 -40.15
N GLU K 310 -5.94 -17.45 -41.14
CA GLU K 310 -5.57 -16.11 -41.66
C GLU K 310 -6.82 -15.23 -41.63
N ARG K 311 -6.64 -13.92 -41.43
CA ARG K 311 -7.75 -12.93 -41.42
C ARG K 311 -8.05 -12.49 -42.85
N ALA K 312 -9.34 -12.28 -43.14
CA ALA K 312 -9.85 -11.82 -44.44
C ALA K 312 -11.00 -10.82 -44.24
N ILE K 313 -11.13 -9.86 -45.15
CA ILE K 313 -12.23 -8.86 -45.18
C ILE K 313 -13.01 -9.04 -46.48
N LEU K 314 -14.32 -9.24 -46.38
CA LEU K 314 -15.27 -9.17 -47.53
C LEU K 314 -15.89 -7.77 -47.55
N PHE K 315 -15.49 -6.95 -48.53
CA PHE K 315 -16.10 -5.63 -48.81
C PHE K 315 -17.29 -5.82 -49.76
N ALA K 316 -18.48 -6.03 -49.18
CA ALA K 316 -19.76 -6.21 -49.90
C ALA K 316 -20.37 -4.84 -50.18
N TYR K 317 -20.85 -4.61 -51.41
CA TYR K 317 -21.62 -3.38 -51.79
C TYR K 317 -22.93 -3.74 -52.51
N GLU K 318 -23.34 -5.02 -52.52
CA GLU K 318 -24.54 -5.48 -53.26
C GLU K 318 -25.51 -6.19 -52.30
N GLU K 319 -25.01 -7.10 -51.46
CA GLU K 319 -25.81 -7.92 -50.51
C GLU K 319 -25.52 -7.49 -49.07
N SER K 320 -26.48 -7.71 -48.16
CA SER K 320 -26.32 -7.50 -46.70
C SER K 320 -25.67 -8.74 -46.06
N ARG K 321 -25.05 -8.57 -44.89
CA ARG K 321 -24.48 -9.68 -44.09
C ARG K 321 -25.51 -10.80 -44.00
N ALA K 322 -26.73 -10.47 -43.58
CA ALA K 322 -27.90 -11.38 -43.48
C ALA K 322 -27.96 -12.30 -44.70
N GLN K 323 -27.98 -11.71 -45.90
CA GLN K 323 -28.12 -12.44 -47.18
C GLN K 323 -26.80 -13.15 -47.50
N LEU K 324 -25.66 -12.54 -47.17
CA LEU K 324 -24.31 -13.13 -47.44
C LEU K 324 -24.08 -14.37 -46.59
N LEU K 325 -24.78 -14.51 -45.47
CA LEU K 325 -24.67 -15.71 -44.60
C LEU K 325 -25.61 -16.82 -45.09
N ARG K 326 -26.88 -16.47 -45.35
CA ARG K 326 -27.91 -17.42 -45.85
C ARG K 326 -27.39 -18.11 -47.11
N ASN K 327 -26.86 -17.32 -48.06
CA ASN K 327 -26.37 -17.81 -49.38
C ASN K 327 -25.11 -18.66 -49.19
N ALA K 328 -24.21 -18.24 -48.30
CA ALA K 328 -22.95 -18.96 -47.99
C ALA K 328 -23.26 -20.30 -47.33
N TYR K 329 -24.29 -20.34 -46.46
CA TYR K 329 -24.68 -21.55 -45.71
C TYR K 329 -25.35 -22.56 -46.65
N SER K 330 -26.00 -22.09 -47.72
CA SER K 330 -26.60 -22.96 -48.76
C SER K 330 -25.52 -23.51 -49.69
N TRP K 331 -24.31 -22.95 -49.67
CA TRP K 331 -23.12 -23.45 -50.42
C TRP K 331 -22.22 -24.31 -49.52
N GLY K 332 -22.55 -24.46 -48.23
CA GLY K 332 -21.92 -25.42 -47.31
C GLY K 332 -21.03 -24.76 -46.27
N MET K 333 -20.57 -23.54 -46.53
CA MET K 333 -19.58 -22.78 -45.73
C MET K 333 -20.31 -21.90 -44.71
N ASP K 334 -19.82 -21.84 -43.47
CA ASP K 334 -20.44 -21.10 -42.34
C ASP K 334 -19.58 -19.86 -42.04
N PHE K 335 -20.08 -18.67 -42.40
CA PHE K 335 -19.44 -17.35 -42.15
C PHE K 335 -19.44 -17.05 -40.65
N GLU K 336 -20.47 -17.49 -39.93
CA GLU K 336 -20.67 -17.18 -38.48
C GLU K 336 -19.40 -17.52 -37.71
N GLU K 337 -19.01 -18.78 -37.72
CA GLU K 337 -17.86 -19.29 -36.93
C GLU K 337 -16.59 -18.53 -37.37
N MET K 338 -16.47 -18.19 -38.66
CA MET K 338 -15.30 -17.44 -39.20
C MET K 338 -15.27 -16.04 -38.60
N GLU K 339 -16.44 -15.42 -38.41
CA GLU K 339 -16.59 -14.08 -37.77
C GLU K 339 -16.29 -14.18 -36.28
N ARG K 340 -16.88 -15.16 -35.59
CA ARG K 340 -16.76 -15.35 -34.12
C ARG K 340 -15.30 -15.65 -33.76
N GLN K 341 -14.63 -16.45 -34.59
CA GLN K 341 -13.18 -16.80 -34.43
C GLN K 341 -12.31 -15.58 -34.69
N ASN K 342 -12.87 -14.49 -35.23
CA ASN K 342 -12.21 -13.19 -35.48
C ASN K 342 -11.27 -13.32 -36.69
N LEU K 343 -11.66 -14.10 -37.70
CA LEU K 343 -10.86 -14.31 -38.95
C LEU K 343 -11.56 -13.73 -40.18
N LEU K 344 -12.87 -13.44 -40.12
CA LEU K 344 -13.62 -12.87 -41.26
C LEU K 344 -14.41 -11.66 -40.78
N LYS K 345 -14.19 -10.52 -41.44
CA LYS K 345 -14.96 -9.26 -41.26
C LYS K 345 -15.82 -9.05 -42.51
N ILE K 346 -17.15 -9.05 -42.33
CA ILE K 346 -18.15 -8.71 -43.39
C ILE K 346 -18.59 -7.25 -43.17
N VAL K 347 -18.16 -6.34 -44.06
CA VAL K 347 -18.50 -4.89 -44.03
C VAL K 347 -19.37 -4.58 -45.23
N CYS K 348 -20.59 -4.14 -45.08
CA CYS K 348 -21.59 -3.87 -46.12
C CYS K 348 -21.87 -2.36 -46.17
N ALA K 349 -21.87 -1.79 -47.38
CA ALA K 349 -22.20 -0.37 -47.65
C ALA K 349 -22.78 -0.25 -49.05
N TYR K 350 -23.78 0.61 -49.25
CA TYR K 350 -24.24 1.03 -50.60
C TYR K 350 -23.16 1.91 -51.20
N PRO K 351 -22.83 1.78 -52.51
CA PRO K 351 -21.94 2.72 -53.17
C PRO K 351 -22.44 4.18 -53.13
N GLU K 352 -23.76 4.40 -53.10
CA GLU K 352 -24.35 5.76 -53.15
C GLU K 352 -24.29 6.41 -51.76
N SER K 353 -23.97 5.66 -50.70
CA SER K 353 -23.93 6.15 -49.30
C SER K 353 -22.82 7.20 -49.12
N ALA K 354 -21.76 7.13 -49.94
CA ALA K 354 -20.64 8.09 -49.91
C ALA K 354 -20.06 8.28 -51.32
N GLY K 355 -19.00 9.09 -51.42
CA GLY K 355 -18.17 9.21 -52.64
C GLY K 355 -17.03 8.20 -52.61
N LEU K 356 -16.27 8.11 -53.71
CA LEU K 356 -15.18 7.12 -53.90
C LEU K 356 -14.06 7.32 -52.86
N GLU K 357 -13.57 8.56 -52.69
CA GLU K 357 -12.51 8.89 -51.71
C GLU K 357 -12.94 8.41 -50.32
N ASP K 358 -14.20 8.68 -49.94
CA ASP K 358 -14.81 8.25 -48.66
C ASP K 358 -14.67 6.73 -48.53
N HIS K 359 -15.05 5.98 -49.57
CA HIS K 359 -15.00 4.49 -49.62
C HIS K 359 -13.54 4.04 -49.51
N LEU K 360 -12.67 4.58 -50.37
CA LEU K 360 -11.20 4.29 -50.34
C LEU K 360 -10.69 4.51 -48.90
N GLN K 361 -11.17 5.56 -48.24
CA GLN K 361 -10.84 5.88 -46.81
C GLN K 361 -11.30 4.72 -45.92
N ILE K 362 -12.58 4.34 -45.99
CA ILE K 362 -13.14 3.21 -45.19
C ILE K 362 -12.22 2.00 -45.37
N ILE K 363 -11.95 1.63 -46.62
CA ILE K 363 -11.23 0.37 -46.99
C ILE K 363 -9.84 0.39 -46.34
N LYS K 364 -9.03 1.42 -46.60
CA LYS K 364 -7.67 1.56 -46.03
C LYS K 364 -7.78 1.50 -44.51
N SER K 365 -8.63 2.34 -43.91
CA SER K 365 -8.93 2.40 -42.46
C SER K 365 -9.22 0.99 -41.93
N GLU K 366 -10.11 0.25 -42.59
CA GLU K 366 -10.65 -1.05 -42.12
C GLU K 366 -9.58 -2.14 -42.25
N ILE K 367 -8.68 -2.04 -43.23
CA ILE K 367 -7.57 -3.03 -43.47
C ILE K 367 -6.51 -2.88 -42.38
N ASN K 368 -6.30 -1.67 -41.85
CA ASN K 368 -5.25 -1.37 -40.84
C ASN K 368 -5.66 -1.95 -39.48
N ASP K 369 -6.90 -1.72 -39.05
CA ASP K 369 -7.41 -2.12 -37.70
C ASP K 369 -7.67 -3.62 -37.63
N PHE K 370 -7.68 -4.34 -38.77
CA PHE K 370 -7.95 -5.80 -38.83
C PHE K 370 -6.72 -6.58 -39.30
N LYS K 371 -5.86 -5.97 -40.14
CA LYS K 371 -4.58 -6.55 -40.62
C LYS K 371 -4.83 -7.92 -41.25
N PRO K 372 -5.60 -8.00 -42.36
CA PRO K 372 -5.87 -9.28 -43.01
C PRO K 372 -4.81 -9.62 -44.06
N ALA K 373 -4.76 -10.89 -44.48
CA ALA K 373 -3.89 -11.41 -45.56
C ALA K 373 -4.64 -11.37 -46.89
N ARG K 374 -5.97 -11.21 -46.86
CA ARG K 374 -6.86 -11.32 -48.04
C ARG K 374 -7.99 -10.29 -47.96
N ILE K 375 -8.08 -9.45 -48.99
CA ILE K 375 -9.22 -8.52 -49.22
C ILE K 375 -10.06 -9.11 -50.36
N ALA K 376 -11.38 -8.89 -50.34
CA ALA K 376 -12.30 -9.17 -51.45
C ALA K 376 -13.34 -8.05 -51.55
N ILE K 377 -13.55 -7.51 -52.74
CA ILE K 377 -14.56 -6.43 -52.98
C ILE K 377 -15.64 -6.96 -53.93
N ASP K 378 -16.90 -6.97 -53.46
CA ASP K 378 -18.08 -7.50 -54.19
C ASP K 378 -19.15 -6.42 -54.22
N SER K 379 -19.14 -5.54 -55.24
CA SER K 379 -18.26 -5.63 -56.40
C SER K 379 -17.79 -4.23 -56.83
N LEU K 380 -16.73 -4.17 -57.64
CA LEU K 380 -16.21 -2.90 -58.23
C LEU K 380 -17.30 -2.28 -59.11
N SER K 381 -17.98 -3.11 -59.92
CA SER K 381 -19.04 -2.67 -60.87
C SER K 381 -20.13 -1.91 -60.11
N ALA K 382 -20.37 -2.24 -58.84
CA ALA K 382 -21.32 -1.51 -57.96
C ALA K 382 -20.81 -0.09 -57.72
N LEU K 383 -19.50 0.05 -57.43
CA LEU K 383 -18.84 1.33 -57.06
C LEU K 383 -18.64 2.22 -58.30
N ALA K 384 -18.61 1.63 -59.50
CA ALA K 384 -18.41 2.37 -60.78
C ALA K 384 -19.70 3.06 -61.21
N ARG K 385 -20.85 2.65 -60.66
CA ARG K 385 -22.21 3.15 -61.00
C ARG K 385 -22.29 4.67 -60.78
N GLY K 386 -22.65 5.43 -61.83
CA GLY K 386 -22.95 6.87 -61.76
C GLY K 386 -21.69 7.72 -61.87
N VAL K 387 -20.72 7.43 -61.01
CA VAL K 387 -19.32 7.96 -61.01
C VAL K 387 -18.73 7.92 -62.42
N SER K 388 -17.88 8.90 -62.75
CA SER K 388 -17.17 9.01 -64.05
C SER K 388 -16.09 7.93 -64.14
N ASN K 389 -15.74 7.52 -65.36
CA ASN K 389 -14.76 6.44 -65.63
C ASN K 389 -13.43 6.77 -64.95
N ASN K 390 -12.92 7.99 -65.13
CA ASN K 390 -11.60 8.42 -64.58
C ASN K 390 -11.66 8.33 -63.05
N ALA K 391 -12.66 8.99 -62.44
CA ALA K 391 -12.89 9.02 -60.98
C ALA K 391 -12.87 7.58 -60.46
N PHE K 392 -13.55 6.69 -61.17
CA PHE K 392 -13.63 5.24 -60.86
C PHE K 392 -12.25 4.59 -60.93
N ARG K 393 -11.58 4.68 -62.07
CA ARG K 393 -10.22 4.08 -62.30
C ARG K 393 -9.29 4.54 -61.17
N GLN K 394 -9.32 5.83 -60.84
CA GLN K 394 -8.48 6.46 -59.79
C GLN K 394 -8.67 5.69 -58.47
N PHE K 395 -9.93 5.43 -58.10
CA PHE K 395 -10.30 4.62 -56.90
C PHE K 395 -9.61 3.25 -57.02
N VAL K 396 -9.72 2.62 -58.19
CA VAL K 396 -9.24 1.23 -58.45
C VAL K 396 -7.70 1.22 -58.42
N ILE K 397 -7.01 2.23 -58.98
CA ILE K 397 -5.52 2.30 -58.93
C ILE K 397 -5.09 2.41 -57.47
N GLY K 398 -5.89 3.06 -56.62
CA GLY K 398 -5.60 3.25 -55.18
C GLY K 398 -5.75 1.95 -54.40
N VAL K 399 -6.90 1.29 -54.52
CA VAL K 399 -7.28 0.09 -53.72
C VAL K 399 -6.39 -1.08 -54.18
N THR K 400 -6.28 -1.28 -55.49
CA THR K 400 -5.35 -2.27 -56.12
C THR K 400 -3.92 -2.01 -55.63
N GLY K 401 -3.48 -0.76 -55.74
CA GLY K 401 -2.13 -0.32 -55.37
C GLY K 401 -1.86 -0.47 -53.88
N TYR K 402 -2.84 -0.16 -53.03
CA TYR K 402 -2.69 -0.26 -51.55
C TYR K 402 -2.51 -1.73 -51.15
N ALA K 403 -3.36 -2.62 -51.69
CA ALA K 403 -3.28 -4.09 -51.47
C ALA K 403 -1.89 -4.60 -51.86
N LYS K 404 -1.44 -4.25 -53.08
CA LYS K 404 -0.18 -4.74 -53.68
C LYS K 404 1.02 -4.42 -52.79
N GLN K 405 1.19 -3.16 -52.39
CA GLN K 405 2.37 -2.74 -51.57
C GLN K 405 2.24 -3.26 -50.14
N GLU K 406 1.05 -3.71 -49.72
CA GLU K 406 0.79 -4.22 -48.34
C GLU K 406 0.77 -5.75 -48.31
N GLU K 407 1.14 -6.42 -49.42
CA GLU K 407 1.30 -7.90 -49.50
C GLU K 407 -0.02 -8.61 -49.18
N ILE K 408 -1.16 -8.00 -49.53
CA ILE K 408 -2.53 -8.55 -49.34
C ILE K 408 -3.05 -9.06 -50.68
N THR K 409 -3.57 -10.28 -50.74
CA THR K 409 -4.25 -10.84 -51.94
C THR K 409 -5.62 -10.18 -52.08
N GLY K 410 -5.92 -9.69 -53.28
CA GLY K 410 -7.19 -8.99 -53.58
C GLY K 410 -7.96 -9.71 -54.66
N LEU K 411 -9.19 -10.14 -54.34
CA LEU K 411 -10.18 -10.65 -55.34
C LEU K 411 -11.24 -9.58 -55.54
N PHE K 412 -11.40 -9.10 -56.78
CA PHE K 412 -12.34 -8.03 -57.15
C PHE K 412 -13.35 -8.60 -58.16
N THR K 413 -14.63 -8.50 -57.82
CA THR K 413 -15.74 -9.02 -58.65
C THR K 413 -16.19 -7.88 -59.56
N ASN K 414 -16.59 -8.21 -60.79
CA ASN K 414 -17.07 -7.25 -61.80
C ASN K 414 -18.21 -7.91 -62.59
N THR K 415 -19.39 -7.30 -62.56
CA THR K 415 -20.60 -7.75 -63.31
C THR K 415 -20.68 -6.96 -64.61
N SER K 416 -20.57 -7.64 -65.76
CA SER K 416 -20.66 -7.03 -67.11
C SER K 416 -22.09 -6.56 -67.34
N ASP K 417 -22.25 -5.43 -68.03
CA ASP K 417 -23.56 -4.82 -68.35
C ASP K 417 -24.34 -5.77 -69.28
N GLN K 418 -23.66 -6.47 -70.19
CA GLN K 418 -24.36 -7.45 -71.07
C GLN K 418 -24.18 -8.85 -70.51
N PHE K 419 -25.23 -9.66 -70.63
CA PHE K 419 -25.31 -11.04 -70.09
C PHE K 419 -24.79 -12.05 -71.13
N MET K 420 -24.73 -11.64 -72.41
CA MET K 420 -24.21 -12.48 -73.52
C MET K 420 -23.70 -11.61 -74.67
N GLY K 421 -22.74 -12.14 -75.43
CA GLY K 421 -22.14 -11.45 -76.59
C GLY K 421 -21.21 -10.33 -76.18
N ALA K 422 -20.71 -10.36 -74.94
CA ALA K 422 -19.77 -9.37 -74.37
C ALA K 422 -18.41 -9.56 -75.04
N HIS K 423 -17.84 -8.47 -75.60
CA HIS K 423 -16.56 -8.47 -76.34
C HIS K 423 -15.42 -7.94 -75.46
N SER K 424 -15.73 -7.10 -74.46
CA SER K 424 -14.75 -6.51 -73.51
C SER K 424 -14.91 -7.16 -72.13
N ILE K 425 -13.79 -7.52 -71.49
CA ILE K 425 -13.76 -8.12 -70.12
C ILE K 425 -14.52 -7.17 -69.18
N THR K 426 -14.04 -5.93 -69.05
CA THR K 426 -14.66 -4.88 -68.21
C THR K 426 -15.11 -3.72 -69.10
N ASP K 427 -16.22 -3.07 -68.75
CA ASP K 427 -16.78 -1.90 -69.46
C ASP K 427 -16.01 -0.63 -69.04
N SER K 428 -15.34 -0.66 -67.88
CA SER K 428 -14.52 0.45 -67.34
C SER K 428 -13.07 0.33 -67.83
N HIS K 429 -12.74 -0.76 -68.50
CA HIS K 429 -11.39 -1.02 -69.10
C HIS K 429 -10.32 -0.95 -68.01
N ILE K 430 -10.32 -1.91 -67.09
CA ILE K 430 -9.36 -2.01 -65.95
C ILE K 430 -8.67 -3.37 -65.97
N SEP K 431 -8.61 -3.99 -67.16
CA SEP K 431 -8.02 -5.31 -67.31
CB SEP K 431 -8.49 -5.93 -68.62
OG SEP K 431 -9.88 -5.59 -68.82
C SEP K 431 -6.50 -5.25 -67.21
O SEP K 431 -5.88 -6.19 -66.72
P SEP K 431 -10.34 -4.87 -70.19
O1P SEP K 431 -9.31 -3.80 -70.47
O2P SEP K 431 -11.72 -4.30 -69.93
O3P SEP K 431 -10.37 -5.96 -71.26
N TPO K 432 -5.91 -4.14 -67.66
CA TPO K 432 -4.46 -3.98 -67.64
CB TPO K 432 -4.02 -2.87 -68.62
CG2 TPO K 432 -3.80 -3.41 -70.01
OG1 TPO K 432 -5.07 -1.85 -68.69
P TPO K 432 -4.89 -0.43 -69.48
O1P TPO K 432 -3.78 -0.55 -70.51
O2P TPO K 432 -4.63 0.58 -68.47
O3P TPO K 432 -6.20 -0.07 -70.02
C TPO K 432 -3.96 -3.70 -66.23
O TPO K 432 -2.75 -3.73 -66.00
N ILE K 433 -4.88 -3.44 -65.30
CA ILE K 433 -4.52 -3.13 -63.91
C ILE K 433 -4.49 -4.43 -63.09
N THR K 434 -5.26 -5.46 -63.47
CA THR K 434 -5.31 -6.77 -62.79
C THR K 434 -4.18 -7.68 -63.28
N ASP K 435 -3.73 -8.60 -62.43
CA ASP K 435 -2.65 -9.59 -62.72
C ASP K 435 -3.29 -10.89 -63.22
N THR K 436 -4.43 -11.27 -62.64
CA THR K 436 -5.14 -12.53 -62.95
C THR K 436 -6.61 -12.22 -63.26
N ILE K 437 -7.16 -12.81 -64.32
CA ILE K 437 -8.59 -12.65 -64.70
C ILE K 437 -9.25 -14.03 -64.80
N ILE K 438 -10.14 -14.30 -63.85
CA ILE K 438 -11.16 -15.38 -63.92
C ILE K 438 -12.31 -14.84 -64.76
N LEU K 439 -12.83 -15.65 -65.67
CA LEU K 439 -13.92 -15.26 -66.59
C LEU K 439 -15.04 -16.29 -66.47
N LEU K 440 -16.16 -15.88 -65.86
CA LEU K 440 -17.42 -16.65 -65.89
C LEU K 440 -18.25 -16.15 -67.06
N GLN K 441 -18.97 -17.05 -67.71
CA GLN K 441 -19.88 -16.71 -68.83
C GLN K 441 -20.98 -17.76 -68.90
N TYR K 442 -22.16 -17.38 -69.34
CA TYR K 442 -23.21 -18.34 -69.75
C TYR K 442 -22.84 -18.94 -71.10
N VAL K 443 -23.38 -20.13 -71.32
CA VAL K 443 -23.28 -20.91 -72.58
C VAL K 443 -24.63 -21.59 -72.75
N GLU K 444 -25.23 -21.45 -73.93
CA GLU K 444 -26.56 -21.99 -74.28
C GLU K 444 -26.35 -23.26 -75.10
N ILE K 445 -26.63 -24.43 -74.51
CA ILE K 445 -26.68 -25.74 -75.23
C ILE K 445 -28.05 -26.39 -74.98
N ARG K 446 -28.64 -27.00 -75.99
CA ARG K 446 -29.84 -27.86 -75.85
C ARG K 446 -30.94 -27.12 -75.10
N GLY K 447 -31.12 -25.83 -75.41
CA GLY K 447 -32.21 -24.98 -74.86
C GLY K 447 -32.08 -24.75 -73.37
N GLU K 448 -30.86 -24.84 -72.82
CA GLU K 448 -30.56 -24.62 -71.38
C GLU K 448 -29.47 -23.56 -71.25
N MET K 449 -29.27 -23.05 -70.03
CA MET K 449 -28.21 -22.06 -69.70
C MET K 449 -27.16 -22.76 -68.83
N SER K 450 -26.01 -23.08 -69.41
CA SER K 450 -24.83 -23.61 -68.69
C SER K 450 -23.98 -22.43 -68.22
N ARG K 451 -22.96 -22.70 -67.41
CA ARG K 451 -21.88 -21.75 -67.07
C ARG K 451 -20.56 -22.37 -67.51
N ALA K 452 -19.52 -21.55 -67.61
CA ALA K 452 -18.21 -21.98 -68.12
C ALA K 452 -17.12 -21.04 -67.59
N ILE K 453 -16.41 -21.46 -66.56
CA ILE K 453 -15.23 -20.73 -66.02
C ILE K 453 -14.07 -20.87 -67.01
N ASN K 454 -13.19 -19.88 -67.02
CA ASN K 454 -11.94 -19.86 -67.83
C ASN K 454 -10.92 -18.98 -67.11
N VAL K 455 -9.71 -19.49 -66.87
CA VAL K 455 -8.56 -18.66 -66.40
C VAL K 455 -8.01 -17.92 -67.62
N PHE K 456 -8.48 -16.69 -67.83
CA PHE K 456 -8.27 -15.88 -69.05
C PHE K 456 -6.82 -15.41 -69.12
N LYS K 457 -6.23 -15.08 -67.97
CA LYS K 457 -4.78 -14.75 -67.89
C LYS K 457 -4.25 -14.92 -66.47
N MET K 458 -2.93 -15.11 -66.38
CA MET K 458 -2.16 -15.19 -65.12
C MET K 458 -0.76 -14.60 -65.36
N ARG K 459 -0.41 -13.57 -64.60
CA ARG K 459 0.92 -12.92 -64.64
C ARG K 459 1.88 -13.71 -63.75
N GLY K 460 2.69 -14.59 -64.35
CA GLY K 460 3.68 -15.41 -63.64
C GLY K 460 3.46 -16.89 -63.89
N SER K 461 2.21 -17.35 -63.79
CA SER K 461 1.85 -18.80 -63.83
C SER K 461 1.64 -19.27 -65.27
N TRP K 462 1.47 -20.57 -65.45
CA TRP K 462 1.22 -21.25 -66.75
C TRP K 462 -0.26 -21.14 -67.12
N HIS K 463 -1.14 -21.52 -66.19
CA HIS K 463 -2.63 -21.58 -66.28
C HIS K 463 -3.14 -22.44 -67.46
N ASP K 464 -4.25 -23.13 -67.21
CA ASP K 464 -5.04 -23.93 -68.18
C ASP K 464 -5.73 -22.97 -69.16
N LYS K 465 -5.69 -23.25 -70.46
CA LYS K 465 -6.28 -22.39 -71.51
C LYS K 465 -7.69 -22.90 -71.87
N ALA K 466 -8.27 -23.79 -71.07
CA ALA K 466 -9.53 -24.49 -71.37
C ALA K 466 -10.73 -23.72 -70.78
N ILE K 467 -11.81 -23.61 -71.56
CA ILE K 467 -13.13 -23.06 -71.11
C ILE K 467 -13.92 -24.23 -70.52
N ARG K 468 -13.64 -24.58 -69.27
CA ARG K 468 -14.28 -25.74 -68.59
C ARG K 468 -15.69 -25.33 -68.19
N GLU K 469 -16.70 -26.17 -68.51
CA GLU K 469 -18.08 -25.96 -68.02
C GLU K 469 -18.03 -26.16 -66.50
N PHE K 470 -19.01 -25.61 -65.77
CA PHE K 470 -19.11 -25.87 -64.32
C PHE K 470 -20.56 -25.68 -63.87
N MET K 471 -20.86 -26.33 -62.74
CA MET K 471 -22.19 -26.36 -62.10
C MET K 471 -22.03 -25.90 -60.65
N ILE K 472 -23.09 -25.35 -60.09
CA ILE K 472 -23.18 -24.95 -58.66
C ILE K 472 -24.22 -25.82 -57.99
N SER K 473 -23.96 -26.21 -56.75
CA SER K 473 -24.79 -27.15 -55.96
C SER K 473 -24.80 -26.68 -54.51
N ASP K 474 -25.21 -27.55 -53.59
CA ASP K 474 -25.09 -27.30 -52.13
C ASP K 474 -23.61 -27.34 -51.75
N LYS K 475 -22.79 -28.10 -52.51
CA LYS K 475 -21.36 -28.36 -52.22
C LYS K 475 -20.48 -27.16 -52.60
N GLY K 476 -20.94 -26.28 -53.50
CA GLY K 476 -20.17 -25.14 -54.03
C GLY K 476 -19.99 -25.21 -55.54
N PRO K 477 -18.85 -24.76 -56.12
CA PRO K 477 -18.60 -24.89 -57.55
C PRO K 477 -17.90 -26.20 -57.92
N ASP K 478 -18.41 -26.91 -58.93
CA ASP K 478 -17.80 -28.14 -59.51
C ASP K 478 -17.35 -27.84 -60.95
N ILE K 479 -16.05 -27.84 -61.22
CA ILE K 479 -15.47 -27.49 -62.55
C ILE K 479 -15.18 -28.78 -63.33
N LYS K 480 -16.03 -29.07 -64.32
CA LYS K 480 -16.03 -30.31 -65.13
C LYS K 480 -15.11 -30.12 -66.35
N ASP K 481 -15.51 -30.60 -67.53
CA ASP K 481 -14.64 -30.74 -68.74
C ASP K 481 -14.84 -29.53 -69.67
N SER K 482 -13.97 -29.39 -70.67
CA SER K 482 -14.03 -28.34 -71.72
C SER K 482 -15.14 -28.68 -72.72
N PHE K 483 -15.57 -27.69 -73.51
CA PHE K 483 -16.56 -27.85 -74.61
C PHE K 483 -15.79 -28.19 -75.89
N ARG K 484 -15.13 -29.35 -75.92
CA ARG K 484 -14.20 -29.76 -77.01
C ARG K 484 -14.96 -29.84 -78.34
N ASN K 485 -16.25 -30.16 -78.33
CA ASN K 485 -17.06 -30.41 -79.55
C ASN K 485 -18.02 -29.25 -79.78
N PHE K 486 -17.55 -28.00 -79.67
CA PHE K 486 -18.34 -26.76 -79.90
C PHE K 486 -17.48 -25.65 -80.48
N GLU K 487 -18.10 -24.84 -81.35
CA GLU K 487 -17.51 -23.62 -81.97
C GLU K 487 -18.26 -22.40 -81.44
N ARG K 488 -17.57 -21.26 -81.33
CA ARG K 488 -18.14 -19.95 -80.91
C ARG K 488 -18.78 -20.09 -79.53
N ILE K 489 -18.09 -20.79 -78.63
CA ILE K 489 -18.45 -20.88 -77.19
C ILE K 489 -18.57 -19.46 -76.62
N ILE K 490 -17.59 -18.60 -76.93
CA ILE K 490 -17.46 -17.22 -76.39
C ILE K 490 -18.68 -16.39 -76.82
N SER K 491 -19.31 -16.73 -77.95
CA SER K 491 -20.54 -16.05 -78.46
C SER K 491 -21.64 -16.09 -77.39
N GLY K 492 -21.87 -17.27 -76.78
CA GLY K 492 -22.96 -17.50 -75.80
C GLY K 492 -23.97 -18.51 -76.33
N SER K 493 -24.02 -18.69 -77.65
CA SER K 493 -24.84 -19.72 -78.35
C SER K 493 -23.96 -20.44 -79.37
N PRO K 494 -23.16 -21.43 -78.93
CA PRO K 494 -22.23 -22.12 -79.82
C PRO K 494 -22.98 -23.15 -80.68
N THR K 495 -22.25 -23.79 -81.59
CA THR K 495 -22.75 -24.82 -82.53
C THR K 495 -21.93 -26.10 -82.34
N ARG K 496 -22.58 -27.23 -82.13
CA ARG K 496 -21.91 -28.55 -81.93
C ARG K 496 -21.20 -28.92 -83.23
N ILE K 497 -19.90 -29.24 -83.17
CA ILE K 497 -19.03 -29.55 -84.34
C ILE K 497 -18.82 -31.08 -84.45
N THR K 498 -19.87 -31.90 -84.28
CA THR K 498 -19.78 -33.39 -84.25
C THR K 498 -21.13 -34.02 -84.59
N ILE L 18 -18.91 18.36 -29.74
CA ILE L 18 -20.06 19.30 -29.67
C ILE L 18 -21.34 18.49 -29.52
N ALA L 19 -21.98 18.58 -28.34
CA ALA L 19 -23.27 17.89 -28.04
C ALA L 19 -24.39 18.59 -28.81
N LYS L 20 -25.23 17.82 -29.50
CA LYS L 20 -26.24 18.35 -30.46
C LYS L 20 -27.65 18.27 -29.86
N MET L 21 -28.55 19.03 -30.47
CA MET L 21 -30.00 19.06 -30.15
C MET L 21 -30.77 18.35 -31.27
N ARG L 22 -31.65 17.40 -30.93
CA ARG L 22 -32.49 16.68 -31.93
C ARG L 22 -33.63 17.60 -32.40
N THR L 23 -33.77 17.75 -33.72
CA THR L 23 -34.85 18.52 -34.38
C THR L 23 -36.14 17.69 -34.40
N MET L 24 -36.01 16.37 -34.54
CA MET L 24 -37.12 15.39 -34.72
C MET L 24 -37.82 15.64 -36.06
N ILE L 25 -37.19 16.41 -36.97
CA ILE L 25 -37.59 16.47 -38.42
C ILE L 25 -37.12 15.16 -39.03
N GLU L 26 -38.04 14.41 -39.66
CA GLU L 26 -37.80 13.02 -40.15
C GLU L 26 -36.55 13.00 -41.03
N GLY L 27 -35.49 12.34 -40.54
CA GLY L 27 -34.25 12.05 -41.30
C GLY L 27 -33.21 13.13 -41.17
N PHE L 28 -33.54 14.30 -40.60
CA PHE L 28 -32.58 15.42 -40.45
C PHE L 28 -31.47 15.01 -39.46
N ASP L 29 -31.86 14.53 -38.29
CA ASP L 29 -30.95 14.20 -37.16
C ASP L 29 -29.93 13.14 -37.61
N ASP L 30 -30.31 12.27 -38.54
CA ASP L 30 -29.41 11.25 -39.16
C ASP L 30 -28.36 11.96 -40.02
N ILE L 31 -28.78 12.96 -40.80
CA ILE L 31 -27.88 13.71 -41.74
C ILE L 31 -26.87 14.54 -40.93
N SER L 32 -27.27 15.09 -39.78
CA SER L 32 -26.41 15.93 -38.91
C SER L 32 -25.66 15.09 -37.86
N HIS L 33 -25.95 13.79 -37.76
CA HIS L 33 -25.38 12.88 -36.73
C HIS L 33 -25.85 13.33 -35.34
N GLY L 34 -27.16 13.51 -35.14
CA GLY L 34 -27.75 13.85 -33.82
C GLY L 34 -28.73 15.00 -33.89
N GLY L 35 -28.45 16.03 -34.71
CA GLY L 35 -29.27 17.25 -34.81
C GLY L 35 -28.41 18.50 -34.82
N LEU L 36 -28.99 19.65 -34.46
CA LEU L 36 -28.33 20.97 -34.53
C LEU L 36 -27.41 21.17 -33.34
N PRO L 37 -26.12 21.49 -33.55
CA PRO L 37 -25.22 21.88 -32.47
C PRO L 37 -25.87 22.87 -31.50
N ILE L 38 -25.83 22.55 -30.20
CA ILE L 38 -26.48 23.35 -29.11
C ILE L 38 -25.69 24.66 -28.92
N GLY L 39 -26.41 25.77 -28.71
CA GLY L 39 -25.82 27.08 -28.36
C GLY L 39 -25.47 27.88 -29.58
N ARG L 40 -24.86 27.25 -30.59
CA ARG L 40 -24.51 27.91 -31.89
C ARG L 40 -25.79 28.13 -32.70
N SER L 41 -25.73 29.04 -33.68
CA SER L 41 -26.81 29.31 -34.66
C SER L 41 -26.58 28.44 -35.89
N THR L 42 -27.67 27.99 -36.53
CA THR L 42 -27.61 27.29 -37.84
C THR L 42 -28.30 28.15 -38.91
N LEU L 43 -27.54 28.54 -39.94
CA LEU L 43 -28.05 29.29 -41.10
C LEU L 43 -28.78 28.32 -42.03
N VAL L 44 -30.04 28.60 -42.37
CA VAL L 44 -30.86 27.81 -43.33
C VAL L 44 -31.25 28.71 -44.49
N SER L 45 -30.54 28.59 -45.61
CA SER L 45 -30.79 29.34 -46.86
C SER L 45 -31.55 28.45 -47.85
N GLY L 46 -32.05 29.10 -48.91
CA GLY L 46 -32.77 28.48 -50.03
C GLY L 46 -33.49 29.55 -50.81
N THR L 47 -33.87 29.25 -52.05
CA THR L 47 -34.72 30.12 -52.88
C THR L 47 -36.13 30.13 -52.27
N SER L 48 -37.08 30.79 -52.90
CA SER L 48 -38.48 30.93 -52.39
C SER L 48 -39.19 29.57 -52.44
N GLY L 49 -39.93 29.23 -51.39
CA GLY L 49 -40.78 28.03 -51.31
C GLY L 49 -39.97 26.74 -51.19
N THR L 50 -38.81 26.78 -50.54
CA THR L 50 -37.89 25.62 -50.35
C THR L 50 -38.04 25.03 -48.94
N GLY L 51 -38.86 25.65 -48.08
CA GLY L 51 -39.22 25.11 -46.75
C GLY L 51 -38.37 25.68 -45.62
N LYS L 52 -37.86 26.92 -45.76
CA LYS L 52 -37.07 27.59 -44.70
C LYS L 52 -37.95 27.85 -43.48
N THR L 53 -39.02 28.64 -43.68
CA THR L 53 -40.03 28.95 -42.63
C THR L 53 -40.55 27.64 -42.05
N LEU L 54 -40.95 26.70 -42.92
CA LEU L 54 -41.51 25.40 -42.50
C LEU L 54 -40.49 24.67 -41.62
N PHE L 55 -39.22 24.64 -42.06
CA PHE L 55 -38.12 23.97 -41.33
C PHE L 55 -38.01 24.54 -39.91
N SER L 56 -38.07 25.87 -39.76
CA SER L 56 -37.98 26.56 -38.44
C SER L 56 -39.20 26.20 -37.59
N ILE L 57 -40.43 26.41 -38.10
CA ILE L 57 -41.69 26.11 -37.36
C ILE L 57 -41.62 24.70 -36.79
N GLN L 58 -41.18 23.74 -37.61
CA GLN L 58 -40.97 22.33 -37.19
C GLN L 58 -39.96 22.30 -36.04
N PHE L 59 -38.80 22.91 -36.25
CA PHE L 59 -37.65 22.90 -35.30
C PHE L 59 -38.13 23.26 -33.90
N LEU L 60 -39.01 24.26 -33.78
CA LEU L 60 -39.60 24.68 -32.48
C LEU L 60 -40.69 23.69 -32.06
N TYR L 61 -41.70 23.48 -32.91
CA TYR L 61 -42.92 22.67 -32.59
C TYR L 61 -42.48 21.33 -32.01
N ASN L 62 -41.49 20.67 -32.62
CA ASN L 62 -40.95 19.37 -32.15
C ASN L 62 -40.32 19.57 -30.77
N GLY L 63 -39.48 20.60 -30.62
CA GLY L 63 -38.81 20.95 -29.35
C GLY L 63 -39.78 21.11 -28.20
N ILE L 64 -41.00 21.59 -28.47
CA ILE L 64 -42.05 21.82 -27.43
C ILE L 64 -42.79 20.51 -27.14
N ILE L 65 -43.29 19.82 -28.17
CA ILE L 65 -44.17 18.63 -28.01
C ILE L 65 -43.33 17.44 -27.48
N GLU L 66 -42.13 17.22 -28.03
CA GLU L 66 -41.31 16.00 -27.75
C GLU L 66 -40.34 16.20 -26.59
N PHE L 67 -39.86 17.41 -26.31
CA PHE L 67 -38.79 17.67 -25.31
C PHE L 67 -39.22 18.66 -24.21
N ASP L 68 -40.28 19.45 -24.43
CA ASP L 68 -40.71 20.55 -23.51
C ASP L 68 -39.58 21.59 -23.42
N GLU L 69 -39.04 22.00 -24.57
CA GLU L 69 -38.03 23.08 -24.68
C GLU L 69 -38.70 24.30 -25.31
N PRO L 70 -38.99 25.38 -24.55
CA PRO L 70 -39.76 26.51 -25.08
C PRO L 70 -39.08 27.19 -26.27
N GLY L 71 -39.87 27.84 -27.12
CA GLY L 71 -39.44 28.38 -28.41
C GLY L 71 -39.87 29.82 -28.62
N VAL L 72 -38.94 30.69 -29.01
CA VAL L 72 -39.19 32.10 -29.40
C VAL L 72 -39.03 32.17 -30.93
N PHE L 73 -40.09 32.60 -31.62
CA PHE L 73 -40.11 32.77 -33.09
C PHE L 73 -40.11 34.26 -33.43
N VAL L 74 -38.97 34.76 -33.93
CA VAL L 74 -38.79 36.19 -34.34
C VAL L 74 -39.20 36.32 -35.81
N THR L 75 -40.37 36.93 -36.07
CA THR L 75 -40.90 37.16 -37.44
C THR L 75 -40.67 38.62 -37.84
N PHE L 76 -39.84 38.82 -38.87
CA PHE L 76 -39.55 40.15 -39.47
C PHE L 76 -40.59 40.48 -40.53
N GLU L 77 -41.06 39.48 -41.29
CA GLU L 77 -41.96 39.68 -42.46
C GLU L 77 -43.37 39.21 -42.10
N GLU L 78 -43.58 37.90 -42.00
CA GLU L 78 -44.92 37.26 -41.85
C GLU L 78 -45.53 37.63 -40.50
N THR L 79 -46.83 37.91 -40.47
CA THR L 79 -47.59 38.35 -39.28
C THR L 79 -47.90 37.15 -38.40
N PRO L 80 -47.79 37.28 -37.05
CA PRO L 80 -48.07 36.18 -36.12
C PRO L 80 -49.36 35.38 -36.36
N GLN L 81 -50.44 36.05 -36.76
CA GLN L 81 -51.76 35.43 -37.06
C GLN L 81 -51.59 34.45 -38.23
N ASP L 82 -50.83 34.84 -39.25
CA ASP L 82 -50.60 34.04 -40.50
C ASP L 82 -49.73 32.81 -40.18
N ILE L 83 -48.69 32.96 -39.36
CA ILE L 83 -47.81 31.83 -38.95
C ILE L 83 -48.67 30.80 -38.20
N ILE L 84 -49.56 31.28 -37.31
CA ILE L 84 -50.57 30.45 -36.58
C ILE L 84 -51.48 29.77 -37.60
N LYS L 85 -52.02 30.52 -38.57
CA LYS L 85 -52.98 30.01 -39.60
C LYS L 85 -52.30 28.92 -40.44
N ASN L 86 -51.13 29.23 -41.01
CA ASN L 86 -50.40 28.37 -41.98
C ASN L 86 -50.05 27.02 -41.34
N ALA L 87 -49.68 27.00 -40.05
CA ALA L 87 -49.32 25.77 -39.31
C ALA L 87 -50.55 24.85 -39.19
N ARG L 88 -51.77 25.40 -39.22
CA ARG L 88 -53.04 24.62 -39.15
C ARG L 88 -53.25 23.83 -40.45
N SER L 89 -52.36 23.98 -41.44
CA SER L 89 -52.27 23.13 -42.65
C SER L 89 -51.62 21.79 -42.29
N PHE L 90 -50.62 21.81 -41.40
CA PHE L 90 -49.83 20.63 -40.96
C PHE L 90 -50.41 20.04 -39.66
N GLY L 91 -51.48 20.64 -39.12
CA GLY L 91 -52.18 20.16 -37.92
C GLY L 91 -51.40 20.45 -36.64
N TRP L 92 -50.65 21.55 -36.61
CA TRP L 92 -49.86 22.03 -35.43
C TRP L 92 -50.56 23.24 -34.82
N ASP L 93 -51.13 23.08 -33.62
CA ASP L 93 -51.78 24.20 -32.88
C ASP L 93 -50.68 25.02 -32.20
N LEU L 94 -50.10 25.96 -32.95
CA LEU L 94 -49.10 26.94 -32.44
C LEU L 94 -49.81 27.95 -31.51
N ALA L 95 -51.15 27.96 -31.52
CA ALA L 95 -52.02 28.77 -30.63
C ALA L 95 -51.96 28.23 -29.20
N LYS L 96 -52.28 26.95 -29.01
CA LYS L 96 -52.20 26.26 -27.70
C LYS L 96 -50.80 26.47 -27.11
N LEU L 97 -49.77 26.16 -27.90
CA LEU L 97 -48.33 26.29 -27.53
C LEU L 97 -48.00 27.75 -27.15
N VAL L 98 -48.62 28.72 -27.83
CA VAL L 98 -48.49 30.18 -27.51
C VAL L 98 -49.15 30.44 -26.15
N ASP L 99 -50.41 30.00 -26.01
CA ASP L 99 -51.24 30.17 -24.79
C ASP L 99 -50.52 29.55 -23.58
N GLU L 100 -50.15 28.27 -23.68
CA GLU L 100 -49.54 27.45 -22.58
C GLU L 100 -48.15 27.98 -22.18
N GLY L 101 -47.63 29.02 -22.85
CA GLY L 101 -46.33 29.64 -22.51
C GLY L 101 -45.15 28.87 -23.06
N LYS L 102 -45.36 28.03 -24.09
CA LYS L 102 -44.33 27.14 -24.70
C LYS L 102 -43.70 27.83 -25.91
N LEU L 103 -44.54 28.33 -26.83
CA LEU L 103 -44.11 29.08 -28.04
C LEU L 103 -44.38 30.56 -27.80
N PHE L 104 -43.48 31.44 -28.25
CA PHE L 104 -43.68 32.90 -28.24
C PHE L 104 -43.26 33.47 -29.60
N ILE L 105 -44.19 34.16 -30.26
CA ILE L 105 -43.97 34.77 -31.60
C ILE L 105 -43.68 36.25 -31.37
N LEU L 106 -42.40 36.63 -31.42
CA LEU L 106 -41.92 38.02 -31.23
C LEU L 106 -42.06 38.76 -32.56
N ASP L 107 -43.20 39.40 -32.77
CA ASP L 107 -43.49 40.24 -33.98
C ASP L 107 -42.43 41.33 -34.07
N ALA L 108 -41.52 41.21 -35.05
CA ALA L 108 -40.40 42.14 -35.30
C ALA L 108 -40.53 42.71 -36.72
N SER L 109 -41.71 43.26 -37.03
CA SER L 109 -42.00 43.82 -38.37
C SER L 109 -42.12 45.33 -38.28
N PRO L 110 -42.05 46.05 -39.42
CA PRO L 110 -42.12 47.51 -39.42
C PRO L 110 -43.52 48.04 -39.74
N ASP L 111 -44.42 48.14 -38.75
CA ASP L 111 -45.81 48.65 -38.91
C ASP L 111 -46.16 48.89 -40.38
N PRO L 112 -47.30 48.34 -40.87
CA PRO L 112 -47.70 48.52 -42.27
C PRO L 112 -48.13 49.95 -42.66
N GLU L 113 -48.66 50.73 -41.70
CA GLU L 113 -49.24 52.08 -41.95
C GLU L 113 -48.14 53.10 -42.27
N GLY L 114 -47.11 53.21 -41.43
CA GLY L 114 -45.98 54.14 -41.64
C GLY L 114 -45.15 54.37 -40.39
N GLN L 115 -43.84 54.64 -40.57
CA GLN L 115 -42.90 54.89 -39.42
C GLN L 115 -41.52 55.45 -39.84
N GLU L 116 -41.18 55.48 -41.13
CA GLU L 116 -39.83 55.92 -41.63
C GLU L 116 -38.89 56.26 -40.46
N ASP L 122 -31.87 50.09 -33.83
CA ASP L 122 -32.32 49.09 -34.82
C ASP L 122 -31.91 47.68 -34.34
N LEU L 123 -30.59 47.43 -34.27
CA LEU L 123 -30.02 46.10 -33.93
C LEU L 123 -30.28 45.80 -32.45
N SER L 124 -29.69 46.59 -31.55
CA SER L 124 -29.65 46.35 -30.09
C SER L 124 -31.06 46.37 -29.48
N ALA L 125 -32.01 47.07 -30.10
CA ALA L 125 -33.44 47.07 -29.70
C ALA L 125 -33.99 45.64 -29.79
N LEU L 126 -33.80 45.00 -30.95
CA LEU L 126 -34.28 43.63 -31.25
C LEU L 126 -33.60 42.60 -30.34
N ILE L 127 -32.28 42.70 -30.15
CA ILE L 127 -31.48 41.69 -29.40
C ILE L 127 -31.85 41.76 -27.91
N GLU L 128 -32.11 42.95 -27.39
CA GLU L 128 -32.66 43.17 -26.02
C GLU L 128 -34.12 42.70 -26.00
N ARG L 129 -34.89 42.98 -27.06
CA ARG L 129 -36.26 42.44 -27.27
C ARG L 129 -36.22 40.91 -27.20
N ILE L 130 -35.29 40.30 -27.93
CA ILE L 130 -35.17 38.82 -28.12
C ILE L 130 -34.69 38.17 -26.82
N ASN L 131 -33.66 38.73 -26.18
CA ASN L 131 -33.11 38.20 -24.91
C ASN L 131 -34.23 38.16 -23.85
N TYR L 132 -34.92 39.28 -23.66
CA TYR L 132 -36.10 39.42 -22.76
C TYR L 132 -37.07 38.27 -23.03
N ALA L 133 -37.34 37.99 -24.32
CA ALA L 133 -38.22 36.89 -24.78
C ALA L 133 -37.62 35.55 -24.35
N ILE L 134 -36.31 35.36 -24.57
CA ILE L 134 -35.58 34.10 -24.27
C ILE L 134 -35.59 33.86 -22.76
N GLN L 135 -35.19 34.86 -21.97
CA GLN L 135 -34.97 34.75 -20.50
C GLN L 135 -36.32 34.62 -19.79
N LYS L 136 -37.39 35.21 -20.32
CA LYS L 136 -38.75 35.12 -19.72
C LYS L 136 -39.25 33.68 -19.83
N TYR L 137 -39.46 33.20 -21.05
CA TYR L 137 -40.17 31.93 -21.36
C TYR L 137 -39.26 30.71 -21.12
N ARG L 138 -37.99 30.91 -20.74
CA ARG L 138 -37.01 29.82 -20.49
C ARG L 138 -36.74 29.09 -21.82
N ALA L 139 -36.51 29.85 -22.89
CA ALA L 139 -36.44 29.34 -24.27
C ALA L 139 -35.09 28.66 -24.53
N ARG L 140 -35.14 27.40 -24.95
CA ARG L 140 -33.96 26.62 -25.42
C ARG L 140 -33.73 26.91 -26.91
N ARG L 141 -34.83 27.06 -27.67
CA ARG L 141 -34.82 27.18 -29.15
C ARG L 141 -35.32 28.57 -29.58
N VAL L 142 -34.73 29.10 -30.64
CA VAL L 142 -35.12 30.39 -31.29
C VAL L 142 -34.98 30.22 -32.80
N SER L 143 -35.79 30.93 -33.59
CA SER L 143 -35.73 30.91 -35.08
C SER L 143 -36.08 32.28 -35.64
N ILE L 144 -35.05 33.06 -36.00
CA ILE L 144 -35.18 34.36 -36.73
C ILE L 144 -35.46 34.03 -38.21
N ASP L 145 -36.58 34.54 -38.73
CA ASP L 145 -37.09 34.24 -40.11
C ASP L 145 -37.73 35.51 -40.69
N SER L 146 -37.06 36.18 -41.64
CA SER L 146 -35.72 35.89 -42.12
C SER L 146 -34.79 37.04 -41.72
N VAL L 147 -33.53 36.73 -41.41
CA VAL L 147 -32.50 37.75 -41.04
C VAL L 147 -32.17 38.63 -42.25
N THR L 148 -32.32 38.11 -43.48
CA THR L 148 -32.04 38.86 -44.73
C THR L 148 -33.03 40.03 -44.86
N SER L 149 -34.25 39.86 -44.34
CA SER L 149 -35.37 40.85 -44.38
C SER L 149 -34.96 42.17 -43.71
N VAL L 150 -34.15 42.13 -42.65
CA VAL L 150 -33.76 43.36 -41.89
C VAL L 150 -32.92 44.27 -42.80
N PHE L 151 -31.97 43.70 -43.55
CA PHE L 151 -31.05 44.47 -44.45
C PHE L 151 -31.85 44.94 -45.67
N SER L 157 -21.81 44.34 -48.58
CA SER L 157 -21.33 43.07 -47.96
C SER L 157 -20.72 43.37 -46.59
N SER L 158 -20.18 44.58 -46.47
CA SER L 158 -19.45 45.08 -45.28
C SER L 158 -20.42 45.34 -44.13
N VAL L 159 -21.55 45.99 -44.43
CA VAL L 159 -22.56 46.45 -43.43
C VAL L 159 -23.27 45.22 -42.83
N VAL L 160 -23.67 44.26 -43.67
CA VAL L 160 -24.47 43.06 -43.29
C VAL L 160 -23.60 42.07 -42.50
N ARG L 161 -22.27 42.09 -42.70
CA ARG L 161 -21.34 41.13 -42.05
C ARG L 161 -21.32 41.34 -40.54
N ARG L 162 -21.00 42.56 -40.09
CA ARG L 162 -20.79 42.92 -38.65
C ARG L 162 -22.14 42.90 -37.92
N GLU L 163 -23.23 43.24 -38.61
CA GLU L 163 -24.61 43.28 -38.02
C GLU L 163 -25.06 41.86 -37.67
N LEU L 164 -24.87 40.91 -38.60
CA LEU L 164 -25.16 39.46 -38.39
C LEU L 164 -24.26 38.95 -37.26
N PHE L 165 -22.97 39.24 -37.33
CA PHE L 165 -21.92 38.78 -36.38
C PHE L 165 -22.26 39.23 -34.95
N ARG L 166 -22.82 40.44 -34.79
CA ARG L 166 -23.27 40.97 -33.48
C ARG L 166 -24.44 40.15 -32.96
N LEU L 167 -25.43 39.87 -33.82
CA LEU L 167 -26.64 39.08 -33.49
C LEU L 167 -26.23 37.65 -33.12
N VAL L 168 -25.27 37.07 -33.86
CA VAL L 168 -24.79 35.67 -33.65
C VAL L 168 -24.16 35.55 -32.25
N ALA L 169 -23.18 36.41 -31.95
CA ALA L 169 -22.44 36.42 -30.66
C ALA L 169 -23.42 36.64 -29.50
N ARG L 170 -24.27 37.67 -29.61
CA ARG L 170 -25.31 38.02 -28.62
C ARG L 170 -26.14 36.78 -28.28
N LEU L 171 -26.54 36.01 -29.30
CA LEU L 171 -27.33 34.76 -29.13
C LEU L 171 -26.45 33.67 -28.49
N LYS L 172 -25.17 33.61 -28.86
CA LYS L 172 -24.19 32.64 -28.31
C LYS L 172 -23.99 32.94 -26.82
N GLN L 173 -23.90 34.22 -26.44
CA GLN L 173 -23.85 34.68 -25.03
C GLN L 173 -25.08 34.13 -24.29
N ILE L 174 -26.28 34.43 -24.75
CA ILE L 174 -27.56 33.92 -24.15
C ILE L 174 -27.45 32.40 -24.08
N GLY L 175 -26.87 31.79 -25.12
CA GLY L 175 -26.57 30.36 -25.17
C GLY L 175 -27.76 29.55 -25.65
N ALA L 176 -28.52 30.09 -26.61
CA ALA L 176 -29.70 29.44 -27.20
C ALA L 176 -29.31 28.87 -28.57
N THR L 177 -29.82 27.68 -28.89
CA THR L 177 -29.80 27.09 -30.24
C THR L 177 -30.75 27.89 -31.13
N THR L 178 -30.27 28.37 -32.27
CA THR L 178 -31.09 29.22 -33.17
C THR L 178 -30.95 28.76 -34.63
N VAL L 179 -32.05 28.93 -35.38
CA VAL L 179 -32.15 28.66 -36.84
C VAL L 179 -32.46 29.97 -37.53
N MET L 180 -31.44 30.57 -38.16
CA MET L 180 -31.57 31.83 -38.93
C MET L 180 -31.84 31.48 -40.40
N THR L 181 -32.96 31.96 -40.91
CA THR L 181 -33.42 31.74 -42.31
C THR L 181 -32.80 32.81 -43.21
N THR L 182 -32.31 32.40 -44.38
CA THR L 182 -31.66 33.28 -45.39
C THR L 182 -32.38 33.14 -46.72
N GLU L 183 -32.13 34.06 -47.65
CA GLU L 183 -32.76 34.07 -49.00
C GLU L 183 -31.66 33.97 -50.07
N ARG L 184 -31.97 33.29 -51.17
CA ARG L 184 -31.11 33.19 -52.38
C ARG L 184 -31.96 33.45 -53.61
N ILE L 185 -31.31 33.70 -54.75
CA ILE L 185 -31.96 34.02 -56.05
C ILE L 185 -31.76 32.82 -56.99
N GLU L 186 -30.51 32.53 -57.34
CA GLU L 186 -30.13 31.37 -58.21
C GLU L 186 -30.14 30.11 -57.34
N GLU L 187 -30.27 28.93 -57.96
CA GLU L 187 -30.43 27.63 -57.26
C GLU L 187 -29.06 27.06 -56.89
N TYR L 188 -28.03 27.30 -57.72
CA TYR L 188 -26.67 26.72 -57.53
C TYR L 188 -25.59 27.82 -57.38
N GLY L 189 -25.98 29.10 -57.33
CA GLY L 189 -25.05 30.24 -57.21
C GLY L 189 -24.47 30.37 -55.81
N PRO L 190 -24.47 31.59 -55.20
CA PRO L 190 -24.00 31.76 -53.82
C PRO L 190 -25.00 31.21 -52.81
N ILE L 191 -24.51 30.85 -51.61
CA ILE L 191 -25.27 30.15 -50.54
C ILE L 191 -26.34 31.10 -50.00
N ALA L 192 -25.97 32.36 -49.77
CA ALA L 192 -26.85 33.43 -49.21
C ALA L 192 -26.84 34.63 -50.16
N ARG L 193 -27.60 35.68 -49.82
CA ARG L 193 -27.79 36.87 -50.68
C ARG L 193 -26.46 37.57 -50.90
N TYR L 194 -25.74 37.91 -49.83
CA TYR L 194 -24.60 38.85 -49.82
C TYR L 194 -23.25 38.12 -49.90
N GLY L 195 -23.26 36.78 -49.99
CA GLY L 195 -22.04 35.95 -50.04
C GLY L 195 -21.21 36.10 -48.78
N VAL L 196 -21.87 36.34 -47.65
CA VAL L 196 -21.22 36.67 -46.33
C VAL L 196 -21.85 35.81 -45.22
N GLU L 197 -23.18 35.77 -45.13
CA GLU L 197 -23.98 35.11 -44.06
C GLU L 197 -23.45 33.68 -43.78
N GLU L 198 -22.82 33.02 -44.76
CA GLU L 198 -22.34 31.61 -44.67
C GLU L 198 -21.11 31.52 -43.77
N PHE L 199 -20.15 32.45 -43.94
CA PHE L 199 -18.83 32.44 -43.27
C PHE L 199 -18.98 32.88 -41.81
N VAL L 200 -20.08 33.57 -41.48
CA VAL L 200 -20.36 34.09 -40.12
C VAL L 200 -20.88 32.95 -39.23
N SER L 201 -21.85 32.18 -39.73
CA SER L 201 -22.47 31.05 -38.98
C SER L 201 -21.46 29.90 -38.88
N ASP L 202 -21.62 29.08 -37.83
CA ASP L 202 -20.87 27.81 -37.62
C ASP L 202 -21.53 26.71 -38.44
N ASN L 203 -22.86 26.74 -38.51
CA ASN L 203 -23.70 25.68 -39.14
C ASN L 203 -24.43 26.29 -40.35
N VAL L 204 -24.26 25.68 -41.52
CA VAL L 204 -24.94 26.12 -42.76
C VAL L 204 -25.69 24.92 -43.36
N VAL L 205 -26.98 25.13 -43.61
CA VAL L 205 -27.89 24.19 -44.33
C VAL L 205 -28.34 24.90 -45.62
N ILE L 206 -28.36 24.17 -46.73
CA ILE L 206 -28.89 24.66 -48.04
C ILE L 206 -30.13 23.84 -48.40
N LEU L 207 -31.29 24.50 -48.46
CA LEU L 207 -32.52 23.91 -49.06
C LEU L 207 -32.55 24.30 -50.54
N ARG L 208 -32.49 23.30 -51.42
CA ARG L 208 -32.58 23.51 -52.89
C ARG L 208 -33.94 23.01 -53.39
N ASN L 209 -34.47 23.67 -54.41
CA ASN L 209 -35.73 23.31 -55.11
C ASN L 209 -35.42 23.34 -56.61
N VAL L 210 -34.51 22.47 -57.05
CA VAL L 210 -33.97 22.44 -58.44
C VAL L 210 -35.07 21.95 -59.37
N LEU L 211 -35.15 22.60 -60.53
CA LEU L 211 -36.07 22.26 -61.64
C LEU L 211 -35.36 21.23 -62.53
N GLU L 212 -35.54 19.94 -62.22
CA GLU L 212 -35.13 18.80 -63.08
C GLU L 212 -36.05 18.77 -64.32
N GLY L 213 -35.65 19.42 -65.42
CA GLY L 213 -36.39 19.44 -66.70
C GLY L 213 -37.90 19.38 -66.50
N GLU L 214 -38.52 20.50 -66.10
CA GLU L 214 -39.99 20.69 -65.95
C GLU L 214 -40.54 20.11 -64.63
N ARG L 215 -39.85 19.13 -64.01
CA ARG L 215 -40.22 18.61 -62.66
C ARG L 215 -39.29 19.23 -61.61
N ARG L 216 -39.77 19.35 -60.37
CA ARG L 216 -39.05 20.00 -59.25
C ARG L 216 -38.57 18.94 -58.25
N ARG L 217 -37.37 19.13 -57.70
CA ARG L 217 -36.73 18.21 -56.72
C ARG L 217 -36.21 19.03 -55.54
N ARG L 218 -36.78 18.81 -54.36
CA ARG L 218 -36.37 19.50 -53.10
C ARG L 218 -35.23 18.70 -52.47
N THR L 219 -34.06 19.32 -52.29
CA THR L 219 -32.86 18.62 -51.77
C THR L 219 -32.24 19.43 -50.62
N LEU L 220 -32.12 18.79 -49.46
CA LEU L 220 -31.44 19.35 -48.27
C LEU L 220 -29.95 18.99 -48.33
N GLU L 221 -29.10 19.86 -47.79
CA GLU L 221 -27.63 19.64 -47.68
C GLU L 221 -27.11 20.39 -46.46
N ILE L 222 -26.46 19.68 -45.54
CA ILE L 222 -25.67 20.32 -44.45
C ILE L 222 -24.27 20.60 -44.99
N LEU L 223 -24.01 21.86 -45.31
CA LEU L 223 -22.77 22.35 -45.98
C LEU L 223 -21.60 22.18 -45.01
N LYS L 224 -21.75 22.70 -43.79
CA LYS L 224 -20.76 22.53 -42.69
C LYS L 224 -21.49 22.44 -41.35
N LEU L 225 -20.81 21.83 -40.37
CA LEU L 225 -21.08 21.95 -38.92
C LEU L 225 -19.72 22.07 -38.24
N ARG L 226 -19.36 23.27 -37.80
CA ARG L 226 -18.03 23.50 -37.17
C ARG L 226 -17.86 22.56 -35.98
N GLY L 227 -16.72 21.87 -35.92
CA GLY L 227 -16.31 21.00 -34.80
C GLY L 227 -17.17 19.76 -34.65
N THR L 228 -17.82 19.29 -35.72
CA THR L 228 -18.59 18.02 -35.72
C THR L 228 -18.65 17.40 -37.11
N SER L 229 -18.95 16.11 -37.15
CA SER L 229 -19.23 15.33 -38.38
C SER L 229 -20.69 15.54 -38.76
N HIS L 230 -21.01 15.22 -40.01
CA HIS L 230 -22.36 15.26 -40.62
C HIS L 230 -22.28 14.51 -41.93
N MET L 231 -23.42 14.23 -42.55
CA MET L 231 -23.49 13.55 -43.86
C MET L 231 -23.32 14.62 -44.96
N LYS L 232 -22.28 14.47 -45.78
CA LYS L 232 -21.95 15.38 -46.90
C LYS L 232 -22.87 15.06 -48.08
N GLY L 233 -22.90 15.95 -49.09
CA GLY L 233 -23.75 15.83 -50.29
C GLY L 233 -25.19 16.23 -50.00
N GLU L 234 -26.04 16.30 -51.03
CA GLU L 234 -27.49 16.63 -50.85
C GLU L 234 -28.30 15.35 -50.67
N TYR L 235 -29.35 15.47 -49.85
CA TYR L 235 -30.38 14.43 -49.62
C TYR L 235 -31.73 14.97 -50.05
N PRO L 236 -32.50 14.17 -50.81
CA PRO L 236 -33.82 14.60 -51.27
C PRO L 236 -34.80 14.52 -50.11
N PHE L 237 -35.79 15.39 -50.10
CA PHE L 237 -36.90 15.39 -49.12
C PHE L 237 -38.19 15.72 -49.83
N THR L 238 -39.28 15.76 -49.06
CA THR L 238 -40.63 16.11 -49.56
C THR L 238 -41.37 16.87 -48.48
N ILE L 239 -42.17 17.85 -48.88
CA ILE L 239 -43.11 18.59 -47.99
C ILE L 239 -44.48 17.98 -48.17
N THR L 240 -44.89 17.12 -47.24
CA THR L 240 -46.24 16.51 -47.16
C THR L 240 -46.92 17.06 -45.91
N ASP L 241 -48.18 16.68 -45.70
CA ASP L 241 -49.00 17.04 -44.51
C ASP L 241 -48.19 16.86 -43.21
N HIS L 242 -47.23 15.94 -43.18
CA HIS L 242 -46.37 15.66 -42.00
C HIS L 242 -45.26 16.71 -41.85
N GLY L 243 -45.12 17.63 -42.82
CA GLY L 243 -44.00 18.58 -42.91
C GLY L 243 -42.86 18.01 -43.74
N ILE L 244 -41.62 18.32 -43.39
CA ILE L 244 -40.39 17.90 -44.14
C ILE L 244 -40.07 16.45 -43.80
N ASN L 245 -39.54 15.72 -44.78
CA ASN L 245 -39.30 14.25 -44.75
C ASN L 245 -38.02 13.92 -45.52
N ILE L 246 -36.84 14.20 -44.96
CA ILE L 246 -35.55 13.90 -45.65
C ILE L 246 -35.39 12.38 -45.69
N PHE L 247 -34.99 11.85 -46.85
CA PHE L 247 -34.69 10.42 -47.08
C PHE L 247 -33.17 10.27 -47.16
N PRO L 248 -32.48 9.83 -46.09
CA PRO L 248 -31.08 9.45 -46.19
C PRO L 248 -30.93 8.21 -47.11
N LEU L 249 -30.79 8.46 -48.41
CA LEU L 249 -30.59 7.42 -49.46
C LEU L 249 -29.40 6.54 -49.07
N GLY L 250 -28.33 7.18 -48.57
CA GLY L 250 -27.09 6.50 -48.15
C GLY L 250 -27.27 5.62 -46.93
N ALA L 251 -27.76 6.21 -45.82
CA ALA L 251 -27.73 5.62 -44.46
C ALA L 251 -28.59 4.35 -44.42
N LEU L 254 -27.20 -1.42 -45.50
CA LEU L 254 -27.42 -2.88 -45.67
C LEU L 254 -27.48 -3.57 -44.29
N THR L 255 -28.53 -3.26 -43.52
CA THR L 255 -28.78 -3.83 -42.17
C THR L 255 -30.17 -4.48 -42.17
N GLN L 256 -30.58 -5.07 -43.31
CA GLN L 256 -31.87 -5.79 -43.42
C GLN L 256 -31.65 -7.29 -43.18
N ARG L 257 -32.74 -7.99 -42.81
CA ARG L 257 -32.75 -9.42 -42.42
C ARG L 257 -32.79 -10.31 -43.68
N SER L 258 -32.85 -11.62 -43.47
CA SER L 258 -32.85 -12.67 -44.53
C SER L 258 -33.32 -14.00 -43.95
N SER L 259 -34.03 -14.81 -44.74
CA SER L 259 -34.49 -16.18 -44.35
C SER L 259 -34.66 -17.09 -45.56
N ASN L 260 -34.62 -18.41 -45.32
CA ASN L 260 -34.79 -19.48 -46.35
C ASN L 260 -36.26 -19.88 -46.45
N VAL L 261 -37.17 -19.21 -45.73
CA VAL L 261 -38.64 -19.42 -45.88
C VAL L 261 -39.01 -19.07 -47.32
N ARG L 262 -39.90 -19.84 -47.92
CA ARG L 262 -40.32 -19.64 -49.33
C ARG L 262 -41.80 -19.24 -49.39
N VAL L 263 -42.15 -18.53 -50.46
CA VAL L 263 -43.54 -18.12 -50.80
C VAL L 263 -43.77 -18.47 -52.27
N SER L 264 -45.02 -18.74 -52.65
CA SER L 264 -45.40 -19.15 -54.03
C SER L 264 -45.38 -17.94 -54.97
N SER L 265 -45.32 -18.22 -56.27
CA SER L 265 -45.28 -17.23 -57.37
C SER L 265 -46.70 -17.01 -57.93
N GLY L 266 -47.63 -17.90 -57.59
CA GLY L 266 -48.97 -17.99 -58.22
C GLY L 266 -49.01 -19.06 -59.30
N VAL L 267 -47.85 -19.44 -59.84
CA VAL L 267 -47.70 -20.51 -60.87
C VAL L 267 -46.89 -21.65 -60.26
N VAL L 268 -47.54 -22.79 -59.98
CA VAL L 268 -46.95 -24.00 -59.33
C VAL L 268 -45.69 -24.40 -60.08
N ARG L 269 -45.82 -24.47 -61.41
CA ARG L 269 -44.76 -24.92 -62.34
C ARG L 269 -43.55 -23.98 -62.22
N LEU L 270 -43.77 -22.67 -62.00
CA LEU L 270 -42.69 -21.64 -61.85
C LEU L 270 -42.08 -21.74 -60.45
N ASP L 271 -42.91 -22.00 -59.43
CA ASP L 271 -42.42 -22.36 -58.06
C ASP L 271 -41.38 -23.47 -58.21
N GLU L 272 -41.77 -24.57 -58.85
CA GLU L 272 -40.93 -25.77 -59.10
C GLU L 272 -39.60 -25.36 -59.76
N MET L 273 -39.66 -24.52 -60.79
CA MET L 273 -38.46 -24.08 -61.56
C MET L 273 -37.54 -23.23 -60.67
N CYS L 274 -38.11 -22.53 -59.68
CA CYS L 274 -37.38 -21.73 -58.67
C CYS L 274 -36.87 -22.61 -57.51
N GLY L 275 -37.17 -23.91 -57.52
CA GLY L 275 -36.69 -24.88 -56.53
C GLY L 275 -37.50 -24.85 -55.24
N GLY L 276 -38.82 -24.68 -55.35
CA GLY L 276 -39.76 -24.69 -54.21
C GLY L 276 -40.63 -23.43 -54.15
N GLY L 277 -40.14 -22.32 -54.71
CA GLY L 277 -40.82 -21.01 -54.69
C GLY L 277 -39.83 -19.88 -54.59
N PHE L 278 -40.31 -18.64 -54.66
CA PHE L 278 -39.51 -17.43 -54.32
C PHE L 278 -39.26 -17.45 -52.82
N PHE L 279 -38.12 -16.90 -52.40
CA PHE L 279 -37.85 -16.57 -50.98
C PHE L 279 -38.77 -15.41 -50.58
N LYS L 280 -39.21 -15.39 -49.32
CA LYS L 280 -40.05 -14.31 -48.76
C LYS L 280 -39.23 -13.02 -48.70
N ASP L 281 -37.95 -13.14 -48.34
CA ASP L 281 -36.98 -12.01 -48.28
C ASP L 281 -36.21 -11.98 -49.61
N SER L 282 -36.86 -11.55 -50.69
CA SER L 282 -36.21 -11.44 -52.03
C SER L 282 -36.87 -10.35 -52.89
N ILE L 283 -36.06 -9.77 -53.77
CA ILE L 283 -36.49 -8.90 -54.90
C ILE L 283 -36.58 -9.79 -56.13
N ILE L 284 -37.80 -9.99 -56.66
CA ILE L 284 -38.04 -10.73 -57.93
C ILE L 284 -38.06 -9.68 -59.04
N LEU L 285 -37.40 -9.97 -60.15
CA LEU L 285 -37.39 -9.10 -61.36
C LEU L 285 -37.92 -9.90 -62.54
N ALA L 286 -39.11 -9.56 -63.02
CA ALA L 286 -39.70 -10.08 -64.26
C ALA L 286 -39.33 -9.13 -65.40
N THR L 287 -38.52 -9.61 -66.35
CA THR L 287 -38.01 -8.82 -67.51
C THR L 287 -38.47 -9.47 -68.81
N GLY L 288 -38.76 -8.66 -69.81
CA GLY L 288 -39.02 -9.14 -71.17
C GLY L 288 -39.43 -8.01 -72.10
N ALA L 289 -39.58 -8.32 -73.38
CA ALA L 289 -40.13 -7.40 -74.39
C ALA L 289 -41.63 -7.20 -74.11
N THR L 290 -42.22 -6.19 -74.74
CA THR L 290 -43.65 -5.82 -74.59
C THR L 290 -44.52 -7.02 -75.00
N GLY L 291 -45.53 -7.35 -74.18
CA GLY L 291 -46.56 -8.37 -74.47
C GLY L 291 -46.11 -9.79 -74.20
N THR L 292 -45.10 -9.99 -73.34
CA THR L 292 -44.52 -11.33 -73.05
C THR L 292 -45.29 -11.99 -71.88
N GLY L 293 -45.69 -11.19 -70.88
CA GLY L 293 -46.57 -11.67 -69.78
C GLY L 293 -46.10 -11.21 -68.40
N LYS L 294 -45.52 -10.02 -68.28
CA LYS L 294 -45.04 -9.51 -66.97
C LYS L 294 -46.26 -9.30 -66.07
N THR L 295 -47.26 -8.56 -66.55
CA THR L 295 -48.46 -8.16 -65.77
C THR L 295 -49.29 -9.40 -65.43
N LEU L 296 -49.19 -10.46 -66.23
CA LEU L 296 -49.80 -11.78 -65.88
C LEU L 296 -49.05 -12.34 -64.66
N LEU L 297 -47.74 -12.59 -64.78
CA LEU L 297 -46.89 -13.07 -63.64
C LEU L 297 -47.21 -12.23 -62.41
N VAL L 298 -47.29 -10.90 -62.58
CA VAL L 298 -47.64 -9.93 -61.50
C VAL L 298 -49.02 -10.27 -60.94
N SER L 299 -50.05 -10.21 -61.80
CA SER L 299 -51.47 -10.43 -61.41
C SER L 299 -51.53 -11.69 -60.54
N ARG L 300 -50.87 -12.75 -60.99
CA ARG L 300 -50.91 -14.11 -60.39
C ARG L 300 -50.12 -14.12 -59.07
N PHE L 301 -49.02 -13.38 -59.03
CA PHE L 301 -48.20 -13.14 -57.81
C PHE L 301 -49.11 -12.61 -56.70
N VAL L 302 -50.03 -11.71 -57.08
CA VAL L 302 -50.91 -10.95 -56.15
C VAL L 302 -52.10 -11.82 -55.72
N GLU L 303 -52.78 -12.48 -56.67
CA GLU L 303 -53.87 -13.44 -56.37
C GLU L 303 -53.42 -14.37 -55.24
N ASN L 304 -52.21 -14.92 -55.38
CA ASN L 304 -51.65 -15.98 -54.51
C ASN L 304 -51.67 -15.54 -53.04
N ALA L 305 -51.22 -14.31 -52.75
CA ALA L 305 -51.20 -13.72 -51.38
C ALA L 305 -52.64 -13.69 -50.84
N CYS L 306 -53.60 -13.27 -51.67
CA CYS L 306 -55.03 -13.14 -51.28
C CYS L 306 -55.63 -14.54 -51.05
N ALA L 307 -55.25 -15.52 -51.86
CA ALA L 307 -55.63 -16.95 -51.71
C ALA L 307 -55.11 -17.47 -50.36
N ASN L 308 -53.97 -16.97 -49.89
CA ASN L 308 -53.34 -17.35 -48.60
C ASN L 308 -53.72 -16.33 -47.50
N LYS L 309 -54.83 -15.59 -47.69
CA LYS L 309 -55.36 -14.56 -46.76
C LYS L 309 -54.24 -13.63 -46.27
N GLU L 310 -53.17 -13.43 -47.06
CA GLU L 310 -52.13 -12.40 -46.85
C GLU L 310 -52.54 -11.15 -47.63
N ARG L 311 -52.07 -9.96 -47.26
CA ARG L 311 -52.39 -8.68 -47.94
C ARG L 311 -51.29 -8.33 -48.94
N ALA L 312 -51.68 -7.76 -50.09
CA ALA L 312 -50.75 -7.27 -51.13
C ALA L 312 -51.26 -5.95 -51.72
N ILE L 313 -50.32 -5.10 -52.11
CA ILE L 313 -50.57 -3.82 -52.83
C ILE L 313 -50.06 -3.99 -54.27
N LEU L 314 -50.83 -3.50 -55.25
CA LEU L 314 -50.39 -3.49 -56.68
C LEU L 314 -50.16 -2.03 -57.12
N PHE L 315 -48.89 -1.62 -57.17
CA PHE L 315 -48.45 -0.30 -57.68
C PHE L 315 -48.38 -0.37 -59.21
N ALA L 316 -49.47 0.02 -59.88
CA ALA L 316 -49.64 -0.03 -61.35
C ALA L 316 -49.32 1.34 -61.96
N TYR L 317 -48.43 1.40 -62.94
CA TYR L 317 -47.95 2.66 -63.56
C TYR L 317 -48.27 2.73 -65.05
N GLU L 318 -48.89 1.69 -65.63
CA GLU L 318 -49.13 1.62 -67.10
C GLU L 318 -50.62 1.39 -67.41
N GLU L 319 -51.43 0.99 -66.43
CA GLU L 319 -52.84 0.57 -66.66
C GLU L 319 -53.75 1.07 -65.54
N SER L 320 -54.97 1.46 -65.89
CA SER L 320 -56.06 1.86 -64.96
C SER L 320 -56.61 0.62 -64.26
N ARG L 321 -57.08 0.77 -63.01
CA ARG L 321 -57.73 -0.33 -62.22
C ARG L 321 -58.70 -1.09 -63.13
N ALA L 322 -59.59 -0.34 -63.79
CA ALA L 322 -60.65 -0.86 -64.68
C ALA L 322 -60.03 -1.84 -65.70
N GLN L 323 -58.91 -1.46 -66.33
CA GLN L 323 -58.25 -2.27 -67.39
C GLN L 323 -57.48 -3.44 -66.76
N LEU L 324 -56.89 -3.25 -65.57
CA LEU L 324 -56.23 -4.36 -64.82
C LEU L 324 -57.29 -5.40 -64.43
N LEU L 325 -58.43 -4.92 -63.93
CA LEU L 325 -59.58 -5.76 -63.48
C LEU L 325 -60.07 -6.64 -64.65
N ARG L 326 -60.25 -6.05 -65.83
CA ARG L 326 -60.68 -6.78 -67.04
C ARG L 326 -59.62 -7.83 -67.38
N ASN L 327 -58.42 -7.37 -67.71
CA ASN L 327 -57.28 -8.22 -68.16
C ASN L 327 -57.10 -9.38 -67.17
N ALA L 328 -57.14 -9.08 -65.87
CA ALA L 328 -57.14 -10.09 -64.78
C ALA L 328 -58.32 -11.05 -64.99
N TYR L 329 -59.55 -10.54 -64.96
CA TYR L 329 -60.80 -11.37 -65.02
C TYR L 329 -60.77 -12.26 -66.28
N SER L 330 -60.17 -11.78 -67.36
CA SER L 330 -60.00 -12.55 -68.63
C SER L 330 -59.01 -13.71 -68.42
N TRP L 331 -58.21 -13.67 -67.34
CA TRP L 331 -57.27 -14.77 -66.95
C TRP L 331 -57.81 -15.55 -65.75
N GLY L 332 -59.11 -15.48 -65.45
CA GLY L 332 -59.66 -15.94 -64.17
C GLY L 332 -59.45 -14.87 -63.10
N MET L 333 -59.08 -15.27 -61.88
CA MET L 333 -58.65 -14.37 -60.77
C MET L 333 -59.50 -13.08 -60.74
N ASP L 334 -60.51 -13.05 -59.88
CA ASP L 334 -61.45 -11.92 -59.66
C ASP L 334 -60.78 -10.90 -58.73
N PHE L 335 -60.21 -9.83 -59.29
CA PHE L 335 -59.53 -8.75 -58.54
C PHE L 335 -60.54 -7.98 -57.68
N GLU L 336 -61.81 -7.93 -58.09
CA GLU L 336 -62.91 -7.27 -57.34
C GLU L 336 -62.95 -7.80 -55.89
N GLU L 337 -63.18 -9.10 -55.73
CA GLU L 337 -63.37 -9.77 -54.42
C GLU L 337 -62.13 -9.53 -53.56
N MET L 338 -60.93 -9.64 -54.17
CA MET L 338 -59.62 -9.45 -53.51
C MET L 338 -59.54 -8.08 -52.84
N GLU L 339 -60.11 -7.03 -53.47
CA GLU L 339 -60.29 -5.69 -52.87
C GLU L 339 -61.38 -5.78 -51.80
N ARG L 340 -62.49 -6.42 -52.13
CA ARG L 340 -63.70 -6.52 -51.27
C ARG L 340 -63.35 -7.23 -49.95
N GLN L 341 -62.42 -8.19 -49.98
CA GLN L 341 -61.93 -8.93 -48.77
C GLN L 341 -60.79 -8.17 -48.08
N ASN L 342 -60.54 -6.91 -48.45
CA ASN L 342 -59.42 -6.06 -47.95
C ASN L 342 -58.12 -6.86 -47.94
N LEU L 343 -57.84 -7.63 -49.01
CA LEU L 343 -56.57 -8.37 -49.21
C LEU L 343 -55.75 -7.76 -50.35
N LEU L 344 -56.33 -6.82 -51.08
CA LEU L 344 -55.67 -6.25 -52.28
C LEU L 344 -56.00 -4.76 -52.42
N LYS L 345 -54.97 -3.91 -52.38
CA LYS L 345 -55.05 -2.46 -52.72
C LYS L 345 -54.33 -2.24 -54.06
N ILE L 346 -55.06 -1.80 -55.09
CA ILE L 346 -54.50 -1.41 -56.41
C ILE L 346 -54.33 0.12 -56.41
N VAL L 347 -53.12 0.62 -56.66
CA VAL L 347 -52.82 2.07 -56.58
C VAL L 347 -53.17 2.73 -57.91
N CYS L 348 -52.27 2.67 -58.91
CA CYS L 348 -52.42 3.34 -60.23
C CYS L 348 -52.10 4.84 -60.14
N ALA L 349 -51.05 5.25 -60.84
CA ALA L 349 -50.64 6.66 -61.04
C ALA L 349 -49.70 6.73 -62.23
N TYR L 350 -49.74 7.82 -63.00
CA TYR L 350 -48.78 8.08 -64.10
C TYR L 350 -47.41 8.34 -63.48
N PRO L 351 -46.35 7.64 -63.94
CA PRO L 351 -44.99 7.96 -63.54
C PRO L 351 -44.62 9.45 -63.63
N GLU L 352 -45.10 10.15 -64.66
CA GLU L 352 -44.72 11.58 -64.95
C GLU L 352 -45.51 12.55 -64.04
N SER L 353 -46.47 12.06 -63.24
CA SER L 353 -47.31 12.86 -62.33
C SER L 353 -46.66 12.96 -60.94
N ALA L 354 -45.37 13.28 -60.88
CA ALA L 354 -44.52 13.31 -59.66
C ALA L 354 -43.08 12.99 -60.04
N GLY L 355 -42.12 13.44 -59.22
CA GLY L 355 -40.73 12.97 -59.25
C GLY L 355 -40.56 11.70 -58.43
N LEU L 356 -39.40 11.06 -58.53
CA LEU L 356 -39.08 9.80 -57.81
C LEU L 356 -39.22 9.99 -56.29
N GLU L 357 -38.63 11.05 -55.75
CA GLU L 357 -38.67 11.38 -54.29
C GLU L 357 -40.09 11.16 -53.77
N ASP L 358 -41.09 11.61 -54.53
CA ASP L 358 -42.53 11.60 -54.15
C ASP L 358 -43.05 10.16 -54.23
N HIS L 359 -43.00 9.53 -55.40
CA HIS L 359 -43.40 8.12 -55.66
C HIS L 359 -42.93 7.23 -54.50
N LEU L 360 -41.65 7.32 -54.13
CA LEU L 360 -41.03 6.53 -53.04
C LEU L 360 -41.79 6.81 -51.74
N GLN L 361 -42.02 8.09 -51.41
CA GLN L 361 -42.80 8.53 -50.23
C GLN L 361 -44.23 7.97 -50.34
N ILE L 362 -44.84 8.02 -51.52
CA ILE L 362 -46.20 7.46 -51.77
C ILE L 362 -46.15 5.97 -51.42
N ILE L 363 -45.13 5.25 -51.90
CA ILE L 363 -45.00 3.78 -51.73
C ILE L 363 -44.86 3.47 -50.23
N LYS L 364 -43.87 4.04 -49.55
CA LYS L 364 -43.61 3.84 -48.10
C LYS L 364 -44.89 4.08 -47.32
N SER L 365 -45.50 5.25 -47.54
CA SER L 365 -46.76 5.69 -46.88
C SER L 365 -47.86 4.67 -47.14
N GLU L 366 -48.00 4.21 -48.40
CA GLU L 366 -49.03 3.24 -48.83
C GLU L 366 -48.74 1.87 -48.18
N ILE L 367 -47.46 1.54 -47.95
CA ILE L 367 -47.04 0.27 -47.28
C ILE L 367 -47.38 0.36 -45.79
N ASN L 368 -47.06 1.48 -45.14
CA ASN L 368 -47.29 1.70 -43.69
C ASN L 368 -48.78 1.55 -43.37
N ASP L 369 -49.65 2.11 -44.22
CA ASP L 369 -51.12 2.14 -44.02
C ASP L 369 -51.68 0.71 -44.08
N PHE L 370 -51.22 -0.10 -45.03
CA PHE L 370 -51.87 -1.39 -45.40
C PHE L 370 -51.13 -2.58 -44.81
N LYS L 371 -49.83 -2.43 -44.50
CA LYS L 371 -48.97 -3.48 -43.89
C LYS L 371 -49.06 -4.76 -44.73
N PRO L 372 -48.62 -4.73 -46.00
CA PRO L 372 -48.77 -5.88 -46.90
C PRO L 372 -47.61 -6.87 -46.79
N ALA L 373 -47.90 -8.14 -47.06
CA ALA L 373 -46.92 -9.24 -47.17
C ALA L 373 -46.15 -9.11 -48.49
N ARG L 374 -46.87 -8.82 -49.58
CA ARG L 374 -46.31 -8.79 -50.95
C ARG L 374 -46.62 -7.46 -51.61
N ILE L 375 -45.66 -6.98 -52.42
CA ILE L 375 -45.89 -5.85 -53.34
C ILE L 375 -45.52 -6.25 -54.76
N ALA L 376 -46.21 -5.63 -55.70
CA ALA L 376 -45.89 -5.65 -57.13
C ALA L 376 -45.76 -4.21 -57.64
N ILE L 377 -44.62 -3.90 -58.25
CA ILE L 377 -44.41 -2.66 -59.04
C ILE L 377 -44.34 -3.04 -60.52
N ASP L 378 -45.43 -2.75 -61.25
CA ASP L 378 -45.60 -3.03 -62.69
C ASP L 378 -45.87 -1.70 -63.40
N SER L 379 -44.84 -1.08 -64.00
CA SER L 379 -43.50 -1.60 -64.14
C SER L 379 -42.48 -0.55 -63.66
N LEU L 380 -41.25 -0.99 -63.36
CA LEU L 380 -40.13 -0.08 -62.98
C LEU L 380 -39.70 0.74 -64.20
N SER L 381 -39.64 0.13 -65.38
CA SER L 381 -39.19 0.80 -66.63
C SER L 381 -40.08 2.02 -66.92
N ALA L 382 -41.36 1.96 -66.55
CA ALA L 382 -42.30 3.10 -66.60
C ALA L 382 -41.74 4.27 -65.78
N LEU L 383 -41.23 4.00 -64.58
CA LEU L 383 -40.73 5.03 -63.63
C LEU L 383 -39.32 5.50 -64.00
N ALA L 384 -38.60 4.75 -64.86
CA ALA L 384 -37.25 5.13 -65.37
C ALA L 384 -37.39 6.11 -66.54
N ARG L 385 -38.62 6.29 -67.04
CA ARG L 385 -38.98 7.14 -68.20
C ARG L 385 -38.59 8.60 -67.97
N GLY L 386 -37.69 9.13 -68.80
CA GLY L 386 -37.40 10.57 -68.89
C GLY L 386 -36.78 11.08 -67.60
N VAL L 387 -35.97 10.24 -66.95
CA VAL L 387 -35.23 10.56 -65.70
C VAL L 387 -33.79 10.07 -65.87
N SER L 388 -32.86 10.71 -65.17
CA SER L 388 -31.42 10.35 -65.14
C SER L 388 -31.26 8.92 -64.60
N ASN L 389 -30.29 8.19 -65.14
CA ASN L 389 -30.00 6.78 -64.77
C ASN L 389 -29.68 6.69 -63.28
N ASN L 390 -28.95 7.68 -62.74
CA ASN L 390 -28.49 7.72 -61.34
C ASN L 390 -29.67 7.97 -60.40
N ALA L 391 -30.60 8.86 -60.76
CA ALA L 391 -31.79 9.18 -59.95
C ALA L 391 -32.71 7.95 -59.89
N PHE L 392 -32.73 7.16 -60.97
CA PHE L 392 -33.56 5.93 -61.08
C PHE L 392 -32.99 4.86 -60.12
N ARG L 393 -31.70 4.55 -60.24
CA ARG L 393 -30.99 3.62 -59.33
C ARG L 393 -31.38 3.97 -57.88
N GLN L 394 -31.07 5.21 -57.48
CA GLN L 394 -31.48 5.81 -56.17
C GLN L 394 -32.87 5.31 -55.79
N PHE L 395 -33.86 5.52 -56.66
CA PHE L 395 -35.28 5.16 -56.41
C PHE L 395 -35.38 3.65 -56.19
N VAL L 396 -34.77 2.86 -57.08
CA VAL L 396 -34.80 1.37 -57.03
C VAL L 396 -34.14 0.92 -55.71
N ILE L 397 -32.90 1.37 -55.44
CA ILE L 397 -32.17 1.07 -54.17
C ILE L 397 -33.13 1.35 -53.00
N GLY L 398 -33.85 2.47 -53.08
CA GLY L 398 -34.85 2.90 -52.09
C GLY L 398 -35.90 1.83 -51.82
N VAL L 399 -36.77 1.56 -52.80
CA VAL L 399 -37.96 0.68 -52.62
C VAL L 399 -37.47 -0.77 -52.38
N THR L 400 -36.38 -1.18 -53.04
CA THR L 400 -35.72 -2.50 -52.86
C THR L 400 -35.36 -2.70 -51.39
N GLY L 401 -34.45 -1.86 -50.87
CA GLY L 401 -33.94 -1.92 -49.48
C GLY L 401 -35.07 -1.84 -48.47
N TYR L 402 -36.13 -1.08 -48.76
CA TYR L 402 -37.27 -0.85 -47.85
C TYR L 402 -38.09 -2.14 -47.71
N ALA L 403 -38.51 -2.74 -48.83
CA ALA L 403 -39.29 -4.00 -48.87
C ALA L 403 -38.45 -5.13 -48.24
N LYS L 404 -37.12 -5.05 -48.36
CA LYS L 404 -36.18 -6.04 -47.78
C LYS L 404 -36.18 -5.93 -46.25
N GLN L 405 -36.01 -4.72 -45.70
CA GLN L 405 -35.91 -4.49 -44.24
C GLN L 405 -37.28 -4.69 -43.58
N GLU L 406 -38.38 -4.53 -44.32
CA GLU L 406 -39.77 -4.68 -43.81
C GLU L 406 -40.24 -6.14 -43.96
N GLU L 407 -39.39 -7.02 -44.50
CA GLU L 407 -39.67 -8.47 -44.70
C GLU L 407 -40.82 -8.65 -45.72
N ILE L 408 -40.82 -7.84 -46.78
CA ILE L 408 -41.89 -7.81 -47.83
C ILE L 408 -41.32 -8.39 -49.13
N THR L 409 -42.10 -9.30 -49.75
CA THR L 409 -41.79 -9.95 -51.05
C THR L 409 -42.09 -8.94 -52.18
N GLY L 410 -41.05 -8.54 -52.91
CA GLY L 410 -41.16 -7.55 -54.00
C GLY L 410 -40.98 -8.19 -55.37
N LEU L 411 -42.00 -8.09 -56.22
CA LEU L 411 -41.95 -8.43 -57.67
C LEU L 411 -42.00 -7.13 -58.49
N PHE L 412 -40.89 -6.81 -59.16
CA PHE L 412 -40.70 -5.59 -59.97
C PHE L 412 -40.57 -6.00 -61.44
N THR L 413 -41.33 -5.39 -62.34
CA THR L 413 -41.33 -5.72 -63.79
C THR L 413 -40.55 -4.65 -64.54
N ASN L 414 -39.78 -5.07 -65.55
CA ASN L 414 -38.96 -4.18 -66.41
C ASN L 414 -39.20 -4.59 -67.87
N THR L 415 -39.89 -3.76 -68.64
CA THR L 415 -40.13 -4.01 -70.08
C THR L 415 -38.89 -3.55 -70.84
N SER L 416 -38.14 -4.50 -71.41
CA SER L 416 -36.84 -4.26 -72.09
C SER L 416 -37.10 -3.52 -73.41
N ASP L 417 -36.21 -2.58 -73.76
CA ASP L 417 -36.33 -1.71 -74.95
C ASP L 417 -36.32 -2.56 -76.23
N GLN L 418 -35.46 -3.59 -76.30
CA GLN L 418 -35.39 -4.51 -77.47
C GLN L 418 -36.35 -5.67 -77.24
N PHE L 419 -37.15 -6.01 -78.25
CA PHE L 419 -38.15 -7.10 -78.16
C PHE L 419 -37.48 -8.44 -78.48
N MET L 420 -36.39 -8.42 -79.26
CA MET L 420 -35.64 -9.63 -79.65
C MET L 420 -34.19 -9.24 -79.93
N GLY L 421 -33.25 -10.06 -79.46
CA GLY L 421 -31.80 -9.82 -79.61
C GLY L 421 -31.25 -8.99 -78.46
N ALA L 422 -32.03 -8.79 -77.39
CA ALA L 422 -31.61 -8.08 -76.16
C ALA L 422 -30.32 -8.73 -75.64
N HIS L 423 -29.26 -7.94 -75.45
CA HIS L 423 -27.94 -8.43 -74.97
C HIS L 423 -27.75 -8.12 -73.48
N SER L 424 -28.71 -7.42 -72.86
CA SER L 424 -28.68 -7.05 -71.41
C SER L 424 -30.04 -7.39 -70.78
N ILE L 425 -30.03 -7.87 -69.53
CA ILE L 425 -31.26 -8.16 -68.74
C ILE L 425 -32.06 -6.86 -68.62
N THR L 426 -31.42 -5.78 -68.17
CA THR L 426 -32.04 -4.43 -68.04
C THR L 426 -31.14 -3.39 -68.72
N ASP L 427 -31.75 -2.35 -69.31
CA ASP L 427 -31.04 -1.22 -69.93
C ASP L 427 -30.56 -0.27 -68.82
N SER L 428 -31.25 -0.29 -67.68
CA SER L 428 -30.95 0.56 -66.49
C SER L 428 -29.82 -0.05 -65.66
N HIS L 429 -29.43 -1.30 -65.95
CA HIS L 429 -28.36 -2.05 -65.23
C HIS L 429 -28.69 -2.10 -63.74
N ILE L 430 -29.78 -2.78 -63.39
CA ILE L 430 -30.25 -2.96 -61.98
C ILE L 430 -30.35 -4.46 -61.67
N SEP L 431 -29.50 -5.27 -62.32
CA SEP L 431 -29.54 -6.71 -62.16
CB SEP L 431 -28.87 -7.37 -63.36
OG SEP L 431 -29.25 -6.64 -64.56
C SEP L 431 -28.88 -7.12 -60.84
O SEP L 431 -29.28 -8.11 -60.23
P SEP L 431 -28.11 -6.22 -65.65
O1P SEP L 431 -26.89 -5.78 -64.85
O2P SEP L 431 -28.71 -5.10 -66.47
O3P SEP L 431 -27.84 -7.45 -66.49
N TPO L 432 -27.90 -6.33 -60.38
CA TPO L 432 -27.19 -6.62 -59.15
CB TPO L 432 -25.91 -5.78 -59.03
CG2 TPO L 432 -24.99 -6.29 -57.94
OG1 TPO L 432 -25.15 -5.83 -60.29
P TPO L 432 -23.96 -4.78 -60.61
O1P TPO L 432 -22.79 -5.63 -61.06
O2P TPO L 432 -24.49 -3.87 -61.71
O3P TPO L 432 -23.64 -4.01 -59.34
C TPO L 432 -28.08 -6.37 -57.93
O TPO L 432 -27.83 -6.94 -56.88
N ILE L 433 -29.10 -5.54 -58.08
CA ILE L 433 -29.95 -5.19 -56.95
C ILE L 433 -30.99 -6.29 -56.73
N THR L 434 -31.38 -6.99 -57.79
CA THR L 434 -32.42 -8.06 -57.76
C THR L 434 -31.78 -9.39 -57.34
N ASP L 435 -32.49 -10.15 -56.51
CA ASP L 435 -32.06 -11.48 -56.00
C ASP L 435 -32.46 -12.55 -57.02
N THR L 436 -33.73 -12.52 -57.47
CA THR L 436 -34.29 -13.46 -58.47
C THR L 436 -34.57 -12.70 -59.77
N ILE L 437 -34.26 -13.33 -60.91
CA ILE L 437 -34.51 -12.75 -62.26
C ILE L 437 -35.30 -13.77 -63.10
N ILE L 438 -36.58 -13.49 -63.30
CA ILE L 438 -37.46 -14.22 -64.27
C ILE L 438 -37.35 -13.49 -65.61
N LEU L 439 -36.72 -14.13 -66.60
CA LEU L 439 -36.55 -13.57 -67.97
C LEU L 439 -37.61 -14.18 -68.87
N LEU L 440 -38.49 -13.34 -69.45
CA LEU L 440 -39.44 -13.73 -70.52
C LEU L 440 -38.90 -13.24 -71.86
N GLN L 441 -39.08 -14.01 -72.92
CA GLN L 441 -38.65 -13.58 -74.29
C GLN L 441 -39.56 -14.17 -75.36
N TYR L 442 -39.49 -13.60 -76.57
CA TYR L 442 -40.13 -14.12 -77.80
C TYR L 442 -39.16 -15.07 -78.51
N VAL L 443 -39.73 -16.06 -79.18
CA VAL L 443 -39.00 -17.04 -80.03
C VAL L 443 -39.77 -17.22 -81.32
N GLU L 444 -39.09 -17.04 -82.45
CA GLU L 444 -39.64 -17.25 -83.81
C GLU L 444 -39.49 -18.74 -84.17
N ILE L 445 -40.58 -19.50 -84.10
CA ILE L 445 -40.62 -20.96 -84.43
C ILE L 445 -41.62 -21.18 -85.57
N ARG L 446 -41.15 -21.68 -86.72
CA ARG L 446 -41.96 -21.99 -87.92
C ARG L 446 -42.92 -20.83 -88.18
N GLY L 447 -42.37 -19.62 -88.36
CA GLY L 447 -43.10 -18.39 -88.67
C GLY L 447 -44.22 -18.11 -87.67
N GLU L 448 -44.01 -18.40 -86.39
CA GLU L 448 -44.96 -18.08 -85.29
C GLU L 448 -44.18 -17.47 -84.11
N MET L 449 -44.81 -16.51 -83.42
CA MET L 449 -44.25 -15.83 -82.22
C MET L 449 -44.58 -16.63 -80.96
N SER L 450 -43.70 -17.55 -80.59
CA SER L 450 -43.78 -18.28 -79.30
C SER L 450 -43.10 -17.43 -78.23
N ARG L 451 -43.55 -17.53 -76.98
CA ARG L 451 -42.87 -16.91 -75.80
C ARG L 451 -42.09 -18.01 -75.10
N ALA L 452 -41.31 -17.61 -74.10
CA ALA L 452 -40.46 -18.53 -73.32
C ALA L 452 -40.16 -17.91 -71.96
N ILE L 453 -40.34 -18.72 -70.92
CA ILE L 453 -40.04 -18.38 -69.49
C ILE L 453 -38.70 -19.04 -69.15
N ASN L 454 -37.90 -18.38 -68.31
CA ASN L 454 -36.56 -18.85 -67.91
C ASN L 454 -36.25 -18.21 -66.56
N VAL L 455 -35.88 -19.01 -65.56
CA VAL L 455 -35.30 -18.47 -64.29
C VAL L 455 -33.82 -18.23 -64.55
N PHE L 456 -33.43 -16.96 -64.65
CA PHE L 456 -32.07 -16.53 -65.04
C PHE L 456 -31.12 -16.67 -63.85
N LYS L 457 -31.57 -16.33 -62.64
CA LYS L 457 -30.81 -16.61 -61.40
C LYS L 457 -31.72 -16.62 -60.18
N MET L 458 -31.32 -17.38 -59.17
CA MET L 458 -31.91 -17.39 -57.81
C MET L 458 -30.76 -17.42 -56.80
N ARG L 459 -30.64 -16.40 -55.96
CA ARG L 459 -29.69 -16.40 -54.83
C ARG L 459 -30.30 -17.27 -53.74
N GLY L 460 -29.47 -18.10 -53.09
CA GLY L 460 -29.92 -18.95 -51.97
C GLY L 460 -30.39 -20.31 -52.43
N SER L 461 -31.03 -20.40 -53.61
CA SER L 461 -31.61 -21.68 -54.10
C SER L 461 -30.95 -22.13 -55.39
N TRP L 462 -31.11 -23.43 -55.69
CA TRP L 462 -30.94 -24.02 -57.04
C TRP L 462 -31.90 -23.22 -57.94
N HIS L 463 -32.31 -23.73 -59.09
CA HIS L 463 -33.32 -23.17 -60.03
C HIS L 463 -33.07 -23.86 -61.36
N ASP L 464 -34.14 -24.07 -62.11
CA ASP L 464 -34.14 -24.75 -63.42
C ASP L 464 -33.34 -23.88 -64.39
N LYS L 465 -32.34 -24.46 -65.07
CA LYS L 465 -31.44 -23.71 -66.00
C LYS L 465 -31.96 -23.79 -67.45
N ALA L 466 -33.19 -24.28 -67.67
CA ALA L 466 -33.79 -24.45 -69.01
C ALA L 466 -34.50 -23.16 -69.45
N ILE L 467 -34.61 -22.96 -70.76
CA ILE L 467 -35.44 -21.91 -71.41
C ILE L 467 -36.73 -22.59 -71.85
N ARG L 468 -37.75 -22.58 -70.99
CA ARG L 468 -39.00 -23.35 -71.20
C ARG L 468 -39.98 -22.49 -72.00
N GLU L 469 -40.64 -23.13 -72.98
CA GLU L 469 -41.75 -22.57 -73.77
C GLU L 469 -42.96 -22.42 -72.83
N PHE L 470 -43.85 -21.48 -73.12
CA PHE L 470 -45.17 -21.41 -72.45
C PHE L 470 -46.20 -20.72 -73.34
N MET L 471 -47.46 -20.91 -72.98
CA MET L 471 -48.66 -20.39 -73.69
C MET L 471 -49.53 -19.66 -72.66
N ILE L 472 -50.45 -18.84 -73.15
CA ILE L 472 -51.39 -18.03 -72.31
C ILE L 472 -52.81 -18.34 -72.76
N SER L 473 -53.74 -18.38 -71.80
CA SER L 473 -55.18 -18.68 -72.02
C SER L 473 -56.00 -18.06 -70.89
N ASP L 474 -57.32 -18.22 -70.94
CA ASP L 474 -58.23 -17.88 -69.81
C ASP L 474 -57.67 -18.48 -68.51
N LYS L 475 -57.09 -19.68 -68.59
CA LYS L 475 -56.53 -20.43 -67.43
C LYS L 475 -55.25 -19.75 -66.91
N GLY L 476 -54.57 -18.94 -67.73
CA GLY L 476 -53.34 -18.22 -67.34
C GLY L 476 -52.10 -18.80 -68.03
N PRO L 477 -50.91 -18.71 -67.40
CA PRO L 477 -49.66 -19.16 -68.02
C PRO L 477 -49.41 -20.67 -67.85
N ASP L 478 -49.43 -21.41 -68.97
CA ASP L 478 -49.10 -22.85 -69.02
C ASP L 478 -47.67 -23.03 -69.50
N ILE L 479 -46.74 -23.38 -68.60
CA ILE L 479 -45.30 -23.61 -68.92
C ILE L 479 -45.13 -25.06 -69.39
N LYS L 480 -44.26 -25.27 -70.39
CA LYS L 480 -44.09 -26.56 -71.12
C LYS L 480 -42.60 -26.91 -71.19
N ASP L 481 -42.21 -27.71 -72.19
CA ASP L 481 -40.84 -28.27 -72.35
C ASP L 481 -39.99 -27.28 -73.16
N SER L 482 -38.68 -27.26 -72.90
CA SER L 482 -37.68 -26.35 -73.53
C SER L 482 -37.53 -26.69 -75.01
N PHE L 483 -36.75 -25.89 -75.73
CA PHE L 483 -36.45 -26.04 -77.17
C PHE L 483 -35.13 -26.82 -77.32
N ARG L 484 -35.17 -28.08 -76.90
CA ARG L 484 -34.00 -28.99 -76.82
C ARG L 484 -33.36 -29.15 -78.20
N ASN L 485 -34.16 -29.24 -79.27
CA ASN L 485 -33.66 -29.45 -80.66
C ASN L 485 -33.54 -28.12 -81.42
N PHE L 486 -32.97 -27.09 -80.79
CA PHE L 486 -32.78 -25.75 -81.41
C PHE L 486 -31.45 -25.16 -80.95
N GLU L 487 -31.02 -24.09 -81.63
CA GLU L 487 -29.70 -23.44 -81.48
C GLU L 487 -29.90 -21.92 -81.57
N ARG L 488 -29.22 -21.15 -80.71
CA ARG L 488 -29.30 -19.67 -80.63
C ARG L 488 -30.71 -19.24 -80.25
N ILE L 489 -31.31 -19.90 -79.26
CA ILE L 489 -32.68 -19.60 -78.74
C ILE L 489 -32.71 -18.22 -78.11
N ILE L 490 -31.66 -17.86 -77.37
CA ILE L 490 -31.58 -16.61 -76.56
C ILE L 490 -31.52 -15.39 -77.51
N SER L 491 -31.25 -15.60 -78.81
CA SER L 491 -31.26 -14.53 -79.84
C SER L 491 -32.70 -14.11 -80.15
N GLY L 492 -33.64 -15.05 -80.16
CA GLY L 492 -35.07 -14.83 -80.46
C GLY L 492 -35.47 -15.43 -81.80
N SER L 493 -34.50 -15.68 -82.68
CA SER L 493 -34.68 -16.38 -83.98
C SER L 493 -33.77 -17.59 -84.02
N PRO L 494 -34.17 -18.75 -83.44
CA PRO L 494 -33.28 -19.90 -83.35
C PRO L 494 -33.10 -20.56 -84.72
N THR L 495 -32.26 -21.59 -84.77
CA THR L 495 -32.03 -22.45 -85.97
C THR L 495 -32.20 -23.91 -85.54
N ARG L 496 -33.15 -24.62 -86.16
CA ARG L 496 -33.37 -26.07 -85.92
C ARG L 496 -32.10 -26.84 -86.34
N ILE L 497 -31.75 -27.89 -85.61
CA ILE L 497 -30.48 -28.67 -85.77
C ILE L 497 -30.81 -30.12 -86.13
N ILE M 18 -6.32 -27.37 -0.08
CA ILE M 18 -7.66 -26.71 -0.12
C ILE M 18 -7.52 -25.27 -0.64
N ALA M 19 -6.92 -25.11 -1.82
CA ALA M 19 -6.84 -23.82 -2.55
C ALA M 19 -8.14 -23.63 -3.35
N LYS M 20 -8.39 -22.39 -3.78
CA LYS M 20 -9.68 -21.94 -4.34
C LYS M 20 -9.49 -21.45 -5.79
N MET M 21 -10.36 -21.94 -6.68
CA MET M 21 -10.47 -21.53 -8.10
C MET M 21 -11.49 -20.37 -8.18
N ARG M 22 -11.00 -19.14 -8.33
CA ARG M 22 -11.82 -17.89 -8.30
C ARG M 22 -12.96 -18.00 -9.33
N THR M 23 -14.21 -18.01 -8.87
CA THR M 23 -15.42 -18.21 -9.73
C THR M 23 -15.69 -16.96 -10.57
N MET M 24 -15.24 -15.78 -10.11
CA MET M 24 -15.42 -14.46 -10.79
C MET M 24 -16.91 -14.08 -10.85
N ILE M 25 -17.76 -14.65 -10.01
CA ILE M 25 -19.20 -14.24 -9.88
C ILE M 25 -19.24 -13.11 -8.83
N GLU M 26 -19.79 -11.94 -9.20
CA GLU M 26 -19.77 -10.70 -8.38
C GLU M 26 -20.37 -11.00 -7.01
N GLY M 27 -19.55 -11.47 -6.07
CA GLY M 27 -19.96 -11.82 -4.69
C GLY M 27 -19.34 -13.12 -4.20
N PHE M 28 -19.61 -14.23 -4.91
CA PHE M 28 -19.40 -15.63 -4.46
C PHE M 28 -17.95 -15.87 -4.01
N ASP M 29 -16.98 -15.23 -4.65
CA ASP M 29 -15.52 -15.38 -4.35
C ASP M 29 -15.25 -14.98 -2.90
N ASP M 30 -15.84 -13.88 -2.43
CA ASP M 30 -15.71 -13.36 -1.04
C ASP M 30 -16.42 -14.31 -0.06
N ILE M 31 -17.67 -14.68 -0.37
CA ILE M 31 -18.52 -15.58 0.46
C ILE M 31 -17.89 -16.97 0.57
N SER M 32 -17.04 -17.37 -0.39
CA SER M 32 -16.34 -18.67 -0.45
C SER M 32 -14.95 -18.60 0.20
N HIS M 33 -14.42 -17.39 0.41
CA HIS M 33 -13.01 -17.13 0.81
C HIS M 33 -12.07 -17.78 -0.20
N GLY M 34 -11.90 -17.13 -1.37
CA GLY M 34 -11.03 -17.60 -2.46
C GLY M 34 -11.84 -17.96 -3.70
N GLY M 35 -12.71 -18.98 -3.59
CA GLY M 35 -13.51 -19.52 -4.71
C GLY M 35 -13.93 -20.96 -4.47
N LEU M 36 -14.27 -21.68 -5.54
CA LEU M 36 -14.66 -23.12 -5.50
C LEU M 36 -13.40 -23.96 -5.30
N PRO M 37 -13.36 -24.86 -4.29
CA PRO M 37 -12.27 -25.82 -4.14
C PRO M 37 -11.92 -26.62 -5.40
N ILE M 38 -10.63 -26.61 -5.78
CA ILE M 38 -10.08 -27.24 -7.02
C ILE M 38 -9.87 -28.74 -6.76
N GLY M 39 -10.33 -29.59 -7.70
CA GLY M 39 -10.17 -31.05 -7.67
C GLY M 39 -11.27 -31.75 -6.90
N ARG M 40 -12.38 -31.04 -6.64
CA ARG M 40 -13.56 -31.57 -5.91
C ARG M 40 -14.84 -30.92 -6.48
N SER M 41 -15.90 -31.71 -6.65
CA SER M 41 -17.20 -31.28 -7.20
C SER M 41 -17.91 -30.38 -6.18
N THR M 42 -18.76 -29.48 -6.69
CA THR M 42 -19.53 -28.49 -5.88
C THR M 42 -21.00 -28.56 -6.33
N LEU M 43 -21.86 -29.13 -5.49
CA LEU M 43 -23.33 -29.17 -5.73
C LEU M 43 -23.89 -27.76 -5.59
N VAL M 44 -24.78 -27.38 -6.49
CA VAL M 44 -25.59 -26.12 -6.42
C VAL M 44 -27.07 -26.52 -6.52
N SER M 45 -27.68 -26.85 -5.39
CA SER M 45 -29.12 -27.22 -5.29
C SER M 45 -29.97 -25.95 -5.47
N GLY M 46 -31.26 -26.12 -5.75
CA GLY M 46 -32.19 -25.01 -5.96
C GLY M 46 -33.47 -25.48 -6.62
N THR M 47 -34.53 -24.69 -6.48
CA THR M 47 -35.86 -24.91 -7.11
C THR M 47 -35.78 -24.47 -8.57
N SER M 48 -36.81 -24.78 -9.37
CA SER M 48 -36.91 -24.37 -10.79
C SER M 48 -37.06 -22.85 -10.85
N GLY M 49 -35.99 -22.16 -11.25
CA GLY M 49 -35.95 -20.69 -11.45
C GLY M 49 -35.04 -19.98 -10.46
N THR M 50 -33.97 -20.64 -10.01
CA THR M 50 -32.96 -20.09 -9.05
C THR M 50 -31.81 -19.45 -9.84
N GLY M 51 -31.01 -20.29 -10.52
CA GLY M 51 -29.84 -19.85 -11.31
C GLY M 51 -28.74 -20.89 -11.32
N LYS M 52 -29.10 -22.17 -11.48
CA LYS M 52 -28.16 -23.32 -11.51
C LYS M 52 -27.44 -23.33 -12.86
N THR M 53 -28.20 -23.17 -13.95
CA THR M 53 -27.67 -23.05 -15.34
C THR M 53 -26.77 -21.81 -15.42
N LEU M 54 -27.30 -20.65 -15.01
CA LEU M 54 -26.59 -19.33 -15.05
C LEU M 54 -25.25 -19.45 -14.29
N PHE M 55 -25.25 -20.07 -13.11
CA PHE M 55 -24.05 -20.31 -12.28
C PHE M 55 -23.13 -21.29 -13.00
N SER M 56 -23.63 -22.50 -13.30
CA SER M 56 -22.92 -23.56 -14.07
C SER M 56 -22.32 -22.97 -15.34
N ILE M 57 -23.02 -22.01 -15.98
CA ILE M 57 -22.53 -21.23 -17.16
C ILE M 57 -21.45 -20.24 -16.69
N GLN M 58 -21.85 -19.21 -15.93
CA GLN M 58 -20.97 -18.09 -15.49
C GLN M 58 -19.65 -18.63 -14.94
N PHE M 59 -19.68 -19.82 -14.31
CA PHE M 59 -18.49 -20.54 -13.79
C PHE M 59 -17.47 -20.72 -14.93
N LEU M 60 -17.86 -21.37 -16.02
CA LEU M 60 -16.96 -21.72 -17.16
C LEU M 60 -16.62 -20.44 -17.94
N TYR M 61 -17.63 -19.67 -18.36
CA TYR M 61 -17.50 -18.49 -19.26
C TYR M 61 -16.50 -17.49 -18.67
N ASN M 62 -16.67 -17.13 -17.39
CA ASN M 62 -15.77 -16.21 -16.65
C ASN M 62 -14.42 -16.89 -16.44
N GLY M 63 -14.41 -18.22 -16.28
CA GLY M 63 -13.19 -19.05 -16.20
C GLY M 63 -12.27 -18.85 -17.40
N ILE M 64 -12.83 -18.96 -18.61
CA ILE M 64 -12.06 -18.77 -19.88
C ILE M 64 -11.82 -17.26 -20.07
N ILE M 65 -12.91 -16.49 -20.16
CA ILE M 65 -12.90 -15.04 -20.52
C ILE M 65 -12.37 -14.22 -19.32
N GLU M 66 -11.18 -14.55 -18.83
CA GLU M 66 -10.45 -13.86 -17.73
C GLU M 66 -9.24 -14.70 -17.30
N PHE M 67 -9.47 -15.98 -16.95
CA PHE M 67 -8.44 -16.90 -16.38
C PHE M 67 -7.86 -17.80 -17.47
N ASP M 68 -8.41 -17.77 -18.69
CA ASP M 68 -7.98 -18.61 -19.84
C ASP M 68 -8.08 -20.09 -19.47
N GLU M 69 -8.97 -20.46 -18.55
CA GLU M 69 -9.18 -21.84 -18.07
C GLU M 69 -10.34 -22.46 -18.85
N PRO M 70 -10.09 -23.52 -19.66
CA PRO M 70 -11.14 -24.14 -20.48
C PRO M 70 -12.24 -24.82 -19.65
N GLY M 71 -13.26 -25.38 -20.32
CA GLY M 71 -14.40 -26.02 -19.65
C GLY M 71 -15.20 -26.96 -20.53
N VAL M 72 -15.91 -27.90 -19.90
CA VAL M 72 -16.96 -28.77 -20.50
C VAL M 72 -18.28 -28.46 -19.81
N PHE M 73 -19.37 -28.36 -20.57
CA PHE M 73 -20.75 -28.18 -20.05
C PHE M 73 -21.59 -29.40 -20.45
N VAL M 74 -21.73 -30.35 -19.53
CA VAL M 74 -22.59 -31.55 -19.70
C VAL M 74 -24.04 -31.11 -19.51
N THR M 75 -25.00 -31.76 -20.17
CA THR M 75 -26.44 -31.46 -20.06
C THR M 75 -27.29 -32.64 -20.56
N PHE M 76 -28.38 -32.89 -19.85
CA PHE M 76 -29.46 -33.87 -20.20
C PHE M 76 -30.79 -33.13 -20.34
N GLU M 77 -30.90 -31.92 -19.77
CA GLU M 77 -32.16 -31.13 -19.70
C GLU M 77 -32.34 -30.37 -21.03
N GLU M 78 -31.52 -29.33 -21.27
CA GLU M 78 -31.60 -28.46 -22.47
C GLU M 78 -30.72 -29.03 -23.58
N THR M 79 -30.76 -28.40 -24.76
CA THR M 79 -29.95 -28.76 -25.95
C THR M 79 -28.88 -27.69 -26.16
N PRO M 80 -27.69 -28.05 -26.71
CA PRO M 80 -26.58 -27.11 -26.85
C PRO M 80 -26.95 -25.73 -27.43
N GLN M 81 -27.82 -25.71 -28.45
CA GLN M 81 -28.24 -24.48 -29.17
C GLN M 81 -28.95 -23.53 -28.19
N ASP M 82 -29.87 -24.06 -27.38
CA ASP M 82 -30.66 -23.28 -26.39
C ASP M 82 -29.75 -22.82 -25.25
N ILE M 83 -28.79 -23.66 -24.84
CA ILE M 83 -27.73 -23.30 -23.85
C ILE M 83 -26.98 -22.08 -24.40
N ILE M 84 -26.45 -22.18 -25.62
CA ILE M 84 -25.61 -21.14 -26.30
C ILE M 84 -26.44 -19.88 -26.54
N LYS M 85 -27.77 -20.01 -26.72
CA LYS M 85 -28.71 -18.90 -27.00
C LYS M 85 -29.16 -18.23 -25.69
N ASN M 86 -29.39 -19.02 -24.64
CA ASN M 86 -29.80 -18.51 -23.30
C ASN M 86 -28.72 -17.56 -22.78
N ALA M 87 -27.45 -17.94 -22.92
CA ALA M 87 -26.27 -17.17 -22.46
C ALA M 87 -26.21 -15.79 -23.15
N ARG M 88 -26.85 -15.65 -24.31
CA ARG M 88 -27.01 -14.34 -25.00
C ARG M 88 -27.76 -13.38 -24.07
N SER M 89 -27.01 -12.56 -23.32
CA SER M 89 -27.50 -11.50 -22.41
C SER M 89 -26.57 -11.43 -21.18
N LEU M 94 -20.55 -17.37 -26.38
CA LEU M 94 -20.66 -18.79 -25.95
C LEU M 94 -20.37 -19.70 -27.16
N ALA M 95 -21.10 -19.49 -28.26
CA ALA M 95 -20.88 -20.14 -29.58
C ALA M 95 -19.41 -19.97 -30.00
N LYS M 96 -18.82 -18.79 -29.74
CA LYS M 96 -17.40 -18.46 -30.05
C LYS M 96 -16.46 -19.31 -29.19
N LEU M 97 -16.77 -19.49 -27.91
CA LEU M 97 -15.90 -20.20 -26.92
C LEU M 97 -15.89 -21.72 -27.17
N VAL M 98 -16.43 -22.17 -28.31
CA VAL M 98 -16.31 -23.58 -28.79
C VAL M 98 -15.19 -23.64 -29.84
N ASP M 99 -14.56 -22.51 -30.16
CA ASP M 99 -13.40 -22.42 -31.08
C ASP M 99 -12.73 -21.04 -30.93
N PHE M 104 -16.60 -26.31 -24.85
CA PHE M 104 -17.17 -27.60 -25.34
C PHE M 104 -18.44 -27.95 -24.55
N ILE M 105 -19.47 -28.45 -25.24
CA ILE M 105 -20.80 -28.84 -24.66
C ILE M 105 -21.09 -30.30 -25.04
N LEU M 106 -21.03 -31.23 -24.07
CA LEU M 106 -21.35 -32.68 -24.27
C LEU M 106 -22.85 -32.90 -24.03
N ASP M 107 -23.60 -33.17 -25.10
CA ASP M 107 -25.07 -33.44 -25.05
C ASP M 107 -25.28 -34.91 -24.69
N ALA M 108 -26.27 -35.19 -23.82
CA ALA M 108 -26.58 -36.55 -23.31
C ALA M 108 -28.09 -36.74 -23.06
N SER M 109 -28.95 -36.00 -23.78
CA SER M 109 -30.43 -36.06 -23.65
C SER M 109 -30.99 -37.16 -24.56
N ASP M 122 -24.15 -47.70 -19.58
CA ASP M 122 -24.59 -46.27 -19.60
C ASP M 122 -23.79 -45.46 -18.58
N LEU M 123 -23.71 -45.96 -17.33
CA LEU M 123 -22.98 -45.31 -16.21
C LEU M 123 -21.47 -45.31 -16.49
N SER M 124 -20.90 -46.49 -16.80
CA SER M 124 -19.46 -46.68 -17.12
C SER M 124 -19.13 -46.07 -18.49
N ALA M 125 -20.15 -45.80 -19.32
CA ALA M 125 -20.01 -45.19 -20.67
C ALA M 125 -19.85 -43.67 -20.55
N LEU M 126 -20.73 -43.00 -19.79
CA LEU M 126 -20.84 -41.52 -19.76
C LEU M 126 -19.54 -40.90 -19.23
N ILE M 127 -18.91 -41.52 -18.23
CA ILE M 127 -17.64 -41.06 -17.61
C ILE M 127 -16.56 -40.94 -18.70
N GLU M 128 -16.46 -41.95 -19.58
CA GLU M 128 -15.51 -41.98 -20.72
C GLU M 128 -15.77 -40.78 -21.64
N ARG M 129 -17.05 -40.48 -21.92
CA ARG M 129 -17.49 -39.37 -22.81
C ARG M 129 -17.02 -38.03 -22.24
N ILE M 130 -17.12 -37.83 -20.92
CA ILE M 130 -16.65 -36.59 -20.23
C ILE M 130 -15.11 -36.63 -20.13
N ASN M 131 -14.54 -37.77 -19.74
CA ASN M 131 -13.08 -37.92 -19.45
C ASN M 131 -12.30 -37.81 -20.75
N TYR M 132 -12.71 -38.54 -21.78
CA TYR M 132 -12.09 -38.54 -23.14
C TYR M 132 -12.24 -37.16 -23.80
N ALA M 133 -13.19 -36.35 -23.33
CA ALA M 133 -13.39 -34.94 -23.76
C ALA M 133 -12.55 -34.01 -22.88
N ILE M 134 -12.69 -34.11 -21.55
CA ILE M 134 -12.03 -33.25 -20.53
C ILE M 134 -10.50 -33.40 -20.64
N GLN M 135 -10.03 -34.61 -20.99
CA GLN M 135 -8.60 -34.88 -21.34
C GLN M 135 -8.29 -34.23 -22.69
N LYS M 136 -9.19 -34.40 -23.67
CA LYS M 136 -9.03 -33.93 -25.07
C LYS M 136 -8.97 -32.40 -25.13
N TYR M 137 -9.66 -31.69 -24.23
CA TYR M 137 -9.74 -30.20 -24.20
C TYR M 137 -8.85 -29.63 -23.09
N ARG M 138 -8.23 -30.48 -22.27
CA ARG M 138 -7.42 -30.07 -21.09
C ARG M 138 -8.28 -29.16 -20.20
N ALA M 139 -9.57 -29.48 -20.06
CA ALA M 139 -10.59 -28.63 -19.39
C ALA M 139 -10.33 -28.62 -17.89
N ARG M 140 -10.08 -27.43 -17.33
CA ARG M 140 -9.76 -27.22 -15.89
C ARG M 140 -11.03 -27.41 -15.05
N ARG M 141 -12.22 -27.27 -15.66
CA ARG M 141 -13.53 -27.33 -14.94
C ARG M 141 -14.58 -28.02 -15.81
N VAL M 142 -15.63 -28.53 -15.19
CA VAL M 142 -16.84 -29.11 -15.85
C VAL M 142 -18.09 -28.63 -15.09
N SER M 143 -19.13 -28.22 -15.82
CA SER M 143 -20.48 -27.92 -15.27
C SER M 143 -21.44 -29.00 -15.75
N ILE M 144 -22.17 -29.62 -14.82
CA ILE M 144 -23.18 -30.69 -15.12
C ILE M 144 -24.51 -30.24 -14.53
N ASP M 145 -25.56 -30.17 -15.36
CA ASP M 145 -26.95 -29.95 -14.89
C ASP M 145 -27.94 -30.52 -15.91
N SER M 146 -29.00 -31.17 -15.43
CA SER M 146 -29.20 -31.50 -14.02
C SER M 146 -28.81 -32.97 -13.80
N VAL M 147 -27.92 -33.23 -12.83
CA VAL M 147 -27.55 -34.61 -12.38
C VAL M 147 -28.80 -35.31 -11.81
N THR M 148 -29.71 -34.53 -11.21
CA THR M 148 -31.01 -35.00 -10.65
C THR M 148 -31.89 -35.55 -11.78
N SER M 149 -31.83 -34.95 -12.98
CA SER M 149 -32.49 -35.43 -14.22
C SER M 149 -31.95 -36.82 -14.58
N VAL M 150 -30.63 -37.01 -14.43
CA VAL M 150 -29.91 -38.30 -14.70
C VAL M 150 -30.44 -39.39 -13.75
N PHE M 151 -30.86 -39.01 -12.53
CA PHE M 151 -31.32 -39.93 -11.46
C PHE M 151 -32.81 -40.28 -11.63
N GLN M 152 -33.45 -39.83 -12.73
CA GLN M 152 -34.88 -40.11 -13.05
C GLN M 152 -35.08 -41.62 -13.20
N GLN M 153 -34.28 -42.26 -14.05
CA GLN M 153 -34.32 -43.73 -14.33
C GLN M 153 -33.37 -44.46 -13.37
N TYR M 154 -33.74 -44.53 -12.09
CA TYR M 154 -32.95 -45.19 -11.01
C TYR M 154 -33.84 -45.39 -9.78
N SER M 157 -33.84 -43.56 -3.68
CA SER M 157 -32.91 -42.85 -2.75
C SER M 157 -31.55 -43.56 -2.69
N SER M 158 -31.56 -44.89 -2.52
CA SER M 158 -30.37 -45.73 -2.22
C SER M 158 -29.51 -45.96 -3.47
N VAL M 159 -30.12 -46.42 -4.58
CA VAL M 159 -29.40 -46.81 -5.83
C VAL M 159 -28.95 -45.57 -6.61
N VAL M 160 -29.48 -44.39 -6.24
CA VAL M 160 -29.08 -43.07 -6.81
C VAL M 160 -27.82 -42.56 -6.10
N ARG M 161 -27.61 -42.95 -4.83
CA ARG M 161 -26.49 -42.48 -3.97
C ARG M 161 -25.17 -43.09 -4.44
N ARG M 162 -25.16 -44.40 -4.72
CA ARG M 162 -23.99 -45.14 -5.25
C ARG M 162 -23.59 -44.57 -6.62
N GLU M 163 -24.59 -44.17 -7.42
CA GLU M 163 -24.43 -43.63 -8.80
C GLU M 163 -23.72 -42.27 -8.76
N LEU M 164 -24.17 -41.36 -7.88
CA LEU M 164 -23.60 -39.99 -7.71
C LEU M 164 -22.19 -40.07 -7.09
N PHE M 165 -21.93 -41.11 -6.30
CA PHE M 165 -20.62 -41.35 -5.62
C PHE M 165 -19.55 -41.67 -6.67
N ARG M 166 -19.93 -42.36 -7.76
CA ARG M 166 -19.02 -42.73 -8.86
C ARG M 166 -18.67 -41.50 -9.70
N LEU M 167 -19.69 -40.69 -10.05
CA LEU M 167 -19.55 -39.46 -10.89
C LEU M 167 -18.64 -38.45 -10.19
N VAL M 168 -18.85 -38.23 -8.88
CA VAL M 168 -18.09 -37.25 -8.04
C VAL M 168 -16.65 -37.76 -7.85
N ALA M 169 -16.47 -39.07 -7.63
CA ALA M 169 -15.17 -39.71 -7.33
C ALA M 169 -14.35 -39.89 -8.60
N ARG M 170 -14.91 -40.54 -9.63
CA ARG M 170 -14.22 -40.87 -10.90
C ARG M 170 -13.90 -39.59 -11.69
N LEU M 171 -14.46 -38.45 -11.28
CA LEU M 171 -14.12 -37.09 -11.81
C LEU M 171 -12.99 -36.47 -10.97
N LYS M 172 -12.82 -36.93 -9.72
CA LYS M 172 -11.74 -36.49 -8.79
C LYS M 172 -10.41 -37.14 -9.18
N GLN M 173 -10.44 -38.30 -9.86
CA GLN M 173 -9.23 -38.94 -10.45
C GLN M 173 -8.81 -38.17 -11.72
N ILE M 174 -9.79 -37.81 -12.56
CA ILE M 174 -9.60 -36.98 -13.78
C ILE M 174 -9.12 -35.58 -13.38
N GLY M 175 -9.46 -35.14 -12.16
CA GLY M 175 -8.95 -33.90 -11.53
C GLY M 175 -9.68 -32.66 -12.03
N ALA M 176 -11.02 -32.75 -12.15
CA ALA M 176 -11.87 -31.69 -12.74
C ALA M 176 -12.66 -30.99 -11.63
N THR M 177 -12.53 -29.66 -11.56
CA THR M 177 -13.27 -28.78 -10.61
C THR M 177 -14.71 -28.61 -11.12
N THR M 178 -15.59 -29.52 -10.73
CA THR M 178 -17.00 -29.60 -11.24
C THR M 178 -17.90 -28.65 -10.45
N VAL M 179 -19.01 -28.24 -11.07
CA VAL M 179 -20.15 -27.53 -10.41
C VAL M 179 -21.42 -28.31 -10.76
N MET M 180 -21.74 -29.33 -9.97
CA MET M 180 -22.91 -30.22 -10.19
C MET M 180 -24.19 -29.48 -9.81
N THR M 181 -25.35 -30.06 -10.18
CA THR M 181 -26.69 -29.47 -9.97
C THR M 181 -27.68 -30.54 -9.51
N THR M 182 -28.64 -30.16 -8.66
CA THR M 182 -29.81 -30.96 -8.22
C THR M 182 -31.07 -30.10 -8.29
N GLU M 183 -32.24 -30.74 -8.21
CA GLU M 183 -33.57 -30.07 -8.14
C GLU M 183 -34.05 -30.07 -6.69
N ARG M 184 -35.03 -29.22 -6.38
CA ARG M 184 -35.64 -29.11 -5.02
C ARG M 184 -37.17 -28.96 -5.15
N ILE M 185 -37.90 -29.61 -4.23
CA ILE M 185 -39.37 -29.44 -4.06
C ILE M 185 -39.61 -28.17 -3.25
N GLU M 186 -39.28 -28.19 -1.94
CA GLU M 186 -39.61 -27.14 -0.96
C GLU M 186 -38.49 -26.08 -0.93
N GLU M 187 -38.82 -24.86 -0.52
CA GLU M 187 -37.85 -23.74 -0.36
C GLU M 187 -37.16 -23.85 1.00
N TYR M 188 -37.62 -24.78 1.87
CA TYR M 188 -36.90 -25.21 3.10
C TYR M 188 -37.20 -26.68 3.41
N GLY M 189 -37.30 -27.52 2.38
CA GLY M 189 -37.43 -28.99 2.50
C GLY M 189 -36.07 -29.67 2.49
N PRO M 190 -35.93 -30.91 1.96
CA PRO M 190 -34.61 -31.53 1.82
C PRO M 190 -33.68 -30.69 0.95
N ILE M 191 -32.37 -30.71 1.25
CA ILE M 191 -31.32 -29.87 0.60
C ILE M 191 -31.17 -30.28 -0.87
N ALA M 192 -31.34 -31.57 -1.18
CA ALA M 192 -31.46 -32.11 -2.55
C ALA M 192 -32.59 -33.16 -2.57
N ARG M 193 -33.08 -33.47 -3.78
CA ARG M 193 -34.31 -34.29 -4.02
C ARG M 193 -34.27 -35.58 -3.18
N TYR M 194 -33.11 -36.25 -3.14
CA TYR M 194 -32.85 -37.43 -2.27
C TYR M 194 -31.84 -37.05 -1.19
N GLY M 195 -31.86 -37.77 -0.06
CA GLY M 195 -31.03 -37.49 1.12
C GLY M 195 -29.55 -37.72 0.88
N VAL M 196 -29.18 -38.40 -0.21
CA VAL M 196 -27.78 -38.81 -0.53
C VAL M 196 -26.95 -37.58 -0.92
N GLU M 197 -27.46 -36.77 -1.86
CA GLU M 197 -26.69 -35.75 -2.64
C GLU M 197 -25.70 -34.99 -1.75
N GLU M 198 -26.19 -34.06 -0.92
CA GLU M 198 -25.38 -33.12 -0.10
C GLU M 198 -24.21 -33.85 0.61
N PHE M 199 -24.44 -35.08 1.09
CA PHE M 199 -23.45 -35.86 1.89
C PHE M 199 -22.44 -36.57 0.98
N VAL M 200 -22.87 -36.96 -0.23
CA VAL M 200 -22.01 -37.61 -1.26
C VAL M 200 -21.09 -36.56 -1.91
N SER M 201 -21.28 -35.27 -1.61
CA SER M 201 -20.57 -34.11 -2.24
C SER M 201 -19.65 -33.41 -1.24
N ASP M 202 -18.80 -32.50 -1.74
CA ASP M 202 -17.73 -31.79 -0.98
C ASP M 202 -18.16 -30.35 -0.66
N ASN M 203 -19.04 -29.75 -1.47
CA ASN M 203 -19.45 -28.33 -1.33
C ASN M 203 -20.91 -28.26 -0.86
N VAL M 204 -21.85 -27.91 -1.75
CA VAL M 204 -23.28 -27.69 -1.40
C VAL M 204 -23.50 -26.20 -1.12
N VAL M 205 -23.65 -25.39 -2.19
CA VAL M 205 -24.19 -24.00 -2.13
C VAL M 205 -25.69 -24.08 -2.46
N ILE M 206 -26.55 -23.49 -1.61
CA ILE M 206 -28.04 -23.59 -1.70
C ILE M 206 -28.60 -22.26 -2.24
N LEU M 207 -29.18 -22.29 -3.43
CA LEU M 207 -29.91 -21.13 -4.04
C LEU M 207 -31.40 -21.25 -3.70
N ARG M 208 -32.04 -20.14 -3.33
CA ARG M 208 -33.51 -20.10 -3.08
C ARG M 208 -34.10 -18.76 -3.52
N ASN M 209 -35.30 -18.84 -4.10
CA ASN M 209 -36.14 -17.73 -4.60
C ASN M 209 -37.20 -17.44 -3.54
N VAL M 210 -36.76 -17.14 -2.31
CA VAL M 210 -37.61 -17.04 -1.09
C VAL M 210 -38.81 -16.14 -1.38
N LEU M 211 -40.03 -16.63 -1.08
CA LEU M 211 -41.30 -15.88 -1.24
C LEU M 211 -41.60 -15.10 0.04
N GLU M 212 -41.18 -13.83 0.07
CA GLU M 212 -41.38 -12.88 1.22
C GLU M 212 -42.60 -12.00 0.94
N GLY M 213 -43.79 -12.61 0.85
CA GLY M 213 -45.10 -11.93 0.70
C GLY M 213 -45.20 -11.14 -0.61
N GLU M 214 -45.78 -11.76 -1.65
CA GLU M 214 -45.92 -11.18 -3.01
C GLU M 214 -44.54 -11.14 -3.69
N ARG M 215 -43.62 -10.32 -3.15
CA ARG M 215 -42.25 -10.13 -3.70
C ARG M 215 -41.40 -11.37 -3.39
N ARG M 216 -40.39 -11.61 -4.22
CA ARG M 216 -39.42 -12.73 -4.06
C ARG M 216 -38.02 -12.16 -3.83
N ARG M 217 -37.23 -12.88 -3.02
CA ARG M 217 -35.85 -12.51 -2.63
C ARG M 217 -34.95 -13.71 -2.90
N ARG M 218 -33.97 -13.55 -3.78
CA ARG M 218 -32.96 -14.58 -4.09
C ARG M 218 -31.95 -14.59 -2.93
N THR M 219 -31.46 -15.76 -2.52
CA THR M 219 -30.54 -15.93 -1.37
C THR M 219 -29.59 -17.10 -1.62
N LEU M 220 -28.36 -16.81 -2.06
CA LEU M 220 -27.25 -17.80 -2.23
C LEU M 220 -26.62 -18.04 -0.86
N GLU M 221 -26.66 -19.28 -0.37
CA GLU M 221 -26.04 -19.71 0.92
C GLU M 221 -25.10 -20.88 0.64
N ILE M 222 -23.94 -20.90 1.31
CA ILE M 222 -22.98 -22.03 1.32
C ILE M 222 -23.16 -22.80 2.64
N LEU M 223 -23.87 -23.93 2.60
CA LEU M 223 -24.12 -24.80 3.79
C LEU M 223 -22.80 -25.42 4.24
N LYS M 224 -22.22 -26.27 3.39
CA LYS M 224 -20.99 -27.04 3.67
C LYS M 224 -19.88 -26.60 2.70
N LEU M 225 -18.62 -26.74 3.11
CA LEU M 225 -17.43 -26.64 2.22
C LEU M 225 -16.26 -27.36 2.89
N ARG M 226 -16.28 -28.70 2.87
CA ARG M 226 -15.22 -29.57 3.45
C ARG M 226 -13.85 -28.96 3.19
N GLY M 227 -13.06 -28.74 4.24
CA GLY M 227 -11.67 -28.26 4.14
C GLY M 227 -11.56 -26.79 4.50
N THR M 228 -11.90 -25.88 3.57
CA THR M 228 -11.69 -24.42 3.73
C THR M 228 -12.81 -23.80 4.57
N SER M 229 -12.61 -22.53 4.94
CA SER M 229 -13.59 -21.66 5.62
C SER M 229 -14.45 -20.95 4.56
N HIS M 230 -15.59 -20.40 4.99
CA HIS M 230 -16.57 -19.69 4.13
C HIS M 230 -17.54 -18.92 5.01
N MET M 231 -18.27 -17.98 4.41
CA MET M 231 -19.26 -17.12 5.12
C MET M 231 -20.60 -17.88 5.21
N LYS M 232 -20.96 -18.26 6.44
CA LYS M 232 -22.19 -19.06 6.76
C LYS M 232 -23.42 -18.17 6.66
N GLY M 233 -24.58 -18.76 6.36
CA GLY M 233 -25.88 -18.06 6.22
C GLY M 233 -26.18 -17.70 4.78
N GLU M 234 -27.32 -17.03 4.55
CA GLU M 234 -27.82 -16.66 3.20
C GLU M 234 -27.33 -15.26 2.83
N TYR M 235 -27.18 -14.98 1.53
CA TYR M 235 -26.75 -13.66 0.99
C TYR M 235 -27.61 -13.27 -0.20
N PRO M 236 -28.30 -12.11 -0.15
CA PRO M 236 -29.22 -11.70 -1.21
C PRO M 236 -28.50 -11.23 -2.47
N PHE M 237 -28.96 -11.70 -3.64
CA PHE M 237 -28.45 -11.34 -4.98
C PHE M 237 -29.63 -11.03 -5.89
N THR M 238 -29.36 -10.27 -6.96
CA THR M 238 -30.28 -10.10 -8.12
C THR M 238 -29.55 -10.61 -9.37
N ILE M 239 -30.32 -11.14 -10.32
CA ILE M 239 -29.83 -11.50 -11.68
C ILE M 239 -30.14 -10.34 -12.61
N THR M 240 -29.14 -9.50 -12.90
CA THR M 240 -29.23 -8.34 -13.82
C THR M 240 -28.96 -8.82 -15.24
N ASP M 241 -28.83 -7.90 -16.19
CA ASP M 241 -28.38 -8.19 -17.58
C ASP M 241 -26.89 -8.56 -17.57
N HIS M 242 -26.19 -8.31 -16.45
CA HIS M 242 -24.77 -8.68 -16.22
C HIS M 242 -24.67 -10.11 -15.64
N GLY M 243 -25.73 -10.59 -14.99
CA GLY M 243 -25.79 -11.94 -14.39
C GLY M 243 -25.95 -11.89 -12.87
N ILE M 244 -25.44 -12.90 -12.16
CA ILE M 244 -25.53 -13.03 -10.67
C ILE M 244 -24.66 -11.95 -10.02
N ASN M 245 -25.29 -11.01 -9.29
CA ASN M 245 -24.60 -9.98 -8.47
C ASN M 245 -25.03 -10.17 -7.01
N ILE M 246 -24.24 -10.94 -6.24
CA ILE M 246 -24.50 -11.25 -4.80
C ILE M 246 -23.99 -10.08 -3.95
N PHE M 247 -24.85 -9.52 -3.09
CA PHE M 247 -24.55 -8.43 -2.14
C PHE M 247 -24.18 -9.03 -0.78
N PRO M 248 -22.88 -9.06 -0.39
CA PRO M 248 -22.47 -9.66 0.88
C PRO M 248 -22.55 -8.65 2.05
N ARG M 253 -17.19 -4.47 5.56
CA ARG M 253 -16.37 -4.20 6.78
C ARG M 253 -16.26 -2.69 6.99
N LEU M 254 -16.29 -2.24 8.25
CA LEU M 254 -16.15 -0.80 8.64
C LEU M 254 -14.73 -0.33 8.32
N THR M 255 -14.47 -0.06 7.04
CA THR M 255 -13.15 0.39 6.49
C THR M 255 -13.40 1.32 5.30
N GLN M 256 -13.88 2.54 5.58
CA GLN M 256 -14.24 3.55 4.55
C GLN M 256 -13.64 4.91 4.91
N ARG M 257 -13.66 5.85 3.96
CA ARG M 257 -12.98 7.18 4.03
C ARG M 257 -13.86 8.17 4.80
N SER M 258 -13.24 9.24 5.31
CA SER M 258 -13.92 10.34 6.05
C SER M 258 -12.99 11.55 6.15
N SER M 259 -13.54 12.75 5.93
CA SER M 259 -12.85 14.07 6.06
C SER M 259 -13.78 15.07 6.74
N ASN M 260 -13.29 16.29 6.96
CA ASN M 260 -14.08 17.45 7.47
C ASN M 260 -14.38 18.41 6.31
N VAL M 261 -14.31 17.92 5.06
CA VAL M 261 -14.62 18.71 3.83
C VAL M 261 -16.12 18.97 3.81
N ARG M 262 -16.57 20.08 4.42
CA ARG M 262 -18.01 20.40 4.57
C ARG M 262 -18.61 20.70 3.20
N VAL M 263 -19.89 20.35 3.03
CA VAL M 263 -20.74 20.73 1.87
C VAL M 263 -21.83 21.65 2.42
N SER M 264 -22.69 22.17 1.56
CA SER M 264 -23.86 23.00 1.95
C SER M 264 -25.05 22.08 2.28
N SER M 265 -26.17 22.66 2.71
CA SER M 265 -27.48 21.99 2.89
C SER M 265 -28.49 22.54 1.88
N GLY M 266 -28.29 23.78 1.41
CA GLY M 266 -29.25 24.51 0.56
C GLY M 266 -29.96 25.62 1.30
N VAL M 267 -30.03 25.55 2.63
CA VAL M 267 -30.67 26.58 3.50
C VAL M 267 -29.59 27.27 4.34
N VAL M 268 -29.21 28.50 3.95
CA VAL M 268 -28.10 29.30 4.54
C VAL M 268 -28.21 29.33 6.07
N ARG M 269 -29.45 29.29 6.61
CA ARG M 269 -29.75 29.40 8.06
C ARG M 269 -29.62 28.02 8.74
N LEU M 270 -29.81 26.91 8.01
CA LEU M 270 -29.62 25.53 8.53
C LEU M 270 -28.11 25.25 8.62
N ASP M 271 -27.33 25.74 7.66
CA ASP M 271 -25.87 25.55 7.56
C ASP M 271 -25.18 26.30 8.71
N GLU M 272 -25.74 27.44 9.12
CA GLU M 272 -25.35 28.20 10.34
C GLU M 272 -25.57 27.30 11.57
N MET M 273 -26.69 26.57 11.60
CA MET M 273 -27.13 25.71 12.74
C MET M 273 -26.38 24.37 12.78
N CYS M 274 -25.44 24.12 11.86
CA CYS M 274 -24.60 22.90 11.82
C CYS M 274 -23.11 23.24 11.89
N GLY M 275 -22.77 24.50 12.23
CA GLY M 275 -21.38 25.01 12.29
C GLY M 275 -20.78 25.14 10.90
N GLY M 276 -21.57 25.62 9.94
CA GLY M 276 -21.15 25.81 8.53
C GLY M 276 -21.53 24.63 7.65
N GLY M 277 -22.70 24.03 7.87
CA GLY M 277 -23.33 23.06 6.95
C GLY M 277 -23.02 21.62 7.32
N PHE M 278 -23.78 20.68 6.73
CA PHE M 278 -23.63 19.21 6.89
C PHE M 278 -22.25 18.79 6.36
N PHE M 279 -21.73 17.67 6.84
CA PHE M 279 -20.40 17.12 6.43
C PHE M 279 -20.54 16.41 5.09
N LYS M 280 -19.41 16.10 4.45
CA LYS M 280 -19.35 15.45 3.11
C LYS M 280 -19.65 13.95 3.26
N ASP M 281 -18.69 13.17 3.78
CA ASP M 281 -18.88 11.72 4.05
C ASP M 281 -19.80 11.60 5.25
N SER M 282 -21.10 11.80 5.04
CA SER M 282 -22.12 11.93 6.10
C SER M 282 -23.49 11.44 5.60
N ILE M 283 -24.18 10.65 6.43
CA ILE M 283 -25.60 10.26 6.25
C ILE M 283 -26.46 11.29 6.98
N ILE M 284 -27.16 12.17 6.26
CA ILE M 284 -28.08 13.18 6.84
C ILE M 284 -29.49 12.58 6.86
N LEU M 285 -30.24 12.79 7.94
CA LEU M 285 -31.62 12.26 8.14
C LEU M 285 -32.58 13.41 8.47
N ALA M 286 -33.64 13.56 7.65
CA ALA M 286 -34.80 14.46 7.88
C ALA M 286 -35.99 13.61 8.32
N THR M 287 -36.59 13.92 9.49
CA THR M 287 -37.75 13.19 10.03
C THR M 287 -38.75 14.18 10.66
N GLY M 288 -40.03 13.82 10.57
CA GLY M 288 -41.16 14.57 11.17
C GLY M 288 -42.47 14.02 10.66
N ALA M 289 -43.58 14.53 11.20
CA ALA M 289 -44.95 14.18 10.77
C ALA M 289 -45.13 14.54 9.29
N THR M 290 -46.26 14.16 8.69
CA THR M 290 -46.56 14.45 7.27
C THR M 290 -46.88 15.95 7.12
N GLY M 291 -46.42 16.55 6.02
CA GLY M 291 -46.66 17.97 5.69
C GLY M 291 -45.76 18.91 6.46
N THR M 292 -44.67 18.40 7.04
CA THR M 292 -43.67 19.19 7.82
C THR M 292 -42.67 19.84 6.85
N GLY M 293 -42.08 19.06 5.95
CA GLY M 293 -41.20 19.55 4.88
C GLY M 293 -39.91 18.74 4.75
N LYS M 294 -40.01 17.43 4.52
CA LYS M 294 -38.84 16.59 4.14
C LYS M 294 -38.45 16.92 2.70
N THR M 295 -39.42 16.88 1.77
CA THR M 295 -39.21 17.04 0.31
C THR M 295 -38.49 18.36 0.03
N LEU M 296 -38.94 19.46 0.65
CA LEU M 296 -38.38 20.82 0.47
C LEU M 296 -36.89 20.82 0.83
N LEU M 297 -36.51 20.18 1.95
CA LEU M 297 -35.09 20.01 2.36
C LEU M 297 -34.36 19.17 1.30
N VAL M 298 -34.97 18.08 0.81
CA VAL M 298 -34.38 17.23 -0.26
C VAL M 298 -34.22 18.08 -1.53
N SER M 299 -35.30 18.77 -1.91
CA SER M 299 -35.42 19.61 -3.14
C SER M 299 -34.30 20.64 -3.18
N ARG M 300 -34.05 21.31 -2.05
CA ARG M 300 -33.05 22.39 -1.90
C ARG M 300 -31.65 21.80 -1.64
N PHE M 301 -31.60 20.60 -1.06
CA PHE M 301 -30.36 19.81 -0.89
C PHE M 301 -29.83 19.41 -2.27
N VAL M 302 -30.70 18.87 -3.13
CA VAL M 302 -30.33 18.38 -4.48
C VAL M 302 -30.09 19.57 -5.42
N GLU M 303 -30.73 20.73 -5.17
CA GLU M 303 -30.54 21.96 -5.98
C GLU M 303 -29.13 22.51 -5.79
N ASN M 304 -28.69 22.62 -4.53
CA ASN M 304 -27.41 23.25 -4.12
C ASN M 304 -26.22 22.49 -4.74
N ALA M 305 -26.40 21.22 -5.11
CA ALA M 305 -25.39 20.42 -5.85
C ALA M 305 -25.18 21.02 -7.25
N CYS M 306 -26.28 21.27 -7.97
CA CYS M 306 -26.28 21.82 -9.36
C CYS M 306 -25.71 23.24 -9.36
N ALA M 307 -26.10 24.07 -8.40
CA ALA M 307 -25.70 25.49 -8.26
C ALA M 307 -24.19 25.59 -7.99
N ASN M 308 -23.57 24.53 -7.44
CA ASN M 308 -22.10 24.41 -7.25
C ASN M 308 -21.53 23.41 -8.27
N LYS M 309 -22.15 23.31 -9.45
CA LYS M 309 -21.71 22.48 -10.61
C LYS M 309 -21.35 21.06 -10.15
N GLU M 310 -22.31 20.33 -9.57
CA GLU M 310 -22.16 18.93 -9.11
C GLU M 310 -23.43 18.14 -9.47
N ARG M 311 -23.28 16.86 -9.79
CA ARG M 311 -24.39 15.94 -10.17
C ARG M 311 -25.02 15.35 -8.90
N ALA M 312 -26.31 14.99 -8.95
CA ALA M 312 -27.08 14.47 -7.79
C ALA M 312 -28.28 13.64 -8.27
N ILE M 313 -28.24 12.31 -8.07
CA ILE M 313 -29.31 11.34 -8.44
C ILE M 313 -30.33 11.26 -7.30
N LEU M 314 -31.47 11.96 -7.42
CA LEU M 314 -32.54 12.06 -6.38
C LEU M 314 -33.63 11.01 -6.65
N PHE M 315 -33.71 9.98 -5.80
CA PHE M 315 -34.68 8.86 -5.90
C PHE M 315 -35.95 9.23 -5.13
N ALA M 316 -37.06 9.43 -5.87
CA ALA M 316 -38.40 9.77 -5.33
C ALA M 316 -39.26 8.50 -5.26
N TYR M 317 -39.87 8.23 -4.09
CA TYR M 317 -40.67 7.02 -3.82
C TYR M 317 -42.14 7.37 -3.53
N GLU M 318 -42.43 8.62 -3.16
CA GLU M 318 -43.81 9.09 -2.78
C GLU M 318 -44.47 9.78 -3.98
N GLU M 319 -43.81 10.80 -4.55
CA GLU M 319 -44.37 11.69 -5.61
C GLU M 319 -43.74 11.35 -6.96
N SER M 320 -44.46 11.65 -8.05
CA SER M 320 -44.05 11.40 -9.45
C SER M 320 -42.92 12.36 -9.86
N ARG M 321 -42.39 12.19 -11.06
CA ARG M 321 -41.36 13.06 -11.69
C ARG M 321 -41.99 14.43 -11.99
N ALA M 322 -43.30 14.48 -12.24
CA ALA M 322 -44.07 15.70 -12.58
C ALA M 322 -44.28 16.56 -11.33
N GLN M 323 -44.77 15.95 -10.24
CA GLN M 323 -45.12 16.68 -8.99
C GLN M 323 -43.83 17.09 -8.27
N LEU M 324 -42.79 16.23 -8.30
CA LEU M 324 -41.42 16.59 -7.82
C LEU M 324 -40.98 17.88 -8.52
N LEU M 325 -41.24 18.00 -9.82
CA LEU M 325 -40.87 19.20 -10.64
C LEU M 325 -41.84 20.36 -10.38
N ARG M 326 -43.14 20.11 -10.21
CA ARG M 326 -44.18 21.16 -10.01
C ARG M 326 -44.04 21.76 -8.60
N ASN M 327 -44.02 20.91 -7.57
CA ASN M 327 -43.81 21.33 -6.16
C ASN M 327 -42.54 22.20 -6.11
N ALA M 328 -41.51 21.81 -6.85
CA ALA M 328 -40.19 22.49 -6.91
C ALA M 328 -40.36 23.89 -7.50
N TYR M 329 -41.07 24.03 -8.63
CA TYR M 329 -41.32 25.32 -9.32
C TYR M 329 -41.98 26.31 -8.34
N SER M 330 -42.98 25.85 -7.58
CA SER M 330 -43.78 26.68 -6.63
C SER M 330 -43.01 26.96 -5.34
N TRP M 331 -41.82 26.40 -5.17
CA TRP M 331 -40.84 26.76 -4.10
C TRP M 331 -39.69 27.58 -4.69
N GLY M 332 -39.79 27.99 -5.94
CA GLY M 332 -38.79 28.85 -6.63
C GLY M 332 -37.55 28.07 -7.02
N MET M 333 -37.72 26.91 -7.64
CA MET M 333 -36.60 26.01 -8.03
C MET M 333 -37.06 25.04 -9.14
N ASP M 334 -36.67 25.33 -10.39
CA ASP M 334 -37.05 24.56 -11.60
C ASP M 334 -36.10 23.37 -11.79
N PHE M 335 -36.55 22.16 -11.47
CA PHE M 335 -35.79 20.89 -11.65
C PHE M 335 -35.61 20.60 -13.14
N GLU M 336 -36.57 21.02 -13.97
CA GLU M 336 -36.57 20.81 -15.45
C GLU M 336 -35.23 21.26 -16.03
N GLU M 337 -34.75 22.45 -15.65
CA GLU M 337 -33.48 23.05 -16.12
C GLU M 337 -32.28 22.23 -15.65
N MET M 338 -32.37 21.64 -14.44
CA MET M 338 -31.28 20.87 -13.79
C MET M 338 -31.13 19.49 -14.46
N GLU M 339 -32.18 18.99 -15.12
CA GLU M 339 -32.14 17.74 -15.92
C GLU M 339 -31.48 18.03 -17.27
N ARG M 340 -31.81 19.19 -17.87
CA ARG M 340 -31.29 19.67 -19.17
C ARG M 340 -29.77 19.86 -19.07
N GLN M 341 -29.29 20.40 -17.95
CA GLN M 341 -27.85 20.69 -17.67
C GLN M 341 -27.10 19.39 -17.35
N ASN M 342 -27.83 18.32 -17.00
CA ASN M 342 -27.28 16.99 -16.59
C ASN M 342 -26.54 17.14 -15.26
N LEU M 343 -27.15 17.86 -14.30
CA LEU M 343 -26.67 18.02 -12.90
C LEU M 343 -27.72 17.51 -11.91
N LEU M 344 -28.86 17.00 -12.40
CA LEU M 344 -30.00 16.49 -11.58
C LEU M 344 -30.70 15.36 -12.35
N LYS M 345 -30.76 14.17 -11.76
CA LYS M 345 -31.41 12.96 -12.33
C LYS M 345 -32.45 12.43 -11.33
N ILE M 346 -33.75 12.56 -11.66
CA ILE M 346 -34.88 12.01 -10.85
C ILE M 346 -35.14 10.57 -11.32
N VAL M 347 -35.28 9.62 -10.39
CA VAL M 347 -35.38 8.15 -10.67
C VAL M 347 -36.86 7.75 -10.84
N CYS M 348 -37.66 7.91 -9.78
CA CYS M 348 -39.13 7.60 -9.72
C CYS M 348 -39.38 6.09 -9.74
N ALA M 349 -39.94 5.54 -8.66
CA ALA M 349 -40.28 4.10 -8.51
C ALA M 349 -41.18 3.89 -7.29
N TYR M 350 -42.30 3.16 -7.44
CA TYR M 350 -43.16 2.70 -6.32
C TYR M 350 -42.40 1.62 -5.55
N PRO M 351 -42.36 1.65 -4.19
CA PRO M 351 -41.60 0.68 -3.42
C PRO M 351 -42.11 -0.75 -3.60
N GLU M 352 -43.44 -0.90 -3.61
CA GLU M 352 -44.18 -2.18 -3.83
C GLU M 352 -43.75 -2.85 -5.14
N SER M 353 -43.25 -2.07 -6.10
CA SER M 353 -42.89 -2.52 -7.49
C SER M 353 -41.87 -3.66 -7.45
N ALA M 354 -40.88 -3.62 -6.54
CA ALA M 354 -39.77 -4.59 -6.47
C ALA M 354 -39.41 -4.93 -5.02
N GLY M 355 -38.58 -5.96 -4.86
CA GLY M 355 -38.00 -6.38 -3.56
C GLY M 355 -36.90 -5.43 -3.12
N LEU M 356 -36.47 -5.56 -1.86
CA LEU M 356 -35.46 -4.66 -1.24
C LEU M 356 -34.09 -4.86 -1.91
N GLU M 357 -33.68 -6.10 -2.16
CA GLU M 357 -32.41 -6.45 -2.86
C GLU M 357 -32.43 -5.87 -4.29
N ASP M 358 -33.61 -5.82 -4.91
CA ASP M 358 -33.81 -5.30 -6.28
C ASP M 358 -33.62 -3.77 -6.26
N HIS M 359 -34.19 -3.09 -5.25
CA HIS M 359 -34.07 -1.62 -5.05
C HIS M 359 -32.60 -1.20 -4.90
N LEU M 360 -31.83 -1.94 -4.10
CA LEU M 360 -30.39 -1.64 -3.83
C LEU M 360 -29.61 -1.78 -5.14
N GLN M 361 -29.74 -2.93 -5.80
CA GLN M 361 -29.20 -3.19 -7.15
C GLN M 361 -29.41 -1.92 -8.00
N ILE M 362 -30.63 -1.39 -8.00
CA ILE M 362 -31.09 -0.25 -8.86
C ILE M 362 -30.44 1.07 -8.42
N ILE M 363 -30.29 1.31 -7.11
CA ILE M 363 -29.69 2.58 -6.58
C ILE M 363 -28.18 2.57 -6.87
N LYS M 364 -27.49 1.47 -6.54
CA LYS M 364 -26.03 1.31 -6.76
C LYS M 364 -25.72 1.40 -8.26
N SER M 365 -26.60 0.82 -9.09
CA SER M 365 -26.53 0.86 -10.58
C SER M 365 -26.56 2.31 -11.06
N GLU M 366 -27.52 3.10 -10.58
CA GLU M 366 -27.76 4.51 -11.00
C GLU M 366 -26.75 5.45 -10.32
N ILE M 367 -26.18 5.04 -9.18
CA ILE M 367 -25.10 5.79 -8.45
C ILE M 367 -23.76 5.52 -9.14
N ASN M 368 -23.55 4.28 -9.62
CA ASN M 368 -22.36 3.86 -10.39
C ASN M 368 -22.23 4.71 -11.67
N ASP M 369 -23.26 4.66 -12.52
CA ASP M 369 -23.24 5.19 -13.91
C ASP M 369 -23.21 6.73 -13.89
N PHE M 370 -24.21 7.34 -13.26
CA PHE M 370 -24.39 8.82 -13.18
C PHE M 370 -23.32 9.43 -12.25
N LYS M 371 -22.70 8.60 -11.39
CA LYS M 371 -21.53 8.94 -10.53
C LYS M 371 -21.68 10.34 -9.94
N PRO M 372 -22.69 10.57 -9.06
CA PRO M 372 -22.92 11.90 -8.47
C PRO M 372 -22.16 12.07 -7.15
N ALA M 373 -22.40 13.17 -6.44
CA ALA M 373 -21.80 13.50 -5.13
C ALA M 373 -22.87 13.62 -4.03
N ARG M 374 -24.16 13.49 -4.35
CA ARG M 374 -25.27 13.74 -3.41
C ARG M 374 -26.47 12.83 -3.74
N ILE M 375 -26.54 11.66 -3.10
CA ILE M 375 -27.74 10.78 -3.08
C ILE M 375 -28.80 11.42 -2.19
N ALA M 376 -30.07 11.37 -2.59
CA ALA M 376 -31.23 11.78 -1.78
C ALA M 376 -32.36 10.76 -1.95
N ILE M 377 -33.09 10.46 -0.88
CA ILE M 377 -34.15 9.42 -0.83
C ILE M 377 -35.35 9.97 -0.06
N ASP M 378 -36.49 10.08 -0.74
CA ASP M 378 -37.78 10.56 -0.18
C ASP M 378 -38.86 9.55 -0.55
N SER M 379 -39.21 8.61 0.35
CA SER M 379 -38.73 8.52 1.72
C SER M 379 -38.21 7.10 2.03
N LEU M 380 -37.32 6.97 3.01
CA LEU M 380 -36.88 5.66 3.57
C LEU M 380 -38.09 5.00 4.24
N SER M 381 -39.00 5.79 4.82
CA SER M 381 -40.26 5.34 5.47
C SER M 381 -41.16 4.64 4.44
N ALA M 382 -41.18 5.11 3.20
CA ALA M 382 -41.93 4.53 2.06
C ALA M 382 -41.43 3.11 1.77
N LEU M 383 -40.10 2.92 1.72
CA LEU M 383 -39.44 1.61 1.45
C LEU M 383 -39.72 0.63 2.58
N ALA M 384 -39.91 1.12 3.80
CA ALA M 384 -40.06 0.32 5.04
C ALA M 384 -41.44 -0.38 5.08
N ARG M 385 -42.44 0.15 4.37
CA ARG M 385 -43.85 -0.31 4.47
C ARG M 385 -43.98 -1.74 3.92
N GLY M 386 -44.63 -2.63 4.67
CA GLY M 386 -44.99 -4.00 4.25
C GLY M 386 -43.77 -4.92 4.18
N VAL M 387 -42.66 -4.52 4.81
CA VAL M 387 -41.40 -5.33 4.91
C VAL M 387 -41.19 -5.64 6.39
N SER M 388 -40.38 -6.65 6.71
CA SER M 388 -39.92 -6.93 8.08
C SER M 388 -38.91 -5.84 8.49
N ASN M 389 -38.94 -5.43 9.77
CA ASN M 389 -38.03 -4.40 10.35
C ASN M 389 -36.58 -4.88 10.17
N ASN M 390 -36.35 -6.19 10.28
CA ASN M 390 -35.02 -6.84 10.13
C ASN M 390 -34.51 -6.63 8.69
N ALA M 391 -35.34 -6.96 7.70
CA ALA M 391 -35.00 -6.83 6.26
C ALA M 391 -34.75 -5.36 5.92
N PHE M 392 -35.64 -4.46 6.36
CA PHE M 392 -35.57 -3.01 6.05
C PHE M 392 -34.27 -2.40 6.59
N ARG M 393 -33.87 -2.74 7.82
CA ARG M 393 -32.59 -2.27 8.41
C ARG M 393 -31.42 -2.77 7.55
N GLN M 394 -31.44 -4.05 7.18
CA GLN M 394 -30.38 -4.72 6.35
C GLN M 394 -30.18 -3.93 5.05
N PHE M 395 -31.26 -3.38 4.48
CA PHE M 395 -31.23 -2.51 3.27
C PHE M 395 -30.59 -1.16 3.64
N VAL M 396 -31.18 -0.45 4.61
CA VAL M 396 -30.74 0.89 5.08
C VAL M 396 -29.24 0.87 5.33
N ILE M 397 -28.71 -0.20 5.95
CA ILE M 397 -27.25 -0.41 6.20
C ILE M 397 -26.51 -0.34 4.86
N GLY M 398 -26.97 -1.11 3.87
CA GLY M 398 -26.38 -1.22 2.52
C GLY M 398 -26.33 0.11 1.79
N VAL M 399 -27.40 0.91 1.89
CA VAL M 399 -27.51 2.23 1.19
C VAL M 399 -26.53 3.20 1.88
N THR M 400 -26.65 3.36 3.19
CA THR M 400 -25.78 4.22 4.04
C THR M 400 -24.32 3.81 3.84
N GLY M 401 -24.04 2.50 3.77
CA GLY M 401 -22.69 1.93 3.70
C GLY M 401 -22.00 2.24 2.38
N TYR M 402 -22.65 1.92 1.25
CA TYR M 402 -22.15 2.16 -0.12
C TYR M 402 -21.97 3.67 -0.35
N ALA M 403 -22.92 4.47 0.12
CA ALA M 403 -22.93 5.94 0.00
C ALA M 403 -21.78 6.55 0.83
N LYS M 404 -21.47 5.96 1.99
CA LYS M 404 -20.37 6.40 2.89
C LYS M 404 -19.01 5.94 2.35
N GLN M 405 -18.93 4.78 1.69
CA GLN M 405 -17.64 4.21 1.17
C GLN M 405 -17.25 4.91 -0.14
N GLU M 406 -18.22 5.31 -0.96
CA GLU M 406 -18.00 6.02 -2.24
C GLU M 406 -17.87 7.53 -1.98
N GLU M 407 -18.14 7.99 -0.75
CA GLU M 407 -17.96 9.39 -0.29
C GLU M 407 -19.11 10.28 -0.79
N ILE M 408 -20.24 9.68 -1.20
CA ILE M 408 -21.46 10.43 -1.68
C ILE M 408 -22.23 10.91 -0.43
N THR M 409 -22.58 12.20 -0.38
CA THR M 409 -23.37 12.81 0.72
C THR M 409 -24.85 12.43 0.55
N GLY M 410 -25.33 11.49 1.36
CA GLY M 410 -26.71 10.96 1.28
C GLY M 410 -27.65 11.69 2.22
N LEU M 411 -28.76 12.23 1.69
CA LEU M 411 -29.91 12.70 2.51
C LEU M 411 -31.03 11.66 2.41
N PHE M 412 -31.73 11.42 3.51
CA PHE M 412 -32.84 10.44 3.64
C PHE M 412 -33.94 11.05 4.49
N THR M 413 -35.15 11.16 3.94
CA THR M 413 -36.33 11.62 4.70
C THR M 413 -37.03 10.40 5.29
N ASN M 414 -37.92 10.63 6.25
CA ASN M 414 -38.66 9.56 6.97
C ASN M 414 -39.81 10.20 7.75
N THR M 415 -41.03 10.08 7.24
CA THR M 415 -42.27 10.58 7.89
C THR M 415 -42.53 9.76 9.16
N SER M 416 -43.11 10.40 10.17
CA SER M 416 -43.40 9.82 11.51
C SER M 416 -44.83 9.27 11.53
N ASP M 417 -44.99 8.01 11.97
CA ASP M 417 -46.31 7.33 12.06
C ASP M 417 -47.27 8.17 12.91
N GLN M 418 -46.75 8.91 13.91
CA GLN M 418 -47.52 9.87 14.75
C GLN M 418 -47.14 11.30 14.36
N PHE M 419 -48.08 12.25 14.49
CA PHE M 419 -47.89 13.68 14.10
C PHE M 419 -47.77 14.57 15.34
N MET M 420 -48.56 14.31 16.39
CA MET M 420 -48.58 15.10 17.65
C MET M 420 -48.20 14.18 18.83
N GLY M 421 -46.97 14.33 19.33
CA GLY M 421 -46.43 13.54 20.46
C GLY M 421 -45.42 12.52 19.99
N ALA M 422 -44.44 12.96 19.18
CA ALA M 422 -43.32 12.13 18.66
C ALA M 422 -42.58 11.49 19.84
N HIS M 423 -42.90 10.22 20.14
CA HIS M 423 -42.31 9.46 21.29
C HIS M 423 -40.90 9.02 20.91
N SER M 424 -40.64 8.80 19.61
CA SER M 424 -39.31 8.40 19.06
C SER M 424 -39.05 9.12 17.72
N ILE M 425 -37.78 9.22 17.32
CA ILE M 425 -37.34 9.85 16.04
C ILE M 425 -37.88 9.02 14.86
N THR M 426 -37.37 7.79 14.69
CA THR M 426 -37.84 6.81 13.68
C THR M 426 -38.52 5.64 14.39
N ASP M 427 -39.39 4.91 13.70
CA ASP M 427 -40.16 3.75 14.22
C ASP M 427 -39.43 2.44 13.86
N SER M 428 -38.55 2.47 12.85
CA SER M 428 -37.73 1.32 12.41
C SER M 428 -36.43 1.25 13.21
N HIS M 429 -36.16 2.26 14.05
CA HIS M 429 -34.97 2.35 14.94
C HIS M 429 -33.70 2.14 14.11
N ILE M 430 -33.48 3.02 13.13
CA ILE M 430 -32.29 3.02 12.22
C ILE M 430 -31.45 4.27 12.47
N SEP M 431 -31.75 5.01 13.56
CA SEP M 431 -31.13 6.30 13.81
CB SEP M 431 -31.94 7.09 14.83
OG SEP M 431 -33.30 6.57 14.87
C SEP M 431 -29.68 6.14 14.27
O SEP M 431 -28.94 7.14 14.16
P SEP M 431 -34.03 6.45 16.30
O1P SEP M 431 -33.36 5.30 17.02
O2P SEP M 431 -35.50 6.20 16.01
O3P SEP M 431 -33.81 7.78 16.99
N THR M 432 -29.27 4.96 14.75
CA THR M 432 -27.86 4.67 15.14
C THR M 432 -26.98 4.65 13.87
N ILE M 433 -27.58 4.44 12.70
CA ILE M 433 -26.90 4.41 11.37
C ILE M 433 -26.60 5.84 10.91
N THR M 434 -27.54 6.77 11.08
CA THR M 434 -27.44 8.16 10.55
C THR M 434 -26.41 8.96 11.35
N ASP M 435 -25.89 10.04 10.75
CA ASP M 435 -24.79 10.87 11.29
C ASP M 435 -25.32 12.25 11.73
N THR M 436 -26.44 12.72 11.14
CA THR M 436 -27.10 14.00 11.51
C THR M 436 -28.62 13.84 11.39
N ILE M 437 -29.33 13.90 12.53
CA ILE M 437 -30.82 13.94 12.60
C ILE M 437 -31.26 15.41 12.58
N ILE M 438 -31.99 15.81 11.53
CA ILE M 438 -32.63 17.14 11.38
C ILE M 438 -34.13 16.99 11.68
N LEU M 439 -34.53 17.18 12.94
CA LEU M 439 -35.92 16.96 13.42
C LEU M 439 -36.84 18.09 12.92
N LEU M 440 -37.94 17.71 12.26
CA LEU M 440 -39.13 18.59 12.02
C LEU M 440 -40.28 18.07 12.89
N GLN M 441 -41.19 18.96 13.29
CA GLN M 441 -42.41 18.62 14.06
C GLN M 441 -43.49 19.67 13.79
N TYR M 442 -44.69 19.48 14.36
CA TYR M 442 -45.76 20.50 14.44
C TYR M 442 -45.80 21.08 15.86
N VAL M 443 -46.44 22.25 16.02
CA VAL M 443 -46.58 22.99 17.31
C VAL M 443 -47.91 23.76 17.29
N GLU M 444 -48.89 23.32 18.09
CA GLU M 444 -50.21 23.99 18.20
C GLU M 444 -50.08 25.23 19.10
N ILE M 445 -49.52 26.32 18.56
CA ILE M 445 -49.35 27.62 19.27
C ILE M 445 -50.61 28.47 19.07
N ARG M 446 -51.56 28.39 20.02
CA ARG M 446 -52.78 29.24 20.10
C ARG M 446 -53.66 29.02 18.86
N GLY M 447 -54.02 27.76 18.59
CA GLY M 447 -55.05 27.38 17.61
C GLY M 447 -54.55 27.41 16.16
N GLU M 448 -53.24 27.53 15.96
CA GLU M 448 -52.61 27.55 14.61
C GLU M 448 -51.56 26.44 14.51
N MET M 449 -51.59 25.68 13.42
CA MET M 449 -50.63 24.59 13.13
C MET M 449 -49.32 25.17 12.58
N SER M 450 -48.44 25.63 13.47
CA SER M 450 -47.08 26.13 13.14
C SER M 450 -46.10 24.95 13.05
N ARG M 451 -45.02 25.15 12.30
CA ARG M 451 -43.93 24.16 12.10
C ARG M 451 -42.68 24.65 12.85
N ALA M 452 -41.69 23.79 13.04
CA ALA M 452 -40.41 24.14 13.67
C ALA M 452 -39.34 23.10 13.35
N ILE M 453 -38.14 23.57 13.01
CA ILE M 453 -36.97 22.74 12.65
C ILE M 453 -36.04 22.67 13.86
N ASN M 454 -35.31 21.56 14.01
CA ASN M 454 -34.38 21.32 15.13
C ASN M 454 -33.30 20.34 14.66
N VAL M 455 -32.04 20.77 14.67
CA VAL M 455 -30.87 19.87 14.48
C VAL M 455 -30.69 19.09 15.79
N PHE M 456 -31.07 17.81 15.77
CA PHE M 456 -31.16 16.92 16.95
C PHE M 456 -29.77 16.41 17.32
N LYS M 457 -28.97 15.99 16.32
CA LYS M 457 -27.52 15.69 16.50
C LYS M 457 -26.77 15.98 15.20
N MET M 458 -25.45 16.17 15.32
CA MET M 458 -24.50 16.36 14.20
C MET M 458 -23.15 15.78 14.63
N ARG M 459 -22.85 14.55 14.23
CA ARG M 459 -21.60 13.83 14.63
C ARG M 459 -20.38 14.63 14.14
N GLY M 460 -19.58 15.12 15.08
CA GLY M 460 -18.34 15.88 14.81
C GLY M 460 -18.55 17.38 14.96
N SER M 461 -19.70 17.91 14.53
CA SER M 461 -19.99 19.37 14.46
C SER M 461 -20.54 19.87 15.80
N TRP M 462 -20.46 21.18 16.00
CA TRP M 462 -21.09 21.90 17.14
C TRP M 462 -22.60 21.73 17.05
N HIS M 463 -23.21 22.32 16.02
CA HIS M 463 -24.66 22.34 15.70
C HIS M 463 -25.44 23.10 16.79
N ASP M 464 -26.49 23.80 16.36
CA ASP M 464 -27.37 24.65 17.19
C ASP M 464 -28.37 23.76 17.94
N LYS M 465 -28.33 23.76 19.26
CA LYS M 465 -29.18 22.90 20.13
C LYS M 465 -30.47 23.65 20.48
N ALA M 466 -31.31 23.95 19.47
CA ALA M 466 -32.55 24.75 19.65
C ALA M 466 -33.63 24.37 18.63
N ILE M 467 -34.89 24.38 19.07
CA ILE M 467 -36.12 24.14 18.25
C ILE M 467 -36.62 25.50 17.75
N ARG M 468 -36.21 25.88 16.53
CA ARG M 468 -36.55 27.19 15.89
C ARG M 468 -37.78 27.02 15.00
N GLU M 469 -38.72 27.96 15.11
CA GLU M 469 -39.90 28.10 14.21
C GLU M 469 -39.40 28.26 12.78
N PHE M 470 -40.09 27.67 11.80
CA PHE M 470 -39.72 27.77 10.36
C PHE M 470 -40.98 27.75 9.50
N MET M 471 -40.97 28.54 8.42
CA MET M 471 -42.12 28.78 7.50
C MET M 471 -41.78 28.23 6.11
N ILE M 472 -42.78 27.67 5.43
CA ILE M 472 -42.71 27.23 4.00
C ILE M 472 -43.40 28.28 3.13
N SER M 473 -42.61 29.21 2.57
CA SER M 473 -43.08 30.29 1.67
C SER M 473 -42.75 29.92 0.21
N ASP M 474 -43.24 30.72 -0.75
CA ASP M 474 -42.93 30.60 -2.19
C ASP M 474 -41.42 30.62 -2.39
N LYS M 475 -40.68 31.41 -1.60
CA LYS M 475 -39.20 31.49 -1.64
C LYS M 475 -38.62 30.16 -1.12
N GLY M 476 -39.23 29.59 -0.08
CA GLY M 476 -38.90 28.25 0.45
C GLY M 476 -38.83 28.24 1.97
N PRO M 477 -37.81 27.56 2.56
CA PRO M 477 -37.66 27.50 4.01
C PRO M 477 -36.98 28.73 4.63
N ASP M 478 -37.68 29.43 5.50
CA ASP M 478 -37.16 30.56 6.32
C ASP M 478 -37.23 30.16 7.79
N ILE M 479 -36.07 29.92 8.43
CA ILE M 479 -35.98 29.51 9.86
C ILE M 479 -35.89 30.79 10.70
N LYS M 480 -36.90 31.04 11.54
CA LYS M 480 -37.08 32.31 12.29
C LYS M 480 -36.49 32.17 13.69
N ASP M 481 -37.29 32.45 14.73
CA ASP M 481 -36.82 32.62 16.14
C ASP M 481 -37.45 31.53 17.02
N SER M 482 -36.67 31.01 17.99
CA SER M 482 -37.01 29.84 18.84
C SER M 482 -38.11 30.19 19.84
N PHE M 483 -38.62 29.17 20.55
CA PHE M 483 -39.75 29.23 21.49
C PHE M 483 -39.25 29.37 22.93
N ARG M 484 -38.67 30.53 23.25
CA ARG M 484 -38.06 30.84 24.58
C ARG M 484 -39.14 30.90 25.67
N ASN M 485 -40.39 31.25 25.31
CA ASN M 485 -41.52 31.44 26.26
C ASN M 485 -42.57 30.32 26.08
N PHE M 486 -42.13 29.10 25.72
CA PHE M 486 -43.01 27.92 25.51
C PHE M 486 -42.39 26.66 26.11
N GLU M 487 -43.00 26.16 27.19
CA GLU M 487 -42.69 24.86 27.82
C GLU M 487 -43.57 23.78 27.21
N ARG M 488 -43.12 22.52 27.26
CA ARG M 488 -43.82 21.33 26.70
C ARG M 488 -43.77 21.40 25.16
N ILE M 489 -42.72 22.03 24.62
CA ILE M 489 -42.49 22.23 23.16
C ILE M 489 -42.32 20.87 22.47
N ILE M 490 -41.64 19.92 23.12
CA ILE M 490 -41.26 18.60 22.53
C ILE M 490 -42.52 17.75 22.31
N SER M 491 -43.56 17.92 23.14
CA SER M 491 -44.76 17.04 23.20
C SER M 491 -46.00 17.78 22.70
N GLY M 492 -46.12 17.94 21.37
CA GLY M 492 -47.36 18.35 20.67
C GLY M 492 -47.71 19.82 20.87
N SER M 493 -48.63 20.11 21.82
CA SER M 493 -49.17 21.45 22.11
C SER M 493 -48.50 22.03 23.36
N PRO M 494 -47.76 23.15 23.26
CA PRO M 494 -47.02 23.69 24.40
C PRO M 494 -47.90 24.47 25.38
N THR M 495 -47.34 24.79 26.56
CA THR M 495 -47.95 25.67 27.59
C THR M 495 -47.23 27.02 27.56
N ARG M 496 -47.99 28.11 27.70
CA ARG M 496 -47.46 29.50 27.72
C ARG M 496 -46.78 29.75 29.07
N ILE M 497 -45.54 29.25 29.22
CA ILE M 497 -44.69 29.44 30.43
C ILE M 497 -44.04 30.82 30.33
N THR M 498 -44.63 31.82 31.00
CA THR M 498 -44.17 33.24 31.01
C THR M 498 -43.43 33.53 32.32
N GLN N 16 -30.16 -14.75 -31.55
CA GLN N 16 -30.60 -13.38 -31.15
C GLN N 16 -30.88 -13.33 -29.64
N ALA N 17 -31.36 -12.20 -29.15
CA ALA N 17 -32.03 -12.10 -27.82
C ALA N 17 -33.37 -12.85 -27.92
N ILE N 18 -33.72 -13.62 -26.88
CA ILE N 18 -34.92 -14.51 -26.86
C ILE N 18 -36.16 -13.68 -27.23
N ALA N 19 -36.56 -13.74 -28.50
CA ALA N 19 -37.71 -13.01 -29.07
C ALA N 19 -39.00 -13.46 -28.35
N LYS N 20 -39.94 -12.54 -28.13
CA LYS N 20 -41.18 -12.76 -27.35
C LYS N 20 -42.40 -12.55 -28.26
N MET N 21 -43.47 -13.30 -27.97
CA MET N 21 -44.77 -13.31 -28.71
C MET N 21 -45.84 -12.75 -27.78
N ARG N 22 -46.38 -11.57 -28.10
CA ARG N 22 -47.37 -10.84 -27.26
C ARG N 22 -48.66 -11.66 -27.15
N THR N 23 -49.05 -12.07 -25.94
CA THR N 23 -50.28 -12.85 -25.66
C THR N 23 -51.51 -11.96 -25.84
N MET N 24 -51.36 -10.65 -25.62
CA MET N 24 -52.46 -9.66 -25.58
C MET N 24 -53.48 -10.09 -24.51
N ILE N 25 -52.96 -10.48 -23.34
CA ILE N 25 -53.72 -10.60 -22.06
C ILE N 25 -53.43 -9.33 -21.26
N GLU N 26 -54.48 -8.63 -20.81
CA GLU N 26 -54.39 -7.30 -20.16
C GLU N 26 -53.23 -7.34 -19.14
N GLY N 27 -52.08 -6.81 -19.54
CA GLY N 27 -50.93 -6.53 -18.63
C GLY N 27 -50.00 -7.71 -18.43
N PHE N 28 -50.18 -8.82 -19.17
CA PHE N 28 -49.27 -9.99 -19.11
C PHE N 28 -47.94 -9.64 -19.78
N ASP N 29 -48.00 -9.01 -20.95
CA ASP N 29 -46.83 -8.71 -21.82
C ASP N 29 -45.99 -7.60 -21.18
N ASP N 30 -46.56 -6.87 -20.20
CA ASP N 30 -45.81 -6.00 -19.27
C ASP N 30 -44.93 -6.88 -18.37
N ILE N 31 -45.52 -7.90 -17.75
CA ILE N 31 -44.87 -8.73 -16.67
C ILE N 31 -43.82 -9.67 -17.30
N SER N 32 -44.08 -10.21 -18.49
CA SER N 32 -43.19 -11.18 -19.20
C SER N 32 -42.11 -10.45 -20.02
N HIS N 33 -42.22 -9.13 -20.17
CA HIS N 33 -41.39 -8.29 -21.06
C HIS N 33 -41.43 -8.83 -22.49
N GLY N 34 -42.63 -8.84 -23.10
CA GLY N 34 -42.87 -9.20 -24.51
C GLY N 34 -43.87 -10.33 -24.70
N GLY N 35 -44.32 -10.98 -23.63
CA GLY N 35 -45.17 -12.18 -23.70
C GLY N 35 -44.34 -13.45 -23.61
N LEU N 36 -44.88 -14.58 -24.09
CA LEU N 36 -44.24 -15.92 -24.05
C LEU N 36 -43.21 -16.05 -25.18
N PRO N 37 -41.97 -16.50 -24.90
CA PRO N 37 -40.96 -16.73 -25.94
C PRO N 37 -41.44 -17.61 -27.11
N ILE N 38 -40.94 -17.35 -28.32
CA ILE N 38 -41.29 -18.11 -29.58
C ILE N 38 -40.44 -19.38 -29.63
N GLY N 39 -41.07 -20.49 -30.03
CA GLY N 39 -40.42 -21.81 -30.23
C GLY N 39 -40.52 -22.70 -29.00
N ARG N 40 -40.81 -22.13 -27.82
CA ARG N 40 -40.71 -22.83 -26.51
C ARG N 40 -42.10 -22.98 -25.87
N SER N 41 -42.28 -24.08 -25.14
CA SER N 41 -43.54 -24.44 -24.44
C SER N 41 -43.55 -23.78 -23.06
N THR N 42 -44.51 -22.88 -22.81
CA THR N 42 -44.82 -22.31 -21.49
C THR N 42 -45.70 -23.31 -20.73
N LEU N 43 -45.78 -23.18 -19.40
CA LEU N 43 -46.57 -24.09 -18.53
C LEU N 43 -47.30 -23.27 -17.45
N VAL N 44 -48.60 -23.02 -17.67
CA VAL N 44 -49.53 -22.37 -16.69
C VAL N 44 -50.03 -23.45 -15.72
N SER N 45 -49.87 -23.25 -14.41
CA SER N 45 -50.19 -24.23 -13.34
C SER N 45 -51.06 -23.59 -12.25
N GLY N 46 -51.93 -24.40 -11.63
CA GLY N 46 -52.86 -23.94 -10.58
C GLY N 46 -53.68 -25.06 -10.01
N THR N 47 -54.54 -24.74 -9.03
CA THR N 47 -55.63 -25.60 -8.51
C THR N 47 -56.82 -25.48 -9.47
N SER N 48 -57.96 -26.09 -9.15
CA SER N 48 -59.19 -25.99 -9.97
C SER N 48 -59.79 -24.59 -9.83
N GLY N 49 -59.99 -23.90 -10.97
CA GLY N 49 -60.67 -22.60 -11.05
C GLY N 49 -59.72 -21.43 -10.87
N THR N 50 -58.40 -21.68 -10.86
CA THR N 50 -57.34 -20.64 -10.80
C THR N 50 -57.47 -19.70 -12.00
N GLY N 51 -57.81 -20.28 -13.15
CA GLY N 51 -57.96 -19.58 -14.44
C GLY N 51 -56.98 -20.10 -15.48
N LYS N 52 -56.71 -21.41 -15.53
CA LYS N 52 -55.73 -22.01 -16.48
C LYS N 52 -56.39 -22.19 -17.86
N THR N 53 -57.49 -22.96 -17.93
CA THR N 53 -58.19 -23.31 -19.20
C THR N 53 -58.51 -22.03 -19.98
N LEU N 54 -58.92 -20.97 -19.28
CA LEU N 54 -59.20 -19.63 -19.88
C LEU N 54 -57.93 -19.04 -20.51
N PHE N 55 -56.82 -19.00 -19.75
CA PHE N 55 -55.54 -18.36 -20.14
C PHE N 55 -55.05 -18.90 -21.48
N SER N 56 -55.15 -20.21 -21.71
CA SER N 56 -54.72 -20.87 -22.97
C SER N 56 -55.73 -20.60 -24.08
N ILE N 57 -57.03 -20.52 -23.75
CA ILE N 57 -58.13 -20.17 -24.69
C ILE N 57 -57.92 -18.72 -25.18
N GLN N 58 -57.66 -17.79 -24.24
CA GLN N 58 -57.47 -16.35 -24.54
C GLN N 58 -56.10 -16.13 -25.22
N PHE N 59 -55.18 -17.10 -25.13
CA PHE N 59 -53.84 -17.05 -25.77
C PHE N 59 -53.98 -17.34 -27.27
N LEU N 60 -54.76 -18.37 -27.63
CA LEU N 60 -55.01 -18.73 -29.06
C LEU N 60 -55.94 -17.69 -29.69
N TYR N 61 -57.07 -17.41 -29.03
CA TYR N 61 -58.12 -16.47 -29.51
C TYR N 61 -57.49 -15.11 -29.83
N ASN N 62 -56.62 -14.62 -28.95
CA ASN N 62 -55.96 -13.28 -29.07
C ASN N 62 -55.00 -13.29 -30.25
N GLY N 63 -54.12 -14.31 -30.34
CA GLY N 63 -53.13 -14.48 -31.42
C GLY N 63 -53.76 -14.38 -32.80
N ILE N 64 -54.93 -15.01 -32.97
CA ILE N 64 -55.75 -14.93 -34.22
C ILE N 64 -56.21 -13.48 -34.41
N ILE N 65 -56.88 -12.91 -33.41
CA ILE N 65 -57.58 -11.59 -33.49
C ILE N 65 -56.58 -10.44 -33.58
N GLU N 66 -55.28 -10.67 -33.30
CA GLU N 66 -54.26 -9.59 -33.16
C GLU N 66 -53.12 -9.71 -34.19
N PHE N 67 -52.96 -10.83 -34.89
CA PHE N 67 -51.95 -10.97 -35.97
C PHE N 67 -52.26 -12.12 -36.94
N ASP N 68 -53.53 -12.51 -37.08
CA ASP N 68 -54.02 -13.60 -37.96
C ASP N 68 -53.19 -14.88 -37.74
N GLU N 69 -52.72 -15.11 -36.51
CA GLU N 69 -51.90 -16.29 -36.12
C GLU N 69 -52.84 -17.41 -35.70
N PRO N 70 -52.92 -18.53 -36.45
CA PRO N 70 -53.87 -19.60 -36.14
C PRO N 70 -53.29 -20.49 -35.03
N GLY N 71 -54.07 -21.47 -34.55
CA GLY N 71 -53.67 -22.29 -33.40
C GLY N 71 -54.50 -23.54 -33.22
N VAL N 72 -53.83 -24.69 -33.11
CA VAL N 72 -54.42 -25.97 -32.61
C VAL N 72 -54.65 -25.82 -31.10
N PHE N 73 -55.66 -26.52 -30.57
CA PHE N 73 -56.01 -26.55 -29.13
C PHE N 73 -56.33 -28.00 -28.74
N VAL N 74 -55.40 -28.68 -28.06
CA VAL N 74 -55.60 -30.08 -27.58
C VAL N 74 -56.39 -30.02 -26.27
N THR N 75 -57.34 -30.94 -26.09
CA THR N 75 -58.25 -31.00 -24.92
C THR N 75 -58.47 -32.47 -24.54
N PHE N 76 -58.14 -32.85 -23.29
CA PHE N 76 -58.08 -34.25 -22.81
C PHE N 76 -59.32 -34.61 -21.97
N GLU N 77 -60.23 -33.66 -21.72
CA GLU N 77 -61.46 -33.89 -20.92
C GLU N 77 -62.65 -33.12 -21.50
N GLU N 78 -62.52 -31.80 -21.66
CA GLU N 78 -63.61 -30.88 -22.09
C GLU N 78 -63.93 -31.10 -23.58
N THR N 79 -65.22 -31.29 -23.92
CA THR N 79 -65.71 -31.51 -25.30
C THR N 79 -65.66 -30.20 -26.08
N PRO N 80 -65.10 -30.17 -27.31
CA PRO N 80 -65.05 -28.95 -28.13
C PRO N 80 -66.37 -28.17 -28.20
N GLN N 81 -67.50 -28.89 -28.16
CA GLN N 81 -68.87 -28.31 -28.05
C GLN N 81 -68.92 -27.34 -26.86
N ASP N 82 -68.37 -27.75 -25.72
CA ASP N 82 -68.38 -26.96 -24.45
C ASP N 82 -67.34 -25.83 -24.51
N ILE N 83 -66.18 -26.06 -25.13
CA ILE N 83 -65.05 -25.08 -25.16
C ILE N 83 -65.50 -23.82 -25.90
N ILE N 84 -66.39 -23.95 -26.90
CA ILE N 84 -67.06 -22.82 -27.60
C ILE N 84 -68.14 -22.23 -26.67
N LYS N 85 -69.03 -23.08 -26.14
CA LYS N 85 -70.17 -22.70 -25.27
C LYS N 85 -69.69 -21.90 -24.07
N ASN N 86 -68.62 -22.37 -23.41
CA ASN N 86 -67.99 -21.73 -22.23
C ASN N 86 -67.42 -20.36 -22.64
N ALA N 87 -66.53 -20.35 -23.64
CA ALA N 87 -65.79 -19.15 -24.10
C ALA N 87 -66.75 -18.13 -24.73
N ARG N 88 -67.94 -18.56 -25.15
CA ARG N 88 -69.03 -17.68 -25.65
C ARG N 88 -69.36 -16.64 -24.58
N SER N 89 -69.36 -17.04 -23.30
CA SER N 89 -69.70 -16.21 -22.12
C SER N 89 -68.94 -14.87 -22.16
N PHE N 90 -67.66 -14.89 -22.55
CA PHE N 90 -66.79 -13.69 -22.65
C PHE N 90 -67.21 -12.84 -23.84
N GLY N 91 -67.59 -13.47 -24.95
CA GLY N 91 -68.13 -12.82 -26.16
C GLY N 91 -67.29 -13.10 -27.40
N TRP N 92 -66.97 -14.38 -27.65
CA TRP N 92 -66.16 -14.81 -28.82
C TRP N 92 -66.31 -16.32 -29.05
N ALA N 95 -66.56 -20.71 -32.81
CA ALA N 95 -67.33 -21.25 -33.95
C ALA N 95 -66.87 -20.58 -35.25
N LYS N 96 -66.93 -19.24 -35.29
CA LYS N 96 -66.57 -18.40 -36.47
C LYS N 96 -65.10 -18.59 -36.84
N LEU N 97 -64.27 -19.12 -35.92
CA LEU N 97 -62.86 -19.49 -36.19
C LEU N 97 -62.76 -20.99 -36.49
N VAL N 98 -63.58 -21.83 -35.84
CA VAL N 98 -63.67 -23.29 -36.11
C VAL N 98 -64.17 -23.49 -37.55
N ASP N 99 -65.08 -22.62 -38.01
CA ASP N 99 -65.67 -22.63 -39.37
C ASP N 99 -64.64 -22.14 -40.39
N GLU N 100 -63.95 -21.04 -40.08
CA GLU N 100 -63.02 -20.32 -41.00
C GLU N 100 -61.62 -20.97 -41.00
N GLY N 101 -61.38 -21.98 -40.15
CA GLY N 101 -60.12 -22.73 -40.10
C GLY N 101 -59.02 -21.99 -39.35
N LYS N 102 -59.36 -20.91 -38.63
CA LYS N 102 -58.41 -20.11 -37.82
C LYS N 102 -57.96 -20.94 -36.61
N LEU N 103 -58.92 -21.50 -35.86
CA LEU N 103 -58.68 -22.42 -34.74
C LEU N 103 -59.00 -23.85 -35.18
N PHE N 104 -58.49 -24.84 -34.45
CA PHE N 104 -58.83 -26.28 -34.58
C PHE N 104 -58.70 -26.96 -33.22
N ILE N 105 -59.70 -27.76 -32.85
CA ILE N 105 -59.81 -28.42 -31.51
C ILE N 105 -59.77 -29.94 -31.71
N LEU N 106 -58.80 -30.60 -31.06
CA LEU N 106 -58.58 -32.08 -31.11
C LEU N 106 -59.34 -32.72 -29.94
N ASP N 107 -60.25 -33.66 -30.23
CA ASP N 107 -60.94 -34.48 -29.19
C ASP N 107 -59.98 -35.59 -28.74
N ALA N 108 -59.02 -35.24 -27.88
CA ALA N 108 -57.95 -36.14 -27.38
C ALA N 108 -58.52 -37.22 -26.47
N SER N 109 -59.62 -36.93 -25.76
CA SER N 109 -60.38 -37.91 -24.92
C SER N 109 -61.10 -38.90 -25.84
N PRO N 110 -61.38 -40.14 -25.37
CA PRO N 110 -62.12 -41.12 -26.16
C PRO N 110 -63.63 -40.95 -26.04
N SER N 124 -46.92 -42.01 -28.35
CA SER N 124 -46.31 -41.81 -29.69
C SER N 124 -47.35 -41.32 -30.69
N ALA N 125 -48.48 -42.03 -30.78
CA ALA N 125 -49.63 -41.73 -31.69
C ALA N 125 -50.18 -40.32 -31.38
N LEU N 126 -50.09 -39.86 -30.13
CA LEU N 126 -50.55 -38.52 -29.68
C LEU N 126 -49.74 -37.43 -30.40
N ILE N 127 -48.45 -37.66 -30.66
CA ILE N 127 -47.54 -36.73 -31.40
C ILE N 127 -47.94 -36.69 -32.87
N GLU N 128 -48.42 -37.81 -33.43
CA GLU N 128 -48.84 -37.94 -34.85
C GLU N 128 -50.05 -37.05 -35.11
N ARG N 129 -51.11 -37.18 -34.29
CA ARG N 129 -52.39 -36.43 -34.41
C ARG N 129 -52.13 -34.93 -34.22
N ILE N 130 -51.26 -34.58 -33.27
CA ILE N 130 -50.90 -33.17 -32.91
C ILE N 130 -50.07 -32.55 -34.04
N ASN N 131 -49.08 -33.28 -34.55
CA ASN N 131 -48.13 -32.81 -35.61
C ASN N 131 -48.90 -32.56 -36.91
N TYR N 132 -49.79 -33.49 -37.29
CA TYR N 132 -50.60 -33.45 -38.54
C TYR N 132 -51.47 -32.18 -38.57
N ALA N 133 -52.08 -31.82 -37.44
CA ALA N 133 -53.04 -30.70 -37.31
C ALA N 133 -52.32 -29.35 -37.40
N ILE N 134 -51.20 -29.20 -36.68
CA ILE N 134 -50.38 -27.96 -36.64
C ILE N 134 -49.74 -27.75 -38.03
N GLN N 135 -49.16 -28.80 -38.60
CA GLN N 135 -48.54 -28.80 -39.96
C GLN N 135 -49.63 -28.56 -41.01
N LYS N 136 -50.86 -29.01 -40.76
CA LYS N 136 -52.03 -28.84 -41.66
C LYS N 136 -52.49 -27.37 -41.62
N TYR N 137 -52.86 -26.87 -40.44
CA TYR N 137 -53.48 -25.53 -40.24
C TYR N 137 -52.42 -24.42 -40.27
N ARG N 138 -51.13 -24.77 -40.24
CA ARG N 138 -49.99 -23.82 -40.32
C ARG N 138 -50.04 -22.88 -39.10
N ALA N 139 -50.19 -23.46 -37.91
CA ALA N 139 -50.45 -22.76 -36.63
C ALA N 139 -49.12 -22.45 -35.93
N ARG N 140 -49.02 -21.24 -35.36
CA ARG N 140 -47.86 -20.80 -34.54
C ARG N 140 -48.13 -21.14 -33.06
N ARG N 141 -49.31 -20.78 -32.56
CA ARG N 141 -49.70 -20.89 -31.12
C ARG N 141 -50.49 -22.19 -30.90
N VAL N 142 -49.99 -23.05 -30.01
CA VAL N 142 -50.64 -24.34 -29.64
C VAL N 142 -50.96 -24.29 -28.14
N SER N 143 -51.90 -25.12 -27.67
CA SER N 143 -52.32 -25.19 -26.25
C SER N 143 -52.96 -26.54 -25.93
N ILE N 144 -52.18 -27.49 -25.40
CA ILE N 144 -52.66 -28.72 -24.71
C ILE N 144 -53.17 -28.29 -23.32
N ASP N 145 -54.20 -28.96 -22.81
CA ASP N 145 -55.05 -28.47 -21.70
C ASP N 145 -55.96 -29.60 -21.23
N SER N 146 -55.48 -30.42 -20.27
CA SER N 146 -54.19 -30.28 -19.62
C SER N 146 -53.37 -31.55 -19.85
N VAL N 147 -52.03 -31.43 -19.78
CA VAL N 147 -51.06 -32.51 -20.11
C VAL N 147 -51.13 -33.61 -19.04
N THR N 148 -51.44 -33.24 -17.79
CA THR N 148 -51.49 -34.15 -16.61
C THR N 148 -52.41 -35.35 -16.90
N SER N 149 -53.61 -35.09 -17.42
CA SER N 149 -54.72 -36.08 -17.58
C SER N 149 -54.32 -37.23 -18.52
N VAL N 150 -53.40 -37.00 -19.46
CA VAL N 150 -52.83 -38.06 -20.35
C VAL N 150 -52.03 -39.04 -19.47
N PHE N 151 -51.23 -38.50 -18.54
CA PHE N 151 -50.51 -39.27 -17.49
C PHE N 151 -51.46 -39.59 -16.34
N GLN N 152 -52.72 -39.91 -16.66
CA GLN N 152 -53.77 -40.32 -15.68
C GLN N 152 -53.60 -41.80 -15.36
N GLN N 153 -52.36 -42.32 -15.39
CA GLN N 153 -52.03 -43.75 -15.19
C GLN N 153 -50.53 -43.93 -15.01
N TYR N 154 -49.73 -43.51 -16.00
CA TYR N 154 -48.25 -43.66 -16.08
C TYR N 154 -47.63 -43.52 -14.68
N SER N 157 -43.44 -40.59 -11.37
CA SER N 157 -42.74 -39.27 -11.52
C SER N 157 -41.65 -39.35 -12.58
N SER N 158 -40.90 -40.46 -12.64
CA SER N 158 -39.82 -40.72 -13.63
C SER N 158 -40.42 -40.93 -15.03
N VAL N 159 -41.50 -41.72 -15.13
CA VAL N 159 -42.27 -41.96 -16.38
C VAL N 159 -43.00 -40.68 -16.79
N VAL N 160 -43.28 -39.80 -15.82
CA VAL N 160 -43.83 -38.43 -16.06
C VAL N 160 -42.76 -37.57 -16.74
N ARG N 161 -41.51 -37.65 -16.27
CA ARG N 161 -40.35 -36.85 -16.79
C ARG N 161 -40.13 -37.16 -18.28
N ARG N 162 -40.10 -38.43 -18.66
CA ARG N 162 -39.81 -38.92 -20.04
C ARG N 162 -40.97 -38.57 -20.97
N GLU N 163 -42.18 -39.02 -20.63
CA GLU N 163 -43.44 -38.77 -21.38
C GLU N 163 -43.62 -37.26 -21.61
N LEU N 164 -43.19 -36.42 -20.65
CA LEU N 164 -43.29 -34.93 -20.72
C LEU N 164 -42.26 -34.38 -21.71
N PHE N 165 -41.00 -34.81 -21.60
CA PHE N 165 -39.85 -34.35 -22.43
C PHE N 165 -40.16 -34.56 -23.92
N ARG N 166 -40.95 -35.59 -24.25
CA ARG N 166 -41.41 -35.89 -25.63
C ARG N 166 -42.19 -34.70 -26.19
N LEU N 167 -43.30 -34.32 -25.51
CA LEU N 167 -44.25 -33.26 -25.97
C LEU N 167 -43.54 -31.91 -26.09
N VAL N 168 -42.62 -31.59 -25.17
CA VAL N 168 -41.87 -30.30 -25.14
C VAL N 168 -40.83 -30.29 -26.28
N ALA N 169 -40.11 -31.40 -26.48
CA ALA N 169 -39.08 -31.56 -27.53
C ALA N 169 -39.76 -31.57 -28.91
N ARG N 170 -40.85 -32.32 -29.06
CA ARG N 170 -41.62 -32.46 -30.32
C ARG N 170 -41.91 -31.07 -30.91
N LEU N 171 -42.71 -30.25 -30.20
CA LEU N 171 -43.12 -28.89 -30.63
C LEU N 171 -41.89 -27.99 -30.76
N LYS N 172 -40.84 -28.25 -29.97
CA LYS N 172 -39.54 -27.54 -30.01
C LYS N 172 -38.91 -27.68 -31.40
N GLN N 173 -39.17 -28.79 -32.10
CA GLN N 173 -38.74 -29.03 -33.50
C GLN N 173 -39.86 -28.63 -34.47
N ILE N 174 -41.12 -28.86 -34.10
CA ILE N 174 -42.33 -28.54 -34.93
C ILE N 174 -42.43 -27.03 -35.15
N GLY N 175 -41.76 -26.23 -34.30
CA GLY N 175 -41.60 -24.77 -34.49
C GLY N 175 -42.83 -24.01 -34.07
N ALA N 176 -43.24 -24.17 -32.80
CA ALA N 176 -44.51 -23.65 -32.26
C ALA N 176 -44.40 -23.36 -30.76
N THR N 177 -44.99 -22.24 -30.32
CA THR N 177 -45.24 -21.90 -28.91
C THR N 177 -46.44 -22.71 -28.42
N THR N 178 -46.28 -23.43 -27.31
CA THR N 178 -47.37 -24.19 -26.63
C THR N 178 -47.54 -23.64 -25.21
N VAL N 179 -48.79 -23.60 -24.72
CA VAL N 179 -49.16 -23.25 -23.33
C VAL N 179 -49.77 -24.51 -22.68
N MET N 180 -48.91 -25.42 -22.19
CA MET N 180 -49.31 -26.70 -21.56
C MET N 180 -49.85 -26.43 -20.15
N THR N 181 -51.18 -26.39 -20.00
CA THR N 181 -51.89 -26.24 -18.71
C THR N 181 -51.59 -27.48 -17.85
N THR N 182 -51.57 -27.34 -16.52
CA THR N 182 -51.29 -28.42 -15.53
C THR N 182 -52.35 -28.41 -14.44
N GLU N 183 -52.11 -29.13 -13.33
CA GLU N 183 -52.99 -29.17 -12.13
C GLU N 183 -52.13 -29.32 -10.87
N ARG N 184 -52.54 -28.69 -9.76
CA ARG N 184 -51.94 -28.83 -8.40
C ARG N 184 -53.04 -29.16 -7.39
N ILE N 185 -52.65 -29.68 -6.23
CA ILE N 185 -53.58 -30.10 -5.13
C ILE N 185 -53.41 -29.19 -3.90
N GLU N 186 -52.56 -28.16 -3.95
CA GLU N 186 -52.32 -27.20 -2.83
C GLU N 186 -51.78 -25.87 -3.38
N GLU N 187 -52.24 -24.75 -2.81
CA GLU N 187 -52.01 -23.38 -3.34
C GLU N 187 -50.53 -22.97 -3.22
N TYR N 188 -49.80 -23.55 -2.27
CA TYR N 188 -48.35 -23.30 -2.04
C TYR N 188 -47.59 -24.61 -1.77
N GLY N 189 -48.11 -25.75 -2.25
CA GLY N 189 -47.44 -27.06 -2.20
C GLY N 189 -46.37 -27.15 -3.30
N PRO N 190 -46.24 -28.29 -4.01
CA PRO N 190 -45.32 -28.36 -5.15
C PRO N 190 -45.75 -27.51 -6.36
N ILE N 191 -44.80 -27.19 -7.25
CA ILE N 191 -44.97 -26.30 -8.44
C ILE N 191 -45.97 -26.94 -9.42
N ALA N 192 -45.92 -28.27 -9.57
CA ALA N 192 -46.87 -29.08 -10.38
C ALA N 192 -47.22 -30.36 -9.61
N ARG N 193 -48.05 -31.22 -10.21
CA ARG N 193 -48.61 -32.44 -9.57
C ARG N 193 -47.52 -33.50 -9.32
N TYR N 194 -46.36 -33.43 -9.98
CA TYR N 194 -45.30 -34.48 -9.87
C TYR N 194 -43.93 -33.92 -9.47
N GLY N 195 -43.52 -32.75 -9.95
CA GLY N 195 -42.22 -32.14 -9.60
C GLY N 195 -41.11 -32.56 -10.56
N VAL N 196 -41.44 -33.43 -11.53
CA VAL N 196 -40.70 -33.57 -12.82
C VAL N 196 -41.16 -32.42 -13.73
N GLU N 197 -42.46 -32.09 -13.67
CA GLU N 197 -43.15 -31.08 -14.53
C GLU N 197 -42.50 -29.69 -14.41
N GLU N 198 -41.94 -29.38 -13.23
CA GLU N 198 -41.41 -28.02 -12.88
C GLU N 198 -40.20 -27.66 -13.76
N PHE N 199 -39.23 -28.58 -13.88
CA PHE N 199 -37.90 -28.34 -14.48
C PHE N 199 -37.87 -28.71 -15.97
N VAL N 200 -38.91 -29.38 -16.50
CA VAL N 200 -38.96 -29.81 -17.93
C VAL N 200 -39.20 -28.57 -18.81
N SER N 201 -40.30 -27.84 -18.58
CA SER N 201 -40.69 -26.63 -19.35
C SER N 201 -39.62 -25.54 -19.19
N ASP N 202 -39.29 -24.84 -20.27
CA ASP N 202 -38.35 -23.69 -20.27
C ASP N 202 -38.99 -22.53 -19.51
N ASN N 203 -40.30 -22.31 -19.74
CA ASN N 203 -41.07 -21.19 -19.14
C ASN N 203 -42.03 -21.75 -18.09
N VAL N 204 -42.16 -21.05 -16.95
CA VAL N 204 -43.00 -21.45 -15.78
C VAL N 204 -43.80 -20.23 -15.29
N VAL N 205 -45.13 -20.36 -15.27
CA VAL N 205 -46.11 -19.34 -14.76
C VAL N 205 -47.02 -20.04 -13.75
N ILE N 206 -47.02 -19.58 -12.49
CA ILE N 206 -47.90 -20.10 -11.40
C ILE N 206 -49.14 -19.19 -11.32
N LEU N 207 -50.33 -19.79 -11.41
CA LEU N 207 -51.64 -19.13 -11.16
C LEU N 207 -52.18 -19.60 -9.81
N ARG N 208 -52.70 -18.69 -9.00
CA ARG N 208 -53.16 -18.99 -7.62
C ARG N 208 -54.53 -18.35 -7.37
N ASN N 209 -55.18 -18.82 -6.30
CA ASN N 209 -56.55 -18.47 -5.89
C ASN N 209 -56.58 -18.49 -4.36
N VAL N 210 -55.71 -17.68 -3.75
CA VAL N 210 -55.33 -17.74 -2.31
C VAL N 210 -56.54 -17.34 -1.47
N LEU N 211 -56.72 -17.99 -0.32
CA LEU N 211 -57.84 -17.77 0.63
C LEU N 211 -57.37 -16.85 1.77
N GLU N 212 -57.73 -15.57 1.67
CA GLU N 212 -57.45 -14.51 2.68
C GLU N 212 -58.69 -14.35 3.58
N GLY N 213 -58.68 -14.98 4.75
CA GLY N 213 -59.83 -15.04 5.66
C GLY N 213 -60.96 -15.85 5.04
N GLU N 214 -62.09 -15.20 4.73
CA GLU N 214 -63.28 -15.82 4.10
C GLU N 214 -63.46 -15.27 2.68
N ARG N 215 -62.36 -14.83 2.04
CA ARG N 215 -62.38 -14.15 0.72
C ARG N 215 -61.18 -14.64 -0.11
N ARG N 216 -61.42 -14.96 -1.39
CA ARG N 216 -60.37 -15.47 -2.31
C ARG N 216 -59.71 -14.31 -3.04
N ARG N 217 -58.39 -14.41 -3.26
CA ARG N 217 -57.55 -13.44 -4.00
C ARG N 217 -56.69 -14.22 -4.99
N ARG N 218 -56.78 -13.88 -6.29
CA ARG N 218 -56.06 -14.62 -7.37
C ARG N 218 -54.87 -13.80 -7.86
N THR N 219 -53.73 -14.46 -8.07
CA THR N 219 -52.44 -13.84 -8.45
C THR N 219 -51.72 -14.72 -9.47
N LEU N 220 -51.43 -14.15 -10.64
CA LEU N 220 -50.49 -14.74 -11.63
C LEU N 220 -49.08 -14.46 -11.11
N GLU N 221 -48.14 -15.36 -11.36
CA GLU N 221 -46.71 -15.18 -11.00
C GLU N 221 -45.85 -15.95 -12.01
N ILE N 222 -45.05 -15.25 -12.81
CA ILE N 222 -44.04 -15.90 -13.69
C ILE N 222 -42.87 -16.33 -12.81
N LEU N 223 -42.76 -17.64 -12.55
CA LEU N 223 -41.61 -18.25 -11.82
C LEU N 223 -40.34 -17.98 -12.61
N LYS N 224 -40.33 -18.34 -13.91
CA LYS N 224 -39.17 -18.13 -14.80
C LYS N 224 -39.58 -18.36 -16.27
N LEU N 225 -39.34 -17.37 -17.12
CA LEU N 225 -39.19 -17.53 -18.59
C LEU N 225 -37.69 -17.69 -18.87
N ARG N 226 -37.26 -18.87 -19.31
CA ARG N 226 -35.83 -19.23 -19.50
C ARG N 226 -35.21 -18.29 -20.53
N GLY N 227 -33.94 -17.91 -20.31
CA GLY N 227 -33.11 -17.13 -21.25
C GLY N 227 -33.77 -15.81 -21.64
N THR N 228 -34.55 -15.22 -20.72
CA THR N 228 -35.26 -13.92 -20.90
C THR N 228 -35.50 -13.31 -19.52
N SER N 229 -35.47 -11.97 -19.43
CA SER N 229 -35.91 -11.21 -18.23
C SER N 229 -37.43 -11.19 -18.18
N HIS N 230 -37.97 -11.04 -16.97
CA HIS N 230 -39.42 -10.93 -16.66
C HIS N 230 -39.55 -10.24 -15.30
N MET N 231 -40.76 -10.14 -14.76
CA MET N 231 -41.00 -9.58 -13.42
C MET N 231 -41.19 -10.73 -12.41
N LYS N 232 -40.49 -10.65 -11.27
CA LYS N 232 -40.56 -11.64 -10.18
C LYS N 232 -41.71 -11.26 -9.23
N GLY N 233 -42.39 -12.25 -8.66
CA GLY N 233 -43.42 -12.05 -7.61
C GLY N 233 -44.83 -12.11 -8.18
N GLU N 234 -45.80 -12.44 -7.32
CA GLU N 234 -47.22 -12.63 -7.69
C GLU N 234 -47.85 -11.26 -7.93
N TYR N 235 -48.67 -11.14 -8.99
CA TYR N 235 -49.42 -9.92 -9.37
C TYR N 235 -50.91 -10.25 -9.38
N PRO N 236 -51.75 -9.49 -8.63
CA PRO N 236 -53.18 -9.82 -8.52
C PRO N 236 -53.91 -9.53 -9.83
N PHE N 237 -54.81 -10.44 -10.24
CA PHE N 237 -55.58 -10.33 -11.50
C PHE N 237 -57.07 -10.58 -11.22
N THR N 238 -57.87 -10.43 -12.28
CA THR N 238 -59.35 -10.60 -12.26
C THR N 238 -59.76 -11.37 -13.53
N ILE N 239 -60.55 -12.42 -13.36
CA ILE N 239 -61.32 -13.09 -14.46
C ILE N 239 -62.65 -12.35 -14.59
N THR N 240 -62.65 -11.21 -15.30
CA THR N 240 -63.82 -10.35 -15.58
C THR N 240 -64.52 -10.86 -16.85
N ASP N 241 -65.45 -10.06 -17.41
CA ASP N 241 -66.17 -10.38 -18.67
C ASP N 241 -65.21 -10.33 -19.87
N HIS N 242 -64.08 -9.61 -19.75
CA HIS N 242 -63.09 -9.40 -20.85
C HIS N 242 -61.89 -10.37 -20.73
N GLY N 243 -62.06 -11.49 -20.02
CA GLY N 243 -60.98 -12.47 -19.79
C GLY N 243 -60.08 -12.04 -18.65
N ILE N 244 -58.87 -12.59 -18.59
CA ILE N 244 -57.89 -12.38 -17.46
C ILE N 244 -57.29 -10.97 -17.57
N ASN N 245 -57.58 -10.12 -16.58
CA ASN N 245 -57.12 -8.70 -16.54
C ASN N 245 -56.15 -8.52 -15.36
N ILE N 246 -54.87 -8.85 -15.56
CA ILE N 246 -53.79 -8.77 -14.54
C ILE N 246 -53.18 -7.37 -14.57
N PHE N 247 -53.26 -6.62 -13.46
CA PHE N 247 -52.68 -5.26 -13.31
C PHE N 247 -51.48 -5.31 -12.35
N PRO N 248 -50.28 -4.86 -12.78
CA PRO N 248 -49.11 -4.80 -11.90
C PRO N 248 -49.17 -3.57 -10.98
N ARG N 253 -44.71 2.18 -12.74
CA ARG N 253 -43.78 3.32 -12.59
C ARG N 253 -44.59 4.62 -12.39
N LEU N 254 -44.01 5.60 -11.69
CA LEU N 254 -44.64 6.93 -11.45
C LEU N 254 -44.47 7.78 -12.73
N THR N 255 -45.35 7.56 -13.71
CA THR N 255 -45.38 8.26 -15.02
C THR N 255 -46.78 8.88 -15.23
N GLN N 256 -47.30 9.55 -14.21
CA GLN N 256 -48.55 10.36 -14.29
C GLN N 256 -48.19 11.85 -14.44
N ARG N 257 -49.14 12.65 -14.93
CA ARG N 257 -48.95 14.10 -15.20
C ARG N 257 -49.32 14.92 -13.95
N SER N 258 -49.03 16.22 -13.99
CA SER N 258 -49.34 17.22 -12.93
C SER N 258 -50.11 18.40 -13.54
N SER N 259 -50.68 19.26 -12.71
CA SER N 259 -51.49 20.44 -13.13
C SER N 259 -51.64 21.42 -11.98
N ASN N 260 -51.46 22.71 -12.25
CA ASN N 260 -51.67 23.84 -11.30
C ASN N 260 -53.13 24.30 -11.36
N VAL N 261 -53.95 23.67 -12.21
CA VAL N 261 -55.38 24.05 -12.43
C VAL N 261 -56.16 23.71 -11.16
N ARG N 262 -56.80 24.72 -10.56
CA ARG N 262 -57.53 24.59 -9.26
C ARG N 262 -59.01 24.30 -9.53
N VAL N 263 -59.52 23.18 -8.99
CA VAL N 263 -60.96 22.83 -8.94
C VAL N 263 -61.51 23.31 -7.60
N SER N 264 -62.81 23.57 -7.51
CA SER N 264 -63.49 23.99 -6.25
C SER N 264 -63.75 22.77 -5.37
N SER N 265 -63.99 23.01 -4.08
CA SER N 265 -64.22 21.99 -3.02
C SER N 265 -65.71 21.63 -2.95
N GLY N 266 -66.58 22.66 -2.96
CA GLY N 266 -68.01 22.53 -2.68
C GLY N 266 -68.43 23.45 -1.54
N VAL N 267 -67.49 23.77 -0.64
CA VAL N 267 -67.65 24.73 0.49
C VAL N 267 -66.69 25.91 0.25
N VAL N 268 -67.24 27.10 -0.04
CA VAL N 268 -66.48 28.32 -0.43
C VAL N 268 -65.31 28.53 0.54
N ARG N 269 -65.62 28.67 1.84
CA ARG N 269 -64.64 28.93 2.93
C ARG N 269 -63.46 27.94 2.84
N LEU N 270 -63.74 26.66 2.57
CA LEU N 270 -62.74 25.54 2.54
C LEU N 270 -61.79 25.71 1.34
N ASP N 271 -62.28 26.29 0.23
CA ASP N 271 -61.45 26.59 -0.98
C ASP N 271 -60.40 27.64 -0.62
N GLU N 272 -60.84 28.71 0.04
CA GLU N 272 -59.99 29.85 0.50
C GLU N 272 -58.90 29.30 1.43
N MET N 273 -59.29 28.45 2.38
CA MET N 273 -58.40 27.74 3.34
C MET N 273 -57.38 26.89 2.59
N CYS N 274 -57.78 26.32 1.44
CA CYS N 274 -56.92 25.49 0.54
C CYS N 274 -56.21 26.38 -0.50
N GLY N 275 -56.11 27.68 -0.25
CA GLY N 275 -55.37 28.64 -1.09
C GLY N 275 -56.03 28.83 -2.46
N GLY N 276 -57.36 28.91 -2.50
CA GLY N 276 -58.14 29.13 -3.73
C GLY N 276 -59.03 27.95 -4.06
N GLY N 277 -58.52 26.72 -3.88
CA GLY N 277 -59.27 25.47 -4.10
C GLY N 277 -58.36 24.25 -4.04
N PHE N 278 -58.93 23.06 -4.25
CA PHE N 278 -58.17 21.80 -4.47
C PHE N 278 -57.49 21.88 -5.84
N PHE N 279 -56.69 20.87 -6.19
CA PHE N 279 -56.01 20.75 -7.50
C PHE N 279 -56.77 19.78 -8.40
N LYS N 280 -56.46 19.80 -9.69
CA LYS N 280 -56.98 18.86 -10.72
C LYS N 280 -56.27 17.51 -10.53
N ASP N 281 -54.96 17.47 -10.79
CA ASP N 281 -54.10 16.27 -10.57
C ASP N 281 -53.73 16.22 -9.08
N SER N 282 -54.60 15.67 -8.23
CA SER N 282 -54.42 15.63 -6.76
C SER N 282 -55.34 14.60 -6.09
N ILE N 283 -54.91 14.12 -4.91
CA ILE N 283 -55.65 13.20 -4.00
C ILE N 283 -55.97 13.97 -2.70
N ILE N 284 -57.25 14.26 -2.45
CA ILE N 284 -57.73 14.94 -1.21
C ILE N 284 -58.12 13.84 -0.22
N LEU N 285 -57.89 14.06 1.08
CA LEU N 285 -58.21 13.09 2.16
C LEU N 285 -58.90 13.79 3.33
N ALA N 286 -60.14 13.39 3.61
CA ALA N 286 -60.95 13.85 4.77
C ALA N 286 -60.83 12.82 5.90
N THR N 287 -60.01 13.11 6.91
CA THR N 287 -59.82 12.25 8.10
C THR N 287 -60.50 12.89 9.31
N GLY N 288 -61.08 12.05 10.18
CA GLY N 288 -61.68 12.47 11.45
C GLY N 288 -62.33 11.31 12.17
N ALA N 289 -63.18 11.61 13.15
CA ALA N 289 -64.01 10.62 13.88
C ALA N 289 -65.31 10.37 13.11
N THR N 290 -66.06 9.36 13.55
CA THR N 290 -67.47 9.12 13.17
C THR N 290 -68.30 10.36 13.54
N GLY N 291 -69.18 10.80 12.65
CA GLY N 291 -70.19 11.84 12.90
C GLY N 291 -69.62 13.25 12.92
N THR N 292 -68.43 13.45 12.32
CA THR N 292 -67.72 14.75 12.27
C THR N 292 -68.21 15.56 11.06
N GLY N 293 -68.02 15.03 9.84
CA GLY N 293 -68.60 15.61 8.60
C GLY N 293 -67.84 15.25 7.34
N LYS N 294 -67.38 13.99 7.22
CA LYS N 294 -66.66 13.48 6.02
C LYS N 294 -67.66 13.33 4.87
N THR N 295 -68.76 12.61 5.12
CA THR N 295 -69.82 12.27 4.14
C THR N 295 -70.49 13.56 3.63
N LEU N 296 -70.73 14.54 4.52
CA LEU N 296 -71.18 15.90 4.11
C LEU N 296 -70.20 16.46 3.07
N LEU N 297 -68.90 16.47 3.39
CA LEU N 297 -67.82 16.98 2.51
C LEU N 297 -67.83 16.26 1.15
N VAL N 298 -68.00 14.92 1.15
CA VAL N 298 -68.10 14.10 -0.09
C VAL N 298 -69.38 14.49 -0.84
N SER N 299 -70.52 14.52 -0.14
CA SER N 299 -71.85 14.88 -0.66
C SER N 299 -71.80 16.27 -1.31
N ARG N 300 -70.97 17.16 -0.78
CA ARG N 300 -70.80 18.57 -1.26
C ARG N 300 -69.72 18.63 -2.35
N PHE N 301 -68.71 17.76 -2.26
CA PHE N 301 -67.58 17.65 -3.22
C PHE N 301 -68.12 17.21 -4.60
N VAL N 302 -69.11 16.32 -4.63
CA VAL N 302 -69.70 15.77 -5.89
C VAL N 302 -70.79 16.72 -6.41
N GLU N 303 -71.52 17.40 -5.52
CA GLU N 303 -72.60 18.38 -5.87
C GLU N 303 -71.99 19.63 -6.52
N ASN N 304 -70.67 19.82 -6.42
CA ASN N 304 -69.93 20.93 -7.08
C ASN N 304 -69.60 20.56 -8.54
N ALA N 305 -69.32 19.28 -8.81
CA ALA N 305 -69.02 18.76 -10.17
C ALA N 305 -70.21 19.06 -11.09
N CYS N 306 -71.42 18.71 -10.64
CA CYS N 306 -72.69 18.79 -11.41
C CYS N 306 -73.06 20.25 -11.68
N ALA N 307 -72.78 21.16 -10.74
CA ALA N 307 -72.94 22.61 -10.90
C ALA N 307 -72.19 23.07 -12.16
N ASN N 308 -70.99 22.51 -12.40
CA ASN N 308 -70.12 22.84 -13.56
C ASN N 308 -70.44 21.92 -14.76
N LYS N 309 -71.61 21.27 -14.76
CA LYS N 309 -72.07 20.34 -15.83
C LYS N 309 -71.02 19.25 -16.05
N GLU N 310 -70.33 18.84 -14.98
CA GLU N 310 -69.21 17.85 -15.01
C GLU N 310 -69.69 16.56 -14.33
N ARG N 311 -69.21 15.41 -14.82
CA ARG N 311 -69.61 14.06 -14.33
C ARG N 311 -68.75 13.69 -13.11
N ALA N 312 -69.34 12.97 -12.14
CA ALA N 312 -68.65 12.46 -10.93
C ALA N 312 -69.38 11.22 -10.39
N ILE N 313 -68.60 10.24 -9.94
CA ILE N 313 -69.09 8.99 -9.27
C ILE N 313 -68.83 9.11 -7.77
N LEU N 314 -69.86 8.91 -6.94
CA LEU N 314 -69.74 8.82 -5.47
C LEU N 314 -69.74 7.34 -5.07
N PHE N 315 -68.60 6.66 -5.24
CA PHE N 315 -68.33 5.28 -4.79
C PHE N 315 -68.62 5.17 -3.29
N ALA N 316 -69.82 4.69 -2.94
CA ALA N 316 -70.31 4.54 -1.55
C ALA N 316 -69.95 3.15 -1.01
N TYR N 317 -69.51 3.09 0.25
CA TYR N 317 -69.10 1.84 0.94
C TYR N 317 -69.64 1.80 2.39
N GLU N 318 -70.68 2.59 2.68
CA GLU N 318 -71.22 2.71 4.07
C GLU N 318 -72.75 2.88 4.03
N GLU N 319 -73.25 3.94 3.39
CA GLU N 319 -74.70 4.29 3.37
C GLU N 319 -75.35 3.77 2.09
N SER N 320 -76.61 3.33 2.21
CA SER N 320 -77.56 3.10 1.10
C SER N 320 -77.70 4.38 0.26
N ARG N 321 -78.06 4.25 -1.02
CA ARG N 321 -78.43 5.39 -1.89
C ARG N 321 -79.61 6.14 -1.24
N ALA N 322 -80.62 5.40 -0.79
CA ALA N 322 -81.85 5.93 -0.15
C ALA N 322 -81.49 6.86 1.00
N GLN N 323 -80.49 6.47 1.81
CA GLN N 323 -80.01 7.29 2.95
C GLN N 323 -79.35 8.56 2.40
N LEU N 324 -78.25 8.40 1.65
CA LEU N 324 -77.40 9.51 1.14
C LEU N 324 -78.26 10.65 0.55
N LEU N 325 -79.31 10.29 -0.19
CA LEU N 325 -80.20 11.28 -0.87
C LEU N 325 -80.96 12.12 0.17
N ARG N 326 -81.47 11.52 1.25
CA ARG N 326 -82.22 12.25 2.31
C ARG N 326 -81.26 13.10 3.14
N ASN N 327 -80.03 12.61 3.38
CA ASN N 327 -78.99 13.33 4.14
C ASN N 327 -78.54 14.55 3.32
N ALA N 328 -78.31 14.34 2.01
CA ALA N 328 -77.96 15.41 1.03
C ALA N 328 -79.15 16.38 0.92
N TYR N 329 -80.38 15.86 0.87
CA TYR N 329 -81.65 16.64 0.86
C TYR N 329 -81.70 17.55 2.09
N SER N 330 -81.33 17.02 3.26
CA SER N 330 -81.32 17.72 4.57
C SER N 330 -80.17 18.72 4.66
N TRP N 331 -79.16 18.61 3.78
CA TRP N 331 -78.01 19.56 3.66
C TRP N 331 -78.23 20.54 2.49
N GLY N 332 -79.41 20.53 1.87
CA GLY N 332 -79.80 21.47 0.80
C GLY N 332 -79.67 20.87 -0.60
N MET N 333 -78.46 20.43 -0.96
CA MET N 333 -78.11 19.93 -2.33
C MET N 333 -78.93 18.69 -2.67
N ASP N 334 -79.60 18.69 -3.83
CA ASP N 334 -80.41 17.55 -4.35
C ASP N 334 -79.51 16.63 -5.17
N PHE N 335 -79.48 15.34 -4.83
CA PHE N 335 -78.63 14.29 -5.47
C PHE N 335 -79.38 13.64 -6.64
N GLU N 336 -80.72 13.64 -6.62
CA GLU N 336 -81.55 12.91 -7.61
C GLU N 336 -81.55 13.66 -8.95
N GLU N 337 -81.72 14.99 -8.93
CA GLU N 337 -81.66 15.88 -10.12
C GLU N 337 -80.30 15.75 -10.80
N MET N 338 -79.25 15.51 -10.01
CA MET N 338 -77.85 15.28 -10.48
C MET N 338 -77.73 13.88 -11.12
N GLU N 339 -78.46 12.88 -10.59
CA GLU N 339 -78.48 11.49 -11.11
C GLU N 339 -79.22 11.43 -12.45
N ARG N 340 -80.26 12.26 -12.64
CA ARG N 340 -81.00 12.39 -13.92
C ARG N 340 -80.09 13.06 -14.96
N GLN N 341 -79.60 14.27 -14.63
CA GLN N 341 -78.70 15.09 -15.49
C GLN N 341 -77.52 14.26 -16.00
N ASN N 342 -77.20 13.17 -15.29
CA ASN N 342 -76.14 12.17 -15.66
C ASN N 342 -74.76 12.81 -15.47
N LEU N 343 -74.62 13.62 -14.42
CA LEU N 343 -73.32 14.14 -13.91
C LEU N 343 -73.01 13.50 -12.55
N LEU N 344 -73.84 12.55 -12.11
CA LEU N 344 -73.72 11.86 -10.79
C LEU N 344 -74.12 10.38 -10.95
N LYS N 345 -73.24 9.47 -10.52
CA LYS N 345 -73.56 8.04 -10.35
C LYS N 345 -73.13 7.62 -8.94
N ILE N 346 -74.08 7.27 -8.06
CA ILE N 346 -73.82 6.69 -6.70
C ILE N 346 -73.69 5.18 -6.86
N VAL N 347 -72.48 4.64 -6.73
CA VAL N 347 -72.14 3.20 -7.00
C VAL N 347 -72.84 2.32 -5.96
N CYS N 348 -72.42 2.40 -4.69
CA CYS N 348 -72.97 1.68 -3.50
C CYS N 348 -72.58 0.19 -3.53
N ALA N 349 -71.84 -0.27 -2.51
CA ALA N 349 -71.40 -1.67 -2.34
C ALA N 349 -70.84 -1.90 -0.92
N TYR N 350 -71.13 -3.07 -0.33
CA TYR N 350 -70.57 -3.53 0.97
C TYR N 350 -69.13 -3.97 0.76
N PRO N 351 -68.15 -3.44 1.55
CA PRO N 351 -66.76 -3.88 1.46
C PRO N 351 -66.54 -5.41 1.60
N GLU N 352 -67.45 -6.13 2.26
CA GLU N 352 -67.30 -7.60 2.50
C GLU N 352 -67.63 -8.34 1.21
N SER N 353 -68.46 -7.76 0.34
CA SER N 353 -68.94 -8.34 -0.95
C SER N 353 -67.78 -9.02 -1.68
N ALA N 354 -66.74 -8.26 -2.02
CA ALA N 354 -65.62 -8.66 -2.89
C ALA N 354 -64.29 -8.58 -2.12
N GLY N 355 -63.22 -9.06 -2.76
CA GLY N 355 -61.82 -8.80 -2.36
C GLY N 355 -61.38 -7.43 -2.85
N LEU N 356 -60.12 -7.07 -2.63
CA LEU N 356 -59.59 -5.71 -2.90
C LEU N 356 -59.17 -5.57 -4.38
N GLU N 357 -58.73 -6.66 -5.02
CA GLU N 357 -58.44 -6.71 -6.48
C GLU N 357 -59.76 -6.61 -7.25
N ASP N 358 -60.81 -7.26 -6.74
CA ASP N 358 -62.18 -7.29 -7.34
C ASP N 358 -62.81 -5.89 -7.27
N HIS N 359 -62.56 -5.13 -6.20
CA HIS N 359 -63.05 -3.73 -6.02
C HIS N 359 -62.31 -2.78 -6.96
N LEU N 360 -60.99 -2.96 -7.15
CA LEU N 360 -60.16 -2.09 -8.02
C LEU N 360 -60.57 -2.31 -9.48
N GLN N 361 -60.91 -3.55 -9.86
CA GLN N 361 -61.49 -3.90 -11.19
C GLN N 361 -62.83 -3.18 -11.36
N ILE N 362 -63.69 -3.23 -10.33
CA ILE N 362 -65.05 -2.61 -10.31
C ILE N 362 -64.90 -1.08 -10.32
N ILE N 363 -63.95 -0.55 -9.55
CA ILE N 363 -63.69 0.92 -9.42
C ILE N 363 -63.26 1.47 -10.79
N LYS N 364 -62.22 0.88 -11.39
CA LYS N 364 -61.64 1.32 -12.70
C LYS N 364 -62.69 1.22 -13.81
N SER N 365 -63.60 0.25 -13.73
CA SER N 365 -64.70 0.02 -14.71
C SER N 365 -65.66 1.22 -14.73
N GLU N 366 -66.20 1.59 -13.56
CA GLU N 366 -67.23 2.66 -13.42
C GLU N 366 -66.67 4.01 -13.90
N ILE N 367 -65.36 4.24 -13.75
CA ILE N 367 -64.66 5.52 -14.14
C ILE N 367 -64.69 5.69 -15.67
N ASN N 368 -64.22 4.68 -16.42
CA ASN N 368 -64.08 4.74 -17.90
C ASN N 368 -65.46 4.93 -18.56
N ASP N 369 -66.50 4.29 -18.01
CA ASP N 369 -67.87 4.24 -18.62
C ASP N 369 -68.65 5.50 -18.27
N PHE N 370 -68.31 6.20 -17.17
CA PHE N 370 -68.95 7.49 -16.78
C PHE N 370 -68.06 8.67 -17.19
N LYS N 371 -66.75 8.46 -17.30
CA LYS N 371 -65.76 9.50 -17.67
C LYS N 371 -65.92 10.72 -16.76
N PRO N 372 -65.71 10.55 -15.43
CA PRO N 372 -65.90 11.64 -14.46
C PRO N 372 -64.64 12.49 -14.25
N ALA N 373 -64.83 13.70 -13.72
CA ALA N 373 -63.75 14.63 -13.30
C ALA N 373 -63.42 14.40 -11.83
N ARG N 374 -64.39 13.98 -11.01
CA ARG N 374 -64.24 13.74 -9.55
C ARG N 374 -64.59 12.29 -9.20
N ILE N 375 -63.65 11.56 -8.60
CA ILE N 375 -63.90 10.29 -7.84
C ILE N 375 -64.01 10.65 -6.36
N ALA N 376 -64.82 9.89 -5.62
CA ALA N 376 -65.09 10.09 -4.18
C ALA N 376 -65.35 8.73 -3.52
N ILE N 377 -64.40 8.26 -2.70
CA ILE N 377 -64.47 6.96 -1.98
C ILE N 377 -64.82 7.22 -0.51
N ASP N 378 -66.10 7.10 -0.16
CA ASP N 378 -66.64 7.25 1.23
C ASP N 378 -67.09 5.88 1.75
N SER N 379 -66.20 5.12 2.42
CA SER N 379 -64.93 5.58 2.96
C SER N 379 -63.83 4.54 2.69
N LEU N 380 -62.57 4.92 2.91
CA LEU N 380 -61.39 4.03 2.70
C LEU N 380 -61.19 3.10 3.91
N SER N 381 -61.44 3.59 5.14
CA SER N 381 -61.30 2.80 6.39
C SER N 381 -62.29 1.64 6.41
N ALA N 382 -63.42 1.77 5.70
CA ALA N 382 -64.41 0.67 5.50
C ALA N 382 -63.77 -0.44 4.68
N LEU N 383 -63.03 -0.09 3.62
CA LEU N 383 -62.43 -1.06 2.66
C LEU N 383 -61.29 -1.82 3.33
N ALA N 384 -60.62 -1.22 4.32
CA ALA N 384 -59.54 -1.86 5.12
C ALA N 384 -60.13 -2.67 6.28
N ARG N 385 -61.45 -2.90 6.29
CA ARG N 385 -62.15 -3.69 7.34
C ARG N 385 -61.73 -5.17 7.25
N GLY N 386 -60.76 -5.57 8.06
CA GLY N 386 -60.35 -6.98 8.24
C GLY N 386 -59.43 -7.49 7.14
N VAL N 387 -58.61 -6.60 6.56
CA VAL N 387 -57.61 -6.92 5.50
C VAL N 387 -56.20 -6.75 6.07
N SER N 388 -55.20 -7.40 5.46
CA SER N 388 -53.76 -7.19 5.74
C SER N 388 -53.36 -5.77 5.30
N ASN N 389 -52.55 -5.08 6.11
CA ASN N 389 -52.17 -3.65 5.90
C ASN N 389 -51.39 -3.52 4.59
N ASN N 390 -50.70 -4.58 4.15
CA ASN N 390 -49.98 -4.62 2.84
C ASN N 390 -51.01 -4.69 1.71
N ALA N 391 -52.05 -5.51 1.87
CA ALA N 391 -53.12 -5.77 0.86
C ALA N 391 -53.94 -4.49 0.62
N PHE N 392 -54.21 -3.73 1.68
CA PHE N 392 -54.98 -2.45 1.63
C PHE N 392 -54.12 -1.33 1.04
N ARG N 393 -52.86 -1.23 1.49
CA ARG N 393 -51.86 -0.24 0.98
C ARG N 393 -51.62 -0.49 -0.52
N GLN N 394 -51.67 -1.75 -0.96
CA GLN N 394 -51.64 -2.13 -2.41
C GLN N 394 -52.82 -1.46 -3.13
N PHE N 395 -54.03 -1.72 -2.62
CA PHE N 395 -55.32 -1.19 -3.14
C PHE N 395 -55.27 0.34 -3.19
N VAL N 396 -54.69 0.98 -2.16
CA VAL N 396 -54.61 2.46 -2.02
C VAL N 396 -53.79 3.05 -3.19
N ILE N 397 -52.59 2.50 -3.46
CA ILE N 397 -51.72 2.94 -4.59
C ILE N 397 -52.48 2.69 -5.90
N GLY N 398 -53.16 1.55 -5.99
CA GLY N 398 -53.95 1.13 -7.15
C GLY N 398 -54.91 2.20 -7.60
N VAL N 399 -55.74 2.72 -6.68
CA VAL N 399 -56.84 3.70 -7.02
C VAL N 399 -56.19 5.08 -7.24
N THR N 400 -55.38 5.52 -6.28
CA THR N 400 -54.59 6.79 -6.34
C THR N 400 -53.80 6.83 -7.64
N GLY N 401 -53.04 5.77 -7.95
CA GLY N 401 -52.24 5.64 -9.18
C GLY N 401 -53.06 5.88 -10.43
N TYR N 402 -54.26 5.30 -10.49
CA TYR N 402 -55.22 5.43 -11.62
C TYR N 402 -55.74 6.87 -11.70
N ALA N 403 -56.21 7.43 -10.59
CA ALA N 403 -56.86 8.76 -10.53
C ALA N 403 -55.83 9.88 -10.73
N LYS N 404 -54.56 9.63 -10.37
CA LYS N 404 -53.45 10.62 -10.49
C LYS N 404 -52.96 10.68 -11.94
N GLN N 405 -53.14 9.63 -12.73
CA GLN N 405 -52.70 9.55 -14.16
C GLN N 405 -53.89 9.79 -15.11
N GLU N 406 -55.08 10.13 -14.59
CA GLU N 406 -56.31 10.33 -15.40
C GLU N 406 -56.84 11.77 -15.26
N GLU N 407 -56.15 12.63 -14.52
CA GLU N 407 -56.58 14.02 -14.20
C GLU N 407 -57.93 14.00 -13.48
N ILE N 408 -58.19 12.97 -12.67
CA ILE N 408 -59.45 12.81 -11.86
C ILE N 408 -59.14 13.16 -10.41
N THR N 409 -59.81 14.19 -9.88
CA THR N 409 -59.78 14.59 -8.45
C THR N 409 -60.33 13.43 -7.63
N GLY N 410 -59.61 13.02 -6.58
CA GLY N 410 -60.00 11.92 -5.68
C GLY N 410 -60.07 12.38 -4.23
N LEU N 411 -61.26 12.78 -3.76
CA LEU N 411 -61.55 13.01 -2.33
C LEU N 411 -61.94 11.69 -1.68
N PHE N 412 -61.01 11.04 -0.99
CA PHE N 412 -61.24 9.82 -0.18
C PHE N 412 -61.47 10.24 1.27
N THR N 413 -62.03 9.34 2.08
CA THR N 413 -62.37 9.59 3.50
C THR N 413 -61.76 8.50 4.38
N ASN N 414 -61.66 8.76 5.68
CA ASN N 414 -61.02 7.84 6.65
C ASN N 414 -61.51 8.17 8.07
N THR N 415 -62.47 7.39 8.59
CA THR N 415 -62.92 7.49 10.01
C THR N 415 -61.80 6.94 10.91
N SER N 416 -61.49 7.66 11.99
CA SER N 416 -60.45 7.32 12.99
C SER N 416 -61.07 6.48 14.12
N ASP N 417 -60.36 5.45 14.59
CA ASP N 417 -60.81 4.52 15.65
C ASP N 417 -61.03 5.28 16.97
N GLN N 418 -60.02 6.02 17.42
CA GLN N 418 -60.08 6.88 18.64
C GLN N 418 -60.65 8.24 18.25
N PHE N 419 -61.81 8.61 18.82
CA PHE N 419 -62.54 9.87 18.46
C PHE N 419 -61.80 11.10 19.01
N MET N 420 -61.42 11.08 20.29
CA MET N 420 -60.69 12.19 20.96
C MET N 420 -59.26 11.74 21.29
N GLY N 421 -58.27 12.56 20.93
CA GLY N 421 -56.83 12.31 21.15
C GLY N 421 -56.35 11.09 20.40
N ALA N 422 -56.46 11.11 19.07
CA ALA N 422 -56.04 10.01 18.17
C ALA N 422 -54.51 10.01 18.03
N HIS N 423 -53.93 8.89 17.61
CA HIS N 423 -52.46 8.69 17.51
C HIS N 423 -51.91 9.51 16.34
N SER N 424 -52.14 9.06 15.10
CA SER N 424 -51.66 9.70 13.85
C SER N 424 -52.84 10.10 12.98
N ILE N 425 -52.58 10.67 11.80
CA ILE N 425 -53.60 11.06 10.79
C ILE N 425 -54.48 9.84 10.51
N THR N 426 -53.93 8.82 9.84
CA THR N 426 -54.61 7.56 9.48
C THR N 426 -54.02 6.41 10.30
N ASP N 427 -54.84 5.39 10.60
CA ASP N 427 -54.44 4.19 11.36
C ASP N 427 -53.76 3.18 10.42
N SER N 428 -53.92 3.35 9.10
CA SER N 428 -53.31 2.48 8.06
C SER N 428 -52.01 3.10 7.53
N HIS N 429 -51.62 4.27 8.03
CA HIS N 429 -50.38 5.01 7.65
C HIS N 429 -50.35 5.17 6.13
N ILE N 430 -51.44 5.69 5.56
CA ILE N 430 -51.63 5.88 4.09
C ILE N 430 -51.52 7.38 3.75
N SEP N 431 -50.70 8.12 4.51
CA SEP N 431 -50.72 9.58 4.44
CB SEP N 431 -50.49 10.19 5.83
OG SEP N 431 -51.15 9.36 6.82
C SEP N 431 -49.69 10.11 3.43
O SEP N 431 -49.96 11.18 2.86
P SEP N 431 -50.41 9.14 8.25
O1P SEP N 431 -49.12 8.41 7.92
O2P SEP N 431 -50.18 10.53 8.82
O3P SEP N 431 -51.35 8.30 9.09
N TPO N 432 -48.56 9.42 3.23
CA TPO N 432 -47.52 9.81 2.23
CB TPO N 432 -46.16 9.13 2.51
CG2 TPO N 432 -45.46 9.75 3.69
OG1 TPO N 432 -46.37 7.70 2.79
P TPO N 432 -45.14 6.65 2.94
O1P TPO N 432 -43.96 7.28 2.24
O2P TPO N 432 -45.60 5.37 2.26
O3P TPO N 432 -44.90 6.47 4.43
C TPO N 432 -48.03 9.54 0.80
O TPO N 432 -47.31 9.91 -0.15
N ILE N 433 -49.23 8.95 0.68
CA ILE N 433 -49.88 8.56 -0.60
C ILE N 433 -50.81 9.70 -1.06
N THR N 434 -51.43 10.42 -0.14
CA THR N 434 -52.40 11.51 -0.42
C THR N 434 -51.65 12.85 -0.39
N ASP N 435 -52.12 13.83 -1.16
CA ASP N 435 -51.42 15.13 -1.38
C ASP N 435 -52.00 16.18 -0.43
N THR N 436 -53.33 16.31 -0.38
CA THR N 436 -54.05 17.29 0.46
C THR N 436 -54.82 16.53 1.56
N ILE N 437 -54.77 17.07 2.78
CA ILE N 437 -55.31 16.45 4.03
C ILE N 437 -56.17 17.49 4.76
N ILE N 438 -57.49 17.34 4.70
CA ILE N 438 -58.46 18.09 5.55
C ILE N 438 -58.68 17.29 6.84
N LEU N 439 -58.11 17.75 7.95
CA LEU N 439 -58.30 17.14 9.30
C LEU N 439 -59.48 17.82 9.99
N LEU N 440 -60.59 17.11 10.16
CA LEU N 440 -61.76 17.58 10.96
C LEU N 440 -61.89 16.68 12.18
N GLN N 441 -62.04 17.29 13.36
CA GLN N 441 -62.02 16.58 14.67
C GLN N 441 -63.00 17.23 15.64
N TYR N 442 -63.28 16.52 16.74
CA TYR N 442 -64.13 16.96 17.86
C TYR N 442 -63.30 17.78 18.85
N VAL N 443 -63.92 18.78 19.47
CA VAL N 443 -63.32 19.66 20.52
C VAL N 443 -64.40 19.96 21.56
N GLU N 444 -64.16 19.54 22.81
CA GLU N 444 -65.02 19.87 23.97
C GLU N 444 -64.74 21.31 24.40
N ILE N 445 -65.63 22.23 24.03
CA ILE N 445 -65.58 23.68 24.43
C ILE N 445 -66.63 23.89 25.53
N ARG N 446 -66.18 24.26 26.74
CA ARG N 446 -67.05 24.39 27.94
C ARG N 446 -67.55 22.99 28.33
N GLY N 447 -68.87 22.78 28.30
CA GLY N 447 -69.51 21.48 28.61
C GLY N 447 -70.23 20.93 27.41
N GLU N 448 -69.73 21.22 26.21
CA GLU N 448 -70.46 21.01 24.94
C GLU N 448 -69.53 20.37 23.91
N MET N 449 -70.07 19.46 23.10
CA MET N 449 -69.36 18.79 21.98
C MET N 449 -69.47 19.69 20.74
N SER N 450 -68.33 20.12 20.20
CA SER N 450 -68.25 20.86 18.92
C SER N 450 -67.11 20.26 18.10
N ARG N 451 -66.94 20.71 16.86
CA ARG N 451 -65.91 20.19 15.94
C ARG N 451 -65.15 21.37 15.33
N ALA N 452 -64.04 21.09 14.65
CA ALA N 452 -63.15 22.09 14.03
C ALA N 452 -62.47 21.48 12.81
N ILE N 453 -62.52 22.19 11.69
CA ILE N 453 -61.86 21.79 10.41
C ILE N 453 -60.46 22.42 10.40
N ASN N 454 -59.52 21.70 9.80
CA ASN N 454 -58.10 22.09 9.66
C ASN N 454 -57.62 21.48 8.33
N VAL N 455 -56.78 22.20 7.60
CA VAL N 455 -56.04 21.60 6.46
C VAL N 455 -54.98 20.69 7.11
N PHE N 456 -53.68 20.93 6.89
CA PHE N 456 -52.57 20.10 7.42
C PHE N 456 -51.43 20.15 6.42
N LYS N 457 -51.74 19.78 5.17
CA LYS N 457 -50.82 19.88 4.02
C LYS N 457 -51.60 20.07 2.73
N MET N 458 -51.11 20.95 1.86
CA MET N 458 -51.48 21.05 0.43
C MET N 458 -50.18 21.07 -0.39
N ARG N 459 -49.68 19.89 -0.77
CA ARG N 459 -48.48 19.76 -1.64
C ARG N 459 -48.67 20.67 -2.86
N GLY N 460 -48.05 21.86 -2.86
CA GLY N 460 -48.06 22.78 -4.01
C GLY N 460 -48.81 24.08 -3.74
N SER N 461 -49.44 24.22 -2.57
CA SER N 461 -50.23 25.41 -2.18
C SER N 461 -49.89 25.85 -0.75
N TRP N 462 -50.19 27.11 -0.44
CA TRP N 462 -49.84 27.80 0.83
C TRP N 462 -50.71 27.26 1.97
N HIS N 463 -52.04 27.29 1.79
CA HIS N 463 -53.10 26.75 2.70
C HIS N 463 -53.06 27.41 4.09
N ASP N 464 -54.25 27.60 4.68
CA ASP N 464 -54.49 28.22 6.01
C ASP N 464 -54.19 27.20 7.11
N LYS N 465 -52.99 27.28 7.70
CA LYS N 465 -52.54 26.36 8.78
C LYS N 465 -53.16 26.84 10.11
N ALA N 466 -54.42 26.46 10.37
CA ALA N 466 -55.21 26.88 11.53
C ALA N 466 -56.42 25.96 11.70
N ILE N 467 -56.72 25.57 12.95
CA ILE N 467 -57.88 24.69 13.30
C ILE N 467 -59.07 25.58 13.61
N ARG N 468 -59.90 25.84 12.61
CA ARG N 468 -61.10 26.73 12.72
C ARG N 468 -62.30 25.87 13.12
N GLU N 469 -63.15 26.39 14.01
CA GLU N 469 -64.45 25.78 14.39
C GLU N 469 -65.31 25.66 13.13
N PHE N 470 -66.35 24.83 13.16
CA PHE N 470 -67.40 24.77 12.11
C PHE N 470 -68.67 24.12 12.66
N MET N 471 -69.81 24.70 12.29
CA MET N 471 -71.18 24.19 12.61
C MET N 471 -71.81 23.63 11.33
N ILE N 472 -72.34 22.40 11.40
CA ILE N 472 -73.19 21.80 10.34
C ILE N 472 -74.63 22.25 10.55
N SER N 473 -75.35 22.56 9.47
CA SER N 473 -76.74 23.11 9.51
C SER N 473 -77.48 22.76 8.22
N ASP N 474 -78.66 23.35 8.04
CA ASP N 474 -79.57 23.14 6.87
C ASP N 474 -78.78 23.36 5.57
N LYS N 475 -77.98 24.43 5.51
CA LYS N 475 -77.26 24.87 4.27
C LYS N 475 -75.77 24.53 4.37
N GLY N 476 -75.42 23.42 5.03
CA GLY N 476 -74.08 22.82 4.99
C GLY N 476 -73.15 23.34 6.08
N PRO N 477 -71.81 23.21 5.91
CA PRO N 477 -70.84 23.55 6.94
C PRO N 477 -70.35 25.00 6.83
N ASP N 478 -70.77 25.84 7.78
CA ASP N 478 -70.30 27.24 7.95
C ASP N 478 -69.07 27.23 8.85
N ILE N 479 -67.92 27.67 8.32
CA ILE N 479 -66.65 27.83 9.10
C ILE N 479 -66.70 29.20 9.79
N LYS N 480 -66.10 29.30 10.98
CA LYS N 480 -66.06 30.54 11.81
C LYS N 480 -64.63 30.75 12.33
N ASP N 481 -64.48 31.38 13.50
CA ASP N 481 -63.17 31.75 14.11
C ASP N 481 -62.44 30.49 14.60
N SER N 482 -61.22 30.65 15.12
CA SER N 482 -60.30 29.57 15.55
C SER N 482 -60.26 29.46 17.07
N PHE N 483 -59.36 28.63 17.60
CA PHE N 483 -59.12 28.42 19.05
C PHE N 483 -57.88 29.21 19.49
N ARG N 484 -57.95 30.54 19.37
CA ARG N 484 -56.85 31.48 19.72
C ARG N 484 -56.60 31.45 21.24
N ASN N 485 -57.64 31.20 22.03
CA ASN N 485 -57.59 31.22 23.53
C ASN N 485 -57.73 29.79 24.07
N PHE N 486 -57.04 28.81 23.47
CA PHE N 486 -57.06 27.38 23.90
C PHE N 486 -55.69 26.73 23.64
N GLU N 487 -55.21 25.97 24.63
CA GLU N 487 -53.97 25.15 24.58
C GLU N 487 -54.35 23.67 24.66
N ARG N 488 -53.57 22.79 24.01
CA ARG N 488 -53.77 21.32 24.01
C ARG N 488 -55.11 20.98 23.34
N ILE N 489 -55.36 21.54 22.14
CA ILE N 489 -56.66 21.47 21.41
C ILE N 489 -56.65 20.35 20.36
N ILE N 490 -55.49 19.74 20.08
CA ILE N 490 -55.39 18.46 19.32
C ILE N 490 -55.93 17.33 20.22
N SER N 491 -55.75 17.48 21.53
CA SER N 491 -56.21 16.53 22.58
C SER N 491 -57.72 16.30 22.48
N GLY N 492 -58.48 17.34 22.12
CA GLY N 492 -59.97 17.33 22.14
C GLY N 492 -60.50 17.87 23.46
N SER N 493 -59.69 17.77 24.52
CA SER N 493 -59.86 18.47 25.81
C SER N 493 -58.77 19.53 25.95
N PRO N 494 -59.01 20.79 25.51
CA PRO N 494 -58.07 21.88 25.71
C PRO N 494 -58.21 22.55 27.09
N THR N 495 -57.45 23.62 27.32
CA THR N 495 -57.49 24.48 28.54
C THR N 495 -57.39 25.94 28.12
N ARG N 496 -58.21 26.81 28.73
CA ARG N 496 -58.30 28.27 28.39
C ARG N 496 -56.94 28.93 28.68
N ILE N 497 -56.17 29.23 27.62
CA ILE N 497 -54.83 29.87 27.72
C ILE N 497 -55.01 31.34 28.10
N ILE O 18 -58.91 -52.32 41.26
CA ILE O 18 -58.97 -51.12 42.14
C ILE O 18 -57.61 -50.91 42.84
N ALA O 19 -56.99 -51.98 43.36
CA ALA O 19 -55.76 -51.94 44.17
C ALA O 19 -54.59 -51.38 43.34
N LYS O 20 -53.83 -50.44 43.92
CA LYS O 20 -52.56 -49.93 43.35
C LYS O 20 -51.39 -50.31 44.26
N MET O 21 -50.20 -50.44 43.67
CA MET O 21 -48.91 -50.74 44.34
C MET O 21 -48.11 -49.45 44.44
N ARG O 22 -47.40 -49.23 45.55
CA ARG O 22 -46.55 -48.03 45.75
C ARG O 22 -45.29 -48.19 44.89
N THR O 23 -45.10 -47.30 43.90
CA THR O 23 -43.86 -47.17 43.08
C THR O 23 -42.72 -46.69 43.97
N MET O 24 -43.03 -45.82 44.94
CA MET O 24 -42.07 -45.20 45.88
C MET O 24 -41.14 -44.26 45.08
N ILE O 25 -41.63 -43.73 43.96
CA ILE O 25 -41.00 -42.63 43.16
C ILE O 25 -41.64 -41.32 43.64
N GLU O 26 -40.83 -40.30 43.90
CA GLU O 26 -41.27 -39.00 44.46
C GLU O 26 -42.27 -38.35 43.49
N GLY O 27 -43.51 -38.16 43.95
CA GLY O 27 -44.59 -37.53 43.16
C GLY O 27 -45.51 -38.55 42.52
N PHE O 28 -44.98 -39.67 42.01
CA PHE O 28 -45.73 -40.60 41.11
C PHE O 28 -46.99 -41.12 41.80
N ASP O 29 -46.86 -41.69 43.00
CA ASP O 29 -47.98 -42.30 43.76
C ASP O 29 -49.03 -41.22 44.06
N ASP O 30 -48.62 -39.97 44.23
CA ASP O 30 -49.53 -38.81 44.42
C ASP O 30 -50.28 -38.52 43.11
N ILE O 31 -49.57 -38.55 41.98
CA ILE O 31 -50.15 -38.35 40.61
C ILE O 31 -51.06 -39.55 40.27
N SER O 32 -50.79 -40.72 40.86
CA SER O 32 -51.40 -42.03 40.52
C SER O 32 -52.47 -42.46 41.56
N HIS O 33 -52.76 -41.62 42.57
CA HIS O 33 -53.77 -41.86 43.62
C HIS O 33 -53.65 -43.28 44.20
N GLY O 34 -52.43 -43.70 44.53
CA GLY O 34 -52.12 -45.04 45.08
C GLY O 34 -50.85 -45.61 44.47
N GLY O 35 -50.62 -45.33 43.18
CA GLY O 35 -49.48 -45.83 42.39
C GLY O 35 -49.96 -46.60 41.16
N LEU O 36 -49.29 -47.70 40.82
CA LEU O 36 -49.53 -48.52 39.60
C LEU O 36 -50.42 -49.72 39.94
N PRO O 37 -51.65 -49.79 39.38
CA PRO O 37 -52.58 -50.90 39.62
C PRO O 37 -51.99 -52.33 39.60
N ILE O 38 -52.48 -53.17 40.52
CA ILE O 38 -51.93 -54.53 40.80
C ILE O 38 -52.34 -55.48 39.67
N GLY O 39 -51.38 -56.28 39.18
CA GLY O 39 -51.62 -57.38 38.23
C GLY O 39 -51.90 -56.90 36.81
N ARG O 40 -51.59 -55.63 36.50
CA ARG O 40 -51.87 -55.03 35.17
C ARG O 40 -50.59 -54.44 34.57
N SER O 41 -50.56 -54.31 33.24
CA SER O 41 -49.44 -53.77 32.43
C SER O 41 -49.52 -52.24 32.40
N THR O 42 -48.38 -51.56 32.48
CA THR O 42 -48.26 -50.09 32.36
C THR O 42 -47.23 -49.76 31.28
N LEU O 43 -47.63 -49.00 30.27
CA LEU O 43 -46.74 -48.52 29.18
C LEU O 43 -46.09 -47.20 29.64
N VAL O 44 -44.77 -47.11 29.55
CA VAL O 44 -43.98 -45.86 29.76
C VAL O 44 -43.24 -45.57 28.44
N SER O 45 -44.01 -45.19 27.42
CA SER O 45 -43.49 -44.72 26.11
C SER O 45 -42.81 -43.36 26.31
N GLY O 46 -41.82 -43.08 25.50
CA GLY O 46 -41.09 -41.80 25.49
C GLY O 46 -40.02 -41.78 24.41
N THR O 47 -39.68 -40.58 23.93
CA THR O 47 -38.52 -40.33 23.03
C THR O 47 -37.26 -40.87 23.70
N SER O 48 -36.12 -40.83 22.99
CA SER O 48 -34.80 -41.24 23.53
C SER O 48 -34.41 -40.32 24.69
N GLY O 49 -33.78 -40.89 25.72
CA GLY O 49 -33.16 -40.15 26.84
C GLY O 49 -34.17 -39.47 27.75
N THR O 50 -35.30 -40.12 28.05
CA THR O 50 -36.43 -39.53 28.82
C THR O 50 -36.52 -40.11 30.24
N GLY O 51 -36.12 -41.36 30.45
CA GLY O 51 -36.13 -42.03 31.78
C GLY O 51 -36.96 -43.30 31.81
N LYS O 52 -37.10 -44.00 30.68
CA LYS O 52 -37.90 -45.25 30.58
C LYS O 52 -37.08 -46.39 31.20
N THR O 53 -35.83 -46.56 30.74
CA THR O 53 -34.83 -47.54 31.26
C THR O 53 -34.62 -47.33 32.76
N LEU O 54 -34.72 -46.08 33.25
CA LEU O 54 -34.54 -45.74 34.69
C LEU O 54 -35.81 -46.08 35.47
N PHE O 55 -36.95 -45.46 35.12
CA PHE O 55 -38.29 -45.67 35.76
C PHE O 55 -38.55 -47.19 35.90
N SER O 56 -38.29 -47.93 34.83
CA SER O 56 -38.39 -49.41 34.78
C SER O 56 -37.59 -50.03 35.92
N ILE O 57 -36.30 -49.64 36.05
CA ILE O 57 -35.35 -50.12 37.08
C ILE O 57 -35.82 -49.69 38.47
N GLN O 58 -36.14 -48.40 38.65
CA GLN O 58 -36.50 -47.77 39.95
C GLN O 58 -37.71 -48.50 40.57
N PHE O 59 -38.67 -48.91 39.75
CA PHE O 59 -39.95 -49.57 40.15
C PHE O 59 -39.67 -50.93 40.82
N LEU O 60 -38.61 -51.62 40.40
CA LEU O 60 -38.22 -52.95 40.96
C LEU O 60 -37.33 -52.75 42.19
N TYR O 61 -36.42 -51.77 42.14
CA TYR O 61 -35.43 -51.49 43.21
C TYR O 61 -36.17 -51.02 44.47
N ASN O 62 -37.17 -50.15 44.32
CA ASN O 62 -38.00 -49.62 45.43
C ASN O 62 -38.90 -50.74 45.99
N GLY O 63 -39.23 -51.74 45.16
CA GLY O 63 -39.93 -52.95 45.60
C GLY O 63 -39.10 -53.75 46.58
N ILE O 64 -37.87 -54.09 46.19
CA ILE O 64 -36.94 -55.01 46.93
C ILE O 64 -36.57 -54.39 48.28
N ILE O 65 -36.19 -53.11 48.29
CA ILE O 65 -35.62 -52.39 49.47
C ILE O 65 -36.74 -52.07 50.47
N GLU O 66 -37.90 -51.60 50.00
CA GLU O 66 -38.94 -50.94 50.84
C GLU O 66 -39.84 -51.97 51.52
N PHE O 67 -40.30 -53.00 50.80
CA PHE O 67 -41.36 -53.96 51.24
C PHE O 67 -40.93 -55.43 51.14
N ASP O 68 -39.67 -55.71 50.80
CA ASP O 68 -39.16 -57.09 50.55
C ASP O 68 -39.98 -57.72 49.41
N GLU O 69 -40.20 -56.97 48.33
CA GLU O 69 -40.91 -57.42 47.10
C GLU O 69 -39.88 -57.64 45.99
N PRO O 70 -39.69 -58.90 45.52
CA PRO O 70 -38.71 -59.15 44.45
C PRO O 70 -39.29 -58.77 43.08
N GLY O 71 -38.42 -58.57 42.09
CA GLY O 71 -38.79 -58.09 40.74
C GLY O 71 -37.97 -58.77 39.65
N VAL O 72 -38.47 -58.69 38.40
CA VAL O 72 -37.85 -59.30 37.19
C VAL O 72 -37.70 -58.20 36.13
N PHE O 73 -36.47 -57.93 35.68
CA PHE O 73 -36.15 -56.96 34.62
C PHE O 73 -35.77 -57.71 33.34
N VAL O 74 -36.65 -57.66 32.33
CA VAL O 74 -36.43 -58.29 30.99
C VAL O 74 -35.72 -57.26 30.10
N THR O 75 -34.49 -57.55 29.68
CA THR O 75 -33.65 -56.62 28.88
C THR O 75 -33.58 -57.13 27.43
N PHE O 76 -33.61 -56.18 26.49
CA PHE O 76 -33.45 -56.36 25.02
C PHE O 76 -32.37 -55.36 24.56
N GLU O 77 -31.39 -55.82 23.78
CA GLU O 77 -30.24 -55.00 23.30
C GLU O 77 -29.24 -54.81 24.45
N GLU O 78 -29.64 -54.13 25.53
CA GLU O 78 -28.78 -53.81 26.70
C GLU O 78 -28.36 -55.12 27.40
N THR O 79 -27.05 -55.32 27.57
CA THR O 79 -26.43 -56.51 28.23
C THR O 79 -26.76 -56.47 29.73
N PRO O 80 -27.11 -57.60 30.38
CA PRO O 80 -27.34 -57.63 31.82
C PRO O 80 -26.25 -56.91 32.63
N GLN O 81 -24.99 -57.08 32.22
CA GLN O 81 -23.78 -56.52 32.89
C GLN O 81 -23.85 -54.99 32.95
N ASP O 82 -24.41 -54.35 31.92
CA ASP O 82 -24.53 -52.86 31.83
C ASP O 82 -25.74 -52.39 32.65
N ILE O 83 -26.88 -53.10 32.58
CA ILE O 83 -28.11 -52.81 33.39
C ILE O 83 -27.69 -52.66 34.86
N ILE O 84 -26.89 -53.62 35.37
CA ILE O 84 -26.30 -53.60 36.74
C ILE O 84 -25.43 -52.35 36.89
N LYS O 85 -24.48 -52.14 35.97
CA LYS O 85 -23.38 -51.14 36.09
C LYS O 85 -23.92 -49.71 35.97
N ASN O 86 -24.88 -49.46 35.07
CA ASN O 86 -25.46 -48.10 34.83
C ASN O 86 -26.17 -47.61 36.10
N ALA O 87 -27.02 -48.45 36.69
CA ALA O 87 -27.81 -48.16 37.91
C ALA O 87 -26.87 -47.82 39.08
N ARG O 88 -25.65 -48.36 39.07
CA ARG O 88 -24.57 -48.06 40.06
C ARG O 88 -24.42 -46.55 40.22
N SER O 89 -24.59 -45.80 39.12
CA SER O 89 -24.55 -44.31 39.08
C SER O 89 -25.45 -43.73 40.17
N PHE O 90 -26.65 -44.28 40.36
CA PHE O 90 -27.72 -43.74 41.24
C PHE O 90 -27.52 -44.19 42.69
N GLY O 91 -26.66 -45.19 42.92
CA GLY O 91 -26.44 -45.79 44.25
C GLY O 91 -27.16 -47.12 44.41
N TRP O 92 -28.03 -47.48 43.46
CA TRP O 92 -28.74 -48.78 43.46
C TRP O 92 -27.70 -49.87 43.22
N ASP O 93 -27.44 -50.75 44.20
CA ASP O 93 -26.42 -51.83 44.09
C ASP O 93 -27.12 -53.12 43.64
N LEU O 94 -27.52 -53.18 42.37
CA LEU O 94 -28.33 -54.28 41.78
C LEU O 94 -27.52 -55.59 41.78
N ALA O 95 -26.20 -55.53 41.60
CA ALA O 95 -25.27 -56.70 41.64
C ALA O 95 -25.49 -57.46 42.96
N LYS O 96 -25.61 -56.73 44.07
CA LYS O 96 -25.89 -57.28 45.43
C LYS O 96 -27.28 -57.93 45.45
N LEU O 97 -28.28 -57.26 44.89
CA LEU O 97 -29.69 -57.72 44.84
C LEU O 97 -29.81 -58.91 43.87
N VAL O 98 -28.99 -58.95 42.83
CA VAL O 98 -28.95 -60.04 41.81
C VAL O 98 -28.50 -61.34 42.49
N ASP O 99 -27.38 -61.29 43.22
CA ASP O 99 -26.76 -62.45 43.92
C ASP O 99 -27.68 -62.90 45.07
N GLU O 100 -28.42 -61.97 45.68
CA GLU O 100 -29.23 -62.21 46.90
C GLU O 100 -30.62 -62.77 46.56
N GLY O 101 -30.96 -62.91 45.27
CA GLY O 101 -32.24 -63.48 44.81
C GLY O 101 -33.42 -62.55 45.04
N LYS O 102 -33.16 -61.24 45.16
CA LYS O 102 -34.20 -60.18 45.29
C LYS O 102 -34.56 -59.68 43.88
N LEU O 103 -33.55 -59.26 43.12
CA LEU O 103 -33.67 -58.89 41.69
C LEU O 103 -33.29 -60.10 40.83
N PHE O 104 -33.84 -60.20 39.63
CA PHE O 104 -33.40 -61.15 38.57
C PHE O 104 -33.55 -60.49 37.19
N ILE O 105 -32.44 -60.39 36.45
CA ILE O 105 -32.43 -59.91 35.04
C ILE O 105 -32.56 -61.14 34.12
N LEU O 106 -33.40 -61.04 33.10
CA LEU O 106 -33.62 -62.09 32.05
C LEU O 106 -33.12 -61.54 30.70
N ASP O 107 -31.89 -61.90 30.32
CA ASP O 107 -31.19 -61.41 29.09
C ASP O 107 -31.91 -61.95 27.85
N ALA O 108 -32.99 -61.29 27.44
CA ALA O 108 -33.74 -61.56 26.18
C ALA O 108 -33.17 -60.68 25.06
N SER O 109 -31.88 -60.84 24.77
CA SER O 109 -31.12 -60.05 23.77
C SER O 109 -30.40 -60.98 22.80
N PRO O 110 -30.15 -60.54 21.53
CA PRO O 110 -29.42 -61.34 20.56
C PRO O 110 -27.91 -61.01 20.54
N ASP O 111 -27.06 -62.02 20.76
CA ASP O 111 -25.58 -61.86 20.75
C ASP O 111 -25.14 -61.46 19.33
N PRO O 112 -24.03 -60.69 19.18
CA PRO O 112 -23.54 -60.27 17.86
C PRO O 112 -23.34 -61.38 16.82
N GLU O 113 -24.39 -62.15 16.52
CA GLU O 113 -24.34 -63.36 15.64
C GLU O 113 -25.56 -63.37 14.72
N PHE O 121 -42.85 -68.90 18.18
CA PHE O 121 -41.72 -69.52 18.91
C PHE O 121 -41.18 -68.56 20.00
N ASP O 122 -40.97 -67.30 19.65
CA ASP O 122 -40.30 -66.26 20.50
C ASP O 122 -41.22 -65.85 21.66
N LEU O 123 -42.43 -65.39 21.36
CA LEU O 123 -43.36 -64.76 22.34
C LEU O 123 -43.85 -65.80 23.36
N SER O 124 -44.08 -67.05 22.92
CA SER O 124 -44.45 -68.19 23.80
C SER O 124 -43.29 -68.47 24.76
N ALA O 125 -42.06 -68.52 24.23
CA ALA O 125 -40.81 -68.83 24.96
C ALA O 125 -40.50 -67.73 25.99
N LEU O 126 -40.52 -66.46 25.56
CA LEU O 126 -40.27 -65.27 26.43
C LEU O 126 -41.35 -65.20 27.53
N ILE O 127 -42.56 -65.67 27.25
CA ILE O 127 -43.72 -65.66 28.21
C ILE O 127 -43.48 -66.72 29.30
N GLU O 128 -43.11 -67.95 28.91
CA GLU O 128 -42.82 -69.09 29.84
C GLU O 128 -41.68 -68.70 30.78
N ARG O 129 -40.59 -68.17 30.22
CA ARG O 129 -39.39 -67.72 30.97
C ARG O 129 -39.82 -66.76 32.08
N ILE O 130 -40.71 -65.81 31.75
CA ILE O 130 -41.28 -64.81 32.71
C ILE O 130 -42.08 -65.53 33.80
N ASN O 131 -42.82 -66.59 33.45
CA ASN O 131 -43.64 -67.40 34.40
C ASN O 131 -42.74 -67.97 35.50
N TYR O 132 -41.61 -68.58 35.12
CA TYR O 132 -40.66 -69.27 36.03
C TYR O 132 -39.98 -68.23 36.94
N ALA O 133 -39.34 -67.22 36.35
CA ALA O 133 -38.66 -66.09 37.04
C ALA O 133 -39.62 -65.48 38.07
N ILE O 134 -40.92 -65.51 37.80
CA ILE O 134 -42.01 -65.10 38.75
C ILE O 134 -42.05 -66.12 39.89
N GLN O 135 -42.23 -67.41 39.58
CA GLN O 135 -42.50 -68.49 40.58
C GLN O 135 -41.24 -68.81 41.40
N LYS O 136 -40.07 -68.78 40.77
CA LYS O 136 -38.77 -69.10 41.43
C LYS O 136 -38.52 -68.08 42.55
N TYR O 137 -38.45 -66.79 42.19
CA TYR O 137 -38.12 -65.67 43.10
C TYR O 137 -39.38 -65.15 43.81
N ARG O 138 -40.57 -65.66 43.44
CA ARG O 138 -41.88 -65.27 44.03
C ARG O 138 -42.07 -63.75 43.88
N ALA O 139 -41.93 -63.24 42.66
CA ALA O 139 -41.89 -61.79 42.34
C ALA O 139 -43.31 -61.25 42.17
N ARG O 140 -43.55 -60.03 42.66
CA ARG O 140 -44.82 -59.28 42.52
C ARG O 140 -44.67 -58.15 41.49
N ARG O 141 -43.43 -57.86 41.06
CA ARG O 141 -43.13 -56.79 40.08
C ARG O 141 -42.36 -57.37 38.90
N VAL O 142 -42.61 -56.84 37.70
CA VAL O 142 -41.86 -57.13 36.45
C VAL O 142 -41.79 -55.82 35.67
N SER O 143 -40.75 -55.62 34.87
CA SER O 143 -40.64 -54.45 33.94
C SER O 143 -39.84 -54.84 32.69
N ILE O 144 -40.52 -54.83 31.53
CA ILE O 144 -39.94 -55.16 30.20
C ILE O 144 -39.42 -53.87 29.56
N ASP O 145 -38.14 -53.86 29.16
CA ASP O 145 -37.40 -52.69 28.60
C ASP O 145 -36.51 -53.17 27.45
N SER O 146 -36.92 -53.00 26.19
CA SER O 146 -38.16 -52.37 25.76
C SER O 146 -38.93 -53.34 24.85
N VAL O 147 -40.27 -53.36 24.95
CA VAL O 147 -41.17 -54.26 24.17
C VAL O 147 -41.17 -53.86 22.69
N THR O 148 -40.74 -52.63 22.37
CA THR O 148 -40.74 -52.05 21.00
C THR O 148 -39.75 -52.79 20.10
N SER O 149 -38.47 -52.85 20.50
CA SER O 149 -37.31 -53.23 19.65
C SER O 149 -37.41 -54.69 19.18
N VAL O 150 -38.04 -55.57 19.97
CA VAL O 150 -38.21 -57.03 19.65
C VAL O 150 -38.98 -57.18 18.34
N PHE O 151 -39.94 -56.28 18.07
CA PHE O 151 -40.79 -56.28 16.85
C PHE O 151 -39.95 -55.85 15.64
N ASP O 155 -42.11 -54.72 12.39
CA ASP O 155 -42.60 -55.42 11.17
C ASP O 155 -43.81 -54.68 10.59
N ALA O 156 -44.95 -54.69 11.31
CA ALA O 156 -46.23 -54.10 10.88
C ALA O 156 -47.03 -53.62 12.10
N SER O 157 -47.96 -52.68 11.89
CA SER O 157 -48.81 -52.06 12.92
C SER O 157 -49.84 -53.08 13.43
N SER O 158 -50.56 -53.73 12.52
CA SER O 158 -51.61 -54.74 12.81
C SER O 158 -50.99 -55.97 13.49
N VAL O 159 -49.81 -56.40 13.02
CA VAL O 159 -49.03 -57.57 13.55
C VAL O 159 -48.61 -57.29 14.99
N VAL O 160 -48.10 -56.08 15.26
CA VAL O 160 -47.57 -55.66 16.60
C VAL O 160 -48.72 -55.59 17.62
N ARG O 161 -49.91 -55.14 17.20
CA ARG O 161 -51.11 -54.97 18.08
C ARG O 161 -51.50 -56.33 18.67
N ARG O 162 -51.49 -57.39 17.86
CA ARG O 162 -51.87 -58.77 18.25
C ARG O 162 -50.80 -59.35 19.19
N GLU O 163 -49.52 -59.19 18.84
CA GLU O 163 -48.37 -59.74 19.63
C GLU O 163 -48.21 -58.95 20.94
N LEU O 164 -48.42 -57.63 20.91
CA LEU O 164 -48.45 -56.78 22.13
C LEU O 164 -49.65 -57.17 22.99
N PHE O 165 -50.79 -57.47 22.36
CA PHE O 165 -52.01 -58.02 23.02
C PHE O 165 -51.67 -59.38 23.63
N ARG O 166 -50.96 -60.22 22.87
CA ARG O 166 -50.53 -61.59 23.27
C ARG O 166 -49.76 -61.53 24.59
N LEU O 167 -48.81 -60.58 24.73
CA LEU O 167 -47.91 -60.47 25.90
C LEU O 167 -48.70 -59.97 27.12
N VAL O 168 -49.34 -58.80 27.00
CA VAL O 168 -50.10 -58.13 28.10
C VAL O 168 -51.19 -59.08 28.62
N ALA O 169 -51.86 -59.82 27.72
CA ALA O 169 -52.94 -60.78 28.04
C ALA O 169 -52.38 -61.90 28.93
N ARG O 170 -51.25 -62.48 28.53
CA ARG O 170 -50.56 -63.58 29.26
C ARG O 170 -50.12 -63.06 30.64
N LEU O 171 -49.51 -61.86 30.67
CA LEU O 171 -48.98 -61.20 31.89
C LEU O 171 -50.08 -60.99 32.93
N LYS O 172 -51.29 -60.66 32.47
CA LYS O 172 -52.50 -60.50 33.32
C LYS O 172 -52.82 -61.85 33.98
N GLN O 173 -52.87 -62.92 33.17
CA GLN O 173 -53.16 -64.31 33.61
C GLN O 173 -52.06 -64.81 34.53
N ILE O 174 -50.80 -64.48 34.22
CA ILE O 174 -49.60 -64.74 35.08
C ILE O 174 -49.82 -64.05 36.43
N GLY O 175 -50.37 -62.84 36.41
CA GLY O 175 -50.84 -62.11 37.61
C GLY O 175 -49.74 -61.31 38.27
N ALA O 176 -49.07 -60.44 37.50
CA ALA O 176 -47.97 -59.57 37.97
C ALA O 176 -48.21 -58.14 37.49
N THR O 177 -48.20 -57.18 38.42
CA THR O 177 -48.05 -55.72 38.11
C THR O 177 -46.75 -55.59 37.32
N THR O 178 -46.77 -54.84 36.21
CA THR O 178 -45.64 -54.81 35.25
C THR O 178 -45.63 -53.52 34.43
N VAL O 179 -44.45 -52.88 34.36
CA VAL O 179 -44.16 -51.73 33.46
C VAL O 179 -43.66 -52.30 32.13
N MET O 180 -43.93 -51.59 31.04
CA MET O 180 -43.43 -51.93 29.68
C MET O 180 -42.98 -50.62 29.01
N THR O 181 -41.69 -50.52 28.71
CA THR O 181 -41.08 -49.34 28.06
C THR O 181 -41.42 -49.38 26.56
N THR O 182 -41.54 -48.21 25.93
CA THR O 182 -41.76 -48.06 24.47
C THR O 182 -40.96 -46.86 23.93
N GLU O 183 -40.63 -46.91 22.64
CA GLU O 183 -39.94 -45.83 21.89
C GLU O 183 -40.98 -44.92 21.22
N ARG O 184 -40.67 -43.63 21.13
CA ARG O 184 -41.41 -42.63 20.32
C ARG O 184 -40.43 -41.99 19.34
N ILE O 185 -40.95 -41.44 18.23
CA ILE O 185 -40.16 -40.66 17.23
C ILE O 185 -40.33 -39.18 17.54
N GLU O 186 -41.58 -38.71 17.57
CA GLU O 186 -41.96 -37.29 17.79
C GLU O 186 -42.15 -37.01 19.27
N GLU O 187 -42.26 -35.71 19.63
CA GLU O 187 -42.38 -35.22 21.02
C GLU O 187 -43.84 -34.85 21.34
N TYR O 188 -44.65 -34.52 20.33
CA TYR O 188 -46.12 -34.38 20.44
C TYR O 188 -46.81 -35.19 19.32
N GLY O 189 -46.14 -36.24 18.83
CA GLY O 189 -46.67 -37.16 17.79
C GLY O 189 -47.59 -38.21 18.39
N PRO O 190 -47.56 -39.48 17.90
CA PRO O 190 -48.37 -40.55 18.50
C PRO O 190 -47.81 -40.95 19.87
N ILE O 191 -48.65 -41.54 20.72
CA ILE O 191 -48.34 -41.80 22.16
C ILE O 191 -47.20 -42.82 22.27
N ALA O 192 -47.24 -43.90 21.48
CA ALA O 192 -46.19 -44.94 21.45
C ALA O 192 -45.41 -44.82 20.12
N ARG O 193 -45.29 -45.90 19.33
CA ARG O 193 -44.34 -46.01 18.20
C ARG O 193 -45.04 -46.50 16.93
N TYR O 194 -45.62 -47.70 16.97
CA TYR O 194 -46.31 -48.37 15.83
C TYR O 194 -47.62 -47.63 15.50
N GLY O 195 -48.19 -46.91 16.47
CA GLY O 195 -49.47 -46.19 16.34
C GLY O 195 -50.62 -46.92 17.03
N VAL O 196 -50.40 -48.19 17.38
CA VAL O 196 -51.36 -49.02 18.17
C VAL O 196 -50.80 -49.08 19.60
N GLU O 197 -50.88 -50.21 20.32
CA GLU O 197 -50.22 -50.49 21.64
C GLU O 197 -50.71 -49.52 22.74
N GLU O 198 -50.97 -48.26 22.43
CA GLU O 198 -51.58 -47.27 23.38
C GLU O 198 -52.96 -47.79 23.83
N PHE O 199 -53.71 -48.40 22.90
CA PHE O 199 -55.12 -48.83 23.06
C PHE O 199 -55.19 -50.23 23.69
N VAL O 200 -54.06 -50.94 23.72
CA VAL O 200 -54.00 -52.34 24.26
C VAL O 200 -53.92 -52.26 25.77
N SER O 201 -52.91 -51.56 26.29
CA SER O 201 -52.57 -51.48 27.74
C SER O 201 -53.76 -50.97 28.54
N ASP O 202 -53.87 -51.42 29.78
CA ASP O 202 -54.78 -50.84 30.81
C ASP O 202 -54.26 -49.43 31.16
N ASN O 203 -52.96 -49.32 31.44
CA ASN O 203 -52.33 -48.09 32.00
C ASN O 203 -51.27 -47.57 31.03
N VAL O 204 -51.10 -46.24 30.99
CA VAL O 204 -50.26 -45.50 29.99
C VAL O 204 -49.68 -44.26 30.67
N VAL O 205 -48.36 -44.08 30.52
CA VAL O 205 -47.58 -42.95 31.11
C VAL O 205 -46.64 -42.43 30.01
N ILE O 206 -46.73 -41.14 29.70
CA ILE O 206 -45.90 -40.49 28.64
C ILE O 206 -44.83 -39.65 29.33
N LEU O 207 -43.56 -40.03 29.13
CA LEU O 207 -42.37 -39.20 29.46
C LEU O 207 -41.97 -38.46 28.19
N ARG O 208 -41.60 -37.19 28.32
CA ARG O 208 -41.19 -36.34 27.19
C ARG O 208 -40.11 -35.36 27.65
N ASN O 209 -39.24 -34.98 26.71
CA ASN O 209 -38.05 -34.14 26.95
C ASN O 209 -38.20 -32.89 26.08
N VAL O 210 -39.35 -32.21 26.20
CA VAL O 210 -39.72 -31.03 25.37
C VAL O 210 -38.59 -30.00 25.46
N LEU O 211 -38.27 -29.38 24.33
CA LEU O 211 -37.21 -28.34 24.19
C LEU O 211 -37.88 -26.97 24.07
N GLU O 212 -37.72 -26.11 25.08
CA GLU O 212 -38.40 -24.79 25.17
C GLU O 212 -37.85 -23.87 24.07
N GLY O 213 -36.66 -23.30 24.30
CA GLY O 213 -35.90 -22.53 23.30
C GLY O 213 -34.60 -23.24 22.97
N GLU O 214 -33.68 -23.29 23.94
CA GLU O 214 -32.44 -24.10 23.91
C GLU O 214 -32.37 -25.02 25.13
N ARG O 215 -33.00 -24.66 26.25
CA ARG O 215 -33.07 -25.48 27.48
C ARG O 215 -34.04 -26.64 27.27
N ARG O 216 -33.67 -27.84 27.73
CA ARG O 216 -34.53 -29.05 27.70
C ARG O 216 -35.31 -29.13 29.02
N ARG O 217 -36.56 -29.57 28.94
CA ARG O 217 -37.48 -29.77 30.09
C ARG O 217 -38.07 -31.18 30.03
N ARG O 218 -38.21 -31.83 31.18
CA ARG O 218 -38.76 -33.21 31.30
C ARG O 218 -40.09 -33.13 32.05
N THR O 219 -41.14 -33.75 31.50
CA THR O 219 -42.47 -33.85 32.15
C THR O 219 -43.01 -35.28 32.06
N LEU O 220 -43.82 -35.64 33.04
CA LEU O 220 -44.55 -36.94 33.12
C LEU O 220 -46.04 -36.64 33.12
N GLU O 221 -46.81 -37.37 32.32
CA GLU O 221 -48.29 -37.43 32.45
C GLU O 221 -48.74 -38.89 32.40
N ILE O 222 -49.74 -39.23 33.21
CA ILE O 222 -50.51 -40.50 33.13
C ILE O 222 -51.72 -40.24 32.22
N LEU O 223 -51.70 -40.78 31.00
CA LEU O 223 -52.77 -40.58 29.99
C LEU O 223 -54.06 -41.21 30.52
N LYS O 224 -53.98 -42.44 31.05
CA LYS O 224 -55.12 -43.18 31.66
C LYS O 224 -54.62 -44.28 32.60
N LEU O 225 -55.53 -44.79 33.44
CA LEU O 225 -55.29 -45.96 34.35
C LEU O 225 -56.58 -46.78 34.52
N ARG O 226 -57.49 -46.72 33.53
CA ARG O 226 -58.88 -47.28 33.50
C ARG O 226 -59.22 -48.14 34.73
N GLY O 227 -60.38 -47.86 35.32
CA GLY O 227 -60.84 -48.42 36.62
C GLY O 227 -60.73 -47.39 37.71
N THR O 228 -59.54 -46.80 37.87
CA THR O 228 -59.20 -45.90 39.01
C THR O 228 -58.86 -44.49 38.52
N SER O 229 -58.69 -43.59 39.49
CA SER O 229 -58.34 -42.16 39.30
C SER O 229 -56.82 -41.99 39.24
N HIS O 230 -56.41 -40.84 38.73
CA HIS O 230 -55.01 -40.34 38.63
C HIS O 230 -55.12 -38.84 38.36
N MET O 231 -54.01 -38.12 38.40
CA MET O 231 -53.99 -36.66 38.15
C MET O 231 -53.80 -36.40 36.66
N LYS O 232 -54.64 -35.54 36.08
CA LYS O 232 -54.64 -35.21 34.64
C LYS O 232 -53.47 -34.25 34.33
N GLY O 233 -53.03 -34.22 33.06
CA GLY O 233 -52.04 -33.27 32.55
C GLY O 233 -50.62 -33.72 32.84
N GLU O 234 -49.63 -32.90 32.46
CA GLU O 234 -48.19 -33.25 32.61
C GLU O 234 -47.57 -32.47 33.77
N TYR O 235 -46.64 -33.13 34.47
CA TYR O 235 -45.96 -32.65 35.70
C TYR O 235 -44.45 -32.71 35.48
N PRO O 236 -43.71 -31.62 35.78
CA PRO O 236 -42.27 -31.59 35.55
C PRO O 236 -41.58 -32.51 36.55
N PHE O 237 -40.46 -33.11 36.15
CA PHE O 237 -39.63 -33.98 37.03
C PHE O 237 -38.16 -33.78 36.70
N THR O 238 -37.30 -34.37 37.51
CA THR O 238 -35.83 -34.25 37.43
C THR O 238 -35.19 -35.62 37.62
N ILE O 239 -34.25 -35.98 36.75
CA ILE O 239 -33.33 -37.13 36.96
C ILE O 239 -32.07 -36.60 37.65
N THR O 240 -31.93 -36.93 38.92
CA THR O 240 -30.75 -36.64 39.79
C THR O 240 -30.06 -37.97 40.11
N ASP O 241 -29.04 -37.92 40.98
CA ASP O 241 -28.39 -39.12 41.57
C ASP O 241 -29.43 -39.94 42.35
N HIS O 242 -30.54 -39.33 42.78
CA HIS O 242 -31.62 -39.99 43.57
C HIS O 242 -32.73 -40.54 42.64
N GLY O 243 -32.56 -40.40 41.31
CA GLY O 243 -33.47 -40.97 40.30
C GLY O 243 -34.54 -39.98 39.86
N ILE O 244 -35.68 -40.49 39.37
CA ILE O 244 -36.85 -39.67 38.96
C ILE O 244 -37.50 -39.11 40.22
N ASN O 245 -37.71 -37.79 40.27
CA ASN O 245 -38.39 -37.06 41.37
C ASN O 245 -39.40 -36.08 40.76
N ILE O 246 -40.62 -36.55 40.54
CA ILE O 246 -41.75 -35.70 40.03
C ILE O 246 -42.18 -34.77 41.17
N PHE O 247 -42.42 -33.50 40.84
CA PHE O 247 -42.87 -32.44 41.77
C PHE O 247 -44.31 -32.07 41.42
N PRO O 248 -45.33 -32.70 42.03
CA PRO O 248 -46.73 -32.36 41.78
C PRO O 248 -47.12 -31.06 42.51
N LEU O 249 -48.37 -30.65 42.37
CA LEU O 249 -48.93 -29.40 42.98
C LEU O 249 -49.41 -29.69 44.41
N GLY O 250 -50.53 -30.42 44.55
CA GLY O 250 -51.27 -30.62 45.80
C GLY O 250 -50.36 -30.76 47.02
N SER O 258 -49.69 -22.12 60.69
CA SER O 258 -49.32 -20.68 60.73
C SER O 258 -49.05 -20.25 62.18
N SER O 259 -48.38 -19.11 62.37
CA SER O 259 -48.09 -18.51 63.70
C SER O 259 -48.21 -16.98 63.63
N ASN O 260 -48.23 -16.34 64.81
CA ASN O 260 -48.24 -14.86 64.97
C ASN O 260 -46.84 -14.36 65.33
N VAL O 261 -45.90 -15.28 65.58
CA VAL O 261 -44.51 -14.95 66.03
C VAL O 261 -43.93 -13.92 65.06
N ARG O 262 -43.27 -12.90 65.60
CA ARG O 262 -42.61 -11.84 64.81
C ARG O 262 -41.11 -12.15 64.66
N VAL O 263 -40.49 -11.46 63.71
CA VAL O 263 -39.05 -11.57 63.34
C VAL O 263 -38.67 -10.20 62.76
N SER O 264 -37.42 -9.78 62.95
CA SER O 264 -36.93 -8.46 62.45
C SER O 264 -36.48 -8.60 61.00
N SER O 265 -36.71 -7.54 60.23
CA SER O 265 -36.26 -7.36 58.81
C SER O 265 -34.73 -7.23 58.75
N GLY O 266 -34.13 -6.62 59.77
CA GLY O 266 -32.74 -6.15 59.77
C GLY O 266 -32.69 -4.66 60.06
N VAL O 267 -33.73 -3.93 59.64
CA VAL O 267 -33.86 -2.44 59.80
C VAL O 267 -34.91 -2.17 60.89
N VAL O 268 -34.48 -1.66 62.04
CA VAL O 268 -35.34 -1.36 63.23
C VAL O 268 -36.49 -0.47 62.78
N ARG O 269 -36.20 0.55 61.96
CA ARG O 269 -37.20 1.55 61.48
C ARG O 269 -38.22 0.88 60.58
N LEU O 270 -37.82 -0.10 59.75
CA LEU O 270 -38.71 -0.82 58.79
C LEU O 270 -39.71 -1.68 59.59
N ASP O 271 -39.24 -2.31 60.66
CA ASP O 271 -40.11 -3.08 61.60
C ASP O 271 -41.21 -2.15 62.12
N GLU O 272 -40.85 -0.92 62.51
CA GLU O 272 -41.81 0.10 63.01
C GLU O 272 -42.85 0.38 61.91
N MET O 273 -42.42 0.36 60.64
CA MET O 273 -43.30 0.54 59.46
C MET O 273 -44.16 -0.72 59.23
N CYS O 274 -43.74 -1.89 59.73
CA CYS O 274 -44.42 -3.19 59.50
C CYS O 274 -45.27 -3.60 60.71
N GLY O 275 -45.38 -2.72 61.73
CA GLY O 275 -46.24 -2.92 62.91
C GLY O 275 -45.68 -3.93 63.90
N GLY O 276 -44.36 -3.93 64.11
CA GLY O 276 -43.66 -4.85 65.02
C GLY O 276 -42.55 -5.62 64.32
N GLY O 277 -42.63 -5.74 63.00
CA GLY O 277 -41.65 -6.47 62.16
C GLY O 277 -42.35 -7.40 61.18
N PHE O 278 -41.60 -8.37 60.65
CA PHE O 278 -42.13 -9.44 59.76
C PHE O 278 -42.62 -10.61 60.61
N PHE O 279 -43.53 -11.41 60.05
CA PHE O 279 -43.92 -12.74 60.61
C PHE O 279 -42.81 -13.74 60.29
N LYS O 280 -42.72 -14.81 61.09
CA LYS O 280 -41.68 -15.86 60.97
C LYS O 280 -42.00 -16.77 59.77
N ASP O 281 -43.24 -17.23 59.68
CA ASP O 281 -43.70 -18.13 58.59
C ASP O 281 -44.51 -17.30 57.61
N SER O 282 -43.82 -16.49 56.79
CA SER O 282 -44.44 -15.65 55.75
C SER O 282 -43.44 -15.37 54.62
N ILE O 283 -43.96 -14.82 53.53
CA ILE O 283 -43.22 -14.60 52.25
C ILE O 283 -43.11 -13.10 52.02
N ILE O 284 -41.89 -12.58 52.03
CA ILE O 284 -41.59 -11.13 51.84
C ILE O 284 -41.23 -10.90 50.37
N LEU O 285 -41.63 -9.75 49.84
CA LEU O 285 -41.28 -9.30 48.47
C LEU O 285 -40.85 -7.83 48.53
N ALA O 286 -39.56 -7.57 48.35
CA ALA O 286 -39.00 -6.22 48.13
C ALA O 286 -38.96 -5.96 46.63
N THR O 287 -39.73 -5.00 46.14
CA THR O 287 -39.81 -4.66 44.70
C THR O 287 -39.33 -3.22 44.50
N GLY O 288 -39.13 -2.84 43.23
CA GLY O 288 -38.63 -1.52 42.82
C GLY O 288 -37.67 -1.65 41.67
N ALA O 289 -37.29 -0.52 41.06
CA ALA O 289 -36.39 -0.47 39.90
C ALA O 289 -34.96 -0.79 40.34
N THR O 290 -34.02 -0.79 39.38
CA THR O 290 -32.59 -1.06 39.62
C THR O 290 -32.01 0.04 40.52
N GLY O 291 -31.29 -0.32 41.57
CA GLY O 291 -30.50 0.60 42.41
C GLY O 291 -31.26 1.11 43.64
N THR O 292 -32.59 1.03 43.64
CA THR O 292 -33.48 1.49 44.74
C THR O 292 -32.95 1.00 46.10
N GLY O 293 -32.76 -0.30 46.26
CA GLY O 293 -32.05 -0.89 47.42
C GLY O 293 -32.69 -2.19 47.92
N LYS O 294 -32.83 -3.18 47.04
CA LYS O 294 -33.37 -4.53 47.37
C LYS O 294 -32.23 -5.41 47.88
N THR O 295 -31.12 -5.49 47.15
CA THR O 295 -29.90 -6.26 47.52
C THR O 295 -29.50 -5.91 48.97
N LEU O 296 -29.59 -4.64 49.37
CA LEU O 296 -29.27 -4.17 50.74
C LEU O 296 -30.36 -4.68 51.69
N LEU O 297 -31.63 -4.38 51.40
CA LEU O 297 -32.81 -4.88 52.19
C LEU O 297 -32.62 -6.37 52.46
N VAL O 298 -32.05 -7.12 51.52
CA VAL O 298 -31.75 -8.59 51.67
C VAL O 298 -30.55 -8.78 52.60
N SER O 299 -29.47 -8.00 52.44
CA SER O 299 -28.21 -8.13 53.23
C SER O 299 -28.51 -7.94 54.72
N ARG O 300 -29.35 -6.95 55.06
CA ARG O 300 -29.75 -6.63 56.46
C ARG O 300 -30.62 -7.76 57.02
N PHE O 301 -31.32 -8.48 56.13
CA PHE O 301 -32.23 -9.61 56.46
C PHE O 301 -31.44 -10.90 56.67
N VAL O 302 -30.30 -11.05 55.98
CA VAL O 302 -29.39 -12.24 56.16
C VAL O 302 -28.49 -11.99 57.38
N GLU O 303 -28.20 -10.73 57.72
CA GLU O 303 -27.44 -10.34 58.95
C GLU O 303 -28.30 -10.60 60.18
N ASN O 304 -29.59 -10.22 60.14
CA ASN O 304 -30.52 -10.26 61.30
C ASN O 304 -30.65 -11.69 61.82
N ALA O 305 -30.74 -12.66 60.92
CA ALA O 305 -30.87 -14.11 61.23
C ALA O 305 -29.62 -14.59 61.97
N CYS O 306 -28.44 -14.11 61.55
CA CYS O 306 -27.13 -14.51 62.10
C CYS O 306 -26.82 -13.76 63.40
N ALA O 307 -27.47 -12.62 63.64
CA ALA O 307 -27.37 -11.83 64.89
C ALA O 307 -27.91 -12.66 66.07
N ASN O 308 -28.97 -13.44 65.83
CA ASN O 308 -29.64 -14.30 66.85
C ASN O 308 -29.10 -15.74 66.78
N LYS O 309 -27.93 -15.93 66.16
CA LYS O 309 -27.20 -17.23 66.07
C LYS O 309 -27.97 -18.23 65.21
N GLU O 310 -28.77 -17.77 64.25
CA GLU O 310 -29.69 -18.62 63.43
C GLU O 310 -29.14 -18.74 62.00
N ARG O 311 -29.20 -19.94 61.43
CA ARG O 311 -28.71 -20.27 60.06
C ARG O 311 -29.61 -19.58 59.02
N ALA O 312 -29.06 -19.22 57.86
CA ALA O 312 -29.76 -18.52 56.76
C ALA O 312 -29.01 -18.68 55.43
N ILE O 313 -29.76 -18.87 54.33
CA ILE O 313 -29.21 -19.05 52.95
C ILE O 313 -29.58 -17.83 52.10
N LEU O 314 -28.65 -17.40 51.25
CA LEU O 314 -28.85 -16.36 50.21
C LEU O 314 -28.50 -16.95 48.84
N PHE O 315 -29.50 -17.14 47.99
CA PHE O 315 -29.33 -17.59 46.58
C PHE O 315 -29.25 -16.35 45.68
N ALA O 316 -28.03 -16.03 45.22
CA ALA O 316 -27.76 -14.90 44.32
C ALA O 316 -27.80 -15.38 42.86
N TYR O 317 -28.38 -14.59 41.97
CA TYR O 317 -28.46 -14.85 40.51
C TYR O 317 -28.04 -13.61 39.71
N GLU O 318 -27.47 -12.60 40.38
CA GLU O 318 -27.11 -11.29 39.77
C GLU O 318 -25.69 -10.87 40.20
N GLU O 319 -25.29 -11.14 41.45
CA GLU O 319 -24.01 -10.68 42.04
C GLU O 319 -23.19 -11.87 42.53
N SER O 320 -21.87 -11.84 42.29
CA SER O 320 -20.89 -12.92 42.59
C SER O 320 -20.54 -12.94 44.07
N ARG O 321 -19.98 -14.06 44.53
CA ARG O 321 -19.51 -14.27 45.93
C ARG O 321 -18.73 -13.03 46.38
N ALA O 322 -17.67 -12.68 45.64
CA ALA O 322 -16.70 -11.62 45.98
C ALA O 322 -17.35 -10.23 45.99
N GLN O 323 -18.31 -9.97 45.10
CA GLN O 323 -19.04 -8.68 45.02
C GLN O 323 -19.94 -8.51 46.25
N LEU O 324 -20.77 -9.50 46.56
CA LEU O 324 -21.75 -9.47 47.69
C LEU O 324 -21.02 -9.20 49.00
N LEU O 325 -19.85 -9.82 49.19
CA LEU O 325 -18.97 -9.61 50.37
C LEU O 325 -18.44 -8.17 50.38
N ARG O 326 -17.97 -7.69 49.22
CA ARG O 326 -17.40 -6.32 49.06
C ARG O 326 -18.46 -5.28 49.41
N ASN O 327 -19.66 -5.38 48.82
CA ASN O 327 -20.77 -4.40 48.94
C ASN O 327 -21.34 -4.40 50.37
N ALA O 328 -21.23 -5.51 51.10
CA ALA O 328 -21.69 -5.65 52.51
C ALA O 328 -20.74 -4.89 53.44
N TYR O 329 -19.42 -5.09 53.29
CA TYR O 329 -18.36 -4.37 54.03
C TYR O 329 -18.59 -2.86 53.89
N SER O 330 -19.15 -2.42 52.75
CA SER O 330 -19.52 -1.01 52.46
C SER O 330 -20.75 -0.58 53.27
N TRP O 331 -21.61 -1.52 53.68
CA TRP O 331 -22.82 -1.26 54.51
C TRP O 331 -22.60 -1.61 55.98
N GLY O 332 -21.37 -2.00 56.37
CA GLY O 332 -20.98 -2.25 57.78
C GLY O 332 -21.39 -3.62 58.28
N MET O 333 -21.44 -4.63 57.39
CA MET O 333 -21.73 -6.06 57.74
C MET O 333 -20.65 -6.96 57.13
N ASP O 334 -20.02 -7.79 57.97
CA ASP O 334 -18.91 -8.72 57.59
C ASP O 334 -19.49 -10.10 57.33
N PHE O 335 -19.85 -10.39 56.07
CA PHE O 335 -20.44 -11.66 55.60
C PHE O 335 -19.47 -12.82 55.79
N GLU O 336 -18.16 -12.54 55.88
CA GLU O 336 -17.09 -13.56 56.10
C GLU O 336 -17.24 -14.17 57.50
N GLU O 337 -17.63 -13.36 58.49
CA GLU O 337 -17.83 -13.79 59.91
C GLU O 337 -19.06 -14.69 60.01
N MET O 338 -20.11 -14.39 59.25
CA MET O 338 -21.38 -15.18 59.20
C MET O 338 -21.16 -16.45 58.37
N GLU O 339 -20.31 -16.38 57.34
CA GLU O 339 -19.84 -17.57 56.57
C GLU O 339 -18.94 -18.43 57.46
N ARG O 340 -18.00 -17.80 58.16
CA ARG O 340 -16.99 -18.50 59.02
C ARG O 340 -17.70 -19.22 60.16
N GLN O 341 -18.69 -18.58 60.80
CA GLN O 341 -19.38 -19.08 62.02
C GLN O 341 -20.44 -20.13 61.68
N ASN O 342 -20.75 -20.33 60.39
CA ASN O 342 -21.58 -21.44 59.83
C ASN O 342 -23.08 -21.08 59.82
N LEU O 343 -23.45 -19.81 60.01
CA LEU O 343 -24.88 -19.35 60.02
C LEU O 343 -25.31 -18.81 58.65
N LEU O 344 -24.36 -18.37 57.81
CA LEU O 344 -24.65 -17.78 56.47
C LEU O 344 -24.06 -18.69 55.38
N LYS O 345 -24.86 -18.99 54.36
CA LYS O 345 -24.47 -19.88 53.23
C LYS O 345 -24.88 -19.22 51.91
N ILE O 346 -23.91 -18.62 51.20
CA ILE O 346 -24.10 -18.01 49.86
C ILE O 346 -24.17 -19.14 48.82
N VAL O 347 -25.12 -19.04 47.88
CA VAL O 347 -25.28 -20.00 46.74
C VAL O 347 -25.47 -19.19 45.46
N CYS O 348 -24.36 -18.73 44.88
CA CYS O 348 -24.31 -17.95 43.62
C CYS O 348 -24.45 -18.92 42.43
N ALA O 349 -25.39 -18.65 41.53
CA ALA O 349 -25.60 -19.40 40.27
C ALA O 349 -26.41 -18.57 39.28
N TYR O 350 -25.94 -18.45 38.04
CA TYR O 350 -26.66 -17.78 36.92
C TYR O 350 -27.91 -18.59 36.60
N PRO O 351 -29.07 -17.94 36.39
CA PRO O 351 -30.31 -18.64 36.05
C PRO O 351 -30.22 -19.65 34.89
N GLU O 352 -29.39 -19.39 33.87
CA GLU O 352 -29.36 -20.18 32.61
C GLU O 352 -28.58 -21.49 32.80
N SER O 353 -27.81 -21.65 33.89
CA SER O 353 -27.00 -22.87 34.19
C SER O 353 -27.86 -24.13 34.03
N ALA O 354 -29.10 -24.10 34.52
CA ALA O 354 -30.10 -25.18 34.39
C ALA O 354 -31.43 -24.58 33.90
N GLY O 355 -32.54 -25.29 34.10
CA GLY O 355 -33.91 -24.79 33.91
C GLY O 355 -34.61 -24.58 35.24
N LEU O 356 -35.91 -24.33 35.21
CA LEU O 356 -36.71 -23.83 36.36
C LEU O 356 -37.17 -25.01 37.24
N GLU O 357 -37.39 -26.20 36.66
CA GLU O 357 -37.69 -27.45 37.40
C GLU O 357 -36.44 -27.87 38.19
N ASP O 358 -35.28 -27.88 37.52
CA ASP O 358 -33.96 -28.28 38.10
C ASP O 358 -33.50 -27.27 39.15
N HIS O 359 -33.98 -26.02 39.09
CA HIS O 359 -33.61 -24.92 40.02
C HIS O 359 -34.23 -25.13 41.41
N LEU O 360 -35.52 -25.49 41.46
CA LEU O 360 -36.25 -25.73 42.73
C LEU O 360 -35.51 -26.79 43.55
N GLN O 361 -34.89 -27.76 42.87
CA GLN O 361 -34.10 -28.88 43.44
C GLN O 361 -32.97 -28.34 44.32
N ILE O 362 -32.25 -27.29 43.87
CA ILE O 362 -31.09 -26.69 44.60
C ILE O 362 -31.63 -25.91 45.81
N ILE O 363 -32.88 -25.45 45.73
CA ILE O 363 -33.59 -24.71 46.84
C ILE O 363 -33.94 -25.72 47.94
N LYS O 364 -34.64 -26.80 47.59
CA LYS O 364 -35.20 -27.80 48.52
C LYS O 364 -34.06 -28.55 49.22
N SER O 365 -33.10 -29.07 48.46
CA SER O 365 -32.01 -29.96 48.93
C SER O 365 -31.02 -29.19 49.83
N GLU O 366 -30.59 -27.99 49.40
CA GLU O 366 -29.69 -27.10 50.18
C GLU O 366 -30.41 -26.61 51.44
N ILE O 367 -31.75 -26.70 51.47
CA ILE O 367 -32.62 -26.39 52.65
C ILE O 367 -32.67 -27.61 53.58
N ASN O 368 -32.86 -28.82 53.01
CA ASN O 368 -33.02 -30.08 53.77
C ASN O 368 -31.69 -30.49 54.43
N ASP O 369 -30.56 -29.94 53.95
CA ASP O 369 -29.19 -30.26 54.45
C ASP O 369 -28.78 -29.23 55.52
N PHE O 370 -29.12 -27.96 55.34
CA PHE O 370 -28.62 -26.82 56.16
C PHE O 370 -29.63 -26.44 57.25
N LYS O 371 -30.94 -26.54 56.95
CA LYS O 371 -32.06 -26.31 57.91
C LYS O 371 -32.08 -24.84 58.35
N PRO O 372 -32.32 -23.88 57.43
CA PRO O 372 -32.26 -22.45 57.75
C PRO O 372 -33.57 -21.86 58.29
N ALA O 373 -33.46 -20.87 59.17
CA ALA O 373 -34.60 -20.13 59.77
C ALA O 373 -35.11 -19.09 58.76
N ARG O 374 -34.23 -18.54 57.93
CA ARG O 374 -34.60 -17.60 56.85
C ARG O 374 -33.89 -18.00 55.54
N ILE O 375 -34.60 -17.91 54.42
CA ILE O 375 -34.05 -18.06 53.04
C ILE O 375 -34.33 -16.76 52.28
N ALA O 376 -33.31 -16.21 51.61
CA ALA O 376 -33.44 -15.03 50.73
C ALA O 376 -33.06 -15.42 49.29
N ILE O 377 -33.83 -14.95 48.31
CA ILE O 377 -33.53 -15.11 46.86
C ILE O 377 -33.49 -13.74 46.19
N ASP O 378 -32.28 -13.31 45.78
CA ASP O 378 -32.02 -12.10 44.94
C ASP O 378 -31.56 -12.59 43.56
N SER O 379 -32.40 -12.52 42.52
CA SER O 379 -33.77 -12.00 42.55
C SER O 379 -34.69 -12.98 41.84
N LEU O 380 -36.01 -12.85 42.03
CA LEU O 380 -37.04 -13.62 41.28
C LEU O 380 -37.10 -13.13 39.84
N SER O 381 -36.87 -11.82 39.62
CA SER O 381 -36.87 -11.19 38.28
C SER O 381 -35.75 -11.80 37.41
N ALA O 382 -34.67 -12.28 38.04
CA ALA O 382 -33.53 -12.93 37.35
C ALA O 382 -33.92 -14.33 36.85
N LEU O 383 -34.87 -15.00 37.51
CA LEU O 383 -35.30 -16.38 37.17
C LEU O 383 -36.48 -16.36 36.19
N ALA O 384 -37.11 -15.19 35.98
CA ALA O 384 -38.28 -15.01 35.08
C ALA O 384 -37.80 -14.74 33.65
N ARG O 385 -36.61 -14.13 33.49
CA ARG O 385 -35.99 -13.87 32.16
C ARG O 385 -35.69 -15.23 31.50
N GLY O 386 -36.47 -15.59 30.47
CA GLY O 386 -36.34 -16.85 29.72
C GLY O 386 -37.59 -17.71 29.82
N VAL O 387 -37.67 -18.55 30.84
CA VAL O 387 -38.74 -19.59 31.04
C VAL O 387 -40.11 -18.91 31.10
N SER O 388 -41.13 -19.53 30.48
CA SER O 388 -42.49 -18.98 30.26
C SER O 388 -43.18 -18.68 31.59
N ASN O 389 -44.19 -17.80 31.54
CA ASN O 389 -44.92 -17.23 32.71
C ASN O 389 -45.49 -18.35 33.58
N ASN O 390 -46.20 -19.31 32.97
CA ASN O 390 -46.94 -20.37 33.71
C ASN O 390 -45.95 -21.27 34.45
N ALA O 391 -44.84 -21.64 33.80
CA ALA O 391 -43.72 -22.42 34.40
C ALA O 391 -43.15 -21.64 35.59
N PHE O 392 -42.97 -20.32 35.45
CA PHE O 392 -42.41 -19.43 36.49
C PHE O 392 -43.40 -19.25 37.65
N ARG O 393 -44.70 -19.08 37.34
CA ARG O 393 -45.79 -19.02 38.37
C ARG O 393 -45.84 -20.35 39.12
N GLN O 394 -45.57 -21.47 38.41
CA GLN O 394 -45.45 -22.83 38.99
C GLN O 394 -44.23 -22.88 39.93
N PHE O 395 -43.09 -22.32 39.49
CA PHE O 395 -41.82 -22.29 40.26
C PHE O 395 -42.01 -21.46 41.55
N VAL O 396 -42.66 -20.30 41.43
CA VAL O 396 -42.92 -19.35 42.56
C VAL O 396 -43.83 -20.03 43.59
N ILE O 397 -44.69 -20.97 43.18
CA ILE O 397 -45.61 -21.72 44.08
C ILE O 397 -44.80 -22.77 44.88
N GLY O 398 -43.79 -23.39 44.25
CA GLY O 398 -43.02 -24.51 44.84
C GLY O 398 -42.04 -24.04 45.90
N VAL O 399 -41.23 -23.01 45.60
CA VAL O 399 -40.23 -22.43 46.54
C VAL O 399 -40.98 -21.86 47.74
N THR O 400 -42.05 -21.11 47.47
CA THR O 400 -42.95 -20.48 48.49
C THR O 400 -43.59 -21.57 49.35
N GLY O 401 -44.28 -22.51 48.70
CA GLY O 401 -44.98 -23.64 49.34
C GLY O 401 -44.06 -24.43 50.27
N TYR O 402 -42.83 -24.69 49.84
CA TYR O 402 -41.82 -25.47 50.60
C TYR O 402 -41.34 -24.67 51.81
N ALA O 403 -41.20 -23.34 51.65
CA ALA O 403 -40.75 -22.40 52.70
C ALA O 403 -41.85 -22.25 53.76
N LYS O 404 -43.10 -22.12 53.33
CA LYS O 404 -44.30 -21.99 54.21
C LYS O 404 -44.47 -23.29 55.01
N GLN O 405 -44.26 -24.45 54.37
CA GLN O 405 -44.54 -25.79 54.93
C GLN O 405 -43.29 -26.36 55.64
N GLU O 406 -42.30 -25.53 55.98
CA GLU O 406 -41.09 -25.97 56.73
C GLU O 406 -40.64 -24.91 57.74
N GLU O 407 -41.53 -24.02 58.16
CA GLU O 407 -41.28 -23.01 59.24
C GLU O 407 -40.07 -22.15 58.86
N ILE O 408 -39.99 -21.70 57.61
CA ILE O 408 -38.91 -20.82 57.06
C ILE O 408 -39.54 -19.51 56.61
N THR O 409 -38.94 -18.37 56.96
CA THR O 409 -39.33 -17.02 56.46
C THR O 409 -38.53 -16.74 55.19
N GLY O 410 -39.20 -16.23 54.16
CA GLY O 410 -38.67 -16.12 52.78
C GLY O 410 -38.70 -14.71 52.25
N LEU O 411 -37.52 -14.10 52.07
CA LEU O 411 -37.37 -12.80 51.36
C LEU O 411 -37.10 -13.09 49.88
N PHE O 412 -37.89 -12.48 49.01
CA PHE O 412 -37.76 -12.52 47.54
C PHE O 412 -37.71 -11.09 47.02
N THR O 413 -36.80 -10.82 46.10
CA THR O 413 -36.61 -9.48 45.48
C THR O 413 -37.02 -9.59 44.02
N ASN O 414 -37.65 -8.52 43.51
CA ASN O 414 -38.15 -8.40 42.12
C ASN O 414 -37.75 -7.02 41.61
N THR O 415 -36.80 -6.96 40.67
CA THR O 415 -36.43 -5.70 39.97
C THR O 415 -37.38 -5.50 38.79
N SER O 416 -38.28 -4.53 38.89
CA SER O 416 -39.27 -4.17 37.85
C SER O 416 -38.54 -3.52 36.67
N ASP O 417 -38.96 -3.81 35.45
CA ASP O 417 -38.28 -3.41 34.19
C ASP O 417 -38.39 -1.88 33.99
N GLN O 418 -39.22 -1.20 34.80
CA GLN O 418 -39.45 0.27 34.69
C GLN O 418 -39.10 0.93 36.02
N PHE O 419 -38.40 2.07 35.96
CA PHE O 419 -38.04 2.90 37.15
C PHE O 419 -39.15 3.92 37.34
N MET O 420 -38.81 5.19 37.56
CA MET O 420 -39.78 6.30 37.76
C MET O 420 -40.95 6.10 36.81
N GLY O 421 -42.14 5.83 37.36
CA GLY O 421 -43.39 5.58 36.61
C GLY O 421 -43.74 4.11 36.53
N ALA O 422 -43.29 3.31 37.51
CA ALA O 422 -43.63 1.88 37.67
C ALA O 422 -45.14 1.69 37.58
N HIS O 423 -45.62 0.84 36.68
CA HIS O 423 -47.08 0.71 36.38
C HIS O 423 -47.75 -0.30 37.32
N SER O 424 -47.26 -1.55 37.33
CA SER O 424 -47.76 -2.65 38.20
C SER O 424 -46.64 -3.08 39.16
N ILE O 425 -46.98 -3.83 40.21
CA ILE O 425 -46.00 -4.29 41.24
C ILE O 425 -44.98 -5.23 40.57
N THR O 426 -45.43 -6.38 40.08
CA THR O 426 -44.60 -7.38 39.35
C THR O 426 -45.21 -7.59 37.96
N ASP O 427 -44.39 -8.02 36.98
CA ASP O 427 -44.85 -8.41 35.62
C ASP O 427 -44.85 -9.94 35.54
N SER O 428 -45.00 -10.61 36.68
CA SER O 428 -45.06 -12.10 36.80
C SER O 428 -46.32 -12.55 37.54
N HIS O 429 -47.18 -11.60 37.94
CA HIS O 429 -48.47 -11.84 38.65
C HIS O 429 -48.22 -12.71 39.89
N ILE O 430 -47.27 -12.29 40.74
CA ILE O 430 -46.87 -13.04 41.97
C ILE O 430 -47.27 -12.24 43.21
N SEP O 431 -47.93 -11.08 43.02
CA SEP O 431 -48.32 -10.23 44.13
CB SEP O 431 -48.85 -8.91 43.62
OG SEP O 431 -48.05 -8.46 42.50
C SEP O 431 -49.36 -10.94 45.01
O SEP O 431 -49.32 -10.73 46.24
P SEP O 431 -48.74 -8.28 41.05
O1P SEP O 431 -48.02 -9.26 40.16
O2P SEP O 431 -48.51 -6.83 40.61
O3P SEP O 431 -50.22 -8.59 41.22
N THR O 432 -50.24 -11.74 44.41
CA THR O 432 -51.29 -12.51 45.11
C THR O 432 -50.65 -13.66 45.92
N ILE O 433 -49.49 -14.15 45.47
CA ILE O 433 -48.75 -15.29 46.10
C ILE O 433 -47.63 -14.75 47.00
N THR O 434 -47.82 -13.59 47.64
CA THR O 434 -46.92 -13.02 48.67
C THR O 434 -47.74 -12.42 49.80
N ASP O 435 -47.16 -12.35 51.01
CA ASP O 435 -47.81 -11.89 52.26
C ASP O 435 -47.37 -10.45 52.56
N THR O 436 -46.06 -10.18 52.47
CA THR O 436 -45.45 -8.84 52.71
C THR O 436 -44.86 -8.32 51.40
N ILE O 437 -45.11 -7.05 51.09
CA ILE O 437 -44.58 -6.34 49.89
C ILE O 437 -43.94 -5.03 50.35
N ILE O 438 -42.63 -4.87 50.09
CA ILE O 438 -41.83 -3.63 50.32
C ILE O 438 -41.55 -2.99 48.95
N LEU O 439 -42.34 -1.99 48.57
CA LEU O 439 -42.18 -1.25 47.29
C LEU O 439 -41.19 -0.10 47.49
N LEU O 440 -39.94 -0.28 47.03
CA LEU O 440 -38.92 0.81 46.90
C LEU O 440 -39.07 1.46 45.53
N GLN O 441 -38.87 2.77 45.43
CA GLN O 441 -39.01 3.54 44.16
C GLN O 441 -38.23 4.85 44.24
N TYR O 442 -37.67 5.27 43.10
CA TYR O 442 -37.00 6.58 42.94
C TYR O 442 -38.04 7.71 42.97
N VAL O 443 -37.58 8.89 43.37
CA VAL O 443 -38.37 10.15 43.27
C VAL O 443 -37.42 11.29 42.89
N GLU O 444 -37.78 12.03 41.85
CA GLU O 444 -37.08 13.26 41.39
C GLU O 444 -37.59 14.44 42.22
N ILE O 445 -36.70 15.11 42.96
CA ILE O 445 -37.05 16.34 43.75
C ILE O 445 -35.85 17.31 43.74
N ARG O 446 -36.08 18.53 43.23
CA ARG O 446 -35.06 19.60 43.10
C ARG O 446 -33.95 19.14 42.14
N GLY O 447 -34.32 18.49 41.03
CA GLY O 447 -33.37 17.92 40.05
C GLY O 447 -32.44 16.93 40.71
N GLU O 448 -32.97 16.13 41.65
CA GLU O 448 -32.20 15.15 42.45
C GLU O 448 -32.96 13.82 42.49
N MET O 449 -32.23 12.70 42.44
CA MET O 449 -32.73 11.32 42.21
C MET O 449 -32.70 10.53 43.53
N SER O 450 -33.59 10.88 44.47
CA SER O 450 -33.70 10.24 45.81
C SER O 450 -34.50 8.94 45.69
N ARG O 451 -34.55 8.18 46.80
CA ARG O 451 -35.33 6.92 46.92
C ARG O 451 -36.33 7.07 48.06
N ALA O 452 -37.50 6.46 47.91
CA ALA O 452 -38.52 6.33 48.97
C ALA O 452 -38.79 4.84 49.22
N ILE O 453 -39.28 4.55 50.42
CA ILE O 453 -39.61 3.19 50.92
C ILE O 453 -41.09 3.23 51.32
N ASN O 454 -41.78 2.10 51.19
CA ASN O 454 -43.22 1.99 51.52
C ASN O 454 -43.56 0.52 51.78
N VAL O 455 -44.26 0.24 52.87
CA VAL O 455 -44.89 -1.09 53.11
C VAL O 455 -46.21 -1.09 52.34
N PHE O 456 -46.18 -1.67 51.13
CA PHE O 456 -47.34 -1.72 50.22
C PHE O 456 -48.41 -2.65 50.79
N LYS O 457 -48.04 -3.79 51.38
CA LYS O 457 -49.01 -4.69 52.05
C LYS O 457 -48.33 -5.60 53.09
N MET O 458 -49.08 -5.89 54.16
CA MET O 458 -48.72 -6.78 55.30
C MET O 458 -49.96 -7.58 55.69
N ARG O 459 -50.04 -8.86 55.33
CA ARG O 459 -51.17 -9.74 55.71
C ARG O 459 -51.08 -10.03 57.21
N GLY O 460 -52.15 -9.74 57.95
CA GLY O 460 -52.22 -9.94 59.41
C GLY O 460 -51.96 -8.67 60.18
N SER O 461 -50.75 -8.11 60.08
CA SER O 461 -50.27 -6.94 60.86
C SER O 461 -50.91 -5.65 60.36
N TRP O 462 -50.54 -4.52 60.99
CA TRP O 462 -51.12 -3.18 60.76
C TRP O 462 -50.34 -2.44 59.66
N HIS O 463 -49.02 -2.34 59.79
CA HIS O 463 -48.06 -1.71 58.83
C HIS O 463 -48.35 -0.23 58.56
N ASP O 464 -47.32 0.52 58.19
CA ASP O 464 -47.35 1.98 57.92
C ASP O 464 -47.76 2.21 56.47
N LYS O 465 -48.79 3.01 56.23
CA LYS O 465 -49.23 3.40 54.86
C LYS O 465 -48.70 4.81 54.56
N ALA O 466 -47.38 4.95 54.44
CA ALA O 466 -46.70 6.25 54.13
C ALA O 466 -45.46 5.99 53.28
N ILE O 467 -45.46 6.49 52.04
CA ILE O 467 -44.26 6.50 51.15
C ILE O 467 -43.22 7.46 51.76
N ARG O 468 -42.40 6.97 52.69
CA ARG O 468 -41.40 7.82 53.41
C ARG O 468 -40.06 7.80 52.68
N GLU O 469 -39.39 8.96 52.69
CA GLU O 469 -38.05 9.22 52.10
C GLU O 469 -37.05 8.31 52.77
N PHE O 470 -35.91 8.07 52.12
CA PHE O 470 -34.98 6.98 52.47
C PHE O 470 -33.64 7.21 51.75
N MET O 471 -32.57 7.37 52.55
CA MET O 471 -31.18 7.54 52.05
C MET O 471 -30.35 6.31 52.47
N ILE O 472 -29.33 5.98 51.69
CA ILE O 472 -28.40 4.84 51.94
C ILE O 472 -27.01 5.42 52.20
N SER O 473 -26.37 4.93 53.26
CA SER O 473 -25.04 5.38 53.75
C SER O 473 -24.23 4.17 54.21
N ASP O 474 -23.09 4.39 54.87
CA ASP O 474 -22.18 3.33 55.35
C ASP O 474 -22.87 2.47 56.42
N LYS O 475 -23.74 3.08 57.24
CA LYS O 475 -24.47 2.40 58.34
C LYS O 475 -25.79 1.81 57.81
N GLY O 476 -25.89 1.60 56.50
CA GLY O 476 -27.07 0.97 55.84
C GLY O 476 -28.14 1.99 55.48
N PRO O 477 -29.44 1.57 55.43
CA PRO O 477 -30.53 2.49 55.10
C PRO O 477 -30.98 3.38 56.27
N ASP O 478 -31.12 4.69 56.00
CA ASP O 478 -31.66 5.69 56.97
C ASP O 478 -33.05 6.13 56.45
N ILE O 479 -34.10 5.50 56.97
CA ILE O 479 -35.51 5.71 56.52
C ILE O 479 -36.05 6.97 57.22
N LYS O 480 -36.26 8.03 56.45
CA LYS O 480 -36.59 9.39 56.95
C LYS O 480 -38.12 9.59 56.88
N ASP O 481 -38.59 10.83 56.72
CA ASP O 481 -40.02 11.21 56.81
C ASP O 481 -40.69 11.11 55.43
N SER O 482 -41.99 11.39 55.36
CA SER O 482 -42.82 11.29 54.13
C SER O 482 -42.70 12.56 53.29
N PHE O 483 -43.20 12.51 52.06
CA PHE O 483 -43.39 13.67 51.15
C PHE O 483 -44.84 14.15 51.30
N ARG O 484 -45.15 14.76 52.44
CA ARG O 484 -46.50 15.29 52.79
C ARG O 484 -46.83 16.49 51.89
N ASN O 485 -45.81 17.28 51.50
CA ASN O 485 -45.99 18.57 50.77
C ASN O 485 -45.81 18.32 49.27
N PHE O 486 -46.50 17.32 48.70
CA PHE O 486 -46.33 16.86 47.30
C PHE O 486 -47.59 16.12 46.82
N GLU O 487 -47.74 15.97 45.50
CA GLU O 487 -48.78 15.11 44.85
C GLU O 487 -48.14 14.37 43.66
N ARG O 488 -48.74 13.25 43.26
CA ARG O 488 -48.23 12.34 42.20
C ARG O 488 -46.83 11.85 42.58
N ILE O 489 -46.69 11.22 43.76
CA ILE O 489 -45.41 10.65 44.29
C ILE O 489 -45.09 9.36 43.54
N ILE O 490 -46.08 8.48 43.39
CA ILE O 490 -45.92 7.09 42.84
C ILE O 490 -45.30 7.18 41.45
N SER O 491 -45.63 8.23 40.69
CA SER O 491 -45.16 8.49 39.31
C SER O 491 -43.66 8.81 39.25
N GLY O 492 -43.02 9.09 40.39
CA GLY O 492 -41.56 9.33 40.47
C GLY O 492 -41.21 10.79 40.31
N SER O 493 -41.96 11.52 39.47
CA SER O 493 -41.83 12.99 39.28
C SER O 493 -43.04 13.69 39.87
N PRO O 494 -43.04 13.99 41.19
CA PRO O 494 -44.16 14.71 41.83
C PRO O 494 -44.16 16.23 41.65
N THR O 495 -45.31 16.85 41.95
CA THR O 495 -45.55 18.32 41.94
C THR O 495 -45.70 18.80 43.39
N ARG O 496 -45.15 19.98 43.71
CA ARG O 496 -45.13 20.56 45.09
C ARG O 496 -46.55 21.03 45.47
N ILE O 497 -46.71 21.54 46.69
CA ILE O 497 -48.00 22.07 47.23
C ILE O 497 -47.70 23.00 48.41
N ALA P 17 -21.21 -42.64 37.44
CA ALA P 17 -20.27 -43.75 37.81
C ALA P 17 -19.46 -44.19 36.58
N ILE P 18 -20.13 -44.41 35.45
CA ILE P 18 -19.50 -44.76 34.14
C ILE P 18 -18.33 -43.80 33.88
N ALA P 19 -17.10 -44.33 33.77
CA ALA P 19 -15.85 -43.56 33.59
C ALA P 19 -15.83 -42.95 32.18
N LYS P 20 -15.52 -41.66 32.08
CA LYS P 20 -15.50 -40.88 30.81
C LYS P 20 -14.05 -40.76 30.31
N MET P 21 -13.90 -40.30 29.06
CA MET P 21 -12.60 -40.15 28.36
C MET P 21 -12.51 -38.73 27.79
N ARG P 22 -11.68 -37.88 28.39
CA ARG P 22 -11.53 -36.45 28.04
C ARG P 22 -11.23 -36.31 26.55
N THR P 23 -12.18 -35.73 25.79
CA THR P 23 -12.07 -35.47 24.33
C THR P 23 -11.07 -34.33 24.08
N MET P 24 -10.95 -33.41 25.04
CA MET P 24 -10.14 -32.16 24.95
C MET P 24 -10.62 -31.32 23.77
N ILE P 25 -11.92 -31.42 23.44
CA ILE P 25 -12.65 -30.46 22.54
C ILE P 25 -13.22 -29.37 23.46
N GLU P 26 -12.77 -28.13 23.25
CA GLU P 26 -13.04 -26.96 24.14
C GLU P 26 -14.53 -26.87 24.45
N GLY P 27 -14.94 -27.32 25.64
CA GLY P 27 -16.31 -27.17 26.17
C GLY P 27 -17.05 -28.50 26.30
N PHE P 28 -16.68 -29.52 25.51
CA PHE P 28 -17.39 -30.82 25.46
C PHE P 28 -17.25 -31.54 26.81
N ASP P 29 -16.05 -31.51 27.41
CA ASP P 29 -15.75 -32.17 28.71
C ASP P 29 -16.68 -31.61 29.79
N ASP P 30 -16.86 -30.28 29.82
CA ASP P 30 -17.74 -29.56 30.77
C ASP P 30 -19.21 -29.94 30.52
N ILE P 31 -19.62 -30.09 29.25
CA ILE P 31 -21.03 -30.39 28.85
C ILE P 31 -21.31 -31.89 29.04
N SER P 32 -20.31 -32.74 28.87
CA SER P 32 -20.42 -34.23 28.90
C SER P 32 -20.08 -34.78 30.29
N HIS P 33 -19.58 -33.94 31.20
CA HIS P 33 -19.08 -34.35 32.55
C HIS P 33 -17.90 -35.31 32.38
N GLY P 34 -16.72 -34.77 32.06
CA GLY P 34 -15.44 -35.51 32.04
C GLY P 34 -15.18 -36.21 30.71
N GLY P 35 -15.91 -35.84 29.65
CA GLY P 35 -15.79 -36.45 28.31
C GLY P 35 -16.84 -37.53 28.10
N LEU P 36 -16.58 -38.46 27.18
CA LEU P 36 -17.52 -39.53 26.76
C LEU P 36 -17.19 -40.84 27.49
N PRO P 37 -18.21 -41.56 28.01
CA PRO P 37 -18.02 -42.91 28.57
C PRO P 37 -17.07 -43.81 27.76
N ILE P 38 -16.25 -44.60 28.45
CA ILE P 38 -15.24 -45.52 27.83
C ILE P 38 -15.94 -46.86 27.53
N GLY P 39 -15.59 -47.47 26.39
CA GLY P 39 -16.05 -48.82 25.98
C GLY P 39 -17.46 -48.82 25.43
N ARG P 40 -18.04 -47.65 25.15
CA ARG P 40 -19.39 -47.48 24.53
C ARG P 40 -19.22 -46.76 23.18
N SER P 41 -20.32 -46.55 22.47
CA SER P 41 -20.39 -45.76 21.21
C SER P 41 -21.30 -44.54 21.41
N THR P 42 -20.78 -43.35 21.06
CA THR P 42 -21.54 -42.07 20.98
C THR P 42 -21.94 -41.82 19.52
N LEU P 43 -23.25 -41.80 19.23
CA LEU P 43 -23.82 -41.46 17.91
C LEU P 43 -23.94 -39.93 17.79
N VAL P 44 -23.20 -39.33 16.86
CA VAL P 44 -23.21 -37.86 16.58
C VAL P 44 -23.80 -37.63 15.18
N SER P 45 -25.08 -37.28 15.10
CA SER P 45 -25.81 -37.07 13.81
C SER P 45 -26.09 -35.58 13.61
N GLY P 46 -26.48 -35.19 12.39
CA GLY P 46 -26.85 -33.79 12.04
C GLY P 46 -27.08 -33.59 10.55
N THR P 47 -27.40 -32.34 10.17
CA THR P 47 -27.54 -31.88 8.76
C THR P 47 -26.14 -31.73 8.15
N SER P 48 -26.06 -31.66 6.81
CA SER P 48 -24.81 -31.72 6.02
C SER P 48 -24.04 -30.40 6.17
N GLY P 49 -23.04 -30.37 7.06
CA GLY P 49 -22.19 -29.19 7.32
C GLY P 49 -22.10 -28.82 8.78
N THR P 50 -22.56 -29.69 9.70
CA THR P 50 -22.71 -29.41 11.14
C THR P 50 -21.40 -29.68 11.90
N GLY P 51 -20.63 -30.69 11.45
CA GLY P 51 -19.30 -31.02 11.99
C GLY P 51 -19.21 -32.42 12.57
N LYS P 52 -19.91 -33.40 11.98
CA LYS P 52 -19.84 -34.83 12.38
C LYS P 52 -18.51 -35.41 11.87
N THR P 53 -18.19 -35.14 10.60
CA THR P 53 -16.95 -35.59 9.91
C THR P 53 -15.73 -34.97 10.61
N LEU P 54 -15.90 -33.83 11.29
CA LEU P 54 -14.81 -33.11 12.00
C LEU P 54 -14.67 -33.64 13.44
N PHE P 55 -15.77 -33.65 14.20
CA PHE P 55 -15.83 -34.05 15.63
C PHE P 55 -15.02 -35.33 15.86
N SER P 56 -15.16 -36.29 14.94
CA SER P 56 -14.50 -37.62 14.98
C SER P 56 -12.98 -37.45 14.90
N ILE P 57 -12.49 -36.71 13.91
CA ILE P 57 -11.04 -36.47 13.63
C ILE P 57 -10.42 -35.69 14.79
N GLN P 58 -11.15 -34.74 15.38
CA GLN P 58 -10.68 -33.91 16.50
C GLN P 58 -10.65 -34.76 17.79
N PHE P 59 -11.56 -35.74 17.90
CA PHE P 59 -11.59 -36.72 19.01
C PHE P 59 -10.28 -37.52 19.03
N LEU P 60 -9.93 -38.14 17.90
CA LEU P 60 -8.77 -39.06 17.76
C LEU P 60 -7.44 -38.30 17.80
N TYR P 61 -7.34 -37.17 17.09
CA TYR P 61 -6.11 -36.32 17.03
C TYR P 61 -5.71 -35.91 18.45
N ASN P 62 -6.67 -35.43 19.25
CA ASN P 62 -6.44 -34.95 20.64
C ASN P 62 -6.22 -36.15 21.58
N GLY P 63 -6.68 -37.35 21.19
CA GLY P 63 -6.35 -38.61 21.86
C GLY P 63 -4.88 -38.96 21.68
N ILE P 64 -4.42 -39.00 20.43
CA ILE P 64 -3.00 -39.30 20.04
C ILE P 64 -2.08 -38.23 20.63
N ILE P 65 -2.40 -36.95 20.41
CA ILE P 65 -1.54 -35.77 20.73
C ILE P 65 -1.40 -35.62 22.26
N GLU P 66 -2.52 -35.60 22.99
CA GLU P 66 -2.57 -35.13 24.40
C GLU P 66 -2.85 -36.26 25.40
N PHE P 67 -2.63 -37.53 25.04
CA PHE P 67 -2.70 -38.68 25.98
C PHE P 67 -2.10 -39.95 25.37
N ASP P 68 -1.11 -39.83 24.48
CA ASP P 68 -0.47 -40.95 23.74
C ASP P 68 -1.48 -42.11 23.58
N GLU P 69 -2.64 -41.83 22.97
CA GLU P 69 -3.67 -42.85 22.68
C GLU P 69 -3.68 -43.14 21.19
N PRO P 70 -3.96 -44.40 20.80
CA PRO P 70 -4.07 -44.78 19.39
C PRO P 70 -5.30 -44.15 18.70
N GLY P 71 -5.42 -44.35 17.39
CA GLY P 71 -6.48 -43.73 16.55
C GLY P 71 -6.94 -44.64 15.43
N VAL P 72 -8.25 -44.85 15.32
CA VAL P 72 -8.90 -45.64 14.23
C VAL P 72 -10.06 -44.81 13.66
N PHE P 73 -9.89 -44.31 12.44
CA PHE P 73 -10.90 -43.52 11.69
C PHE P 73 -11.40 -44.36 10.52
N VAL P 74 -12.52 -45.07 10.72
CA VAL P 74 -13.16 -45.86 9.63
C VAL P 74 -14.00 -44.91 8.79
N THR P 75 -13.74 -44.87 7.48
CA THR P 75 -14.35 -43.94 6.50
C THR P 75 -15.01 -44.77 5.39
N PHE P 76 -15.98 -44.18 4.68
CA PHE P 76 -16.85 -44.87 3.69
C PHE P 76 -16.85 -44.14 2.34
N GLU P 77 -17.29 -42.88 2.32
CA GLU P 77 -17.39 -42.03 1.09
C GLU P 77 -16.07 -41.31 0.85
N GLU P 78 -15.57 -40.58 1.87
CA GLU P 78 -14.26 -39.87 1.82
C GLU P 78 -13.13 -40.90 1.65
N THR P 79 -12.05 -40.48 1.00
CA THR P 79 -10.82 -41.29 0.78
C THR P 79 -9.78 -40.88 1.83
N PRO P 80 -8.98 -41.82 2.36
CA PRO P 80 -7.91 -41.50 3.32
C PRO P 80 -7.16 -40.21 3.03
N GLN P 81 -6.74 -39.99 1.77
CA GLN P 81 -5.97 -38.80 1.33
C GLN P 81 -6.82 -37.53 1.54
N ASP P 82 -8.15 -37.65 1.41
CA ASP P 82 -9.12 -36.51 1.49
C ASP P 82 -9.27 -36.06 2.94
N ILE P 83 -9.57 -37.01 3.85
CA ILE P 83 -9.70 -36.76 5.32
C ILE P 83 -8.40 -36.15 5.85
N ILE P 84 -7.25 -36.68 5.40
CA ILE P 84 -5.88 -36.21 5.75
C ILE P 84 -5.73 -34.73 5.36
N LYS P 85 -6.22 -34.34 4.19
CA LYS P 85 -6.02 -33.00 3.59
C LYS P 85 -6.85 -31.93 4.32
N ASN P 86 -8.01 -32.30 4.86
CA ASN P 86 -8.95 -31.37 5.55
C ASN P 86 -8.32 -30.86 6.85
N ALA P 87 -7.64 -31.74 7.59
CA ALA P 87 -7.03 -31.44 8.90
C ALA P 87 -5.89 -30.42 8.75
N ARG P 88 -5.31 -30.30 7.55
CA ARG P 88 -4.24 -29.31 7.22
C ARG P 88 -4.77 -27.88 7.30
N SER P 89 -6.09 -27.70 7.14
CA SER P 89 -6.79 -26.39 7.25
C SER P 89 -6.76 -25.88 8.71
N PHE P 90 -6.54 -26.78 9.68
CA PHE P 90 -6.48 -26.47 11.14
C PHE P 90 -5.04 -26.54 11.67
N GLY P 91 -4.08 -27.04 10.87
CA GLY P 91 -2.66 -27.14 11.24
C GLY P 91 -2.34 -28.45 11.94
N TRP P 92 -2.94 -29.56 11.48
CA TRP P 92 -2.76 -30.93 12.04
C TRP P 92 -2.15 -31.85 10.98
N ASP P 93 -0.97 -32.41 11.24
CA ASP P 93 -0.29 -33.41 10.37
C ASP P 93 -0.82 -34.80 10.74
N LEU P 94 -2.02 -35.15 10.27
CA LEU P 94 -2.59 -36.53 10.39
C LEU P 94 -1.65 -37.50 9.67
N ALA P 95 -1.10 -37.09 8.52
CA ALA P 95 -0.20 -37.88 7.64
C ALA P 95 1.00 -38.41 8.43
N LYS P 96 1.60 -37.58 9.30
CA LYS P 96 2.73 -37.99 10.18
C LYS P 96 2.22 -39.04 11.18
N LEU P 97 1.09 -38.74 11.84
CA LEU P 97 0.42 -39.64 12.81
C LEU P 97 0.16 -41.01 12.16
N VAL P 98 -0.27 -41.02 10.88
CA VAL P 98 -0.47 -42.26 10.08
C VAL P 98 0.86 -42.99 10.01
N ASP P 99 1.91 -42.30 9.55
CA ASP P 99 3.30 -42.82 9.39
C ASP P 99 3.78 -43.43 10.70
N GLU P 100 3.60 -42.70 11.82
CA GLU P 100 4.08 -43.09 13.18
C GLU P 100 3.19 -44.18 13.80
N GLY P 101 2.02 -44.46 13.20
CA GLY P 101 1.15 -45.60 13.57
C GLY P 101 0.11 -45.25 14.62
N LYS P 102 -0.04 -43.95 14.95
CA LYS P 102 -0.94 -43.46 16.04
C LYS P 102 -2.37 -43.27 15.52
N LEU P 103 -2.53 -43.02 14.22
CA LEU P 103 -3.85 -42.80 13.56
C LEU P 103 -3.93 -43.60 12.27
N PHE P 104 -4.56 -44.78 12.31
CA PHE P 104 -4.87 -45.64 11.14
C PHE P 104 -6.23 -45.20 10.54
N ILE P 105 -6.38 -45.31 9.21
CA ILE P 105 -7.60 -44.92 8.45
C ILE P 105 -8.06 -46.12 7.61
N LEU P 106 -9.10 -46.84 8.06
CA LEU P 106 -9.70 -48.01 7.37
C LEU P 106 -10.65 -47.51 6.26
N ASP P 107 -10.16 -47.43 5.02
CA ASP P 107 -10.91 -46.91 3.84
C ASP P 107 -11.87 -47.99 3.34
N ALA P 108 -13.17 -47.85 3.66
CA ALA P 108 -14.24 -48.81 3.29
C ALA P 108 -15.09 -48.25 2.14
N SER P 109 -14.43 -47.78 1.07
CA SER P 109 -15.06 -47.25 -0.17
C SER P 109 -15.01 -48.31 -1.26
N PRO P 110 -16.15 -48.74 -1.86
CA PRO P 110 -16.14 -49.62 -3.03
C PRO P 110 -15.49 -49.01 -4.29
N ASP P 111 -15.48 -49.77 -5.38
CA ASP P 111 -14.92 -49.36 -6.71
C ASP P 111 -15.83 -48.28 -7.32
N LEU P 123 -20.56 -56.75 5.94
CA LEU P 123 -21.10 -56.40 7.28
C LEU P 123 -20.34 -57.17 8.37
N SER P 124 -20.39 -58.51 8.32
CA SER P 124 -19.80 -59.44 9.32
C SER P 124 -18.27 -59.32 9.34
N ALA P 125 -17.65 -58.98 8.20
CA ALA P 125 -16.18 -58.91 8.03
C ALA P 125 -15.59 -57.72 8.80
N LEU P 126 -16.40 -56.68 9.07
CA LEU P 126 -15.96 -55.44 9.78
C LEU P 126 -15.38 -55.79 11.16
N ILE P 127 -15.95 -56.81 11.84
CA ILE P 127 -15.54 -57.27 13.19
C ILE P 127 -14.05 -57.65 13.16
N GLU P 128 -13.70 -58.72 12.46
CA GLU P 128 -12.33 -59.28 12.36
C GLU P 128 -11.37 -58.23 11.79
N ARG P 129 -11.85 -57.39 10.86
CA ARG P 129 -11.05 -56.30 10.21
C ARG P 129 -10.75 -55.21 11.25
N ILE P 130 -11.78 -54.73 11.95
CA ILE P 130 -11.68 -53.62 12.94
C ILE P 130 -10.96 -54.13 14.20
N ASN P 131 -11.31 -55.33 14.68
CA ASN P 131 -10.70 -55.97 15.88
C ASN P 131 -9.21 -56.19 15.63
N TYR P 132 -8.82 -56.51 14.39
CA TYR P 132 -7.40 -56.68 13.97
C TYR P 132 -6.69 -55.31 13.99
N ALA P 133 -7.36 -54.27 13.48
CA ALA P 133 -6.85 -52.88 13.49
C ALA P 133 -6.60 -52.42 14.94
N ILE P 134 -7.43 -52.89 15.88
CA ILE P 134 -7.25 -52.69 17.35
C ILE P 134 -6.08 -53.56 17.83
N GLN P 135 -6.02 -54.82 17.37
CA GLN P 135 -4.98 -55.81 17.73
C GLN P 135 -3.62 -55.39 17.14
N LYS P 136 -3.61 -54.56 16.09
CA LYS P 136 -2.39 -54.17 15.32
C LYS P 136 -1.71 -52.97 15.99
N TYR P 137 -2.45 -51.87 16.21
CA TYR P 137 -1.92 -50.58 16.70
C TYR P 137 -2.36 -50.31 18.14
N ARG P 138 -2.84 -51.35 18.84
CA ARG P 138 -3.27 -51.28 20.27
C ARG P 138 -4.26 -50.14 20.46
N ALA P 139 -5.46 -50.24 19.89
CA ALA P 139 -6.46 -49.17 19.76
C ALA P 139 -7.21 -48.93 21.08
N ARG P 140 -7.86 -47.77 21.19
CA ARG P 140 -8.58 -47.28 22.40
C ARG P 140 -9.77 -46.42 21.96
N ARG P 141 -9.50 -45.39 21.15
CA ARG P 141 -10.53 -44.49 20.53
C ARG P 141 -10.79 -44.93 19.10
N VAL P 142 -12.05 -44.88 18.67
CA VAL P 142 -12.52 -45.30 17.32
C VAL P 142 -13.48 -44.23 16.77
N SER P 143 -13.58 -44.13 15.45
CA SER P 143 -14.51 -43.23 14.72
C SER P 143 -14.96 -43.88 13.40
N ILE P 144 -16.14 -44.51 13.40
CA ILE P 144 -16.85 -44.97 12.17
C ILE P 144 -17.55 -43.76 11.55
N ASP P 145 -17.36 -43.56 10.24
CA ASP P 145 -17.79 -42.30 9.54
C ASP P 145 -18.00 -42.57 8.05
N SER P 146 -19.23 -42.46 7.57
CA SER P 146 -20.42 -42.30 8.39
C SER P 146 -21.28 -43.57 8.25
N VAL P 147 -21.56 -44.23 9.38
CA VAL P 147 -22.10 -45.62 9.46
C VAL P 147 -23.35 -45.76 8.57
N THR P 148 -24.27 -44.79 8.65
CA THR P 148 -25.61 -44.81 7.99
C THR P 148 -25.46 -45.09 6.48
N SER P 149 -24.35 -44.65 5.87
CA SER P 149 -23.99 -44.89 4.44
C SER P 149 -24.18 -46.37 4.08
N VAL P 150 -23.59 -47.26 4.89
CA VAL P 150 -23.65 -48.74 4.74
C VAL P 150 -25.11 -49.19 4.71
N PHE P 151 -25.97 -48.60 5.55
CA PHE P 151 -27.41 -48.95 5.70
C PHE P 151 -28.15 -48.74 4.38
N VAL P 159 -33.93 -54.91 10.86
CA VAL P 159 -33.16 -54.94 9.58
C VAL P 159 -31.91 -54.07 9.72
N VAL P 160 -32.11 -52.76 9.88
CA VAL P 160 -31.02 -51.73 10.03
C VAL P 160 -30.64 -51.65 11.51
N ARG P 161 -31.64 -51.62 12.39
CA ARG P 161 -31.46 -51.64 13.87
C ARG P 161 -30.67 -52.88 14.25
N ARG P 162 -31.05 -54.04 13.71
CA ARG P 162 -30.39 -55.36 13.93
C ARG P 162 -28.92 -55.28 13.50
N GLU P 163 -28.65 -54.68 12.33
CA GLU P 163 -27.28 -54.45 11.80
C GLU P 163 -26.51 -53.55 12.76
N LEU P 164 -27.08 -52.37 13.06
CA LEU P 164 -26.47 -51.29 13.88
C LEU P 164 -26.10 -51.82 15.28
N PHE P 165 -26.94 -52.68 15.87
CA PHE P 165 -26.77 -53.20 17.25
C PHE P 165 -25.54 -54.11 17.34
N ARG P 166 -25.39 -55.05 16.40
CA ARG P 166 -24.27 -56.01 16.36
C ARG P 166 -22.94 -55.24 16.35
N LEU P 167 -22.83 -54.23 15.47
CA LEU P 167 -21.64 -53.35 15.34
C LEU P 167 -21.35 -52.67 16.69
N VAL P 168 -22.38 -52.14 17.35
CA VAL P 168 -22.27 -51.40 18.65
C VAL P 168 -21.98 -52.39 19.79
N ALA P 169 -22.53 -53.62 19.72
CA ALA P 169 -22.36 -54.67 20.74
C ALA P 169 -20.95 -55.26 20.65
N ARG P 170 -20.46 -55.54 19.44
CA ARG P 170 -19.14 -56.20 19.17
C ARG P 170 -17.99 -55.25 19.51
N LEU P 171 -18.16 -53.94 19.28
CA LEU P 171 -17.15 -52.89 19.57
C LEU P 171 -17.08 -52.66 21.09
N LYS P 172 -18.17 -52.91 21.82
CA LYS P 172 -18.25 -52.83 23.31
C LYS P 172 -17.47 -54.00 23.92
N GLN P 173 -17.51 -55.17 23.27
CA GLN P 173 -16.77 -56.40 23.66
C GLN P 173 -15.26 -56.11 23.55
N ILE P 174 -14.84 -55.55 22.41
CA ILE P 174 -13.43 -55.11 22.14
C ILE P 174 -12.98 -54.16 23.25
N GLY P 175 -13.87 -53.24 23.66
CA GLY P 175 -13.64 -52.27 24.75
C GLY P 175 -13.04 -50.97 24.24
N ALA P 176 -13.56 -50.45 23.13
CA ALA P 176 -13.06 -49.24 22.43
C ALA P 176 -14.09 -48.11 22.53
N THR P 177 -13.62 -46.86 22.62
CA THR P 177 -14.45 -45.63 22.64
C THR P 177 -14.79 -45.25 21.20
N THR P 178 -15.94 -45.73 20.70
CA THR P 178 -16.43 -45.52 19.32
C THR P 178 -17.09 -44.15 19.19
N VAL P 179 -16.94 -43.52 18.03
CA VAL P 179 -17.71 -42.31 17.63
C VAL P 179 -18.39 -42.62 16.29
N MET P 180 -19.66 -43.00 16.36
CA MET P 180 -20.51 -43.32 15.18
C MET P 180 -21.16 -42.02 14.70
N THR P 181 -21.04 -41.73 13.40
CA THR P 181 -21.71 -40.61 12.73
C THR P 181 -22.93 -41.18 11.98
N THR P 182 -24.11 -40.60 12.22
CA THR P 182 -25.33 -40.76 11.38
C THR P 182 -25.56 -39.44 10.65
N GLU P 183 -26.56 -39.39 9.77
CA GLU P 183 -26.93 -38.16 9.01
C GLU P 183 -28.41 -37.89 9.23
N ARG P 184 -28.77 -36.60 9.26
CA ARG P 184 -30.13 -36.08 9.56
C ARG P 184 -30.61 -35.24 8.36
N ILE P 185 -31.91 -35.00 8.30
CA ILE P 185 -32.61 -34.36 7.14
C ILE P 185 -33.29 -33.09 7.65
N GLU P 186 -34.25 -33.25 8.58
CA GLU P 186 -34.95 -32.14 9.27
C GLU P 186 -34.08 -31.69 10.46
N GLU P 187 -34.05 -30.39 10.73
CA GLU P 187 -33.21 -29.78 11.80
C GLU P 187 -33.78 -30.17 13.18
N TYR P 188 -35.07 -30.52 13.25
CA TYR P 188 -35.77 -30.99 14.47
C TYR P 188 -36.79 -32.10 14.14
N GLY P 189 -36.44 -33.00 13.20
CA GLY P 189 -37.23 -34.20 12.88
C GLY P 189 -36.77 -35.39 13.73
N PRO P 190 -36.63 -36.61 13.14
CA PRO P 190 -35.84 -37.66 13.76
C PRO P 190 -34.40 -37.20 14.01
N ILE P 191 -33.83 -37.58 15.16
CA ILE P 191 -32.43 -37.21 15.57
C ILE P 191 -31.45 -37.72 14.51
N ALA P 192 -31.56 -39.01 14.16
CA ALA P 192 -30.69 -39.71 13.18
C ALA P 192 -31.34 -39.68 11.79
N ARG P 193 -31.98 -40.77 11.35
CA ARG P 193 -32.55 -40.89 9.98
C ARG P 193 -33.56 -42.05 9.94
N TYR P 194 -33.10 -43.26 10.27
CA TYR P 194 -33.91 -44.51 10.30
C TYR P 194 -34.96 -44.44 11.42
N GLY P 195 -34.69 -43.68 12.48
CA GLY P 195 -35.53 -43.60 13.69
C GLY P 195 -35.20 -44.71 14.68
N VAL P 196 -34.12 -45.46 14.42
CA VAL P 196 -33.65 -46.63 15.23
C VAL P 196 -32.33 -46.27 15.92
N GLU P 197 -31.41 -45.61 15.20
CA GLU P 197 -30.00 -45.36 15.61
C GLU P 197 -29.95 -44.65 16.98
N GLU P 198 -30.99 -43.92 17.36
CA GLU P 198 -31.08 -43.18 18.66
C GLU P 198 -31.15 -44.20 19.81
N PHE P 199 -31.94 -45.27 19.64
CA PHE P 199 -32.34 -46.23 20.70
C PHE P 199 -31.34 -47.39 20.82
N VAL P 200 -30.26 -47.38 20.04
CA VAL P 200 -29.22 -48.45 20.00
C VAL P 200 -27.95 -47.96 20.72
N SER P 201 -27.44 -46.78 20.34
CA SER P 201 -26.25 -46.15 20.97
C SER P 201 -26.58 -45.73 22.40
N ASP P 202 -25.64 -45.90 23.32
CA ASP P 202 -25.80 -45.57 24.76
C ASP P 202 -25.77 -44.04 24.94
N ASN P 203 -25.10 -43.33 24.05
CA ASN P 203 -24.97 -41.84 24.09
C ASN P 203 -25.45 -41.25 22.76
N VAL P 204 -26.11 -40.08 22.82
CA VAL P 204 -26.55 -39.32 21.62
C VAL P 204 -26.07 -37.87 21.75
N VAL P 205 -25.27 -37.42 20.79
CA VAL P 205 -24.82 -36.01 20.62
C VAL P 205 -25.44 -35.48 19.33
N ILE P 206 -26.27 -34.44 19.42
CA ILE P 206 -26.92 -33.80 18.24
C ILE P 206 -26.17 -32.50 17.92
N LEU P 207 -25.55 -32.46 16.74
CA LEU P 207 -25.06 -31.22 16.08
C LEU P 207 -26.21 -30.61 15.27
N ARG P 208 -26.51 -29.33 15.50
CA ARG P 208 -27.59 -28.57 14.83
C ARG P 208 -26.99 -27.27 14.27
N ASN P 209 -27.41 -26.88 13.07
CA ASN P 209 -26.99 -25.63 12.37
C ASN P 209 -28.25 -24.83 12.01
N VAL P 210 -29.06 -24.50 13.03
CA VAL P 210 -30.41 -23.90 12.90
C VAL P 210 -30.30 -22.52 12.22
N LEU P 211 -31.31 -22.15 11.44
CA LEU P 211 -31.33 -20.89 10.64
C LEU P 211 -32.11 -19.83 11.41
N GLU P 212 -31.38 -18.91 12.07
CA GLU P 212 -31.95 -17.81 12.90
C GLU P 212 -32.21 -16.59 12.01
N GLY P 213 -33.33 -16.62 11.26
CA GLY P 213 -33.77 -15.54 10.36
C GLY P 213 -33.08 -15.62 9.02
N GLU P 214 -31.78 -15.29 8.99
CA GLU P 214 -30.90 -15.42 7.79
C GLU P 214 -29.48 -15.81 8.18
N ARG P 215 -29.22 -16.04 9.48
CA ARG P 215 -27.88 -16.39 10.02
C ARG P 215 -27.91 -17.84 10.50
N ARG P 216 -26.84 -18.59 10.24
CA ARG P 216 -26.69 -20.02 10.61
C ARG P 216 -25.96 -20.11 11.95
N ARG P 217 -26.65 -20.59 12.99
CA ARG P 217 -26.13 -20.72 14.37
C ARG P 217 -25.90 -22.21 14.68
N ARG P 218 -24.71 -22.55 15.20
CA ARG P 218 -24.28 -23.94 15.51
C ARG P 218 -24.53 -24.23 16.99
N THR P 219 -25.13 -25.39 17.30
CA THR P 219 -25.41 -25.86 18.69
C THR P 219 -25.05 -27.34 18.82
N LEU P 220 -24.37 -27.72 19.92
CA LEU P 220 -23.98 -29.11 20.26
C LEU P 220 -24.68 -29.53 21.55
N GLU P 221 -25.56 -30.54 21.49
CA GLU P 221 -26.35 -31.04 22.64
C GLU P 221 -26.03 -32.53 22.86
N ILE P 222 -25.86 -32.92 24.13
CA ILE P 222 -25.82 -34.35 24.59
C ILE P 222 -27.23 -34.72 25.07
N LEU P 223 -28.06 -35.27 24.17
CA LEU P 223 -29.51 -35.56 24.43
C LEU P 223 -29.63 -36.66 25.49
N LYS P 224 -28.77 -37.69 25.42
CA LYS P 224 -28.69 -38.74 26.48
C LYS P 224 -27.29 -39.34 26.55
N LEU P 225 -26.94 -39.86 27.73
CA LEU P 225 -25.74 -40.67 28.02
C LEU P 225 -26.04 -41.52 29.26
N ARG P 226 -26.02 -42.85 29.13
CA ARG P 226 -26.47 -43.79 30.18
C ARG P 226 -25.30 -44.07 31.14
N GLY P 227 -25.61 -44.18 32.44
CA GLY P 227 -24.63 -44.24 33.54
C GLY P 227 -24.34 -42.86 34.07
N THR P 228 -23.40 -42.15 33.44
CA THR P 228 -22.95 -40.78 33.82
C THR P 228 -24.10 -39.77 33.62
N SER P 229 -24.01 -38.62 34.29
CA SER P 229 -24.87 -37.43 34.08
C SER P 229 -24.33 -36.61 32.92
N HIS P 230 -25.02 -35.53 32.55
CA HIS P 230 -24.54 -34.51 31.57
C HIS P 230 -25.33 -33.22 31.72
N MET P 231 -24.86 -32.17 31.06
CA MET P 231 -25.55 -30.84 30.97
C MET P 231 -26.70 -30.96 29.97
N LYS P 232 -27.87 -30.41 30.30
CA LYS P 232 -29.17 -30.66 29.62
C LYS P 232 -29.62 -29.42 28.84
N GLY P 233 -29.46 -29.45 27.51
CA GLY P 233 -29.96 -28.40 26.59
C GLY P 233 -29.10 -28.24 25.35
N GLU P 234 -29.42 -27.24 24.52
CA GLU P 234 -28.63 -26.81 23.33
C GLU P 234 -27.50 -25.87 23.78
N TYR P 235 -26.25 -26.16 23.40
CA TYR P 235 -25.06 -25.33 23.75
C TYR P 235 -24.42 -24.81 22.46
N PRO P 236 -24.45 -23.47 22.24
CA PRO P 236 -24.01 -22.88 20.97
C PRO P 236 -22.49 -22.97 20.81
N PHE P 237 -22.01 -22.99 19.56
CA PHE P 237 -20.56 -23.07 19.27
C PHE P 237 -20.23 -22.46 17.90
N THR P 238 -18.93 -22.41 17.61
CA THR P 238 -18.34 -21.96 16.32
C THR P 238 -17.21 -22.92 15.92
N ILE P 239 -17.10 -23.17 14.62
CA ILE P 239 -15.94 -23.90 14.01
C ILE P 239 -14.89 -22.85 13.62
N THR P 240 -13.92 -22.64 14.50
CA THR P 240 -12.82 -21.64 14.37
C THR P 240 -11.61 -22.33 13.75
N ASP P 241 -10.46 -21.64 13.69
CA ASP P 241 -9.18 -22.17 13.16
C ASP P 241 -8.66 -23.31 14.07
N HIS P 242 -9.04 -23.30 15.36
CA HIS P 242 -8.73 -24.37 16.34
C HIS P 242 -9.61 -25.60 16.07
N GLY P 243 -10.91 -25.39 15.84
CA GLY P 243 -11.91 -26.44 15.60
C GLY P 243 -13.21 -26.15 16.33
N ILE P 244 -13.82 -27.19 16.91
CA ILE P 244 -15.10 -27.09 17.68
C ILE P 244 -14.81 -26.42 19.03
N ASN P 245 -15.08 -25.11 19.13
CA ASN P 245 -15.02 -24.32 20.39
C ASN P 245 -16.46 -24.09 20.88
N ILE P 246 -16.87 -24.78 21.94
CA ILE P 246 -18.21 -24.61 22.60
C ILE P 246 -18.08 -23.50 23.64
N PHE P 247 -19.18 -22.77 23.88
CA PHE P 247 -19.32 -21.77 24.98
C PHE P 247 -20.48 -22.19 25.87
N PRO P 248 -20.23 -23.04 26.90
CA PRO P 248 -21.31 -23.45 27.82
C PRO P 248 -21.91 -22.23 28.52
N LEU P 249 -22.97 -21.66 27.94
CA LEU P 249 -23.74 -20.50 28.46
C LEU P 249 -24.15 -20.76 29.92
N GLY P 250 -24.30 -22.03 30.30
CA GLY P 250 -24.75 -22.46 31.64
C GLY P 250 -23.60 -22.64 32.62
N ALA P 251 -22.51 -23.29 32.21
CA ALA P 251 -21.43 -23.80 33.10
C ALA P 251 -20.47 -22.69 33.54
N MET P 252 -20.82 -21.41 33.35
CA MET P 252 -19.99 -20.26 33.76
C MET P 252 -20.39 -19.82 35.18
N ARG P 253 -19.75 -20.40 36.20
CA ARG P 253 -20.09 -20.22 37.65
C ARG P 253 -20.11 -18.73 38.01
N LEU P 254 -20.97 -18.36 38.98
CA LEU P 254 -21.21 -16.97 39.43
C LEU P 254 -20.27 -16.67 40.61
N THR P 255 -18.96 -16.90 40.41
CA THR P 255 -17.90 -16.82 41.44
C THR P 255 -16.66 -16.16 40.82
N GLN P 256 -16.80 -14.90 40.41
CA GLN P 256 -15.70 -14.06 39.86
C GLN P 256 -14.88 -13.50 41.03
N ARG P 257 -13.78 -12.79 40.73
CA ARG P 257 -12.99 -12.02 41.71
C ARG P 257 -13.68 -10.67 41.93
N SER P 258 -13.08 -9.81 42.75
CA SER P 258 -13.54 -8.42 43.00
C SER P 258 -12.36 -7.59 43.51
N SER P 259 -12.60 -6.29 43.75
CA SER P 259 -11.68 -5.37 44.46
C SER P 259 -12.42 -4.05 44.71
N ASN P 260 -11.95 -3.28 45.69
CA ASN P 260 -12.50 -1.94 46.06
C ASN P 260 -11.60 -0.85 45.45
N VAL P 261 -10.75 -1.23 44.50
CA VAL P 261 -9.77 -0.32 43.81
C VAL P 261 -10.60 0.66 42.98
N ARG P 262 -9.98 1.64 42.33
CA ARG P 262 -10.72 2.47 41.36
C ARG P 262 -9.89 2.71 40.09
N VAL P 263 -10.63 3.10 39.06
CA VAL P 263 -10.14 3.47 37.71
C VAL P 263 -10.91 4.71 37.30
N SER P 264 -10.23 5.70 36.74
CA SER P 264 -10.85 6.98 36.31
C SER P 264 -11.82 6.72 35.16
N SER P 265 -12.97 7.39 35.20
CA SER P 265 -13.93 7.48 34.06
C SER P 265 -13.23 8.13 32.87
N GLY P 266 -12.52 9.23 33.12
CA GLY P 266 -11.88 10.08 32.10
C GLY P 266 -12.23 11.55 32.30
N VAL P 267 -13.47 11.80 32.73
CA VAL P 267 -13.99 13.17 33.06
C VAL P 267 -13.94 13.34 34.58
N VAL P 268 -13.31 14.43 35.03
CA VAL P 268 -12.99 14.71 36.47
C VAL P 268 -14.30 14.93 37.23
N ARG P 269 -15.25 15.68 36.65
CA ARG P 269 -16.57 16.00 37.27
C ARG P 269 -17.38 14.70 37.43
N LEU P 270 -17.25 13.76 36.48
CA LEU P 270 -17.91 12.42 36.53
C LEU P 270 -17.29 11.60 37.67
N ASP P 271 -15.96 11.51 37.72
CA ASP P 271 -15.21 10.78 38.77
C ASP P 271 -15.75 11.18 40.16
N GLU P 272 -15.99 12.48 40.36
CA GLU P 272 -16.56 13.06 41.62
C GLU P 272 -17.98 12.53 41.82
N MET P 273 -18.79 12.50 40.76
CA MET P 273 -20.21 12.07 40.80
C MET P 273 -20.32 10.57 41.11
N CYS P 274 -19.29 9.77 40.83
CA CYS P 274 -19.24 8.31 41.11
C CYS P 274 -18.61 8.04 42.48
N GLY P 275 -18.37 9.09 43.28
CA GLY P 275 -17.76 9.00 44.61
C GLY P 275 -16.30 8.60 44.55
N GLY P 276 -15.55 9.12 43.57
CA GLY P 276 -14.09 8.87 43.42
C GLY P 276 -13.73 8.19 42.11
N GLY P 277 -14.70 7.90 41.25
CA GLY P 277 -14.49 7.29 39.92
C GLY P 277 -15.14 5.91 39.81
N PHE P 278 -14.84 5.21 38.71
CA PHE P 278 -15.34 3.83 38.43
C PHE P 278 -14.52 2.83 39.23
N PHE P 279 -15.09 1.64 39.46
CA PHE P 279 -14.40 0.47 40.08
C PHE P 279 -13.72 -0.34 38.96
N LYS P 280 -12.51 -0.83 39.22
CA LYS P 280 -11.67 -1.59 38.24
C LYS P 280 -12.46 -2.78 37.71
N ASP P 281 -13.03 -3.59 38.62
CA ASP P 281 -13.77 -4.84 38.29
C ASP P 281 -15.27 -4.56 38.29
N SER P 282 -15.77 -3.87 37.26
CA SER P 282 -17.19 -3.45 37.19
C SER P 282 -17.66 -3.26 35.74
N ILE P 283 -18.94 -3.54 35.52
CA ILE P 283 -19.70 -3.31 34.25
C ILE P 283 -20.41 -1.96 34.37
N ILE P 284 -19.99 -0.98 33.55
CA ILE P 284 -20.66 0.34 33.42
C ILE P 284 -21.68 0.23 32.28
N LEU P 285 -22.85 0.85 32.44
CA LEU P 285 -23.81 1.05 31.33
C LEU P 285 -23.96 2.54 31.07
N ALA P 286 -23.73 2.97 29.82
CA ALA P 286 -24.00 4.32 29.31
C ALA P 286 -25.30 4.28 28.49
N THR P 287 -26.36 4.86 29.03
CA THR P 287 -27.72 4.85 28.44
C THR P 287 -28.09 6.29 28.04
N GLY P 288 -29.00 6.41 27.08
CA GLY P 288 -29.64 7.68 26.70
C GLY P 288 -30.24 7.60 25.33
N ALA P 289 -30.99 8.64 24.96
CA ALA P 289 -31.43 8.93 23.57
C ALA P 289 -30.20 8.91 22.65
N THR P 290 -30.41 8.98 21.34
CA THR P 290 -29.31 9.08 20.33
C THR P 290 -28.71 10.48 20.41
N GLY P 291 -27.39 10.59 20.21
CA GLY P 291 -26.65 11.85 20.07
C GLY P 291 -26.39 12.56 21.38
N THR P 292 -26.69 11.94 22.51
CA THR P 292 -26.56 12.54 23.88
C THR P 292 -25.08 12.62 24.24
N GLY P 293 -24.30 11.60 23.88
CA GLY P 293 -22.83 11.57 24.05
C GLY P 293 -22.35 10.29 24.71
N LYS P 294 -22.90 9.12 24.33
CA LYS P 294 -22.40 7.80 24.77
C LYS P 294 -21.00 7.58 24.17
N THR P 295 -20.88 7.73 22.85
CA THR P 295 -19.64 7.51 22.06
C THR P 295 -18.53 8.43 22.56
N LEU P 296 -18.87 9.70 22.82
CA LEU P 296 -17.95 10.71 23.43
C LEU P 296 -17.35 10.13 24.72
N LEU P 297 -18.22 9.74 25.66
CA LEU P 297 -17.82 9.17 26.98
C LEU P 297 -17.05 7.86 26.75
N VAL P 298 -17.52 7.01 25.83
CA VAL P 298 -16.87 5.72 25.44
C VAL P 298 -15.44 6.00 24.98
N SER P 299 -15.22 7.12 24.29
CA SER P 299 -13.89 7.57 23.79
C SER P 299 -12.96 7.91 24.96
N ARG P 300 -13.42 8.77 25.87
CA ARG P 300 -12.60 9.37 26.96
C ARG P 300 -12.34 8.32 28.05
N PHE P 301 -13.12 7.23 28.03
CA PHE P 301 -12.89 5.99 28.81
C PHE P 301 -11.63 5.29 28.27
N VAL P 302 -11.58 5.11 26.95
CA VAL P 302 -10.44 4.45 26.23
C VAL P 302 -9.19 5.33 26.38
N GLU P 303 -9.38 6.65 26.46
CA GLU P 303 -8.29 7.65 26.58
C GLU P 303 -7.53 7.45 27.90
N ASN P 304 -8.25 7.32 29.02
CA ASN P 304 -7.66 7.30 30.39
C ASN P 304 -6.89 5.98 30.62
N ALA P 305 -7.25 4.90 29.92
CA ALA P 305 -6.47 3.64 29.91
C ALA P 305 -5.08 3.94 29.35
N CYS P 306 -5.04 4.61 28.19
CA CYS P 306 -3.80 4.93 27.44
C CYS P 306 -3.01 6.04 28.15
N ALA P 307 -3.68 6.99 28.78
CA ALA P 307 -3.06 8.11 29.54
C ALA P 307 -2.32 7.56 30.77
N ASN P 308 -2.93 6.60 31.48
CA ASN P 308 -2.34 5.91 32.67
C ASN P 308 -1.53 4.69 32.20
N LYS P 309 -0.83 4.82 31.06
CA LYS P 309 0.11 3.82 30.49
C LYS P 309 -0.53 2.42 30.40
N GLU P 310 -1.85 2.32 30.53
CA GLU P 310 -2.60 1.04 30.47
C GLU P 310 -3.01 0.79 29.01
N ARG P 311 -3.71 -0.31 28.76
CA ARG P 311 -4.15 -0.72 27.40
C ARG P 311 -5.66 -1.01 27.43
N ALA P 312 -6.33 -0.73 26.32
CA ALA P 312 -7.81 -0.78 26.19
C ALA P 312 -8.20 -1.06 24.73
N ILE P 313 -9.21 -1.90 24.54
CA ILE P 313 -9.86 -2.17 23.23
C ILE P 313 -11.15 -1.35 23.16
N LEU P 314 -11.48 -0.85 21.97
CA LEU P 314 -12.79 -0.22 21.65
C LEU P 314 -13.41 -0.97 20.48
N PHE P 315 -14.41 -1.79 20.77
CA PHE P 315 -15.27 -2.47 19.75
C PHE P 315 -16.35 -1.50 19.30
N ALA P 316 -16.19 -0.97 18.08
CA ALA P 316 -17.16 -0.07 17.41
C ALA P 316 -18.08 -0.91 16.51
N TYR P 317 -19.37 -0.56 16.48
CA TYR P 317 -20.40 -1.25 15.64
C TYR P 317 -21.15 -0.25 14.75
N GLU P 318 -21.35 0.99 15.21
CA GLU P 318 -22.19 2.02 14.53
C GLU P 318 -21.31 2.93 13.64
N GLU P 319 -20.07 3.22 14.04
CA GLU P 319 -19.15 4.14 13.33
C GLU P 319 -17.86 3.40 12.96
N SER P 320 -17.18 3.84 11.90
CA SER P 320 -15.95 3.23 11.34
C SER P 320 -14.71 3.79 12.03
N ARG P 321 -13.56 3.11 11.86
CA ARG P 321 -12.23 3.54 12.38
C ARG P 321 -12.00 5.01 12.01
N ALA P 322 -12.28 5.37 10.76
CA ALA P 322 -12.11 6.74 10.19
C ALA P 322 -12.98 7.75 10.94
N GLN P 323 -14.30 7.51 10.99
CA GLN P 323 -15.31 8.39 11.65
C GLN P 323 -15.06 8.44 13.16
N LEU P 324 -14.47 7.38 13.72
CA LEU P 324 -14.04 7.32 15.14
C LEU P 324 -12.94 8.36 15.39
N LEU P 325 -11.85 8.32 14.62
CA LEU P 325 -10.64 9.15 14.85
C LEU P 325 -10.97 10.63 14.63
N ARG P 326 -11.83 10.94 13.64
CA ARG P 326 -12.25 12.34 13.29
C ARG P 326 -13.04 12.93 14.46
N ASN P 327 -14.15 12.26 14.83
CA ASN P 327 -15.08 12.71 15.91
C ASN P 327 -14.30 12.77 17.22
N ALA P 328 -13.40 11.82 17.44
CA ALA P 328 -12.42 11.81 18.55
C ALA P 328 -11.57 13.08 18.48
N TYR P 329 -10.87 13.30 17.36
CA TYR P 329 -9.90 14.41 17.17
C TYR P 329 -10.55 15.76 17.52
N SER P 330 -11.85 15.93 17.23
CA SER P 330 -12.59 17.20 17.43
C SER P 330 -13.02 17.38 18.89
N TRP P 331 -12.91 16.35 19.73
CA TRP P 331 -13.12 16.43 21.20
C TRP P 331 -11.76 16.57 21.92
N GLY P 332 -10.68 16.80 21.16
CA GLY P 332 -9.32 17.02 21.70
C GLY P 332 -8.48 15.76 21.56
N MET P 333 -8.92 14.68 22.20
CA MET P 333 -8.29 13.33 22.22
C MET P 333 -7.87 12.89 20.81
N ASP P 334 -6.69 12.27 20.72
CA ASP P 334 -6.08 11.70 19.51
C ASP P 334 -6.09 10.17 19.63
N PHE P 335 -6.47 9.46 18.56
CA PHE P 335 -6.50 7.98 18.51
C PHE P 335 -5.30 7.47 17.70
N GLU P 336 -5.15 7.93 16.45
CA GLU P 336 -4.09 7.48 15.50
C GLU P 336 -2.69 7.74 16.09
N GLU P 337 -2.57 8.68 17.04
CA GLU P 337 -1.34 8.92 17.85
C GLU P 337 -1.52 8.28 19.23
N MET P 338 -1.85 6.98 19.25
CA MET P 338 -2.19 6.20 20.47
C MET P 338 -2.34 4.71 20.10
N GLU P 339 -2.93 4.42 18.93
CA GLU P 339 -2.96 3.06 18.32
C GLU P 339 -1.53 2.62 17.97
N ARG P 340 -0.70 3.57 17.51
CA ARG P 340 0.69 3.33 17.04
C ARG P 340 1.58 2.87 18.21
N GLN P 341 1.23 3.25 19.44
CA GLN P 341 2.01 2.95 20.68
C GLN P 341 1.72 1.53 21.18
N ASN P 342 0.73 0.85 20.59
CA ASN P 342 0.24 -0.52 20.94
C ASN P 342 -0.69 -0.48 22.17
N LEU P 343 -1.24 0.68 22.50
CA LEU P 343 -2.09 0.89 23.71
C LEU P 343 -3.59 0.89 23.34
N LEU P 344 -3.93 1.13 22.07
CA LEU P 344 -5.34 1.13 21.59
C LEU P 344 -5.48 0.16 20.41
N LYS P 345 -6.35 -0.86 20.57
CA LYS P 345 -6.84 -1.75 19.49
C LYS P 345 -8.29 -1.36 19.18
N ILE P 346 -8.62 -1.14 17.91
CA ILE P 346 -10.00 -0.82 17.45
C ILE P 346 -10.47 -1.92 16.50
N VAL P 347 -11.38 -2.78 16.97
CA VAL P 347 -12.16 -3.75 16.15
C VAL P 347 -13.48 -3.07 15.75
N CYS P 348 -13.68 -2.84 14.46
CA CYS P 348 -14.92 -2.27 13.87
C CYS P 348 -15.62 -3.35 13.04
N ALA P 349 -16.93 -3.54 13.24
CA ALA P 349 -17.74 -4.52 12.50
C ALA P 349 -19.22 -4.08 12.48
N TYR P 350 -20.00 -4.70 11.59
CA TYR P 350 -21.47 -4.60 11.52
C TYR P 350 -22.06 -5.79 12.26
N PRO P 351 -23.01 -5.59 13.21
CA PRO P 351 -23.60 -6.70 13.95
C PRO P 351 -24.34 -7.74 13.09
N GLU P 352 -24.87 -7.33 11.92
CA GLU P 352 -25.67 -8.22 11.02
C GLU P 352 -24.75 -9.30 10.41
N SER P 353 -23.44 -9.03 10.33
CA SER P 353 -22.40 -9.96 9.81
C SER P 353 -22.12 -11.06 10.84
N ALA P 354 -22.50 -12.30 10.53
CA ALA P 354 -22.40 -13.51 11.38
C ALA P 354 -23.31 -13.39 12.61
N GLY P 355 -23.43 -14.47 13.38
CA GLY P 355 -24.32 -14.57 14.56
C GLY P 355 -23.63 -14.16 15.84
N LEU P 356 -24.38 -14.07 16.94
CA LEU P 356 -23.88 -13.68 18.30
C LEU P 356 -22.87 -14.72 18.79
N GLU P 357 -23.11 -16.02 18.52
CA GLU P 357 -22.15 -17.12 18.80
C GLU P 357 -20.79 -16.75 18.20
N ASP P 358 -20.80 -16.20 16.98
CA ASP P 358 -19.60 -15.73 16.25
C ASP P 358 -18.98 -14.54 16.99
N HIS P 359 -19.80 -13.53 17.35
CA HIS P 359 -19.36 -12.24 17.92
C HIS P 359 -18.62 -12.43 19.27
N LEU P 360 -19.09 -13.33 20.12
CA LEU P 360 -18.54 -13.52 21.50
C LEU P 360 -17.09 -13.98 21.41
N GLN P 361 -16.82 -15.02 20.59
CA GLN P 361 -15.47 -15.59 20.37
C GLN P 361 -14.55 -14.51 19.76
N ILE P 362 -15.06 -13.75 18.78
CA ILE P 362 -14.34 -12.63 18.10
C ILE P 362 -14.03 -11.53 19.13
N ILE P 363 -14.96 -11.26 20.05
CA ILE P 363 -14.78 -10.28 21.16
C ILE P 363 -13.76 -10.85 22.15
N LYS P 364 -13.94 -12.10 22.58
CA LYS P 364 -13.17 -12.73 23.69
C LYS P 364 -11.74 -13.05 23.23
N SER P 365 -11.55 -13.53 22.00
CA SER P 365 -10.22 -13.89 21.45
C SER P 365 -9.38 -12.62 21.21
N GLU P 366 -10.03 -11.49 20.94
CA GLU P 366 -9.38 -10.17 20.75
C GLU P 366 -8.74 -9.74 22.08
N ILE P 367 -9.43 -10.01 23.19
CA ILE P 367 -8.96 -9.73 24.58
C ILE P 367 -7.72 -10.57 24.90
N ASN P 368 -7.61 -11.77 24.32
CA ASN P 368 -6.46 -12.68 24.53
C ASN P 368 -5.20 -12.08 23.91
N ASP P 369 -5.20 -11.90 22.59
CA ASP P 369 -4.03 -11.41 21.81
C ASP P 369 -3.94 -9.89 21.93
N PHE P 370 -3.66 -9.41 23.15
CA PHE P 370 -3.60 -7.97 23.54
C PHE P 370 -3.49 -7.86 25.06
N LYS P 371 -4.37 -8.58 25.78
CA LYS P 371 -4.43 -8.65 27.27
C LYS P 371 -4.72 -7.27 27.84
N PRO P 372 -5.89 -6.66 27.53
CA PRO P 372 -6.19 -5.29 27.94
C PRO P 372 -6.72 -5.18 29.38
N ALA P 373 -6.83 -3.94 29.88
CA ALA P 373 -7.39 -3.58 31.20
C ALA P 373 -8.83 -3.05 31.05
N ARG P 374 -9.22 -2.61 29.85
CA ARG P 374 -10.56 -2.03 29.57
C ARG P 374 -11.10 -2.53 28.23
N ILE P 375 -12.34 -3.00 28.22
CA ILE P 375 -13.17 -3.23 27.00
C ILE P 375 -14.22 -2.11 26.96
N ALA P 376 -14.59 -1.66 25.76
CA ALA P 376 -15.58 -0.58 25.53
C ALA P 376 -16.39 -0.89 24.28
N ILE P 377 -17.56 -1.51 24.44
CA ILE P 377 -18.41 -1.98 23.30
C ILE P 377 -19.48 -0.92 22.99
N ASP P 378 -19.25 -0.16 21.91
CA ASP P 378 -20.19 0.85 21.35
C ASP P 378 -20.78 0.29 20.06
N SER P 379 -22.03 -0.22 20.09
CA SER P 379 -22.91 -0.26 21.25
C SER P 379 -23.50 -1.68 21.40
N LEU P 380 -24.21 -1.91 22.51
CA LEU P 380 -24.99 -3.13 22.78
C LEU P 380 -26.35 -3.04 22.04
N SER P 381 -26.95 -1.84 22.01
CA SER P 381 -28.19 -1.55 21.22
C SER P 381 -28.00 -2.03 19.78
N ALA P 382 -26.80 -1.86 19.22
CA ALA P 382 -26.45 -2.24 17.83
C ALA P 382 -26.64 -3.75 17.63
N LEU P 383 -26.08 -4.59 18.51
CA LEU P 383 -26.04 -6.07 18.33
C LEU P 383 -27.43 -6.67 18.63
N ALA P 384 -28.17 -6.08 19.58
CA ALA P 384 -29.48 -6.58 20.04
C ALA P 384 -30.50 -6.52 18.89
N ARG P 385 -30.41 -5.51 18.02
CA ARG P 385 -31.30 -5.33 16.84
C ARG P 385 -31.09 -6.53 15.89
N GLY P 386 -32.14 -7.35 15.72
CA GLY P 386 -32.20 -8.45 14.74
C GLY P 386 -32.10 -9.83 15.37
N VAL P 387 -32.28 -9.94 16.69
CA VAL P 387 -32.28 -11.25 17.43
C VAL P 387 -33.39 -11.21 18.50
N SER P 388 -33.61 -12.34 19.18
CA SER P 388 -34.53 -12.47 20.34
C SER P 388 -33.90 -11.78 21.56
N ASN P 389 -34.73 -11.46 22.56
CA ASN P 389 -34.29 -10.97 23.89
C ASN P 389 -33.48 -12.07 24.59
N ASN P 390 -33.88 -13.34 24.41
CA ASN P 390 -33.25 -14.53 25.04
C ASN P 390 -31.83 -14.72 24.49
N ALA P 391 -31.64 -14.54 23.17
CA ALA P 391 -30.35 -14.67 22.47
C ALA P 391 -29.39 -13.58 22.95
N PHE P 392 -29.81 -12.32 22.80
CA PHE P 392 -29.00 -11.11 23.14
C PHE P 392 -28.49 -11.24 24.57
N ARG P 393 -29.43 -11.37 25.52
CA ARG P 393 -29.17 -11.56 26.98
C ARG P 393 -28.04 -12.57 27.18
N GLN P 394 -28.22 -13.79 26.64
CA GLN P 394 -27.30 -14.94 26.82
C GLN P 394 -25.89 -14.56 26.33
N PHE P 395 -25.79 -13.62 25.38
CA PHE P 395 -24.52 -13.02 24.91
C PHE P 395 -24.02 -12.01 25.95
N VAL P 396 -24.88 -11.08 26.35
CA VAL P 396 -24.52 -9.94 27.26
C VAL P 396 -24.00 -10.51 28.58
N ILE P 397 -24.61 -11.60 29.08
CA ILE P 397 -24.11 -12.38 30.25
C ILE P 397 -22.69 -12.86 29.92
N GLY P 398 -22.51 -13.47 28.74
CA GLY P 398 -21.21 -13.96 28.24
C GLY P 398 -20.16 -12.86 28.17
N VAL P 399 -20.54 -11.65 27.75
CA VAL P 399 -19.63 -10.48 27.60
C VAL P 399 -19.38 -9.84 28.97
N THR P 400 -20.44 -9.44 29.67
CA THR P 400 -20.40 -8.84 31.03
C THR P 400 -19.71 -9.82 31.99
N GLY P 401 -20.08 -11.10 31.91
CA GLY P 401 -19.54 -12.18 32.77
C GLY P 401 -18.07 -12.45 32.53
N TYR P 402 -17.61 -12.46 31.27
CA TYR P 402 -16.21 -12.79 30.92
C TYR P 402 -15.26 -11.68 31.37
N ALA P 403 -15.61 -10.42 31.12
CA ALA P 403 -14.78 -9.24 31.47
C ALA P 403 -14.54 -9.21 32.98
N LYS P 404 -15.60 -9.32 33.78
CA LYS P 404 -15.55 -9.35 35.26
C LYS P 404 -14.59 -10.46 35.73
N GLN P 405 -14.66 -11.64 35.11
CA GLN P 405 -13.87 -12.86 35.47
C GLN P 405 -12.37 -12.56 35.30
N GLU P 406 -11.97 -11.98 34.15
CA GLU P 406 -10.56 -11.66 33.85
C GLU P 406 -10.21 -10.27 34.39
N GLU P 407 -11.10 -9.65 35.18
CA GLU P 407 -10.89 -8.39 35.92
C GLU P 407 -10.74 -7.21 34.96
N ILE P 408 -11.35 -7.29 33.77
CA ILE P 408 -11.29 -6.27 32.68
C ILE P 408 -12.50 -5.35 32.81
N THR P 409 -12.31 -4.03 32.66
CA THR P 409 -13.35 -3.00 32.92
C THR P 409 -14.17 -2.76 31.64
N GLY P 410 -15.39 -3.29 31.61
CA GLY P 410 -16.37 -3.13 30.50
C GLY P 410 -17.23 -1.90 30.69
N LEU P 411 -17.23 -1.00 29.69
CA LEU P 411 -18.21 0.10 29.52
C LEU P 411 -18.95 -0.14 28.21
N PHE P 412 -20.28 -0.28 28.25
CA PHE P 412 -21.14 -0.59 27.08
C PHE P 412 -22.18 0.52 26.89
N THR P 413 -22.21 1.11 25.71
CA THR P 413 -23.20 2.15 25.32
C THR P 413 -24.54 1.45 25.03
N ASN P 414 -25.66 2.12 25.25
CA ASN P 414 -27.01 1.61 24.93
C ASN P 414 -27.94 2.78 24.54
N THR P 415 -28.32 2.86 23.27
CA THR P 415 -29.24 3.88 22.73
C THR P 415 -30.68 3.48 23.08
N SER P 416 -31.42 4.37 23.75
CA SER P 416 -32.85 4.22 24.11
C SER P 416 -33.71 4.60 22.90
N ASP P 417 -34.62 3.71 22.49
CA ASP P 417 -35.53 3.93 21.32
C ASP P 417 -36.34 5.21 21.53
N GLN P 418 -36.66 5.54 22.79
CA GLN P 418 -37.44 6.75 23.17
C GLN P 418 -36.46 7.87 23.57
N PHE P 419 -36.22 8.84 22.70
CA PHE P 419 -35.30 9.97 22.96
C PHE P 419 -35.90 10.86 24.07
N MET P 420 -37.22 10.97 24.14
CA MET P 420 -37.92 11.76 25.19
C MET P 420 -38.53 10.82 26.23
N GLY P 421 -38.22 11.07 27.51
CA GLY P 421 -38.79 10.37 28.66
C GLY P 421 -38.93 8.87 28.42
N ALA P 422 -37.82 8.18 28.17
CA ALA P 422 -37.76 6.70 28.14
C ALA P 422 -38.20 6.19 29.51
N HIS P 423 -39.12 5.22 29.54
CA HIS P 423 -39.73 4.68 30.79
C HIS P 423 -38.91 3.50 31.34
N SER P 424 -37.79 3.16 30.67
CA SER P 424 -36.90 2.04 31.06
C SER P 424 -35.45 2.37 30.68
N ILE P 425 -34.49 2.01 31.54
CA ILE P 425 -33.04 2.37 31.40
C ILE P 425 -32.55 1.66 30.13
N THR P 426 -32.88 0.38 30.00
CA THR P 426 -32.62 -0.44 28.78
C THR P 426 -33.93 -1.07 28.32
N ASP P 427 -34.12 -1.20 27.01
CA ASP P 427 -35.30 -1.85 26.38
C ASP P 427 -35.05 -3.35 26.27
N SER P 428 -33.79 -3.79 26.41
CA SER P 428 -33.37 -5.21 26.40
C SER P 428 -33.51 -5.83 27.81
N HIS P 429 -33.80 -5.00 28.82
CA HIS P 429 -34.01 -5.40 30.25
C HIS P 429 -32.77 -6.12 30.77
N ILE P 430 -31.63 -5.42 30.78
CA ILE P 430 -30.31 -5.95 31.24
C ILE P 430 -29.68 -4.98 32.24
N SEP P 431 -30.53 -4.35 33.06
CA SEP P 431 -30.08 -3.37 34.03
CB SEP P 431 -31.21 -2.42 34.40
OG SEP P 431 -31.98 -2.13 33.21
C SEP P 431 -29.50 -4.07 35.26
O SEP P 431 -28.61 -3.54 35.90
P SEP P 431 -33.59 -2.31 33.24
O1P SEP P 431 -33.88 -3.60 33.98
O2P SEP P 431 -34.02 -2.36 31.78
O3P SEP P 431 -34.15 -1.09 33.95
N THR P 432 -29.99 -5.28 35.55
CA THR P 432 -29.58 -6.04 36.72
C THR P 432 -28.17 -6.63 36.51
N ILE P 433 -27.70 -6.74 35.26
CA ILE P 433 -26.40 -7.37 34.92
C ILE P 433 -25.26 -6.35 35.09
N THR P 434 -25.53 -5.07 34.86
CA THR P 434 -24.53 -3.96 34.98
C THR P 434 -24.47 -3.50 36.44
N ASP P 435 -23.37 -2.85 36.82
CA ASP P 435 -23.07 -2.40 38.21
C ASP P 435 -23.27 -0.88 38.29
N THR P 436 -22.58 -0.12 37.43
CA THR P 436 -22.73 1.36 37.29
C THR P 436 -23.62 1.65 36.08
N ILE P 437 -24.48 2.66 36.18
CA ILE P 437 -25.40 3.12 35.10
C ILE P 437 -25.39 4.66 35.07
N ILE P 438 -24.83 5.25 34.00
CA ILE P 438 -24.75 6.72 33.80
C ILE P 438 -25.75 7.13 32.71
N LEU P 439 -26.97 7.55 33.12
CA LEU P 439 -28.05 7.99 32.21
C LEU P 439 -27.68 9.35 31.60
N LEU P 440 -27.94 9.51 30.30
CA LEU P 440 -27.88 10.81 29.56
C LEU P 440 -29.25 11.04 28.93
N GLN P 441 -29.86 12.20 29.13
CA GLN P 441 -31.19 12.52 28.56
C GLN P 441 -31.17 13.93 27.97
N TYR P 442 -32.19 14.25 27.17
CA TYR P 442 -32.42 15.61 26.63
C TYR P 442 -33.39 16.33 27.55
N VAL P 443 -33.17 17.63 27.71
CA VAL P 443 -33.97 18.54 28.58
C VAL P 443 -34.34 19.76 27.76
N GLU P 444 -35.58 19.81 27.29
CA GLU P 444 -36.15 21.01 26.63
C GLU P 444 -36.25 22.13 27.67
N ILE P 445 -35.22 22.98 27.75
CA ILE P 445 -35.17 24.19 28.62
C ILE P 445 -35.29 25.44 27.74
N ARG P 446 -36.51 25.98 27.61
CA ARG P 446 -36.82 27.26 26.92
C ARG P 446 -36.51 27.14 25.42
N GLY P 447 -37.31 26.34 24.69
CA GLY P 447 -37.22 26.15 23.23
C GLY P 447 -35.82 25.71 22.80
N GLU P 448 -35.14 24.91 23.64
CA GLU P 448 -33.69 24.59 23.48
C GLU P 448 -33.41 23.20 24.07
N MET P 449 -32.67 22.36 23.34
CA MET P 449 -32.36 20.95 23.71
C MET P 449 -31.06 20.87 24.50
N SER P 450 -31.14 21.13 25.81
CA SER P 450 -30.05 20.92 26.79
C SER P 450 -29.89 19.41 27.03
N ARG P 451 -28.68 18.98 27.39
CA ARG P 451 -28.39 17.59 27.83
C ARG P 451 -28.47 17.53 29.36
N ALA P 452 -28.43 16.31 29.90
CA ALA P 452 -28.23 16.06 31.34
C ALA P 452 -27.49 14.74 31.52
N ILE P 453 -26.62 14.69 32.53
CA ILE P 453 -25.82 13.48 32.90
C ILE P 453 -26.15 13.15 34.37
N ASN P 454 -26.31 11.87 34.67
CA ASN P 454 -26.72 11.38 36.00
C ASN P 454 -26.25 9.93 36.17
N VAL P 455 -25.41 9.68 37.17
CA VAL P 455 -25.13 8.28 37.63
C VAL P 455 -26.41 7.78 38.28
N PHE P 456 -27.04 6.77 37.66
CA PHE P 456 -28.34 6.20 38.08
C PHE P 456 -28.12 5.24 39.26
N LYS P 457 -27.03 4.46 39.21
CA LYS P 457 -26.57 3.64 40.37
C LYS P 457 -25.06 3.37 40.26
N MET P 458 -24.43 3.23 41.43
CA MET P 458 -23.07 2.66 41.63
C MET P 458 -23.18 1.54 42.67
N ARG P 459 -22.90 0.29 42.28
CA ARG P 459 -22.79 -0.86 43.21
C ARG P 459 -21.42 -0.78 43.90
N GLY P 460 -21.37 -0.34 45.18
CA GLY P 460 -20.14 -0.35 45.99
C GLY P 460 -19.76 1.03 46.51
N SER P 461 -19.97 2.08 45.70
CA SER P 461 -19.56 3.46 46.01
C SER P 461 -20.75 4.25 46.57
N TRP P 462 -20.46 5.49 46.98
CA TRP P 462 -21.47 6.53 47.30
C TRP P 462 -22.24 6.93 46.03
N HIS P 463 -21.65 7.76 45.15
CA HIS P 463 -22.24 8.28 43.87
C HIS P 463 -23.24 9.42 44.11
N ASP P 464 -23.34 10.34 43.14
CA ASP P 464 -24.11 11.61 43.18
C ASP P 464 -25.50 11.39 42.57
N LYS P 465 -26.57 11.82 43.26
CA LYS P 465 -27.98 11.52 42.91
C LYS P 465 -28.64 12.73 42.24
N ALA P 466 -27.90 13.54 41.48
CA ALA P 466 -28.39 14.81 40.88
C ALA P 466 -28.38 14.72 39.36
N ILE P 467 -29.51 15.08 38.72
CA ILE P 467 -29.64 15.25 37.24
C ILE P 467 -28.96 16.57 36.85
N ARG P 468 -27.68 16.51 36.50
CA ARG P 468 -26.82 17.69 36.21
C ARG P 468 -26.92 18.07 34.72
N GLU P 469 -27.14 19.36 34.43
CA GLU P 469 -27.02 19.92 33.05
C GLU P 469 -25.56 19.75 32.61
N PHE P 470 -25.34 19.42 31.34
CA PHE P 470 -23.99 19.44 30.71
C PHE P 470 -24.13 19.80 29.23
N MET P 471 -23.02 20.28 28.66
CA MET P 471 -22.89 20.55 27.21
C MET P 471 -21.54 19.99 26.74
N ILE P 472 -21.38 19.89 25.42
CA ILE P 472 -20.19 19.31 24.76
C ILE P 472 -19.52 20.42 23.95
N SER P 473 -18.19 20.31 23.78
CA SER P 473 -17.34 21.30 23.10
C SER P 473 -16.03 20.63 22.68
N ASP P 474 -15.14 21.40 22.04
CA ASP P 474 -13.83 20.94 21.55
C ASP P 474 -13.02 20.32 22.70
N LYS P 475 -13.11 20.89 23.90
CA LYS P 475 -12.48 20.34 25.13
C LYS P 475 -13.12 18.99 25.49
N GLY P 476 -14.45 18.90 25.36
CA GLY P 476 -15.23 17.67 25.64
C GLY P 476 -16.46 17.98 26.49
N PRO P 477 -16.87 17.08 27.41
CA PRO P 477 -18.03 17.32 28.27
C PRO P 477 -17.73 18.25 29.45
N ASP P 478 -18.53 19.32 29.57
CA ASP P 478 -18.52 20.26 30.73
C ASP P 478 -19.76 19.97 31.57
N ILE P 479 -19.62 19.13 32.59
CA ILE P 479 -20.73 18.73 33.50
C ILE P 479 -21.02 19.92 34.42
N LYS P 480 -22.20 20.53 34.28
CA LYS P 480 -22.59 21.79 34.95
C LYS P 480 -23.48 21.49 36.17
N ASP P 481 -24.20 22.49 36.68
CA ASP P 481 -25.02 22.41 37.92
C ASP P 481 -26.40 21.83 37.58
N SER P 482 -27.14 21.38 38.60
CA SER P 482 -28.46 20.69 38.50
C SER P 482 -29.57 21.69 38.15
N PHE P 483 -30.74 21.17 37.77
CA PHE P 483 -31.96 21.95 37.42
C PHE P 483 -32.81 22.15 38.68
N ARG P 484 -32.22 22.77 39.71
CA ARG P 484 -32.73 22.80 41.12
C ARG P 484 -34.13 23.44 41.18
N ASN P 485 -34.44 24.38 40.28
CA ASN P 485 -35.74 25.10 40.22
C ASN P 485 -36.60 24.57 39.06
N PHE P 486 -36.60 23.25 38.82
CA PHE P 486 -37.40 22.57 37.77
C PHE P 486 -38.07 21.30 38.33
N GLU P 487 -39.22 20.96 37.73
CA GLU P 487 -40.02 19.75 38.02
C GLU P 487 -40.16 18.91 36.76
N ARG P 488 -40.27 17.59 36.91
CA ARG P 488 -40.53 16.61 35.81
C ARG P 488 -39.36 16.62 34.81
N ILE P 489 -38.13 16.79 35.30
CA ILE P 489 -36.88 16.78 34.48
C ILE P 489 -36.73 15.40 33.80
N ILE P 490 -37.33 14.36 34.38
CA ILE P 490 -37.30 12.96 33.83
C ILE P 490 -38.03 12.91 32.48
N SER P 491 -39.11 13.69 32.33
CA SER P 491 -40.05 13.63 31.18
C SER P 491 -39.40 14.17 29.89
N GLY P 492 -38.36 14.99 30.00
CA GLY P 492 -37.75 15.70 28.86
C GLY P 492 -38.34 17.10 28.68
N SER P 493 -39.60 17.30 29.07
CA SER P 493 -40.34 18.60 29.00
C SER P 493 -40.70 19.07 30.42
N PRO P 494 -39.72 19.56 31.21
CA PRO P 494 -39.97 20.00 32.59
C PRO P 494 -40.65 21.37 32.76
N THR P 495 -41.48 21.50 33.81
CA THR P 495 -42.16 22.75 34.24
C THR P 495 -41.29 23.49 35.28
N ARG P 496 -41.18 24.81 35.18
CA ARG P 496 -40.38 25.66 36.08
C ARG P 496 -41.17 25.94 37.36
N ILE P 497 -40.62 25.56 38.53
CA ILE P 497 -41.29 25.59 39.86
C ILE P 497 -41.63 27.04 40.22
N ILE Q 18 -73.61 -19.87 -20.28
CA ILE Q 18 -74.23 -21.06 -19.62
C ILE Q 18 -75.57 -20.64 -19.00
N ALA Q 19 -76.66 -21.30 -19.39
CA ALA Q 19 -78.01 -21.14 -18.80
C ALA Q 19 -77.99 -21.71 -17.38
N LYS Q 20 -78.43 -20.93 -16.40
CA LYS Q 20 -78.38 -21.29 -14.96
C LYS Q 20 -79.78 -21.65 -14.46
N MET Q 21 -79.89 -22.76 -13.74
CA MET Q 21 -81.14 -23.29 -13.12
C MET Q 21 -81.10 -23.01 -11.61
N ARG Q 22 -82.19 -22.43 -11.08
CA ARG Q 22 -82.35 -22.07 -9.64
C ARG Q 22 -82.34 -23.34 -8.78
N THR Q 23 -81.65 -23.30 -7.63
CA THR Q 23 -81.67 -24.35 -6.57
C THR Q 23 -82.80 -24.03 -5.58
N MET Q 24 -83.08 -22.74 -5.38
CA MET Q 24 -84.15 -22.22 -4.49
C MET Q 24 -83.72 -22.35 -3.03
N ILE Q 25 -82.42 -22.55 -2.77
CA ILE Q 25 -81.83 -22.58 -1.40
C ILE Q 25 -81.52 -21.14 -0.99
N GLU Q 26 -82.27 -20.63 0.00
CA GLU Q 26 -82.33 -19.19 0.37
C GLU Q 26 -80.91 -18.67 0.66
N GLY Q 27 -80.19 -18.30 -0.39
CA GLY Q 27 -78.79 -17.83 -0.32
C GLY Q 27 -78.01 -18.21 -1.58
N PHE Q 28 -78.07 -19.48 -1.96
CA PHE Q 28 -77.18 -20.09 -2.99
C PHE Q 28 -77.30 -19.35 -4.33
N ASP Q 29 -78.51 -18.96 -4.74
CA ASP Q 29 -78.79 -18.35 -6.07
C ASP Q 29 -78.20 -16.93 -6.12
N ASP Q 30 -78.02 -16.27 -4.97
CA ASP Q 30 -77.28 -14.99 -4.85
C ASP Q 30 -75.77 -15.27 -4.97
N ILE Q 31 -75.29 -16.34 -4.33
CA ILE Q 31 -73.86 -16.77 -4.31
C ILE Q 31 -73.44 -17.27 -5.70
N SER Q 32 -74.29 -18.05 -6.38
CA SER Q 32 -73.97 -18.76 -7.65
C SER Q 32 -74.34 -17.93 -8.90
N HIS Q 33 -74.85 -16.71 -8.73
CA HIS Q 33 -75.17 -15.76 -9.83
C HIS Q 33 -76.22 -16.36 -10.78
N GLY Q 34 -77.21 -17.08 -10.23
CA GLY Q 34 -78.34 -17.63 -11.01
C GLY Q 34 -78.71 -19.05 -10.61
N GLY Q 35 -77.72 -19.89 -10.28
CA GLY Q 35 -77.93 -21.27 -9.80
C GLY Q 35 -76.97 -22.26 -10.43
N LEU Q 36 -77.21 -23.57 -10.21
CA LEU Q 36 -76.40 -24.68 -10.79
C LEU Q 36 -76.69 -24.76 -12.28
N PRO Q 37 -75.69 -24.55 -13.17
CA PRO Q 37 -75.90 -24.52 -14.62
C PRO Q 37 -76.78 -25.64 -15.21
N ILE Q 38 -77.45 -25.35 -16.32
CA ILE Q 38 -78.35 -26.29 -17.05
C ILE Q 38 -77.49 -27.36 -17.75
N GLY Q 39 -77.68 -28.63 -17.41
CA GLY Q 39 -77.15 -29.80 -18.13
C GLY Q 39 -75.66 -30.01 -17.92
N ARG Q 40 -75.21 -30.07 -16.67
CA ARG Q 40 -73.80 -30.41 -16.30
C ARG Q 40 -73.77 -31.03 -14.89
N SER Q 41 -72.57 -31.44 -14.44
CA SER Q 41 -72.30 -31.97 -13.08
C SER Q 41 -71.68 -30.87 -12.22
N THR Q 42 -72.23 -30.65 -11.02
CA THR Q 42 -71.68 -29.76 -9.96
C THR Q 42 -71.22 -30.62 -8.78
N LEU Q 43 -69.93 -30.55 -8.44
CA LEU Q 43 -69.30 -31.34 -7.35
C LEU Q 43 -69.41 -30.58 -6.02
N VAL Q 44 -70.22 -31.10 -5.09
CA VAL Q 44 -70.41 -30.54 -3.72
C VAL Q 44 -69.63 -31.41 -2.72
N SER Q 45 -68.42 -30.98 -2.35
CA SER Q 45 -67.49 -31.70 -1.44
C SER Q 45 -67.53 -31.07 -0.03
N GLY Q 46 -67.44 -31.92 1.00
CA GLY Q 46 -67.36 -31.51 2.42
C GLY Q 46 -66.95 -32.69 3.29
N THR Q 47 -66.65 -32.45 4.58
CA THR Q 47 -66.41 -33.54 5.57
C THR Q 47 -67.77 -34.07 6.03
N SER Q 48 -67.78 -35.09 6.88
CA SER Q 48 -69.01 -35.67 7.49
C SER Q 48 -69.81 -34.54 8.15
N GLY Q 49 -71.12 -34.53 7.95
CA GLY Q 49 -72.08 -33.63 8.62
C GLY Q 49 -72.05 -32.21 8.08
N THR Q 50 -71.63 -32.00 6.82
CA THR Q 50 -71.49 -30.64 6.20
C THR Q 50 -72.82 -30.18 5.57
N GLY Q 51 -73.72 -31.11 5.26
CA GLY Q 51 -75.04 -30.82 4.65
C GLY Q 51 -75.06 -31.14 3.16
N LYS Q 52 -74.41 -32.24 2.75
CA LYS Q 52 -74.25 -32.63 1.32
C LYS Q 52 -75.53 -33.31 0.82
N THR Q 53 -75.92 -34.42 1.46
CA THR Q 53 -77.21 -35.13 1.24
C THR Q 53 -78.32 -34.07 1.20
N LEU Q 54 -78.29 -33.14 2.15
CA LEU Q 54 -79.24 -32.02 2.27
C LEU Q 54 -79.16 -31.09 1.04
N PHE Q 55 -77.95 -30.76 0.57
CA PHE Q 55 -77.77 -29.94 -0.67
C PHE Q 55 -78.30 -30.71 -1.87
N SER Q 56 -78.10 -32.04 -1.89
CA SER Q 56 -78.59 -32.96 -2.96
C SER Q 56 -80.12 -33.01 -2.92
N ILE Q 57 -80.69 -33.36 -1.76
CA ILE Q 57 -82.16 -33.53 -1.54
C ILE Q 57 -82.87 -32.21 -1.88
N GLN Q 58 -82.42 -31.09 -1.31
CA GLN Q 58 -83.11 -29.78 -1.41
C GLN Q 58 -82.95 -29.19 -2.82
N PHE Q 59 -81.88 -29.57 -3.54
CA PHE Q 59 -81.68 -29.24 -4.98
C PHE Q 59 -82.83 -29.83 -5.78
N LEU Q 60 -83.20 -31.08 -5.50
CA LEU Q 60 -84.30 -31.82 -6.17
C LEU Q 60 -85.66 -31.43 -5.56
N TYR Q 61 -85.73 -31.30 -4.23
CA TYR Q 61 -86.98 -31.14 -3.44
C TYR Q 61 -87.60 -29.75 -3.66
N ASN Q 62 -86.81 -28.74 -4.03
CA ASN Q 62 -87.26 -27.34 -4.20
C ASN Q 62 -87.67 -27.07 -5.65
N GLY Q 63 -87.23 -27.90 -6.60
CA GLY Q 63 -87.57 -27.79 -8.03
C GLY Q 63 -88.91 -28.44 -8.35
N ILE Q 64 -89.19 -29.60 -7.73
CA ILE Q 64 -90.44 -30.38 -7.94
C ILE Q 64 -91.65 -29.61 -7.39
N ILE Q 65 -91.43 -28.68 -6.46
CA ILE Q 65 -92.50 -27.98 -5.69
C ILE Q 65 -92.73 -26.56 -6.27
N GLU Q 66 -91.69 -25.90 -6.79
CA GLU Q 66 -91.75 -24.50 -7.27
C GLU Q 66 -91.64 -24.42 -8.80
N PHE Q 67 -91.06 -25.43 -9.46
CA PHE Q 67 -90.75 -25.40 -10.93
C PHE Q 67 -91.31 -26.65 -11.64
N ASP Q 68 -92.03 -27.52 -10.93
CA ASP Q 68 -92.60 -28.79 -11.46
C ASP Q 68 -91.53 -29.65 -12.13
N GLU Q 69 -90.26 -29.50 -11.72
CA GLU Q 69 -89.10 -30.23 -12.30
C GLU Q 69 -88.95 -31.56 -11.56
N PRO Q 70 -89.28 -32.71 -12.17
CA PRO Q 70 -89.16 -34.01 -11.51
C PRO Q 70 -87.68 -34.34 -11.26
N GLY Q 71 -87.40 -35.26 -10.33
CA GLY Q 71 -86.06 -35.46 -9.77
C GLY Q 71 -85.67 -36.92 -9.66
N VAL Q 72 -84.38 -37.20 -9.81
CA VAL Q 72 -83.75 -38.53 -9.55
C VAL Q 72 -82.72 -38.36 -8.42
N PHE Q 73 -82.83 -39.17 -7.38
CA PHE Q 73 -81.87 -39.24 -6.25
C PHE Q 73 -81.22 -40.62 -6.25
N VAL Q 74 -79.92 -40.67 -6.54
CA VAL Q 74 -79.09 -41.91 -6.58
C VAL Q 74 -78.31 -41.98 -5.27
N THR Q 75 -78.49 -43.07 -4.49
CA THR Q 75 -77.91 -43.28 -3.15
C THR Q 75 -76.95 -44.47 -3.18
N PHE Q 76 -75.79 -44.35 -2.52
CA PHE Q 76 -74.74 -45.39 -2.44
C PHE Q 76 -74.46 -45.77 -0.98
N GLU Q 77 -75.44 -45.62 -0.08
CA GLU Q 77 -75.30 -45.96 1.36
C GLU Q 77 -76.63 -45.80 2.11
N GLU Q 78 -77.25 -44.61 2.03
CA GLU Q 78 -78.50 -44.29 2.77
C GLU Q 78 -79.68 -45.03 2.12
N THR Q 79 -80.31 -45.96 2.85
CA THR Q 79 -81.52 -46.71 2.43
C THR Q 79 -82.68 -45.74 2.21
N PRO Q 80 -83.54 -45.94 1.19
CA PRO Q 80 -84.65 -45.02 0.91
C PRO Q 80 -85.61 -44.77 2.09
N GLN Q 81 -85.87 -45.80 2.92
CA GLN Q 81 -86.65 -45.68 4.17
C GLN Q 81 -86.12 -44.49 5.00
N ASP Q 82 -84.80 -44.35 5.07
CA ASP Q 82 -84.09 -43.36 5.92
C ASP Q 82 -83.97 -42.01 5.20
N ILE Q 83 -83.72 -42.01 3.89
CA ILE Q 83 -83.57 -40.76 3.07
C ILE Q 83 -84.92 -40.03 2.99
N ILE Q 84 -86.02 -40.67 3.42
CA ILE Q 84 -87.36 -40.03 3.60
C ILE Q 84 -87.58 -39.72 5.09
N LYS Q 85 -87.17 -40.62 5.99
CA LYS Q 85 -87.31 -40.45 7.46
C LYS Q 85 -86.52 -39.20 7.90
N ASN Q 86 -85.26 -39.09 7.47
CA ASN Q 86 -84.37 -37.93 7.72
C ASN Q 86 -85.09 -36.63 7.31
N ALA Q 87 -85.76 -36.65 6.16
CA ALA Q 87 -86.39 -35.49 5.50
C ALA Q 87 -87.61 -34.99 6.29
N ARG Q 88 -88.29 -35.89 7.03
CA ARG Q 88 -89.53 -35.57 7.78
C ARG Q 88 -89.23 -34.51 8.85
N SER Q 89 -88.04 -34.57 9.45
CA SER Q 89 -87.57 -33.67 10.55
C SER Q 89 -87.31 -32.24 10.03
N PHE Q 90 -87.25 -32.04 8.70
CA PHE Q 90 -87.28 -30.69 8.07
C PHE Q 90 -88.73 -30.22 7.93
N GLY Q 91 -89.61 -31.13 7.52
CA GLY Q 91 -91.05 -30.86 7.31
C GLY Q 91 -91.40 -30.84 5.84
N TRP Q 92 -91.03 -31.88 5.09
CA TRP Q 92 -91.47 -32.11 3.69
C TRP Q 92 -91.66 -33.61 3.43
N ASP Q 93 -92.58 -33.93 2.51
CA ASP Q 93 -93.07 -35.31 2.23
C ASP Q 93 -92.32 -35.88 1.01
N LEU Q 94 -91.13 -36.43 1.22
CA LEU Q 94 -90.34 -37.16 0.21
C LEU Q 94 -91.05 -38.49 -0.13
N ALA Q 95 -91.79 -39.06 0.83
CA ALA Q 95 -92.56 -40.32 0.70
C ALA Q 95 -93.78 -40.10 -0.20
N LYS Q 96 -94.35 -38.88 -0.21
CA LYS Q 96 -95.53 -38.51 -1.04
C LYS Q 96 -95.12 -38.37 -2.51
N LEU Q 97 -93.86 -38.01 -2.81
CA LEU Q 97 -93.39 -37.69 -4.19
C LEU Q 97 -92.79 -38.93 -4.87
N VAL Q 98 -92.38 -39.95 -4.09
CA VAL Q 98 -92.02 -41.31 -4.60
C VAL Q 98 -93.29 -42.17 -4.59
N ASP Q 99 -94.47 -41.54 -4.44
CA ASP Q 99 -95.81 -42.13 -4.60
C ASP Q 99 -96.62 -41.38 -5.68
N GLU Q 100 -96.33 -40.08 -5.88
CA GLU Q 100 -97.08 -39.18 -6.79
C GLU Q 100 -96.38 -39.04 -8.15
N GLY Q 101 -95.11 -39.44 -8.25
CA GLY Q 101 -94.37 -39.61 -9.53
C GLY Q 101 -93.56 -38.38 -9.93
N LYS Q 102 -93.18 -37.53 -8.97
CA LYS Q 102 -92.29 -36.36 -9.21
C LYS Q 102 -90.85 -36.74 -8.88
N LEU Q 103 -90.62 -37.34 -7.71
CA LEU Q 103 -89.28 -37.79 -7.23
C LEU Q 103 -89.06 -39.26 -7.61
N PHE Q 104 -87.81 -39.66 -7.85
CA PHE Q 104 -87.39 -41.02 -8.28
C PHE Q 104 -86.16 -41.45 -7.46
N ILE Q 105 -86.39 -42.02 -6.27
CA ILE Q 105 -85.33 -42.46 -5.31
C ILE Q 105 -84.84 -43.85 -5.71
N LEU Q 106 -83.69 -43.92 -6.39
CA LEU Q 106 -83.06 -45.17 -6.87
C LEU Q 106 -82.09 -45.71 -5.81
N ASP Q 107 -82.46 -46.78 -5.12
CA ASP Q 107 -81.56 -47.50 -4.18
C ASP Q 107 -80.44 -48.16 -5.00
N ALA Q 108 -79.20 -47.76 -4.77
CA ALA Q 108 -77.98 -48.35 -5.37
C ALA Q 108 -77.01 -48.73 -4.25
N SER Q 109 -77.50 -49.49 -3.26
CA SER Q 109 -76.72 -50.01 -2.10
C SER Q 109 -76.06 -51.36 -2.48
N ASP Q 122 -70.95 -52.82 -12.65
CA ASP Q 122 -70.49 -51.56 -12.01
C ASP Q 122 -70.42 -50.46 -13.09
N LEU Q 123 -70.95 -49.27 -12.77
CA LEU Q 123 -70.89 -48.04 -13.61
C LEU Q 123 -71.68 -48.26 -14.91
N SER Q 124 -71.16 -49.10 -15.80
CA SER Q 124 -71.76 -49.46 -17.12
C SER Q 124 -73.21 -49.90 -16.93
N ALA Q 125 -73.46 -50.80 -15.98
CA ALA Q 125 -74.79 -51.34 -15.64
C ALA Q 125 -75.66 -50.24 -15.02
N LEU Q 126 -75.12 -49.51 -14.04
CA LEU Q 126 -75.83 -48.48 -13.24
C LEU Q 126 -76.25 -47.31 -14.15
N ILE Q 127 -75.35 -46.88 -15.05
CA ILE Q 127 -75.52 -45.69 -15.94
C ILE Q 127 -76.77 -45.85 -16.81
N GLU Q 128 -77.14 -47.08 -17.16
CA GLU Q 128 -78.34 -47.41 -17.99
C GLU Q 128 -79.61 -47.27 -17.16
N ARG Q 129 -79.57 -47.70 -15.89
CA ARG Q 129 -80.71 -47.59 -14.94
C ARG Q 129 -80.97 -46.12 -14.62
N ILE Q 130 -79.90 -45.34 -14.39
CA ILE Q 130 -79.95 -43.89 -14.03
C ILE Q 130 -80.42 -43.06 -15.23
N ASN Q 131 -80.30 -43.60 -16.46
CA ASN Q 131 -80.82 -42.98 -17.71
C ASN Q 131 -82.23 -43.51 -17.99
N TYR Q 132 -82.49 -44.79 -17.70
CA TYR Q 132 -83.80 -45.46 -17.83
C TYR Q 132 -84.81 -44.81 -16.89
N ALA Q 133 -84.46 -44.74 -15.60
CA ALA Q 133 -85.28 -44.15 -14.51
C ALA Q 133 -85.26 -42.61 -14.59
N ILE Q 134 -84.33 -42.03 -15.34
CA ILE Q 134 -84.27 -40.56 -15.62
C ILE Q 134 -85.37 -40.20 -16.64
N GLN Q 135 -85.44 -40.95 -17.75
CA GLN Q 135 -86.42 -40.75 -18.84
C GLN Q 135 -87.80 -41.26 -18.40
N LYS Q 136 -87.83 -42.33 -17.58
CA LYS Q 136 -89.07 -42.97 -17.05
C LYS Q 136 -89.79 -42.02 -16.08
N TYR Q 137 -89.14 -40.93 -15.66
CA TYR Q 137 -89.75 -39.81 -14.89
C TYR Q 137 -89.39 -38.49 -15.55
N ALA Q 139 -87.94 -35.56 -15.99
CA ALA Q 139 -86.98 -35.17 -14.93
C ALA Q 139 -85.88 -34.27 -15.52
N ARG Q 140 -85.60 -33.15 -14.87
CA ARG Q 140 -84.54 -32.18 -15.28
C ARG Q 140 -83.48 -32.02 -14.18
N ARG Q 141 -83.62 -32.69 -13.03
CA ARG Q 141 -82.65 -32.63 -11.90
C ARG Q 141 -82.25 -34.04 -11.47
N VAL Q 142 -80.97 -34.24 -11.20
CA VAL Q 142 -80.38 -35.53 -10.70
C VAL Q 142 -79.45 -35.21 -9.53
N SER Q 143 -79.26 -36.17 -8.62
CA SER Q 143 -78.36 -36.06 -7.45
C SER Q 143 -77.76 -37.44 -7.11
N ILE Q 144 -76.43 -37.54 -7.10
CA ILE Q 144 -75.66 -38.76 -6.72
C ILE Q 144 -74.92 -38.48 -5.41
N ASP Q 145 -75.21 -39.24 -4.34
CA ASP Q 145 -74.68 -39.03 -2.97
C ASP Q 145 -74.37 -40.37 -2.31
N SER Q 146 -73.08 -40.67 -2.07
CA SER Q 146 -71.92 -39.94 -2.54
C SER Q 146 -71.13 -40.81 -3.52
N VAL Q 147 -70.61 -40.21 -4.59
CA VAL Q 147 -69.90 -40.89 -5.70
C VAL Q 147 -68.61 -41.54 -5.19
N THR Q 148 -68.05 -41.03 -4.08
CA THR Q 148 -66.76 -41.49 -3.46
C THR Q 148 -66.92 -42.94 -2.97
N SER Q 149 -67.95 -43.21 -2.17
CA SER Q 149 -68.24 -44.52 -1.52
C SER Q 149 -68.16 -45.66 -2.54
N VAL Q 150 -68.61 -45.40 -3.77
CA VAL Q 150 -68.58 -46.35 -4.94
C VAL Q 150 -67.18 -46.97 -5.05
N PHE Q 151 -66.12 -46.15 -5.12
CA PHE Q 151 -64.73 -46.60 -5.38
C PHE Q 151 -64.16 -47.32 -4.15
N GLN Q 152 -63.87 -46.56 -3.08
CA GLN Q 152 -63.33 -47.07 -1.79
C GLN Q 152 -61.84 -47.46 -1.92
N GLN Q 153 -61.18 -47.08 -3.02
CA GLN Q 153 -59.75 -47.40 -3.31
C GLN Q 153 -59.63 -48.90 -3.62
N VAL Q 160 -59.50 -44.49 -11.29
CA VAL Q 160 -60.66 -43.82 -10.62
C VAL Q 160 -61.05 -42.54 -11.38
N ARG Q 161 -60.06 -41.77 -11.87
CA ARG Q 161 -60.27 -40.52 -12.66
C ARG Q 161 -60.91 -40.85 -14.02
N ARG Q 162 -60.72 -42.09 -14.52
CA ARG Q 162 -61.39 -42.59 -15.76
C ARG Q 162 -62.88 -42.83 -15.47
N GLU Q 163 -63.19 -43.38 -14.29
CA GLU Q 163 -64.56 -43.76 -13.85
C GLU Q 163 -65.45 -42.51 -13.78
N LEU Q 164 -64.95 -41.42 -13.18
CA LEU Q 164 -65.70 -40.15 -12.95
C LEU Q 164 -65.99 -39.47 -14.30
N PHE Q 165 -65.10 -39.62 -15.28
CA PHE Q 165 -65.32 -39.19 -16.69
C PHE Q 165 -66.59 -39.86 -17.23
N ARG Q 166 -66.81 -41.13 -16.84
CA ARG Q 166 -67.95 -41.97 -17.27
C ARG Q 166 -69.28 -41.32 -16.84
N LEU Q 167 -69.58 -41.30 -15.53
CA LEU Q 167 -70.85 -40.79 -14.96
C LEU Q 167 -71.09 -39.35 -15.41
N VAL Q 168 -70.04 -38.52 -15.40
CA VAL Q 168 -70.11 -37.05 -15.66
C VAL Q 168 -70.50 -36.79 -17.13
N ALA Q 169 -69.82 -37.44 -18.07
CA ALA Q 169 -69.99 -37.22 -19.54
C ALA Q 169 -71.22 -38.00 -20.06
N ARG Q 170 -71.55 -39.14 -19.45
CA ARG Q 170 -72.77 -39.94 -19.77
C ARG Q 170 -74.02 -39.15 -19.36
N LEU Q 171 -73.97 -38.46 -18.21
CA LEU Q 171 -75.09 -37.64 -17.66
C LEU Q 171 -75.23 -36.33 -18.44
N LYS Q 172 -74.12 -35.75 -18.89
CA LYS Q 172 -74.07 -34.44 -19.61
C LYS Q 172 -74.64 -34.61 -21.02
N GLN Q 173 -74.36 -35.72 -21.69
CA GLN Q 173 -74.90 -36.07 -23.04
C GLN Q 173 -76.40 -36.31 -22.92
N ILE Q 174 -76.84 -36.98 -21.84
CA ILE Q 174 -78.27 -37.31 -21.54
C ILE Q 174 -79.10 -36.03 -21.44
N GLY Q 175 -78.47 -34.90 -21.10
CA GLY Q 175 -79.12 -33.58 -21.03
C GLY Q 175 -79.73 -33.33 -19.66
N ALA Q 176 -78.97 -33.63 -18.59
CA ALA Q 176 -79.41 -33.61 -17.18
C ALA Q 176 -78.42 -32.81 -16.34
N THR Q 177 -78.92 -31.99 -15.41
CA THR Q 177 -78.11 -31.28 -14.40
C THR Q 177 -77.97 -32.16 -13.14
N THR Q 178 -76.77 -32.69 -12.90
CA THR Q 178 -76.47 -33.60 -11.78
C THR Q 178 -75.73 -32.83 -10.67
N VAL Q 179 -76.24 -32.94 -9.44
CA VAL Q 179 -75.54 -32.50 -8.20
C VAL Q 179 -74.86 -33.73 -7.61
N MET Q 180 -73.60 -33.95 -7.96
CA MET Q 180 -72.78 -35.09 -7.47
C MET Q 180 -72.06 -34.66 -6.19
N THR Q 181 -72.09 -35.52 -5.16
CA THR Q 181 -71.61 -35.23 -3.79
C THR Q 181 -70.35 -36.07 -3.51
N THR Q 182 -69.24 -35.42 -3.17
CA THR Q 182 -67.95 -36.08 -2.79
C THR Q 182 -67.66 -35.83 -1.31
N GLU Q 183 -66.65 -36.52 -0.77
CA GLU Q 183 -66.29 -36.53 0.68
C GLU Q 183 -64.83 -36.07 0.84
N ARG Q 184 -64.40 -35.84 2.08
CA ARG Q 184 -63.00 -35.46 2.43
C ARG Q 184 -62.78 -35.57 3.95
N ILE Q 185 -61.53 -35.81 4.36
CA ILE Q 185 -61.11 -36.01 5.78
C ILE Q 185 -60.89 -34.63 6.43
N GLU Q 186 -59.76 -33.98 6.12
CA GLU Q 186 -59.36 -32.67 6.70
C GLU Q 186 -60.15 -31.54 6.01
N GLU Q 187 -60.41 -30.45 6.75
CA GLU Q 187 -61.36 -29.37 6.36
C GLU Q 187 -60.69 -28.34 5.43
N TYR Q 188 -59.36 -28.18 5.49
CA TYR Q 188 -58.58 -27.28 4.60
C TYR Q 188 -57.45 -28.07 3.93
N GLY Q 189 -57.76 -29.29 3.47
CA GLY Q 189 -56.89 -30.13 2.61
C GLY Q 189 -57.26 -29.96 1.14
N PRO Q 190 -57.15 -31.00 0.30
CA PRO Q 190 -57.64 -30.95 -1.07
C PRO Q 190 -59.18 -30.90 -1.15
N ILE Q 191 -59.72 -30.49 -2.30
CA ILE Q 191 -61.16 -30.19 -2.53
C ILE Q 191 -62.00 -31.47 -2.36
N ALA Q 192 -61.46 -32.62 -2.76
CA ALA Q 192 -62.18 -33.92 -2.85
C ALA Q 192 -61.40 -34.99 -2.08
N ARG Q 193 -61.72 -36.27 -2.31
CA ARG Q 193 -61.06 -37.44 -1.68
C ARG Q 193 -59.75 -37.78 -2.40
N TYR Q 194 -59.75 -37.78 -3.74
CA TYR Q 194 -58.69 -38.42 -4.58
C TYR Q 194 -57.94 -37.39 -5.44
N GLY Q 195 -58.11 -36.09 -5.21
CA GLY Q 195 -57.41 -35.01 -5.96
C GLY Q 195 -57.57 -35.19 -7.47
N VAL Q 196 -58.69 -35.75 -7.90
CA VAL Q 196 -59.02 -36.10 -9.31
C VAL Q 196 -60.34 -35.43 -9.66
N GLU Q 197 -61.39 -35.74 -8.89
CA GLU Q 197 -62.76 -35.17 -9.01
C GLU Q 197 -62.69 -33.64 -9.03
N GLU Q 198 -61.73 -33.06 -8.28
CA GLU Q 198 -61.50 -31.60 -8.15
C GLU Q 198 -61.50 -30.93 -9.54
N PHE Q 199 -60.93 -31.58 -10.55
CA PHE Q 199 -60.73 -31.05 -11.92
C PHE Q 199 -61.78 -31.63 -12.89
N VAL Q 200 -62.35 -32.80 -12.58
CA VAL Q 200 -63.23 -33.59 -13.50
C VAL Q 200 -64.57 -32.88 -13.69
N SER Q 201 -65.24 -32.48 -12.60
CA SER Q 201 -66.57 -31.80 -12.66
C SER Q 201 -66.40 -30.34 -13.08
N ASP Q 202 -67.39 -29.80 -13.80
CA ASP Q 202 -67.36 -28.44 -14.41
C ASP Q 202 -67.60 -27.37 -13.34
N ASN Q 203 -68.29 -27.72 -12.24
CA ASN Q 203 -68.64 -26.77 -11.15
C ASN Q 203 -68.28 -27.41 -9.80
N VAL Q 204 -67.62 -26.64 -8.92
CA VAL Q 204 -67.06 -27.13 -7.62
C VAL Q 204 -67.53 -26.21 -6.48
N VAL Q 205 -68.63 -26.59 -5.83
CA VAL Q 205 -69.16 -25.98 -4.57
C VAL Q 205 -68.52 -26.73 -3.39
N ILE Q 206 -68.00 -26.00 -2.39
CA ILE Q 206 -67.41 -26.61 -1.16
C ILE Q 206 -68.32 -26.30 0.03
N LEU Q 207 -68.67 -27.34 0.80
CA LEU Q 207 -69.40 -27.21 2.09
C LEU Q 207 -68.41 -27.47 3.25
N ARG Q 208 -68.33 -26.53 4.20
CA ARG Q 208 -67.38 -26.62 5.33
C ARG Q 208 -68.14 -26.66 6.65
N ASN Q 209 -67.41 -27.04 7.70
CA ASN Q 209 -67.88 -27.17 9.11
C ASN Q 209 -66.65 -26.86 9.98
N VAL Q 210 -66.12 -25.65 9.83
CA VAL Q 210 -64.79 -25.23 10.34
C VAL Q 210 -64.90 -25.03 11.86
N LEU Q 211 -64.07 -25.75 12.60
CA LEU Q 211 -63.90 -25.60 14.06
C LEU Q 211 -62.81 -24.57 14.33
N GLU Q 212 -63.18 -23.38 14.80
CA GLU Q 212 -62.22 -22.38 15.36
C GLU Q 212 -62.66 -22.08 16.80
N GLY Q 213 -61.73 -22.21 17.75
CA GLY Q 213 -62.06 -22.40 19.17
C GLY Q 213 -62.87 -23.67 19.34
N GLU Q 214 -63.98 -23.62 20.08
CA GLU Q 214 -64.84 -24.79 20.39
C GLU Q 214 -66.21 -24.66 19.71
N ARG Q 215 -66.37 -23.72 18.77
CA ARG Q 215 -67.63 -23.55 17.98
C ARG Q 215 -67.38 -24.00 16.52
N ARG Q 216 -68.41 -24.58 15.90
CA ARG Q 216 -68.42 -24.98 14.47
C ARG Q 216 -69.06 -23.85 13.64
N ARG Q 217 -68.47 -23.55 12.48
CA ARG Q 217 -68.98 -22.53 11.53
C ARG Q 217 -68.99 -23.13 10.11
N ARG Q 218 -70.20 -23.29 9.55
CA ARG Q 218 -70.42 -23.90 8.21
C ARG Q 218 -70.39 -22.79 7.16
N THR Q 219 -69.81 -23.06 5.98
CA THR Q 219 -69.80 -22.13 4.83
C THR Q 219 -69.99 -22.90 3.53
N LEU Q 220 -70.72 -22.30 2.57
CA LEU Q 220 -70.75 -22.73 1.14
C LEU Q 220 -69.85 -21.79 0.34
N GLU Q 221 -68.77 -22.34 -0.24
CA GLU Q 221 -67.89 -21.64 -1.20
C GLU Q 221 -68.29 -22.08 -2.62
N ILE Q 222 -67.99 -21.25 -3.62
CA ILE Q 222 -67.93 -21.68 -5.05
C ILE Q 222 -66.49 -21.53 -5.53
N LEU Q 223 -65.82 -22.66 -5.76
CA LEU Q 223 -64.40 -22.72 -6.20
C LEU Q 223 -64.34 -22.32 -7.68
N LYS Q 224 -65.18 -22.93 -8.51
CA LYS Q 224 -65.44 -22.48 -9.91
C LYS Q 224 -66.82 -22.95 -10.36
N LEU Q 225 -67.55 -22.07 -11.06
CA LEU Q 225 -68.71 -22.39 -11.92
C LEU Q 225 -68.30 -22.10 -13.37
N ARG Q 226 -67.56 -23.04 -13.98
CA ARG Q 226 -66.94 -22.93 -15.33
C ARG Q 226 -67.99 -22.44 -16.34
N GLY Q 227 -67.65 -21.37 -17.08
CA GLY Q 227 -68.50 -20.78 -18.13
C GLY Q 227 -68.93 -19.36 -17.80
N THR Q 228 -69.80 -19.20 -16.79
CA THR Q 228 -70.38 -17.90 -16.36
C THR Q 228 -69.88 -17.54 -14.96
N SER Q 229 -70.41 -16.47 -14.37
CA SER Q 229 -69.89 -15.81 -13.14
C SER Q 229 -70.43 -16.46 -11.86
N HIS Q 230 -69.89 -16.05 -10.71
CA HIS Q 230 -70.28 -16.50 -9.35
C HIS Q 230 -69.64 -15.58 -8.29
N MET Q 231 -69.91 -15.83 -7.01
CA MET Q 231 -69.32 -15.10 -5.85
C MET Q 231 -68.17 -15.91 -5.26
N LYS Q 232 -66.96 -15.34 -5.28
CA LYS Q 232 -65.71 -15.98 -4.76
C LYS Q 232 -65.70 -15.88 -3.23
N GLY Q 233 -64.89 -16.72 -2.57
CA GLY Q 233 -64.72 -16.74 -1.10
C GLY Q 233 -65.81 -17.56 -0.42
N GLU Q 234 -65.70 -17.74 0.91
CA GLU Q 234 -66.62 -18.57 1.72
C GLU Q 234 -67.83 -17.71 2.13
N TYR Q 235 -68.99 -18.35 2.30
CA TYR Q 235 -70.27 -17.71 2.74
C TYR Q 235 -70.91 -18.56 3.83
N PRO Q 236 -71.23 -17.97 5.00
CA PRO Q 236 -71.65 -18.75 6.16
C PRO Q 236 -73.10 -19.17 5.95
N PHE Q 237 -73.46 -20.38 6.36
CA PHE Q 237 -74.85 -20.88 6.27
C PHE Q 237 -75.24 -21.54 7.59
N THR Q 238 -76.53 -21.91 7.66
CA THR Q 238 -77.12 -22.66 8.80
C THR Q 238 -78.00 -23.78 8.24
N ILE Q 239 -77.79 -24.99 8.75
CA ILE Q 239 -78.78 -26.09 8.65
C ILE Q 239 -79.81 -25.85 9.75
N THR Q 240 -81.02 -25.47 9.35
CA THR Q 240 -82.15 -25.10 10.23
C THR Q 240 -83.25 -26.16 10.03
N ASP Q 241 -84.49 -25.83 10.37
CA ASP Q 241 -85.68 -26.63 9.99
C ASP Q 241 -86.21 -26.15 8.64
N HIS Q 242 -85.63 -25.06 8.12
CA HIS Q 242 -85.93 -24.49 6.77
C HIS Q 242 -84.82 -24.83 5.78
N GLY Q 243 -83.89 -25.74 6.16
CA GLY Q 243 -82.83 -26.26 5.27
C GLY Q 243 -81.55 -25.44 5.35
N ILE Q 244 -80.71 -25.51 4.31
CA ILE Q 244 -79.50 -24.65 4.16
C ILE Q 244 -79.97 -23.20 4.09
N ASN Q 245 -79.24 -22.29 4.73
CA ASN Q 245 -79.53 -20.83 4.76
C ASN Q 245 -78.20 -20.07 4.70
N ILE Q 246 -77.58 -20.04 3.53
CA ILE Q 246 -76.35 -19.23 3.24
C ILE Q 246 -76.75 -17.76 3.33
N PHE Q 247 -75.87 -16.90 3.85
CA PHE Q 247 -76.11 -15.45 4.07
C PHE Q 247 -75.09 -14.62 3.31
N PRO Q 248 -75.18 -14.56 1.96
CA PRO Q 248 -74.25 -13.78 1.14
C PRO Q 248 -73.90 -12.41 1.75
N LEU Q 249 -72.73 -12.34 2.38
CA LEU Q 249 -72.16 -11.12 3.05
C LEU Q 249 -72.28 -9.90 2.12
N GLY Q 250 -72.22 -10.10 0.80
CA GLY Q 250 -72.42 -9.05 -0.21
C GLY Q 250 -73.87 -8.95 -0.67
N ALA Q 251 -74.39 -10.04 -1.24
CA ALA Q 251 -75.74 -10.11 -1.86
C ALA Q 251 -76.81 -10.27 -0.77
N ARG Q 257 -83.46 1.88 1.49
CA ARG Q 257 -84.79 2.10 2.12
C ARG Q 257 -84.65 3.11 3.28
N SER Q 258 -85.15 4.34 3.10
CA SER Q 258 -84.94 5.49 4.04
C SER Q 258 -86.20 6.37 4.09
N SER Q 259 -86.34 7.16 5.17
CA SER Q 259 -87.38 8.21 5.35
C SER Q 259 -86.89 9.27 6.34
N ASN Q 260 -87.74 10.23 6.69
CA ASN Q 260 -87.50 11.22 7.77
C ASN Q 260 -88.64 11.17 8.80
N VAL Q 261 -89.42 10.08 8.81
CA VAL Q 261 -90.47 9.81 9.84
C VAL Q 261 -89.75 9.52 11.18
N ARG Q 262 -90.22 10.11 12.28
CA ARG Q 262 -89.54 10.04 13.61
C ARG Q 262 -90.33 9.17 14.58
N VAL Q 263 -89.61 8.52 15.50
CA VAL Q 263 -90.16 7.60 16.55
C VAL Q 263 -89.49 7.93 17.89
N SER Q 264 -90.27 7.98 18.98
CA SER Q 264 -89.80 8.31 20.35
C SER Q 264 -88.90 7.19 20.88
N SER Q 265 -88.26 7.43 22.03
CA SER Q 265 -87.23 6.54 22.64
C SER Q 265 -87.61 6.13 24.08
N GLY Q 266 -88.59 6.80 24.70
CA GLY Q 266 -88.98 6.57 26.11
C GLY Q 266 -88.44 7.65 27.02
N VAL Q 267 -87.20 8.09 26.79
CA VAL Q 267 -86.57 9.28 27.43
C VAL Q 267 -86.96 10.52 26.61
N VAL Q 268 -87.81 11.39 27.17
CA VAL Q 268 -88.42 12.55 26.44
C VAL Q 268 -87.35 13.57 26.08
N ARG Q 269 -86.50 13.95 27.04
CA ARG Q 269 -85.39 14.92 26.85
C ARG Q 269 -84.28 14.30 25.99
N LEU Q 270 -84.27 12.97 25.80
CA LEU Q 270 -83.38 12.28 24.81
C LEU Q 270 -83.86 12.63 23.40
N ASP Q 271 -85.18 12.61 23.17
CA ASP Q 271 -85.81 12.90 21.85
C ASP Q 271 -85.56 14.36 21.47
N GLU Q 272 -85.70 15.29 22.42
CA GLU Q 272 -85.38 16.73 22.22
C GLU Q 272 -83.91 16.84 21.79
N MET Q 273 -83.02 16.16 22.51
CA MET Q 273 -81.56 16.10 22.23
C MET Q 273 -81.32 15.64 20.78
N CYS Q 274 -82.15 14.73 20.26
CA CYS Q 274 -82.02 14.09 18.92
C CYS Q 274 -82.96 14.74 17.88
N GLY Q 275 -83.19 16.05 17.98
CA GLY Q 275 -84.04 16.82 17.05
C GLY Q 275 -85.46 16.29 16.97
N GLY Q 276 -86.01 15.83 18.09
CA GLY Q 276 -87.42 15.39 18.22
C GLY Q 276 -87.64 13.94 17.82
N GLY Q 277 -86.73 13.04 18.22
CA GLY Q 277 -86.91 11.57 18.12
C GLY Q 277 -85.83 10.91 17.29
N PHE Q 278 -85.72 9.58 17.39
CA PHE Q 278 -84.93 8.71 16.48
C PHE Q 278 -85.63 8.65 15.12
N PHE Q 279 -84.99 8.02 14.13
CA PHE Q 279 -85.54 7.79 12.78
C PHE Q 279 -86.09 6.35 12.70
N LYS Q 280 -87.28 6.18 12.12
CA LYS Q 280 -88.00 4.88 12.00
C LYS Q 280 -87.05 3.83 11.41
N ASP Q 281 -86.47 4.09 10.23
CA ASP Q 281 -85.57 3.14 9.51
C ASP Q 281 -84.12 3.61 9.67
N SER Q 282 -83.61 3.55 10.91
CA SER Q 282 -82.23 3.89 11.29
C SER Q 282 -81.68 2.90 12.32
N ILE Q 283 -80.41 3.07 12.71
CA ILE Q 283 -79.66 2.18 13.65
C ILE Q 283 -79.02 3.03 14.74
N ILE Q 284 -79.26 2.65 16.00
CA ILE Q 284 -78.90 3.42 17.23
C ILE Q 284 -77.91 2.59 18.05
N LEU Q 285 -76.66 3.04 18.19
CA LEU Q 285 -75.65 2.41 19.09
C LEU Q 285 -75.52 3.23 20.38
N ALA Q 286 -75.89 2.64 21.52
CA ALA Q 286 -75.83 3.25 22.87
C ALA Q 286 -74.65 2.64 23.65
N THR Q 287 -73.58 3.43 23.85
CA THR Q 287 -72.27 2.97 24.35
C THR Q 287 -72.03 3.45 25.79
N GLY Q 288 -71.24 2.71 26.57
CA GLY Q 288 -70.75 3.15 27.89
C GLY Q 288 -70.07 2.03 28.66
N ALA Q 289 -69.38 2.39 29.75
CA ALA Q 289 -68.71 1.46 30.68
C ALA Q 289 -69.77 0.66 31.46
N THR Q 290 -69.38 -0.47 32.07
CA THR Q 290 -70.28 -1.42 32.76
C THR Q 290 -71.13 -0.67 33.79
N GLY Q 291 -72.46 -0.65 33.60
CA GLY Q 291 -73.44 -0.14 34.56
C GLY Q 291 -73.83 1.31 34.31
N THR Q 292 -73.62 1.83 33.09
CA THR Q 292 -73.77 3.28 32.78
C THR Q 292 -75.23 3.65 32.51
N GLY Q 293 -76.11 2.68 32.20
CA GLY Q 293 -77.54 2.91 31.94
C GLY Q 293 -77.99 2.51 30.54
N LYS Q 294 -77.25 1.60 29.89
CA LYS Q 294 -77.55 1.13 28.51
C LYS Q 294 -78.84 0.33 28.51
N THR Q 295 -78.94 -0.68 29.38
CA THR Q 295 -80.11 -1.60 29.50
C THR Q 295 -81.32 -0.81 29.98
N LEU Q 296 -81.14 0.17 30.88
CA LEU Q 296 -82.21 1.13 31.25
C LEU Q 296 -82.77 1.73 29.95
N LEU Q 297 -81.93 2.39 29.16
CA LEU Q 297 -82.31 3.03 27.86
C LEU Q 297 -82.99 2.01 26.94
N VAL Q 298 -82.63 0.72 27.04
CA VAL Q 298 -83.17 -0.38 26.18
C VAL Q 298 -84.60 -0.72 26.62
N SER Q 299 -84.82 -0.94 27.92
CA SER Q 299 -86.15 -1.20 28.51
C SER Q 299 -87.13 -0.10 28.08
N ARG Q 300 -86.76 1.16 28.31
CA ARG Q 300 -87.60 2.36 28.05
C ARG Q 300 -87.87 2.51 26.54
N PHE Q 301 -86.90 2.14 25.69
CA PHE Q 301 -87.06 2.12 24.21
C PHE Q 301 -88.10 1.05 23.84
N VAL Q 302 -87.93 -0.16 24.37
CA VAL Q 302 -88.87 -1.32 24.17
C VAL Q 302 -90.24 -0.96 24.75
N GLU Q 303 -90.29 -0.16 25.82
CA GLU Q 303 -91.54 0.29 26.49
C GLU Q 303 -92.35 1.14 25.50
N ASN Q 304 -91.76 2.25 25.02
CA ASN Q 304 -92.40 3.22 24.10
C ASN Q 304 -93.09 2.50 22.93
N ALA Q 305 -92.53 1.37 22.48
CA ALA Q 305 -93.14 0.48 21.47
C ALA Q 305 -94.58 0.15 21.89
N CYS Q 306 -94.73 -0.50 23.04
CA CYS Q 306 -96.02 -1.07 23.55
C CYS Q 306 -97.04 0.04 23.80
N ALA Q 307 -96.60 1.13 24.45
CA ALA Q 307 -97.42 2.34 24.77
C ALA Q 307 -97.98 2.94 23.47
N ASN Q 308 -97.26 2.77 22.36
CA ASN Q 308 -97.67 3.25 21.00
C ASN Q 308 -98.30 2.12 20.18
N LYS Q 309 -98.80 1.06 20.84
CA LYS Q 309 -99.53 -0.07 20.19
C LYS Q 309 -98.70 -0.66 19.05
N GLU Q 310 -97.46 -1.10 19.36
CA GLU Q 310 -96.51 -1.74 18.42
C GLU Q 310 -95.88 -2.96 19.08
N ARG Q 311 -95.55 -3.98 18.29
CA ARG Q 311 -94.85 -5.21 18.74
C ARG Q 311 -93.36 -4.88 18.92
N ALA Q 312 -92.65 -5.62 19.78
CA ALA Q 312 -91.19 -5.47 19.98
C ALA Q 312 -90.57 -6.76 20.53
N ILE Q 313 -89.38 -7.11 20.04
CA ILE Q 313 -88.54 -8.24 20.56
C ILE Q 313 -87.28 -7.63 21.18
N LEU Q 314 -87.02 -7.94 22.44
CA LEU Q 314 -85.75 -7.60 23.15
C LEU Q 314 -84.84 -8.83 23.13
N PHE Q 315 -83.71 -8.74 22.41
CA PHE Q 315 -82.67 -9.79 22.34
C PHE Q 315 -81.65 -9.52 23.45
N ALA Q 316 -81.69 -10.33 24.51
CA ALA Q 316 -80.89 -10.18 25.74
C ALA Q 316 -79.96 -11.39 25.92
N TYR Q 317 -78.65 -11.16 25.90
CA TYR Q 317 -77.61 -12.21 26.02
C TYR Q 317 -76.79 -12.02 27.30
N GLU Q 318 -77.38 -11.39 28.32
CA GLU Q 318 -76.72 -11.16 29.63
C GLU Q 318 -77.65 -11.62 30.77
N GLU Q 319 -78.69 -10.83 31.05
CA GLU Q 319 -79.56 -11.03 32.25
C GLU Q 319 -80.84 -11.74 31.80
N SER Q 320 -81.18 -12.84 32.47
CA SER Q 320 -82.36 -13.70 32.20
C SER Q 320 -83.64 -12.88 32.35
N ARG Q 321 -84.77 -13.43 31.90
CA ARG Q 321 -86.09 -12.77 31.84
C ARG Q 321 -86.54 -12.36 33.25
N ALA Q 322 -86.46 -13.27 34.22
CA ALA Q 322 -86.87 -13.06 35.63
C ALA Q 322 -86.16 -11.83 36.20
N GLN Q 323 -84.85 -11.70 35.92
CA GLN Q 323 -83.99 -10.60 36.42
C GLN Q 323 -84.17 -9.34 35.56
N LEU Q 324 -84.44 -9.51 34.26
CA LEU Q 324 -84.78 -8.42 33.31
C LEU Q 324 -86.15 -7.84 33.69
N LEU Q 325 -87.06 -8.69 34.18
CA LEU Q 325 -88.46 -8.32 34.54
C LEU Q 325 -88.49 -7.69 35.93
N ARG Q 326 -87.58 -8.08 36.83
CA ARG Q 326 -87.40 -7.47 38.17
C ARG Q 326 -87.05 -5.99 38.00
N ASN Q 327 -85.96 -5.72 37.27
CA ASN Q 327 -85.30 -4.39 37.18
C ASN Q 327 -86.20 -3.40 36.42
N ALA Q 328 -87.07 -3.90 35.53
CA ALA Q 328 -88.11 -3.10 34.84
C ALA Q 328 -89.15 -2.66 35.88
N TYR Q 329 -89.69 -3.61 36.66
CA TYR Q 329 -90.65 -3.37 37.76
C TYR Q 329 -90.14 -2.21 38.63
N SER Q 330 -88.87 -2.25 39.04
CA SER Q 330 -88.21 -1.23 39.91
C SER Q 330 -87.93 0.06 39.14
N TRP Q 331 -88.03 0.05 37.80
CA TRP Q 331 -87.89 1.24 36.92
C TRP Q 331 -89.28 1.70 36.44
N GLY Q 332 -90.33 1.49 37.23
CA GLY Q 332 -91.71 1.91 36.92
C GLY Q 332 -92.42 0.94 35.98
N MET Q 333 -91.87 0.73 34.78
CA MET Q 333 -92.45 -0.07 33.67
C MET Q 333 -92.54 -1.56 34.04
N ASP Q 334 -93.51 -2.27 33.45
CA ASP Q 334 -93.79 -3.72 33.67
C ASP Q 334 -93.56 -4.47 32.35
N PHE Q 335 -92.79 -5.56 32.40
CA PHE Q 335 -92.44 -6.42 31.24
C PHE Q 335 -93.48 -7.55 31.11
N GLU Q 336 -93.88 -8.17 32.22
CA GLU Q 336 -94.80 -9.33 32.26
C GLU Q 336 -96.13 -8.98 31.58
N GLU Q 337 -96.57 -7.72 31.66
CA GLU Q 337 -97.83 -7.24 31.02
C GLU Q 337 -97.61 -7.14 29.51
N MET Q 338 -96.51 -6.51 29.09
CA MET Q 338 -96.13 -6.33 27.67
C MET Q 338 -96.09 -7.69 26.95
N GLU Q 339 -95.76 -8.77 27.67
CA GLU Q 339 -95.79 -10.17 27.15
C GLU Q 339 -97.24 -10.68 27.17
N ARG Q 340 -97.97 -10.44 28.26
CA ARG Q 340 -99.40 -10.84 28.41
C ARG Q 340 -100.24 -10.16 27.32
N GLN Q 341 -100.14 -8.82 27.22
CA GLN Q 341 -100.84 -8.00 26.20
C GLN Q 341 -100.24 -8.23 24.81
N ASN Q 342 -99.17 -9.03 24.71
CA ASN Q 342 -98.67 -9.68 23.46
C ASN Q 342 -98.06 -8.65 22.50
N LEU Q 343 -97.51 -7.54 23.02
CA LEU Q 343 -96.83 -6.50 22.21
C LEU Q 343 -95.31 -6.55 22.44
N LEU Q 344 -94.80 -7.57 23.14
CA LEU Q 344 -93.37 -7.66 23.57
C LEU Q 344 -92.99 -9.13 23.83
N LYS Q 345 -91.81 -9.55 23.34
CA LYS Q 345 -91.23 -10.90 23.57
C LYS Q 345 -89.77 -10.77 24.04
N ILE Q 346 -89.48 -11.23 25.27
CA ILE Q 346 -88.12 -11.24 25.87
C ILE Q 346 -87.41 -12.53 25.45
N VAL Q 347 -86.44 -12.43 24.52
CA VAL Q 347 -85.67 -13.57 23.95
C VAL Q 347 -84.28 -13.60 24.59
N CYS Q 348 -84.08 -14.50 25.57
CA CYS Q 348 -82.85 -14.60 26.40
C CYS Q 348 -82.11 -15.91 26.10
N ALA Q 349 -80.87 -15.81 25.61
CA ALA Q 349 -79.96 -16.95 25.40
C ALA Q 349 -78.52 -16.45 25.42
N TYR Q 350 -77.59 -17.27 25.89
CA TYR Q 350 -76.16 -16.90 26.03
C TYR Q 350 -75.54 -16.69 24.66
N PRO Q 351 -74.44 -15.91 24.58
CA PRO Q 351 -73.71 -15.76 23.33
C PRO Q 351 -72.76 -16.94 23.06
N GLU Q 352 -72.49 -17.77 24.07
CA GLU Q 352 -71.61 -18.98 23.93
C GLU Q 352 -72.49 -20.24 23.89
N SER Q 353 -73.73 -20.12 23.41
CA SER Q 353 -74.65 -21.26 23.15
C SER Q 353 -74.52 -21.72 21.68
N ALA Q 354 -74.43 -20.76 20.75
CA ALA Q 354 -74.41 -21.00 19.29
C ALA Q 354 -73.55 -19.93 18.60
N GLY Q 355 -73.08 -20.22 17.38
CA GLY Q 355 -72.24 -19.31 16.57
C GLY Q 355 -73.01 -18.08 16.13
N LEU Q 356 -72.29 -17.05 15.67
CA LEU Q 356 -72.87 -15.74 15.23
C LEU Q 356 -73.99 -15.98 14.21
N GLU Q 357 -73.68 -16.71 13.13
CA GLU Q 357 -74.62 -17.12 12.05
C GLU Q 357 -75.93 -17.63 12.66
N ASP Q 358 -75.82 -18.49 13.69
CA ASP Q 358 -76.97 -19.15 14.38
C ASP Q 358 -77.84 -18.07 15.03
N HIS Q 359 -77.22 -17.13 15.75
CA HIS Q 359 -77.92 -15.97 16.38
C HIS Q 359 -78.65 -15.16 15.30
N LEU Q 360 -77.94 -14.77 14.22
CA LEU Q 360 -78.51 -14.08 13.04
C LEU Q 360 -79.67 -14.92 12.47
N GLN Q 361 -79.53 -16.25 12.48
CA GLN Q 361 -80.60 -17.20 12.08
C GLN Q 361 -81.84 -16.97 12.97
N ILE Q 362 -81.67 -17.05 14.29
CA ILE Q 362 -82.78 -17.01 15.29
C ILE Q 362 -83.39 -15.61 15.32
N ILE Q 363 -82.56 -14.56 15.26
CA ILE Q 363 -83.03 -13.14 15.32
C ILE Q 363 -83.96 -12.89 14.12
N LYS Q 364 -83.47 -13.18 12.90
CA LYS Q 364 -84.26 -13.08 11.64
C LYS Q 364 -85.52 -13.95 11.75
N SER Q 365 -85.36 -15.16 12.31
CA SER Q 365 -86.45 -16.15 12.55
C SER Q 365 -87.57 -15.54 13.40
N GLU Q 366 -87.25 -15.08 14.62
CA GLU Q 366 -88.23 -14.48 15.57
C GLU Q 366 -88.82 -13.21 14.97
N ILE Q 367 -88.02 -12.43 14.23
CA ILE Q 367 -88.48 -11.23 13.47
C ILE Q 367 -89.52 -11.66 12.43
N ASN Q 368 -89.40 -12.89 11.91
CA ASN Q 368 -90.35 -13.48 10.93
C ASN Q 368 -91.68 -13.82 11.62
N ASP Q 369 -91.63 -14.44 12.81
CA ASP Q 369 -92.81 -15.00 13.52
C ASP Q 369 -93.29 -14.03 14.61
N PHE Q 370 -93.47 -12.74 14.27
CA PHE Q 370 -93.91 -11.68 15.20
C PHE Q 370 -94.18 -10.36 14.46
N LYS Q 371 -93.26 -9.97 13.55
CA LYS Q 371 -93.31 -8.70 12.78
C LYS Q 371 -93.25 -7.53 13.74
N PRO Q 372 -92.18 -7.40 14.56
CA PRO Q 372 -92.03 -6.28 15.47
C PRO Q 372 -91.51 -5.06 14.70
N ALA Q 373 -91.90 -3.86 15.12
CA ALA Q 373 -91.43 -2.57 14.56
C ALA Q 373 -90.09 -2.19 15.20
N ARG Q 374 -89.77 -2.76 16.36
CA ARG Q 374 -88.59 -2.37 17.18
C ARG Q 374 -87.88 -3.61 17.74
N ILE Q 375 -86.69 -3.89 17.20
CA ILE Q 375 -85.71 -4.87 17.75
C ILE Q 375 -84.73 -4.10 18.62
N ALA Q 376 -84.20 -4.72 19.69
CA ALA Q 376 -83.11 -4.14 20.52
C ALA Q 376 -82.15 -5.26 20.96
N ILE Q 377 -80.89 -5.17 20.53
CA ILE Q 377 -79.80 -6.14 20.86
C ILE Q 377 -79.04 -5.63 22.08
N ASP Q 378 -79.16 -6.32 23.22
CA ASP Q 378 -78.60 -5.91 24.53
C ASP Q 378 -77.80 -7.07 25.11
N SER Q 379 -76.50 -7.15 24.77
CA SER Q 379 -75.79 -6.15 24.00
C SER Q 379 -75.00 -6.83 22.87
N LEU Q 380 -74.29 -6.05 22.05
CA LEU Q 380 -73.40 -6.58 20.99
C LEU Q 380 -72.06 -7.01 21.61
N SER Q 381 -71.55 -6.26 22.59
CA SER Q 381 -70.25 -6.54 23.28
C SER Q 381 -70.24 -7.99 23.79
N ALA Q 382 -71.38 -8.48 24.29
CA ALA Q 382 -71.59 -9.85 24.82
C ALA Q 382 -71.36 -10.87 23.71
N LEU Q 383 -72.01 -10.67 22.55
CA LEU Q 383 -71.87 -11.53 21.34
C LEU Q 383 -70.41 -11.47 20.84
N ALA Q 384 -69.82 -10.27 20.87
CA ALA Q 384 -68.44 -9.99 20.41
C ALA Q 384 -67.41 -10.69 21.30
N ARG Q 385 -67.83 -11.19 22.47
CA ARG Q 385 -66.96 -11.96 23.41
C ARG Q 385 -66.48 -13.23 22.70
N GLY Q 386 -65.16 -13.38 22.55
CA GLY Q 386 -64.50 -14.54 21.94
C GLY Q 386 -64.22 -14.34 20.46
N VAL Q 387 -65.28 -14.37 19.65
CA VAL Q 387 -65.26 -14.48 18.16
C VAL Q 387 -64.28 -13.46 17.55
N SER Q 388 -63.73 -13.80 16.37
CA SER Q 388 -62.83 -12.94 15.55
C SER Q 388 -63.61 -11.71 15.06
N ASN Q 389 -63.01 -10.53 15.15
CA ASN Q 389 -63.65 -9.21 14.88
C ASN Q 389 -64.32 -9.22 13.50
N ASN Q 390 -63.67 -9.83 12.49
CA ASN Q 390 -64.17 -9.91 11.10
C ASN Q 390 -65.49 -10.70 11.08
N ALA Q 391 -65.51 -11.87 11.73
CA ALA Q 391 -66.71 -12.72 11.87
C ALA Q 391 -67.83 -11.89 12.50
N PHE Q 392 -67.52 -11.22 13.61
CA PHE Q 392 -68.46 -10.38 14.40
C PHE Q 392 -69.01 -9.24 13.54
N ARG Q 393 -68.14 -8.55 12.80
CA ARG Q 393 -68.51 -7.42 11.89
C ARG Q 393 -69.50 -7.92 10.84
N GLN Q 394 -69.22 -9.08 10.24
CA GLN Q 394 -70.12 -9.76 9.27
C GLN Q 394 -71.51 -9.89 9.89
N PHE Q 395 -71.57 -10.31 11.17
CA PHE Q 395 -72.84 -10.51 11.92
C PHE Q 395 -73.57 -9.16 12.09
N VAL Q 396 -72.85 -8.10 12.48
CA VAL Q 396 -73.41 -6.73 12.68
C VAL Q 396 -74.05 -6.26 11.37
N ILE Q 397 -73.29 -6.28 10.27
CA ILE Q 397 -73.74 -5.85 8.91
C ILE Q 397 -74.99 -6.64 8.52
N GLY Q 398 -75.06 -7.91 8.90
CA GLY Q 398 -76.22 -8.79 8.68
C GLY Q 398 -77.44 -8.31 9.46
N VAL Q 399 -77.29 -8.12 10.78
CA VAL Q 399 -78.39 -7.73 11.71
C VAL Q 399 -78.80 -6.28 11.42
N THR Q 400 -77.82 -5.36 11.39
CA THR Q 400 -77.98 -3.91 11.08
C THR Q 400 -78.75 -3.75 9.77
N GLY Q 401 -78.28 -4.42 8.71
CA GLY Q 401 -78.77 -4.27 7.33
C GLY Q 401 -80.14 -4.91 7.12
N TYR Q 402 -80.45 -5.98 7.86
CA TYR Q 402 -81.76 -6.68 7.78
C TYR Q 402 -82.84 -5.78 8.39
N ALA Q 403 -82.60 -5.31 9.62
CA ALA Q 403 -83.48 -4.37 10.36
C ALA Q 403 -83.82 -3.18 9.45
N LYS Q 404 -82.80 -2.56 8.85
CA LYS Q 404 -82.92 -1.41 7.92
C LYS Q 404 -83.72 -1.82 6.69
N GLN Q 405 -83.43 -3.00 6.13
CA GLN Q 405 -84.09 -3.56 4.91
C GLN Q 405 -85.59 -3.73 5.15
N GLU Q 406 -85.98 -4.08 6.38
CA GLU Q 406 -87.37 -4.39 6.78
C GLU Q 406 -88.07 -3.13 7.32
N GLU Q 407 -87.43 -1.96 7.19
CA GLU Q 407 -87.86 -0.67 7.79
C GLU Q 407 -88.25 -0.91 9.25
N ILE Q 408 -87.27 -1.28 10.08
CA ILE Q 408 -87.39 -1.57 11.54
C ILE Q 408 -86.35 -0.71 12.29
N THR Q 409 -86.77 0.00 13.34
CA THR Q 409 -85.86 0.73 14.26
C THR Q 409 -85.18 -0.29 15.18
N GLY Q 410 -83.85 -0.38 15.10
CA GLY Q 410 -83.03 -1.30 15.92
C GLY Q 410 -82.08 -0.53 16.84
N LEU Q 411 -82.26 -0.67 18.15
CA LEU Q 411 -81.32 -0.16 19.18
C LEU Q 411 -80.25 -1.22 19.45
N PHE Q 412 -78.99 -0.79 19.57
CA PHE Q 412 -77.81 -1.67 19.81
C PHE Q 412 -76.97 -1.06 20.92
N THR Q 413 -76.63 -1.85 21.94
CA THR Q 413 -75.84 -1.37 23.10
C THR Q 413 -74.45 -2.01 23.07
N ASN Q 414 -73.50 -1.37 23.77
CA ASN Q 414 -72.07 -1.76 23.80
C ASN Q 414 -71.48 -1.31 25.13
N THR Q 415 -71.01 -2.28 25.94
CA THR Q 415 -70.29 -2.04 27.21
C THR Q 415 -68.78 -2.03 26.92
N SER Q 416 -68.14 -0.86 27.00
CA SER Q 416 -66.70 -0.67 26.74
C SER Q 416 -65.87 -1.48 27.74
N ASP Q 417 -64.70 -1.97 27.32
CA ASP Q 417 -63.80 -2.83 28.12
C ASP Q 417 -63.00 -1.98 29.11
N GLN Q 418 -62.86 -0.67 28.83
CA GLN Q 418 -62.28 0.35 29.75
C GLN Q 418 -63.40 1.31 30.18
N PHE Q 419 -63.50 1.60 31.47
CA PHE Q 419 -64.56 2.48 32.07
C PHE Q 419 -64.03 3.91 32.25
N MET Q 420 -62.72 4.12 32.12
CA MET Q 420 -62.07 5.44 32.28
C MET Q 420 -62.26 6.26 30.98
N GLY Q 421 -61.22 6.94 30.51
CA GLY Q 421 -61.23 7.67 29.22
C GLY Q 421 -61.21 6.73 28.05
N ALA Q 422 -62.36 6.13 27.73
CA ALA Q 422 -62.54 5.18 26.60
C ALA Q 422 -61.81 5.72 25.37
N HIS Q 423 -60.71 5.08 24.97
CA HIS Q 423 -59.88 5.47 23.80
C HIS Q 423 -60.79 5.63 22.58
N SER Q 424 -61.59 4.59 22.30
CA SER Q 424 -62.53 4.50 21.15
C SER Q 424 -63.96 4.43 21.68
N ILE Q 425 -64.96 4.55 20.79
CA ILE Q 425 -66.40 4.34 21.13
C ILE Q 425 -66.61 2.85 21.40
N THR Q 426 -66.56 2.03 20.34
CA THR Q 426 -66.68 0.54 20.43
C THR Q 426 -65.27 -0.06 20.30
N ASP Q 427 -65.10 -1.30 20.77
CA ASP Q 427 -63.82 -2.04 20.71
C ASP Q 427 -63.85 -2.99 19.51
N SER Q 428 -64.85 -2.85 18.63
CA SER Q 428 -65.04 -3.66 17.40
C SER Q 428 -65.11 -2.77 16.16
N HIS Q 429 -65.00 -1.43 16.32
CA HIS Q 429 -65.00 -0.44 15.22
C HIS Q 429 -66.25 -0.62 14.36
N ILE Q 430 -67.43 -0.31 14.93
CA ILE Q 430 -68.75 -0.44 14.24
C ILE Q 430 -69.54 0.86 14.40
N SEP Q 431 -68.83 1.99 14.43
CA SEP Q 431 -69.44 3.29 14.65
CB SEP Q 431 -68.40 4.25 15.18
OG SEP Q 431 -67.71 3.62 16.29
C SEP Q 431 -70.11 3.78 13.38
O SEP Q 431 -71.20 4.35 13.43
P SEP Q 431 -66.13 3.27 16.18
O1P SEP Q 431 -65.39 4.53 16.58
O2P SEP Q 431 -65.88 2.86 14.74
O3P SEP Q 431 -65.90 2.14 17.16
N THR Q 432 -69.46 3.54 12.22
CA THR Q 432 -69.96 3.97 10.93
C THR Q 432 -71.06 3.04 10.42
N ILE Q 433 -71.31 1.92 11.10
CA ILE Q 433 -72.34 0.91 10.73
C ILE Q 433 -73.67 1.30 11.40
N THR Q 434 -73.66 2.35 12.22
CA THR Q 434 -74.83 2.84 13.00
C THR Q 434 -75.05 4.33 12.69
N ASP Q 435 -76.31 4.75 12.58
CA ASP Q 435 -76.70 6.11 12.12
C ASP Q 435 -76.68 7.09 13.30
N THR Q 436 -77.29 6.71 14.43
CA THR Q 436 -77.35 7.52 15.67
C THR Q 436 -76.39 6.92 16.70
N ILE Q 437 -75.67 7.76 17.44
CA ILE Q 437 -74.77 7.36 18.56
C ILE Q 437 -75.17 8.13 19.83
N ILE Q 438 -75.68 7.40 20.83
CA ILE Q 438 -75.95 7.90 22.21
C ILE Q 438 -74.79 7.44 23.10
N LEU Q 439 -73.92 8.35 23.52
CA LEU Q 439 -72.76 8.02 24.38
C LEU Q 439 -73.12 8.28 25.86
N LEU Q 440 -72.92 7.29 26.73
CA LEU Q 440 -73.02 7.41 28.21
C LEU Q 440 -71.62 7.23 28.80
N GLN Q 441 -71.20 8.13 29.68
CA GLN Q 441 -69.86 8.10 30.33
C GLN Q 441 -69.99 8.37 31.82
N TYR Q 442 -68.96 7.98 32.58
CA TYR Q 442 -68.75 8.34 34.00
C TYR Q 442 -68.01 9.67 34.07
N VAL Q 443 -68.26 10.43 35.14
CA VAL Q 443 -67.64 11.76 35.41
C VAL Q 443 -67.38 11.88 36.91
N GLU Q 444 -66.12 11.92 37.31
CA GLU Q 444 -65.72 12.15 38.72
C GLU Q 444 -65.87 13.64 39.04
N ILE Q 445 -66.90 14.00 39.82
CA ILE Q 445 -67.24 15.41 40.19
C ILE Q 445 -67.44 15.49 41.70
N ARG Q 446 -66.44 16.03 42.43
CA ARG Q 446 -66.47 16.24 43.90
C ARG Q 446 -66.36 14.90 44.62
N GLY Q 447 -65.31 14.13 44.28
CA GLY Q 447 -65.00 12.81 44.86
C GLY Q 447 -66.15 11.82 44.72
N GLU Q 448 -66.98 11.98 43.69
CA GLU Q 448 -68.22 11.18 43.47
C GLU Q 448 -68.36 10.80 42.00
N MET Q 449 -69.13 9.74 41.73
CA MET Q 449 -69.38 9.18 40.38
C MET Q 449 -70.68 9.75 39.82
N SER Q 450 -70.58 10.75 38.94
CA SER Q 450 -71.71 11.26 38.12
C SER Q 450 -71.76 10.49 36.80
N ARG Q 451 -72.96 10.15 36.35
CA ARG Q 451 -73.21 9.61 34.98
C ARG Q 451 -73.64 10.77 34.09
N ALA Q 452 -73.28 10.74 32.80
CA ALA Q 452 -73.55 11.82 31.83
C ALA Q 452 -73.95 11.23 30.47
N ILE Q 453 -74.90 11.88 29.80
CA ILE Q 453 -75.43 11.50 28.46
C ILE Q 453 -74.87 12.46 27.40
N ASN Q 454 -74.79 12.01 26.15
CA ASN Q 454 -74.32 12.82 25.00
C ASN Q 454 -74.80 12.16 23.71
N VAL Q 455 -75.62 12.85 22.91
CA VAL Q 455 -75.90 12.46 21.50
C VAL Q 455 -74.66 12.83 20.70
N PHE Q 456 -73.85 11.83 20.38
CA PHE Q 456 -72.53 11.94 19.71
C PHE Q 456 -72.74 12.36 18.25
N LYS Q 457 -73.68 11.70 17.57
CA LYS Q 457 -74.04 12.03 16.16
C LYS Q 457 -75.47 11.58 15.86
N MET Q 458 -76.05 12.18 14.81
CA MET Q 458 -77.35 11.81 14.19
C MET Q 458 -77.29 12.12 12.70
N ARG Q 459 -77.02 11.10 11.87
CA ARG Q 459 -77.15 11.20 10.40
C ARG Q 459 -78.59 11.59 10.09
N GLY Q 460 -78.80 12.74 9.46
CA GLY Q 460 -80.13 13.20 9.00
C GLY Q 460 -80.76 14.20 9.95
N SER Q 461 -80.08 14.58 11.04
CA SER Q 461 -80.66 15.50 12.06
C SER Q 461 -79.62 16.40 12.71
N TRP Q 462 -80.13 17.48 13.31
CA TRP Q 462 -79.37 18.54 14.05
C TRP Q 462 -78.73 17.94 15.30
N HIS Q 463 -79.57 17.42 16.20
CA HIS Q 463 -79.25 16.92 17.57
C HIS Q 463 -78.44 17.93 18.39
N ASP Q 464 -78.75 17.99 19.69
CA ASP Q 464 -77.96 18.69 20.74
C ASP Q 464 -76.62 17.96 20.89
N LYS Q 465 -75.51 18.68 20.70
CA LYS Q 465 -74.13 18.14 20.85
C LYS Q 465 -73.57 18.70 22.16
N ALA Q 466 -74.18 18.29 23.29
CA ALA Q 466 -73.80 18.68 24.66
C ALA Q 466 -73.69 17.42 25.53
N ILE Q 467 -72.79 17.47 26.52
CA ILE Q 467 -72.61 16.39 27.55
C ILE Q 467 -73.43 16.80 28.78
N ARG Q 468 -74.67 16.32 28.87
CA ARG Q 468 -75.61 16.62 29.97
C ARG Q 468 -75.45 15.57 31.07
N GLU Q 469 -75.56 15.98 32.33
CA GLU Q 469 -75.66 15.06 33.49
C GLU Q 469 -77.02 14.38 33.45
N PHE Q 470 -77.07 13.09 33.80
CA PHE Q 470 -78.35 12.37 34.02
C PHE Q 470 -78.21 11.51 35.28
N MET Q 471 -79.25 11.58 36.12
CA MET Q 471 -79.42 10.74 37.33
C MET Q 471 -80.44 9.65 37.01
N ILE Q 472 -80.15 8.43 37.45
CA ILE Q 472 -81.06 7.27 37.39
C ILE Q 472 -81.82 7.21 38.73
N SER Q 473 -83.11 6.86 38.69
CA SER Q 473 -83.96 6.71 39.90
C SER Q 473 -85.01 5.61 39.66
N ASP Q 474 -85.88 5.40 40.66
CA ASP Q 474 -87.03 4.46 40.60
C ASP Q 474 -87.92 4.85 39.40
N LYS Q 475 -87.97 6.14 39.06
CA LYS Q 475 -88.83 6.69 37.97
C LYS Q 475 -87.97 6.98 36.72
N GLY Q 476 -86.86 6.26 36.54
CA GLY Q 476 -86.13 6.18 35.25
C GLY Q 476 -84.95 7.15 35.16
N PRO Q 477 -84.49 7.48 33.93
CA PRO Q 477 -83.37 8.39 33.74
C PRO Q 477 -83.88 9.82 33.82
N ASP Q 478 -82.99 10.80 33.98
CA ASP Q 478 -83.36 12.20 34.26
C ASP Q 478 -82.21 13.11 33.82
N ILE Q 479 -82.26 13.62 32.59
CA ILE Q 479 -81.16 14.45 32.00
C ILE Q 479 -81.30 15.88 32.55
N LYS Q 480 -80.18 16.49 32.95
CA LYS Q 480 -80.11 17.77 33.69
C LYS Q 480 -79.36 18.81 32.84
N ASP Q 481 -78.76 19.82 33.49
CA ASP Q 481 -77.98 20.91 32.85
C ASP Q 481 -76.68 20.32 32.29
N SER Q 482 -76.02 21.06 31.37
CA SER Q 482 -74.73 20.67 30.73
C SER Q 482 -73.57 20.97 31.70
N PHE Q 483 -72.53 20.12 31.68
CA PHE Q 483 -71.31 20.24 32.54
C PHE Q 483 -70.46 21.42 32.05
N ARG Q 484 -70.98 22.65 32.17
CA ARG Q 484 -70.39 23.88 31.60
C ARG Q 484 -69.04 24.17 32.29
N ASN Q 485 -69.08 24.43 33.61
CA ASN Q 485 -67.92 24.93 34.40
C ASN Q 485 -66.95 23.78 34.71
N PHE Q 486 -66.54 23.04 33.67
CA PHE Q 486 -65.65 21.85 33.77
C PHE Q 486 -64.81 21.70 32.50
N GLU Q 487 -63.62 21.11 32.64
CA GLU Q 487 -62.69 20.75 31.53
C GLU Q 487 -62.32 19.27 31.63
N ARG Q 488 -62.00 18.66 30.49
CA ARG Q 488 -61.66 17.22 30.34
C ARG Q 488 -62.80 16.36 30.91
N ILE Q 489 -64.06 16.75 30.72
CA ILE Q 489 -65.26 15.93 31.09
C ILE Q 489 -65.22 14.63 30.28
N ILE Q 490 -64.72 14.70 29.04
CA ILE Q 490 -64.61 13.56 28.08
C ILE Q 490 -63.64 12.51 28.63
N SER Q 491 -62.66 12.91 29.45
CA SER Q 491 -61.61 12.02 30.02
C SER Q 491 -62.20 11.11 31.10
N GLY Q 492 -63.07 11.67 31.96
CA GLY Q 492 -63.70 10.93 33.08
C GLY Q 492 -63.39 11.59 34.41
N SER Q 493 -62.14 12.01 34.62
CA SER Q 493 -61.67 12.78 35.80
C SER Q 493 -61.37 14.21 35.38
N PRO Q 494 -62.40 15.09 35.27
CA PRO Q 494 -62.19 16.49 34.91
C PRO Q 494 -61.44 17.31 35.97
N THR Q 495 -61.03 18.53 35.59
CA THR Q 495 -60.48 19.58 36.48
C THR Q 495 -61.42 20.78 36.46
N ARG Q 496 -61.67 21.38 37.63
CA ARG Q 496 -62.61 22.53 37.79
C ARG Q 496 -62.14 23.70 36.91
N ILE Q 497 -63.08 24.39 36.25
CA ILE Q 497 -62.81 25.53 35.33
C ILE Q 497 -62.47 26.77 36.15
N ILE R 18 -87.51 -38.56 13.85
CA ILE R 18 -86.54 -39.59 14.32
C ILE R 18 -86.67 -39.73 15.84
N ALA R 19 -87.41 -40.76 16.30
CA ALA R 19 -87.60 -41.10 17.72
C ALA R 19 -86.24 -41.26 18.40
N LYS R 20 -86.11 -40.77 19.64
CA LYS R 20 -84.81 -40.69 20.36
C LYS R 20 -84.78 -41.76 21.47
N MET R 21 -83.82 -41.64 22.39
CA MET R 21 -83.55 -42.61 23.48
C MET R 21 -82.61 -41.94 24.49
N ARG R 22 -83.11 -41.69 25.72
CA ARG R 22 -82.42 -40.92 26.77
C ARG R 22 -81.23 -41.72 27.33
N THR R 23 -79.99 -41.28 27.05
CA THR R 23 -78.74 -41.97 27.46
C THR R 23 -78.57 -41.88 28.99
N MET R 24 -79.03 -40.79 29.60
CA MET R 24 -78.94 -40.51 31.07
C MET R 24 -77.48 -40.24 31.48
N ILE R 25 -76.58 -39.98 30.53
CA ILE R 25 -75.20 -39.49 30.80
C ILE R 25 -75.29 -37.97 31.04
N GLU R 26 -75.15 -37.53 32.30
CA GLU R 26 -75.45 -36.15 32.76
C GLU R 26 -74.86 -35.14 31.76
N GLY R 27 -75.72 -34.61 30.88
CA GLY R 27 -75.38 -33.51 29.95
C GLY R 27 -75.55 -33.90 28.50
N PHE R 28 -75.59 -35.20 28.17
CA PHE R 28 -75.58 -35.70 26.76
C PHE R 28 -76.97 -35.56 26.13
N ASP R 29 -78.05 -35.85 26.88
CA ASP R 29 -79.45 -35.77 26.40
C ASP R 29 -79.79 -34.32 26.01
N ASP R 30 -79.02 -33.35 26.50
CA ASP R 30 -79.21 -31.91 26.24
C ASP R 30 -78.36 -31.48 25.04
N ILE R 31 -77.14 -32.02 24.89
CA ILE R 31 -76.21 -31.72 23.75
C ILE R 31 -76.70 -32.43 22.48
N SER R 32 -77.53 -33.47 22.61
CA SER R 32 -78.05 -34.29 21.48
C SER R 32 -79.52 -33.96 21.17
N HIS R 33 -80.15 -33.09 21.97
CA HIS R 33 -81.58 -32.70 21.85
C HIS R 33 -82.48 -33.92 22.03
N GLY R 34 -82.28 -34.66 23.14
CA GLY R 34 -83.20 -35.74 23.58
C GLY R 34 -82.54 -37.11 23.68
N GLY R 35 -81.21 -37.19 23.61
CA GLY R 35 -80.45 -38.45 23.71
C GLY R 35 -80.02 -38.99 22.34
N LEU R 36 -79.72 -40.28 22.25
CA LEU R 36 -79.17 -40.94 21.02
C LEU R 36 -80.31 -41.55 20.21
N PRO R 37 -80.52 -41.13 18.93
CA PRO R 37 -81.62 -41.61 18.09
C PRO R 37 -81.90 -43.13 18.09
N ILE R 38 -83.19 -43.49 18.10
CA ILE R 38 -83.70 -44.89 18.32
C ILE R 38 -83.52 -45.72 17.04
N GLY R 39 -82.71 -46.77 17.11
CA GLY R 39 -82.57 -47.82 16.07
C GLY R 39 -81.54 -47.48 15.00
N ARG R 40 -80.49 -46.72 15.36
CA ARG R 40 -79.38 -46.34 14.45
C ARG R 40 -78.03 -46.52 15.16
N SER R 41 -76.94 -46.57 14.39
CA SER R 41 -75.55 -46.74 14.89
C SER R 41 -74.91 -45.37 15.13
N THR R 42 -74.58 -45.06 16.39
CA THR R 42 -73.89 -43.83 16.82
C THR R 42 -72.41 -44.15 17.08
N LEU R 43 -71.52 -43.62 16.25
CA LEU R 43 -70.05 -43.74 16.41
C LEU R 43 -69.59 -42.81 17.54
N VAL R 44 -68.67 -43.28 18.38
CA VAL R 44 -68.02 -42.48 19.46
C VAL R 44 -66.51 -42.71 19.38
N SER R 45 -65.83 -41.96 18.51
CA SER R 45 -64.38 -42.05 18.24
C SER R 45 -63.62 -41.02 19.08
N GLY R 46 -62.36 -41.30 19.39
CA GLY R 46 -61.53 -40.55 20.34
C GLY R 46 -60.20 -41.22 20.60
N THR R 47 -59.25 -40.48 21.18
CA THR R 47 -57.87 -40.96 21.48
C THR R 47 -57.88 -41.88 22.71
N SER R 48 -56.72 -42.42 23.06
CA SER R 48 -56.50 -43.21 24.30
C SER R 48 -56.65 -42.30 25.52
N GLY R 49 -57.60 -42.61 26.40
CA GLY R 49 -57.87 -41.87 27.65
C GLY R 49 -59.17 -41.08 27.62
N THR R 50 -59.81 -40.95 26.46
CA THR R 50 -60.95 -40.02 26.20
C THR R 50 -62.19 -40.40 27.02
N GLY R 51 -62.52 -41.69 27.13
CA GLY R 51 -63.67 -42.17 27.91
C GLY R 51 -64.76 -42.75 27.04
N LYS R 52 -64.40 -43.60 26.07
CA LYS R 52 -65.35 -44.23 25.11
C LYS R 52 -65.88 -45.54 25.71
N THR R 53 -64.98 -46.45 26.15
CA THR R 53 -65.35 -47.68 26.89
C THR R 53 -66.29 -47.32 28.05
N LEU R 54 -66.13 -46.13 28.63
CA LEU R 54 -66.93 -45.64 29.78
C LEU R 54 -68.30 -45.14 29.29
N PHE R 55 -68.32 -44.23 28.31
CA PHE R 55 -69.58 -43.68 27.71
C PHE R 55 -70.49 -44.83 27.28
N SER R 56 -69.89 -45.93 26.79
CA SER R 56 -70.59 -47.15 26.36
C SER R 56 -71.11 -47.91 27.58
N ILE R 57 -70.23 -48.17 28.56
CA ILE R 57 -70.57 -48.87 29.83
C ILE R 57 -71.82 -48.20 30.43
N GLN R 58 -71.83 -46.87 30.47
CA GLN R 58 -72.92 -46.04 31.05
C GLN R 58 -74.19 -46.13 30.19
N PHE R 59 -74.05 -46.10 28.86
CA PHE R 59 -75.19 -46.13 27.91
C PHE R 59 -76.10 -47.32 28.24
N LEU R 60 -75.52 -48.44 28.68
CA LEU R 60 -76.27 -49.69 29.01
C LEU R 60 -76.70 -49.66 30.48
N TYR R 61 -75.78 -49.45 31.43
CA TYR R 61 -76.07 -49.44 32.90
C TYR R 61 -77.24 -48.50 33.17
N ASN R 62 -77.13 -47.25 32.69
CA ASN R 62 -78.19 -46.20 32.81
C ASN R 62 -79.39 -46.54 31.94
N GLY R 63 -79.35 -47.64 31.17
CA GLY R 63 -80.51 -48.20 30.46
C GLY R 63 -81.21 -49.25 31.31
N ILE R 64 -80.46 -50.27 31.75
CA ILE R 64 -80.95 -51.43 32.54
C ILE R 64 -81.43 -50.95 33.91
N ILE R 65 -80.76 -49.94 34.47
CA ILE R 65 -81.10 -49.35 35.80
C ILE R 65 -82.36 -48.46 35.66
N GLU R 66 -82.42 -47.61 34.63
CA GLU R 66 -83.40 -46.49 34.54
C GLU R 66 -84.72 -46.94 33.90
N PHE R 67 -84.70 -47.42 32.64
CA PHE R 67 -85.93 -47.83 31.89
C PHE R 67 -86.07 -49.36 31.80
N ASP R 68 -85.28 -50.11 32.58
CA ASP R 68 -85.27 -51.60 32.58
C ASP R 68 -85.12 -52.10 31.13
N GLU R 69 -84.11 -51.60 30.42
CA GLU R 69 -83.78 -51.98 29.01
C GLU R 69 -82.46 -52.76 29.01
N PRO R 70 -82.49 -54.10 29.13
CA PRO R 70 -81.36 -54.95 28.79
C PRO R 70 -80.62 -54.58 27.48
N GLY R 71 -79.32 -54.89 27.42
CA GLY R 71 -78.43 -54.51 26.31
C GLY R 71 -77.20 -55.40 26.23
N VAL R 72 -76.65 -55.56 25.02
CA VAL R 72 -75.45 -56.39 24.72
C VAL R 72 -74.21 -55.48 24.68
N PHE R 73 -73.18 -55.82 25.47
CA PHE R 73 -71.84 -55.17 25.41
C PHE R 73 -70.89 -56.04 24.59
N VAL R 74 -70.61 -55.63 23.36
CA VAL R 74 -69.65 -56.33 22.45
C VAL R 74 -68.25 -55.78 22.74
N THR R 75 -67.39 -56.59 23.36
CA THR R 75 -66.01 -56.22 23.77
C THR R 75 -65.01 -57.05 22.97
N PHE R 76 -64.13 -56.39 22.20
CA PHE R 76 -63.17 -57.01 21.26
C PHE R 76 -61.78 -57.19 21.88
N GLU R 77 -61.42 -56.37 22.88
CA GLU R 77 -60.04 -56.36 23.47
C GLU R 77 -60.10 -56.76 24.94
N GLU R 78 -60.82 -55.99 25.77
CA GLU R 78 -60.85 -56.16 27.25
C GLU R 78 -61.59 -57.46 27.59
N THR R 79 -61.27 -58.05 28.75
CA THR R 79 -61.88 -59.29 29.28
C THR R 79 -63.09 -58.94 30.14
N PRO R 80 -64.23 -59.67 30.01
CA PRO R 80 -65.38 -59.51 30.88
C PRO R 80 -65.13 -59.38 32.39
N GLN R 81 -64.08 -60.04 32.91
CA GLN R 81 -63.65 -59.95 34.33
C GLN R 81 -63.16 -58.52 34.64
N ASP R 82 -62.52 -57.87 33.67
CA ASP R 82 -61.87 -56.53 33.81
C ASP R 82 -62.93 -55.43 33.76
N ILE R 83 -63.90 -55.54 32.84
CA ILE R 83 -65.00 -54.54 32.63
C ILE R 83 -65.84 -54.42 33.90
N ILE R 84 -66.05 -55.51 34.65
CA ILE R 84 -66.81 -55.51 35.94
C ILE R 84 -66.00 -54.75 36.99
N LYS R 85 -64.70 -55.06 37.11
CA LYS R 85 -63.74 -54.39 38.05
C LYS R 85 -63.70 -52.89 37.74
N ASN R 86 -63.54 -52.53 36.46
CA ASN R 86 -63.44 -51.13 35.96
C ASN R 86 -64.77 -50.40 36.20
N ALA R 87 -65.89 -51.11 36.12
CA ALA R 87 -67.25 -50.55 36.36
C ALA R 87 -67.44 -50.28 37.86
N ARG R 88 -66.99 -51.20 38.72
CA ARG R 88 -67.22 -51.18 40.19
C ARG R 88 -66.68 -49.89 40.83
N SER R 89 -65.61 -49.29 40.28
CA SER R 89 -64.98 -48.06 40.81
C SER R 89 -65.97 -46.88 40.80
N PHE R 90 -66.95 -46.89 39.89
CA PHE R 90 -68.05 -45.90 39.83
C PHE R 90 -69.15 -46.32 40.83
N GLY R 91 -69.19 -47.61 41.16
CA GLY R 91 -70.19 -48.22 42.07
C GLY R 91 -71.31 -48.87 41.29
N TRP R 92 -70.97 -49.56 40.20
CA TRP R 92 -71.92 -50.29 39.31
C TRP R 92 -71.64 -51.79 39.39
N ASP R 93 -72.45 -52.50 40.17
CA ASP R 93 -72.41 -53.98 40.28
C ASP R 93 -72.85 -54.55 38.93
N LEU R 94 -71.91 -54.71 37.99
CA LEU R 94 -72.15 -55.24 36.62
C LEU R 94 -72.35 -56.76 36.69
N ALA R 95 -71.96 -57.39 37.80
CA ALA R 95 -72.21 -58.83 38.09
C ALA R 95 -73.63 -59.03 38.63
N LYS R 96 -74.18 -58.02 39.32
CA LYS R 96 -75.56 -58.03 39.88
C LYS R 96 -76.59 -57.89 38.75
N LEU R 97 -76.17 -57.52 37.53
CA LEU R 97 -77.02 -57.45 36.32
C LEU R 97 -76.84 -58.71 35.46
N VAL R 98 -75.66 -59.34 35.50
CA VAL R 98 -75.37 -60.64 34.82
C VAL R 98 -76.17 -61.74 35.55
N ASP R 99 -76.08 -61.78 36.88
CA ASP R 99 -76.83 -62.71 37.77
C ASP R 99 -78.33 -62.48 37.57
N GLU R 100 -78.77 -61.22 37.55
CA GLU R 100 -80.21 -60.84 37.41
C GLU R 100 -80.69 -61.06 35.97
N GLY R 101 -79.77 -61.06 35.00
CA GLY R 101 -80.07 -61.33 33.58
C GLY R 101 -80.64 -60.11 32.87
N LYS R 102 -79.94 -58.98 32.94
CA LYS R 102 -80.27 -57.72 32.22
C LYS R 102 -79.13 -57.40 31.24
N LEU R 103 -77.88 -57.38 31.73
CA LEU R 103 -76.66 -57.15 30.92
C LEU R 103 -76.09 -58.49 30.47
N PHE R 104 -75.66 -58.59 29.21
CA PHE R 104 -74.88 -59.73 28.65
C PHE R 104 -73.63 -59.20 27.94
N ILE R 105 -72.45 -59.47 28.51
CA ILE R 105 -71.12 -59.15 27.93
C ILE R 105 -70.72 -60.29 26.99
N LEU R 106 -70.92 -60.09 25.68
CA LEU R 106 -70.45 -61.01 24.61
C LEU R 106 -68.93 -60.82 24.45
N ASP R 107 -68.14 -61.78 24.93
CA ASP R 107 -66.66 -61.77 24.84
C ASP R 107 -66.24 -62.02 23.39
N ALA R 108 -65.54 -61.07 22.77
CA ALA R 108 -64.93 -61.21 21.43
C ALA R 108 -63.43 -60.88 21.51
N SER R 109 -62.80 -61.11 22.66
CA SER R 109 -61.33 -60.96 22.85
C SER R 109 -60.63 -62.17 22.23
N PRO R 110 -59.42 -61.97 21.63
CA PRO R 110 -58.66 -63.08 21.04
C PRO R 110 -58.00 -63.92 22.14
N ASP R 111 -58.17 -65.25 22.05
CA ASP R 111 -57.79 -66.23 23.10
C ASP R 111 -56.32 -66.62 22.95
N PRO R 112 -55.39 -66.12 23.79
CA PRO R 112 -53.97 -66.43 23.63
C PRO R 112 -53.63 -67.86 24.09
N ASP R 122 -66.63 -64.61 9.58
CA ASP R 122 -65.92 -63.66 10.49
C ASP R 122 -66.92 -62.63 11.02
N LEU R 123 -67.34 -61.68 10.16
CA LEU R 123 -68.32 -60.62 10.50
C LEU R 123 -69.68 -61.26 10.79
N SER R 124 -70.20 -62.02 9.81
CA SER R 124 -71.47 -62.78 9.90
C SER R 124 -71.42 -63.74 11.10
N ALA R 125 -70.28 -64.40 11.31
CA ALA R 125 -70.02 -65.33 12.43
C ALA R 125 -70.25 -64.61 13.76
N LEU R 126 -69.72 -63.39 13.89
CA LEU R 126 -69.93 -62.51 15.07
C LEU R 126 -71.41 -62.08 15.11
N ILE R 127 -71.90 -61.53 13.99
CA ILE R 127 -73.32 -61.06 13.80
C ILE R 127 -74.28 -62.14 14.33
N GLU R 128 -73.96 -63.42 14.11
CA GLU R 128 -74.72 -64.58 14.66
C GLU R 128 -74.81 -64.43 16.19
N ARG R 129 -73.66 -64.35 16.86
CA ARG R 129 -73.56 -64.28 18.35
C ARG R 129 -74.22 -62.99 18.87
N ILE R 130 -74.06 -61.88 18.13
CA ILE R 130 -74.62 -60.54 18.49
C ILE R 130 -76.15 -60.59 18.35
N ASN R 131 -76.66 -61.16 17.25
CA ASN R 131 -78.12 -61.28 16.98
C ASN R 131 -78.71 -62.34 17.90
N TYR R 132 -77.95 -63.38 18.24
CA TYR R 132 -78.34 -64.38 19.27
C TYR R 132 -78.53 -63.67 20.61
N ALA R 133 -77.50 -62.90 21.03
CA ALA R 133 -77.43 -62.17 22.31
C ALA R 133 -78.65 -61.25 22.46
N ILE R 134 -78.89 -60.39 21.46
CA ILE R 134 -80.01 -59.40 21.43
C ILE R 134 -81.34 -60.15 21.59
N GLN R 135 -81.54 -61.22 20.81
CA GLN R 135 -82.82 -61.97 20.74
C GLN R 135 -83.03 -62.75 22.05
N LYS R 136 -81.98 -63.41 22.58
CA LYS R 136 -82.10 -64.29 23.77
C LYS R 136 -82.39 -63.46 25.03
N TYR R 137 -81.83 -62.24 25.13
CA TYR R 137 -81.95 -61.36 26.32
C TYR R 137 -82.94 -60.20 26.08
N ARG R 138 -83.51 -60.10 24.87
CA ARG R 138 -84.51 -59.06 24.50
C ARG R 138 -83.89 -57.67 24.72
N ALA R 139 -82.77 -57.40 24.07
CA ALA R 139 -81.94 -56.18 24.24
C ALA R 139 -82.50 -55.02 23.42
N ARG R 140 -82.32 -53.78 23.90
CA ARG R 140 -82.80 -52.53 23.26
C ARG R 140 -81.62 -51.73 22.70
N ARG R 141 -80.46 -51.78 23.38
CA ARG R 141 -79.26 -50.99 23.02
C ARG R 141 -78.03 -51.89 23.04
N VAL R 142 -77.28 -51.91 21.93
CA VAL R 142 -75.96 -52.60 21.80
C VAL R 142 -74.86 -51.56 22.03
N SER R 143 -73.62 -52.02 22.23
CA SER R 143 -72.41 -51.17 22.40
C SER R 143 -71.18 -51.95 21.96
N ILE R 144 -70.66 -51.67 20.75
CA ILE R 144 -69.44 -52.34 20.21
C ILE R 144 -68.23 -51.51 20.64
N ASP R 145 -67.27 -52.18 21.28
CA ASP R 145 -66.12 -51.56 21.99
C ASP R 145 -64.90 -52.47 21.84
N SER R 146 -64.01 -52.25 20.86
CA SER R 146 -64.06 -51.20 19.85
C SER R 146 -64.08 -51.85 18.45
N VAL R 147 -65.01 -51.43 17.58
CA VAL R 147 -65.18 -51.98 16.20
C VAL R 147 -63.80 -52.15 15.54
N THR R 148 -62.93 -51.15 15.65
CA THR R 148 -61.63 -51.01 14.92
C THR R 148 -60.71 -52.21 15.16
N SER R 149 -60.63 -52.73 16.40
CA SER R 149 -59.62 -53.74 16.83
C SER R 149 -59.80 -55.05 16.04
N VAL R 150 -61.03 -55.36 15.62
CA VAL R 150 -61.34 -56.49 14.68
C VAL R 150 -60.63 -56.22 13.35
N PHE R 151 -61.01 -55.12 12.68
CA PHE R 151 -60.47 -54.68 11.36
C PHE R 151 -59.15 -53.92 11.57
N SER R 157 -59.20 -49.08 4.64
CA SER R 157 -59.61 -48.58 3.31
C SER R 157 -60.91 -49.27 2.87
N SER R 158 -60.98 -49.72 1.61
CA SER R 158 -62.11 -50.50 1.02
C SER R 158 -62.46 -51.70 1.92
N VAL R 159 -61.43 -52.37 2.45
CA VAL R 159 -61.54 -53.52 3.39
C VAL R 159 -62.40 -53.12 4.60
N VAL R 160 -62.22 -51.89 5.10
CA VAL R 160 -62.96 -51.34 6.29
C VAL R 160 -64.38 -50.96 5.87
N ARG R 161 -64.52 -49.98 4.97
CA ARG R 161 -65.79 -49.29 4.61
C ARG R 161 -66.89 -50.30 4.25
N ARG R 162 -66.54 -51.42 3.61
CA ARG R 162 -67.48 -52.52 3.26
C ARG R 162 -67.91 -53.24 4.54
N GLU R 163 -66.95 -53.61 5.39
CA GLU R 163 -67.16 -54.37 6.64
C GLU R 163 -68.02 -53.57 7.62
N LEU R 164 -67.83 -52.24 7.69
CA LEU R 164 -68.53 -51.33 8.64
C LEU R 164 -70.00 -51.20 8.23
N PHE R 165 -70.26 -50.86 6.97
CA PHE R 165 -71.63 -50.74 6.37
C PHE R 165 -72.46 -51.98 6.71
N ARG R 166 -71.83 -53.16 6.64
CA ARG R 166 -72.44 -54.48 6.93
C ARG R 166 -72.84 -54.55 8.41
N LEU R 167 -71.88 -54.34 9.31
CA LEU R 167 -72.08 -54.41 10.80
C LEU R 167 -73.22 -53.47 11.21
N VAL R 168 -73.23 -52.26 10.63
CA VAL R 168 -74.28 -51.20 10.84
C VAL R 168 -75.63 -51.75 10.33
N ALA R 169 -75.76 -51.90 9.01
CA ALA R 169 -77.01 -52.25 8.30
C ALA R 169 -77.60 -53.55 8.86
N ARG R 170 -76.75 -54.49 9.29
CA ARG R 170 -77.18 -55.71 10.03
C ARG R 170 -77.91 -55.28 11.29
N LEU R 171 -77.24 -54.46 12.12
CA LEU R 171 -77.75 -53.96 13.42
C LEU R 171 -79.02 -53.11 13.20
N LYS R 172 -79.06 -52.32 12.14
CA LYS R 172 -80.24 -51.50 11.74
C LYS R 172 -81.42 -52.45 11.50
N GLN R 173 -81.21 -53.48 10.69
CA GLN R 173 -82.22 -54.51 10.31
C GLN R 173 -82.84 -55.12 11.56
N ILE R 174 -82.03 -55.37 12.61
CA ILE R 174 -82.52 -55.90 13.91
C ILE R 174 -83.39 -54.81 14.56
N GLY R 175 -82.92 -53.56 14.52
CA GLY R 175 -83.62 -52.37 15.05
C GLY R 175 -83.00 -51.85 16.34
N ALA R 176 -81.83 -52.36 16.72
CA ALA R 176 -81.12 -52.01 17.99
C ALA R 176 -80.35 -50.71 17.78
N THR R 177 -80.48 -49.78 18.73
CA THR R 177 -79.65 -48.54 18.80
C THR R 177 -78.23 -48.95 19.19
N THR R 178 -77.26 -48.61 18.34
CA THR R 178 -75.85 -49.09 18.44
C THR R 178 -74.95 -47.93 18.87
N VAL R 179 -73.98 -48.23 19.73
CA VAL R 179 -72.90 -47.28 20.14
C VAL R 179 -71.56 -47.93 19.81
N MET R 180 -71.05 -47.67 18.61
CA MET R 180 -69.71 -48.12 18.18
C MET R 180 -68.67 -47.14 18.74
N THR R 181 -67.47 -47.66 19.01
CA THR R 181 -66.35 -46.98 19.71
C THR R 181 -65.09 -47.14 18.87
N THR R 182 -64.71 -46.12 18.10
CA THR R 182 -63.51 -46.14 17.23
C THR R 182 -62.34 -45.49 17.97
N GLU R 183 -61.16 -45.45 17.36
CA GLU R 183 -59.94 -44.85 17.97
C GLU R 183 -59.14 -44.07 16.91
N ARG R 184 -58.48 -43.01 17.37
CA ARG R 184 -57.73 -42.01 16.56
C ARG R 184 -56.48 -41.59 17.34
N ILE R 185 -55.48 -41.01 16.66
CA ILE R 185 -54.14 -40.69 17.25
C ILE R 185 -53.84 -39.19 17.09
N GLU R 186 -54.86 -38.35 16.99
CA GLU R 186 -54.71 -36.87 16.84
C GLU R 186 -55.98 -36.18 17.32
N GLU R 187 -55.86 -35.32 18.35
CA GLU R 187 -56.98 -34.55 18.94
C GLU R 187 -57.71 -33.76 17.85
N TYR R 188 -56.97 -33.25 16.85
CA TYR R 188 -57.52 -32.49 15.70
C TYR R 188 -56.94 -33.04 14.39
N GLY R 189 -56.89 -34.38 14.28
CA GLY R 189 -56.61 -35.11 13.02
C GLY R 189 -57.89 -35.71 12.46
N PRO R 190 -57.84 -36.89 11.79
CA PRO R 190 -59.06 -37.54 11.32
C PRO R 190 -59.95 -38.06 12.46
N ILE R 191 -61.27 -38.14 12.20
CA ILE R 191 -62.31 -38.58 13.17
C ILE R 191 -61.98 -40.00 13.66
N ALA R 192 -61.56 -40.89 12.75
CA ALA R 192 -61.13 -42.28 13.04
C ALA R 192 -59.72 -42.48 12.46
N ARG R 193 -59.32 -43.74 12.18
CA ARG R 193 -58.00 -44.07 11.59
C ARG R 193 -58.03 -43.87 10.08
N TYR R 194 -59.02 -44.44 9.39
CA TYR R 194 -59.00 -44.69 7.92
C TYR R 194 -59.75 -43.59 7.15
N GLY R 195 -60.40 -42.65 7.84
CA GLY R 195 -61.20 -41.58 7.20
C GLY R 195 -62.42 -42.14 6.48
N VAL R 196 -63.00 -43.22 7.00
CA VAL R 196 -64.11 -44.00 6.37
C VAL R 196 -65.33 -44.04 7.30
N GLU R 197 -65.14 -44.50 8.55
CA GLU R 197 -66.21 -44.76 9.54
C GLU R 197 -67.19 -43.57 9.62
N GLU R 198 -66.65 -42.34 9.57
CA GLU R 198 -67.42 -41.07 9.64
C GLU R 198 -68.67 -41.16 8.76
N PHE R 199 -68.50 -41.50 7.49
CA PHE R 199 -69.53 -41.41 6.43
C PHE R 199 -70.46 -42.62 6.45
N VAL R 200 -70.04 -43.72 7.09
CA VAL R 200 -70.85 -44.97 7.22
C VAL R 200 -71.99 -44.71 8.21
N SER R 201 -71.64 -44.43 9.47
CA SER R 201 -72.56 -44.27 10.62
C SER R 201 -73.45 -43.03 10.40
N ASP R 202 -74.68 -43.09 10.90
CA ASP R 202 -75.68 -41.99 10.81
C ASP R 202 -75.31 -40.87 11.79
N ASN R 203 -74.74 -41.21 12.95
CA ASN R 203 -74.52 -40.28 14.09
C ASN R 203 -73.07 -40.39 14.58
N VAL R 204 -72.37 -39.27 14.69
CA VAL R 204 -70.93 -39.19 15.11
C VAL R 204 -70.80 -38.27 16.31
N VAL R 205 -70.19 -38.77 17.39
CA VAL R 205 -69.81 -38.00 18.62
C VAL R 205 -68.32 -38.21 18.84
N ILE R 206 -67.51 -37.16 18.62
CA ILE R 206 -66.02 -37.21 18.78
C ILE R 206 -65.67 -36.87 20.23
N LEU R 207 -64.98 -37.77 20.92
CA LEU R 207 -64.38 -37.49 22.26
C LEU R 207 -62.98 -36.93 22.04
N ARG R 208 -62.68 -35.85 22.74
CA ARG R 208 -61.35 -35.18 22.69
C ARG R 208 -60.81 -35.06 24.12
N ASN R 209 -59.51 -34.77 24.21
CA ASN R 209 -58.76 -34.66 25.49
C ASN R 209 -57.54 -33.78 25.20
N VAL R 210 -57.77 -32.48 25.06
CA VAL R 210 -56.78 -31.50 24.53
C VAL R 210 -55.78 -31.18 25.63
N LEU R 211 -54.51 -31.06 25.26
CA LEU R 211 -53.43 -30.55 26.16
C LEU R 211 -53.36 -29.04 26.00
N GLU R 212 -54.16 -28.30 26.78
CA GLU R 212 -54.16 -26.81 26.77
C GLU R 212 -53.05 -26.34 27.73
N GLY R 213 -51.81 -26.36 27.22
CA GLY R 213 -50.58 -26.09 28.00
C GLY R 213 -50.01 -27.36 28.58
N GLU R 214 -50.08 -27.51 29.91
CA GLU R 214 -49.65 -28.73 30.66
C GLU R 214 -50.86 -29.36 31.34
N ARG R 215 -52.07 -28.85 31.09
CA ARG R 215 -53.35 -29.32 31.67
C ARG R 215 -54.17 -30.00 30.56
N ARG R 216 -55.09 -30.90 30.95
CA ARG R 216 -55.99 -31.63 30.01
C ARG R 216 -57.41 -31.08 30.12
N ARG R 217 -58.03 -30.80 28.97
CA ARG R 217 -59.45 -30.37 28.82
C ARG R 217 -60.17 -31.39 27.94
N ARG R 218 -60.89 -32.32 28.55
CA ARG R 218 -61.78 -33.28 27.82
C ARG R 218 -63.03 -32.52 27.37
N THR R 219 -63.32 -32.58 26.07
CA THR R 219 -64.50 -31.95 25.42
C THR R 219 -65.20 -33.02 24.57
N LEU R 220 -66.49 -33.20 24.80
CA LEU R 220 -67.37 -34.00 23.92
C LEU R 220 -67.95 -33.08 22.86
N GLU R 221 -68.07 -33.60 21.64
CA GLU R 221 -68.75 -32.93 20.49
C GLU R 221 -69.71 -33.93 19.85
N ILE R 222 -70.81 -33.44 19.31
CA ILE R 222 -71.67 -34.16 18.34
C ILE R 222 -71.38 -33.58 16.95
N LEU R 223 -70.63 -34.32 16.14
CA LEU R 223 -70.14 -33.90 14.79
C LEU R 223 -71.32 -33.86 13.82
N LYS R 224 -72.16 -34.90 13.82
CA LYS R 224 -73.46 -34.89 13.11
C LYS R 224 -74.45 -35.85 13.76
N LEU R 225 -75.75 -35.58 13.54
CA LEU R 225 -76.89 -36.49 13.76
C LEU R 225 -77.76 -36.45 12.50
N ARG R 226 -77.44 -37.28 11.49
CA ARG R 226 -78.27 -37.38 10.26
C ARG R 226 -79.73 -37.59 10.69
N GLY R 227 -80.63 -36.74 10.21
CA GLY R 227 -82.08 -36.87 10.43
C GLY R 227 -82.61 -35.82 11.39
N THR R 228 -81.89 -35.55 12.49
CA THR R 228 -82.36 -34.65 13.58
C THR R 228 -81.40 -33.48 13.78
N SER R 229 -81.88 -32.49 14.55
CA SER R 229 -81.11 -31.35 15.09
C SER R 229 -80.29 -31.82 16.30
N HIS R 230 -79.28 -31.04 16.68
CA HIS R 230 -78.44 -31.27 17.88
C HIS R 230 -77.67 -29.99 18.20
N MET R 231 -76.89 -30.02 19.28
CA MET R 231 -76.01 -28.89 19.70
C MET R 231 -74.64 -29.08 19.02
N LYS R 232 -74.31 -28.17 18.10
CA LYS R 232 -73.08 -28.18 17.27
C LYS R 232 -71.93 -27.60 18.11
N GLY R 233 -70.76 -28.24 18.06
CA GLY R 233 -69.52 -27.76 18.68
C GLY R 233 -69.05 -28.65 19.82
N GLU R 234 -67.89 -28.30 20.41
CA GLU R 234 -67.31 -28.98 21.59
C GLU R 234 -68.08 -28.55 22.84
N TYR R 235 -68.22 -29.45 23.81
CA TYR R 235 -68.80 -29.19 25.15
C TYR R 235 -67.97 -29.92 26.19
N PRO R 236 -67.45 -29.20 27.22
CA PRO R 236 -66.56 -29.82 28.21
C PRO R 236 -67.32 -30.79 29.13
N PHE R 237 -66.67 -31.87 29.51
CA PHE R 237 -67.19 -32.89 30.45
C PHE R 237 -66.03 -33.34 31.34
N THR R 238 -66.34 -34.07 32.42
CA THR R 238 -65.37 -34.67 33.37
C THR R 238 -65.73 -36.13 33.59
N ILE R 239 -64.73 -36.98 33.83
CA ILE R 239 -64.92 -38.43 34.17
C ILE R 239 -64.64 -38.58 35.67
N THR R 240 -65.69 -38.82 36.46
CA THR R 240 -65.66 -38.84 37.95
C THR R 240 -66.10 -40.22 38.45
N ASP R 241 -66.30 -40.34 39.78
CA ASP R 241 -66.83 -41.56 40.44
C ASP R 241 -68.32 -41.72 40.12
N HIS R 242 -68.94 -40.71 39.50
CA HIS R 242 -70.36 -40.72 39.06
C HIS R 242 -70.48 -41.01 37.57
N GLY R 243 -69.35 -41.08 36.85
CA GLY R 243 -69.29 -41.38 35.40
C GLY R 243 -68.93 -40.15 34.58
N ILE R 244 -69.33 -40.13 33.30
CA ILE R 244 -69.23 -38.95 32.39
C ILE R 244 -70.19 -37.87 32.90
N ASN R 245 -69.81 -36.61 32.74
CA ASN R 245 -70.47 -35.43 33.36
C ASN R 245 -70.34 -34.24 32.40
N ILE R 246 -71.10 -34.26 31.29
CA ILE R 246 -71.06 -33.22 30.22
C ILE R 246 -71.68 -31.93 30.77
N PHE R 247 -70.98 -30.81 30.62
CA PHE R 247 -71.42 -29.45 31.05
C PHE R 247 -71.88 -28.66 29.82
N PRO R 248 -73.21 -28.59 29.54
CA PRO R 248 -73.74 -27.76 28.47
C PRO R 248 -74.01 -26.34 28.98
N LEU R 249 -72.97 -25.70 29.55
CA LEU R 249 -73.03 -24.31 30.06
C LEU R 249 -73.11 -23.33 28.89
N GLY R 250 -72.93 -23.82 27.66
CA GLY R 250 -73.29 -23.11 26.42
C GLY R 250 -74.76 -22.73 26.42
N ALA R 251 -75.65 -23.73 26.47
CA ALA R 251 -77.12 -23.57 26.63
C ALA R 251 -77.52 -24.05 28.03
N MET R 252 -77.04 -23.35 29.06
CA MET R 252 -77.37 -23.56 30.49
C MET R 252 -78.83 -23.13 30.70
N ARG R 253 -79.55 -23.80 31.61
CA ARG R 253 -80.99 -23.55 31.91
C ARG R 253 -81.20 -22.07 32.22
N LEU R 254 -81.40 -21.25 31.19
CA LEU R 254 -81.32 -19.77 31.24
C LEU R 254 -82.68 -19.15 31.60
N THR R 255 -83.45 -19.82 32.47
CA THR R 255 -84.72 -19.29 33.05
C THR R 255 -84.37 -18.52 34.32
N GLN R 256 -83.71 -19.20 35.28
CA GLN R 256 -83.20 -18.62 36.55
C GLN R 256 -84.39 -18.14 37.39
N ARG R 257 -84.12 -17.42 38.49
CA ARG R 257 -85.14 -16.73 39.31
C ARG R 257 -84.48 -15.54 40.02
N SER R 258 -85.18 -14.40 40.09
CA SER R 258 -84.71 -13.14 40.72
C SER R 258 -85.79 -12.61 41.67
N SER R 259 -85.43 -12.40 42.93
CA SER R 259 -86.26 -11.74 43.96
C SER R 259 -85.82 -10.28 44.10
N ASN R 260 -86.54 -9.50 44.91
CA ASN R 260 -86.09 -8.18 45.41
C ASN R 260 -85.69 -8.31 46.88
N VAL R 261 -85.44 -9.54 47.35
CA VAL R 261 -85.02 -9.84 48.76
C VAL R 261 -83.53 -9.54 48.90
N ARG R 262 -83.11 -9.11 50.09
CA ARG R 262 -81.73 -8.62 50.37
C ARG R 262 -81.05 -9.52 51.41
N VAL R 263 -79.73 -9.35 51.55
CA VAL R 263 -78.88 -9.92 52.65
C VAL R 263 -77.78 -8.91 52.98
N SER R 264 -77.43 -8.79 54.27
CA SER R 264 -76.27 -8.02 54.77
C SER R 264 -74.99 -8.58 54.16
N SER R 265 -73.98 -7.74 53.95
CA SER R 265 -72.70 -8.08 53.28
C SER R 265 -71.64 -8.48 54.32
N GLY R 266 -71.92 -8.25 55.61
CA GLY R 266 -70.94 -8.37 56.69
C GLY R 266 -70.51 -7.00 57.21
N VAL R 267 -70.69 -5.95 56.41
CA VAL R 267 -70.33 -4.55 56.76
C VAL R 267 -71.61 -3.70 56.75
N VAL R 268 -71.93 -3.07 57.87
CA VAL R 268 -73.14 -2.21 58.07
C VAL R 268 -73.05 -1.00 57.12
N ARG R 269 -71.86 -0.41 56.99
CA ARG R 269 -71.62 0.80 56.17
C ARG R 269 -71.83 0.47 54.68
N LEU R 270 -71.34 -0.69 54.22
CA LEU R 270 -71.40 -1.17 52.81
C LEU R 270 -72.84 -1.50 52.43
N ASP R 271 -73.59 -2.18 53.30
CA ASP R 271 -75.02 -2.54 53.08
C ASP R 271 -75.78 -1.27 52.70
N GLU R 272 -75.59 -0.20 53.47
CA GLU R 272 -76.20 1.14 53.24
C GLU R 272 -75.70 1.69 51.90
N MET R 273 -74.40 1.59 51.62
CA MET R 273 -73.77 2.00 50.33
C MET R 273 -74.41 1.22 49.17
N CYS R 274 -74.89 -0.01 49.40
CA CYS R 274 -75.59 -0.88 48.41
C CYS R 274 -77.11 -0.67 48.48
N GLY R 275 -77.57 0.39 49.14
CA GLY R 275 -79.01 0.75 49.23
C GLY R 275 -79.83 -0.35 49.88
N GLY R 276 -79.33 -0.94 50.97
CA GLY R 276 -80.08 -1.86 51.84
C GLY R 276 -79.52 -3.28 51.87
N GLY R 277 -78.25 -3.46 51.51
CA GLY R 277 -77.58 -4.78 51.49
C GLY R 277 -77.59 -5.39 50.10
N PHE R 278 -76.78 -6.43 49.88
CA PHE R 278 -76.75 -7.19 48.60
C PHE R 278 -78.09 -7.88 48.39
N PHE R 279 -78.39 -8.28 47.16
CA PHE R 279 -79.53 -9.16 46.82
C PHE R 279 -79.14 -10.61 47.06
N LYS R 280 -80.07 -11.39 47.60
CA LYS R 280 -79.92 -12.86 47.83
C LYS R 280 -79.67 -13.53 46.48
N ASP R 281 -80.36 -13.06 45.44
CA ASP R 281 -80.21 -13.53 44.03
C ASP R 281 -79.32 -12.54 43.27
N SER R 282 -78.00 -12.67 43.37
CA SER R 282 -77.01 -11.87 42.61
C SER R 282 -75.60 -12.46 42.73
N ILE R 283 -74.74 -12.12 41.76
CA ILE R 283 -73.26 -12.29 41.81
C ILE R 283 -72.67 -10.91 42.09
N ILE R 284 -71.78 -10.82 43.09
CA ILE R 284 -71.05 -9.58 43.47
C ILE R 284 -69.59 -9.75 43.06
N LEU R 285 -69.00 -8.70 42.48
CA LEU R 285 -67.56 -8.63 42.11
C LEU R 285 -66.89 -7.58 43.01
N ALA R 286 -65.71 -7.90 43.56
CA ALA R 286 -64.87 -6.96 44.33
C ALA R 286 -63.53 -6.81 43.60
N THR R 287 -63.45 -5.85 42.67
CA THR R 287 -62.17 -5.50 41.98
C THR R 287 -61.35 -4.61 42.90
N GLY R 288 -60.07 -4.91 42.99
CA GLY R 288 -59.02 -4.02 43.49
C GLY R 288 -57.67 -4.64 43.25
N ALA R 289 -56.62 -3.84 43.32
CA ALA R 289 -55.22 -4.32 43.27
C ALA R 289 -54.96 -5.22 44.49
N THR R 290 -53.80 -5.89 44.49
CA THR R 290 -53.37 -6.76 45.61
C THR R 290 -53.27 -5.94 46.90
N GLY R 291 -53.65 -6.55 48.04
CA GLY R 291 -53.56 -5.97 49.39
C GLY R 291 -54.38 -4.70 49.56
N THR R 292 -55.63 -4.68 49.09
CA THR R 292 -56.56 -3.51 49.19
C THR R 292 -57.68 -3.80 50.20
N GLY R 293 -58.22 -5.02 50.20
CA GLY R 293 -59.16 -5.50 51.23
C GLY R 293 -60.22 -6.43 50.68
N LYS R 294 -59.83 -7.32 49.75
CA LYS R 294 -60.76 -8.19 49.01
C LYS R 294 -61.11 -9.40 49.88
N THR R 295 -60.11 -10.00 50.53
CA THR R 295 -60.27 -11.19 51.42
C THR R 295 -61.01 -10.79 52.71
N LEU R 296 -60.80 -9.55 53.19
CA LEU R 296 -61.58 -8.99 54.33
C LEU R 296 -63.06 -8.97 53.93
N LEU R 297 -63.37 -8.28 52.83
CA LEU R 297 -64.73 -8.18 52.24
C LEU R 297 -65.36 -9.58 52.18
N VAL R 298 -64.58 -10.59 51.75
CA VAL R 298 -65.04 -12.01 51.65
C VAL R 298 -65.23 -12.58 53.05
N SER R 299 -64.24 -12.43 53.93
CA SER R 299 -64.21 -13.02 55.29
C SER R 299 -65.47 -12.61 56.05
N ARG R 300 -65.79 -11.31 56.00
CA ARG R 300 -67.03 -10.71 56.57
C ARG R 300 -68.26 -11.36 55.93
N PHE R 301 -68.23 -11.56 54.60
CA PHE R 301 -69.33 -12.16 53.82
C PHE R 301 -69.63 -13.56 54.37
N VAL R 302 -68.62 -14.43 54.38
CA VAL R 302 -68.69 -15.80 54.96
C VAL R 302 -69.24 -15.70 56.40
N GLU R 303 -68.72 -14.75 57.18
CA GLU R 303 -68.98 -14.61 58.64
C GLU R 303 -70.40 -14.09 58.90
N ASN R 304 -71.02 -13.37 57.96
CA ASN R 304 -72.40 -12.85 58.11
C ASN R 304 -73.38 -14.03 58.14
N ALA R 305 -73.08 -15.11 57.42
CA ALA R 305 -73.95 -16.29 57.25
C ALA R 305 -74.00 -17.11 58.54
N CYS R 306 -72.84 -17.48 59.09
CA CYS R 306 -72.70 -18.36 60.28
C CYS R 306 -73.26 -17.66 61.54
N ALA R 307 -73.37 -16.33 61.51
CA ALA R 307 -74.05 -15.52 62.57
C ALA R 307 -75.57 -15.63 62.42
N ASN R 308 -76.07 -16.06 61.26
CA ASN R 308 -77.52 -16.19 60.94
C ASN R 308 -77.89 -17.65 60.63
N LYS R 309 -77.15 -18.62 61.19
CA LYS R 309 -77.37 -20.08 60.98
C LYS R 309 -77.76 -20.31 59.52
N GLU R 310 -76.84 -19.97 58.61
CA GLU R 310 -76.91 -20.28 57.16
C GLU R 310 -75.56 -20.84 56.72
N ARG R 311 -75.58 -21.88 55.89
CA ARG R 311 -74.36 -22.60 55.43
C ARG R 311 -73.68 -21.74 54.35
N ALA R 312 -72.34 -21.74 54.31
CA ALA R 312 -71.53 -20.99 53.32
C ALA R 312 -70.25 -21.77 52.99
N ILE R 313 -69.75 -21.61 51.76
CA ILE R 313 -68.44 -22.17 51.29
C ILE R 313 -67.54 -21.03 50.81
N LEU R 314 -66.26 -21.09 51.17
CA LEU R 314 -65.19 -20.16 50.74
C LEU R 314 -64.21 -20.93 49.84
N PHE R 315 -64.29 -20.70 48.52
CA PHE R 315 -63.33 -21.24 47.53
C PHE R 315 -62.10 -20.34 47.49
N ALA R 316 -60.98 -20.85 48.01
CA ALA R 316 -59.70 -20.12 48.17
C ALA R 316 -58.71 -20.62 47.11
N TYR R 317 -58.15 -19.69 46.32
CA TYR R 317 -57.22 -19.97 45.20
C TYR R 317 -55.98 -19.08 45.30
N GLU R 318 -55.58 -18.69 46.51
CA GLU R 318 -54.49 -17.72 46.74
C GLU R 318 -53.69 -18.10 47.98
N GLU R 319 -54.30 -18.04 49.16
CA GLU R 319 -53.64 -18.35 50.46
C GLU R 319 -54.19 -19.68 51.00
N SER R 320 -53.46 -20.28 51.94
CA SER R 320 -53.68 -21.66 52.46
C SER R 320 -54.91 -21.72 53.36
N ARG R 321 -55.17 -22.87 53.96
CA ARG R 321 -56.18 -23.04 55.05
C ARG R 321 -55.71 -22.16 56.22
N ALA R 322 -54.46 -22.39 56.65
CA ALA R 322 -53.85 -21.82 57.86
C ALA R 322 -53.65 -20.30 57.72
N GLN R 323 -53.25 -19.83 56.53
CA GLN R 323 -53.03 -18.39 56.24
C GLN R 323 -54.36 -17.65 56.39
N LEU R 324 -55.45 -18.16 55.77
CA LEU R 324 -56.82 -17.59 55.84
C LEU R 324 -57.31 -17.51 57.29
N LEU R 325 -56.95 -18.48 58.15
CA LEU R 325 -57.41 -18.54 59.56
C LEU R 325 -56.75 -17.42 60.36
N ARG R 326 -55.41 -17.41 60.43
CA ARG R 326 -54.61 -16.39 61.15
C ARG R 326 -55.21 -15.01 60.91
N ASN R 327 -55.42 -14.67 59.63
CA ASN R 327 -55.81 -13.32 59.17
C ASN R 327 -57.27 -13.04 59.56
N ALA R 328 -58.15 -14.05 59.44
CA ALA R 328 -59.55 -13.96 59.88
C ALA R 328 -59.59 -13.69 61.38
N TYR R 329 -58.77 -14.42 62.15
CA TYR R 329 -58.71 -14.29 63.64
C TYR R 329 -58.23 -12.88 64.00
N SER R 330 -57.13 -12.44 63.40
CA SER R 330 -56.56 -11.07 63.58
C SER R 330 -57.60 -10.01 63.18
N TRP R 331 -58.56 -10.35 62.32
CA TRP R 331 -59.66 -9.46 61.87
C TRP R 331 -60.92 -9.62 62.75
N GLY R 332 -60.80 -10.24 63.92
CA GLY R 332 -61.93 -10.42 64.86
C GLY R 332 -62.60 -11.78 64.69
N MET R 333 -63.25 -12.00 63.55
CA MET R 333 -64.01 -13.25 63.22
C MET R 333 -63.11 -14.49 63.36
N ASP R 334 -63.72 -15.66 63.50
CA ASP R 334 -63.07 -16.93 63.89
C ASP R 334 -63.63 -18.05 63.01
N PHE R 335 -62.91 -18.43 61.95
CA PHE R 335 -63.35 -19.45 60.97
C PHE R 335 -63.28 -20.86 61.58
N GLU R 336 -62.39 -21.07 62.56
CA GLU R 336 -62.20 -22.38 63.25
C GLU R 336 -63.54 -22.88 63.80
N GLU R 337 -64.23 -22.06 64.60
CA GLU R 337 -65.49 -22.42 65.30
C GLU R 337 -66.68 -22.34 64.33
N MET R 338 -66.52 -21.66 63.18
CA MET R 338 -67.55 -21.63 62.11
C MET R 338 -67.55 -22.95 61.33
N GLU R 339 -66.47 -23.74 61.45
CA GLU R 339 -66.32 -25.08 60.83
C GLU R 339 -66.84 -26.17 61.78
N ARG R 340 -66.63 -26.00 63.09
CA ARG R 340 -67.05 -26.95 64.16
C ARG R 340 -68.59 -27.03 64.22
N GLN R 341 -69.26 -25.88 64.13
CA GLN R 341 -70.75 -25.79 64.21
C GLN R 341 -71.35 -25.89 62.80
N ASN R 342 -70.59 -26.42 61.84
CA ASN R 342 -71.09 -26.93 60.52
C ASN R 342 -71.85 -25.83 59.78
N LEU R 343 -71.16 -24.72 59.45
CA LEU R 343 -71.76 -23.56 58.74
C LEU R 343 -70.78 -22.98 57.69
N LEU R 344 -69.49 -22.87 58.01
CA LEU R 344 -68.44 -22.41 57.05
C LEU R 344 -67.65 -23.62 56.55
N LYS R 345 -67.52 -23.76 55.23
CA LYS R 345 -66.63 -24.77 54.58
C LYS R 345 -65.56 -24.03 53.77
N ILE R 346 -64.31 -24.07 54.22
CA ILE R 346 -63.14 -23.43 53.55
C ILE R 346 -62.52 -24.46 52.60
N VAL R 347 -62.70 -24.29 51.29
CA VAL R 347 -62.08 -25.12 50.22
C VAL R 347 -60.88 -24.37 49.66
N CYS R 348 -59.68 -24.94 49.84
CA CYS R 348 -58.39 -24.37 49.39
C CYS R 348 -57.78 -25.31 48.37
N ALA R 349 -57.28 -24.76 47.27
CA ALA R 349 -56.64 -25.51 46.16
C ALA R 349 -55.87 -24.52 45.28
N TYR R 350 -54.73 -24.95 44.75
CA TYR R 350 -53.96 -24.21 43.72
C TYR R 350 -54.75 -24.25 42.41
N PRO R 351 -55.02 -23.09 41.76
CA PRO R 351 -55.60 -23.08 40.41
C PRO R 351 -54.85 -23.95 39.39
N GLU R 352 -53.53 -24.06 39.52
CA GLU R 352 -52.62 -24.74 38.55
C GLU R 352 -52.65 -26.25 38.78
N SER R 353 -53.39 -26.73 39.78
CA SER R 353 -53.50 -28.17 40.14
C SER R 353 -54.44 -28.90 39.17
N ALA R 354 -55.45 -28.21 38.63
CA ALA R 354 -56.51 -28.82 37.79
C ALA R 354 -56.94 -27.85 36.68
N GLY R 355 -57.68 -28.37 35.70
CA GLY R 355 -58.28 -27.60 34.58
C GLY R 355 -59.55 -26.90 35.02
N LEU R 356 -60.00 -25.91 34.25
CA LEU R 356 -61.18 -25.06 34.58
C LEU R 356 -62.42 -25.95 34.78
N GLU R 357 -62.64 -26.94 33.92
CA GLU R 357 -63.77 -27.91 34.02
C GLU R 357 -63.64 -28.72 35.31
N ASP R 358 -62.41 -29.09 35.69
CA ASP R 358 -62.11 -29.82 36.95
C ASP R 358 -62.49 -28.95 38.16
N HIS R 359 -62.15 -27.65 38.13
CA HIS R 359 -62.53 -26.67 39.18
C HIS R 359 -64.05 -26.44 39.16
N LEU R 360 -64.63 -26.18 37.99
CA LEU R 360 -66.09 -25.95 37.80
C LEU R 360 -66.86 -27.09 38.47
N GLN R 361 -66.43 -28.34 38.24
CA GLN R 361 -67.08 -29.56 38.79
C GLN R 361 -66.93 -29.58 40.31
N ILE R 362 -65.71 -29.41 40.83
CA ILE R 362 -65.39 -29.51 42.29
C ILE R 362 -66.26 -28.49 43.04
N ILE R 363 -66.24 -27.23 42.59
CA ILE R 363 -67.08 -26.12 43.15
C ILE R 363 -68.55 -26.57 43.17
N LYS R 364 -69.05 -27.06 42.04
CA LYS R 364 -70.46 -27.48 41.85
C LYS R 364 -70.75 -28.69 42.76
N SER R 365 -69.85 -29.67 42.77
CA SER R 365 -69.94 -30.90 43.59
C SER R 365 -70.10 -30.51 45.07
N GLU R 366 -69.21 -29.66 45.58
CA GLU R 366 -69.22 -29.19 47.00
C GLU R 366 -70.48 -28.34 47.25
N ILE R 367 -70.92 -27.57 46.25
CA ILE R 367 -72.09 -26.64 46.36
C ILE R 367 -73.39 -27.44 46.41
N ASN R 368 -73.35 -28.77 46.29
CA ASN R 368 -74.53 -29.66 46.40
C ASN R 368 -74.45 -30.51 47.67
N ASP R 369 -73.28 -31.05 48.01
CA ASP R 369 -73.06 -31.89 49.23
C ASP R 369 -73.48 -31.07 50.45
N PHE R 370 -72.91 -29.86 50.57
CA PHE R 370 -73.09 -28.93 51.71
C PHE R 370 -74.40 -28.13 51.55
N LYS R 371 -74.73 -27.72 50.32
CA LYS R 371 -75.94 -26.93 49.99
C LYS R 371 -75.97 -25.66 50.83
N PRO R 372 -75.08 -24.68 50.55
CA PRO R 372 -75.09 -23.39 51.24
C PRO R 372 -76.07 -22.39 50.62
N ALA R 373 -76.20 -21.21 51.23
CA ALA R 373 -76.98 -20.06 50.74
C ALA R 373 -76.05 -18.93 50.27
N ARG R 374 -74.77 -18.99 50.63
CA ARG R 374 -73.73 -18.00 50.25
C ARG R 374 -72.48 -18.70 49.74
N ILE R 375 -71.81 -18.10 48.76
CA ILE R 375 -70.58 -18.65 48.14
C ILE R 375 -69.60 -17.50 47.87
N ALA R 376 -68.30 -17.77 48.02
CA ALA R 376 -67.20 -16.82 47.76
C ALA R 376 -66.08 -17.54 47.01
N ILE R 377 -65.70 -17.03 45.82
CA ILE R 377 -64.47 -17.43 45.09
C ILE R 377 -63.47 -16.27 45.17
N ASP R 378 -62.36 -16.48 45.90
CA ASP R 378 -61.28 -15.50 46.10
C ASP R 378 -59.95 -16.13 45.64
N SER R 379 -59.48 -15.80 44.43
CA SER R 379 -60.06 -14.83 43.51
C SER R 379 -60.37 -15.48 42.17
N LEU R 380 -61.27 -14.87 41.38
CA LEU R 380 -61.51 -15.26 39.97
C LEU R 380 -60.22 -15.03 39.17
N SER R 381 -59.55 -13.89 39.42
CA SER R 381 -58.26 -13.50 38.78
C SER R 381 -57.24 -14.63 38.88
N ALA R 382 -57.21 -15.34 40.01
CA ALA R 382 -56.30 -16.48 40.27
C ALA R 382 -56.43 -17.50 39.14
N LEU R 383 -57.65 -17.97 38.89
CA LEU R 383 -57.95 -19.09 37.96
C LEU R 383 -57.65 -18.65 36.51
N ALA R 384 -57.98 -17.40 36.18
CA ALA R 384 -57.83 -16.82 34.82
C ALA R 384 -56.38 -16.90 34.33
N ARG R 385 -55.42 -16.72 35.24
CA ARG R 385 -53.95 -16.74 34.96
C ARG R 385 -53.58 -18.09 34.34
N GLY R 386 -53.12 -18.06 33.08
CA GLY R 386 -52.70 -19.25 32.30
C GLY R 386 -53.69 -19.59 31.19
N VAL R 387 -54.94 -19.88 31.57
CA VAL R 387 -56.04 -20.34 30.66
C VAL R 387 -56.35 -19.26 29.64
N SER R 388 -57.12 -19.60 28.59
CA SER R 388 -57.59 -18.66 27.54
C SER R 388 -58.78 -17.85 28.05
N ASN R 389 -58.78 -16.55 27.75
CA ASN R 389 -59.87 -15.58 28.07
C ASN R 389 -61.23 -16.22 27.73
N ASN R 390 -61.30 -16.95 26.61
CA ASN R 390 -62.53 -17.62 26.11
C ASN R 390 -62.89 -18.79 27.04
N ALA R 391 -61.92 -19.63 27.39
CA ALA R 391 -62.10 -20.75 28.35
C ALA R 391 -62.58 -20.18 29.68
N PHE R 392 -62.04 -19.00 30.06
CA PHE R 392 -62.31 -18.33 31.36
C PHE R 392 -63.76 -17.80 31.39
N ARG R 393 -64.20 -17.08 30.36
CA ARG R 393 -65.64 -16.68 30.21
C ARG R 393 -66.51 -17.91 30.46
N GLN R 394 -66.23 -19.00 29.74
CA GLN R 394 -66.95 -20.30 29.84
C GLN R 394 -67.08 -20.71 31.31
N PHE R 395 -65.97 -20.67 32.06
CA PHE R 395 -65.91 -21.06 33.49
C PHE R 395 -66.79 -20.09 34.31
N VAL R 396 -66.51 -18.79 34.23
CA VAL R 396 -67.18 -17.72 35.03
C VAL R 396 -68.69 -17.79 34.78
N ILE R 397 -69.11 -17.72 33.51
CA ILE R 397 -70.52 -17.92 33.07
C ILE R 397 -71.09 -19.14 33.79
N GLY R 398 -70.32 -20.24 33.81
CA GLY R 398 -70.67 -21.50 34.51
C GLY R 398 -71.07 -21.26 35.94
N VAL R 399 -70.18 -20.67 36.75
CA VAL R 399 -70.37 -20.54 38.23
C VAL R 399 -71.53 -19.58 38.47
N THR R 400 -71.47 -18.39 37.87
CA THR R 400 -72.51 -17.33 37.91
C THR R 400 -73.90 -17.96 37.73
N GLY R 401 -74.06 -18.71 36.64
CA GLY R 401 -75.33 -19.31 36.20
C GLY R 401 -75.84 -20.34 37.18
N TYR R 402 -74.95 -21.19 37.69
CA TYR R 402 -75.30 -22.27 38.66
C TYR R 402 -75.72 -21.63 39.99
N ALA R 403 -74.88 -20.74 40.51
CA ALA R 403 -75.13 -19.95 41.74
C ALA R 403 -76.46 -19.21 41.61
N LYS R 404 -76.78 -18.71 40.41
CA LYS R 404 -78.02 -17.96 40.12
C LYS R 404 -79.24 -18.88 40.28
N GLN R 405 -79.31 -19.97 39.49
CA GLN R 405 -80.51 -20.85 39.42
C GLN R 405 -80.66 -21.68 40.70
N GLU R 406 -79.66 -21.67 41.59
CA GLU R 406 -79.75 -22.30 42.94
C GLU R 406 -80.09 -21.23 43.99
N GLU R 407 -80.40 -20.00 43.55
CA GLU R 407 -80.76 -18.83 44.40
C GLU R 407 -79.72 -18.62 45.50
N ILE R 408 -78.43 -18.79 45.15
CA ILE R 408 -77.27 -18.57 46.05
C ILE R 408 -76.68 -17.19 45.73
N THR R 409 -76.35 -16.42 46.76
CA THR R 409 -75.57 -15.15 46.63
C THR R 409 -74.11 -15.52 46.43
N GLY R 410 -73.45 -14.87 45.46
CA GLY R 410 -72.07 -15.17 45.05
C GLY R 410 -71.20 -13.93 45.14
N LEU R 411 -70.07 -14.05 45.85
CA LEU R 411 -69.06 -12.97 46.00
C LEU R 411 -67.79 -13.42 45.29
N PHE R 412 -67.29 -12.61 44.35
CA PHE R 412 -66.14 -12.95 43.48
C PHE R 412 -65.10 -11.84 43.59
N THR R 413 -63.88 -12.20 43.99
CA THR R 413 -62.74 -11.28 44.15
C THR R 413 -61.90 -11.29 42.87
N ASN R 414 -61.21 -10.19 42.61
CA ASN R 414 -60.39 -9.96 41.40
C ASN R 414 -59.16 -9.13 41.78
N THR R 415 -57.98 -9.74 41.86
CA THR R 415 -56.68 -9.04 42.02
C THR R 415 -56.26 -8.45 40.66
N SER R 416 -56.50 -7.16 40.46
CA SER R 416 -56.11 -6.39 39.25
C SER R 416 -54.58 -6.37 39.16
N ASP R 417 -54.02 -6.72 38.00
CA ASP R 417 -52.57 -6.78 37.73
C ASP R 417 -51.96 -5.37 37.79
N GLN R 418 -52.79 -4.33 37.69
CA GLN R 418 -52.39 -2.90 37.79
C GLN R 418 -52.79 -2.34 39.17
N PHE R 419 -51.80 -2.08 40.03
CA PHE R 419 -52.01 -1.72 41.45
C PHE R 419 -52.58 -0.30 41.55
N MET R 420 -52.33 0.54 40.55
CA MET R 420 -52.79 1.96 40.52
C MET R 420 -52.95 2.44 39.08
N GLY R 421 -54.09 3.08 38.78
CA GLY R 421 -54.44 3.61 37.44
C GLY R 421 -55.11 2.58 36.57
N ALA R 422 -55.82 1.61 37.18
CA ALA R 422 -56.57 0.55 36.49
C ALA R 422 -57.45 1.19 35.42
N HIS R 423 -57.26 0.82 34.16
CA HIS R 423 -58.01 1.37 32.99
C HIS R 423 -59.33 0.61 32.82
N SER R 424 -59.41 -0.63 33.31
CA SER R 424 -60.60 -1.53 33.22
C SER R 424 -60.92 -2.14 34.58
N ILE R 425 -62.21 -2.36 34.87
CA ILE R 425 -62.71 -3.02 36.11
C ILE R 425 -62.05 -4.40 36.22
N THR R 426 -62.07 -5.17 35.14
CA THR R 426 -61.45 -6.53 35.06
C THR R 426 -60.64 -6.63 33.76
N ASP R 427 -59.51 -7.34 33.82
CA ASP R 427 -58.65 -7.61 32.64
C ASP R 427 -59.31 -8.70 31.79
N SER R 428 -60.13 -9.56 32.40
CA SER R 428 -60.85 -10.70 31.75
C SER R 428 -62.17 -10.21 31.12
N HIS R 429 -62.56 -8.95 31.37
CA HIS R 429 -63.76 -8.29 30.80
C HIS R 429 -65.01 -9.10 31.12
N ILE R 430 -65.22 -9.42 32.41
CA ILE R 430 -66.37 -10.25 32.90
C ILE R 430 -67.28 -9.40 33.77
N SEP R 431 -67.28 -8.08 33.53
CA SEP R 431 -68.06 -7.15 34.32
CB SEP R 431 -67.51 -5.74 34.15
OG SEP R 431 -66.07 -5.80 34.05
C SEP R 431 -69.54 -7.22 33.97
O SEP R 431 -70.37 -6.95 34.85
P SEP R 431 -65.33 -5.02 32.85
O1P SEP R 431 -63.85 -5.06 33.16
O2P SEP R 431 -65.88 -3.60 32.86
O3P SEP R 431 -65.69 -5.76 31.58
N TPO R 432 -69.86 -7.57 32.72
CA TPO R 432 -71.26 -7.68 32.22
CB TPO R 432 -71.32 -7.86 30.69
CG2 TPO R 432 -72.50 -7.15 30.11
OG1 TPO R 432 -70.11 -7.29 30.06
P TPO R 432 -69.70 -7.60 28.52
O1P TPO R 432 -68.53 -6.68 28.21
O2P TPO R 432 -69.31 -9.07 28.49
O3P TPO R 432 -70.91 -7.31 27.66
C TPO R 432 -71.98 -8.81 32.95
O TPO R 432 -73.18 -8.64 33.23
N ILE R 433 -71.28 -9.91 33.28
CA ILE R 433 -71.86 -11.13 33.90
C ILE R 433 -72.27 -10.84 35.34
N THR R 434 -71.54 -9.96 36.05
CA THR R 434 -71.74 -9.65 37.49
C THR R 434 -72.77 -8.52 37.64
N ASP R 435 -73.57 -8.58 38.72
CA ASP R 435 -74.70 -7.67 39.00
C ASP R 435 -74.21 -6.41 39.72
N THR R 436 -73.30 -6.58 40.67
CA THR R 436 -72.77 -5.52 41.55
C THR R 436 -71.23 -5.55 41.50
N ILE R 437 -70.61 -4.40 41.25
CA ILE R 437 -69.12 -4.23 41.31
C ILE R 437 -68.80 -3.37 42.53
N ILE R 438 -68.10 -3.95 43.51
CA ILE R 438 -67.44 -3.20 44.62
C ILE R 438 -66.00 -2.92 44.18
N LEU R 439 -65.59 -1.65 44.20
CA LEU R 439 -64.27 -1.20 43.66
C LEU R 439 -63.38 -0.74 44.83
N LEU R 440 -62.27 -1.45 45.04
CA LEU R 440 -61.21 -1.13 46.04
C LEU R 440 -59.99 -0.57 45.30
N GLN R 441 -59.42 0.53 45.80
CA GLN R 441 -58.27 1.21 45.13
C GLN R 441 -57.51 2.07 46.15
N TYR R 442 -56.25 2.37 45.83
CA TYR R 442 -55.36 3.25 46.64
C TYR R 442 -55.40 4.68 46.11
N VAL R 443 -55.89 5.62 46.93
CA VAL R 443 -55.75 7.08 46.69
C VAL R 443 -54.46 7.53 47.38
N GLU R 444 -53.45 7.98 46.61
CA GLU R 444 -52.16 8.49 47.14
C GLU R 444 -52.38 9.91 47.66
N ILE R 445 -52.67 10.04 48.96
CA ILE R 445 -52.99 11.32 49.65
C ILE R 445 -51.83 11.68 50.59
N ARG R 446 -51.16 12.82 50.35
CA ARG R 446 -50.19 13.44 51.28
C ARG R 446 -49.07 12.45 51.63
N GLY R 447 -48.54 11.73 50.64
CA GLY R 447 -47.46 10.73 50.82
C GLY R 447 -47.93 9.48 51.54
N GLU R 448 -49.23 9.35 51.81
CA GLU R 448 -49.87 8.25 52.56
C GLU R 448 -50.61 7.33 51.58
N MET R 449 -50.27 6.04 51.54
CA MET R 449 -50.94 5.01 50.70
C MET R 449 -52.24 4.56 51.39
N SER R 450 -53.27 5.40 51.37
CA SER R 450 -54.62 5.10 51.96
C SER R 450 -55.49 4.40 50.90
N ARG R 451 -56.57 3.76 51.34
CA ARG R 451 -57.51 2.97 50.51
C ARG R 451 -58.75 3.81 50.20
N ALA R 452 -59.59 3.31 49.29
CA ALA R 452 -60.94 3.86 49.00
C ALA R 452 -61.83 2.75 48.45
N ILE R 453 -63.12 2.82 48.77
CA ILE R 453 -64.16 1.80 48.41
C ILE R 453 -65.23 2.51 47.60
N ASN R 454 -65.95 1.77 46.75
CA ASN R 454 -66.96 2.36 45.83
C ASN R 454 -67.87 1.27 45.29
N VAL R 455 -69.17 1.43 45.49
CA VAL R 455 -70.22 0.65 44.78
C VAL R 455 -70.31 1.24 43.37
N PHE R 456 -69.67 0.57 42.41
CA PHE R 456 -69.49 1.06 41.02
C PHE R 456 -70.81 0.91 40.24
N LYS R 457 -71.46 -0.25 40.39
CA LYS R 457 -72.85 -0.46 39.91
C LYS R 457 -73.57 -1.49 40.79
N MET R 458 -74.88 -1.33 40.92
CA MET R 458 -75.85 -2.32 41.44
C MET R 458 -77.03 -2.41 40.48
N ARG R 459 -77.14 -3.50 39.71
CA ARG R 459 -78.35 -3.80 38.91
C ARG R 459 -79.53 -3.90 39.90
N GLY R 460 -80.47 -2.95 39.84
CA GLY R 460 -81.76 -3.03 40.55
C GLY R 460 -81.80 -2.28 41.88
N SER R 461 -80.68 -1.71 42.33
CA SER R 461 -80.60 -0.89 43.57
C SER R 461 -80.26 0.56 43.24
N TRP R 462 -80.42 1.43 44.24
CA TRP R 462 -80.01 2.86 44.18
C TRP R 462 -78.49 2.94 44.27
N HIS R 463 -77.92 2.46 45.38
CA HIS R 463 -76.47 2.49 45.75
C HIS R 463 -75.89 3.91 45.74
N ASP R 464 -74.86 4.11 46.58
CA ASP R 464 -74.10 5.38 46.76
C ASP R 464 -73.04 5.47 45.67
N LYS R 465 -72.84 6.66 45.10
CA LYS R 465 -71.92 6.92 43.98
C LYS R 465 -70.57 7.43 44.52
N ALA R 466 -70.45 7.62 45.83
CA ALA R 466 -69.28 8.23 46.48
C ALA R 466 -68.10 7.26 46.49
N ILE R 467 -66.88 7.79 46.33
CA ILE R 467 -65.60 7.07 46.53
C ILE R 467 -65.13 7.37 47.97
N ARG R 468 -65.64 6.61 48.94
CA ARG R 468 -65.31 6.79 50.37
C ARG R 468 -63.95 6.14 50.65
N GLU R 469 -63.12 6.79 51.47
CA GLU R 469 -61.88 6.19 52.03
C GLU R 469 -62.31 5.11 53.04
N PHE R 470 -61.45 4.11 53.29
CA PHE R 470 -61.65 3.17 54.42
C PHE R 470 -60.31 2.68 54.97
N MET R 471 -60.30 2.41 56.27
CA MET R 471 -59.15 1.84 57.02
C MET R 471 -59.50 0.40 57.39
N ILE R 472 -58.49 -0.46 57.43
CA ILE R 472 -58.58 -1.84 57.99
C ILE R 472 -57.90 -1.81 59.36
N SER R 473 -58.42 -2.60 60.30
CA SER R 473 -57.99 -2.67 61.72
C SER R 473 -58.27 -4.08 62.26
N ASP R 474 -58.08 -4.29 63.56
CA ASP R 474 -58.58 -5.51 64.26
C ASP R 474 -60.11 -5.57 64.10
N LYS R 475 -60.76 -4.39 64.14
CA LYS R 475 -62.24 -4.25 64.21
C LYS R 475 -62.85 -4.22 62.80
N GLY R 476 -62.16 -4.81 61.81
CA GLY R 476 -62.64 -4.92 60.41
C GLY R 476 -62.38 -3.65 59.63
N PRO R 477 -63.05 -3.47 58.47
CA PRO R 477 -62.92 -2.25 57.69
C PRO R 477 -63.82 -1.15 58.29
N ASP R 478 -63.29 0.07 58.37
CA ASP R 478 -64.05 1.28 58.77
C ASP R 478 -64.20 2.16 57.52
N ILE R 479 -65.35 2.08 56.86
CA ILE R 479 -65.68 2.91 55.67
C ILE R 479 -65.95 4.32 56.17
N LYS R 480 -65.01 5.23 55.88
CA LYS R 480 -65.03 6.64 56.36
C LYS R 480 -65.76 7.50 55.31
N ASP R 481 -65.19 8.67 55.00
CA ASP R 481 -65.81 9.73 54.17
C ASP R 481 -65.04 9.90 52.85
N SER R 482 -65.70 10.54 51.88
CA SER R 482 -65.20 10.80 50.51
C SER R 482 -64.11 11.89 50.55
N PHE R 483 -63.62 12.30 49.37
CA PHE R 483 -62.62 13.38 49.19
C PHE R 483 -63.28 14.55 48.47
N ARG R 484 -63.90 15.45 49.24
CA ARG R 484 -64.61 16.65 48.73
C ARG R 484 -63.61 17.76 48.39
N ASN R 485 -62.31 17.56 48.63
CA ASN R 485 -61.25 18.58 48.42
C ASN R 485 -60.36 18.20 47.21
N PHE R 486 -60.75 17.23 46.39
CA PHE R 486 -59.83 16.55 45.43
C PHE R 486 -60.42 16.34 44.04
N GLU R 487 -59.51 16.12 43.08
CA GLU R 487 -59.81 15.77 41.66
C GLU R 487 -58.83 14.68 41.19
N ARG R 488 -59.27 13.80 40.28
CA ARG R 488 -58.51 12.66 39.71
C ARG R 488 -58.26 11.57 40.78
N ILE R 489 -59.22 11.38 41.70
CA ILE R 489 -59.14 10.38 42.81
C ILE R 489 -59.04 8.96 42.23
N ILE R 490 -59.88 8.64 41.23
CA ILE R 490 -59.94 7.31 40.56
C ILE R 490 -58.55 6.93 40.03
N SER R 491 -57.75 7.92 39.61
CA SER R 491 -56.44 7.73 38.90
C SER R 491 -55.36 7.19 39.84
N GLY R 492 -55.54 7.32 41.17
CA GLY R 492 -54.61 6.80 42.17
C GLY R 492 -53.71 7.89 42.75
N SER R 493 -53.19 8.77 41.90
CA SER R 493 -52.47 10.01 42.29
C SER R 493 -53.38 11.21 42.07
N PRO R 494 -54.32 11.51 43.00
CA PRO R 494 -55.18 12.69 42.86
C PRO R 494 -54.41 14.00 43.02
N THR R 495 -55.12 15.13 42.91
CA THR R 495 -54.54 16.50 42.94
C THR R 495 -55.50 17.43 43.68
N ARG R 496 -54.92 18.33 44.49
CA ARG R 496 -55.66 19.26 45.39
C ARG R 496 -56.43 20.27 44.54
N ILE R 497 -57.63 20.66 44.99
CA ILE R 497 -58.55 21.60 44.30
C ILE R 497 -58.61 22.90 45.12
N ILE S 18 63.56 -30.74 60.33
CA ILE S 18 64.14 -31.54 59.20
C ILE S 18 64.67 -30.58 58.13
N ALA S 19 63.79 -29.76 57.54
CA ALA S 19 64.11 -28.76 56.49
C ALA S 19 62.87 -27.92 56.18
N LYS S 20 63.08 -26.66 55.76
CA LYS S 20 62.01 -25.63 55.59
C LYS S 20 61.95 -25.15 54.13
N MET S 21 60.76 -25.26 53.51
CA MET S 21 60.49 -24.75 52.14
C MET S 21 59.73 -23.41 52.23
N ARG S 22 60.22 -22.36 51.55
CA ARG S 22 59.56 -21.03 51.49
C ARG S 22 58.37 -21.11 50.51
N THR S 23 57.20 -21.51 51.02
CA THR S 23 55.93 -21.71 50.26
C THR S 23 55.43 -20.39 49.65
N MET S 24 55.68 -19.26 50.32
CA MET S 24 55.53 -17.86 49.81
C MET S 24 54.07 -17.41 49.75
N ILE S 25 53.10 -18.19 50.23
CA ILE S 25 51.65 -17.85 50.21
C ILE S 25 51.37 -16.77 51.27
N GLU S 26 51.28 -15.51 50.84
CA GLU S 26 51.08 -14.29 51.68
C GLU S 26 51.92 -14.38 52.96
N GLY S 27 51.50 -15.20 53.95
CA GLY S 27 52.17 -15.31 55.26
C GLY S 27 52.32 -16.72 55.79
N PHE S 28 52.05 -17.77 55.00
CA PHE S 28 51.98 -19.18 55.44
C PHE S 28 53.29 -19.62 56.12
N ASP S 29 54.45 -19.16 55.64
CA ASP S 29 55.79 -19.64 56.07
C ASP S 29 56.10 -19.17 57.49
N ASP S 30 55.47 -18.07 57.93
CA ASP S 30 55.54 -17.58 59.34
C ASP S 30 54.78 -18.54 60.26
N ILE S 31 53.62 -19.02 59.82
CA ILE S 31 52.69 -19.89 60.63
C ILE S 31 53.30 -21.29 60.80
N SER S 32 54.18 -21.71 59.89
CA SER S 32 54.80 -23.07 59.87
C SER S 32 56.27 -23.03 60.34
N HIS S 33 56.81 -21.84 60.64
CA HIS S 33 58.24 -21.61 61.00
C HIS S 33 59.16 -22.12 59.88
N GLY S 34 58.73 -22.00 58.63
CA GLY S 34 59.49 -22.46 57.44
C GLY S 34 58.73 -23.50 56.63
N GLY S 35 57.52 -23.16 56.18
CA GLY S 35 56.69 -23.90 55.21
C GLY S 35 56.61 -25.40 55.46
N LEU S 36 56.29 -26.16 54.41
CA LEU S 36 56.07 -27.64 54.46
C LEU S 36 57.42 -28.35 54.55
N PRO S 37 57.56 -29.33 55.48
CA PRO S 37 58.79 -30.11 55.61
C PRO S 37 59.35 -30.62 54.27
N ILE S 38 60.67 -30.57 54.10
CA ILE S 38 61.38 -31.08 52.89
C ILE S 38 61.47 -32.60 52.98
N GLY S 39 60.97 -33.31 51.96
CA GLY S 39 61.01 -34.78 51.84
C GLY S 39 59.94 -35.47 52.69
N ARG S 40 58.97 -34.71 53.20
CA ARG S 40 57.87 -35.21 54.06
C ARG S 40 56.53 -34.79 53.47
N SER S 41 55.68 -35.76 53.12
CA SER S 41 54.35 -35.54 52.49
C SER S 41 53.33 -35.07 53.54
N THR S 42 53.02 -33.77 53.56
CA THR S 42 52.04 -33.14 54.47
C THR S 42 50.62 -33.49 54.01
N LEU S 43 49.60 -33.16 54.82
CA LEU S 43 48.17 -33.43 54.53
C LEU S 43 47.38 -32.12 54.52
N VAL S 44 46.12 -32.18 54.10
CA VAL S 44 45.19 -31.00 54.04
C VAL S 44 43.76 -31.51 53.83
N SER S 45 42.86 -31.17 54.74
CA SER S 45 41.41 -31.53 54.70
C SER S 45 40.55 -30.27 54.76
N GLY S 46 39.36 -30.31 54.16
CA GLY S 46 38.41 -29.19 54.16
C GLY S 46 37.07 -29.56 53.54
N THR S 47 36.04 -28.74 53.82
CA THR S 47 34.74 -28.74 53.10
C THR S 47 34.96 -28.13 51.72
N SER S 48 34.08 -28.44 50.76
CA SER S 48 34.09 -27.87 49.39
C SER S 48 34.12 -26.34 49.48
N GLY S 49 35.09 -25.70 48.83
CA GLY S 49 35.35 -24.26 48.96
C GLY S 49 36.54 -23.97 49.86
N THR S 50 37.07 -24.98 50.57
CA THR S 50 38.40 -24.92 51.22
C THR S 50 39.46 -25.06 50.13
N GLY S 51 40.56 -24.30 50.24
CA GLY S 51 41.56 -24.14 49.17
C GLY S 51 42.47 -25.37 49.01
N LYS S 52 41.90 -26.57 49.04
CA LYS S 52 42.65 -27.85 48.97
C LYS S 52 43.37 -27.94 47.62
N THR S 53 42.70 -27.56 46.52
CA THR S 53 43.26 -27.54 45.15
C THR S 53 43.99 -26.21 44.91
N LEU S 54 43.40 -25.09 45.32
CA LEU S 54 43.98 -23.72 45.20
C LEU S 54 45.35 -23.67 45.89
N PHE S 55 45.56 -24.47 46.94
CA PHE S 55 46.83 -24.59 47.69
C PHE S 55 47.70 -25.73 47.14
N SER S 56 47.07 -26.78 46.59
CA SER S 56 47.74 -27.90 45.90
C SER S 56 48.68 -27.36 44.82
N ILE S 57 48.20 -26.40 44.02
CA ILE S 57 48.91 -25.78 42.88
C ILE S 57 50.02 -24.86 43.40
N GLN S 58 49.77 -24.15 44.52
CA GLN S 58 50.65 -23.09 45.07
C GLN S 58 52.11 -23.55 45.14
N PHE S 59 52.41 -24.61 45.90
CA PHE S 59 53.77 -25.15 46.11
C PHE S 59 54.41 -25.45 44.75
N LEU S 60 53.67 -26.10 43.85
CA LEU S 60 54.11 -26.45 42.47
C LEU S 60 54.35 -25.16 41.68
N TYR S 61 53.38 -24.24 41.68
CA TYR S 61 53.35 -23.02 40.82
C TYR S 61 54.44 -22.03 41.25
N ASN S 62 54.50 -21.72 42.56
CA ASN S 62 55.45 -20.73 43.14
C ASN S 62 56.85 -21.36 43.23
N GLY S 63 56.94 -22.68 43.24
CA GLY S 63 58.21 -23.43 43.15
C GLY S 63 58.93 -23.16 41.83
N ILE S 64 58.18 -22.83 40.79
CA ILE S 64 58.71 -22.37 39.46
C ILE S 64 59.14 -20.91 39.59
N ILE S 65 58.19 -20.00 39.77
CA ILE S 65 58.36 -18.51 39.65
C ILE S 65 59.40 -18.00 40.66
N GLU S 66 59.47 -18.60 41.86
CA GLU S 66 60.29 -18.10 43.00
C GLU S 66 61.49 -19.02 43.25
N PHE S 67 61.24 -20.27 43.64
CA PHE S 67 62.25 -21.24 44.13
C PHE S 67 62.90 -22.00 42.96
N ASP S 68 62.48 -21.74 41.72
CA ASP S 68 63.09 -22.27 40.47
C ASP S 68 63.29 -23.79 40.58
N GLU S 69 62.40 -24.49 41.29
CA GLU S 69 62.48 -25.95 41.55
C GLU S 69 61.38 -26.64 40.75
N PRO S 70 61.71 -27.60 39.83
CA PRO S 70 60.68 -28.35 39.11
C PRO S 70 59.79 -29.17 40.06
N GLY S 71 58.64 -29.62 39.55
CA GLY S 71 57.63 -30.37 40.34
C GLY S 71 56.54 -30.95 39.47
N VAL S 72 55.94 -32.05 39.92
CA VAL S 72 54.80 -32.74 39.25
C VAL S 72 53.50 -32.08 39.73
N PHE S 73 52.36 -32.65 39.33
CA PHE S 73 51.00 -32.35 39.85
C PHE S 73 50.19 -33.63 39.82
N VAL S 74 48.91 -33.58 40.18
CA VAL S 74 48.00 -34.76 40.11
C VAL S 74 46.55 -34.29 40.06
N THR S 75 45.69 -35.13 39.47
CA THR S 75 44.23 -34.93 39.33
C THR S 75 43.57 -36.29 39.11
N PHE S 76 43.05 -36.89 40.17
CA PHE S 76 42.31 -38.18 40.16
C PHE S 76 40.81 -37.90 40.11
N GLU S 77 40.40 -36.90 39.33
CA GLU S 77 38.99 -36.42 39.23
C GLU S 77 38.87 -35.39 38.10
N GLU S 78 39.54 -34.24 38.23
CA GLU S 78 39.46 -33.10 37.29
C GLU S 78 40.32 -33.38 36.04
N THR S 79 39.86 -32.91 34.88
CA THR S 79 40.60 -33.01 33.58
C THR S 79 41.79 -32.07 33.63
N PRO S 80 43.01 -32.54 33.27
CA PRO S 80 44.22 -31.71 33.28
C PRO S 80 44.12 -30.43 32.44
N GLN S 81 43.30 -30.45 31.39
CA GLN S 81 42.90 -29.24 30.62
C GLN S 81 42.38 -28.19 31.61
N ASP S 82 41.44 -28.59 32.48
CA ASP S 82 40.76 -27.69 33.44
C ASP S 82 41.73 -27.26 34.54
N ILE S 83 42.74 -28.09 34.85
CA ILE S 83 43.87 -27.73 35.77
C ILE S 83 44.47 -26.41 35.27
N ILE S 84 44.80 -26.34 33.97
CA ILE S 84 45.35 -25.14 33.29
C ILE S 84 44.26 -24.05 33.22
N LYS S 85 42.99 -24.46 33.08
CA LYS S 85 41.81 -23.57 32.87
C LYS S 85 41.38 -22.91 34.19
N ASN S 86 41.32 -23.68 35.28
CA ASN S 86 40.94 -23.18 36.64
C ASN S 86 41.99 -22.18 37.11
N ALA S 87 43.27 -22.47 36.88
CA ALA S 87 44.44 -21.64 37.25
C ALA S 87 44.44 -20.33 36.46
N ARG S 88 43.78 -20.29 35.30
CA ARG S 88 43.60 -19.07 34.47
C ARG S 88 43.15 -17.90 35.35
N SER S 89 42.25 -18.15 36.31
CA SER S 89 41.68 -17.16 37.27
C SER S 89 42.75 -16.16 37.71
N PHE S 90 43.95 -16.65 38.08
CA PHE S 90 45.12 -15.82 38.50
C PHE S 90 46.40 -16.64 38.37
N ASP S 93 50.78 -17.49 32.42
CA ASP S 93 50.50 -18.71 31.60
C ASP S 93 50.76 -19.96 32.45
N LEU S 94 49.70 -20.63 32.89
CA LEU S 94 49.76 -21.88 33.71
C LEU S 94 50.26 -23.05 32.84
N ALA S 95 50.02 -23.00 31.53
CA ALA S 95 50.44 -24.03 30.55
C ALA S 95 51.88 -23.80 30.10
N LYS S 96 52.41 -22.59 30.29
CA LYS S 96 53.83 -22.24 30.08
C LYS S 96 54.72 -23.09 31.00
N LEU S 97 54.22 -23.44 32.19
CA LEU S 97 54.93 -24.28 33.19
C LEU S 97 55.29 -25.64 32.59
N VAL S 98 54.33 -26.31 31.97
CA VAL S 98 54.48 -27.68 31.36
C VAL S 98 55.37 -27.59 30.11
N ASP S 99 55.38 -26.43 29.44
CA ASP S 99 56.22 -26.17 28.24
C ASP S 99 57.58 -25.63 28.70
N GLU S 100 57.62 -24.36 29.13
CA GLU S 100 58.85 -23.64 29.56
C GLU S 100 59.34 -24.20 30.89
N LEU S 103 55.24 -27.90 34.95
CA LEU S 103 54.49 -28.91 35.74
C LEU S 103 54.21 -30.14 34.88
N PHE S 104 54.03 -31.30 35.51
CA PHE S 104 53.68 -32.60 34.88
C PHE S 104 52.33 -33.07 35.43
N ILE S 105 51.24 -32.40 35.05
CA ILE S 105 49.85 -32.65 35.52
C ILE S 105 49.45 -34.09 35.16
N LEU S 106 49.80 -35.05 36.02
CA LEU S 106 49.65 -36.51 35.77
C LEU S 106 48.17 -36.88 35.77
N ASP S 107 47.54 -36.85 34.59
CA ASP S 107 46.08 -37.11 34.36
C ASP S 107 45.71 -38.48 34.92
N ALA S 108 45.24 -38.54 36.16
CA ALA S 108 44.75 -39.77 36.83
C ALA S 108 43.22 -39.86 36.76
N SER S 109 42.59 -38.92 36.03
CA SER S 109 41.12 -38.88 35.79
C SER S 109 40.68 -40.15 35.06
N PRO S 110 39.96 -41.09 35.73
CA PRO S 110 39.57 -42.35 35.09
C PRO S 110 38.58 -42.16 33.93
N PHE S 121 45.47 -52.48 40.27
CA PHE S 121 46.86 -52.34 40.76
C PHE S 121 47.36 -50.89 40.54
N ASP S 122 46.53 -49.90 40.91
CA ASP S 122 46.81 -48.45 40.75
C ASP S 122 47.80 -47.99 41.83
N LEU S 123 47.98 -48.79 42.89
CA LEU S 123 49.00 -48.55 43.95
C LEU S 123 50.39 -48.66 43.31
N SER S 124 50.69 -49.81 42.72
CA SER S 124 51.95 -50.11 41.99
C SER S 124 52.13 -49.14 40.82
N ALA S 125 51.04 -48.80 40.12
CA ALA S 125 51.04 -48.03 38.85
C ALA S 125 51.14 -46.53 39.14
N LEU S 126 50.18 -45.97 39.87
CA LEU S 126 50.11 -44.52 40.23
C LEU S 126 51.41 -44.09 40.90
N ILE S 127 52.02 -44.99 41.68
CA ILE S 127 53.37 -44.79 42.30
C ILE S 127 54.39 -44.65 41.18
N GLU S 128 54.55 -45.69 40.35
CA GLU S 128 55.61 -45.84 39.32
C GLU S 128 55.50 -44.73 38.27
N ARG S 129 54.29 -44.42 37.80
CA ARG S 129 54.02 -43.38 36.77
C ARG S 129 54.40 -42.00 37.32
N ILE S 130 54.01 -41.71 38.57
CA ILE S 130 54.34 -40.44 39.28
C ILE S 130 55.83 -40.44 39.68
N ASN S 131 56.36 -41.61 40.03
CA ASN S 131 57.79 -41.84 40.40
C ASN S 131 58.67 -41.50 39.18
N TYR S 132 58.35 -42.08 38.02
CA TYR S 132 59.05 -41.86 36.72
C TYR S 132 58.86 -40.41 36.27
N ALA S 133 57.68 -39.84 36.50
CA ALA S 133 57.32 -38.45 36.13
C ALA S 133 58.16 -37.46 36.93
N ILE S 134 58.41 -37.76 38.21
CA ILE S 134 59.16 -36.89 39.16
C ILE S 134 60.64 -36.87 38.77
N GLN S 135 61.25 -38.06 38.64
CA GLN S 135 62.68 -38.24 38.27
C GLN S 135 62.95 -37.56 36.93
N LYS S 136 62.27 -38.00 35.87
CA LYS S 136 62.29 -37.37 34.53
C LYS S 136 61.52 -36.05 34.60
N TYR S 137 62.14 -35.03 35.21
CA TYR S 137 61.52 -33.73 35.58
C TYR S 137 62.41 -32.98 36.58
N ARG S 138 63.07 -33.71 37.50
CA ARG S 138 63.89 -33.17 38.61
C ARG S 138 62.94 -32.57 39.64
N ALA S 139 61.86 -33.31 39.96
CA ALA S 139 60.70 -32.82 40.74
C ALA S 139 61.04 -32.78 42.24
N ARG S 140 61.11 -31.56 42.79
CA ARG S 140 61.31 -31.31 44.24
C ARG S 140 59.97 -31.45 44.98
N ARG S 141 58.86 -31.11 44.31
CA ARG S 141 57.51 -30.97 44.93
C ARG S 141 56.49 -31.85 44.19
N VAL S 142 55.27 -31.93 44.75
CA VAL S 142 54.15 -32.71 44.17
C VAL S 142 52.85 -32.29 44.87
N SER S 143 51.71 -32.80 44.39
CA SER S 143 50.35 -32.51 44.93
C SER S 143 49.34 -33.52 44.34
N ILE S 144 49.01 -34.56 45.11
CA ILE S 144 47.94 -35.54 44.80
C ILE S 144 46.61 -34.97 45.32
N ASP S 145 45.70 -34.61 44.41
CA ASP S 145 44.42 -33.90 44.72
C ASP S 145 43.29 -34.44 43.83
N SER S 146 42.25 -35.06 44.40
CA SER S 146 42.12 -35.41 45.82
C SER S 146 42.70 -36.81 46.05
N VAL S 147 42.31 -37.48 47.14
CA VAL S 147 42.87 -38.80 47.56
C VAL S 147 41.73 -39.81 47.78
N THR S 148 40.91 -39.58 48.81
CA THR S 148 39.81 -40.48 49.26
C THR S 148 38.99 -40.98 48.06
N SER S 149 38.86 -40.13 47.02
CA SER S 149 38.25 -40.45 45.71
C SER S 149 38.59 -41.88 45.27
N VAL S 150 39.83 -42.32 45.50
CA VAL S 150 40.35 -43.67 45.10
C VAL S 150 40.04 -44.68 46.21
N PHE S 151 39.07 -45.57 45.96
CA PHE S 151 38.70 -46.71 46.84
C PHE S 151 38.40 -46.21 48.25
N ARG S 170 56.34 -47.64 48.94
CA ARG S 170 56.68 -46.62 49.97
C ARG S 170 56.96 -45.28 49.29
N LEU S 171 55.97 -44.39 49.27
CA LEU S 171 56.04 -43.03 48.64
C LEU S 171 57.09 -42.18 49.35
N LYS S 172 57.39 -42.47 50.62
CA LYS S 172 58.40 -41.77 51.46
C LYS S 172 59.81 -41.99 50.89
N GLN S 173 60.10 -43.20 50.39
CA GLN S 173 61.43 -43.62 49.89
C GLN S 173 61.89 -42.72 48.74
N ILE S 174 60.97 -42.27 47.88
CA ILE S 174 61.24 -41.44 46.67
C ILE S 174 61.87 -40.11 47.10
N GLY S 175 61.29 -39.44 48.09
CA GLY S 175 61.80 -38.19 48.70
C GLY S 175 61.27 -36.95 48.01
N ALA S 176 59.94 -36.82 47.93
CA ALA S 176 59.22 -35.64 47.38
C ALA S 176 58.41 -34.97 48.50
N THR S 177 58.28 -33.64 48.44
CA THR S 177 57.40 -32.85 49.33
C THR S 177 55.99 -32.83 48.71
N THR S 178 55.25 -33.94 48.90
CA THR S 178 53.81 -34.07 48.52
C THR S 178 52.95 -33.27 49.50
N VAL S 179 51.76 -32.87 49.06
CA VAL S 179 50.72 -32.19 49.90
C VAL S 179 49.40 -32.93 49.71
N MET S 180 49.32 -34.16 50.24
CA MET S 180 48.22 -35.14 49.97
C MET S 180 46.89 -34.56 50.49
N THR S 181 45.97 -34.23 49.56
CA THR S 181 44.67 -33.56 49.83
C THR S 181 43.65 -34.59 50.35
N THR S 182 42.57 -34.11 50.95
CA THR S 182 41.42 -34.93 51.43
C THR S 182 40.15 -34.06 51.52
N GLU S 183 39.00 -34.73 51.71
CA GLU S 183 37.67 -34.10 51.88
C GLU S 183 37.29 -34.06 53.36
N ARG S 184 36.34 -33.21 53.73
CA ARG S 184 35.86 -33.02 55.11
C ARG S 184 34.37 -32.64 55.08
N ILE S 185 33.50 -33.51 55.61
CA ILE S 185 32.02 -33.34 55.62
C ILE S 185 31.66 -32.16 56.52
N GLU S 186 31.35 -32.42 57.80
CA GLU S 186 31.06 -31.38 58.82
C GLU S 186 32.30 -30.50 58.99
N GLU S 187 32.11 -29.18 59.09
CA GLU S 187 33.21 -28.17 59.05
C GLU S 187 33.86 -28.01 60.43
N TYR S 188 33.47 -28.82 61.43
CA TYR S 188 34.15 -28.90 62.76
C TYR S 188 34.08 -30.31 63.36
N GLY S 189 33.79 -31.36 62.56
CA GLY S 189 33.65 -32.74 63.04
C GLY S 189 34.96 -33.53 62.96
N PRO S 190 35.14 -34.40 61.93
CA PRO S 190 36.31 -35.27 61.85
C PRO S 190 37.49 -34.65 61.07
N ILE S 191 38.67 -35.25 61.19
CA ILE S 191 39.93 -34.81 60.51
C ILE S 191 39.85 -35.19 59.03
N ALA S 192 39.47 -36.44 58.73
CA ALA S 192 39.31 -36.99 57.37
C ALA S 192 38.11 -37.95 57.35
N ARG S 193 38.04 -38.84 56.36
CA ARG S 193 36.99 -39.88 56.25
C ARG S 193 37.15 -40.89 57.40
N TYR S 194 38.08 -41.85 57.27
CA TYR S 194 38.38 -42.89 58.27
C TYR S 194 39.62 -42.49 59.06
N VAL S 200 47.93 -38.63 59.11
CA VAL S 200 49.02 -38.79 58.09
C VAL S 200 50.32 -39.17 58.81
N SER S 201 51.26 -38.23 58.95
CA SER S 201 52.53 -38.40 59.70
C SER S 201 53.27 -37.07 59.84
N ASP S 202 53.97 -36.65 58.78
CA ASP S 202 54.92 -35.50 58.79
C ASP S 202 54.19 -34.19 59.08
N ASN S 203 52.99 -34.01 58.52
CA ASN S 203 52.19 -32.76 58.70
C ASN S 203 50.71 -33.03 58.44
N VAL S 204 49.84 -32.26 59.11
CA VAL S 204 48.37 -32.22 58.92
C VAL S 204 47.89 -30.78 59.13
N VAL S 205 47.85 -29.98 58.06
CA VAL S 205 47.33 -28.58 58.05
C VAL S 205 45.79 -28.64 57.96
N ARG S 208 39.61 -24.92 56.52
CA ARG S 208 38.15 -25.24 56.52
C ARG S 208 37.33 -23.95 56.46
N ASN S 209 36.03 -24.08 56.16
CA ASN S 209 35.05 -22.99 55.97
C ASN S 209 33.97 -23.11 57.05
N VAL S 210 33.76 -22.05 57.84
CA VAL S 210 32.79 -22.01 58.97
C VAL S 210 31.78 -20.87 58.73
N LEU S 211 30.52 -21.08 59.11
CA LEU S 211 29.41 -20.11 58.97
C LEU S 211 29.38 -19.18 60.18
N GLU S 212 29.27 -17.87 59.95
CA GLU S 212 29.21 -16.82 61.00
C GLU S 212 27.78 -16.30 61.11
N ARG S 215 26.93 -15.27 56.75
CA ARG S 215 28.29 -14.80 56.36
C ARG S 215 29.30 -15.90 56.65
N ARG S 216 30.11 -16.29 55.66
CA ARG S 216 31.09 -17.40 55.73
C ARG S 216 32.45 -16.85 56.16
N ARG S 217 33.22 -17.64 56.91
CA ARG S 217 34.62 -17.33 57.32
C ARG S 217 35.51 -18.54 57.03
N ARG S 218 36.70 -18.29 56.47
CA ARG S 218 37.71 -19.32 56.14
C ARG S 218 38.92 -19.17 57.07
N THR S 219 39.35 -20.27 57.68
CA THR S 219 40.59 -20.34 58.51
C THR S 219 40.97 -21.79 58.74
N LEU S 220 42.05 -22.25 58.08
CA LEU S 220 42.67 -23.59 58.26
C LEU S 220 44.02 -23.38 58.92
N GLU S 221 44.47 -24.33 59.75
CA GLU S 221 45.65 -24.14 60.64
C GLU S 221 46.48 -25.43 60.72
N ILE S 222 47.69 -25.32 61.27
CA ILE S 222 48.70 -26.41 61.36
C ILE S 222 48.52 -27.15 62.70
N LEU S 223 48.17 -28.45 62.62
CA LEU S 223 48.17 -29.41 63.75
C LEU S 223 49.22 -30.50 63.48
N GLY S 227 58.17 -33.51 64.41
CA GLY S 227 59.20 -32.76 65.18
C GLY S 227 59.63 -31.49 64.48
N THR S 228 58.85 -30.42 64.61
CA THR S 228 59.11 -29.08 64.02
C THR S 228 58.31 -28.01 64.77
N SER S 229 58.91 -26.83 64.95
CA SER S 229 58.27 -25.64 65.59
C SER S 229 57.30 -25.00 64.58
N HIS S 230 56.21 -24.43 65.07
CA HIS S 230 55.15 -23.77 64.26
C HIS S 230 54.15 -23.06 65.18
N MET S 231 53.26 -22.26 64.57
CA MET S 231 52.12 -21.62 65.25
C MET S 231 50.87 -22.48 65.03
N LYS S 232 50.26 -22.96 66.12
CA LYS S 232 48.99 -23.75 66.12
C LYS S 232 47.83 -22.78 66.39
N GLY S 233 46.60 -23.29 66.34
CA GLY S 233 45.36 -22.53 66.56
C GLY S 233 44.53 -22.43 65.30
N GLU S 234 44.20 -21.21 64.87
CA GLU S 234 43.33 -20.93 63.70
C GLU S 234 43.74 -19.61 63.07
N TYR S 235 44.13 -19.62 61.78
CA TYR S 235 44.61 -18.44 61.02
C TYR S 235 43.76 -18.27 59.78
N PRO S 236 43.25 -17.04 59.50
CA PRO S 236 42.34 -16.83 58.39
C PRO S 236 43.06 -16.49 57.08
N PHE S 237 42.41 -16.75 55.95
CA PHE S 237 42.89 -16.42 54.58
C PHE S 237 41.70 -16.06 53.69
N ILE S 239 41.41 -17.10 49.41
CA ILE S 239 41.19 -16.85 47.96
C ILE S 239 41.04 -15.34 47.72
N THR S 240 41.50 -14.85 46.57
CA THR S 240 41.53 -13.40 46.24
C THR S 240 41.88 -13.19 44.76
N ASP S 241 42.46 -12.03 44.42
CA ASP S 241 42.90 -11.65 43.05
C ASP S 241 44.37 -12.02 42.84
N HIS S 242 44.98 -12.77 43.77
CA HIS S 242 46.38 -13.25 43.67
C HIS S 242 46.64 -14.44 44.62
N GLY S 243 45.70 -15.40 44.67
CA GLY S 243 45.88 -16.68 45.38
C GLY S 243 45.43 -16.64 46.83
N ILE S 244 45.80 -17.66 47.61
CA ILE S 244 45.35 -17.91 49.01
C ILE S 244 46.37 -17.31 49.99
N ASN S 245 45.92 -16.39 50.85
CA ASN S 245 46.74 -15.68 51.87
C ASN S 245 46.70 -16.46 53.18
N THR S 255 57.76 -3.77 67.02
CA THR S 255 58.56 -3.28 65.87
C THR S 255 57.70 -2.37 64.98
N GLN S 256 57.10 -1.33 65.56
CA GLN S 256 56.25 -0.33 64.87
C GLN S 256 56.85 1.07 65.09
N ARG S 257 57.60 1.58 64.10
CA ARG S 257 58.43 2.82 64.20
C ARG S 257 57.54 4.03 64.45
N SER S 258 57.91 4.86 65.44
CA SER S 258 57.18 6.06 65.90
C SER S 258 57.81 7.31 65.29
N SER S 259 57.44 8.48 65.80
CA SER S 259 58.03 9.81 65.47
C SER S 259 57.47 10.88 66.42
N ASN S 260 58.20 11.98 66.58
CA ASN S 260 57.70 13.23 67.23
C ASN S 260 57.25 14.21 66.14
N VAL S 261 57.08 13.72 64.91
CA VAL S 261 56.62 14.50 63.71
C VAL S 261 55.13 14.75 63.86
N ARG S 262 54.74 15.98 64.22
CA ARG S 262 53.33 16.40 64.36
C ARG S 262 52.72 16.55 62.96
N VAL S 263 51.39 16.41 62.87
CA VAL S 263 50.58 16.64 61.64
C VAL S 263 49.39 17.50 62.04
N SER S 264 48.84 18.28 61.11
CA SER S 264 47.58 19.06 61.30
C SER S 264 46.40 18.10 61.24
N SER S 265 45.33 18.39 62.01
CA SER S 265 44.05 17.64 62.01
C SER S 265 43.08 18.33 61.04
N GLY S 266 42.62 19.53 61.40
CA GLY S 266 41.68 20.34 60.59
C GLY S 266 41.40 21.68 61.23
N VAL S 267 40.64 21.69 62.32
CA VAL S 267 40.31 22.90 63.12
C VAL S 267 41.62 23.44 63.73
N VAL S 268 42.02 24.65 63.35
CA VAL S 268 43.26 25.34 63.82
C VAL S 268 43.26 25.37 65.36
N ARG S 269 42.07 25.36 65.98
CA ARG S 269 41.90 25.39 67.46
C ARG S 269 42.23 24.02 68.06
N LEU S 270 41.59 22.95 67.56
CA LEU S 270 41.75 21.56 68.09
C LEU S 270 43.20 21.11 67.91
N ASP S 271 43.91 21.61 66.89
CA ASP S 271 45.36 21.39 66.65
C ASP S 271 46.15 21.96 67.82
N GLU S 272 45.93 23.25 68.14
CA GLU S 272 46.52 23.96 69.31
C GLU S 272 46.09 23.25 70.61
N MET S 273 44.84 22.76 70.64
CA MET S 273 44.23 22.09 71.82
C MET S 273 44.82 20.69 72.03
N CYS S 274 45.31 20.04 70.97
CA CYS S 274 45.74 18.61 70.96
C CYS S 274 47.27 18.47 71.09
N GLY S 275 47.93 19.43 71.74
CA GLY S 275 49.40 19.42 71.96
C GLY S 275 50.16 19.54 70.65
N GLY S 276 49.76 20.50 69.80
CA GLY S 276 50.39 20.79 68.51
C GLY S 276 49.96 19.81 67.43
N GLY S 277 48.68 19.41 67.41
CA GLY S 277 48.08 18.55 66.38
C GLY S 277 48.50 17.10 66.53
N PHE S 278 47.66 16.18 66.02
CA PHE S 278 47.85 14.69 66.12
C PHE S 278 49.25 14.30 65.61
N PHE S 279 49.81 13.25 66.20
CA PHE S 279 51.13 12.66 65.81
C PHE S 279 51.00 11.97 64.45
N LYS S 280 52.12 11.72 63.79
CA LYS S 280 52.19 11.11 62.43
C LYS S 280 52.03 9.59 62.55
N ASP S 281 52.87 8.96 63.39
CA ASP S 281 52.87 7.49 63.65
C ASP S 281 51.90 7.21 64.80
N SER S 282 50.61 7.48 64.61
CA SER S 282 49.53 7.37 65.63
C SER S 282 48.29 6.71 65.05
N ILE S 283 47.28 6.50 65.90
CA ILE S 283 45.90 6.05 65.54
C ILE S 283 44.91 6.93 66.31
N ILE S 284 44.36 7.96 65.66
CA ILE S 284 43.33 8.87 66.26
C ILE S 284 42.02 8.09 66.40
N LEU S 285 41.23 8.40 67.43
CA LEU S 285 39.94 7.75 67.75
C LEU S 285 38.87 8.81 68.03
N ALA S 286 37.81 8.84 67.22
CA ALA S 286 36.64 9.76 67.37
C ALA S 286 35.43 8.93 67.79
N THR S 287 34.80 9.30 68.91
CA THR S 287 33.67 8.54 69.52
C THR S 287 32.57 9.48 70.00
N GLY S 288 31.34 8.97 70.03
CA GLY S 288 30.16 9.65 70.59
C GLY S 288 28.88 9.10 69.99
N ALA S 289 27.74 9.63 70.45
CA ALA S 289 26.40 9.29 69.95
C ALA S 289 26.21 9.78 68.51
N THR S 290 25.12 9.37 67.86
CA THR S 290 24.74 9.76 66.48
C THR S 290 24.43 11.26 66.45
N GLY S 291 24.85 11.95 65.38
CA GLY S 291 24.71 13.42 65.24
C GLY S 291 25.47 14.15 66.33
N THR S 292 26.81 14.05 66.29
CA THR S 292 27.75 14.72 67.23
C THR S 292 28.90 15.42 66.47
N GLY S 293 29.50 14.78 65.47
CA GLY S 293 30.71 15.32 64.81
C GLY S 293 31.64 14.25 64.26
N LYS S 294 31.46 12.98 64.67
CA LYS S 294 32.36 11.85 64.35
C LYS S 294 32.88 11.91 62.91
N THR S 295 31.99 11.80 61.91
CA THR S 295 32.35 11.65 60.47
C THR S 295 32.56 13.03 59.82
N LEU S 296 32.25 14.14 60.51
CA LEU S 296 32.66 15.50 60.08
C LEU S 296 34.18 15.59 60.19
N LEU S 297 34.71 15.39 61.40
CA LEU S 297 36.17 15.46 61.71
C LEU S 297 36.93 14.67 60.64
N VAL S 298 36.49 13.43 60.37
CA VAL S 298 37.07 12.51 59.34
C VAL S 298 37.06 13.20 57.96
N SER S 299 36.07 14.06 57.69
CA SER S 299 35.97 14.89 56.45
C SER S 299 37.09 15.94 56.43
N ARG S 300 37.10 16.86 57.42
CA ARG S 300 38.09 17.96 57.52
C ARG S 300 39.49 17.37 57.75
N PHE S 301 39.57 16.17 58.33
CA PHE S 301 40.82 15.35 58.45
C PHE S 301 41.40 15.13 57.04
N VAL S 302 40.59 14.59 56.13
CA VAL S 302 40.96 14.27 54.73
C VAL S 302 41.11 15.56 53.91
N GLU S 303 40.43 16.63 54.32
CA GLU S 303 40.49 17.98 53.67
C GLU S 303 41.89 18.58 53.84
N ASN S 304 42.57 18.25 54.94
CA ASN S 304 43.92 18.77 55.29
C ASN S 304 45.02 17.97 54.56
N ALA S 305 44.72 16.74 54.09
CA ALA S 305 45.67 15.84 53.41
C ALA S 305 46.01 16.33 52.00
N CYS S 306 45.42 17.45 51.56
CA CYS S 306 45.61 18.03 50.20
C CYS S 306 46.31 19.39 50.29
N ALA S 307 45.84 20.30 51.15
CA ALA S 307 46.47 21.60 51.45
C ALA S 307 47.88 21.38 52.01
N ASN S 308 48.17 20.19 52.53
CA ASN S 308 49.53 19.73 52.95
C ASN S 308 50.05 18.68 51.97
N LYS S 309 49.71 18.79 50.68
CA LYS S 309 50.11 17.86 49.60
C LYS S 309 49.59 16.45 49.91
N ALA S 312 45.53 9.82 50.86
CA ALA S 312 44.32 9.57 51.69
C ALA S 312 43.50 8.41 51.11
N ILE S 313 42.54 7.89 51.89
CA ILE S 313 41.66 6.76 51.51
C ILE S 313 40.54 6.62 52.56
N LEU S 314 39.60 7.58 52.56
CA LEU S 314 38.43 7.62 53.48
C LEU S 314 37.49 6.44 53.15
N PHE S 315 37.80 5.26 53.68
CA PHE S 315 37.05 3.99 53.48
C PHE S 315 35.72 4.05 54.26
N ALA S 316 34.59 4.09 53.54
CA ALA S 316 33.23 4.25 54.09
C ALA S 316 32.43 2.95 53.97
N TYR S 317 31.61 2.67 54.98
CA TYR S 317 30.78 1.44 55.12
C TYR S 317 29.32 1.81 55.45
N GLU S 318 29.06 3.06 55.84
CA GLU S 318 27.70 3.57 56.14
C GLU S 318 27.69 5.10 55.99
N SER S 320 27.58 7.06 51.65
CA SER S 320 27.82 6.89 50.19
C SER S 320 28.82 7.94 49.68
N ARG S 321 29.32 7.75 48.46
CA ARG S 321 30.11 8.76 47.70
C ARG S 321 29.26 10.03 47.53
N ALA S 322 27.99 9.86 47.17
CA ALA S 322 27.00 10.95 46.96
C ALA S 322 26.76 11.71 48.27
N GLN S 323 26.56 11.00 49.38
CA GLN S 323 26.20 11.58 50.70
C GLN S 323 27.43 12.30 51.30
N LEU S 324 28.60 11.65 51.27
CA LEU S 324 29.87 12.22 51.83
C LEU S 324 30.26 13.47 51.04
N LEU S 325 30.01 13.49 49.73
CA LEU S 325 30.28 14.64 48.83
C LEU S 325 29.25 15.76 49.10
N ARG S 326 27.96 15.41 49.07
CA ARG S 326 26.81 16.36 49.20
C ARG S 326 26.88 17.08 50.54
N ASN S 327 27.18 16.35 51.61
CA ASN S 327 27.29 16.90 53.00
C ASN S 327 28.47 17.87 53.07
N ALA S 328 29.63 17.48 52.51
CA ALA S 328 30.93 18.17 52.63
C ALA S 328 30.87 19.57 51.99
N TYR S 329 30.18 19.70 50.84
CA TYR S 329 30.08 20.96 50.06
C TYR S 329 29.37 22.04 50.90
N SER S 330 28.28 21.65 51.57
CA SER S 330 27.52 22.51 52.53
C SER S 330 28.38 22.80 53.77
N TRP S 331 29.38 21.95 54.02
CA TRP S 331 30.36 22.05 55.15
C TRP S 331 31.60 22.87 54.73
N GLY S 332 31.81 23.09 53.44
CA GLY S 332 33.00 23.78 52.90
C GLY S 332 33.93 22.82 52.16
N MET S 333 34.24 21.67 52.76
CA MET S 333 35.15 20.64 52.18
C MET S 333 34.59 20.16 50.84
N ASP S 334 35.39 20.25 49.77
CA ASP S 334 34.97 19.92 48.37
C ASP S 334 35.74 18.69 47.89
N PHE S 335 35.14 17.50 48.01
CA PHE S 335 35.69 16.20 47.57
C PHE S 335 35.61 16.07 46.04
N GLU S 336 35.11 17.10 45.34
CA GLU S 336 35.12 17.18 43.86
C GLU S 336 36.57 17.38 43.38
N GLU S 337 37.22 18.45 43.86
CA GLU S 337 38.62 18.82 43.51
C GLU S 337 39.58 17.72 43.95
N MET S 338 39.50 17.31 45.22
CA MET S 338 40.40 16.30 45.85
C MET S 338 40.17 14.92 45.22
N GLU S 339 38.92 14.61 44.83
CA GLU S 339 38.56 13.33 44.16
C GLU S 339 39.05 13.38 42.70
N ARG S 340 38.99 14.55 42.07
CA ARG S 340 39.49 14.78 40.69
C ARG S 340 41.01 14.58 40.67
N GLN S 341 41.75 15.45 41.36
CA GLN S 341 43.25 15.50 41.35
C GLN S 341 43.82 14.09 41.50
N ASN S 342 43.99 13.62 42.74
CA ASN S 342 44.59 12.29 43.08
C ASN S 342 44.92 12.26 44.57
N LYS S 345 40.27 10.20 47.33
CA LYS S 345 39.63 8.88 47.07
C LYS S 345 38.64 8.55 48.20
N ILE S 346 37.52 7.89 47.86
CA ILE S 346 36.38 7.58 48.78
C ILE S 346 35.75 6.24 48.37
N VAL S 347 35.65 5.30 49.32
CA VAL S 347 35.02 3.94 49.13
C VAL S 347 33.68 3.91 49.88
N TYR S 350 29.77 -0.75 52.13
CA TYR S 350 28.69 -1.12 53.09
C TYR S 350 28.89 -2.57 53.56
N PRO S 351 29.09 -2.82 54.88
CA PRO S 351 29.48 -4.14 55.38
C PRO S 351 28.37 -5.16 55.61
N GLU S 352 27.26 -5.08 54.87
CA GLU S 352 26.24 -6.17 54.83
C GLU S 352 26.86 -7.33 54.03
N SER S 353 26.93 -7.19 52.70
CA SER S 353 27.74 -8.04 51.79
C SER S 353 29.22 -7.84 52.15
N ALA S 354 29.75 -8.69 53.05
CA ALA S 354 30.99 -8.41 53.81
C ALA S 354 31.85 -9.67 53.99
N GLY S 355 32.13 -10.03 55.25
CA GLY S 355 33.27 -10.86 55.67
C GLY S 355 34.35 -9.96 56.27
N LEU S 356 34.58 -10.07 57.58
CA LEU S 356 35.53 -9.18 58.32
C LEU S 356 36.93 -9.33 57.72
N GLU S 357 37.39 -10.57 57.54
CA GLU S 357 38.71 -10.90 56.94
C GLU S 357 38.80 -10.35 55.52
N ASP S 358 37.68 -10.32 54.77
CA ASP S 358 37.62 -9.77 53.39
C ASP S 358 37.76 -8.24 53.43
N HIS S 359 37.18 -7.58 54.43
CA HIS S 359 37.32 -6.12 54.67
C HIS S 359 38.78 -5.80 55.02
N LEU S 360 39.39 -6.61 55.89
CA LEU S 360 40.82 -6.50 56.27
C LEU S 360 41.69 -6.74 55.02
N GLN S 361 41.30 -7.72 54.19
CA GLN S 361 42.01 -8.08 52.94
C GLN S 361 41.95 -6.92 51.93
N ILE S 362 40.84 -6.16 51.93
CA ILE S 362 40.56 -5.07 50.95
C ILE S 362 41.09 -3.74 51.49
N ILE S 363 40.91 -3.45 52.80
CA ILE S 363 41.36 -2.19 53.45
C ILE S 363 42.85 -1.97 53.12
N LYS S 364 43.62 -3.06 53.09
CA LYS S 364 45.06 -3.09 52.71
C LYS S 364 45.22 -2.81 51.22
N SER S 365 44.48 -3.53 50.36
CA SER S 365 44.63 -3.58 48.89
C SER S 365 44.60 -2.17 48.27
N GLU S 366 43.69 -1.31 48.73
CA GLU S 366 43.56 0.10 48.28
C GLU S 366 44.61 0.96 49.01
N ILE S 367 44.93 0.60 50.26
CA ILE S 367 45.98 1.25 51.11
C ILE S 367 47.36 1.04 50.47
N ASN S 368 47.54 -0.05 49.72
CA ASN S 368 48.76 -0.32 48.91
C ASN S 368 48.64 0.44 47.57
N ASP S 369 47.69 0.02 46.73
CA ASP S 369 47.49 0.57 45.35
C ASP S 369 46.86 1.96 45.46
N PHE S 370 47.67 2.95 45.86
CA PHE S 370 47.26 4.36 46.14
C PHE S 370 48.34 5.04 47.00
N LYS S 371 48.94 4.29 47.92
CA LYS S 371 50.07 4.73 48.79
C LYS S 371 49.67 6.03 49.48
N PRO S 372 48.59 6.04 50.29
CA PRO S 372 48.08 7.27 50.89
C PRO S 372 48.86 7.63 52.15
N ALA S 373 48.91 8.92 52.50
CA ALA S 373 49.51 9.43 53.75
C ALA S 373 48.61 9.07 54.94
N ARG S 374 47.30 8.91 54.70
CA ARG S 374 46.26 8.81 55.74
C ARG S 374 45.24 7.72 55.40
N ILE S 375 44.38 7.40 56.38
CA ILE S 375 43.20 6.48 56.23
C ILE S 375 42.10 6.96 57.18
N ALA S 376 40.88 6.51 56.97
CA ALA S 376 39.68 6.83 57.78
C ALA S 376 38.61 5.76 57.57
N ILE S 377 38.39 4.91 58.57
CA ILE S 377 37.32 3.85 58.56
C ILE S 377 36.02 4.48 59.08
N ASP S 378 34.95 4.43 58.29
CA ASP S 378 33.60 4.94 58.69
C ASP S 378 32.53 3.89 58.43
N SER S 379 32.10 3.19 59.49
CA SER S 379 32.57 3.44 60.85
C SER S 379 32.98 2.12 61.51
N LEU S 380 33.93 2.17 62.46
CA LEU S 380 34.27 1.02 63.33
C LEU S 380 32.98 0.51 63.97
N SER S 381 32.10 1.44 64.37
CA SER S 381 30.74 1.15 64.89
C SER S 381 30.06 0.13 63.97
N ALA S 382 30.13 0.34 62.67
CA ALA S 382 29.45 -0.48 61.64
C ALA S 382 30.24 -1.78 61.38
N LEU S 383 31.54 -1.69 61.09
CA LEU S 383 32.37 -2.85 60.65
C LEU S 383 32.64 -3.76 61.86
N ALA S 384 31.57 -4.29 62.46
CA ALA S 384 31.57 -4.96 63.79
C ALA S 384 30.16 -5.43 64.14
N ARG S 385 29.17 -4.52 64.05
CA ARG S 385 27.74 -4.76 64.33
C ARG S 385 27.30 -6.11 63.75
N GLY S 386 26.96 -7.06 64.62
CA GLY S 386 26.53 -8.43 64.26
C GLY S 386 27.62 -9.44 64.58
N VAL S 387 28.84 -9.18 64.11
CA VAL S 387 30.06 -9.99 64.44
C VAL S 387 30.39 -9.78 65.93
N SER S 388 31.11 -10.74 66.51
CA SER S 388 31.45 -10.80 67.96
C SER S 388 32.44 -9.69 68.34
N ASN S 389 32.76 -9.60 69.64
CA ASN S 389 33.88 -8.79 70.17
C ASN S 389 35.21 -9.42 69.73
N ASN S 390 35.30 -10.76 69.81
CA ASN S 390 36.51 -11.56 69.50
C ASN S 390 36.77 -11.59 67.98
N ALA S 391 35.79 -11.19 67.16
CA ALA S 391 35.95 -10.98 65.70
C ALA S 391 36.40 -9.54 65.44
N PHE S 392 35.69 -8.58 66.03
CA PHE S 392 35.99 -7.12 65.93
C PHE S 392 37.39 -6.85 66.46
N ARG S 393 37.78 -7.52 67.56
CA ARG S 393 39.13 -7.41 68.18
C ARG S 393 40.20 -7.90 67.19
N GLN S 394 39.95 -9.07 66.57
CA GLN S 394 40.84 -9.70 65.54
C GLN S 394 41.01 -8.73 64.37
N PHE S 395 39.95 -8.01 63.99
CA PHE S 395 39.94 -7.01 62.89
C PHE S 395 40.73 -5.76 63.31
N VAL S 396 40.37 -5.10 64.41
CA VAL S 396 40.91 -3.76 64.79
C VAL S 396 42.40 -3.90 65.16
N ILE S 397 42.80 -5.04 65.72
CA ILE S 397 44.23 -5.35 66.06
C ILE S 397 45.05 -5.28 64.79
N GLY S 398 44.64 -6.01 63.75
CA GLY S 398 45.27 -6.03 62.42
C GLY S 398 45.05 -4.72 61.66
N VAL S 399 43.88 -4.10 61.82
CA VAL S 399 43.47 -2.86 61.09
C VAL S 399 44.31 -1.68 61.59
N THR S 400 44.36 -1.48 62.92
CA THR S 400 45.23 -0.47 63.59
C THR S 400 46.70 -0.79 63.30
N GLY S 401 47.03 -2.08 63.14
CA GLY S 401 48.41 -2.59 63.07
C GLY S 401 49.00 -2.65 61.67
N TYR S 402 48.38 -1.98 60.68
CA TYR S 402 49.03 -1.64 59.39
C TYR S 402 49.37 -0.14 59.40
N ALA S 403 48.39 0.69 59.78
CA ALA S 403 48.54 2.15 59.99
C ALA S 403 49.77 2.41 60.88
N LYS S 404 50.01 1.54 61.87
CA LYS S 404 51.22 1.57 62.74
C LYS S 404 52.43 1.06 61.95
N GLN S 405 52.29 -0.07 61.25
CA GLN S 405 53.38 -0.79 60.53
C GLN S 405 54.03 0.11 59.47
N GLU S 406 53.28 1.02 58.84
CA GLU S 406 53.71 1.82 57.66
C GLU S 406 53.64 3.33 57.95
N GLU S 407 53.87 3.74 59.21
CA GLU S 407 54.07 5.16 59.64
C GLU S 407 52.98 6.09 59.11
N ILE S 408 51.77 5.57 58.83
CA ILE S 408 50.64 6.33 58.19
C ILE S 408 49.63 6.71 59.27
N THR S 409 49.28 8.01 59.37
CA THR S 409 48.21 8.54 60.27
C THR S 409 46.90 7.82 59.94
N GLY S 410 46.05 7.58 60.94
CA GLY S 410 44.80 6.79 60.79
C GLY S 410 43.74 7.15 61.81
N LEU S 411 42.82 8.05 61.44
CA LEU S 411 41.68 8.50 62.28
C LEU S 411 40.51 7.52 62.11
N PHE S 412 40.29 6.64 63.09
CA PHE S 412 39.14 5.69 63.15
C PHE S 412 37.98 6.35 63.92
N THR S 413 36.75 6.02 63.51
CA THR S 413 35.49 6.63 64.03
C THR S 413 34.62 5.52 64.62
N ASN S 414 33.87 5.83 65.70
CA ASN S 414 33.10 4.83 66.48
C ASN S 414 31.88 5.46 67.17
N THR S 415 30.74 4.78 67.10
CA THR S 415 29.39 5.27 67.50
C THR S 415 28.94 4.53 68.76
N SER S 416 28.80 5.25 69.88
CA SER S 416 28.25 4.74 71.15
C SER S 416 26.74 4.54 70.98
N ASP S 417 26.20 3.45 71.54
CA ASP S 417 24.74 3.15 71.51
C ASP S 417 23.99 4.24 72.28
N GLN S 418 24.57 4.73 73.38
CA GLN S 418 23.95 5.74 74.29
C GLN S 418 24.28 7.16 73.80
N PHE S 419 23.75 8.17 74.50
CA PHE S 419 23.93 9.62 74.19
C PHE S 419 23.77 10.45 75.48
N ALA S 422 25.96 7.63 78.99
CA ALA S 422 26.70 6.37 79.26
C ALA S 422 28.12 6.68 79.74
N HIS S 423 28.73 5.75 80.46
CA HIS S 423 30.08 5.86 81.08
C HIS S 423 31.06 4.92 80.38
N SER S 424 31.05 4.86 79.05
CA SER S 424 31.92 3.99 78.22
C SER S 424 32.46 4.76 77.02
N ILE S 425 33.78 4.73 76.82
CA ILE S 425 34.47 5.33 75.65
C ILE S 425 34.06 4.55 74.39
N THR S 426 33.95 3.23 74.50
CA THR S 426 33.59 2.29 73.40
C THR S 426 33.03 0.99 73.99
N ASP S 427 31.77 0.66 73.69
CA ASP S 427 31.06 -0.56 74.17
C ASP S 427 31.71 -1.81 73.55
N SER S 428 32.41 -1.67 72.43
CA SER S 428 33.16 -2.75 71.72
C SER S 428 34.46 -3.09 72.46
N HIS S 429 34.97 -2.15 73.26
CA HIS S 429 36.16 -2.32 74.15
C HIS S 429 37.43 -2.52 73.31
N ILE S 430 37.95 -1.43 72.72
CA ILE S 430 39.21 -1.42 71.92
C ILE S 430 39.95 -0.09 72.12
N SEP S 431 39.82 0.53 73.29
CA SEP S 431 40.46 1.80 73.56
CB SEP S 431 39.79 2.53 74.72
OG SEP S 431 38.34 2.48 74.53
C SEP S 431 41.96 1.60 73.86
O SEP S 431 42.71 2.57 73.69
P SEP S 431 37.43 1.73 75.63
O1P SEP S 431 38.07 1.99 76.98
O2P SEP S 431 37.46 0.28 75.24
O3P SEP S 431 36.04 2.33 75.52
N THR S 432 42.36 0.39 74.27
CA THR S 432 43.77 -0.01 74.56
C THR S 432 44.48 -0.41 73.25
N ILE S 433 43.86 -0.19 72.10
CA ILE S 433 44.48 -0.27 70.74
C ILE S 433 44.35 1.09 70.04
N THR S 434 44.06 2.15 70.79
CA THR S 434 43.88 3.55 70.29
C THR S 434 44.88 4.47 70.99
N ASP S 435 45.85 5.02 70.26
CA ASP S 435 46.85 5.98 70.78
C ASP S 435 46.11 7.21 71.33
N THR S 436 45.39 7.89 70.46
CA THR S 436 44.63 9.13 70.78
C THR S 436 43.14 8.77 70.92
N ILE S 437 42.43 9.54 71.74
CA ILE S 437 40.94 9.46 71.87
C ILE S 437 40.41 10.90 71.87
N ILE S 438 39.66 11.27 70.83
CA ILE S 438 38.78 12.47 70.81
C ILE S 438 37.37 12.00 71.15
N LEU S 439 36.72 12.67 72.11
CA LEU S 439 35.40 12.26 72.63
C LEU S 439 34.39 13.37 72.39
N LEU S 440 33.50 13.17 71.42
CA LEU S 440 32.31 14.05 71.18
C LEU S 440 31.18 13.59 72.09
N GLN S 441 30.46 14.51 72.73
CA GLN S 441 29.33 14.20 73.65
C GLN S 441 28.35 15.36 73.68
N TYR S 442 27.04 15.05 73.73
CA TYR S 442 25.93 16.02 73.81
C TYR S 442 25.84 16.58 75.23
N VAL S 443 25.23 17.76 75.38
CA VAL S 443 25.11 18.52 76.66
C VAL S 443 23.79 19.30 76.64
N GLU S 444 22.88 19.00 77.59
CA GLU S 444 21.64 19.79 77.81
C GLU S 444 22.02 21.05 78.59
N ILE S 445 21.69 22.24 78.06
CA ILE S 445 22.10 23.55 78.64
C ILE S 445 20.96 24.56 78.52
N ARG S 446 19.92 24.41 79.34
CA ARG S 446 18.78 25.38 79.47
C ARG S 446 17.90 25.35 78.20
N GLY S 447 17.68 24.15 77.65
CA GLY S 447 16.70 23.90 76.56
C GLY S 447 17.37 23.31 75.33
N GLU S 448 18.33 24.04 74.76
CA GLU S 448 19.13 23.61 73.58
C GLU S 448 19.99 22.41 73.97
N MET S 449 20.35 21.57 73.00
CA MET S 449 21.29 20.44 73.15
C MET S 449 22.56 20.75 72.36
N SER S 450 23.58 21.30 73.02
CA SER S 450 24.91 21.60 72.42
C SER S 450 25.75 20.33 72.43
N ARG S 451 26.81 20.31 71.61
CA ARG S 451 27.82 19.23 71.54
C ARG S 451 29.09 19.71 72.25
N ALA S 452 29.96 18.78 72.63
CA ALA S 452 31.24 19.06 73.33
C ALA S 452 32.35 18.16 72.77
N ILE S 453 33.59 18.62 72.88
CA ILE S 453 34.81 17.94 72.37
C ILE S 453 35.90 17.98 73.46
N ASN S 454 36.62 16.86 73.64
CA ASN S 454 37.83 16.78 74.49
C ASN S 454 38.75 15.68 73.94
N VAL S 455 40.05 15.96 73.88
CA VAL S 455 41.12 14.95 73.62
C VAL S 455 41.23 14.07 74.87
N PHE S 456 40.46 12.98 74.92
CA PHE S 456 40.35 12.05 76.07
C PHE S 456 41.75 11.60 76.51
N LYS S 457 42.62 11.25 75.55
CA LYS S 457 44.01 10.82 75.83
C LYS S 457 44.85 10.92 74.55
N MET S 458 46.12 11.31 74.71
CA MET S 458 47.21 11.16 73.71
C MET S 458 48.22 10.17 74.27
N ARG S 459 49.16 9.72 73.44
CA ARG S 459 50.37 8.99 73.88
C ARG S 459 51.59 9.85 73.54
N GLY S 460 51.91 10.80 74.43
CA GLY S 460 53.02 11.77 74.27
C GLY S 460 52.52 13.11 73.78
N SER S 461 51.95 13.92 74.69
CA SER S 461 51.47 15.30 74.42
C SER S 461 50.95 15.97 75.70
N TRP S 462 50.91 17.31 75.68
CA TRP S 462 50.19 18.15 76.67
C TRP S 462 48.69 17.84 76.61
N HIS S 463 48.10 18.08 75.43
CA HIS S 463 46.64 18.17 75.14
C HIS S 463 45.88 18.90 76.26
N ASP S 464 45.03 19.86 75.87
CA ASP S 464 44.13 20.60 76.80
C ASP S 464 43.23 19.57 77.48
N LYS S 465 43.16 19.62 78.82
CA LYS S 465 42.31 18.74 79.65
C LYS S 465 40.83 19.07 79.41
N ALA S 466 40.53 20.30 78.96
CA ALA S 466 39.15 20.87 78.90
C ALA S 466 38.26 20.09 77.93
N ILE S 467 37.00 19.89 78.34
CA ILE S 467 35.85 19.57 77.45
C ILE S 467 35.31 20.90 76.91
N ARG S 468 35.35 21.10 75.59
CA ARG S 468 35.11 22.41 74.93
C ARG S 468 34.02 22.26 73.85
N GLU S 469 32.99 23.13 73.89
CA GLU S 469 31.79 23.04 73.03
C GLU S 469 32.16 23.36 71.57
N PHE S 470 31.40 22.83 70.61
CA PHE S 470 31.58 23.07 69.15
C PHE S 470 30.30 22.68 68.39
N SER S 473 28.50 24.13 61.68
CA SER S 473 28.33 25.36 60.84
C SER S 473 28.54 25.03 59.36
N ASP S 474 28.11 25.94 58.47
CA ASP S 474 28.37 25.89 57.01
C ASP S 474 29.89 25.94 56.77
N LYS S 475 30.60 26.74 57.57
CA LYS S 475 32.08 26.88 57.56
C LYS S 475 32.72 25.58 58.06
N GLY S 476 32.16 24.99 59.13
CA GLY S 476 32.60 23.70 59.70
C GLY S 476 32.74 23.78 61.22
N PRO S 477 33.60 22.94 61.83
CA PRO S 477 33.83 22.99 63.27
C PRO S 477 34.52 24.28 63.73
N ASP S 478 34.17 24.76 64.94
CA ASP S 478 34.73 25.99 65.56
C ASP S 478 34.53 25.91 67.08
N ILE S 479 35.58 25.54 67.83
CA ILE S 479 35.52 25.29 69.29
C ILE S 479 35.50 26.62 70.05
N LYS S 480 34.37 26.93 70.70
CA LYS S 480 34.20 28.08 71.62
C LYS S 480 34.79 27.70 72.99
N ASP S 481 34.75 28.63 73.96
CA ASP S 481 35.37 28.49 75.31
C ASP S 481 34.87 27.22 76.00
N SER S 482 35.65 26.73 76.97
CA SER S 482 35.30 25.57 77.85
C SER S 482 34.12 25.97 78.74
N PHE S 483 33.13 25.07 78.86
CA PHE S 483 31.90 25.27 79.67
C PHE S 483 32.26 25.12 81.15
N ARG S 484 32.76 26.19 81.76
CA ARG S 484 33.33 26.20 83.14
C ARG S 484 32.22 26.01 84.18
N ASN S 485 31.18 26.85 84.12
CA ASN S 485 30.12 26.94 85.17
C ASN S 485 29.04 25.88 84.93
N PHE S 486 29.36 24.61 85.17
CA PHE S 486 28.41 23.47 85.04
C PHE S 486 29.06 22.20 85.61
N GLU S 487 28.58 21.72 86.76
CA GLU S 487 29.01 20.44 87.37
C GLU S 487 28.29 19.29 86.64
N ARG S 488 28.92 18.10 86.62
CA ARG S 488 28.40 16.85 85.99
C ARG S 488 28.22 17.05 84.48
N ILE S 489 29.14 17.79 83.85
CA ILE S 489 29.17 18.08 82.39
C ILE S 489 29.32 16.78 81.59
N ILE S 490 29.87 15.73 82.19
CA ILE S 490 30.19 14.43 81.51
C ILE S 490 28.97 13.50 81.50
N SER S 491 27.81 13.96 81.98
CA SER S 491 26.57 13.14 82.15
C SER S 491 25.69 13.21 80.89
N GLY S 492 25.62 14.37 80.24
CA GLY S 492 24.70 14.65 79.12
C GLY S 492 23.54 15.53 79.55
N SER S 493 23.47 15.88 80.84
CA SER S 493 22.49 16.84 81.42
C SER S 493 23.06 17.45 82.70
N PRO S 494 24.07 18.35 82.60
CA PRO S 494 24.69 18.95 83.79
C PRO S 494 23.82 19.93 84.60
N THR S 495 24.28 20.22 85.82
CA THR S 495 23.68 21.21 86.77
C THR S 495 24.58 22.44 86.82
N ARG S 496 24.00 23.63 86.64
CA ARG S 496 24.69 24.93 86.72
C ARG S 496 25.23 25.11 88.15
N ILE S 497 26.39 25.77 88.29
CA ILE S 497 27.09 25.99 89.59
C ILE S 497 27.97 27.24 89.47
N LYS T 20 30.99 -17.26 31.58
CA LYS T 20 29.82 -17.83 32.31
C LYS T 20 28.51 -17.40 31.63
N MET T 21 27.51 -18.28 31.61
CA MET T 21 26.17 -18.04 31.01
C MET T 21 25.32 -17.22 32.00
N ARG T 22 24.30 -16.53 31.49
CA ARG T 22 23.38 -15.66 32.28
C ARG T 22 22.31 -16.54 32.94
N THR T 23 21.67 -16.01 33.99
CA THR T 23 20.65 -16.70 34.82
C THR T 23 19.29 -16.02 34.68
N MET T 24 19.25 -14.69 34.85
CA MET T 24 18.01 -13.85 34.87
C MET T 24 17.16 -14.21 36.10
N ILE T 25 17.82 -14.51 37.22
CA ILE T 25 17.27 -14.35 38.60
C ILE T 25 17.46 -12.87 38.98
N GLU T 26 16.52 -12.31 39.75
CA GLU T 26 16.41 -10.84 39.96
C GLU T 26 17.64 -10.32 40.71
N GLY T 27 18.77 -10.20 40.00
CA GLY T 27 20.07 -9.74 40.53
C GLY T 27 21.00 -10.88 40.91
N PHE T 28 20.50 -12.12 40.97
CA PHE T 28 21.23 -13.33 41.45
C PHE T 28 22.29 -13.77 40.44
N ASP T 29 22.30 -13.17 39.23
CA ASP T 29 23.44 -13.25 38.28
C ASP T 29 24.63 -12.49 38.89
N ASP T 30 24.36 -11.35 39.54
CA ASP T 30 25.36 -10.45 40.15
C ASP T 30 26.03 -11.11 41.37
N ILE T 31 25.36 -12.09 42.00
CA ILE T 31 25.88 -12.82 43.21
C ILE T 31 26.89 -13.90 42.78
N SER T 32 26.93 -14.23 41.49
CA SER T 32 27.85 -15.24 40.90
C SER T 32 29.00 -14.58 40.15
N HIS T 33 29.09 -13.24 40.19
CA HIS T 33 30.04 -12.42 39.40
C HIS T 33 29.84 -12.71 37.90
N GLY T 34 28.57 -12.78 37.47
CA GLY T 34 28.17 -13.14 36.09
C GLY T 34 27.03 -14.15 36.08
N GLY T 35 27.33 -15.41 36.37
CA GLY T 35 26.35 -16.51 36.42
C GLY T 35 27.03 -17.88 36.35
N LEU T 36 26.24 -18.93 36.12
CA LEU T 36 26.69 -20.35 36.12
C LEU T 36 27.68 -20.56 34.97
N PRO T 37 28.93 -21.02 35.26
CA PRO T 37 29.95 -21.22 34.23
C PRO T 37 29.49 -22.06 33.03
N ILE T 38 30.06 -21.79 31.85
CA ILE T 38 29.70 -22.50 30.58
C ILE T 38 30.62 -23.72 30.44
N GLY T 39 30.17 -24.87 30.95
CA GLY T 39 30.88 -26.16 30.87
C GLY T 39 31.29 -26.67 32.24
N ARG T 40 30.32 -27.23 32.98
CA ARG T 40 30.51 -27.90 34.31
C ARG T 40 29.17 -27.88 35.05
N SER T 41 28.74 -29.04 35.56
CA SER T 41 27.43 -29.23 36.23
C SER T 41 27.41 -28.47 37.56
N THR T 42 26.35 -27.69 37.80
CA THR T 42 26.15 -26.86 39.03
C THR T 42 25.08 -27.52 39.91
N LEU T 43 25.51 -28.35 40.87
CA LEU T 43 24.62 -29.15 41.75
C LEU T 43 23.83 -28.21 42.68
N VAL T 44 22.50 -28.28 42.61
CA VAL T 44 21.55 -27.43 43.42
C VAL T 44 20.83 -28.33 44.42
N SER T 45 21.40 -28.50 45.61
CA SER T 45 20.91 -29.38 46.70
C SER T 45 19.99 -28.61 47.65
N GLY T 46 19.18 -29.35 48.41
CA GLY T 46 18.29 -28.79 49.46
C GLY T 46 17.36 -29.84 50.03
N THR T 47 16.41 -29.40 50.88
CA THR T 47 15.39 -30.26 51.55
C THR T 47 14.04 -30.10 50.86
N SER T 48 13.14 -31.07 51.07
CA SER T 48 11.76 -31.08 50.53
C SER T 48 11.08 -29.72 50.81
N GLY T 49 10.77 -28.98 49.74
CA GLY T 49 10.13 -27.65 49.82
C GLY T 49 11.13 -26.51 49.68
N THR T 50 12.41 -26.82 49.44
CA THR T 50 13.52 -25.82 49.37
C THR T 50 13.30 -24.88 48.19
N GLY T 51 12.88 -25.39 47.02
CA GLY T 51 12.89 -24.66 45.74
C GLY T 51 13.92 -25.24 44.77
N LYS T 52 14.09 -26.57 44.77
CA LYS T 52 15.14 -27.30 44.00
C LYS T 52 14.67 -27.55 42.56
N THR T 53 13.40 -27.91 42.36
CA THR T 53 12.81 -28.13 41.00
C THR T 53 12.57 -26.77 40.33
N LEU T 54 12.05 -25.79 41.09
CA LEU T 54 11.86 -24.38 40.64
C LEU T 54 13.19 -23.82 40.09
N PHE T 55 14.32 -24.19 40.71
CA PHE T 55 15.69 -23.91 40.17
C PHE T 55 15.81 -24.55 38.78
N SER T 56 15.50 -25.85 38.68
CA SER T 56 15.62 -26.69 37.46
C SER T 56 14.81 -26.08 36.30
N ILE T 57 13.53 -25.75 36.54
CA ILE T 57 12.57 -25.26 35.51
C ILE T 57 12.95 -23.83 35.10
N GLN T 58 13.06 -22.92 36.07
CA GLN T 58 13.41 -21.49 35.84
C GLN T 58 14.76 -21.39 35.11
N PHE T 59 15.71 -22.27 35.46
CA PHE T 59 17.07 -22.33 34.87
C PHE T 59 17.00 -22.57 33.35
N LEU T 60 16.04 -23.40 32.91
CA LEU T 60 15.78 -23.67 31.47
C LEU T 60 15.03 -22.49 30.87
N TYR T 61 13.84 -22.20 31.40
CA TYR T 61 12.84 -21.23 30.86
C TYR T 61 13.50 -19.96 30.33
N ASN T 62 14.43 -19.36 31.09
CA ASN T 62 15.02 -18.02 30.77
C ASN T 62 16.24 -18.18 29.84
N GLY T 63 16.76 -19.40 29.68
CA GLY T 63 17.83 -19.73 28.71
C GLY T 63 17.38 -19.50 27.27
N ILE T 64 16.12 -19.81 26.96
CA ILE T 64 15.48 -19.61 25.64
C ILE T 64 14.92 -18.17 25.56
N ILE T 65 14.04 -17.83 26.50
CA ILE T 65 13.24 -16.57 26.52
C ILE T 65 14.15 -15.33 26.41
N GLU T 66 15.38 -15.39 26.94
CA GLU T 66 16.33 -14.24 26.90
C GLU T 66 17.48 -14.53 25.93
N PHE T 67 18.18 -15.65 26.07
CA PHE T 67 19.44 -15.99 25.36
C PHE T 67 19.17 -16.73 24.04
N ASP T 68 17.92 -17.15 23.78
CA ASP T 68 17.50 -17.89 22.56
C ASP T 68 18.09 -19.32 22.57
N GLU T 69 18.58 -19.80 23.71
CA GLU T 69 19.30 -21.09 23.84
C GLU T 69 18.30 -22.21 24.11
N PRO T 70 18.66 -23.49 23.84
CA PRO T 70 17.77 -24.62 24.07
C PRO T 70 17.85 -25.14 25.51
N GLY T 71 17.21 -26.27 25.81
CA GLY T 71 17.33 -26.93 27.12
C GLY T 71 16.26 -28.00 27.36
N VAL T 72 16.65 -29.10 28.01
CA VAL T 72 15.77 -30.26 28.34
C VAL T 72 15.72 -30.44 29.86
N PHE T 73 14.53 -30.67 30.41
CA PHE T 73 14.30 -31.02 31.84
C PHE T 73 14.23 -32.55 31.97
N VAL T 74 15.30 -33.16 32.47
CA VAL T 74 15.40 -34.64 32.70
C VAL T 74 14.67 -34.97 34.01
N THR T 75 13.33 -34.94 33.98
CA THR T 75 12.44 -35.18 35.14
C THR T 75 12.41 -36.69 35.45
N PHE T 76 12.86 -37.08 36.64
CA PHE T 76 12.84 -38.48 37.14
C PHE T 76 11.56 -38.71 37.94
N GLU T 77 11.41 -37.97 39.05
CA GLU T 77 10.29 -38.13 40.02
C GLU T 77 8.98 -37.64 39.40
N GLU T 78 8.96 -36.41 38.87
CA GLU T 78 7.75 -35.73 38.34
C GLU T 78 7.58 -36.05 36.85
N THR T 79 6.35 -36.30 36.42
CA THR T 79 5.94 -36.55 35.01
C THR T 79 5.86 -35.23 34.25
N PRO T 80 6.48 -35.12 33.04
CA PRO T 80 6.44 -33.87 32.26
C PRO T 80 5.05 -33.25 32.07
N GLN T 81 3.98 -34.06 32.09
CA GLN T 81 2.57 -33.60 32.10
C GLN T 81 2.35 -32.70 33.32
N ASP T 82 2.95 -33.07 34.46
CA ASP T 82 2.87 -32.34 35.76
C ASP T 82 3.75 -31.08 35.72
N ILE T 83 4.96 -31.13 35.15
CA ILE T 83 5.91 -29.97 35.13
C ILE T 83 5.34 -28.89 34.22
N ILE T 84 4.84 -29.28 33.04
CA ILE T 84 4.08 -28.38 32.11
C ILE T 84 2.94 -27.74 32.89
N LYS T 85 2.28 -28.51 33.76
CA LYS T 85 1.14 -28.08 34.62
C LYS T 85 1.64 -27.11 35.70
N ASN T 86 2.69 -27.49 36.44
CA ASN T 86 3.19 -26.75 37.64
C ASN T 86 3.62 -25.32 37.24
N ALA T 87 4.20 -25.14 36.05
CA ALA T 87 4.71 -23.83 35.56
C ALA T 87 3.57 -22.85 35.29
N ARG T 88 2.33 -23.34 35.18
CA ARG T 88 1.10 -22.53 34.97
C ARG T 88 1.08 -21.36 35.97
N SER T 89 1.11 -21.68 37.27
CA SER T 89 1.10 -20.71 38.40
C SER T 89 2.22 -19.67 38.21
N PHE T 90 3.40 -20.10 37.75
CA PHE T 90 4.57 -19.24 37.47
C PHE T 90 4.23 -18.24 36.34
N GLY T 91 3.36 -18.64 35.42
CA GLY T 91 2.78 -17.78 34.37
C GLY T 91 3.40 -18.04 33.01
N TRP T 92 3.63 -19.31 32.67
CA TRP T 92 4.28 -19.71 31.39
C TRP T 92 4.21 -21.24 31.21
N ALA T 95 2.40 -25.95 26.94
CA ALA T 95 3.52 -26.68 26.29
C ALA T 95 3.95 -25.93 25.02
N LYS T 96 4.07 -24.60 25.09
CA LYS T 96 4.42 -23.72 23.93
C LYS T 96 5.92 -23.86 23.64
N LEU T 97 6.75 -23.78 24.68
CA LEU T 97 8.23 -23.96 24.61
C LEU T 97 8.54 -25.40 24.18
N VAL T 98 7.71 -26.36 24.59
CA VAL T 98 7.83 -27.81 24.22
C VAL T 98 7.52 -27.96 22.73
N ASP T 99 6.32 -27.54 22.30
CA ASP T 99 5.82 -27.70 20.90
C ASP T 99 6.69 -26.88 19.94
N GLU T 100 7.09 -25.66 20.32
CA GLU T 100 7.88 -24.73 19.48
C GLU T 100 9.27 -25.29 19.19
N GLY T 101 9.76 -26.20 20.04
CA GLY T 101 11.05 -26.92 19.86
C GLY T 101 12.16 -26.35 20.73
N LYS T 102 11.86 -25.33 21.55
CA LYS T 102 12.85 -24.63 22.42
C LYS T 102 13.25 -25.55 23.59
N LEU T 103 12.27 -26.15 24.27
CA LEU T 103 12.47 -27.04 25.43
C LEU T 103 12.02 -28.47 25.09
N PHE T 104 12.58 -29.47 25.76
CA PHE T 104 12.29 -30.92 25.56
C PHE T 104 12.35 -31.66 26.91
N ILE T 105 11.22 -31.71 27.62
CA ILE T 105 11.09 -32.36 28.95
C ILE T 105 11.10 -33.88 28.77
N LEU T 106 12.23 -34.54 29.07
CA LEU T 106 12.45 -36.00 28.81
C LEU T 106 12.11 -36.79 30.08
N ASP T 107 11.22 -37.78 29.93
CA ASP T 107 10.73 -38.69 31.00
C ASP T 107 11.73 -39.85 31.14
N ALA T 108 12.15 -40.15 32.37
CA ALA T 108 13.00 -41.29 32.75
C ALA T 108 12.42 -42.00 33.98
N SER T 109 11.09 -42.10 34.06
CA SER T 109 10.34 -42.65 35.21
C SER T 109 10.65 -44.14 35.35
N ALA T 125 23.82 -47.73 29.97
CA ALA T 125 22.36 -47.78 29.72
C ALA T 125 21.81 -46.34 29.61
N LEU T 126 21.93 -45.56 30.69
CA LEU T 126 21.47 -44.15 30.75
C LEU T 126 22.49 -43.25 30.05
N ILE T 127 22.22 -41.94 30.03
CA ILE T 127 23.16 -40.86 29.58
C ILE T 127 23.00 -40.63 28.07
N GLU T 128 23.13 -41.69 27.26
CA GLU T 128 23.14 -41.61 25.78
C GLU T 128 21.83 -41.01 25.24
N ARG T 129 20.72 -41.20 25.97
CA ARG T 129 19.37 -40.68 25.59
C ARG T 129 19.33 -39.15 25.73
N ILE T 130 20.16 -38.58 26.61
CA ILE T 130 20.26 -37.11 26.87
C ILE T 130 21.13 -36.46 25.78
N ASN T 131 22.21 -37.14 25.37
CA ASN T 131 23.15 -36.68 24.31
C ASN T 131 22.38 -36.48 23.00
N TYR T 132 21.43 -37.39 22.69
CA TYR T 132 20.59 -37.36 21.46
C TYR T 132 19.67 -36.13 21.48
N ALA T 133 19.03 -35.85 22.62
CA ALA T 133 18.07 -34.73 22.81
C ALA T 133 18.83 -33.40 22.85
N ILE T 134 20.03 -33.39 23.46
CA ILE T 134 20.90 -32.18 23.61
C ILE T 134 21.36 -31.72 22.23
N GLN T 135 21.93 -32.63 21.43
CA GLN T 135 22.42 -32.36 20.05
C GLN T 135 21.25 -31.94 19.16
N LYS T 136 20.03 -32.36 19.50
CA LYS T 136 18.76 -31.92 18.86
C LYS T 136 18.08 -30.85 19.72
N ARG T 140 22.52 -25.65 24.99
CA ARG T 140 23.23 -24.65 25.84
C ARG T 140 22.95 -24.91 27.32
N ARG T 141 21.69 -24.75 27.76
CA ARG T 141 21.26 -24.99 29.17
C ARG T 141 20.89 -26.46 29.34
N VAL T 142 20.75 -26.91 30.59
CA VAL T 142 20.34 -28.31 30.94
C VAL T 142 19.76 -28.32 32.37
N SER T 143 19.13 -29.45 32.74
CA SER T 143 18.46 -29.66 34.06
C SER T 143 18.17 -31.15 34.25
N ILE T 144 18.49 -31.70 35.43
CA ILE T 144 18.23 -33.12 35.81
C ILE T 144 17.75 -33.16 37.27
N ASP T 145 16.58 -33.74 37.51
CA ASP T 145 15.97 -33.84 38.87
C ASP T 145 15.17 -35.13 38.99
N SER T 146 15.42 -35.93 40.04
CA SER T 146 16.45 -35.68 41.05
C SER T 146 17.61 -36.67 40.86
N VAL T 147 18.84 -36.16 40.73
CA VAL T 147 20.07 -36.96 40.47
C VAL T 147 20.13 -38.13 41.48
N THR T 148 20.06 -37.83 42.78
CA THR T 148 20.14 -38.80 43.90
C THR T 148 19.09 -39.90 43.74
N SER T 149 17.89 -39.55 43.27
CA SER T 149 16.72 -40.46 43.10
C SER T 149 17.12 -41.69 42.26
N VAL T 150 17.98 -41.49 41.26
CA VAL T 150 18.49 -42.56 40.33
C VAL T 150 19.02 -43.74 41.15
N PHE T 151 20.18 -43.58 41.78
CA PHE T 151 20.89 -44.65 42.55
C PHE T 151 20.27 -44.75 43.96
N ARG T 162 30.23 -42.84 41.82
CA ARG T 162 30.66 -43.33 40.48
C ARG T 162 29.82 -42.69 39.39
N GLU T 163 28.49 -42.90 39.42
CA GLU T 163 27.51 -42.42 38.43
C GLU T 163 27.50 -40.89 38.37
N LEU T 164 27.84 -40.22 39.47
CA LEU T 164 27.99 -38.75 39.55
C LEU T 164 29.15 -38.31 38.64
N PHE T 165 30.26 -39.05 38.67
CA PHE T 165 31.46 -38.84 37.82
C PHE T 165 31.08 -39.05 36.35
N ARG T 166 30.41 -40.17 36.04
CA ARG T 166 30.03 -40.60 34.67
C ARG T 166 29.10 -39.55 34.03
N LEU T 167 28.03 -39.15 34.73
CA LEU T 167 26.99 -38.23 34.22
C LEU T 167 27.55 -36.80 34.12
N VAL T 168 28.34 -36.36 35.10
CA VAL T 168 28.84 -34.96 35.23
C VAL T 168 29.97 -34.73 34.24
N ALA T 169 30.95 -35.65 34.17
CA ALA T 169 32.14 -35.55 33.29
C ALA T 169 31.74 -35.75 31.82
N ARG T 170 30.85 -36.72 31.54
CA ARG T 170 30.33 -37.02 30.18
C ARG T 170 29.51 -35.84 29.66
N LEU T 171 28.78 -35.16 30.55
CA LEU T 171 28.02 -33.91 30.24
C LEU T 171 29.02 -32.79 29.90
N LYS T 172 30.15 -32.74 30.62
CA LYS T 172 31.23 -31.73 30.43
C LYS T 172 31.84 -31.89 29.03
N GLN T 173 31.90 -33.11 28.50
CA GLN T 173 32.45 -33.45 27.16
C GLN T 173 31.51 -32.92 26.06
N ILE T 174 30.20 -33.06 26.26
CA ILE T 174 29.14 -32.49 25.37
C ILE T 174 29.29 -30.96 25.36
N GLY T 175 29.68 -30.37 26.50
CA GLY T 175 30.11 -28.96 26.61
C GLY T 175 28.94 -28.01 26.69
N ALA T 176 28.38 -27.83 27.89
CA ALA T 176 27.24 -26.92 28.18
C ALA T 176 27.00 -26.83 29.68
N THR T 177 26.10 -25.93 30.09
CA THR T 177 25.61 -25.78 31.49
C THR T 177 24.59 -26.89 31.78
N THR T 178 24.76 -27.61 32.90
CA THR T 178 23.88 -28.73 33.34
C THR T 178 23.76 -28.76 34.86
N VAL T 179 22.73 -28.11 35.41
CA VAL T 179 22.48 -27.97 36.87
C VAL T 179 21.59 -29.13 37.35
N MET T 180 22.21 -30.17 37.94
CA MET T 180 21.50 -31.33 38.56
C MET T 180 20.89 -30.89 39.89
N THR T 181 19.94 -31.68 40.44
CA THR T 181 19.19 -31.38 41.69
C THR T 181 19.21 -32.62 42.60
N THR T 182 19.55 -32.44 43.88
CA THR T 182 19.67 -33.50 44.91
C THR T 182 18.77 -33.17 46.11
N ARG T 184 19.16 -34.13 50.76
CA ARG T 184 19.56 -34.03 52.20
C ARG T 184 18.31 -34.09 53.08
N ILE T 185 18.46 -34.63 54.30
CA ILE T 185 17.38 -34.78 55.31
C ILE T 185 17.63 -33.83 56.50
N GLU T 186 18.50 -32.83 56.33
CA GLU T 186 18.91 -31.87 57.41
C GLU T 186 19.10 -30.47 56.81
N GLU T 187 18.74 -29.43 57.56
CA GLU T 187 18.64 -28.03 57.07
C GLU T 187 20.02 -27.35 57.01
N TYR T 188 21.05 -27.92 57.67
CA TYR T 188 22.42 -27.36 57.69
C TYR T 188 23.45 -28.41 58.12
N GLY T 189 23.34 -29.64 57.61
CA GLY T 189 24.27 -30.75 57.89
C GLY T 189 25.06 -31.16 56.66
N PRO T 190 24.77 -32.33 56.04
CA PRO T 190 25.56 -32.84 54.92
C PRO T 190 25.14 -32.20 53.58
N ILE T 191 26.10 -31.96 52.70
CA ILE T 191 25.88 -31.32 51.37
C ILE T 191 24.77 -32.06 50.60
N ALA T 192 24.75 -33.40 50.68
CA ALA T 192 23.73 -34.24 50.01
C ALA T 192 23.71 -35.66 50.59
N ARG T 193 22.62 -36.39 50.33
CA ARG T 193 22.37 -37.79 50.75
C ARG T 193 23.58 -38.66 50.34
N VAL T 200 32.19 -33.80 43.37
CA VAL T 200 32.11 -34.22 41.94
C VAL T 200 31.92 -32.96 41.07
N SER T 201 30.72 -32.37 41.11
CA SER T 201 30.35 -31.15 40.35
C SER T 201 31.34 -30.03 40.68
N ASP T 202 31.83 -29.32 39.65
CA ASP T 202 32.73 -28.15 39.78
C ASP T 202 32.07 -27.09 40.67
N ASN T 203 30.73 -26.98 40.62
CA ASN T 203 29.92 -26.05 41.44
C ASN T 203 28.89 -26.85 42.25
N VAL T 205 25.67 -23.90 44.90
CA VAL T 205 24.17 -23.99 44.86
C VAL T 205 23.70 -24.90 46.01
N ILE T 206 23.72 -24.40 47.24
CA ILE T 206 23.05 -25.01 48.42
C ILE T 206 21.87 -24.13 48.82
N LEU T 207 20.65 -24.51 48.43
CA LEU T 207 19.39 -23.85 48.85
C LEU T 207 18.85 -24.57 50.09
N ARG T 208 18.45 -23.84 51.12
CA ARG T 208 18.01 -24.40 52.43
C ARG T 208 16.91 -23.53 53.06
N ASN T 209 16.10 -24.12 53.95
CA ASN T 209 14.82 -23.55 54.47
C ASN T 209 14.79 -23.66 56.00
N VAL T 210 15.73 -23.00 56.69
CA VAL T 210 15.92 -23.07 58.17
C VAL T 210 14.80 -22.26 58.86
N LEU T 211 14.21 -22.83 59.93
CA LEU T 211 13.15 -22.19 60.76
C LEU T 211 13.81 -21.32 61.84
N GLU T 212 13.36 -20.06 61.98
CA GLU T 212 13.73 -19.18 63.12
C GLU T 212 12.48 -18.87 63.94
N GLY T 213 12.12 -19.80 64.84
CA GLY T 213 11.06 -19.65 65.84
C GLY T 213 9.68 -19.72 65.21
N GLU T 214 9.22 -20.93 64.87
CA GLU T 214 7.87 -21.23 64.32
C GLU T 214 7.73 -20.66 62.90
N ARG T 215 8.52 -19.65 62.53
CA ARG T 215 8.57 -19.04 61.16
C ARG T 215 9.65 -19.76 60.34
N ARG T 216 9.71 -19.50 59.03
CA ARG T 216 10.68 -20.12 58.10
C ARG T 216 11.49 -19.04 57.37
N ARG T 217 12.73 -19.39 57.04
CA ARG T 217 13.71 -18.53 56.34
C ARG T 217 14.40 -19.34 55.24
N ARG T 218 14.10 -19.03 53.97
CA ARG T 218 14.71 -19.68 52.78
C ARG T 218 15.93 -18.86 52.34
N THR T 219 17.04 -19.53 52.04
CA THR T 219 18.30 -18.91 51.55
C THR T 219 19.04 -19.86 50.61
N LEU T 220 19.95 -19.33 49.78
CA LEU T 220 20.84 -20.09 48.86
C LEU T 220 22.29 -19.61 49.02
N GLU T 221 23.25 -20.52 48.85
CA GLU T 221 24.71 -20.28 49.04
C GLU T 221 25.51 -21.15 48.08
N LYS T 224 30.67 -23.75 45.39
CA LYS T 224 32.14 -23.69 45.33
C LYS T 224 32.59 -23.33 43.91
N LEU T 225 31.99 -22.30 43.32
CA LEU T 225 31.99 -21.98 41.86
C LEU T 225 33.35 -22.33 41.21
N ARG T 226 33.52 -23.61 40.87
CA ARG T 226 34.63 -24.21 40.06
C ARG T 226 35.94 -23.44 40.21
N GLY T 227 36.14 -22.40 39.40
CA GLY T 227 37.35 -21.55 39.37
C GLY T 227 37.02 -20.12 38.95
N THR T 228 35.87 -19.62 39.42
CA THR T 228 35.31 -18.28 39.11
C THR T 228 34.92 -17.59 40.43
N SER T 229 35.03 -16.26 40.47
CA SER T 229 34.74 -15.41 41.66
C SER T 229 33.24 -15.42 41.97
N HIS T 230 32.87 -15.58 43.24
CA HIS T 230 31.47 -15.60 43.73
C HIS T 230 31.39 -15.01 45.14
N MET T 231 30.23 -14.47 45.50
CA MET T 231 29.96 -13.81 46.81
C MET T 231 29.77 -14.88 47.90
N GLU T 234 25.77 -17.15 51.58
CA GLU T 234 24.33 -17.40 51.83
C GLU T 234 23.54 -16.10 51.68
N TYR T 235 22.69 -16.02 50.66
CA TYR T 235 21.68 -14.96 50.45
C TYR T 235 20.29 -15.54 50.69
N PRO T 236 19.35 -14.77 51.30
CA PRO T 236 17.99 -15.25 51.55
C PRO T 236 17.20 -15.16 50.23
N PHE T 237 16.07 -15.87 50.11
CA PHE T 237 15.19 -15.76 48.92
C PHE T 237 13.75 -16.08 49.28
N THR T 238 12.84 -15.31 48.67
CA THR T 238 11.36 -15.49 48.73
C THR T 238 10.91 -16.17 47.43
N ILE T 239 9.97 -17.11 47.54
CA ILE T 239 9.25 -17.74 46.39
C ILE T 239 7.94 -16.97 46.18
N THR T 240 7.82 -16.26 45.05
CA THR T 240 6.67 -15.40 44.70
C THR T 240 5.79 -16.12 43.67
N ASP T 241 5.23 -15.38 42.71
CA ASP T 241 4.61 -15.91 41.46
C ASP T 241 5.62 -15.79 40.31
N HIS T 242 6.74 -15.08 40.53
CA HIS T 242 7.81 -14.86 39.52
C HIS T 242 8.75 -16.07 39.48
N GLY T 243 9.11 -16.61 40.65
CA GLY T 243 9.97 -17.81 40.78
C GLY T 243 10.83 -17.76 42.03
N ILE T 244 12.15 -17.62 41.86
CA ILE T 244 13.16 -17.51 42.96
C ILE T 244 13.87 -16.15 42.84
N ASN T 245 13.94 -15.39 43.93
CA ASN T 245 14.39 -13.97 43.94
C ASN T 245 15.66 -13.83 44.80
N ILE T 246 16.16 -12.60 44.96
CA ILE T 246 17.33 -12.24 45.83
C ILE T 246 17.42 -10.71 45.91
N PHE T 247 17.89 -10.19 47.05
CA PHE T 247 17.99 -8.74 47.35
C PHE T 247 19.36 -8.36 47.91
N PRO T 248 20.51 -8.87 47.39
CA PRO T 248 21.82 -8.42 47.88
C PRO T 248 22.18 -7.00 47.41
N ARG T 253 26.41 -1.60 47.49
CA ARG T 253 27.26 -0.45 47.05
C ARG T 253 26.60 0.87 47.48
N LEU T 254 27.22 1.58 48.43
CA LEU T 254 26.77 2.91 48.91
C LEU T 254 27.07 3.97 47.84
N THR T 255 26.16 4.13 46.87
CA THR T 255 26.22 5.14 45.78
C THR T 255 24.85 5.23 45.09
N GLN T 256 24.12 6.33 45.27
CA GLN T 256 22.76 6.51 44.69
C GLN T 256 22.28 7.98 44.71
N ARG T 257 23.19 8.95 44.65
CA ARG T 257 22.89 10.41 44.51
C ARG T 257 22.23 10.95 45.79
N SER T 258 22.35 12.27 46.02
CA SER T 258 21.75 13.01 47.15
C SER T 258 21.80 14.51 46.86
N SER T 259 20.68 15.09 46.42
CA SER T 259 20.52 16.53 46.08
C SER T 259 20.07 17.30 47.32
N ASN T 260 20.21 18.63 47.28
CA ASN T 260 19.72 19.55 48.35
C ASN T 260 18.28 19.95 48.03
N VAL T 261 17.43 18.94 47.80
CA VAL T 261 16.01 19.10 47.39
C VAL T 261 15.14 18.96 48.64
N ARG T 262 14.67 20.09 49.17
CA ARG T 262 13.82 20.18 50.38
C ARG T 262 12.47 19.52 50.08
N VAL T 263 11.92 18.81 51.06
CA VAL T 263 10.61 18.09 50.98
C VAL T 263 9.88 18.32 52.31
N SER T 264 8.67 18.90 52.30
CA SER T 264 7.89 19.23 53.51
C SER T 264 7.43 17.93 54.20
N SER T 265 7.58 17.87 55.53
CA SER T 265 7.12 16.77 56.41
C SER T 265 5.62 16.91 56.70
N GLY T 266 5.10 18.14 56.68
CA GLY T 266 3.67 18.44 56.86
C GLY T 266 3.43 19.42 58.00
N VAL T 267 4.14 19.22 59.12
CA VAL T 267 4.24 20.20 60.25
C VAL T 267 5.14 21.34 59.78
N VAL T 268 4.56 22.53 59.56
CA VAL T 268 5.27 23.73 59.03
C VAL T 268 6.52 24.02 59.87
N ARG T 269 6.37 23.98 61.20
CA ARG T 269 7.46 24.29 62.17
C ARG T 269 8.48 23.14 62.21
N LEU T 270 8.04 21.90 61.96
CA LEU T 270 8.92 20.71 61.86
C LEU T 270 9.87 20.88 60.66
N ASP T 271 9.38 21.48 59.56
CA ASP T 271 10.19 21.84 58.37
C ASP T 271 11.19 22.94 58.78
N GLU T 272 10.68 24.02 59.37
CA GLU T 272 11.50 25.15 59.88
C GLU T 272 12.56 24.60 60.85
N MET T 273 12.17 23.68 61.74
CA MET T 273 13.01 23.14 62.82
C MET T 273 14.05 22.14 62.28
N CYS T 274 13.86 21.61 61.06
CA CYS T 274 14.83 20.73 60.35
C CYS T 274 15.79 21.56 59.48
N GLY T 275 15.54 22.87 59.35
CA GLY T 275 16.28 23.76 58.44
C GLY T 275 15.69 23.75 57.05
N GLY T 276 14.37 23.98 56.96
CA GLY T 276 13.62 24.13 55.70
C GLY T 276 13.15 22.80 55.13
N GLY T 277 12.59 21.94 55.97
CA GLY T 277 11.97 20.67 55.56
C GLY T 277 12.98 19.53 55.49
N PHE T 278 12.49 18.31 55.25
CA PHE T 278 13.32 17.08 55.10
C PHE T 278 13.99 17.07 53.71
N PHE T 279 14.79 16.04 53.45
CA PHE T 279 15.51 15.82 52.17
C PHE T 279 14.73 14.81 51.32
N LYS T 280 14.94 14.85 50.00
CA LYS T 280 14.30 13.94 49.03
C LYS T 280 14.89 12.53 49.19
N ASP T 281 16.22 12.42 49.12
CA ASP T 281 16.99 11.14 49.20
C ASP T 281 17.56 10.98 50.61
N SER T 282 16.69 10.72 51.61
CA SER T 282 17.06 10.52 53.03
C SER T 282 16.23 9.39 53.66
N ILE T 283 16.51 9.08 54.93
CA ILE T 283 15.76 8.10 55.76
C ILE T 283 15.46 8.75 57.12
N ILE T 284 14.21 9.17 57.35
CA ILE T 284 13.79 9.85 58.60
C ILE T 284 13.47 8.78 59.65
N LEU T 285 13.87 9.00 60.90
CA LEU T 285 13.55 8.11 62.05
C LEU T 285 12.75 8.90 63.08
N ALA T 286 11.46 8.57 63.23
CA ALA T 286 10.55 9.03 64.30
C ALA T 286 10.62 8.03 65.45
N THR T 287 11.17 8.44 66.60
CA THR T 287 11.43 7.59 67.77
C THR T 287 10.80 8.21 69.00
N GLY T 288 10.34 7.36 69.92
CA GLY T 288 9.85 7.79 71.25
C GLY T 288 9.15 6.65 71.95
N ALA T 289 8.62 6.94 73.14
CA ALA T 289 7.76 6.02 73.93
C ALA T 289 6.40 5.87 73.22
N THR T 290 5.55 5.01 73.78
CA THR T 290 4.16 4.78 73.31
C THR T 290 3.33 6.04 73.64
N GLY T 291 2.58 6.54 72.66
CA GLY T 291 1.62 7.66 72.83
C GLY T 291 2.25 9.03 72.65
N THR T 292 3.50 9.10 72.16
CA THR T 292 4.27 10.38 72.06
C THR T 292 3.79 11.22 70.86
N GLY T 293 3.07 10.61 69.91
CA GLY T 293 2.53 11.29 68.71
C GLY T 293 3.32 10.93 67.46
N LYS T 294 3.96 9.76 67.44
CA LYS T 294 4.79 9.27 66.31
C LYS T 294 3.92 8.99 65.09
N THR T 295 2.87 8.17 65.26
CA THR T 295 1.96 7.73 64.18
C THR T 295 1.27 8.94 63.55
N LEU T 296 1.03 10.01 64.33
CA LEU T 296 0.56 11.32 63.80
C LEU T 296 1.61 11.87 62.82
N LEU T 297 2.89 11.83 63.19
CA LEU T 297 4.03 12.34 62.37
C LEU T 297 4.08 11.59 61.02
N VAL T 298 3.93 10.27 61.05
CA VAL T 298 3.93 9.39 59.84
C VAL T 298 2.61 9.58 59.08
N SER T 299 1.52 9.90 59.79
CA SER T 299 0.18 10.17 59.21
C SER T 299 0.19 11.53 58.50
N ARG T 300 0.86 12.53 59.08
CA ARG T 300 1.02 13.90 58.48
C ARG T 300 1.92 13.79 57.25
N PHE T 301 3.03 13.06 57.37
CA PHE T 301 4.06 12.86 56.31
C PHE T 301 3.40 12.26 55.06
N VAL T 302 2.62 11.18 55.22
CA VAL T 302 1.92 10.46 54.12
C VAL T 302 0.90 11.39 53.46
N GLU T 303 0.29 12.31 54.23
CA GLU T 303 -0.76 13.25 53.77
C GLU T 303 -0.15 14.34 52.87
N ASN T 304 0.96 14.96 53.28
CA ASN T 304 1.47 16.22 52.69
C ASN T 304 1.98 16.01 51.25
N ALA T 305 2.20 14.77 50.82
CA ALA T 305 2.46 14.42 49.40
C ALA T 305 1.27 14.88 48.54
N CYS T 306 0.06 14.74 49.08
CA CYS T 306 -1.24 14.97 48.37
C CYS T 306 -1.47 16.45 48.10
N ALA T 307 -1.21 17.34 49.07
CA ALA T 307 -1.36 18.81 48.92
C ALA T 307 -0.44 19.31 47.80
N ASN T 308 0.79 18.79 47.74
CA ASN T 308 1.77 19.06 46.66
C ASN T 308 1.52 18.09 45.49
N LYS T 309 0.51 17.23 45.59
CA LYS T 309 0.08 16.27 44.54
C LYS T 309 1.18 15.23 44.31
N GLU T 310 1.19 14.16 45.09
CA GLU T 310 2.15 13.02 44.97
C GLU T 310 1.60 11.82 45.76
N ARG T 311 1.90 10.59 45.31
CA ARG T 311 1.45 9.33 45.94
C ARG T 311 2.47 8.88 46.99
N ALA T 312 1.98 8.25 48.07
CA ALA T 312 2.79 7.68 49.17
C ALA T 312 2.13 6.40 49.68
N ILE T 313 2.95 5.42 50.10
CA ILE T 313 2.49 4.12 50.66
C ILE T 313 2.85 4.05 52.15
N LEU T 314 1.84 4.17 53.03
CA LEU T 314 1.99 4.04 54.50
C LEU T 314 1.86 2.56 54.90
N PHE T 315 3.00 1.88 55.07
CA PHE T 315 3.10 0.43 55.44
C PHE T 315 2.80 0.25 56.94
N ALA T 316 1.51 0.14 57.29
CA ALA T 316 1.01 0.10 58.69
C ALA T 316 1.14 -1.32 59.26
N TYR T 317 2.15 -1.56 60.12
CA TYR T 317 2.37 -2.88 60.76
C TYR T 317 1.76 -2.91 62.16
N GLU T 318 1.34 -1.77 62.71
CA GLU T 318 0.78 -1.66 64.08
C GLU T 318 -0.75 -1.50 64.00
N GLU T 319 -1.22 -0.36 63.49
CA GLU T 319 -2.66 0.02 63.50
C GLU T 319 -3.35 -0.64 62.30
N SER T 320 -4.69 -0.60 62.26
CA SER T 320 -5.52 -1.10 61.15
C SER T 320 -6.07 0.09 60.34
N ARG T 321 -6.51 -0.16 59.10
CA ARG T 321 -6.96 0.87 58.13
C ARG T 321 -8.13 1.67 58.72
N ALA T 322 -9.05 1.00 59.42
CA ALA T 322 -10.28 1.60 60.02
C ALA T 322 -9.89 2.59 61.12
N GLN T 323 -9.00 2.19 62.03
CA GLN T 323 -8.47 3.06 63.12
C GLN T 323 -7.73 4.24 62.49
N LEU T 324 -6.70 3.96 61.69
CA LEU T 324 -5.84 4.99 61.03
C LEU T 324 -6.72 6.06 60.38
N LEU T 325 -7.77 5.65 59.68
CA LEU T 325 -8.72 6.57 58.99
C LEU T 325 -9.49 7.40 60.02
N ARG T 326 -10.03 6.76 61.07
CA ARG T 326 -10.81 7.42 62.15
C ARG T 326 -9.89 8.43 62.87
N ASN T 327 -8.73 7.95 63.34
CA ASN T 327 -7.72 8.75 64.09
C ASN T 327 -7.28 9.94 63.23
N ALA T 328 -6.97 9.69 61.94
CA ALA T 328 -6.53 10.72 60.97
C ALA T 328 -7.68 11.70 60.70
N TYR T 329 -8.90 11.18 60.46
CA TYR T 329 -10.14 11.98 60.30
C TYR T 329 -10.29 12.92 61.50
N SER T 330 -10.10 12.38 62.70
CA SER T 330 -10.15 13.13 63.99
C SER T 330 -8.96 14.11 64.11
N TRP T 331 -7.83 13.81 63.47
CA TRP T 331 -6.66 14.72 63.35
C TRP T 331 -6.84 15.67 62.13
N GLY T 332 -7.77 15.38 61.23
CA GLY T 332 -8.04 16.19 60.02
C GLY T 332 -8.11 15.33 58.77
N PHE T 335 -8.08 12.06 55.76
CA PHE T 335 -9.11 12.16 54.68
C PHE T 335 -9.07 10.89 53.82
N GLU T 336 -10.24 10.32 53.52
CA GLU T 336 -10.40 9.07 52.72
C GLU T 336 -10.31 9.40 51.22
N GLU T 337 -10.38 10.70 50.87
CA GLU T 337 -10.16 11.22 49.49
C GLU T 337 -8.86 10.65 48.93
N MET T 338 -7.75 10.84 49.67
CA MET T 338 -6.37 10.40 49.28
C MET T 338 -6.37 8.91 48.94
N GLU T 339 -7.01 8.08 49.78
CA GLU T 339 -7.14 6.62 49.57
C GLU T 339 -8.03 6.37 48.34
N ARG T 340 -9.16 7.09 48.27
CA ARG T 340 -10.22 6.91 47.23
C ARG T 340 -9.66 7.24 45.84
N GLN T 341 -8.75 8.22 45.75
CA GLN T 341 -8.11 8.65 44.48
C GLN T 341 -6.99 7.66 44.10
N ASN T 342 -5.74 7.96 44.48
CA ASN T 342 -4.53 7.22 44.04
C ASN T 342 -3.25 7.82 44.65
N LEU T 343 -3.35 8.95 45.38
CA LEU T 343 -2.20 9.60 46.06
C LEU T 343 -2.11 9.15 47.52
N LEU T 344 -2.27 7.83 47.78
CA LEU T 344 -2.25 7.20 49.13
C LEU T 344 -2.70 5.74 49.03
N LYS T 345 -1.86 4.81 49.49
CA LYS T 345 -2.20 3.36 49.61
C LYS T 345 -1.73 2.84 50.98
N ILE T 346 -2.63 2.85 51.98
CA ILE T 346 -2.39 2.26 53.32
C ILE T 346 -2.43 0.74 53.18
N VAL T 347 -1.32 0.06 53.43
CA VAL T 347 -1.16 -1.41 53.17
C VAL T 347 -1.77 -2.18 54.35
N CYS T 348 -1.13 -2.15 55.52
CA CYS T 348 -1.56 -2.82 56.78
C CYS T 348 -1.32 -4.33 56.69
N ALA T 349 -0.38 -4.86 57.47
CA ALA T 349 -0.10 -6.32 57.62
C ALA T 349 0.36 -6.63 59.05
N TYR T 350 0.07 -7.84 59.52
CA TYR T 350 0.52 -8.39 60.83
C TYR T 350 2.01 -8.72 60.72
N PRO T 351 2.89 -8.12 61.55
CA PRO T 351 4.32 -8.40 61.49
C PRO T 351 4.69 -9.90 61.58
N GLU T 352 3.93 -10.69 62.33
CA GLU T 352 4.14 -12.16 62.49
C GLU T 352 3.25 -12.91 61.48
N SER T 353 3.07 -12.37 60.27
CA SER T 353 2.32 -12.99 59.15
C SER T 353 3.26 -13.89 58.36
N ALA T 354 4.38 -13.33 57.91
CA ALA T 354 5.48 -14.03 57.21
C ALA T 354 6.82 -13.65 57.86
N GLY T 355 7.91 -14.33 57.47
CA GLY T 355 9.29 -13.98 57.86
C GLY T 355 9.71 -12.65 57.24
N LEU T 356 10.88 -12.15 57.60
CA LEU T 356 11.35 -10.78 57.22
C LEU T 356 11.75 -10.75 55.73
N GLU T 357 12.25 -11.87 55.19
CA GLU T 357 12.54 -11.99 53.73
C GLU T 357 11.25 -11.80 52.93
N ASP T 358 10.16 -12.43 53.38
CA ASP T 358 8.84 -12.41 52.71
C ASP T 358 8.14 -11.07 52.97
N HIS T 359 8.55 -10.34 54.01
CA HIS T 359 8.12 -8.94 54.29
C HIS T 359 8.84 -7.96 53.37
N LEU T 360 10.17 -8.06 53.25
CA LEU T 360 11.03 -7.11 52.49
C LEU T 360 10.61 -7.06 51.01
N GLN T 361 10.04 -8.16 50.50
CA GLN T 361 9.54 -8.28 49.11
C GLN T 361 8.20 -7.53 48.94
N ILE T 362 7.38 -7.45 50.00
CA ILE T 362 6.04 -6.78 49.94
C ILE T 362 6.25 -5.27 49.74
N ILE T 363 7.25 -4.68 50.39
CA ILE T 363 7.61 -3.24 50.23
C ILE T 363 8.23 -3.08 48.83
N LYS T 364 9.00 -4.08 48.39
CA LYS T 364 9.71 -4.11 47.08
C LYS T 364 8.70 -4.03 45.92
N SER T 365 7.46 -4.50 46.12
CA SER T 365 6.36 -4.41 45.12
C SER T 365 5.87 -2.96 45.01
N GLU T 366 5.23 -2.42 46.05
CA GLU T 366 4.55 -1.10 46.02
C GLU T 366 5.54 0.02 45.68
N ILE T 367 6.84 -0.18 45.97
CA ILE T 367 7.94 0.75 45.56
C ILE T 367 8.05 0.73 44.03
N ASN T 368 8.05 -0.47 43.42
CA ASN T 368 8.26 -0.70 41.97
C ASN T 368 6.95 -1.18 41.32
N ASP T 369 5.80 -0.62 41.71
CA ASP T 369 4.47 -0.97 41.16
C ASP T 369 3.52 0.23 41.25
N PHE T 370 3.32 0.77 42.47
CA PHE T 370 2.46 1.95 42.75
C PHE T 370 3.25 3.25 42.51
N LYS T 371 4.57 3.15 42.35
CA LYS T 371 5.48 4.28 42.01
C LYS T 371 5.23 5.45 42.96
N PRO T 372 5.54 5.30 44.27
CA PRO T 372 5.27 6.33 45.27
C PRO T 372 6.48 7.26 45.48
N ALA T 373 6.20 8.53 45.82
CA ALA T 373 7.23 9.54 46.17
C ALA T 373 7.77 9.27 47.58
N ARG T 374 6.91 8.77 48.49
CA ARG T 374 7.23 8.57 49.93
C ARG T 374 6.75 7.19 50.40
N ILE T 375 7.54 6.55 51.28
CA ILE T 375 7.18 5.29 52.02
C ILE T 375 7.22 5.60 53.52
N ALA T 376 6.28 5.05 54.29
CA ALA T 376 6.19 5.21 55.77
C ALA T 376 5.90 3.86 56.42
N ILE T 377 6.93 3.24 57.00
CA ILE T 377 6.81 1.99 57.82
C ILE T 377 6.51 2.40 59.26
N ASP T 378 5.24 2.30 59.67
CA ASP T 378 4.74 2.61 61.04
C ASP T 378 4.20 1.33 61.67
N SER T 379 5.00 0.61 62.49
CA SER T 379 6.32 0.99 62.97
C SER T 379 7.39 0.02 62.47
N LEU T 380 8.66 0.32 62.75
CA LEU T 380 9.84 -0.53 62.42
C LEU T 380 10.01 -1.58 63.54
N SER T 381 9.97 -1.11 64.79
CA SER T 381 10.18 -1.90 66.05
C SER T 381 9.31 -3.15 66.08
N ALA T 382 8.09 -3.10 65.51
CA ALA T 382 7.13 -4.23 65.41
C ALA T 382 7.78 -5.41 64.70
N LEU T 383 8.53 -5.14 63.62
CA LEU T 383 9.20 -6.18 62.78
C LEU T 383 10.45 -6.72 63.49
N ALA T 384 10.97 -6.01 64.50
CA ALA T 384 12.09 -6.47 65.36
C ALA T 384 11.60 -7.49 66.40
N ARG T 385 10.33 -7.38 66.83
CA ARG T 385 9.73 -8.21 67.91
C ARG T 385 9.72 -9.68 67.48
N GLY T 386 10.30 -10.56 68.29
CA GLY T 386 10.33 -12.02 68.08
C GLY T 386 11.27 -12.40 66.94
N VAL T 387 12.31 -11.60 66.71
CA VAL T 387 13.37 -11.84 65.69
C VAL T 387 14.69 -11.27 66.21
N SER T 388 15.82 -11.89 65.84
CA SER T 388 17.19 -11.44 66.16
C SER T 388 17.38 -9.97 65.75
N ASN T 389 18.27 -9.25 66.43
CA ASN T 389 18.73 -7.90 66.04
C ASN T 389 19.50 -8.00 64.72
N ASN T 390 20.03 -9.19 64.42
CA ASN T 390 20.89 -9.49 63.24
C ASN T 390 20.05 -9.64 61.97
N ALA T 391 18.98 -10.43 62.02
CA ALA T 391 18.01 -10.59 60.90
C ALA T 391 17.28 -9.26 60.68
N PHE T 392 17.03 -8.50 61.75
CA PHE T 392 16.32 -7.20 61.73
C PHE T 392 17.20 -6.11 61.09
N ARG T 393 18.48 -6.03 61.47
CA ARG T 393 19.42 -4.99 60.99
C ARG T 393 19.51 -5.03 59.46
N GLN T 394 19.46 -6.24 58.87
CA GLN T 394 19.53 -6.49 57.40
C GLN T 394 18.23 -6.03 56.73
N PHE T 395 17.09 -6.23 57.39
CA PHE T 395 15.75 -5.77 56.93
C PHE T 395 15.75 -4.24 56.82
N VAL T 396 16.34 -3.57 57.80
CA VAL T 396 16.54 -2.09 57.79
C VAL T 396 17.58 -1.77 56.72
N ILE T 397 18.75 -2.42 56.78
CA ILE T 397 19.90 -2.21 55.84
C ILE T 397 19.38 -2.14 54.40
N GLY T 398 18.55 -3.11 53.98
CA GLY T 398 18.00 -3.21 52.61
C GLY T 398 16.90 -2.20 52.34
N VAL T 399 15.83 -2.23 53.14
CA VAL T 399 14.64 -1.34 53.00
C VAL T 399 15.09 0.12 53.01
N THR T 400 16.02 0.48 53.91
CA THR T 400 16.65 1.83 54.00
C THR T 400 17.39 2.11 52.69
N GLY T 401 18.08 1.09 52.17
CA GLY T 401 18.95 1.16 50.97
C GLY T 401 18.18 1.23 49.66
N TYR T 402 16.97 0.66 49.61
CA TYR T 402 16.10 0.66 48.40
C TYR T 402 15.52 2.07 48.18
N ALA T 403 14.90 2.63 49.23
CA ALA T 403 14.28 3.97 49.24
C ALA T 403 15.36 5.05 49.05
N LYS T 404 16.56 4.82 49.61
CA LYS T 404 17.74 5.72 49.46
C LYS T 404 18.23 5.69 48.01
N GLN T 405 18.20 4.51 47.37
CA GLN T 405 18.82 4.28 46.03
C GLN T 405 17.75 4.22 44.92
N GLU T 406 16.56 4.79 45.14
CA GLU T 406 15.51 5.00 44.09
C GLU T 406 14.80 6.34 44.31
N GLU T 407 15.43 7.27 45.03
CA GLU T 407 14.94 8.66 45.30
C GLU T 407 13.47 8.64 45.73
N ILE T 408 13.21 8.40 47.02
CA ILE T 408 11.84 8.43 47.64
C ILE T 408 12.00 8.64 49.15
N THR T 409 11.56 9.78 49.68
CA THR T 409 11.63 10.15 51.12
C THR T 409 11.03 9.01 51.95
N GLY T 410 11.76 8.55 52.99
CA GLY T 410 11.42 7.33 53.77
C GLY T 410 11.47 7.57 55.27
N LEU T 411 10.32 7.86 55.88
CA LEU T 411 10.19 8.04 57.35
C LEU T 411 9.77 6.71 57.98
N PHE T 412 10.63 6.18 58.87
CA PHE T 412 10.43 4.92 59.63
C PHE T 412 10.19 5.29 61.10
N THR T 413 9.13 4.74 61.71
CA THR T 413 8.74 4.99 63.13
C THR T 413 9.21 3.82 63.99
N ASN T 414 9.61 4.11 65.23
CA ASN T 414 10.20 3.12 66.19
C ASN T 414 9.75 3.48 67.61
N THR T 415 9.22 2.52 68.37
CA THR T 415 8.82 2.70 69.78
C THR T 415 9.91 2.19 70.73
N SER T 416 10.32 3.03 71.68
CA SER T 416 11.28 2.70 72.76
C SER T 416 10.58 1.83 73.80
N ASP T 417 11.20 0.69 74.16
CA ASP T 417 10.71 -0.24 75.20
C ASP T 417 10.75 0.46 76.57
N GLN T 418 11.22 1.72 76.63
CA GLN T 418 11.30 2.56 77.86
C GLN T 418 10.71 3.95 77.58
N PHE T 419 9.63 4.30 78.27
CA PHE T 419 8.86 5.56 78.07
C PHE T 419 9.65 6.75 78.60
N MET T 420 10.40 6.58 79.70
CA MET T 420 11.20 7.67 80.31
C MET T 420 12.46 7.08 80.94
N GLY T 421 13.62 7.69 80.64
CA GLY T 421 14.95 7.28 81.15
C GLY T 421 15.83 6.69 80.05
N ALA T 422 15.25 6.37 78.88
CA ALA T 422 15.96 5.78 77.72
C ALA T 422 17.18 6.64 77.37
N HIS T 423 18.36 6.00 77.26
CA HIS T 423 19.66 6.67 76.97
C HIS T 423 20.16 6.35 75.56
N SER T 424 19.66 5.28 74.92
CA SER T 424 19.91 4.95 73.50
C SER T 424 18.66 5.29 72.69
N ILE T 425 18.83 5.85 71.49
CA ILE T 425 17.73 6.35 70.62
C ILE T 425 16.80 5.17 70.33
N THR T 426 17.36 4.11 69.73
CA THR T 426 16.66 2.85 69.38
C THR T 426 17.32 1.69 70.14
N ASP T 427 16.53 0.70 70.55
CA ASP T 427 16.99 -0.50 71.30
C ASP T 427 17.54 -1.54 70.32
N SER T 428 17.24 -1.37 69.02
CA SER T 428 17.70 -2.25 67.91
C SER T 428 19.09 -1.82 67.42
N HIS T 429 19.56 -0.66 67.88
CA HIS T 429 20.87 -0.04 67.52
C HIS T 429 20.94 0.16 65.99
N ILE T 430 20.12 1.07 65.47
CA ILE T 430 20.04 1.42 64.02
C ILE T 430 19.95 2.93 63.86
N SEP T 431 20.77 3.66 64.63
CA SEP T 431 20.79 5.11 64.56
CB SEP T 431 21.18 5.69 65.91
OG SEP T 431 20.42 5.02 66.95
C SEP T 431 21.74 5.59 63.46
O SEP T 431 21.56 6.72 62.99
P SEP T 431 21.21 4.20 68.11
O1P SEP T 431 22.48 3.67 67.47
O2P SEP T 431 20.26 3.10 68.52
O3P SEP T 431 21.47 5.20 69.22
N TPO T 432 22.71 4.75 63.05
CA TPO T 432 23.70 5.09 61.99
CB TPO T 432 25.06 4.41 62.23
CG2 TPO T 432 25.88 5.15 63.25
OG1 TPO T 432 24.89 3.02 62.70
P TPO T 432 26.13 2.02 63.01
O1P TPO T 432 27.40 2.70 62.51
O2P TPO T 432 25.82 0.75 62.25
O3P TPO T 432 26.14 1.82 64.51
C TPO T 432 23.12 4.76 60.60
O TPO T 432 23.51 5.45 59.64
N ILE T 433 22.22 3.77 60.51
CA ILE T 433 21.58 3.34 59.22
C ILE T 433 20.46 4.33 58.83
N THR T 434 20.15 5.31 59.69
CA THR T 434 19.15 6.40 59.43
C THR T 434 19.90 7.74 59.31
N ASP T 435 19.51 8.58 58.34
CA ASP T 435 20.12 9.92 58.10
C ASP T 435 19.59 10.91 59.13
N THR T 436 18.27 11.11 59.14
CA THR T 436 17.55 12.06 60.03
C THR T 436 16.97 11.29 61.22
N ILE T 437 16.84 11.95 62.37
CA ILE T 437 16.34 11.36 63.65
C ILE T 437 15.53 12.44 64.39
N ILE T 438 14.20 12.31 64.39
CA ILE T 438 13.23 13.22 65.08
C ILE T 438 12.71 12.53 66.35
N LEU T 439 13.46 12.64 67.45
CA LEU T 439 13.11 12.03 68.77
C LEU T 439 11.95 12.80 69.40
N LEU T 440 10.92 12.07 69.84
CA LEU T 440 9.78 12.58 70.65
C LEU T 440 9.92 11.99 72.06
N GLN T 441 9.82 12.83 73.10
CA GLN T 441 9.95 12.38 74.51
C GLN T 441 8.86 13.03 75.38
N TYR T 442 8.42 12.32 76.41
CA TYR T 442 7.50 12.81 77.46
C TYR T 442 8.28 13.65 78.46
N VAL T 443 7.58 14.54 79.17
CA VAL T 443 8.15 15.45 80.20
C VAL T 443 7.15 15.59 81.34
N GLU T 444 7.57 15.26 82.56
CA GLU T 444 6.85 15.65 83.80
C GLU T 444 7.13 17.13 84.05
N ILE T 445 6.08 17.94 84.27
CA ILE T 445 6.19 19.40 84.51
C ILE T 445 4.91 19.90 85.18
N ARG T 446 4.99 20.20 86.48
CA ARG T 446 3.88 20.81 87.29
C ARG T 446 2.69 19.84 87.37
N GLY T 447 2.95 18.55 87.60
CA GLY T 447 1.90 17.53 87.86
C GLY T 447 1.41 16.83 86.60
N GLU T 448 1.62 17.43 85.42
CA GLU T 448 1.06 16.93 84.13
C GLU T 448 2.16 16.23 83.33
N MET T 449 1.74 15.54 82.26
CA MET T 449 2.61 14.83 81.29
C MET T 449 2.59 15.58 79.96
N SER T 450 3.38 16.65 79.86
CA SER T 450 3.64 17.37 78.58
C SER T 450 4.63 16.52 77.76
N ARG T 451 4.87 16.92 76.52
CA ARG T 451 5.68 16.17 75.54
C ARG T 451 6.54 17.16 74.76
N ALA T 452 7.67 16.70 74.21
CA ALA T 452 8.63 17.55 73.47
C ALA T 452 9.04 16.88 72.16
N ILE T 453 9.07 17.66 71.09
CA ILE T 453 9.68 17.31 69.76
C ILE T 453 11.09 17.89 69.75
N ASN T 454 12.09 17.07 69.43
CA ASN T 454 13.48 17.50 69.19
C ASN T 454 13.91 16.98 67.82
N VAL T 455 14.82 17.69 67.15
CA VAL T 455 15.60 17.11 66.02
C VAL T 455 16.97 16.71 66.58
N PHE T 456 17.23 15.42 66.62
CA PHE T 456 18.47 14.81 67.20
C PHE T 456 19.61 14.95 66.19
N LYS T 457 19.36 14.60 64.93
CA LYS T 457 20.33 14.79 63.82
C LYS T 457 19.61 14.97 62.48
N MET T 458 20.29 15.64 61.56
CA MET T 458 19.86 15.99 60.18
C MET T 458 21.12 16.03 59.32
N ARG T 459 21.53 14.88 58.78
CA ARG T 459 22.92 14.62 58.33
C ARG T 459 23.18 15.34 57.01
N GLY T 460 23.16 16.69 57.01
CA GLY T 460 23.32 17.50 55.78
C GLY T 460 22.88 18.94 55.94
N SER T 461 21.90 19.22 56.79
CA SER T 461 21.27 20.57 56.97
C SER T 461 21.63 21.13 58.35
N TRP T 462 21.07 22.30 58.69
CA TRP T 462 21.28 23.01 59.99
C TRP T 462 20.59 22.23 61.12
N HIS T 463 19.26 22.34 61.20
CA HIS T 463 18.35 21.64 62.16
C HIS T 463 18.47 22.26 63.57
N ASP T 464 17.30 22.44 64.21
CA ASP T 464 17.12 23.06 65.55
C ASP T 464 17.58 22.06 66.62
N LYS T 465 18.37 22.53 67.59
CA LYS T 465 18.99 21.68 68.64
C LYS T 465 18.10 21.61 69.89
N ALA T 466 17.01 22.39 69.95
CA ALA T 466 16.17 22.56 71.17
C ALA T 466 15.25 21.35 71.37
N ILE T 467 14.97 21.02 72.63
CA ILE T 467 13.90 20.08 73.06
C ILE T 467 12.61 20.90 73.21
N ARG T 468 11.90 21.15 72.10
CA ARG T 468 10.74 22.08 72.03
C ARG T 468 9.48 21.37 72.51
N GLU T 469 8.74 21.99 73.45
CA GLU T 469 7.45 21.47 73.98
C GLU T 469 6.38 21.59 72.90
N PHE T 470 5.53 20.57 72.73
CA PHE T 470 4.35 20.60 71.84
C PHE T 470 3.14 19.94 72.52
N MET T 471 1.97 20.14 71.91
CA MET T 471 0.66 19.60 72.36
C MET T 471 -0.16 19.22 71.13
N ILE T 472 -1.04 18.23 71.25
CA ILE T 472 -1.82 17.63 70.13
C ILE T 472 -3.30 18.02 70.27
N SER T 473 -3.98 18.19 69.13
CA SER T 473 -5.42 18.56 69.03
C SER T 473 -5.97 18.15 67.66
N ASP T 474 -7.23 18.49 67.40
CA ASP T 474 -7.97 18.20 66.14
C ASP T 474 -7.26 18.83 64.94
N LYS T 475 -6.51 19.92 65.15
CA LYS T 475 -5.73 20.65 64.11
C LYS T 475 -4.45 19.88 63.78
N GLY T 476 -3.86 19.20 64.77
CA GLY T 476 -2.63 18.39 64.62
C GLY T 476 -1.62 18.70 65.72
N PRO T 477 -0.30 18.52 65.47
CA PRO T 477 0.73 18.92 66.44
C PRO T 477 1.11 20.41 66.35
N ASP T 478 0.90 21.15 67.45
CA ASP T 478 1.33 22.57 67.60
C ASP T 478 2.63 22.60 68.41
N ILE T 479 3.78 22.81 67.73
CA ILE T 479 5.12 22.98 68.35
C ILE T 479 5.18 24.36 69.00
N LYS T 480 6.07 24.53 70.00
CA LYS T 480 6.10 25.74 70.87
C LYS T 480 7.50 25.92 71.48
N ASP T 481 7.58 26.65 72.60
CA ASP T 481 8.84 27.06 73.29
C ASP T 481 9.49 25.84 73.96
N SER T 482 10.72 26.01 74.45
CA SER T 482 11.53 24.99 75.17
C SER T 482 11.53 25.29 76.67
N PHE T 483 12.02 24.34 77.47
CA PHE T 483 12.21 24.46 78.94
C PHE T 483 13.43 25.35 79.20
N ARG T 484 13.26 26.67 79.08
CA ARG T 484 14.34 27.70 79.21
C ARG T 484 14.96 27.62 80.61
N ASN T 485 14.13 27.55 81.65
CA ASN T 485 14.54 27.62 83.07
C ASN T 485 14.34 26.26 83.76
N PHE T 486 14.65 25.15 83.07
CA PHE T 486 14.60 23.77 83.63
C PHE T 486 15.90 23.04 83.30
N GLU T 487 16.31 22.11 84.18
CA GLU T 487 17.54 21.28 84.04
C GLU T 487 17.15 19.80 84.04
N ARG T 488 17.89 18.98 83.28
CA ARG T 488 17.76 17.49 83.22
C ARG T 488 16.44 17.09 82.53
N ILE T 489 16.12 17.72 81.39
CA ILE T 489 14.88 17.45 80.60
C ILE T 489 14.99 16.08 79.92
N ILE T 490 16.16 15.76 79.35
CA ILE T 490 16.43 14.53 78.53
C ILE T 490 16.08 13.26 79.32
N SER T 491 16.22 13.28 80.66
CA SER T 491 15.91 12.15 81.57
C SER T 491 14.41 11.88 81.61
N GLY T 492 13.59 12.92 81.40
CA GLY T 492 12.12 12.86 81.46
C GLY T 492 11.60 13.65 82.65
N SER T 493 12.21 13.46 83.82
CA SER T 493 11.91 14.18 85.10
C SER T 493 12.96 15.25 85.33
N PRO T 494 12.66 16.54 85.01
CA PRO T 494 13.63 17.62 85.17
C PRO T 494 13.59 18.28 86.56
N THR T 495 14.41 19.32 86.74
CA THR T 495 14.47 20.18 87.97
C THR T 495 14.40 21.64 87.53
N ARG T 496 13.38 22.37 87.99
CA ARG T 496 13.07 23.77 87.58
C ARG T 496 14.14 24.70 88.15
N ILE T 497 15.10 25.12 87.31
CA ILE T 497 16.24 26.01 87.67
C ILE T 497 15.81 27.48 87.51
N ALA U 17 8.65 -55.15 105.19
CA ALA U 17 9.43 -54.31 104.24
C ALA U 17 10.70 -55.05 103.79
N ILE U 18 11.19 -54.75 102.58
CA ILE U 18 12.44 -55.33 102.00
C ILE U 18 13.62 -54.95 102.91
N ALA U 19 13.97 -55.84 103.84
CA ALA U 19 15.05 -55.66 104.85
C ALA U 19 16.40 -55.61 104.14
N LYS U 20 17.32 -54.79 104.66
CA LYS U 20 18.58 -54.41 103.97
C LYS U 20 19.79 -54.78 104.82
N MET U 21 20.91 -55.00 104.13
CA MET U 21 22.23 -55.33 104.70
C MET U 21 23.08 -54.06 104.75
N ARG U 22 23.57 -53.69 105.92
CA ARG U 22 24.38 -52.47 106.16
C ARG U 22 25.68 -52.57 105.35
N THR U 23 25.94 -51.63 104.44
CA THR U 23 27.17 -51.55 103.63
C THR U 23 28.33 -51.02 104.48
N MET U 24 28.02 -50.15 105.46
CA MET U 24 29.00 -49.49 106.35
C MET U 24 29.94 -48.62 105.50
N ILE U 25 29.37 -47.88 104.55
CA ILE U 25 30.07 -46.87 103.71
C ILE U 25 29.54 -45.49 104.11
N GLU U 26 30.45 -44.55 104.42
CA GLU U 26 30.15 -43.21 104.99
C GLU U 26 29.05 -42.52 104.17
N GLY U 27 27.81 -42.61 104.64
CA GLY U 27 26.65 -41.90 104.07
C GLY U 27 25.87 -42.71 103.05
N PHE U 28 26.22 -43.99 102.83
CA PHE U 28 25.53 -44.87 101.85
C PHE U 28 24.28 -45.50 102.49
N ASP U 29 24.45 -46.13 103.66
CA ASP U 29 23.30 -46.62 104.48
C ASP U 29 22.36 -45.44 104.72
N ASP U 30 22.93 -44.27 105.02
CA ASP U 30 22.21 -42.97 105.15
C ASP U 30 21.49 -42.66 103.82
N ILE U 31 22.15 -42.92 102.69
CA ILE U 31 21.64 -42.62 101.32
C ILE U 31 20.62 -43.67 100.87
N SER U 32 20.52 -44.81 101.57
CA SER U 32 19.65 -45.96 101.18
C SER U 32 18.75 -46.44 102.33
N HIS U 33 18.56 -45.60 103.36
CA HIS U 33 17.54 -45.78 104.43
C HIS U 33 17.67 -47.16 105.11
N GLY U 34 18.88 -47.72 105.17
CA GLY U 34 19.11 -49.05 105.78
C GLY U 34 20.33 -49.74 105.19
N GLY U 35 20.48 -49.73 103.86
CA GLY U 35 21.60 -50.36 103.13
C GLY U 35 21.17 -50.86 101.76
N LEU U 36 21.83 -51.93 101.29
CA LEU U 36 21.49 -52.65 100.02
C LEU U 36 20.58 -53.82 100.37
N PRO U 37 19.33 -53.86 99.84
CA PRO U 37 18.35 -54.90 100.21
C PRO U 37 18.90 -56.33 100.17
N ILE U 38 18.68 -57.08 101.24
CA ILE U 38 19.23 -58.45 101.47
C ILE U 38 18.51 -59.45 100.56
N GLY U 39 19.24 -60.44 100.04
CA GLY U 39 18.72 -61.55 99.22
C GLY U 39 18.66 -61.21 97.74
N ARG U 40 19.17 -60.05 97.34
CA ARG U 40 19.12 -59.56 95.94
C ARG U 40 20.49 -59.03 95.50
N SER U 41 20.71 -59.01 94.19
CA SER U 41 21.86 -58.33 93.54
C SER U 41 21.59 -56.83 93.51
N THR U 42 22.64 -56.05 93.24
CA THR U 42 22.62 -54.57 93.17
C THR U 42 23.65 -54.14 92.12
N LEU U 43 23.23 -53.32 91.15
CA LEU U 43 24.09 -52.95 90.00
C LEU U 43 24.77 -51.61 90.25
N VAL U 44 26.06 -51.66 90.62
CA VAL U 44 26.96 -50.48 90.72
C VAL U 44 27.65 -50.28 89.36
N SER U 45 27.15 -49.35 88.54
CA SER U 45 27.67 -49.08 87.17
C SER U 45 28.30 -47.67 87.11
N GLY U 46 29.05 -47.40 86.04
CA GLY U 46 29.70 -46.10 85.79
C GLY U 46 30.76 -46.20 84.69
N THR U 47 31.57 -45.14 84.54
CA THR U 47 32.63 -44.99 83.50
C THR U 47 33.98 -45.48 84.07
N SER U 48 35.10 -44.86 83.68
CA SER U 48 36.48 -45.35 83.97
C SER U 48 36.94 -44.88 85.36
N GLY U 49 37.27 -45.84 86.24
CA GLY U 49 37.79 -45.57 87.60
C GLY U 49 36.90 -44.61 88.36
N THR U 50 35.65 -45.02 88.65
CA THR U 50 34.61 -44.20 89.31
C THR U 50 34.35 -44.65 90.75
N GLY U 51 34.74 -45.88 91.12
CA GLY U 51 34.44 -46.46 92.45
C GLY U 51 34.02 -47.92 92.40
N LYS U 52 33.85 -48.51 91.21
CA LYS U 52 33.20 -49.83 90.98
C LYS U 52 33.86 -50.94 91.81
N THR U 53 35.12 -51.30 91.53
CA THR U 53 35.86 -52.36 92.26
C THR U 53 36.08 -51.92 93.71
N LEU U 54 36.27 -50.61 93.94
CA LEU U 54 36.40 -50.01 95.29
C LEU U 54 35.12 -50.31 96.09
N PHE U 55 33.97 -49.87 95.59
CA PHE U 55 32.62 -50.12 96.19
C PHE U 55 32.47 -51.62 96.45
N SER U 56 32.70 -52.44 95.42
CA SER U 56 32.53 -53.92 95.43
C SER U 56 33.42 -54.55 96.51
N ILE U 57 34.71 -54.20 96.53
CA ILE U 57 35.71 -54.68 97.52
C ILE U 57 35.34 -54.14 98.91
N GLN U 58 35.00 -52.85 99.00
CA GLN U 58 34.65 -52.16 100.27
C GLN U 58 33.47 -52.90 100.93
N PHE U 59 32.39 -53.13 100.18
CA PHE U 59 31.13 -53.75 100.67
C PHE U 59 31.41 -55.12 101.31
N LEU U 60 32.34 -55.90 100.72
CA LEU U 60 32.69 -57.26 101.22
C LEU U 60 33.59 -57.14 102.46
N TYR U 61 34.57 -56.22 102.44
CA TYR U 61 35.56 -55.99 103.53
C TYR U 61 34.86 -55.60 104.84
N ASN U 62 33.79 -54.79 104.76
CA ASN U 62 33.07 -54.23 105.92
C ASN U 62 32.24 -55.34 106.59
N GLY U 63 31.59 -56.17 105.78
CA GLY U 63 30.79 -57.33 106.23
C GLY U 63 31.60 -58.29 107.08
N ILE U 64 32.92 -58.40 106.83
CA ILE U 64 33.86 -59.29 107.57
C ILE U 64 34.48 -58.51 108.74
N ILE U 65 35.12 -57.37 108.44
CA ILE U 65 35.94 -56.58 109.42
C ILE U 65 35.03 -55.96 110.49
N GLU U 66 33.76 -55.69 110.19
CA GLU U 66 32.83 -54.93 111.08
C GLU U 66 31.59 -55.75 111.46
N PHE U 67 31.50 -57.03 111.06
CA PHE U 67 30.26 -57.84 111.13
C PHE U 67 30.55 -59.35 111.20
N ASP U 68 31.49 -59.85 110.40
CA ASP U 68 31.89 -61.28 110.32
C ASP U 68 30.87 -62.05 109.47
N GLU U 69 30.60 -61.54 108.26
CA GLU U 69 29.75 -62.16 107.21
C GLU U 69 30.65 -62.54 106.04
N PRO U 70 31.06 -63.82 105.90
CA PRO U 70 32.08 -64.20 104.92
C PRO U 70 31.68 -63.82 103.48
N GLY U 71 32.69 -63.49 102.66
CA GLY U 71 32.49 -62.87 101.34
C GLY U 71 33.16 -63.66 100.23
N VAL U 72 32.53 -63.67 99.06
CA VAL U 72 33.09 -64.20 97.78
C VAL U 72 33.29 -63.00 96.85
N PHE U 73 34.35 -63.05 96.03
CA PHE U 73 34.66 -62.00 95.02
C PHE U 73 35.00 -62.66 93.69
N VAL U 74 34.06 -62.60 92.73
CA VAL U 74 34.23 -63.10 91.33
C VAL U 74 34.84 -61.97 90.50
N THR U 75 36.09 -62.13 90.07
CA THR U 75 36.83 -61.15 89.22
C THR U 75 37.09 -61.79 87.85
N PHE U 76 36.74 -61.06 86.78
CA PHE U 76 36.95 -61.47 85.36
C PHE U 76 38.18 -60.74 84.79
N GLU U 77 38.20 -59.40 84.91
CA GLU U 77 39.24 -58.52 84.33
C GLU U 77 40.58 -58.74 85.05
N GLU U 78 40.76 -58.10 86.22
CA GLU U 78 42.06 -58.03 86.96
C GLU U 78 42.37 -59.38 87.61
N THR U 79 43.66 -59.65 87.85
CA THR U 79 44.18 -60.91 88.45
C THR U 79 43.76 -60.99 89.91
N PRO U 80 43.62 -62.21 90.50
CA PRO U 80 43.30 -62.35 91.91
C PRO U 80 44.45 -61.89 92.83
N GLN U 81 45.69 -61.96 92.34
CA GLN U 81 46.92 -61.50 93.05
C GLN U 81 47.03 -59.97 92.94
N ASP U 82 46.64 -59.41 91.79
CA ASP U 82 46.64 -57.95 91.52
C ASP U 82 45.46 -57.29 92.25
N ILE U 83 44.42 -58.05 92.58
CA ILE U 83 43.21 -57.56 93.32
C ILE U 83 43.62 -57.18 94.75
N ILE U 84 44.39 -58.06 95.42
CA ILE U 84 44.83 -57.91 96.84
C ILE U 84 45.83 -56.76 96.97
N LYS U 85 46.74 -56.61 95.99
CA LYS U 85 47.79 -55.55 95.97
C LYS U 85 47.14 -54.19 95.68
N ASN U 86 46.38 -54.11 94.58
CA ASN U 86 45.79 -52.84 94.05
C ASN U 86 44.99 -52.13 95.15
N ALA U 87 44.17 -52.85 95.91
CA ALA U 87 43.17 -52.31 96.86
C ALA U 87 43.76 -52.08 98.25
N ARG U 88 45.09 -52.11 98.39
CA ARG U 88 45.79 -51.93 99.70
C ARG U 88 46.16 -50.45 99.91
N SER U 89 45.90 -49.58 98.92
CA SER U 89 46.10 -48.11 99.04
C SER U 89 45.17 -47.56 100.11
N PHE U 90 43.96 -48.12 100.22
CA PHE U 90 42.92 -47.73 101.21
C PHE U 90 43.02 -48.61 102.48
N GLY U 91 44.21 -49.15 102.76
CA GLY U 91 44.61 -49.63 104.10
C GLY U 91 43.98 -50.95 104.51
N TRP U 92 43.51 -51.77 103.56
CA TRP U 92 42.98 -53.13 103.83
C TRP U 92 43.92 -54.17 103.22
N ASP U 93 44.49 -55.05 104.06
CA ASP U 93 45.35 -56.20 103.63
C ASP U 93 44.45 -57.44 103.52
N LEU U 94 43.70 -57.55 102.42
CA LEU U 94 42.68 -58.61 102.17
C LEU U 94 43.34 -60.00 102.12
N ALA U 95 44.63 -60.07 101.77
CA ALA U 95 45.47 -61.29 101.81
C ALA U 95 45.28 -61.99 103.17
N LYS U 96 45.30 -61.22 104.26
CA LYS U 96 45.07 -61.68 105.65
C LYS U 96 43.62 -62.18 105.79
N LEU U 97 42.65 -61.46 105.19
CA LEU U 97 41.21 -61.82 105.18
C LEU U 97 41.00 -63.14 104.42
N VAL U 98 41.84 -63.42 103.42
CA VAL U 98 41.76 -64.65 102.57
C VAL U 98 42.27 -65.87 103.36
N ASP U 99 43.45 -65.75 103.98
CA ASP U 99 44.19 -66.87 104.63
C ASP U 99 43.35 -67.46 105.78
N GLU U 100 42.66 -66.62 106.56
CA GLU U 100 41.89 -67.01 107.77
C GLU U 100 40.60 -67.75 107.38
N GLY U 101 40.10 -67.51 106.16
CA GLY U 101 38.94 -68.23 105.58
C GLY U 101 37.65 -67.42 105.64
N LYS U 102 37.73 -66.10 105.47
CA LYS U 102 36.56 -65.18 105.52
C LYS U 102 36.25 -64.63 104.12
N LEU U 103 37.28 -64.42 103.29
CA LEU U 103 37.19 -63.85 101.92
C LEU U 103 37.80 -64.84 100.92
N PHE U 104 37.10 -65.13 99.82
CA PHE U 104 37.53 -66.08 98.76
C PHE U 104 37.46 -65.41 97.38
N ILE U 105 38.57 -64.81 96.94
CA ILE U 105 38.70 -64.17 95.60
C ILE U 105 38.81 -65.29 94.54
N LEU U 106 37.69 -65.65 93.92
CA LEU U 106 37.60 -66.69 92.85
C LEU U 106 38.17 -66.13 91.55
N ASP U 107 39.23 -66.75 91.02
CA ASP U 107 39.93 -66.34 89.77
C ASP U 107 39.06 -66.70 88.57
N ALA U 108 38.78 -65.73 87.69
CA ALA U 108 38.15 -65.96 86.37
C ALA U 108 38.86 -65.12 85.30
N SER U 109 40.19 -65.01 85.40
CA SER U 109 41.07 -64.41 84.36
C SER U 109 41.28 -65.45 83.24
N PRO U 110 40.82 -65.18 82.00
CA PRO U 110 40.94 -66.17 80.92
C PRO U 110 42.27 -66.09 80.17
N ASP U 111 43.20 -67.02 80.46
CA ASP U 111 44.52 -67.17 79.79
C ASP U 111 45.32 -65.87 79.96
N PHE U 121 29.01 -73.01 79.51
CA PHE U 121 29.77 -73.01 80.80
C PHE U 121 30.28 -71.61 81.17
N ASP U 122 30.01 -70.58 80.36
CA ASP U 122 30.46 -69.19 80.58
C ASP U 122 29.80 -68.64 81.86
N LEU U 123 28.50 -68.35 81.80
CA LEU U 123 27.69 -67.83 82.94
C LEU U 123 26.79 -68.96 83.48
N SER U 124 27.38 -70.13 83.75
CA SER U 124 26.66 -71.37 84.12
C SER U 124 27.49 -72.21 85.10
N ALA U 125 28.73 -72.54 84.74
CA ALA U 125 29.74 -73.15 85.64
C ALA U 125 30.05 -72.17 86.77
N LEU U 126 30.00 -70.86 86.48
CA LEU U 126 30.19 -69.76 87.46
C LEU U 126 29.17 -69.88 88.59
N ILE U 127 27.88 -70.07 88.26
CA ILE U 127 26.78 -70.27 89.25
C ILE U 127 27.15 -71.48 90.14
N GLU U 128 27.66 -72.55 89.53
CA GLU U 128 28.05 -73.81 90.22
C GLU U 128 29.21 -73.52 91.19
N ARG U 129 30.17 -72.68 90.77
CA ARG U 129 31.39 -72.35 91.57
C ARG U 129 31.09 -71.31 92.65
N ILE U 130 30.02 -70.52 92.50
CA ILE U 130 29.58 -69.49 93.50
C ILE U 130 28.69 -70.15 94.57
N ASN U 131 27.93 -71.18 94.19
CA ASN U 131 27.07 -71.98 95.12
C ASN U 131 27.98 -72.79 96.05
N TYR U 132 29.02 -73.42 95.49
CA TYR U 132 30.09 -74.15 96.23
C TYR U 132 30.90 -73.14 97.06
N ALA U 133 31.21 -71.96 96.49
CA ALA U 133 31.91 -70.87 97.21
C ALA U 133 31.07 -70.46 98.43
N ILE U 134 29.79 -70.18 98.22
CA ILE U 134 28.83 -69.72 99.27
C ILE U 134 28.69 -70.82 100.33
N GLN U 135 28.21 -72.01 99.94
CA GLN U 135 27.85 -73.13 100.85
C GLN U 135 29.07 -73.58 101.67
N LYS U 136 30.25 -73.66 101.04
CA LYS U 136 31.51 -74.16 101.67
C LYS U 136 32.06 -73.12 102.64
N TYR U 137 32.10 -71.84 102.23
CA TYR U 137 32.72 -70.72 102.98
C TYR U 137 31.71 -70.02 103.88
N ARG U 138 30.46 -70.51 103.95
CA ARG U 138 29.39 -70.01 104.86
C ARG U 138 29.15 -68.51 104.60
N ALA U 139 29.15 -68.10 103.33
CA ALA U 139 29.15 -66.69 102.89
C ALA U 139 27.74 -66.09 102.99
N ARG U 140 27.66 -64.77 103.25
CA ARG U 140 26.38 -64.00 103.33
C ARG U 140 26.32 -62.92 102.24
N ARG U 141 27.47 -62.42 101.77
CA ARG U 141 27.51 -61.32 100.76
C ARG U 141 28.63 -61.57 99.73
N VAL U 142 28.23 -61.75 98.47
CA VAL U 142 29.15 -61.94 97.30
C VAL U 142 29.25 -60.60 96.56
N SER U 143 30.31 -60.43 95.76
CA SER U 143 30.49 -59.31 94.80
C SER U 143 31.04 -59.86 93.48
N ILE U 144 30.35 -59.55 92.36
CA ILE U 144 30.74 -59.96 90.98
C ILE U 144 31.30 -58.73 90.25
N ASP U 145 32.55 -58.79 89.79
CA ASP U 145 33.23 -57.69 89.07
C ASP U 145 34.27 -58.26 88.10
N SER U 146 34.11 -58.02 86.79
CA SER U 146 33.05 -57.21 86.22
C SER U 146 32.28 -58.01 85.17
N VAL U 147 30.95 -57.87 85.15
CA VAL U 147 30.01 -58.68 84.32
C VAL U 147 29.96 -58.13 82.89
N THR U 148 30.22 -56.83 82.70
CA THR U 148 30.19 -56.12 81.40
C THR U 148 31.08 -56.83 80.37
N SER U 149 32.27 -57.29 80.77
CA SER U 149 33.37 -57.74 79.87
C SER U 149 33.05 -59.08 79.19
N VAL U 150 32.33 -59.97 79.88
CA VAL U 150 32.16 -61.42 79.50
C VAL U 150 31.66 -61.54 78.06
N PHE U 151 30.51 -60.91 77.75
CA PHE U 151 29.79 -61.07 76.46
C PHE U 151 30.58 -60.41 75.32
N ASP U 155 27.94 -61.03 71.42
CA ASP U 155 26.64 -60.96 72.14
C ASP U 155 26.00 -59.59 71.90
N ALA U 156 24.69 -59.56 71.60
CA ALA U 156 23.92 -58.35 71.24
C ALA U 156 23.30 -57.71 72.50
N SER U 157 22.57 -56.60 72.30
CA SER U 157 21.75 -55.92 73.34
C SER U 157 20.69 -56.88 73.86
N SER U 158 20.05 -57.63 72.95
CA SER U 158 19.03 -58.68 73.27
C SER U 158 19.68 -59.83 74.04
N VAL U 159 20.88 -60.24 73.65
CA VAL U 159 21.61 -61.44 74.17
C VAL U 159 22.19 -61.16 75.56
N VAL U 160 22.62 -59.91 75.82
CA VAL U 160 23.25 -59.49 77.11
C VAL U 160 22.20 -59.56 78.22
N ARG U 161 21.01 -58.98 78.00
CA ARG U 161 19.88 -58.92 78.96
C ARG U 161 19.48 -60.33 79.40
N ARG U 162 19.50 -61.30 78.47
CA ARG U 162 19.07 -62.70 78.71
C ARG U 162 20.01 -63.38 79.70
N GLU U 163 21.31 -63.46 79.37
CA GLU U 163 22.37 -64.15 80.18
C GLU U 163 22.45 -63.52 81.56
N LEU U 164 22.19 -62.21 81.68
CA LEU U 164 22.18 -61.44 82.95
C LEU U 164 21.14 -62.05 83.91
N PHE U 165 19.92 -62.31 83.42
CA PHE U 165 18.78 -62.80 84.24
C PHE U 165 19.12 -64.16 84.87
N ARG U 166 19.69 -65.08 84.08
CA ARG U 166 20.02 -66.47 84.53
C ARG U 166 21.02 -66.42 85.70
N LEU U 167 21.98 -65.50 85.67
CA LEU U 167 22.97 -65.28 86.75
C LEU U 167 22.27 -64.62 87.95
N VAL U 168 21.66 -63.46 87.71
CA VAL U 168 20.99 -62.61 88.74
C VAL U 168 19.93 -63.46 89.47
N ALA U 169 19.03 -64.11 88.72
CA ALA U 169 17.82 -64.78 89.24
C ALA U 169 18.13 -66.22 89.68
N ARG U 170 19.37 -66.69 89.52
CA ARG U 170 19.87 -67.94 90.15
C ARG U 170 20.41 -67.60 91.54
N LEU U 171 21.30 -66.59 91.61
CA LEU U 171 21.88 -66.05 92.88
C LEU U 171 20.75 -65.61 93.82
N LYS U 172 19.58 -65.25 93.27
CA LYS U 172 18.35 -64.91 94.04
C LYS U 172 17.84 -66.17 94.76
N GLN U 173 17.77 -67.30 94.04
CA GLN U 173 17.33 -68.62 94.58
C GLN U 173 18.37 -69.13 95.60
N ILE U 174 19.65 -68.84 95.37
CA ILE U 174 20.76 -69.17 96.31
C ILE U 174 20.57 -68.35 97.59
N GLY U 175 20.14 -67.09 97.45
CA GLY U 175 19.75 -66.20 98.57
C GLY U 175 20.94 -65.40 99.10
N ALA U 176 21.69 -64.77 98.21
CA ALA U 176 22.90 -63.97 98.53
C ALA U 176 22.76 -62.56 97.94
N THR U 177 23.13 -61.54 98.73
CA THR U 177 23.15 -60.12 98.31
C THR U 177 24.46 -59.85 97.56
N THR U 178 24.41 -59.02 96.53
CA THR U 178 25.51 -58.91 95.54
C THR U 178 25.62 -57.50 94.97
N VAL U 179 26.86 -57.09 94.69
CA VAL U 179 27.22 -55.84 93.96
C VAL U 179 27.69 -56.25 92.56
N MET U 180 26.77 -56.37 91.61
CA MET U 180 27.07 -56.52 90.16
C MET U 180 27.61 -55.17 89.67
N THR U 181 28.55 -55.20 88.72
CA THR U 181 29.44 -54.05 88.36
C THR U 181 29.50 -53.87 86.85
N THR U 182 28.81 -52.85 86.32
CA THR U 182 28.62 -52.62 84.86
C THR U 182 29.43 -51.40 84.40
N GLU U 183 29.79 -51.37 83.11
CA GLU U 183 30.63 -50.31 82.49
C GLU U 183 29.75 -49.39 81.63
N ARG U 184 30.09 -48.10 81.59
CA ARG U 184 29.45 -47.06 80.75
C ARG U 184 30.50 -46.34 79.91
N ILE U 185 30.08 -45.69 78.83
CA ILE U 185 30.94 -44.81 77.97
C ILE U 185 30.77 -43.37 78.46
N GLU U 186 30.13 -42.50 77.65
CA GLU U 186 29.98 -41.04 77.93
C GLU U 186 29.25 -40.83 79.25
N GLU U 187 29.48 -39.68 79.89
CA GLU U 187 28.94 -39.35 81.24
C GLU U 187 27.47 -38.93 81.10
N TYR U 188 27.14 -38.22 80.02
CA TYR U 188 25.75 -37.82 79.66
C TYR U 188 25.16 -38.85 78.69
N GLY U 189 24.58 -39.93 79.21
CA GLY U 189 24.08 -41.06 78.40
C GLY U 189 23.49 -42.20 79.24
N PRO U 190 23.38 -43.43 78.66
CA PRO U 190 22.70 -44.56 79.30
C PRO U 190 23.42 -45.19 80.51
N ILE U 191 22.68 -45.98 81.28
CA ILE U 191 23.03 -46.49 82.64
C ILE U 191 23.95 -47.72 82.54
N ALA U 192 23.79 -48.56 81.52
CA ALA U 192 24.58 -49.79 81.29
C ALA U 192 25.20 -49.76 79.89
N ARG U 193 26.11 -50.72 79.62
CA ARG U 193 26.81 -50.85 78.32
C ARG U 193 25.78 -51.17 77.22
N TYR U 194 24.85 -52.09 77.50
CA TYR U 194 23.92 -52.69 76.51
C TYR U 194 22.45 -52.46 76.91
N GLY U 195 22.13 -51.27 77.43
CA GLY U 195 20.74 -50.84 77.76
C GLY U 195 19.81 -52.02 77.97
N VAL U 196 20.01 -52.75 79.07
CA VAL U 196 19.34 -54.07 79.34
C VAL U 196 19.66 -54.53 80.77
N GLU U 197 20.86 -54.21 81.26
CA GLU U 197 21.34 -54.53 82.63
C GLU U 197 20.75 -53.51 83.62
N GLU U 198 20.31 -52.34 83.12
CA GLU U 198 19.74 -51.26 83.96
C GLU U 198 18.26 -51.54 84.28
N PHE U 199 17.65 -52.54 83.63
CA PHE U 199 16.22 -52.93 83.85
C PHE U 199 16.12 -54.29 84.57
N VAL U 200 17.04 -55.21 84.29
CA VAL U 200 17.02 -56.61 84.84
C VAL U 200 17.22 -56.57 86.36
N SER U 201 18.06 -55.65 86.86
CA SER U 201 18.46 -55.54 88.29
C SER U 201 17.31 -54.96 89.12
N ASP U 202 17.14 -55.47 90.34
CA ASP U 202 16.17 -54.97 91.36
C ASP U 202 16.65 -53.61 91.87
N ASN U 203 17.95 -53.51 92.20
CA ASN U 203 18.61 -52.32 92.79
C ASN U 203 19.68 -51.83 91.80
N VAL U 204 19.59 -50.56 91.37
CA VAL U 204 20.51 -49.97 90.35
C VAL U 204 21.19 -48.74 90.96
N VAL U 205 22.52 -48.71 90.88
CA VAL U 205 23.40 -47.64 91.44
C VAL U 205 24.32 -47.14 90.33
N ILE U 206 24.16 -45.87 89.92
CA ILE U 206 24.91 -45.24 88.80
C ILE U 206 25.99 -44.34 89.41
N LEU U 207 27.27 -44.74 89.30
CA LEU U 207 28.44 -43.91 89.68
C LEU U 207 28.79 -42.98 88.53
N ARG U 208 29.06 -41.72 88.86
CA ARG U 208 29.30 -40.61 87.90
C ARG U 208 30.71 -40.07 88.12
N ASN U 209 31.13 -39.12 87.28
CA ASN U 209 32.40 -38.39 87.41
C ASN U 209 32.35 -37.16 86.49
N VAL U 210 31.32 -36.31 86.66
CA VAL U 210 31.06 -35.10 85.83
C VAL U 210 32.31 -34.21 85.87
N LEU U 211 32.54 -33.44 84.80
CA LEU U 211 33.77 -32.61 84.63
C LEU U 211 33.42 -31.14 84.90
N GLU U 212 32.95 -30.40 83.88
CA GLU U 212 32.72 -28.92 83.91
C GLU U 212 34.06 -28.19 84.07
N GLY U 213 34.07 -26.90 83.72
CA GLY U 213 35.19 -25.96 83.94
C GLY U 213 36.53 -26.57 83.57
N GLU U 214 37.22 -27.22 84.52
CA GLU U 214 38.50 -27.92 84.27
C GLU U 214 38.84 -28.92 85.40
N ARG U 215 37.84 -29.46 86.11
CA ARG U 215 38.04 -30.38 87.28
C ARG U 215 37.21 -31.65 87.06
N ARG U 216 37.01 -32.45 88.12
CA ARG U 216 36.26 -33.74 88.07
C ARG U 216 35.54 -33.98 89.41
N ARG U 217 34.22 -33.81 89.42
CA ARG U 217 33.33 -33.99 90.61
C ARG U 217 32.65 -35.37 90.52
N ARG U 218 32.80 -36.20 91.54
CA ARG U 218 32.24 -37.58 91.62
C ARG U 218 30.92 -37.54 92.41
N THR U 219 29.91 -38.28 91.95
CA THR U 219 28.63 -38.50 92.69
C THR U 219 28.19 -39.97 92.57
N LEU U 220 27.58 -40.49 93.63
CA LEU U 220 26.75 -41.72 93.61
C LEU U 220 25.34 -41.35 93.15
N GLU U 221 24.46 -42.35 93.02
CA GLU U 221 23.01 -42.19 92.79
C GLU U 221 22.35 -43.56 92.82
N ILE U 222 21.62 -43.86 93.90
CA ILE U 222 20.67 -45.02 93.96
C ILE U 222 19.49 -44.66 93.04
N LEU U 223 19.48 -45.20 91.82
CA LEU U 223 18.44 -44.92 90.79
C LEU U 223 17.11 -45.52 91.26
N LYS U 224 17.12 -46.79 91.65
CA LYS U 224 15.92 -47.51 92.14
C LYS U 224 16.32 -48.61 93.13
N LEU U 225 15.36 -48.99 93.98
CA LEU U 225 15.38 -50.20 94.82
C LEU U 225 13.95 -50.73 94.92
N ARG U 226 13.60 -51.71 94.08
CA ARG U 226 12.26 -52.37 94.07
C ARG U 226 11.99 -52.89 95.48
N GLY U 227 10.92 -52.41 96.11
CA GLY U 227 10.55 -52.76 97.50
C GLY U 227 10.55 -51.53 98.39
N THR U 228 11.74 -51.02 98.74
CA THR U 228 11.92 -49.97 99.78
C THR U 228 12.25 -48.60 99.17
N SER U 229 12.10 -47.56 100.00
CA SER U 229 12.41 -46.15 99.68
C SER U 229 13.91 -45.90 99.83
N HIS U 230 14.39 -44.79 99.27
CA HIS U 230 15.79 -44.30 99.36
C HIS U 230 15.80 -42.79 99.09
N MET U 231 16.96 -42.15 99.21
CA MET U 231 17.14 -40.72 98.83
C MET U 231 17.26 -40.69 97.29
N LYS U 232 16.76 -39.63 96.65
CA LYS U 232 16.69 -39.51 95.17
C LYS U 232 17.61 -38.38 94.70
N GLY U 233 18.56 -38.69 93.81
CA GLY U 233 19.45 -37.71 93.16
C GLY U 233 20.91 -38.15 93.17
N GLU U 234 21.82 -37.25 92.79
CA GLU U 234 23.28 -37.47 92.74
C GLU U 234 23.96 -36.70 93.89
N TYR U 235 24.53 -37.43 94.86
CA TYR U 235 25.26 -36.88 96.03
C TYR U 235 26.76 -36.96 95.79
N PRO U 236 27.56 -35.98 96.26
CA PRO U 236 29.00 -35.99 96.02
C PRO U 236 29.75 -37.00 96.90
N PHE U 237 30.73 -37.69 96.30
CA PHE U 237 31.58 -38.71 96.94
C PHE U 237 33.03 -38.23 96.91
N THR U 238 33.91 -38.96 97.61
CA THR U 238 35.39 -38.83 97.54
C THR U 238 36.01 -40.19 97.86
N ILE U 239 36.96 -40.63 97.02
CA ILE U 239 37.68 -41.94 97.16
C ILE U 239 39.08 -41.65 97.73
N THR U 240 39.22 -41.72 99.06
CA THR U 240 40.47 -41.41 99.82
C THR U 240 41.13 -42.71 100.30
N ASP U 241 42.21 -42.58 101.08
CA ASP U 241 42.92 -43.70 101.76
C ASP U 241 42.02 -44.31 102.84
N HIS U 242 40.96 -43.61 103.26
CA HIS U 242 39.93 -44.12 104.22
C HIS U 242 38.90 -44.96 103.45
N GLY U 243 38.70 -44.68 102.16
CA GLY U 243 37.80 -45.44 101.26
C GLY U 243 36.81 -44.53 100.56
N ILE U 244 35.63 -45.06 100.24
CA ILE U 244 34.46 -44.27 99.71
C ILE U 244 33.81 -43.55 100.90
N ASN U 245 33.72 -42.21 100.83
CA ASN U 245 33.04 -41.38 101.86
C ASN U 245 32.08 -40.42 101.14
N ILE U 246 30.80 -40.51 101.47
CA ILE U 246 29.68 -39.74 100.86
C ILE U 246 29.22 -38.67 101.86
N PHE U 247 28.77 -37.52 101.37
CA PHE U 247 28.33 -36.35 102.19
C PHE U 247 26.90 -35.99 101.80
N PRO U 248 25.88 -36.77 102.22
CA PRO U 248 24.48 -36.41 101.96
C PRO U 248 24.08 -35.10 102.66
N LEU U 249 23.54 -34.15 101.90
CA LEU U 249 23.00 -32.87 102.42
C LEU U 249 21.57 -33.10 102.93
N SER U 258 21.98 -24.91 120.52
CA SER U 258 22.42 -23.50 120.36
C SER U 258 22.27 -22.76 121.69
N SER U 259 23.38 -22.31 122.27
CA SER U 259 23.46 -21.69 123.62
C SER U 259 23.24 -20.18 123.53
N ASN U 260 23.23 -19.51 124.69
CA ASN U 260 23.26 -18.03 124.83
C ASN U 260 24.67 -17.61 125.26
N VAL U 261 25.58 -18.56 125.48
CA VAL U 261 26.99 -18.33 125.91
C VAL U 261 27.65 -17.39 124.91
N ARG U 262 28.40 -16.39 125.40
CA ARG U 262 29.08 -15.38 124.54
C ARG U 262 30.56 -15.72 124.39
N VAL U 263 31.22 -15.11 123.40
CA VAL U 263 32.65 -15.35 123.01
C VAL U 263 33.22 -14.06 122.41
N SER U 264 34.51 -13.80 122.61
CA SER U 264 35.20 -12.55 122.18
C SER U 264 35.52 -12.60 120.68
N SER U 265 35.28 -11.50 119.98
CA SER U 265 35.52 -11.29 118.53
C SER U 265 37.02 -11.18 118.23
N GLY U 266 37.81 -10.80 119.25
CA GLY U 266 39.19 -10.32 119.11
C GLY U 266 39.29 -8.86 119.50
N VAL U 267 38.25 -8.08 119.18
CA VAL U 267 38.16 -6.62 119.43
C VAL U 267 37.13 -6.38 120.56
N VAL U 268 37.58 -5.76 121.66
CA VAL U 268 36.74 -5.45 122.85
C VAL U 268 35.62 -4.49 122.45
N ARG U 269 35.89 -3.59 121.50
CA ARG U 269 34.90 -2.59 121.01
C ARG U 269 33.83 -3.29 120.15
N LEU U 270 34.23 -4.19 119.26
CA LEU U 270 33.29 -5.00 118.42
C LEU U 270 32.39 -5.80 119.37
N ASP U 271 32.99 -6.37 120.43
CA ASP U 271 32.30 -7.12 121.51
C ASP U 271 31.19 -6.24 122.10
N GLU U 272 31.43 -4.93 122.26
CA GLU U 272 30.41 -3.96 122.77
C GLU U 272 29.30 -3.80 121.72
N MET U 273 29.66 -3.75 120.44
CA MET U 273 28.72 -3.54 119.31
C MET U 273 27.74 -4.72 119.21
N CYS U 274 28.22 -5.94 119.46
CA CYS U 274 27.42 -7.20 119.40
C CYS U 274 26.73 -7.47 120.74
N GLY U 275 26.56 -6.44 121.58
CA GLY U 275 25.85 -6.51 122.87
C GLY U 275 26.52 -7.46 123.85
N GLY U 276 27.85 -7.55 123.84
CA GLY U 276 28.65 -8.40 124.73
C GLY U 276 29.40 -9.51 124.01
N GLY U 277 29.36 -9.54 122.66
CA GLY U 277 30.21 -10.42 121.86
C GLY U 277 29.43 -11.39 121.00
N PHE U 278 30.16 -12.27 120.30
CA PHE U 278 29.62 -13.32 119.40
C PHE U 278 29.12 -14.50 120.25
N PHE U 279 28.36 -15.40 119.63
CA PHE U 279 27.87 -16.66 120.27
C PHE U 279 28.78 -17.82 119.89
N LYS U 280 29.00 -18.74 120.83
CA LYS U 280 29.83 -19.96 120.64
C LYS U 280 29.19 -20.80 119.53
N ASP U 281 27.88 -20.97 119.61
CA ASP U 281 27.04 -21.66 118.59
C ASP U 281 26.47 -20.59 117.66
N SER U 282 27.31 -20.04 116.77
CA SER U 282 26.89 -19.13 115.69
C SER U 282 27.89 -19.15 114.53
N ILE U 283 27.44 -18.64 113.38
CA ILE U 283 28.23 -18.42 112.13
C ILE U 283 28.38 -16.91 111.95
N ILE U 284 29.62 -16.42 111.91
CA ILE U 284 29.92 -14.96 111.76
C ILE U 284 30.33 -14.70 110.31
N LEU U 285 29.76 -13.66 109.69
CA LEU U 285 30.03 -13.27 108.30
C LEU U 285 30.65 -11.86 108.30
N ALA U 286 31.96 -11.79 108.15
CA ALA U 286 32.73 -10.54 107.95
C ALA U 286 32.91 -10.33 106.44
N THR U 287 32.25 -9.30 105.88
CA THR U 287 32.24 -9.02 104.42
C THR U 287 32.44 -7.53 104.16
N GLY U 288 32.94 -7.19 102.97
CA GLY U 288 33.13 -5.80 102.50
C GLY U 288 33.94 -5.76 101.22
N ALA U 289 34.38 -4.56 100.83
CA ALA U 289 35.29 -4.32 99.69
C ALA U 289 36.59 -5.10 99.87
N THR U 290 37.48 -5.05 98.88
CA THR U 290 38.85 -5.61 98.96
C THR U 290 39.69 -4.68 99.85
N GLY U 291 40.36 -5.23 100.87
CA GLY U 291 41.31 -4.52 101.74
C GLY U 291 40.64 -3.75 102.88
N THR U 292 39.43 -4.14 103.30
CA THR U 292 38.58 -3.36 104.23
C THR U 292 38.81 -3.76 105.70
N GLY U 293 39.64 -4.77 105.98
CA GLY U 293 40.00 -5.19 107.35
C GLY U 293 39.35 -6.51 107.77
N LYS U 294 38.93 -7.36 106.82
CA LYS U 294 38.37 -8.71 107.13
C LYS U 294 39.43 -9.54 107.83
N THR U 295 40.62 -9.66 107.24
CA THR U 295 41.73 -10.52 107.72
C THR U 295 42.32 -9.95 109.02
N LEU U 296 42.15 -8.65 109.28
CA LEU U 296 42.45 -8.04 110.61
C LEU U 296 41.56 -8.72 111.66
N LEU U 297 40.28 -8.91 111.36
CA LEU U 297 39.30 -9.59 112.25
C LEU U 297 39.57 -11.09 112.24
N VAL U 298 39.71 -11.69 111.06
CA VAL U 298 39.90 -13.16 110.86
C VAL U 298 41.27 -13.61 111.37
N SER U 299 42.11 -12.67 111.84
CA SER U 299 43.39 -12.94 112.55
C SER U 299 43.23 -12.64 114.05
N ARG U 300 42.59 -11.53 114.40
CA ARG U 300 42.36 -11.11 115.82
C ARG U 300 41.31 -12.03 116.46
N PHE U 301 40.49 -12.70 115.65
CA PHE U 301 39.52 -13.75 116.07
C PHE U 301 40.27 -15.01 116.50
N VAL U 302 41.21 -15.47 115.66
CA VAL U 302 42.01 -16.73 115.83
C VAL U 302 43.06 -16.53 116.93
N GLU U 303 43.62 -15.32 117.07
CA GLU U 303 44.54 -14.91 118.16
C GLU U 303 43.88 -15.20 119.53
N ASN U 304 42.60 -14.85 119.66
CA ASN U 304 41.83 -14.85 120.94
C ASN U 304 41.58 -16.28 121.42
N ALA U 305 41.29 -17.20 120.50
CA ALA U 305 41.05 -18.63 120.82
C ALA U 305 42.27 -19.19 121.56
N CYS U 306 43.45 -19.02 120.95
CA CYS U 306 44.77 -19.39 121.51
C CYS U 306 45.03 -18.61 122.82
N ALA U 307 44.63 -17.33 122.86
CA ALA U 307 44.81 -16.41 124.01
C ALA U 307 44.12 -16.96 125.27
N ASN U 308 42.86 -17.38 125.14
CA ASN U 308 42.05 -17.95 126.25
C ASN U 308 42.39 -19.44 126.42
N LYS U 309 43.26 -19.98 125.54
CA LYS U 309 43.98 -21.28 125.72
C LYS U 309 43.40 -22.37 124.80
N GLU U 310 42.47 -22.02 123.90
CA GLU U 310 41.73 -22.99 123.05
C GLU U 310 42.41 -23.14 121.68
N ARG U 311 42.39 -24.36 121.14
CA ARG U 311 42.92 -24.70 119.78
C ARG U 311 42.03 -24.04 118.73
N ALA U 312 42.60 -23.62 117.60
CA ALA U 312 41.89 -22.92 116.50
C ALA U 312 42.51 -23.26 115.15
N ILE U 313 41.75 -23.06 114.07
CA ILE U 313 42.18 -23.31 112.67
C ILE U 313 41.90 -22.06 111.83
N LEU U 314 42.83 -21.72 110.93
CA LEU U 314 42.65 -20.71 109.87
C LEU U 314 42.84 -21.39 108.51
N PHE U 315 41.72 -21.77 107.89
CA PHE U 315 41.67 -22.19 106.47
C PHE U 315 41.87 -20.94 105.61
N ALA U 316 43.05 -20.82 104.98
CA ALA U 316 43.47 -19.66 104.16
C ALA U 316 43.51 -20.07 102.69
N TYR U 317 42.84 -19.31 101.82
CA TYR U 317 42.62 -19.68 100.39
C TYR U 317 43.24 -18.66 99.42
N GLU U 318 43.63 -17.47 99.89
CA GLU U 318 44.11 -16.37 99.01
C GLU U 318 45.25 -15.60 99.69
N GLU U 319 46.17 -16.34 100.33
CA GLU U 319 47.34 -15.79 101.05
C GLU U 319 48.19 -16.96 101.56
N SER U 320 49.49 -16.96 101.23
CA SER U 320 50.45 -17.98 101.73
C SER U 320 50.73 -17.72 103.21
N ARG U 321 51.31 -18.71 103.90
CA ARG U 321 51.55 -18.68 105.37
C ARG U 321 52.53 -17.56 105.74
N ALA U 322 53.50 -17.26 104.86
CA ALA U 322 54.50 -16.18 105.05
C ALA U 322 53.83 -14.82 104.85
N GLN U 323 52.87 -14.71 103.92
CA GLN U 323 52.02 -13.50 103.73
C GLN U 323 51.21 -13.27 105.01
N LEU U 324 50.50 -14.31 105.46
CA LEU U 324 49.63 -14.29 106.67
C LEU U 324 50.48 -13.92 107.89
N LEU U 325 51.67 -14.51 108.05
CA LEU U 325 52.55 -14.34 109.24
C LEU U 325 53.19 -12.94 109.25
N ARG U 326 53.62 -12.44 108.09
CA ARG U 326 54.29 -11.11 107.93
C ARG U 326 53.33 -9.98 108.31
N ASN U 327 52.15 -9.96 107.70
CA ASN U 327 51.11 -8.90 107.91
C ASN U 327 50.62 -8.96 109.36
N ALA U 328 50.53 -10.18 109.92
CA ALA U 328 50.11 -10.47 111.30
C ALA U 328 51.14 -9.91 112.30
N TYR U 329 52.43 -9.95 111.95
CA TYR U 329 53.54 -9.38 112.75
C TYR U 329 53.38 -7.86 112.85
N SER U 330 52.87 -7.22 111.79
CA SER U 330 52.63 -5.76 111.68
C SER U 330 51.44 -5.31 112.53
N TRP U 331 50.71 -6.25 113.15
CA TRP U 331 49.44 -5.99 113.88
C TRP U 331 49.56 -6.33 115.38
N GLY U 332 50.67 -6.92 115.82
CA GLY U 332 50.87 -7.36 117.21
C GLY U 332 50.55 -8.83 117.42
N MET U 333 50.10 -9.54 116.38
CA MET U 333 49.83 -11.01 116.44
C MET U 333 51.18 -11.73 116.45
N ASP U 334 51.18 -13.03 116.77
CA ASP U 334 52.31 -13.96 116.50
C ASP U 334 51.74 -15.38 116.31
N PHE U 335 51.53 -15.78 115.06
CA PHE U 335 51.02 -17.13 114.67
C PHE U 335 52.08 -18.19 114.97
N GLU U 336 53.36 -17.86 114.74
CA GLU U 336 54.53 -18.76 115.00
C GLU U 336 54.48 -19.25 116.45
N GLU U 337 54.28 -18.33 117.41
CA GLU U 337 54.14 -18.63 118.87
C GLU U 337 52.95 -19.59 119.06
N MET U 338 51.78 -19.19 118.55
CA MET U 338 50.49 -19.92 118.71
C MET U 338 50.56 -21.30 118.04
N GLU U 339 51.41 -21.46 117.01
CA GLU U 339 51.67 -22.76 116.32
C GLU U 339 52.58 -23.64 117.20
N ARG U 340 53.59 -23.05 117.86
CA ARG U 340 54.58 -23.79 118.72
C ARG U 340 53.85 -24.41 119.91
N GLN U 341 52.81 -23.74 120.43
CA GLN U 341 51.96 -24.19 121.58
C GLN U 341 50.91 -25.22 121.11
N ASN U 342 50.79 -25.44 119.80
CA ASN U 342 49.84 -26.39 119.16
C ASN U 342 48.39 -25.92 119.39
N LEU U 343 48.17 -24.60 119.45
CA LEU U 343 46.82 -23.98 119.62
C LEU U 343 46.27 -23.45 118.29
N LEU U 344 47.11 -23.31 117.26
CA LEU U 344 46.73 -22.73 115.94
C LEU U 344 47.25 -23.63 114.82
N LYS U 345 46.36 -23.97 113.88
CA LYS U 345 46.72 -24.59 112.58
C LYS U 345 46.38 -23.60 111.45
N ILE U 346 47.23 -23.53 110.43
CA ILE U 346 46.98 -22.77 109.18
C ILE U 346 47.11 -23.74 108.01
N VAL U 347 46.19 -23.66 107.05
CA VAL U 347 46.12 -24.63 105.92
C VAL U 347 46.83 -24.04 104.70
N CYS U 348 46.37 -22.90 104.17
CA CYS U 348 46.90 -22.24 102.94
C CYS U 348 46.76 -23.20 101.74
N ALA U 349 45.77 -22.96 100.88
CA ALA U 349 45.45 -23.80 99.70
C ALA U 349 44.85 -22.97 98.56
N TYR U 350 45.18 -23.32 97.31
CA TYR U 350 44.58 -22.73 96.09
C TYR U 350 43.22 -23.38 95.86
N PRO U 351 42.12 -22.60 95.71
CA PRO U 351 40.82 -23.17 95.35
C PRO U 351 40.85 -23.93 94.02
N GLU U 352 41.80 -23.60 93.13
CA GLU U 352 42.02 -24.27 91.82
C GLU U 352 42.42 -25.74 92.03
N SER U 353 43.30 -26.02 92.99
CA SER U 353 43.94 -27.35 93.21
C SER U 353 42.89 -28.48 93.17
N ALA U 354 41.75 -28.33 93.88
CA ALA U 354 40.65 -29.33 93.90
C ALA U 354 39.29 -28.64 94.15
N GLY U 355 38.19 -29.37 93.85
CA GLY U 355 36.80 -28.90 93.96
C GLY U 355 36.26 -28.99 95.37
N LEU U 356 35.03 -28.47 95.60
CA LEU U 356 34.42 -28.29 96.95
C LEU U 356 34.29 -29.64 97.66
N GLU U 357 33.80 -30.66 96.95
CA GLU U 357 33.62 -32.05 97.48
C GLU U 357 34.91 -32.48 98.20
N ASP U 358 36.08 -32.17 97.59
CA ASP U 358 37.43 -32.47 98.12
C ASP U 358 37.76 -31.52 99.28
N HIS U 359 37.48 -30.22 99.14
CA HIS U 359 37.73 -29.17 100.17
C HIS U 359 37.02 -29.53 101.47
N LEU U 360 35.76 -29.96 101.39
CA LEU U 360 34.92 -30.33 102.56
C LEU U 360 35.55 -31.50 103.30
N GLN U 361 36.10 -32.48 102.56
CA GLN U 361 36.80 -33.67 103.11
C GLN U 361 37.96 -33.18 103.97
N ILE U 362 38.80 -32.29 103.42
CA ILE U 362 39.94 -31.62 104.12
C ILE U 362 39.42 -30.96 105.41
N ILE U 363 38.44 -30.05 105.31
CA ILE U 363 37.94 -29.22 106.45
C ILE U 363 37.36 -30.14 107.52
N LYS U 364 36.49 -31.08 107.13
CA LYS U 364 35.84 -32.06 108.06
C LYS U 364 36.92 -32.91 108.72
N SER U 365 37.91 -33.35 107.93
CA SER U 365 39.08 -34.17 108.36
C SER U 365 39.96 -33.36 109.31
N GLU U 366 40.30 -32.12 108.93
CA GLU U 366 41.29 -31.27 109.65
C GLU U 366 40.73 -30.83 111.00
N ILE U 367 39.40 -30.84 111.16
CA ILE U 367 38.71 -30.49 112.43
C ILE U 367 38.75 -31.70 113.37
N ASN U 368 38.23 -32.85 112.94
CA ASN U 368 38.13 -34.10 113.73
C ASN U 368 39.51 -34.45 114.33
N ASP U 369 40.58 -34.23 113.57
CA ASP U 369 41.99 -34.48 113.99
C ASP U 369 42.39 -33.45 115.06
N PHE U 370 42.36 -32.16 114.72
CA PHE U 370 42.93 -31.07 115.53
C PHE U 370 42.00 -30.71 116.69
N LYS U 371 40.68 -30.79 116.47
CA LYS U 371 39.61 -30.55 117.48
C LYS U 371 39.71 -29.12 118.03
N PRO U 372 39.44 -28.09 117.19
CA PRO U 372 39.52 -26.70 117.62
C PRO U 372 38.22 -26.17 118.25
N ALA U 373 38.33 -25.05 118.97
CA ALA U 373 37.18 -24.25 119.47
C ALA U 373 36.64 -23.39 118.32
N ARG U 374 37.52 -22.69 117.59
CA ARG U 374 37.14 -21.71 116.56
C ARG U 374 37.68 -22.12 115.19
N ILE U 375 36.82 -22.04 114.17
CA ILE U 375 37.16 -22.18 112.72
C ILE U 375 37.27 -20.78 112.13
N ALA U 376 38.19 -20.58 111.18
CA ALA U 376 38.30 -19.36 110.36
C ALA U 376 38.49 -19.78 108.89
N ILE U 377 37.65 -19.23 108.00
CA ILE U 377 37.74 -19.44 106.54
C ILE U 377 37.83 -18.08 105.86
N ASP U 378 38.99 -17.77 105.28
CA ASP U 378 39.29 -16.50 104.56
C ASP U 378 39.87 -16.86 103.20
N SER U 379 39.11 -16.65 102.10
CA SER U 379 37.75 -16.12 102.10
C SER U 379 36.82 -17.10 101.38
N LEU U 380 35.51 -16.95 101.61
CA LEU U 380 34.44 -17.77 100.95
C LEU U 380 34.32 -17.34 99.48
N SER U 381 34.47 -16.04 99.20
CA SER U 381 34.44 -15.46 97.83
C SER U 381 35.44 -16.19 96.93
N ALA U 382 36.66 -16.44 97.43
CA ALA U 382 37.76 -17.11 96.69
C ALA U 382 37.40 -18.57 96.39
N LEU U 383 36.62 -19.23 97.25
CA LEU U 383 36.20 -20.64 97.06
C LEU U 383 35.01 -20.72 96.09
N ALA U 384 34.22 -19.66 95.97
CA ALA U 384 33.01 -19.59 95.12
C ALA U 384 33.38 -19.35 93.65
N ARG U 385 34.54 -18.69 93.41
CA ARG U 385 34.98 -18.27 92.05
C ARG U 385 35.03 -19.48 91.12
N GLY U 386 34.51 -19.33 89.90
CA GLY U 386 34.55 -20.37 88.85
C GLY U 386 33.82 -21.64 89.26
N VAL U 387 32.74 -21.52 90.03
CA VAL U 387 31.84 -22.66 90.36
C VAL U 387 30.38 -22.18 90.36
N SER U 388 29.49 -23.03 89.83
CA SER U 388 28.02 -22.85 89.86
C SER U 388 27.57 -22.53 91.29
N ASN U 389 26.78 -21.46 91.43
CA ASN U 389 26.30 -20.92 92.73
C ASN U 389 25.78 -22.04 93.63
N ASN U 390 25.00 -22.96 93.07
CA ASN U 390 24.26 -24.01 93.82
C ASN U 390 25.25 -25.00 94.46
N ALA U 391 26.35 -25.31 93.76
CA ALA U 391 27.45 -26.18 94.27
C ALA U 391 28.20 -25.45 95.39
N PHE U 392 28.31 -24.12 95.29
CA PHE U 392 28.88 -23.27 96.37
C PHE U 392 27.93 -23.29 97.57
N ARG U 393 26.64 -23.00 97.35
CA ARG U 393 25.59 -23.00 98.41
C ARG U 393 25.66 -24.32 99.19
N GLN U 394 25.68 -25.45 98.47
CA GLN U 394 25.72 -26.84 99.02
C GLN U 394 27.01 -27.07 99.82
N PHE U 395 28.10 -26.37 99.48
CA PHE U 395 29.41 -26.46 100.19
C PHE U 395 29.34 -25.68 101.51
N VAL U 396 28.77 -24.46 101.48
CA VAL U 396 28.62 -23.59 102.68
C VAL U 396 27.83 -24.36 103.75
N ILE U 397 26.72 -25.01 103.36
CA ILE U 397 25.80 -25.74 104.29
C ILE U 397 26.62 -26.82 105.03
N GLY U 398 27.52 -27.49 104.30
CA GLY U 398 28.38 -28.56 104.85
C GLY U 398 29.32 -28.05 105.92
N VAL U 399 30.00 -26.93 105.66
CA VAL U 399 31.06 -26.38 106.57
C VAL U 399 30.38 -25.74 107.79
N THR U 400 29.30 -24.98 107.60
CA THR U 400 28.51 -24.35 108.69
C THR U 400 27.82 -25.44 109.52
N GLY U 401 27.22 -26.43 108.84
CA GLY U 401 26.46 -27.53 109.47
C GLY U 401 27.35 -28.40 110.34
N TYR U 402 28.51 -28.81 109.82
CA TYR U 402 29.52 -29.64 110.54
C TYR U 402 30.13 -28.81 111.68
N ALA U 403 30.42 -27.54 111.43
CA ALA U 403 30.92 -26.57 112.44
C ALA U 403 29.84 -26.39 113.52
N LYS U 404 28.59 -26.16 113.11
CA LYS U 404 27.43 -25.89 114.01
C LYS U 404 27.12 -27.13 114.84
N GLN U 405 27.33 -28.33 114.27
CA GLN U 405 27.11 -29.63 114.96
C GLN U 405 28.13 -29.81 116.09
N GLU U 406 29.42 -29.65 115.79
CA GLU U 406 30.54 -29.95 116.71
C GLU U 406 30.88 -28.74 117.59
N GLU U 407 29.96 -27.77 117.71
CA GLU U 407 30.04 -26.63 118.68
C GLU U 407 31.29 -25.79 118.39
N ILE U 408 31.57 -25.51 117.12
CA ILE U 408 32.74 -24.69 116.68
C ILE U 408 32.22 -23.32 116.24
N THR U 409 32.68 -22.24 116.89
CA THR U 409 32.41 -20.85 116.47
C THR U 409 33.23 -20.56 115.21
N GLY U 410 32.59 -20.54 114.05
CA GLY U 410 33.23 -20.21 112.76
C GLY U 410 33.07 -18.74 112.43
N LEU U 411 34.09 -18.12 111.82
CA LEU U 411 33.96 -16.79 111.17
C LEU U 411 34.43 -16.90 109.71
N PHE U 412 33.65 -16.29 108.82
CA PHE U 412 33.72 -16.43 107.35
C PHE U 412 33.94 -15.05 106.72
N THR U 413 35.04 -14.88 105.99
CA THR U 413 35.42 -13.65 105.25
C THR U 413 34.80 -13.71 103.85
N ASN U 414 34.23 -12.60 103.36
CA ASN U 414 33.61 -12.49 102.01
C ASN U 414 34.02 -11.15 101.36
N THR U 415 34.83 -11.21 100.31
CA THR U 415 35.27 -10.05 99.49
C THR U 415 34.20 -9.75 98.45
N SER U 416 33.55 -8.58 98.55
CA SER U 416 32.47 -8.14 97.63
C SER U 416 33.10 -7.74 96.29
N ASP U 417 32.39 -8.00 95.18
CA ASP U 417 32.89 -7.76 93.79
C ASP U 417 33.03 -6.26 93.55
N GLN U 418 32.08 -5.46 94.04
CA GLN U 418 32.08 -3.97 93.95
C GLN U 418 32.74 -3.40 95.20
N PHE U 419 32.73 -2.08 95.37
CA PHE U 419 33.29 -1.39 96.56
C PHE U 419 32.61 -0.03 96.82
N MET U 420 31.44 0.21 96.25
CA MET U 420 30.71 1.50 96.43
C MET U 420 29.26 1.34 95.93
N GLY U 421 28.30 1.40 96.86
CA GLY U 421 26.86 1.32 96.57
C GLY U 421 26.41 -0.09 96.25
N ALA U 422 26.97 -1.10 96.93
CA ALA U 422 26.59 -2.52 96.81
C ALA U 422 25.16 -2.69 97.33
N HIS U 423 24.30 -3.34 96.55
CA HIS U 423 22.87 -3.56 96.86
C HIS U 423 22.69 -4.91 97.59
N SER U 424 23.67 -5.82 97.48
CA SER U 424 23.62 -7.18 98.06
C SER U 424 24.82 -7.38 99.00
N ILE U 425 24.59 -8.01 100.15
CA ILE U 425 25.66 -8.29 101.17
C ILE U 425 26.68 -9.22 100.52
N THR U 426 26.21 -10.30 99.90
CA THR U 426 27.04 -11.32 99.18
C THR U 426 26.50 -11.48 97.75
N ASP U 427 27.32 -12.05 96.86
CA ASP U 427 26.95 -12.35 95.45
C ASP U 427 26.52 -13.82 95.33
N SER U 428 26.81 -14.64 96.36
CA SER U 428 26.48 -16.09 96.44
C SER U 428 25.17 -16.31 97.21
N HIS U 429 24.60 -15.24 97.77
CA HIS U 429 23.30 -15.26 98.50
C HIS U 429 23.37 -16.24 99.67
N ILE U 430 24.30 -16.01 100.60
CA ILE U 430 24.52 -16.85 101.81
C ILE U 430 24.21 -16.04 103.06
N SEP U 431 23.67 -14.82 102.87
CA SEP U 431 23.33 -13.92 103.96
CB SEP U 431 22.71 -12.65 103.40
OG SEP U 431 23.46 -12.23 102.23
C SEP U 431 22.40 -14.60 104.96
O SEP U 431 22.54 -14.44 106.17
P SEP U 431 22.68 -11.91 100.86
O1P SEP U 431 23.74 -11.96 99.77
O2P SEP U 431 22.06 -10.51 101.02
O3P SEP U 431 21.64 -13.01 100.70
N THR U 432 21.47 -15.38 104.43
CA THR U 432 20.40 -15.97 105.22
C THR U 432 20.93 -17.18 105.99
N ILE U 433 22.07 -17.75 105.57
CA ILE U 433 22.76 -18.89 106.24
C ILE U 433 23.57 -18.35 107.43
N THR U 434 24.00 -17.09 107.39
CA THR U 434 24.83 -16.42 108.42
C THR U 434 23.93 -15.97 109.58
N ASP U 435 24.44 -16.05 110.83
CA ASP U 435 23.74 -15.62 112.07
C ASP U 435 24.15 -14.18 112.40
N THR U 436 25.45 -13.90 112.34
CA THR U 436 26.09 -12.57 112.57
C THR U 436 26.62 -12.03 111.24
N ILE U 437 26.49 -10.73 111.00
CA ILE U 437 27.05 -10.09 109.77
C ILE U 437 27.77 -8.80 110.15
N ILE U 438 29.10 -8.85 110.21
CA ILE U 438 29.99 -7.66 110.35
C ILE U 438 30.21 -7.09 108.94
N LEU U 439 29.82 -5.83 108.73
CA LEU U 439 29.75 -5.18 107.38
C LEU U 439 30.78 -4.06 107.30
N LEU U 440 31.98 -4.37 106.79
CA LEU U 440 33.05 -3.37 106.49
C LEU U 440 32.69 -2.62 105.20
N GLN U 441 32.84 -1.29 105.18
CA GLN U 441 32.65 -0.46 103.96
C GLN U 441 33.58 0.74 103.98
N TYR U 442 34.10 1.14 102.82
CA TYR U 442 34.82 2.43 102.62
C TYR U 442 33.79 3.55 102.66
N VAL U 443 34.25 4.76 102.99
CA VAL U 443 33.47 6.03 102.89
C VAL U 443 34.43 7.14 102.47
N GLU U 444 34.07 7.87 101.41
CA GLU U 444 34.74 9.13 101.02
C GLU U 444 34.35 10.20 102.05
N ILE U 445 35.34 10.77 102.74
CA ILE U 445 35.19 12.00 103.58
C ILE U 445 36.29 12.97 103.18
N ARG U 446 35.95 14.04 102.46
CA ARG U 446 36.88 15.11 102.01
C ARG U 446 38.18 14.48 101.46
N GLY U 447 38.11 13.97 100.23
CA GLY U 447 39.25 13.42 99.47
C GLY U 447 40.06 12.42 100.28
N GLU U 448 39.40 11.59 101.10
CA GLU U 448 40.06 10.61 102.00
C GLU U 448 39.20 9.34 102.10
N MET U 449 39.83 8.18 101.88
CA MET U 449 39.20 6.83 101.99
C MET U 449 39.24 6.37 103.45
N SER U 450 38.27 6.84 104.26
CA SER U 450 38.03 6.32 105.63
C SER U 450 37.23 5.02 105.52
N ARG U 451 36.92 4.38 106.65
CA ARG U 451 36.23 3.08 106.72
C ARG U 451 35.04 3.18 107.68
N ALA U 452 34.30 2.09 107.83
CA ALA U 452 33.24 1.94 108.86
C ALA U 452 32.95 0.45 109.07
N ILE U 453 32.86 0.05 110.34
CA ILE U 453 32.27 -1.25 110.78
C ILE U 453 30.77 -1.00 111.00
N ASN U 454 29.95 -2.00 110.70
CA ASN U 454 28.53 -2.07 111.14
C ASN U 454 28.20 -3.53 111.47
N VAL U 455 27.59 -3.75 112.62
CA VAL U 455 26.89 -5.03 112.94
C VAL U 455 25.52 -4.97 112.27
N PHE U 456 25.40 -5.66 111.15
CA PHE U 456 24.20 -5.65 110.26
C PHE U 456 23.07 -6.43 110.93
N LYS U 457 23.38 -7.64 111.39
CA LYS U 457 22.38 -8.50 112.09
C LYS U 457 23.09 -9.40 113.12
N MET U 458 22.41 -9.55 114.26
CA MET U 458 22.82 -10.36 115.43
C MET U 458 21.59 -11.18 115.87
N ARG U 459 21.57 -12.48 115.57
CA ARG U 459 20.49 -13.37 116.02
C ARG U 459 20.60 -13.55 117.54
N GLY U 460 19.59 -13.12 118.28
CA GLY U 460 19.50 -13.33 119.74
C GLY U 460 20.29 -12.30 120.53
N SER U 461 20.48 -11.09 119.99
CA SER U 461 21.11 -9.93 120.70
C SER U 461 20.54 -8.62 120.14
N TRP U 462 20.92 -7.50 120.77
CA TRP U 462 20.40 -6.14 120.48
C TRP U 462 21.28 -5.45 119.42
N HIS U 463 22.60 -5.52 119.58
CA HIS U 463 23.67 -4.99 118.66
C HIS U 463 23.51 -3.50 118.36
N ASP U 464 24.64 -2.78 118.32
CA ASP U 464 24.74 -1.34 117.97
C ASP U 464 24.31 -1.17 116.51
N LYS U 465 23.37 -0.25 116.24
CA LYS U 465 22.78 -0.03 114.91
C LYS U 465 23.49 1.12 114.19
N ALA U 466 24.83 1.22 114.29
CA ALA U 466 25.59 2.42 113.84
C ALA U 466 26.71 2.03 112.87
N ILE U 467 26.72 2.67 111.69
CA ILE U 467 27.84 2.62 110.70
C ILE U 467 28.95 3.55 111.23
N ARG U 468 29.89 3.01 112.00
CA ARG U 468 30.85 3.79 112.82
C ARG U 468 32.27 3.59 112.30
N GLU U 469 33.02 4.70 112.16
CA GLU U 469 34.38 4.76 111.55
C GLU U 469 35.36 3.90 112.36
N PHE U 470 36.41 3.42 111.70
CA PHE U 470 37.61 2.83 112.36
C PHE U 470 38.86 3.08 111.52
N MET U 471 39.97 3.33 112.21
CA MET U 471 41.34 3.38 111.63
C MET U 471 42.07 2.08 111.99
N ILE U 472 42.63 1.40 111.00
CA ILE U 472 43.49 0.19 111.21
C ILE U 472 44.93 0.66 111.46
N SER U 473 45.38 0.61 112.71
CA SER U 473 46.77 0.91 113.14
C SER U 473 47.50 -0.40 113.48
N ASP U 474 48.79 -0.31 113.83
CA ASP U 474 49.64 -1.45 114.26
C ASP U 474 49.15 -1.95 115.63
N LYS U 475 48.32 -1.16 116.32
CA LYS U 475 47.62 -1.53 117.59
C LYS U 475 46.17 -1.93 117.28
N GLY U 476 45.96 -2.71 116.21
CA GLY U 476 44.64 -3.19 115.78
C GLY U 476 43.71 -2.06 115.35
N PRO U 477 42.39 -2.33 115.22
CA PRO U 477 41.41 -1.36 114.73
C PRO U 477 40.71 -0.60 115.87
N ASP U 478 40.54 0.72 115.69
CA ASP U 478 39.95 1.62 116.72
C ASP U 478 38.58 2.09 116.24
N ILE U 479 37.54 1.29 116.50
CA ILE U 479 36.12 1.62 116.16
C ILE U 479 35.75 2.91 116.90
N LYS U 480 36.00 4.06 116.26
CA LYS U 480 35.75 5.43 116.81
C LYS U 480 34.25 5.75 116.69
N ASP U 481 33.92 7.02 116.47
CA ASP U 481 32.52 7.53 116.48
C ASP U 481 31.83 7.22 115.14
N SER U 482 30.50 7.38 115.12
CA SER U 482 29.63 7.23 113.92
C SER U 482 29.36 8.61 113.32
N PHE U 483 29.10 8.65 112.00
CA PHE U 483 28.85 9.88 111.21
C PHE U 483 27.43 10.37 111.51
N ARG U 484 27.29 11.29 112.47
CA ARG U 484 25.98 11.83 112.92
C ARG U 484 25.36 12.68 111.79
N ASN U 485 26.11 13.65 111.25
CA ASN U 485 25.61 14.68 110.31
C ASN U 485 25.97 14.33 108.87
N PHE U 486 25.43 13.22 108.33
CA PHE U 486 25.72 12.71 106.95
C PHE U 486 24.54 11.89 106.41
N GLU U 487 24.23 12.09 105.11
CA GLU U 487 23.21 11.32 104.34
C GLU U 487 23.91 10.49 103.26
N ARG U 488 23.33 9.33 102.91
CA ARG U 488 23.87 8.35 101.92
C ARG U 488 25.25 7.84 102.36
N ILE U 489 25.48 7.66 103.66
CA ILE U 489 26.72 7.06 104.23
C ILE U 489 26.89 5.63 103.71
N ILE U 490 25.77 4.92 103.50
CA ILE U 490 25.73 3.53 102.97
C ILE U 490 26.13 3.54 101.48
N SER U 491 25.83 4.63 100.76
CA SER U 491 26.14 4.80 99.32
C SER U 491 27.66 4.72 99.10
N GLY U 492 28.45 5.30 100.00
CA GLY U 492 29.93 5.32 99.95
C GLY U 492 30.47 6.72 99.71
N SER U 493 29.65 7.61 99.14
CA SER U 493 29.99 9.03 98.85
C SER U 493 28.96 9.95 99.52
N PRO U 494 29.11 10.20 100.84
CA PRO U 494 28.11 10.94 101.63
C PRO U 494 27.87 12.40 101.23
N THR U 495 26.99 13.07 101.97
CA THR U 495 26.65 14.52 101.85
C THR U 495 26.20 15.04 103.23
N ARG U 496 26.86 16.10 103.73
CA ARG U 496 26.64 16.64 105.10
C ARG U 496 25.25 17.29 105.17
N ILE U 497 24.48 16.99 106.22
CA ILE U 497 23.10 17.51 106.47
C ILE U 497 23.19 18.62 107.53
N ILE V 18 51.17 -48.75 95.32
CA ILE V 18 52.14 -49.88 95.16
C ILE V 18 53.55 -49.30 95.03
N ALA V 19 53.91 -48.81 93.83
CA ALA V 19 55.24 -48.26 93.50
C ALA V 19 55.22 -47.72 92.07
N LYS V 20 55.75 -46.50 91.87
CA LYS V 20 55.70 -45.78 90.57
C LYS V 20 57.11 -45.31 90.18
N MET V 21 57.55 -45.63 88.97
CA MET V 21 58.81 -45.13 88.35
C MET V 21 58.60 -43.69 87.88
N ARG V 22 59.25 -42.73 88.55
CA ARG V 22 59.18 -41.27 88.24
C ARG V 22 59.59 -41.04 86.78
N THR V 23 59.10 -39.96 86.17
CA THR V 23 59.33 -39.60 84.74
C THR V 23 60.34 -38.45 84.64
N MET V 24 60.22 -37.44 85.50
CA MET V 24 60.99 -36.16 85.43
C MET V 24 60.54 -35.35 84.21
N ILE V 25 59.22 -35.31 83.97
CA ILE V 25 58.55 -34.37 83.02
C ILE V 25 57.99 -33.21 83.84
N GLU V 26 58.34 -31.97 83.47
CA GLU V 26 58.14 -30.74 84.28
C GLU V 26 56.65 -30.59 84.66
N GLY V 27 56.20 -31.37 85.66
CA GLY V 27 54.84 -31.29 86.24
C GLY V 27 54.19 -32.65 86.40
N PHE V 28 54.43 -33.57 85.46
CA PHE V 28 53.81 -34.93 85.40
C PHE V 28 54.12 -35.68 86.70
N ASP V 29 55.40 -35.70 87.11
CA ASP V 29 55.89 -36.35 88.35
C ASP V 29 55.03 -35.88 89.53
N ASP V 30 54.75 -34.57 89.60
CA ASP V 30 53.86 -33.94 90.63
C ASP V 30 52.44 -34.48 90.47
N ILE V 31 51.87 -34.40 89.26
CA ILE V 31 50.43 -34.64 88.97
C ILE V 31 50.11 -36.15 89.01
N SER V 32 51.12 -37.02 89.14
CA SER V 32 50.97 -38.50 89.19
C SER V 32 51.33 -39.04 90.58
N HIS V 33 51.59 -38.17 91.56
CA HIS V 33 52.01 -38.55 92.94
C HIS V 33 53.28 -39.41 92.88
N GLY V 34 54.17 -39.17 91.91
CA GLY V 34 55.50 -39.81 91.80
C GLY V 34 55.61 -40.79 90.65
N GLY V 35 55.19 -40.40 89.44
CA GLY V 35 55.39 -41.16 88.18
C GLY V 35 54.33 -42.22 87.96
N LEU V 36 54.61 -43.17 87.05
CA LEU V 36 53.67 -44.23 86.59
C LEU V 36 53.94 -45.55 87.33
N PRO V 37 52.88 -46.24 87.82
CA PRO V 37 53.03 -47.54 88.48
C PRO V 37 53.98 -48.51 87.76
N ILE V 38 55.00 -49.00 88.46
CA ILE V 38 56.07 -49.88 87.92
C ILE V 38 55.53 -51.31 87.78
N GLY V 39 55.40 -51.79 86.52
CA GLY V 39 54.99 -53.18 86.21
C GLY V 39 53.69 -53.23 85.42
N ARG V 40 52.72 -52.37 85.78
CA ARG V 40 51.40 -52.27 85.08
C ARG V 40 51.52 -51.28 83.92
N SER V 41 50.49 -51.21 83.08
CA SER V 41 50.41 -50.33 81.88
C SER V 41 49.97 -48.92 82.29
N THR V 42 50.17 -47.94 81.40
CA THR V 42 49.76 -46.53 81.58
C THR V 42 49.31 -45.97 80.22
N LEU V 43 48.30 -46.62 79.62
CA LEU V 43 47.72 -46.26 78.30
C LEU V 43 47.50 -44.74 78.22
N VAL V 44 48.44 -44.03 77.59
CA VAL V 44 48.40 -42.55 77.42
C VAL V 44 47.69 -42.23 76.10
N SER V 45 46.35 -42.22 76.10
CA SER V 45 45.49 -42.03 74.91
C SER V 45 45.39 -40.54 74.56
N GLY V 46 44.82 -40.23 73.40
CA GLY V 46 44.69 -38.85 72.86
C GLY V 46 44.47 -38.83 71.36
N THR V 47 44.38 -37.63 70.77
CA THR V 47 44.01 -37.41 69.34
C THR V 47 45.30 -37.34 68.49
N SER V 48 45.15 -37.13 67.18
CA SER V 48 46.28 -36.97 66.20
C SER V 48 47.02 -35.66 66.47
N GLY V 49 48.24 -35.76 67.01
CA GLY V 49 49.16 -34.62 67.24
C GLY V 49 49.01 -34.02 68.63
N THR V 50 48.75 -34.86 69.65
CA THR V 50 48.56 -34.43 71.05
C THR V 50 49.80 -34.73 71.90
N GLY V 51 50.95 -34.95 71.26
CA GLY V 51 52.24 -35.22 71.92
C GLY V 51 52.28 -36.60 72.53
N LYS V 52 51.66 -37.58 71.86
CA LYS V 52 51.32 -38.91 72.42
C LYS V 52 52.55 -39.84 72.36
N THR V 53 53.25 -39.86 71.23
CA THR V 53 54.52 -40.61 71.04
C THR V 53 55.68 -39.79 71.64
N LEU V 54 55.61 -38.46 71.57
CA LEU V 54 56.57 -37.52 72.22
C LEU V 54 56.68 -37.88 73.72
N PHE V 55 55.54 -38.17 74.34
CA PHE V 55 55.42 -38.65 75.75
C PHE V 55 56.07 -40.02 75.88
N SER V 56 55.61 -40.99 75.07
CA SER V 56 56.03 -42.41 75.09
C SER V 56 57.54 -42.51 74.90
N ILE V 57 58.09 -41.75 73.94
CA ILE V 57 59.54 -41.72 73.61
C ILE V 57 60.31 -41.06 74.77
N GLN V 58 59.84 -39.90 75.24
CA GLN V 58 60.49 -39.11 76.33
C GLN V 58 60.57 -39.94 77.61
N PHE V 59 59.68 -40.92 77.79
CA PHE V 59 59.66 -41.88 78.93
C PHE V 59 60.92 -42.76 78.89
N LEU V 60 61.42 -43.05 77.68
CA LEU V 60 62.71 -43.75 77.45
C LEU V 60 63.86 -42.78 77.77
N TYR V 61 63.85 -41.57 77.20
CA TYR V 61 65.00 -40.63 77.23
C TYR V 61 65.33 -40.24 78.67
N ASN V 62 64.39 -39.61 79.38
CA ASN V 62 64.57 -39.15 80.78
C ASN V 62 64.75 -40.37 81.68
N GLY V 63 64.24 -41.54 81.26
CA GLY V 63 64.39 -42.84 81.95
C GLY V 63 65.81 -43.37 81.90
N ILE V 64 66.50 -43.23 80.75
CA ILE V 64 67.92 -43.64 80.58
C ILE V 64 68.83 -42.47 80.99
N ILE V 65 68.59 -41.28 80.42
CA ILE V 65 69.48 -40.08 80.49
C ILE V 65 69.62 -39.57 81.93
N GLU V 66 68.75 -39.98 82.85
CA GLU V 66 68.84 -39.65 84.31
C GLU V 66 69.03 -40.93 85.12
N PHE V 67 68.01 -41.80 85.14
CA PHE V 67 67.92 -43.01 86.01
C PHE V 67 68.95 -44.07 85.62
N ASP V 68 69.60 -43.93 84.45
CA ASP V 68 70.59 -44.92 83.90
C ASP V 68 69.87 -46.25 83.67
N GLU V 69 68.58 -46.18 83.30
CA GLU V 69 67.70 -47.35 82.99
C GLU V 69 67.85 -47.70 81.51
N PRO V 70 67.01 -48.62 80.98
CA PRO V 70 67.00 -48.93 79.55
C PRO V 70 65.82 -48.31 78.78
N VAL V 72 63.62 -50.05 75.78
CA VAL V 72 62.70 -50.75 74.83
C VAL V 72 61.68 -49.75 74.29
N PHE V 73 61.15 -50.00 73.09
CA PHE V 73 60.16 -49.15 72.37
C PHE V 73 59.61 -49.91 71.16
N VAL V 74 58.40 -49.57 70.73
CA VAL V 74 57.75 -50.15 69.51
C VAL V 74 57.19 -49.00 68.67
N THR V 75 57.21 -49.17 67.34
CA THR V 75 56.65 -48.21 66.34
C THR V 75 55.95 -49.01 65.23
N PHE V 76 54.73 -48.62 64.87
CA PHE V 76 53.88 -49.30 63.85
C PHE V 76 53.84 -48.50 62.54
N GLU V 77 54.18 -47.20 62.58
CA GLU V 77 54.06 -46.27 61.41
C GLU V 77 55.34 -45.44 61.27
N GLU V 78 55.60 -44.54 62.23
CA GLU V 78 56.74 -43.58 62.17
C GLU V 78 58.05 -44.37 62.12
N THR V 79 58.79 -44.24 61.00
CA THR V 79 60.00 -45.04 60.67
C THR V 79 61.14 -44.68 61.63
N PRO V 80 61.85 -45.69 62.18
CA PRO V 80 62.96 -45.48 63.12
C PRO V 80 63.92 -44.31 62.84
N GLN V 81 64.25 -44.05 61.57
CA GLN V 81 65.22 -42.99 61.16
C GLN V 81 64.52 -41.64 61.20
N ASP V 82 63.26 -41.57 60.75
CA ASP V 82 62.40 -40.36 60.82
C ASP V 82 61.98 -40.13 62.29
N ILE V 83 61.88 -41.21 63.07
CA ILE V 83 61.55 -41.16 64.53
C ILE V 83 62.70 -40.45 65.27
N ILE V 84 63.94 -40.88 65.02
CA ILE V 84 65.18 -40.32 65.65
C ILE V 84 65.41 -38.89 65.16
N LYS V 85 65.13 -38.61 63.88
CA LYS V 85 65.38 -37.31 63.21
C LYS V 85 64.53 -36.20 63.84
N ASN V 86 63.38 -36.55 64.43
CA ASN V 86 62.47 -35.58 65.12
C ASN V 86 63.17 -34.97 66.32
N ALA V 87 63.93 -35.80 67.06
CA ALA V 87 64.57 -35.45 68.35
C ALA V 87 65.65 -34.37 68.17
N ARG V 88 66.11 -34.12 66.94
CA ARG V 88 66.96 -32.95 66.60
C ARG V 88 66.20 -31.67 66.97
N SER V 89 64.87 -31.69 66.84
CA SER V 89 63.93 -30.64 67.34
C SER V 89 63.91 -30.67 68.87
N PHE V 90 63.77 -31.86 69.46
CA PHE V 90 63.63 -32.09 70.93
C PHE V 90 64.99 -32.04 71.64
N GLY V 91 66.08 -31.80 70.90
CA GLY V 91 67.45 -31.61 71.44
C GLY V 91 67.92 -32.82 72.22
N TRP V 92 67.74 -34.02 71.66
CA TRP V 92 67.99 -35.33 72.33
C TRP V 92 68.56 -36.33 71.32
N ASP V 93 69.84 -36.69 71.47
CA ASP V 93 70.56 -37.62 70.57
C ASP V 93 70.11 -39.05 70.86
N LEU V 94 68.99 -39.48 70.27
CA LEU V 94 68.40 -40.84 70.43
C LEU V 94 69.23 -41.87 69.65
N ALA V 95 69.95 -41.44 68.61
CA ALA V 95 70.79 -42.29 67.75
C ALA V 95 72.01 -42.82 68.53
N LYS V 96 72.73 -41.92 69.22
CA LYS V 96 73.91 -42.27 70.06
C LYS V 96 73.54 -43.37 71.04
N LEU V 97 72.45 -43.17 71.79
CA LEU V 97 71.92 -44.12 72.82
C LEU V 97 71.55 -45.46 72.15
N VAL V 98 71.09 -45.42 70.90
CA VAL V 98 70.68 -46.61 70.09
C VAL V 98 71.89 -47.53 69.89
N ASP V 99 73.10 -46.97 69.76
CA ASP V 99 74.35 -47.72 69.52
C ASP V 99 75.03 -48.02 70.86
N LEU V 103 68.61 -48.36 74.66
CA LEU V 103 67.26 -48.23 74.06
C LEU V 103 67.26 -48.84 72.64
N PHE V 104 66.43 -49.86 72.41
CA PHE V 104 66.34 -50.62 71.13
C PHE V 104 64.95 -50.40 70.51
N ILE V 105 64.85 -49.48 69.57
CA ILE V 105 63.59 -49.14 68.83
C ILE V 105 63.19 -50.33 67.95
N LEU V 106 62.12 -51.03 68.31
CA LEU V 106 61.60 -52.23 67.60
C LEU V 106 60.85 -51.77 66.34
N ASP V 107 61.00 -52.53 65.25
CA ASP V 107 60.42 -52.22 63.91
C ASP V 107 59.35 -53.26 63.58
N ALA V 108 58.16 -52.79 63.17
CA ALA V 108 57.02 -53.61 62.71
C ALA V 108 56.09 -52.75 61.85
N SER V 109 56.65 -52.14 60.79
CA SER V 109 55.94 -51.29 59.80
C SER V 109 55.48 -52.17 58.63
N PRO V 110 54.16 -52.40 58.44
CA PRO V 110 53.67 -53.19 57.32
C PRO V 110 53.93 -52.51 55.96
N LEU V 123 49.70 -62.02 65.80
CA LEU V 123 49.21 -61.53 67.12
C LEU V 123 50.25 -61.85 68.21
N SER V 124 50.48 -63.15 68.45
CA SER V 124 51.37 -63.68 69.52
C SER V 124 52.85 -63.39 69.20
N ALA V 125 53.19 -63.21 67.91
CA ALA V 125 54.58 -63.01 67.43
C ALA V 125 55.18 -61.72 68.01
N LEU V 126 54.33 -60.75 68.41
CA LEU V 126 54.76 -59.47 69.02
C LEU V 126 55.28 -59.69 70.45
N ILE V 127 54.77 -60.71 71.15
CA ILE V 127 55.04 -60.98 72.59
C ILE V 127 56.52 -61.40 72.78
N GLU V 128 56.91 -62.54 72.20
CA GLU V 128 58.28 -63.11 72.31
C GLU V 128 59.29 -62.18 71.63
N ARG V 129 58.87 -61.47 70.57
CA ARG V 129 59.68 -60.45 69.85
C ARG V 129 60.00 -59.31 70.81
N ILE V 130 58.97 -58.74 71.45
CA ILE V 130 59.09 -57.65 72.47
C ILE V 130 59.82 -58.19 73.70
N ASN V 131 59.60 -59.45 74.05
CA ASN V 131 60.24 -60.11 75.22
C ASN V 131 61.74 -60.34 74.93
N TYR V 132 62.09 -60.58 73.66
CA TYR V 132 63.49 -60.70 73.18
C TYR V 132 64.25 -59.40 73.48
N ALA V 133 63.64 -58.26 73.16
CA ALA V 133 64.15 -56.90 73.46
C ALA V 133 64.12 -56.68 74.98
N ILE V 134 63.09 -57.20 75.66
CA ILE V 134 62.94 -57.16 77.14
C ILE V 134 64.11 -57.90 77.79
N GLN V 135 64.29 -59.18 77.42
CA GLN V 135 65.30 -60.10 78.01
C GLN V 135 66.72 -59.73 77.55
N LYS V 136 66.87 -59.28 76.29
CA LYS V 136 68.19 -59.09 75.63
C LYS V 136 68.64 -57.61 75.68
N TYR V 137 68.16 -56.84 76.66
CA TYR V 137 68.71 -55.49 76.99
C TYR V 137 68.36 -55.08 78.43
N ARG V 138 68.01 -56.03 79.30
CA ARG V 138 67.69 -55.81 80.74
C ARG V 138 66.69 -54.65 80.88
N ALA V 139 65.54 -54.74 80.20
CA ALA V 139 64.57 -53.63 80.01
C ALA V 139 63.71 -53.44 81.27
N ARG V 140 63.07 -52.27 81.37
CA ARG V 140 62.20 -51.86 82.52
C ARG V 140 61.11 -50.91 82.03
N ARG V 141 61.49 -49.79 81.39
CA ARG V 141 60.55 -48.78 80.81
C ARG V 141 60.36 -49.06 79.32
N VAL V 142 59.10 -49.28 78.89
CA VAL V 142 58.68 -49.56 77.49
C VAL V 142 57.68 -48.48 77.07
N SER V 143 57.49 -48.30 75.76
CA SER V 143 56.41 -47.48 75.14
C SER V 143 55.98 -48.08 73.81
N ILE V 144 54.68 -48.26 73.60
CA ILE V 144 54.07 -48.74 72.32
C ILE V 144 53.48 -47.52 71.59
N ASP V 145 53.39 -47.58 70.26
CA ASP V 145 52.90 -46.46 69.41
C ASP V 145 52.64 -46.97 67.99
N SER V 146 51.37 -47.12 67.61
CA SER V 146 50.20 -46.93 68.46
C SER V 146 49.28 -48.15 68.32
N VAL V 147 48.87 -48.73 69.44
CA VAL V 147 48.20 -50.06 69.53
C VAL V 147 47.00 -50.12 68.57
N THR V 148 46.37 -48.98 68.26
CA THR V 148 45.18 -48.87 67.39
C THR V 148 45.44 -49.53 66.03
N SER V 149 46.53 -49.15 65.37
CA SER V 149 46.84 -49.43 63.93
C SER V 149 46.74 -50.94 63.62
N VAL V 150 46.95 -51.81 64.61
CA VAL V 150 46.87 -53.30 64.44
C VAL V 150 45.40 -53.71 64.30
N PHE V 151 44.62 -53.58 65.37
CA PHE V 151 43.20 -54.04 65.45
C PHE V 151 42.31 -53.11 64.64
N SER V 158 35.30 -55.37 71.20
CA SER V 158 35.33 -56.83 71.46
C SER V 158 36.74 -57.40 71.18
N VAL V 159 37.18 -57.35 69.91
CA VAL V 159 38.42 -58.01 69.41
C VAL V 159 39.67 -57.29 69.95
N VAL V 160 39.55 -56.00 70.29
CA VAL V 160 40.62 -55.21 70.96
C VAL V 160 40.62 -55.54 72.46
N ARG V 161 39.46 -55.88 73.02
CA ARG V 161 39.26 -56.18 74.46
C ARG V 161 40.07 -57.43 74.86
N ARG V 162 40.15 -58.43 73.98
CA ARG V 162 40.92 -59.69 74.20
C ARG V 162 42.39 -59.46 73.80
N GLU V 163 42.61 -58.80 72.65
CA GLU V 163 43.96 -58.56 72.06
C GLU V 163 44.77 -57.63 72.96
N LEU V 164 44.17 -56.51 73.39
CA LEU V 164 44.82 -55.48 74.25
C LEU V 164 45.02 -56.05 75.67
N PHE V 165 44.14 -56.96 76.12
CA PHE V 165 44.25 -57.67 77.41
C PHE V 165 45.40 -58.68 77.35
N ARG V 166 45.39 -59.53 76.32
CA ARG V 166 46.45 -60.55 76.05
C ARG V 166 47.82 -59.88 76.11
N LEU V 167 47.97 -58.72 75.46
CA LEU V 167 49.23 -57.91 75.42
C LEU V 167 49.63 -57.52 76.85
N VAL V 168 48.69 -56.97 77.64
CA VAL V 168 48.94 -56.52 79.03
C VAL V 168 49.24 -57.74 79.91
N ALA V 169 48.51 -58.84 79.72
CA ALA V 169 48.67 -60.11 80.48
C ALA V 169 50.08 -60.66 80.28
N ARG V 170 50.57 -60.69 79.03
CA ARG V 170 51.91 -61.20 78.67
C ARG V 170 52.98 -60.17 79.07
N LEU V 171 52.68 -58.87 78.95
CA LEU V 171 53.61 -57.76 79.31
C LEU V 171 53.77 -57.68 80.83
N LYS V 172 52.74 -58.10 81.58
CA LYS V 172 52.68 -58.01 83.08
C LYS V 172 53.25 -59.28 83.72
N GLN V 173 53.32 -60.39 82.98
CA GLN V 173 53.86 -61.69 83.47
C GLN V 173 55.35 -61.55 83.74
N ILE V 174 56.07 -60.82 82.88
CA ILE V 174 57.55 -60.59 82.97
C ILE V 174 57.83 -59.19 83.54
N GLY V 175 56.86 -58.58 84.24
CA GLY V 175 57.00 -57.35 85.03
C GLY V 175 57.73 -56.23 84.29
N ALA V 176 56.99 -55.43 83.50
CA ALA V 176 57.54 -54.34 82.65
C ALA V 176 56.65 -53.10 82.73
N THR V 177 57.25 -51.91 82.78
CA THR V 177 56.55 -50.59 82.77
C THR V 177 56.31 -50.17 81.32
N THR V 178 55.18 -50.59 80.73
CA THR V 178 54.74 -50.20 79.37
C THR V 178 53.90 -48.92 79.44
N VAL V 179 54.14 -47.99 78.52
CA VAL V 179 53.33 -46.75 78.32
C VAL V 179 52.64 -46.86 76.96
N MET V 180 51.62 -47.71 76.86
CA MET V 180 50.86 -47.99 75.61
C MET V 180 50.15 -46.71 75.15
N THR V 181 49.72 -46.67 73.90
CA THR V 181 49.18 -45.44 73.23
C THR V 181 48.00 -45.82 72.32
N THR V 182 46.98 -44.96 72.29
CA THR V 182 45.72 -45.15 71.51
C THR V 182 45.26 -43.80 70.93
N GLU V 183 44.57 -43.83 69.78
CA GLU V 183 44.04 -42.63 69.08
C GLU V 183 42.53 -42.51 69.29
N ARG V 184 42.02 -41.28 69.32
CA ARG V 184 40.57 -40.93 69.46
C ARG V 184 40.22 -39.85 68.43
N ILE V 185 39.07 -39.96 67.77
CA ILE V 185 38.62 -39.06 66.66
C ILE V 185 38.10 -37.75 67.24
N GLU V 186 37.00 -37.80 67.99
CA GLU V 186 36.32 -36.59 68.57
C GLU V 186 37.14 -36.08 69.77
N GLU V 187 37.31 -34.75 69.86
CA GLU V 187 38.11 -34.05 70.91
C GLU V 187 37.52 -34.36 72.30
N TYR V 188 36.18 -34.36 72.41
CA TYR V 188 35.42 -34.66 73.65
C TYR V 188 34.48 -35.85 73.38
N GLY V 189 35.03 -36.94 72.85
CA GLY V 189 34.30 -38.16 72.49
C GLY V 189 34.51 -39.27 73.51
N PRO V 190 34.70 -40.53 73.07
CA PRO V 190 34.91 -41.65 73.98
C PRO V 190 36.37 -41.74 74.46
N ILE V 191 36.65 -42.62 75.42
CA ILE V 191 37.96 -42.74 76.13
C ILE V 191 39.08 -43.04 75.13
N ALA V 192 38.88 -44.03 74.26
CA ALA V 192 39.85 -44.46 73.22
C ALA V 192 39.17 -44.47 71.84
N ARG V 193 38.66 -45.63 71.38
CA ARG V 193 38.06 -45.77 70.03
C ARG V 193 37.05 -46.93 70.01
N TYR V 194 37.43 -48.11 70.49
CA TYR V 194 36.66 -49.37 70.37
C TYR V 194 35.69 -49.54 71.55
N GLY V 195 35.67 -48.61 72.50
CA GLY V 195 34.86 -48.68 73.73
C GLY V 195 35.47 -49.60 74.77
N VAL V 196 36.65 -50.18 74.46
CA VAL V 196 37.37 -51.16 75.32
C VAL V 196 38.87 -50.83 75.26
N GLU V 197 39.43 -50.43 76.40
CA GLU V 197 40.84 -50.02 76.62
C GLU V 197 40.95 -49.46 78.03
N GLU V 198 40.25 -48.34 78.26
CA GLU V 198 40.00 -47.76 79.62
C GLU V 198 39.06 -48.71 80.36
N PHE V 199 39.56 -49.90 80.68
CA PHE V 199 38.81 -51.07 81.21
C PHE V 199 39.76 -52.28 81.27
N VAL V 200 40.51 -52.52 80.20
CA VAL V 200 41.59 -53.55 80.11
C VAL V 200 42.88 -52.99 80.74
N SER V 201 43.20 -51.72 80.45
CA SER V 201 44.39 -51.00 80.99
C SER V 201 44.13 -50.62 82.45
N ASP V 202 45.08 -50.94 83.35
CA ASP V 202 44.97 -50.75 84.82
C ASP V 202 45.25 -49.28 85.18
N ASN V 203 46.04 -48.58 84.36
CA ASN V 203 46.26 -47.11 84.43
C ASN V 203 45.92 -46.50 83.06
N VAL V 204 45.27 -45.33 83.06
CA VAL V 204 44.76 -44.62 81.83
C VAL V 204 44.97 -43.11 82.00
N VAL V 205 45.63 -42.46 81.03
CA VAL V 205 46.00 -41.01 81.06
C VAL V 205 45.64 -40.36 79.73
N ILE V 206 44.63 -39.47 79.73
CA ILE V 206 44.09 -38.79 78.50
C ILE V 206 44.89 -37.51 78.23
N LEU V 207 45.27 -37.28 76.97
CA LEU V 207 45.93 -36.05 76.47
C LEU V 207 45.00 -35.36 75.45
N ARG V 208 44.65 -34.09 75.67
CA ARG V 208 43.58 -33.36 74.93
C ARG V 208 44.12 -32.05 74.35
N ASN V 209 43.52 -31.57 73.26
CA ASN V 209 43.98 -30.39 72.46
C ASN V 209 42.78 -29.68 71.83
N VAL V 210 41.75 -29.36 72.63
CA VAL V 210 40.49 -28.72 72.16
C VAL V 210 40.78 -27.26 71.79
N LEU V 211 39.99 -26.69 70.87
CA LEU V 211 40.13 -25.31 70.35
C LEU V 211 39.29 -24.34 71.18
N GLU V 212 39.90 -23.26 71.67
CA GLU V 212 39.23 -22.16 72.41
C GLU V 212 39.20 -20.93 71.51
N GLY V 213 38.61 -21.06 70.31
CA GLY V 213 38.60 -20.03 69.26
C GLY V 213 39.93 -19.96 68.53
N GLU V 214 40.63 -18.82 68.63
CA GLU V 214 41.87 -18.51 67.85
C GLU V 214 43.11 -19.18 68.47
N ARG V 215 42.95 -19.92 69.59
CA ARG V 215 44.07 -20.67 70.23
C ARG V 215 43.58 -22.06 70.67
N ARG V 216 44.48 -23.05 70.61
CA ARG V 216 44.27 -24.43 71.11
C ARG V 216 45.02 -24.59 72.45
N ARG V 217 44.36 -25.13 73.47
CA ARG V 217 44.90 -25.32 74.84
C ARG V 217 45.15 -26.82 75.08
N ARG V 218 46.39 -27.19 75.40
CA ARG V 218 46.82 -28.60 75.64
C ARG V 218 46.62 -28.93 77.12
N THR V 219 46.06 -30.10 77.43
CA THR V 219 45.61 -30.50 78.79
C THR V 219 45.77 -32.01 78.99
N LEU V 220 46.64 -32.41 79.92
CA LEU V 220 46.84 -33.82 80.36
C LEU V 220 45.95 -34.11 81.58
N GLU V 221 45.33 -35.29 81.63
CA GLU V 221 44.40 -35.69 82.72
C GLU V 221 44.52 -37.20 82.97
N ILE V 222 45.06 -37.58 84.13
CA ILE V 222 45.16 -39.00 84.59
C ILE V 222 43.76 -39.46 84.98
N LEU V 223 43.00 -40.00 84.01
CA LEU V 223 41.61 -40.49 84.21
C LEU V 223 41.59 -41.46 85.39
N LYS V 224 42.54 -42.39 85.45
CA LYS V 224 42.63 -43.42 86.52
C LYS V 224 44.03 -44.03 86.59
N LEU V 225 44.40 -44.51 87.79
CA LEU V 225 45.62 -45.31 88.05
C LEU V 225 45.32 -46.24 89.24
N ARG V 226 44.83 -47.45 88.97
CA ARG V 226 44.44 -48.45 89.98
C ARG V 226 45.61 -48.68 90.93
N GLY V 227 45.42 -48.35 92.21
CA GLY V 227 46.46 -48.38 93.26
C GLY V 227 46.58 -47.03 93.95
N THR V 228 47.62 -46.26 93.62
CA THR V 228 48.01 -45.00 94.32
C THR V 228 46.96 -43.91 94.04
N SER V 229 47.02 -42.82 94.81
CA SER V 229 46.26 -41.57 94.61
C SER V 229 46.90 -40.76 93.48
N HIS V 230 46.24 -39.70 93.03
CA HIS V 230 46.72 -38.79 91.95
C HIS V 230 45.95 -37.47 92.01
N MET V 231 46.25 -36.56 91.08
CA MET V 231 45.43 -35.34 90.82
C MET V 231 44.19 -35.78 90.03
N LYS V 232 42.99 -35.41 90.50
CA LYS V 232 41.71 -35.63 89.78
C LYS V 232 41.34 -34.36 89.01
N GLY V 233 41.59 -34.33 87.70
CA GLY V 233 41.17 -33.22 86.80
C GLY V 233 42.01 -33.12 85.54
N GLU V 234 41.81 -32.03 84.78
CA GLU V 234 42.58 -31.67 83.57
C GLU V 234 43.57 -30.56 83.93
N TYR V 235 44.83 -30.71 83.51
CA TYR V 235 45.95 -29.77 83.81
C TYR V 235 46.63 -29.36 82.51
N PRO V 236 46.82 -28.05 82.24
CA PRO V 236 47.32 -27.59 80.96
C PRO V 236 48.82 -27.82 80.75
N PHE V 237 49.31 -27.58 79.53
CA PHE V 237 50.77 -27.50 79.19
C PHE V 237 50.94 -26.89 77.80
N ILE V 239 53.81 -28.48 74.11
CA ILE V 239 55.13 -29.07 73.71
C ILE V 239 56.13 -27.93 73.46
N THR V 240 57.37 -28.11 73.92
CA THR V 240 58.48 -27.12 73.85
C THR V 240 59.83 -27.86 73.82
N ILE V 244 57.20 -30.58 76.74
CA ILE V 244 56.00 -30.65 77.64
C ILE V 244 56.29 -29.84 78.91
N ASN V 245 55.68 -28.65 79.03
CA ASN V 245 55.83 -27.73 80.19
C ASN V 245 54.49 -27.62 80.91
N ILE V 246 54.26 -28.46 81.92
CA ILE V 246 52.98 -28.54 82.69
C ILE V 246 53.04 -27.50 83.82
N PHE V 247 51.89 -26.87 84.12
CA PHE V 247 51.74 -25.83 85.18
C PHE V 247 50.56 -26.18 86.09
N PRO V 248 50.65 -27.26 86.90
CA PRO V 248 49.57 -27.60 87.82
C PRO V 248 49.58 -26.73 89.09
N LEU V 249 48.71 -27.02 90.06
CA LEU V 249 48.61 -26.31 91.37
C LEU V 249 48.67 -27.34 92.51
N GLN V 256 55.25 -20.27 99.97
CA GLN V 256 55.59 -18.98 99.30
C GLN V 256 55.97 -17.95 100.37
N ARG V 257 57.22 -17.48 100.35
CA ARG V 257 57.86 -16.64 101.40
C ARG V 257 57.50 -15.16 101.19
N SER V 258 57.89 -14.29 102.13
CA SER V 258 57.60 -12.83 102.12
C SER V 258 58.65 -12.04 102.91
N SER V 259 58.69 -10.72 102.75
CA SER V 259 59.72 -9.82 103.34
C SER V 259 59.15 -8.39 103.51
N ASN V 260 59.60 -7.70 104.57
CA ASN V 260 59.32 -6.27 104.87
C ASN V 260 60.25 -5.36 104.06
N VAL V 261 61.23 -5.93 103.34
CA VAL V 261 62.27 -5.19 102.56
C VAL V 261 61.58 -4.23 101.58
N ARG V 262 61.35 -2.98 102.00
CA ARG V 262 60.58 -1.95 101.23
C ARG V 262 61.39 -1.50 100.00
N VAL V 263 60.71 -1.25 98.89
CA VAL V 263 61.30 -0.91 97.56
C VAL V 263 60.56 0.30 96.98
N SER V 264 61.28 1.18 96.27
CA SER V 264 60.76 2.47 95.72
C SER V 264 59.94 2.22 94.45
N SER V 265 58.73 2.80 94.38
CA SER V 265 57.80 2.70 93.22
C SER V 265 58.39 3.48 92.03
N GLY V 266 58.68 4.77 92.23
CA GLY V 266 59.25 5.65 91.19
C GLY V 266 59.25 7.10 91.62
N VAL V 267 58.08 7.76 91.55
CA VAL V 267 57.87 9.15 92.06
C VAL V 267 57.98 9.10 93.58
N VAL V 268 58.95 9.82 94.15
CA VAL V 268 59.32 9.79 95.60
C VAL V 268 58.07 10.06 96.45
N ARG V 269 57.10 10.79 95.91
CA ARG V 269 55.82 11.12 96.61
C ARG V 269 54.96 9.85 96.76
N LEU V 270 55.06 8.91 95.81
CA LEU V 270 54.30 7.63 95.81
C LEU V 270 54.83 6.70 96.92
N ASP V 271 56.14 6.73 97.18
CA ASP V 271 56.81 5.98 98.28
C ASP V 271 56.22 6.41 99.63
N GLU V 272 56.08 7.73 99.84
CA GLU V 272 55.52 8.35 101.06
C GLU V 272 54.02 8.02 101.17
N MET V 273 53.33 7.92 100.03
CA MET V 273 51.88 7.59 99.95
C MET V 273 51.65 6.14 100.39
N CYS V 274 52.62 5.24 100.18
CA CYS V 274 52.58 3.81 100.56
C CYS V 274 53.52 3.55 101.74
N GLY V 275 53.53 4.44 102.74
CA GLY V 275 54.36 4.33 103.96
C GLY V 275 55.82 4.64 103.67
N GLY V 276 56.50 3.75 102.93
CA GLY V 276 57.90 3.94 102.49
C GLY V 276 58.26 2.98 101.35
N GLY V 277 57.39 2.87 100.34
CA GLY V 277 57.60 2.06 99.13
C GLY V 277 56.78 0.79 99.13
N PHE V 278 56.80 0.06 98.01
CA PHE V 278 56.16 -1.27 97.83
C PHE V 278 57.11 -2.34 98.38
N PHE V 279 56.55 -3.40 98.98
CA PHE V 279 57.31 -4.56 99.51
C PHE V 279 58.00 -5.29 98.35
N LYS V 280 59.17 -5.89 98.62
CA LYS V 280 60.04 -6.53 97.59
C LYS V 280 59.37 -7.82 97.07
N ASP V 281 58.44 -8.39 97.84
CA ASP V 281 57.71 -9.65 97.49
C ASP V 281 56.33 -9.33 96.91
N SER V 282 55.75 -8.16 97.21
CA SER V 282 54.33 -7.82 97.00
C SER V 282 54.02 -7.70 95.50
N ILE V 283 52.93 -8.34 95.05
CA ILE V 283 52.36 -8.23 93.67
C ILE V 283 51.49 -6.97 93.62
N ILE V 284 52.06 -5.85 93.16
CA ILE V 284 51.41 -4.51 93.11
C ILE V 284 50.47 -4.46 91.88
N LEU V 285 49.45 -3.60 91.93
CA LEU V 285 48.36 -3.53 90.91
C LEU V 285 48.03 -2.07 90.57
N ALA V 286 48.22 -1.69 89.29
CA ALA V 286 47.89 -0.37 88.73
C ALA V 286 46.61 -0.47 87.89
N THR V 287 45.49 0.02 88.42
CA THR V 287 44.15 -0.01 87.76
C THR V 287 43.69 1.41 87.45
N GLY V 288 43.02 1.60 86.31
CA GLY V 288 42.34 2.86 85.99
C GLY V 288 41.72 2.85 84.60
N ALA V 289 41.04 3.95 84.26
CA ALA V 289 40.49 4.25 82.93
C ALA V 289 41.62 4.23 81.90
N THR V 290 41.27 4.28 80.61
CA THR V 290 42.25 4.30 79.49
C THR V 290 43.00 5.63 79.52
N GLY V 291 44.33 5.58 79.42
CA GLY V 291 45.22 6.76 79.33
C GLY V 291 45.29 7.53 80.64
N THR V 292 45.41 6.84 81.78
CA THR V 292 45.42 7.45 83.14
C THR V 292 46.84 7.56 83.70
N GLY V 293 47.81 6.80 83.17
CA GLY V 293 49.17 6.70 83.71
C GLY V 293 49.58 5.26 83.99
N LYS V 294 48.67 4.30 83.79
CA LYS V 294 48.90 2.85 84.06
C LYS V 294 50.21 2.40 83.41
N THR V 295 50.48 2.81 82.16
CA THR V 295 51.72 2.46 81.39
C THR V 295 52.87 3.40 81.80
N LEU V 296 52.58 4.63 82.22
CA LEU V 296 53.60 5.59 82.77
C LEU V 296 54.28 4.97 84.00
N LEU V 297 53.50 4.70 85.05
CA LEU V 297 53.98 4.17 86.36
C LEU V 297 54.69 2.81 86.14
N VAL V 298 54.31 2.07 85.10
CA VAL V 298 54.97 0.79 84.69
C VAL V 298 56.38 1.10 84.20
N SER V 299 56.54 2.10 83.33
CA SER V 299 57.84 2.56 82.77
C SER V 299 58.72 3.11 83.90
N ARG V 300 58.16 4.04 84.68
CA ARG V 300 58.81 4.71 85.83
C ARG V 300 59.29 3.66 86.86
N PHE V 301 58.66 2.48 86.86
CA PHE V 301 59.03 1.32 87.72
C PHE V 301 60.42 0.83 87.33
N VAL V 302 60.57 0.35 86.09
CA VAL V 302 61.85 -0.19 85.54
C VAL V 302 62.91 0.93 85.51
N GLU V 303 62.50 2.19 85.60
CA GLU V 303 63.37 3.38 85.72
C GLU V 303 64.18 3.32 87.02
N ASN V 304 63.55 2.90 88.13
CA ASN V 304 64.15 2.91 89.49
C ASN V 304 65.06 1.68 89.67
N ALA V 305 64.63 0.51 89.20
CA ALA V 305 65.39 -0.77 89.32
C ALA V 305 66.78 -0.59 88.70
N CYS V 306 66.82 -0.17 87.44
CA CYS V 306 68.07 0.10 86.65
C CYS V 306 68.85 1.24 87.31
N ALA V 307 68.16 2.31 87.74
CA ALA V 307 68.77 3.51 88.38
C ALA V 307 69.43 3.13 89.72
N ASN V 308 69.03 2.01 90.31
CA ASN V 308 69.68 1.43 91.52
C ASN V 308 70.21 0.03 91.17
N LYS V 309 71.05 -0.04 90.12
CA LYS V 309 71.89 -1.20 89.70
C LYS V 309 71.15 -2.54 89.90
N GLU V 310 69.90 -2.62 89.45
CA GLU V 310 69.08 -3.87 89.44
C GLU V 310 68.44 -4.02 88.06
N ARG V 311 68.04 -5.24 87.69
CA ARG V 311 67.47 -5.56 86.36
C ARG V 311 65.94 -5.66 86.45
N ALA V 312 65.28 -5.52 85.30
CA ALA V 312 63.81 -5.51 85.15
C ALA V 312 63.42 -6.15 83.82
N ILE V 313 62.15 -6.55 83.71
CA ILE V 313 61.54 -7.11 82.47
C ILE V 313 60.14 -6.53 82.33
N LEU V 314 59.98 -5.50 81.49
CA LEU V 314 58.66 -4.91 81.13
C LEU V 314 58.05 -5.75 80.00
N PHE V 315 57.20 -6.72 80.36
CA PHE V 315 56.38 -7.51 79.41
C PHE V 315 55.28 -6.59 78.87
N ALA V 316 55.27 -6.36 77.55
CA ALA V 316 54.34 -5.43 76.85
C ALA V 316 53.33 -6.25 76.03
N TYR V 317 52.06 -5.84 76.04
CA TYR V 317 50.95 -6.50 75.32
C TYR V 317 50.09 -5.50 74.53
N GLU V 318 50.12 -4.20 74.86
CA GLU V 318 49.36 -3.14 74.14
C GLU V 318 50.19 -2.60 72.96
N GLU V 319 51.39 -2.08 73.26
CA GLU V 319 52.22 -1.28 72.33
C GLU V 319 53.32 -2.16 71.73
N SER V 320 54.12 -1.57 70.82
CA SER V 320 55.39 -2.12 70.28
C SER V 320 56.54 -1.72 71.20
N ARG V 321 57.79 -1.81 70.72
CA ARG V 321 59.01 -1.43 71.47
C ARG V 321 59.27 0.08 71.31
N ALA V 322 59.02 0.63 70.11
CA ALA V 322 59.32 2.02 69.72
C ALA V 322 58.34 3.00 70.38
N GLN V 323 57.04 2.68 70.34
CA GLN V 323 55.95 3.46 70.99
C GLN V 323 56.29 3.64 72.47
N LEU V 324 56.94 2.63 73.08
CA LEU V 324 57.42 2.65 74.49
C LEU V 324 58.55 3.68 74.64
N LEU V 325 59.73 3.41 74.03
CA LEU V 325 60.97 4.22 74.17
C LEU V 325 60.70 5.68 73.77
N ARG V 326 59.88 5.89 72.74
CA ARG V 326 59.45 7.23 72.27
C ARG V 326 58.77 7.99 73.42
N ASN V 327 57.75 7.37 74.02
CA ASN V 327 56.91 7.96 75.09
C ASN V 327 57.66 7.92 76.43
N ALA V 328 58.59 6.97 76.59
CA ALA V 328 59.50 6.87 77.75
C ALA V 328 60.51 8.02 77.74
N TYR V 329 60.79 8.62 76.58
CA TYR V 329 61.69 9.82 76.45
C TYR V 329 60.90 11.11 76.74
N SER V 330 59.60 11.12 76.47
CA SER V 330 58.70 12.28 76.69
C SER V 330 58.72 12.72 78.16
N TRP V 331 59.09 11.81 79.07
CA TRP V 331 59.23 12.07 80.54
C TRP V 331 60.67 11.85 81.00
N GLY V 332 61.68 12.25 80.21
CA GLY V 332 63.10 11.95 80.49
C GLY V 332 63.36 10.46 80.34
N MET V 333 64.43 9.95 80.98
CA MET V 333 64.75 8.50 81.06
C MET V 333 64.96 7.91 79.66
N ASP V 334 66.20 7.91 79.18
CA ASP V 334 66.61 7.31 77.89
C ASP V 334 66.48 5.78 77.99
N PHE V 335 65.28 5.25 77.79
CA PHE V 335 64.96 3.80 77.82
C PHE V 335 65.78 3.06 76.76
N GLU V 336 66.16 3.75 75.68
CA GLU V 336 67.10 3.26 74.64
C GLU V 336 68.48 3.02 75.27
N GLU V 337 68.95 3.97 76.08
CA GLU V 337 70.29 3.95 76.74
C GLU V 337 70.36 2.80 77.76
N MET V 338 69.25 2.48 78.43
CA MET V 338 69.20 1.51 79.56
C MET V 338 69.06 0.06 79.05
N GLU V 339 68.75 -0.14 77.77
CA GLU V 339 68.72 -1.49 77.13
C GLU V 339 70.16 -1.98 76.91
N ARG V 340 71.05 -1.10 76.45
CA ARG V 340 72.46 -1.42 76.10
C ARG V 340 73.24 -1.87 77.35
N GLN V 341 72.94 -1.28 78.51
CA GLN V 341 73.61 -1.57 79.81
C GLN V 341 73.32 -3.00 80.27
N ASN V 342 72.48 -3.74 79.56
CA ASN V 342 72.12 -5.16 79.86
C ASN V 342 71.38 -5.22 81.20
N LEU V 343 70.58 -4.19 81.51
CA LEU V 343 69.76 -4.08 82.75
C LEU V 343 68.27 -4.21 82.39
N LEU V 344 67.75 -3.33 81.53
CA LEU V 344 66.33 -3.30 81.08
C LEU V 344 66.09 -4.44 80.08
N LYS V 345 64.82 -4.86 79.90
CA LYS V 345 64.39 -5.82 78.85
C LYS V 345 62.93 -5.56 78.47
N ILE V 346 62.67 -5.15 77.23
CA ILE V 346 61.31 -4.87 76.68
C ILE V 346 60.87 -6.05 75.81
N ALA V 349 54.85 -8.09 72.74
CA ALA V 349 54.50 -9.15 71.76
C ALA V 349 52.97 -9.40 71.74
N TYR V 350 52.52 -10.38 70.95
CA TYR V 350 51.11 -10.59 70.53
C TYR V 350 50.21 -10.93 71.72
N PRO V 351 49.15 -10.12 71.99
CA PRO V 351 48.21 -10.44 73.07
C PRO V 351 47.18 -11.53 72.76
N GLU V 352 47.16 -12.07 71.53
CA GLU V 352 46.21 -13.12 71.09
C GLU V 352 46.90 -14.04 70.07
N GLY V 355 47.42 -18.58 73.10
CA GLY V 355 47.12 -19.47 74.23
C GLY V 355 47.69 -18.94 75.54
N LEU V 356 46.94 -19.08 76.64
CA LEU V 356 47.29 -18.49 77.96
C LEU V 356 48.35 -19.35 78.66
N GLU V 357 48.22 -20.67 78.62
CA GLU V 357 49.23 -21.64 79.17
C GLU V 357 50.58 -21.37 78.52
N ASP V 358 50.59 -20.92 77.26
CA ASP V 358 51.81 -20.58 76.48
C ASP V 358 52.42 -19.28 77.03
N HIS V 359 51.58 -18.35 77.52
CA HIS V 359 52.01 -17.04 78.08
C HIS V 359 52.72 -17.22 79.42
N LEU V 360 52.28 -18.17 80.26
CA LEU V 360 52.97 -18.52 81.52
C LEU V 360 54.39 -18.99 81.20
N GLN V 361 54.53 -19.85 80.19
CA GLN V 361 55.81 -20.45 79.73
C GLN V 361 56.73 -19.31 79.23
N ILE V 362 56.20 -18.45 78.34
CA ILE V 362 56.91 -17.26 77.79
C ILE V 362 57.22 -16.28 78.93
N ILE V 363 56.30 -16.17 79.90
CA ILE V 363 56.51 -15.39 81.16
C ILE V 363 57.66 -16.04 81.96
N LYS V 364 57.64 -17.37 82.05
CA LYS V 364 58.59 -18.18 82.87
C LYS V 364 60.00 -18.10 82.27
N SER V 365 60.15 -18.44 80.99
CA SER V 365 61.44 -18.47 80.26
C SER V 365 62.15 -17.13 80.42
N GLU V 366 61.50 -16.03 80.02
CA GLU V 366 62.03 -14.65 80.07
C GLU V 366 62.31 -14.24 81.52
N ILE V 367 61.53 -14.75 82.47
CA ILE V 367 61.75 -14.57 83.94
C ILE V 367 63.03 -15.33 84.32
N ASN V 368 63.00 -16.66 84.20
CA ASN V 368 64.01 -17.59 84.79
C ASN V 368 65.31 -17.58 83.97
N ASP V 369 65.29 -17.09 82.72
CA ASP V 369 66.49 -17.01 81.84
C ASP V 369 67.24 -15.70 82.10
N PHE V 370 66.54 -14.57 82.19
CA PHE V 370 67.11 -13.21 82.28
C PHE V 370 67.52 -12.88 83.72
N LYS V 371 66.91 -13.53 84.70
CA LYS V 371 67.20 -13.34 86.16
C LYS V 371 67.02 -11.88 86.55
N PRO V 372 65.77 -11.35 86.55
CA PRO V 372 65.48 -10.02 87.08
C PRO V 372 65.04 -10.02 88.55
N ALA V 373 65.10 -8.85 89.20
CA ALA V 373 64.57 -8.60 90.56
C ALA V 373 63.17 -7.97 90.46
N ARG V 374 62.88 -7.27 89.36
CA ARG V 374 61.58 -6.61 89.09
C ARG V 374 60.96 -7.14 87.79
N ILE V 375 59.66 -6.96 87.64
CA ILE V 375 58.90 -7.22 86.39
C ILE V 375 57.75 -6.22 86.29
N ALA V 376 57.07 -6.22 85.14
CA ALA V 376 55.79 -5.51 84.91
C ALA V 376 55.09 -6.12 83.69
N ILE V 377 53.97 -6.78 83.90
CA ILE V 377 53.01 -7.18 82.83
C ILE V 377 52.24 -5.92 82.43
N ASP V 378 51.99 -5.72 81.13
CA ASP V 378 51.26 -4.54 80.61
C ASP V 378 50.54 -4.91 79.31
N SER V 379 49.23 -5.17 79.36
CA SER V 379 48.41 -5.14 80.56
C SER V 379 47.80 -6.52 80.82
N LEU V 380 47.41 -6.77 82.08
CA LEU V 380 46.64 -7.99 82.48
C LEU V 380 45.24 -7.95 81.84
N SER V 381 44.72 -6.75 81.54
CA SER V 381 43.41 -6.54 80.85
C SER V 381 43.47 -7.04 79.40
N ALA V 382 44.63 -6.91 78.73
CA ALA V 382 44.85 -7.34 77.33
C ALA V 382 44.77 -8.88 77.23
N LEU V 383 45.47 -9.58 78.13
CA LEU V 383 45.57 -11.07 78.14
C LEU V 383 44.23 -11.69 78.59
N ALA V 384 43.31 -10.90 79.15
CA ALA V 384 41.97 -11.32 79.60
C ALA V 384 40.99 -11.32 78.41
N ARG V 385 40.78 -10.15 77.79
CA ARG V 385 39.82 -9.95 76.67
C ARG V 385 39.97 -11.10 75.66
N GLY V 386 38.90 -11.87 75.45
CA GLY V 386 38.86 -13.00 74.48
C GLY V 386 39.00 -14.35 75.15
N VAL V 387 39.28 -14.38 76.46
CA VAL V 387 39.33 -15.61 77.31
C VAL V 387 38.32 -15.44 78.44
N SER V 388 37.92 -16.55 79.09
CA SER V 388 36.93 -16.59 80.18
C SER V 388 37.60 -16.16 81.49
N ASN V 389 36.79 -15.64 82.43
CA ASN V 389 37.28 -15.24 83.77
C ASN V 389 38.16 -16.40 84.26
N ASN V 390 37.62 -17.63 84.31
CA ASN V 390 38.31 -18.83 84.84
C ASN V 390 39.75 -18.96 84.32
N ALA V 391 39.92 -19.07 82.99
CA ALA V 391 41.24 -19.22 82.32
C ALA V 391 42.15 -18.03 82.68
N PHE V 392 41.59 -16.83 82.71
CA PHE V 392 42.31 -15.58 83.06
C PHE V 392 42.76 -15.65 84.53
N ARG V 393 41.84 -16.02 85.43
CA ARG V 393 42.13 -16.22 86.88
C ARG V 393 43.24 -17.27 86.98
N GLN V 394 43.03 -18.42 86.33
CA GLN V 394 43.98 -19.57 86.33
C GLN V 394 45.34 -19.11 85.81
N PHE V 395 45.36 -18.22 84.81
CA PHE V 395 46.61 -17.57 84.33
C PHE V 395 47.16 -16.67 85.44
N VAL V 396 46.38 -15.66 85.87
CA VAL V 396 46.82 -14.64 86.87
C VAL V 396 47.31 -15.36 88.13
N ILE V 397 46.41 -16.06 88.83
CA ILE V 397 46.69 -16.84 90.08
C ILE V 397 47.91 -17.74 89.84
N GLY V 398 48.16 -18.15 88.59
CA GLY V 398 49.40 -18.82 88.17
C GLY V 398 50.58 -17.86 88.17
N VAL V 399 50.65 -16.97 87.18
CA VAL V 399 51.81 -16.06 86.92
C VAL V 399 52.15 -15.28 88.20
N THR V 400 51.15 -14.91 89.00
CA THR V 400 51.33 -14.19 90.30
C THR V 400 52.09 -15.10 91.29
N GLY V 401 51.69 -16.36 91.38
CA GLY V 401 52.31 -17.38 92.24
C GLY V 401 53.76 -17.61 91.87
N TYR V 402 54.04 -17.82 90.58
CA TYR V 402 55.40 -18.06 90.02
C TYR V 402 56.25 -16.80 90.19
N ALA V 403 55.63 -15.61 90.13
CA ALA V 403 56.29 -14.30 90.35
C ALA V 403 56.66 -14.16 91.83
N LYS V 404 55.67 -14.25 92.71
CA LYS V 404 55.81 -14.05 94.18
C LYS V 404 56.74 -15.11 94.77
N GLN V 405 56.69 -16.34 94.27
CA GLN V 405 57.44 -17.51 94.79
C GLN V 405 58.82 -17.64 94.13
N GLU V 406 59.43 -16.52 93.74
CA GLU V 406 60.90 -16.39 93.51
C GLU V 406 61.38 -15.04 94.06
N GLU V 407 60.66 -14.50 95.05
CA GLU V 407 60.99 -13.26 95.80
C GLU V 407 60.96 -12.04 94.88
N ILE V 408 60.46 -12.18 93.64
CA ILE V 408 60.55 -11.13 92.58
C ILE V 408 59.41 -10.13 92.80
N THR V 409 59.73 -8.84 92.80
CA THR V 409 58.74 -7.73 92.80
C THR V 409 58.10 -7.66 91.42
N GLY V 410 56.92 -7.05 91.33
CA GLY V 410 56.21 -6.88 90.04
C GLY V 410 54.98 -5.99 90.16
N LEU V 411 54.81 -5.08 89.20
CA LEU V 411 53.61 -4.23 89.05
C LEU V 411 52.87 -4.64 87.77
N PHE V 412 51.84 -5.47 87.91
CA PHE V 412 50.88 -5.84 86.84
C PHE V 412 49.90 -4.67 86.68
N THR V 413 49.31 -4.49 85.50
CA THR V 413 48.38 -3.37 85.19
C THR V 413 47.03 -3.90 84.71
N ASN V 414 45.97 -3.16 84.99
CA ASN V 414 44.57 -3.42 84.54
C ASN V 414 43.96 -2.11 84.05
N THR V 415 43.23 -2.16 82.93
CA THR V 415 42.56 -1.01 82.28
C THR V 415 41.04 -1.24 82.36
N SER V 416 40.33 -0.46 83.17
CA SER V 416 38.88 -0.62 83.43
C SER V 416 38.09 -0.23 82.17
N ASP V 417 37.22 -1.11 81.69
CA ASP V 417 36.33 -0.88 80.51
C ASP V 417 35.54 0.42 80.73
N GLN V 418 34.96 0.57 81.91
CA GLN V 418 34.30 1.83 82.37
C GLN V 418 35.38 2.82 82.82
N PHE V 419 35.19 4.11 82.58
CA PHE V 419 36.18 5.18 82.91
C PHE V 419 35.61 6.23 83.88
N MET V 420 34.30 6.21 84.15
CA MET V 420 33.64 7.21 85.05
C MET V 420 33.19 6.54 86.35
N GLY V 421 32.04 5.85 86.34
CA GLY V 421 31.45 5.23 87.53
C GLY V 421 31.96 3.81 87.74
N ALA V 422 33.28 3.64 87.86
CA ALA V 422 33.95 2.33 88.07
C ALA V 422 33.40 1.71 89.35
N HIS V 423 32.41 0.81 89.22
CA HIS V 423 31.73 0.14 90.37
C HIS V 423 32.72 -0.77 91.11
N SER V 424 33.56 -1.50 90.36
CA SER V 424 34.59 -2.43 90.91
C SER V 424 35.99 -1.97 90.51
N ILE V 425 37.02 -2.53 91.14
CA ILE V 425 38.45 -2.22 90.87
C ILE V 425 38.83 -2.94 89.57
N THR V 426 38.68 -4.27 89.52
CA THR V 426 38.95 -5.11 88.33
C THR V 426 37.65 -5.77 87.86
N ASP V 427 37.45 -5.86 86.53
CA ASP V 427 36.26 -6.48 85.92
C ASP V 427 36.44 -8.01 85.86
N SER V 428 37.68 -8.50 86.02
CA SER V 428 38.04 -9.94 86.04
C SER V 428 38.05 -10.48 87.48
N HIS V 429 37.81 -9.61 88.47
CA HIS V 429 37.75 -9.92 89.92
C HIS V 429 39.09 -10.52 90.39
N ILE V 430 40.19 -9.80 90.16
CA ILE V 430 41.58 -10.24 90.51
C ILE V 430 42.06 -9.52 91.77
N SEP V 431 41.15 -8.81 92.46
CA SEP V 431 41.51 -7.97 93.60
CB SEP V 431 40.34 -7.10 94.01
OG SEP V 431 39.54 -6.80 92.84
C SEP V 431 42.02 -8.81 94.77
O SEP V 431 42.85 -8.34 95.54
P SEP V 431 37.93 -6.90 92.94
O1P SEP V 431 37.63 -8.18 93.72
O2P SEP V 431 37.42 -6.93 91.52
O3P SEP V 431 37.48 -5.66 93.69
N THR V 432 41.53 -10.06 94.89
CA THR V 432 41.87 -10.89 96.03
C THR V 432 43.29 -11.47 95.88
N ILE V 433 43.94 -11.31 94.73
CA ILE V 433 45.30 -11.87 94.44
C ILE V 433 46.34 -10.75 94.56
N THR V 434 45.92 -9.49 94.47
CA THR V 434 46.78 -8.29 94.61
C THR V 434 47.15 -8.08 96.08
N ASP V 435 48.33 -7.52 96.34
CA ASP V 435 48.78 -7.07 97.68
C ASP V 435 48.69 -5.54 97.72
N THR V 436 49.44 -4.87 96.84
CA THR V 436 49.40 -3.41 96.61
C THR V 436 48.42 -3.12 95.48
N ILE V 437 47.47 -2.20 95.69
CA ILE V 437 46.48 -1.74 94.66
C ILE V 437 46.52 -0.21 94.58
N ILE V 438 47.13 0.32 93.51
CA ILE V 438 47.21 1.78 93.20
C ILE V 438 46.21 2.09 92.08
N LEU V 439 45.13 2.83 92.39
CA LEU V 439 44.01 3.14 91.45
C LEU V 439 44.18 4.54 90.86
N LEU V 440 43.84 4.71 89.57
CA LEU V 440 43.87 6.00 88.83
C LEU V 440 42.46 6.32 88.31
N GLN V 441 41.92 7.49 88.65
CA GLN V 441 40.53 7.92 88.31
C GLN V 441 40.54 9.35 87.77
N TYR V 442 39.82 9.60 86.67
CA TYR V 442 39.59 10.95 86.09
C TYR V 442 38.64 11.74 87.00
N VAL V 443 38.74 13.06 86.96
CA VAL V 443 37.97 13.99 87.84
C VAL V 443 37.55 15.22 87.03
N GLU V 444 36.25 15.36 86.76
CA GLU V 444 35.67 16.55 86.09
C GLU V 444 35.63 17.70 87.09
N ILE V 445 36.62 18.59 87.00
CA ILE V 445 36.77 19.81 87.86
C ILE V 445 36.72 21.04 86.95
N ARG V 446 35.70 21.89 87.10
CA ARG V 446 35.58 23.20 86.40
C ARG V 446 35.74 22.99 84.88
N GLY V 447 35.17 21.92 84.34
CA GLY V 447 35.16 21.61 82.90
C GLY V 447 36.54 21.18 82.39
N GLU V 448 37.39 20.64 83.28
CA GLU V 448 38.76 20.16 82.96
C GLU V 448 38.89 18.70 83.42
N MET V 449 39.10 17.77 82.49
CA MET V 449 39.30 16.32 82.78
C MET V 449 40.67 16.12 83.44
N SER V 450 40.80 16.50 84.72
CA SER V 450 42.01 16.26 85.55
C SER V 450 42.03 14.78 85.97
N ARG V 451 42.99 14.38 86.81
CA ARG V 451 43.17 12.98 87.25
C ARG V 451 43.26 12.93 88.78
N ALA V 452 43.34 11.72 89.33
CA ALA V 452 43.59 11.50 90.78
C ALA V 452 44.09 10.06 91.01
N ILE V 453 44.93 9.91 92.04
CA ILE V 453 45.62 8.64 92.42
C ILE V 453 45.37 8.39 93.91
N ASN V 454 45.25 7.12 94.29
CA ASN V 454 45.01 6.67 95.69
C ASN V 454 45.62 5.28 95.86
N VAL V 455 46.22 5.01 97.01
CA VAL V 455 46.60 3.63 97.42
C VAL V 455 45.37 3.01 98.08
N PHE V 456 44.76 2.03 97.41
CA PHE V 456 43.48 1.41 97.81
C PHE V 456 43.71 0.42 98.94
N LYS V 457 44.69 -0.48 98.77
CA LYS V 457 45.12 -1.41 99.84
C LYS V 457 46.62 -1.71 99.71
N MET V 458 47.31 -1.63 100.84
CA MET V 458 48.69 -2.13 101.08
C MET V 458 48.64 -3.14 102.22
N ARG V 459 48.60 -4.44 101.90
CA ARG V 459 48.73 -5.52 102.90
C ARG V 459 50.09 -5.37 103.59
N GLY V 460 50.10 -5.10 104.90
CA GLY V 460 51.31 -4.98 105.72
C GLY V 460 52.06 -3.68 105.45
N SER V 461 51.42 -2.55 105.73
CA SER V 461 52.00 -1.18 105.67
C SER V 461 50.89 -0.18 106.03
N TRP V 462 51.28 0.93 106.67
CA TRP V 462 50.46 2.17 106.67
C TRP V 462 50.52 2.75 105.26
N HIS V 463 49.40 3.26 104.74
CA HIS V 463 49.36 4.04 103.48
C HIS V 463 48.45 5.25 103.65
N ASP V 464 48.52 6.19 102.70
CA ASP V 464 47.72 7.44 102.68
C ASP V 464 46.27 7.08 102.33
N LYS V 465 45.34 7.33 103.25
CA LYS V 465 43.88 7.25 103.01
C LYS V 465 43.42 8.59 102.42
N ALA V 466 43.84 8.90 101.19
CA ALA V 466 43.48 10.16 100.48
C ALA V 466 43.72 10.03 98.98
N ILE V 467 42.70 10.40 98.18
CA ILE V 467 42.74 10.45 96.68
C ILE V 467 43.31 11.81 96.27
N ARG V 468 44.48 11.81 95.63
CA ARG V 468 45.30 13.03 95.32
C ARG V 468 45.25 13.33 93.83
N GLU V 469 45.08 14.61 93.46
CA GLU V 469 45.14 15.09 92.05
C GLU V 469 46.59 15.03 91.57
N PHE V 470 46.82 14.94 90.24
CA PHE V 470 48.16 15.06 89.62
C PHE V 470 48.03 15.49 88.16
N MET V 471 48.59 16.66 87.82
CA MET V 471 48.68 17.17 86.42
C MET V 471 50.04 16.74 85.83
N ILE V 472 50.06 15.58 85.15
CA ILE V 472 51.26 14.98 84.49
C ILE V 472 51.83 16.01 83.50
N SER V 473 53.15 15.94 83.26
CA SER V 473 53.90 16.90 82.40
C SER V 473 55.21 16.26 81.92
N ASP V 474 55.91 16.93 81.00
CA ASP V 474 57.18 16.48 80.38
C ASP V 474 58.18 16.06 81.47
N LYS V 475 58.15 16.71 82.63
CA LYS V 475 58.94 16.32 83.83
C LYS V 475 58.40 14.99 84.38
N GLY V 476 57.14 14.98 84.84
CA GLY V 476 56.48 13.77 85.35
C GLY V 476 55.18 14.08 86.10
N PRO V 477 54.56 13.06 86.72
CA PRO V 477 53.37 13.26 87.57
C PRO V 477 53.68 13.99 88.89
N ASP V 478 53.19 15.22 89.02
CA ASP V 478 53.37 16.09 90.22
C ASP V 478 52.12 15.98 91.10
N ILE V 479 52.17 15.12 92.12
CA ILE V 479 51.01 14.76 92.99
C ILE V 479 50.71 15.91 93.96
N LYS V 480 49.65 16.67 93.71
CA LYS V 480 49.19 17.82 94.54
C LYS V 480 48.33 17.30 95.70
N ASP V 481 47.36 18.10 96.16
CA ASP V 481 46.54 17.83 97.38
C ASP V 481 45.34 16.93 97.04
N SER V 482 44.50 16.65 98.04
CA SER V 482 43.18 15.97 97.91
C SER V 482 42.07 17.01 97.80
N PHE V 483 41.06 16.74 96.97
CA PHE V 483 39.91 17.66 96.70
C PHE V 483 39.06 17.81 97.98
N ARG V 484 39.52 18.67 98.89
CA ARG V 484 39.04 18.73 100.30
C ARG V 484 37.86 19.70 100.46
N ASN V 485 37.26 20.17 99.35
CA ASN V 485 36.01 20.97 99.35
C ASN V 485 35.03 20.39 98.32
N PHE V 486 35.02 19.06 98.16
CA PHE V 486 34.27 18.34 97.10
C PHE V 486 33.70 17.02 97.65
N GLU V 487 32.38 16.83 97.54
CA GLU V 487 31.66 15.55 97.79
C GLU V 487 31.63 14.75 96.48
N ARG V 488 31.18 13.48 96.55
CA ARG V 488 30.96 12.57 95.39
C ARG V 488 32.10 12.67 94.37
N ILE V 489 33.35 12.79 94.82
CA ILE V 489 34.57 12.84 93.96
C ILE V 489 34.84 11.43 93.42
N ILE V 490 34.34 10.40 94.11
CA ILE V 490 34.49 8.97 93.74
C ILE V 490 33.86 8.71 92.36
N SER V 491 32.70 9.33 92.09
CA SER V 491 31.87 9.11 90.86
C SER V 491 32.60 9.64 89.62
N GLY V 492 33.31 10.78 89.76
CA GLY V 492 33.98 11.50 88.66
C GLY V 492 33.19 12.74 88.24
N SER V 493 32.43 13.33 89.17
CA SER V 493 31.62 14.55 88.96
C SER V 493 31.20 15.10 90.32
N PRO V 494 32.15 15.69 91.08
CA PRO V 494 31.87 16.20 92.43
C PRO V 494 31.08 17.52 92.43
N THR V 495 30.81 18.07 93.63
CA THR V 495 30.18 19.40 93.83
C THR V 495 30.87 20.12 94.99
N ARG V 496 30.95 21.46 94.91
CA ARG V 496 31.56 22.34 95.93
C ARG V 496 30.76 22.23 97.24
N ILE V 497 31.46 22.04 98.36
CA ILE V 497 30.87 21.89 99.73
C ILE V 497 31.30 23.08 100.59
N ILE W 18 -3.48 -24.93 40.41
CA ILE W 18 -4.03 -26.27 40.76
C ILE W 18 -5.38 -26.09 41.45
N ALA W 19 -6.29 -27.05 41.26
CA ALA W 19 -7.59 -27.13 41.97
C ALA W 19 -7.32 -27.36 43.46
N LYS W 20 -8.30 -27.07 44.32
CA LYS W 20 -8.12 -27.00 45.79
C LYS W 20 -9.43 -27.39 46.48
N MET W 21 -9.65 -28.69 46.66
CA MET W 21 -10.84 -29.25 47.38
C MET W 21 -10.76 -28.82 48.85
N ARG W 22 -11.58 -27.85 49.25
CA ARG W 22 -11.54 -27.20 50.59
C ARG W 22 -11.90 -28.25 51.66
N THR W 23 -11.13 -28.29 52.74
CA THR W 23 -11.16 -29.34 53.80
C THR W 23 -12.24 -29.06 54.85
N MET W 24 -12.57 -27.79 55.10
CA MET W 24 -13.48 -27.34 56.20
C MET W 24 -12.86 -27.68 57.57
N ILE W 25 -11.56 -27.93 57.62
CA ILE W 25 -10.76 -27.96 58.89
C ILE W 25 -10.58 -26.51 59.33
N GLU W 26 -11.24 -26.11 60.42
CA GLU W 26 -11.31 -24.70 60.91
C GLU W 26 -9.90 -24.11 60.93
N GLY W 27 -9.48 -23.49 59.83
CA GLY W 27 -8.18 -22.81 59.70
C GLY W 27 -7.32 -23.39 58.57
N PHE W 28 -7.44 -24.70 58.30
CA PHE W 28 -6.63 -25.44 57.30
C PHE W 28 -6.71 -24.73 55.93
N ASP W 29 -7.90 -24.24 55.55
CA ASP W 29 -8.19 -23.62 54.24
C ASP W 29 -7.72 -22.16 54.19
N ASP W 30 -7.25 -21.60 55.32
CA ASP W 30 -6.72 -20.22 55.40
C ASP W 30 -5.22 -20.24 55.10
N ILE W 31 -4.49 -21.21 55.67
CA ILE W 31 -3.01 -21.37 55.51
C ILE W 31 -2.70 -21.97 54.12
N SER W 32 -3.72 -22.40 53.36
CA SER W 32 -3.57 -23.11 52.05
C SER W 32 -4.02 -22.22 50.87
N HIS W 33 -4.57 -21.03 51.13
CA HIS W 33 -5.09 -20.06 50.12
C HIS W 33 -6.10 -20.71 49.16
N GLY W 34 -6.78 -21.79 49.59
CA GLY W 34 -7.71 -22.55 48.74
C GLY W 34 -8.01 -23.92 49.32
N GLY W 35 -6.97 -24.68 49.67
CA GLY W 35 -7.07 -26.01 50.30
C GLY W 35 -6.15 -27.02 49.64
N LEU W 36 -6.22 -28.28 50.09
CA LEU W 36 -5.48 -29.43 49.50
C LEU W 36 -6.03 -29.68 48.10
N PRO W 37 -5.16 -29.99 47.10
CA PRO W 37 -5.61 -30.10 45.72
C PRO W 37 -6.71 -31.14 45.44
N ILE W 38 -7.39 -31.01 44.29
CA ILE W 38 -8.48 -31.91 43.81
C ILE W 38 -7.87 -33.27 43.47
N GLY W 39 -6.73 -33.28 42.75
CA GLY W 39 -5.91 -34.47 42.52
C GLY W 39 -4.86 -34.63 43.62
N ARG W 40 -3.91 -35.55 43.45
CA ARG W 40 -2.63 -35.65 44.19
C ARG W 40 -2.83 -36.25 45.59
N SER W 41 -1.72 -36.68 46.21
CA SER W 41 -1.64 -37.21 47.60
C SER W 41 -1.17 -36.10 48.55
N THR W 42 -1.60 -36.14 49.82
CA THR W 42 -1.14 -35.23 50.91
C THR W 42 -0.58 -36.07 52.06
N LEU W 43 0.74 -36.01 52.28
CA LEU W 43 1.43 -36.67 53.42
C LEU W 43 1.07 -35.94 54.71
N VAL W 44 0.57 -36.66 55.71
CA VAL W 44 0.14 -36.12 57.03
C VAL W 44 0.96 -36.81 58.13
N SER W 45 2.29 -36.72 58.02
CA SER W 45 3.27 -37.34 58.95
C SER W 45 3.38 -36.47 60.21
N GLY W 46 3.44 -37.11 61.38
CA GLY W 46 3.57 -36.46 62.70
C GLY W 46 3.97 -37.46 63.75
N THR W 47 4.26 -37.00 64.97
CA THR W 47 4.56 -37.88 66.13
C THR W 47 3.27 -38.58 66.56
N SER W 48 3.35 -39.51 67.49
CA SER W 48 2.18 -40.24 68.05
C SER W 48 1.30 -39.23 68.81
N GLY W 49 -0.02 -39.33 68.66
CA GLY W 49 -1.01 -38.48 69.37
C GLY W 49 -1.06 -37.05 68.88
N THR W 50 -0.58 -36.76 67.67
CA THR W 50 -0.47 -35.38 67.10
C THR W 50 -1.68 -35.04 66.21
N GLY W 51 -2.67 -35.94 66.12
CA GLY W 51 -3.92 -35.72 65.37
C GLY W 51 -3.76 -36.05 63.89
N LYS W 52 -3.06 -37.16 63.58
CA LYS W 52 -2.86 -37.66 62.19
C LYS W 52 -4.13 -38.37 61.72
N THR W 53 -4.67 -39.26 62.55
CA THR W 53 -5.93 -40.02 62.27
C THR W 53 -7.15 -39.10 62.51
N LEU W 54 -6.92 -37.88 63.01
CA LEU W 54 -7.95 -36.82 63.15
C LEU W 54 -8.02 -35.99 61.86
N PHE W 55 -6.87 -35.59 61.29
CA PHE W 55 -6.78 -34.84 60.01
C PHE W 55 -7.10 -35.77 58.84
N SER W 56 -7.01 -37.10 59.06
CA SER W 56 -7.38 -38.16 58.10
C SER W 56 -8.91 -38.35 58.11
N ILE W 57 -9.48 -38.59 59.28
CA ILE W 57 -10.93 -38.87 59.51
C ILE W 57 -11.75 -37.60 59.23
N GLN W 58 -11.19 -36.42 59.54
CA GLN W 58 -11.86 -35.10 59.34
C GLN W 58 -11.86 -34.75 57.85
N PHE W 59 -10.72 -34.95 57.17
CA PHE W 59 -10.48 -34.66 55.73
C PHE W 59 -11.62 -35.21 54.87
N LEU W 60 -12.12 -36.41 55.20
CA LEU W 60 -13.15 -37.14 54.41
C LEU W 60 -14.57 -36.78 54.86
N TYR W 61 -14.80 -36.64 56.18
CA TYR W 61 -16.14 -36.44 56.79
C TYR W 61 -16.74 -35.10 56.34
N ASN W 62 -15.90 -34.10 56.06
CA ASN W 62 -16.33 -32.75 55.61
C ASN W 62 -16.72 -32.77 54.14
N GLY W 63 -16.07 -33.63 53.34
CA GLY W 63 -16.40 -33.86 51.92
C GLY W 63 -17.86 -34.28 51.75
N ILE W 64 -18.37 -35.12 52.65
CA ILE W 64 -19.76 -35.67 52.63
C ILE W 64 -20.74 -34.58 53.07
N ILE W 65 -20.54 -34.00 54.27
CA ILE W 65 -21.54 -33.15 54.97
C ILE W 65 -21.25 -31.67 54.65
N GLU W 66 -21.15 -31.33 53.36
CA GLU W 66 -20.95 -29.95 52.85
C GLU W 66 -20.84 -29.98 51.32
N PHE W 67 -19.97 -30.83 50.76
CA PHE W 67 -19.68 -30.93 49.31
C PHE W 67 -20.34 -32.18 48.69
N ASP W 68 -20.78 -33.14 49.52
CA ASP W 68 -21.32 -34.45 49.07
C ASP W 68 -20.31 -35.10 48.11
N GLU W 69 -19.02 -35.02 48.45
CA GLU W 69 -17.89 -35.63 47.71
C GLU W 69 -17.12 -36.55 48.67
N PRO W 70 -17.58 -37.80 48.88
CA PRO W 70 -16.95 -38.69 49.87
C PRO W 70 -15.52 -39.12 49.48
N PHE W 73 -12.06 -44.68 53.60
CA PHE W 73 -10.60 -44.59 53.85
C PHE W 73 -10.02 -45.98 54.13
N VAL W 74 -8.84 -46.26 53.59
CA VAL W 74 -8.06 -47.52 53.79
C VAL W 74 -7.23 -47.35 55.07
N THR W 75 -7.27 -48.34 55.96
CA THR W 75 -6.57 -48.31 57.28
C THR W 75 -5.39 -49.27 57.26
N PHE W 76 -4.86 -49.53 58.46
CA PHE W 76 -3.71 -50.42 58.77
C PHE W 76 -3.59 -50.53 60.30
N GLU W 77 -3.98 -51.69 60.84
CA GLU W 77 -4.03 -51.98 62.30
C GLU W 77 -5.34 -51.45 62.90
N GLU W 78 -5.77 -50.22 62.56
CA GLU W 78 -7.01 -49.59 63.08
C GLU W 78 -8.22 -50.40 62.61
N THR W 79 -9.13 -50.77 63.54
CA THR W 79 -10.39 -51.49 63.24
C THR W 79 -11.51 -50.50 62.94
N PRO W 80 -12.37 -50.78 61.94
CA PRO W 80 -13.55 -49.96 61.65
C PRO W 80 -14.50 -49.69 62.83
N GLN W 81 -14.73 -50.69 63.69
CA GLN W 81 -15.68 -50.61 64.84
C GLN W 81 -15.16 -49.64 65.91
N ASP W 82 -13.86 -49.32 65.89
CA ASP W 82 -13.21 -48.33 66.79
C ASP W 82 -13.00 -46.99 66.05
N ILE W 83 -12.75 -47.04 64.73
CA ILE W 83 -12.74 -45.85 63.83
C ILE W 83 -14.11 -45.17 63.93
N ILE W 84 -15.17 -45.96 64.12
CA ILE W 84 -16.57 -45.49 64.33
C ILE W 84 -16.69 -44.88 65.74
N LYS W 85 -16.40 -45.66 66.77
CA LYS W 85 -16.59 -45.29 68.22
C LYS W 85 -15.73 -44.07 68.58
N ASN W 86 -14.49 -43.99 68.06
CA ASN W 86 -13.55 -42.86 68.31
C ASN W 86 -14.15 -41.55 67.77
N ALA W 87 -14.74 -41.60 66.57
CA ALA W 87 -15.29 -40.43 65.83
C ALA W 87 -16.49 -39.83 66.57
N ARG W 88 -17.13 -40.60 67.44
CA ARG W 88 -18.29 -40.17 68.29
C ARG W 88 -17.84 -39.04 69.24
N SER W 89 -16.61 -39.10 69.75
CA SER W 89 -15.99 -38.09 70.65
C SER W 89 -15.99 -36.70 69.99
N PHE W 90 -15.72 -36.65 68.67
CA PHE W 90 -15.79 -35.43 67.83
C PHE W 90 -17.25 -34.96 67.67
N GLY W 91 -18.21 -35.82 68.04
CA GLY W 91 -19.65 -35.59 67.90
C GLY W 91 -20.17 -36.28 66.65
N TRP W 92 -19.49 -36.06 65.52
CA TRP W 92 -19.73 -36.72 64.21
C TRP W 92 -19.37 -38.20 64.29
N LYS W 96 -24.10 -44.54 60.66
CA LYS W 96 -24.99 -43.97 59.62
C LYS W 96 -24.27 -43.95 58.27
N LEU W 97 -23.31 -43.03 58.09
CA LEU W 97 -22.68 -42.66 56.79
C LEU W 97 -22.04 -43.87 56.11
N VAL W 98 -21.57 -44.86 56.88
CA VAL W 98 -20.95 -46.12 56.38
C VAL W 98 -22.02 -46.98 55.68
N ASP W 99 -23.27 -46.86 56.11
CA ASP W 99 -24.46 -47.54 55.52
C ASP W 99 -25.03 -46.67 54.38
N GLU W 100 -25.11 -45.34 54.60
CA GLU W 100 -25.65 -44.36 53.62
C GLU W 100 -24.62 -44.10 52.52
N ILE W 105 -15.02 -47.05 53.67
CA ILE W 105 -14.33 -47.43 54.94
C ILE W 105 -13.70 -48.82 54.77
N LEU W 106 -12.48 -48.89 54.22
CA LEU W 106 -11.78 -50.16 53.88
C LEU W 106 -10.83 -50.55 55.01
N ASP W 107 -10.86 -51.82 55.42
CA ASP W 107 -10.00 -52.43 56.47
C ASP W 107 -8.91 -53.27 55.79
N ALA W 108 -7.64 -53.05 56.16
CA ALA W 108 -6.46 -53.81 55.68
C ALA W 108 -5.60 -54.22 56.87
N SER W 109 -6.21 -54.83 57.89
CA SER W 109 -5.55 -55.31 59.13
C SER W 109 -4.79 -56.61 58.83
N PRO W 110 -3.44 -56.60 58.75
CA PRO W 110 -2.68 -57.79 58.34
C PRO W 110 -2.81 -58.95 59.34
N LEU W 123 1.90 -56.76 47.78
CA LEU W 123 2.43 -55.58 47.06
C LEU W 123 1.29 -54.82 46.36
N SER W 124 1.25 -54.86 45.02
CA SER W 124 0.47 -53.93 44.15
C SER W 124 -0.90 -54.51 43.80
N ALA W 125 -1.31 -55.61 44.45
CA ALA W 125 -2.66 -56.21 44.38
C ALA W 125 -3.56 -55.52 45.41
N LEU W 126 -2.95 -54.91 46.44
CA LEU W 126 -3.64 -54.11 47.48
C LEU W 126 -4.14 -52.79 46.87
N ILE W 127 -3.36 -52.20 45.96
CA ILE W 127 -3.76 -50.99 45.17
C ILE W 127 -5.06 -51.33 44.42
N GLU W 128 -5.19 -52.58 43.96
CA GLU W 128 -6.33 -53.08 43.15
C GLU W 128 -7.62 -53.13 43.97
N ARG W 129 -7.54 -53.07 45.30
CA ARG W 129 -8.72 -53.03 46.22
C ARG W 129 -9.18 -51.57 46.41
N ILE W 130 -8.26 -50.61 46.24
CA ILE W 130 -8.54 -49.15 46.39
C ILE W 130 -9.39 -48.68 45.20
N ASN W 131 -9.03 -49.10 43.98
CA ASN W 131 -9.74 -48.75 42.72
C ASN W 131 -11.18 -49.27 42.78
N TYR W 132 -11.38 -50.47 43.33
CA TYR W 132 -12.70 -51.16 43.44
C TYR W 132 -13.63 -50.38 44.37
N ALA W 133 -13.08 -49.76 45.43
CA ALA W 133 -13.83 -48.90 46.38
C ALA W 133 -13.91 -47.47 45.84
N ILE W 134 -12.85 -46.99 45.17
CA ILE W 134 -12.75 -45.61 44.61
C ILE W 134 -13.79 -45.42 43.51
N GLN W 135 -13.90 -46.39 42.59
CA GLN W 135 -14.83 -46.36 41.42
C GLN W 135 -16.28 -46.53 41.89
N LYS W 136 -16.52 -47.39 42.90
CA LYS W 136 -17.86 -47.85 43.34
C LYS W 136 -18.66 -46.76 44.05
N TYR W 137 -18.03 -45.64 44.45
CA TYR W 137 -18.72 -44.44 45.01
C TYR W 137 -18.33 -43.21 44.17
N ARG W 140 -14.44 -39.16 45.88
CA ARG W 140 -13.86 -37.85 45.48
C ARG W 140 -12.54 -37.57 46.22
N ARG W 141 -12.34 -38.12 47.43
CA ARG W 141 -11.10 -37.91 48.24
C ARG W 141 -10.85 -39.14 49.14
N ILE W 144 -5.80 -43.75 53.87
CA ILE W 144 -4.52 -44.47 54.18
C ILE W 144 -4.01 -44.01 55.55
N ASP W 145 -3.83 -44.94 56.49
CA ASP W 145 -3.41 -44.66 57.88
C ASP W 145 -3.13 -45.96 58.64
N SER W 146 -1.85 -46.24 58.97
CA SER W 146 -0.69 -45.46 58.62
C SER W 146 0.13 -46.20 57.56
N VAL W 147 0.74 -45.46 56.62
CA VAL W 147 1.49 -46.03 55.45
C VAL W 147 2.74 -46.76 55.96
N THR W 148 3.27 -46.35 57.12
CA THR W 148 4.43 -47.00 57.80
C THR W 148 4.08 -48.44 58.19
N SER W 149 2.81 -48.72 58.48
CA SER W 149 2.30 -50.06 58.90
C SER W 149 2.49 -51.07 57.77
N VAL W 150 2.39 -50.63 56.51
CA VAL W 150 2.64 -51.46 55.29
C VAL W 150 4.15 -51.64 55.12
N PHE W 151 4.93 -50.56 55.20
CA PHE W 151 6.36 -50.50 54.84
C PHE W 151 7.24 -51.12 55.93
N GLN W 152 6.75 -51.21 57.18
CA GLN W 152 7.49 -51.80 58.33
C GLN W 152 7.38 -53.33 58.27
N SER W 158 14.88 -47.07 49.80
CA SER W 158 14.87 -47.80 48.51
C SER W 158 13.60 -48.67 48.41
N VAL W 159 13.40 -49.56 49.40
CA VAL W 159 12.24 -50.50 49.50
C VAL W 159 10.94 -49.68 49.61
N VAL W 160 11.00 -48.54 50.32
CA VAL W 160 9.83 -47.63 50.54
C VAL W 160 9.71 -46.68 49.33
N ARG W 161 10.83 -46.18 48.82
CA ARG W 161 10.89 -45.19 47.70
C ARG W 161 10.11 -45.72 46.50
N ARG W 162 10.41 -46.95 46.06
CA ARG W 162 9.77 -47.60 44.89
C ARG W 162 8.28 -47.83 45.18
N GLU W 163 7.98 -48.57 46.25
CA GLU W 163 6.61 -49.00 46.65
C GLU W 163 5.67 -47.78 46.73
N LEU W 164 6.16 -46.65 47.25
CA LEU W 164 5.35 -45.42 47.53
C LEU W 164 5.49 -44.41 46.38
N PHE W 165 6.43 -44.60 45.45
CA PHE W 165 6.54 -43.80 44.20
C PHE W 165 5.34 -44.12 43.31
N ARG W 166 4.85 -45.37 43.39
CA ARG W 166 3.70 -45.90 42.61
C ARG W 166 2.41 -45.20 43.05
N LEU W 167 2.09 -45.23 44.34
CA LEU W 167 0.82 -44.69 44.91
C LEU W 167 0.72 -43.18 44.64
N VAL W 168 1.85 -42.53 44.31
CA VAL W 168 1.90 -41.11 43.84
C VAL W 168 1.08 -40.98 42.55
N ALA W 169 1.29 -41.88 41.58
CA ALA W 169 0.68 -41.83 40.22
C ALA W 169 -0.51 -42.79 40.11
N ARG W 170 -0.40 -44.00 40.68
CA ARG W 170 -1.43 -45.08 40.57
C ARG W 170 -2.72 -44.65 41.29
N LEU W 171 -2.61 -43.85 42.35
CA LEU W 171 -3.75 -43.20 43.04
C LEU W 171 -4.13 -41.90 42.32
N LYS W 172 -3.13 -41.16 41.83
CA LYS W 172 -3.31 -39.86 41.12
C LYS W 172 -3.79 -40.09 39.68
N GLN W 173 -3.73 -41.33 39.19
CA GLN W 173 -4.32 -41.75 37.89
C GLN W 173 -5.85 -41.68 37.98
N ILE W 174 -6.41 -41.77 39.20
CA ILE W 174 -7.88 -41.72 39.48
C ILE W 174 -8.31 -40.26 39.71
N GLY W 175 -7.37 -39.33 39.85
CA GLY W 175 -7.62 -37.89 39.99
C GLY W 175 -8.41 -37.57 41.25
N ALA W 176 -7.92 -38.03 42.41
CA ALA W 176 -8.62 -38.00 43.71
C ALA W 176 -7.79 -37.24 44.75
N MET W 180 -3.35 -40.95 54.10
CA MET W 180 -2.18 -40.04 53.94
C MET W 180 -1.30 -39.99 55.21
N THR W 181 -1.68 -40.70 56.28
CA THR W 181 -1.00 -40.70 57.61
C THR W 181 0.30 -41.51 57.51
N THR W 182 1.42 -40.92 57.95
CA THR W 182 2.73 -41.60 58.16
C THR W 182 2.92 -41.77 59.68
N GLU W 183 4.15 -41.69 60.19
CA GLU W 183 4.46 -41.76 61.64
C GLU W 183 5.87 -41.20 61.86
N ARG W 184 6.15 -40.68 63.07
CA ARG W 184 7.48 -40.10 63.42
C ARG W 184 7.95 -40.60 64.79
N ILE W 185 9.25 -40.88 64.89
CA ILE W 185 9.97 -41.16 66.17
C ILE W 185 10.43 -39.82 66.75
N GLU W 186 11.15 -39.03 65.94
CA GLU W 186 11.79 -37.75 66.35
C GLU W 186 10.85 -36.57 66.07
N GLU W 187 11.36 -35.35 66.26
CA GLU W 187 10.63 -34.07 66.09
C GLU W 187 11.62 -33.02 65.58
N TYR W 188 11.14 -32.03 64.80
CA TYR W 188 11.95 -31.02 64.07
C TYR W 188 13.03 -31.74 63.24
N ILE W 191 11.50 -35.52 57.72
CA ILE W 191 10.06 -35.47 58.12
C ILE W 191 9.56 -36.89 58.46
N ALA W 192 10.09 -37.93 57.78
CA ALA W 192 9.87 -39.35 58.12
C ALA W 192 10.98 -40.23 57.53
N GLU W 197 10.44 -40.68 52.73
CA GLU W 197 8.99 -40.50 52.45
C GLU W 197 8.71 -39.10 51.88
N GLU W 198 9.39 -38.08 52.42
CA GLU W 198 9.17 -36.63 52.10
C GLU W 198 9.45 -36.34 50.62
N PHE W 199 10.31 -37.11 49.95
CA PHE W 199 10.80 -36.81 48.58
C PHE W 199 9.95 -37.53 47.51
N VAL W 200 8.81 -38.10 47.90
CA VAL W 200 7.89 -38.87 47.00
C VAL W 200 6.67 -38.00 46.65
N SER W 201 6.00 -37.44 47.67
CA SER W 201 4.74 -36.66 47.55
C SER W 201 5.03 -35.23 47.06
N ASP W 202 3.98 -34.52 46.65
CA ASP W 202 4.01 -33.10 46.21
C ASP W 202 3.56 -32.22 47.39
N ASN W 203 2.59 -32.69 48.19
CA ASN W 203 2.01 -31.98 49.37
C ASN W 203 2.49 -32.66 50.65
N VAL W 204 3.13 -31.91 51.55
CA VAL W 204 3.68 -32.41 52.84
C VAL W 204 3.09 -31.59 53.99
N VAL W 205 2.46 -32.27 54.96
CA VAL W 205 1.89 -31.69 56.21
C VAL W 205 2.60 -32.35 57.40
N ILE W 206 3.32 -31.56 58.20
CA ILE W 206 4.03 -32.02 59.43
C ILE W 206 3.26 -31.53 60.66
N LEU W 207 2.59 -32.44 61.38
CA LEU W 207 2.00 -32.18 62.72
C LEU W 207 3.04 -32.52 63.79
N ARG W 208 3.13 -31.77 64.88
CA ARG W 208 4.07 -32.08 65.99
C ARG W 208 3.61 -31.46 67.32
N ASN W 209 3.90 -32.18 68.42
CA ASN W 209 3.63 -31.80 69.83
C ASN W 209 4.92 -31.24 70.43
N VAL W 210 5.12 -29.92 70.32
CA VAL W 210 6.29 -29.21 70.92
C VAL W 210 6.12 -29.21 72.44
N LEU W 211 7.23 -29.39 73.17
CA LEU W 211 7.28 -29.37 74.65
C LEU W 211 8.13 -28.17 75.10
N GLU W 212 7.66 -26.95 74.79
CA GLU W 212 8.29 -25.68 75.23
C GLU W 212 7.91 -25.45 76.70
N GLY W 213 8.83 -25.71 77.62
CA GLY W 213 8.55 -25.87 79.07
C GLY W 213 8.20 -27.32 79.38
N GLU W 214 7.26 -27.54 80.31
CA GLU W 214 6.67 -28.88 80.62
C GLU W 214 5.16 -28.81 80.35
N ARG W 215 4.77 -27.95 79.41
CA ARG W 215 3.41 -27.85 78.81
C ARG W 215 3.53 -28.20 77.32
N ARG W 216 2.48 -28.77 76.72
CA ARG W 216 2.50 -29.24 75.30
C ARG W 216 2.03 -28.12 74.37
N ARG W 217 2.51 -28.13 73.13
CA ARG W 217 2.19 -27.13 72.08
C ARG W 217 2.03 -27.83 70.73
N ARG W 218 0.84 -27.72 70.13
CA ARG W 218 0.50 -28.29 68.80
C ARG W 218 0.78 -27.25 67.71
N THR W 219 1.37 -27.70 66.61
CA THR W 219 1.76 -26.85 65.45
C THR W 219 1.58 -27.64 64.14
N LEU W 220 0.69 -27.18 63.26
CA LEU W 220 0.45 -27.77 61.92
C LEU W 220 1.30 -27.02 60.89
N GLU W 221 2.27 -27.71 60.29
CA GLU W 221 3.13 -27.16 59.20
C GLU W 221 2.68 -27.76 57.87
N ILE W 222 2.74 -26.96 56.79
CA ILE W 222 2.70 -27.42 55.38
C ILE W 222 4.04 -27.04 54.74
N LEU W 223 5.00 -27.97 54.72
CA LEU W 223 6.40 -27.73 54.29
C LEU W 223 6.43 -27.53 52.77
N LYS W 224 6.02 -28.57 52.03
CA LYS W 224 5.89 -28.57 50.56
C LYS W 224 4.41 -28.61 50.18
N LEU W 225 4.06 -27.96 49.08
CA LEU W 225 2.75 -28.12 48.39
C LEU W 225 2.92 -27.68 46.93
N ARG W 226 3.41 -28.59 46.09
CA ARG W 226 3.87 -28.33 44.69
C ARG W 226 2.65 -28.02 43.81
N MET W 231 1.37 -21.05 52.86
CA MET W 231 1.85 -20.41 54.10
C MET W 231 2.93 -21.28 54.77
N LYS W 232 4.19 -20.86 54.70
CA LYS W 232 5.36 -21.59 55.26
C LYS W 232 5.47 -21.28 56.76
N GLY W 233 5.60 -22.34 57.59
CA GLY W 233 5.86 -22.22 59.04
C GLY W 233 4.91 -23.08 59.87
N GLU W 234 5.08 -23.02 61.20
CA GLU W 234 4.29 -23.78 62.22
C GLU W 234 3.17 -22.88 62.78
N TYR W 235 2.00 -23.46 63.03
CA TYR W 235 0.77 -22.74 63.46
C TYR W 235 0.02 -23.54 64.51
N PRO W 236 -0.56 -22.89 65.55
CA PRO W 236 -1.14 -23.60 66.68
C PRO W 236 -2.54 -24.12 66.34
N PHE W 237 -2.92 -25.28 66.89
CA PHE W 237 -4.28 -25.85 66.74
C PHE W 237 -4.67 -26.61 68.02
N THR W 238 -5.96 -26.93 68.13
CA THR W 238 -6.61 -27.50 69.33
C THR W 238 -7.51 -28.67 68.92
N ILE W 239 -7.39 -29.80 69.62
CA ILE W 239 -8.28 -30.99 69.44
C ILE W 239 -9.41 -30.89 70.46
N THR W 240 -10.33 -29.96 70.20
CA THR W 240 -11.54 -29.66 71.02
C THR W 240 -12.54 -30.81 70.84
N ASP W 241 -13.80 -30.59 71.21
CA ASP W 241 -14.95 -31.44 70.80
C ASP W 241 -15.39 -31.03 69.39
N HIS W 242 -14.96 -29.84 68.94
CA HIS W 242 -15.14 -29.35 67.54
C HIS W 242 -14.06 -29.92 66.61
N GLY W 243 -13.34 -30.97 67.04
CA GLY W 243 -12.33 -31.67 66.22
C GLY W 243 -10.99 -30.94 66.19
N ILE W 244 -10.27 -31.02 65.06
CA ILE W 244 -8.89 -30.49 64.88
C ILE W 244 -8.95 -29.04 64.38
N ASN W 245 -9.61 -28.16 65.15
CA ASN W 245 -9.82 -26.71 64.83
C ASN W 245 -8.50 -25.95 65.02
N ILE W 246 -7.96 -25.38 63.93
CA ILE W 246 -6.68 -24.62 63.87
C ILE W 246 -7.00 -23.14 64.09
N PHE W 247 -5.98 -22.31 64.37
CA PHE W 247 -6.12 -20.84 64.52
C PHE W 247 -4.87 -20.13 63.99
N PRO W 248 -4.88 -19.60 62.75
CA PRO W 248 -3.77 -18.82 62.23
C PRO W 248 -3.78 -17.38 62.75
N LEU W 249 -3.34 -17.19 64.01
CA LEU W 249 -3.32 -15.89 64.74
C LEU W 249 -2.46 -14.87 63.96
N GLY W 250 -1.39 -15.32 63.32
CA GLY W 250 -0.46 -14.48 62.53
C GLY W 250 -1.19 -13.71 61.45
N ALA W 251 -1.63 -14.40 60.40
CA ALA W 251 -2.42 -13.84 59.27
C ALA W 251 -3.91 -13.86 59.65
N MET W 252 -4.34 -12.86 60.44
CA MET W 252 -5.74 -12.71 60.92
C MET W 252 -6.53 -11.79 59.97
N ARG W 253 -5.83 -10.98 59.16
CA ARG W 253 -6.42 -9.99 58.22
C ARG W 253 -6.93 -8.78 59.00
N LEU W 254 -6.94 -7.59 58.36
CA LEU W 254 -7.35 -6.31 58.96
C LEU W 254 -8.75 -5.92 58.45
N THR W 255 -9.74 -6.79 58.65
CA THR W 255 -11.18 -6.55 58.34
C THR W 255 -11.89 -6.05 59.61
N GLN W 256 -11.20 -5.22 60.41
CA GLN W 256 -11.66 -4.72 61.72
C GLN W 256 -12.15 -3.27 61.56
N ARG W 257 -13.16 -2.86 62.33
CA ARG W 257 -13.81 -1.53 62.26
C ARG W 257 -13.51 -0.75 63.55
N SER W 258 -13.60 0.59 63.47
CA SER W 258 -13.44 1.54 64.61
C SER W 258 -14.45 2.68 64.48
N SER W 259 -15.38 2.77 65.43
CA SER W 259 -16.44 3.82 65.50
C SER W 259 -16.10 4.81 66.63
N ASN W 260 -16.89 5.88 66.73
CA ASN W 260 -16.67 6.99 67.70
C ASN W 260 -17.64 6.85 68.88
N VAL W 261 -18.26 5.68 69.06
CA VAL W 261 -19.16 5.38 70.22
C VAL W 261 -18.30 5.37 71.49
N ARG W 262 -18.65 6.22 72.45
CA ARG W 262 -17.97 6.36 73.76
C ARG W 262 -18.75 5.57 74.81
N VAL W 263 -18.11 4.59 75.43
CA VAL W 263 -18.66 3.84 76.59
C VAL W 263 -18.02 4.46 77.84
N SER W 264 -18.29 3.88 79.01
CA SER W 264 -17.87 4.43 80.32
C SER W 264 -16.98 3.42 81.04
N SER W 265 -16.32 3.86 82.11
CA SER W 265 -15.47 3.03 83.00
C SER W 265 -16.27 2.59 84.24
N GLY W 266 -17.12 3.49 84.76
CA GLY W 266 -17.81 3.33 86.06
C GLY W 266 -17.31 4.37 87.05
N VAL W 267 -16.10 4.89 86.82
CA VAL W 267 -15.49 6.01 87.58
C VAL W 267 -15.79 7.31 86.81
N VAL W 268 -16.69 8.15 87.35
CA VAL W 268 -17.23 9.37 86.67
C VAL W 268 -16.05 10.25 86.21
N ARG W 269 -15.07 10.49 87.09
CA ARG W 269 -13.91 11.40 86.84
C ARG W 269 -13.02 10.84 85.73
N LEU W 270 -12.88 9.52 85.64
CA LEU W 270 -12.00 8.85 84.63
C LEU W 270 -12.60 9.06 83.23
N ASP W 271 -13.93 8.96 83.09
CA ASP W 271 -14.65 9.26 81.82
C ASP W 271 -14.31 10.69 81.36
N GLU W 272 -14.16 11.63 82.31
CA GLU W 272 -13.76 13.03 82.04
C GLU W 272 -12.32 13.03 81.53
N MET W 273 -11.44 12.23 82.15
CA MET W 273 -9.97 12.20 81.88
C MET W 273 -9.68 11.62 80.49
N CYS W 274 -10.55 10.73 79.98
CA CYS W 274 -10.42 10.10 78.64
C CYS W 274 -11.05 11.00 77.55
N GLY W 275 -11.69 12.10 77.96
CA GLY W 275 -12.34 13.07 77.06
C GLY W 275 -13.76 12.66 76.71
N GLY W 276 -14.48 12.08 77.67
CA GLY W 276 -15.88 11.63 77.52
C GLY W 276 -16.03 10.11 77.59
N GLY W 277 -15.04 9.40 78.15
CA GLY W 277 -15.08 7.95 78.38
C GLY W 277 -14.15 7.20 77.44
N PHE W 278 -14.03 5.87 77.63
CA PHE W 278 -13.30 4.95 76.73
C PHE W 278 -14.11 4.79 75.43
N PHE W 279 -13.42 4.47 74.33
CA PHE W 279 -14.01 4.16 73.01
C PHE W 279 -14.60 2.74 73.02
N LYS W 280 -15.75 2.55 72.37
CA LYS W 280 -16.39 1.22 72.20
C LYS W 280 -15.40 0.27 71.52
N ASP W 281 -14.74 0.76 70.46
CA ASP W 281 -13.76 -0.01 69.66
C ASP W 281 -12.35 0.39 70.08
N SER W 282 -11.92 -0.06 71.27
CA SER W 282 -10.61 0.26 71.88
C SER W 282 -10.12 -0.91 72.74
N ILE W 283 -8.83 -1.25 72.62
CA ILE W 283 -8.07 -2.11 73.58
C ILE W 283 -7.56 -1.20 74.71
N ILE W 284 -7.87 -1.53 75.97
CA ILE W 284 -7.54 -0.72 77.18
C ILE W 284 -6.54 -1.49 78.04
N LEU W 285 -5.48 -0.81 78.50
CA LEU W 285 -4.42 -1.41 79.36
C LEU W 285 -4.32 -0.65 80.69
N ALA W 286 -4.70 -1.30 81.79
CA ALA W 286 -4.39 -0.86 83.17
C ALA W 286 -3.09 -1.53 83.62
N THR W 287 -1.98 -0.77 83.67
CA THR W 287 -0.67 -1.22 84.19
C THR W 287 -0.37 -0.49 85.49
N GLY W 288 0.39 -1.14 86.37
CA GLY W 288 0.77 -0.59 87.70
C GLY W 288 1.22 -1.70 88.63
N ALA W 289 2.04 -1.35 89.61
CA ALA W 289 2.64 -2.32 90.56
C ALA W 289 1.54 -2.95 91.42
N THR W 290 1.87 -4.08 92.05
CA THR W 290 0.94 -4.91 92.84
C THR W 290 0.22 -4.03 93.88
N GLY W 291 -1.12 -4.01 93.83
CA GLY W 291 -2.00 -3.41 94.87
C GLY W 291 -2.23 -1.92 94.66
N THR W 292 -2.43 -1.48 93.41
CA THR W 292 -2.57 -0.04 93.06
C THR W 292 -4.03 0.33 92.76
N GLY W 293 -4.86 -0.61 92.29
CA GLY W 293 -6.25 -0.35 91.89
C GLY W 293 -6.57 -0.86 90.50
N LYS W 294 -5.85 -1.88 90.03
CA LYS W 294 -6.04 -2.50 88.68
C LYS W 294 -7.34 -3.30 88.68
N THR W 295 -7.44 -4.30 89.57
CA THR W 295 -8.65 -5.16 89.73
C THR W 295 -9.83 -4.30 90.19
N LEU W 296 -9.58 -3.20 90.90
CA LEU W 296 -10.63 -2.19 91.25
C LEU W 296 -11.19 -1.62 89.93
N LEU W 297 -10.32 -1.12 89.05
CA LEU W 297 -10.72 -0.51 87.75
C LEU W 297 -11.41 -1.56 86.87
N VAL W 298 -10.97 -2.83 86.92
CA VAL W 298 -11.65 -3.96 86.20
C VAL W 298 -13.04 -4.11 86.80
N SER W 299 -13.13 -4.25 88.12
CA SER W 299 -14.39 -4.56 88.88
C SER W 299 -15.50 -3.55 88.54
N ARG W 300 -15.13 -2.28 88.30
CA ARG W 300 -16.09 -1.20 87.95
C ARG W 300 -16.42 -1.28 86.46
N PHE W 301 -15.44 -1.66 85.63
CA PHE W 301 -15.57 -1.72 84.15
C PHE W 301 -16.68 -2.72 83.78
N VAL W 302 -16.55 -3.95 84.28
CA VAL W 302 -17.54 -5.06 84.09
C VAL W 302 -18.91 -4.63 84.64
N GLU W 303 -18.95 -3.70 85.61
CA GLU W 303 -20.19 -3.27 86.31
C GLU W 303 -20.97 -2.28 85.45
N ASN W 304 -20.33 -1.25 84.91
CA ASN W 304 -20.97 -0.23 84.04
C ASN W 304 -21.76 -0.93 82.92
N ALA W 305 -21.19 -2.00 82.37
CA ALA W 305 -21.85 -2.92 81.40
C ALA W 305 -23.26 -3.27 81.90
N CYS W 306 -23.33 -3.82 83.11
CA CYS W 306 -24.57 -4.34 83.74
C CYS W 306 -25.54 -3.20 84.06
N ALA W 307 -25.02 -2.00 84.37
CA ALA W 307 -25.81 -0.80 84.72
C ALA W 307 -26.57 -0.29 83.49
N ASN W 308 -26.11 -0.63 82.27
CA ASN W 308 -26.72 -0.18 80.99
C ASN W 308 -27.37 -1.34 80.24
N LYS W 309 -27.56 -2.48 80.91
CA LYS W 309 -28.08 -3.74 80.29
C LYS W 309 -27.18 -4.10 79.10
N GLU W 310 -25.88 -4.31 79.37
CA GLU W 310 -24.88 -4.87 78.42
C GLU W 310 -24.18 -6.05 79.11
N ARG W 311 -24.07 -7.19 78.44
CA ARG W 311 -23.42 -8.41 78.98
C ARG W 311 -21.92 -8.15 79.10
N ALA W 312 -21.24 -8.84 80.03
CA ALA W 312 -19.78 -8.75 80.21
C ALA W 312 -19.22 -10.05 80.80
N ILE W 313 -18.19 -10.60 80.14
CA ILE W 313 -17.32 -11.69 80.69
C ILE W 313 -16.19 -11.02 81.50
N LEU W 314 -15.76 -11.70 82.57
CA LEU W 314 -14.60 -11.28 83.41
C LEU W 314 -13.65 -12.49 83.55
N PHE W 315 -12.62 -12.55 82.71
CA PHE W 315 -11.57 -13.60 82.77
C PHE W 315 -10.61 -13.27 83.92
N ALA W 316 -10.55 -14.16 84.90
CA ALA W 316 -9.74 -14.02 86.14
C ALA W 316 -8.66 -15.11 86.15
N TYR W 317 -7.40 -14.72 86.40
CA TYR W 317 -6.24 -15.64 86.43
C TYR W 317 -5.44 -15.49 87.73
N GLU W 318 -5.85 -14.61 88.65
CA GLU W 318 -5.11 -14.32 89.90
C GLU W 318 -5.96 -14.74 91.11
N GLU W 319 -7.18 -14.21 91.20
CA GLU W 319 -8.12 -14.45 92.32
C GLU W 319 -9.22 -15.42 91.86
N SER W 320 -9.91 -16.04 92.82
CA SER W 320 -11.10 -16.90 92.58
C SER W 320 -12.33 -16.01 92.39
N ARG W 321 -13.49 -16.62 92.15
CA ARG W 321 -14.80 -15.93 92.07
C ARG W 321 -15.14 -15.39 93.47
N ALA W 322 -15.17 -16.26 94.48
CA ALA W 322 -15.52 -15.96 95.88
C ALA W 322 -14.78 -14.71 96.36
N GLN W 323 -13.46 -14.65 96.16
CA GLN W 323 -12.62 -13.47 96.50
C GLN W 323 -13.10 -12.25 95.71
N LEU W 324 -13.29 -12.41 94.39
CA LEU W 324 -13.76 -11.32 93.50
C LEU W 324 -15.13 -10.82 93.97
N LEU W 325 -16.02 -11.73 94.36
CA LEU W 325 -17.38 -11.39 94.86
C LEU W 325 -17.22 -10.56 96.14
N ARG W 326 -16.32 -10.98 97.04
CA ARG W 326 -16.12 -10.38 98.39
C ARG W 326 -15.51 -8.98 98.25
N ASN W 327 -14.38 -8.88 97.53
CA ASN W 327 -13.63 -7.61 97.32
C ASN W 327 -14.55 -6.58 96.66
N ALA W 328 -15.37 -7.03 95.71
CA ALA W 328 -16.38 -6.19 95.02
C ALA W 328 -17.47 -5.77 96.00
N TYR W 329 -17.82 -6.64 96.96
CA TYR W 329 -18.88 -6.38 97.97
C TYR W 329 -18.41 -5.25 98.91
N SER W 330 -17.19 -5.35 99.43
CA SER W 330 -16.54 -4.32 100.31
C SER W 330 -16.45 -2.98 99.57
N TRP W 331 -16.42 -3.01 98.22
CA TRP W 331 -16.28 -1.81 97.34
C TRP W 331 -17.64 -1.24 96.92
N GLY W 332 -18.75 -1.80 97.41
CA GLY W 332 -20.09 -1.59 96.82
C GLY W 332 -20.15 -2.25 95.45
N MET W 333 -21.35 -2.43 94.91
CA MET W 333 -21.60 -3.18 93.63
C MET W 333 -21.54 -4.68 93.91
N ASP W 334 -22.56 -5.42 93.44
CA ASP W 334 -22.83 -6.83 93.82
C ASP W 334 -22.75 -7.72 92.58
N PHE W 335 -21.64 -8.45 92.42
CA PHE W 335 -21.34 -9.34 91.27
C PHE W 335 -22.35 -10.50 91.21
N GLU W 336 -22.82 -11.00 92.35
CA GLU W 336 -23.76 -12.16 92.45
C GLU W 336 -25.08 -11.83 91.76
N GLU W 337 -25.63 -10.63 91.97
CA GLU W 337 -26.92 -10.16 91.39
C GLU W 337 -26.78 -10.02 89.86
N MET W 338 -25.61 -9.58 89.39
CA MET W 338 -25.31 -9.38 87.95
C MET W 338 -25.16 -10.75 87.26
N GLU W 339 -24.75 -11.78 88.00
CA GLU W 339 -24.75 -13.20 87.54
C GLU W 339 -26.19 -13.72 87.56
N ARG W 340 -26.94 -13.44 88.64
CA ARG W 340 -28.37 -13.80 88.79
C ARG W 340 -29.17 -13.25 87.61
N GLN W 341 -28.96 -11.97 87.25
CA GLN W 341 -29.69 -11.30 86.15
C GLN W 341 -29.22 -11.85 84.80
N ASN W 342 -28.06 -12.51 84.77
CA ASN W 342 -27.51 -13.28 83.61
C ASN W 342 -27.00 -12.30 82.55
N LEU W 343 -26.23 -11.28 82.97
CA LEU W 343 -25.44 -10.40 82.07
C LEU W 343 -24.07 -10.10 82.71
N LEU W 344 -23.52 -11.06 83.46
CA LEU W 344 -22.15 -11.00 84.04
C LEU W 344 -21.65 -12.44 84.24
N LYS W 345 -20.67 -12.85 83.45
CA LYS W 345 -19.95 -14.14 83.59
C LYS W 345 -18.57 -13.89 84.20
N ILE W 346 -18.24 -14.60 85.27
CA ILE W 346 -16.87 -14.65 85.86
C ILE W 346 -16.31 -16.05 85.57
N VAL W 347 -15.21 -16.14 84.82
CA VAL W 347 -14.66 -17.44 84.34
C VAL W 347 -13.73 -18.02 85.41
N CYS W 348 -12.53 -17.46 85.59
CA CYS W 348 -11.49 -17.94 86.54
C CYS W 348 -10.87 -19.25 86.06
N ALA W 349 -9.62 -19.19 85.61
CA ALA W 349 -8.74 -20.35 85.32
C ALA W 349 -7.29 -19.94 85.55
N TYR W 350 -6.47 -20.84 86.10
CA TYR W 350 -5.01 -20.63 86.26
C TYR W 350 -4.36 -20.61 84.89
N PRO W 351 -3.30 -19.80 84.66
CA PRO W 351 -2.50 -19.90 83.45
C PRO W 351 -1.83 -21.28 83.28
N GLU W 352 -1.59 -21.99 84.38
CA GLU W 352 -0.97 -23.34 84.39
C GLU W 352 -2.04 -24.42 84.14
N SER W 353 -3.32 -24.04 84.03
CA SER W 353 -4.47 -24.95 83.79
C SER W 353 -4.51 -25.41 82.34
N ALA W 354 -3.71 -24.78 81.46
CA ALA W 354 -3.65 -25.06 80.01
C ALA W 354 -2.37 -24.45 79.43
N GLY W 355 -2.40 -24.09 78.15
CA GLY W 355 -1.41 -23.21 77.49
C GLY W 355 -2.11 -22.06 76.79
N LEU W 356 -1.34 -21.10 76.28
CA LEU W 356 -1.87 -19.87 75.61
C LEU W 356 -2.71 -20.27 74.39
N GLU W 357 -2.25 -21.27 73.63
CA GLU W 357 -3.02 -21.86 72.49
C GLU W 357 -4.39 -22.34 72.99
N ASP W 358 -4.42 -22.97 74.17
CA ASP W 358 -5.66 -23.52 74.79
C ASP W 358 -6.51 -22.39 75.36
N HIS W 359 -5.89 -21.33 75.89
CA HIS W 359 -6.59 -20.18 76.55
C HIS W 359 -7.27 -19.29 75.49
N LEU W 360 -6.58 -18.97 74.39
CA LEU W 360 -7.08 -18.06 73.32
C LEU W 360 -8.42 -18.60 72.78
N GLN W 361 -8.57 -19.93 72.74
CA GLN W 361 -9.73 -20.64 72.16
C GLN W 361 -10.91 -20.67 73.15
N ILE W 362 -10.65 -20.78 74.46
CA ILE W 362 -11.72 -20.70 75.50
C ILE W 362 -12.27 -19.26 75.52
N ILE W 363 -11.37 -18.28 75.64
CA ILE W 363 -11.74 -16.82 75.66
C ILE W 363 -12.64 -16.54 74.47
N LYS W 364 -12.39 -17.22 73.34
CA LYS W 364 -13.29 -17.22 72.15
C LYS W 364 -14.57 -17.99 72.50
N SER W 365 -14.43 -19.23 72.95
CA SER W 365 -15.53 -20.18 73.28
C SER W 365 -16.56 -19.54 74.23
N GLU W 366 -16.09 -18.76 75.22
CA GLU W 366 -16.95 -18.10 76.24
C GLU W 366 -17.52 -16.80 75.67
N ILE W 367 -16.72 -16.06 74.88
CA ILE W 367 -17.10 -14.76 74.27
C ILE W 367 -18.08 -15.00 73.11
N ASN W 368 -18.23 -16.24 72.64
CA ASN W 368 -19.15 -16.62 71.53
C ASN W 368 -20.56 -16.88 72.08
N ASP W 369 -20.66 -17.76 73.08
CA ASP W 369 -21.94 -18.22 73.69
C ASP W 369 -22.62 -17.07 74.44
N PHE W 370 -21.86 -16.33 75.24
CA PHE W 370 -22.36 -15.26 76.14
C PHE W 370 -22.69 -13.99 75.32
N LYS W 371 -21.94 -13.77 74.23
CA LYS W 371 -22.18 -12.69 73.22
C LYS W 371 -22.13 -11.31 73.88
N PRO W 372 -21.07 -10.98 74.65
CA PRO W 372 -21.04 -9.72 75.39
C PRO W 372 -20.55 -8.57 74.50
N ALA W 373 -20.33 -7.40 75.09
CA ALA W 373 -19.67 -6.24 74.43
C ALA W 373 -18.61 -5.62 75.36
N ARG W 374 -18.17 -6.34 76.40
CA ARG W 374 -17.06 -5.93 77.31
C ARG W 374 -16.37 -7.17 77.90
N ILE W 375 -15.10 -7.40 77.54
CA ILE W 375 -14.22 -8.47 78.09
C ILE W 375 -13.34 -7.85 79.17
N ALA W 376 -12.83 -8.67 80.09
CA ALA W 376 -11.86 -8.25 81.13
C ALA W 376 -10.89 -9.40 81.42
N ILE W 377 -9.65 -9.31 80.91
CA ILE W 377 -8.57 -10.31 81.16
C ILE W 377 -7.63 -9.76 82.25
N ASP W 378 -8.08 -9.80 83.50
CA ASP W 378 -7.29 -9.43 84.72
C ASP W 378 -6.55 -10.68 85.19
N SER W 379 -5.31 -10.92 84.75
CA SER W 379 -4.41 -9.98 84.09
C SER W 379 -3.69 -10.66 82.93
N LEU W 380 -2.97 -9.89 82.11
CA LEU W 380 -2.09 -10.39 81.02
C LEU W 380 -0.74 -10.85 81.60
N SER W 381 -0.23 -10.14 82.61
CA SER W 381 1.06 -10.43 83.28
C SER W 381 1.06 -11.86 83.84
N ALA W 382 -0.10 -12.33 84.32
CA ALA W 382 -0.27 -13.69 84.90
C ALA W 382 -0.06 -14.74 83.81
N LEU W 383 -0.58 -14.49 82.60
CA LEU W 383 -0.51 -15.42 81.44
C LEU W 383 0.89 -15.33 80.81
N ALA W 384 1.63 -14.25 81.08
CA ALA W 384 3.04 -14.07 80.65
C ALA W 384 3.97 -15.00 81.45
N ARG W 385 3.51 -15.54 82.59
CA ARG W 385 4.25 -16.54 83.40
C ARG W 385 4.66 -17.72 82.52
N GLY W 386 5.94 -18.10 82.57
CA GLY W 386 6.48 -19.35 82.01
C GLY W 386 6.38 -19.43 80.49
N VAL W 387 6.43 -18.29 79.80
CA VAL W 387 6.31 -18.20 78.31
C VAL W 387 7.28 -17.12 77.81
N SER W 388 7.49 -17.07 76.49
CA SER W 388 8.44 -16.16 75.80
C SER W 388 7.68 -14.97 75.22
N ASN W 389 8.28 -13.77 75.25
CA ASN W 389 7.71 -12.51 74.70
C ASN W 389 7.12 -12.80 73.31
N ASN W 390 7.78 -13.68 72.54
CA ASN W 390 7.33 -14.12 71.19
C ASN W 390 5.92 -14.71 71.27
N ALA W 391 5.75 -15.78 72.05
CA ALA W 391 4.49 -16.53 72.20
C ALA W 391 3.41 -15.64 72.81
N PHE W 392 3.77 -14.85 73.84
CA PHE W 392 2.84 -13.92 74.53
C PHE W 392 2.41 -12.81 73.58
N ARG W 393 3.35 -12.20 72.85
CA ARG W 393 3.05 -11.14 71.84
C ARG W 393 2.01 -11.67 70.86
N GLN W 394 2.12 -12.94 70.46
CA GLN W 394 1.18 -13.64 69.54
C GLN W 394 -0.02 -14.21 70.31
N PHE W 395 -0.33 -13.65 71.48
CA PHE W 395 -1.55 -13.96 72.28
C PHE W 395 -2.33 -12.67 72.52
N VAL W 396 -1.64 -11.61 72.95
CA VAL W 396 -2.18 -10.21 73.01
C VAL W 396 -2.88 -9.92 71.68
N ILE W 397 -2.22 -10.19 70.55
CA ILE W 397 -2.78 -9.98 69.18
C ILE W 397 -3.95 -10.97 68.99
N GLY W 398 -3.75 -12.22 69.44
CA GLY W 398 -4.74 -13.29 69.40
C GLY W 398 -6.07 -12.88 70.01
N VAL W 399 -6.05 -12.17 71.15
CA VAL W 399 -7.27 -11.81 71.94
C VAL W 399 -7.69 -10.36 71.65
N THR W 400 -6.76 -9.43 71.44
CA THR W 400 -7.08 -8.05 70.98
C THR W 400 -7.79 -8.16 69.62
N GLY W 401 -7.30 -9.06 68.76
CA GLY W 401 -7.82 -9.30 67.40
C GLY W 401 -9.32 -9.56 67.41
N TYR W 402 -9.75 -10.65 68.03
CA TYR W 402 -11.17 -11.11 68.09
C TYR W 402 -12.06 -10.00 68.65
N ALA W 403 -11.65 -9.41 69.79
CA ALA W 403 -12.35 -8.30 70.46
C ALA W 403 -12.46 -7.10 69.50
N LYS W 404 -11.34 -6.72 68.89
CA LYS W 404 -11.26 -5.60 67.90
C LYS W 404 -12.24 -5.87 66.74
N GLN W 405 -12.37 -7.14 66.33
CA GLN W 405 -13.19 -7.59 65.18
C GLN W 405 -14.68 -7.46 65.51
N GLU W 406 -15.10 -7.97 66.68
CA GLU W 406 -16.54 -8.05 67.11
C GLU W 406 -16.93 -6.82 67.92
N GLU W 407 -16.08 -5.77 67.94
CA GLU W 407 -16.37 -4.43 68.52
C GLU W 407 -16.73 -4.58 70.01
N ILE W 408 -15.83 -5.22 70.77
CA ILE W 408 -15.97 -5.52 72.22
C ILE W 408 -14.92 -4.74 72.99
N THR W 409 -15.33 -3.81 73.87
CA THR W 409 -14.40 -2.98 74.67
C THR W 409 -13.73 -3.86 75.72
N GLY W 410 -12.57 -4.42 75.38
CA GLY W 410 -11.80 -5.31 76.26
C GLY W 410 -10.80 -4.54 77.10
N LEU W 411 -11.02 -4.45 78.41
CA LEU W 411 -10.05 -3.91 79.38
C LEU W 411 -9.11 -5.04 79.82
N PHE W 412 -7.81 -4.85 79.64
CA PHE W 412 -6.75 -5.83 80.01
C PHE W 412 -5.85 -5.18 81.07
N THR W 413 -5.41 -5.97 82.04
CA THR W 413 -4.57 -5.50 83.17
C THR W 413 -3.21 -6.21 83.11
N ASN W 414 -2.17 -5.55 83.61
CA ASN W 414 -0.77 -6.03 83.63
C ASN W 414 -0.06 -5.42 84.85
N THR W 415 0.49 -6.26 85.74
CA THR W 415 1.19 -5.83 86.97
C THR W 415 2.69 -5.72 86.72
N SER W 416 3.25 -4.52 86.90
CA SER W 416 4.69 -4.19 86.78
C SER W 416 5.52 -5.13 87.65
N ASP W 417 6.71 -5.53 87.17
CA ASP W 417 7.67 -6.38 87.91
C ASP W 417 8.29 -5.58 89.06
N GLN W 418 8.37 -4.25 88.92
CA GLN W 418 8.90 -3.31 89.94
C GLN W 418 7.80 -2.34 90.35
N PHE W 419 7.80 -1.86 91.61
CA PHE W 419 6.75 -1.01 92.20
C PHE W 419 7.09 0.46 91.90
N MET W 420 7.60 1.20 92.89
CA MET W 420 8.04 2.60 92.72
C MET W 420 9.15 2.65 91.67
N GLY W 421 9.11 3.65 90.78
CA GLY W 421 10.09 3.83 89.70
C GLY W 421 10.04 2.69 88.70
N ALA W 422 9.05 2.72 87.81
CA ALA W 422 8.82 1.73 86.73
C ALA W 422 9.59 2.15 85.47
N HIS W 423 10.44 1.26 84.94
CA HIS W 423 11.30 1.48 83.74
C HIS W 423 10.43 1.61 82.49
N SER W 424 9.85 0.49 82.03
CA SER W 424 8.93 0.40 80.87
C SER W 424 7.48 0.35 81.37
N ILE W 425 6.52 0.76 80.53
CA ILE W 425 5.05 0.71 80.83
C ILE W 425 4.64 -0.75 81.05
N THR W 426 5.16 -1.66 80.23
CA THR W 426 4.95 -3.13 80.33
C THR W 426 6.28 -3.86 80.16
N ASP W 427 6.48 -4.94 80.92
CA ASP W 427 7.70 -5.78 80.90
C ASP W 427 7.57 -6.83 79.79
N SER W 428 6.36 -7.00 79.24
CA SER W 428 6.03 -7.94 78.14
C SER W 428 6.20 -7.25 76.77
N HIS W 429 6.40 -5.93 76.77
CA HIS W 429 6.60 -5.10 75.54
C HIS W 429 5.39 -5.27 74.61
N ILE W 430 4.20 -4.86 75.07
CA ILE W 430 2.91 -4.97 74.32
C ILE W 430 2.14 -3.66 74.44
N SEP W 431 2.86 -2.54 74.61
CA SEP W 431 2.25 -1.24 74.79
CB SEP W 431 3.24 -0.28 75.43
OG SEP W 431 4.15 -1.05 76.26
C SEP W 431 1.73 -0.71 73.44
O SEP W 431 0.75 0.05 73.46
P SEP W 431 5.75 -0.92 76.00
O1P SEP W 431 6.40 -1.83 77.04
O2P SEP W 431 6.08 0.55 76.21
O3P SEP W 431 5.99 -1.40 74.58
N THR W 432 2.37 -1.12 72.34
CA THR W 432 2.01 -0.71 70.95
C THR W 432 0.74 -1.44 70.53
N ILE W 433 0.45 -2.61 71.12
CA ILE W 433 -0.73 -3.46 70.79
C ILE W 433 -2.00 -2.84 71.39
N THR W 434 -1.87 -2.08 72.48
CA THR W 434 -3.00 -1.40 73.17
C THR W 434 -3.28 -0.05 72.51
N ASP W 435 -4.53 0.41 72.62
CA ASP W 435 -5.00 1.73 72.14
C ASP W 435 -4.93 2.73 73.31
N THR W 436 -5.59 2.40 74.41
CA THR W 436 -5.71 3.23 75.65
C THR W 436 -4.85 2.61 76.75
N ILE W 437 -3.98 3.40 77.40
CA ILE W 437 -3.19 2.96 78.58
C ILE W 437 -3.58 3.83 79.78
N ILE W 438 -3.93 3.17 80.89
CA ILE W 438 -4.18 3.81 82.22
C ILE W 438 -3.06 3.38 83.16
N LEU W 439 -2.21 4.33 83.57
CA LEU W 439 -1.01 4.06 84.41
C LEU W 439 -1.32 4.36 85.87
N LEU W 440 -1.23 3.34 86.74
CA LEU W 440 -1.34 3.46 88.21
C LEU W 440 0.06 3.34 88.81
N GLN W 441 0.56 4.40 89.43
CA GLN W 441 1.89 4.44 90.08
C GLN W 441 1.69 4.73 91.57
N TYR W 442 2.55 4.17 92.42
CA TYR W 442 2.68 4.59 93.83
C TYR W 442 3.46 5.90 93.88
N VAL W 443 3.27 6.66 94.96
CA VAL W 443 4.02 7.92 95.25
C VAL W 443 4.29 7.98 96.76
N GLU W 444 5.54 8.20 97.14
CA GLU W 444 5.95 8.46 98.55
C GLU W 444 5.85 9.98 98.80
N ILE W 445 4.86 10.42 99.58
CA ILE W 445 4.62 11.86 99.91
C ILE W 445 4.48 12.01 101.43
N ARG W 446 5.58 12.39 102.10
CA ARG W 446 5.63 12.76 103.55
C ARG W 446 5.47 11.51 104.41
N GLY W 447 6.36 10.54 104.24
CA GLY W 447 6.43 9.31 105.06
C GLY W 447 5.37 8.28 104.69
N GLU W 448 4.30 8.70 104.01
CA GLU W 448 3.17 7.82 103.59
C GLU W 448 3.29 7.50 102.10
N MET W 449 2.52 6.50 101.66
CA MET W 449 2.44 6.05 100.24
C MET W 449 1.02 6.29 99.72
N SER W 450 0.83 7.36 98.95
CA SER W 450 -0.41 7.68 98.20
C SER W 450 -0.27 7.20 96.76
N ARG W 451 -1.40 7.01 96.07
CA ARG W 451 -1.48 6.39 94.73
C ARG W 451 -1.78 7.46 93.66
N ALA W 452 -1.26 7.26 92.44
CA ALA W 452 -1.40 8.18 91.29
C ALA W 452 -2.12 7.49 90.13
N ILE W 453 -3.14 8.16 89.57
CA ILE W 453 -3.84 7.76 88.32
C ILE W 453 -3.37 8.68 87.20
N ASN W 454 -3.20 8.14 86.00
CA ASN W 454 -2.81 8.91 84.79
C ASN W 454 -3.29 8.13 83.56
N VAL W 455 -4.02 8.79 82.65
CA VAL W 455 -4.26 8.25 81.28
C VAL W 455 -3.03 8.60 80.46
N PHE W 456 -2.26 7.58 80.08
CA PHE W 456 -0.89 7.68 79.53
C PHE W 456 -0.96 7.90 78.02
N LYS W 457 -1.88 7.22 77.34
CA LYS W 457 -2.32 7.56 75.96
C LYS W 457 -3.76 7.10 75.73
N MET W 458 -4.45 7.82 74.84
CA MET W 458 -5.86 7.62 74.42
C MET W 458 -5.92 7.85 72.91
N ARG W 459 -5.70 6.82 72.10
CA ARG W 459 -5.65 6.97 70.63
C ARG W 459 -6.99 7.54 70.15
N GLY W 460 -6.96 8.59 69.33
CA GLY W 460 -8.14 9.17 68.67
C GLY W 460 -8.95 10.06 69.59
N SER W 461 -8.33 10.62 70.63
CA SER W 461 -9.01 11.52 71.59
C SER W 461 -8.01 12.40 72.33
N TRP W 462 -8.43 13.59 72.73
CA TRP W 462 -7.81 14.36 73.83
C TRP W 462 -7.86 13.50 75.08
N HIS W 463 -6.89 13.63 75.98
CA HIS W 463 -6.97 13.08 77.36
C HIS W 463 -6.24 14.00 78.33
N ASP W 464 -6.70 13.99 79.58
CA ASP W 464 -6.01 14.60 80.75
C ASP W 464 -4.59 14.04 80.78
N LYS W 465 -3.58 14.92 80.75
CA LYS W 465 -2.15 14.55 80.90
C LYS W 465 -1.77 14.64 82.38
N ALA W 466 -2.69 15.06 83.25
CA ALA W 466 -2.46 15.28 84.69
C ALA W 466 -2.26 13.93 85.39
N ILE W 467 -1.13 13.78 86.08
CA ILE W 467 -0.80 12.60 86.95
C ILE W 467 -1.50 12.80 88.29
N ARG W 468 -2.82 12.63 88.33
CA ARG W 468 -3.68 12.93 89.49
C ARG W 468 -3.49 11.87 90.58
N GLU W 469 -3.49 12.30 91.85
CA GLU W 469 -3.45 11.39 93.04
C GLU W 469 -4.88 10.96 93.35
N PHE W 470 -5.05 9.72 93.84
CA PHE W 470 -6.38 9.14 94.16
C PHE W 470 -6.27 8.19 95.34
N MET W 471 -7.34 8.17 96.16
CA MET W 471 -7.48 7.35 97.39
C MET W 471 -8.63 6.37 97.17
N ILE W 472 -8.50 5.17 97.74
CA ILE W 472 -9.49 4.05 97.61
C ILE W 472 -10.24 3.91 98.94
N SER W 473 -11.57 4.01 98.89
CA SER W 473 -12.48 3.90 100.05
C SER W 473 -13.41 2.70 99.84
N ASP W 474 -14.38 2.52 100.73
CA ASP W 474 -15.46 1.50 100.61
C ASP W 474 -16.30 1.79 99.37
N LYS W 475 -16.25 3.01 98.84
CA LYS W 475 -17.08 3.46 97.69
C LYS W 475 -16.21 3.59 96.44
N GLY W 476 -15.23 2.72 96.27
CA GLY W 476 -14.40 2.60 95.05
C GLY W 476 -13.25 3.59 95.01
N PRO W 477 -12.79 4.01 93.80
CA PRO W 477 -11.76 5.03 93.67
C PRO W 477 -12.33 6.46 93.72
N ASP W 478 -11.47 7.42 94.06
CA ASP W 478 -11.81 8.87 94.13
C ASP W 478 -10.62 9.67 93.56
N ILE W 479 -10.65 9.97 92.27
CA ILE W 479 -9.59 10.75 91.56
C ILE W 479 -9.60 12.17 92.11
N LYS W 480 -8.52 12.56 92.81
CA LYS W 480 -8.36 13.89 93.47
C LYS W 480 -7.61 14.83 92.54
N ASP W 481 -6.98 15.89 93.07
CA ASP W 481 -6.25 16.92 92.29
C ASP W 481 -4.87 16.37 91.88
N SER W 482 -4.19 17.09 90.98
CA SER W 482 -2.80 16.81 90.53
C SER W 482 -1.81 17.33 91.59
N PHE W 483 -0.80 16.52 91.93
CA PHE W 483 0.33 16.91 92.81
C PHE W 483 1.24 17.87 92.04
N ARG W 484 0.77 19.11 91.85
CA ARG W 484 1.42 20.16 91.02
C ARG W 484 2.78 20.53 91.60
N ASN W 485 2.91 20.54 92.93
CA ASN W 485 4.04 21.13 93.69
C ASN W 485 5.06 20.04 94.07
N PHE W 486 5.34 19.11 93.14
CA PHE W 486 6.22 17.93 93.37
C PHE W 486 6.97 17.60 92.08
N GLU W 487 8.29 17.45 92.18
CA GLU W 487 9.17 17.05 91.04
C GLU W 487 9.51 15.56 91.18
N ARG W 488 9.62 14.88 90.04
CA ARG W 488 9.98 13.45 89.92
C ARG W 488 8.86 12.58 90.52
N ILE W 489 7.60 13.01 90.37
CA ILE W 489 6.37 12.25 90.74
C ILE W 489 6.44 10.85 90.12
N ILE W 490 6.66 10.77 88.80
CA ILE W 490 6.73 9.50 88.03
C ILE W 490 8.11 8.87 88.22
N SER W 491 8.55 8.63 89.46
CA SER W 491 9.84 7.98 89.80
C SER W 491 9.76 7.16 91.09
N GLY W 492 8.69 7.31 91.89
CA GLY W 492 8.57 6.71 93.24
C GLY W 492 8.44 7.77 94.31
N SER W 493 9.56 8.19 94.89
CA SER W 493 9.64 9.26 95.92
C SER W 493 9.98 10.59 95.26
N PRO W 494 8.98 11.46 94.95
CA PRO W 494 9.28 12.82 94.49
C PRO W 494 9.99 13.65 95.57
N THR W 495 10.18 14.94 95.31
CA THR W 495 10.60 15.96 96.30
C THR W 495 9.75 17.23 96.05
N ARG W 496 9.25 17.86 97.12
CA ARG W 496 8.52 19.15 97.06
C ARG W 496 9.54 20.27 96.83
N ILE W 497 9.24 21.20 95.93
CA ILE W 497 10.10 22.39 95.61
C ILE W 497 9.25 23.44 94.92
N ILE X 18 -16.62 -42.50 74.65
CA ILE X 18 -15.68 -43.62 74.98
C ILE X 18 -15.62 -43.78 76.49
N ALA X 19 -16.25 -44.82 77.03
CA ALA X 19 -16.38 -45.10 78.48
C ALA X 19 -15.00 -45.33 79.09
N LYS X 20 -14.85 -44.98 80.38
CA LYS X 20 -13.56 -44.97 81.11
C LYS X 20 -13.66 -45.81 82.39
N MET X 21 -12.56 -46.46 82.77
CA MET X 21 -12.47 -47.36 83.95
C MET X 21 -12.28 -46.50 85.21
N ARG X 22 -11.24 -46.77 86.00
CA ARG X 22 -10.76 -45.90 87.11
C ARG X 22 -9.49 -46.50 87.72
N THR X 23 -8.34 -45.82 87.55
CA THR X 23 -7.04 -46.20 88.14
C THR X 23 -7.13 -46.08 89.66
N MET X 24 -7.63 -44.93 90.15
CA MET X 24 -7.79 -44.58 91.59
C MET X 24 -6.41 -44.26 92.19
N ILE X 25 -5.41 -44.02 91.35
CA ILE X 25 -4.10 -43.41 91.73
C ILE X 25 -4.30 -41.90 91.77
N GLU X 26 -3.81 -41.23 92.82
CA GLU X 26 -4.08 -39.79 93.12
C GLU X 26 -3.72 -38.92 91.91
N GLY X 27 -4.64 -38.04 91.51
CA GLY X 27 -4.42 -36.99 90.49
C GLY X 27 -4.41 -37.52 89.06
N PHE X 28 -4.69 -38.82 88.85
CA PHE X 28 -4.57 -39.50 87.54
C PHE X 28 -5.93 -39.57 86.84
N ASP X 29 -6.98 -40.05 87.53
CA ASP X 29 -8.38 -40.07 87.02
C ASP X 29 -8.78 -38.64 86.68
N ASP X 30 -8.29 -37.68 87.45
CA ASP X 30 -8.38 -36.22 87.16
C ASP X 30 -7.59 -35.97 85.86
N ILE X 31 -6.32 -36.38 85.84
CA ILE X 31 -5.36 -36.18 84.71
C ILE X 31 -5.93 -36.74 83.40
N SER X 32 -6.75 -37.80 83.45
CA SER X 32 -7.29 -38.53 82.27
C SER X 32 -8.77 -38.20 82.02
N HIS X 33 -9.50 -37.69 83.03
CA HIS X 33 -10.94 -37.33 82.98
C HIS X 33 -11.82 -38.59 83.14
N GLY X 34 -11.53 -39.43 84.14
CA GLY X 34 -12.42 -40.54 84.55
C GLY X 34 -11.65 -41.80 84.90
N GLY X 35 -10.72 -42.21 84.03
CA GLY X 35 -9.96 -43.46 84.14
C GLY X 35 -9.35 -43.84 82.79
N LEU X 36 -8.82 -45.06 82.67
CA LEU X 36 -8.27 -45.60 81.41
C LEU X 36 -9.44 -46.06 80.54
N PRO X 37 -9.53 -45.65 79.26
CA PRO X 37 -10.66 -46.04 78.40
C PRO X 37 -10.94 -47.55 78.45
N ILE X 38 -12.22 -47.91 78.69
CA ILE X 38 -12.68 -49.31 78.90
C ILE X 38 -12.48 -50.10 77.59
N GLY X 39 -12.25 -51.41 77.71
CA GLY X 39 -11.92 -52.30 76.58
C GLY X 39 -10.44 -52.26 76.26
N ARG X 40 -9.96 -51.14 75.69
CA ARG X 40 -8.54 -50.94 75.25
C ARG X 40 -7.59 -51.03 76.45
N SER X 41 -6.28 -51.07 76.18
CA SER X 41 -5.20 -51.23 77.19
C SER X 41 -4.29 -49.99 77.20
N THR X 42 -3.76 -49.65 78.38
CA THR X 42 -2.88 -48.48 78.63
C THR X 42 -1.42 -48.91 78.56
N LEU X 43 -0.61 -48.17 77.79
CA LEU X 43 0.84 -48.38 77.60
C LEU X 43 1.59 -47.40 78.51
N VAL X 44 2.17 -47.90 79.61
CA VAL X 44 2.95 -47.09 80.60
C VAL X 44 4.45 -47.35 80.36
N SER X 45 5.08 -46.56 79.48
CA SER X 45 6.52 -46.65 79.13
C SER X 45 7.33 -45.70 80.02
N GLY X 46 8.46 -46.16 80.54
CA GLY X 46 9.36 -45.34 81.38
C GLY X 46 10.73 -45.95 81.56
N THR X 47 11.68 -45.14 82.04
CA THR X 47 13.06 -45.52 82.41
C THR X 47 13.02 -46.50 83.59
N SER X 48 14.14 -47.17 83.87
CA SER X 48 14.33 -48.07 85.04
C SER X 48 14.05 -47.30 86.33
N GLY X 49 13.03 -47.71 87.08
CA GLY X 49 12.67 -47.16 88.40
C GLY X 49 11.83 -45.89 88.30
N THR X 50 10.84 -45.86 87.40
CA THR X 50 9.93 -44.70 87.17
C THR X 50 8.53 -44.99 87.69
N GLY X 51 8.34 -46.10 88.42
CA GLY X 51 7.04 -46.52 88.97
C GLY X 51 6.18 -47.29 87.98
N LYS X 52 6.72 -47.59 86.79
CA LYS X 52 6.00 -48.34 85.72
C LYS X 52 5.38 -49.60 86.32
N THR X 53 6.19 -50.40 87.02
CA THR X 53 5.79 -51.68 87.67
C THR X 53 4.74 -51.41 88.75
N LEU X 54 4.94 -50.37 89.57
CA LEU X 54 4.04 -50.02 90.72
C LEU X 54 2.71 -49.47 90.18
N PHE X 55 2.75 -48.62 89.15
CA PHE X 55 1.58 -48.08 88.43
C PHE X 55 0.69 -49.25 88.00
N SER X 56 1.29 -50.24 87.30
CA SER X 56 0.61 -51.46 86.81
C SER X 56 0.01 -52.23 88.00
N ILE X 57 0.79 -52.43 89.06
CA ILE X 57 0.36 -53.11 90.32
C ILE X 57 -0.74 -52.27 91.00
N GLN X 58 -0.69 -50.95 90.89
CA GLN X 58 -1.68 -50.02 91.50
C GLN X 58 -3.01 -50.15 90.76
N PHE X 59 -2.99 -50.03 89.43
CA PHE X 59 -4.18 -50.14 88.54
C PHE X 59 -5.09 -51.29 89.03
N LEU X 60 -4.48 -52.41 89.42
CA LEU X 60 -5.20 -53.64 89.87
C LEU X 60 -5.67 -53.48 91.33
N TYR X 61 -4.73 -53.31 92.27
CA TYR X 61 -4.99 -53.31 93.74
C TYR X 61 -6.23 -52.45 94.05
N ASN X 62 -6.31 -51.25 93.45
CA ASN X 62 -7.41 -50.28 93.64
C ASN X 62 -8.71 -50.89 93.10
N GLY X 63 -8.65 -51.50 91.91
CA GLY X 63 -9.80 -52.19 91.28
C GLY X 63 -10.43 -53.23 92.20
N ILE X 64 -9.61 -54.15 92.73
CA ILE X 64 -10.07 -55.32 93.54
C ILE X 64 -10.54 -54.87 94.92
N ILE X 65 -10.13 -53.68 95.38
CA ILE X 65 -10.43 -53.16 96.76
C ILE X 65 -11.55 -52.12 96.69
N GLU X 66 -11.50 -51.18 95.74
CA GLU X 66 -12.45 -50.05 95.60
C GLU X 66 -13.71 -50.49 94.85
N PHE X 67 -13.56 -51.27 93.78
CA PHE X 67 -14.64 -51.61 92.81
C PHE X 67 -14.92 -53.12 92.73
N ASP X 68 -14.13 -53.95 93.41
CA ASP X 68 -14.19 -55.43 93.31
C ASP X 68 -14.21 -55.84 91.83
N GLU X 69 -13.16 -55.44 91.09
CA GLU X 69 -12.90 -55.86 89.69
C GLU X 69 -11.66 -56.74 89.69
N PRO X 70 -11.80 -58.05 90.02
CA PRO X 70 -10.67 -58.98 90.04
C PRO X 70 -9.65 -58.76 88.91
N GLY X 71 -8.38 -58.71 89.27
CA GLY X 71 -7.26 -58.55 88.33
C GLY X 71 -6.40 -59.79 88.28
N VAL X 72 -5.58 -59.91 87.23
CA VAL X 72 -4.50 -60.94 87.09
C VAL X 72 -3.26 -60.21 86.57
N PHE X 73 -2.10 -60.51 87.16
CA PHE X 73 -0.78 -59.91 86.80
C PHE X 73 0.02 -60.91 85.96
N VAL X 74 0.49 -60.48 84.79
CA VAL X 74 1.38 -61.27 83.88
C VAL X 74 2.79 -60.68 83.99
N THR X 75 3.65 -61.30 84.80
CA THR X 75 5.08 -60.93 84.97
C THR X 75 5.89 -61.59 83.85
N PHE X 76 6.96 -60.93 83.38
CA PHE X 76 7.90 -61.47 82.36
C PHE X 76 9.36 -61.22 82.79
N GLU X 77 9.60 -60.96 84.09
CA GLU X 77 10.96 -60.73 84.64
C GLU X 77 10.89 -60.24 86.10
N GLU X 78 10.14 -60.92 86.96
CA GLU X 78 9.98 -60.59 88.40
C GLU X 78 9.13 -61.67 89.07
N THR X 79 9.70 -62.41 90.03
CA THR X 79 9.06 -63.58 90.70
C THR X 79 7.74 -63.14 91.32
N PRO X 80 6.71 -64.02 91.35
CA PRO X 80 5.49 -63.76 92.11
C PRO X 80 5.74 -63.47 93.60
N GLN X 81 6.74 -64.12 94.20
CA GLN X 81 7.18 -63.88 95.60
C GLN X 81 7.81 -62.48 95.69
N ASP X 82 8.54 -62.07 94.65
CA ASP X 82 9.15 -60.71 94.53
C ASP X 82 8.05 -59.66 94.49
N ILE X 83 7.08 -59.81 93.57
CA ILE X 83 5.97 -58.84 93.31
C ILE X 83 5.10 -58.66 94.56
N ILE X 84 4.77 -59.76 95.25
CA ILE X 84 3.81 -59.81 96.40
C ILE X 84 4.40 -59.08 97.61
N LYS X 85 5.73 -58.99 97.71
CA LYS X 85 6.45 -58.37 98.87
C LYS X 85 6.78 -56.89 98.58
N ASN X 86 7.10 -56.55 97.32
CA ASN X 86 7.43 -55.17 96.89
C ASN X 86 6.15 -54.31 96.87
N ALA X 87 4.99 -54.94 96.73
CA ALA X 87 3.66 -54.31 96.88
C ALA X 87 3.35 -54.15 98.37
N ARG X 88 3.77 -55.12 99.20
CA ARG X 88 3.61 -55.14 100.68
C ARG X 88 4.33 -53.94 101.31
N SER X 89 5.28 -53.32 100.60
CA SER X 89 6.05 -52.12 101.06
C SER X 89 5.15 -50.88 101.14
N PHE X 90 4.13 -50.78 100.27
CA PHE X 90 3.13 -49.68 100.30
C PHE X 90 2.00 -50.03 101.27
N GLY X 91 1.89 -51.31 101.67
CA GLY X 91 0.93 -51.80 102.68
C GLY X 91 -0.18 -52.65 102.08
N TRP X 92 0.12 -53.44 101.04
CA TRP X 92 -0.86 -54.27 100.29
C TRP X 92 -0.53 -55.76 100.46
N ASP X 93 -1.30 -56.45 101.30
CA ASP X 93 -1.25 -57.94 101.44
C ASP X 93 -1.87 -58.56 100.19
N LEU X 94 -1.12 -58.59 99.08
CA LEU X 94 -1.56 -59.18 97.78
C LEU X 94 -1.63 -60.70 97.90
N ALA X 95 -0.91 -61.28 98.86
CA ALA X 95 -1.00 -62.70 99.26
C ALA X 95 -2.46 -63.03 99.62
N LYS X 96 -3.10 -62.14 100.38
CA LYS X 96 -4.54 -62.25 100.79
C LYS X 96 -5.45 -62.11 99.57
N LEU X 97 -5.10 -61.20 98.65
CA LEU X 97 -5.84 -60.99 97.37
C LEU X 97 -5.64 -62.21 96.44
N VAL X 98 -4.50 -62.91 96.57
CA VAL X 98 -4.19 -64.17 95.83
C VAL X 98 -5.09 -65.29 96.35
N ASP X 99 -5.03 -65.55 97.66
CA ASP X 99 -5.81 -66.61 98.36
C ASP X 99 -7.31 -66.28 98.28
N GLU X 100 -7.66 -65.00 98.47
CA GLU X 100 -9.07 -64.50 98.38
C GLU X 100 -9.64 -64.88 97.01
N GLY X 101 -8.88 -64.63 95.94
CA GLY X 101 -9.19 -65.09 94.57
C GLY X 101 -9.56 -63.95 93.62
N LYS X 102 -9.35 -62.70 94.02
CA LYS X 102 -9.51 -61.51 93.14
C LYS X 102 -8.17 -61.19 92.46
N LEU X 103 -7.08 -61.83 92.89
CA LEU X 103 -5.71 -61.67 92.31
C LEU X 103 -5.20 -63.04 91.85
N PHE X 104 -4.50 -63.07 90.71
CA PHE X 104 -3.83 -64.28 90.14
C PHE X 104 -2.66 -63.85 89.23
N ILE X 105 -1.44 -63.95 89.75
CA ILE X 105 -0.17 -63.66 89.00
C ILE X 105 0.03 -64.76 87.96
N LEU X 106 0.76 -64.46 86.88
CA LEU X 106 1.05 -65.40 85.77
C LEU X 106 2.54 -65.30 85.40
N ASP X 107 3.37 -66.08 86.09
CA ASP X 107 4.87 -65.99 86.02
C ASP X 107 5.35 -66.46 84.64
N ALA X 108 5.39 -65.53 83.67
CA ALA X 108 5.96 -65.76 82.31
C ALA X 108 7.42 -65.34 82.30
N SER X 109 8.13 -65.51 83.41
CA SER X 109 9.60 -65.30 83.53
C SER X 109 10.31 -66.41 82.77
N PRO X 110 11.41 -66.10 82.03
CA PRO X 110 12.26 -67.15 81.45
C PRO X 110 12.70 -68.18 82.51
N ASP X 111 12.64 -69.48 82.18
CA ASP X 111 13.07 -70.59 83.06
C ASP X 111 14.54 -70.40 83.41
N PRO X 112 14.90 -70.20 84.70
CA PRO X 112 16.31 -70.02 85.09
C PRO X 112 17.28 -71.14 84.72
N GLU X 113 16.86 -72.13 83.91
CA GLU X 113 17.76 -73.14 83.30
C GLU X 113 18.49 -72.51 82.10
N GLY X 114 17.78 -72.35 80.97
CA GLY X 114 18.32 -71.83 79.70
C GLY X 114 17.72 -72.52 78.49
N GLN X 115 16.74 -71.87 77.84
CA GLN X 115 16.04 -72.39 76.64
C GLN X 115 15.30 -71.24 75.95
N SER X 124 1.32 -65.89 70.74
CA SER X 124 0.11 -66.43 71.41
C SER X 124 0.46 -67.48 72.47
N ALA X 125 1.73 -67.58 72.90
CA ALA X 125 2.19 -68.52 73.94
C ALA X 125 1.43 -68.23 75.24
N LEU X 126 1.60 -67.02 75.78
CA LEU X 126 0.98 -66.57 77.06
C LEU X 126 -0.51 -66.29 76.86
N ILE X 127 -0.92 -65.85 75.66
CA ILE X 127 -2.30 -65.36 75.38
C ILE X 127 -3.32 -66.41 75.80
N GLU X 128 -3.13 -67.65 75.36
CA GLU X 128 -4.06 -68.80 75.61
C GLU X 128 -4.31 -68.93 77.12
N ARG X 129 -3.24 -68.88 77.93
CA ARG X 129 -3.29 -69.00 79.41
C ARG X 129 -3.83 -67.70 80.02
N ILE X 130 -3.50 -66.54 79.43
CA ILE X 130 -3.97 -65.19 79.88
C ILE X 130 -5.49 -65.13 79.68
N ASN X 131 -5.96 -65.31 78.44
CA ASN X 131 -7.39 -65.36 78.06
C ASN X 131 -8.10 -66.46 78.86
N TYR X 132 -7.37 -67.52 79.23
CA TYR X 132 -7.82 -68.61 80.14
C TYR X 132 -8.03 -68.05 81.56
N ALA X 133 -7.08 -67.24 82.05
CA ALA X 133 -7.10 -66.65 83.41
C ALA X 133 -8.20 -65.57 83.50
N ILE X 134 -8.34 -64.72 82.48
CA ILE X 134 -9.39 -63.66 82.42
C ILE X 134 -10.75 -64.33 82.63
N GLN X 135 -11.04 -65.38 81.86
CA GLN X 135 -12.23 -66.25 81.99
C GLN X 135 -11.97 -67.30 83.08
N LYS X 136 -11.67 -66.86 84.31
CA LYS X 136 -11.34 -67.73 85.47
C LYS X 136 -11.30 -66.90 86.75
N ALA X 139 -13.09 -61.33 85.59
CA ALA X 139 -11.94 -60.41 85.77
C ALA X 139 -11.91 -59.39 84.62
N ARG X 140 -11.80 -58.09 84.95
CA ARG X 140 -11.88 -56.97 83.98
C ARG X 140 -10.57 -56.15 83.95
N ARG X 141 -9.56 -56.54 84.72
CA ARG X 141 -8.31 -55.74 84.92
C ARG X 141 -7.07 -56.64 84.87
N VAL X 142 -6.30 -56.60 83.78
CA VAL X 142 -5.03 -57.37 83.60
C VAL X 142 -3.85 -56.40 83.70
N SER X 143 -2.63 -56.92 83.90
CA SER X 143 -1.38 -56.13 84.02
C SER X 143 -0.18 -56.93 83.49
N ILE X 144 0.13 -56.81 82.20
CA ILE X 144 1.31 -57.45 81.54
C ILE X 144 2.54 -56.58 81.81
N ASP X 145 3.64 -57.19 82.29
CA ASP X 145 4.90 -56.49 82.64
C ASP X 145 6.08 -57.46 82.55
N SER X 146 7.10 -57.15 81.75
CA SER X 146 7.11 -56.04 80.80
C SER X 146 7.26 -56.59 79.38
N VAL X 147 6.58 -55.97 78.42
CA VAL X 147 6.38 -56.51 77.04
C VAL X 147 7.63 -56.23 76.20
N THR X 148 8.39 -55.18 76.54
CA THR X 148 9.62 -54.75 75.83
C THR X 148 10.53 -55.95 75.59
N SER X 149 10.75 -56.77 76.62
CA SER X 149 11.58 -58.01 76.58
C SER X 149 11.00 -59.00 75.56
N VAL X 150 11.22 -58.74 74.27
CA VAL X 150 10.69 -59.54 73.12
C VAL X 150 11.85 -59.93 72.21
N ALA X 156 13.75 -57.14 65.03
CA ALA X 156 13.85 -55.75 64.53
C ALA X 156 12.57 -54.97 64.88
N SER X 157 12.57 -53.66 64.60
CA SER X 157 11.46 -52.72 64.87
C SER X 157 10.18 -53.21 64.18
N SER X 158 10.26 -53.46 62.87
CA SER X 158 9.16 -53.94 62.00
C SER X 158 8.57 -55.25 62.54
N VAL X 159 9.41 -56.14 63.11
CA VAL X 159 9.03 -57.49 63.60
C VAL X 159 8.18 -57.36 64.87
N VAL X 160 8.70 -56.68 65.89
CA VAL X 160 8.05 -56.50 67.22
C VAL X 160 6.76 -55.66 67.07
N ARG X 161 6.73 -54.78 66.06
CA ARG X 161 5.61 -53.85 65.77
C ARG X 161 4.33 -54.66 65.47
N ARG X 162 4.45 -55.69 64.63
CA ARG X 162 3.32 -56.52 64.13
C ARG X 162 2.85 -57.48 65.22
N GLU X 163 3.79 -58.11 65.94
CA GLU X 163 3.52 -59.13 67.00
C GLU X 163 2.78 -58.47 68.18
N LEU X 164 2.96 -57.16 68.39
CA LEU X 164 2.28 -56.36 69.44
C LEU X 164 0.83 -56.07 69.01
N PHE X 165 0.62 -55.78 67.71
CA PHE X 165 -0.72 -55.55 67.09
C PHE X 165 -1.65 -56.72 67.44
N ARG X 166 -1.10 -57.93 67.53
CA ARG X 166 -1.82 -59.18 67.93
C ARG X 166 -2.19 -59.10 69.42
N LEU X 167 -1.19 -58.91 70.29
CA LEU X 167 -1.34 -58.89 71.77
C LEU X 167 -2.35 -57.80 72.19
N VAL X 168 -2.25 -56.61 71.59
CA VAL X 168 -3.14 -55.44 71.87
C VAL X 168 -4.57 -55.76 71.42
N ALA X 169 -4.78 -55.91 70.11
CA ALA X 169 -6.10 -56.00 69.45
C ALA X 169 -6.89 -57.20 69.99
N ARG X 170 -6.28 -58.38 70.02
CA ARG X 170 -6.94 -59.65 70.45
C ARG X 170 -7.45 -59.52 71.88
N LEU X 171 -6.80 -58.70 72.71
CA LEU X 171 -7.20 -58.44 74.12
C LEU X 171 -8.55 -57.72 74.17
N LYS X 172 -8.80 -56.79 73.25
CA LYS X 172 -9.97 -55.87 73.25
C LYS X 172 -11.27 -56.66 73.48
N GLN X 173 -11.45 -57.78 72.78
CA GLN X 173 -12.65 -58.64 72.89
C GLN X 173 -12.55 -59.51 74.17
N ILE X 174 -11.33 -59.94 74.52
CA ILE X 174 -11.06 -60.90 75.64
C ILE X 174 -11.36 -60.20 76.98
N THR X 177 -9.68 -54.27 80.91
CA THR X 177 -8.63 -53.22 80.72
C THR X 177 -7.29 -53.72 81.25
N THR X 178 -6.21 -53.44 80.52
CA THR X 178 -4.82 -53.92 80.80
C THR X 178 -3.85 -52.73 80.87
N VAL X 179 -2.93 -52.78 81.83
CA VAL X 179 -1.73 -51.87 81.89
C VAL X 179 -0.54 -52.64 81.32
N MET X 180 -0.03 -52.22 80.16
CA MET X 180 1.06 -52.90 79.40
C MET X 180 2.32 -52.04 79.48
N THR X 181 3.28 -52.43 80.31
CA THR X 181 4.49 -51.63 80.66
C THR X 181 5.59 -51.86 79.62
N THR X 182 6.16 -50.76 79.11
CA THR X 182 7.29 -50.73 78.14
C THR X 182 8.54 -50.25 78.88
N GLU X 183 9.62 -49.98 78.15
CA GLU X 183 10.90 -49.41 78.66
C GLU X 183 11.43 -48.38 77.66
N ARG X 184 12.36 -47.52 78.07
CA ARG X 184 13.02 -46.53 77.18
C ARG X 184 14.35 -46.06 77.78
N ILE X 185 15.31 -45.70 76.90
CA ILE X 185 16.74 -45.45 77.23
C ILE X 185 16.92 -44.00 77.67
N GLU X 186 16.61 -43.04 76.79
CA GLU X 186 16.66 -41.58 77.08
C GLU X 186 15.50 -41.21 78.00
N GLU X 187 15.10 -39.93 78.05
CA GLU X 187 13.97 -39.44 78.89
C GLU X 187 13.09 -38.50 78.05
N TYR X 188 13.66 -37.40 77.55
CA TYR X 188 12.98 -36.41 76.68
C TYR X 188 13.21 -36.74 75.20
N GLY X 189 13.77 -37.93 74.91
CA GLY X 189 14.14 -38.37 73.54
C GLY X 189 13.00 -39.11 72.84
N PRO X 190 13.13 -40.43 72.58
CA PRO X 190 12.09 -41.19 71.91
C PRO X 190 11.06 -41.76 72.90
N ILE X 191 9.81 -41.92 72.45
CA ILE X 191 8.67 -42.40 73.29
C ILE X 191 8.97 -43.81 73.82
N ALA X 192 9.76 -44.63 73.09
CA ALA X 192 10.01 -46.04 73.42
C ALA X 192 11.32 -46.55 72.82
N ARG X 193 11.64 -47.84 73.06
CA ARG X 193 12.87 -48.56 72.62
C ARG X 193 13.01 -48.47 71.10
N TYR X 194 12.13 -49.14 70.36
CA TYR X 194 12.14 -49.20 68.87
C TYR X 194 11.62 -47.88 68.31
N GLY X 195 10.36 -47.55 68.65
CA GLY X 195 9.60 -46.42 68.07
C GLY X 195 8.27 -46.87 67.48
N VAL X 196 7.99 -48.17 67.47
CA VAL X 196 6.75 -48.79 66.91
C VAL X 196 5.68 -48.89 68.00
N GLU X 197 6.04 -49.49 69.15
CA GLU X 197 5.17 -49.71 70.34
C GLU X 197 4.13 -48.58 70.45
N GLU X 198 4.60 -47.33 70.31
CA GLU X 198 3.81 -46.07 70.33
C GLU X 198 2.42 -46.26 69.69
N PHE X 199 2.40 -46.62 68.41
CA PHE X 199 1.26 -46.47 67.47
C PHE X 199 0.30 -47.66 67.59
N VAL X 200 0.83 -48.84 67.91
CA VAL X 200 0.06 -50.12 68.01
C VAL X 200 -0.90 -50.06 69.20
N SER X 201 -0.70 -49.12 70.14
CA SER X 201 -1.56 -48.92 71.34
C SER X 201 -2.58 -47.79 71.09
N ASP X 202 -3.52 -47.63 72.02
CA ASP X 202 -4.55 -46.55 72.02
C ASP X 202 -4.21 -45.49 73.08
N ASN X 203 -3.78 -45.93 74.28
CA ASN X 203 -3.41 -45.05 75.43
C ASN X 203 -1.92 -45.21 75.74
N VAL X 204 -1.21 -44.09 75.93
CA VAL X 204 0.29 -44.06 76.09
C VAL X 204 0.69 -43.10 77.22
N VAL X 205 1.20 -43.65 78.33
CA VAL X 205 1.80 -42.90 79.47
C VAL X 205 3.33 -42.95 79.34
N ILE X 206 3.98 -41.78 79.34
CA ILE X 206 5.47 -41.64 79.38
C ILE X 206 5.85 -41.10 80.77
N LEU X 207 6.13 -42.01 81.72
CA LEU X 207 6.54 -41.68 83.11
C LEU X 207 8.02 -41.27 83.12
N ARG X 208 8.31 -40.04 83.56
CA ARG X 208 9.62 -39.34 83.36
C ARG X 208 10.44 -39.33 84.66
N ASN X 209 11.60 -38.66 84.62
CA ASN X 209 12.53 -38.51 85.78
C ASN X 209 13.52 -37.35 85.55
N VAL X 210 13.10 -36.27 84.88
CA VAL X 210 13.97 -35.14 84.44
C VAL X 210 14.82 -34.66 85.62
N LEU X 211 16.15 -34.84 85.53
CA LEU X 211 17.15 -34.30 86.49
C LEU X 211 17.68 -32.96 85.94
N GLU X 212 17.64 -31.90 86.75
CA GLU X 212 18.17 -30.55 86.39
C GLU X 212 19.55 -30.39 87.03
N GLY X 213 19.60 -30.37 88.36
CA GLY X 213 20.85 -30.25 89.14
C GLY X 213 21.37 -31.62 89.53
N GLU X 214 21.42 -31.91 90.83
CA GLU X 214 21.73 -33.25 91.39
C GLU X 214 20.46 -33.82 92.02
N ARG X 215 19.28 -33.30 91.66
CA ARG X 215 17.96 -33.73 92.21
C ARG X 215 17.04 -34.16 91.05
N ARG X 216 16.18 -35.14 91.30
CA ARG X 216 15.29 -35.79 90.29
C ARG X 216 13.87 -35.23 90.41
N ARG X 217 13.18 -35.07 89.28
CA ARG X 217 11.75 -34.65 89.18
C ARG X 217 10.97 -35.69 88.39
N ARG X 218 10.01 -36.36 89.05
CA ARG X 218 9.08 -37.36 88.46
C ARG X 218 7.86 -36.64 87.88
N THR X 219 7.44 -36.97 86.65
CA THR X 219 6.26 -36.38 85.98
C THR X 219 5.50 -37.44 85.16
N LEU X 220 4.17 -37.41 85.23
CA LEU X 220 3.25 -38.28 84.48
C LEU X 220 2.68 -37.50 83.29
N GLU X 221 2.83 -38.04 82.09
CA GLU X 221 2.39 -37.41 80.81
C GLU X 221 1.49 -38.41 80.08
N ILE X 222 0.38 -37.92 79.53
CA ILE X 222 -0.50 -38.70 78.61
C ILE X 222 -0.23 -38.19 77.19
N LEU X 223 0.50 -38.99 76.40
CA LEU X 223 0.89 -38.67 75.00
C LEU X 223 -0.39 -38.63 74.16
N LYS X 224 -1.20 -39.69 74.25
CA LYS X 224 -2.55 -39.76 73.61
C LYS X 224 -3.32 -40.97 74.15
N LEU X 225 -4.44 -40.72 74.82
CA LEU X 225 -5.56 -41.68 75.01
C LEU X 225 -6.55 -41.45 73.86
N ARG X 226 -6.48 -42.29 72.81
CA ARG X 226 -7.20 -42.12 71.51
C ARG X 226 -8.71 -42.19 71.72
N GLY X 227 -9.46 -41.27 71.10
CA GLY X 227 -10.93 -41.20 71.14
C GLY X 227 -11.46 -40.77 72.49
N THR X 228 -10.80 -39.79 73.14
CA THR X 228 -11.12 -39.37 74.54
C THR X 228 -10.42 -38.06 74.90
N SER X 229 -10.97 -37.35 75.89
CA SER X 229 -10.41 -36.10 76.48
C SER X 229 -9.41 -36.47 77.58
N HIS X 230 -8.36 -35.67 77.75
CA HIS X 230 -7.30 -35.83 78.77
C HIS X 230 -6.47 -34.54 78.84
N MET X 231 -5.69 -34.39 79.92
CA MET X 231 -4.83 -33.21 80.17
C MET X 231 -3.50 -33.39 79.42
N LYS X 232 -3.13 -32.39 78.61
CA LYS X 232 -1.89 -32.38 77.80
C LYS X 232 -0.71 -31.97 78.69
N GLY X 233 0.51 -32.33 78.31
CA GLY X 233 1.75 -31.99 79.03
C GLY X 233 2.05 -32.99 80.14
N GLU X 234 2.99 -32.64 81.03
CA GLU X 234 3.43 -33.49 82.16
C GLU X 234 3.16 -32.76 83.48
N TYR X 235 2.72 -33.51 84.50
CA TYR X 235 2.34 -32.99 85.84
C TYR X 235 3.13 -33.74 86.91
N PRO X 236 3.81 -33.03 87.84
CA PRO X 236 4.72 -33.68 88.79
C PRO X 236 4.01 -34.67 89.72
N PHE X 237 4.69 -35.77 90.07
CA PHE X 237 4.19 -36.83 90.98
C PHE X 237 5.34 -37.33 91.85
N THR X 238 5.02 -38.03 92.95
CA THR X 238 6.01 -38.59 93.91
C THR X 238 5.54 -39.97 94.38
N ILE X 239 6.45 -40.96 94.35
CA ILE X 239 6.21 -42.35 94.84
C ILE X 239 6.40 -42.35 96.36
N THR X 240 5.28 -42.28 97.10
CA THR X 240 5.23 -42.23 98.58
C THR X 240 4.97 -43.62 99.14
N ASP X 241 4.93 -43.74 100.47
CA ASP X 241 4.49 -44.95 101.22
C ASP X 241 3.05 -45.31 100.80
N HIS X 242 2.29 -44.36 100.24
CA HIS X 242 0.92 -44.56 99.73
C HIS X 242 0.89 -44.53 98.20
N GLY X 243 2.01 -44.86 97.55
CA GLY X 243 2.07 -45.15 96.10
C GLY X 243 2.20 -43.90 95.24
N ILE X 244 1.96 -44.05 93.93
CA ILE X 244 2.06 -42.97 92.91
C ILE X 244 1.05 -41.88 93.26
N ASN X 245 1.54 -40.66 93.53
CA ASN X 245 0.73 -39.50 93.98
C ASN X 245 0.97 -38.34 93.00
N ILE X 246 0.20 -38.31 91.90
CA ILE X 246 0.27 -37.25 90.86
C ILE X 246 -0.27 -35.95 91.46
N PHE X 247 0.39 -34.82 91.14
CA PHE X 247 0.08 -33.46 91.64
C PHE X 247 -0.41 -32.59 90.48
N PRO X 248 -1.73 -32.46 90.26
CA PRO X 248 -2.28 -31.57 89.25
C PRO X 248 -2.55 -30.14 89.77
N LEU X 249 -1.52 -29.29 89.78
CA LEU X 249 -1.62 -27.85 90.17
C LEU X 249 -2.44 -27.10 89.11
N GLY X 250 -2.41 -27.57 87.85
CA GLY X 250 -3.21 -27.03 86.73
C GLY X 250 -4.69 -27.31 86.92
N ALA X 251 -5.05 -28.52 87.33
CA ALA X 251 -6.45 -28.98 87.51
C ALA X 251 -6.99 -28.56 88.88
N MET X 252 -6.20 -27.83 89.68
CA MET X 252 -6.69 -27.16 90.91
C MET X 252 -7.73 -26.12 90.49
N ARG X 253 -9.02 -26.39 90.72
CA ARG X 253 -10.14 -25.48 90.40
C ARG X 253 -9.99 -24.22 91.27
N LEU X 254 -9.89 -23.05 90.65
CA LEU X 254 -9.94 -21.73 91.33
C LEU X 254 -11.35 -21.55 91.92
N THR X 255 -11.66 -22.36 92.94
CA THR X 255 -13.01 -22.53 93.53
C THR X 255 -12.88 -22.67 95.05
N GLN X 256 -12.19 -21.70 95.69
CA GLN X 256 -12.02 -21.64 97.16
C GLN X 256 -12.92 -20.55 97.73
N ARG X 257 -13.53 -20.81 98.88
CA ARG X 257 -14.43 -19.87 99.61
C ARG X 257 -13.55 -18.76 100.21
N SER X 258 -14.17 -17.67 100.68
CA SER X 258 -13.47 -16.44 101.13
C SER X 258 -14.37 -15.63 102.08
N SER X 259 -14.15 -15.78 103.39
CA SER X 259 -14.87 -15.05 104.47
C SER X 259 -14.21 -13.68 104.70
N ASN X 260 -14.76 -12.91 105.64
CA ASN X 260 -14.17 -11.62 106.12
C ASN X 260 -13.61 -11.80 107.54
N VAL X 261 -13.69 -13.01 108.12
CA VAL X 261 -13.23 -13.29 109.51
C VAL X 261 -11.76 -12.87 109.59
N ARG X 262 -11.38 -12.27 110.72
CA ARG X 262 -10.04 -11.67 110.95
C ARG X 262 -9.31 -12.46 112.03
N VAL X 263 -7.98 -12.45 111.95
CA VAL X 263 -7.06 -13.14 112.90
C VAL X 263 -5.94 -12.15 113.24
N SER X 264 -5.41 -12.22 114.46
CA SER X 264 -4.27 -11.37 114.91
C SER X 264 -2.99 -11.86 114.22
N SER X 265 -2.13 -10.94 113.82
CA SER X 265 -0.81 -11.19 113.19
C SER X 265 0.24 -11.54 114.25
N GLY X 266 -0.09 -11.34 115.53
CA GLY X 266 0.84 -11.48 116.65
C GLY X 266 1.20 -10.13 117.28
N VAL X 267 1.22 -9.05 116.48
CA VAL X 267 1.53 -7.67 116.96
C VAL X 267 0.24 -6.83 116.92
N VAL X 268 -0.11 -6.20 118.05
CA VAL X 268 -1.34 -5.38 118.22
C VAL X 268 -1.30 -4.22 117.22
N ARG X 269 -0.15 -3.58 117.07
CA ARG X 269 0.03 -2.34 116.26
C ARG X 269 -0.16 -2.66 114.78
N LEU X 270 0.41 -3.79 114.31
CA LEU X 270 0.29 -4.26 112.90
C LEU X 270 -1.20 -4.47 112.58
N ASP X 271 -1.92 -5.22 113.43
CA ASP X 271 -3.36 -5.52 113.24
C ASP X 271 -4.11 -4.23 112.91
N GLU X 272 -3.84 -3.15 113.66
CA GLU X 272 -4.44 -1.81 113.43
C GLU X 272 -4.03 -1.30 112.03
N MET X 273 -2.76 -1.47 111.66
CA MET X 273 -2.21 -1.08 110.33
C MET X 273 -2.91 -1.85 109.21
N CYS X 274 -3.40 -3.06 109.48
CA CYS X 274 -4.13 -3.93 108.50
C CYS X 274 -5.64 -3.84 108.72
N GLY X 275 -6.13 -2.69 109.19
CA GLY X 275 -7.57 -2.36 109.28
C GLY X 275 -8.35 -3.37 110.09
N GLY X 276 -7.76 -3.88 111.17
CA GLY X 276 -8.42 -4.81 112.11
C GLY X 276 -7.91 -6.24 111.98
N GLY X 277 -6.63 -6.42 111.65
CA GLY X 277 -5.94 -7.73 111.61
C GLY X 277 -5.93 -8.33 110.22
N PHE X 278 -5.23 -9.45 110.03
CA PHE X 278 -5.22 -10.25 108.79
C PHE X 278 -6.57 -10.93 108.62
N PHE X 279 -6.89 -11.27 107.37
CA PHE X 279 -8.05 -12.13 107.00
C PHE X 279 -7.69 -13.60 107.25
N LYS X 280 -8.66 -14.35 107.76
CA LYS X 280 -8.58 -15.82 107.96
C LYS X 280 -8.27 -16.48 106.61
N ASP X 281 -9.07 -16.15 105.60
CA ASP X 281 -8.99 -16.70 104.22
C ASP X 281 -8.14 -15.76 103.35
N SER X 282 -6.85 -15.66 103.65
CA SER X 282 -5.86 -14.85 102.88
C SER X 282 -4.46 -15.44 103.03
N ILE X 283 -3.60 -15.15 102.05
CA ILE X 283 -2.15 -15.48 102.05
C ILE X 283 -1.39 -14.17 102.33
N ILE X 284 -0.50 -14.18 103.33
CA ILE X 284 0.33 -13.01 103.72
C ILE X 284 1.75 -13.23 103.18
N LEU X 285 2.37 -12.16 102.67
CA LEU X 285 3.80 -12.14 102.25
C LEU X 285 4.54 -11.10 103.10
N ALA X 286 5.69 -11.49 103.64
CA ALA X 286 6.62 -10.59 104.36
C ALA X 286 7.92 -10.49 103.56
N THR X 287 8.16 -9.34 102.92
CA THR X 287 9.37 -9.05 102.12
C THR X 287 10.27 -8.07 102.87
N GLY X 288 11.58 -8.29 102.77
CA GLY X 288 12.62 -7.38 103.27
C GLY X 288 13.96 -8.06 103.15
N ALA X 289 15.03 -7.38 103.55
CA ALA X 289 16.42 -7.87 103.45
C ALA X 289 16.72 -8.85 104.58
N THR X 290 17.98 -9.26 104.71
CA THR X 290 18.46 -10.19 105.76
C THR X 290 18.51 -9.43 107.09
N GLY X 291 17.99 -10.03 108.16
CA GLY X 291 18.06 -9.50 109.54
C GLY X 291 17.06 -8.37 109.80
N THR X 292 16.10 -8.12 108.90
CA THR X 292 15.10 -7.01 109.04
C THR X 292 14.01 -7.39 110.04
N GLY X 293 13.70 -8.67 110.19
CA GLY X 293 12.82 -9.16 111.28
C GLY X 293 11.68 -10.04 110.83
N LYS X 294 11.75 -10.65 109.64
CA LYS X 294 10.66 -11.52 109.10
C LYS X 294 10.36 -12.65 110.10
N THR X 295 11.39 -13.23 110.72
CA THR X 295 11.26 -14.43 111.59
C THR X 295 10.49 -14.08 112.87
N LEU X 296 10.65 -12.86 113.39
CA LEU X 296 9.85 -12.36 114.54
C LEU X 296 8.38 -12.28 114.11
N LEU X 297 8.08 -11.56 113.02
CA LEU X 297 6.71 -11.41 112.47
C LEU X 297 6.07 -12.80 112.31
N VAL X 298 6.86 -13.82 111.96
CA VAL X 298 6.41 -15.23 111.78
C VAL X 298 6.24 -15.86 113.17
N SER X 299 7.25 -15.72 114.03
CA SER X 299 7.30 -16.27 115.41
C SER X 299 6.12 -15.74 116.22
N ARG X 300 5.79 -14.45 116.02
CA ARG X 300 4.65 -13.79 116.69
C ARG X 300 3.36 -14.43 116.19
N PHE X 301 3.19 -14.45 114.86
CA PHE X 301 2.05 -15.04 114.12
C PHE X 301 1.74 -16.45 114.62
N VAL X 302 2.76 -17.31 114.72
CA VAL X 302 2.63 -18.75 115.13
C VAL X 302 2.22 -18.82 116.61
N GLU X 303 2.82 -17.97 117.45
CA GLU X 303 2.61 -17.94 118.92
C GLU X 303 1.22 -17.37 119.22
N ASN X 304 0.64 -16.60 118.30
CA ASN X 304 -0.70 -15.99 118.45
C ASN X 304 -1.78 -17.07 118.36
N ALA X 305 -1.59 -18.07 117.50
CA ALA X 305 -2.54 -19.21 117.34
C ALA X 305 -2.62 -19.96 118.67
N CYS X 306 -1.47 -20.34 119.22
CA CYS X 306 -1.34 -21.20 120.43
C CYS X 306 -1.82 -20.47 121.69
N ALA X 307 -1.91 -19.13 121.64
CA ALA X 307 -2.58 -18.31 122.68
C ALA X 307 -4.10 -18.50 122.57
N ASN X 308 -4.61 -18.59 121.33
CA ASN X 308 -6.06 -18.71 121.02
C ASN X 308 -6.44 -20.19 120.81
N LYS X 309 -5.76 -21.11 121.50
CA LYS X 309 -5.99 -22.58 121.41
C LYS X 309 -6.36 -22.95 119.97
N GLU X 310 -5.39 -22.80 119.06
CA GLU X 310 -5.46 -23.21 117.64
C GLU X 310 -4.13 -23.89 117.30
N ARG X 311 -4.07 -24.63 116.18
CA ARG X 311 -2.82 -25.31 115.75
C ARG X 311 -2.14 -24.48 114.67
N ALA X 312 -0.81 -24.59 114.57
CA ALA X 312 0.00 -23.91 113.54
C ALA X 312 1.29 -24.69 113.28
N ILE X 313 1.67 -24.78 112.00
CA ILE X 313 2.97 -25.37 111.56
C ILE X 313 3.90 -24.25 111.10
N LEU X 314 5.11 -24.23 111.66
CA LEU X 314 6.25 -23.41 111.19
C LEU X 314 7.12 -24.29 110.28
N PHE X 315 7.10 -24.06 108.97
CA PHE X 315 8.02 -24.70 108.00
C PHE X 315 9.27 -23.82 107.93
N ALA X 316 10.42 -24.38 108.34
CA ALA X 316 11.71 -23.67 108.43
C ALA X 316 12.66 -24.24 107.37
N TYR X 317 13.26 -23.36 106.55
CA TYR X 317 14.26 -23.71 105.52
C TYR X 317 15.49 -22.80 105.64
N GLU X 318 15.88 -22.45 106.87
CA GLU X 318 16.94 -21.42 107.14
C GLU X 318 17.60 -21.69 108.50
N GLU X 319 16.84 -21.52 109.59
CA GLU X 319 17.33 -21.76 110.98
C GLU X 319 16.95 -23.18 111.41
N SER X 320 17.84 -23.85 112.14
CA SER X 320 17.59 -25.20 112.73
C SER X 320 16.46 -25.10 113.76
N ARG X 321 15.93 -26.24 114.23
CA ARG X 321 15.01 -26.27 115.39
C ARG X 321 15.74 -25.66 116.59
N ALA X 322 17.04 -25.92 116.71
CA ALA X 322 17.93 -25.45 117.80
C ALA X 322 17.94 -23.91 117.83
N GLN X 323 18.20 -23.27 116.69
CA GLN X 323 18.38 -21.80 116.58
C GLN X 323 17.01 -21.09 116.70
N LEU X 324 15.97 -21.59 116.03
CA LEU X 324 14.60 -21.01 116.05
C LEU X 324 14.16 -20.80 117.51
N LEU X 325 14.43 -21.76 118.40
CA LEU X 325 13.96 -21.77 119.80
C LEU X 325 14.71 -20.72 120.63
N ARG X 326 16.05 -20.64 120.48
CA ARG X 326 16.91 -19.66 121.21
C ARG X 326 16.36 -18.26 120.99
N ASN X 327 16.17 -17.89 119.73
CA ASN X 327 15.79 -16.53 119.29
C ASN X 327 14.34 -16.26 119.69
N ALA X 328 13.49 -17.29 119.65
CA ALA X 328 12.08 -17.22 120.07
C ALA X 328 12.01 -16.90 121.57
N TYR X 329 12.75 -17.66 122.40
CA TYR X 329 12.78 -17.51 123.88
C TYR X 329 13.45 -16.18 124.27
N SER X 330 14.38 -15.68 123.44
CA SER X 330 15.03 -14.35 123.63
C SER X 330 14.06 -13.22 123.22
N TRP X 331 12.91 -13.54 122.62
CA TRP X 331 11.84 -12.57 122.23
C TRP X 331 10.61 -12.72 123.13
N GLY X 332 10.61 -13.68 124.05
CA GLY X 332 9.52 -13.87 125.03
C GLY X 332 8.77 -15.16 124.80
N MET X 333 8.34 -15.41 123.56
CA MET X 333 7.54 -16.61 123.19
C MET X 333 8.35 -17.89 123.42
N ASP X 334 7.70 -18.90 124.02
CA ASP X 334 8.30 -20.21 124.41
C ASP X 334 7.73 -21.30 123.48
N PHE X 335 8.40 -21.55 122.36
CA PHE X 335 7.97 -22.52 121.31
C PHE X 335 7.94 -23.94 121.88
N GLU X 336 8.81 -24.27 122.84
CA GLU X 336 8.92 -25.65 123.41
C GLU X 336 7.68 -25.98 124.24
N GLU X 337 7.05 -24.99 124.89
CA GLU X 337 5.82 -25.18 125.70
C GLU X 337 4.58 -25.16 124.79
N MET X 338 4.74 -24.83 123.50
CA MET X 338 3.65 -24.86 122.48
C MET X 338 3.64 -26.23 121.78
N GLU X 339 4.81 -26.85 121.63
CA GLU X 339 4.96 -28.26 121.17
C GLU X 339 4.38 -29.21 122.23
N ARG X 340 4.65 -28.91 123.51
CA ARG X 340 4.23 -29.73 124.68
C ARG X 340 2.69 -29.77 124.75
N GLN X 341 2.03 -28.61 124.58
CA GLN X 341 0.54 -28.51 124.64
C GLN X 341 -0.07 -28.74 123.25
N ASN X 342 0.76 -29.09 122.26
CA ASN X 342 0.37 -29.77 120.99
C ASN X 342 -0.36 -28.79 120.04
N LEU X 343 0.20 -27.60 119.85
CA LEU X 343 -0.41 -26.51 119.03
C LEU X 343 0.58 -25.98 117.98
N LEU X 344 1.87 -25.84 118.34
CA LEU X 344 2.95 -25.47 117.38
C LEU X 344 3.67 -26.75 116.92
N LYS X 345 3.90 -26.87 115.61
CA LYS X 345 4.74 -27.95 115.01
C LYS X 345 5.84 -27.27 114.17
N ILE X 346 7.10 -27.37 114.62
CA ILE X 346 8.29 -26.77 113.94
C ILE X 346 8.89 -27.83 113.00
N VAL X 347 8.77 -27.61 111.68
CA VAL X 347 9.36 -28.51 110.64
C VAL X 347 10.60 -27.83 110.04
N CYS X 348 11.78 -28.31 110.42
CA CYS X 348 13.11 -27.85 109.91
C CYS X 348 13.62 -28.84 108.88
N ALA X 349 13.94 -28.36 107.68
CA ALA X 349 14.52 -29.16 106.57
C ALA X 349 15.30 -28.23 105.63
N TYR X 350 16.36 -28.76 105.01
CA TYR X 350 17.16 -28.06 103.96
C TYR X 350 16.36 -28.04 102.66
N PRO X 351 16.32 -26.91 101.93
CA PRO X 351 15.63 -26.86 100.63
C PRO X 351 16.41 -27.65 99.56
N GLU X 352 17.74 -27.71 99.69
CA GLU X 352 18.65 -28.40 98.74
C GLU X 352 18.64 -29.91 99.01
N SER X 353 17.82 -30.37 99.97
CA SER X 353 17.73 -31.80 100.41
C SER X 353 16.76 -32.59 99.53
N ALA X 354 15.87 -31.92 98.79
CA ALA X 354 14.85 -32.58 97.94
C ALA X 354 14.33 -31.63 96.86
N GLY X 355 13.49 -32.16 95.96
CA GLY X 355 12.79 -31.39 94.90
C GLY X 355 11.61 -30.62 95.46
N LEU X 356 11.13 -29.62 94.73
CA LEU X 356 9.95 -28.78 95.10
C LEU X 356 8.72 -29.66 95.30
N GLU X 357 8.50 -30.64 94.40
CA GLU X 357 7.37 -31.61 94.47
C GLU X 357 7.48 -32.42 95.76
N ASP X 358 8.69 -32.83 96.13
CA ASP X 358 8.98 -33.61 97.38
C ASP X 358 8.66 -32.75 98.59
N HIS X 359 9.01 -31.46 98.56
CA HIS X 359 8.72 -30.48 99.65
C HIS X 359 7.21 -30.25 99.75
N LEU X 360 6.58 -29.94 98.62
CA LEU X 360 5.11 -29.67 98.54
C LEU X 360 4.37 -30.84 99.21
N GLN X 361 4.77 -32.06 98.88
CA GLN X 361 4.18 -33.31 99.46
C GLN X 361 4.37 -33.33 100.98
N ILE X 362 5.56 -32.99 101.49
CA ILE X 362 5.84 -32.93 102.96
C ILE X 362 4.88 -31.92 103.58
N ILE X 363 4.84 -30.68 103.07
CA ILE X 363 3.92 -29.61 103.57
C ILE X 363 2.49 -30.13 103.50
N LYS X 364 2.04 -30.49 102.30
CA LYS X 364 0.65 -30.93 102.02
C LYS X 364 0.25 -32.02 103.02
N SER X 365 1.14 -32.98 103.27
CA SER X 365 0.90 -34.15 104.16
C SER X 365 0.78 -33.70 105.63
N GLU X 366 1.71 -32.87 106.11
CA GLU X 366 1.76 -32.44 107.53
C GLU X 366 0.52 -31.60 107.84
N ILE X 367 -0.03 -30.89 106.85
CA ILE X 367 -1.29 -30.11 106.98
C ILE X 367 -2.46 -31.09 107.19
N ASN X 368 -2.44 -32.25 106.53
CA ASN X 368 -3.49 -33.31 106.65
C ASN X 368 -3.34 -34.04 107.98
N ASP X 369 -2.10 -34.26 108.43
CA ASP X 369 -1.78 -34.98 109.70
C ASP X 369 -2.21 -34.11 110.89
N PHE X 370 -1.55 -32.97 111.07
CA PHE X 370 -1.74 -32.08 112.26
C PHE X 370 -3.03 -31.28 112.13
N LYS X 371 -3.55 -31.11 110.91
CA LYS X 371 -4.83 -30.40 110.63
C LYS X 371 -4.81 -29.03 111.30
N PRO X 372 -3.90 -28.11 110.90
CA PRO X 372 -3.76 -26.81 111.56
C PRO X 372 -4.69 -25.74 110.97
N ALA X 373 -4.63 -24.53 111.54
CA ALA X 373 -5.39 -23.34 111.09
C ALA X 373 -4.44 -22.29 110.48
N ARG X 374 -3.11 -22.42 110.68
CA ARG X 374 -2.11 -21.42 110.24
C ARG X 374 -0.80 -22.08 109.82
N ILE X 375 -0.52 -22.07 108.51
CA ILE X 375 0.80 -22.44 107.91
C ILE X 375 1.68 -21.19 107.94
N ALA X 376 2.96 -21.37 108.27
CA ALA X 376 4.02 -20.34 108.20
C ALA X 376 5.26 -20.94 107.54
N ILE X 377 5.77 -20.32 106.47
CA ILE X 377 7.00 -20.78 105.78
C ILE X 377 8.06 -19.67 105.84
N ASP X 378 9.25 -20.01 106.36
CA ASP X 378 10.40 -19.10 106.53
C ASP X 378 11.64 -19.77 105.92
N SER X 379 11.97 -19.52 104.64
CA SER X 379 11.30 -18.56 103.76
C SER X 379 10.99 -19.21 102.40
N LEU X 380 10.31 -18.48 101.51
CA LEU X 380 10.08 -18.88 100.10
C LEU X 380 11.42 -18.77 99.33
N SER X 381 12.11 -17.64 99.47
CA SER X 381 13.41 -17.34 98.81
C SER X 381 14.35 -18.53 98.91
N ALA X 382 14.42 -19.14 100.10
CA ALA X 382 15.28 -20.31 100.40
C ALA X 382 15.01 -21.41 99.38
N LEU X 383 13.74 -21.65 99.05
CA LEU X 383 13.30 -22.71 98.10
C LEU X 383 13.56 -22.27 96.66
N ALA X 384 13.40 -20.97 96.35
CA ALA X 384 13.63 -20.38 95.01
C ALA X 384 15.07 -20.66 94.56
N ARG X 385 16.03 -20.56 95.47
CA ARG X 385 17.49 -20.59 95.19
C ARG X 385 17.83 -21.85 94.40
N GLY X 386 18.49 -21.69 93.24
CA GLY X 386 19.08 -22.78 92.43
C GLY X 386 18.03 -23.63 91.72
N VAL X 387 16.91 -23.04 91.30
CA VAL X 387 15.77 -23.73 90.63
C VAL X 387 15.15 -22.77 89.62
N SER X 388 14.55 -23.32 88.54
CA SER X 388 13.86 -22.57 87.47
C SER X 388 12.72 -21.73 88.06
N ASN X 389 12.49 -20.55 87.49
CA ASN X 389 11.47 -19.57 87.96
C ASN X 389 10.06 -20.15 87.78
N ASN X 390 9.90 -21.22 87.00
CA ASN X 390 8.60 -21.91 86.76
C ASN X 390 8.34 -22.92 87.89
N ALA X 391 9.23 -23.90 88.04
CA ALA X 391 9.14 -24.99 89.06
C ALA X 391 8.68 -24.36 90.38
N PHE X 392 9.38 -23.31 90.81
CA PHE X 392 9.11 -22.49 92.02
C PHE X 392 7.71 -21.88 91.96
N ARG X 393 7.38 -21.14 90.91
CA ARG X 393 6.06 -20.45 90.78
C ARG X 393 4.95 -21.50 90.79
N GLN X 394 5.16 -22.62 90.08
CA GLN X 394 4.25 -23.79 90.09
C GLN X 394 4.11 -24.32 91.53
N PHE X 395 5.22 -24.47 92.24
CA PHE X 395 5.27 -24.88 93.67
C PHE X 395 4.45 -23.89 94.52
N VAL X 396 4.71 -22.58 94.37
CA VAL X 396 4.09 -21.51 95.21
C VAL X 396 2.57 -21.53 94.98
N ILE X 397 2.14 -21.55 93.72
CA ILE X 397 0.70 -21.64 93.32
C ILE X 397 0.09 -22.86 94.02
N GLY X 398 0.81 -23.98 94.04
CA GLY X 398 0.38 -25.27 94.60
C GLY X 398 0.14 -25.21 96.11
N VAL X 399 0.98 -24.50 96.85
CA VAL X 399 0.88 -24.37 98.34
C VAL X 399 -0.21 -23.35 98.68
N THR X 400 -0.18 -22.19 98.00
CA THR X 400 -1.09 -21.04 98.19
C THR X 400 -2.53 -21.51 98.02
N GLY X 401 -2.86 -22.00 96.82
CA GLY X 401 -4.22 -22.47 96.46
C GLY X 401 -4.70 -23.56 97.39
N TYR X 402 -3.79 -24.42 97.87
CA TYR X 402 -4.10 -25.49 98.86
C TYR X 402 -4.42 -24.86 100.22
N ALA X 403 -3.63 -23.86 100.64
CA ALA X 403 -3.85 -23.11 101.89
C ALA X 403 -5.15 -22.31 101.78
N LYS X 404 -5.41 -21.71 100.60
CA LYS X 404 -6.64 -20.94 100.30
C LYS X 404 -7.86 -21.89 100.39
N GLN X 405 -7.82 -23.04 99.71
CA GLN X 405 -8.96 -23.98 99.60
C GLN X 405 -9.23 -24.67 100.95
N GLU X 406 -8.22 -24.81 101.81
CA GLU X 406 -8.35 -25.47 103.14
C GLU X 406 -8.67 -24.41 104.21
N GLU X 407 -8.90 -23.15 103.81
CA GLU X 407 -9.31 -22.03 104.69
C GLU X 407 -8.29 -21.90 105.83
N ILE X 408 -7.01 -21.85 105.45
CA ILE X 408 -5.83 -21.73 106.35
C ILE X 408 -5.18 -20.37 106.08
N THR X 409 -4.90 -19.60 107.14
CA THR X 409 -4.08 -18.37 107.07
C THR X 409 -2.64 -18.79 106.80
N GLY X 410 -2.00 -18.17 105.80
CA GLY X 410 -0.63 -18.50 105.36
C GLY X 410 0.27 -17.28 105.37
N LEU X 411 1.25 -17.24 106.28
CA LEU X 411 2.30 -16.20 106.33
C LEU X 411 3.57 -16.77 105.69
N PHE X 412 3.94 -16.26 104.52
CA PHE X 412 5.16 -16.65 103.75
C PHE X 412 6.18 -15.52 103.83
N THR X 413 7.43 -15.85 104.12
CA THR X 413 8.55 -14.87 104.22
C THR X 413 9.32 -14.87 102.90
N ASN X 414 10.00 -13.75 102.62
CA ASN X 414 10.80 -13.54 101.40
C ASN X 414 12.00 -12.66 101.73
N THR X 415 13.22 -13.22 101.62
CA THR X 415 14.49 -12.50 101.85
C THR X 415 14.92 -11.84 100.53
N SER X 416 14.78 -10.51 100.44
CA SER X 416 15.22 -9.70 99.27
C SER X 416 16.74 -9.80 99.19
N ASP X 417 17.28 -9.99 97.97
CA ASP X 417 18.73 -10.15 97.72
C ASP X 417 19.39 -8.76 97.70
N GLN X 418 18.66 -7.73 98.15
CA GLN X 418 19.15 -6.33 98.24
C GLN X 418 18.55 -5.66 99.47
N PHE X 419 19.40 -5.26 100.42
CA PHE X 419 19.01 -4.65 101.72
C PHE X 419 18.43 -3.26 101.50
N MET X 420 18.98 -2.51 100.55
CA MET X 420 18.50 -1.15 100.18
C MET X 420 18.42 -1.03 98.66
N GLY X 421 17.70 -0.02 98.16
CA GLY X 421 17.48 0.22 96.73
C GLY X 421 16.68 -0.90 96.09
N ALA X 422 15.72 -1.46 96.82
CA ALA X 422 14.84 -2.57 96.39
C ALA X 422 14.13 -2.16 95.09
N HIS X 423 14.48 -2.81 93.98
CA HIS X 423 13.89 -2.57 92.64
C HIS X 423 12.46 -3.13 92.62
N SER X 424 12.30 -4.42 92.91
CA SER X 424 11.01 -5.18 92.90
C SER X 424 10.67 -5.71 94.31
N ILE X 425 9.39 -6.00 94.57
CA ILE X 425 8.87 -6.50 95.88
C ILE X 425 9.38 -7.94 96.06
N THR X 426 9.49 -8.68 94.97
CA THR X 426 10.00 -10.08 94.94
C THR X 426 10.94 -10.29 93.75
N ASP X 427 12.01 -11.07 93.96
CA ASP X 427 13.00 -11.44 92.91
C ASP X 427 12.50 -12.67 92.15
N SER X 428 11.34 -13.21 92.52
CA SER X 428 10.68 -14.39 91.88
C SER X 428 9.40 -13.96 91.16
N HIS X 429 8.96 -12.72 91.34
CA HIS X 429 7.72 -12.15 90.73
C HIS X 429 6.54 -13.05 91.11
N ILE X 430 6.18 -13.06 92.40
CA ILE X 430 5.01 -13.82 92.95
C ILE X 430 4.09 -12.86 93.70
N SEP X 431 4.24 -11.56 93.48
CA SEP X 431 3.56 -10.55 94.26
CB SEP X 431 4.07 -9.17 93.91
OG SEP X 431 5.52 -9.21 93.83
C SEP X 431 2.04 -10.63 94.08
O SEP X 431 1.29 -10.34 95.00
P SEP X 431 6.24 -8.42 92.62
O1P SEP X 431 7.73 -8.53 92.88
O2P SEP X 431 5.75 -6.98 92.68
O3P SEP X 431 5.80 -9.14 91.36
N THR X 432 1.60 -11.03 92.88
CA THR X 432 0.19 -11.04 92.54
C THR X 432 -0.50 -12.29 93.12
N ILE X 433 0.26 -13.32 93.49
CA ILE X 433 -0.31 -14.57 94.08
C ILE X 433 -0.73 -14.30 95.53
N THR X 434 -0.04 -13.35 96.19
CA THR X 434 -0.23 -13.00 97.62
C THR X 434 -1.37 -11.99 97.74
N ASP X 435 -2.09 -12.00 98.87
CA ASP X 435 -3.27 -11.13 99.13
C ASP X 435 -2.84 -9.91 99.93
N THR X 436 -2.11 -10.13 101.02
CA THR X 436 -1.53 -9.06 101.89
C THR X 436 0.00 -9.08 101.71
N ILE X 437 0.61 -7.90 101.58
CA ILE X 437 2.10 -7.74 101.58
C ILE X 437 2.51 -6.86 102.76
N ILE X 438 3.46 -7.34 103.55
CA ILE X 438 4.14 -6.58 104.64
C ILE X 438 5.61 -6.44 104.24
N LEU X 439 6.13 -5.21 104.20
CA LEU X 439 7.46 -4.90 103.60
C LEU X 439 8.38 -4.24 104.64
N LEU X 440 9.28 -5.02 105.21
CA LEU X 440 10.38 -4.55 106.10
C LEU X 440 11.49 -3.95 105.22
N GLN X 441 12.15 -2.89 105.70
CA GLN X 441 13.31 -2.26 105.01
C GLN X 441 14.20 -1.57 106.04
N TYR X 442 15.51 -1.54 105.79
CA TYR X 442 16.47 -0.69 106.54
C TYR X 442 16.38 0.74 106.01
N VAL X 443 16.55 1.72 106.90
CA VAL X 443 16.43 3.17 106.58
C VAL X 443 17.55 3.92 107.32
N GLU X 444 18.63 4.22 106.60
CA GLU X 444 19.81 4.96 107.14
C GLU X 444 19.39 6.39 107.50
N ILE X 445 19.00 6.60 108.76
CA ILE X 445 18.64 7.93 109.34
C ILE X 445 19.69 8.31 110.40
N ARG X 446 20.55 9.27 110.09
CA ARG X 446 21.53 9.91 111.03
C ARG X 446 22.53 8.87 111.55
N GLY X 447 23.35 8.31 110.64
CA GLY X 447 24.53 7.48 110.98
C GLY X 447 24.17 6.11 111.54
N GLU X 448 22.88 5.81 111.71
CA GLU X 448 22.38 4.54 112.28
C GLU X 448 21.53 3.79 111.25
N MET X 449 21.46 2.47 111.39
CA MET X 449 20.64 1.56 110.55
C MET X 449 19.32 1.27 111.26
N SER X 450 18.28 2.06 110.98
CA SER X 450 16.90 1.89 111.49
C SER X 450 16.17 0.84 110.67
N ARG X 451 14.97 0.45 111.13
CA ARG X 451 14.05 -0.53 110.49
C ARG X 451 12.78 0.21 110.09
N ALA X 452 11.93 -0.40 109.25
CA ALA X 452 10.64 0.18 108.80
C ALA X 452 9.67 -0.88 108.27
N ILE X 453 8.52 -1.01 108.95
CA ILE X 453 7.35 -1.85 108.56
C ILE X 453 6.46 -1.04 107.62
N ASN X 454 5.88 -1.69 106.60
CA ASN X 454 4.90 -1.06 105.68
C ASN X 454 3.90 -2.12 105.20
N VAL X 455 2.62 -1.90 105.51
CA VAL X 455 1.48 -2.67 104.93
C VAL X 455 1.26 -2.11 103.52
N PHE X 456 1.82 -2.81 102.53
CA PHE X 456 2.04 -2.35 101.13
C PHE X 456 0.74 -2.48 100.34
N LYS X 457 0.16 -3.68 100.38
CA LYS X 457 -1.19 -3.96 99.82
C LYS X 457 -1.92 -4.89 100.76
N MET X 458 -3.24 -4.71 100.85
CA MET X 458 -4.14 -5.51 101.68
C MET X 458 -5.42 -5.73 100.88
N ARG X 459 -5.34 -6.55 99.84
CA ARG X 459 -6.50 -6.98 99.01
C ARG X 459 -7.65 -7.30 99.98
N GLY X 460 -8.76 -6.57 99.89
CA GLY X 460 -9.94 -6.82 100.73
C GLY X 460 -10.19 -5.68 101.69
N SER X 461 -9.27 -5.41 102.62
CA SER X 461 -9.46 -4.42 103.72
C SER X 461 -8.60 -3.18 103.50
N TRP X 462 -9.01 -2.07 104.12
CA TRP X 462 -8.21 -0.82 104.25
C TRP X 462 -6.91 -1.15 104.97
N HIS X 463 -5.87 -0.34 104.78
CA HIS X 463 -4.62 -0.43 105.56
C HIS X 463 -3.95 0.94 105.67
N ASP X 464 -3.13 1.10 106.71
CA ASP X 464 -2.27 2.29 106.94
C ASP X 464 -1.29 2.38 105.77
N LYS X 465 -1.20 3.55 105.15
CA LYS X 465 -0.36 3.80 103.95
C LYS X 465 1.02 4.32 104.40
N ALA X 466 1.26 4.39 105.71
CA ALA X 466 2.47 4.98 106.33
C ALA X 466 3.60 3.95 106.32
N ILE X 467 4.83 4.43 106.08
CA ILE X 467 6.09 3.68 106.34
C ILE X 467 6.49 3.98 107.78
N ARG X 468 5.79 3.39 108.75
CA ARG X 468 6.13 3.48 110.18
C ARG X 468 7.51 2.83 110.39
N GLU X 469 8.33 3.41 111.25
CA GLU X 469 9.62 2.80 111.68
C GLU X 469 9.30 1.93 112.90
N PHE X 470 10.11 0.89 113.13
CA PHE X 470 10.01 0.05 114.34
C PHE X 470 11.41 -0.37 114.78
N MET X 471 11.46 -1.00 115.94
CA MET X 471 12.69 -1.64 116.44
C MET X 471 12.33 -2.87 117.27
N ILE X 472 13.24 -3.83 117.27
CA ILE X 472 13.10 -5.17 117.90
C ILE X 472 13.80 -5.09 119.25
N SER X 473 13.13 -5.59 120.28
CA SER X 473 13.68 -5.75 121.65
C SER X 473 13.27 -7.13 122.18
N ASP X 474 13.75 -7.47 123.37
CA ASP X 474 13.23 -8.59 124.19
C ASP X 474 11.78 -8.29 124.60
N LYS X 475 10.91 -7.98 123.64
CA LYS X 475 9.49 -7.60 123.88
C LYS X 475 8.75 -7.47 122.54
N GLY X 476 9.07 -8.33 121.57
CA GLY X 476 8.58 -8.24 120.18
C GLY X 476 9.12 -7.02 119.46
N PRO X 477 8.45 -6.58 118.36
CA PRO X 477 8.71 -5.30 117.72
C PRO X 477 7.74 -4.20 118.19
N ASP X 478 8.25 -3.02 118.51
CA ASP X 478 7.41 -1.83 118.81
C ASP X 478 7.39 -0.95 117.56
N ILE X 479 6.22 -0.86 116.91
CA ILE X 479 6.02 -0.07 115.66
C ILE X 479 5.71 1.38 116.08
N LYS X 480 6.73 2.24 115.99
CA LYS X 480 6.65 3.68 116.33
C LYS X 480 5.86 4.40 115.24
N ASP X 481 6.53 5.29 114.50
CA ASP X 481 5.87 6.32 113.68
C ASP X 481 6.61 6.50 112.36
N SER X 482 5.89 7.05 111.38
CA SER X 482 6.42 7.39 110.03
C SER X 482 7.41 8.54 110.16
N PHE X 483 8.11 8.84 109.07
CA PHE X 483 9.18 9.87 108.99
C PHE X 483 8.60 11.12 108.33
N ARG X 484 7.61 11.76 108.98
CA ARG X 484 6.87 12.94 108.44
C ARG X 484 7.80 14.15 108.41
N ASN X 485 8.93 14.05 107.69
CA ASN X 485 10.01 15.07 107.61
C ASN X 485 11.25 14.46 106.93
N PHE X 486 11.08 13.89 105.72
CA PHE X 486 12.13 13.14 104.98
C PHE X 486 11.64 12.82 103.56
N GLU X 487 12.53 12.96 102.58
CA GLU X 487 12.32 12.53 101.17
C GLU X 487 13.13 11.26 100.91
N ARG X 488 12.61 10.36 100.06
CA ARG X 488 13.31 9.13 99.58
C ARG X 488 13.38 8.08 100.71
N ILE X 489 12.38 8.04 101.60
CA ILE X 489 12.31 7.09 102.75
C ILE X 489 12.28 5.64 102.26
N ILE X 490 11.81 5.40 101.03
CA ILE X 490 11.58 4.02 100.48
C ILE X 490 12.79 3.57 99.65
N SER X 491 14.00 4.12 99.87
CA SER X 491 15.17 3.92 98.98
C SER X 491 16.49 3.77 99.74
N GLY X 492 16.47 3.47 101.04
CA GLY X 492 17.68 3.17 101.83
C GLY X 492 18.25 4.40 102.52
N SER X 493 18.64 5.41 101.74
CA SER X 493 19.21 6.70 102.22
C SER X 493 18.22 7.83 101.93
N PRO X 494 17.41 8.26 102.92
CA PRO X 494 16.53 9.41 102.73
C PRO X 494 17.31 10.72 102.56
N THR X 495 16.57 11.84 102.44
CA THR X 495 17.11 13.21 102.28
C THR X 495 16.32 14.15 103.19
N ARG X 496 17.01 14.84 104.12
CA ARG X 496 16.41 15.85 105.02
C ARG X 496 15.67 16.89 104.17
N ILE X 497 14.45 17.26 104.58
CA ILE X 497 13.59 18.27 103.91
C ILE X 497 13.41 19.48 104.84
N THR X 498 14.05 20.62 104.51
CA THR X 498 13.99 21.87 105.30
C THR X 498 14.47 23.05 104.44
PG ATP Y . 71.24 0.38 -33.90
O1G ATP Y . 72.51 -0.27 -33.39
O2G ATP Y . 71.48 1.75 -34.49
O3G ATP Y . 70.12 0.37 -32.90
PB ATP Y . 71.07 -0.48 -36.68
O1B ATP Y . 69.92 -1.08 -37.41
O2B ATP Y . 71.52 0.91 -37.01
O3B ATP Y . 70.76 -0.56 -35.12
PA ATP Y . 73.62 -1.52 -37.77
O1A ATP Y . 74.77 -0.96 -37.01
O2A ATP Y . 73.27 -0.92 -39.09
O3A ATP Y . 72.33 -1.47 -36.80
O5' ATP Y . 73.81 -3.10 -37.94
C5' ATP Y . 74.54 -3.77 -36.88
C4' ATP Y . 74.46 -5.27 -37.06
O4' ATP Y . 75.27 -5.64 -38.19
C3' ATP Y . 74.98 -6.08 -35.86
O3' ATP Y . 73.91 -6.58 -35.08
C2' ATP Y . 75.77 -7.24 -36.49
O2' ATP Y . 75.09 -8.47 -36.39
C1' ATP Y . 75.91 -6.88 -37.97
N9 ATP Y . 77.30 -6.74 -38.37
C8 ATP Y . 78.13 -5.66 -38.17
N7 ATP Y . 79.33 -5.86 -38.65
C5 ATP Y . 79.29 -7.15 -39.19
C6 ATP Y . 80.26 -7.94 -39.84
N6 ATP Y . 81.51 -7.55 -40.07
N1 ATP Y . 79.88 -9.18 -40.25
C2 ATP Y . 78.62 -9.58 -40.01
N3 ATP Y . 77.64 -8.91 -39.40
C4 ATP Y . 78.04 -7.69 -39.02
PG ATP Z . 68.03 42.66 -22.37
O1G ATP Z . 66.60 43.07 -22.52
O2G ATP Z . 68.99 43.82 -22.58
O3G ATP Z . 68.29 41.91 -21.09
PB ATP Z . 67.62 41.39 -24.99
O1B ATP Z . 66.44 40.52 -24.75
O2B ATP Z . 67.45 42.71 -25.66
O3B ATP Z . 68.34 41.62 -23.58
PA ATP Z . 69.91 40.94 -26.75
O1A ATP Z . 70.61 42.13 -26.18
O2A ATP Z . 69.42 41.02 -28.15
O3A ATP Z . 68.70 40.53 -25.79
O5' ATP Z . 70.86 39.66 -26.58
C5' ATP Z . 71.20 38.86 -27.74
C4' ATP Z . 71.02 37.40 -27.39
O4' ATP Z . 71.52 36.61 -28.49
C3' ATP Z . 71.77 36.92 -26.14
O3' ATP Z . 71.01 35.99 -25.40
C2' ATP Z . 73.05 36.27 -26.71
O2' ATP Z . 73.39 35.13 -25.98
C1' ATP Z . 72.67 35.90 -28.14
N9 ATP Z . 73.74 36.23 -29.08
C8 ATP Z . 74.37 37.44 -29.21
N7 ATP Z . 75.31 37.41 -30.13
C5 ATP Z . 75.29 36.11 -30.62
C6 ATP Z . 76.05 35.46 -31.61
N6 ATP Z . 77.01 36.05 -32.32
N1 ATP Z . 75.76 34.16 -31.86
C2 ATP Z . 74.79 33.57 -31.14
N3 ATP Z . 74.02 34.09 -30.19
C4 ATP Z . 74.33 35.38 -29.97
MG MG AA . 71.86 2.95 -35.83
MG MG BA . 68.59 44.41 -24.66
PG ATP CA . 69.60 -9.71 -9.87
O1G ATP CA . 68.10 -9.79 -9.72
O2G ATP CA . 70.09 -8.34 -10.28
O3G ATP CA . 70.34 -10.25 -8.67
PB ATP CA . 71.34 -11.13 -11.75
O1B ATP CA . 71.07 -11.86 -13.03
O2B ATP CA . 72.30 -9.98 -11.74
O3B ATP CA . 69.96 -10.70 -11.09
PA ATP CA . 73.15 -13.12 -10.71
O1A ATP CA . 73.75 -13.13 -9.33
O2A ATP CA . 74.02 -12.72 -11.86
O3A ATP CA . 71.85 -12.19 -10.68
O5' ATP CA . 72.47 -14.54 -11.00
C5' ATP CA . 72.97 -15.70 -10.30
C4' ATP CA . 72.00 -16.86 -10.43
O4' ATP CA . 72.75 -18.04 -10.86
C3' ATP CA . 71.29 -17.30 -9.14
O3' ATP CA . 70.01 -16.70 -9.00
C2' ATP CA . 71.16 -18.81 -9.33
O2' ATP CA . 70.01 -19.17 -10.08
C1' ATP CA . 72.43 -19.15 -10.08
N9 ATP CA . 73.55 -19.46 -9.20
C8 ATP CA . 74.22 -18.58 -8.38
N7 ATP CA . 75.17 -19.17 -7.70
C5 ATP CA . 75.10 -20.52 -8.08
C6 ATP CA . 75.83 -21.66 -7.69
N6 ATP CA . 76.82 -21.64 -6.81
N1 ATP CA . 75.49 -22.83 -8.26
C2 ATP CA . 74.48 -22.85 -9.16
N3 ATP CA . 73.72 -21.85 -9.58
C4 ATP CA . 74.09 -20.70 -9.00
PG ATP DA . 73.87 32.90 0.25
O1G ATP DA . 74.92 33.11 1.32
O2G ATP DA . 72.48 32.71 0.80
O3G ATP DA . 73.94 33.95 -0.84
PB ATP DA . 75.19 31.21 -1.72
O1B ATP DA . 74.31 30.85 -2.87
O2B ATP DA . 76.16 32.34 -1.85
O3B ATP DA . 74.27 31.49 -0.44
PA ATP DA . 77.56 29.68 -1.02
O1A ATP DA . 77.92 30.23 0.31
O2A ATP DA . 78.30 30.16 -2.23
O3A ATP DA . 75.98 29.91 -1.24
O5' ATP DA . 77.64 28.09 -0.98
C5' ATP DA . 77.06 27.39 0.16
C4' ATP DA . 76.83 25.96 -0.23
O4' ATP DA . 78.10 25.36 -0.59
C3' ATP DA . 76.21 25.07 0.85
O3' ATP DA . 74.93 24.61 0.43
C2' ATP DA . 77.20 23.92 1.05
O2' ATP DA . 76.59 22.65 0.97
C1' ATP DA . 78.21 24.06 -0.09
N9 ATP DA . 79.59 23.88 0.37
C8 ATP DA . 80.36 24.83 1.00
N7 ATP DA . 81.55 24.38 1.31
C5 ATP DA . 81.57 23.07 0.84
C6 ATP DA . 82.56 22.07 0.86
N6 ATP DA . 83.77 22.23 1.39
N1 ATP DA . 82.25 20.87 0.30
C2 ATP DA . 81.02 20.72 -0.22
N3 ATP DA . 80.01 21.58 -0.29
C4 ATP DA . 80.36 22.76 0.26
MG MG EA . 72.41 -8.86 -10.00
MG MG FA . 76.76 34.37 -0.16
PG ATP GA . 26.15 3.14 -35.43
O1G ATP GA . 25.50 3.56 -34.13
O2G ATP GA . 27.56 2.66 -35.25
O3G ATP GA . 26.03 4.20 -36.49
PB ATP GA . 24.45 0.84 -35.19
O1B ATP GA . 25.39 -0.04 -34.42
O2B ATP GA . 23.34 1.54 -34.49
O3B ATP GA . 25.31 1.91 -36.00
PA ATP GA . 22.77 0.42 -37.50
O1A ATP GA . 22.63 1.91 -37.52
O2A ATP GA . 21.55 -0.43 -37.34
O3A ATP GA . 23.80 -0.02 -36.37
O5' ATP GA . 23.60 -0.05 -38.78
C5' ATP GA . 22.91 -0.55 -39.94
C4' ATP GA . 23.66 -1.72 -40.51
O4' ATP GA . 22.67 -2.64 -41.06
C3' ATP GA . 24.65 -1.42 -41.63
O3' ATP GA . 26.00 -1.72 -41.24
C2' ATP GA . 24.25 -2.33 -42.79
O2' ATP GA . 25.13 -3.43 -42.92
C1' ATP GA . 22.87 -2.85 -42.44
N9 ATP GA . 21.75 -2.24 -43.17
C8 ATP GA . 21.22 -0.98 -43.03
N7 ATP GA . 20.21 -0.76 -43.85
C5 ATP GA . 20.07 -1.94 -44.57
C6 ATP GA . 19.18 -2.34 -45.58
N6 ATP GA . 18.23 -1.56 -46.08
N1 ATP GA . 19.31 -3.60 -46.07
C2 ATP GA . 20.28 -4.38 -45.57
N3 ATP GA . 21.17 -4.11 -44.61
C4 ATP GA . 21.01 -2.86 -44.15
PG ATP HA . 24.95 39.96 -11.47
O1G ATP HA . 25.07 39.95 -9.97
O2G ATP HA . 23.90 40.92 -11.97
O3G ATP HA . 26.28 40.11 -12.16
PB ATP HA . 23.31 37.59 -11.12
O1B ATP HA . 24.01 36.44 -10.48
O2B ATP HA . 22.45 38.47 -10.29
O3B ATP HA . 24.41 38.49 -11.86
PA ATP HA . 20.91 37.19 -12.67
O1A ATP HA . 20.65 38.55 -13.23
O2A ATP HA . 20.16 36.76 -11.45
O3A ATP HA . 22.48 37.06 -12.37
O5' ATP HA . 20.71 36.09 -13.82
C5' ATP HA . 21.16 36.39 -15.16
C4' ATP HA . 21.19 35.11 -15.96
O4' ATP HA . 19.83 34.67 -16.18
C3' ATP HA . 21.84 35.21 -17.35
O3' ATP HA . 22.98 34.34 -17.44
C2' ATP HA . 20.73 34.81 -18.33
O2' ATP HA . 21.16 33.89 -19.31
C1' ATP HA . 19.69 34.11 -17.46
N9 ATP HA . 18.31 34.34 -17.90
C8 ATP HA . 17.55 35.45 -17.67
N7 ATP HA . 16.35 35.36 -18.20
C5 ATP HA . 16.32 34.11 -18.80
C6 ATP HA . 15.33 33.42 -19.51
N6 ATP HA . 14.11 33.91 -19.76
N1 ATP HA . 15.64 32.18 -19.98
C2 ATP HA . 16.85 31.69 -19.72
N3 ATP HA . 17.86 32.24 -19.07
C4 ATP HA . 17.53 33.47 -18.61
MG MG IA . 23.45 4.04 -34.44
MG MG JA . 22.36 40.82 -9.87
PG ATP KA . 49.73 6.76 -46.69
O1G ATP KA . 49.44 7.90 -47.65
O2G ATP KA . 49.42 7.12 -45.24
O3G ATP KA . 51.10 6.17 -46.88
PB ATP KA . 47.65 5.41 -48.25
O1B ATP KA . 46.84 4.20 -47.94
O2B ATP KA . 46.96 6.72 -48.47
O3B ATP KA . 48.71 5.58 -47.06
PA ATP KA . 48.38 5.40 -51.05
O1A ATP KA . 49.29 6.49 -51.50
O2A ATP KA . 46.92 5.51 -51.32
O3A ATP KA . 48.61 5.12 -49.49
O5' ATP KA . 48.91 4.02 -51.65
C5' ATP KA . 50.33 3.82 -51.63
C4' ATP KA . 50.61 2.38 -51.96
O4' ATP KA . 50.12 2.12 -53.29
C3' ATP KA . 52.10 1.99 -52.00
O3' ATP KA . 52.48 1.42 -50.75
C2' ATP KA . 52.19 0.96 -53.13
O2' ATP KA . 52.24 -0.36 -52.65
C1' ATP KA . 50.90 1.14 -53.93
N9 ATP KA . 51.13 1.56 -55.30
C8 ATP KA . 51.21 2.84 -55.79
N7 ATP KA . 51.43 2.87 -57.09
C5 ATP KA . 51.49 1.53 -57.46
C6 ATP KA . 51.71 0.89 -58.70
N6 ATP KA . 51.90 1.54 -59.84
N1 ATP KA . 51.72 -0.46 -58.71
C2 ATP KA . 51.51 -1.11 -57.56
N3 ATP KA . 51.31 -0.63 -56.35
C4 ATP KA . 51.31 0.71 -56.36
PG ATP LA . 43.49 46.32 -28.45
O1G ATP LA . 44.92 45.92 -28.17
O2G ATP LA . 43.39 47.59 -29.26
O3G ATP LA . 42.65 46.34 -27.19
PB ATP LA . 41.38 44.80 -29.78
O1B ATP LA . 40.88 43.73 -28.87
O2B ATP LA . 40.61 46.08 -29.89
O3B ATP LA . 42.90 45.15 -29.40
PA ATP LA . 41.34 44.82 -32.70
O1A ATP LA . 41.97 46.18 -32.73
O2A ATP LA . 39.90 44.70 -33.06
O3A ATP LA . 41.57 44.19 -31.24
O5' ATP LA . 42.24 43.80 -33.56
C5' ATP LA . 41.57 42.90 -34.49
C4' ATP LA . 42.42 41.67 -34.75
O4' ATP LA . 42.09 41.17 -36.08
C3' ATP LA . 43.95 41.85 -34.73
O3' ATP LA . 44.58 40.79 -34.04
C2' ATP LA . 44.37 41.83 -36.20
O2' ATP LA . 45.56 41.08 -36.36
C1' ATP LA . 43.21 41.14 -36.92
N9 ATP LA . 42.88 41.83 -38.18
C8 ATP LA . 42.53 43.15 -38.31
N7 ATP LA . 42.31 43.49 -39.55
C5 ATP LA . 42.52 42.33 -40.29
C6 ATP LA . 42.44 42.05 -41.67
N6 ATP LA . 42.12 42.95 -42.59
N1 ATP LA . 42.73 40.78 -42.06
C2 ATP LA . 43.05 39.88 -41.12
N3 ATP LA . 43.17 40.04 -39.81
C4 ATP LA . 42.88 41.30 -39.45
MG MG MA . 47.81 9.18 -48.31
MG MG NA . 41.56 48.66 -30.21
PG ATP OA . 46.12 -13.80 1.05
O1G ATP OA . 44.61 -13.93 0.96
O2G ATP OA . 46.56 -12.96 2.23
O3G ATP OA . 46.75 -13.35 -0.25
PB ATP OA . 48.20 -15.80 1.16
O1B ATP OA . 48.56 -15.73 -0.29
O2B ATP OA . 49.02 -15.09 2.18
O3B ATP OA . 46.69 -15.29 1.31
PA ATP OA . 47.43 -18.19 2.71
O1A ATP OA . 48.17 -19.47 2.92
O2A ATP OA . 47.18 -17.32 3.88
O3A ATP OA . 48.14 -17.35 1.55
O5' ATP OA . 46.04 -18.52 1.99
C5' ATP OA . 45.15 -19.45 2.62
C4' ATP OA . 44.91 -20.61 1.69
O4' ATP OA . 45.38 -21.82 2.33
C3' ATP OA . 43.44 -20.86 1.34
O3' ATP OA . 43.13 -20.30 0.06
C2' ATP OA . 43.28 -22.37 1.33
O2' ATP OA . 43.30 -22.92 0.03
C1' ATP OA . 44.48 -22.89 2.14
N9 ATP OA . 44.06 -23.40 3.44
C8 ATP OA . 43.82 -22.66 4.57
N7 ATP OA . 43.45 -23.42 5.58
C5 ATP OA . 43.45 -24.71 5.08
C6 ATP OA . 43.15 -25.95 5.66
N6 ATP OA . 42.76 -26.11 6.93
N1 ATP OA . 43.24 -27.05 4.88
C2 ATP OA . 43.62 -26.90 3.59
N3 ATP OA . 43.93 -25.77 2.95
C4 ATP OA . 43.82 -24.71 3.75
PG ATP PA . 55.55 26.27 17.23
O1G ATP PA . 55.95 26.14 18.66
O2G ATP PA . 54.09 26.03 16.98
O3G ATP PA . 56.05 27.57 16.60
PB ATP PA . 57.55 24.19 16.95
O1B ATP PA . 58.02 23.34 15.81
O2B ATP PA . 58.53 25.05 17.67
O3B ATP PA . 56.33 25.09 16.46
PA ATP PA . 57.42 21.98 18.80
O1A ATP PA . 56.92 22.03 20.21
O2A ATP PA . 58.90 21.91 18.57
O3A ATP PA . 56.84 23.24 18.02
O5' ATP PA . 56.72 20.77 18.04
C5' ATP PA . 57.06 19.42 18.45
C4' ATP PA . 55.85 18.53 18.28
O4' ATP PA . 56.15 17.22 18.83
C3' ATP PA . 54.58 19.00 19.00
O3' ATP PA . 53.73 19.70 18.11
C2' ATP PA . 53.90 17.71 19.47
O2' ATP PA . 52.80 17.41 18.64
C1' ATP PA . 54.99 16.63 19.37
N9 ATP PA . 55.34 16.06 20.68
C8 ATP PA . 55.74 16.75 21.79
N7 ATP PA . 55.98 15.96 22.81
C5 ATP PA . 55.71 14.68 22.35
C6 ATP PA . 55.77 13.41 22.96
N6 ATP PA . 56.15 13.22 24.22
N1 ATP PA . 55.44 12.34 22.20
C2 ATP PA . 55.07 12.55 20.94
N3 ATP PA . 54.97 13.69 20.25
C4 ATP PA . 55.31 14.73 21.03
MG MG QA . 47.90 -13.57 3.87
MG MG RA . 57.95 26.90 19.72
PG ATP SA . 24.53 -7.13 -11.93
O1G ATP SA . 23.19 -6.62 -12.43
O2G ATP SA . 24.81 -6.74 -10.49
O3G ATP SA . 25.67 -6.78 -12.85
PB ATP SA . 24.50 -9.82 -10.80
O1B ATP SA . 25.87 -10.43 -10.85
O2B ATP SA . 24.03 -9.18 -9.52
O3B ATP SA . 24.39 -8.73 -11.97
PA ATP SA . 21.99 -11.31 -10.65
O1A ATP SA . 21.05 -10.16 -10.80
O2A ATP SA . 22.17 -11.88 -9.29
O3A ATP SA . 23.42 -10.90 -11.26
O5' ATP SA . 21.55 -12.48 -11.65
C5' ATP SA . 20.59 -12.20 -12.68
C4' ATP SA . 20.72 -13.25 -13.76
O4' ATP SA . 20.12 -14.48 -13.28
C3' ATP SA . 19.99 -12.92 -15.07
O3' ATP SA . 20.89 -12.32 -15.99
C2' ATP SA . 19.48 -14.28 -15.56
O2' ATP SA . 20.41 -14.93 -16.39
C1' ATP SA . 19.33 -15.09 -14.27
N9 ATP SA . 17.95 -15.18 -13.75
C8 ATP SA . 17.31 -14.28 -12.93
N7 ATP SA . 16.09 -14.65 -12.62
C5 ATP SA . 15.92 -15.86 -13.29
C6 ATP SA . 14.83 -16.75 -13.37
N6 ATP SA . 13.68 -16.56 -12.74
N1 ATP SA . 14.98 -17.86 -14.13
C2 ATP SA . 16.16 -18.04 -14.76
N3 ATP SA . 17.24 -17.27 -14.76
C4 ATP SA . 17.06 -16.18 -13.99
PG ATP TA . 30.82 29.71 11.27
O1G ATP TA . 32.21 30.21 10.98
O2G ATP TA . 30.40 29.92 12.70
O3G ATP TA . 29.81 30.20 10.28
PB ATP TA . 31.09 26.95 12.12
O1B ATP TA . 32.25 26.10 11.74
O2B ATP TA . 31.00 27.54 13.48
O3B ATP TA . 30.91 28.12 11.06
PA ATP TA . 28.78 25.44 12.93
O1A ATP TA . 27.63 26.37 13.20
O2A ATP TA . 29.62 24.99 14.08
O3A ATP TA . 29.75 26.11 11.85
O5' ATP TA . 28.27 24.17 12.10
C5' ATP TA . 27.15 24.32 11.19
C4' ATP TA . 26.97 23.04 10.41
O4' ATP TA . 26.42 22.02 11.29
C3' ATP TA . 26.03 23.12 9.21
O3' ATP TA . 26.79 23.24 8.01
C2' ATP TA . 25.21 21.83 9.24
O2' ATP TA . 25.54 20.96 8.18
C1' ATP TA . 25.57 21.16 10.57
N9 ATP TA . 24.41 20.89 11.44
C8 ATP TA . 23.85 21.73 12.36
N7 ATP TA . 22.83 21.20 13.00
C5 ATP TA . 22.72 19.92 12.46
C6 ATP TA . 21.83 18.86 12.73
N6 ATP TA . 20.86 18.92 13.63
N1 ATP TA . 22.01 17.71 12.01
C2 ATP TA . 23.00 17.66 11.11
N3 ATP TA . 23.89 18.60 10.78
C4 ATP TA . 23.69 19.72 11.51
MG MG UA . 22.94 -6.84 -8.79
MG MG VA . 29.74 29.52 14.39
PG ATP WA . -0.33 3.15 -93.84
O1G ATP WA . 1.17 3.21 -93.71
O2G ATP WA . -0.93 4.45 -94.33
O3G ATP WA . -1.01 2.62 -92.61
PB ATP WA . -0.32 2.23 -96.57
O1B ATP WA . 0.26 3.59 -96.78
O2B ATP WA . -1.56 1.82 -97.30
O3B ATP WA . -0.57 2.06 -95.00
PA ATP WA . 2.13 1.21 -97.78
O1A ATP WA . 3.20 1.88 -96.99
O2A ATP WA . 1.78 1.77 -99.12
O3A ATP WA . 0.82 1.14 -96.87
O5' ATP WA . 2.47 -0.35 -97.95
C5' ATP WA . 3.20 -1.03 -96.89
C4' ATP WA . 3.10 -2.52 -97.08
O4' ATP WA . 3.92 -2.89 -98.23
C3' ATP WA . 3.60 -3.38 -95.92
O3' ATP WA . 2.49 -3.88 -95.17
C2' ATP WA . 4.38 -4.53 -96.55
O2' ATP WA . 3.69 -5.75 -96.47
C1' ATP WA . 4.52 -4.15 -98.03
N9 ATP WA . 5.92 -4.03 -98.46
C8 ATP WA . 6.76 -2.98 -98.20
N7 ATP WA . 7.96 -3.16 -98.71
C5 ATP WA . 7.89 -4.40 -99.34
C6 ATP WA . 8.83 -5.16 -100.07
N6 ATP WA . 10.08 -4.76 -100.30
N1 ATP WA . 8.43 -6.35 -100.57
C2 ATP WA . 7.18 -6.75 -100.33
N3 ATP WA . 6.20 -6.13 -99.66
C4 ATP WA . 6.63 -4.94 -99.19
PG ATP XA . -3.38 45.32 -82.33
O1G ATP XA . -2.50 46.45 -82.85
O2G ATP XA . -4.82 45.71 -82.32
O3G ATP XA . -2.92 44.77 -81.01
PB ATP XA . -3.61 44.15 -84.94
O1B ATP XA . -3.39 45.53 -85.43
O2B ATP XA . -4.94 43.50 -85.13
O3B ATP XA . -3.23 44.13 -83.39
PA ATP XA . -1.69 43.48 -86.93
O1A ATP XA . -0.47 44.27 -86.56
O2A ATP XA . -2.64 44.01 -87.94
O3A ATP XA . -2.51 43.18 -85.59
O5' ATP XA . -1.23 42.01 -87.37
C5' ATP XA . -0.17 41.41 -86.61
C4' ATP XA . -0.23 39.92 -86.84
O4' ATP XA . 0.24 39.67 -88.18
C3' ATP XA . 0.62 39.07 -85.89
O3' ATP XA . -0.24 38.37 -84.99
C2' ATP XA . 1.41 38.12 -86.79
O2' ATP XA . 1.02 36.77 -86.62
C1' ATP XA . 1.09 38.55 -88.23
N9 ATP XA . 2.25 38.92 -88.99
C8 ATP XA . 2.91 40.13 -88.98
N7 ATP XA . 3.93 40.15 -89.81
C5 ATP XA . 3.93 38.88 -90.40
C6 ATP XA . 4.77 38.28 -91.36
N6 ATP XA . 5.80 38.90 -91.94
N1 ATP XA . 4.48 37.01 -91.74
C2 ATP XA . 3.43 36.40 -91.16
N3 ATP XA . 2.59 36.86 -90.24
C4 ATP XA . 2.90 38.12 -89.90
MG MG YA . 0.99 5.35 -95.67
MG MG ZA . -2.69 47.77 -84.36
PG ATP AB . -1.49 -7.41 -70.00
O1G ATP AB . -1.30 -6.02 -70.56
O2G ATP AB . -0.49 -7.76 -68.91
O3G ATP AB . -2.90 -7.68 -69.60
PB ATP AB . 0.20 -8.76 -71.95
O1B ATP AB . -0.12 -9.17 -73.35
O2B ATP AB . 1.19 -7.67 -71.69
O3B ATP AB . -1.18 -8.41 -71.22
PA ATP AB . 2.12 -10.69 -71.00
O1A ATP AB . 2.58 -10.39 -69.61
O2A ATP AB . 2.96 -10.22 -72.14
O3A ATP AB . 0.65 -10.07 -71.16
O5' ATP AB . 1.81 -12.26 -71.15
C5' ATP AB . 1.37 -12.98 -69.96
C4' ATP AB . 0.73 -14.29 -70.36
O4' ATP AB . 1.78 -15.26 -70.65
C3' ATP AB . -0.13 -14.95 -69.28
O3' ATP AB . -1.49 -14.57 -69.42
C2' ATP AB . 0.06 -16.45 -69.50
O2' ATP AB . -0.93 -17.03 -70.32
C1' ATP AB . 1.42 -16.54 -70.20
N9 ATP AB . 2.46 -17.02 -69.31
C8 ATP AB . 3.18 -16.27 -68.40
N7 ATP AB . 4.05 -16.99 -67.74
C5 ATP AB . 3.89 -18.28 -68.24
C6 ATP AB . 4.52 -19.50 -67.93
N6 ATP AB . 5.48 -19.62 -67.03
N1 ATP AB . 4.11 -20.60 -68.61
C2 ATP AB . 3.15 -20.47 -69.52
N3 ATP AB . 2.47 -19.37 -69.89
C4 ATP AB . 2.90 -18.30 -69.20
PG ATP BB . 2.74 35.17 -59.83
O1G ATP BB . 1.43 34.90 -59.14
O2G ATP BB . 3.92 35.15 -58.89
O3G ATP BB . 2.70 36.42 -60.68
PB ATP BB . 4.22 33.70 -61.82
O1B ATP BB . 5.12 34.89 -61.74
O2B ATP BB . 3.68 33.28 -63.15
O3B ATP BB . 2.99 33.94 -60.84
PA ATP BB . 6.51 32.13 -61.06
O1A ATP BB . 7.05 32.59 -59.75
O2A ATP BB . 7.13 32.66 -62.32
O3A ATP BB . 4.94 32.46 -61.12
O5' ATP BB . 6.50 30.53 -61.12
C5' ATP BB . 6.10 29.81 -59.93
C4' ATP BB . 5.76 28.39 -60.34
O4' ATP BB . 6.99 27.75 -60.81
C3' ATP BB . 5.19 27.50 -59.24
O3' ATP BB . 3.96 26.93 -59.67
C2' ATP BB . 6.26 26.45 -58.97
O2' ATP BB . 5.74 25.15 -58.80
C1' ATP BB . 7.13 26.48 -60.22
N9 ATP BB . 8.55 26.27 -59.91
C8 ATP BB . 9.42 27.21 -59.39
N7 ATP BB . 10.63 26.72 -59.22
C5 ATP BB . 10.56 25.40 -59.65
C6 ATP BB . 11.50 24.37 -59.71
N6 ATP BB . 12.77 24.51 -59.34
N1 ATP BB . 11.09 23.16 -60.18
C2 ATP BB . 9.81 23.04 -60.55
N3 ATP BB . 8.82 23.94 -60.54
C4 ATP BB . 9.26 25.12 -60.07
MG MG CB . 1.31 -6.94 -69.91
MG MG DB . 5.72 36.42 -60.13
PG ATP EB . -45.31 5.63 -95.15
O1G ATP EB . -46.47 6.49 -95.54
O2G ATP EB . -44.96 5.71 -93.67
O3G ATP EB . -44.11 5.84 -96.03
PB ATP EB . -47.07 3.33 -94.97
O1B ATP EB . -48.08 4.32 -94.54
O2B ATP EB . -46.64 2.25 -94.01
O3B ATP EB . -45.78 4.12 -95.45
PA ATP EB . -48.95 2.89 -97.04
O1A ATP EB . -48.98 4.31 -97.49
O2A ATP EB . -50.04 2.39 -96.16
O3A ATP EB . -47.55 2.64 -96.32
O5' ATP EB . -48.82 1.92 -98.33
C5' ATP EB . -47.89 2.25 -99.39
C4' ATP EB . -47.65 1.02 -100.21
O4' ATP EB . -48.92 0.57 -100.75
C3' ATP EB . -46.73 1.16 -101.43
O3' ATP EB . -45.41 0.73 -101.11
C2' ATP EB . -47.35 0.27 -102.51
O2' ATP EB . -46.60 -0.92 -102.67
C1' ATP EB . -48.75 -0.08 -101.98
N9 ATP EB . -49.88 0.33 -102.83
C8 ATP EB . -50.53 1.53 -102.77
N7 ATP EB . -51.51 1.63 -103.64
C5 ATP EB . -51.51 0.40 -104.30
C6 ATP EB . -52.32 -0.10 -105.34
N6 ATP EB . -53.31 0.57 -105.89
N1 ATP EB . -52.04 -1.36 -105.78
C2 ATP EB . -51.03 -2.03 -105.20
N3 ATP EB . -50.21 -1.65 -104.22
C4 ATP EB . -50.51 -0.40 -103.81
PG ATP FB . -46.25 42.33 -71.07
O1G ATP FB . -47.34 43.34 -71.37
O2G ATP FB . -45.08 42.46 -72.01
O3G ATP FB . -45.84 42.33 -69.62
PB ATP FB . -48.14 40.14 -70.71
O1B ATP FB . -49.08 41.18 -70.18
O2B ATP FB . -47.65 39.06 -69.81
O3B ATP FB . -46.89 40.87 -71.38
PA ATP FB . -50.36 39.50 -72.44
O1A ATP FB . -50.62 40.82 -73.09
O2A ATP FB . -51.22 39.11 -71.28
O3A ATP FB . -48.82 39.46 -71.97
O5' ATP FB . -50.38 38.33 -73.54
C5' ATP FB . -49.89 38.62 -74.88
C4' ATP FB . -50.17 37.45 -75.79
O4' ATP FB . -51.60 37.26 -75.89
C3' ATP FB . -49.70 37.58 -77.23
O3' ATP FB . -48.42 36.98 -77.38
C2' ATP FB . -50.78 36.90 -78.06
O2' ATP FB . -50.32 35.75 -78.73
C1' ATP FB . -51.85 36.50 -77.05
N9 ATP FB . -53.22 36.73 -77.50
C8 ATP FB . -53.98 37.87 -77.31
N7 ATP FB . -55.18 37.76 -77.84
C5 ATP FB . -55.21 36.49 -78.40
C6 ATP FB . -56.21 35.79 -79.09
N6 ATP FB . -57.42 36.27 -79.36
N1 ATP FB . -55.91 34.53 -79.51
C2 ATP FB . -54.69 34.04 -79.23
N3 ATP FB . -53.68 34.61 -78.59
C4 ATP FB . -54.01 35.85 -78.19
MG MG GB . -48.22 6.51 -93.83
MG MG HB . -48.98 43.14 -69.48
PG ATP IB . -21.95 9.70 -106.29
O1G ATP IB . -20.55 9.36 -105.88
O2G ATP IB . -22.07 11.08 -106.90
O3G ATP IB . -22.97 9.46 -105.19
PB ATP IB . -23.72 8.30 -108.10
O1B ATP IB . -24.38 9.59 -108.45
O2B ATP IB . -24.42 7.32 -107.22
O3B ATP IB . -22.30 8.65 -107.45
PA ATP IB . -23.34 8.05 -110.95
O1A ATP IB . -22.39 9.20 -111.09
O2A ATP IB . -24.77 8.20 -111.35
O3A ATP IB . -23.27 7.55 -109.43
O5' ATP IB . -22.72 6.77 -111.69
C5' ATP IB . -21.29 6.60 -111.57
C4' ATP IB . -20.95 5.15 -111.77
O4' ATP IB . -21.54 4.71 -113.03
C3' ATP IB . -19.45 4.86 -111.89
O3' ATP IB . -18.93 4.41 -110.65
C2' ATP IB . -19.36 3.75 -112.95
O2' ATP IB . -19.23 2.47 -112.41
C1' ATP IB . -20.69 3.83 -113.70
N9 ATP IB . -20.50 4.29 -115.06
C8 ATP IB . -20.44 5.58 -115.50
N7 ATP IB . -20.25 5.67 -116.80
C5 ATP IB . -20.18 4.34 -117.23
C6 ATP IB . -19.99 3.77 -118.49
N6 ATP IB . -19.83 4.46 -119.61
N1 ATP IB . -19.96 2.41 -118.56
C2 ATP IB . -20.13 1.71 -117.43
N3 ATP IB . -20.32 2.14 -116.19
C4 ATP IB . -20.33 3.49 -116.16
PG ATP JB . -28.16 48.76 -88.00
O1G ATP JB . -28.66 50.11 -88.46
O2G ATP JB . -28.77 48.33 -86.68
O3G ATP JB . -26.65 48.66 -88.00
PB ATP JB . -30.21 47.30 -89.39
O1B ATP JB . -30.61 46.23 -88.44
O2B ATP JB . -31.04 48.54 -89.48
O3B ATP JB . -28.69 47.72 -89.11
PA ATP JB . -30.20 47.34 -92.28
O1A ATP JB . -29.82 48.78 -92.14
O2A ATP JB . -31.52 47.01 -92.91
O3A ATP JB . -30.13 46.66 -90.84
O5' ATP JB . -29.01 46.55 -92.98
C5' ATP JB . -29.15 46.04 -94.32
C4' ATP JB . -28.66 44.61 -94.37
O4' ATP JB . -29.25 43.97 -95.51
C3' ATP JB . -27.14 44.43 -94.47
O3' ATP JB . -26.68 43.48 -93.53
C2' ATP JB . -26.90 43.92 -95.91
O2' ATP JB . -26.12 42.74 -95.90
C1' ATP JB . -28.29 43.58 -96.45
N9 ATP JB . -28.57 44.22 -97.74
C8 ATP JB . -28.84 45.55 -97.99
N7 ATP JB . -29.06 45.79 -99.26
C5 ATP JB . -28.93 44.55 -99.89
C6 ATP JB . -29.05 44.14 -101.24
N6 ATP JB . -29.33 44.96 -102.24
N1 ATP JB . -28.85 42.83 -101.50
C2 ATP JB . -28.56 42.00 -100.48
N3 ATP JB . -28.43 42.28 -99.19
C4 ATP JB . -28.64 43.58 -98.96
MG MG KB . -23.86 12.15 -108.35
MG MG LB . -29.83 50.95 -90.02
PG ATP MB . -24.95 -11.20 -59.06
O1G ATP MB . -24.45 -10.77 -60.41
O2G ATP MB . -26.44 -11.26 -58.97
O3G ATP MB . -24.31 -10.43 -57.94
PB ATP MB . -22.95 -13.29 -58.97
O1B ATP MB . -22.42 -13.14 -60.35
O2B ATP MB . -22.21 -12.73 -57.80
O3B ATP MB . -24.44 -12.72 -58.90
PA ATP MB . -23.59 -15.63 -57.41
O1A ATP MB . -23.97 -14.63 -56.37
O2A ATP MB . -22.52 -16.62 -57.10
O3A ATP MB . -23.19 -14.85 -58.74
O5' ATP MB . -24.92 -16.37 -57.93
C5' ATP MB . -25.25 -17.63 -57.32
C4' ATP MB . -25.92 -18.52 -58.33
O4' ATP MB . -25.64 -19.89 -57.97
C3' ATP MB . -27.44 -18.40 -58.42
O3' ATP MB . -27.83 -17.56 -59.50
C2' ATP MB . -27.91 -19.83 -58.65
O2' ATP MB . -28.02 -20.15 -60.02
C1' ATP MB . -26.81 -20.68 -58.00
N9 ATP MB . -27.12 -21.11 -56.65
C8 ATP MB . -27.29 -20.34 -55.53
N7 ATP MB . -27.57 -21.05 -54.46
C5 ATP MB . -27.57 -22.37 -54.91
C6 ATP MB . -27.80 -23.60 -54.26
N6 ATP MB . -28.08 -23.71 -52.96
N1 ATP MB . -27.73 -24.72 -55.02
C2 ATP MB . -27.44 -24.60 -56.32
N3 ATP MB . -27.22 -23.51 -57.03
C4 ATP MB . -27.30 -22.41 -56.26
PG ATP NB . -15.42 28.66 -42.77
O1G ATP NB . -14.55 29.81 -43.27
O2G ATP NB . -15.25 28.41 -41.29
O3G ATP NB . -16.85 28.79 -43.21
PB ATP NB . -13.55 26.45 -43.17
O1B ATP NB . -12.99 25.94 -44.45
O2B ATP NB . -12.67 27.21 -42.24
O3B ATP NB . -14.85 27.32 -43.48
PA ATP NB . -13.53 24.19 -41.37
O1A ATP NB . -14.28 24.23 -40.07
O2A ATP NB . -12.05 24.41 -41.36
O3A ATP NB . -14.19 25.23 -42.37
O5' ATP NB . -13.85 22.83 -42.14
C5' ATP NB . -13.78 21.56 -41.44
C4' ATP NB . -15.07 20.83 -41.66
O4' ATP NB . -14.88 19.43 -41.36
C3' ATP NB . -16.24 21.26 -40.77
O3' ATP NB . -16.94 22.36 -41.33
C2' ATP NB . -17.09 19.99 -40.73
O2' ATP NB . -17.94 19.89 -41.85
C1' ATP NB . -16.04 18.88 -40.75
N9 ATP NB . -15.66 18.40 -39.42
C8 ATP NB . -15.28 19.14 -38.35
N7 ATP NB . -15.00 18.42 -37.29
C5 ATP NB . -15.20 17.10 -37.71
C6 ATP NB . -15.05 15.88 -37.05
N6 ATP NB . -14.66 15.75 -35.79
N1 ATP NB . -15.32 14.74 -37.76
C2 ATP NB . -15.71 14.88 -39.03
N3 ATP NB . -15.88 15.99 -39.76
C4 ATP NB . -15.60 17.08 -39.02
MG MG OB . -23.36 -10.80 -56.21
MG MG PB . -12.93 28.97 -40.75
PG ATP QB . -46.73 -4.74 -71.70
O1G ATP QB . -45.99 -4.49 -72.98
O2G ATP QB . -45.94 -4.32 -70.48
O3G ATP QB . -48.14 -4.19 -71.71
PB ATP QB . -46.66 -7.39 -70.41
O1B ATP QB . -45.27 -7.92 -70.51
O2B ATP QB . -47.14 -6.78 -69.13
O3B ATP QB . -46.91 -6.34 -71.60
PA ATP QB . -49.18 -8.86 -70.32
O1A ATP QB . -50.00 -7.64 -70.61
O2A ATP QB . -49.15 -9.40 -68.93
O3A ATP QB . -47.68 -8.57 -70.81
O5' ATP QB . -49.57 -10.05 -71.33
C5' ATP QB . -50.54 -9.80 -72.36
C4' ATP QB . -50.42 -10.88 -73.42
O4' ATP QB . -51.11 -12.06 -72.94
C3' ATP QB . -51.06 -10.54 -74.77
O3' ATP QB . -50.08 -10.09 -75.69
C2' ATP QB . -51.70 -11.85 -75.22
O2' ATP QB . -50.86 -12.57 -76.11
C1' ATP QB . -51.88 -12.65 -73.95
N9 ATP QB . -53.26 -12.74 -73.48
C8 ATP QB . -53.97 -11.82 -72.72
N7 ATP QB . -55.19 -12.22 -72.47
C5 ATP QB . -55.30 -13.46 -73.09
C6 ATP QB . -56.35 -14.39 -73.18
N6 ATP QB . -57.54 -14.22 -72.63
N1 ATP QB . -56.12 -15.53 -73.88
C2 ATP QB . -54.91 -15.71 -74.45
N3 ATP QB . -53.85 -14.91 -74.42
C4 ATP QB . -54.12 -13.78 -73.71
PG ATP RB . -40.14 32.16 -48.59
O1G ATP RB . -40.99 32.54 -47.39
O2G ATP RB . -40.68 32.69 -49.88
O3G ATP RB . -38.68 32.50 -48.40
PB ATP RB . -40.03 29.42 -47.55
O1B ATP RB . -40.22 30.07 -46.23
O2B ATP RB . -38.78 28.67 -47.84
O3B ATP RB . -40.23 30.54 -48.68
PA ATP RB . -42.22 27.78 -46.71
O1A ATP RB . -43.36 28.72 -46.46
O2A ATP RB . -41.39 27.35 -45.55
O3A ATP RB . -41.26 28.44 -47.81
O5' ATP RB . -42.75 26.49 -47.49
C5' ATP RB . -43.76 26.68 -48.51
C4' ATP RB . -43.92 25.40 -49.31
O4' ATP RB . -44.46 24.37 -48.44
C3' ATP RB . -44.86 25.50 -50.51
O3' ATP RB . -44.09 25.46 -51.72
C2' ATP RB . -45.82 24.31 -50.40
O2' ATP RB . -45.73 23.43 -51.49
C1' ATP RB . -45.41 23.58 -49.12
N9 ATP RB . -46.53 23.35 -48.22
C8 ATP RB . -47.01 24.22 -47.27
N7 ATP RB . -48.02 23.73 -46.60
C5 ATP RB . -48.23 22.46 -47.14
C6 ATP RB . -49.16 21.46 -46.86
N6 ATP RB . -50.10 21.56 -45.91
N1 ATP RB . -49.09 20.31 -47.58
C2 ATP RB . -48.14 20.22 -48.52
N3 ATP RB . -47.21 21.11 -48.88
C4 ATP RB . -47.31 22.22 -48.14
MG MG SB . -48.74 -4.71 -68.89
MG MG TB . -40.88 32.38 -45.22
PG ATP UB . -45.24 14.44 3.06
O1G ATP UB . -46.65 14.56 2.55
O2G ATP UB . -44.37 13.59 2.18
O3G ATP UB . -45.18 14.01 4.51
PB ATP UB . -43.15 16.38 3.35
O1B ATP UB . -42.21 15.61 2.50
O2B ATP UB . -43.00 16.38 4.83
O3B ATP UB . -44.63 15.92 2.99
PA ATP UB . -43.59 18.81 1.68
O1A ATP UB . -43.54 17.97 0.44
O2A ATP UB . -42.83 20.10 1.70
O3A ATP UB . -43.10 17.93 2.92
O5' ATP UB . -45.11 19.07 2.10
C5' ATP UB . -45.86 20.11 1.44
C4' ATP UB . -46.05 21.27 2.39
O4' ATP UB . -45.33 22.41 1.89
C3' ATP UB . -47.51 21.71 2.60
O3' ATP UB . -47.94 21.32 3.90
C2' ATP UB . -47.49 23.24 2.44
O2' ATP UB . -47.73 23.90 3.67
C1' ATP UB . -46.09 23.59 1.93
N9 ATP UB . -46.05 24.18 0.58
C8 ATP UB . -45.88 23.51 -0.61
N7 ATP UB . -45.85 24.30 -1.65
C5 ATP UB . -46.00 25.58 -1.11
C6 ATP UB . -46.04 26.86 -1.70
N6 ATP UB . -45.94 27.08 -3.01
N1 ATP UB . -46.19 27.92 -0.88
C2 ATP UB . -46.29 27.70 0.44
N3 ATP UB . -46.26 26.54 1.11
C4 ATP UB . -46.11 25.51 0.26
PG ATP VB . -34.18 -25.18 -14.02
O1G ATP VB . -33.20 -25.65 -15.06
O2G ATP VB . -34.05 -25.92 -12.71
O3G ATP VB . -35.60 -25.15 -14.52
PB ATP VB . -32.37 -23.07 -13.20
O1B ATP VB . -32.27 -23.30 -11.73
O2B ATP VB . -31.27 -23.56 -14.10
O3B ATP VB . -33.76 -23.65 -13.71
PA ATP VB . -32.40 -20.55 -14.66
O1A ATP VB . -32.31 -21.41 -15.88
O2A ATP VB . -31.34 -19.53 -14.43
O3A ATP VB . -32.52 -21.50 -13.38
O5' ATP VB . -33.85 -19.87 -14.58
C5' ATP VB . -34.11 -18.73 -15.42
C4' ATP VB . -34.16 -17.49 -14.57
O4' ATP VB . -32.99 -16.69 -14.85
C3' ATP VB . -35.39 -16.58 -14.81
O3' ATP VB . -36.17 -16.51 -13.63
C2' ATP VB . -34.83 -15.21 -15.20
O2' ATP VB . -35.32 -14.17 -14.38
C1' ATP VB . -33.32 -15.33 -15.02
N9 ATP VB . -32.64 -14.82 -16.21
C8 ATP VB . -32.12 -15.55 -17.25
N7 ATP VB . -31.59 -14.79 -18.18
C5 ATP VB . -31.80 -13.49 -17.73
C6 ATP VB . -31.47 -12.23 -18.28
N6 ATP VB . -30.85 -12.07 -19.44
N1 ATP VB . -31.82 -11.14 -17.57
C2 ATP VB . -32.45 -11.31 -16.39
N3 ATP VB . -32.81 -12.44 -15.78
C4 ATP VB . -32.45 -13.50 -16.52
MG MG WB . -42.14 13.88 1.58
MG MG XB . -31.29 -25.32 -14.97
PG ATP YB . -69.71 8.63 9.52
O1G ATP YB . -68.78 8.14 8.43
O2G ATP YB . -69.62 7.81 10.78
O3G ATP YB . -71.13 8.80 9.05
PB ATP YB . -69.17 11.42 9.01
O1B ATP YB . -68.08 12.31 9.51
O2B ATP YB . -69.15 10.96 7.58
O3B ATP YB . -69.22 10.10 9.91
PA ATP YB . -71.67 12.63 8.25
O1A ATP YB . -72.55 11.48 7.87
O2A ATP YB . -70.96 13.37 7.18
O3A ATP YB . -70.58 12.10 9.30
O5' ATP YB . -72.53 13.71 9.09
C5' ATP YB . -73.31 13.32 10.25
C4' ATP YB . -73.21 14.45 11.25
O4' ATP YB . -73.71 15.65 10.60
C3' ATP YB . -74.02 14.27 12.53
O3' ATP YB . -73.15 14.02 13.62
C2' ATP YB . -74.77 15.60 12.75
O2' ATP YB . -74.30 16.32 13.86
C1' ATP YB . -74.52 16.40 11.47
N9 ATP YB . -75.76 16.70 10.77
C8 ATP YB . -76.43 15.92 9.86
N7 ATP YB . -77.53 16.49 9.42
C5 ATP YB . -77.59 17.71 10.08
C6 ATP YB . -78.51 18.78 10.05
N6 ATP YB . -79.60 18.78 9.30
N1 ATP YB . -78.25 19.84 10.85
C2 ATP YB . -77.15 19.83 11.61
N3 ATP YB . -76.21 18.89 11.72
C4 ATP YB . -76.50 17.84 10.92
PG ATP ZB . -59.90 -26.79 -14.12
O1G ATP ZB . -60.34 -26.78 -15.56
O2G ATP ZB . -58.61 -27.56 -13.93
O3G ATP ZB . -60.98 -27.24 -13.17
PB ATP ZB . -59.25 -24.00 -14.67
O1B ATP ZB . -58.47 -23.01 -13.87
O2B ATP ZB . -58.71 -24.47 -15.97
O3B ATP ZB . -59.58 -25.27 -13.75
PA ATP ZB . -61.15 -22.17 -15.83
O1A ATP ZB . -62.11 -22.68 -16.87
O2A ATP ZB . -59.93 -21.46 -16.30
O3A ATP ZB . -60.71 -23.39 -14.91
O5' ATP ZB . -61.95 -21.24 -14.78
C5' ATP ZB . -62.51 -20.00 -15.28
C4' ATP ZB . -62.94 -19.13 -14.13
O4' ATP ZB . -63.28 -17.82 -14.65
C3' ATP ZB . -64.15 -19.64 -13.35
O3' ATP ZB . -63.78 -20.03 -12.03
C2' ATP ZB . -65.14 -18.45 -13.28
O2' ATP ZB . -65.31 -18.00 -11.96
C1' ATP ZB . -64.49 -17.35 -14.12
N9 ATP ZB . -65.33 -16.91 -15.25
C8 ATP ZB . -65.54 -17.61 -16.42
N7 ATP ZB . -66.34 -16.96 -17.25
C5 ATP ZB . -66.65 -15.78 -16.60
C6 ATP ZB . -67.44 -14.67 -16.95
N6 ATP ZB . -68.09 -14.57 -18.11
N1 ATP ZB . -67.54 -13.65 -16.07
C2 ATP ZB . -66.88 -13.76 -14.90
N3 ATP ZB . -66.11 -14.76 -14.46
C4 ATP ZB . -66.03 -15.74 -15.36
MG MG AC . -69.88 8.99 6.85
PG ATP BC . -30.06 -3.88 41.21
O1G ATP BC . -28.76 -3.17 40.92
O2G ATP BC . -31.01 -3.88 40.04
O3G ATP BC . -29.85 -5.25 41.80
PB ATP BC . -30.69 -3.01 43.95
O1B ATP BC . -31.54 -1.91 44.48
O2B ATP BC . -30.94 -4.42 44.42
O3B ATP BC . -30.78 -3.00 42.36
PA ATP BC . -28.20 -2.47 45.45
O1A ATP BC . -27.07 -3.44 45.34
O2A ATP BC . -29.06 -2.52 46.68
O3A ATP BC . -29.15 -2.64 44.17
O5' ATP BC . -27.64 -0.97 45.26
C5' ATP BC . -27.66 -0.10 46.43
C4' ATP BC . -27.36 1.33 46.08
O4' ATP BC . -27.01 2.02 47.31
C3' ATP BC . -26.18 1.61 45.14
O3' ATP BC . -26.56 1.58 43.77
C2' ATP BC . -25.77 3.02 45.57
O2' ATP BC . -26.55 4.03 44.98
C1' ATP BC . -25.99 2.98 47.08
N9 ATP BC . -24.80 2.60 47.84
C8 ATP BC . -24.03 1.46 47.69
N7 ATP BC . -23.00 1.42 48.51
C5 ATP BC . -23.09 2.61 49.22
C6 ATP BC . -22.29 3.16 50.25
N6 ATP BC . -21.19 2.57 50.73
N1 ATP BC . -22.65 4.36 50.75
C2 ATP BC . -23.75 4.96 50.26
N3 ATP BC . -24.58 4.54 49.29
C4 ATP BC . -24.19 3.34 48.82
PG ATP CC . -33.35 -45.21 25.54
O1G ATP CC . -33.50 -46.56 26.19
O2G ATP CC . -31.95 -44.97 25.02
O3G ATP CC . -34.41 -44.92 24.52
PB ATP CC . -34.16 -44.22 28.20
O1B ATP CC . -34.89 -45.51 28.33
O2B ATP CC . -34.86 -42.95 28.53
O3B ATP CC . -33.57 -44.11 26.71
PA ATP CC . -32.43 -44.04 30.58
O1A ATP CC . -31.29 -44.91 30.99
O2A ATP CC . -33.68 -44.08 31.40
O3A ATP CC . -32.79 -44.32 29.04
O5' ATP CC . -31.92 -42.53 30.49
C5' ATP CC . -31.37 -41.97 31.70
C4' ATP CC . -31.14 -40.49 31.49
O4' ATP CC . -30.89 -39.88 32.78
C3' ATP CC . -29.95 -40.15 30.59
O3' ATP CC . -30.32 -39.20 29.59
C2' ATP CC . -28.88 -39.61 31.54
O2' ATP CC . -28.22 -38.46 31.03
C1' ATP CC . -29.65 -39.23 32.80
N9 ATP CC . -28.93 -39.62 34.03
C8 ATP CC . -28.52 -40.88 34.39
N7 ATP CC . -27.88 -40.90 35.54
C5 ATP CC . -27.87 -39.58 35.95
C6 ATP CC . -27.35 -38.95 37.09
N6 ATP CC . -26.70 -39.58 38.07
N1 ATP CC . -27.50 -37.60 37.20
C2 ATP CC . -28.15 -36.96 36.21
N3 ATP CC . -28.69 -37.45 35.10
C4 ATP CC . -28.51 -38.78 35.03
MG MG DC . -29.80 -6.78 43.32
MG MG EC . -34.13 -48.05 27.11
PG ATP FC . -25.28 7.83 18.60
O1G ATP FC . -25.33 8.01 17.11
O2G ATP FC . -26.65 7.76 19.24
O3G ATP FC . -24.38 6.69 19.02
PB ATP FC . -23.99 9.46 20.63
O1B ATP FC . -25.13 9.67 21.56
O2B ATP FC . -22.93 8.45 20.94
O3B ATP FC . -24.58 9.15 19.17
PA ATP FC . -21.74 11.22 20.10
O1A ATP FC . -21.34 10.69 18.76
O2A ATP FC . -20.94 10.78 21.28
O3A ATP FC . -23.28 10.89 20.37
O5' ATP FC . -21.76 12.83 20.05
C5' ATP FC . -22.57 13.54 19.08
C4' ATP FC . -22.99 14.87 19.64
O4' ATP FC . -21.86 15.46 20.33
C3' ATP FC . -23.45 15.92 18.62
O3' ATP FC . -24.86 15.89 18.45
C2' ATP FC . -22.98 17.24 19.22
O2' ATP FC . -23.96 17.86 20.03
C1' ATP FC . -21.76 16.84 20.06
N9 ATP FC . -20.50 17.09 19.37
C8 ATP FC . -19.76 16.22 18.58
N7 ATP FC . -18.67 16.77 18.12
C5 ATP FC . -18.68 18.07 18.62
C6 ATP FC . -17.79 19.14 18.49
N6 ATP FC . -16.66 19.09 17.79
N1 ATP FC . -18.10 20.30 19.14
C2 ATP FC . -19.23 20.34 19.85
N3 ATP FC . -20.15 19.39 20.04
C4 ATP FC . -19.81 18.26 19.40
PG ATP GC . -20.93 -34.73 6.22
O1G ATP GC . -22.27 -34.11 6.50
O2G ATP GC . -20.60 -34.72 4.74
O3G ATP GC . -20.75 -36.09 6.85
PB ATP GC . -20.04 -32.95 8.32
O1B ATP GC . -20.98 -31.82 8.08
O2B ATP GC . -20.37 -33.95 9.37
O3B ATP GC . -19.86 -33.75 6.94
PA ATP GC . -17.65 -31.28 7.92
O1A ATP GC . -18.40 -30.73 6.76
O2A ATP GC . -16.30 -31.89 7.70
O3A ATP GC . -18.59 -32.37 8.64
O5' ATP GC . -17.52 -30.13 9.04
C5' ATP GC . -16.63 -29.02 8.74
C4' ATP GC . -17.44 -27.76 8.51
O4' ATP GC . -16.81 -26.67 9.24
C3' ATP GC . -17.57 -27.30 7.05
O3' ATP GC . -18.92 -27.40 6.62
C2' ATP GC . -17.10 -25.84 7.04
O2' ATP GC . -18.20 -24.96 6.92
C1' ATP GC . -16.43 -25.61 8.38
N9 ATP GC . -14.96 -25.58 8.32
C8 ATP GC . -14.13 -26.60 7.90
N7 ATP GC . -12.87 -26.28 7.97
C5 ATP GC . -12.84 -24.98 8.47
C6 ATP GC . -11.79 -24.10 8.76
N6 ATP GC . -10.50 -24.40 8.59
N1 ATP GC . -12.12 -22.88 9.25
C2 ATP GC . -13.42 -22.59 9.42
N3 ATP GC . -14.49 -23.35 9.17
C4 ATP GC . -14.13 -24.55 8.69
MG MG HC . -22.10 7.25 19.38
PG ATP IC . -74.25 -3.55 32.51
O1G ATP IC . -75.37 -4.07 33.36
O2G ATP IC . -74.27 -4.09 31.10
O3G ATP IC . -72.90 -3.67 33.17
PB ATP IC . -75.86 -1.24 31.87
O1B ATP IC . -75.47 0.04 31.21
O2B ATP IC . -76.68 -2.25 31.12
O3B ATP IC . -74.54 -1.97 32.38
PA ATP IC . -78.18 -0.61 33.47
O1A ATP IC . -78.81 -1.87 33.97
O2A ATP IC . -78.73 0.01 32.24
O3A ATP IC . -76.61 -0.90 33.24
O5' ATP IC . -78.14 0.47 34.65
C5' ATP IC . -78.01 0.01 36.01
C4' ATP IC . -77.65 1.19 36.89
O4' ATP IC . -78.87 1.91 37.17
C3' ATP IC . -77.03 0.84 38.25
O3' ATP IC . -75.63 1.06 38.24
C2' ATP IC . -77.69 1.81 39.25
O2' ATP IC . -76.80 2.83 39.63
C1' ATP IC . -78.87 2.42 38.49
N9 ATP IC . -80.16 2.08 39.09
C8 ATP IC . -80.90 0.95 38.90
N7 ATP IC . -82.02 0.96 39.59
C5 ATP IC . -82.00 2.16 40.27
C6 ATP IC . -82.91 2.76 41.17
N6 ATP IC . -84.06 2.20 41.55
N1 ATP IC . -82.59 3.99 41.66
C2 ATP IC . -81.44 4.55 41.27
N3 ATP IC . -80.51 4.08 40.44
C4 ATP IC . -80.86 2.87 39.97
PG ATP JC . -72.27 -37.67 5.57
O1G ATP JC . -73.52 -38.42 5.22
O2G ATP JC . -71.49 -38.33 6.68
O3G ATP JC . -71.40 -37.39 4.37
PB ATP JC . -73.37 -35.02 5.31
O1B ATP JC . -74.02 -35.56 4.08
O2B ATP JC . -72.32 -33.97 5.19
O3B ATP JC . -72.76 -36.25 6.13
PA ATP JC . -76.09 -34.41 6.04
O1A ATP JC . -76.70 -35.75 6.29
O2A ATP JC . -76.28 -33.78 4.69
O3A ATP JC . -74.51 -34.51 6.31
O5' ATP JC . -76.56 -33.39 7.18
C5' ATP JC . -76.53 -33.78 8.57
C4' ATP JC . -76.52 -32.54 9.41
O4' ATP JC . -77.75 -31.83 9.22
C3' ATP JC . -76.36 -32.75 10.92
O3' ATP JC . -75.09 -32.28 11.38
C2' ATP JC . -77.51 -31.96 11.58
O2' ATP JC . -77.02 -30.98 12.47
C1' ATP JC . -78.24 -31.27 10.43
N9 ATP JC . -79.68 -31.50 10.47
C8 ATP JC . -80.36 -32.57 9.95
N7 ATP JC . -81.65 -32.49 10.16
C5 ATP JC . -81.84 -31.30 10.85
C6 ATP JC . -82.98 -30.66 11.34
N6 ATP JC . -84.21 -31.15 11.23
N1 ATP JC . -82.81 -29.48 11.99
C2 ATP JC . -81.56 -28.99 12.11
N3 ATP JC . -80.41 -29.51 11.67
C4 ATP JC . -80.62 -30.68 11.04
MG MG KC . -76.95 -4.92 30.85
MG MG LC . -75.06 -37.92 3.53
PB ADP MC . -56.48 -8.70 49.16
O1B ADP MC . -54.99 -8.99 49.20
O2B ADP MC . -57.33 -9.95 49.22
O3B ADP MC . -56.87 -7.77 48.04
PA ADP MC . -56.92 -8.42 52.00
O1A ADP MC . -56.02 -9.60 52.18
O2A ADP MC . -58.36 -8.56 52.33
O3A ADP MC . -56.82 -7.90 50.50
O5' ADP MC . -56.31 -7.15 52.78
C5' ADP MC . -55.05 -7.27 53.50
C4' ADP MC . -54.60 -5.91 53.95
O4' ADP MC . -55.39 -5.47 55.08
C3' ADP MC . -53.15 -5.83 54.45
O3' ADP MC . -52.23 -5.55 53.39
C2' ADP MC . -53.19 -4.67 55.44
O2' ADP MC . -53.02 -3.40 54.85
C1' ADP MC . -54.60 -4.76 56.02
N9 ADP MC . -54.64 -5.46 57.29
C8 ADP MC . -54.58 -6.82 57.47
N7 ADP MC . -54.65 -7.18 58.73
C5 ADP MC . -54.73 -5.98 59.43
C6 ADP MC . -54.82 -5.70 60.80
N6 ADP MC . -54.84 -6.63 61.75
N1 ADP MC . -54.91 -4.40 61.17
C2 ADP MC . -54.89 -3.46 60.20
N3 ADP MC . -54.81 -3.61 58.89
C4 ADP MC . -54.73 -4.92 58.55
PG ATP NC . -58.98 -46.62 25.31
O1G ATP NC . -58.94 -47.98 25.96
O2G ATP NC . -59.97 -46.54 24.17
O3G ATP NC . -57.60 -46.13 24.91
PB ATP NC . -61.06 -45.29 26.73
O1B ATP NC . -61.85 -46.53 26.48
O2B ATP NC . -61.41 -44.04 26.00
O3B ATP NC . -59.52 -45.62 26.45
PA ATP NC . -62.24 -45.36 29.33
O1A ATP NC . -61.92 -46.67 29.98
O2A ATP NC . -63.55 -45.22 28.64
O3A ATP NC . -61.07 -45.00 28.30
O5' ATP NC . -62.08 -44.18 30.40
C5' ATP NC . -61.24 -44.41 31.55
C4' ATP NC . -60.71 -43.10 32.07
O4' ATP NC . -61.63 -42.61 33.08
C3' ATP NC . -59.32 -43.17 32.72
O3' ATP NC . -58.37 -42.49 31.91
C2' ATP NC . -59.45 -42.49 34.08
O2' ATP NC . -58.75 -41.26 34.12
C1' ATP NC . -60.94 -42.21 34.25
N9 ATP NC . -61.51 -42.94 35.38
C8 ATP NC . -61.72 -44.29 35.46
N7 ATP NC . -62.25 -44.65 36.62
C5 ATP NC . -62.40 -43.45 37.31
C6 ATP NC . -62.90 -43.16 38.59
N6 ATP NC . -63.38 -44.08 39.44
N1 ATP NC . -62.91 -41.86 38.98
C2 ATP NC . -62.43 -40.93 38.13
N3 ATP NC . -61.93 -41.10 36.92
C4 ATP NC . -61.94 -42.39 36.55
MG MG OC . -61.09 -49.52 26.44
PG ATP PC . 26.08 9.85 62.45
O1G ATP PC . 27.01 9.65 61.28
O2G ATP PC . 24.87 10.68 62.11
O3G ATP PC . 25.72 8.55 63.13
PB ATP PC . 28.04 11.82 63.35
O1B ATP PC . 29.21 11.17 62.70
O2B ATP PC . 28.23 12.51 64.66
O3B ATP PC . 26.88 10.73 63.53
PA ATP PC . 28.34 13.87 61.45
O1A ATP PC . 28.83 13.12 60.26
O2A ATP PC . 29.36 14.44 62.38
O3A ATP PC . 27.43 12.86 62.32
O5' ATP PC . 27.36 15.05 60.98
C5' ATP PC . 25.98 15.16 61.41
C4' ATP PC . 25.82 16.44 62.20
O4' ATP PC . 26.50 17.52 61.52
C3' ATP PC . 24.36 16.89 62.40
O3' ATP PC . 23.98 16.79 63.76
C2' ATP PC . 24.29 18.33 61.88
O2' ATP PC . 23.79 19.22 62.85
C1' ATP PC . 25.73 18.70 61.54
N9 ATP PC . 25.80 19.31 60.21
C8 ATP PC . 26.12 18.70 59.02
N7 ATP PC . 26.10 19.53 58.00
C5 ATP PC . 25.72 20.75 58.56
C6 ATP PC . 25.50 22.02 57.99
N6 ATP PC . 25.65 22.29 56.69
N1 ATP PC . 25.12 23.03 58.82
C2 ATP PC . 24.98 22.75 60.12
N3 ATP PC . 25.17 21.60 60.77
C4 ATP PC . 25.53 20.62 59.91
PG ATP QC . 36.55 -30.17 46.26
O1G ATP QC . 37.59 -30.84 45.39
O2G ATP QC . 35.17 -30.17 45.65
O3G ATP QC . 36.56 -30.70 47.68
PB ATP QC . 38.46 -27.99 46.47
O1B ATP QC . 39.01 -28.29 47.83
O2B ATP QC . 39.22 -28.41 45.26
O3B ATP QC . 36.99 -28.63 46.38
PA ATP QC . 39.13 -25.33 45.68
O1A ATP QC . 39.06 -25.49 44.20
O2A ATP QC . 40.46 -25.43 46.33
O3A ATP QC . 38.17 -26.42 46.35
O5' ATP QC . 38.41 -23.97 46.11
C5' ATP QC . 39.03 -22.74 45.65
C4' ATP QC . 38.03 -21.62 45.75
O4' ATP QC . 38.68 -20.37 45.41
C3' ATP QC . 36.83 -21.70 44.80
O3' ATP QC . 35.77 -22.43 45.42
C2' ATP QC . 36.47 -20.25 44.54
O2' ATP QC . 35.36 -19.81 45.31
C1' ATP QC . 37.72 -19.46 44.93
N9 ATP QC . 38.33 -18.71 43.83
C8 ATP QC . 38.94 -19.24 42.72
N7 ATP QC . 39.39 -18.31 41.91
C5 ATP QC . 39.06 -17.10 42.53
C6 ATP QC . 39.28 -15.76 42.16
N6 ATP QC . 39.89 -15.38 41.05
N1 ATP QC . 38.81 -14.81 43.01
C2 ATP QC . 38.19 -15.20 44.14
N3 ATP QC . 37.94 -16.42 44.58
C4 ATP QC . 38.40 -17.34 43.71
MG MG RC . 28.91 9.98 61.42
PG ATP SC . 1.99 4.04 69.74
O1G ATP SC . 0.96 3.38 70.63
O2G ATP SC . 3.39 3.92 70.27
O3G ATP SC . 1.88 3.59 68.30
PB ATP SC . 2.25 6.81 68.89
O1B ATP SC . 2.29 6.42 67.45
O2B ATP SC . 3.51 7.26 69.56
O3B ATP SC . 1.63 5.62 69.74
PA ATP SC . 0.01 8.46 68.09
O1A ATP SC . -0.89 7.31 67.74
O2A ATP SC . 0.66 9.21 66.97
O3A ATP SC . 1.14 7.95 69.10
O5' ATP SC . -0.79 9.50 69.00
C5' ATP SC . -1.41 9.07 70.24
C4' ATP SC . -1.54 10.28 71.14
O4' ATP SC . -2.07 11.37 70.34
C3' ATP SC . -2.48 10.16 72.35
O3' ATP SC . -1.76 9.78 73.52
C2' ATP SC . -3.06 11.58 72.51
O2' ATP SC . -2.42 12.33 73.51
C1' ATP SC . -2.83 12.24 71.15
N9 ATP SC . -4.08 12.53 70.47
C8 ATP SC . -4.75 11.76 69.54
N7 ATP SC . -5.86 12.34 69.13
C5 ATP SC . -5.93 13.52 69.85
C6 ATP SC . -6.87 14.57 69.87
N6 ATP SC . -7.98 14.59 69.14
N1 ATP SC . -6.63 15.61 70.71
C2 ATP SC . -5.51 15.59 71.45
N3 ATP SC . -4.56 14.66 71.51
C4 ATP SC . -4.84 13.64 70.67
PB ADP TC . 11.49 -29.58 45.81
O1B ADP TC . 12.78 -29.12 46.43
O2B ADP TC . 11.62 -29.86 44.35
O3B ADP TC . 10.85 -30.71 46.57
PA ADP TC . 10.53 -26.98 45.04
O1A ADP TC . 11.96 -26.63 44.90
O2A ADP TC . 9.74 -27.18 43.79
O3A ADP TC . 10.48 -28.32 45.91
O5' ADP TC . 9.77 -25.93 45.99
C5' ADP TC . 8.35 -25.73 45.74
C4' ADP TC . 7.76 -24.75 46.72
O4' ADP TC . 7.08 -23.70 46.00
C3' ADP TC . 6.70 -25.33 47.68
O3' ADP TC . 6.74 -24.70 48.96
C2' ADP TC . 5.39 -25.02 46.94
O2' ADP TC . 4.28 -24.93 47.81
C1' ADP TC . 5.72 -23.65 46.35
N9 ADP TC . 4.93 -23.32 45.16
C8 ADP TC . 4.80 -24.09 44.02
N7 ADP TC . 4.04 -23.54 43.11
C5 ADP TC . 3.64 -22.34 43.67
C6 ADP TC . 2.82 -21.29 43.20
N6 ADP TC . 2.24 -21.30 42.01
N1 ADP TC . 2.63 -20.22 44.01
C2 ADP TC . 3.23 -20.22 45.21
N3 ADP TC . 4.02 -21.14 45.76
C4 ADP TC . 4.19 -22.20 44.94
MG MG UC . 0.81 4.39 66.52
PG ATP VC . 41.65 -8.66 100.97
O1G ATP VC . 42.17 -9.80 101.83
O2G ATP VC . 42.75 -7.96 100.20
O3G ATP VC . 40.49 -9.07 100.08
PB ATP VC . 41.05 -7.48 103.59
O1B ATP VC . 41.01 -8.86 104.14
O2B ATP VC . 40.03 -6.49 104.00
O3B ATP VC . 41.07 -7.56 101.99
PA ATP VC . 43.39 -7.00 105.22
O1A ATP VC . 44.14 -8.28 105.07
O2A ATP VC . 42.48 -6.84 106.39
O3A ATP VC . 42.49 -6.83 103.89
O5' ATP VC . 44.44 -5.78 105.19
C5' ATP VC . 44.51 -4.74 104.19
C4' ATP VC . 44.44 -3.39 104.87
O4' ATP VC . 45.10 -3.46 106.15
C3' ATP VC . 45.15 -2.23 104.15
O3' ATP VC . 44.26 -1.59 103.25
C2' ATP VC . 45.57 -1.29 105.31
O2' ATP VC . 44.67 -0.22 105.50
C1' ATP VC . 45.56 -2.18 106.54
N9 ATP VC . 46.87 -2.35 107.18
C8 ATP VC . 47.69 -3.46 107.13
N7 ATP VC . 48.80 -3.30 107.83
C5 ATP VC . 48.70 -2.03 108.37
C6 ATP VC . 49.55 -1.28 109.20
N6 ATP VC . 50.71 -1.72 109.66
N1 ATP VC . 49.15 -0.03 109.55
C2 ATP VC . 47.97 0.42 109.08
N3 ATP VC . 47.08 -0.20 108.30
C4 ATP VC . 47.52 -1.43 107.97
PG ATP WC . 37.63 -50.17 86.18
O1G ATP WC . 38.68 -49.65 85.22
O2G ATP WC . 38.11 -51.37 86.96
O3G ATP WC . 36.29 -50.38 85.52
PB ATP WC . 36.74 -49.07 88.71
O1B ATP WC . 36.33 -50.48 88.99
O2B ATP WC . 35.73 -47.97 88.84
O3B ATP WC . 37.41 -49.01 87.26
PA ATP WC . 38.10 -48.27 91.16
O1A ATP WC . 36.80 -47.69 91.58
O2A ATP WC . 38.65 -49.40 91.97
O3A ATP WC . 38.00 -48.74 89.64
O5' ATP WC . 39.19 -47.11 91.03
C5' ATP WC . 39.10 -45.93 91.86
C4' ATP WC . 40.05 -44.87 91.35
O4' ATP WC . 40.47 -44.05 92.46
C3' ATP WC . 41.33 -45.39 90.68
O3' ATP WC . 41.34 -44.99 89.30
C2' ATP WC . 42.50 -44.74 91.43
O2' ATP WC . 43.31 -43.96 90.57
C1' ATP WC . 41.86 -43.88 92.51
N9 ATP WC . 42.31 -44.23 93.87
C8 ATP WC . 42.51 -45.50 94.38
N7 ATP WC . 42.92 -45.49 95.63
C5 ATP WC . 43.01 -44.14 95.95
C6 ATP WC . 43.38 -43.47 97.14
N6 ATP WC . 43.76 -44.10 98.25
N1 ATP WC . 43.35 -42.12 97.12
C2 ATP WC . 42.96 -41.50 96.01
N3 ATP WC . 42.59 -42.02 94.84
C4 ATP WC . 42.63 -43.36 94.88
PG ATP XC . 46.37 3.03 77.88
O1G ATP XC . 46.81 3.05 76.44
O2G ATP XC . 44.97 3.53 78.07
O3G ATP XC . 46.62 1.70 78.55
PB ATP XC . 47.61 4.26 80.20
O1B ATP XC . 48.64 3.27 80.60
O2B ATP XC . 46.30 4.29 80.93
O3B ATP XC . 47.31 4.09 78.64
PA ATP XC . 49.65 6.34 79.81
O1A ATP XC . 49.86 6.08 78.35
O2A ATP XC . 50.70 5.87 80.76
O3A ATP XC . 48.24 5.72 80.24
O5' ATP XC . 49.38 7.90 80.05
C5' ATP XC . 49.20 8.78 78.91
C4' ATP XC . 48.75 10.13 79.38
O4' ATP XC . 49.85 10.82 80.02
C3' ATP XC . 48.27 11.09 78.28
O3' ATP XC . 46.87 10.93 78.06
C2' ATP XC . 48.63 12.48 78.81
O2' ATP XC . 47.61 13.08 79.58
C1' ATP XC . 49.86 12.19 79.67
N9 ATP XC . 51.08 12.50 78.96
C8 ATP XC . 51.83 11.67 78.16
N7 ATP XC . 52.89 12.28 77.66
C5 ATP XC . 52.79 13.59 78.14
C6 ATP XC . 53.60 14.72 77.96
N6 ATP XC . 54.70 14.73 77.21
N1 ATP XC . 53.22 15.86 78.58
C2 ATP XC . 52.11 15.85 79.33
N3 ATP XC . 51.28 14.84 79.58
C4 ATP XC . 51.69 13.72 78.94
PG ATP YC . 50.12 -38.73 65.50
O1G ATP YC . 49.78 -37.81 64.36
O2G ATP YC . 51.29 -39.65 65.19
O3G ATP YC . 48.93 -39.47 66.05
PB ATP YC . 50.86 -38.09 68.25
O1B ATP YC . 51.66 -39.35 68.37
O2B ATP YC . 49.54 -37.99 68.93
O3B ATP YC . 50.64 -37.78 66.69
PA ATP YC . 53.34 -36.59 68.64
O1A ATP YC . 53.84 -37.00 67.29
O2A ATP YC . 53.96 -37.23 69.84
O3A ATP YC . 51.75 -36.84 68.69
O5' ATP YC . 53.41 -34.99 68.80
C5' ATP YC . 53.27 -34.15 67.62
C4' ATP YC . 53.27 -32.71 68.05
O4' ATP YC . 54.57 -32.34 68.55
C3' ATP YC . 52.96 -31.68 66.94
O3' ATP YC . 51.62 -31.23 67.03
C2' ATP YC . 53.96 -30.54 67.18
O2' ATP YC . 53.32 -29.30 67.36
C1' ATP YC . 54.70 -30.94 68.45
N9 ATP YC . 56.13 -30.58 68.43
C8 ATP YC . 57.20 -31.41 68.20
N7 ATP YC . 58.35 -30.78 68.24
C5 ATP YC . 58.02 -29.46 68.49
C6 ATP YC . 58.79 -28.29 68.65
N6 ATP YC . 60.12 -28.27 68.55
N1 ATP YC . 58.14 -27.13 68.88
C2 ATP YC . 56.80 -27.16 68.98
N3 ATP YC . 55.97 -28.19 68.85
C4 ATP YC . 56.64 -29.33 68.61
PG ATP ZC . -2.77 -6.94 92.46
O1G ATP ZC . -1.37 -7.09 92.96
O2G ATP ZC . -3.79 -7.63 93.33
O3G ATP ZC . -2.91 -7.32 90.99
PB ATP ZC . -4.39 -4.56 92.04
O1B ATP ZC . -3.93 -3.29 91.43
O2B ATP ZC . -5.26 -5.50 91.26
O3B ATP ZC . -3.11 -5.37 92.57
PA ATP ZC . -6.70 -3.92 93.60
O1A ATP ZC . -7.38 -5.20 93.95
O2A ATP ZC . -7.19 -3.16 92.41
O3A ATP ZC . -5.15 -4.23 93.40
O5' ATP ZC . -6.67 -2.96 94.88
C5' ATP ZC . -6.35 -3.54 96.16
C4' ATP ZC . -6.00 -2.45 97.14
O4' ATP ZC . -7.16 -1.60 97.34
C3' ATP ZC . -5.62 -2.91 98.55
O3' ATP ZC . -4.24 -3.19 98.66
C2' ATP ZC . -6.01 -1.71 99.41
O2' ATP ZC . -4.95 -0.77 99.48
C1' ATP ZC . -7.20 -1.11 98.66
N9 ATP ZC . -8.48 -1.47 99.25
C8 ATP ZC . -9.20 -2.63 99.07
N7 ATP ZC . -10.32 -2.65 99.75
C5 ATP ZC . -10.33 -1.44 100.44
C6 ATP ZC . -11.25 -0.86 101.34
N6 ATP ZC . -12.39 -1.46 101.72
N1 ATP ZC . -10.95 0.36 101.84
C2 ATP ZC . -9.81 0.95 101.45
N3 ATP ZC . -8.88 0.50 100.61
C4 ATP ZC . -9.21 -0.71 100.14
PG ATP AD . -1.52 -42.37 66.34
O1G ATP AD . -2.97 -42.77 66.13
O2G ATP AD . -0.92 -42.96 67.59
O3G ATP AD . -0.67 -42.59 65.12
PB ATP AD . -2.40 -39.59 65.90
O1B ATP AD . -3.12 -40.14 64.72
O2B ATP AD . -1.54 -38.38 65.73
O3B ATP AD . -1.53 -40.77 66.56
PA ATP AD . -5.08 -39.36 67.01
O1A ATP AD . -5.52 -40.79 67.02
O2A ATP AD . -5.56 -38.49 65.90
O3A ATP AD . -3.48 -39.32 67.05
O5' ATP AD . -5.44 -38.69 68.43
C5' ATP AD . -6.00 -37.35 68.50
C4' ATP AD . -5.67 -36.74 69.85
O4' ATP AD . -6.81 -35.96 70.30
C3' ATP AD . -5.35 -37.72 71.00
O3' ATP AD . -4.33 -37.20 71.84
C2' ATP AD . -6.69 -37.81 71.74
O2' ATP AD . -6.52 -38.13 73.11
C1' ATP AD . -7.27 -36.42 71.56
N9 ATP AD . -8.74 -36.40 71.55
C8 ATP AD . -9.56 -37.18 70.77
N7 ATP AD . -10.83 -36.95 70.99
C5 ATP AD . -10.84 -35.95 71.96
C6 ATP AD . -11.90 -35.28 72.61
N6 ATP AD . -13.19 -35.52 72.37
N1 ATP AD . -11.56 -34.34 73.53
C2 ATP AD . -10.27 -34.11 73.76
N3 ATP AD . -9.20 -34.68 73.21
C4 ATP AD . -9.56 -35.62 72.30
MG MG BD . -5.40 -7.84 90.62
PB ADP CD . 14.96 -12.11 109.20
O1B ADP CD . 16.40 -12.57 109.06
O2B ADP CD . 13.97 -13.26 109.21
O3B ADP CD . 14.59 -11.04 108.21
PA ADP CD . 15.00 -11.99 112.12
O1A ADP CD . 15.47 -13.41 112.03
O2A ADP CD . 13.76 -11.71 112.89
O3A ADP CD . 14.82 -11.42 110.64
O5' ADP CD . 16.21 -11.06 112.64
C5' ADP CD . 16.43 -10.88 114.07
C4' ADP CD . 16.95 -9.49 114.33
O4' ADP CD . 16.19 -8.91 115.43
C3' ADP CD . 18.42 -9.38 114.77
O3' ADP CD . 19.30 -9.20 113.67
C2' ADP CD . 18.42 -8.15 115.67
O2' ADP CD . 18.58 -6.94 114.96
C1' ADP CD . 17.04 -8.20 116.31
N9 ADP CD . 17.02 -8.86 117.60
C8 ADP CD . 17.10 -10.21 117.84
N7 ADP CD . 17.06 -10.51 119.12
C5 ADP CD . 16.96 -9.28 119.76
C6 ADP CD . 16.89 -8.93 121.12
N6 ADP CD . 16.91 -9.82 122.11
N1 ADP CD . 16.80 -7.61 121.43
C2 ADP CD . 16.79 -6.72 120.43
N3 ADP CD . 16.85 -6.94 119.11
C4 ADP CD . 16.94 -8.26 118.83
PG ATP DD . 11.25 -51.22 86.03
O1G ATP DD . 10.44 -52.45 86.36
O2G ATP DD . 12.74 -51.50 85.93
O3G ATP DD . 10.72 -50.45 84.85
PB ATP DD . 9.69 -49.66 87.88
O1B ATP DD . 8.59 -50.18 87.03
O2B ATP DD . 9.83 -48.19 88.06
O3B ATP DD . 11.05 -50.24 87.29
PA ATP DD . 8.98 -50.00 90.72
O1A ATP DD . 9.31 -51.07 91.73
O2A ATP DD . 7.53 -49.71 90.49
O3A ATP DD . 9.68 -50.35 89.32
O5' ATP DD . 9.73 -48.65 91.15
C5' ATP DD . 9.41 -48.09 92.45
C4' ATP DD . 10.27 -46.89 92.73
O4' ATP DD . 9.71 -46.17 93.85
C3' ATP DD . 11.74 -47.18 93.09
O3' ATP DD . 12.61 -46.34 92.34
C2' ATP DD . 11.85 -46.89 94.59
O2' ATP DD . 12.91 -46.00 94.87
C1' ATP DD . 10.54 -46.24 94.98
N9 ATP DD . 9.81 -46.96 96.05
C8 ATP DD . 9.55 -48.30 96.11
N7 ATP DD . 8.88 -48.64 97.19
C5 ATP DD . 8.70 -47.45 97.87
C6 ATP DD . 8.06 -47.14 99.10
N6 ATP DD . 7.47 -48.04 99.87
N1 ATP DD . 8.06 -45.84 99.49
C2 ATP DD . 8.65 -44.93 98.70
N3 ATP DD . 9.28 -45.11 97.54
C4 ATP DD . 9.27 -46.41 97.17
#